data_9C1E
#
_entry.id   9C1E
#
_cell.length_a   1.00
_cell.length_b   1.00
_cell.length_c   1.00
_cell.angle_alpha   90.00
_cell.angle_beta   90.00
_cell.angle_gamma   90.00
#
_symmetry.space_group_name_H-M   'P 1'
#
loop_
_entity.id
_entity.type
_entity.pdbx_description
1 polymer 'Peptidyl-prolyl cis-trans isomerase FKBP1B'
2 polymer 'Ryanodine receptor 3'
3 non-polymer 'ZINC ION'
4 non-polymer 'CHLORIDE ION'
#
loop_
_entity_poly.entity_id
_entity_poly.type
_entity_poly.pdbx_seq_one_letter_code
_entity_poly.pdbx_strand_id
1 'polypeptide(L)'
;SNAGVEIETISPGDGRTFPKKGQTCVVHYTGMLQNGKKFDSSRDRNKPFKFRIGKQEVIKGFEEGAAQMSLGQRAKLTCT
PDVAYGATGHPGVIPPNATLIFDVELLNLE
;
A,C,E,G
2 'polypeptide(L)'
;MAEGGEGGEDEIQFLRTEDEVVLQCIANIHKEQRKFCLAAEGLGNRLCFLEPTSEAKYVPPDLCVCNFVLEQSLSVRALQ
EMLANTGENGGEGAAQGGGHRTLLYGHAILLRHSFSGMYLTCLTTSRSQTDKLAFDVGLRENATGEACWWTIHPASKQRS
EGEKVRIGDDLILVSVSSERYLHLSVSNGNVQVDASFMQTLWNVHPTCSGSSIEEGYLLGGHVVRLFHGHDECLTIPSTD
QNDAQHRRIFYEAGGAGTRARSLWRVEPLRISWSGSNIRWGQAFRLRHITTGHYLALTEDQGLLLQDRAKSDTKSTAFSF
RASKEIKEKLDSSHKRDIEGMGVPEIKYGDSVCFVQHIASGLWVTYKAQDAKTSRLGPLKRKVILHQEGHMDDGLTLQRC
QREESQAARIIRNTTALFSQFVSGNNRAAAPVTLPIQEVLQTLQDLIAYFQPPEEEMQHEDKQNKLRSLKNRQNLFKEEG
MLALVLNCIDRLNIYNSVAHFAGIAREESGMAWKEILNLLYKLLAALIRGNRNNCAQFSNNLDWLISKLDRLESSSGILE
VLHCILIESPEALNLIAEGHIKSIISLLDKHGRNHKVLDVLCSLCLCNGVAVRANQNLICDNLLPRRNLLLQTRLINDVT
SIRPNIFLGVAEGSAQYKKWYFELIIDQVDPFLTAEPTHLRVGWASSSGYAPYPGGGEGWGGNGVGDDLYSYGFDGLHLW
SGRIPRAVASINLHLLRSDDVVSCCLDLGVPSISFRINGQPVQGMFENFNTDGLFFPVVSFSAGVKVRFLTGGRHGEFKF
LPPSGYAPCYEALLPKEKMRLEPVKEYKRDAEGIRDLLGTTQSLSQASFIPCPIDTSQVVLPPHLEKIRDRLAENIHELW
GMNKIELGWTFGKIRDDNKRQHPCLVEFSKLPETEKNYNLQMSTETLKTLLALGCHIAHVNPAAEEDLKKVKLPKNYMMS
NGYKPAPLDLSDVKLLPPQEVLVDKLAENAHNVWAKDRIKQGWTYGIQQDLKNKRNPRLVPYALLDERTKKSNRDSLREA
VRTFVGYGYNIEPSDQELADPAVEKVSIDKIRFFRVEWSYAVRSGKWYFEFEVVTGGDMRVGWARPGCRPDIELGADDQA
FVFEGSRGQRWHQGSGYFGRTWQPGDVVGCMINLDDASMIFTLNGELLITNKGSELAFADYEIENGFVPICSLGLSQIGR
MNLGMDASTFKFYTMCGLQEGFEPFAVNMNRDVAMWFSKRLPTFVNVPKDHPHIEVVRIDGTMDSPPCLKVTHKTFGTQN
SNASMIYCRLSMPVECHSSFSHSPCLDSEAFQKRKQMQEILSHTTTQCYYAIRIFAGQDPSCVWVGWVTPDYHLYSEKFD
LNKNCTVTVTLGDERGRVHESVKRSNCYMVWGGDIVATSQRSSRSNVDLEIGCLVDLAMGMLSFSANGRELGTCYQVEPN
TKVFPAVFLQPTSTALFQFELGKLKNAMPLSAAIFKSEEKNPVPQCPPRLDVQTIQPVLWSRMPSSFLKVETERVSERHG
WAVQCLEPLQMMALHIPEENRCVDILELCEQEDLMQFHYHTLRLYSAVCALGNSRVAYALCGHVDLSQLFYAIDNKYLPG
LLRSGFYDLLISIHLANAKERKLMMKNEYIIPITSATRKIRLYPDESKRHGLPGVGLRTCLKPGFRFSTPCFVVTGEEHQ
KQSPEIPLEILKTKALSMLTEAVQHSGAHIRDPVGGSVEFQFVPVLKLIGTLLVMGVFDDDDIRQILLLIDPSVFGEHSV
ETEDGAEKEEVTQVEEKAVEAGEKAGKEAPVKGLLQTRLPESVKLQMCELLSYLCDCELQHRVEAIVAFGDIYVSKLQAN
QKSRYNELMQALNMSAALTARKTREFRSPPQEQINMLLNFQLGENCPCPEEIREELYDFHEDLLIHCGVPLEEEEEEEED
TSWAGKLRALVYKIKGPPKPEKEQPTEEEERCPTTLKELISQTMIRWAQEDQIQDAELVRMMFSLLQRQYDSIGELLQAL
RKTYTISQASVSDTINLLAALGQIRCLLSVRMGKEEELLMINGLGDIMNNKVFYQHPNLMRVLGMHETVMEVMVDVLGAE
KSQIAFPKMVASCCRFLCYFCRISRQNQKAMFEHLSYLLENSSVGLASPSMRGSTPLDVAASSVMDNNELALGLEEPDLE
KVVTYLAGCGLQSCPMLLAKGYPDVGWNPIEGERYLSFLRFAVFVNSESVEENASVVVKLLIRRPECFGPALRGEGGNGL
LAAMQGAIKISENPALDLPSQGYKREVMEDGEDEEIVHMGNAIMSFYSALIDLLGRCAPEMHLIQTGKGEAIRIRSILRS
LVPTEDLVGIISIPLKLPSLNKDGSISEPDMAANFCPDHKAPMVLFLDRVYGIKDQTFLLHLLEVGFLPDLRASASLDTV
SLSTTEAALALNRYLCSAVLPLLTRCAPLFAGTEHYTSLIDSTLQTIYRLSKGRSLTKAQRDTIEECLLAICNHLRPSML
QQLLRRLVFDVPQLNEYCKMPLKLLTNHYEQCWKYYCLPSGWGSYGLAVEEELHLTEKLFWGIFDSLSHKKYDPDLFRMA
LPCLSAIAGALPPDYLDTRISATLEKQISVDADGNFDPKPINTMNFSLPEKWEYIVTKYAEHSHDKWACDKSQNGWKYGI
SLDENVKTHPLIRPFKTLTEKEKEIYRWPARESLKTMLAVGWSVERTKEGEALVQQRENEKLRSVSQASQGNSYSPAPLD
LSNVVLSRELQGMVEVVAENYHNIWAKKKKLELESKGGGSHPLLVPYDTLTAKEKFRDREKAQDLFKFLQVNGIVVSRGV
KDMELDASSMEKRFAYKFLKKILKYVDSAQEFIAHLEAIVSSGKTEKSPHDQEIKFFAKVLLPLVDQYFTNHHLYFLSSP
LKPLSSSGYASHKEKEMVASLFCKLAALVRHRISLFGSDSTTMVSCLHILAQTLDTRTVMKSGSELVKAGLRAFFENAAE
DLEKTSENLKLGKFTHSRTQIKGVSQNINYTTVALLPILTSIFEHVAQHQFGVDLLLGDVQISCYHILCSLYSLGTGKNI
YVERQRPALGECLASLAAAIPVAFLEPTLNRYNPLSVFNTKTPRERSILGMPDTVEEMCPDIPQLEGLMKEISDLAESGA
RYTEMPHVIEVILPMLCNYLSYWWERGPEHLPPSTGPWCTKVTSEHLSVILGNILKIINNNLGIDEASWMKRIAVYAQPI
ISKARPDLLKSHFIPTLEKLKKKAVKTVQEEEQLKADTKGDTQEAELLILDEFAVLCRDLYAFYPMLIRYVDNNRSNWLK
SPSADSDQLFRMVAEVFILWCKSHNFKREEQNFVIQNEINNLAFLTGDSKSKMSKSGGQDQERKKTKRRGDLYSIQTSLI
VAALKKMLPIGLNMCTPGDQELISLAKSRYSYRDTDEEVKEHLRNNLHLQEKSDDPAVKWQLNLYKDVLKSEEPFNAEKT
IERVQRISAAVFHLEQVEQPLRSKKAVWHKLLSKQRKRAVVACFRMAPLYNLPRHKINNFFLSTFQRVWLEKVNEKTQYD
RLIPILMKSPKVEEEEEEEMEKQPDPLHQIILHFSRNALTERSKLEDDPLYTSYSSMMAKSCQSGEDEEEEEDKEKTFEE
KEMEKQKTLYQQARLHERGAAEMVLQMISASKGEMSPMVVETLKLGIAILNGGNAGVQQKMLDYLKEKKDAGFFQSLSGL
MQSCSVLDLNAFERQNKAEGLGMVTEEGTREKVLQNDEFTRDLFRFLQLLCEGHNSDFQNFLRTQMGNTTTINVIISTVD
YLLRLQESISDFYWYYSGKDIIDESGQHNFSKALAVTKQIFNSLTEYIQGPCIGNQQSLAHSRLWDAVVGFLHVFANMQM
KLSQDSSQIELLKELLDLLQDMVVMLLSLLEGNVVNGTIGKQMVDTLVESSTNVEMILKFFDMFLKLKDLTSSDTFKEYD
PDGKGIISKKEFQKAMEGQKQYTQSEIDFLLSCAEADENDMFNYVDFVDRFHEPAKDIGFNVAVLLTNLSEHMPNDSRLK
CLLDPAGSVLNYFEPYLGRIEIMGGAKKIERVYFEISESSRTQWEKPQVKESKRQFIFDVVNEGGEQEKMELFVNFCEDT
IFEMQLASQISETDSAERPDEEEEEDEDSSYVLEIEGEEEDDKSFESASAFAMACASVKRNVANFLKKATLKNLRKQYRK
VKKMTVKELVKVFFSFFWMLFVGLFRLFFTILGGIFQILWNTVFGGGLVEGAKNIRVTKILGDMPDPTQFGIHDDALDAE
RAEVTEPGVPPELIHFVKGEKGDADIMSDLFGFHPKKEGGLKHGPEGGLGDLSEIIGKDEPPTLESTVRKKRKAQAAEMK
AAHEAEGKVEPEKTDLEDGEKEDTAKEEEQAEALWADVTKKKKRRRGQKVEKPEAFMANFFKGLEIYQTKLLHYLARNFY
NLRFLALFVAFAINFILLFYKVTEEPVEEETEDVANLWNSFTDEEEEEAMVFFVLQESTGYMAPALRALAIIHTVISLVC
VVGYYCLKVPLVVFKREKEIARKLEFDGLYITEQPSEDDIKGQWDRLVINTPSFPNNYWDKFVKRKVINKYGDLYGAERI
AELLGLDKNALDFSPVEASKAEAASLVSWLSSIDMKYHIWKLGVVFTDNSFLYLAWYTTMSVLGHYNNFFFAAHLLDIAM
GFKTLRTILSSVTHNGKQLVLTVGLLAVVVYLYTVVAFNFFRKFYNKSEDDDEPDMKCDDMMTCYLFHMYVGVRAGGGIG
DEIEDPAGDPYEMYRIVFDITFFFFVIVILLAIIQGLIIDAFGELRDQQEQVREDMETKCFICGIGNDYFDTTPHGFETH
TLQEHNLANYLFFLMYLINKDETEHTGQESYVWKMYQERCWDFFPAGDCFRKQYEDQLG
;
B,D,F,H
#
# COMPACT_ATOMS: atom_id res chain seq x y z
N VAL A 5 38.76 83.62 91.09
CA VAL A 5 39.97 82.97 90.60
C VAL A 5 41.11 83.16 91.60
N GLU A 6 41.33 82.15 92.42
CA GLU A 6 42.41 82.20 93.41
C GLU A 6 43.77 82.06 92.73
N ILE A 7 44.76 82.76 93.28
CA ILE A 7 46.11 82.78 92.73
C ILE A 7 47.07 82.33 93.81
N GLU A 8 47.92 81.35 93.47
CA GLU A 8 48.95 80.85 94.36
C GLU A 8 50.32 81.32 93.86
N THR A 9 51.15 81.81 94.76
CA THR A 9 52.45 82.40 94.40
C THR A 9 53.50 81.29 94.40
N ILE A 10 53.73 80.71 93.22
CA ILE A 10 54.75 79.67 93.09
C ILE A 10 56.15 80.28 93.21
N SER A 11 56.39 81.41 92.54
CA SER A 11 57.68 82.09 92.59
C SER A 11 57.47 83.58 92.38
N PRO A 12 57.68 84.40 93.41
CA PRO A 12 57.47 85.84 93.27
C PRO A 12 58.53 86.49 92.39
N GLY A 13 58.15 87.60 91.77
CA GLY A 13 59.04 88.33 90.89
C GLY A 13 59.47 89.68 91.44
N ASP A 14 59.47 90.70 90.59
CA ASP A 14 59.90 92.03 91.03
C ASP A 14 58.88 92.66 91.96
N GLY A 15 57.58 92.50 91.67
CA GLY A 15 56.54 93.07 92.50
C GLY A 15 56.21 94.52 92.22
N ARG A 16 56.90 95.15 91.27
CA ARG A 16 56.66 96.55 90.93
C ARG A 16 56.08 96.73 89.54
N THR A 17 56.72 96.16 88.51
CA THR A 17 56.24 96.29 87.14
C THR A 17 55.03 95.39 86.93
N PHE A 18 53.98 95.94 86.33
CA PHE A 18 52.76 95.22 86.04
C PHE A 18 52.35 95.47 84.60
N PRO A 19 51.72 94.48 83.96
CA PRO A 19 51.23 94.69 82.59
C PRO A 19 50.09 95.70 82.55
N LYS A 20 50.01 96.42 81.43
CA LYS A 20 49.00 97.44 81.21
C LYS A 20 48.18 97.09 79.97
N LYS A 21 47.14 97.89 79.72
CA LYS A 21 46.29 97.69 78.57
C LYS A 21 47.02 98.10 77.29
N GLY A 22 46.90 97.27 76.26
CA GLY A 22 47.53 97.52 74.99
C GLY A 22 48.99 97.12 74.91
N GLN A 23 49.54 96.49 75.94
CA GLN A 23 50.93 96.06 75.96
C GLN A 23 50.99 94.54 75.83
N THR A 24 51.84 94.07 74.92
CA THR A 24 51.98 92.63 74.70
C THR A 24 52.73 91.99 75.87
N CYS A 25 52.22 90.87 76.35
CA CYS A 25 52.80 90.14 77.46
C CYS A 25 53.29 88.78 76.97
N VAL A 26 54.59 88.57 77.02
CA VAL A 26 55.19 87.29 76.63
C VAL A 26 55.24 86.41 77.86
N VAL A 27 54.41 85.36 77.88
CA VAL A 27 54.27 84.49 79.04
C VAL A 27 54.42 83.03 78.61
N HIS A 28 54.78 82.20 79.58
CA HIS A 28 54.84 80.76 79.41
C HIS A 28 53.83 80.11 80.35
N TYR A 29 52.97 79.26 79.82
CA TYR A 29 51.85 78.71 80.59
C TYR A 29 51.81 77.19 80.44
N THR A 30 51.05 76.57 81.34
CA THR A 30 50.79 75.13 81.30
C THR A 30 49.36 74.91 81.80
N GLY A 31 48.45 74.67 80.87
CA GLY A 31 47.06 74.48 81.21
C GLY A 31 46.63 73.03 81.31
N MET A 32 46.05 72.68 82.46
CA MET A 32 45.63 71.32 82.75
C MET A 32 44.24 71.34 83.38
N LEU A 33 43.60 70.18 83.41
CA LEU A 33 42.32 70.04 84.06
C LEU A 33 42.50 69.96 85.58
N GLN A 34 41.38 70.01 86.29
CA GLN A 34 41.42 69.93 87.75
C GLN A 34 41.80 68.54 88.23
N ASN A 35 41.58 67.52 87.39
CA ASN A 35 41.90 66.14 87.75
C ASN A 35 43.35 65.79 87.46
N GLY A 36 44.14 66.71 86.93
CA GLY A 36 45.52 66.43 86.58
C GLY A 36 45.77 66.07 85.13
N LYS A 37 44.82 66.33 84.24
CA LYS A 37 44.93 65.98 82.83
C LYS A 37 45.42 67.21 82.06
N LYS A 38 46.69 67.18 81.64
CA LYS A 38 47.26 68.30 80.91
C LYS A 38 46.71 68.35 79.49
N PHE A 39 46.35 69.55 79.04
CA PHE A 39 45.90 69.73 77.66
C PHE A 39 46.72 70.74 76.87
N ASP A 40 47.32 71.74 77.50
CA ASP A 40 48.07 72.74 76.75
C ASP A 40 49.37 73.07 77.47
N SER A 41 50.40 73.35 76.68
CA SER A 41 51.69 73.78 77.23
C SER A 41 52.46 74.49 76.13
N SER A 42 52.78 75.77 76.34
CA SER A 42 53.56 76.51 75.38
C SER A 42 55.04 76.12 75.41
N ARG A 43 55.49 75.51 76.51
CA ARG A 43 56.89 75.12 76.62
C ARG A 43 57.19 73.85 75.83
N ASP A 44 56.18 73.03 75.52
CA ASP A 44 56.40 71.84 74.72
C ASP A 44 56.76 72.19 73.28
N ARG A 45 56.13 73.21 72.73
CA ARG A 45 56.43 73.69 71.38
C ARG A 45 57.50 74.76 71.37
N ASN A 46 58.02 75.15 72.54
CA ASN A 46 59.08 76.15 72.70
C ASN A 46 58.69 77.50 72.10
N LYS A 47 57.40 77.82 72.12
CA LYS A 47 56.89 79.09 71.59
C LYS A 47 56.11 79.80 72.69
N PRO A 48 56.68 80.83 73.31
CA PRO A 48 55.94 81.56 74.35
C PRO A 48 54.76 82.31 73.78
N PHE A 49 53.72 82.44 74.61
CA PHE A 49 52.46 83.03 74.19
C PHE A 49 52.52 84.56 74.34
N LYS A 50 52.09 85.25 73.29
CA LYS A 50 52.04 86.71 73.27
C LYS A 50 50.62 87.18 73.05
N PHE A 51 50.14 88.05 73.93
CA PHE A 51 48.79 88.58 73.81
C PHE A 51 48.76 89.99 74.41
N ARG A 52 47.80 90.78 73.96
CA ARG A 52 47.65 92.16 74.39
C ARG A 52 46.50 92.27 75.37
N ILE A 53 46.76 92.92 76.51
CA ILE A 53 45.74 93.10 77.54
C ILE A 53 44.77 94.19 77.09
N GLY A 54 43.49 94.00 77.39
CA GLY A 54 42.45 94.93 77.03
C GLY A 54 41.63 94.54 75.81
N LYS A 55 42.12 93.61 75.01
CA LYS A 55 41.38 93.12 73.86
C LYS A 55 40.49 91.93 74.18
N GLN A 56 40.58 91.41 75.42
CA GLN A 56 39.78 90.27 75.90
C GLN A 56 39.96 89.03 75.02
N GLU A 57 41.18 88.84 74.51
CA GLU A 57 41.47 87.66 73.71
C GLU A 57 41.48 86.40 74.57
N VAL A 58 42.19 86.45 75.69
CA VAL A 58 42.27 85.32 76.62
C VAL A 58 41.02 85.31 77.49
N ILE A 59 40.83 84.23 78.24
CA ILE A 59 39.69 84.10 79.14
C ILE A 59 39.86 85.05 80.33
N LYS A 60 38.79 85.22 81.11
CA LYS A 60 38.80 86.19 82.21
C LYS A 60 39.79 85.81 83.30
N GLY A 61 39.89 84.53 83.61
CA GLY A 61 40.84 84.09 84.63
C GLY A 61 42.29 84.30 84.21
N PHE A 62 42.60 84.01 82.95
CA PHE A 62 43.96 84.21 82.45
C PHE A 62 44.32 85.69 82.42
N GLU A 63 43.37 86.54 82.01
CA GLU A 63 43.62 87.99 81.99
C GLU A 63 43.79 88.54 83.40
N GLU A 64 42.97 88.07 84.35
CA GLU A 64 43.10 88.50 85.75
C GLU A 64 44.44 88.06 86.35
N GLY A 65 44.86 86.83 86.05
CA GLY A 65 46.15 86.36 86.52
C GLY A 65 47.32 87.12 85.90
N ALA A 66 47.21 87.45 84.62
CA ALA A 66 48.26 88.22 83.96
C ALA A 66 48.33 89.64 84.51
N ALA A 67 47.17 90.24 84.83
CA ALA A 67 47.16 91.57 85.41
C ALA A 67 47.70 91.56 86.84
N GLN A 68 47.41 90.50 87.60
CA GLN A 68 47.86 90.43 88.99
C GLN A 68 49.33 90.10 89.10
N MET A 69 49.88 89.30 88.19
CA MET A 69 51.27 88.91 88.27
C MET A 69 52.20 90.07 87.88
N SER A 70 53.39 90.07 88.47
CA SER A 70 54.41 91.05 88.17
C SER A 70 55.39 90.47 87.16
N LEU A 71 56.48 91.19 86.91
CA LEU A 71 57.49 90.71 85.98
C LEU A 71 58.33 89.60 86.59
N GLY A 72 58.50 88.52 85.83
CA GLY A 72 59.28 87.37 86.30
C GLY A 72 58.64 86.62 87.45
N GLN A 73 57.31 86.51 87.46
CA GLN A 73 56.58 85.84 88.52
C GLN A 73 55.87 84.62 87.95
N ARG A 74 56.06 83.47 88.60
CA ARG A 74 55.38 82.24 88.22
C ARG A 74 54.28 81.96 89.23
N ALA A 75 53.06 81.72 88.74
CA ALA A 75 51.92 81.58 89.61
C ALA A 75 50.98 80.49 89.09
N LYS A 76 50.17 79.96 90.01
CA LYS A 76 49.12 79.01 89.68
C LYS A 76 47.77 79.72 89.70
N LEU A 77 47.04 79.60 88.60
CA LEU A 77 45.74 80.25 88.44
C LEU A 77 44.66 79.18 88.34
N THR A 78 43.62 79.32 89.15
CA THR A 78 42.48 78.40 89.15
C THR A 78 41.30 79.10 88.51
N CYS A 79 40.97 78.71 87.29
CA CYS A 79 39.87 79.31 86.55
C CYS A 79 38.60 78.49 86.78
N THR A 80 37.55 79.15 87.28
CA THR A 80 36.27 78.52 87.51
C THR A 80 35.62 78.16 86.18
N PRO A 81 34.70 77.18 86.19
CA PRO A 81 34.00 76.82 84.93
C PRO A 81 33.17 77.95 84.34
N ASP A 82 32.79 78.96 85.14
CA ASP A 82 32.09 80.12 84.58
C ASP A 82 32.99 80.89 83.61
N VAL A 83 34.27 81.03 83.94
CA VAL A 83 35.21 81.72 83.06
C VAL A 83 36.05 80.77 82.22
N ALA A 84 35.85 79.45 82.38
CA ALA A 84 36.55 78.46 81.55
C ALA A 84 35.65 78.07 80.39
N TYR A 85 35.44 79.05 79.49
CA TYR A 85 34.60 78.94 78.30
C TYR A 85 33.15 78.61 78.62
N GLY A 86 32.71 78.84 79.87
CA GLY A 86 31.35 78.56 80.26
C GLY A 86 31.00 77.09 80.20
N ALA A 87 29.75 76.81 79.85
CA ALA A 87 29.28 75.45 79.60
C ALA A 87 29.44 75.05 78.14
N THR A 88 30.07 75.89 77.33
CA THR A 88 30.31 75.62 75.92
C THR A 88 31.81 75.49 75.67
N GLY A 89 32.49 74.71 76.53
CA GLY A 89 33.93 74.59 76.44
C GLY A 89 34.38 73.91 75.15
N HIS A 90 35.67 74.06 74.88
CA HIS A 90 36.35 73.62 73.66
C HIS A 90 36.16 72.12 73.46
N PRO A 91 35.35 71.70 72.48
CA PRO A 91 35.03 70.27 72.34
C PRO A 91 36.23 69.49 71.83
N GLY A 92 36.33 68.24 72.28
CA GLY A 92 37.44 67.37 71.95
C GLY A 92 38.60 67.45 72.92
N VAL A 93 38.70 68.53 73.69
CA VAL A 93 39.78 68.69 74.67
C VAL A 93 39.20 68.95 76.05
N ILE A 94 38.46 70.05 76.18
CA ILE A 94 37.96 70.52 77.47
C ILE A 94 36.49 70.12 77.58
N PRO A 95 36.11 69.26 78.52
CA PRO A 95 34.69 68.96 78.73
C PRO A 95 33.96 70.17 79.30
N PRO A 96 32.65 70.29 79.07
CA PRO A 96 31.90 71.44 79.60
C PRO A 96 31.84 71.44 81.13
N ASN A 97 31.81 72.65 81.68
CA ASN A 97 31.77 72.91 83.12
C ASN A 97 32.96 72.25 83.84
N ALA A 98 34.16 72.69 83.47
CA ALA A 98 35.39 72.14 84.00
C ALA A 98 36.27 73.25 84.57
N THR A 99 36.86 72.98 85.72
CA THR A 99 37.78 73.92 86.35
C THR A 99 39.17 73.74 85.76
N LEU A 100 39.80 74.84 85.36
CA LEU A 100 41.11 74.80 84.73
C LEU A 100 42.20 75.27 85.68
N ILE A 101 43.39 74.71 85.52
CA ILE A 101 44.55 75.09 86.33
C ILE A 101 45.68 75.48 85.38
N PHE A 102 46.21 76.69 85.56
CA PHE A 102 47.28 77.21 84.72
C PHE A 102 48.51 77.49 85.57
N ASP A 103 49.68 77.24 85.00
CA ASP A 103 50.96 77.51 85.63
C ASP A 103 51.68 78.52 84.75
N VAL A 104 51.48 79.81 85.04
CA VAL A 104 51.86 80.89 84.14
C VAL A 104 53.08 81.60 84.72
N GLU A 105 54.13 81.71 83.91
CA GLU A 105 55.31 82.48 84.24
C GLU A 105 55.42 83.64 83.26
N LEU A 106 55.54 84.86 83.79
CA LEU A 106 55.56 86.07 82.97
C LEU A 106 57.00 86.36 82.57
N LEU A 107 57.35 86.01 81.34
CA LEU A 107 58.73 86.24 80.87
C LEU A 107 58.97 87.71 80.59
N ASN A 108 58.00 88.40 80.02
CA ASN A 108 58.15 89.82 79.71
C ASN A 108 56.81 90.55 79.75
N ILE B 12 16.30 -0.69 28.01
CA ILE B 12 16.55 -2.08 28.33
C ILE B 12 15.76 -2.48 29.58
N GLN B 13 15.79 -3.77 29.90
CA GLN B 13 15.09 -4.32 31.05
C GLN B 13 16.00 -4.55 32.24
N PHE B 14 17.25 -4.08 32.17
CA PHE B 14 18.22 -4.29 33.24
C PHE B 14 18.70 -2.95 33.80
N LEU B 15 18.99 -2.95 35.09
CA LEU B 15 19.50 -1.75 35.75
C LEU B 15 21.00 -1.62 35.53
N ARG B 16 21.44 -0.44 35.13
CA ARG B 16 22.85 -0.12 34.96
C ARG B 16 23.23 1.01 35.90
N THR B 17 24.51 1.34 35.93
CA THR B 17 24.97 2.43 36.78
C THR B 17 24.62 3.78 36.15
N GLU B 18 24.74 4.83 36.97
CA GLU B 18 24.37 6.20 36.61
C GLU B 18 22.91 6.29 36.18
N ASP B 19 22.05 5.52 36.84
CA ASP B 19 20.63 5.44 36.54
C ASP B 19 19.85 6.03 37.69
N GLU B 20 18.86 6.87 37.38
CA GLU B 20 18.02 7.49 38.41
C GLU B 20 16.82 6.59 38.68
N VAL B 21 16.74 6.07 39.91
CA VAL B 21 15.73 5.11 40.31
C VAL B 21 15.05 5.61 41.58
N VAL B 22 13.97 4.93 41.96
CA VAL B 22 13.33 5.09 43.25
C VAL B 22 13.20 3.72 43.89
N LEU B 23 13.18 3.70 45.22
CA LEU B 23 13.06 2.46 45.99
C LEU B 23 11.68 2.42 46.63
N GLN B 24 10.88 1.44 46.23
CA GLN B 24 9.47 1.38 46.60
C GLN B 24 9.21 0.10 47.40
N CYS B 25 8.32 0.23 48.40
CA CYS B 25 7.96 -0.86 49.29
C CYS B 25 6.45 -0.85 49.50
N ILE B 26 5.93 -1.99 49.93
CA ILE B 26 4.49 -2.18 50.12
C ILE B 26 4.24 -2.59 51.57
N ALA B 27 3.35 -1.87 52.24
CA ALA B 27 2.96 -2.18 53.62
C ALA B 27 1.46 -2.45 53.67
N ASN B 28 1.07 -3.53 54.33
CA ASN B 28 -0.34 -3.88 54.48
C ASN B 28 -0.85 -3.22 55.76
N ILE B 29 -1.56 -2.11 55.60
CA ILE B 29 -2.11 -1.35 56.71
C ILE B 29 -3.63 -1.37 56.57
N HIS B 30 -4.32 -1.78 57.64
CA HIS B 30 -5.79 -1.79 57.72
C HIS B 30 -6.41 -2.60 56.58
N LYS B 31 -5.77 -3.74 56.27
CA LYS B 31 -6.17 -4.64 55.17
C LYS B 31 -6.19 -3.91 53.83
N GLU B 32 -5.24 -3.00 53.64
CA GLU B 32 -5.05 -2.35 52.34
C GLU B 32 -3.56 -2.17 52.11
N GLN B 33 -3.09 -2.45 50.91
CA GLN B 33 -1.68 -2.29 50.59
C GLN B 33 -1.40 -0.84 50.21
N ARG B 34 -0.40 -0.26 50.86
CA ARG B 34 0.02 1.10 50.60
C ARG B 34 1.48 1.08 50.14
N LYS B 35 1.76 1.80 49.07
CA LYS B 35 3.11 1.86 48.51
C LYS B 35 3.81 3.12 48.99
N PHE B 36 5.07 2.95 49.40
CA PHE B 36 5.90 4.04 49.89
C PHE B 36 7.22 4.04 49.13
N CYS B 37 7.85 5.21 49.06
CA CYS B 37 9.16 5.35 48.46
C CYS B 37 10.14 5.91 49.48
N LEU B 38 11.38 5.49 49.37
CA LEU B 38 12.41 5.96 50.28
C LEU B 38 12.82 7.38 49.92
N ALA B 39 12.69 8.31 50.86
CA ALA B 39 12.96 9.72 50.61
C ALA B 39 13.78 10.29 51.76
N ALA B 40 14.48 11.39 51.47
CA ALA B 40 15.22 12.13 52.48
C ALA B 40 15.45 13.55 51.98
N GLU B 41 15.61 14.47 52.92
CA GLU B 41 15.98 15.85 52.62
C GLU B 41 17.47 16.04 52.87
N GLY B 42 18.03 17.06 52.22
CA GLY B 42 19.45 17.33 52.40
C GLY B 42 19.76 18.20 53.59
N LEU B 43 19.22 19.41 53.61
CA LEU B 43 19.50 20.36 54.68
C LEU B 43 18.45 20.25 55.76
N GLY B 44 18.89 20.40 57.02
CA GLY B 44 18.01 20.42 58.17
C GLY B 44 17.67 19.06 58.76
N ASN B 45 17.45 18.06 57.92
CA ASN B 45 17.06 16.74 58.38
C ASN B 45 17.70 15.70 57.46
N ARG B 46 18.69 14.98 57.96
CA ARG B 46 19.38 13.96 57.18
C ARG B 46 18.77 12.58 57.30
N LEU B 47 17.79 12.40 58.19
CA LEU B 47 17.18 11.08 58.36
C LEU B 47 16.21 10.79 57.21
N CYS B 48 16.02 9.51 56.95
CA CYS B 48 15.15 9.05 55.88
C CYS B 48 13.73 8.85 56.37
N PHE B 49 12.78 9.02 55.46
CA PHE B 49 11.38 8.78 55.71
C PHE B 49 10.80 8.08 54.50
N LEU B 50 9.52 7.72 54.59
CA LEU B 50 8.82 7.05 53.49
C LEU B 50 7.71 7.96 52.97
N GLU B 51 7.78 8.28 51.69
CA GLU B 51 6.79 9.11 51.02
C GLU B 51 5.70 8.24 50.43
N PRO B 52 4.45 8.38 50.85
CA PRO B 52 3.38 7.56 50.27
C PRO B 52 3.09 7.94 48.83
N THR B 53 2.88 6.93 47.99
CA THR B 53 2.61 7.14 46.58
C THR B 53 1.37 6.41 46.09
N SER B 54 0.60 5.80 46.98
CA SER B 54 -0.60 5.07 46.55
C SER B 54 -1.71 6.02 46.13
N GLU B 55 -1.96 7.06 46.92
CA GLU B 55 -3.01 8.03 46.62
C GLU B 55 -2.49 9.22 45.83
N ALA B 56 -1.84 8.94 44.69
CA ALA B 56 -1.29 10.01 43.87
C ALA B 56 -2.36 10.76 43.09
N LYS B 57 -3.55 10.18 42.96
CA LYS B 57 -4.62 10.84 42.22
C LYS B 57 -5.22 12.00 43.01
N TYR B 58 -5.24 11.88 44.33
CA TYR B 58 -5.82 12.90 45.20
C TYR B 58 -4.80 13.85 45.80
N VAL B 59 -3.64 13.33 46.21
CA VAL B 59 -2.57 14.13 46.79
C VAL B 59 -1.30 13.88 45.99
N PRO B 60 -0.62 14.91 45.50
CA PRO B 60 0.56 14.69 44.66
C PRO B 60 1.74 14.21 45.49
N PRO B 61 2.42 13.16 45.06
CA PRO B 61 3.64 12.74 45.74
C PRO B 61 4.80 13.69 45.46
N ASP B 62 5.75 13.72 46.39
CA ASP B 62 6.95 14.55 46.26
C ASP B 62 8.11 13.64 45.89
N LEU B 63 8.27 13.39 44.60
CA LEU B 63 9.29 12.48 44.10
C LEU B 63 10.61 13.17 43.82
N CYS B 64 10.74 14.46 44.13
CA CYS B 64 12.02 15.14 44.00
C CYS B 64 13.06 14.55 44.95
N VAL B 65 12.63 14.22 46.17
CA VAL B 65 13.54 13.71 47.20
C VAL B 65 13.62 12.20 47.21
N CYS B 66 12.89 11.51 46.35
CA CYS B 66 12.92 10.06 46.29
C CYS B 66 13.94 9.51 45.28
N ASN B 67 14.58 10.37 44.49
CA ASN B 67 15.44 9.90 43.43
C ASN B 67 16.84 9.61 43.96
N PHE B 68 17.39 8.46 43.59
CA PHE B 68 18.76 8.09 43.90
C PHE B 68 19.45 7.67 42.60
N VAL B 69 20.77 7.83 42.58
CA VAL B 69 21.59 7.52 41.41
C VAL B 69 22.50 6.36 41.76
N LEU B 70 22.48 5.32 40.93
CA LEU B 70 23.35 4.16 41.11
C LEU B 70 24.75 4.53 40.63
N GLU B 71 25.64 4.86 41.57
CA GLU B 71 26.98 5.28 41.20
C GLU B 71 27.86 4.09 40.81
N GLN B 72 28.08 3.16 41.74
CA GLN B 72 28.96 2.02 41.51
C GLN B 72 28.25 0.74 41.93
N SER B 73 28.63 -0.35 41.27
CA SER B 73 28.01 -1.66 41.44
C SER B 73 29.09 -2.74 41.55
N LEU B 74 30.03 -2.54 42.46
CA LEU B 74 31.21 -3.39 42.51
C LEU B 74 30.87 -4.76 43.09
N SER B 75 31.80 -5.69 42.94
CA SER B 75 31.69 -6.98 43.60
C SER B 75 32.19 -6.88 45.03
N VAL B 76 31.91 -7.92 45.82
CA VAL B 76 32.27 -7.91 47.25
C VAL B 76 33.78 -7.96 47.42
N ARG B 77 34.46 -8.87 46.70
CA ARG B 77 35.92 -8.93 46.75
C ARG B 77 36.55 -7.67 46.18
N ALA B 78 35.97 -7.14 45.10
CA ALA B 78 36.45 -5.88 44.56
C ALA B 78 36.26 -4.72 45.54
N LEU B 79 35.13 -4.72 46.26
CA LEU B 79 34.89 -3.71 47.27
C LEU B 79 35.90 -3.81 48.41
N GLN B 80 36.21 -5.04 48.85
CA GLN B 80 37.21 -5.24 49.90
C GLN B 80 38.58 -4.77 49.45
N GLU B 81 38.96 -5.07 48.20
CA GLU B 81 40.25 -4.63 47.69
C GLU B 81 40.31 -3.11 47.57
N MET B 82 39.22 -2.48 47.12
CA MET B 82 39.18 -1.03 46.99
C MET B 82 39.25 -0.35 48.36
N LEU B 83 38.55 -0.90 49.36
CA LEU B 83 38.60 -0.31 50.68
C LEU B 83 39.94 -0.54 51.37
N ALA B 84 40.60 -1.66 51.07
CA ALA B 84 41.93 -1.90 51.63
C ALA B 84 42.97 -0.99 50.99
N ASN B 85 42.89 -0.80 49.67
CA ASN B 85 43.86 0.05 48.98
C ASN B 85 43.55 1.53 49.20
N THR B 86 42.36 1.96 48.78
CA THR B 86 41.87 3.34 48.91
C THR B 86 42.82 4.39 48.31
N GLY B 99 32.13 2.65 33.14
CA GLY B 99 31.04 3.53 32.78
C GLY B 99 29.68 3.01 33.20
N HIS B 100 29.07 2.21 32.34
CA HIS B 100 27.77 1.60 32.61
C HIS B 100 27.95 0.09 32.68
N ARG B 101 27.59 -0.49 33.83
CA ARG B 101 27.65 -1.93 34.01
C ARG B 101 26.38 -2.40 34.69
N THR B 102 25.91 -3.58 34.29
CA THR B 102 24.65 -4.11 34.79
C THR B 102 24.80 -4.56 36.24
N LEU B 103 23.79 -4.24 37.05
CA LEU B 103 23.77 -4.67 38.44
C LEU B 103 23.52 -6.16 38.51
N LEU B 104 24.31 -6.86 39.32
CA LEU B 104 24.18 -8.29 39.51
C LEU B 104 23.80 -8.57 40.95
N TYR B 105 23.09 -9.68 41.16
CA TYR B 105 22.75 -10.11 42.52
C TYR B 105 24.01 -10.52 43.26
N GLY B 106 24.11 -10.10 44.52
CA GLY B 106 25.31 -10.31 45.29
C GLY B 106 26.33 -9.20 45.20
N HIS B 107 26.09 -8.18 44.38
CA HIS B 107 27.00 -7.05 44.25
C HIS B 107 26.68 -5.97 45.27
N ALA B 108 27.68 -5.15 45.55
CA ALA B 108 27.55 -4.01 46.46
C ALA B 108 27.44 -2.74 45.65
N ILE B 109 26.37 -1.98 45.87
CA ILE B 109 26.09 -0.77 45.12
C ILE B 109 26.22 0.43 46.05
N LEU B 110 26.43 1.58 45.44
CA LEU B 110 26.52 2.87 46.12
C LEU B 110 25.39 3.76 45.62
N LEU B 111 24.59 4.28 46.54
CA LEU B 111 23.43 5.10 46.21
C LEU B 111 23.70 6.56 46.58
N ARG B 112 23.54 7.46 45.62
CA ARG B 112 23.73 8.88 45.84
C ARG B 112 22.41 9.60 45.69
N HIS B 113 22.07 10.42 46.68
CA HIS B 113 20.84 11.19 46.63
C HIS B 113 20.91 12.21 45.50
N SER B 114 19.88 12.21 44.65
CA SER B 114 19.95 13.00 43.41
C SER B 114 19.84 14.49 43.70
N PHE B 115 19.02 14.87 44.68
CA PHE B 115 18.85 16.30 44.98
C PHE B 115 20.02 16.84 45.78
N SER B 116 20.29 16.27 46.94
CA SER B 116 21.30 16.82 47.85
C SER B 116 22.72 16.47 47.45
N GLY B 117 22.92 15.39 46.70
CA GLY B 117 24.25 14.93 46.40
C GLY B 117 24.88 14.08 47.48
N MET B 118 24.16 13.80 48.56
CA MET B 118 24.67 12.97 49.63
C MET B 118 24.46 11.50 49.29
N TYR B 119 24.95 10.63 50.16
CA TYR B 119 24.91 9.18 49.96
C TYR B 119 24.09 8.53 51.05
N LEU B 120 23.38 7.47 50.69
CA LEU B 120 22.58 6.71 51.64
C LEU B 120 23.50 5.90 52.56
N THR B 121 23.41 6.16 53.85
CA THR B 121 24.34 5.62 54.84
C THR B 121 23.55 4.98 55.97
N CYS B 122 23.96 3.78 56.37
CA CYS B 122 23.45 3.15 57.58
C CYS B 122 24.12 3.81 58.78
N LEU B 123 23.36 4.55 59.58
CA LEU B 123 23.90 5.33 60.67
C LEU B 123 24.00 4.50 61.93
N THR B 124 25.04 4.78 62.74
CA THR B 124 25.23 4.05 63.98
C THR B 124 24.25 4.46 65.06
N THR B 125 23.64 5.64 64.95
CA THR B 125 22.66 6.08 65.92
C THR B 125 21.34 5.32 65.72
N SER B 126 20.54 5.30 66.77
CA SER B 126 19.25 4.61 66.74
C SER B 126 18.20 5.44 67.47
N ARG B 127 16.96 5.30 67.03
CA ARG B 127 15.84 5.98 67.68
C ARG B 127 14.59 5.11 67.77
N SER B 128 14.65 3.85 67.36
CA SER B 128 13.48 2.99 67.37
C SER B 128 13.21 2.48 68.78
N GLN B 129 12.04 2.81 69.33
CA GLN B 129 11.67 2.31 70.64
C GLN B 129 11.23 0.86 70.59
N THR B 130 10.66 0.42 69.46
CA THR B 130 10.19 -0.96 69.36
C THR B 130 11.36 -1.94 69.21
N ASP B 131 12.34 -1.62 68.38
CA ASP B 131 13.45 -2.50 68.09
C ASP B 131 14.73 -1.89 68.65
N LYS B 132 15.33 -2.55 69.64
CA LYS B 132 16.57 -2.08 70.23
C LYS B 132 17.78 -2.35 69.35
N LEU B 133 17.69 -3.32 68.44
CA LEU B 133 18.82 -3.72 67.61
C LEU B 133 18.83 -3.02 66.25
N ALA B 134 17.85 -2.15 65.98
CA ALA B 134 17.76 -1.48 64.70
C ALA B 134 18.59 -0.19 64.70
N PHE B 135 19.03 0.20 63.52
CA PHE B 135 19.83 1.40 63.32
C PHE B 135 19.12 2.36 62.39
N ASP B 136 19.45 3.64 62.52
CA ASP B 136 18.89 4.66 61.64
C ASP B 136 19.58 4.64 60.28
N VAL B 137 18.83 5.04 59.26
CA VAL B 137 19.31 5.14 57.89
C VAL B 137 19.12 6.58 57.44
N GLY B 138 20.19 7.18 56.91
CA GLY B 138 20.12 8.58 56.52
C GLY B 138 21.03 8.97 55.38
N LEU B 139 21.37 10.25 55.31
CA LEU B 139 22.25 10.78 54.27
C LEU B 139 23.55 11.27 54.90
N ARG B 140 24.66 11.02 54.21
CA ARG B 140 25.97 11.49 54.64
C ARG B 140 26.68 12.15 53.47
N GLU B 141 27.51 13.15 53.78
CA GLU B 141 28.11 13.98 52.75
C GLU B 141 29.12 13.22 51.90
N ASN B 142 29.91 12.35 52.52
CA ASN B 142 30.97 11.64 51.83
C ASN B 142 30.72 10.14 51.83
N ALA B 143 31.23 9.47 50.80
CA ALA B 143 31.10 8.02 50.68
C ALA B 143 32.42 7.38 51.12
N THR B 144 32.55 7.19 52.43
CA THR B 144 33.76 6.64 53.03
C THR B 144 33.40 5.39 53.84
N GLY B 145 34.17 4.33 53.65
CA GLY B 145 34.00 3.13 54.42
C GLY B 145 32.89 2.25 53.91
N GLU B 146 32.51 1.27 54.75
CA GLU B 146 31.48 0.31 54.40
C GLU B 146 30.08 0.80 54.71
N ALA B 147 29.94 1.97 55.34
CA ALA B 147 28.64 2.40 55.84
C ALA B 147 27.70 2.88 54.74
N CYS B 148 28.19 3.06 53.52
CA CYS B 148 27.37 3.58 52.43
C CYS B 148 27.11 2.56 51.33
N TRP B 149 27.69 1.37 51.42
CA TRP B 149 27.54 0.34 50.39
C TRP B 149 26.49 -0.66 50.81
N TRP B 150 25.66 -1.08 49.86
CA TRP B 150 24.56 -2.00 50.14
C TRP B 150 24.61 -3.17 49.18
N THR B 151 24.53 -4.40 49.70
CA THR B 151 24.53 -5.58 48.87
C THR B 151 23.11 -5.95 48.47
N ILE B 152 22.94 -6.34 47.21
CA ILE B 152 21.66 -6.71 46.63
C ILE B 152 21.52 -8.21 46.67
N HIS B 153 20.38 -8.70 47.16
CA HIS B 153 20.14 -10.13 47.24
C HIS B 153 18.76 -10.45 46.71
N PRO B 154 18.58 -11.63 46.11
CA PRO B 154 17.26 -12.01 45.58
C PRO B 154 16.25 -12.27 46.68
N ALA B 155 14.98 -12.06 46.34
CA ALA B 155 13.89 -12.23 47.29
C ALA B 155 13.36 -13.66 47.34
N SER B 156 13.66 -14.48 46.34
CA SER B 156 13.10 -15.82 46.26
C SER B 156 14.08 -16.71 45.49
N LYS B 157 13.65 -17.94 45.20
CA LYS B 157 14.47 -18.90 44.47
C LYS B 157 14.45 -18.68 42.97
N GLN B 158 13.59 -17.78 42.47
CA GLN B 158 13.50 -17.52 41.04
C GLN B 158 14.77 -16.86 40.50
N ARG B 159 15.49 -16.13 41.33
CA ARG B 159 16.75 -15.50 40.94
C ARG B 159 17.90 -16.16 41.67
N SER B 160 19.12 -15.77 41.30
CA SER B 160 20.32 -16.31 41.91
C SER B 160 21.43 -15.28 41.80
N GLU B 161 22.47 -15.47 42.60
CA GLU B 161 23.60 -14.56 42.59
C GLU B 161 24.37 -14.66 41.28
N GLY B 162 24.84 -13.52 40.78
CA GLY B 162 25.49 -13.46 39.50
C GLY B 162 24.56 -13.19 38.33
N GLU B 163 23.25 -13.21 38.56
CA GLU B 163 22.29 -12.90 37.52
C GLU B 163 22.05 -11.40 37.45
N LYS B 164 21.69 -10.92 36.26
CA LYS B 164 21.42 -9.50 36.08
C LYS B 164 20.13 -9.10 36.77
N VAL B 165 20.14 -7.94 37.43
CA VAL B 165 18.96 -7.43 38.11
C VAL B 165 18.01 -6.85 37.07
N ARG B 166 16.78 -7.34 37.06
CA ARG B 166 15.77 -6.92 36.09
C ARG B 166 14.88 -5.84 36.68
N ILE B 167 14.32 -5.02 35.79
CA ILE B 167 13.42 -3.95 36.22
C ILE B 167 12.11 -4.56 36.69
N GLY B 168 11.71 -4.25 37.92
CA GLY B 168 10.51 -4.79 38.52
C GLY B 168 10.75 -5.93 39.49
N ASP B 169 11.99 -6.29 39.75
CA ASP B 169 12.29 -7.36 40.69
C ASP B 169 12.17 -6.87 42.12
N ASP B 170 11.96 -7.82 43.03
CA ASP B 170 11.98 -7.54 44.46
C ASP B 170 13.37 -7.82 44.99
N LEU B 171 14.02 -6.81 45.55
CA LEU B 171 15.39 -6.91 46.00
C LEU B 171 15.44 -6.85 47.52
N ILE B 172 16.56 -7.32 48.07
CA ILE B 172 16.84 -7.22 49.50
C ILE B 172 18.17 -6.49 49.65
N LEU B 173 18.16 -5.38 50.36
CA LEU B 173 19.35 -4.56 50.55
C LEU B 173 19.93 -4.81 51.94
N VAL B 174 21.20 -5.19 51.99
CA VAL B 174 21.88 -5.50 53.24
C VAL B 174 23.05 -4.55 53.39
N SER B 175 23.15 -3.91 54.56
CA SER B 175 24.28 -3.02 54.82
C SER B 175 25.57 -3.82 54.91
N VAL B 176 26.62 -3.31 54.27
CA VAL B 176 27.92 -3.96 54.34
C VAL B 176 28.52 -3.80 55.74
N SER B 177 28.36 -2.62 56.34
CA SER B 177 29.03 -2.33 57.60
C SER B 177 28.37 -3.05 58.77
N SER B 178 27.03 -3.09 58.82
CA SER B 178 26.33 -3.60 59.98
C SER B 178 25.61 -4.92 59.75
N GLU B 179 25.59 -5.42 58.51
CA GLU B 179 24.92 -6.68 58.13
C GLU B 179 23.45 -6.66 58.52
N ARG B 180 22.77 -5.57 58.19
CA ARG B 180 21.37 -5.38 58.52
C ARG B 180 20.57 -5.07 57.27
N TYR B 181 19.36 -5.64 57.19
CA TYR B 181 18.46 -5.36 56.10
C TYR B 181 17.87 -3.96 56.21
N LEU B 182 17.66 -3.33 55.06
CA LEU B 182 16.81 -2.14 55.00
C LEU B 182 15.37 -2.58 55.15
N HIS B 183 14.70 -2.09 56.20
CA HIS B 183 13.49 -2.72 56.70
C HIS B 183 12.42 -1.67 56.99
N LEU B 184 11.17 -2.03 56.66
CA LEU B 184 10.01 -1.20 56.94
C LEU B 184 9.42 -1.61 58.29
N SER B 185 9.23 -0.64 59.17
CA SER B 185 8.64 -0.86 60.48
C SER B 185 7.27 -0.21 60.53
N VAL B 186 6.26 -0.98 60.94
CA VAL B 186 4.89 -0.51 61.12
C VAL B 186 4.56 -0.57 62.60
N SER B 187 4.08 0.54 63.14
CA SER B 187 3.76 0.63 64.57
C SER B 187 2.56 1.54 64.75
N ASN B 188 1.39 0.94 65.02
CA ASN B 188 0.14 1.66 65.28
C ASN B 188 -0.24 2.58 64.12
N GLY B 189 0.00 2.13 62.90
CA GLY B 189 -0.25 2.91 61.72
C GLY B 189 0.91 3.78 61.27
N ASN B 190 1.89 4.01 62.14
CA ASN B 190 3.08 4.77 61.77
C ASN B 190 4.00 3.89 60.95
N VAL B 191 4.63 4.48 59.94
CA VAL B 191 5.46 3.77 58.98
C VAL B 191 6.84 4.42 58.98
N GLN B 192 7.88 3.63 59.22
CA GLN B 192 9.25 4.13 59.28
C GLN B 192 10.18 3.15 58.60
N VAL B 193 11.42 3.58 58.37
CA VAL B 193 12.43 2.77 57.70
C VAL B 193 13.69 2.76 58.57
N ASP B 194 14.27 1.58 58.76
CA ASP B 194 15.46 1.45 59.58
C ASP B 194 16.27 0.23 59.12
N ALA B 195 17.52 0.16 59.57
CA ALA B 195 18.36 -1.00 59.32
C ALA B 195 18.14 -1.99 60.45
N SER B 196 17.39 -3.05 60.17
CA SER B 196 16.99 -4.03 61.18
C SER B 196 17.52 -5.41 60.81
N PHE B 197 17.24 -6.40 61.65
CA PHE B 197 17.59 -7.77 61.36
C PHE B 197 16.45 -8.54 60.69
N MET B 198 15.33 -7.89 60.43
CA MET B 198 14.24 -8.45 59.65
C MET B 198 14.28 -7.88 58.25
N GLN B 199 13.92 -8.71 57.27
CA GLN B 199 14.04 -8.30 55.88
C GLN B 199 12.74 -7.67 55.38
N THR B 200 12.88 -6.89 54.30
CA THR B 200 11.77 -6.23 53.65
C THR B 200 12.11 -6.12 52.17
N LEU B 201 11.16 -6.48 51.31
CA LEU B 201 11.38 -6.45 49.87
C LEU B 201 11.20 -5.04 49.34
N TRP B 202 12.07 -4.65 48.40
CA TRP B 202 12.02 -3.34 47.78
C TRP B 202 11.93 -3.48 46.27
N ASN B 203 11.10 -2.64 45.66
CA ASN B 203 11.02 -2.53 44.21
C ASN B 203 11.84 -1.33 43.76
N VAL B 204 12.60 -1.50 42.69
CA VAL B 204 13.47 -0.46 42.17
C VAL B 204 12.91 -0.05 40.81
N HIS B 205 12.12 1.02 40.80
CA HIS B 205 11.55 1.53 39.57
C HIS B 205 12.47 2.59 38.98
N PRO B 206 12.99 2.42 37.78
CA PRO B 206 13.84 3.46 37.19
C PRO B 206 13.01 4.67 36.76
N THR B 207 13.49 5.85 37.11
CA THR B 207 12.85 7.08 36.64
C THR B 207 13.55 7.68 35.44
N CYS B 208 14.85 7.50 35.32
CA CYS B 208 15.58 8.03 34.17
C CYS B 208 16.77 7.15 33.88
N SER B 209 16.80 6.56 32.69
CA SER B 209 17.93 5.75 32.26
C SER B 209 19.12 6.64 31.94
N GLY B 210 20.29 6.23 32.39
CA GLY B 210 21.50 7.00 32.18
C GLY B 210 22.13 6.87 30.81
N SER B 211 21.60 5.99 29.96
CA SER B 211 22.13 5.86 28.61
C SER B 211 21.81 7.10 27.77
N SER B 212 20.61 7.64 27.91
CA SER B 212 20.22 8.84 27.17
C SER B 212 20.82 10.06 27.85
N ILE B 213 21.63 10.81 27.12
CA ILE B 213 22.28 12.00 27.66
C ILE B 213 21.96 13.19 26.77
N GLU B 214 20.83 13.13 26.08
CA GLU B 214 20.40 14.24 25.24
C GLU B 214 19.96 15.42 26.09
N GLU B 215 20.26 16.62 25.63
CA GLU B 215 19.93 17.84 26.33
C GLU B 215 19.08 18.73 25.43
N GLY B 216 18.48 19.75 26.04
CA GLY B 216 17.67 20.70 25.32
C GLY B 216 16.20 20.34 25.19
N TYR B 217 15.79 19.18 25.68
CA TYR B 217 14.41 18.73 25.56
C TYR B 217 13.81 18.54 26.95
N LEU B 218 12.50 18.76 27.03
CA LEU B 218 11.81 18.77 28.32
C LEU B 218 11.68 17.35 28.87
N LEU B 219 12.32 17.10 30.00
CA LEU B 219 12.16 15.86 30.74
C LEU B 219 11.27 16.10 31.94
N GLY B 220 10.69 15.02 32.46
CA GLY B 220 9.87 15.13 33.65
C GLY B 220 10.70 15.41 34.88
N GLY B 221 10.10 16.14 35.81
CA GLY B 221 10.82 16.56 37.01
C GLY B 221 11.78 17.70 36.81
N HIS B 222 11.74 18.35 35.65
CA HIS B 222 12.58 19.51 35.39
C HIS B 222 11.95 20.77 35.98
N VAL B 223 12.82 21.69 36.40
CA VAL B 223 12.39 22.99 36.93
C VAL B 223 12.59 24.02 35.83
N VAL B 224 11.51 24.68 35.43
CA VAL B 224 11.51 25.52 34.23
C VAL B 224 10.89 26.87 34.54
N ARG B 225 11.18 27.83 33.67
CA ARG B 225 10.49 29.11 33.59
C ARG B 225 9.70 29.17 32.30
N LEU B 226 8.47 29.68 32.40
CA LEU B 226 7.54 29.73 31.27
C LEU B 226 7.45 31.17 30.80
N PHE B 227 8.32 31.55 29.87
CA PHE B 227 8.36 32.92 29.38
C PHE B 227 7.24 33.17 28.38
N HIS B 228 6.58 34.30 28.53
CA HIS B 228 5.54 34.76 27.59
C HIS B 228 6.18 35.76 26.65
N GLY B 229 6.52 35.31 25.46
CA GLY B 229 7.26 36.14 24.52
C GLY B 229 8.77 36.03 24.75
N HIS B 230 9.37 37.14 25.19
CA HIS B 230 10.81 37.18 25.45
C HIS B 230 11.19 37.81 26.78
N ASP B 231 10.32 38.58 27.40
CA ASP B 231 10.62 39.25 28.66
C ASP B 231 9.69 38.86 29.79
N GLU B 232 8.40 38.71 29.52
CA GLU B 232 7.45 38.34 30.56
C GLU B 232 7.65 36.89 30.97
N CYS B 233 7.22 36.59 32.20
CA CYS B 233 7.28 35.22 32.72
C CYS B 233 6.17 35.04 33.74
N LEU B 234 5.89 33.77 34.04
CA LEU B 234 4.83 33.39 34.97
C LEU B 234 5.35 33.49 36.40
N THR B 235 4.68 34.28 37.24
CA THR B 235 5.17 34.56 38.58
C THR B 235 3.99 34.71 39.53
N ILE B 236 4.32 34.84 40.82
CA ILE B 236 3.36 35.18 41.86
C ILE B 236 3.91 36.39 42.61
N PRO B 237 3.03 37.17 43.27
CA PRO B 237 3.52 38.38 43.96
C PRO B 237 4.52 38.13 45.08
N SER B 238 4.34 37.09 45.90
CA SER B 238 5.19 36.96 47.08
C SER B 238 5.28 35.50 47.49
N THR B 239 6.45 35.14 48.04
CA THR B 239 6.67 33.81 48.60
C THR B 239 6.00 33.67 49.97
N ASP B 240 5.97 34.75 50.75
CA ASP B 240 5.44 34.71 52.11
C ASP B 240 3.95 34.42 52.09
N GLN B 241 3.56 33.33 52.75
CA GLN B 241 2.19 32.83 52.70
C GLN B 241 1.27 33.52 53.69
N ASN B 242 1.79 34.44 54.50
CA ASN B 242 0.91 35.29 55.31
C ASN B 242 0.18 36.31 54.44
N ASP B 243 0.77 36.68 53.31
CA ASP B 243 0.08 37.52 52.35
C ASP B 243 -1.08 36.77 51.72
N ALA B 244 -2.23 37.43 51.61
CA ALA B 244 -3.43 36.79 51.10
C ALA B 244 -3.47 36.72 49.58
N GLN B 245 -2.62 37.50 48.89
CA GLN B 245 -2.62 37.54 47.44
C GLN B 245 -1.40 36.84 46.84
N HIS B 246 -0.80 35.91 47.57
CA HIS B 246 0.35 35.17 47.07
C HIS B 246 -0.04 33.98 46.20
N ARG B 247 -1.32 33.71 46.04
CA ARG B 247 -1.80 32.59 45.24
C ARG B 247 -2.23 32.99 43.84
N ARG B 248 -2.14 34.27 43.50
CA ARG B 248 -2.52 34.74 42.17
C ARG B 248 -1.33 34.68 41.23
N ILE B 249 -1.61 34.48 39.95
CA ILE B 249 -0.62 34.17 38.94
C ILE B 249 -0.60 35.30 37.92
N PHE B 250 0.59 35.81 37.61
CA PHE B 250 0.72 36.96 36.73
C PHE B 250 1.81 36.72 35.69
N TYR B 251 1.66 37.39 34.56
CA TYR B 251 2.75 37.60 33.61
C TYR B 251 3.44 38.90 33.99
N GLU B 252 4.67 38.79 34.48
CA GLU B 252 5.44 39.95 34.92
C GLU B 252 6.74 40.02 34.13
N ALA B 253 7.19 41.25 33.86
CA ALA B 253 8.40 41.48 33.10
C ALA B 253 9.31 42.42 33.87
N GLY B 254 10.61 42.12 33.87
CA GLY B 254 11.59 42.96 34.51
C GLY B 254 12.00 42.44 35.86
N GLY B 255 13.14 41.75 35.93
CA GLY B 255 13.64 41.17 37.15
C GLY B 255 12.98 39.88 37.58
N ALA B 256 11.77 39.60 37.11
CA ALA B 256 11.05 38.39 37.52
C ALA B 256 11.62 37.13 36.88
N GLY B 257 12.35 37.26 35.78
CA GLY B 257 12.94 36.12 35.13
C GLY B 257 14.21 35.59 35.76
N THR B 258 14.69 36.25 36.81
CA THR B 258 15.88 35.81 37.53
C THR B 258 15.60 35.46 38.99
N ARG B 259 14.35 35.58 39.44
CA ARG B 259 13.99 35.27 40.81
C ARG B 259 13.61 33.80 40.94
N ALA B 260 13.33 33.38 42.17
CA ALA B 260 12.92 32.02 42.47
C ALA B 260 11.41 31.85 42.50
N ARG B 261 10.64 32.92 42.34
CA ARG B 261 9.20 32.82 42.25
C ARG B 261 8.71 32.44 40.86
N SER B 262 9.59 32.48 39.86
CA SER B 262 9.25 32.11 38.49
C SER B 262 9.59 30.66 38.18
N LEU B 263 9.88 29.86 39.19
CA LEU B 263 10.34 28.50 38.99
C LEU B 263 9.20 27.51 39.23
N TRP B 264 8.96 26.64 38.25
CA TRP B 264 7.92 25.64 38.32
C TRP B 264 8.51 24.28 37.97
N ARG B 265 8.08 23.25 38.69
CA ARG B 265 8.49 21.89 38.38
C ARG B 265 7.37 21.19 37.62
N VAL B 266 7.74 20.52 36.53
CA VAL B 266 6.83 19.74 35.70
C VAL B 266 6.83 18.31 36.23
N GLU B 267 5.70 17.89 36.78
CA GLU B 267 5.61 16.58 37.43
C GLU B 267 4.64 15.70 36.67
N PRO B 268 5.11 14.68 35.96
CA PRO B 268 4.19 13.78 35.26
C PRO B 268 3.39 12.93 36.24
N LEU B 269 2.25 12.46 35.76
CA LEU B 269 1.35 11.62 36.57
C LEU B 269 1.74 10.15 36.52
N ARG B 270 3.00 9.88 36.84
CA ARG B 270 3.53 8.52 36.84
C ARG B 270 4.69 8.45 37.82
N ILE B 271 4.97 7.24 38.30
CA ILE B 271 6.06 7.00 39.24
C ILE B 271 7.27 6.39 38.54
N SER B 272 7.05 5.38 37.72
CA SER B 272 8.11 4.81 36.91
C SER B 272 8.29 5.62 35.65
N TRP B 273 9.55 5.87 35.29
CA TRP B 273 9.96 6.66 34.12
C TRP B 273 9.35 8.07 34.16
N SER B 274 9.31 8.65 35.35
CA SER B 274 8.83 10.01 35.52
C SER B 274 9.88 11.05 35.19
N GLY B 275 11.11 10.65 34.89
CA GLY B 275 12.15 11.56 34.48
C GLY B 275 12.40 11.49 32.99
N SER B 276 11.46 10.90 32.26
CA SER B 276 11.61 10.68 30.83
C SER B 276 11.08 11.88 30.05
N ASN B 277 11.04 11.77 28.72
CA ASN B 277 10.64 12.88 27.87
C ASN B 277 9.15 13.15 27.99
N ILE B 278 8.80 14.44 27.99
CA ILE B 278 7.41 14.87 28.01
C ILE B 278 6.95 15.06 26.58
N ARG B 279 5.83 14.47 26.23
CA ARG B 279 5.26 14.55 24.90
C ARG B 279 4.19 15.63 24.83
N TRP B 280 3.74 15.92 23.61
CA TRP B 280 2.61 16.82 23.44
C TRP B 280 1.33 16.13 23.89
N GLY B 281 0.53 16.84 24.68
CA GLY B 281 -0.71 16.30 25.17
C GLY B 281 -0.60 15.42 26.40
N GLN B 282 0.59 15.29 26.98
CA GLN B 282 0.77 14.49 28.18
C GLN B 282 0.41 15.31 29.43
N ALA B 283 -0.33 14.67 30.34
CA ALA B 283 -0.75 15.34 31.55
C ALA B 283 0.40 15.51 32.53
N PHE B 284 0.39 16.62 33.26
CA PHE B 284 1.36 16.85 34.33
C PHE B 284 0.76 17.83 35.32
N ARG B 285 1.49 18.05 36.41
CA ARG B 285 1.21 19.11 37.37
C ARG B 285 2.35 20.10 37.36
N LEU B 286 2.03 21.36 37.59
CA LEU B 286 3.02 22.42 37.73
C LEU B 286 3.09 22.82 39.20
N ARG B 287 4.23 22.56 39.84
CA ARG B 287 4.41 22.89 41.24
C ARG B 287 5.29 24.12 41.38
N HIS B 288 4.84 25.08 42.17
CA HIS B 288 5.63 26.26 42.47
C HIS B 288 6.64 25.93 43.57
N ILE B 289 7.92 26.23 43.31
CA ILE B 289 8.98 25.70 44.16
C ILE B 289 9.03 26.42 45.51
N THR B 290 8.92 27.74 45.51
CA THR B 290 9.10 28.49 46.75
C THR B 290 7.88 28.45 47.66
N THR B 291 6.72 28.06 47.16
CA THR B 291 5.53 27.93 47.98
C THR B 291 5.09 26.50 48.20
N GLY B 292 5.34 25.61 47.23
CA GLY B 292 4.85 24.25 47.32
C GLY B 292 3.43 24.05 46.87
N HIS B 293 2.84 25.05 46.23
CA HIS B 293 1.46 24.99 45.77
C HIS B 293 1.41 24.58 44.30
N TYR B 294 0.25 24.12 43.88
CA TYR B 294 0.06 23.60 42.53
C TYR B 294 -0.90 24.50 41.77
N LEU B 295 -0.59 24.72 40.50
CA LEU B 295 -1.49 25.44 39.61
C LEU B 295 -2.78 24.64 39.42
N ALA B 296 -3.92 25.29 39.59
CA ALA B 296 -5.18 24.57 39.64
C ALA B 296 -6.32 25.45 39.18
N LEU B 297 -7.41 24.78 38.78
CA LEU B 297 -8.71 25.41 38.54
C LEU B 297 -9.53 25.19 39.80
N THR B 298 -9.59 26.21 40.65
CA THR B 298 -10.32 26.11 41.90
C THR B 298 -11.82 26.18 41.65
N GLU B 299 -12.59 25.77 42.66
CA GLU B 299 -14.05 25.75 42.52
C GLU B 299 -14.62 27.17 42.52
N ASP B 300 -14.19 28.00 43.45
CA ASP B 300 -14.72 29.35 43.54
C ASP B 300 -14.04 30.29 42.56
N GLN B 301 -12.73 30.46 42.68
CA GLN B 301 -11.97 31.33 41.79
C GLN B 301 -11.61 30.58 40.51
N GLY B 302 -10.81 31.19 39.66
CA GLY B 302 -10.39 30.55 38.42
C GLY B 302 -9.05 29.87 38.56
N LEU B 303 -8.06 30.32 37.79
CA LEU B 303 -6.71 29.78 37.90
C LEU B 303 -6.04 30.31 39.16
N LEU B 304 -5.55 29.40 39.99
CA LEU B 304 -5.05 29.79 41.30
C LEU B 304 -4.05 28.74 41.79
N LEU B 305 -3.20 29.15 42.72
CA LEU B 305 -2.36 28.20 43.43
C LEU B 305 -3.17 27.53 44.53
N GLN B 306 -3.02 26.22 44.65
CA GLN B 306 -3.78 25.42 45.59
C GLN B 306 -2.84 24.59 46.45
N ASP B 307 -3.27 24.30 47.66
CA ASP B 307 -2.48 23.51 48.60
C ASP B 307 -2.30 22.08 48.08
N ARG B 308 -1.23 21.45 48.54
CA ARG B 308 -0.94 20.07 48.14
C ARG B 308 -2.00 19.10 48.65
N ALA B 309 -2.60 19.39 49.80
CA ALA B 309 -3.60 18.49 50.37
C ALA B 309 -4.90 18.48 49.59
N LYS B 310 -5.12 19.46 48.71
CA LYS B 310 -6.34 19.54 47.91
C LYS B 310 -6.09 19.40 46.42
N SER B 311 -4.85 19.13 46.01
CA SER B 311 -4.48 19.11 44.60
C SER B 311 -4.75 17.73 44.03
N ASP B 312 -6.01 17.48 43.70
CA ASP B 312 -6.38 16.25 43.02
C ASP B 312 -6.04 16.37 41.54
N THR B 313 -6.23 15.27 40.81
CA THR B 313 -5.86 15.23 39.40
C THR B 313 -6.78 16.10 38.55
N LYS B 314 -8.08 16.13 38.88
CA LYS B 314 -9.03 16.91 38.10
C LYS B 314 -8.74 18.41 38.19
N SER B 315 -8.36 18.89 39.38
CA SER B 315 -8.02 20.30 39.52
C SER B 315 -6.68 20.62 38.86
N THR B 316 -5.68 19.77 39.08
CA THR B 316 -4.31 20.02 38.65
C THR B 316 -3.96 19.05 37.52
N ALA B 317 -4.24 19.46 36.28
CA ALA B 317 -3.86 18.66 35.11
C ALA B 317 -3.73 19.60 33.93
N PHE B 318 -2.52 19.78 33.44
CA PHE B 318 -2.24 20.67 32.33
C PHE B 318 -1.38 19.94 31.31
N SER B 319 -1.54 20.32 30.05
CA SER B 319 -0.79 19.71 28.97
C SER B 319 -0.25 20.78 28.04
N PHE B 320 0.84 20.45 27.36
CA PHE B 320 1.45 21.32 26.37
C PHE B 320 0.97 20.90 24.99
N ARG B 321 0.39 21.84 24.26
CA ARG B 321 -0.13 21.60 22.91
C ARG B 321 0.69 22.40 21.91
N ALA B 322 0.91 21.80 20.74
CA ALA B 322 1.66 22.50 19.69
C ALA B 322 0.83 23.64 19.09
N SER B 323 -0.49 23.49 19.04
CA SER B 323 -1.36 24.51 18.49
C SER B 323 -2.75 24.34 19.07
N LYS B 324 -3.59 25.35 18.88
CA LYS B 324 -4.99 25.30 19.30
C LYS B 324 -5.88 24.71 18.22
N GLU B 325 -5.52 23.53 17.72
CA GLU B 325 -6.23 22.86 16.63
C GLU B 325 -6.61 21.46 17.09
N ILE B 326 -7.80 21.31 17.65
CA ILE B 326 -8.29 20.02 18.10
C ILE B 326 -8.84 19.22 16.93
N ARG B 336 0.89 7.03 24.43
CA ARG B 336 0.55 6.31 25.66
C ARG B 336 1.71 6.33 26.65
N ASP B 337 1.48 5.78 27.83
CA ASP B 337 2.49 5.73 28.88
C ASP B 337 3.42 4.54 28.63
N ILE B 338 4.41 4.76 27.75
CA ILE B 338 5.33 3.70 27.40
C ILE B 338 6.38 3.54 28.50
N GLU B 339 7.00 2.36 28.52
CA GLU B 339 7.97 2.00 29.56
C GLU B 339 9.37 2.27 29.01
N GLY B 340 9.75 3.55 29.01
CA GLY B 340 11.07 3.90 28.55
C GLY B 340 11.25 5.41 28.54
N MET B 341 12.40 5.84 28.02
CA MET B 341 12.69 7.27 27.95
C MET B 341 11.85 8.00 26.91
N GLY B 342 11.22 7.28 25.99
CA GLY B 342 10.37 7.93 25.02
C GLY B 342 11.18 8.66 23.95
N VAL B 343 10.49 9.56 23.26
CA VAL B 343 11.11 10.33 22.18
C VAL B 343 11.04 11.82 22.53
N PRO B 344 12.10 12.59 22.27
CA PRO B 344 12.08 14.02 22.60
C PRO B 344 11.18 14.79 21.65
N GLU B 345 10.19 15.49 22.21
CA GLU B 345 9.25 16.27 21.42
C GLU B 345 9.30 17.76 21.74
N ILE B 346 9.20 18.14 23.01
CA ILE B 346 9.20 19.54 23.40
C ILE B 346 10.63 19.98 23.65
N LYS B 347 11.00 21.12 23.08
CA LYS B 347 12.37 21.61 23.13
C LYS B 347 12.45 22.91 23.92
N TYR B 348 13.55 23.09 24.62
CA TYR B 348 13.78 24.32 25.39
C TYR B 348 14.17 25.45 24.45
N GLY B 349 13.48 26.57 24.55
CA GLY B 349 13.84 27.78 23.84
C GLY B 349 13.37 27.87 22.41
N ASP B 350 12.87 26.77 21.84
CA ASP B 350 12.43 26.75 20.45
C ASP B 350 10.95 26.44 20.30
N SER B 351 10.47 25.41 20.98
CA SER B 351 9.06 25.03 20.87
C SER B 351 8.17 26.04 21.56
N VAL B 352 7.04 26.34 20.92
CA VAL B 352 6.04 27.23 21.48
C VAL B 352 4.90 26.36 22.00
N CYS B 353 4.69 26.40 23.32
CA CYS B 353 3.78 25.49 24.00
C CYS B 353 2.53 26.24 24.44
N PHE B 354 1.37 25.66 24.16
CA PHE B 354 0.09 26.19 24.61
C PHE B 354 -0.37 25.35 25.80
N VAL B 355 -0.53 25.99 26.96
CA VAL B 355 -0.92 25.26 28.15
C VAL B 355 -2.44 25.11 28.15
N GLN B 356 -2.90 23.87 28.27
CA GLN B 356 -4.33 23.57 28.26
C GLN B 356 -4.70 22.77 29.48
N HIS B 357 -5.72 23.22 30.21
CA HIS B 357 -6.30 22.43 31.27
C HIS B 357 -7.04 21.24 30.66
N ILE B 358 -6.94 20.09 31.31
CA ILE B 358 -7.43 18.85 30.71
C ILE B 358 -8.86 18.55 31.11
N ALA B 359 -9.20 18.70 32.40
CA ALA B 359 -10.55 18.39 32.85
C ALA B 359 -11.59 19.41 32.38
N SER B 360 -11.16 20.55 31.84
CA SER B 360 -12.09 21.56 31.33
C SER B 360 -11.86 21.96 29.89
N GLY B 361 -10.66 21.77 29.34
CA GLY B 361 -10.37 22.19 27.98
C GLY B 361 -10.00 23.64 27.82
N LEU B 362 -9.88 24.39 28.92
CA LEU B 362 -9.59 25.81 28.85
C LEU B 362 -8.12 26.04 28.50
N TRP B 363 -7.80 27.28 28.15
CA TRP B 363 -6.46 27.68 27.78
C TRP B 363 -5.95 28.73 28.75
N VAL B 364 -4.66 28.68 29.06
CA VAL B 364 -4.04 29.62 29.98
C VAL B 364 -3.73 30.90 29.19
N THR B 365 -4.52 31.94 29.45
CA THR B 365 -4.42 33.21 28.74
C THR B 365 -4.13 34.32 29.74
N TYR B 366 -3.94 35.53 29.21
CA TYR B 366 -3.77 36.72 30.02
C TYR B 366 -5.03 37.57 29.92
N LYS B 367 -5.46 38.11 31.05
CA LYS B 367 -6.60 39.01 31.07
C LYS B 367 -6.23 40.33 30.42
N ALA B 368 -7.06 40.80 29.50
CA ALA B 368 -6.75 42.02 28.75
C ALA B 368 -6.88 43.24 29.64
N GLN B 369 -5.86 44.09 29.62
CA GLN B 369 -5.84 45.30 30.44
C GLN B 369 -6.55 46.45 29.74
N PRO B 378 3.12 48.10 37.02
CA PRO B 378 3.92 48.00 35.79
C PRO B 378 3.28 47.06 34.78
N LEU B 379 4.11 46.43 33.94
CA LEU B 379 3.65 45.42 33.01
C LEU B 379 3.41 44.14 33.81
N LYS B 380 2.16 43.95 34.24
CA LYS B 380 1.79 42.85 35.12
C LYS B 380 0.38 42.42 34.74
N ARG B 381 0.27 41.36 33.94
CA ARG B 381 -1.00 40.90 33.41
C ARG B 381 -1.54 39.76 34.26
N LYS B 382 -2.82 39.81 34.58
CA LYS B 382 -3.46 38.71 35.30
C LYS B 382 -3.64 37.52 34.38
N VAL B 383 -3.41 36.33 34.91
CA VAL B 383 -3.43 35.08 34.15
C VAL B 383 -4.71 34.33 34.51
N ILE B 384 -5.49 33.96 33.48
CA ILE B 384 -6.79 33.33 33.64
C ILE B 384 -6.86 32.10 32.75
N LEU B 385 -7.97 31.38 32.85
CA LEU B 385 -8.31 30.26 31.98
C LEU B 385 -9.51 30.66 31.13
N HIS B 386 -9.34 30.67 29.82
CA HIS B 386 -10.36 31.14 28.89
C HIS B 386 -10.64 30.07 27.84
N GLN B 387 -11.87 30.06 27.33
CA GLN B 387 -12.28 29.05 26.36
C GLN B 387 -11.57 29.24 25.02
N GLU B 388 -11.55 30.48 24.52
CA GLU B 388 -11.00 30.77 23.20
C GLU B 388 -9.57 31.30 23.29
N GLY B 389 -9.37 32.36 24.06
CA GLY B 389 -8.03 32.89 24.26
C GLY B 389 -7.56 33.81 23.16
N HIS B 390 -6.29 34.18 23.26
CA HIS B 390 -5.66 35.08 22.31
C HIS B 390 -4.75 34.30 21.37
N MET B 391 -4.19 35.01 20.40
CA MET B 391 -3.31 34.41 19.40
C MET B 391 -1.85 34.41 19.82
N ASP B 392 -1.53 34.94 21.00
CA ASP B 392 -0.17 34.95 21.52
C ASP B 392 -0.12 34.31 22.90
N ASP B 393 -0.89 33.24 23.10
CA ASP B 393 -0.91 32.55 24.38
C ASP B 393 0.24 31.57 24.55
N GLY B 394 1.04 31.36 23.51
CA GLY B 394 2.09 30.36 23.58
C GLY B 394 3.23 30.77 24.51
N LEU B 395 3.79 29.77 25.18
CA LEU B 395 4.85 29.97 26.16
C LEU B 395 6.11 29.24 25.72
N THR B 396 7.24 29.80 26.11
CA THR B 396 8.55 29.23 25.80
C THR B 396 9.19 28.76 27.10
N LEU B 397 9.66 27.51 27.11
CA LEU B 397 10.27 26.94 28.31
C LEU B 397 11.76 27.25 28.34
N GLN B 398 12.26 27.56 29.53
CA GLN B 398 13.69 27.72 29.75
C GLN B 398 14.07 26.97 31.02
N ARG B 399 15.07 26.10 30.92
CA ARG B 399 15.50 25.33 32.07
C ARG B 399 16.42 26.16 32.95
N CYS B 400 16.22 26.08 34.26
CA CYS B 400 17.04 26.81 35.21
C CYS B 400 18.25 25.97 35.61
N GLN B 401 19.15 26.58 36.36
CA GLN B 401 20.32 25.87 36.86
C GLN B 401 19.97 25.09 38.11
N ARG B 402 20.87 24.17 38.48
CA ARG B 402 20.64 23.33 39.65
C ARG B 402 20.72 24.13 40.95
N GLU B 403 21.61 25.13 40.98
CA GLU B 403 21.76 25.95 42.18
C GLU B 403 20.50 26.75 42.47
N GLU B 404 19.84 27.26 41.43
CA GLU B 404 18.63 28.04 41.63
C GLU B 404 17.49 27.20 42.18
N SER B 405 17.27 26.00 41.63
CA SER B 405 16.19 25.16 42.10
C SER B 405 16.47 24.59 43.49
N GLN B 406 17.73 24.24 43.76
CA GLN B 406 18.12 23.80 45.10
C GLN B 406 17.91 24.92 46.11
N ALA B 407 18.31 26.15 45.76
CA ALA B 407 18.11 27.29 46.63
C ALA B 407 16.64 27.57 46.86
N ALA B 408 15.80 27.39 45.82
CA ALA B 408 14.38 27.65 45.98
C ALA B 408 13.72 26.64 46.90
N ARG B 409 14.10 25.36 46.80
CA ARG B 409 13.55 24.38 47.73
C ARG B 409 14.04 24.61 49.16
N ILE B 410 15.31 24.99 49.31
CA ILE B 410 15.83 25.34 50.64
C ILE B 410 15.09 26.56 51.19
N ILE B 411 14.77 27.52 50.33
CA ILE B 411 14.01 28.71 50.72
C ILE B 411 12.62 28.31 51.23
N ARG B 412 11.95 27.40 50.52
CA ARG B 412 10.62 26.97 50.97
C ARG B 412 10.67 26.27 52.31
N ASN B 413 11.62 25.33 52.48
CA ASN B 413 11.73 24.60 53.73
C ASN B 413 12.10 25.52 54.90
N THR B 414 13.05 26.42 54.68
CA THR B 414 13.46 27.35 55.73
C THR B 414 12.36 28.34 56.06
N THR B 415 11.60 28.78 55.07
CA THR B 415 10.47 29.67 55.32
C THR B 415 9.40 28.98 56.15
N ALA B 416 9.11 27.72 55.84
CA ALA B 416 8.13 26.97 56.63
C ALA B 416 8.59 26.79 58.08
N LEU B 417 9.87 26.42 58.26
CA LEU B 417 10.39 26.19 59.60
C LEU B 417 10.42 27.48 60.42
N PHE B 418 10.89 28.57 59.83
CA PHE B 418 10.99 29.83 60.57
C PHE B 418 9.62 30.46 60.80
N SER B 419 8.66 30.23 59.88
CA SER B 419 7.32 30.75 60.09
C SER B 419 6.61 29.98 61.20
N GLN B 420 6.85 28.67 61.30
CA GLN B 420 6.29 27.94 62.43
C GLN B 420 7.05 28.23 63.72
N PHE B 421 8.30 28.70 63.63
CA PHE B 421 9.03 29.09 64.82
C PHE B 421 8.58 30.44 65.35
N VAL B 422 8.25 31.38 64.46
CA VAL B 422 7.74 32.69 64.87
C VAL B 422 6.36 32.55 65.48
N SER B 423 5.49 31.79 64.83
CA SER B 423 4.09 31.55 65.23
C SER B 423 3.31 32.85 65.42
N THR B 433 6.80 20.46 70.94
CA THR B 433 6.24 21.77 70.65
C THR B 433 6.97 22.44 69.50
N LEU B 434 8.24 22.78 69.73
CA LEU B 434 9.09 23.41 68.73
C LEU B 434 10.30 22.52 68.47
N PRO B 435 10.57 22.17 67.22
CA PRO B 435 11.70 21.26 66.93
C PRO B 435 13.05 21.95 67.05
N ILE B 436 13.58 21.97 68.28
CA ILE B 436 14.82 22.70 68.58
C ILE B 436 16.00 22.11 67.81
N GLN B 437 16.09 20.77 67.76
CA GLN B 437 17.21 20.14 67.08
C GLN B 437 17.15 20.37 65.57
N GLU B 438 15.94 20.37 65.00
CA GLU B 438 15.78 20.67 63.59
C GLU B 438 16.19 22.10 63.28
N VAL B 439 15.84 23.05 64.17
CA VAL B 439 16.23 24.44 64.00
C VAL B 439 17.75 24.58 64.08
N LEU B 440 18.39 23.89 65.02
CA LEU B 440 19.85 23.95 65.16
C LEU B 440 20.55 23.38 63.94
N GLN B 441 20.08 22.22 63.46
CA GLN B 441 20.68 21.60 62.27
C GLN B 441 20.47 22.47 61.03
N THR B 442 19.28 23.06 60.88
CA THR B 442 19.01 23.94 59.75
C THR B 442 19.89 25.19 59.79
N LEU B 443 20.06 25.78 60.98
CA LEU B 443 20.90 26.96 61.10
C LEU B 443 22.36 26.66 60.79
N GLN B 444 22.87 25.53 61.29
CA GLN B 444 24.25 25.15 60.98
C GLN B 444 24.44 24.84 59.50
N ASP B 445 23.46 24.18 58.89
CA ASP B 445 23.54 23.88 57.46
C ASP B 445 23.47 25.15 56.62
N LEU B 446 22.67 26.14 57.04
CA LEU B 446 22.60 27.39 56.30
C LEU B 446 23.85 28.23 56.48
N ILE B 447 24.48 28.18 57.66
CA ILE B 447 25.74 28.88 57.86
C ILE B 447 26.84 28.24 57.01
N ALA B 448 26.84 26.91 56.92
CA ALA B 448 27.77 26.25 56.00
C ALA B 448 27.41 26.47 54.54
N TYR B 449 26.15 26.82 54.26
CA TYR B 449 25.70 27.04 52.89
C TYR B 449 26.21 28.37 52.34
N PHE B 450 26.21 29.41 53.16
CA PHE B 450 26.69 30.73 52.77
C PHE B 450 28.14 30.96 53.16
N GLN B 451 28.94 29.91 53.21
CA GLN B 451 30.33 30.01 53.63
C GLN B 451 31.18 30.59 52.50
N PRO B 452 31.96 31.64 52.76
CA PRO B 452 32.85 32.19 51.73
C PRO B 452 33.96 31.23 51.40
N PRO B 453 34.52 31.31 50.19
CA PRO B 453 35.67 30.45 49.85
C PRO B 453 36.91 30.84 50.64
N GLU B 454 37.78 29.85 50.85
CA GLU B 454 39.00 30.07 51.61
C GLU B 454 39.97 30.96 50.83
N GLU B 455 40.82 31.67 51.58
CA GLU B 455 41.72 32.64 50.97
C GLU B 455 42.84 31.99 50.18
N GLU B 456 43.18 30.73 50.48
CA GLU B 456 44.26 30.04 49.79
C GLU B 456 43.80 29.36 48.50
N MET B 457 42.53 29.51 48.13
CA MET B 457 42.01 28.91 46.91
C MET B 457 42.58 29.63 45.69
N GLN B 458 42.57 28.92 44.56
CA GLN B 458 43.00 29.51 43.30
C GLN B 458 42.04 30.62 42.89
N HIS B 459 42.57 31.60 42.16
CA HIS B 459 41.86 32.86 41.91
C HIS B 459 40.57 32.65 41.12
N GLU B 460 40.62 31.83 40.07
CA GLU B 460 39.44 31.64 39.23
C GLU B 460 38.37 30.84 39.97
N ASP B 461 38.78 29.80 40.71
CA ASP B 461 37.83 29.04 41.52
C ASP B 461 37.24 29.91 42.63
N LYS B 462 38.07 30.77 43.23
CA LYS B 462 37.58 31.68 44.26
C LYS B 462 36.55 32.66 43.69
N GLN B 463 36.80 33.17 42.48
CA GLN B 463 35.86 34.10 41.87
C GLN B 463 34.56 33.40 41.48
N ASN B 464 34.64 32.16 41.00
CA ASN B 464 33.44 31.39 40.69
C ASN B 464 32.61 31.13 41.95
N LYS B 465 33.26 30.77 43.06
CA LYS B 465 32.53 30.53 44.29
C LYS B 465 31.96 31.81 44.87
N LEU B 466 32.66 32.94 44.73
CA LEU B 466 32.11 34.22 45.15
C LEU B 466 30.88 34.60 44.31
N ARG B 467 30.93 34.32 43.01
CA ARG B 467 29.79 34.59 42.14
C ARG B 467 28.58 33.75 42.54
N SER B 468 28.79 32.45 42.81
CA SER B 468 27.70 31.59 43.24
C SER B 468 27.15 32.02 44.59
N LEU B 469 28.03 32.42 45.52
CA LEU B 469 27.59 32.88 46.83
C LEU B 469 26.76 34.16 46.72
N LYS B 470 27.19 35.09 45.87
CA LYS B 470 26.42 36.32 45.67
C LYS B 470 25.06 36.03 45.05
N ASN B 471 25.01 35.10 44.09
CA ASN B 471 23.73 34.72 43.49
C ASN B 471 22.78 34.11 44.52
N ARG B 472 23.31 33.24 45.39
CA ARG B 472 22.46 32.62 46.41
C ARG B 472 22.01 33.63 47.46
N GLN B 473 22.89 34.57 47.83
CA GLN B 473 22.49 35.64 48.75
C GLN B 473 21.39 36.51 48.16
N ASN B 474 21.50 36.84 46.86
CA ASN B 474 20.45 37.61 46.20
C ASN B 474 19.14 36.85 46.13
N LEU B 475 19.22 35.54 45.85
CA LEU B 475 18.01 34.71 45.80
C LEU B 475 17.32 34.64 47.15
N PHE B 476 18.10 34.50 48.23
CA PHE B 476 17.49 34.46 49.55
C PHE B 476 16.95 35.82 49.98
N LYS B 477 17.61 36.91 49.59
CA LYS B 477 17.11 38.23 49.93
C LYS B 477 15.82 38.55 49.19
N GLU B 478 15.71 38.12 47.94
CA GLU B 478 14.53 38.43 47.14
C GLU B 478 13.27 37.72 47.62
N GLU B 479 13.40 36.68 48.43
CA GLU B 479 12.25 35.97 48.98
C GLU B 479 11.96 36.37 50.42
N GLY B 480 12.55 37.47 50.89
CA GLY B 480 12.29 37.96 52.24
C GLY B 480 12.78 37.07 53.35
N MET B 481 14.00 36.56 53.25
CA MET B 481 14.57 35.77 54.33
C MET B 481 15.26 36.62 55.38
N LEU B 482 15.75 37.81 55.01
CA LEU B 482 16.32 38.73 55.99
C LEU B 482 15.27 39.17 57.00
N ALA B 483 14.08 39.55 56.51
CA ALA B 483 12.99 39.93 57.39
C ALA B 483 12.52 38.76 58.25
N LEU B 484 12.54 37.56 57.69
CA LEU B 484 12.18 36.38 58.46
C LEU B 484 13.17 36.12 59.60
N VAL B 485 14.46 36.28 59.32
CA VAL B 485 15.48 36.14 60.36
C VAL B 485 15.32 37.23 61.42
N LEU B 486 14.96 38.44 61.01
CA LEU B 486 14.74 39.52 61.97
C LEU B 486 13.53 39.23 62.87
N ASN B 487 12.44 38.71 62.29
CA ASN B 487 11.29 38.36 63.11
C ASN B 487 11.61 37.20 64.03
N CYS B 488 12.44 36.25 63.59
CA CYS B 488 12.88 35.17 64.46
C CYS B 488 13.72 35.69 65.62
N ILE B 489 14.60 36.65 65.36
CA ILE B 489 15.42 37.25 66.41
C ILE B 489 14.55 38.00 67.42
N ASP B 490 13.57 38.77 66.93
CA ASP B 490 12.65 39.48 67.82
C ASP B 490 11.84 38.51 68.67
N ARG B 491 11.33 37.44 68.06
CA ARG B 491 10.56 36.44 68.79
C ARG B 491 11.42 35.74 69.84
N LEU B 492 12.67 35.44 69.49
CA LEU B 492 13.59 34.81 70.45
C LEU B 492 13.90 35.74 71.61
N ASN B 493 14.05 37.04 71.35
CA ASN B 493 14.31 37.97 72.44
C ASN B 493 13.09 38.12 73.35
N ILE B 494 11.88 38.10 72.75
CA ILE B 494 10.67 38.13 73.56
C ILE B 494 10.55 36.87 74.42
N TYR B 495 10.85 35.70 73.83
CA TYR B 495 10.81 34.45 74.59
C TYR B 495 11.86 34.42 75.70
N ASN B 496 13.07 34.89 75.40
CA ASN B 496 14.16 34.81 76.37
C ASN B 496 14.01 35.84 77.48
N SER B 497 13.38 36.97 77.20
CA SER B 497 13.11 37.94 78.26
C SER B 497 12.10 37.40 79.25
N VAL B 498 11.09 36.68 78.77
CA VAL B 498 10.08 36.08 79.65
C VAL B 498 10.61 34.76 80.22
N GLU B 508 20.34 23.12 79.30
CA GLU B 508 19.05 23.71 79.65
C GLU B 508 18.38 24.32 78.43
N SER B 509 17.14 24.77 78.61
CA SER B 509 16.41 25.40 77.52
C SER B 509 16.97 26.77 77.18
N GLY B 510 17.44 27.50 78.20
CA GLY B 510 18.03 28.81 77.94
C GLY B 510 19.33 28.73 77.16
N MET B 511 20.13 27.70 77.41
CA MET B 511 21.35 27.49 76.64
C MET B 511 21.04 27.22 75.17
N ALA B 512 20.02 26.40 74.91
CA ALA B 512 19.59 26.16 73.53
C ALA B 512 19.05 27.43 72.89
N TRP B 513 18.30 28.23 73.65
CA TRP B 513 17.75 29.48 73.12
C TRP B 513 18.85 30.47 72.75
N LYS B 514 19.86 30.62 73.61
CA LYS B 514 20.93 31.55 73.30
C LYS B 514 21.84 31.00 72.19
N GLU B 515 21.97 29.68 72.08
CA GLU B 515 22.70 29.10 70.97
C GLU B 515 21.98 29.36 69.64
N ILE B 516 20.65 29.22 69.63
CA ILE B 516 19.87 29.50 68.43
C ILE B 516 19.96 30.98 68.07
N LEU B 517 19.93 31.86 69.08
CA LEU B 517 20.08 33.29 68.81
C LEU B 517 21.45 33.63 68.23
N ASN B 518 22.50 33.01 68.77
CA ASN B 518 23.85 33.23 68.24
C ASN B 518 23.97 32.73 66.81
N LEU B 519 23.39 31.56 66.52
CA LEU B 519 23.38 31.04 65.16
C LEU B 519 22.57 31.93 64.23
N LEU B 520 21.49 32.55 64.73
CA LEU B 520 20.71 33.47 63.91
C LEU B 520 21.51 34.71 63.56
N TYR B 521 22.27 35.25 64.52
CA TYR B 521 23.12 36.39 64.21
C TYR B 521 24.23 36.02 63.23
N LYS B 522 24.79 34.83 63.37
CA LYS B 522 25.80 34.36 62.41
C LYS B 522 25.19 34.18 61.02
N LEU B 523 23.96 33.67 60.96
CA LEU B 523 23.27 33.52 59.68
C LEU B 523 22.99 34.86 59.02
N LEU B 524 22.58 35.85 59.81
CA LEU B 524 22.36 37.20 59.26
C LEU B 524 23.65 37.80 58.72
N ALA B 525 24.73 37.66 59.48
CA ALA B 525 26.03 38.17 59.02
C ALA B 525 26.49 37.46 57.76
N ALA B 526 26.30 36.14 57.69
CA ALA B 526 26.66 35.41 56.48
C ALA B 526 25.78 35.77 55.30
N LEU B 527 24.53 36.13 55.56
CA LEU B 527 23.61 36.50 54.48
C LEU B 527 23.98 37.86 53.88
N ILE B 528 24.46 38.79 54.69
CA ILE B 528 24.72 40.14 54.17
C ILE B 528 26.20 40.42 53.92
N ARG B 529 27.10 39.50 54.24
CA ARG B 529 28.52 39.78 54.11
C ARG B 529 28.94 39.83 52.64
N GLY B 530 29.59 40.94 52.26
CA GLY B 530 30.13 41.09 50.93
C GLY B 530 29.14 41.47 49.86
N ASN B 531 27.86 41.60 50.20
CA ASN B 531 26.81 41.90 49.25
C ASN B 531 26.30 43.31 49.50
N ARG B 532 26.49 44.20 48.53
CA ARG B 532 26.12 45.59 48.73
C ARG B 532 24.61 45.77 48.75
N ASN B 533 23.88 45.01 47.93
CA ASN B 533 22.43 45.16 47.86
C ASN B 533 21.76 44.73 49.16
N ASN B 534 22.21 43.63 49.76
CA ASN B 534 21.64 43.18 51.02
C ASN B 534 21.93 44.16 52.15
N CYS B 535 23.14 44.73 52.18
CA CYS B 535 23.47 45.71 53.21
C CYS B 535 22.69 47.01 53.01
N ALA B 536 22.50 47.43 51.76
CA ALA B 536 21.71 48.62 51.48
C ALA B 536 20.25 48.42 51.84
N GLN B 537 19.74 47.20 51.65
CA GLN B 537 18.40 46.87 52.10
C GLN B 537 18.32 46.86 53.62
N PHE B 538 19.37 46.36 54.28
CA PHE B 538 19.37 46.21 55.73
C PHE B 538 19.70 47.51 56.46
N SER B 539 20.14 48.54 55.75
CA SER B 539 20.42 49.83 56.40
C SER B 539 19.18 50.48 56.98
N ASN B 540 17.98 50.06 56.59
CA ASN B 540 16.76 50.59 57.17
C ASN B 540 16.54 50.15 58.61
N ASN B 541 17.19 49.06 59.04
CA ASN B 541 17.05 48.52 60.38
C ASN B 541 18.21 48.94 61.28
N LEU B 542 18.78 50.11 61.03
CA LEU B 542 19.96 50.56 61.77
C LEU B 542 19.61 50.87 63.22
N ASP B 543 18.44 51.48 63.46
CA ASP B 543 18.01 51.76 64.83
C ASP B 543 17.79 50.48 65.61
N TRP B 544 17.19 49.47 64.96
CA TRP B 544 16.98 48.16 65.57
C TRP B 544 18.31 47.50 65.93
N LEU B 545 19.26 47.53 64.98
CA LEU B 545 20.56 46.90 65.19
C LEU B 545 21.35 47.60 66.29
N ILE B 546 21.33 48.93 66.33
CA ILE B 546 22.03 49.67 67.37
C ILE B 546 21.35 49.46 68.72
N SER B 547 20.01 49.42 68.74
CA SER B 547 19.28 49.23 69.98
C SER B 547 19.49 47.86 70.58
N LYS B 548 19.85 46.86 69.78
CA LYS B 548 20.15 45.53 70.31
C LYS B 548 21.61 45.36 70.71
N LEU B 549 22.31 46.43 71.08
CA LEU B 549 23.71 46.35 71.49
C LEU B 549 23.91 46.24 73.00
N ASP B 550 22.84 46.33 73.79
CA ASP B 550 23.00 46.36 75.24
C ASP B 550 23.35 45.00 75.81
N ARG B 551 22.83 43.93 75.23
CA ARG B 551 22.97 42.59 75.79
C ARG B 551 24.39 42.07 75.62
N LEU B 552 24.83 41.26 76.58
CA LEU B 552 26.20 40.73 76.55
C LEU B 552 26.35 39.65 75.49
N GLU B 553 25.40 38.71 75.42
CA GLU B 553 25.55 37.57 74.53
C GLU B 553 25.35 37.96 73.08
N SER B 554 24.55 38.99 72.82
CA SER B 554 24.25 39.40 71.46
C SER B 554 25.17 40.50 70.93
N SER B 555 26.17 40.92 71.72
CA SER B 555 26.95 42.10 71.36
C SER B 555 27.90 41.83 70.19
N SER B 556 28.58 40.68 70.20
CA SER B 556 29.59 40.40 69.18
C SER B 556 28.97 40.18 67.81
N GLY B 557 27.84 39.45 67.76
CA GLY B 557 27.18 39.24 66.48
C GLY B 557 26.60 40.52 65.90
N ILE B 558 26.00 41.35 66.75
CA ILE B 558 25.48 42.65 66.31
C ILE B 558 26.62 43.53 65.81
N LEU B 559 27.77 43.50 66.49
CA LEU B 559 28.92 44.29 66.07
C LEU B 559 29.46 43.81 64.73
N GLU B 560 29.50 42.49 64.50
CA GLU B 560 29.94 41.95 63.22
C GLU B 560 28.99 42.33 62.09
N VAL B 561 27.69 42.24 62.33
CA VAL B 561 26.69 42.62 61.33
C VAL B 561 26.80 44.11 61.01
N LEU B 562 26.96 44.94 62.05
CA LEU B 562 27.09 46.38 61.88
C LEU B 562 28.35 46.73 61.08
N HIS B 563 29.46 46.04 61.36
CA HIS B 563 30.68 46.31 60.61
C HIS B 563 30.54 45.89 59.15
N CYS B 564 29.85 44.77 58.88
CA CYS B 564 29.60 44.38 57.49
C CYS B 564 28.77 45.42 56.76
N ILE B 565 27.72 45.94 57.41
CA ILE B 565 26.88 46.96 56.80
C ILE B 565 27.67 48.24 56.54
N LEU B 566 28.48 48.67 57.50
CA LEU B 566 29.24 49.90 57.34
C LEU B 566 30.33 49.77 56.29
N ILE B 567 30.93 48.59 56.14
CA ILE B 567 31.90 48.39 55.08
C ILE B 567 31.23 48.41 53.72
N GLU B 568 30.12 47.68 53.57
CA GLU B 568 29.52 47.55 52.24
C GLU B 568 28.63 48.74 51.90
N SER B 569 27.59 48.97 52.67
CA SER B 569 26.62 50.02 52.35
C SER B 569 27.18 51.39 52.69
N PRO B 570 27.18 52.33 51.74
CA PRO B 570 27.66 53.69 52.04
C PRO B 570 26.59 54.58 52.67
N GLU B 571 25.32 54.30 52.40
CA GLU B 571 24.25 55.13 52.93
C GLU B 571 24.00 54.89 54.42
N ALA B 572 24.47 53.77 54.95
CA ALA B 572 24.36 53.53 56.39
C ALA B 572 25.14 54.54 57.20
N LEU B 573 26.26 55.02 56.65
CA LEU B 573 27.00 56.10 57.30
C LEU B 573 26.20 57.40 57.31
N ASN B 574 25.41 57.64 56.25
CA ASN B 574 24.52 58.80 56.24
C ASN B 574 23.39 58.64 57.25
N LEU B 575 22.94 57.40 57.46
CA LEU B 575 21.84 57.15 58.39
C LEU B 575 22.27 57.13 59.85
N ILE B 576 23.56 57.19 60.14
CA ILE B 576 24.05 57.13 61.51
C ILE B 576 23.78 58.46 62.21
N ALA B 577 23.17 58.40 63.39
CA ALA B 577 22.84 59.57 64.19
C ALA B 577 23.79 59.67 65.39
N GLU B 578 23.51 60.64 66.26
CA GLU B 578 24.35 60.85 67.44
C GLU B 578 24.12 59.78 68.50
N GLY B 579 22.85 59.35 68.66
CA GLY B 579 22.55 58.33 69.64
C GLY B 579 23.20 56.99 69.33
N HIS B 580 23.32 56.66 68.04
CA HIS B 580 24.01 55.43 67.64
C HIS B 580 25.49 55.48 68.02
N ILE B 581 26.14 56.61 67.78
CA ILE B 581 27.55 56.76 68.13
C ILE B 581 27.74 56.72 69.63
N LYS B 582 26.83 57.35 70.39
CA LYS B 582 26.90 57.28 71.85
C LYS B 582 26.66 55.86 72.34
N SER B 583 25.79 55.09 71.68
CA SER B 583 25.58 53.69 72.07
C SER B 583 26.83 52.84 71.82
N ILE B 584 27.52 53.07 70.69
CA ILE B 584 28.74 52.33 70.41
C ILE B 584 29.84 52.70 71.40
N ILE B 585 29.95 53.98 71.74
CA ILE B 585 30.94 54.42 72.72
C ILE B 585 30.61 53.87 74.12
N SER B 586 29.33 53.81 74.47
CA SER B 586 28.95 53.22 75.75
C SER B 586 29.18 51.72 75.77
N LEU B 587 29.07 51.06 74.62
CA LEU B 587 29.46 49.66 74.52
C LEU B 587 30.95 49.48 74.79
N LEU B 588 31.77 50.38 74.24
CA LEU B 588 33.20 50.37 74.54
C LEU B 588 33.46 50.63 76.02
N ASP B 589 32.64 51.48 76.64
CA ASP B 589 32.82 51.82 78.05
C ASP B 589 32.42 50.68 78.97
N LYS B 590 31.37 49.94 78.62
CA LYS B 590 30.83 48.92 79.49
C LYS B 590 31.38 47.51 79.25
N HIS B 591 31.96 47.25 78.08
CA HIS B 591 32.43 45.91 77.79
C HIS B 591 33.94 45.74 77.86
N GLY B 592 34.70 46.82 77.96
CA GLY B 592 36.14 46.74 78.04
C GLY B 592 36.81 47.31 76.80
N ARG B 593 38.12 47.15 76.75
CA ARG B 593 38.93 47.69 75.66
C ARG B 593 38.98 46.67 74.53
N ASN B 594 38.02 46.78 73.62
CA ASN B 594 37.94 45.95 72.44
C ASN B 594 38.23 46.82 71.22
N HIS B 595 39.21 46.43 70.42
CA HIS B 595 39.63 47.25 69.29
C HIS B 595 38.70 47.10 68.08
N LYS B 596 37.78 46.15 68.10
CA LYS B 596 36.78 46.05 67.05
C LYS B 596 35.80 47.22 67.10
N VAL B 597 35.51 47.74 68.30
CA VAL B 597 34.72 48.94 68.44
C VAL B 597 35.45 50.13 67.81
N LEU B 598 36.76 50.21 68.00
CA LEU B 598 37.55 51.25 67.37
C LEU B 598 37.56 51.09 65.85
N ASP B 599 37.56 49.85 65.36
CA ASP B 599 37.47 49.62 63.92
C ASP B 599 36.12 50.08 63.37
N VAL B 600 35.05 49.85 64.13
CA VAL B 600 33.72 50.33 63.73
C VAL B 600 33.70 51.85 63.67
N LEU B 601 34.30 52.51 64.66
CA LEU B 601 34.35 53.98 64.65
C LEU B 601 35.19 54.50 63.48
N CYS B 602 36.31 53.83 63.18
CA CYS B 602 37.12 54.20 62.02
C CYS B 602 36.33 54.05 60.72
N SER B 603 35.55 52.98 60.60
CA SER B 603 34.69 52.82 59.44
C SER B 603 33.59 53.88 59.39
N LEU B 604 33.14 54.35 60.56
CA LEU B 604 32.18 55.44 60.61
C LEU B 604 32.79 56.76 60.14
N CYS B 605 34.09 56.96 60.35
CA CYS B 605 34.69 58.24 59.99
C CYS B 605 34.87 58.39 58.47
N LEU B 606 35.25 57.32 57.78
CA LEU B 606 35.52 57.39 56.35
C LEU B 606 34.88 56.21 55.61
N CYS B 607 34.38 56.49 54.41
CA CYS B 607 33.83 55.46 53.54
C CYS B 607 34.34 55.68 52.12
N ASN B 608 35.23 54.81 51.66
CA ASN B 608 35.77 54.82 50.30
C ASN B 608 36.44 56.16 49.96
N GLY B 609 37.19 56.69 50.92
CA GLY B 609 37.89 57.94 50.69
C GLY B 609 37.06 59.19 50.85
N VAL B 610 35.86 59.10 51.41
CA VAL B 610 35.00 60.24 51.65
C VAL B 610 34.80 60.38 53.15
N ALA B 611 35.11 61.56 53.68
CA ALA B 611 35.08 61.82 55.12
C ALA B 611 33.74 62.42 55.52
N VAL B 612 33.06 61.77 56.45
CA VAL B 612 31.80 62.27 56.98
C VAL B 612 32.12 63.14 58.18
N ARG B 613 31.89 64.46 58.04
CA ARG B 613 32.26 65.41 59.08
C ARG B 613 31.44 65.25 60.34
N ALA B 614 30.16 64.91 60.20
CA ALA B 614 29.29 64.77 61.37
C ALA B 614 29.75 63.64 62.27
N ASN B 615 30.08 62.49 61.68
CA ASN B 615 30.56 61.35 62.46
C ASN B 615 31.91 61.65 63.12
N GLN B 616 32.81 62.32 62.39
CA GLN B 616 34.11 62.70 62.96
C GLN B 616 33.94 63.63 64.15
N ASN B 617 33.09 64.65 64.00
CA ASN B 617 32.86 65.60 65.08
C ASN B 617 32.20 64.95 66.28
N LEU B 618 31.23 64.06 66.04
CA LEU B 618 30.56 63.39 67.15
C LEU B 618 31.50 62.44 67.90
N ILE B 619 32.34 61.70 67.17
CA ILE B 619 33.30 60.82 67.82
C ILE B 619 34.32 61.63 68.61
N CYS B 620 34.80 62.74 68.05
CA CYS B 620 35.77 63.58 68.75
C CYS B 620 35.15 64.21 70.00
N ASP B 621 33.89 64.63 69.93
CA ASP B 621 33.25 65.27 71.07
C ASP B 621 32.76 64.29 72.13
N ASN B 622 32.52 63.03 71.78
CA ASN B 622 31.97 62.08 72.73
C ASN B 622 32.95 61.00 73.15
N LEU B 623 34.17 60.99 72.63
CA LEU B 623 35.13 59.96 73.02
C LEU B 623 36.39 60.55 73.63
N LEU B 624 36.85 61.67 73.11
CA LEU B 624 38.12 62.26 73.52
C LEU B 624 38.12 62.97 74.88
N PRO B 625 37.24 63.94 75.16
CA PRO B 625 37.47 64.79 76.35
C PRO B 625 37.28 64.09 77.69
N ARG B 626 36.64 62.91 77.72
CA ARG B 626 36.47 62.21 78.99
C ARG B 626 37.80 61.71 79.54
N ARG B 627 38.70 61.27 78.65
CA ARG B 627 40.06 60.80 79.00
C ARG B 627 40.03 59.66 80.01
N ASN B 628 39.09 58.73 79.84
CA ASN B 628 39.03 57.57 80.71
C ASN B 628 38.75 56.26 79.97
N LEU B 629 38.59 56.28 78.65
CA LEU B 629 38.43 55.06 77.87
C LEU B 629 39.69 54.70 77.10
N LEU B 630 40.26 55.67 76.39
CA LEU B 630 41.50 55.44 75.68
C LEU B 630 42.69 55.59 76.61
N LEU B 631 43.74 54.81 76.35
CA LEU B 631 44.97 54.93 77.12
C LEU B 631 45.65 56.26 76.81
N GLN B 632 46.19 56.89 77.85
CA GLN B 632 46.79 58.20 77.67
C GLN B 632 48.30 58.07 77.50
N THR B 633 48.89 59.09 76.88
CA THR B 633 50.34 59.14 76.69
C THR B 633 50.86 60.51 77.06
N ARG B 634 52.08 60.56 77.59
CA ARG B 634 52.73 61.83 77.86
C ARG B 634 54.24 61.63 77.89
N LEU B 635 54.96 62.74 77.91
CA LEU B 635 56.41 62.75 78.12
C LEU B 635 56.67 63.22 79.54
N ILE B 636 57.33 62.38 80.33
CA ILE B 636 57.58 62.69 81.74
C ILE B 636 59.08 62.65 81.99
N ASN B 637 59.49 63.37 83.03
CA ASN B 637 60.87 63.42 83.48
C ASN B 637 61.16 62.28 84.44
N ASP B 638 62.38 61.75 84.36
CA ASP B 638 62.80 60.70 85.27
C ASP B 638 63.27 61.29 86.59
N VAL B 639 62.87 60.66 87.69
CA VAL B 639 63.12 61.14 89.04
C VAL B 639 63.89 60.06 89.79
N THR B 640 64.94 60.46 90.50
CA THR B 640 65.75 59.55 91.29
C THR B 640 65.85 60.07 92.72
N SER B 641 65.96 59.15 93.67
CA SER B 641 66.12 59.45 95.08
C SER B 641 67.50 59.05 95.57
N ILE B 642 68.09 59.91 96.40
CA ILE B 642 69.41 59.71 96.97
C ILE B 642 69.30 59.85 98.48
N ARG B 643 69.92 58.94 99.21
CA ARG B 643 69.90 58.94 100.67
C ARG B 643 71.31 58.77 101.23
N PRO B 644 71.56 59.29 102.43
CA PRO B 644 72.73 58.86 103.19
C PRO B 644 72.42 57.63 104.02
N ASN B 645 73.48 56.92 104.40
CA ASN B 645 73.34 55.67 105.15
C ASN B 645 73.15 55.97 106.64
N ILE B 646 72.02 56.60 106.96
CA ILE B 646 71.65 56.98 108.31
C ILE B 646 70.24 56.45 108.56
N PHE B 647 70.11 55.42 109.38
CA PHE B 647 68.84 54.75 109.59
C PHE B 647 68.43 54.85 111.05
N LEU B 648 67.18 55.25 111.27
CA LEU B 648 66.64 55.52 112.60
C LEU B 648 65.44 54.63 112.84
N GLY B 649 65.38 54.00 114.02
CA GLY B 649 64.33 53.06 114.33
C GLY B 649 63.69 53.36 115.68
N VAL B 650 62.56 52.70 115.91
CA VAL B 650 61.84 52.75 117.18
C VAL B 650 61.52 51.32 117.59
N ALA B 651 61.97 50.93 118.78
CA ALA B 651 61.71 49.60 119.31
C ALA B 651 61.68 49.67 120.83
N GLU B 652 61.02 48.69 121.43
CA GLU B 652 60.94 48.61 122.88
C GLU B 652 62.27 48.14 123.45
N GLY B 653 62.77 48.87 124.44
CA GLY B 653 64.06 48.55 125.02
C GLY B 653 65.23 48.76 124.08
N SER B 654 65.22 49.86 123.33
CA SER B 654 66.25 50.14 122.33
C SER B 654 67.04 51.38 122.74
N ALA B 655 68.34 51.35 122.47
CA ALA B 655 69.22 52.48 122.76
C ALA B 655 69.35 53.38 121.54
N GLN B 656 68.21 53.88 121.07
CA GLN B 656 68.12 54.73 119.89
C GLN B 656 67.47 56.04 120.27
N TYR B 657 68.16 57.14 120.00
CA TYR B 657 67.60 58.46 120.23
C TYR B 657 66.51 58.74 119.19
N LYS B 658 65.55 59.60 119.57
CA LYS B 658 64.33 59.74 118.80
C LYS B 658 64.18 61.07 118.07
N LYS B 659 64.91 62.11 118.46
CA LYS B 659 64.84 63.41 117.79
C LYS B 659 66.06 63.58 116.91
N TRP B 660 65.84 63.83 115.62
CA TRP B 660 66.92 63.92 114.65
C TRP B 660 66.68 65.10 113.72
N TYR B 661 67.74 65.57 113.10
CA TYR B 661 67.73 66.82 112.35
C TYR B 661 68.80 66.76 111.27
N PHE B 662 68.48 67.29 110.08
CA PHE B 662 69.49 67.47 109.05
C PHE B 662 69.12 68.64 108.17
N GLU B 663 70.04 69.04 107.29
CA GLU B 663 69.83 70.17 106.41
C GLU B 663 70.25 69.85 104.98
N LEU B 664 69.64 70.57 104.05
CA LEU B 664 69.95 70.44 102.62
C LEU B 664 70.10 71.83 102.03
N ILE B 665 71.22 72.07 101.35
CA ILE B 665 71.48 73.33 100.67
C ILE B 665 71.27 73.12 99.17
N ILE B 666 70.49 73.99 98.55
CA ILE B 666 70.26 73.93 97.11
C ILE B 666 71.21 74.92 96.45
N ASP B 667 72.27 74.41 95.82
CA ASP B 667 73.23 75.29 95.15
C ASP B 667 72.67 75.83 93.84
N GLN B 668 72.01 74.99 93.05
CA GLN B 668 71.55 75.39 91.74
C GLN B 668 70.36 74.53 91.33
N VAL B 669 69.28 75.18 90.89
CA VAL B 669 68.13 74.52 90.30
C VAL B 669 67.79 75.23 89.00
N ASP B 670 67.65 74.47 87.92
CA ASP B 670 67.23 74.98 86.62
C ASP B 670 65.81 74.51 86.37
N PRO B 671 64.80 75.30 86.71
CA PRO B 671 63.42 74.91 86.40
C PRO B 671 63.16 74.99 84.90
N PHE B 672 62.24 74.13 84.45
CA PHE B 672 61.85 74.02 83.04
C PHE B 672 63.04 73.74 82.13
N LEU B 673 63.93 72.85 82.58
CA LEU B 673 65.01 72.37 81.73
C LEU B 673 64.47 71.57 80.56
N THR B 674 63.48 70.71 80.81
CA THR B 674 62.95 69.79 79.81
C THR B 674 61.46 70.04 79.56
N ALA B 675 61.07 71.32 79.56
CA ALA B 675 59.70 71.80 79.34
C ALA B 675 58.69 71.28 80.37
N GLU B 676 59.17 70.69 81.46
CA GLU B 676 58.40 70.21 82.59
C GLU B 676 59.05 70.76 83.84
N PRO B 677 58.27 71.12 84.87
CA PRO B 677 58.88 71.66 86.09
C PRO B 677 59.83 70.66 86.76
N THR B 678 60.94 71.17 87.26
CA THR B 678 61.97 70.33 87.83
C THR B 678 61.51 69.77 89.18
N HIS B 679 61.53 68.45 89.29
CA HIS B 679 61.22 67.80 90.56
C HIS B 679 62.36 68.05 91.54
N LEU B 680 62.01 68.49 92.76
CA LEU B 680 62.99 68.59 93.83
C LEU B 680 62.22 68.56 95.15
N ARG B 681 62.29 67.44 95.86
CA ARG B 681 61.66 67.29 97.16
C ARG B 681 62.67 66.71 98.14
N VAL B 682 62.53 67.09 99.41
CA VAL B 682 63.44 66.64 100.45
C VAL B 682 62.61 66.22 101.66
N GLY B 683 63.02 65.14 102.31
CA GLY B 683 62.30 64.75 103.52
C GLY B 683 62.79 63.44 104.09
N TRP B 684 61.86 62.71 104.69
CA TRP B 684 62.16 61.48 105.42
C TRP B 684 61.39 60.33 104.79
N ALA B 685 62.07 59.20 104.60
CA ALA B 685 61.40 58.02 104.07
C ALA B 685 61.64 56.84 104.98
N SER B 686 60.60 56.01 105.13
CA SER B 686 60.69 54.81 105.93
C SER B 686 61.08 53.62 105.06
N SER B 687 61.89 52.73 105.63
CA SER B 687 62.37 51.56 104.91
C SER B 687 61.34 50.44 104.84
N SER B 688 60.13 50.66 105.36
CA SER B 688 59.09 49.64 105.30
C SER B 688 58.63 49.40 103.87
N GLY B 689 58.35 50.47 103.13
CA GLY B 689 57.83 50.30 101.78
C GLY B 689 58.30 51.29 100.72
N TYR B 690 59.18 52.22 101.08
CA TYR B 690 59.63 53.22 100.11
C TYR B 690 60.62 52.56 99.16
N ALA B 691 60.11 52.11 98.01
CA ALA B 691 60.91 51.44 97.00
C ALA B 691 60.61 52.06 95.63
N PRO B 692 61.13 53.25 95.36
CA PRO B 692 60.87 53.88 94.06
C PRO B 692 61.73 53.28 92.96
N TYR B 693 61.12 53.01 91.82
CA TYR B 693 61.81 52.52 90.65
C TYR B 693 61.76 53.56 89.53
N PRO B 694 62.82 53.67 88.73
CA PRO B 694 62.77 54.61 87.60
C PRO B 694 61.83 54.13 86.52
N GLY B 695 61.05 55.07 85.98
CA GLY B 695 60.11 54.74 84.93
C GLY B 695 58.66 54.90 85.34
N GLY B 696 57.87 53.84 85.19
CA GLY B 696 56.46 53.88 85.51
C GLY B 696 56.21 53.85 87.00
N GLY B 697 54.94 53.93 87.35
CA GLY B 697 54.54 53.92 88.74
C GLY B 697 53.13 54.46 88.89
N GLU B 698 52.78 54.79 90.13
CA GLU B 698 51.46 55.33 90.43
C GLU B 698 51.31 56.73 89.86
N GLY B 699 50.11 57.04 89.41
CA GLY B 699 49.86 58.34 88.83
C GLY B 699 50.48 58.44 87.44
N TRP B 700 51.28 59.48 87.23
CA TRP B 700 51.95 59.71 85.96
C TRP B 700 53.46 59.47 86.06
N GLY B 701 53.88 58.64 87.02
CA GLY B 701 55.29 58.38 87.18
C GLY B 701 56.02 59.55 87.83
N GLY B 702 57.34 59.47 87.77
CA GLY B 702 58.18 60.47 88.42
C GLY B 702 58.04 60.45 89.92
N ASN B 703 58.07 59.26 90.50
CA ASN B 703 57.76 59.09 91.91
C ASN B 703 58.93 59.51 92.78
N GLY B 704 58.65 60.38 93.75
CA GLY B 704 59.65 60.91 94.64
C GLY B 704 59.21 60.80 96.09
N VAL B 705 59.69 61.73 96.90
CA VAL B 705 59.36 61.75 98.32
C VAL B 705 57.94 62.28 98.46
N GLY B 706 57.08 61.50 99.11
CA GLY B 706 55.70 61.87 99.28
C GLY B 706 54.75 61.32 98.26
N ASP B 707 55.21 60.45 97.37
CA ASP B 707 54.34 59.83 96.39
C ASP B 707 53.84 58.46 96.84
N ASP B 708 54.15 58.06 98.06
CA ASP B 708 53.52 56.93 98.73
C ASP B 708 53.39 57.28 100.20
N LEU B 709 52.79 56.38 100.97
CA LEU B 709 52.56 56.61 102.38
C LEU B 709 53.76 56.22 103.25
N TYR B 710 54.91 55.97 102.64
CA TYR B 710 56.14 55.68 103.37
C TYR B 710 57.16 56.80 103.26
N SER B 711 56.84 57.88 102.56
CA SER B 711 57.75 59.00 102.40
C SER B 711 57.01 60.29 102.69
N TYR B 712 57.71 61.25 103.28
CA TYR B 712 57.13 62.51 103.74
C TYR B 712 58.09 63.61 103.29
N GLY B 713 57.63 64.45 102.37
CA GLY B 713 58.51 65.35 101.67
C GLY B 713 58.00 66.77 101.60
N PHE B 714 58.92 67.67 101.28
CA PHE B 714 58.68 69.09 101.17
C PHE B 714 59.33 69.59 99.90
N ASP B 715 58.63 70.45 99.15
CA ASP B 715 59.11 70.95 97.88
C ASP B 715 59.19 72.47 97.83
N GLY B 716 58.96 73.15 98.95
CA GLY B 716 58.98 74.59 99.02
C GLY B 716 57.62 75.23 99.11
N LEU B 717 56.59 74.57 98.59
CA LEU B 717 55.23 75.08 98.62
C LEU B 717 54.25 74.13 99.30
N HIS B 718 54.38 72.84 99.08
CA HIS B 718 53.40 71.86 99.55
C HIS B 718 54.06 70.84 100.46
N LEU B 719 53.21 70.14 101.20
CA LEU B 719 53.58 68.94 101.92
C LEU B 719 53.02 67.74 101.16
N TRP B 720 53.89 66.77 100.88
CA TRP B 720 53.56 65.62 100.04
C TRP B 720 53.57 64.35 100.88
N SER B 721 52.48 63.60 100.82
CA SER B 721 52.42 62.25 101.36
C SER B 721 51.27 61.52 100.70
N GLY B 722 51.53 60.33 100.18
CA GLY B 722 50.51 59.60 99.46
C GLY B 722 50.17 60.19 98.11
N ARG B 723 51.14 60.89 97.49
CA ARG B 723 51.00 61.55 96.18
C ARG B 723 49.85 62.56 96.17
N ILE B 724 49.62 63.22 97.30
CA ILE B 724 48.60 64.26 97.41
C ILE B 724 49.23 65.48 98.06
N PRO B 725 49.34 66.61 97.36
CA PRO B 725 49.95 67.79 97.96
C PRO B 725 48.96 68.58 98.80
N ARG B 726 49.49 69.19 99.86
CA ARG B 726 48.74 70.13 100.68
C ARG B 726 49.51 71.43 100.73
N ALA B 727 48.90 72.51 100.25
CA ALA B 727 49.57 73.82 100.26
C ALA B 727 49.66 74.34 101.68
N VAL B 728 50.87 74.77 102.07
CA VAL B 728 51.15 75.19 103.43
C VAL B 728 51.78 76.58 103.39
N ALA B 729 51.24 77.50 104.18
CA ALA B 729 51.74 78.87 104.21
C ALA B 729 53.10 78.95 104.90
N SER B 730 53.91 79.89 104.44
CA SER B 730 55.21 80.15 105.03
C SER B 730 55.60 81.59 104.70
N ILE B 731 56.63 82.08 105.38
CA ILE B 731 57.11 83.44 105.15
C ILE B 731 57.85 83.48 103.82
N ASN B 732 57.32 84.27 102.88
CA ASN B 732 57.85 84.40 101.51
C ASN B 732 57.93 83.04 100.82
N LEU B 733 56.75 82.43 100.63
CA LEU B 733 56.69 81.08 100.10
C LEU B 733 57.07 81.05 98.63
N HIS B 734 57.93 80.10 98.27
CA HIS B 734 58.35 79.88 96.89
C HIS B 734 58.88 78.46 96.76
N LEU B 735 59.02 78.01 95.51
CA LEU B 735 59.64 76.73 95.26
C LEU B 735 61.11 76.78 95.64
N LEU B 736 61.70 75.59 95.82
CA LEU B 736 63.10 75.48 96.24
C LEU B 736 63.99 75.99 95.12
N ARG B 737 64.53 77.19 95.31
CA ARG B 737 65.44 77.81 94.36
C ARG B 737 66.86 77.73 94.91
N SER B 738 67.79 78.37 94.20
CA SER B 738 69.19 78.33 94.58
C SER B 738 69.42 79.10 95.88
N ASP B 739 70.46 78.67 96.61
CA ASP B 739 70.86 79.25 97.90
C ASP B 739 69.73 79.17 98.93
N ASP B 740 68.99 78.07 98.92
CA ASP B 740 67.95 77.79 99.90
C ASP B 740 68.39 76.67 100.81
N VAL B 741 68.19 76.85 102.12
CA VAL B 741 68.55 75.86 103.11
C VAL B 741 67.27 75.31 103.72
N VAL B 742 67.07 74.00 103.59
CA VAL B 742 65.89 73.33 104.11
C VAL B 742 66.31 72.46 105.28
N SER B 743 65.70 72.69 106.44
CA SER B 743 66.00 71.95 107.64
C SER B 743 64.85 71.00 107.94
N CYS B 744 65.16 69.71 108.09
CA CYS B 744 64.16 68.70 108.35
C CYS B 744 64.39 68.11 109.73
N CYS B 745 63.30 68.03 110.51
CA CYS B 745 63.33 67.54 111.87
C CYS B 745 62.35 66.38 112.01
N LEU B 746 62.83 65.28 112.58
CA LEU B 746 62.02 64.08 112.79
C LEU B 746 62.02 63.75 114.27
N ASP B 747 60.83 63.70 114.87
CA ASP B 747 60.66 63.35 116.28
C ASP B 747 59.93 62.02 116.32
N LEU B 748 60.69 60.93 116.40
CA LEU B 748 60.13 59.59 116.34
C LEU B 748 59.28 59.23 117.55
N GLY B 749 59.33 60.02 118.63
CA GLY B 749 58.55 59.69 119.81
C GLY B 749 57.06 59.91 119.62
N VAL B 750 56.68 61.04 119.04
CA VAL B 750 55.28 61.44 118.94
C VAL B 750 54.46 60.51 118.02
N PRO B 751 54.86 60.19 116.76
CA PRO B 751 55.94 60.69 115.88
C PRO B 751 55.51 61.95 115.14
N SER B 752 56.45 62.75 114.66
CA SER B 752 56.13 63.97 113.94
C SER B 752 57.28 64.33 113.04
N ILE B 753 56.96 65.04 111.96
CA ILE B 753 57.94 65.52 111.00
C ILE B 753 57.65 66.99 110.70
N SER B 754 58.67 67.83 110.85
CA SER B 754 58.53 69.27 110.63
C SER B 754 59.66 69.78 109.75
N PHE B 755 59.41 70.91 109.11
CA PHE B 755 60.34 71.50 108.16
C PHE B 755 60.52 72.99 108.46
N ARG B 756 61.69 73.49 108.10
CA ARG B 756 62.01 74.92 108.17
C ARG B 756 62.71 75.30 106.89
N ILE B 757 62.47 76.52 106.42
CA ILE B 757 63.10 77.02 105.20
C ILE B 757 63.79 78.34 105.52
N ASN B 758 65.11 78.37 105.34
CA ASN B 758 65.97 79.52 105.64
C ASN B 758 65.83 79.98 107.09
N GLY B 759 65.61 79.03 108.00
CA GLY B 759 65.38 79.33 109.40
C GLY B 759 63.94 79.64 109.75
N GLN B 760 63.12 79.99 108.77
CA GLN B 760 61.71 80.28 109.00
C GLN B 760 60.93 78.97 109.09
N PRO B 761 60.16 78.77 110.16
CA PRO B 761 59.42 77.51 110.29
C PRO B 761 58.27 77.42 109.29
N VAL B 762 58.10 76.23 108.73
CA VAL B 762 56.99 75.95 107.83
C VAL B 762 55.78 75.57 108.66
N GLN B 763 54.64 76.20 108.38
CA GLN B 763 53.45 76.09 109.22
C GLN B 763 52.63 74.84 108.88
N GLY B 764 53.29 73.69 109.00
CA GLY B 764 52.64 72.42 108.72
C GLY B 764 53.56 71.29 109.11
N MET B 765 52.95 70.14 109.38
CA MET B 765 53.71 69.00 109.87
C MET B 765 53.01 67.70 109.53
N PHE B 766 53.76 66.61 109.61
CA PHE B 766 53.24 65.26 109.49
C PHE B 766 53.21 64.61 110.86
N GLU B 767 52.21 63.77 111.10
CA GLU B 767 52.08 63.10 112.39
C GLU B 767 51.28 61.82 112.22
N ASN B 768 51.30 61.01 113.29
CA ASN B 768 50.50 59.79 113.43
C ASN B 768 50.76 58.79 112.30
N PHE B 769 52.03 58.58 111.97
CA PHE B 769 52.40 57.61 110.95
C PHE B 769 53.06 56.40 111.58
N ASN B 770 53.23 55.36 110.78
CA ASN B 770 53.81 54.12 111.26
C ASN B 770 55.30 54.28 111.55
N THR B 771 55.71 53.87 112.75
CA THR B 771 57.10 53.94 113.16
C THR B 771 57.86 52.65 112.92
N ASP B 772 57.22 51.65 112.32
CA ASP B 772 57.91 50.42 111.96
C ASP B 772 58.84 50.69 110.79
N GLY B 773 59.95 49.95 110.75
CA GLY B 773 60.97 50.17 109.75
C GLY B 773 61.91 51.28 110.12
N LEU B 774 62.94 51.45 109.29
CA LEU B 774 64.01 52.41 109.54
C LEU B 774 63.75 53.68 108.75
N PHE B 775 63.94 54.83 109.39
CA PHE B 775 63.74 56.12 108.76
C PHE B 775 65.08 56.69 108.31
N PHE B 776 65.10 57.25 107.11
CA PHE B 776 66.32 57.83 106.58
C PHE B 776 66.02 59.13 105.87
N PRO B 777 66.97 60.08 105.88
CA PRO B 777 66.84 61.27 105.02
C PRO B 777 66.89 60.88 103.55
N VAL B 778 66.18 61.64 102.73
CA VAL B 778 66.11 61.34 101.30
C VAL B 778 65.83 62.63 100.54
N VAL B 779 66.43 62.73 99.35
CA VAL B 779 66.09 63.80 98.41
C VAL B 779 65.75 63.16 97.08
N SER B 780 64.65 63.59 96.47
CA SER B 780 64.26 63.12 95.15
C SER B 780 64.29 64.28 94.18
N PHE B 781 64.73 64.01 92.96
CA PHE B 781 64.98 65.09 92.01
C PHE B 781 64.87 64.57 90.59
N SER B 782 64.70 65.50 89.67
CA SER B 782 64.90 65.28 88.25
C SER B 782 66.20 65.96 87.85
N ALA B 783 66.50 65.94 86.55
CA ALA B 783 67.76 66.48 86.07
C ALA B 783 67.78 68.01 86.17
N GLY B 784 68.96 68.54 86.43
CA GLY B 784 69.16 69.96 86.54
C GLY B 784 69.24 70.52 87.94
N VAL B 785 69.79 69.75 88.89
CA VAL B 785 69.87 70.18 90.28
C VAL B 785 71.28 69.95 90.81
N LYS B 786 71.64 70.75 91.81
CA LYS B 786 72.83 70.54 92.63
C LYS B 786 72.45 70.80 94.08
N VAL B 787 72.60 69.80 94.94
CA VAL B 787 72.25 69.91 96.34
C VAL B 787 73.39 69.38 97.20
N ARG B 788 73.36 69.76 98.47
CA ARG B 788 74.35 69.31 99.44
C ARG B 788 73.68 68.91 100.74
N PHE B 789 73.98 67.70 101.20
CA PHE B 789 73.56 67.22 102.51
C PHE B 789 74.50 67.76 103.59
N LEU B 790 73.90 68.24 104.69
CA LEU B 790 74.61 68.59 105.90
C LEU B 790 74.00 67.79 107.05
N THR B 791 74.83 66.99 107.71
CA THR B 791 74.39 66.18 108.84
C THR B 791 75.12 66.53 110.12
N GLY B 792 75.91 67.60 110.14
CA GLY B 792 76.59 68.03 111.33
C GLY B 792 77.95 67.39 111.52
N GLY B 793 78.75 68.00 112.39
CA GLY B 793 80.06 67.45 112.71
C GLY B 793 81.02 67.64 111.55
N ARG B 794 81.74 66.58 111.21
CA ARG B 794 82.68 66.58 110.10
C ARG B 794 82.03 66.26 108.76
N HIS B 795 80.69 66.28 108.71
CA HIS B 795 79.93 65.95 107.50
C HIS B 795 78.98 67.08 107.15
N GLY B 796 79.47 68.31 107.19
CA GLY B 796 78.66 69.45 106.82
C GLY B 796 78.24 70.31 107.99
N GLU B 797 78.81 71.50 108.09
CA GLU B 797 78.45 72.41 109.16
C GLU B 797 77.08 73.02 108.90
N PHE B 798 76.23 73.02 109.93
CA PHE B 798 74.88 73.55 109.79
C PHE B 798 74.92 75.06 109.63
N LYS B 799 74.10 75.57 108.70
CA LYS B 799 73.96 77.00 108.52
C LYS B 799 73.00 77.62 109.54
N PHE B 800 72.21 76.80 110.23
CA PHE B 800 71.26 77.28 111.23
C PHE B 800 71.34 76.39 112.45
N LEU B 801 70.93 76.94 113.58
CA LEU B 801 70.96 76.21 114.84
C LEU B 801 69.83 75.18 114.88
N PRO B 802 70.12 73.93 115.19
CA PRO B 802 69.05 72.93 115.33
C PRO B 802 68.17 73.26 116.53
N PRO B 803 66.91 72.80 116.52
CA PRO B 803 66.03 73.04 117.67
C PRO B 803 66.50 72.27 118.90
N SER B 804 65.94 72.67 120.05
CA SER B 804 66.35 72.09 121.32
C SER B 804 65.93 70.64 121.42
N GLY B 805 66.89 69.77 121.73
CA GLY B 805 66.64 68.35 121.86
C GLY B 805 66.88 67.54 120.60
N TYR B 806 67.04 68.20 119.45
CA TYR B 806 67.21 67.50 118.18
C TYR B 806 68.69 67.28 117.90
N ALA B 807 69.07 66.04 117.72
CA ALA B 807 70.44 65.65 117.47
C ALA B 807 70.74 65.62 115.97
N PRO B 808 71.97 65.98 115.57
CA PRO B 808 72.35 65.84 114.17
C PRO B 808 72.41 64.37 113.76
N CYS B 809 72.18 64.14 112.46
CA CYS B 809 72.04 62.78 111.96
C CYS B 809 73.36 62.02 111.94
N TYR B 810 74.50 62.72 111.88
CA TYR B 810 75.80 62.05 111.83
C TYR B 810 76.11 61.30 113.12
N GLU B 811 75.45 61.64 114.23
CA GLU B 811 75.60 60.89 115.46
C GLU B 811 74.92 59.52 115.40
N ALA B 812 74.09 59.27 114.39
CA ALA B 812 73.44 57.97 114.26
C ALA B 812 74.33 56.94 113.56
N LEU B 813 75.49 57.34 113.06
CA LEU B 813 76.39 56.41 112.42
C LEU B 813 77.06 55.49 113.42
N LEU B 814 77.29 54.24 113.00
CA LEU B 814 78.07 53.32 113.79
C LEU B 814 79.52 53.79 113.84
N PRO B 815 80.24 53.49 114.93
CA PRO B 815 81.67 53.84 114.98
C PRO B 815 82.50 53.15 113.91
N LYS B 816 82.16 51.92 113.53
CA LYS B 816 82.83 51.21 112.46
C LYS B 816 82.06 51.35 111.14
N GLU B 817 81.86 52.61 110.74
CA GLU B 817 81.13 52.91 109.51
C GLU B 817 81.57 54.27 108.99
N LYS B 818 81.39 54.46 107.67
CA LYS B 818 81.69 55.71 107.01
C LYS B 818 80.47 56.16 106.23
N MET B 819 80.23 57.47 106.22
CA MET B 819 79.06 58.01 105.54
C MET B 819 79.25 57.95 104.03
N ARG B 820 78.16 57.68 103.31
CA ARG B 820 78.16 57.68 101.86
C ARG B 820 76.77 58.05 101.38
N LEU B 821 76.69 58.46 100.12
CA LEU B 821 75.42 58.74 99.45
C LEU B 821 75.12 57.62 98.47
N GLU B 822 73.90 57.10 98.51
CA GLU B 822 73.54 55.92 97.75
C GLU B 822 72.13 56.06 97.21
N PRO B 823 71.82 55.37 96.11
CA PRO B 823 70.43 55.23 95.69
C PRO B 823 69.62 54.44 96.71
N VAL B 824 68.34 54.77 96.82
CA VAL B 824 67.47 54.07 97.75
C VAL B 824 67.24 52.63 97.29
N LYS B 825 66.94 52.45 96.01
CA LYS B 825 66.68 51.14 95.43
C LYS B 825 67.51 51.00 94.17
N GLU B 826 68.20 49.88 94.03
CA GLU B 826 68.95 49.61 92.81
C GLU B 826 68.99 48.11 92.55
N TYR B 827 68.73 47.74 91.30
CA TYR B 827 68.87 46.37 90.83
C TYR B 827 70.04 46.20 89.86
N LYS B 828 70.78 47.27 89.60
CA LYS B 828 71.95 47.21 88.74
C LYS B 828 72.92 48.30 89.17
N ARG B 829 74.17 48.11 88.79
CA ARG B 829 75.23 49.05 89.16
C ARG B 829 76.20 49.17 87.99
N ASP B 830 76.36 50.38 87.46
CA ASP B 830 77.22 50.62 86.32
C ASP B 830 78.52 51.26 86.78
N ALA B 831 79.64 50.65 86.42
CA ALA B 831 80.96 51.15 86.76
C ALA B 831 81.88 50.93 85.57
N GLU B 832 82.43 52.03 85.04
CA GLU B 832 83.38 52.02 83.92
C GLU B 832 82.81 51.32 82.69
N GLY B 833 81.50 51.49 82.47
CA GLY B 833 80.85 50.85 81.34
C GLY B 833 80.48 49.40 81.55
N ILE B 834 80.68 48.86 82.75
CA ILE B 834 80.38 47.48 83.05
C ILE B 834 79.19 47.45 84.02
N ARG B 835 78.18 46.66 83.70
CA ARG B 835 76.96 46.60 84.49
C ARG B 835 76.92 45.32 85.31
N ASP B 836 76.70 45.46 86.61
CA ASP B 836 76.50 44.35 87.53
C ASP B 836 75.02 44.27 87.87
N LEU B 837 74.46 43.07 87.78
CA LEU B 837 73.09 42.84 88.21
C LEU B 837 73.09 42.45 89.68
N LEU B 838 72.13 42.97 90.42
CA LEU B 838 72.12 42.87 91.88
C LEU B 838 70.88 42.16 92.37
N GLY B 839 71.06 41.23 93.30
CA GLY B 839 69.94 40.63 94.00
C GLY B 839 69.45 41.51 95.13
N THR B 840 68.36 41.07 95.76
CA THR B 840 67.75 41.85 96.83
C THR B 840 68.60 41.78 98.08
N THR B 841 68.94 42.94 98.63
CA THR B 841 69.70 43.02 99.88
C THR B 841 68.76 43.29 101.05
N GLN B 842 69.13 42.75 102.21
CA GLN B 842 68.34 42.92 103.42
C GLN B 842 68.64 44.28 104.05
N SER B 843 67.98 44.57 105.16
CA SER B 843 68.17 45.85 105.84
C SER B 843 69.54 45.89 106.52
N LEU B 844 70.25 46.99 106.30
CA LEU B 844 71.61 47.16 106.82
C LEU B 844 71.67 48.36 107.75
N SER B 845 72.58 48.28 108.73
CA SER B 845 72.82 49.33 109.73
C SER B 845 71.54 49.67 110.50
N GLN B 846 70.91 48.63 111.07
CA GLN B 846 69.70 48.83 111.85
C GLN B 846 69.98 49.63 113.12
N ALA B 847 71.11 49.37 113.76
CA ALA B 847 71.54 50.02 115.01
C ALA B 847 70.50 49.85 116.12
N SER B 848 69.87 48.68 116.15
CA SER B 848 68.90 48.34 117.19
C SER B 848 69.57 47.32 118.10
N PHE B 849 70.01 47.77 119.27
CA PHE B 849 70.73 46.90 120.18
C PHE B 849 69.78 45.88 120.82
N ILE B 850 68.78 46.37 121.55
CA ILE B 850 67.75 45.57 122.23
C ILE B 850 68.38 44.48 123.10
N PRO B 851 68.93 44.83 124.26
CA PRO B 851 69.61 43.83 125.09
C PRO B 851 68.65 42.78 125.62
N CYS B 852 69.05 41.52 125.53
CA CYS B 852 68.24 40.39 125.96
C CYS B 852 69.08 39.51 126.87
N PRO B 853 69.17 39.86 128.16
CA PRO B 853 69.92 39.03 129.11
C PRO B 853 69.24 37.70 129.35
N ILE B 854 70.05 36.72 129.75
CA ILE B 854 69.54 35.39 130.02
C ILE B 854 68.71 35.42 131.30
N ASP B 855 67.52 34.83 131.25
CA ASP B 855 66.58 34.89 132.36
C ASP B 855 67.07 34.01 133.51
N THR B 856 67.44 34.64 134.62
CA THR B 856 67.90 33.94 135.81
C THR B 856 66.95 34.11 136.99
N SER B 857 65.70 34.47 136.72
CA SER B 857 64.72 34.65 137.80
C SER B 857 64.32 33.31 138.40
N GLN B 858 64.08 32.30 137.57
CA GLN B 858 63.66 30.99 138.02
C GLN B 858 64.82 30.05 138.33
N VAL B 859 66.06 30.49 138.11
CA VAL B 859 67.22 29.66 138.41
C VAL B 859 67.43 29.65 139.91
N VAL B 860 67.40 28.46 140.51
CA VAL B 860 67.47 28.29 141.95
C VAL B 860 68.82 27.68 142.29
N LEU B 861 69.57 28.37 143.14
CA LEU B 861 70.87 27.84 143.55
C LEU B 861 70.68 26.73 144.58
N PRO B 862 71.36 25.60 144.42
CA PRO B 862 71.27 24.54 145.44
C PRO B 862 71.90 25.00 146.74
N PRO B 863 71.44 24.48 147.89
CA PRO B 863 72.03 24.88 149.17
C PRO B 863 73.50 24.49 149.32
N HIS B 864 73.92 23.37 148.75
CA HIS B 864 75.31 22.94 148.87
C HIS B 864 76.26 23.82 148.07
N LEU B 865 75.74 24.58 147.11
CA LEU B 865 76.51 25.60 146.41
C LEU B 865 76.42 26.95 147.08
N GLU B 866 75.77 27.03 148.25
CA GLU B 866 75.68 28.31 148.94
C GLU B 866 76.99 28.70 149.60
N LYS B 867 77.81 27.70 149.98
CA LYS B 867 79.05 27.98 150.71
C LYS B 867 80.04 28.77 149.87
N ILE B 868 80.20 28.41 148.59
CA ILE B 868 81.03 29.20 147.69
C ILE B 868 80.40 30.57 147.45
N ARG B 869 79.07 30.67 147.57
CA ARG B 869 78.41 31.96 147.53
C ARG B 869 78.81 32.81 148.74
N ASP B 870 79.15 32.18 149.86
CA ASP B 870 79.70 32.88 151.00
C ASP B 870 81.20 33.08 150.90
N ARG B 871 81.85 32.58 149.85
CA ARG B 871 83.29 32.76 149.65
C ARG B 871 83.62 33.85 148.66
N LEU B 872 83.06 33.77 147.44
CA LEU B 872 83.37 34.75 146.41
C LEU B 872 82.93 36.15 146.80
N ALA B 873 81.78 36.25 147.48
CA ALA B 873 81.31 37.53 148.00
C ALA B 873 82.31 38.13 149.00
N GLU B 874 83.03 37.27 149.72
CA GLU B 874 84.15 37.77 150.52
C GLU B 874 85.31 38.18 149.62
N ASN B 875 85.65 37.32 148.64
CA ASN B 875 86.87 37.51 147.85
C ASN B 875 86.79 38.76 146.99
N ILE B 876 85.61 39.03 146.39
CA ILE B 876 85.39 40.27 145.67
C ILE B 876 85.58 41.46 146.59
N HIS B 877 85.08 41.36 147.83
CA HIS B 877 85.35 42.38 148.83
C HIS B 877 86.84 42.49 149.12
N GLU B 878 87.54 41.35 149.12
CA GLU B 878 89.00 41.38 149.19
C GLU B 878 89.58 42.13 148.00
N LEU B 879 89.05 41.85 146.80
CA LEU B 879 89.42 42.63 145.63
C LEU B 879 88.99 44.08 145.75
N TRP B 880 87.96 44.36 146.55
CA TRP B 880 87.61 45.75 146.83
C TRP B 880 88.58 46.38 147.82
N GLY B 881 89.25 45.59 148.66
CA GLY B 881 90.07 46.17 149.70
C GLY B 881 91.40 46.71 149.23
N MET B 882 92.28 45.82 148.77
CA MET B 882 93.65 46.21 148.43
C MET B 882 93.69 47.16 147.24
N ASN B 883 92.71 47.07 146.34
CA ASN B 883 92.61 48.03 145.24
C ASN B 883 92.40 49.44 145.77
N LYS B 884 91.57 49.60 146.80
CA LYS B 884 91.43 50.91 147.44
C LYS B 884 92.71 51.33 148.13
N ILE B 885 93.54 50.37 148.54
CA ILE B 885 94.86 50.71 149.03
C ILE B 885 95.74 51.19 147.89
N GLU B 886 95.58 50.61 146.70
CA GLU B 886 96.37 51.05 145.55
C GLU B 886 95.92 52.41 145.03
N LEU B 887 94.65 52.77 145.25
CA LEU B 887 94.14 54.07 144.84
C LEU B 887 94.50 55.19 145.79
N GLY B 888 95.05 54.88 146.96
CA GLY B 888 95.40 55.88 147.94
C GLY B 888 94.36 56.15 149.01
N TRP B 889 93.31 55.34 149.07
CA TRP B 889 92.28 55.54 150.09
C TRP B 889 92.77 55.07 151.45
N THR B 890 92.42 55.81 152.49
CA THR B 890 92.74 55.48 153.87
C THR B 890 91.47 55.00 154.59
N PHE B 891 91.63 54.65 155.86
CA PHE B 891 90.53 54.15 156.68
C PHE B 891 90.15 55.18 157.73
N GLY B 892 88.84 55.39 157.88
CA GLY B 892 88.34 56.30 158.89
C GLY B 892 86.90 55.96 159.23
N LYS B 893 86.46 56.46 160.39
CA LYS B 893 85.08 56.22 160.81
C LYS B 893 84.08 57.08 160.05
N ILE B 894 84.53 58.15 159.40
CA ILE B 894 83.68 59.08 158.67
C ILE B 894 84.09 59.07 157.21
N ARG B 895 83.11 58.90 156.31
CA ARG B 895 83.38 58.97 154.89
C ARG B 895 83.76 60.40 154.49
N ASP B 896 84.89 60.53 153.79
CA ASP B 896 85.39 61.84 153.40
C ASP B 896 86.31 61.65 152.19
N ASP B 897 85.96 62.28 151.08
CA ASP B 897 86.75 62.14 149.86
C ASP B 897 87.98 63.03 149.82
N ASN B 898 88.07 64.03 150.70
CA ASN B 898 89.23 64.91 150.71
C ASN B 898 90.46 64.17 151.24
N LYS B 899 90.32 63.46 152.35
CA LYS B 899 91.39 62.65 152.90
C LYS B 899 91.30 61.20 152.46
N ARG B 900 90.31 60.86 151.63
CA ARG B 900 90.09 59.53 151.07
C ARG B 900 89.92 58.48 152.19
N GLN B 901 88.92 58.70 153.03
CA GLN B 901 88.59 57.81 154.12
C GLN B 901 87.26 57.13 153.83
N HIS B 902 87.25 55.80 153.86
CA HIS B 902 86.05 55.02 153.59
C HIS B 902 85.74 54.15 154.80
N PRO B 903 84.53 54.23 155.36
CA PRO B 903 84.21 53.44 156.57
C PRO B 903 83.98 51.96 156.31
N CYS B 904 83.92 51.53 155.06
CA CYS B 904 83.65 50.14 154.72
C CYS B 904 84.91 49.31 154.57
N LEU B 905 86.09 49.88 154.82
CA LEU B 905 87.36 49.16 154.71
C LEU B 905 87.61 48.35 155.98
N VAL B 906 86.78 47.33 156.18
CA VAL B 906 86.85 46.44 157.33
C VAL B 906 86.74 45.01 156.83
N GLU B 907 86.80 44.07 157.77
CA GLU B 907 86.65 42.65 157.43
C GLU B 907 85.19 42.35 157.08
N PHE B 908 85.00 41.17 156.47
CA PHE B 908 83.67 40.79 156.00
C PHE B 908 82.71 40.53 157.15
N SER B 909 83.23 40.09 158.31
CA SER B 909 82.38 39.90 159.48
C SER B 909 81.88 41.24 160.03
N LYS B 910 82.72 42.27 159.94
CA LYS B 910 82.36 43.60 160.44
C LYS B 910 81.76 44.50 159.36
N LEU B 911 81.52 43.98 158.17
CA LEU B 911 80.87 44.76 157.13
C LEU B 911 79.41 45.01 157.50
N PRO B 912 78.86 46.14 157.05
CA PRO B 912 77.43 46.41 157.29
C PRO B 912 76.55 45.48 156.47
N GLU B 913 75.26 45.50 156.80
CA GLU B 913 74.31 44.59 156.15
C GLU B 913 74.11 44.93 154.68
N THR B 914 74.19 46.22 154.32
CA THR B 914 73.98 46.62 152.93
C THR B 914 75.11 46.12 152.03
N GLU B 915 76.36 46.30 152.46
CA GLU B 915 77.50 45.84 151.67
C GLU B 915 77.54 44.31 151.60
N LYS B 916 77.24 43.64 152.71
CA LYS B 916 77.20 42.18 152.72
C LYS B 916 76.11 41.65 151.80
N ASN B 917 74.92 42.26 151.83
CA ASN B 917 73.85 41.82 150.95
C ASN B 917 74.16 42.13 149.49
N TYR B 918 74.84 43.25 149.22
CA TYR B 918 75.25 43.56 147.85
C TYR B 918 76.25 42.55 147.31
N ASN B 919 77.24 42.17 148.13
CA ASN B 919 78.20 41.16 147.72
C ASN B 919 77.54 39.80 147.52
N LEU B 920 76.62 39.43 148.42
CA LEU B 920 75.91 38.17 148.29
C LEU B 920 75.04 38.14 147.04
N GLN B 921 74.38 39.25 146.74
CA GLN B 921 73.53 39.31 145.54
C GLN B 921 74.37 39.31 144.27
N MET B 922 75.55 39.94 144.30
CA MET B 922 76.45 39.89 143.14
C MET B 922 76.94 38.46 142.89
N SER B 923 77.34 37.76 143.96
CA SER B 923 77.75 36.36 143.81
C SER B 923 76.59 35.48 143.37
N THR B 924 75.38 35.75 143.88
CA THR B 924 74.20 34.99 143.49
C THR B 924 73.88 35.20 142.01
N GLU B 925 73.97 36.44 141.53
CA GLU B 925 73.73 36.71 140.12
C GLU B 925 74.78 36.07 139.23
N THR B 926 76.04 36.07 139.67
CA THR B 926 77.09 35.39 138.91
C THR B 926 76.84 33.88 138.85
N LEU B 927 76.46 33.29 139.98
CA LEU B 927 76.18 31.85 140.00
C LEU B 927 74.96 31.50 139.16
N LYS B 928 73.91 32.34 139.20
CA LYS B 928 72.74 32.10 138.38
C LYS B 928 73.04 32.27 136.90
N THR B 929 73.90 33.23 136.54
CA THR B 929 74.32 33.37 135.14
C THR B 929 75.11 32.17 134.67
N LEU B 930 75.98 31.62 135.54
CA LEU B 930 76.71 30.42 135.19
C LEU B 930 75.79 29.21 135.07
N LEU B 931 74.79 29.10 135.94
CA LEU B 931 73.88 27.97 135.91
C LEU B 931 72.88 28.05 134.76
N ALA B 932 72.55 29.25 134.29
CA ALA B 932 71.62 29.40 133.18
C ALA B 932 72.19 28.90 131.86
N LEU B 933 73.51 28.77 131.77
CA LEU B 933 74.16 28.20 130.59
C LEU B 933 74.18 26.68 130.62
N GLY B 934 73.65 26.06 131.68
CA GLY B 934 73.69 24.62 131.83
C GLY B 934 74.95 24.06 132.44
N CYS B 935 75.83 24.93 132.97
CA CYS B 935 77.07 24.46 133.58
C CYS B 935 76.79 23.69 134.85
N HIS B 936 77.52 22.59 135.04
CA HIS B 936 77.36 21.72 136.20
C HIS B 936 78.43 22.05 137.22
N ILE B 937 78.01 22.60 138.36
CA ILE B 937 78.91 23.02 139.42
C ILE B 937 78.86 21.97 140.53
N ALA B 938 79.99 21.33 140.79
CA ALA B 938 80.09 20.31 141.83
C ALA B 938 81.42 20.43 142.55
N HIS B 939 81.43 20.00 143.80
CA HIS B 939 82.64 20.01 144.63
C HIS B 939 83.28 18.63 144.59
N VAL B 940 83.81 18.29 143.43
CA VAL B 940 84.35 16.95 143.19
C VAL B 940 85.65 16.75 143.96
N ASN B 941 86.54 17.75 143.95
CA ASN B 941 87.87 17.64 144.56
C ASN B 941 88.04 18.74 145.60
N PRO B 942 87.63 18.51 146.84
CA PRO B 942 87.83 19.52 147.90
C PRO B 942 89.27 19.65 148.36
N ALA B 943 90.16 18.72 147.96
CA ALA B 943 91.54 18.74 148.43
C ALA B 943 92.31 19.96 147.95
N ALA B 944 91.91 20.52 146.80
CA ALA B 944 92.51 21.77 146.33
C ALA B 944 92.22 22.91 147.30
N GLU B 945 91.05 22.88 147.96
CA GLU B 945 90.77 23.84 149.02
C GLU B 945 91.74 23.68 150.18
N GLU B 946 92.23 22.46 150.43
CA GLU B 946 93.30 22.27 151.40
C GLU B 946 94.60 22.87 150.90
N ASP B 947 94.82 22.86 149.58
CA ASP B 947 96.02 23.45 149.00
C ASP B 947 95.87 24.94 148.69
N LEU B 948 94.69 25.50 148.88
CA LEU B 948 94.46 26.91 148.61
C LEU B 948 94.98 27.77 149.75
N LYS B 949 95.73 28.81 149.41
CA LYS B 949 96.26 29.74 150.40
C LYS B 949 95.92 31.18 150.03
N LYS B 950 96.46 32.14 150.76
CA LYS B 950 96.18 33.55 150.54
C LYS B 950 97.47 34.32 150.38
N VAL B 951 97.39 35.43 149.65
CA VAL B 951 98.55 36.28 149.41
C VAL B 951 98.83 37.11 150.65
N LYS B 952 100.06 37.05 151.14
CA LYS B 952 100.48 37.81 152.31
C LYS B 952 100.95 39.19 151.84
N LEU B 953 100.08 40.19 151.98
CA LEU B 953 100.41 41.52 151.54
C LEU B 953 101.42 42.17 152.48
N PRO B 954 102.31 43.03 151.96
CA PRO B 954 103.31 43.69 152.82
C PRO B 954 102.71 44.76 153.74
N LYS B 955 103.58 45.46 154.47
CA LYS B 955 103.16 46.35 155.54
C LYS B 955 102.42 47.58 155.04
N ASN B 956 102.65 48.00 153.79
CA ASN B 956 101.98 49.19 153.27
C ASN B 956 100.50 48.95 152.98
N TYR B 957 100.02 47.71 153.02
CA TYR B 957 98.61 47.40 152.88
C TYR B 957 97.89 47.37 154.22
N MET B 958 98.57 47.71 155.31
CA MET B 958 97.93 47.76 156.63
C MET B 958 97.26 49.10 156.85
N MET B 959 96.07 49.06 157.44
CA MET B 959 95.29 50.26 157.71
C MET B 959 95.48 50.69 159.16
N SER B 960 94.72 51.71 159.58
CA SER B 960 94.83 52.20 160.95
C SER B 960 94.23 51.21 161.95
N ASN B 961 93.21 50.47 161.55
CA ASN B 961 92.57 49.50 162.43
C ASN B 961 93.20 48.12 162.36
N GLY B 962 94.28 47.96 161.58
CA GLY B 962 94.91 46.67 161.43
C GLY B 962 94.27 45.75 160.41
N TYR B 963 93.33 46.26 159.61
CA TYR B 963 92.65 45.44 158.62
C TYR B 963 93.55 45.27 157.40
N LYS B 964 94.06 44.05 157.21
CA LYS B 964 94.85 43.72 156.03
C LYS B 964 94.04 42.80 155.14
N PRO B 965 93.72 43.20 153.92
CA PRO B 965 92.98 42.32 153.01
C PRO B 965 93.81 41.10 152.62
N ALA B 966 93.11 39.99 152.40
CA ALA B 966 93.74 38.69 152.14
C ALA B 966 93.18 38.09 150.86
N PRO B 967 93.69 38.50 149.71
CA PRO B 967 93.29 37.86 148.45
C PRO B 967 93.87 36.46 148.33
N LEU B 968 93.18 35.62 147.56
CA LEU B 968 93.63 34.25 147.36
C LEU B 968 94.85 34.19 146.45
N ASP B 969 95.67 33.17 146.67
CA ASP B 969 96.87 32.94 145.86
C ASP B 969 96.48 32.15 144.63
N LEU B 970 95.95 32.87 143.64
CA LEU B 970 95.45 32.27 142.40
C LEU B 970 96.41 32.44 141.23
N SER B 971 97.67 32.77 141.50
CA SER B 971 98.64 32.93 140.42
C SER B 971 98.98 31.60 139.76
N ASP B 972 98.83 30.49 140.48
CA ASP B 972 99.06 29.16 139.94
C ASP B 972 97.81 28.50 139.42
N VAL B 973 96.67 29.20 139.44
CA VAL B 973 95.41 28.66 138.93
C VAL B 973 95.28 29.07 137.47
N LYS B 974 95.11 28.07 136.59
CA LYS B 974 94.98 28.28 135.16
C LYS B 974 93.58 27.91 134.71
N LEU B 975 93.06 28.63 133.72
CA LEU B 975 91.73 28.42 133.20
C LEU B 975 91.80 27.88 131.78
N LEU B 976 90.88 26.97 131.46
CA LEU B 976 90.81 26.39 130.13
C LEU B 976 90.31 27.41 129.12
N PRO B 977 90.64 27.23 127.84
CA PRO B 977 90.08 28.09 126.79
C PRO B 977 88.56 27.98 126.69
N PRO B 978 87.92 26.81 126.94
CA PRO B 978 86.46 26.86 127.16
C PRO B 978 86.05 27.69 128.36
N GLN B 979 86.85 27.69 129.44
CA GLN B 979 86.54 28.57 130.56
C GLN B 979 86.78 30.03 130.21
N GLU B 980 87.71 30.31 129.30
CA GLU B 980 87.87 31.67 128.79
C GLU B 980 86.67 32.09 127.96
N VAL B 981 86.11 31.15 127.18
CA VAL B 981 84.86 31.42 126.46
C VAL B 981 83.73 31.68 127.44
N LEU B 982 83.70 30.94 128.54
CA LEU B 982 82.71 31.18 129.60
C LEU B 982 82.89 32.56 130.22
N VAL B 983 84.14 32.99 130.42
CA VAL B 983 84.42 34.33 130.94
C VAL B 983 83.93 35.40 129.97
N ASP B 984 84.16 35.19 128.67
CA ASP B 984 83.68 36.13 127.66
C ASP B 984 82.16 36.19 127.64
N LYS B 985 81.49 35.03 127.79
CA LYS B 985 80.03 35.01 127.83
C LYS B 985 79.50 35.70 129.09
N LEU B 986 80.19 35.54 130.21
CA LEU B 986 79.81 36.24 131.43
C LEU B 986 79.96 37.75 131.27
N ALA B 987 81.03 38.19 130.62
CA ALA B 987 81.22 39.61 130.36
C ALA B 987 80.15 40.15 129.43
N GLU B 988 79.78 39.38 128.40
CA GLU B 988 78.71 39.77 127.49
C GLU B 988 77.37 39.87 128.23
N ASN B 989 77.08 38.91 129.11
CA ASN B 989 75.83 38.95 129.87
C ASN B 989 75.80 40.12 130.84
N ALA B 990 76.93 40.42 131.47
CA ALA B 990 77.00 41.59 132.37
C ALA B 990 76.82 42.88 131.59
N HIS B 991 77.41 42.97 130.40
CA HIS B 991 77.21 44.14 129.54
C HIS B 991 75.76 44.29 129.13
N ASN B 992 75.09 43.18 128.79
CA ASN B 992 73.68 43.22 128.42
C ASN B 992 72.81 43.66 129.60
N VAL B 993 73.12 43.15 130.80
CA VAL B 993 72.36 43.52 132.00
C VAL B 993 72.53 45.01 132.30
N TRP B 994 73.77 45.49 132.23
CA TRP B 994 74.03 46.91 132.49
C TRP B 994 73.37 47.80 131.44
N ALA B 995 73.40 47.39 130.17
CA ALA B 995 72.77 48.16 129.11
C ALA B 995 71.26 48.20 129.27
N LYS B 996 70.65 47.06 129.63
CA LYS B 996 69.20 47.04 129.84
C LYS B 996 68.81 47.87 131.06
N ASP B 997 69.63 47.86 132.11
CA ASP B 997 69.37 48.70 133.26
C ASP B 997 69.46 50.19 132.91
N ARG B 998 70.44 50.55 132.07
CA ARG B 998 70.56 51.95 131.66
C ARG B 998 69.41 52.37 130.76
N ILE B 999 68.99 51.48 129.84
CA ILE B 999 67.88 51.79 128.95
C ILE B 999 66.58 51.93 129.72
N LYS B 1000 66.38 51.09 130.75
CA LYS B 1000 65.22 51.19 131.61
C LYS B 1000 65.22 52.48 132.44
N GLN B 1001 66.38 53.12 132.60
CA GLN B 1001 66.48 54.40 133.28
C GLN B 1001 66.33 55.58 132.32
N GLY B 1002 66.07 55.32 131.04
CA GLY B 1002 65.89 56.38 130.07
C GLY B 1002 67.14 56.83 129.34
N TRP B 1003 68.22 56.05 129.41
CA TRP B 1003 69.45 56.42 128.72
C TRP B 1003 69.43 55.96 127.28
N THR B 1004 70.01 56.77 126.40
CA THR B 1004 70.13 56.47 124.99
C THR B 1004 71.59 56.56 124.57
N TYR B 1005 71.86 56.17 123.33
CA TYR B 1005 73.21 56.25 122.79
C TYR B 1005 73.58 57.71 122.50
N GLY B 1006 74.81 58.06 122.83
CA GLY B 1006 75.31 59.40 122.57
C GLY B 1006 76.81 59.51 122.79
N ILE B 1007 77.51 60.21 121.88
CA ILE B 1007 78.96 60.31 121.98
C ILE B 1007 79.36 61.15 123.17
N GLN B 1008 78.72 62.29 123.37
CA GLN B 1008 78.99 63.14 124.52
C GLN B 1008 78.03 62.79 125.65
N GLN B 1009 78.57 62.56 126.83
CA GLN B 1009 77.77 62.12 127.98
C GLN B 1009 77.36 63.34 128.81
N ASP B 1010 76.06 63.53 128.96
CA ASP B 1010 75.51 64.57 129.82
C ASP B 1010 74.40 63.98 130.68
N LEU B 1011 74.24 64.53 131.88
CA LEU B 1011 73.30 63.97 132.83
C LEU B 1011 71.85 64.30 132.45
N LYS B 1012 71.61 65.46 131.83
CA LYS B 1012 70.25 65.83 131.48
C LYS B 1012 69.70 64.97 130.35
N ASN B 1013 70.48 64.80 129.28
CA ASN B 1013 70.01 64.07 128.12
C ASN B 1013 70.11 62.56 128.25
N LYS B 1014 70.85 62.07 129.26
CA LYS B 1014 71.06 60.64 129.51
C LYS B 1014 71.63 59.94 128.27
N ARG B 1015 72.86 60.34 127.93
CA ARG B 1015 73.57 59.80 126.77
C ARG B 1015 74.76 59.00 127.25
N ASN B 1016 74.86 57.75 126.80
CA ASN B 1016 75.92 56.84 127.22
C ASN B 1016 76.69 56.36 126.00
N PRO B 1017 77.99 56.66 125.88
CA PRO B 1017 78.75 56.20 124.71
C PRO B 1017 78.98 54.69 124.67
N ARG B 1018 78.84 54.00 125.80
CA ARG B 1018 79.08 52.57 125.87
C ARG B 1018 77.88 51.73 125.47
N LEU B 1019 76.74 52.37 125.17
CA LEU B 1019 75.54 51.64 124.76
C LEU B 1019 75.73 51.19 123.31
N VAL B 1020 76.44 50.07 123.16
CA VAL B 1020 76.83 49.55 121.86
C VAL B 1020 76.81 48.03 121.92
N PRO B 1021 76.78 47.38 120.76
CA PRO B 1021 77.04 45.93 120.74
C PRO B 1021 78.44 45.62 121.27
N TYR B 1022 78.55 44.46 121.93
CA TYR B 1022 79.77 44.10 122.64
C TYR B 1022 80.96 43.91 121.72
N ALA B 1023 80.74 43.65 120.43
CA ALA B 1023 81.84 43.47 119.49
C ALA B 1023 82.53 44.78 119.11
N LEU B 1024 81.96 45.93 119.48
CA LEU B 1024 82.51 47.22 119.10
C LEU B 1024 82.82 48.10 120.30
N LEU B 1025 82.95 47.52 121.50
CA LEU B 1025 83.19 48.31 122.69
C LEU B 1025 84.66 48.67 122.82
N ASP B 1026 84.99 49.44 123.86
CA ASP B 1026 86.36 49.81 124.14
C ASP B 1026 87.15 48.61 124.65
N GLU B 1027 88.46 48.64 124.42
CA GLU B 1027 89.31 47.51 124.82
C GLU B 1027 89.46 47.44 126.33
N ARG B 1028 89.71 48.58 126.98
CA ARG B 1028 89.92 48.58 128.43
C ARG B 1028 88.63 48.33 129.19
N THR B 1029 87.51 48.86 128.68
CA THR B 1029 86.22 48.67 129.34
C THR B 1029 85.81 47.21 129.36
N LYS B 1030 86.01 46.50 128.24
CA LYS B 1030 85.77 45.06 128.22
C LYS B 1030 86.84 44.32 129.03
N LYS B 1031 88.08 44.81 128.98
CA LYS B 1031 89.20 44.09 129.59
C LYS B 1031 89.10 44.06 131.11
N SER B 1032 88.67 45.16 131.72
CA SER B 1032 88.56 45.21 133.18
C SER B 1032 87.51 44.22 133.70
N ASN B 1033 86.34 44.20 133.06
CA ASN B 1033 85.29 43.27 133.46
C ASN B 1033 85.69 41.82 133.13
N ARG B 1034 86.41 41.62 132.01
CA ARG B 1034 86.87 40.29 131.67
C ARG B 1034 87.88 39.77 132.68
N ASP B 1035 88.80 40.63 133.13
CA ASP B 1035 89.77 40.23 134.15
C ASP B 1035 89.10 39.97 135.50
N SER B 1036 88.10 40.79 135.84
CA SER B 1036 87.38 40.57 137.10
C SER B 1036 86.63 39.24 137.09
N LEU B 1037 85.95 38.93 135.98
CA LEU B 1037 85.23 37.66 135.91
C LEU B 1037 86.18 36.48 135.76
N ARG B 1038 87.34 36.68 135.14
CA ARG B 1038 88.36 35.65 135.10
C ARG B 1038 88.90 35.35 136.50
N GLU B 1039 89.09 36.39 137.31
CA GLU B 1039 89.48 36.19 138.71
C GLU B 1039 88.38 35.49 139.49
N ALA B 1040 87.12 35.80 139.19
CA ALA B 1040 86.00 35.11 139.84
C ALA B 1040 85.98 33.63 139.47
N VAL B 1041 86.23 33.31 138.20
CA VAL B 1041 86.26 31.90 137.77
C VAL B 1041 87.46 31.18 138.40
N ARG B 1042 88.59 31.88 138.53
CA ARG B 1042 89.75 31.29 139.22
C ARG B 1042 89.44 31.04 140.69
N THR B 1043 88.69 31.94 141.33
CA THR B 1043 88.26 31.72 142.71
C THR B 1043 87.33 30.52 142.81
N PHE B 1044 86.43 30.35 141.82
CA PHE B 1044 85.55 29.19 141.80
C PHE B 1044 86.34 27.90 141.63
N VAL B 1045 87.35 27.90 140.75
CA VAL B 1045 88.13 26.69 140.50
C VAL B 1045 89.00 26.35 141.70
N GLY B 1046 89.57 27.36 142.35
CA GLY B 1046 90.50 27.14 143.45
C GLY B 1046 89.89 26.52 144.69
N TYR B 1047 88.57 26.61 144.84
CA TYR B 1047 87.87 25.97 145.94
C TYR B 1047 87.39 24.57 145.62
N GLY B 1048 87.75 24.04 144.45
CA GLY B 1048 87.42 22.67 144.10
C GLY B 1048 86.09 22.47 143.40
N TYR B 1049 85.54 23.51 142.77
CA TYR B 1049 84.29 23.43 142.05
C TYR B 1049 84.56 23.28 140.56
N ASN B 1050 83.91 22.32 139.92
CA ASN B 1050 84.07 22.12 138.50
C ASN B 1050 83.12 23.01 137.73
N ILE B 1051 83.62 23.64 136.67
CA ILE B 1051 82.87 24.64 135.93
C ILE B 1051 82.64 24.15 134.50
N GLU B 1052 82.45 22.84 134.36
CA GLU B 1052 82.18 22.28 133.03
C GLU B 1052 80.81 22.74 132.54
N PRO B 1053 80.69 23.08 131.26
CA PRO B 1053 79.43 23.57 130.72
C PRO B 1053 78.48 22.42 130.36
N SER B 1054 77.34 22.78 129.79
CA SER B 1054 76.35 21.80 129.39
C SER B 1054 76.81 21.03 128.15
N ASP B 1055 76.51 19.73 128.13
CA ASP B 1055 76.86 18.91 126.98
C ASP B 1055 75.92 19.14 125.81
N GLN B 1056 74.67 19.53 126.08
CA GLN B 1056 73.67 19.75 125.03
C GLN B 1056 73.87 21.14 124.44
N GLU B 1057 74.60 21.21 123.33
CA GLU B 1057 74.83 22.47 122.63
C GLU B 1057 74.73 22.28 121.12
N LEU B 1058 73.91 21.34 120.67
CA LEU B 1058 73.77 21.04 119.25
C LEU B 1058 72.33 21.20 118.80
N ALA B 1059 71.68 22.30 119.21
CA ALA B 1059 70.31 22.54 118.81
C ALA B 1059 70.21 22.82 117.31
N ASP B 1060 71.19 23.55 116.76
CA ASP B 1060 71.32 23.92 115.36
C ASP B 1060 70.09 24.67 114.87
N PRO B 1061 69.87 25.90 115.33
CA PRO B 1061 68.70 26.67 114.86
C PRO B 1061 68.94 27.17 113.44
N ALA B 1062 68.12 26.70 112.51
CA ALA B 1062 68.24 27.02 111.10
C ALA B 1062 67.10 27.95 110.68
N VAL B 1063 67.44 29.03 109.98
CA VAL B 1063 66.42 29.96 109.51
C VAL B 1063 65.67 29.34 108.32
N GLU B 1064 64.50 29.92 108.03
CA GLU B 1064 63.69 29.43 106.94
C GLU B 1064 64.30 29.81 105.59
N LYS B 1065 63.80 29.17 104.54
CA LYS B 1065 64.27 29.45 103.20
C LYS B 1065 63.75 30.83 102.74
N VAL B 1066 64.47 31.40 101.77
CA VAL B 1066 64.10 32.71 101.24
C VAL B 1066 62.85 32.58 100.38
N SER B 1067 61.96 33.55 100.48
CA SER B 1067 60.76 33.57 99.66
C SER B 1067 61.11 33.84 98.20
N ILE B 1068 60.21 33.41 97.31
CA ILE B 1068 60.41 33.62 95.88
C ILE B 1068 60.25 35.09 95.52
N ASP B 1069 59.57 35.88 96.35
CA ASP B 1069 59.41 37.31 96.09
C ASP B 1069 60.71 38.07 96.25
N LYS B 1070 61.67 37.55 97.01
CA LYS B 1070 62.94 38.23 97.24
C LYS B 1070 64.04 37.76 96.30
N ILE B 1071 63.75 36.82 95.41
CA ILE B 1071 64.69 36.41 94.37
C ILE B 1071 64.44 37.26 93.14
N ARG B 1072 65.49 37.86 92.59
CA ARG B 1072 65.32 38.78 91.48
C ARG B 1072 65.69 38.12 90.16
N PHE B 1073 64.75 38.15 89.21
CA PHE B 1073 64.93 37.53 87.91
C PHE B 1073 65.33 38.60 86.91
N PHE B 1074 66.33 38.31 86.09
CA PHE B 1074 66.70 39.15 84.95
C PHE B 1074 66.57 38.32 83.69
N ARG B 1075 66.18 38.98 82.61
CA ARG B 1075 65.66 38.25 81.46
C ARG B 1075 65.83 39.08 80.21
N VAL B 1076 66.02 38.41 79.08
CA VAL B 1076 65.99 39.07 77.79
C VAL B 1076 64.53 39.17 77.32
N GLU B 1077 64.18 40.30 76.69
CA GLU B 1077 62.83 40.51 76.17
C GLU B 1077 62.43 39.42 75.18
N TRP B 1078 61.15 39.04 75.21
CA TRP B 1078 60.65 37.91 74.43
C TRP B 1078 60.76 38.12 72.93
N SER B 1079 60.86 39.35 72.45
CA SER B 1079 60.95 39.59 71.01
C SER B 1079 62.30 39.19 70.44
N TYR B 1080 63.28 38.88 71.28
CA TYR B 1080 64.58 38.39 70.85
C TYR B 1080 64.70 36.88 70.91
N ALA B 1081 63.58 36.17 71.11
CA ALA B 1081 63.62 34.72 71.27
C ALA B 1081 64.03 34.04 69.97
N VAL B 1082 64.88 33.03 70.10
CA VAL B 1082 65.49 32.36 68.96
C VAL B 1082 64.83 31.00 68.77
N ARG B 1083 64.49 30.66 67.54
CA ARG B 1083 63.88 29.37 67.21
C ARG B 1083 64.81 28.43 66.47
N SER B 1084 65.95 28.91 65.98
CA SER B 1084 66.90 28.05 65.28
C SER B 1084 68.27 28.70 65.35
N GLY B 1085 69.30 27.88 65.19
CA GLY B 1085 70.67 28.34 65.20
C GLY B 1085 71.43 27.83 66.42
N LYS B 1086 72.68 28.28 66.50
CA LYS B 1086 73.57 27.97 67.63
C LYS B 1086 73.93 29.29 68.30
N TRP B 1087 73.65 29.40 69.60
CA TRP B 1087 73.78 30.68 70.30
C TRP B 1087 74.56 30.50 71.60
N TYR B 1088 75.30 31.54 71.95
CA TYR B 1088 76.24 31.52 73.07
C TYR B 1088 76.09 32.81 73.87
N PHE B 1089 76.12 32.70 75.20
CA PHE B 1089 76.30 33.88 76.03
C PHE B 1089 77.06 33.47 77.30
N GLU B 1090 77.45 34.46 78.09
CA GLU B 1090 78.25 34.22 79.27
C GLU B 1090 77.63 34.87 80.49
N PHE B 1091 77.92 34.30 81.66
CA PHE B 1091 77.42 34.80 82.93
C PHE B 1091 78.55 34.73 83.94
N GLU B 1092 79.13 35.88 84.28
CA GLU B 1092 80.17 35.94 85.29
C GLU B 1092 79.53 36.04 86.66
N VAL B 1093 79.98 35.22 87.59
CA VAL B 1093 79.46 35.20 88.95
C VAL B 1093 80.45 36.00 89.81
N VAL B 1094 80.08 37.25 90.09
CA VAL B 1094 80.95 38.11 90.89
C VAL B 1094 80.96 37.65 92.34
N THR B 1095 79.79 37.34 92.89
CA THR B 1095 79.64 36.82 94.24
C THR B 1095 79.15 35.39 94.12
N GLY B 1096 80.00 34.43 94.47
CA GLY B 1096 79.61 33.03 94.41
C GLY B 1096 78.53 32.73 95.43
N GLY B 1097 77.45 32.10 94.98
CA GLY B 1097 76.31 31.85 95.86
C GLY B 1097 75.12 31.34 95.09
N ASP B 1098 73.94 31.60 95.63
CA ASP B 1098 72.68 31.09 95.09
C ASP B 1098 72.28 31.90 93.87
N MET B 1099 72.64 31.40 92.68
CA MET B 1099 72.22 31.99 91.41
C MET B 1099 71.91 30.88 90.44
N ARG B 1100 71.02 31.18 89.48
CA ARG B 1100 70.69 30.26 88.41
C ARG B 1100 70.81 30.99 87.07
N VAL B 1101 71.22 30.27 86.04
CA VAL B 1101 71.39 30.87 84.73
C VAL B 1101 71.01 29.86 83.65
N GLY B 1102 70.33 30.32 82.61
CA GLY B 1102 69.95 29.40 81.54
C GLY B 1102 69.03 30.03 80.53
N TRP B 1103 68.19 29.19 79.94
CA TRP B 1103 67.33 29.57 78.83
C TRP B 1103 65.87 29.43 79.22
N ALA B 1104 65.07 30.45 78.89
CA ALA B 1104 63.66 30.49 79.28
C ALA B 1104 62.76 30.59 78.06
N ARG B 1105 61.60 29.94 78.14
CA ARG B 1105 60.55 30.05 77.15
C ARG B 1105 59.69 31.29 77.41
N PRO B 1106 59.07 31.85 76.38
CA PRO B 1106 58.06 32.89 76.62
C PRO B 1106 56.84 32.33 77.33
N GLY B 1107 56.66 32.72 78.59
CA GLY B 1107 55.64 32.12 79.42
C GLY B 1107 56.18 31.80 80.79
N CYS B 1108 57.48 32.03 80.97
CA CYS B 1108 58.10 31.89 82.28
C CYS B 1108 57.56 32.96 83.23
N ARG B 1109 57.31 32.56 84.47
CA ARG B 1109 56.69 33.44 85.44
C ARG B 1109 57.70 33.87 86.50
N PRO B 1110 57.58 35.09 87.03
CA PRO B 1110 58.56 35.56 88.02
C PRO B 1110 58.32 35.07 89.44
N ASP B 1111 57.19 34.42 89.72
CA ASP B 1111 56.87 33.95 91.06
C ASP B 1111 57.13 32.46 91.25
N ILE B 1112 57.73 31.80 90.26
CA ILE B 1112 58.09 30.39 90.34
C ILE B 1112 59.60 30.30 90.20
N GLU B 1113 60.22 29.42 91.00
CA GLU B 1113 61.66 29.23 90.94
C GLU B 1113 62.09 28.75 89.56
N LEU B 1114 63.26 29.20 89.12
CA LEU B 1114 63.72 28.96 87.76
C LEU B 1114 64.02 27.49 87.55
N GLY B 1115 63.40 26.89 86.54
CA GLY B 1115 63.57 25.49 86.23
C GLY B 1115 62.69 24.54 87.02
N ALA B 1116 61.85 25.06 87.91
CA ALA B 1116 60.95 24.19 88.67
C ALA B 1116 59.78 23.68 87.84
N ASP B 1117 59.52 24.29 86.69
CA ASP B 1117 58.48 23.84 85.78
C ASP B 1117 59.03 23.69 84.37
N ASP B 1118 58.16 23.52 83.39
CA ASP B 1118 58.55 23.26 82.01
C ASP B 1118 58.81 24.53 81.21
N GLN B 1119 59.11 25.65 81.87
CA GLN B 1119 59.30 26.92 81.18
C GLN B 1119 60.74 27.40 81.15
N ALA B 1120 61.63 26.81 81.95
CA ALA B 1120 63.02 27.24 82.00
C ALA B 1120 63.93 26.03 82.11
N PHE B 1121 65.13 26.18 81.56
CA PHE B 1121 66.19 25.16 81.59
C PHE B 1121 67.40 25.88 82.16
N VAL B 1122 67.70 25.67 83.44
CA VAL B 1122 68.74 26.47 84.08
C VAL B 1122 69.74 25.58 84.80
N PHE B 1123 70.89 26.18 85.10
CA PHE B 1123 71.96 25.57 85.87
C PHE B 1123 72.18 26.41 87.12
N GLU B 1124 72.25 25.74 88.26
CA GLU B 1124 72.52 26.37 89.56
C GLU B 1124 73.85 25.83 90.05
N GLY B 1125 74.86 26.69 90.08
CA GLY B 1125 76.19 26.29 90.48
C GLY B 1125 76.52 26.42 91.94
N SER B 1126 75.57 26.81 92.79
CA SER B 1126 75.82 26.79 94.22
C SER B 1126 75.82 25.37 94.75
N ARG B 1127 74.96 24.51 94.20
CA ARG B 1127 74.88 23.11 94.57
C ARG B 1127 75.26 22.17 93.44
N GLY B 1128 75.57 22.70 92.26
CA GLY B 1128 75.91 21.87 91.12
C GLY B 1128 74.72 21.08 90.61
N GLN B 1129 73.65 21.77 90.24
CA GLN B 1129 72.41 21.13 89.82
C GLN B 1129 71.91 21.71 88.52
N ARG B 1130 71.14 20.91 87.79
CA ARG B 1130 70.41 21.37 86.62
C ARG B 1130 68.91 21.30 86.92
N TRP B 1131 68.15 22.27 86.42
CA TRP B 1131 66.74 22.40 86.74
C TRP B 1131 65.94 22.49 85.44
N HIS B 1132 65.05 21.53 85.25
CA HIS B 1132 63.95 21.59 84.29
C HIS B 1132 62.93 20.55 84.70
N GLN B 1133 61.73 21.00 85.06
CA GLN B 1133 60.66 20.14 85.60
C GLN B 1133 61.13 19.36 86.82
N GLY B 1134 61.86 20.03 87.70
CA GLY B 1134 62.48 19.42 88.85
C GLY B 1134 63.95 19.76 88.89
N SER B 1135 64.73 18.92 89.57
CA SER B 1135 66.16 19.14 89.70
C SER B 1135 66.90 17.82 89.57
N GLY B 1136 68.16 17.91 89.13
CA GLY B 1136 69.06 16.79 89.10
C GLY B 1136 70.46 17.31 89.31
N TYR B 1137 71.40 16.39 89.49
CA TYR B 1137 72.78 16.77 89.76
C TYR B 1137 73.58 16.80 88.47
N PHE B 1138 74.39 17.84 88.28
CA PHE B 1138 75.07 18.07 87.03
C PHE B 1138 76.27 19.00 87.29
N GLY B 1139 77.41 18.66 86.70
CA GLY B 1139 78.55 19.55 86.73
C GLY B 1139 79.18 19.65 88.11
N ARG B 1140 79.78 20.81 88.37
CA ARG B 1140 80.47 21.06 89.63
C ARG B 1140 80.15 22.47 90.10
N THR B 1141 80.35 22.70 91.39
CA THR B 1141 80.05 24.00 91.97
C THR B 1141 81.06 25.05 91.52
N TRP B 1142 80.63 26.31 91.54
CA TRP B 1142 81.46 27.41 91.07
C TRP B 1142 82.06 28.19 92.23
N GLN B 1143 82.93 29.12 91.88
CA GLN B 1143 83.61 30.03 92.80
C GLN B 1143 83.34 31.47 92.38
N PRO B 1144 83.55 32.43 93.28
CA PRO B 1144 83.50 33.84 92.87
C PRO B 1144 84.53 34.14 91.79
N GLY B 1145 84.11 34.93 90.81
CA GLY B 1145 84.95 35.24 89.66
C GLY B 1145 84.86 34.26 88.51
N ASP B 1146 84.06 33.21 88.63
CA ASP B 1146 83.92 32.25 87.55
C ASP B 1146 83.03 32.81 86.45
N VAL B 1147 83.10 32.15 85.28
CA VAL B 1147 82.29 32.51 84.13
C VAL B 1147 81.62 31.24 83.63
N VAL B 1148 80.29 31.27 83.51
CA VAL B 1148 79.51 30.16 82.98
C VAL B 1148 79.14 30.50 81.55
N GLY B 1149 79.58 29.67 80.61
CA GLY B 1149 79.22 29.84 79.22
C GLY B 1149 78.05 28.96 78.84
N CYS B 1150 76.95 29.57 78.42
CA CYS B 1150 75.74 28.84 78.06
C CYS B 1150 75.60 28.81 76.55
N MET B 1151 75.43 27.61 75.99
CA MET B 1151 75.27 27.40 74.56
C MET B 1151 73.98 26.64 74.32
N ILE B 1152 73.23 27.07 73.31
CA ILE B 1152 72.02 26.38 72.89
C ILE B 1152 72.17 26.03 71.42
N ASN B 1153 71.73 24.83 71.05
CA ASN B 1153 71.79 24.32 69.69
C ASN B 1153 70.40 23.83 69.35
N LEU B 1154 69.60 24.70 68.74
CA LEU B 1154 68.22 24.36 68.41
C LEU B 1154 68.12 23.52 67.16
N ASP B 1155 69.21 23.41 66.39
CA ASP B 1155 69.24 22.49 65.27
C ASP B 1155 69.23 21.03 65.75
N ASP B 1156 70.03 20.72 66.76
CA ASP B 1156 70.07 19.40 67.36
C ASP B 1156 69.23 19.31 68.64
N ALA B 1157 68.66 20.43 69.08
CA ALA B 1157 67.88 20.53 70.32
C ALA B 1157 68.66 20.06 71.54
N SER B 1158 69.74 20.78 71.83
CA SER B 1158 70.59 20.46 72.97
C SER B 1158 71.08 21.74 73.63
N MET B 1159 71.47 21.62 74.90
CA MET B 1159 72.00 22.74 75.67
C MET B 1159 73.29 22.31 76.37
N ILE B 1160 74.29 23.17 76.34
CA ILE B 1160 75.61 22.86 76.88
C ILE B 1160 76.03 23.98 77.82
N PHE B 1161 76.56 23.62 78.98
CA PHE B 1161 77.10 24.57 79.93
C PHE B 1161 78.60 24.34 80.12
N THR B 1162 79.34 25.44 80.24
CA THR B 1162 80.77 25.40 80.53
C THR B 1162 81.04 26.25 81.76
N LEU B 1163 82.06 25.85 82.51
CA LEU B 1163 82.53 26.62 83.67
C LEU B 1163 84.00 26.92 83.47
N ASN B 1164 84.33 28.21 83.32
CA ASN B 1164 85.69 28.70 83.07
C ASN B 1164 86.32 28.05 81.85
N GLY B 1165 85.52 27.87 80.81
CA GLY B 1165 85.99 27.32 79.55
C GLY B 1165 86.06 25.82 79.48
N GLU B 1166 85.79 25.13 80.57
CA GLU B 1166 85.82 23.67 80.60
C GLU B 1166 84.39 23.14 80.53
N LEU B 1167 84.21 22.09 79.73
CA LEU B 1167 82.88 21.52 79.51
C LEU B 1167 82.38 20.83 80.77
N LEU B 1168 81.16 21.16 81.19
CA LEU B 1168 80.50 20.46 82.28
C LEU B 1168 79.81 19.22 81.75
N ILE B 1169 79.92 18.13 82.50
CA ILE B 1169 79.40 16.83 82.05
C ILE B 1169 78.44 16.28 83.10
N THR B 1170 77.62 15.34 82.67
CA THR B 1170 76.64 14.71 83.53
C THR B 1170 77.30 13.56 84.29
N ASN B 1171 76.49 12.77 85.00
CA ASN B 1171 77.02 11.60 85.70
C ASN B 1171 77.36 10.46 84.73
N LYS B 1172 76.80 10.49 83.52
CA LYS B 1172 77.08 9.48 82.50
C LYS B 1172 78.17 9.92 81.52
N GLY B 1173 78.78 11.08 81.74
CA GLY B 1173 79.84 11.56 80.88
C GLY B 1173 79.41 12.38 79.69
N SER B 1174 78.10 12.58 79.50
CA SER B 1174 77.60 13.37 78.39
C SER B 1174 77.73 14.86 78.68
N GLU B 1175 78.09 15.63 77.65
CA GLU B 1175 78.21 17.07 77.79
C GLU B 1175 76.88 17.79 77.64
N LEU B 1176 75.81 17.07 77.33
CA LEU B 1176 74.50 17.68 77.10
C LEU B 1176 73.75 17.77 78.42
N ALA B 1177 73.54 18.99 78.91
CA ALA B 1177 72.78 19.17 80.14
C ALA B 1177 71.29 18.90 79.91
N PHE B 1178 70.74 19.43 78.82
CA PHE B 1178 69.36 19.17 78.43
C PHE B 1178 69.34 18.82 76.95
N ALA B 1179 68.45 17.90 76.59
CA ALA B 1179 68.35 17.46 75.21
C ALA B 1179 66.93 17.01 74.93
N ASP B 1180 66.59 17.02 73.63
CA ASP B 1180 65.30 16.53 73.11
C ASP B 1180 64.12 17.29 73.71
N TYR B 1181 64.14 18.61 73.53
CA TYR B 1181 63.04 19.48 73.92
C TYR B 1181 62.33 20.00 72.68
N GLU B 1182 61.15 20.59 72.90
CA GLU B 1182 60.40 21.21 71.84
C GLU B 1182 60.78 22.68 71.73
N ILE B 1183 60.85 23.18 70.50
CA ILE B 1183 61.26 24.56 70.28
C ILE B 1183 60.15 25.52 70.70
N GLU B 1184 58.96 25.33 70.12
CA GLU B 1184 57.75 26.12 70.40
C GLU B 1184 58.02 27.58 70.08
N ASN B 1185 57.89 28.51 71.03
CA ASN B 1185 58.07 29.93 70.75
C ASN B 1185 59.54 30.32 70.64
N GLY B 1186 60.42 29.69 71.42
CA GLY B 1186 61.83 30.00 71.41
C GLY B 1186 62.37 30.13 72.81
N PHE B 1187 63.58 30.68 72.91
CA PHE B 1187 64.27 30.81 74.19
C PHE B 1187 65.01 32.13 74.27
N VAL B 1188 65.06 32.71 75.46
CA VAL B 1188 65.88 33.88 75.74
C VAL B 1188 66.79 33.58 76.91
N PRO B 1189 67.91 34.29 77.03
CA PRO B 1189 68.71 34.20 78.25
C PRO B 1189 67.95 34.68 79.47
N ILE B 1190 68.13 33.97 80.59
CA ILE B 1190 67.52 34.31 81.86
C ILE B 1190 68.50 33.97 82.98
N CYS B 1191 68.41 34.70 84.08
CA CYS B 1191 69.14 34.40 85.29
C CYS B 1191 68.31 34.82 86.48
N SER B 1192 68.59 34.20 87.62
CA SER B 1192 67.96 34.53 88.89
C SER B 1192 69.05 34.71 89.93
N LEU B 1193 68.97 35.80 90.68
CA LEU B 1193 69.94 36.10 91.73
C LEU B 1193 69.24 36.11 93.07
N GLY B 1194 69.89 35.50 94.06
CA GLY B 1194 69.39 35.45 95.42
C GLY B 1194 69.81 36.67 96.22
N LEU B 1195 69.82 36.50 97.54
CA LEU B 1195 70.11 37.61 98.43
C LEU B 1195 71.58 37.97 98.38
N SER B 1196 71.86 39.26 98.15
CA SER B 1196 73.22 39.83 98.12
C SER B 1196 74.11 39.14 97.09
N GLN B 1197 73.53 38.77 95.95
CA GLN B 1197 74.27 38.13 94.87
C GLN B 1197 74.48 39.10 93.72
N ILE B 1198 75.64 39.03 93.10
CA ILE B 1198 76.02 39.90 91.99
C ILE B 1198 76.42 39.04 90.81
N GLY B 1199 75.88 39.34 89.64
CA GLY B 1199 76.22 38.63 88.43
C GLY B 1199 76.24 39.58 87.24
N ARG B 1200 76.98 39.18 86.21
CA ARG B 1200 77.11 39.96 84.98
C ARG B 1200 76.76 39.07 83.80
N MET B 1201 75.73 39.47 83.05
CA MET B 1201 75.32 38.75 81.85
C MET B 1201 75.93 39.44 80.64
N ASN B 1202 76.69 38.69 79.86
CA ASN B 1202 77.32 39.18 78.63
C ASN B 1202 76.68 38.46 77.46
N LEU B 1203 75.97 39.21 76.62
CA LEU B 1203 75.26 38.65 75.49
C LEU B 1203 76.07 38.68 74.20
N GLY B 1204 77.20 39.39 74.18
CA GLY B 1204 78.07 39.35 73.02
C GLY B 1204 77.81 40.42 71.99
N MET B 1205 77.49 41.63 72.43
CA MET B 1205 77.49 42.77 71.52
C MET B 1205 78.89 43.02 70.98
N ASP B 1206 79.89 42.91 71.83
CA ASP B 1206 81.29 42.85 71.43
C ASP B 1206 81.80 41.47 71.83
N ALA B 1207 82.13 40.64 70.83
CA ALA B 1207 82.55 39.28 71.11
C ALA B 1207 83.97 39.21 71.67
N SER B 1208 84.74 40.29 71.56
CA SER B 1208 86.07 40.34 72.15
C SER B 1208 86.03 40.54 73.66
N THR B 1209 84.89 40.93 74.22
CA THR B 1209 84.74 41.04 75.66
C THR B 1209 84.44 39.71 76.34
N PHE B 1210 84.21 38.66 75.55
CA PHE B 1210 84.04 37.32 76.09
C PHE B 1210 85.37 36.82 76.67
N LYS B 1211 85.27 35.91 77.63
CA LYS B 1211 86.46 35.37 78.30
C LYS B 1211 86.87 34.00 77.79
N PHE B 1212 85.90 33.14 77.47
CA PHE B 1212 86.20 31.77 77.09
C PHE B 1212 85.45 31.36 75.82
N TYR B 1213 85.15 32.34 74.96
CA TYR B 1213 84.45 32.04 73.72
C TYR B 1213 85.37 31.33 72.74
N THR B 1214 86.64 31.73 72.68
CA THR B 1214 87.57 31.09 71.75
C THR B 1214 88.00 29.72 72.24
N MET B 1215 88.02 29.50 73.55
CA MET B 1215 88.37 28.18 74.08
C MET B 1215 87.28 27.15 73.78
N CYS B 1216 86.02 27.52 73.99
CA CYS B 1216 84.92 26.61 73.71
C CYS B 1216 83.74 27.44 73.22
N GLY B 1217 83.30 27.19 71.99
CA GLY B 1217 82.10 27.81 71.47
C GLY B 1217 82.25 28.47 70.12
N LEU B 1218 83.38 29.13 69.87
CA LEU B 1218 83.57 29.83 68.60
C LEU B 1218 83.75 28.85 67.45
N GLN B 1219 84.63 27.86 67.63
CA GLN B 1219 84.92 26.91 66.57
C GLN B 1219 83.93 25.75 66.54
N GLU B 1220 83.06 25.64 67.53
CA GLU B 1220 81.99 24.65 67.53
C GLU B 1220 80.74 25.12 66.80
N GLY B 1221 80.75 26.35 66.29
CA GLY B 1221 79.64 26.87 65.52
C GLY B 1221 78.66 27.75 66.27
N PHE B 1222 78.95 28.09 67.52
CA PHE B 1222 78.04 28.90 68.32
C PHE B 1222 78.37 30.37 68.15
N GLU B 1223 77.36 31.17 67.87
CA GLU B 1223 77.48 32.60 67.69
C GLU B 1223 77.07 33.33 68.96
N PRO B 1224 77.53 34.57 69.16
CA PRO B 1224 77.01 35.38 70.26
C PRO B 1224 75.52 35.65 70.08
N PHE B 1225 74.82 35.77 71.20
CA PHE B 1225 73.37 35.97 71.15
C PHE B 1225 73.03 37.31 70.50
N ALA B 1226 73.78 38.35 70.82
CA ALA B 1226 73.55 39.69 70.28
C ALA B 1226 74.50 40.01 69.14
N VAL B 1227 74.87 39.03 68.33
CA VAL B 1227 75.75 39.28 67.20
C VAL B 1227 74.96 39.98 66.09
N ASN B 1228 75.66 40.87 65.37
CA ASN B 1228 75.10 41.65 64.25
C ASN B 1228 73.88 42.47 64.69
N MET B 1229 73.99 43.10 65.86
CA MET B 1229 72.94 43.96 66.38
C MET B 1229 73.52 45.35 66.64
N ASN B 1230 72.76 46.38 66.28
CA ASN B 1230 73.25 47.75 66.36
C ASN B 1230 73.00 48.40 67.72
N ARG B 1231 71.89 48.10 68.36
CA ARG B 1231 71.56 48.64 69.66
C ARG B 1231 71.52 47.53 70.71
N ASP B 1232 71.58 47.94 71.97
CA ASP B 1232 71.64 46.99 73.07
C ASP B 1232 70.33 46.23 73.21
N VAL B 1233 70.45 44.98 73.63
CA VAL B 1233 69.28 44.11 73.81
C VAL B 1233 68.49 44.58 75.02
N ALA B 1234 67.18 44.71 74.85
CA ALA B 1234 66.31 45.16 75.93
C ALA B 1234 66.15 44.08 76.98
N MET B 1235 66.17 44.48 78.25
CA MET B 1235 66.14 43.57 79.38
C MET B 1235 64.94 43.84 80.25
N TRP B 1236 64.44 42.79 80.89
CA TRP B 1236 63.35 42.89 81.85
C TRP B 1236 63.79 42.26 83.16
N PHE B 1237 63.18 42.71 84.26
CA PHE B 1237 63.47 42.20 85.58
C PHE B 1237 62.18 41.92 86.32
N SER B 1238 62.28 41.17 87.40
CA SER B 1238 61.12 40.81 88.21
C SER B 1238 61.01 41.79 89.37
N LYS B 1239 59.87 42.46 89.47
CA LYS B 1239 59.62 43.46 90.49
C LYS B 1239 58.55 42.96 91.45
N ARG B 1240 58.80 43.15 92.74
CA ARG B 1240 57.85 42.75 93.78
C ARG B 1240 56.98 43.95 94.08
N LEU B 1241 55.87 44.05 93.37
CA LEU B 1241 54.87 45.10 93.57
C LEU B 1241 53.50 44.46 93.40
N PRO B 1242 52.79 44.21 94.50
CA PRO B 1242 51.50 43.50 94.39
C PRO B 1242 50.43 44.34 93.70
N THR B 1243 49.83 43.76 92.66
CA THR B 1243 48.83 44.46 91.85
C THR B 1243 47.62 43.54 91.68
N PHE B 1244 46.43 44.14 91.60
CA PHE B 1244 45.22 43.38 91.40
C PHE B 1244 45.08 42.99 89.95
N VAL B 1245 44.98 41.69 89.69
CA VAL B 1245 44.81 41.15 88.34
C VAL B 1245 43.52 40.35 88.31
N ASN B 1246 42.84 40.39 87.16
CA ASN B 1246 41.57 39.66 87.01
C ASN B 1246 41.78 38.17 87.19
N VAL B 1247 40.81 37.53 87.85
CA VAL B 1247 40.88 36.11 88.14
C VAL B 1247 40.65 35.32 86.85
N PRO B 1248 41.60 34.48 86.43
CA PRO B 1248 41.42 33.70 85.20
C PRO B 1248 40.48 32.53 85.44
N LYS B 1249 40.11 31.88 84.33
CA LYS B 1249 39.29 30.67 84.42
C LYS B 1249 40.05 29.52 85.03
N ASP B 1250 41.37 29.49 84.86
CA ASP B 1250 42.21 28.44 85.40
C ASP B 1250 42.93 28.87 86.68
N HIS B 1251 42.29 29.69 87.50
CA HIS B 1251 42.86 30.07 88.78
C HIS B 1251 42.87 28.85 89.71
N PRO B 1252 43.97 28.62 90.45
CA PRO B 1252 44.07 27.40 91.25
C PRO B 1252 43.21 27.41 92.51
N HIS B 1253 42.71 28.55 92.97
CA HIS B 1253 42.04 28.62 94.25
C HIS B 1253 40.70 29.36 94.26
N ILE B 1254 40.43 30.24 93.31
CA ILE B 1254 39.27 31.12 93.36
C ILE B 1254 38.42 30.89 92.12
N GLU B 1255 37.11 30.70 92.33
CA GLU B 1255 36.15 30.61 91.24
C GLU B 1255 35.11 31.71 91.41
N VAL B 1256 34.82 32.41 90.32
CA VAL B 1256 33.88 33.53 90.32
C VAL B 1256 32.71 33.17 89.43
N VAL B 1257 31.49 33.31 89.95
CA VAL B 1257 30.26 33.01 89.22
C VAL B 1257 29.44 34.28 89.12
N ARG B 1258 29.01 34.61 87.91
CA ARG B 1258 28.18 35.79 87.69
C ARG B 1258 26.71 35.39 87.74
N ILE B 1259 25.93 36.10 88.55
CA ILE B 1259 24.50 35.82 88.74
C ILE B 1259 23.73 37.03 88.25
N ASP B 1260 22.88 36.83 87.24
CA ASP B 1260 22.09 37.91 86.69
C ASP B 1260 21.01 38.34 87.66
N GLY B 1261 20.74 39.65 87.68
CA GLY B 1261 19.74 40.19 88.59
C GLY B 1261 18.32 39.94 88.15
N THR B 1262 17.56 39.23 88.98
CA THR B 1262 16.16 38.95 88.71
C THR B 1262 15.30 40.12 89.19
N MET B 1263 13.99 39.93 89.21
CA MET B 1263 13.08 40.99 89.65
C MET B 1263 13.15 41.19 91.16
N ASP B 1264 13.52 40.14 91.91
CA ASP B 1264 13.57 40.21 93.37
C ASP B 1264 14.97 40.15 93.94
N SER B 1265 15.97 39.79 93.14
CA SER B 1265 17.33 39.67 93.64
C SER B 1265 18.28 40.54 92.84
N PRO B 1266 19.27 41.15 93.48
CA PRO B 1266 20.24 41.98 92.75
C PRO B 1266 21.22 41.10 91.98
N PRO B 1267 21.91 41.66 90.97
CA PRO B 1267 23.00 40.91 90.34
C PRO B 1267 24.13 40.67 91.33
N CYS B 1268 24.79 39.52 91.20
CA CYS B 1268 25.76 39.09 92.19
C CYS B 1268 27.01 38.57 91.52
N LEU B 1269 28.12 38.69 92.24
CA LEU B 1269 29.40 38.08 91.87
C LEU B 1269 29.81 37.16 93.02
N LYS B 1270 29.66 35.86 92.82
CA LYS B 1270 29.86 34.88 93.87
C LYS B 1270 31.28 34.34 93.81
N VAL B 1271 32.04 34.55 94.89
CA VAL B 1271 33.42 34.09 94.99
C VAL B 1271 33.42 32.86 95.90
N THR B 1272 33.95 31.75 95.36
CA THR B 1272 34.05 30.48 96.08
C THR B 1272 35.47 29.96 95.98
N HIS B 1273 35.84 29.12 96.95
CA HIS B 1273 37.15 28.50 96.97
C HIS B 1273 37.09 27.14 96.29
N LYS B 1274 38.16 26.81 95.57
CA LYS B 1274 38.20 25.56 94.81
C LYS B 1274 38.75 24.39 95.62
N THR B 1275 39.91 24.58 96.25
CA THR B 1275 40.66 23.48 96.82
C THR B 1275 40.50 23.35 98.34
N PHE B 1276 39.59 24.11 98.95
CA PHE B 1276 39.42 24.02 100.38
C PHE B 1276 38.74 22.70 100.77
N GLY B 1277 39.13 22.18 101.93
CA GLY B 1277 38.60 20.93 102.43
C GLY B 1277 39.28 19.69 101.89
N THR B 1278 40.29 19.84 101.04
CA THR B 1278 41.00 18.73 100.44
C THR B 1278 42.46 18.75 100.88
N GLN B 1279 43.24 17.82 100.34
CA GLN B 1279 44.67 17.77 100.63
C GLN B 1279 45.48 18.81 99.88
N ASN B 1280 44.90 19.42 98.85
CA ASN B 1280 45.54 20.49 98.09
C ASN B 1280 45.10 21.87 98.56
N SER B 1281 44.65 21.98 99.81
CA SER B 1281 44.15 23.25 100.32
C SER B 1281 45.31 24.19 100.64
N ASN B 1282 45.08 25.48 100.35
CA ASN B 1282 46.04 26.53 100.68
C ASN B 1282 45.25 27.60 101.45
N ALA B 1283 45.33 27.54 102.78
CA ALA B 1283 44.58 28.45 103.65
C ALA B 1283 45.36 29.73 103.91
N SER B 1284 45.67 30.43 102.82
CA SER B 1284 46.36 31.72 102.88
C SER B 1284 45.36 32.85 102.65
N MET B 1285 45.79 34.06 102.97
CA MET B 1285 44.94 35.24 102.83
C MET B 1285 44.66 35.52 101.35
N ILE B 1286 43.44 35.94 101.07
CA ILE B 1286 42.98 36.24 99.72
C ILE B 1286 42.52 37.69 99.71
N TYR B 1287 43.09 38.48 98.80
CA TYR B 1287 42.81 39.91 98.69
C TYR B 1287 42.09 40.12 97.37
N CYS B 1288 40.77 40.35 97.44
CA CYS B 1288 39.91 40.51 96.29
C CYS B 1288 39.42 41.95 96.19
N ARG B 1289 39.26 42.39 94.94
CA ARG B 1289 38.87 43.76 94.63
C ARG B 1289 37.91 43.71 93.44
N LEU B 1290 37.13 44.78 93.28
CA LEU B 1290 36.35 44.91 92.07
C LEU B 1290 37.14 45.71 91.03
N SER B 1291 36.83 45.43 89.76
CA SER B 1291 37.67 45.90 88.67
C SER B 1291 37.59 47.41 88.48
N MET B 1292 36.43 48.01 88.73
CA MET B 1292 36.26 49.43 88.45
C MET B 1292 36.08 50.23 89.74
N PRO B 1293 36.57 51.45 89.79
CA PRO B 1293 36.45 52.27 91.00
C PRO B 1293 35.20 53.15 91.00
N VAL B 1294 34.99 53.80 92.15
CA VAL B 1294 33.98 54.82 92.32
C VAL B 1294 34.71 56.11 92.72
N GLU B 1295 34.47 57.18 91.98
CA GLU B 1295 35.23 58.41 92.14
C GLU B 1295 34.37 59.48 92.81
N CYS B 1296 34.95 60.17 93.79
CA CYS B 1296 34.27 61.25 94.47
C CYS B 1296 34.36 62.54 93.65
N HIS B 1297 33.54 63.52 94.02
CA HIS B 1297 33.44 64.76 93.27
C HIS B 1297 34.69 65.62 93.49
N SER B 1298 34.93 66.52 92.52
CA SER B 1298 36.12 67.36 92.56
C SER B 1298 36.02 68.45 93.62
N SER B 1299 34.83 68.84 94.02
CA SER B 1299 34.63 69.84 95.07
C SER B 1299 33.56 69.33 96.02
N PHE B 1300 33.81 69.46 97.32
CA PHE B 1300 32.90 68.96 98.35
C PHE B 1300 32.14 70.14 98.93
N SER B 1301 30.91 70.34 98.44
CA SER B 1301 30.05 71.41 98.92
C SER B 1301 28.59 71.08 98.67
N HIS B 1323 19.50 63.21 89.36
CA HIS B 1323 20.75 63.80 89.83
C HIS B 1323 20.64 64.19 91.30
N THR B 1324 19.49 63.90 91.90
CA THR B 1324 19.26 64.23 93.30
C THR B 1324 19.94 63.28 94.26
N THR B 1325 20.46 62.15 93.78
CA THR B 1325 21.15 61.18 94.61
C THR B 1325 22.65 61.29 94.36
N THR B 1326 23.40 61.55 95.43
CA THR B 1326 24.86 61.61 95.38
C THR B 1326 25.48 60.50 96.22
N GLN B 1327 24.77 59.39 96.37
CA GLN B 1327 25.22 58.29 97.21
C GLN B 1327 25.27 57.00 96.40
N CYS B 1328 26.30 56.21 96.65
CA CYS B 1328 26.48 54.91 96.03
C CYS B 1328 26.46 53.83 97.12
N TYR B 1329 26.05 52.63 96.76
CA TYR B 1329 25.89 51.55 97.72
C TYR B 1329 26.34 50.24 97.10
N TYR B 1330 26.95 49.38 97.92
CA TYR B 1330 27.15 47.99 97.52
C TYR B 1330 27.09 47.14 98.78
N ALA B 1331 26.95 45.83 98.59
CA ALA B 1331 26.84 44.96 99.75
C ALA B 1331 27.67 43.70 99.54
N ILE B 1332 28.05 43.08 100.66
CA ILE B 1332 28.68 41.78 100.66
C ILE B 1332 27.78 40.84 101.46
N ARG B 1333 27.75 39.59 101.01
CA ARG B 1333 27.04 38.52 101.70
C ARG B 1333 28.04 37.41 101.99
N ILE B 1334 28.32 37.20 103.28
CA ILE B 1334 29.20 36.14 103.72
C ILE B 1334 28.34 34.91 103.99
N PHE B 1335 28.63 33.82 103.30
CA PHE B 1335 27.83 32.61 103.39
C PHE B 1335 28.10 31.88 104.71
N ALA B 1336 27.18 30.99 105.05
CA ALA B 1336 27.33 30.18 106.25
C ALA B 1336 28.49 29.20 106.09
N GLY B 1337 29.22 28.98 107.18
CA GLY B 1337 30.42 28.20 107.17
C GLY B 1337 31.69 29.01 107.05
N GLN B 1338 31.59 30.26 106.62
CA GLN B 1338 32.73 31.17 106.57
C GLN B 1338 32.74 32.01 107.85
N ASP B 1339 33.86 32.01 108.53
CA ASP B 1339 33.98 32.72 109.81
C ASP B 1339 33.95 34.22 109.58
N PRO B 1340 33.00 34.96 110.15
CA PRO B 1340 32.99 36.42 109.97
C PRO B 1340 34.18 37.14 110.61
N SER B 1341 34.85 36.52 111.58
CA SER B 1341 35.99 37.16 112.21
C SER B 1341 37.24 37.14 111.34
N CYS B 1342 37.22 36.43 110.22
CA CYS B 1342 38.34 36.37 109.29
C CYS B 1342 38.08 37.13 108.00
N VAL B 1343 37.15 38.09 108.02
CA VAL B 1343 36.73 38.82 106.83
C VAL B 1343 36.79 40.32 107.12
N TRP B 1344 37.45 41.07 106.25
CA TRP B 1344 37.46 42.52 106.27
C TRP B 1344 36.83 43.02 104.98
N VAL B 1345 35.91 43.99 105.09
CA VAL B 1345 35.13 44.47 103.96
C VAL B 1345 35.27 45.99 103.89
N GLY B 1346 35.52 46.51 102.69
CA GLY B 1346 35.57 47.96 102.55
C GLY B 1346 36.03 48.48 101.21
N TRP B 1347 36.85 49.53 101.24
CA TRP B 1347 37.32 50.20 100.03
C TRP B 1347 38.84 50.32 100.06
N VAL B 1348 39.44 50.30 98.87
CA VAL B 1348 40.87 50.50 98.72
C VAL B 1348 41.11 51.54 97.63
N THR B 1349 42.07 52.43 97.87
CA THR B 1349 42.53 53.37 96.87
C THR B 1349 43.42 52.67 95.85
N PRO B 1350 43.66 53.27 94.68
CA PRO B 1350 44.53 52.62 93.68
C PRO B 1350 45.96 52.37 94.13
N ASP B 1351 46.45 53.08 95.16
CA ASP B 1351 47.82 52.93 95.62
C ASP B 1351 47.99 51.88 96.71
N TYR B 1352 47.12 50.87 96.74
CA TYR B 1352 47.23 49.79 97.72
C TYR B 1352 48.05 48.66 97.10
N HIS B 1353 49.24 48.42 97.64
CA HIS B 1353 50.17 47.42 97.12
C HIS B 1353 50.73 46.58 98.26
N LEU B 1354 49.85 46.10 99.14
CA LEU B 1354 50.26 45.36 100.32
C LEU B 1354 49.83 43.90 100.20
N TYR B 1355 50.77 42.99 100.39
CA TYR B 1355 50.49 41.56 100.39
C TYR B 1355 51.15 40.95 101.62
N SER B 1356 50.39 40.16 102.37
CA SER B 1356 50.87 39.55 103.59
C SER B 1356 50.17 38.23 103.81
N GLU B 1357 50.78 37.38 104.64
CA GLU B 1357 50.15 36.14 105.06
C GLU B 1357 49.19 36.34 106.22
N LYS B 1358 49.42 37.36 107.04
CA LYS B 1358 48.53 37.71 108.14
C LYS B 1358 48.12 39.17 107.98
N PHE B 1359 46.82 39.44 107.96
CA PHE B 1359 46.30 40.79 107.78
C PHE B 1359 45.78 41.32 109.11
N ASP B 1360 46.19 42.54 109.44
CA ASP B 1360 45.70 43.23 110.62
C ASP B 1360 45.28 44.64 110.22
N LEU B 1361 44.15 45.08 110.75
CA LEU B 1361 43.61 46.39 110.40
C LEU B 1361 44.34 47.54 111.08
N ASN B 1362 45.18 47.25 112.08
CA ASN B 1362 45.96 48.28 112.75
C ASN B 1362 47.31 48.52 112.09
N LYS B 1363 47.69 47.70 111.11
CA LYS B 1363 48.94 47.86 110.38
C LYS B 1363 48.78 48.65 109.09
N ASN B 1364 47.63 49.30 108.90
CA ASN B 1364 47.39 50.08 107.71
C ASN B 1364 48.26 51.33 107.68
N CYS B 1365 48.70 51.70 106.49
CA CYS B 1365 49.52 52.90 106.33
C CYS B 1365 48.64 54.14 106.45
N THR B 1366 48.94 54.98 107.44
CA THR B 1366 48.14 56.16 107.72
C THR B 1366 49.07 57.31 108.05
N VAL B 1367 48.72 58.50 107.57
CA VAL B 1367 49.44 59.73 107.89
C VAL B 1367 48.41 60.81 108.22
N THR B 1368 48.86 61.83 108.93
CA THR B 1368 48.01 62.98 109.26
C THR B 1368 48.79 64.25 108.99
N VAL B 1369 48.34 65.03 108.03
CA VAL B 1369 48.96 66.30 107.69
C VAL B 1369 48.22 67.40 108.45
N THR B 1370 48.95 68.11 109.30
CA THR B 1370 48.38 69.18 110.13
C THR B 1370 48.87 70.51 109.61
N LEU B 1371 47.95 71.37 109.21
CA LEU B 1371 48.24 72.72 108.73
C LEU B 1371 47.72 73.72 109.74
N GLY B 1372 48.60 74.63 110.18
CA GLY B 1372 48.23 75.59 111.20
C GLY B 1372 48.45 77.03 110.79
N ASP B 1373 48.95 77.84 111.74
CA ASP B 1373 49.19 79.25 111.49
C ASP B 1373 50.56 79.66 112.02
N GLU B 1374 50.85 80.96 112.00
CA GLU B 1374 52.13 81.46 112.51
C GLU B 1374 52.22 81.43 114.03
N ARG B 1375 51.09 81.29 114.71
CA ARG B 1375 51.05 81.23 116.17
C ARG B 1375 51.10 79.80 116.70
N GLY B 1376 51.26 78.81 115.82
CA GLY B 1376 51.26 77.42 116.24
C GLY B 1376 49.92 76.91 116.72
N ARG B 1377 48.84 77.32 116.06
CA ARG B 1377 47.49 76.86 116.39
C ARG B 1377 46.97 76.03 115.23
N VAL B 1378 46.51 74.82 115.55
CA VAL B 1378 46.08 73.87 114.52
C VAL B 1378 44.76 74.36 113.90
N HIS B 1379 44.76 74.48 112.57
CA HIS B 1379 43.58 74.91 111.83
C HIS B 1379 42.94 73.76 111.06
N GLU B 1380 43.72 72.95 110.36
CA GLU B 1380 43.19 71.84 109.57
C GLU B 1380 44.03 70.60 109.81
N SER B 1381 43.36 69.44 109.82
CA SER B 1381 44.02 68.16 110.03
C SER B 1381 43.44 67.15 109.04
N VAL B 1382 44.22 66.78 108.04
CA VAL B 1382 43.79 65.86 107.00
C VAL B 1382 44.39 64.49 107.27
N LYS B 1383 43.55 63.47 107.38
CA LYS B 1383 43.99 62.11 107.62
C LYS B 1383 43.94 61.32 106.32
N ARG B 1384 45.06 60.71 105.96
CA ARG B 1384 45.19 59.99 104.70
C ARG B 1384 45.55 58.53 104.97
N SER B 1385 44.91 57.64 104.21
CA SER B 1385 45.19 56.21 104.26
C SER B 1385 45.02 55.65 102.86
N ASN B 1386 45.10 54.32 102.73
CA ASN B 1386 44.87 53.66 101.46
C ASN B 1386 43.95 52.45 101.61
N CYS B 1387 43.28 52.30 102.74
CA CYS B 1387 42.42 51.15 102.99
C CYS B 1387 41.41 51.56 104.05
N TYR B 1388 40.15 51.67 103.66
CA TYR B 1388 39.07 52.07 104.56
C TYR B 1388 38.13 50.88 104.68
N MET B 1389 38.33 50.07 105.73
CA MET B 1389 37.62 48.81 105.86
C MET B 1389 37.02 48.68 107.25
N VAL B 1390 36.19 47.65 107.41
CA VAL B 1390 35.68 47.21 108.70
C VAL B 1390 35.97 45.73 108.85
N TRP B 1391 36.14 45.30 110.10
CA TRP B 1391 36.43 43.93 110.43
C TRP B 1391 35.15 43.25 110.90
N GLY B 1392 34.90 42.05 110.40
CA GLY B 1392 33.71 41.32 110.79
C GLY B 1392 33.73 40.81 112.22
N GLY B 1393 34.92 40.67 112.80
CA GLY B 1393 35.00 40.30 114.21
C GLY B 1393 34.43 41.37 115.12
N ASP B 1394 34.69 42.64 114.80
CA ASP B 1394 34.08 43.73 115.55
C ASP B 1394 32.57 43.78 115.35
N ILE B 1395 32.10 43.38 114.16
CA ILE B 1395 30.67 43.30 113.90
C ILE B 1395 30.03 42.20 114.76
N VAL B 1396 30.70 41.04 114.86
CA VAL B 1396 30.20 39.95 115.69
C VAL B 1396 30.20 40.35 117.16
N ALA B 1397 31.27 41.01 117.61
CA ALA B 1397 31.35 41.44 119.00
C ALA B 1397 30.30 42.50 119.33
N THR B 1398 30.03 43.40 118.38
CA THR B 1398 29.02 44.43 118.61
C THR B 1398 27.61 43.85 118.60
N SER B 1399 27.38 42.78 117.84
CA SER B 1399 26.07 42.14 117.77
C SER B 1399 25.96 41.02 118.79
N SER B 1405 26.37 26.85 109.21
CA SER B 1405 26.87 27.40 110.46
C SER B 1405 26.42 28.85 110.63
N ASN B 1406 25.65 29.09 111.70
CA ASN B 1406 25.11 30.40 112.09
C ASN B 1406 24.25 30.91 110.93
N VAL B 1407 24.40 32.16 110.50
CA VAL B 1407 23.60 32.73 109.42
C VAL B 1407 24.51 33.52 108.51
N ASP B 1408 24.03 33.76 107.29
CA ASP B 1408 24.77 34.61 106.34
C ASP B 1408 24.80 36.04 106.84
N LEU B 1409 25.95 36.69 106.69
CA LEU B 1409 26.15 38.04 107.20
C LEU B 1409 26.11 39.04 106.05
N GLU B 1410 25.27 40.07 106.19
CA GLU B 1410 25.07 41.09 105.17
C GLU B 1410 25.76 42.37 105.63
N ILE B 1411 26.77 42.81 104.89
CA ILE B 1411 27.53 44.01 105.23
C ILE B 1411 27.40 45.00 104.08
N GLY B 1412 26.82 46.16 104.34
CA GLY B 1412 26.58 47.16 103.33
C GLY B 1412 27.53 48.34 103.49
N CYS B 1413 28.07 48.81 102.37
CA CYS B 1413 28.97 49.95 102.34
C CYS B 1413 28.34 51.06 101.50
N LEU B 1414 28.33 52.27 102.04
CA LEU B 1414 27.67 53.42 101.44
C LEU B 1414 28.66 54.57 101.33
N VAL B 1415 28.63 55.27 100.20
CA VAL B 1415 29.51 56.40 99.93
C VAL B 1415 28.66 57.61 99.61
N ASP B 1416 28.91 58.72 100.29
CA ASP B 1416 28.41 60.02 99.89
C ASP B 1416 29.49 60.68 99.04
N LEU B 1417 29.24 60.76 97.73
CA LEU B 1417 30.20 61.30 96.79
C LEU B 1417 30.29 62.82 96.85
N ALA B 1418 29.20 63.49 97.19
CA ALA B 1418 29.23 64.94 97.28
C ALA B 1418 29.98 65.40 98.52
N MET B 1419 29.99 64.60 99.58
CA MET B 1419 30.74 64.90 100.79
C MET B 1419 31.94 63.98 101.00
N GLY B 1420 32.04 62.89 100.23
CA GLY B 1420 33.12 61.95 100.40
C GLY B 1420 33.12 61.25 101.73
N MET B 1421 31.95 60.77 102.15
CA MET B 1421 31.79 60.14 103.46
C MET B 1421 31.51 58.65 103.28
N LEU B 1422 32.33 57.81 103.88
CA LEU B 1422 32.18 56.37 103.80
C LEU B 1422 31.56 55.85 105.10
N SER B 1423 30.44 55.15 104.98
CA SER B 1423 29.72 54.61 106.13
C SER B 1423 29.38 53.15 105.88
N PHE B 1424 29.08 52.44 106.96
CA PHE B 1424 28.87 51.00 106.92
C PHE B 1424 27.62 50.62 107.68
N SER B 1425 27.07 49.45 107.34
CA SER B 1425 25.92 48.89 108.01
C SER B 1425 26.06 47.38 108.05
N ALA B 1426 25.46 46.77 109.08
CA ALA B 1426 25.50 45.32 109.26
C ALA B 1426 24.09 44.82 109.53
N ASN B 1427 23.51 44.11 108.56
CA ASN B 1427 22.14 43.57 108.61
C ASN B 1427 21.12 44.67 108.90
N GLY B 1428 21.30 45.82 108.27
CA GLY B 1428 20.45 46.97 108.48
C GLY B 1428 20.89 47.87 109.61
N ARG B 1429 21.52 47.32 110.64
CA ARG B 1429 22.01 48.12 111.75
C ARG B 1429 23.22 48.93 111.33
N GLU B 1430 23.17 50.24 111.59
CA GLU B 1430 24.25 51.12 111.19
C GLU B 1430 25.41 51.04 112.17
N LEU B 1431 26.61 50.86 111.66
CA LEU B 1431 27.82 50.76 112.48
C LEU B 1431 28.39 52.14 112.77
N GLY B 1432 29.24 52.20 113.79
CA GLY B 1432 29.86 53.44 114.20
C GLY B 1432 31.10 53.84 113.43
N THR B 1433 31.57 52.99 112.52
CA THR B 1433 32.77 53.29 111.75
C THR B 1433 32.42 54.18 110.57
N CYS B 1434 33.16 55.28 110.44
CA CYS B 1434 32.96 56.22 109.33
C CYS B 1434 34.30 56.79 108.92
N TYR B 1435 34.41 57.13 107.64
CA TYR B 1435 35.66 57.66 107.10
C TYR B 1435 35.37 58.88 106.24
N GLN B 1436 36.33 59.80 106.22
CA GLN B 1436 36.27 61.00 105.39
C GLN B 1436 37.43 60.97 104.41
N VAL B 1437 37.13 61.14 103.13
CA VAL B 1437 38.14 61.13 102.09
C VAL B 1437 38.17 62.49 101.41
N GLU B 1438 39.26 62.75 100.71
CA GLU B 1438 39.47 64.00 100.01
C GLU B 1438 38.75 64.00 98.67
N PRO B 1439 38.53 65.18 98.07
CA PRO B 1439 37.97 65.22 96.71
C PRO B 1439 38.86 64.54 95.69
N ASN B 1440 38.20 64.01 94.64
CA ASN B 1440 38.85 63.27 93.55
C ASN B 1440 39.58 62.03 94.07
N THR B 1441 38.88 61.25 94.88
CA THR B 1441 39.43 60.01 95.45
C THR B 1441 38.71 58.82 94.82
N LYS B 1442 39.47 57.96 94.15
CA LYS B 1442 38.94 56.72 93.62
C LYS B 1442 38.99 55.66 94.71
N VAL B 1443 37.87 54.97 94.93
CA VAL B 1443 37.81 53.87 95.87
C VAL B 1443 37.23 52.66 95.15
N PHE B 1444 37.87 51.51 95.34
CA PHE B 1444 37.44 50.23 94.82
C PHE B 1444 36.80 49.44 95.93
N PRO B 1445 35.70 48.73 95.66
CA PRO B 1445 35.21 47.75 96.64
C PRO B 1445 36.20 46.61 96.80
N ALA B 1446 36.39 46.16 98.04
CA ALA B 1446 37.40 45.15 98.32
C ALA B 1446 36.99 44.29 99.52
N VAL B 1447 37.40 43.02 99.46
CA VAL B 1447 37.19 42.05 100.52
C VAL B 1447 38.50 41.32 100.74
N PHE B 1448 38.99 41.32 101.98
CA PHE B 1448 40.18 40.56 102.35
C PHE B 1448 39.72 39.45 103.29
N LEU B 1449 40.01 38.20 102.95
CA LEU B 1449 39.50 37.13 103.80
C LEU B 1449 40.44 35.94 103.81
N GLN B 1450 40.36 35.17 104.89
CA GLN B 1450 41.01 33.87 104.98
C GLN B 1450 39.96 32.79 104.88
N PRO B 1451 40.04 31.90 103.89
CA PRO B 1451 38.94 30.96 103.63
C PRO B 1451 38.82 29.89 104.71
N THR B 1452 37.63 29.79 105.29
CA THR B 1452 37.30 28.73 106.24
C THR B 1452 36.19 27.83 105.74
N SER B 1453 35.78 27.97 104.48
CA SER B 1453 34.74 27.14 103.89
C SER B 1453 35.01 27.01 102.39
N THR B 1454 34.03 26.51 101.66
CA THR B 1454 34.15 26.36 100.21
C THR B 1454 33.38 27.41 99.42
N ALA B 1455 32.33 27.98 100.00
CA ALA B 1455 31.59 29.08 99.39
C ALA B 1455 31.91 30.33 100.22
N LEU B 1456 32.75 31.20 99.66
CA LEU B 1456 33.34 32.26 100.47
C LEU B 1456 32.36 33.41 100.69
N PHE B 1457 31.98 34.11 99.62
CA PHE B 1457 31.12 35.28 99.77
C PHE B 1457 30.53 35.65 98.42
N GLN B 1458 29.76 36.73 98.39
CA GLN B 1458 29.31 37.28 97.12
C GLN B 1458 29.12 38.79 97.22
N PHE B 1459 29.50 39.47 96.13
CA PHE B 1459 29.18 40.88 95.94
C PHE B 1459 27.74 41.02 95.49
N GLU B 1460 26.95 41.81 96.23
CA GLU B 1460 25.57 42.13 95.87
C GLU B 1460 25.54 43.58 95.41
N LEU B 1461 25.32 43.77 94.11
CA LEU B 1461 25.34 45.08 93.48
C LEU B 1461 23.92 45.63 93.33
N GLY B 1462 23.24 45.76 94.47
CA GLY B 1462 21.87 46.25 94.51
C GLY B 1462 21.81 47.74 94.72
N LYS B 1463 20.68 48.19 95.27
CA LYS B 1463 20.46 49.60 95.53
C LYS B 1463 19.53 49.76 96.71
N LEU B 1464 19.53 50.95 97.28
CA LEU B 1464 18.64 51.33 98.37
C LEU B 1464 17.85 52.57 97.97
N LYS B 1465 17.03 53.05 98.90
CA LYS B 1465 16.37 54.33 98.69
C LYS B 1465 17.39 55.46 98.84
N ASN B 1466 17.37 56.40 97.88
CA ASN B 1466 18.31 57.51 97.80
C ASN B 1466 19.76 57.02 97.76
N ALA B 1467 19.99 55.94 97.02
CA ALA B 1467 21.33 55.36 96.90
C ALA B 1467 21.45 54.68 95.55
N MET B 1468 22.37 55.15 94.72
CA MET B 1468 22.57 54.56 93.40
C MET B 1468 23.18 53.16 93.53
N PRO B 1469 22.94 52.29 92.56
CA PRO B 1469 23.71 51.04 92.49
C PRO B 1469 25.14 51.34 92.05
N LEU B 1470 25.97 50.30 92.12
CA LEU B 1470 27.39 50.46 91.80
C LEU B 1470 27.60 50.80 90.32
N SER B 1471 26.85 50.14 89.43
CA SER B 1471 26.98 50.40 88.01
C SER B 1471 26.49 51.79 87.60
N ALA B 1472 25.60 52.40 88.40
CA ALA B 1472 25.17 53.76 88.10
C ALA B 1472 26.26 54.76 88.43
N ALA B 1473 27.00 54.54 89.52
CA ALA B 1473 28.09 55.44 89.88
C ALA B 1473 29.32 55.23 89.00
N ILE B 1474 29.62 53.97 88.65
CA ILE B 1474 30.81 53.68 87.88
C ILE B 1474 30.67 54.19 86.45
N PHE B 1475 29.53 53.90 85.81
CA PHE B 1475 29.33 54.19 84.40
C PHE B 1475 28.41 55.40 84.26
N LYS B 1476 28.87 56.40 83.48
CA LYS B 1476 28.08 57.59 83.27
C LYS B 1476 26.89 57.35 82.35
N SER B 1477 26.95 56.31 81.50
CA SER B 1477 25.80 55.98 80.67
C SER B 1477 24.64 55.45 81.51
N GLU B 1478 24.94 54.75 82.60
CA GLU B 1478 23.93 54.22 83.50
C GLU B 1478 23.67 55.14 84.69
N GLU B 1479 24.10 56.40 84.60
CA GLU B 1479 23.96 57.33 85.72
C GLU B 1479 22.49 57.62 86.03
N LYS B 1480 21.68 57.79 84.99
CA LYS B 1480 20.25 58.06 85.15
C LYS B 1480 19.41 56.78 85.20
N ASN B 1481 20.03 55.62 85.05
CA ASN B 1481 19.30 54.37 85.01
C ASN B 1481 19.17 53.80 86.42
N PRO B 1482 17.96 53.65 86.97
CA PRO B 1482 17.82 53.10 88.32
C PRO B 1482 17.99 51.59 88.40
N VAL B 1483 17.97 50.88 87.28
CA VAL B 1483 18.07 49.43 87.28
C VAL B 1483 19.51 49.02 87.57
N PRO B 1484 19.76 48.20 88.58
CA PRO B 1484 21.13 47.72 88.82
C PRO B 1484 21.59 46.77 87.74
N GLN B 1485 22.86 46.89 87.36
CA GLN B 1485 23.45 46.08 86.31
C GLN B 1485 24.82 45.58 86.77
N CYS B 1486 25.27 44.51 86.12
CA CYS B 1486 26.64 44.00 86.30
C CYS B 1486 27.24 43.82 84.92
N PRO B 1487 27.83 44.87 84.35
CA PRO B 1487 28.43 44.77 83.02
C PRO B 1487 29.65 43.88 83.03
N PRO B 1488 30.04 43.32 81.88
CA PRO B 1488 31.20 42.41 81.85
C PRO B 1488 32.53 43.08 82.17
N ARG B 1489 32.62 44.41 82.15
CA ARG B 1489 33.85 45.06 82.59
C ARG B 1489 34.04 44.95 84.09
N LEU B 1490 32.95 44.83 84.85
CA LEU B 1490 33.04 44.57 86.28
C LEU B 1490 33.46 43.13 86.51
N ASP B 1491 34.55 42.93 87.24
CA ASP B 1491 35.10 41.61 87.48
C ASP B 1491 35.81 41.63 88.82
N VAL B 1492 36.12 40.43 89.31
CA VAL B 1492 36.82 40.25 90.58
C VAL B 1492 38.30 40.07 90.28
N GLN B 1493 39.14 40.82 90.99
CA GLN B 1493 40.59 40.77 90.86
C GLN B 1493 41.20 40.32 92.17
N THR B 1494 42.35 39.67 92.09
CA THR B 1494 43.09 39.24 93.26
C THR B 1494 44.50 39.82 93.23
N ILE B 1495 45.09 39.94 94.42
CA ILE B 1495 46.46 40.43 94.52
C ILE B 1495 47.43 39.42 93.91
N GLN B 1496 48.33 39.92 93.05
CA GLN B 1496 49.45 39.16 92.51
C GLN B 1496 50.74 39.85 92.92
N PRO B 1497 51.65 39.18 93.64
CA PRO B 1497 52.78 39.90 94.25
C PRO B 1497 53.89 40.34 93.30
N VAL B 1498 54.30 39.48 92.36
CA VAL B 1498 55.47 39.73 91.53
C VAL B 1498 55.03 39.91 90.09
N LEU B 1499 55.67 40.85 89.39
CA LEU B 1499 55.38 41.10 87.98
C LEU B 1499 56.68 41.31 87.22
N TRP B 1500 56.57 41.35 85.90
CA TRP B 1500 57.69 41.69 85.04
C TRP B 1500 57.67 43.18 84.74
N SER B 1501 58.84 43.81 84.78
CA SER B 1501 58.97 45.22 84.46
C SER B 1501 60.18 45.42 83.56
N ARG B 1502 60.04 46.28 82.56
CA ARG B 1502 61.11 46.51 81.59
C ARG B 1502 62.18 47.40 82.19
N MET B 1503 63.43 47.01 82.01
CA MET B 1503 64.54 47.84 82.46
C MET B 1503 64.70 49.02 81.51
N PRO B 1504 64.85 50.24 82.01
CA PRO B 1504 64.99 51.40 81.12
C PRO B 1504 66.27 51.35 80.30
N SER B 1505 66.21 51.95 79.12
CA SER B 1505 67.36 51.96 78.23
C SER B 1505 68.44 52.92 78.70
N SER B 1506 68.06 53.97 79.44
CA SER B 1506 69.01 54.92 79.98
C SER B 1506 68.60 55.28 81.40
N PHE B 1507 69.60 55.65 82.20
CA PHE B 1507 69.40 56.04 83.59
C PHE B 1507 69.99 57.42 83.81
N LEU B 1508 69.48 58.10 84.84
CA LEU B 1508 70.01 59.41 85.20
C LEU B 1508 71.43 59.28 85.72
N LYS B 1509 72.32 60.13 85.24
CA LYS B 1509 73.73 60.12 85.64
C LYS B 1509 73.88 60.99 86.87
N VAL B 1510 73.86 60.36 88.05
CA VAL B 1510 73.95 61.05 89.33
C VAL B 1510 75.37 60.92 89.85
N GLU B 1511 75.99 62.06 90.15
CA GLU B 1511 77.36 62.10 90.65
C GLU B 1511 77.34 62.54 92.10
N THR B 1512 77.90 61.70 92.98
CA THR B 1512 77.96 61.98 94.40
C THR B 1512 79.41 62.09 94.84
N GLU B 1513 79.70 63.08 95.69
CA GLU B 1513 81.06 63.29 96.18
C GLU B 1513 81.00 64.01 97.51
N ARG B 1514 82.12 64.00 98.22
CA ARG B 1514 82.29 64.72 99.47
C ARG B 1514 83.15 65.95 99.18
N VAL B 1515 82.56 67.14 99.34
CA VAL B 1515 83.28 68.37 99.02
C VAL B 1515 84.30 68.69 100.11
N SER B 1516 83.82 68.89 101.33
CA SER B 1516 84.68 69.22 102.46
C SER B 1516 83.96 68.83 103.74
N GLU B 1517 84.71 68.81 104.84
CA GLU B 1517 84.11 68.57 106.16
C GLU B 1517 83.16 69.68 106.58
N ARG B 1518 83.31 70.88 106.00
CA ARG B 1518 82.39 71.97 106.25
C ARG B 1518 81.28 72.03 105.21
N HIS B 1519 81.63 71.79 103.94
CA HIS B 1519 80.65 71.93 102.86
C HIS B 1519 79.66 70.76 102.81
N GLY B 1520 80.04 69.59 103.29
CA GLY B 1520 79.12 68.47 103.34
C GLY B 1520 79.21 67.56 102.13
N TRP B 1521 78.11 66.89 101.80
CA TRP B 1521 78.10 65.94 100.69
C TRP B 1521 77.32 66.49 99.52
N ALA B 1522 77.78 66.22 98.30
CA ALA B 1522 77.23 66.83 97.10
C ALA B 1522 76.51 65.80 96.24
N VAL B 1523 75.33 66.19 95.74
CA VAL B 1523 74.61 65.45 94.70
C VAL B 1523 74.37 66.42 93.55
N GLN B 1524 74.51 65.93 92.32
CA GLN B 1524 74.17 66.75 91.17
C GLN B 1524 73.64 65.87 90.05
N CYS B 1525 72.75 66.44 89.24
CA CYS B 1525 72.20 65.76 88.08
C CYS B 1525 71.84 66.80 87.05
N LEU B 1526 72.51 66.75 85.90
CA LEU B 1526 72.42 67.82 84.91
C LEU B 1526 71.85 67.39 83.57
N GLU B 1527 72.18 66.19 83.11
CA GLU B 1527 71.75 65.76 81.78
C GLU B 1527 70.28 65.35 81.79
N PRO B 1528 69.43 65.96 80.98
CA PRO B 1528 68.00 65.63 81.01
C PRO B 1528 67.71 64.23 80.46
N LEU B 1529 66.65 63.63 80.97
CA LEU B 1529 66.21 62.31 80.55
C LEU B 1529 64.71 62.20 80.72
N GLN B 1530 64.02 61.79 79.67
CA GLN B 1530 62.56 61.67 79.68
C GLN B 1530 62.15 60.30 79.18
N MET B 1531 60.89 59.97 79.44
CA MET B 1531 60.29 58.75 78.89
C MET B 1531 58.85 59.04 78.51
N MET B 1532 58.32 58.21 77.62
CA MET B 1532 56.92 58.29 77.23
C MET B 1532 56.11 57.36 78.13
N ALA B 1533 55.30 57.96 78.98
CA ALA B 1533 54.45 57.23 79.91
C ALA B 1533 53.12 56.91 79.25
N LEU B 1534 52.69 55.66 79.36
CA LEU B 1534 51.38 55.20 78.94
C LEU B 1534 50.54 54.97 80.19
N HIS B 1535 49.42 55.67 80.28
CA HIS B 1535 48.64 55.78 81.50
C HIS B 1535 47.30 55.07 81.33
N ILE B 1536 47.01 54.15 82.24
CA ILE B 1536 45.72 53.48 82.31
C ILE B 1536 44.83 54.28 83.26
N PRO B 1537 43.71 54.83 82.79
CA PRO B 1537 43.01 55.83 83.60
C PRO B 1537 42.30 55.28 84.82
N GLU B 1538 41.63 54.13 84.70
CA GLU B 1538 40.85 53.62 85.83
C GLU B 1538 41.73 53.04 86.93
N GLU B 1539 42.96 52.66 86.61
CA GLU B 1539 43.90 52.16 87.61
C GLU B 1539 44.78 53.25 88.18
N ASN B 1540 44.79 54.44 87.57
CA ASN B 1540 45.60 55.59 87.99
C ASN B 1540 47.08 55.25 88.09
N ARG B 1541 47.57 54.50 87.09
CA ARG B 1541 48.98 54.15 87.03
C ARG B 1541 49.44 54.25 85.59
N CYS B 1542 50.77 54.29 85.44
CA CYS B 1542 51.39 54.38 84.12
C CYS B 1542 52.53 53.38 84.04
N VAL B 1543 52.80 52.94 82.82
CA VAL B 1543 53.99 52.14 82.52
C VAL B 1543 54.77 52.87 81.44
N ASP B 1544 55.89 52.29 81.04
CA ASP B 1544 56.58 52.77 79.85
C ASP B 1544 55.83 52.33 78.61
N ILE B 1545 55.94 53.13 77.55
CA ILE B 1545 55.34 52.75 76.28
C ILE B 1545 56.06 51.54 75.70
N LEU B 1546 57.35 51.37 76.01
CA LEU B 1546 58.12 50.25 75.53
C LEU B 1546 57.70 48.93 76.18
N GLU B 1547 56.99 48.99 77.31
CA GLU B 1547 56.39 47.79 77.87
C GLU B 1547 55.25 47.27 77.02
N LEU B 1548 54.80 48.01 76.02
CA LEU B 1548 53.88 47.47 75.02
C LEU B 1548 54.59 46.55 74.02
N CYS B 1549 55.92 46.41 74.11
CA CYS B 1549 56.63 45.44 73.30
C CYS B 1549 56.27 44.01 73.65
N GLU B 1550 55.64 43.76 74.80
CA GLU B 1550 55.23 42.43 75.19
C GLU B 1550 53.75 42.29 75.53
N GLN B 1551 53.07 43.38 75.86
CA GLN B 1551 51.64 43.34 76.16
C GLN B 1551 50.88 43.53 74.84
N GLU B 1552 50.43 42.41 74.25
CA GLU B 1552 49.91 42.44 72.89
C GLU B 1552 48.53 43.06 72.82
N ASP B 1553 47.69 42.83 73.83
CA ASP B 1553 46.31 43.33 73.79
C ASP B 1553 46.27 44.84 73.90
N LEU B 1554 47.00 45.40 74.87
CA LEU B 1554 47.08 46.86 75.01
C LEU B 1554 47.77 47.49 73.81
N MET B 1555 48.75 46.81 73.22
CA MET B 1555 49.41 47.34 72.03
C MET B 1555 48.45 47.41 70.85
N GLN B 1556 47.64 46.37 70.66
CA GLN B 1556 46.65 46.39 69.59
C GLN B 1556 45.60 47.47 69.82
N PHE B 1557 45.14 47.62 71.08
CA PHE B 1557 44.17 48.66 71.38
C PHE B 1557 44.73 50.05 71.15
N HIS B 1558 46.00 50.27 71.52
CA HIS B 1558 46.58 51.60 71.33
C HIS B 1558 46.91 51.87 69.87
N TYR B 1559 47.27 50.83 69.12
CA TYR B 1559 47.48 50.99 67.68
C TYR B 1559 46.17 51.37 66.98
N HIS B 1560 45.06 50.73 67.36
CA HIS B 1560 43.79 51.11 66.76
C HIS B 1560 43.30 52.45 67.29
N THR B 1561 43.73 52.85 68.49
CA THR B 1561 43.47 54.21 68.97
C THR B 1561 44.19 55.24 68.13
N LEU B 1562 45.44 54.97 67.76
CA LEU B 1562 46.17 55.86 66.87
C LEU B 1562 45.54 55.91 65.48
N ARG B 1563 45.04 54.77 65.00
CA ARG B 1563 44.30 54.75 63.74
C ARG B 1563 43.03 55.58 63.81
N LEU B 1564 42.31 55.51 64.93
CA LEU B 1564 41.12 56.34 65.11
C LEU B 1564 41.47 57.82 65.21
N TYR B 1565 42.60 58.14 65.83
CA TYR B 1565 43.08 59.52 65.85
C TYR B 1565 43.36 60.03 64.44
N SER B 1566 43.96 59.19 63.60
CA SER B 1566 44.16 59.59 62.21
C SER B 1566 42.85 59.68 61.45
N ALA B 1567 41.86 58.86 61.82
CA ALA B 1567 40.60 58.83 61.09
C ALA B 1567 39.73 60.05 61.39
N VAL B 1568 39.73 60.51 62.65
CA VAL B 1568 38.82 61.59 63.02
C VAL B 1568 39.25 62.94 62.47
N CYS B 1569 40.51 63.08 62.05
CA CYS B 1569 40.99 64.32 61.47
C CYS B 1569 41.35 64.17 60.00
N ALA B 1570 40.82 63.14 59.35
CA ALA B 1570 41.17 62.86 57.97
C ALA B 1570 40.50 63.85 57.02
N LEU B 1571 41.21 64.16 55.94
CA LEU B 1571 40.75 65.05 54.86
C LEU B 1571 40.40 66.44 55.40
N GLY B 1572 41.37 67.05 56.07
CA GLY B 1572 41.29 68.46 56.45
C GLY B 1572 40.26 68.84 57.49
N ASN B 1573 40.08 68.03 58.53
CA ASN B 1573 39.22 68.40 59.65
C ASN B 1573 40.09 69.14 60.66
N SER B 1574 40.15 70.47 60.51
CA SER B 1574 41.12 71.27 61.26
C SER B 1574 40.77 71.38 62.73
N ARG B 1575 39.48 71.51 63.05
CA ARG B 1575 39.06 71.64 64.45
C ARG B 1575 39.39 70.38 65.25
N VAL B 1576 39.16 69.21 64.67
CA VAL B 1576 39.49 67.96 65.33
C VAL B 1576 41.00 67.80 65.46
N ALA B 1577 41.78 68.28 64.48
CA ALA B 1577 43.23 68.21 64.58
C ALA B 1577 43.76 69.12 65.70
N TYR B 1578 43.16 70.31 65.85
CA TYR B 1578 43.52 71.17 66.98
C TYR B 1578 43.14 70.53 68.30
N ALA B 1579 42.00 69.83 68.34
CA ALA B 1579 41.62 69.10 69.54
C ALA B 1579 42.60 67.97 69.83
N LEU B 1580 43.09 67.31 68.78
CA LEU B 1580 44.04 66.21 68.94
C LEU B 1580 45.41 66.68 69.37
N CYS B 1581 45.77 67.94 69.08
CA CYS B 1581 47.03 68.47 69.57
C CYS B 1581 47.07 68.58 71.09
N GLY B 1582 45.91 68.58 71.76
CA GLY B 1582 45.84 68.52 73.20
C GLY B 1582 45.89 67.13 73.79
N HIS B 1583 46.05 66.11 72.96
CA HIS B 1583 46.20 64.72 73.40
C HIS B 1583 47.58 64.17 73.07
N VAL B 1584 48.01 64.29 71.82
CA VAL B 1584 49.38 63.97 71.42
C VAL B 1584 49.99 65.23 70.84
N ASP B 1585 50.99 65.79 71.52
CA ASP B 1585 51.61 67.03 71.10
C ASP B 1585 52.88 66.73 70.31
N LEU B 1586 53.59 67.81 69.93
CA LEU B 1586 54.74 67.68 69.05
C LEU B 1586 55.93 67.03 69.73
N SER B 1587 56.10 67.24 71.03
CA SER B 1587 57.20 66.60 71.75
C SER B 1587 57.03 65.10 71.79
N GLN B 1588 55.80 64.63 72.02
CA GLN B 1588 55.51 63.20 71.98
C GLN B 1588 55.75 62.63 70.58
N LEU B 1589 55.33 63.35 69.54
CA LEU B 1589 55.51 62.87 68.17
C LEU B 1589 56.98 62.80 67.79
N PHE B 1590 57.77 63.81 68.20
CA PHE B 1590 59.20 63.78 67.92
C PHE B 1590 59.89 62.64 68.67
N TYR B 1591 59.53 62.43 69.93
CA TYR B 1591 60.07 61.31 70.69
C TYR B 1591 59.70 59.97 70.06
N ALA B 1592 58.46 59.84 69.60
CA ALA B 1592 57.99 58.58 69.05
C ALA B 1592 58.61 58.28 67.69
N ILE B 1593 58.81 59.31 66.86
CA ILE B 1593 59.45 59.06 65.57
C ILE B 1593 60.95 58.86 65.70
N ASP B 1594 61.58 59.40 66.75
CA ASP B 1594 63.01 59.17 66.95
C ASP B 1594 63.31 57.84 67.64
N ASN B 1595 62.37 57.30 68.40
CA ASN B 1595 62.63 56.14 69.24
C ASN B 1595 62.82 54.88 68.40
N LYS B 1596 63.77 54.04 68.81
CA LYS B 1596 64.13 52.83 68.07
C LYS B 1596 63.67 51.55 68.72
N TYR B 1597 63.27 51.58 69.99
CA TYR B 1597 62.77 50.39 70.67
C TYR B 1597 61.26 50.26 70.58
N LEU B 1598 60.59 51.19 69.91
CA LEU B 1598 59.16 51.16 69.78
C LEU B 1598 58.73 49.99 68.88
N PRO B 1599 57.57 49.39 69.14
CA PRO B 1599 57.05 48.37 68.23
C PRO B 1599 56.70 48.96 66.87
N GLY B 1600 56.72 48.09 65.86
CA GLY B 1600 56.56 48.55 64.49
C GLY B 1600 55.19 49.13 64.20
N LEU B 1601 54.13 48.51 64.73
CA LEU B 1601 52.79 49.04 64.54
C LEU B 1601 52.63 50.39 65.22
N LEU B 1602 53.16 50.53 66.44
CA LEU B 1602 53.10 51.81 67.14
C LEU B 1602 53.92 52.89 66.43
N ARG B 1603 55.10 52.52 65.93
CA ARG B 1603 55.93 53.46 65.19
C ARG B 1603 55.24 53.95 63.92
N SER B 1604 54.63 53.02 63.17
CA SER B 1604 53.88 53.39 61.98
C SER B 1604 52.67 54.26 62.33
N GLY B 1605 51.98 53.94 63.41
CA GLY B 1605 50.83 54.74 63.81
C GLY B 1605 51.21 56.14 64.26
N PHE B 1606 52.34 56.28 64.93
CA PHE B 1606 52.78 57.60 65.36
C PHE B 1606 53.24 58.45 64.18
N TYR B 1607 53.93 57.85 63.21
CA TYR B 1607 54.28 58.57 61.99
C TYR B 1607 53.03 58.99 61.22
N ASP B 1608 52.04 58.09 61.12
CA ASP B 1608 50.79 58.41 60.45
C ASP B 1608 50.03 59.51 61.16
N LEU B 1609 50.06 59.50 62.50
CA LEU B 1609 49.39 60.54 63.27
C LEU B 1609 50.06 61.90 63.08
N LEU B 1610 51.40 61.91 63.03
CA LEU B 1610 52.12 63.16 62.77
C LEU B 1610 51.75 63.74 61.41
N ILE B 1611 51.74 62.87 60.38
CA ILE B 1611 51.38 63.32 59.04
C ILE B 1611 49.93 63.78 58.98
N SER B 1612 49.02 63.06 59.65
CA SER B 1612 47.61 63.40 59.62
C SER B 1612 47.32 64.72 60.31
N ILE B 1613 47.91 64.95 61.49
CA ILE B 1613 47.64 66.19 62.21
C ILE B 1613 48.30 67.37 61.51
N HIS B 1614 49.56 67.24 61.10
CA HIS B 1614 50.32 68.42 60.73
C HIS B 1614 50.62 68.58 59.25
N LEU B 1615 50.62 67.51 58.46
CA LEU B 1615 51.16 67.58 57.11
C LEU B 1615 50.22 67.14 56.00
N ALA B 1616 49.09 66.51 56.31
CA ALA B 1616 48.28 65.89 55.28
C ALA B 1616 47.55 66.92 54.43
N ASN B 1617 47.06 68.01 55.05
CA ASN B 1617 46.25 68.97 54.33
C ASN B 1617 47.07 69.76 53.32
N ALA B 1618 48.30 70.15 53.68
CA ALA B 1618 49.16 70.85 52.74
C ALA B 1618 49.55 69.97 51.57
N LYS B 1619 49.83 68.68 51.83
CA LYS B 1619 50.15 67.75 50.75
C LYS B 1619 48.96 67.55 49.82
N GLU B 1620 47.75 67.45 50.38
CA GLU B 1620 46.56 67.31 49.56
C GLU B 1620 46.31 68.54 48.70
N ARG B 1621 46.53 69.74 49.25
CA ARG B 1621 46.35 70.95 48.47
C ARG B 1621 47.41 71.09 47.39
N LYS B 1622 48.63 70.62 47.65
CA LYS B 1622 49.66 70.61 46.62
C LYS B 1622 49.32 69.61 45.52
N LEU B 1623 48.76 68.46 45.89
CA LEU B 1623 48.45 67.43 44.90
C LEU B 1623 47.22 67.78 44.06
N MET B 1624 46.28 68.55 44.62
CA MET B 1624 45.13 68.97 43.84
C MET B 1624 45.53 69.95 42.73
N MET B 1625 46.31 70.96 43.08
CA MET B 1625 46.72 71.99 42.13
C MET B 1625 48.12 71.69 41.59
N LYS B 1626 48.22 70.58 40.86
CA LYS B 1626 49.49 70.15 40.31
C LYS B 1626 49.46 69.82 38.84
N ASN B 1627 48.29 69.67 38.23
CA ASN B 1627 48.19 69.37 36.80
C ASN B 1627 48.08 70.61 35.94
N GLU B 1628 48.04 71.80 36.53
CA GLU B 1628 47.99 73.06 35.81
C GLU B 1628 49.27 73.83 36.03
N TYR B 1629 49.74 74.51 34.98
CA TYR B 1629 50.98 75.27 35.00
C TYR B 1629 50.67 76.70 34.59
N ILE B 1630 50.49 77.58 35.58
CA ILE B 1630 50.17 78.97 35.33
C ILE B 1630 51.43 79.79 35.57
N ILE B 1631 51.97 80.37 34.51
CA ILE B 1631 53.27 81.01 34.54
C ILE B 1631 53.10 82.48 34.18
N PRO B 1632 53.57 83.41 35.01
CA PRO B 1632 53.57 84.83 34.63
C PRO B 1632 54.85 85.24 33.92
N ILE B 1633 54.72 86.22 33.03
CA ILE B 1633 55.86 86.75 32.30
C ILE B 1633 56.54 87.80 33.16
N THR B 1634 57.70 87.47 33.72
CA THR B 1634 58.52 88.42 34.44
C THR B 1634 59.93 88.41 33.84
N SER B 1635 60.87 89.11 34.48
CA SER B 1635 62.26 88.99 34.07
C SER B 1635 62.87 87.66 34.52
N ALA B 1636 62.36 87.09 35.61
CA ALA B 1636 62.83 85.79 36.06
C ALA B 1636 62.26 84.64 35.24
N THR B 1637 61.19 84.89 34.48
CA THR B 1637 60.62 83.84 33.64
C THR B 1637 61.57 83.45 32.52
N ARG B 1638 62.26 84.43 31.93
CA ARG B 1638 63.20 84.17 30.85
C ARG B 1638 64.42 83.37 31.28
N LYS B 1639 64.70 83.32 32.59
CA LYS B 1639 65.95 82.75 33.07
C LYS B 1639 65.94 81.23 33.15
N ILE B 1640 64.80 80.59 32.88
CA ILE B 1640 64.73 79.14 32.94
C ILE B 1640 65.42 78.55 31.71
N ARG B 1641 66.40 77.69 31.95
CA ARG B 1641 67.16 77.02 30.89
C ARG B 1641 66.82 75.54 30.87
N LEU B 1642 66.85 74.95 29.67
CA LEU B 1642 66.58 73.52 29.55
C LEU B 1642 67.69 72.70 30.18
N TYR B 1643 68.94 73.07 29.92
CA TYR B 1643 70.11 72.44 30.52
C TYR B 1643 70.81 73.43 31.45
N PRO B 1644 71.37 72.97 32.56
CA PRO B 1644 71.99 73.91 33.51
C PRO B 1644 73.28 74.52 33.01
N ASP B 1645 73.91 73.95 31.99
CA ASP B 1645 75.14 74.48 31.43
C ASP B 1645 75.16 74.17 29.94
N GLU B 1646 76.33 74.33 29.32
CA GLU B 1646 76.52 74.03 27.91
C GLU B 1646 77.05 72.62 27.68
N SER B 1647 77.22 71.83 28.73
CA SER B 1647 77.76 70.48 28.61
C SER B 1647 76.72 69.45 28.17
N LYS B 1648 75.45 69.86 28.07
CA LYS B 1648 74.32 68.99 27.71
C LYS B 1648 74.21 67.79 28.65
N ARG B 1649 74.43 68.04 29.93
CA ARG B 1649 74.22 67.06 30.98
C ARG B 1649 73.01 67.47 31.81
N HIS B 1650 72.19 66.50 32.17
CA HIS B 1650 70.95 66.77 32.89
C HIS B 1650 71.22 67.31 34.28
N GLY B 1651 70.43 68.30 34.68
CA GLY B 1651 70.44 68.76 36.05
C GLY B 1651 69.68 67.81 36.95
N LEU B 1652 69.84 68.03 38.25
CA LEU B 1652 69.16 67.17 39.21
C LEU B 1652 67.67 67.48 39.23
N PRO B 1653 66.81 66.46 39.27
CA PRO B 1653 65.37 66.72 39.30
C PRO B 1653 64.94 67.30 40.64
N GLY B 1654 64.11 68.35 40.57
CA GLY B 1654 63.66 69.03 41.76
C GLY B 1654 64.54 70.16 42.22
N VAL B 1655 65.71 70.34 41.60
CA VAL B 1655 66.68 71.35 42.00
C VAL B 1655 66.67 72.45 40.94
N GLY B 1656 66.44 73.68 41.38
CA GLY B 1656 66.46 74.82 40.47
C GLY B 1656 65.33 75.79 40.70
N LEU B 1657 65.35 76.91 39.97
CA LEU B 1657 64.28 77.90 40.07
C LEU B 1657 63.02 77.39 39.39
N ARG B 1658 61.87 77.65 40.02
CA ARG B 1658 60.58 77.25 39.49
C ARG B 1658 59.75 78.48 39.25
N THR B 1659 59.30 78.66 38.01
CA THR B 1659 58.44 79.79 37.63
C THR B 1659 57.04 79.22 37.38
N CYS B 1660 56.29 79.06 38.45
CA CYS B 1660 54.91 78.60 38.40
C CYS B 1660 54.17 79.18 39.60
N LEU B 1661 52.85 79.22 39.49
CA LEU B 1661 52.01 79.85 40.51
C LEU B 1661 51.41 78.76 41.38
N LYS B 1662 52.18 78.34 42.39
CA LYS B 1662 51.73 77.36 43.36
C LYS B 1662 51.42 78.06 44.67
N PRO B 1663 50.14 78.19 45.05
CA PRO B 1663 49.82 78.85 46.32
C PRO B 1663 50.28 78.05 47.52
N GLY B 1664 50.62 78.78 48.59
CA GLY B 1664 51.14 78.18 49.80
C GLY B 1664 50.04 77.73 50.75
N PHE B 1665 50.46 77.39 51.96
CA PHE B 1665 49.56 76.91 52.99
C PHE B 1665 49.76 77.72 54.26
N ARG B 1666 48.69 77.82 55.05
CA ARG B 1666 48.68 78.64 56.26
C ARG B 1666 48.64 77.74 57.49
N PHE B 1667 49.46 78.07 58.48
CA PHE B 1667 49.53 77.36 59.74
C PHE B 1667 49.37 78.35 60.89
N SER B 1668 48.86 77.85 62.02
CA SER B 1668 48.72 78.67 63.22
C SER B 1668 49.03 77.82 64.45
N THR B 1669 49.44 78.50 65.51
CA THR B 1669 49.88 77.84 66.74
C THR B 1669 48.71 77.16 67.43
N PRO B 1670 48.85 75.88 67.83
CA PRO B 1670 47.75 75.21 68.55
C PRO B 1670 47.58 75.71 69.97
N CYS B 1671 47.01 76.90 70.13
CA CYS B 1671 46.78 77.48 71.44
C CYS B 1671 45.29 77.34 71.78
N PHE B 1672 45.01 76.70 72.91
CA PHE B 1672 43.62 76.53 73.33
C PHE B 1672 43.07 77.78 74.01
N VAL B 1673 43.94 78.70 74.42
CA VAL B 1673 43.48 80.03 74.79
C VAL B 1673 43.19 80.83 73.53
N VAL B 1674 42.39 81.89 73.68
CA VAL B 1674 41.92 82.75 72.59
C VAL B 1674 41.20 81.95 71.51
N GLN B 1680 42.28 79.79 64.66
CA GLN B 1680 42.65 78.57 63.94
C GLN B 1680 42.77 78.84 62.45
N LYS B 1681 43.94 78.50 61.89
CA LYS B 1681 44.23 78.71 60.47
C LYS B 1681 44.74 77.40 59.88
N GLN B 1682 43.82 76.56 59.42
CA GLN B 1682 44.08 75.32 58.68
C GLN B 1682 44.87 74.37 59.58
N SER B 1683 46.02 73.84 59.14
CA SER B 1683 46.74 72.84 59.92
C SER B 1683 47.43 73.48 61.13
N PRO B 1684 47.60 72.73 62.21
CA PRO B 1684 48.35 73.25 63.35
C PRO B 1684 49.82 73.47 63.03
N GLU B 1685 50.43 74.40 63.77
CA GLU B 1685 51.80 74.81 63.51
C GLU B 1685 52.78 73.70 63.87
N ILE B 1686 53.91 73.70 63.16
CA ILE B 1686 54.97 72.73 63.32
C ILE B 1686 56.24 73.43 62.85
N PRO B 1687 57.41 73.22 63.48
CA PRO B 1687 58.61 73.98 63.09
C PRO B 1687 59.04 73.82 61.64
N LEU B 1688 58.91 72.61 61.06
CA LEU B 1688 59.20 72.31 59.66
C LEU B 1688 60.66 72.53 59.25
N GLU B 1689 61.51 72.90 60.20
CA GLU B 1689 62.96 72.99 59.98
C GLU B 1689 63.71 72.02 60.87
N ILE B 1690 63.24 71.82 62.10
CA ILE B 1690 63.69 70.69 62.91
C ILE B 1690 63.20 69.39 62.30
N LEU B 1691 61.98 69.40 61.76
CA LEU B 1691 61.37 68.17 61.24
C LEU B 1691 62.08 67.65 60.00
N LYS B 1692 62.42 68.54 59.06
CA LYS B 1692 63.05 68.08 57.83
C LYS B 1692 64.48 67.63 58.07
N THR B 1693 65.20 68.32 58.97
CA THR B 1693 66.54 67.89 59.37
C THR B 1693 66.49 66.54 60.06
N LYS B 1694 65.49 66.35 60.93
CA LYS B 1694 65.32 65.07 61.63
C LYS B 1694 65.00 63.95 60.65
N ALA B 1695 64.14 64.23 59.67
CA ALA B 1695 63.79 63.24 58.66
C ALA B 1695 64.99 62.86 57.80
N LEU B 1696 65.80 63.85 57.41
CA LEU B 1696 67.01 63.56 56.64
C LEU B 1696 68.01 62.74 57.43
N SER B 1697 68.19 63.07 58.72
CA SER B 1697 69.11 62.31 59.56
C SER B 1697 68.60 60.88 59.79
N MET B 1698 67.29 60.72 59.97
CA MET B 1698 66.72 59.38 60.14
C MET B 1698 66.85 58.56 58.86
N LEU B 1699 66.66 59.18 57.70
CA LEU B 1699 66.83 58.44 56.44
C LEU B 1699 68.29 58.04 56.23
N THR B 1700 69.23 58.95 56.53
CA THR B 1700 70.64 58.62 56.40
C THR B 1700 71.04 57.49 57.35
N GLU B 1701 70.56 57.53 58.59
CA GLU B 1701 70.89 56.49 59.56
C GLU B 1701 70.24 55.16 59.20
N ALA B 1702 69.03 55.20 58.62
CA ALA B 1702 68.39 53.97 58.18
C ALA B 1702 69.12 53.35 57.00
N VAL B 1703 69.62 54.18 56.08
CA VAL B 1703 70.35 53.66 54.93
C VAL B 1703 71.70 53.09 55.36
N GLN B 1704 72.37 53.75 56.32
CA GLN B 1704 73.67 53.26 56.78
C GLN B 1704 73.56 51.91 57.48
N HIS B 1705 72.56 51.73 58.33
CA HIS B 1705 72.35 50.46 59.04
C HIS B 1705 71.32 49.61 58.31
N SER B 1706 71.59 49.31 57.04
CA SER B 1706 70.63 48.59 56.21
C SER B 1706 71.26 47.36 55.56
N GLY B 1707 72.19 46.71 56.26
CA GLY B 1707 72.75 45.47 55.74
C GLY B 1707 71.76 44.33 55.84
N ALA B 1708 72.01 43.29 55.03
CA ALA B 1708 71.17 42.11 55.07
C ALA B 1708 71.45 41.23 56.29
N HIS B 1709 72.58 41.44 56.96
CA HIS B 1709 72.98 40.65 58.11
C HIS B 1709 72.50 41.24 59.43
N ILE B 1710 71.92 42.44 59.42
CA ILE B 1710 71.52 43.09 60.66
C ILE B 1710 70.30 42.38 61.24
N ARG B 1711 70.36 42.05 62.53
CA ARG B 1711 69.34 41.23 63.17
C ARG B 1711 68.44 42.01 64.12
N ASP B 1712 68.57 43.33 64.19
CA ASP B 1712 67.63 44.17 64.94
C ASP B 1712 67.22 45.40 64.12
N PRO B 1713 66.41 45.21 63.07
CA PRO B 1713 65.87 46.38 62.37
C PRO B 1713 64.86 47.11 63.24
N VAL B 1714 64.73 48.41 63.00
CA VAL B 1714 63.85 49.24 63.83
C VAL B 1714 62.41 48.89 63.53
N GLY B 1715 61.64 48.61 64.58
CA GLY B 1715 60.27 48.19 64.44
C GLY B 1715 60.07 46.70 64.33
N GLY B 1716 61.15 45.92 64.19
CA GLY B 1716 61.05 44.49 64.06
C GLY B 1716 61.24 43.96 62.65
N SER B 1717 61.23 44.83 61.65
CA SER B 1717 61.44 44.42 60.27
C SER B 1717 62.00 45.59 59.48
N VAL B 1718 62.44 45.29 58.26
CA VAL B 1718 62.96 46.31 57.36
C VAL B 1718 61.83 47.23 56.90
N GLU B 1719 60.63 46.67 56.70
CA GLU B 1719 59.47 47.45 56.31
C GLU B 1719 59.12 48.50 57.37
N PHE B 1720 59.09 48.08 58.64
CA PHE B 1720 58.79 49.02 59.72
C PHE B 1720 59.88 50.06 59.89
N GLN B 1721 61.12 49.72 59.52
CA GLN B 1721 62.21 50.70 59.62
C GLN B 1721 62.11 51.73 58.51
N PHE B 1722 61.78 51.32 57.28
CA PHE B 1722 61.92 52.20 56.13
C PHE B 1722 60.63 52.88 55.70
N VAL B 1723 59.49 52.18 55.75
CA VAL B 1723 58.24 52.72 55.18
C VAL B 1723 57.77 54.01 55.86
N PRO B 1724 57.72 54.12 57.20
CA PRO B 1724 57.31 55.42 57.78
C PRO B 1724 58.23 56.58 57.46
N VAL B 1725 59.54 56.33 57.43
CA VAL B 1725 60.50 57.38 57.10
C VAL B 1725 60.32 57.84 55.66
N LEU B 1726 60.11 56.89 54.74
CA LEU B 1726 59.91 57.25 53.34
C LEU B 1726 58.57 57.95 53.12
N LYS B 1727 57.54 57.58 53.87
CA LYS B 1727 56.28 58.31 53.80
C LYS B 1727 56.45 59.75 54.25
N LEU B 1728 57.18 59.96 55.35
CA LEU B 1728 57.44 61.31 55.83
C LEU B 1728 58.28 62.12 54.82
N ILE B 1729 59.29 61.48 54.23
CA ILE B 1729 60.13 62.14 53.23
C ILE B 1729 59.32 62.54 52.00
N GLY B 1730 58.46 61.64 51.52
CA GLY B 1730 57.62 61.95 50.38
C GLY B 1730 56.60 63.04 50.67
N THR B 1731 56.02 63.01 51.87
CA THR B 1731 55.08 64.05 52.27
C THR B 1731 55.75 65.42 52.33
N LEU B 1732 56.97 65.47 52.87
CA LEU B 1732 57.68 66.75 52.91
C LEU B 1732 58.18 67.16 51.53
N LEU B 1733 58.40 66.19 50.63
CA LEU B 1733 58.82 66.53 49.26
C LEU B 1733 57.69 67.15 48.47
N VAL B 1734 56.48 66.60 48.57
CA VAL B 1734 55.34 67.13 47.83
C VAL B 1734 54.98 68.53 48.33
N MET B 1735 55.12 68.76 49.64
CA MET B 1735 54.83 70.07 50.22
C MET B 1735 55.84 71.14 49.84
N GLY B 1736 56.97 70.77 49.24
CA GLY B 1736 57.98 71.74 48.90
C GLY B 1736 58.80 72.26 50.06
N VAL B 1737 58.90 71.47 51.14
CA VAL B 1737 59.62 71.92 52.33
C VAL B 1737 61.13 71.94 52.08
N PHE B 1738 61.66 70.90 51.42
CA PHE B 1738 63.09 70.78 51.25
C PHE B 1738 63.64 71.80 50.27
N ASP B 1739 64.87 72.24 50.52
CA ASP B 1739 65.61 73.09 49.61
C ASP B 1739 66.53 72.23 48.74
N ASP B 1740 67.42 72.87 47.99
CA ASP B 1740 68.20 72.17 46.97
C ASP B 1740 69.23 71.23 47.57
N ASP B 1741 69.86 71.62 48.67
CA ASP B 1741 70.85 70.75 49.31
C ASP B 1741 70.20 69.50 49.90
N ASP B 1742 69.01 69.66 50.48
CA ASP B 1742 68.28 68.50 51.02
C ASP B 1742 67.86 67.55 49.92
N ILE B 1743 67.40 68.08 48.79
CA ILE B 1743 67.04 67.24 47.64
C ILE B 1743 68.28 66.55 47.10
N ARG B 1744 69.43 67.23 47.12
CA ARG B 1744 70.69 66.61 46.71
C ARG B 1744 71.07 65.46 47.62
N GLN B 1745 70.87 65.63 48.93
CA GLN B 1745 71.12 64.54 49.88
C GLN B 1745 70.20 63.35 49.63
N ILE B 1746 68.92 63.62 49.36
CA ILE B 1746 67.96 62.55 49.07
C ILE B 1746 68.35 61.81 47.80
N LEU B 1747 68.75 62.55 46.76
CA LEU B 1747 69.13 61.93 45.50
C LEU B 1747 70.41 61.11 45.65
N LEU B 1748 71.36 61.57 46.46
CA LEU B 1748 72.55 60.78 46.73
C LEU B 1748 72.22 59.52 47.53
N LEU B 1749 71.23 59.59 48.41
CA LEU B 1749 70.80 58.39 49.13
C LEU B 1749 70.08 57.41 48.21
N ILE B 1750 69.38 57.91 47.19
CA ILE B 1750 68.66 57.02 46.28
C ILE B 1750 69.63 56.33 45.32
N ASP B 1751 70.46 57.10 44.62
CA ASP B 1751 71.44 56.54 43.68
C ASP B 1751 72.60 57.52 43.56
N PRO B 1752 73.71 57.26 44.25
CA PRO B 1752 74.84 58.20 44.23
C PRO B 1752 75.61 58.22 42.91
N SER B 1753 75.38 57.29 42.01
CA SER B 1753 76.09 57.30 40.73
C SER B 1753 75.38 58.12 39.67
N VAL B 1754 74.07 57.98 39.55
CA VAL B 1754 73.31 58.76 38.57
C VAL B 1754 73.27 60.23 38.98
N PHE B 1755 73.04 60.49 40.27
CA PHE B 1755 72.97 61.85 40.78
C PHE B 1755 74.27 62.29 41.46
N GLY B 1756 75.40 61.83 40.95
CA GLY B 1756 76.69 62.18 41.50
C GLY B 1756 77.12 63.59 41.12
N GLU B 1757 78.24 63.99 41.71
CA GLU B 1757 78.76 65.34 41.52
C GLU B 1757 79.37 65.56 40.14
N HIS B 1758 79.70 64.50 39.40
CA HIS B 1758 80.29 64.64 38.08
C HIS B 1758 79.26 65.12 37.06
N LYS B 1792 75.05 50.26 48.47
CA LYS B 1792 75.11 51.53 47.76
C LYS B 1792 73.86 52.36 48.04
N GLY B 1793 73.08 52.63 47.00
CA GLY B 1793 71.85 53.38 47.15
C GLY B 1793 70.69 52.52 47.59
N LEU B 1794 69.52 53.16 47.68
CA LEU B 1794 68.31 52.45 48.08
C LEU B 1794 67.81 51.54 46.97
N LEU B 1795 67.94 51.98 45.71
CA LEU B 1795 67.37 51.24 44.59
C LEU B 1795 68.14 49.96 44.27
N GLN B 1796 69.39 49.85 44.73
CA GLN B 1796 70.23 48.70 44.42
C GLN B 1796 70.41 47.79 45.63
N THR B 1797 69.35 47.66 46.44
CA THR B 1797 69.36 46.78 47.60
C THR B 1797 68.13 45.88 47.56
N ARG B 1798 68.23 44.75 48.24
CA ARG B 1798 67.12 43.81 48.36
C ARG B 1798 66.10 44.38 49.32
N LEU B 1799 64.94 44.78 48.80
CA LEU B 1799 63.95 45.48 49.57
C LEU B 1799 62.63 44.71 49.62
N PRO B 1800 61.83 44.92 50.66
CA PRO B 1800 60.44 44.44 50.62
C PRO B 1800 59.62 45.25 49.64
N GLU B 1801 58.40 44.76 49.39
CA GLU B 1801 57.55 45.37 48.37
C GLU B 1801 56.94 46.69 48.84
N SER B 1802 56.78 46.89 50.15
CA SER B 1802 56.27 48.17 50.63
C SER B 1802 57.28 49.29 50.44
N VAL B 1803 58.56 48.99 50.69
CA VAL B 1803 59.62 49.95 50.42
C VAL B 1803 59.71 50.23 48.94
N LYS B 1804 59.45 49.22 48.09
CA LYS B 1804 59.39 49.44 46.66
C LYS B 1804 58.24 50.36 46.27
N LEU B 1805 57.09 50.23 46.95
CA LEU B 1805 55.98 51.15 46.71
C LEU B 1805 56.36 52.59 47.04
N GLN B 1806 57.02 52.79 48.19
CA GLN B 1806 57.43 54.13 48.56
C GLN B 1806 58.48 54.70 47.59
N MET B 1807 59.41 53.86 47.14
CA MET B 1807 60.39 54.31 46.16
C MET B 1807 59.75 54.64 44.83
N CYS B 1808 58.72 53.89 44.44
CA CYS B 1808 57.97 54.21 43.22
C CYS B 1808 57.29 55.56 43.33
N GLU B 1809 56.71 55.86 44.50
CA GLU B 1809 56.09 57.18 44.69
C GLU B 1809 57.12 58.31 44.62
N LEU B 1810 58.30 58.10 45.21
CA LEU B 1810 59.35 59.11 45.14
C LEU B 1810 59.83 59.34 43.72
N LEU B 1811 60.02 58.27 42.96
CA LEU B 1811 60.46 58.40 41.57
C LEU B 1811 59.38 59.05 40.70
N SER B 1812 58.11 58.79 40.99
CA SER B 1812 57.03 59.47 40.28
C SER B 1812 57.05 60.98 40.55
N TYR B 1813 57.34 61.36 41.80
CA TYR B 1813 57.48 62.78 42.12
C TYR B 1813 58.64 63.41 41.36
N LEU B 1814 59.75 62.68 41.23
CA LEU B 1814 60.89 63.19 40.47
C LEU B 1814 60.54 63.37 38.99
N CYS B 1815 59.76 62.43 38.44
CA CYS B 1815 59.28 62.57 37.07
C CYS B 1815 58.40 63.80 36.90
N ASP B 1816 57.53 64.07 37.87
CA ASP B 1816 56.69 65.27 37.82
C ASP B 1816 57.53 66.54 37.86
N CYS B 1817 58.58 66.54 38.67
CA CYS B 1817 59.48 67.69 38.72
C CYS B 1817 60.17 67.93 37.38
N GLU B 1818 60.64 66.86 36.74
CA GLU B 1818 61.27 67.01 35.42
C GLU B 1818 60.29 67.51 34.37
N LEU B 1819 59.05 67.03 34.41
CA LEU B 1819 58.04 67.51 33.47
C LEU B 1819 57.75 69.00 33.65
N GLN B 1820 57.64 69.44 34.91
CA GLN B 1820 57.41 70.85 35.18
C GLN B 1820 58.58 71.71 34.71
N HIS B 1821 59.81 71.21 34.90
CA HIS B 1821 60.98 71.94 34.42
C HIS B 1821 60.98 72.07 32.89
N ARG B 1822 60.59 71.01 32.18
CA ARG B 1822 60.49 71.07 30.72
C ARG B 1822 59.45 72.09 30.27
N VAL B 1823 58.29 72.11 30.95
CA VAL B 1823 57.24 73.07 30.59
C VAL B 1823 57.70 74.50 30.81
N GLU B 1824 58.38 74.76 31.93
CA GLU B 1824 58.87 76.11 32.21
C GLU B 1824 59.94 76.55 31.21
N ALA B 1825 60.82 75.63 30.81
CA ALA B 1825 61.83 75.95 29.81
C ALA B 1825 61.20 76.27 28.46
N ILE B 1826 60.17 75.50 28.08
CA ILE B 1826 59.45 75.75 26.83
C ILE B 1826 58.81 77.14 26.86
N VAL B 1827 58.20 77.50 28.00
CA VAL B 1827 57.55 78.80 28.10
C VAL B 1827 58.56 79.95 28.04
N ALA B 1828 59.74 79.76 28.66
CA ALA B 1828 60.78 80.80 28.60
C ALA B 1828 61.28 81.01 27.18
N PHE B 1829 61.58 79.91 26.48
CA PHE B 1829 62.00 80.03 25.08
C PHE B 1829 60.90 80.63 24.22
N GLY B 1830 59.64 80.30 24.52
CA GLY B 1830 58.53 80.89 23.78
C GLY B 1830 58.45 82.39 23.96
N ASP B 1831 58.71 82.88 25.18
CA ASP B 1831 58.72 84.31 25.43
C ASP B 1831 59.82 85.01 24.63
N ILE B 1832 61.03 84.43 24.64
CA ILE B 1832 62.14 85.04 23.90
C ILE B 1832 61.87 85.02 22.39
N TYR B 1833 61.36 83.89 21.89
CA TYR B 1833 61.04 83.74 20.48
C TYR B 1833 59.92 84.68 20.05
N VAL B 1834 58.94 84.90 20.92
CA VAL B 1834 57.84 85.80 20.60
C VAL B 1834 58.33 87.24 20.52
N SER B 1835 59.24 87.63 21.43
CA SER B 1835 59.82 88.97 21.34
C SER B 1835 60.62 89.15 20.05
N LYS B 1836 61.41 88.14 19.67
CA LYS B 1836 62.17 88.22 18.43
C LYS B 1836 61.26 88.29 17.20
N LEU B 1837 60.18 87.50 17.20
CA LEU B 1837 59.25 87.51 16.08
C LEU B 1837 58.51 88.84 15.99
N GLN B 1838 58.17 89.44 17.13
CA GLN B 1838 57.53 90.76 17.11
C GLN B 1838 58.46 91.81 16.53
N ALA B 1839 59.74 91.79 16.94
CA ALA B 1839 60.71 92.74 16.38
C ALA B 1839 60.89 92.53 14.88
N ASN B 1840 61.00 91.28 14.44
CA ASN B 1840 61.20 90.99 13.02
C ASN B 1840 60.00 91.40 12.19
N GLN B 1841 58.78 91.14 12.68
CA GLN B 1841 57.59 91.53 11.94
C GLN B 1841 57.42 93.05 11.91
N LYS B 1842 57.80 93.73 13.00
CA LYS B 1842 57.79 95.19 12.99
C LYS B 1842 58.74 95.75 11.95
N SER B 1843 59.95 95.18 11.86
CA SER B 1843 60.91 95.62 10.86
C SER B 1843 60.42 95.34 9.44
N ARG B 1844 59.83 94.17 9.22
CA ARG B 1844 59.32 93.82 7.90
C ARG B 1844 58.15 94.72 7.50
N TYR B 1845 57.26 95.03 8.43
CA TYR B 1845 56.14 95.93 8.14
C TYR B 1845 56.63 97.34 7.85
N ASN B 1846 57.64 97.82 8.59
CA ASN B 1846 58.23 99.12 8.32
C ASN B 1846 58.88 99.16 6.95
N GLU B 1847 59.56 98.07 6.56
CA GLU B 1847 60.15 97.98 5.24
C GLU B 1847 59.09 97.95 4.15
N LEU B 1848 57.99 97.24 4.39
CA LEU B 1848 56.91 97.15 3.42
C LEU B 1848 56.22 98.49 3.20
N MET B 1849 55.93 99.22 4.28
CA MET B 1849 55.28 100.51 4.14
C MET B 1849 56.21 101.58 3.59
N GLN B 1850 57.53 101.36 3.63
CA GLN B 1850 58.50 102.29 3.08
C GLN B 1850 58.81 102.04 1.61
N ALA B 1851 58.19 101.03 1.01
CA ALA B 1851 58.43 100.70 -0.40
C ALA B 1851 57.73 101.72 -1.29
N LEU B 1852 58.52 102.45 -2.09
CA LEU B 1852 57.96 103.50 -2.92
C LEU B 1852 57.19 102.95 -4.11
N ASN B 1853 57.74 101.92 -4.76
CA ASN B 1853 57.19 101.39 -6.01
C ASN B 1853 56.97 99.89 -5.89
N MET B 1854 56.34 99.46 -4.80
CA MET B 1854 56.04 98.06 -4.61
C MET B 1854 54.94 97.60 -5.57
N SER B 1855 55.03 96.35 -5.99
CA SER B 1855 54.03 95.77 -6.88
C SER B 1855 52.70 95.60 -6.17
N ALA B 1856 51.62 95.62 -6.95
CA ALA B 1856 50.28 95.51 -6.38
C ALA B 1856 50.01 94.12 -5.81
N ALA B 1857 50.46 93.08 -6.51
CA ALA B 1857 50.20 91.71 -6.05
C ALA B 1857 50.95 91.39 -4.77
N LEU B 1858 52.22 91.79 -4.69
CA LEU B 1858 53.02 91.54 -3.48
C LEU B 1858 52.48 92.33 -2.30
N THR B 1859 52.09 93.59 -2.52
CA THR B 1859 51.52 94.39 -1.45
C THR B 1859 50.18 93.83 -0.99
N ALA B 1860 49.36 93.35 -1.93
CA ALA B 1860 48.09 92.73 -1.56
C ALA B 1860 48.29 91.45 -0.76
N ARG B 1861 49.25 90.62 -1.16
CA ARG B 1861 49.54 89.40 -0.42
C ARG B 1861 50.08 89.71 0.98
N LYS B 1862 50.95 90.72 1.09
CA LYS B 1862 51.49 91.11 2.39
C LYS B 1862 50.40 91.69 3.29
N THR B 1863 49.49 92.48 2.73
CA THR B 1863 48.39 93.04 3.51
C THR B 1863 47.43 91.95 3.96
N ARG B 1864 47.19 90.94 3.11
CA ARG B 1864 46.34 89.82 3.50
C ARG B 1864 47.02 88.98 4.58
N GLU B 1865 48.34 88.85 4.52
CA GLU B 1865 49.07 88.16 5.59
C GLU B 1865 49.02 88.93 6.90
N PHE B 1866 49.11 90.27 6.83
CA PHE B 1866 49.09 91.08 8.04
C PHE B 1866 47.69 91.37 8.55
N ARG B 1867 46.66 91.03 7.79
CA ARG B 1867 45.28 91.17 8.25
C ARG B 1867 44.74 89.91 8.90
N SER B 1868 45.58 88.89 9.03
CA SER B 1868 45.17 87.63 9.64
C SER B 1868 44.99 87.82 11.16
N PRO B 1869 44.23 86.93 11.80
CA PRO B 1869 44.21 86.91 13.26
C PRO B 1869 45.58 86.56 13.80
N PRO B 1870 45.89 86.99 15.04
CA PRO B 1870 47.23 86.74 15.60
C PRO B 1870 47.60 85.26 15.70
N GLN B 1871 46.63 84.39 15.96
CA GLN B 1871 46.91 82.95 15.93
C GLN B 1871 47.27 82.49 14.53
N GLU B 1872 46.61 83.04 13.51
CA GLU B 1872 46.95 82.72 12.13
C GLU B 1872 48.34 83.26 11.77
N GLN B 1873 48.70 84.42 12.32
CA GLN B 1873 50.04 84.96 12.10
C GLN B 1873 51.11 84.06 12.73
N ILE B 1874 50.85 83.56 13.94
CA ILE B 1874 51.78 82.65 14.59
C ILE B 1874 51.89 81.34 13.82
N ASN B 1875 50.75 80.82 13.33
CA ASN B 1875 50.76 79.60 12.54
C ASN B 1875 51.54 79.78 11.25
N MET B 1876 51.39 80.94 10.59
CA MET B 1876 52.14 81.19 9.36
C MET B 1876 53.63 81.36 9.64
N LEU B 1877 53.98 82.00 10.76
CA LEU B 1877 55.38 82.20 11.09
C LEU B 1877 56.07 80.90 11.51
N LEU B 1878 55.34 79.99 12.14
CA LEU B 1878 55.97 78.78 12.67
C LEU B 1878 55.99 77.62 11.69
N ASN B 1879 55.08 77.60 10.73
CA ASN B 1879 55.06 76.51 9.75
C ASN B 1879 56.22 76.65 8.78
N PHE B 1880 57.31 75.93 9.04
CA PHE B 1880 58.49 76.02 8.17
C PHE B 1880 58.35 75.19 6.91
N GLN B 1881 57.30 74.35 6.83
CA GLN B 1881 57.05 73.57 5.62
C GLN B 1881 56.49 74.41 4.47
N LEU B 1882 56.11 75.67 4.74
CA LEU B 1882 55.58 76.52 3.69
C LEU B 1882 56.65 77.02 2.73
N GLY B 1883 57.92 76.95 3.13
CA GLY B 1883 59.01 77.36 2.27
C GLY B 1883 59.08 78.86 2.07
N GLU B 1884 58.82 79.31 0.83
CA GLU B 1884 58.82 80.75 0.55
C GLU B 1884 57.58 81.43 1.13
N ASN B 1885 56.49 80.70 1.31
CA ASN B 1885 55.28 81.27 1.87
C ASN B 1885 55.44 81.65 3.34
N CYS B 1886 56.35 81.01 4.05
CA CYS B 1886 56.61 81.37 5.44
C CYS B 1886 57.53 82.59 5.47
N PRO B 1887 57.15 83.67 6.15
CA PRO B 1887 57.98 84.89 6.13
C PRO B 1887 59.09 84.90 7.18
N CYS B 1888 59.40 83.73 7.74
CA CYS B 1888 60.40 83.66 8.80
C CYS B 1888 61.81 83.69 8.19
N PRO B 1889 62.69 84.56 8.68
CA PRO B 1889 64.08 84.54 8.23
C PRO B 1889 64.82 83.29 8.73
N GLU B 1890 66.00 83.07 8.15
CA GLU B 1890 66.74 81.82 8.35
C GLU B 1890 67.28 81.70 9.77
N GLU B 1891 67.70 82.80 10.38
CA GLU B 1891 68.30 82.75 11.72
C GLU B 1891 67.29 82.29 12.77
N ILE B 1892 66.07 82.80 12.69
CA ILE B 1892 65.02 82.41 13.64
C ILE B 1892 64.64 80.95 13.44
N ARG B 1893 64.64 80.49 12.18
CA ARG B 1893 64.39 79.08 11.90
C ARG B 1893 65.50 78.19 12.48
N GLU B 1894 66.75 78.65 12.39
CA GLU B 1894 67.86 77.89 12.97
C GLU B 1894 67.74 77.83 14.49
N GLU B 1895 67.34 78.94 15.11
CA GLU B 1895 67.17 78.95 16.57
C GLU B 1895 66.04 78.00 17.00
N LEU B 1896 64.92 77.99 16.27
CA LEU B 1896 63.82 77.10 16.62
C LEU B 1896 64.19 75.63 16.38
N TYR B 1897 64.95 75.36 15.31
CA TYR B 1897 65.45 74.01 15.06
C TYR B 1897 66.37 73.54 16.19
N ASP B 1898 67.26 74.42 16.65
CA ASP B 1898 68.16 74.06 17.74
C ASP B 1898 67.39 73.79 19.03
N PHE B 1899 66.39 74.62 19.34
CA PHE B 1899 65.61 74.38 20.55
C PHE B 1899 64.79 73.10 20.45
N HIS B 1900 64.24 72.81 19.27
CA HIS B 1900 63.49 71.56 19.10
C HIS B 1900 64.39 70.35 19.26
N GLU B 1901 65.61 70.42 18.71
CA GLU B 1901 66.56 69.33 18.89
C GLU B 1901 66.94 69.15 20.35
N ASP B 1902 67.17 70.25 21.06
CA ASP B 1902 67.50 70.17 22.49
C ASP B 1902 66.35 69.60 23.30
N LEU B 1903 65.11 70.00 23.00
CA LEU B 1903 63.95 69.47 23.70
C LEU B 1903 63.76 67.99 23.44
N LEU B 1904 64.00 67.55 22.19
CA LEU B 1904 63.84 66.14 21.89
C LEU B 1904 64.95 65.29 22.49
N ILE B 1905 66.16 65.84 22.61
CA ILE B 1905 67.24 65.13 23.30
C ILE B 1905 66.96 65.05 24.79
N HIS B 1906 66.46 66.14 25.38
CA HIS B 1906 66.19 66.18 26.81
C HIS B 1906 65.05 65.24 27.21
N CYS B 1907 64.14 64.94 26.29
CA CYS B 1907 63.02 64.05 26.56
C CYS B 1907 63.36 62.59 26.31
N GLY B 1908 64.61 62.28 26.00
CA GLY B 1908 65.02 60.91 25.79
C GLY B 1908 64.65 60.31 24.46
N VAL B 1909 64.28 61.13 23.49
CA VAL B 1909 63.90 60.66 22.16
C VAL B 1909 65.11 60.81 21.24
N PRO B 1910 65.71 59.72 20.75
CA PRO B 1910 66.89 59.79 19.88
C PRO B 1910 66.56 60.31 18.49
N GLU B 1950 74.32 46.65 29.09
CA GLU B 1950 74.52 47.94 28.45
C GLU B 1950 75.33 48.88 29.34
N ARG B 1951 75.11 50.18 29.18
CA ARG B 1951 75.83 51.18 29.95
C ARG B 1951 75.08 51.51 31.23
N CYS B 1952 75.83 52.02 32.21
CA CYS B 1952 75.23 52.49 33.46
C CYS B 1952 74.35 53.71 33.18
N PRO B 1953 73.29 53.89 33.98
CA PRO B 1953 72.38 55.02 33.73
C PRO B 1953 73.05 56.37 33.97
N THR B 1954 72.57 57.36 33.23
CA THR B 1954 73.02 58.73 33.36
C THR B 1954 71.88 59.71 33.65
N THR B 1955 70.70 59.47 33.09
CA THR B 1955 69.52 60.29 33.32
C THR B 1955 68.56 59.56 34.24
N LEU B 1956 67.48 60.25 34.61
CA LEU B 1956 66.48 59.65 35.48
C LEU B 1956 65.68 58.57 34.75
N LYS B 1957 65.42 58.77 33.45
CA LYS B 1957 64.62 57.83 32.68
C LYS B 1957 65.30 56.47 32.59
N GLU B 1958 66.60 56.45 32.31
CA GLU B 1958 67.33 55.21 32.22
C GLU B 1958 67.38 54.49 33.56
N LEU B 1959 67.59 55.24 34.64
CA LEU B 1959 67.62 54.66 35.98
C LEU B 1959 66.28 54.03 36.34
N ILE B 1960 65.18 54.72 36.05
CA ILE B 1960 63.86 54.21 36.39
C ILE B 1960 63.53 52.97 35.55
N SER B 1961 63.84 53.01 34.26
CA SER B 1961 63.58 51.87 33.40
C SER B 1961 64.36 50.63 33.82
N GLN B 1962 65.66 50.81 34.10
CA GLN B 1962 66.49 49.69 34.51
C GLN B 1962 66.06 49.16 35.88
N THR B 1963 65.66 50.06 36.79
CA THR B 1963 65.21 49.63 38.12
C THR B 1963 63.92 48.83 38.03
N MET B 1964 62.95 49.28 37.24
CA MET B 1964 61.69 48.55 37.11
C MET B 1964 61.90 47.20 36.44
N ILE B 1965 62.71 47.16 35.38
CA ILE B 1965 62.97 45.90 34.70
C ILE B 1965 63.71 44.93 35.62
N ARG B 1966 64.68 45.42 36.39
CA ARG B 1966 65.42 44.55 37.31
C ARG B 1966 64.54 44.04 38.44
N TRP B 1967 63.66 44.89 38.97
CA TRP B 1967 62.73 44.45 40.01
C TRP B 1967 61.78 43.38 39.50
N ALA B 1968 61.26 43.54 38.28
CA ALA B 1968 60.34 42.55 37.75
C ALA B 1968 61.05 41.27 37.33
N GLN B 1969 62.33 41.36 36.95
CA GLN B 1969 63.08 40.15 36.59
C GLN B 1969 63.52 39.37 37.82
N GLU B 1970 63.94 40.05 38.89
CA GLU B 1970 64.53 39.35 40.02
C GLU B 1970 63.48 38.60 40.83
N ASP B 1971 62.27 39.12 40.92
CA ASP B 1971 61.23 38.48 41.72
C ASP B 1971 59.91 38.55 40.97
N GLN B 1972 58.99 37.68 41.35
CA GLN B 1972 57.61 37.76 40.89
C GLN B 1972 56.82 38.56 41.93
N ILE B 1973 56.30 39.71 41.51
CA ILE B 1973 55.69 40.65 42.44
C ILE B 1973 54.33 40.12 42.88
N GLN B 1974 54.13 40.04 44.20
CA GLN B 1974 52.92 39.46 44.76
C GLN B 1974 51.85 40.49 45.10
N ASP B 1975 52.16 41.78 45.03
CA ASP B 1975 51.20 42.84 45.31
C ASP B 1975 50.73 43.45 44.00
N ALA B 1976 49.41 43.55 43.84
CA ALA B 1976 48.85 44.09 42.60
C ALA B 1976 49.13 45.59 42.48
N GLU B 1977 49.12 46.31 43.61
CA GLU B 1977 49.38 47.74 43.57
C GLU B 1977 50.83 48.02 43.17
N LEU B 1978 51.77 47.17 43.60
CA LEU B 1978 53.15 47.35 43.20
C LEU B 1978 53.35 47.06 41.71
N VAL B 1979 52.66 46.05 41.18
CA VAL B 1979 52.71 45.77 39.75
C VAL B 1979 52.17 46.97 38.96
N ARG B 1980 51.04 47.51 39.41
CA ARG B 1980 50.43 48.65 38.74
C ARG B 1980 51.34 49.88 38.78
N MET B 1981 51.93 50.16 39.93
CA MET B 1981 52.80 51.33 40.06
C MET B 1981 54.08 51.17 39.25
N MET B 1982 54.69 49.98 39.30
CA MET B 1982 55.91 49.72 38.55
C MET B 1982 55.70 49.85 37.06
N PHE B 1983 54.61 49.27 36.55
CA PHE B 1983 54.41 49.32 35.11
C PHE B 1983 53.87 50.65 34.64
N SER B 1984 53.13 51.38 35.47
CA SER B 1984 52.79 52.76 35.13
C SER B 1984 54.02 53.65 35.05
N LEU B 1985 54.91 53.52 36.03
CA LEU B 1985 56.14 54.29 36.03
C LEU B 1985 57.07 53.91 34.89
N LEU B 1986 57.07 52.64 34.51
CA LEU B 1986 57.86 52.20 33.36
C LEU B 1986 57.28 52.73 32.05
N GLN B 1987 55.95 52.72 31.92
CA GLN B 1987 55.31 53.18 30.70
C GLN B 1987 55.46 54.67 30.51
N ARG B 1988 55.39 55.45 31.60
CA ARG B 1988 55.48 56.89 31.43
C ARG B 1988 56.89 57.39 31.16
N GLN B 1989 57.91 56.53 31.27
CA GLN B 1989 59.25 56.92 30.85
C GLN B 1989 59.39 56.92 29.33
N TYR B 1990 58.57 56.13 28.64
CA TYR B 1990 58.59 56.04 27.20
C TYR B 1990 57.43 56.79 26.56
N ASP B 1991 56.84 57.72 27.29
CA ASP B 1991 55.76 58.57 26.84
C ASP B 1991 56.04 60.01 27.24
N SER B 1992 57.27 60.46 27.01
CA SER B 1992 57.68 61.78 27.46
C SER B 1992 57.06 62.88 26.61
N ILE B 1993 56.98 62.67 25.29
CA ILE B 1993 56.40 63.68 24.42
C ILE B 1993 54.89 63.77 24.63
N GLY B 1994 54.23 62.62 24.84
CA GLY B 1994 52.80 62.64 25.10
C GLY B 1994 52.45 63.31 26.41
N GLU B 1995 53.24 63.04 27.45
CA GLU B 1995 53.04 63.72 28.74
C GLU B 1995 53.35 65.20 28.64
N LEU B 1996 54.36 65.58 27.85
CA LEU B 1996 54.67 66.98 27.65
C LEU B 1996 53.53 67.70 26.92
N LEU B 1997 52.92 67.03 25.93
CA LEU B 1997 51.76 67.59 25.24
C LEU B 1997 50.58 67.74 26.19
N GLN B 1998 50.33 66.73 27.02
CA GLN B 1998 49.23 66.80 27.98
C GLN B 1998 49.46 67.92 28.99
N ALA B 1999 50.70 68.13 29.40
CA ALA B 1999 51.03 69.22 30.31
C ALA B 1999 50.86 70.58 29.64
N LEU B 2000 51.29 70.69 28.37
CA LEU B 2000 51.18 71.95 27.65
C LEU B 2000 49.74 72.31 27.30
N ARG B 2001 48.85 71.31 27.20
CA ARG B 2001 47.43 71.63 27.02
C ARG B 2001 46.84 72.34 28.24
N LYS B 2002 47.39 72.09 29.43
CA LYS B 2002 46.93 72.73 30.65
C LYS B 2002 47.89 73.80 31.14
N THR B 2003 48.75 74.31 30.25
CA THR B 2003 49.68 75.38 30.58
C THR B 2003 49.09 76.71 30.13
N TYR B 2004 49.09 77.69 31.02
CA TYR B 2004 48.61 79.03 30.69
C TYR B 2004 49.62 80.06 31.15
N THR B 2005 49.66 81.18 30.42
CA THR B 2005 50.62 82.24 30.64
C THR B 2005 49.86 83.54 30.93
N ILE B 2006 50.21 84.19 32.04
CA ILE B 2006 49.55 85.41 32.47
C ILE B 2006 50.56 86.54 32.58
N SER B 2007 50.09 87.71 33.02
CA SER B 2007 50.93 88.89 33.19
C SER B 2007 51.17 89.16 34.67
N GLN B 2008 52.04 90.14 34.94
CA GLN B 2008 52.41 90.46 36.32
C GLN B 2008 51.23 91.06 37.08
N ALA B 2009 50.54 92.04 36.49
CA ALA B 2009 49.42 92.70 37.14
C ALA B 2009 48.24 91.78 37.39
N SER B 2010 48.20 90.63 36.72
CA SER B 2010 47.17 89.62 36.93
C SER B 2010 47.65 88.48 37.82
N VAL B 2011 48.78 88.63 38.51
CA VAL B 2011 49.28 87.53 39.34
C VAL B 2011 48.43 87.37 40.59
N SER B 2012 48.32 88.44 41.40
CA SER B 2012 47.83 88.33 42.77
C SER B 2012 46.39 87.84 42.82
N ASP B 2013 45.52 88.43 42.00
CA ASP B 2013 44.13 87.98 41.90
C ASP B 2013 44.07 86.51 41.50
N THR B 2014 44.89 86.12 40.53
CA THR B 2014 44.97 84.72 40.11
C THR B 2014 45.29 83.82 41.29
N ILE B 2015 46.24 84.26 42.13
CA ILE B 2015 46.61 83.50 43.33
C ILE B 2015 45.39 83.30 44.21
N ASN B 2016 44.66 84.39 44.47
CA ASN B 2016 43.44 84.29 45.27
C ASN B 2016 42.46 83.33 44.62
N LEU B 2017 42.28 83.47 43.30
CA LEU B 2017 41.38 82.60 42.56
C LEU B 2017 41.82 81.15 42.70
N LEU B 2018 43.13 80.90 42.55
CA LEU B 2018 43.63 79.54 42.65
C LEU B 2018 43.38 78.99 44.05
N ALA B 2019 43.58 79.82 45.08
CA ALA B 2019 43.35 79.37 46.45
C ALA B 2019 41.90 78.95 46.62
N ALA B 2020 40.97 79.77 46.09
CA ALA B 2020 39.56 79.45 46.20
C ALA B 2020 39.25 78.15 45.49
N LEU B 2021 39.82 77.98 44.29
CA LEU B 2021 39.58 76.75 43.53
C LEU B 2021 40.11 75.55 44.30
N GLY B 2022 41.28 75.71 44.93
CA GLY B 2022 41.85 74.62 45.69
C GLY B 2022 40.92 74.19 46.81
N GLN B 2023 40.31 75.16 47.48
CA GLN B 2023 39.41 74.86 48.58
C GLN B 2023 38.23 74.02 48.09
N ILE B 2024 37.71 74.38 46.92
CA ILE B 2024 36.56 73.66 46.38
C ILE B 2024 36.95 72.23 46.05
N ARG B 2025 38.18 72.03 45.55
CA ARG B 2025 38.62 70.68 45.26
C ARG B 2025 38.80 69.88 46.54
N CYS B 2026 39.21 70.56 47.62
CA CYS B 2026 39.35 69.86 48.89
C CYS B 2026 38.01 69.50 49.50
N LEU B 2027 36.91 70.00 48.94
CA LEU B 2027 35.59 69.58 49.38
C LEU B 2027 34.97 68.53 48.47
N LEU B 2028 35.73 68.01 47.49
CA LEU B 2028 35.20 66.95 46.65
C LEU B 2028 35.20 65.59 47.34
N SER B 2029 35.97 65.44 48.41
CA SER B 2029 36.06 64.18 49.14
C SER B 2029 35.45 64.27 50.53
N VAL B 2030 34.58 65.25 50.76
CA VAL B 2030 33.96 65.47 52.07
C VAL B 2030 32.45 65.38 51.90
N ARG B 2031 31.80 64.60 52.77
CA ARG B 2031 30.36 64.39 52.71
C ARG B 2031 29.64 65.54 53.41
N MET B 2032 29.67 66.70 52.74
CA MET B 2032 28.77 67.83 52.96
C MET B 2032 28.76 68.34 54.40
N GLY B 2033 29.92 68.84 54.83
CA GLY B 2033 29.98 69.54 56.10
C GLY B 2033 29.29 70.89 56.00
N LYS B 2034 28.54 71.28 57.04
CA LYS B 2034 27.77 72.51 56.99
C LYS B 2034 28.69 73.73 56.98
N GLU B 2035 29.72 73.70 57.83
CA GLU B 2035 30.77 74.72 57.76
C GLU B 2035 31.48 74.65 56.42
N GLU B 2036 31.74 73.44 55.93
CA GLU B 2036 32.29 73.26 54.59
C GLU B 2036 31.32 73.74 53.51
N GLU B 2037 30.01 73.60 53.75
CA GLU B 2037 29.02 74.09 52.80
C GLU B 2037 29.03 75.61 52.68
N LEU B 2038 29.08 76.29 53.84
CA LEU B 2038 29.21 77.74 53.83
C LEU B 2038 30.53 78.18 53.20
N LEU B 2039 31.60 77.44 53.48
CA LEU B 2039 32.90 77.73 52.88
C LEU B 2039 32.86 77.58 51.36
N MET B 2040 32.15 76.58 50.85
CA MET B 2040 32.06 76.37 49.41
C MET B 2040 31.20 77.45 48.76
N ILE B 2041 30.12 77.86 49.42
CA ILE B 2041 29.29 78.96 48.91
C ILE B 2041 30.09 80.25 48.84
N ASN B 2042 30.86 80.55 49.88
CA ASN B 2042 31.69 81.74 49.88
C ASN B 2042 32.82 81.64 48.86
N GLY B 2043 33.34 80.42 48.63
CA GLY B 2043 34.36 80.25 47.62
C GLY B 2043 33.84 80.47 46.22
N LEU B 2044 32.63 79.98 45.93
CA LEU B 2044 32.00 80.24 44.63
C LEU B 2044 31.73 81.73 44.46
N GLY B 2045 31.28 82.40 45.53
CA GLY B 2045 31.06 83.83 45.46
C GLY B 2045 32.35 84.61 45.21
N ASP B 2046 33.45 84.19 45.85
CA ASP B 2046 34.72 84.85 45.63
C ASP B 2046 35.28 84.58 44.25
N ILE B 2047 35.01 83.41 43.68
CA ILE B 2047 35.44 83.13 42.32
C ILE B 2047 34.65 83.98 41.32
N MET B 2048 33.33 84.10 41.53
CA MET B 2048 32.50 84.86 40.59
C MET B 2048 32.83 86.34 40.59
N ASN B 2049 33.34 86.87 41.70
CA ASN B 2049 33.69 88.28 41.78
C ASN B 2049 35.11 88.59 41.33
N ASN B 2050 35.92 87.58 41.06
CA ASN B 2050 37.29 87.81 40.65
C ASN B 2050 37.35 88.31 39.21
N LYS B 2051 38.27 89.24 38.95
CA LYS B 2051 38.37 89.86 37.63
C LYS B 2051 38.83 88.85 36.58
N VAL B 2052 39.74 87.95 36.95
CA VAL B 2052 40.25 86.95 36.02
C VAL B 2052 39.16 85.96 35.60
N PHE B 2053 38.10 85.81 36.40
CA PHE B 2053 37.03 84.89 36.07
C PHE B 2053 36.25 85.33 34.83
N TYR B 2054 35.90 86.61 34.76
CA TYR B 2054 35.19 87.13 33.60
C TYR B 2054 36.08 87.89 32.64
N GLN B 2055 37.41 87.88 32.87
CA GLN B 2055 38.34 88.44 31.91
C GLN B 2055 39.25 87.41 31.25
N HIS B 2056 39.38 86.22 31.83
CA HIS B 2056 40.17 85.13 31.25
C HIS B 2056 39.35 83.86 31.28
N PRO B 2057 38.36 83.72 30.37
CA PRO B 2057 37.56 82.49 30.37
C PRO B 2057 38.33 81.26 29.91
N ASN B 2058 39.36 81.44 29.08
CA ASN B 2058 40.19 80.31 28.66
C ASN B 2058 40.95 79.72 29.84
N LEU B 2059 41.42 80.57 30.75
CA LEU B 2059 42.08 80.07 31.96
C LEU B 2059 41.12 79.30 32.83
N MET B 2060 39.87 79.76 32.93
CA MET B 2060 38.86 79.04 33.72
C MET B 2060 38.48 77.72 33.07
N ARG B 2061 38.53 77.63 31.75
CA ARG B 2061 38.28 76.34 31.10
C ARG B 2061 39.46 75.39 31.22
N VAL B 2062 40.69 75.93 31.23
CA VAL B 2062 41.86 75.10 31.47
C VAL B 2062 41.85 74.56 32.88
N LEU B 2063 41.50 75.41 33.87
CA LEU B 2063 41.43 74.97 35.25
C LEU B 2063 40.28 74.00 35.52
N GLY B 2064 39.30 73.94 34.63
CA GLY B 2064 38.16 73.05 34.80
C GLY B 2064 37.26 73.37 35.96
N MET B 2065 36.90 74.65 36.13
CA MET B 2065 36.02 75.05 37.23
C MET B 2065 34.62 74.47 37.06
N HIS B 2066 34.10 74.47 35.83
CA HIS B 2066 32.75 74.01 35.58
C HIS B 2066 32.61 72.52 35.87
N GLU B 2067 33.63 71.73 35.54
CA GLU B 2067 33.61 70.31 35.85
C GLU B 2067 33.63 70.06 37.35
N THR B 2068 34.41 70.84 38.10
CA THR B 2068 34.44 70.70 39.55
C THR B 2068 33.11 71.07 40.18
N VAL B 2069 32.48 72.15 39.71
CA VAL B 2069 31.19 72.55 40.25
C VAL B 2069 30.10 71.54 39.87
N MET B 2070 30.19 70.98 38.66
CA MET B 2070 29.29 69.90 38.28
C MET B 2070 29.46 68.67 39.16
N GLU B 2071 30.71 68.33 39.50
CA GLU B 2071 30.97 67.23 40.43
C GLU B 2071 30.37 67.49 41.80
N VAL B 2072 30.50 68.73 42.28
CA VAL B 2072 29.91 69.10 43.58
C VAL B 2072 28.40 68.96 43.54
N MET B 2073 27.77 69.45 42.47
CA MET B 2073 26.32 69.41 42.35
C MET B 2073 25.81 67.98 42.22
N VAL B 2074 26.54 67.13 41.49
CA VAL B 2074 26.19 65.72 41.39
C VAL B 2074 26.32 65.03 42.74
N ASP B 2075 27.38 65.35 43.50
CA ASP B 2075 27.59 64.74 44.81
C ASP B 2075 26.50 65.14 45.79
N VAL B 2076 26.02 66.38 45.72
CA VAL B 2076 24.92 66.79 46.58
C VAL B 2076 23.63 66.06 46.21
N LEU B 2077 23.32 66.02 44.91
CA LEU B 2077 22.12 65.34 44.44
C LEU B 2077 22.29 63.82 44.52
N ILE B 2084 18.01 67.79 46.30
CA ILE B 2084 18.22 66.89 47.44
C ILE B 2084 17.93 67.62 48.74
N ALA B 2085 18.74 67.37 49.76
CA ALA B 2085 18.54 67.94 51.08
C ALA B 2085 19.29 69.26 51.28
N PHE B 2086 20.01 69.73 50.27
CA PHE B 2086 20.80 70.97 50.37
C PHE B 2086 20.45 71.86 49.19
N PRO B 2087 19.35 72.62 49.27
CA PRO B 2087 18.96 73.46 48.14
C PRO B 2087 19.87 74.65 47.91
N LYS B 2088 20.50 75.19 48.96
CA LYS B 2088 21.32 76.38 48.81
C LYS B 2088 22.61 76.10 48.05
N MET B 2089 23.24 74.95 48.32
CA MET B 2089 24.45 74.57 47.60
C MET B 2089 24.17 74.35 46.12
N VAL B 2090 23.07 73.66 45.81
CA VAL B 2090 22.69 73.43 44.41
C VAL B 2090 22.35 74.75 43.73
N ALA B 2091 21.68 75.66 44.45
CA ALA B 2091 21.35 76.96 43.89
C ALA B 2091 22.60 77.78 43.58
N SER B 2092 23.58 77.77 44.49
CA SER B 2092 24.83 78.50 44.24
C SER B 2092 25.62 77.89 43.08
N CYS B 2093 25.65 76.55 43.00
CA CYS B 2093 26.31 75.89 41.89
C CYS B 2093 25.64 76.23 40.56
N CYS B 2094 24.30 76.25 40.54
CA CYS B 2094 23.58 76.54 39.32
C CYS B 2094 23.75 78.00 38.89
N ARG B 2095 23.78 78.92 39.84
CA ARG B 2095 24.04 80.32 39.50
C ARG B 2095 25.44 80.48 38.93
N PHE B 2096 26.43 79.79 39.53
CA PHE B 2096 27.80 79.82 39.01
C PHE B 2096 27.85 79.29 37.59
N LEU B 2097 27.18 78.17 37.33
CA LEU B 2097 27.24 77.56 36.00
C LEU B 2097 26.51 78.40 34.96
N CYS B 2098 25.39 79.02 35.34
CA CYS B 2098 24.68 79.91 34.42
C CYS B 2098 25.51 81.14 34.06
N TYR B 2099 26.17 81.74 35.05
CA TYR B 2099 27.04 82.88 34.76
C TYR B 2099 28.24 82.46 33.91
N PHE B 2100 28.77 81.26 34.18
CA PHE B 2100 29.86 80.72 33.39
C PHE B 2100 29.45 80.53 31.92
N CYS B 2101 28.23 80.03 31.69
CA CYS B 2101 27.72 79.93 30.32
C CYS B 2101 27.55 81.31 29.70
N ARG B 2102 27.08 82.28 30.48
CA ARG B 2102 26.84 83.62 29.93
C ARG B 2102 28.12 84.38 29.62
N ILE B 2103 29.26 83.94 30.16
CA ILE B 2103 30.51 84.68 29.93
C ILE B 2103 30.93 84.60 28.46
N SER B 2104 30.93 83.40 27.88
CA SER B 2104 31.48 83.24 26.53
C SER B 2104 30.81 82.07 25.83
N ARG B 2105 31.03 82.01 24.50
CA ARG B 2105 30.46 80.95 23.70
C ARG B 2105 31.18 79.62 23.89
N GLN B 2106 32.50 79.67 24.11
CA GLN B 2106 33.26 78.45 24.33
C GLN B 2106 32.90 77.81 25.68
N ASN B 2107 32.68 78.65 26.69
CA ASN B 2107 32.18 78.15 27.98
C ASN B 2107 30.79 77.54 27.81
N GLN B 2108 29.97 78.15 26.96
CA GLN B 2108 28.64 77.63 26.67
C GLN B 2108 28.72 76.25 26.02
N LYS B 2109 29.66 76.07 25.08
CA LYS B 2109 29.86 74.76 24.47
C LYS B 2109 30.38 73.73 25.47
N ALA B 2110 31.30 74.16 26.34
CA ALA B 2110 31.86 73.27 27.35
C ALA B 2110 30.79 72.78 28.31
N MET B 2111 29.87 73.66 28.73
CA MET B 2111 28.75 73.21 29.54
C MET B 2111 27.68 72.48 28.75
N PHE B 2112 27.57 72.74 27.45
CA PHE B 2112 26.66 71.99 26.59
C PHE B 2112 27.09 70.55 26.45
N GLU B 2113 28.38 70.26 26.63
CA GLU B 2113 28.84 68.88 26.61
C GLU B 2113 28.24 68.02 27.73
N HIS B 2114 27.72 68.64 28.79
CA HIS B 2114 27.14 67.90 29.93
C HIS B 2114 25.62 68.01 29.98
N LEU B 2115 24.99 68.25 28.82
CA LEU B 2115 23.55 68.49 28.77
C LEU B 2115 22.74 67.26 29.13
N SER B 2116 23.24 66.07 28.80
CA SER B 2116 22.51 64.84 29.12
C SER B 2116 22.40 64.64 30.62
N TYR B 2117 23.49 64.87 31.36
CA TYR B 2117 23.43 64.75 32.80
C TYR B 2117 22.71 65.93 33.44
N LEU B 2118 22.75 67.10 32.82
CA LEU B 2118 21.94 68.23 33.31
C LEU B 2118 20.46 67.93 33.19
N LEU B 2119 20.04 67.31 32.09
CA LEU B 2119 18.64 66.97 31.88
C LEU B 2119 18.21 65.72 32.63
N GLU B 2120 19.17 64.87 33.04
CA GLU B 2120 18.82 63.71 33.85
C GLU B 2120 18.28 64.13 35.21
N ASN B 2121 19.00 64.99 35.91
CA ASN B 2121 18.54 65.55 37.19
C ASN B 2121 17.96 66.95 36.98
N SER B 2122 16.87 67.01 36.22
CA SER B 2122 16.26 68.28 35.85
C SER B 2122 14.88 68.48 36.46
N SER B 2123 14.44 67.56 37.32
CA SER B 2123 13.17 67.71 38.02
C SER B 2123 13.38 68.12 39.48
N VAL B 2124 14.41 68.92 39.75
CA VAL B 2124 14.83 69.26 41.09
C VAL B 2124 14.63 70.76 41.30
N GLY B 2125 13.83 71.11 42.31
CA GLY B 2125 13.64 72.50 42.66
C GLY B 2125 12.71 73.29 41.77
N LEU B 2126 12.00 72.63 40.85
CA LEU B 2126 11.13 73.35 39.94
C LEU B 2126 9.84 73.83 40.61
N ALA B 2127 9.46 73.23 41.73
CA ALA B 2127 8.24 73.64 42.41
C ALA B 2127 8.43 74.93 43.20
N SER B 2128 9.63 75.17 43.72
CA SER B 2128 9.90 76.38 44.49
C SER B 2128 10.06 77.57 43.56
N PRO B 2129 9.28 78.64 43.71
CA PRO B 2129 9.42 79.79 42.81
C PRO B 2129 10.65 80.62 43.09
N SER B 2130 11.29 80.46 44.26
CA SER B 2130 12.47 81.25 44.59
C SER B 2130 13.74 80.68 43.97
N MET B 2131 13.69 79.52 43.33
CA MET B 2131 14.86 78.89 42.74
C MET B 2131 14.87 79.00 41.21
N ARG B 2132 14.14 79.95 40.64
CA ARG B 2132 14.20 80.17 39.20
C ARG B 2132 15.55 80.78 38.84
N GLY B 2133 16.23 80.18 37.86
CA GLY B 2133 17.60 80.52 37.59
C GLY B 2133 18.61 79.81 38.47
N SER B 2134 18.15 78.93 39.37
CA SER B 2134 19.01 78.24 40.31
C SER B 2134 18.71 76.75 40.33
N THR B 2135 18.30 76.20 39.19
CA THR B 2135 17.98 74.80 39.03
C THR B 2135 18.79 74.23 37.88
N PRO B 2136 19.06 72.92 37.87
CA PRO B 2136 19.80 72.32 36.74
C PRO B 2136 19.09 72.46 35.40
N LEU B 2137 17.76 72.61 35.39
CA LEU B 2137 17.06 72.89 34.15
C LEU B 2137 17.46 74.25 33.59
N ASP B 2138 17.68 75.24 34.47
CA ASP B 2138 18.11 76.55 34.01
C ASP B 2138 19.55 76.51 33.47
N VAL B 2139 20.40 75.67 34.07
CA VAL B 2139 21.75 75.49 33.54
C VAL B 2139 21.71 74.80 32.19
N ALA B 2140 20.81 73.82 32.04
CA ALA B 2140 20.63 73.16 30.75
C ALA B 2140 20.09 74.10 29.69
N ALA B 2141 19.24 75.05 30.09
CA ALA B 2141 18.74 76.04 29.15
C ALA B 2141 19.82 77.03 28.76
N SER B 2142 20.64 77.47 29.73
CA SER B 2142 21.64 78.50 29.48
C SER B 2142 22.76 78.02 28.57
N SER B 2143 22.97 76.72 28.45
CA SER B 2143 23.99 76.18 27.58
C SER B 2143 23.55 76.06 26.14
N VAL B 2144 22.31 76.44 25.81
CA VAL B 2144 21.78 76.30 24.46
C VAL B 2144 21.12 77.61 24.04
N MET B 2145 21.07 78.58 24.96
CA MET B 2145 20.37 79.83 24.74
C MET B 2145 21.04 80.66 23.65
N ASP B 2146 20.31 80.91 22.56
CA ASP B 2146 20.71 81.80 21.47
C ASP B 2146 22.06 81.40 20.86
N ASN B 2147 22.28 80.09 20.74
CA ASN B 2147 23.46 79.55 20.08
C ASN B 2147 22.95 78.64 18.97
N ASN B 2148 23.05 79.11 17.73
CA ASN B 2148 22.47 78.37 16.61
C ASN B 2148 23.29 77.12 16.27
N GLU B 2149 24.60 77.16 16.54
CA GLU B 2149 25.42 75.98 16.34
C GLU B 2149 25.07 74.88 17.34
N LEU B 2150 24.89 75.26 18.61
CA LEU B 2150 24.60 74.29 19.65
C LEU B 2150 23.15 73.81 19.60
N ALA B 2151 22.23 74.65 19.14
CA ALA B 2151 20.84 74.23 19.02
C ALA B 2151 20.64 73.21 17.91
N LEU B 2152 21.48 73.26 16.87
CA LEU B 2152 21.49 72.22 15.85
C LEU B 2152 22.18 70.95 16.32
N GLY B 2153 22.87 70.99 17.46
CA GLY B 2153 23.50 69.83 18.04
C GLY B 2153 22.65 69.06 19.01
N LEU B 2154 21.38 69.41 19.17
CA LEU B 2154 20.51 68.71 20.10
C LEU B 2154 20.18 67.31 19.58
N GLU B 2155 19.82 66.44 20.51
CA GLU B 2155 19.47 65.06 20.20
C GLU B 2155 18.00 64.82 20.54
N GLU B 2156 17.37 63.96 19.75
CA GLU B 2156 15.99 63.57 20.04
C GLU B 2156 15.77 62.91 21.40
N PRO B 2157 16.66 62.04 21.92
CA PRO B 2157 16.43 61.52 23.30
C PRO B 2157 16.39 62.59 24.38
N ASP B 2158 17.15 63.68 24.26
CA ASP B 2158 17.11 64.73 25.27
C ASP B 2158 15.76 65.45 25.27
N LEU B 2159 15.30 65.84 24.09
CA LEU B 2159 14.00 66.49 23.98
C LEU B 2159 12.88 65.54 24.37
N GLU B 2160 13.04 64.25 24.07
CA GLU B 2160 12.06 63.25 24.48
C GLU B 2160 12.04 63.08 25.99
N LYS B 2161 13.19 63.20 26.65
CA LYS B 2161 13.25 63.17 28.11
C LYS B 2161 12.51 64.36 28.70
N VAL B 2162 12.70 65.55 28.12
CA VAL B 2162 12.00 66.74 28.60
C VAL B 2162 10.50 66.61 28.37
N VAL B 2163 10.09 66.06 27.22
CA VAL B 2163 8.68 65.85 26.93
C VAL B 2163 8.09 64.79 27.85
N THR B 2164 8.87 63.77 28.23
CA THR B 2164 8.40 62.78 29.19
C THR B 2164 8.17 63.41 30.57
N TYR B 2165 9.09 64.29 30.99
CA TYR B 2165 8.88 65.03 32.24
C TYR B 2165 7.63 65.90 32.17
N LEU B 2166 7.42 66.58 31.02
CA LEU B 2166 6.25 67.43 30.84
C LEU B 2166 4.96 66.63 30.85
N ALA B 2167 4.98 65.43 30.25
CA ALA B 2167 3.81 64.56 30.27
C ALA B 2167 3.52 64.07 31.67
N GLY B 2168 4.57 63.77 32.44
CA GLY B 2168 4.39 63.45 33.85
C GLY B 2168 3.81 64.60 34.65
N CYS B 2169 4.16 65.84 34.28
CA CYS B 2169 3.60 66.99 34.95
C CYS B 2169 2.13 67.22 34.59
N GLY B 2170 1.70 66.78 33.42
CA GLY B 2170 0.33 66.97 33.02
C GLY B 2170 -0.66 65.92 33.48
N LEU B 2171 -0.21 64.97 34.30
CA LEU B 2171 -1.05 63.87 34.74
C LEU B 2171 -1.39 63.92 36.22
N GLN B 2172 -0.43 64.26 37.09
CA GLN B 2172 -0.64 64.19 38.52
C GLN B 2172 -0.19 65.49 39.18
N SER B 2173 -0.77 65.76 40.35
CA SER B 2173 -0.48 67.00 41.07
C SER B 2173 0.90 66.95 41.69
N CYS B 2174 1.40 68.12 42.06
CA CYS B 2174 2.71 68.21 42.68
C CYS B 2174 2.62 67.83 44.15
N PRO B 2175 3.38 66.83 44.61
CA PRO B 2175 3.33 66.47 46.04
C PRO B 2175 3.78 67.58 46.97
N MET B 2176 4.72 68.43 46.55
CA MET B 2176 5.16 69.54 47.39
C MET B 2176 4.05 70.55 47.59
N LEU B 2177 3.30 70.87 46.53
CA LEU B 2177 2.16 71.76 46.66
C LEU B 2177 0.97 71.08 47.32
N LEU B 2178 0.83 69.77 47.15
CA LEU B 2178 -0.27 69.06 47.77
C LEU B 2178 -0.05 68.90 49.27
N ALA B 2179 1.20 68.88 49.73
CA ALA B 2179 1.47 68.82 51.15
C ALA B 2179 1.13 70.12 51.86
N LYS B 2180 1.24 71.25 51.16
CA LYS B 2180 1.00 72.56 51.76
C LYS B 2180 -0.48 72.93 51.81
N GLY B 2181 -1.37 72.09 51.31
CA GLY B 2181 -2.79 72.33 51.41
C GLY B 2181 -3.46 72.93 50.19
N TYR B 2182 -2.75 73.03 49.08
CA TYR B 2182 -3.37 73.53 47.85
C TYR B 2182 -4.38 72.52 47.33
N PRO B 2183 -5.46 72.98 46.70
CA PRO B 2183 -6.47 72.06 46.18
C PRO B 2183 -5.92 71.18 45.06
N ASP B 2184 -6.45 69.98 44.97
CA ASP B 2184 -6.01 68.99 43.98
C ASP B 2184 -6.69 69.31 42.65
N VAL B 2185 -6.00 70.09 41.82
CA VAL B 2185 -6.53 70.42 40.50
C VAL B 2185 -6.40 69.24 39.55
N GLY B 2186 -5.58 68.25 39.88
CA GLY B 2186 -5.44 67.06 39.07
C GLY B 2186 -4.21 67.02 38.19
N TRP B 2187 -3.42 68.08 38.15
CA TRP B 2187 -2.23 68.13 37.32
C TRP B 2187 -1.26 69.14 37.93
N ASN B 2188 -0.09 69.27 37.32
CA ASN B 2188 0.99 70.11 37.85
C ASN B 2188 1.31 71.20 36.84
N PRO B 2189 0.70 72.38 36.95
CA PRO B 2189 0.98 73.48 36.03
C PRO B 2189 2.17 74.34 36.39
N ILE B 2190 2.90 74.03 37.46
CA ILE B 2190 4.00 74.89 37.91
C ILE B 2190 5.31 74.46 37.28
N GLU B 2191 5.63 73.16 37.31
CA GLU B 2191 6.84 72.67 36.67
C GLU B 2191 6.68 72.49 35.17
N GLY B 2192 5.44 72.29 34.70
CA GLY B 2192 5.18 72.22 33.28
C GLY B 2192 5.58 73.49 32.56
N GLU B 2193 5.37 74.64 33.19
CA GLU B 2193 5.83 75.91 32.63
C GLU B 2193 7.35 75.94 32.49
N ARG B 2194 8.07 75.35 33.44
CA ARG B 2194 9.53 75.30 33.37
C ARG B 2194 9.99 74.43 32.20
N TYR B 2195 9.36 73.27 32.01
CA TYR B 2195 9.72 72.41 30.87
C TYR B 2195 9.35 73.08 29.55
N LEU B 2196 8.23 73.79 29.51
CA LEU B 2196 7.85 74.53 28.31
C LEU B 2196 8.85 75.65 28.01
N SER B 2197 9.37 76.29 29.06
CA SER B 2197 10.38 77.34 28.87
C SER B 2197 11.67 76.77 28.30
N PHE B 2198 12.10 75.60 28.78
CA PHE B 2198 13.28 74.96 28.20
C PHE B 2198 13.06 74.59 26.75
N LEU B 2199 11.88 74.03 26.43
CA LEU B 2199 11.59 73.69 25.04
C LEU B 2199 11.52 74.93 24.15
N ARG B 2200 11.01 76.04 24.69
CA ARG B 2200 11.01 77.30 23.97
C ARG B 2200 12.43 77.77 23.66
N PHE B 2201 13.34 77.63 24.63
CA PHE B 2201 14.74 77.96 24.36
C PHE B 2201 15.36 77.01 23.35
N ALA B 2202 14.86 75.77 23.29
CA ALA B 2202 15.41 74.81 22.34
C ALA B 2202 14.98 75.10 20.91
N VAL B 2203 13.71 75.48 20.70
CA VAL B 2203 13.17 75.56 19.34
C VAL B 2203 13.28 76.93 18.70
N PHE B 2204 13.83 77.94 19.40
CA PHE B 2204 13.82 79.30 18.89
C PHE B 2204 15.14 79.98 19.26
N VAL B 2205 15.93 80.36 18.25
CA VAL B 2205 17.24 80.95 18.44
C VAL B 2205 17.34 82.19 17.55
N ASN B 2206 17.57 83.35 18.17
CA ASN B 2206 17.88 84.62 17.50
C ASN B 2206 16.79 85.02 16.50
N SER B 2207 15.57 85.15 17.03
CA SER B 2207 14.39 85.63 16.31
C SER B 2207 14.00 84.75 15.13
N GLU B 2208 14.46 83.52 15.07
CA GLU B 2208 14.06 82.57 14.05
C GLU B 2208 13.98 81.17 14.65
N SER B 2209 12.98 80.41 14.22
CA SER B 2209 12.79 79.06 14.74
C SER B 2209 13.72 78.08 14.04
N VAL B 2210 14.22 77.12 14.82
CA VAL B 2210 14.99 76.01 14.26
C VAL B 2210 14.01 74.95 13.79
N GLU B 2211 13.99 74.71 12.48
CA GLU B 2211 12.93 73.89 11.88
C GLU B 2211 12.97 72.44 12.35
N GLU B 2212 14.18 71.88 12.48
CA GLU B 2212 14.31 70.47 12.88
C GLU B 2212 13.89 70.27 14.32
N ASN B 2213 14.36 71.14 15.21
CA ASN B 2213 13.98 71.06 16.62
C ASN B 2213 12.48 71.31 16.80
N ALA B 2214 11.93 72.26 16.05
CA ALA B 2214 10.49 72.55 16.16
C ALA B 2214 9.65 71.37 15.69
N SER B 2215 10.06 70.74 14.58
CA SER B 2215 9.32 69.57 14.09
C SER B 2215 9.40 68.40 15.06
N VAL B 2216 10.60 68.17 15.63
CA VAL B 2216 10.77 67.08 16.60
C VAL B 2216 9.92 67.34 17.84
N VAL B 2217 9.93 68.57 18.35
CA VAL B 2217 9.16 68.91 19.55
C VAL B 2217 7.67 68.80 19.29
N VAL B 2218 7.20 69.25 18.13
CA VAL B 2218 5.77 69.16 17.81
C VAL B 2218 5.34 67.70 17.69
N LYS B 2219 6.16 66.87 17.03
CA LYS B 2219 5.86 65.44 16.93
C LYS B 2219 5.80 64.77 18.30
N LEU B 2220 6.77 65.08 19.17
CA LEU B 2220 6.77 64.49 20.51
C LEU B 2220 5.60 64.98 21.35
N LEU B 2221 5.17 66.23 21.17
CA LEU B 2221 4.06 66.76 21.93
C LEU B 2221 2.74 66.16 21.47
N ILE B 2222 2.56 65.96 20.16
CA ILE B 2222 1.30 65.38 19.70
C ILE B 2222 1.25 63.87 19.90
N ARG B 2223 2.40 63.20 20.04
CA ARG B 2223 2.37 61.80 20.40
C ARG B 2223 2.00 61.55 21.85
N ARG B 2224 2.14 62.57 22.71
CA ARG B 2224 1.73 62.50 24.11
C ARG B 2224 0.91 63.75 24.41
N PRO B 2225 -0.40 63.74 24.11
CA PRO B 2225 -1.21 64.96 24.23
C PRO B 2225 -1.46 65.41 25.66
N GLU B 2226 -1.12 64.60 26.66
CA GLU B 2226 -1.28 65.03 28.06
C GLU B 2226 -0.32 66.16 28.42
N CYS B 2227 0.70 66.41 27.60
CA CYS B 2227 1.52 67.61 27.77
C CYS B 2227 0.73 68.88 27.53
N PHE B 2228 -0.34 68.80 26.72
CA PHE B 2228 -1.11 69.99 26.38
C PHE B 2228 -2.01 70.45 27.52
N GLY B 2229 -2.15 69.65 28.58
CA GLY B 2229 -2.98 70.02 29.69
C GLY B 2229 -4.40 69.51 29.55
N PRO B 2230 -5.20 69.69 30.61
CA PRO B 2230 -6.60 69.19 30.58
C PRO B 2230 -7.48 69.88 29.54
N ALA B 2231 -7.11 71.08 29.11
CA ALA B 2231 -7.96 71.82 28.17
C ALA B 2231 -7.88 71.25 26.77
N LEU B 2232 -6.67 70.87 26.33
CA LEU B 2232 -6.45 70.45 24.95
C LEU B 2232 -6.26 68.94 24.84
N ARG B 2233 -6.82 68.18 25.77
CA ARG B 2233 -6.63 66.73 25.75
C ARG B 2233 -7.49 66.07 24.68
N GLY B 2234 -8.61 66.69 24.32
CA GLY B 2234 -9.55 66.09 23.40
C GLY B 2234 -10.44 65.06 24.07
N GLU B 2235 -11.68 65.00 23.59
CA GLU B 2235 -12.75 64.15 24.14
C GLU B 2235 -12.94 64.41 25.63
N GLY B 2236 -13.33 65.65 25.93
CA GLY B 2236 -13.55 66.06 27.31
C GLY B 2236 -12.92 67.40 27.62
N GLY B 2237 -11.94 67.80 26.84
CA GLY B 2237 -11.30 69.10 27.03
C GLY B 2237 -12.24 70.22 26.61
N ASN B 2238 -12.39 71.22 27.48
CA ASN B 2238 -13.29 72.33 27.18
C ASN B 2238 -12.72 73.25 26.12
N GLY B 2239 -11.44 73.59 26.21
CA GLY B 2239 -10.82 74.49 25.26
C GLY B 2239 -9.88 75.48 25.90
N LEU B 2240 -9.13 76.21 25.08
CA LEU B 2240 -8.13 77.15 25.59
C LEU B 2240 -8.77 78.34 26.29
N LEU B 2241 -9.75 78.96 25.62
CA LEU B 2241 -10.42 80.13 26.18
C LEU B 2241 -11.22 79.77 27.42
N ALA B 2242 -11.89 78.61 27.39
CA ALA B 2242 -12.61 78.13 28.57
C ALA B 2242 -11.67 77.85 29.73
N ALA B 2243 -10.47 77.33 29.43
CA ALA B 2243 -9.47 77.12 30.46
C ALA B 2243 -9.00 78.43 31.08
N MET B 2244 -8.77 79.45 30.24
CA MET B 2244 -8.33 80.73 30.76
C MET B 2244 -9.41 81.40 31.60
N GLN B 2245 -10.67 81.31 31.17
CA GLN B 2245 -11.78 81.85 31.96
C GLN B 2245 -11.95 81.09 33.27
N GLY B 2246 -11.77 79.76 33.25
CA GLY B 2246 -11.83 78.99 34.47
C GLY B 2246 -10.69 79.33 35.42
N ALA B 2247 -9.50 79.61 34.88
CA ALA B 2247 -8.39 80.03 35.72
C ALA B 2247 -8.65 81.40 36.33
N ILE B 2248 -9.32 82.29 35.60
CA ILE B 2248 -9.70 83.58 36.17
C ILE B 2248 -10.72 83.39 37.29
N LYS B 2249 -11.68 82.48 37.11
CA LYS B 2249 -12.63 82.16 38.17
C LYS B 2249 -11.93 81.56 39.39
N ILE B 2250 -10.92 80.70 39.15
CA ILE B 2250 -10.14 80.14 40.25
C ILE B 2250 -9.41 81.23 41.01
N SER B 2251 -8.82 82.19 40.27
CA SER B 2251 -8.12 83.30 40.91
C SER B 2251 -9.08 84.21 41.68
N GLU B 2252 -10.35 84.26 41.28
CA GLU B 2252 -11.31 85.06 42.02
C GLU B 2252 -11.75 84.41 43.32
N ASN B 2253 -11.69 83.07 43.40
CA ASN B 2253 -12.13 82.36 44.61
C ASN B 2253 -10.93 82.06 45.49
N PRO B 2254 -10.85 82.62 46.70
CA PRO B 2254 -9.71 82.33 47.58
C PRO B 2254 -9.65 80.89 48.08
N ALA B 2255 -10.77 80.17 48.07
CA ALA B 2255 -10.75 78.77 48.51
C ALA B 2255 -9.98 77.90 47.53
N LEU B 2256 -10.08 78.20 46.23
CA LEU B 2256 -9.39 77.44 45.20
C LEU B 2256 -8.00 77.99 44.89
N ASP B 2257 -7.83 79.31 44.96
CA ASP B 2257 -6.57 79.92 44.62
C ASP B 2257 -5.49 79.64 45.67
N LEU B 2258 -5.88 79.56 46.93
CA LEU B 2258 -4.97 79.48 48.07
C LEU B 2258 -5.38 78.33 48.96
N PRO B 2259 -4.46 77.80 49.77
CA PRO B 2259 -4.85 76.78 50.75
C PRO B 2259 -5.71 77.36 51.86
N SER B 2260 -6.38 76.47 52.58
CA SER B 2260 -7.26 76.88 53.66
C SER B 2260 -6.45 77.51 54.79
N GLN B 2261 -7.04 78.51 55.44
CA GLN B 2261 -6.35 79.24 56.50
C GLN B 2261 -6.15 78.35 57.71
N GLY B 2262 -4.93 78.35 58.25
CA GLY B 2262 -4.54 77.48 59.33
C GLY B 2262 -3.74 76.27 58.89
N TYR B 2263 -3.71 75.97 57.60
CA TYR B 2263 -2.90 74.87 57.07
C TYR B 2263 -1.46 75.38 56.92
N LYS B 2264 -0.58 74.92 57.80
CA LYS B 2264 0.83 75.33 57.75
C LYS B 2264 1.72 74.27 58.38
N GLU B 2274 7.94 81.62 51.42
CA GLU B 2274 8.11 83.07 51.41
C GLU B 2274 7.35 83.70 50.25
N GLU B 2275 6.93 82.87 49.30
CA GLU B 2275 6.17 83.32 48.13
C GLU B 2275 5.12 82.26 47.82
N ILE B 2276 3.85 82.65 47.91
CA ILE B 2276 2.76 81.72 47.63
C ILE B 2276 2.57 81.56 46.13
N VAL B 2277 2.18 80.37 45.71
CA VAL B 2277 1.96 80.06 44.31
C VAL B 2277 0.45 80.02 44.10
N HIS B 2278 -0.11 81.11 43.57
CA HIS B 2278 -1.53 81.14 43.25
C HIS B 2278 -1.83 80.19 42.10
N MET B 2279 -2.91 79.44 42.23
CA MET B 2279 -3.19 78.37 41.27
C MET B 2279 -3.72 78.91 39.95
N GLY B 2280 -4.57 79.95 40.01
CA GLY B 2280 -5.10 80.52 38.78
C GLY B 2280 -4.02 81.13 37.91
N ASN B 2281 -3.12 81.90 38.52
CA ASN B 2281 -2.01 82.47 37.78
C ASN B 2281 -1.05 81.38 37.29
N ALA B 2282 -0.91 80.28 38.02
CA ALA B 2282 -0.09 79.17 37.57
C ALA B 2282 -0.67 78.51 36.32
N ILE B 2283 -1.99 78.31 36.31
CA ILE B 2283 -2.66 77.74 35.14
C ILE B 2283 -2.53 78.67 33.94
N MET B 2284 -2.73 79.98 34.17
CA MET B 2284 -2.59 80.97 33.10
C MET B 2284 -1.17 80.98 32.55
N SER B 2285 -0.17 80.90 33.42
CA SER B 2285 1.22 80.91 32.99
C SER B 2285 1.56 79.65 32.21
N PHE B 2286 1.00 78.51 32.62
CA PHE B 2286 1.21 77.28 31.86
C PHE B 2286 0.67 77.41 30.45
N TYR B 2287 -0.58 77.89 30.32
CA TYR B 2287 -1.18 77.95 28.99
C TYR B 2287 -0.53 79.02 28.13
N SER B 2288 -0.10 80.13 28.73
CA SER B 2288 0.65 81.14 27.99
C SER B 2288 1.99 80.59 27.50
N ALA B 2289 2.70 79.84 28.34
CA ALA B 2289 3.98 79.28 27.92
C ALA B 2289 3.79 78.21 26.85
N LEU B 2290 2.70 77.44 26.94
CA LEU B 2290 2.42 76.44 25.91
C LEU B 2290 2.11 77.10 24.57
N ILE B 2291 1.29 78.15 24.58
CA ILE B 2291 0.97 78.85 23.34
C ILE B 2291 2.21 79.55 22.78
N ASP B 2292 3.07 80.07 23.66
CA ASP B 2292 4.32 80.68 23.22
C ASP B 2292 5.23 79.65 22.54
N LEU B 2293 5.36 78.46 23.14
CA LEU B 2293 6.16 77.40 22.54
C LEU B 2293 5.60 76.96 21.20
N LEU B 2294 4.28 76.80 21.11
CA LEU B 2294 3.67 76.35 19.85
C LEU B 2294 3.75 77.43 18.78
N GLY B 2295 3.69 78.71 19.16
CA GLY B 2295 3.83 79.78 18.19
C GLY B 2295 5.24 79.98 17.73
N ARG B 2296 6.22 79.64 18.57
CA ARG B 2296 7.61 79.65 18.14
C ARG B 2296 8.02 78.36 17.44
N CYS B 2297 7.13 77.37 17.38
CA CYS B 2297 7.36 76.16 16.59
C CYS B 2297 6.82 76.28 15.18
N ALA B 2298 6.20 77.40 14.85
CA ALA B 2298 5.65 77.59 13.51
C ALA B 2298 6.78 77.79 12.50
N PRO B 2299 6.64 77.29 11.29
CA PRO B 2299 7.69 77.48 10.28
C PRO B 2299 7.76 78.93 9.82
N GLU B 2300 8.95 79.31 9.36
CA GLU B 2300 9.14 80.63 8.80
C GLU B 2300 8.44 80.73 7.44
N MET B 2301 8.23 81.97 7.00
CA MET B 2301 7.49 82.17 5.75
C MET B 2301 8.28 81.75 4.53
N HIS B 2302 9.62 81.79 4.60
CA HIS B 2302 10.43 81.34 3.47
C HIS B 2302 10.40 79.83 3.29
N LEU B 2303 10.06 79.08 4.34
CA LEU B 2303 9.83 77.65 4.18
C LEU B 2303 8.48 77.37 3.53
N ILE B 2304 7.47 78.18 3.87
CA ILE B 2304 6.14 78.00 3.28
C ILE B 2304 6.15 78.39 1.81
N GLN B 2305 6.85 79.48 1.47
CA GLN B 2305 6.86 79.97 0.09
C GLN B 2305 7.61 79.04 -0.85
N THR B 2306 8.49 78.19 -0.34
CA THR B 2306 9.14 77.17 -1.16
C THR B 2306 8.30 75.91 -1.29
N GLY B 2307 7.14 75.85 -0.63
CA GLY B 2307 6.26 74.70 -0.72
C GLY B 2307 6.81 73.43 -0.11
N LYS B 2308 7.49 73.53 1.02
CA LYS B 2308 8.00 72.37 1.71
C LYS B 2308 6.86 71.65 2.42
N GLY B 2309 6.76 70.34 2.21
CA GLY B 2309 5.64 69.58 2.75
C GLY B 2309 5.64 69.50 4.26
N GLU B 2310 6.82 69.38 4.86
CA GLU B 2310 6.91 69.26 6.32
C GLU B 2310 6.46 70.54 7.01
N ALA B 2311 6.82 71.70 6.46
CA ALA B 2311 6.40 72.97 7.04
C ALA B 2311 4.89 73.14 6.97
N ILE B 2312 4.27 72.76 5.84
CA ILE B 2312 2.83 72.82 5.70
C ILE B 2312 2.16 71.87 6.69
N ARG B 2313 2.74 70.67 6.86
CA ARG B 2313 2.18 69.71 7.81
C ARG B 2313 2.24 70.22 9.24
N ILE B 2314 3.37 70.80 9.64
CA ILE B 2314 3.52 71.32 11.00
C ILE B 2314 2.56 72.49 11.23
N ARG B 2315 2.44 73.39 10.25
CA ARG B 2315 1.55 74.53 10.41
C ARG B 2315 0.08 74.07 10.44
N SER B 2316 -0.26 73.04 9.68
CA SER B 2316 -1.62 72.49 9.72
C SER B 2316 -1.93 71.87 11.08
N ILE B 2317 -0.95 71.16 11.66
CA ILE B 2317 -1.15 70.59 13.00
C ILE B 2317 -1.34 71.70 14.02
N LEU B 2318 -0.52 72.75 13.95
CA LEU B 2318 -0.64 73.86 14.89
C LEU B 2318 -1.95 74.62 14.70
N ARG B 2319 -2.46 74.73 13.47
CA ARG B 2319 -3.76 75.34 13.24
C ARG B 2319 -4.88 74.48 13.80
N SER B 2320 -4.76 73.16 13.67
CA SER B 2320 -5.78 72.27 14.21
C SER B 2320 -5.78 72.24 15.72
N LEU B 2321 -4.64 72.55 16.35
CA LEU B 2321 -4.57 72.54 17.81
C LEU B 2321 -5.34 73.71 18.41
N VAL B 2322 -5.11 74.92 17.91
CA VAL B 2322 -5.65 76.14 18.50
C VAL B 2322 -6.46 76.88 17.44
N PRO B 2323 -7.76 77.04 17.62
CA PRO B 2323 -8.55 77.86 16.69
C PRO B 2323 -8.34 79.35 16.93
N THR B 2324 -8.73 80.14 15.93
CA THR B 2324 -8.58 81.59 16.03
C THR B 2324 -9.53 82.19 17.05
N GLU B 2325 -10.69 81.56 17.28
CA GLU B 2325 -11.66 82.09 18.21
C GLU B 2325 -11.14 82.09 19.63
N ASP B 2326 -10.37 81.05 20.01
CA ASP B 2326 -9.78 81.00 21.33
C ASP B 2326 -8.75 82.10 21.52
N LEU B 2327 -7.91 82.34 20.51
CA LEU B 2327 -6.90 83.39 20.60
C LEU B 2327 -7.53 84.77 20.71
N VAL B 2328 -8.54 85.04 19.87
CA VAL B 2328 -9.21 86.33 19.91
C VAL B 2328 -9.97 86.51 21.21
N GLY B 2329 -10.54 85.43 21.74
CA GLY B 2329 -11.22 85.51 23.03
C GLY B 2329 -10.28 85.79 24.18
N ILE B 2330 -9.09 85.19 24.16
CA ILE B 2330 -8.12 85.44 25.22
C ILE B 2330 -7.57 86.86 25.13
N ILE B 2331 -7.32 87.34 23.90
CA ILE B 2331 -6.88 88.72 23.70
C ILE B 2331 -7.96 89.70 24.15
N SER B 2332 -9.22 89.32 24.01
CA SER B 2332 -10.33 90.20 24.38
C SER B 2332 -10.66 90.16 25.87
N ILE B 2333 -9.96 89.38 26.67
CA ILE B 2333 -10.26 89.30 28.10
C ILE B 2333 -9.85 90.61 28.77
N PRO B 2334 -10.75 91.28 29.48
CA PRO B 2334 -10.38 92.53 30.15
C PRO B 2334 -9.42 92.30 31.31
N LEU B 2335 -8.57 93.30 31.55
CA LEU B 2335 -7.57 93.26 32.60
C LEU B 2335 -8.03 94.07 33.81
N LYS B 2336 -7.47 93.73 34.97
CA LYS B 2336 -7.67 94.49 36.19
C LYS B 2336 -6.43 95.36 36.40
N LEU B 2337 -6.64 96.67 36.50
CA LEU B 2337 -5.56 97.64 36.50
C LEU B 2337 -5.69 98.57 37.69
N PRO B 2338 -4.58 99.14 38.16
CA PRO B 2338 -4.64 100.04 39.33
C PRO B 2338 -5.45 101.30 39.06
N SER B 2339 -6.10 101.79 40.11
CA SER B 2339 -6.96 102.95 40.02
C SER B 2339 -6.60 103.92 41.15
N LEU B 2340 -7.18 105.11 41.08
CA LEU B 2340 -6.97 106.15 42.08
C LEU B 2340 -8.22 106.24 42.94
N ASN B 2341 -8.05 106.09 44.25
CA ASN B 2341 -9.18 106.12 45.16
C ASN B 2341 -9.66 107.56 45.39
N LYS B 2342 -10.86 107.67 45.98
CA LYS B 2342 -11.40 108.98 46.30
C LYS B 2342 -10.65 109.67 47.43
N ASP B 2343 -9.94 108.91 48.25
CA ASP B 2343 -9.11 109.47 49.32
C ASP B 2343 -7.71 109.83 48.85
N GLY B 2344 -7.39 109.59 47.58
CA GLY B 2344 -6.09 109.93 47.04
C GLY B 2344 -5.06 108.82 47.08
N SER B 2345 -5.47 107.58 47.31
CA SER B 2345 -4.55 106.45 47.38
C SER B 2345 -4.56 105.68 46.07
N ILE B 2346 -3.51 104.88 45.89
CA ILE B 2346 -3.32 104.05 44.70
C ILE B 2346 -3.64 102.60 45.08
N SER B 2347 -4.56 101.99 44.35
CA SER B 2347 -5.02 100.63 44.62
C SER B 2347 -4.48 99.71 43.52
N GLU B 2348 -3.28 99.18 43.73
CA GLU B 2348 -2.67 98.27 42.76
C GLU B 2348 -3.11 96.85 43.06
N PRO B 2349 -3.74 96.16 42.11
CA PRO B 2349 -4.05 94.74 42.31
C PRO B 2349 -2.81 93.88 42.27
N ASP B 2350 -2.92 92.69 42.84
CA ASP B 2350 -1.80 91.76 42.92
C ASP B 2350 -1.51 91.18 41.55
N MET B 2351 -0.31 91.43 41.03
CA MET B 2351 0.05 90.94 39.70
C MET B 2351 0.49 89.48 39.69
N ALA B 2352 0.78 88.92 40.86
CA ALA B 2352 1.15 87.51 40.95
C ALA B 2352 -0.05 86.61 41.14
N ALA B 2353 -1.26 87.16 41.16
CA ALA B 2353 -2.48 86.39 41.35
C ALA B 2353 -3.56 86.75 40.34
N ASN B 2354 -3.25 87.53 39.31
CA ASN B 2354 -4.24 88.03 38.38
C ASN B 2354 -3.82 87.76 36.94
N PHE B 2355 -4.78 87.89 36.04
CA PHE B 2355 -4.51 87.81 34.61
C PHE B 2355 -3.70 89.02 34.18
N CYS B 2356 -2.59 88.79 33.50
CA CYS B 2356 -1.59 89.81 33.21
C CYS B 2356 -1.49 90.10 31.73
N PRO B 2357 -1.00 91.28 31.34
CA PRO B 2357 -0.75 91.54 29.92
C PRO B 2357 0.30 90.64 29.31
N ASP B 2358 1.20 90.06 30.11
CA ASP B 2358 2.19 89.12 29.61
C ASP B 2358 1.58 87.76 29.25
N HIS B 2359 0.33 87.51 29.63
CA HIS B 2359 -0.39 86.33 29.21
C HIS B 2359 -1.03 86.49 27.84
N LYS B 2360 -1.07 87.70 27.29
CA LYS B 2360 -1.65 87.95 25.97
C LYS B 2360 -0.61 88.01 24.86
N ALA B 2361 0.65 88.29 25.19
CA ALA B 2361 1.69 88.31 24.16
C ALA B 2361 1.91 86.98 23.44
N PRO B 2362 1.91 85.80 24.11
CA PRO B 2362 1.94 84.55 23.32
C PRO B 2362 0.76 84.37 22.38
N MET B 2363 -0.43 84.87 22.75
CA MET B 2363 -1.59 84.77 21.87
C MET B 2363 -1.39 85.59 20.61
N VAL B 2364 -0.85 86.80 20.75
CA VAL B 2364 -0.56 87.64 19.58
C VAL B 2364 0.52 87.03 18.72
N LEU B 2365 1.55 86.44 19.35
CA LEU B 2365 2.61 85.79 18.58
C LEU B 2365 2.09 84.56 17.82
N PHE B 2366 1.23 83.76 18.46
CA PHE B 2366 0.64 82.60 17.79
C PHE B 2366 -0.28 83.03 16.66
N LEU B 2367 -1.05 84.09 16.86
CA LEU B 2367 -1.95 84.56 15.81
C LEU B 2367 -1.18 85.13 14.63
N ASP B 2368 -0.05 85.80 14.90
CA ASP B 2368 0.74 86.36 13.82
C ASP B 2368 1.53 85.30 13.06
N ARG B 2369 2.15 84.36 13.78
CA ARG B 2369 3.06 83.42 13.15
C ARG B 2369 2.36 82.21 12.54
N VAL B 2370 1.32 81.68 13.21
CA VAL B 2370 0.68 80.47 12.71
C VAL B 2370 -0.39 80.81 11.69
N TYR B 2371 -1.32 81.69 12.04
CA TYR B 2371 -2.38 82.09 11.12
C TYR B 2371 -1.95 83.26 10.23
N GLY B 2372 -1.54 84.35 10.84
CA GLY B 2372 -1.22 85.53 10.07
C GLY B 2372 -2.45 86.38 9.80
N ILE B 2373 -2.21 87.69 9.66
CA ILE B 2373 -3.28 88.64 9.38
C ILE B 2373 -3.12 89.05 7.91
N LYS B 2374 -4.03 88.56 7.07
CA LYS B 2374 -4.00 88.86 5.65
C LYS B 2374 -5.32 89.40 5.12
N ASP B 2375 -6.36 89.46 5.95
CA ASP B 2375 -7.66 89.97 5.56
C ASP B 2375 -7.96 91.21 6.38
N GLN B 2376 -8.55 92.22 5.72
CA GLN B 2376 -8.85 93.48 6.38
C GLN B 2376 -9.92 93.32 7.45
N THR B 2377 -10.95 92.50 7.17
CA THR B 2377 -12.06 92.35 8.11
C THR B 2377 -11.62 91.69 9.40
N PHE B 2378 -10.75 90.68 9.32
CA PHE B 2378 -10.24 90.05 10.54
C PHE B 2378 -9.38 91.00 11.35
N LEU B 2379 -8.57 91.82 10.67
CA LEU B 2379 -7.76 92.81 11.37
C LEU B 2379 -8.62 93.83 12.09
N LEU B 2380 -9.68 94.31 11.43
CA LEU B 2380 -10.55 95.30 12.05
C LEU B 2380 -11.35 94.70 13.20
N HIS B 2381 -11.77 93.44 13.07
CA HIS B 2381 -12.46 92.76 14.16
C HIS B 2381 -11.54 92.59 15.37
N LEU B 2382 -10.30 92.16 15.13
CA LEU B 2382 -9.33 91.98 16.20
C LEU B 2382 -8.99 93.31 16.86
N LEU B 2383 -8.88 94.37 16.06
CA LEU B 2383 -8.63 95.71 16.59
C LEU B 2383 -9.79 96.20 17.44
N GLU B 2384 -11.02 95.90 17.01
CA GLU B 2384 -12.19 96.40 17.74
C GLU B 2384 -12.38 95.68 19.06
N VAL B 2385 -12.27 94.35 19.06
CA VAL B 2385 -12.61 93.62 20.28
C VAL B 2385 -11.40 93.40 21.19
N GLY B 2386 -10.19 93.29 20.64
CA GLY B 2386 -9.06 92.94 21.47
C GLY B 2386 -8.07 94.04 21.80
N PHE B 2387 -7.67 94.82 20.80
CA PHE B 2387 -6.53 95.72 20.95
C PHE B 2387 -6.93 97.11 21.45
N LEU B 2388 -8.01 97.66 20.92
CA LEU B 2388 -8.43 99.01 21.32
C LEU B 2388 -8.80 99.14 22.79
N PRO B 2389 -9.48 98.19 23.45
CA PRO B 2389 -9.62 98.31 24.92
C PRO B 2389 -8.29 98.32 25.67
N ASP B 2390 -7.28 97.57 25.21
CA ASP B 2390 -5.98 97.60 25.85
C ASP B 2390 -5.29 98.94 25.64
N LEU B 2391 -5.41 99.50 24.43
CA LEU B 2391 -4.83 100.82 24.15
C LEU B 2391 -5.49 101.90 25.01
N ARG B 2392 -6.82 101.85 25.13
CA ARG B 2392 -7.53 102.81 25.97
C ARG B 2392 -7.19 102.62 27.44
N ALA B 2393 -6.99 101.37 27.87
CA ALA B 2393 -6.64 101.10 29.25
C ALA B 2393 -5.24 101.60 29.59
N SER B 2394 -4.32 101.52 28.63
CA SER B 2394 -2.99 102.09 28.85
C SER B 2394 -3.01 103.61 28.78
N ALA B 2395 -3.89 104.19 27.97
CA ALA B 2395 -4.02 105.64 27.94
C ALA B 2395 -4.63 106.16 29.24
N SER B 2396 -5.53 105.39 29.85
CA SER B 2396 -6.15 105.79 31.10
C SER B 2396 -5.22 105.67 32.30
N LEU B 2397 -4.12 104.92 32.17
CA LEU B 2397 -3.11 104.81 33.22
C LEU B 2397 -2.00 105.83 33.05
N ASP B 2398 -2.27 106.93 32.35
CA ASP B 2398 -1.25 107.95 32.09
C ASP B 2398 -1.40 109.15 33.03
N THR B 2399 -2.00 108.93 34.20
CA THR B 2399 -2.01 109.95 35.23
C THR B 2399 -0.63 110.03 35.89
N VAL B 2400 -0.45 111.06 36.73
CA VAL B 2400 0.84 111.23 37.40
C VAL B 2400 1.08 110.12 38.41
N SER B 2401 0.03 109.68 39.11
CA SER B 2401 0.18 108.66 40.14
C SER B 2401 0.33 107.26 39.55
N LEU B 2402 -0.39 106.95 38.48
CA LEU B 2402 -0.50 105.59 37.98
C LEU B 2402 0.50 105.26 36.87
N SER B 2403 1.32 106.20 36.44
CA SER B 2403 2.16 105.96 35.27
C SER B 2403 3.33 105.04 35.58
N THR B 2404 3.85 105.08 36.80
CA THR B 2404 5.06 104.34 37.16
C THR B 2404 4.77 103.05 37.89
N THR B 2405 3.51 102.62 37.96
CA THR B 2405 3.21 101.32 38.55
C THR B 2405 3.70 100.21 37.64
N GLU B 2406 3.89 99.03 38.24
CA GLU B 2406 4.41 97.89 37.48
C GLU B 2406 3.41 97.39 36.46
N ALA B 2407 2.11 97.50 36.76
CA ALA B 2407 1.08 97.08 35.81
C ALA B 2407 1.06 97.98 34.58
N ALA B 2408 1.24 99.29 34.78
CA ALA B 2408 1.29 100.22 33.65
C ALA B 2408 2.50 99.96 32.77
N LEU B 2409 3.66 99.72 33.37
CA LEU B 2409 4.85 99.41 32.58
C LEU B 2409 4.73 98.07 31.88
N ALA B 2410 4.07 97.09 32.51
CA ALA B 2410 3.83 95.80 31.86
C ALA B 2410 2.89 95.96 30.66
N LEU B 2411 1.85 96.79 30.80
CA LEU B 2411 0.95 97.03 29.69
C LEU B 2411 1.65 97.78 28.57
N ASN B 2412 2.55 98.70 28.91
CA ASN B 2412 3.34 99.38 27.89
C ASN B 2412 4.26 98.42 27.15
N ARG B 2413 4.89 97.49 27.87
CA ARG B 2413 5.70 96.47 27.22
C ARG B 2413 4.86 95.58 26.30
N TYR B 2414 3.67 95.19 26.74
CA TYR B 2414 2.78 94.39 25.92
C TYR B 2414 2.37 95.13 24.65
N LEU B 2415 2.06 96.42 24.77
CA LEU B 2415 1.62 97.18 23.60
C LEU B 2415 2.76 97.45 22.64
N CYS B 2416 3.94 97.79 23.15
CA CYS B 2416 5.05 98.18 22.30
C CYS B 2416 5.89 97.00 21.82
N SER B 2417 5.62 95.79 22.32
CA SER B 2417 6.32 94.60 21.84
C SER B 2417 5.45 93.68 21.02
N ALA B 2418 4.14 93.67 21.22
CA ALA B 2418 3.25 92.75 20.53
C ALA B 2418 2.21 93.46 19.65
N VAL B 2419 1.48 94.42 20.21
CA VAL B 2419 0.31 94.96 19.52
C VAL B 2419 0.72 95.94 18.43
N LEU B 2420 1.53 96.93 18.77
CA LEU B 2420 1.82 98.03 17.85
C LEU B 2420 2.78 97.67 16.72
N PRO B 2421 3.81 96.82 16.91
CA PRO B 2421 4.51 96.31 15.72
C PRO B 2421 3.62 95.52 14.77
N LEU B 2422 2.64 94.78 15.31
CA LEU B 2422 1.69 94.07 14.45
C LEU B 2422 0.81 95.03 13.68
N LEU B 2423 0.37 96.12 14.34
CA LEU B 2423 -0.41 97.14 13.64
C LEU B 2423 0.42 97.89 12.62
N THR B 2424 1.73 98.01 12.85
CA THR B 2424 2.61 98.63 11.87
C THR B 2424 2.78 97.74 10.65
N ARG B 2425 2.92 96.43 10.86
CA ARG B 2425 3.08 95.51 9.74
C ARG B 2425 1.79 95.39 8.92
N CYS B 2426 0.63 95.45 9.58
CA CYS B 2426 -0.66 95.36 8.92
C CYS B 2426 -1.20 96.72 8.49
N ALA B 2427 -0.32 97.70 8.28
CA ALA B 2427 -0.75 99.02 7.84
C ALA B 2427 -1.43 99.06 6.47
N PRO B 2428 -0.97 98.38 5.41
CA PRO B 2428 -1.69 98.48 4.12
C PRO B 2428 -3.10 97.93 4.15
N LEU B 2429 -3.46 97.11 5.13
CA LEU B 2429 -4.84 96.66 5.27
C LEU B 2429 -5.77 97.76 5.78
N PHE B 2430 -5.24 98.88 6.26
CA PHE B 2430 -6.07 99.99 6.68
C PHE B 2430 -6.57 100.83 5.51
N ALA B 2431 -6.04 100.63 4.32
CA ALA B 2431 -6.53 101.33 3.14
C ALA B 2431 -7.89 100.79 2.73
N GLY B 2432 -8.81 101.69 2.42
CA GLY B 2432 -10.15 101.31 2.01
C GLY B 2432 -11.12 101.03 3.12
N THR B 2433 -10.84 101.48 4.35
CA THR B 2433 -11.74 101.24 5.48
C THR B 2433 -12.75 102.39 5.57
N GLU B 2434 -13.61 102.46 4.56
CA GLU B 2434 -14.56 103.56 4.46
C GLU B 2434 -15.71 103.41 5.45
N HIS B 2435 -16.07 102.17 5.79
CA HIS B 2435 -17.22 101.91 6.65
C HIS B 2435 -16.84 101.84 8.13
N TYR B 2436 -15.60 102.14 8.48
CA TYR B 2436 -15.11 101.98 9.84
C TYR B 2436 -14.52 103.28 10.36
N THR B 2437 -15.20 104.40 10.09
CA THR B 2437 -14.64 105.72 10.43
C THR B 2437 -14.51 105.91 11.93
N SER B 2438 -15.50 105.45 12.70
CA SER B 2438 -15.46 105.60 14.15
C SER B 2438 -14.33 104.79 14.77
N LEU B 2439 -14.15 103.55 14.32
CA LEU B 2439 -13.10 102.69 14.87
C LEU B 2439 -11.72 103.22 14.53
N ILE B 2440 -11.50 103.64 13.28
CA ILE B 2440 -10.21 104.17 12.88
C ILE B 2440 -9.92 105.50 13.59
N ASP B 2441 -10.96 106.33 13.75
CA ASP B 2441 -10.78 107.60 14.46
C ASP B 2441 -10.41 107.39 15.92
N SER B 2442 -11.08 106.44 16.60
CA SER B 2442 -10.75 106.14 17.99
C SER B 2442 -9.36 105.54 18.11
N THR B 2443 -8.97 104.69 17.16
CA THR B 2443 -7.62 104.13 17.16
C THR B 2443 -6.56 105.22 16.99
N LEU B 2444 -6.79 106.16 16.07
CA LEU B 2444 -5.84 107.24 15.86
C LEU B 2444 -5.73 108.14 17.09
N GLN B 2445 -6.87 108.46 17.71
CA GLN B 2445 -6.86 109.28 18.91
C GLN B 2445 -6.12 108.59 20.06
N THR B 2446 -6.35 107.28 20.24
CA THR B 2446 -5.72 106.57 21.34
C THR B 2446 -4.22 106.39 21.13
N ILE B 2447 -3.81 106.10 19.89
CA ILE B 2447 -2.38 105.95 19.62
C ILE B 2447 -1.66 107.29 19.73
N TYR B 2448 -2.30 108.38 19.28
CA TYR B 2448 -1.70 109.70 19.44
C TYR B 2448 -1.62 110.10 20.90
N ARG B 2449 -2.61 109.71 21.71
CA ARG B 2449 -2.53 109.94 23.14
C ARG B 2449 -1.39 109.15 23.77
N LEU B 2450 -1.20 107.91 23.32
CA LEU B 2450 -0.10 107.08 23.83
C LEU B 2450 1.26 107.63 23.43
N SER B 2451 1.34 108.32 22.29
CA SER B 2451 2.62 108.89 21.87
C SER B 2451 3.08 110.01 22.80
N LYS B 2452 2.15 110.66 23.49
CA LYS B 2452 2.49 111.66 24.51
C LYS B 2452 2.54 110.99 25.88
N GLY B 2453 3.38 109.97 25.99
CA GLY B 2453 3.44 109.17 27.20
C GLY B 2453 4.28 109.85 28.27
N ARG B 2454 3.79 109.77 29.51
CA ARG B 2454 4.50 110.40 30.63
C ARG B 2454 5.76 109.61 30.99
N SER B 2455 5.65 108.29 31.06
CA SER B 2455 6.77 107.42 31.44
C SER B 2455 6.90 106.33 30.39
N LEU B 2456 7.63 106.63 29.31
CA LEU B 2456 7.93 105.68 28.27
C LEU B 2456 9.42 105.72 27.98
N THR B 2457 9.96 104.59 27.54
CA THR B 2457 11.34 104.59 27.07
C THR B 2457 11.39 105.19 25.67
N LYS B 2458 12.61 105.44 25.20
CA LYS B 2458 12.79 106.01 23.87
C LYS B 2458 12.34 105.03 22.78
N ALA B 2459 12.67 103.75 22.95
CA ALA B 2459 12.29 102.75 21.95
C ALA B 2459 10.79 102.56 21.88
N GLN B 2460 10.11 102.59 23.03
CA GLN B 2460 8.66 102.46 23.05
C GLN B 2460 7.97 103.64 22.36
N ARG B 2461 8.47 104.85 22.63
CA ARG B 2461 7.91 106.04 21.99
C ARG B 2461 8.17 106.02 20.48
N ASP B 2462 9.36 105.55 20.07
CA ASP B 2462 9.66 105.42 18.65
C ASP B 2462 8.73 104.40 17.98
N THR B 2463 8.43 103.30 18.68
CA THR B 2463 7.50 102.30 18.16
C THR B 2463 6.10 102.89 17.98
N ILE B 2464 5.62 103.64 18.97
CA ILE B 2464 4.30 104.26 18.86
C ILE B 2464 4.24 105.27 17.71
N GLU B 2465 5.28 106.09 17.58
CA GLU B 2465 5.32 107.09 16.52
C GLU B 2465 5.40 106.45 15.14
N GLU B 2466 6.20 105.39 15.00
CA GLU B 2466 6.28 104.67 13.74
C GLU B 2466 4.96 104.01 13.37
N CYS B 2467 4.27 103.44 14.36
CA CYS B 2467 2.96 102.84 14.11
C CYS B 2467 1.95 103.89 13.64
N LEU B 2468 1.92 105.04 14.31
CA LEU B 2468 0.96 106.08 13.92
C LEU B 2468 1.26 106.63 12.53
N LEU B 2469 2.54 106.82 12.21
CA LEU B 2469 2.92 107.30 10.88
C LEU B 2469 2.54 106.28 9.80
N ALA B 2470 2.81 105.00 10.04
CA ALA B 2470 2.52 103.97 9.06
C ALA B 2470 1.03 103.78 8.85
N ILE B 2471 0.23 103.90 9.92
CA ILE B 2471 -1.21 103.78 9.78
C ILE B 2471 -1.78 104.99 9.05
N CYS B 2472 -1.32 106.20 9.39
CA CYS B 2472 -1.84 107.39 8.74
C CYS B 2472 -1.38 107.54 7.30
N ASN B 2473 -0.30 106.85 6.91
CA ASN B 2473 0.17 106.90 5.53
C ASN B 2473 -0.77 106.20 4.56
N HIS B 2474 -1.71 105.38 5.05
CA HIS B 2474 -2.58 104.59 4.19
C HIS B 2474 -4.05 104.99 4.32
N LEU B 2475 -4.33 106.12 4.93
CA LEU B 2475 -5.70 106.59 5.13
C LEU B 2475 -5.98 107.77 4.21
N ARG B 2476 -7.18 107.80 3.66
CA ARG B 2476 -7.60 108.92 2.83
C ARG B 2476 -7.85 110.15 3.71
N PRO B 2477 -7.68 111.36 3.15
CA PRO B 2477 -7.73 112.57 3.99
C PRO B 2477 -9.05 112.84 4.67
N SER B 2478 -10.16 112.25 4.23
CA SER B 2478 -11.42 112.46 4.91
C SER B 2478 -11.49 111.72 6.24
N MET B 2479 -10.62 110.72 6.44
CA MET B 2479 -10.61 109.94 7.67
C MET B 2479 -9.62 110.48 8.71
N LEU B 2480 -8.76 111.41 8.34
CA LEU B 2480 -7.73 111.94 9.23
C LEU B 2480 -8.15 113.22 9.93
N GLN B 2481 -9.37 113.71 9.68
CA GLN B 2481 -9.73 115.07 10.09
C GLN B 2481 -9.86 115.21 11.61
N GLN B 2482 -10.35 114.17 12.29
CA GLN B 2482 -10.50 114.25 13.74
C GLN B 2482 -9.13 114.27 14.43
N LEU B 2483 -8.12 113.64 13.82
CA LEU B 2483 -6.77 113.73 14.35
C LEU B 2483 -6.14 115.08 14.04
N LEU B 2484 -6.43 115.65 12.87
CA LEU B 2484 -5.91 116.96 12.53
C LEU B 2484 -6.53 118.06 13.39
N ARG B 2485 -7.76 117.84 13.89
CA ARG B 2485 -8.34 118.79 14.84
C ARG B 2485 -7.57 118.81 16.15
N ARG B 2486 -6.99 117.67 16.55
CA ARG B 2486 -6.12 117.65 17.72
C ARG B 2486 -4.76 118.25 17.41
N LEU B 2487 -4.26 118.00 16.20
CA LEU B 2487 -2.96 118.53 15.81
C LEU B 2487 -2.98 120.05 15.69
N VAL B 2488 -4.09 120.64 15.25
CA VAL B 2488 -4.19 122.09 15.12
C VAL B 2488 -4.14 122.78 16.47
N PHE B 2489 -4.38 122.05 17.56
CA PHE B 2489 -4.21 122.57 18.92
C PHE B 2489 -2.87 122.21 19.52
N ASP B 2490 -2.31 121.05 19.19
CA ASP B 2490 -1.07 120.61 19.85
C ASP B 2490 0.20 121.07 19.16
N VAL B 2491 0.23 121.08 17.83
CA VAL B 2491 1.45 121.44 17.10
C VAL B 2491 1.89 122.89 17.31
N PRO B 2492 1.01 123.91 17.27
CA PRO B 2492 1.50 125.29 17.49
C PRO B 2492 2.07 125.56 18.88
N GLN B 2493 1.98 124.63 19.82
CA GLN B 2493 2.75 124.77 21.05
C GLN B 2493 4.24 124.56 20.80
N LEU B 2494 4.58 123.71 19.83
CA LEU B 2494 5.96 123.43 19.41
C LEU B 2494 6.82 122.96 20.58
N ASN B 2495 6.25 122.14 21.46
CA ASN B 2495 6.96 121.61 22.61
C ASN B 2495 7.81 120.42 22.18
N GLU B 2496 8.28 119.65 23.16
CA GLU B 2496 8.94 118.39 22.86
C GLU B 2496 7.91 117.39 22.33
N TYR B 2497 8.43 116.34 21.69
CA TYR B 2497 7.63 115.31 21.02
C TYR B 2497 6.75 115.92 19.93
N CYS B 2498 7.29 116.89 19.20
CA CYS B 2498 6.58 117.51 18.08
C CYS B 2498 7.13 117.06 16.74
N LYS B 2499 8.16 116.21 16.72
CA LYS B 2499 8.70 115.73 15.46
C LYS B 2499 7.72 114.83 14.74
N MET B 2500 7.05 113.93 15.47
CA MET B 2500 6.08 113.03 14.84
C MET B 2500 4.88 113.74 14.24
N PRO B 2501 4.19 114.68 14.91
CA PRO B 2501 3.07 115.37 14.22
C PRO B 2501 3.52 116.19 13.03
N LEU B 2502 4.70 116.82 13.11
CA LEU B 2502 5.21 117.58 11.97
C LEU B 2502 5.51 116.67 10.78
N LYS B 2503 6.10 115.50 11.05
CA LYS B 2503 6.38 114.55 9.97
C LYS B 2503 5.08 113.96 9.40
N LEU B 2504 4.09 113.73 10.26
CA LEU B 2504 2.79 113.24 9.81
C LEU B 2504 2.11 114.25 8.89
N LEU B 2505 2.11 115.52 9.29
CA LEU B 2505 1.53 116.57 8.45
C LEU B 2505 2.30 116.74 7.15
N THR B 2506 3.63 116.65 7.20
CA THR B 2506 4.45 116.76 6.01
C THR B 2506 4.13 115.66 5.01
N ASN B 2507 4.11 114.40 5.48
CA ASN B 2507 3.80 113.28 4.61
C ASN B 2507 2.38 113.36 4.06
N HIS B 2508 1.43 113.76 4.91
CA HIS B 2508 0.03 113.81 4.50
C HIS B 2508 -0.20 114.87 3.43
N TYR B 2509 0.32 116.08 3.65
CA TYR B 2509 0.08 117.15 2.69
C TYR B 2509 1.02 117.10 1.49
N GLU B 2510 2.09 116.31 1.55
CA GLU B 2510 2.90 116.11 0.37
C GLU B 2510 2.36 114.97 -0.50
N GLN B 2511 1.77 113.95 0.12
CA GLN B 2511 1.20 112.85 -0.65
C GLN B 2511 -0.14 113.23 -1.27
N CYS B 2512 -0.94 114.03 -0.59
CA CYS B 2512 -2.32 114.29 -0.96
C CYS B 2512 -2.53 115.76 -1.33
N TRP B 2513 -1.61 116.35 -2.09
CA TRP B 2513 -1.74 117.76 -2.42
C TRP B 2513 -2.80 118.01 -3.50
N LYS B 2514 -3.02 117.05 -4.40
CA LYS B 2514 -4.04 117.22 -5.43
C LYS B 2514 -5.44 117.21 -4.84
N TYR B 2515 -5.62 116.56 -3.69
CA TYR B 2515 -6.92 116.52 -3.04
C TYR B 2515 -7.35 117.90 -2.57
N TYR B 2516 -6.41 118.71 -2.09
CA TYR B 2516 -6.73 120.02 -1.55
C TYR B 2516 -6.58 121.14 -2.57
N CYS B 2517 -5.62 121.02 -3.50
CA CYS B 2517 -5.27 122.13 -4.38
C CYS B 2517 -6.05 122.10 -5.69
N LEU B 2518 -6.01 120.99 -6.41
CA LEU B 2518 -6.61 120.93 -7.74
C LEU B 2518 -8.13 120.96 -7.64
N PRO B 2519 -8.80 121.73 -8.50
CA PRO B 2519 -10.26 121.78 -8.46
C PRO B 2519 -10.94 120.56 -9.06
N SER B 2520 -10.19 119.68 -9.73
CA SER B 2520 -10.74 118.43 -10.24
C SER B 2520 -10.53 117.27 -9.28
N GLY B 2521 -9.96 117.51 -8.10
CA GLY B 2521 -9.75 116.46 -7.14
C GLY B 2521 -8.54 115.60 -7.46
N TRP B 2522 -8.44 114.50 -6.73
CA TRP B 2522 -7.33 113.56 -6.85
C TRP B 2522 -7.91 112.18 -7.19
N GLY B 2523 -8.13 111.93 -8.48
CA GLY B 2523 -8.64 110.64 -8.91
C GLY B 2523 -10.03 110.38 -8.37
N SER B 2524 -10.18 109.23 -7.73
CA SER B 2524 -11.45 108.84 -7.11
C SER B 2524 -11.51 109.18 -5.64
N TYR B 2525 -10.46 109.81 -5.08
CA TYR B 2525 -10.48 110.17 -3.67
C TYR B 2525 -11.49 111.29 -3.40
N GLY B 2526 -11.62 112.23 -4.33
CA GLY B 2526 -12.60 113.29 -4.18
C GLY B 2526 -12.00 114.67 -4.05
N LEU B 2527 -12.75 115.59 -3.46
CA LEU B 2527 -12.32 116.96 -3.26
C LEU B 2527 -12.43 117.33 -1.79
N ALA B 2528 -11.64 118.32 -1.39
CA ALA B 2528 -11.66 118.80 -0.01
C ALA B 2528 -12.82 119.75 0.19
N VAL B 2529 -13.52 119.57 1.32
CA VAL B 2529 -14.63 120.45 1.69
C VAL B 2529 -14.06 121.71 2.34
N GLU B 2530 -14.93 122.69 2.56
CA GLU B 2530 -14.51 123.97 3.14
C GLU B 2530 -13.90 123.79 4.53
N GLU B 2531 -14.44 122.85 5.32
CA GLU B 2531 -13.94 122.63 6.67
C GLU B 2531 -12.51 122.11 6.66
N GLU B 2532 -12.19 121.20 5.74
CA GLU B 2532 -10.84 120.66 5.65
C GLU B 2532 -9.84 121.73 5.23
N LEU B 2533 -10.21 122.58 4.28
CA LEU B 2533 -9.34 123.67 3.86
C LEU B 2533 -9.17 124.70 4.97
N HIS B 2534 -10.23 124.96 5.73
CA HIS B 2534 -10.13 125.87 6.87
C HIS B 2534 -9.18 125.32 7.93
N LEU B 2535 -9.26 124.00 8.19
CA LEU B 2535 -8.36 123.38 9.15
C LEU B 2535 -6.92 123.42 8.65
N THR B 2536 -6.72 123.22 7.34
CA THR B 2536 -5.37 123.30 6.76
C THR B 2536 -4.78 124.70 6.90
N GLU B 2537 -5.58 125.73 6.60
CA GLU B 2537 -5.10 127.10 6.73
C GLU B 2537 -4.83 127.46 8.19
N LYS B 2538 -5.69 127.00 9.10
CA LYS B 2538 -5.50 127.25 10.52
C LYS B 2538 -4.22 126.58 11.03
N LEU B 2539 -3.95 125.36 10.55
CA LEU B 2539 -2.69 124.69 10.86
C LEU B 2539 -1.50 125.49 10.37
N PHE B 2540 -1.57 126.00 9.14
CA PHE B 2540 -0.47 126.77 8.58
C PHE B 2540 -0.20 128.02 9.40
N TRP B 2541 -1.26 128.78 9.73
CA TRP B 2541 -1.05 130.02 10.45
C TRP B 2541 -0.62 129.77 11.89
N GLY B 2542 -1.11 128.69 12.51
CA GLY B 2542 -0.66 128.37 13.86
C GLY B 2542 0.81 128.01 13.91
N ILE B 2543 1.26 127.14 12.99
CA ILE B 2543 2.66 126.74 12.98
C ILE B 2543 3.56 127.91 12.59
N PHE B 2544 3.13 128.74 11.64
CA PHE B 2544 3.92 129.88 11.20
C PHE B 2544 4.06 130.92 12.31
N ASP B 2545 2.94 131.25 12.98
CA ASP B 2545 2.99 132.25 14.04
C ASP B 2545 3.73 131.74 15.26
N SER B 2546 3.71 130.42 15.49
CA SER B 2546 4.52 129.87 16.58
C SER B 2546 6.00 129.89 16.24
N LEU B 2547 6.35 129.55 14.99
CA LEU B 2547 7.76 129.45 14.62
C LEU B 2547 8.39 130.83 14.43
N SER B 2548 7.57 131.86 14.19
CA SER B 2548 8.11 133.20 14.05
C SER B 2548 8.66 133.73 15.37
N HIS B 2549 7.98 133.45 16.48
CA HIS B 2549 8.37 133.93 17.80
C HIS B 2549 9.28 132.96 18.54
N LYS B 2550 9.55 131.79 17.99
CA LYS B 2550 10.38 130.79 18.65
C LYS B 2550 11.86 131.16 18.53
N LYS B 2551 12.62 130.78 19.55
CA LYS B 2551 14.06 130.95 19.50
C LYS B 2551 14.66 129.98 18.49
N TYR B 2552 15.89 130.27 18.06
CA TYR B 2552 16.50 129.52 16.97
C TYR B 2552 16.94 128.16 17.46
N ASP B 2553 16.40 127.11 16.83
CA ASP B 2553 16.80 125.74 17.10
C ASP B 2553 17.07 125.09 15.75
N PRO B 2554 18.30 124.64 15.47
CA PRO B 2554 18.58 124.03 14.17
C PRO B 2554 17.84 122.73 13.90
N ASP B 2555 17.35 122.05 14.93
CA ASP B 2555 16.61 120.81 14.76
C ASP B 2555 15.11 121.05 14.57
N LEU B 2556 14.56 122.02 15.29
CA LEU B 2556 13.13 122.32 15.16
C LEU B 2556 12.81 122.96 13.82
N PHE B 2557 13.67 123.89 13.37
CA PHE B 2557 13.44 124.56 12.10
C PHE B 2557 13.54 123.60 10.93
N ARG B 2558 14.50 122.67 11.02
CA ARG B 2558 14.75 121.70 9.94
C ARG B 2558 13.57 120.79 9.69
N MET B 2559 12.75 120.54 10.71
CA MET B 2559 11.57 119.71 10.56
C MET B 2559 10.28 120.50 10.49
N ALA B 2560 10.30 121.79 10.84
CA ALA B 2560 9.10 122.61 10.73
C ALA B 2560 8.98 123.31 9.38
N LEU B 2561 10.10 123.55 8.69
CA LEU B 2561 10.04 124.12 7.35
C LEU B 2561 9.37 123.20 6.32
N PRO B 2562 9.68 121.90 6.22
CA PRO B 2562 8.94 121.07 5.24
C PRO B 2562 7.46 120.95 5.55
N CYS B 2563 7.06 121.01 6.82
CA CYS B 2563 5.64 121.00 7.16
C CYS B 2563 4.93 122.24 6.61
N LEU B 2564 5.56 123.40 6.77
CA LEU B 2564 4.99 124.64 6.23
C LEU B 2564 4.94 124.61 4.71
N SER B 2565 6.00 124.07 4.08
CA SER B 2565 6.02 123.99 2.63
C SER B 2565 4.97 123.02 2.10
N ALA B 2566 4.71 121.93 2.84
CA ALA B 2566 3.71 120.97 2.41
C ALA B 2566 2.30 121.51 2.60
N ILE B 2567 2.05 122.22 3.70
CA ILE B 2567 0.72 122.77 3.94
C ILE B 2567 0.43 123.91 2.97
N ALA B 2568 1.41 124.78 2.73
CA ALA B 2568 1.21 125.90 1.81
C ALA B 2568 1.04 125.41 0.37
N GLY B 2569 1.76 124.36 -0.01
CA GLY B 2569 1.64 123.82 -1.34
C GLY B 2569 0.39 123.00 -1.59
N ALA B 2570 -0.39 122.73 -0.55
CA ALA B 2570 -1.66 122.04 -0.68
C ALA B 2570 -2.86 122.97 -0.74
N LEU B 2571 -2.79 124.11 -0.05
CA LEU B 2571 -3.86 125.08 -0.11
C LEU B 2571 -3.93 125.72 -1.49
N PRO B 2572 -5.12 125.90 -2.06
CA PRO B 2572 -5.26 126.76 -3.23
C PRO B 2572 -4.87 128.19 -2.87
N PRO B 2573 -4.19 128.90 -3.76
CA PRO B 2573 -3.78 130.28 -3.44
C PRO B 2573 -4.94 131.25 -3.36
N ASP B 2574 -6.09 130.92 -3.95
CA ASP B 2574 -7.26 131.78 -3.92
C ASP B 2574 -8.34 131.25 -2.98
N TYR B 2575 -7.92 130.65 -1.86
CA TYR B 2575 -8.87 130.12 -0.89
C TYR B 2575 -9.35 131.24 0.01
N LEU B 2576 -10.65 131.49 0.02
CA LEU B 2576 -11.25 132.52 0.85
C LEU B 2576 -11.88 131.88 2.09
N ASP B 2577 -11.48 132.35 3.26
CA ASP B 2577 -12.00 131.85 4.53
C ASP B 2577 -12.99 132.87 5.06
N THR B 2578 -14.27 132.61 4.84
CA THR B 2578 -15.33 133.55 5.23
C THR B 2578 -15.86 133.22 6.63
N ARG B 2579 -14.93 133.20 7.59
CA ARG B 2579 -15.25 132.96 8.99
C ARG B 2579 -14.55 134.04 9.82
N ILE B 2580 -15.33 134.93 10.41
CA ILE B 2580 -14.78 136.06 11.16
C ILE B 2580 -14.34 135.57 12.54
N SER B 2581 -13.07 135.81 12.88
CA SER B 2581 -12.46 135.45 14.15
C SER B 2581 -12.63 133.97 14.52
N SER B 2808 -16.44 136.73 -1.22
CA SER B 2808 -16.08 137.94 -0.49
C SER B 2808 -15.02 138.73 -1.24
N SER B 2809 -14.38 139.67 -0.55
CA SER B 2809 -13.34 140.48 -1.16
C SER B 2809 -12.08 139.65 -1.40
N MET B 2810 -11.29 140.09 -2.38
CA MET B 2810 -10.07 139.39 -2.76
C MET B 2810 -8.95 139.54 -1.73
N GLU B 2811 -9.11 140.40 -0.73
CA GLU B 2811 -8.14 140.52 0.35
C GLU B 2811 -8.20 139.33 1.31
N LYS B 2812 -9.22 138.49 1.21
CA LYS B 2812 -9.38 137.34 2.08
C LYS B 2812 -8.70 136.08 1.54
N ARG B 2813 -8.02 136.17 0.40
CA ARG B 2813 -7.33 135.02 -0.15
C ARG B 2813 -6.08 134.70 0.66
N PHE B 2814 -5.67 133.43 0.59
CA PHE B 2814 -4.50 132.98 1.35
C PHE B 2814 -3.21 133.60 0.82
N ALA B 2815 -3.09 133.72 -0.50
CA ALA B 2815 -1.88 134.28 -1.09
C ALA B 2815 -1.71 135.75 -0.74
N TYR B 2816 -2.82 136.48 -0.59
CA TYR B 2816 -2.75 137.89 -0.21
C TYR B 2816 -2.17 138.06 1.19
N LYS B 2817 -2.69 137.30 2.17
CA LYS B 2817 -2.18 137.38 3.53
C LYS B 2817 -0.74 136.89 3.61
N PHE B 2818 -0.43 135.82 2.88
CA PHE B 2818 0.93 135.29 2.88
C PHE B 2818 1.92 136.31 2.33
N LEU B 2819 1.57 136.96 1.21
CA LEU B 2819 2.45 137.96 0.61
C LEU B 2819 2.56 139.19 1.50
N LYS B 2820 1.49 139.58 2.18
CA LYS B 2820 1.57 140.71 3.10
C LYS B 2820 2.50 140.42 4.27
N LYS B 2821 2.40 139.22 4.85
CA LYS B 2821 3.31 138.84 5.93
C LYS B 2821 4.75 138.79 5.45
N ILE B 2822 4.98 138.26 4.25
CA ILE B 2822 6.34 138.18 3.71
C ILE B 2822 6.90 139.58 3.47
N LEU B 2823 6.08 140.49 2.95
CA LEU B 2823 6.55 141.85 2.71
C LEU B 2823 6.87 142.58 4.01
N LYS B 2824 6.05 142.38 5.04
CA LYS B 2824 6.35 142.98 6.34
C LYS B 2824 7.65 142.44 6.92
N TYR B 2825 7.85 141.12 6.84
CA TYR B 2825 9.10 140.53 7.32
C TYR B 2825 10.29 140.99 6.48
N VAL B 2826 10.09 141.25 5.19
CA VAL B 2826 11.18 141.70 4.33
C VAL B 2826 11.59 143.12 4.68
N ASP B 2827 10.63 144.00 4.97
CA ASP B 2827 10.96 145.35 5.41
C ASP B 2827 11.68 145.34 6.76
N SER B 2828 11.19 144.51 7.70
CA SER B 2828 11.85 144.40 9.00
C SER B 2828 13.26 143.84 8.85
N ALA B 2829 13.44 142.86 7.97
CA ALA B 2829 14.77 142.31 7.70
C ALA B 2829 15.67 143.31 7.03
N GLN B 2830 15.11 144.20 6.21
CA GLN B 2830 15.90 145.27 5.60
C GLN B 2830 16.46 146.19 6.68
N GLU B 2831 15.61 146.58 7.64
CA GLU B 2831 16.09 147.43 8.74
C GLU B 2831 17.12 146.71 9.59
N PHE B 2832 16.90 145.42 9.89
CA PHE B 2832 17.83 144.66 10.71
C PHE B 2832 19.17 144.46 10.02
N ILE B 2833 19.15 144.21 8.70
CA ILE B 2833 20.38 144.04 7.94
C ILE B 2833 21.12 145.37 7.84
N ALA B 2834 20.39 146.49 7.74
CA ALA B 2834 21.05 147.80 7.77
C ALA B 2834 21.75 148.04 9.11
N HIS B 2835 21.10 147.68 10.22
CA HIS B 2835 21.73 147.83 11.53
C HIS B 2835 22.94 146.91 11.67
N LEU B 2836 22.83 145.67 11.18
CA LEU B 2836 23.95 144.74 11.24
C LEU B 2836 25.11 145.21 10.37
N GLU B 2837 24.82 145.80 9.22
CA GLU B 2837 25.85 146.37 8.36
C GLU B 2837 26.54 147.54 9.03
N ALA B 2838 25.79 148.37 9.74
CA ALA B 2838 26.39 149.45 10.52
C ALA B 2838 27.28 148.91 11.63
N ILE B 2839 26.86 147.81 12.27
CA ILE B 2839 27.66 147.18 13.31
C ILE B 2839 28.96 146.63 12.73
N VAL B 2840 28.88 145.97 11.57
CA VAL B 2840 30.06 145.41 10.92
C VAL B 2840 31.02 146.52 10.49
N SER B 2841 30.49 147.61 9.92
CA SER B 2841 31.31 148.74 9.53
C SER B 2841 31.90 149.47 10.73
N SER B 2842 31.27 149.37 11.91
CA SER B 2842 31.85 149.95 13.12
C SER B 2842 33.09 149.16 13.57
N GLY B 2843 33.15 147.87 13.26
CA GLY B 2843 34.29 147.05 13.59
C GLY B 2843 34.10 146.14 14.79
N LYS B 2844 33.01 146.31 15.55
CA LYS B 2844 32.77 145.47 16.71
C LYS B 2844 32.36 144.06 16.29
N THR B 2845 32.57 143.10 17.19
CA THR B 2845 32.24 141.71 16.95
C THR B 2845 31.17 141.20 17.91
N GLU B 2846 30.37 142.09 18.48
CA GLU B 2846 29.31 141.68 19.39
C GLU B 2846 28.16 141.03 18.63
N LYS B 2847 27.39 140.21 19.33
CA LYS B 2847 26.24 139.55 18.74
C LYS B 2847 25.15 140.56 18.43
N SER B 2848 24.46 140.36 17.31
CA SER B 2848 23.41 141.27 16.91
C SER B 2848 22.19 141.12 17.81
N PRO B 2849 21.50 142.22 18.14
CA PRO B 2849 20.29 142.11 18.95
C PRO B 2849 19.13 141.42 18.24
N HIS B 2850 19.14 141.37 16.92
CA HIS B 2850 18.07 140.77 16.14
C HIS B 2850 18.51 139.49 15.46
N ASP B 2851 19.27 138.66 16.18
CA ASP B 2851 19.77 137.42 15.60
C ASP B 2851 18.66 136.43 15.33
N GLN B 2852 17.64 136.38 16.20
CA GLN B 2852 16.52 135.48 16.00
C GLN B 2852 15.74 135.82 14.75
N GLU B 2853 15.51 137.11 14.50
CA GLU B 2853 14.77 137.53 13.31
C GLU B 2853 15.57 137.24 12.04
N ILE B 2854 16.88 137.44 12.07
CA ILE B 2854 17.71 137.13 10.92
C ILE B 2854 17.72 135.63 10.64
N LYS B 2855 17.80 134.82 11.70
CA LYS B 2855 17.78 133.37 11.53
C LYS B 2855 16.44 132.89 10.98
N PHE B 2856 15.33 133.47 11.45
CA PHE B 2856 14.03 133.10 10.92
C PHE B 2856 13.85 133.58 9.48
N PHE B 2857 14.41 134.74 9.13
CA PHE B 2857 14.30 135.24 7.77
C PHE B 2857 15.11 134.39 6.80
N ALA B 2858 16.31 133.98 7.18
CA ALA B 2858 17.20 133.30 6.26
C ALA B 2858 17.01 131.79 6.23
N LYS B 2859 16.66 131.17 7.37
CA LYS B 2859 16.60 129.72 7.45
C LYS B 2859 15.20 129.15 7.22
N VAL B 2860 14.16 129.97 7.30
CA VAL B 2860 12.78 129.52 7.16
C VAL B 2860 12.06 130.28 6.06
N LEU B 2861 12.10 131.61 6.10
CA LEU B 2861 11.23 132.43 5.25
C LEU B 2861 11.63 132.34 3.78
N LEU B 2862 12.93 132.49 3.49
CA LEU B 2862 13.38 132.44 2.09
C LEU B 2862 13.16 131.08 1.43
N PRO B 2863 13.49 129.92 2.03
CA PRO B 2863 13.11 128.66 1.37
C PRO B 2863 11.62 128.46 1.23
N LEU B 2864 10.83 128.96 2.19
CA LEU B 2864 9.37 128.87 2.09
C LEU B 2864 8.85 129.66 0.89
N VAL B 2865 9.36 130.88 0.71
CA VAL B 2865 8.98 131.70 -0.44
C VAL B 2865 9.40 131.03 -1.74
N ASP B 2866 10.63 130.50 -1.78
CA ASP B 2866 11.15 129.86 -2.99
C ASP B 2866 10.30 128.65 -3.38
N GLN B 2867 9.97 127.81 -2.40
CA GLN B 2867 9.18 126.61 -2.70
C GLN B 2867 7.73 126.98 -3.04
N TYR B 2868 7.18 128.00 -2.37
CA TYR B 2868 5.81 128.41 -2.65
C TYR B 2868 5.66 128.96 -4.05
N PHE B 2869 6.61 129.76 -4.51
CA PHE B 2869 6.53 130.26 -5.88
C PHE B 2869 7.05 129.26 -6.90
N THR B 2870 7.76 128.22 -6.47
CA THR B 2870 7.99 127.08 -7.36
C THR B 2870 6.69 126.32 -7.61
N ASN B 2871 5.88 126.15 -6.56
CA ASN B 2871 4.65 125.37 -6.71
C ASN B 2871 3.58 126.14 -7.46
N HIS B 2872 3.46 127.45 -7.21
CA HIS B 2872 2.32 128.24 -7.70
C HIS B 2872 2.76 129.39 -8.59
N HIS B 2873 3.69 129.16 -9.52
CA HIS B 2873 4.11 130.25 -10.39
C HIS B 2873 3.09 130.55 -11.48
N LEU B 2874 2.44 129.51 -12.00
CA LEU B 2874 1.45 129.72 -13.05
C LEU B 2874 0.19 130.39 -12.54
N TYR B 2875 -0.08 130.35 -11.24
CA TYR B 2875 -1.19 131.11 -10.68
C TYR B 2875 -0.93 132.61 -10.77
N PHE B 2876 0.30 133.04 -10.47
CA PHE B 2876 0.62 134.45 -10.53
C PHE B 2876 1.00 134.91 -11.93
N LEU B 2877 1.30 133.99 -12.84
CA LEU B 2877 1.59 134.36 -14.22
C LEU B 2877 0.37 134.39 -15.11
N SER B 2878 -0.78 133.92 -14.64
CA SER B 2878 -1.95 133.78 -15.49
C SER B 2878 -2.75 135.08 -15.54
N SER B 2879 -3.55 135.19 -16.59
CA SER B 2879 -4.40 136.34 -16.86
C SER B 2879 -5.72 135.80 -17.40
N PRO B 2880 -6.79 136.61 -17.39
CA PRO B 2880 -8.04 136.17 -18.05
C PRO B 2880 -7.89 135.87 -19.52
N LEU B 2881 -6.94 136.53 -20.21
CA LEU B 2881 -6.73 136.25 -21.64
C LEU B 2881 -6.12 134.86 -21.83
N LYS B 2882 -5.07 134.53 -21.09
CA LYS B 2882 -4.41 133.24 -21.23
C LYS B 2882 -4.51 132.44 -19.93
N PRO B 2883 -5.35 131.42 -19.87
CA PRO B 2883 -5.44 130.56 -18.65
C PRO B 2883 -4.29 129.57 -18.54
N LEU B 2884 -3.17 130.06 -17.99
CA LEU B 2884 -1.98 129.21 -17.87
C LEU B 2884 -2.13 128.18 -16.75
N SER B 2885 -2.95 128.48 -15.74
CA SER B 2885 -3.10 127.60 -14.58
C SER B 2885 -4.55 127.16 -14.43
N SER B 2886 -4.73 125.94 -13.95
CA SER B 2886 -6.07 125.42 -13.67
C SER B 2886 -6.66 125.97 -12.39
N SER B 2887 -5.82 126.46 -11.47
CA SER B 2887 -6.31 127.00 -10.20
C SER B 2887 -6.97 128.36 -10.37
N GLY B 2888 -6.67 129.07 -11.45
CA GLY B 2888 -7.22 130.41 -11.66
C GLY B 2888 -6.13 131.38 -12.05
N TYR B 2889 -6.27 132.63 -11.62
CA TYR B 2889 -5.25 133.63 -11.87
C TYR B 2889 -5.23 134.61 -10.69
N ALA B 2890 -4.05 135.17 -10.44
CA ALA B 2890 -3.90 136.12 -9.35
C ALA B 2890 -4.55 137.44 -9.70
N SER B 2891 -4.92 138.20 -8.66
CA SER B 2891 -5.48 139.52 -8.86
C SER B 2891 -4.35 140.52 -9.13
N HIS B 2892 -4.73 141.78 -9.36
CA HIS B 2892 -3.75 142.80 -9.66
C HIS B 2892 -2.88 143.12 -8.44
N LYS B 2893 -3.49 143.14 -7.25
CA LYS B 2893 -2.73 143.45 -6.04
C LYS B 2893 -1.75 142.34 -5.68
N GLU B 2894 -2.10 141.08 -5.96
CA GLU B 2894 -1.17 139.98 -5.70
C GLU B 2894 0.05 140.05 -6.61
N LYS B 2895 -0.17 140.36 -7.90
CA LYS B 2895 0.95 140.51 -8.83
C LYS B 2895 1.80 141.73 -8.46
N GLU B 2896 1.16 142.80 -8.00
CA GLU B 2896 1.88 143.96 -7.51
C GLU B 2896 2.74 143.61 -6.30
N MET B 2897 2.19 142.79 -5.39
CA MET B 2897 2.95 142.33 -4.24
C MET B 2897 4.12 141.45 -4.65
N VAL B 2898 3.94 140.60 -5.66
CA VAL B 2898 5.02 139.75 -6.14
C VAL B 2898 6.14 140.59 -6.73
N ALA B 2899 5.79 141.59 -7.55
CA ALA B 2899 6.80 142.47 -8.11
C ALA B 2899 7.52 143.29 -7.05
N SER B 2900 6.77 143.77 -6.05
CA SER B 2900 7.38 144.50 -4.94
C SER B 2900 8.32 143.62 -4.13
N LEU B 2901 7.93 142.37 -3.90
CA LEU B 2901 8.77 141.43 -3.16
C LEU B 2901 10.06 141.13 -3.91
N PHE B 2902 9.96 140.94 -5.24
CA PHE B 2902 11.16 140.73 -6.04
C PHE B 2902 12.08 141.94 -6.01
N CYS B 2903 11.52 143.14 -6.13
CA CYS B 2903 12.34 144.36 -6.11
C CYS B 2903 13.01 144.55 -4.75
N LYS B 2904 12.29 144.29 -3.66
CA LYS B 2904 12.85 144.49 -2.33
C LYS B 2904 13.93 143.45 -2.02
N LEU B 2905 13.71 142.19 -2.42
CA LEU B 2905 14.74 141.18 -2.22
C LEU B 2905 15.96 141.44 -3.08
N ALA B 2906 15.78 141.96 -4.30
CA ALA B 2906 16.92 142.28 -5.15
C ALA B 2906 17.69 143.48 -4.59
N ALA B 2907 16.98 144.45 -4.02
CA ALA B 2907 17.66 145.59 -3.41
C ALA B 2907 18.28 145.24 -2.06
N LEU B 2908 17.86 144.13 -1.44
CA LEU B 2908 18.40 143.76 -0.14
C LEU B 2908 19.82 143.20 -0.25
N VAL B 2909 20.18 142.62 -1.39
CA VAL B 2909 21.49 142.01 -1.57
C VAL B 2909 22.24 142.69 -2.71
N ARG B 2910 22.04 143.99 -2.87
CA ARG B 2910 22.67 144.71 -3.97
C ARG B 2910 24.18 144.72 -3.86
N HIS B 2911 24.71 144.76 -2.64
CA HIS B 2911 26.14 144.57 -2.45
C HIS B 2911 26.46 143.73 -1.22
N ARG B 2912 25.46 143.20 -0.53
CA ARG B 2912 25.66 142.49 0.74
C ARG B 2912 25.66 140.98 0.50
N ILE B 2913 26.71 140.51 -0.15
CA ILE B 2913 26.90 139.08 -0.39
C ILE B 2913 27.70 138.44 0.74
N SER B 2914 28.81 139.07 1.13
CA SER B 2914 29.60 138.57 2.25
C SER B 2914 28.88 138.72 3.58
N LEU B 2915 27.94 139.67 3.68
CA LEU B 2915 27.11 139.76 4.87
C LEU B 2915 26.21 138.53 5.00
N PHE B 2916 25.62 138.08 3.89
CA PHE B 2916 24.74 136.92 3.93
C PHE B 2916 25.54 135.64 4.09
N GLY B 2917 26.70 135.55 3.46
CA GLY B 2917 27.55 134.38 3.59
C GLY B 2917 26.99 133.15 2.91
N SER B 2918 26.53 132.17 3.70
CA SER B 2918 25.98 130.95 3.15
C SER B 2918 24.51 131.09 2.74
N ASP B 2919 23.83 132.15 3.18
CA ASP B 2919 22.44 132.40 2.81
C ASP B 2919 22.32 133.12 1.48
N SER B 2920 23.43 133.52 0.88
CA SER B 2920 23.39 134.17 -0.42
C SER B 2920 22.90 133.21 -1.51
N THR B 2921 23.20 131.92 -1.38
CA THR B 2921 22.71 130.94 -2.33
C THR B 2921 21.19 130.83 -2.27
N THR B 2922 20.63 130.81 -1.05
CA THR B 2922 19.19 130.77 -0.88
C THR B 2922 18.54 132.05 -1.40
N MET B 2923 19.19 133.20 -1.16
CA MET B 2923 18.66 134.47 -1.66
C MET B 2923 18.66 134.52 -3.18
N VAL B 2924 19.73 134.04 -3.81
CA VAL B 2924 19.82 134.05 -5.26
C VAL B 2924 18.83 133.06 -5.87
N SER B 2925 18.62 131.91 -5.22
CA SER B 2925 17.61 130.96 -5.69
C SER B 2925 16.20 131.53 -5.59
N CYS B 2926 15.91 132.23 -4.49
CA CYS B 2926 14.61 132.87 -4.33
C CYS B 2926 14.39 133.97 -5.36
N LEU B 2927 15.44 134.74 -5.66
CA LEU B 2927 15.33 135.76 -6.70
C LEU B 2927 15.20 135.13 -8.09
N HIS B 2928 15.81 133.97 -8.31
CA HIS B 2928 15.61 133.24 -9.57
C HIS B 2928 14.16 132.81 -9.73
N ILE B 2929 13.56 132.30 -8.66
CA ILE B 2929 12.17 131.84 -8.78
C ILE B 2929 11.20 133.01 -8.79
N LEU B 2930 11.58 134.18 -8.26
CA LEU B 2930 10.72 135.34 -8.34
C LEU B 2930 10.84 136.08 -9.67
N ALA B 2931 11.99 135.95 -10.33
CA ALA B 2931 12.17 136.55 -11.64
C ALA B 2931 11.32 135.87 -12.71
N GLN B 2932 10.88 134.65 -12.46
CA GLN B 2932 10.08 133.89 -13.41
C GLN B 2932 8.58 133.93 -13.10
N THR B 2933 8.16 134.68 -12.09
CA THR B 2933 6.74 134.89 -11.80
C THR B 2933 6.28 136.29 -12.12
N LEU B 2934 7.13 137.14 -12.69
CA LEU B 2934 6.79 138.53 -12.90
C LEU B 2934 5.85 138.67 -14.09
N ASP B 2935 4.63 139.11 -13.81
CA ASP B 2935 3.69 139.52 -14.85
C ASP B 2935 3.77 141.05 -14.94
N THR B 2936 4.85 141.51 -15.59
CA THR B 2936 5.14 142.94 -15.63
C THR B 2936 4.17 143.72 -16.49
N ARG B 2937 3.44 143.05 -17.39
CA ARG B 2937 2.44 143.73 -18.21
C ARG B 2937 1.31 144.30 -17.36
N THR B 2938 0.77 143.47 -16.46
CA THR B 2938 -0.30 143.92 -15.58
C THR B 2938 0.20 144.93 -14.56
N VAL B 2939 1.42 144.73 -14.06
CA VAL B 2939 1.97 145.63 -13.05
C VAL B 2939 2.22 147.01 -13.64
N MET B 2940 2.82 147.07 -14.82
CA MET B 2940 3.06 148.35 -15.46
C MET B 2940 1.78 148.97 -15.99
N LYS B 2941 0.80 148.16 -16.37
CA LYS B 2941 -0.46 148.69 -16.87
C LYS B 2941 -1.38 149.14 -15.74
N SER B 2942 -1.58 148.28 -14.73
CA SER B 2942 -2.44 148.57 -13.59
C SER B 2942 -1.66 148.25 -12.33
N GLY B 2943 -0.92 149.23 -11.82
CA GLY B 2943 -0.16 149.05 -10.59
C GLY B 2943 0.12 150.39 -9.95
N SER B 2944 0.64 150.32 -8.73
CA SER B 2944 1.01 151.53 -8.04
C SER B 2944 2.30 152.12 -8.62
N GLU B 2945 2.49 153.42 -8.39
CA GLU B 2945 3.66 154.09 -8.93
C GLU B 2945 4.94 153.65 -8.23
N LEU B 2946 4.83 153.27 -6.96
CA LEU B 2946 6.01 152.84 -6.19
C LEU B 2946 6.60 151.56 -6.75
N VAL B 2947 5.75 150.61 -7.15
CA VAL B 2947 6.24 149.33 -7.67
C VAL B 2947 6.87 149.50 -9.05
N LYS B 2948 6.25 150.33 -9.91
CA LYS B 2948 6.84 150.62 -11.21
C LYS B 2948 8.17 151.34 -11.06
N ALA B 2949 8.24 152.29 -10.12
CA ALA B 2949 9.50 152.96 -9.82
C ALA B 2949 10.53 151.98 -9.29
N GLY B 2950 10.10 150.99 -8.52
CA GLY B 2950 11.02 149.99 -8.02
C GLY B 2950 11.59 149.11 -9.12
N LEU B 2951 10.75 148.72 -10.09
CA LEU B 2951 11.23 147.93 -11.22
C LEU B 2951 12.22 148.72 -12.08
N ARG B 2952 11.88 149.98 -12.39
CA ARG B 2952 12.78 150.82 -13.16
C ARG B 2952 14.07 151.10 -12.40
N ALA B 2953 13.97 151.24 -11.07
CA ALA B 2953 15.15 151.41 -10.24
C ALA B 2953 16.01 150.16 -10.22
N PHE B 2954 15.40 148.97 -10.26
CA PHE B 2954 16.17 147.74 -10.34
C PHE B 2954 16.98 147.68 -11.63
N PHE B 2955 16.35 148.04 -12.75
CA PHE B 2955 17.08 148.03 -14.03
C PHE B 2955 18.20 149.08 -14.03
N GLU B 2956 17.92 150.28 -13.49
CA GLU B 2956 18.94 151.32 -13.43
C GLU B 2956 20.09 150.92 -12.50
N ASN B 2957 19.78 150.26 -11.39
CA ASN B 2957 20.82 149.80 -10.48
C ASN B 2957 21.69 148.73 -11.11
N ALA B 2958 21.09 147.82 -11.88
CA ALA B 2958 21.87 146.83 -12.61
C ALA B 2958 22.80 147.49 -13.62
N ALA B 2959 22.30 148.51 -14.32
CA ALA B 2959 23.14 149.26 -15.27
C ALA B 2959 24.30 149.95 -14.56
N GLU B 2960 24.02 150.56 -13.40
CA GLU B 2960 25.07 151.26 -12.65
C GLU B 2960 26.13 150.29 -12.14
N ASP B 2961 25.71 149.13 -11.63
CA ASP B 2961 26.67 148.16 -11.12
C ASP B 2961 27.53 147.58 -12.25
N LEU B 2962 26.93 147.34 -13.42
CA LEU B 2962 27.71 146.87 -14.56
C LEU B 2962 28.71 147.93 -15.02
N GLU B 2963 28.30 149.21 -15.03
CA GLU B 2963 29.22 150.28 -15.39
C GLU B 2963 30.37 150.39 -14.41
N LYS B 2964 30.09 150.26 -13.11
CA LYS B 2964 31.14 150.30 -12.10
C LYS B 2964 32.10 149.13 -12.25
N THR B 2965 31.58 147.93 -12.54
CA THR B 2965 32.45 146.78 -12.77
C THR B 2965 33.33 146.97 -14.00
N SER B 2966 32.75 147.52 -15.07
CA SER B 2966 33.54 147.79 -16.28
C SER B 2966 34.63 148.83 -16.03
N GLU B 2967 34.31 149.88 -15.28
CA GLU B 2967 35.30 150.91 -14.97
C GLU B 2967 36.40 150.37 -14.07
N ASN B 2968 36.05 149.50 -13.12
CA ASN B 2968 37.08 148.90 -12.27
C ASN B 2968 37.97 147.94 -13.04
N LEU B 2969 37.40 147.21 -14.02
CA LEU B 2969 38.23 146.31 -14.81
C LEU B 2969 39.10 147.06 -15.82
N LYS B 2970 38.63 148.20 -16.33
CA LYS B 2970 39.46 148.99 -17.24
C LYS B 2970 40.63 149.64 -16.52
N LEU B 2971 40.46 150.02 -15.27
CA LEU B 2971 41.50 150.67 -14.50
C LEU B 2971 42.35 149.70 -13.68
N GLY B 2972 42.13 148.40 -13.82
CA GLY B 2972 42.91 147.41 -13.11
C GLY B 2972 42.58 147.34 -11.62
N VAL B 2984 36.21 146.65 -5.22
CA VAL B 2984 36.68 145.97 -6.43
C VAL B 2984 36.27 144.51 -6.39
N SER B 2985 36.74 143.78 -5.37
CA SER B 2985 36.40 142.37 -5.24
C SER B 2985 34.92 142.18 -4.89
N GLN B 2986 34.34 143.10 -4.12
CA GLN B 2986 32.93 142.99 -3.77
C GLN B 2986 32.03 143.18 -4.99
N ASN B 2987 32.34 144.18 -5.83
CA ASN B 2987 31.58 144.39 -7.04
C ASN B 2987 31.72 143.23 -8.02
N ILE B 2988 32.93 142.68 -8.13
CA ILE B 2988 33.18 141.54 -9.00
C ILE B 2988 32.40 140.32 -8.53
N ASN B 2989 32.43 140.06 -7.22
CA ASN B 2989 31.72 138.90 -6.68
C ASN B 2989 30.21 139.06 -6.81
N TYR B 2990 29.68 140.26 -6.55
CA TYR B 2990 28.25 140.50 -6.72
C TYR B 2990 27.83 140.35 -8.18
N THR B 2991 28.64 140.86 -9.11
CA THR B 2991 28.33 140.72 -10.53
C THR B 2991 28.35 139.25 -10.95
N THR B 2992 29.29 138.48 -10.40
CA THR B 2992 29.38 137.06 -10.76
C THR B 2992 28.21 136.26 -10.21
N VAL B 2993 27.87 136.44 -8.93
CA VAL B 2993 26.96 135.51 -8.27
C VAL B 2993 25.54 136.02 -8.10
N ALA B 2994 25.29 137.33 -8.26
CA ALA B 2994 23.95 137.83 -7.98
C ALA B 2994 23.48 138.91 -8.96
N LEU B 2995 24.20 139.18 -10.03
CA LEU B 2995 23.73 140.15 -11.01
C LEU B 2995 23.54 139.55 -12.39
N LEU B 2996 24.57 138.88 -12.93
CA LEU B 2996 24.43 138.24 -14.24
C LEU B 2996 23.40 137.11 -14.28
N PRO B 2997 23.34 136.17 -13.31
CA PRO B 2997 22.25 135.16 -13.39
C PRO B 2997 20.86 135.74 -13.25
N ILE B 2998 20.67 136.75 -12.40
CA ILE B 2998 19.34 137.32 -12.20
C ILE B 2998 18.91 138.15 -13.41
N LEU B 2999 19.85 138.89 -14.00
CA LEU B 2999 19.57 139.59 -15.25
C LEU B 2999 19.26 138.61 -16.37
N THR B 3000 19.99 137.49 -16.43
CA THR B 3000 19.70 136.47 -17.43
C THR B 3000 18.30 135.89 -17.25
N SER B 3001 17.90 135.63 -16.00
CA SER B 3001 16.57 135.12 -15.73
C SER B 3001 15.49 136.13 -16.11
N ILE B 3002 15.73 137.41 -15.81
CA ILE B 3002 14.76 138.46 -16.14
C ILE B 3002 14.59 138.58 -17.65
N PHE B 3003 15.70 138.59 -18.39
CA PHE B 3003 15.64 138.74 -19.83
C PHE B 3003 15.03 137.50 -20.49
N GLU B 3004 15.34 136.31 -19.99
CA GLU B 3004 14.71 135.10 -20.51
C GLU B 3004 13.22 135.07 -20.22
N HIS B 3005 12.82 135.57 -19.04
CA HIS B 3005 11.40 135.60 -18.70
C HIS B 3005 10.64 136.58 -19.59
N VAL B 3006 11.20 137.77 -19.83
CA VAL B 3006 10.49 138.72 -20.68
C VAL B 3006 10.57 138.34 -22.15
N ALA B 3007 11.57 137.55 -22.56
CA ALA B 3007 11.60 137.07 -23.93
C ALA B 3007 10.64 135.92 -24.15
N GLN B 3008 10.48 135.04 -23.15
CA GLN B 3008 9.62 133.88 -23.31
C GLN B 3008 8.14 134.26 -23.35
N HIS B 3009 7.73 135.17 -22.48
CA HIS B 3009 6.33 135.58 -22.39
C HIS B 3009 6.03 136.82 -23.22
N GLN B 3010 7.01 137.31 -23.98
CA GLN B 3010 6.88 138.48 -24.87
C GLN B 3010 6.45 139.73 -24.11
N PHE B 3011 6.99 139.89 -22.90
CA PHE B 3011 6.76 141.10 -22.12
C PHE B 3011 7.68 142.25 -22.52
N GLY B 3012 8.76 141.96 -23.25
CA GLY B 3012 9.78 142.95 -23.52
C GLY B 3012 9.36 144.05 -24.46
N VAL B 3013 8.33 143.81 -25.27
CA VAL B 3013 7.84 144.84 -26.18
C VAL B 3013 7.15 145.96 -25.40
N ASP B 3014 6.38 145.61 -24.36
CA ASP B 3014 5.65 146.57 -23.56
C ASP B 3014 6.40 147.02 -22.31
N LEU B 3015 7.58 146.47 -22.04
CA LEU B 3015 8.32 146.79 -20.82
C LEU B 3015 9.55 147.65 -21.07
N LEU B 3016 10.38 147.27 -22.04
CA LEU B 3016 11.66 147.95 -22.27
C LEU B 3016 11.48 149.17 -23.17
N LEU B 3017 10.71 150.12 -22.65
CA LEU B 3017 10.36 151.35 -23.37
C LEU B 3017 10.69 152.55 -22.51
N GLY B 3018 11.39 153.52 -23.07
CA GLY B 3018 11.66 154.78 -22.38
C GLY B 3018 12.93 154.70 -21.55
N ASP B 3019 12.79 154.97 -20.24
CA ASP B 3019 13.95 154.95 -19.35
C ASP B 3019 14.51 153.55 -19.19
N VAL B 3020 13.63 152.54 -19.20
CA VAL B 3020 14.07 151.16 -19.14
C VAL B 3020 14.88 150.80 -20.38
N GLN B 3021 14.51 151.36 -21.54
CA GLN B 3021 15.28 151.11 -22.75
C GLN B 3021 16.66 151.74 -22.69
N ILE B 3022 16.78 152.92 -22.07
CA ILE B 3022 18.10 153.54 -21.90
C ILE B 3022 18.95 152.73 -20.94
N SER B 3023 18.33 152.21 -19.86
CA SER B 3023 19.05 151.34 -18.94
C SER B 3023 19.50 150.05 -19.64
N CYS B 3024 18.66 149.51 -20.52
CA CYS B 3024 19.04 148.33 -21.30
C CYS B 3024 20.16 148.64 -22.29
N TYR B 3025 20.17 149.87 -22.84
CA TYR B 3025 21.31 150.29 -23.67
C TYR B 3025 22.61 150.31 -22.88
N HIS B 3026 22.57 150.86 -21.67
CA HIS B 3026 23.76 150.88 -20.82
C HIS B 3026 24.20 149.47 -20.45
N ILE B 3027 23.24 148.60 -20.12
CA ILE B 3027 23.54 147.20 -19.81
C ILE B 3027 24.17 146.50 -21.00
N LEU B 3028 23.63 146.74 -22.20
CA LEU B 3028 24.15 146.12 -23.42
C LEU B 3028 25.57 146.57 -23.71
N CYS B 3029 25.84 147.87 -23.58
CA CYS B 3029 27.19 148.37 -23.81
C CYS B 3029 28.18 147.83 -22.79
N SER B 3030 27.77 147.78 -21.50
CA SER B 3030 28.65 147.25 -20.48
C SER B 3030 28.94 145.76 -20.69
N LEU B 3031 27.91 144.97 -21.04
CA LEU B 3031 28.08 143.55 -21.26
C LEU B 3031 28.97 143.27 -22.47
N TYR B 3032 28.79 144.04 -23.55
CA TYR B 3032 29.63 143.84 -24.73
C TYR B 3032 31.08 144.23 -24.44
N SER B 3033 31.29 145.33 -23.74
CA SER B 3033 32.65 145.76 -23.42
C SER B 3033 33.34 144.79 -22.46
N LEU B 3034 32.58 144.20 -21.53
CA LEU B 3034 33.17 143.22 -20.64
C LEU B 3034 33.48 141.92 -21.36
N GLY B 3035 32.56 141.44 -22.21
CA GLY B 3035 32.77 140.18 -22.88
C GLY B 3035 33.89 140.22 -23.91
N THR B 3036 33.96 141.30 -24.69
CA THR B 3036 34.94 141.38 -25.76
C THR B 3036 36.31 141.85 -25.30
N GLY B 3037 36.46 142.23 -24.04
CA GLY B 3037 37.74 142.68 -23.53
C GLY B 3037 38.68 141.53 -23.23
N LYS B 3038 39.90 141.90 -22.83
CA LYS B 3038 40.97 140.94 -22.50
C LYS B 3038 41.49 141.27 -21.11
N ASN B 3039 40.93 140.61 -20.09
CA ASN B 3039 41.34 140.80 -18.71
C ASN B 3039 41.49 139.44 -18.04
N ILE B 3040 41.87 139.46 -16.76
CA ILE B 3040 41.93 138.23 -15.98
C ILE B 3040 40.53 137.73 -15.68
N TYR B 3041 39.61 138.65 -15.34
CA TYR B 3041 38.25 138.27 -15.00
C TYR B 3041 37.46 137.78 -16.21
N VAL B 3042 37.76 138.32 -17.39
CA VAL B 3042 36.97 138.04 -18.59
C VAL B 3042 37.12 136.58 -19.00
N GLU B 3043 38.33 136.04 -18.90
CA GLU B 3043 38.61 134.67 -19.33
C GLU B 3043 37.94 133.62 -18.45
N ARG B 3044 37.43 133.99 -17.28
CA ARG B 3044 36.73 133.06 -16.41
C ARG B 3044 35.22 133.21 -16.48
N GLN B 3045 34.71 134.38 -16.82
CA GLN B 3045 33.28 134.65 -16.82
C GLN B 3045 32.76 135.02 -18.21
N ARG B 3046 33.52 134.71 -19.25
CA ARG B 3046 33.03 134.93 -20.62
C ARG B 3046 31.76 134.18 -20.98
N PRO B 3047 31.57 132.89 -20.63
CA PRO B 3047 30.26 132.26 -20.94
C PRO B 3047 29.07 132.93 -20.26
N ALA B 3048 29.22 133.41 -19.01
CA ALA B 3048 28.10 134.05 -18.33
C ALA B 3048 27.79 135.40 -18.95
N LEU B 3049 28.82 136.16 -19.32
CA LEU B 3049 28.60 137.44 -20.00
C LEU B 3049 27.95 137.22 -21.37
N GLY B 3050 28.39 136.20 -22.09
CA GLY B 3050 27.76 135.88 -23.37
C GLY B 3050 26.32 135.43 -23.22
N GLU B 3051 26.03 134.66 -22.17
CA GLU B 3051 24.66 134.22 -21.92
C GLU B 3051 23.75 135.40 -21.58
N CYS B 3052 24.23 136.34 -20.74
CA CYS B 3052 23.43 137.50 -20.39
C CYS B 3052 23.23 138.42 -21.59
N LEU B 3053 24.27 138.60 -22.42
CA LEU B 3053 24.15 139.42 -23.61
C LEU B 3053 23.20 138.81 -24.63
N ALA B 3054 23.24 137.49 -24.79
CA ALA B 3054 22.32 136.82 -25.70
C ALA B 3054 20.89 136.82 -25.18
N SER B 3055 20.71 136.79 -23.86
CA SER B 3055 19.37 136.92 -23.30
C SER B 3055 18.82 138.32 -23.53
N LEU B 3056 19.67 139.34 -23.38
CA LEU B 3056 19.22 140.71 -23.63
C LEU B 3056 18.94 140.96 -25.10
N ALA B 3057 19.72 140.34 -25.99
CA ALA B 3057 19.57 140.57 -27.43
C ALA B 3057 18.25 140.04 -27.99
N ALA B 3058 17.61 139.10 -27.30
CA ALA B 3058 16.36 138.51 -27.74
C ALA B 3058 15.14 139.15 -27.08
N ALA B 3059 15.34 140.25 -26.34
CA ALA B 3059 14.23 140.85 -25.60
C ALA B 3059 14.10 142.34 -25.89
N ILE B 3060 15.20 143.02 -26.17
CA ILE B 3060 15.15 144.47 -26.37
C ILE B 3060 14.52 144.79 -27.72
N PRO B 3061 13.54 145.70 -27.79
CA PRO B 3061 12.78 145.87 -29.03
C PRO B 3061 13.38 146.83 -30.02
N VAL B 3062 14.67 147.16 -29.89
CA VAL B 3062 15.33 148.02 -30.86
C VAL B 3062 16.47 147.25 -31.53
N ALA B 3063 16.71 147.57 -32.80
CA ALA B 3063 17.76 146.93 -33.59
C ALA B 3063 19.04 147.71 -33.36
N PHE B 3064 19.80 147.30 -32.33
CA PHE B 3064 21.02 148.01 -31.97
C PHE B 3064 22.18 147.70 -32.91
N LEU B 3065 22.11 146.61 -33.65
CA LEU B 3065 23.13 146.33 -34.66
C LEU B 3065 22.84 147.01 -35.98
N GLU B 3066 21.65 147.60 -36.14
CA GLU B 3066 21.27 148.30 -37.37
C GLU B 3066 20.69 149.65 -37.00
N PRO B 3067 21.54 150.62 -36.63
CA PRO B 3067 21.02 151.93 -36.23
C PRO B 3067 20.58 152.80 -37.40
N THR B 3068 20.89 152.40 -38.64
CA THR B 3068 20.53 153.22 -39.79
C THR B 3068 19.02 153.27 -40.00
N LEU B 3069 18.34 152.14 -39.84
CA LEU B 3069 16.91 152.04 -40.08
C LEU B 3069 16.09 152.31 -38.83
N ASN B 3070 16.69 152.91 -37.80
CA ASN B 3070 16.01 153.12 -36.52
C ASN B 3070 14.83 154.09 -36.64
N ARG B 3071 14.79 154.90 -37.70
CA ARG B 3071 13.65 155.77 -37.93
C ARG B 3071 12.37 154.99 -38.23
N TYR B 3072 12.48 153.73 -38.66
CA TYR B 3072 11.31 152.92 -38.96
C TYR B 3072 10.87 152.06 -37.77
N ASN B 3073 11.52 152.21 -36.62
CA ASN B 3073 11.15 151.45 -35.43
C ASN B 3073 10.33 152.34 -34.52
N PRO B 3074 9.03 152.10 -34.36
CA PRO B 3074 8.22 152.98 -33.51
C PRO B 3074 8.46 152.79 -32.02
N LEU B 3075 9.03 151.66 -31.60
CA LEU B 3075 9.25 151.36 -30.20
C LEU B 3075 10.54 151.95 -29.65
N SER B 3076 11.33 152.62 -30.48
CA SER B 3076 12.56 153.23 -30.02
C SER B 3076 12.27 154.49 -29.23
N VAL B 3077 13.18 154.82 -28.31
CA VAL B 3077 13.03 156.04 -27.51
C VAL B 3077 13.30 157.28 -28.35
N PHE B 3078 14.01 157.15 -29.47
CA PHE B 3078 14.25 158.29 -30.35
C PHE B 3078 13.01 158.64 -31.17
N ASN B 3079 12.25 157.62 -31.57
CA ASN B 3079 11.04 157.85 -32.36
C ASN B 3079 9.83 158.19 -31.49
N THR B 3080 9.96 158.10 -30.17
CA THR B 3080 8.87 158.42 -29.25
C THR B 3080 9.08 159.73 -28.52
N LYS B 3081 10.21 159.89 -27.84
CA LYS B 3081 10.45 161.08 -27.04
C LYS B 3081 10.99 162.22 -27.89
N THR B 3082 10.63 163.44 -27.52
CA THR B 3082 11.09 164.62 -28.21
C THR B 3082 12.58 164.84 -27.95
N PRO B 3083 13.27 165.55 -28.84
CA PRO B 3083 14.69 165.87 -28.59
C PRO B 3083 14.93 166.67 -27.32
N ARG B 3084 13.97 167.50 -26.92
CA ARG B 3084 14.09 168.22 -25.64
C ARG B 3084 14.07 167.25 -24.47
N GLU B 3085 13.20 166.25 -24.50
CA GLU B 3085 13.14 165.25 -23.44
C GLU B 3085 14.42 164.42 -23.38
N ARG B 3086 14.94 164.03 -24.55
CA ARG B 3086 16.17 163.25 -24.56
C ARG B 3086 17.39 164.09 -24.22
N SER B 3087 17.32 165.41 -24.40
CA SER B 3087 18.37 166.29 -23.89
C SER B 3087 18.27 166.47 -22.38
N ILE B 3088 17.05 166.49 -21.84
CA ILE B 3088 16.86 166.54 -20.39
C ILE B 3088 17.39 165.26 -19.74
N LEU B 3089 17.11 164.11 -20.35
CA LEU B 3089 17.58 162.84 -19.82
C LEU B 3089 19.09 162.68 -19.94
N GLY B 3090 19.75 163.46 -20.80
CA GLY B 3090 21.19 163.41 -20.95
C GLY B 3090 21.69 162.44 -22.02
N MET B 3091 20.80 161.65 -22.62
CA MET B 3091 21.22 160.76 -23.68
C MET B 3091 21.51 161.55 -24.95
N PRO B 3092 22.41 161.07 -25.80
CA PRO B 3092 22.71 161.80 -27.04
C PRO B 3092 21.53 161.80 -28.01
N ASP B 3093 21.53 162.82 -28.87
CA ASP B 3093 20.44 163.03 -29.81
C ASP B 3093 20.56 162.20 -31.08
N THR B 3094 21.62 161.40 -31.21
CA THR B 3094 21.83 160.56 -32.38
C THR B 3094 21.81 159.10 -31.95
N VAL B 3095 21.16 158.25 -32.76
CA VAL B 3095 21.05 156.85 -32.42
C VAL B 3095 22.34 156.09 -32.73
N GLU B 3096 23.23 156.65 -33.55
CA GLU B 3096 24.51 156.02 -33.84
C GLU B 3096 25.52 156.18 -32.70
N GLU B 3097 25.22 157.01 -31.71
CA GLU B 3097 26.11 157.28 -30.60
C GLU B 3097 25.76 156.48 -29.35
N MET B 3098 24.70 155.67 -29.39
CA MET B 3098 24.31 154.88 -28.22
C MET B 3098 25.24 153.70 -28.00
N CYS B 3099 25.67 153.04 -29.07
CA CYS B 3099 26.56 151.89 -29.00
C CYS B 3099 27.74 152.14 -29.91
N PRO B 3100 28.73 152.92 -29.46
CA PRO B 3100 29.87 153.25 -30.33
C PRO B 3100 30.88 152.11 -30.44
N ASP B 3101 30.97 151.27 -29.41
CA ASP B 3101 31.93 150.18 -29.40
C ASP B 3101 31.38 148.87 -29.93
N ILE B 3102 30.10 148.83 -30.28
CA ILE B 3102 29.46 147.63 -30.82
C ILE B 3102 29.45 147.74 -32.34
N PRO B 3103 30.06 146.80 -33.07
CA PRO B 3103 30.04 146.86 -34.52
C PRO B 3103 28.64 146.62 -35.07
N GLN B 3104 28.43 147.08 -36.30
CA GLN B 3104 27.15 146.90 -36.95
C GLN B 3104 27.02 145.47 -37.48
N LEU B 3105 25.85 145.18 -38.06
CA LEU B 3105 25.52 143.81 -38.45
C LEU B 3105 26.42 143.33 -39.59
N GLU B 3106 26.68 144.19 -40.58
CA GLU B 3106 27.52 143.80 -41.72
C GLU B 3106 28.96 143.53 -41.28
N GLY B 3107 29.50 144.35 -40.39
CA GLY B 3107 30.85 144.14 -39.91
C GLY B 3107 30.99 142.87 -39.10
N LEU B 3108 30.02 142.59 -38.23
CA LEU B 3108 30.03 141.36 -37.44
C LEU B 3108 29.93 140.12 -38.32
N MET B 3109 29.03 140.16 -39.31
CA MET B 3109 28.87 139.01 -40.20
C MET B 3109 30.10 138.80 -41.07
N LYS B 3110 30.72 139.89 -41.55
CA LYS B 3110 31.94 139.76 -42.32
C LYS B 3110 33.09 139.22 -41.46
N GLU B 3111 33.17 139.65 -40.20
CA GLU B 3111 34.19 139.14 -39.29
C GLU B 3111 34.02 137.65 -39.04
N ILE B 3112 32.78 137.21 -38.80
CA ILE B 3112 32.53 135.79 -38.54
C ILE B 3112 32.79 134.96 -39.78
N SER B 3113 32.42 135.47 -40.96
CA SER B 3113 32.69 134.76 -42.21
C SER B 3113 34.19 134.63 -42.47
N ASP B 3114 34.95 135.71 -42.23
CA ASP B 3114 36.38 135.66 -42.43
C ASP B 3114 37.07 134.75 -41.42
N LEU B 3115 36.55 134.68 -40.20
CA LEU B 3115 37.13 133.77 -39.21
C LEU B 3115 36.78 132.32 -39.50
N ALA B 3116 35.59 132.05 -40.05
CA ALA B 3116 35.22 130.68 -40.37
C ALA B 3116 35.96 130.19 -41.62
N GLU B 3117 36.12 131.04 -42.62
CA GLU B 3117 36.78 130.65 -43.85
C GLU B 3117 38.29 130.54 -43.71
N SER B 3118 38.87 131.05 -42.63
CA SER B 3118 40.31 131.01 -42.43
C SER B 3118 40.79 129.77 -41.69
N GLY B 3119 39.88 128.92 -41.22
CA GLY B 3119 40.26 127.76 -40.44
C GLY B 3119 40.87 128.10 -39.09
N ALA B 3120 40.35 129.12 -38.42
CA ALA B 3120 40.90 129.54 -37.15
C ALA B 3120 40.52 128.57 -36.04
N ARG B 3121 41.35 128.54 -35.00
CA ARG B 3121 41.07 127.77 -33.81
C ARG B 3121 40.32 128.62 -32.79
N TYR B 3122 39.89 127.96 -31.70
CA TYR B 3122 39.17 128.67 -30.65
C TYR B 3122 40.08 129.63 -29.89
N THR B 3123 41.38 129.34 -29.83
CA THR B 3123 42.31 130.21 -29.13
C THR B 3123 42.46 131.55 -29.83
N GLU B 3124 42.26 131.59 -31.14
CA GLU B 3124 42.29 132.86 -31.87
C GLU B 3124 41.03 133.68 -31.65
N MET B 3125 39.87 133.02 -31.52
CA MET B 3125 38.57 133.70 -31.42
C MET B 3125 37.76 133.17 -30.24
N PRO B 3126 38.15 133.50 -29.00
CA PRO B 3126 37.32 133.08 -27.86
C PRO B 3126 36.06 133.91 -27.70
N HIS B 3127 36.18 135.23 -27.83
CA HIS B 3127 35.05 136.13 -27.65
C HIS B 3127 34.11 136.15 -28.83
N VAL B 3128 34.58 135.78 -30.03
CA VAL B 3128 33.71 135.67 -31.17
C VAL B 3128 32.78 134.47 -31.00
N ILE B 3129 33.31 133.35 -30.51
CA ILE B 3129 32.49 132.16 -30.32
C ILE B 3129 31.59 132.31 -29.10
N GLU B 3130 32.12 132.83 -27.99
CA GLU B 3130 31.40 132.78 -26.73
C GLU B 3130 30.60 134.03 -26.38
N VAL B 3131 30.76 135.13 -27.12
CA VAL B 3131 30.01 136.34 -26.82
C VAL B 3131 29.26 136.83 -28.06
N ILE B 3132 29.98 137.01 -29.16
CA ILE B 3132 29.39 137.63 -30.35
C ILE B 3132 28.39 136.67 -31.02
N LEU B 3133 28.78 135.40 -31.16
CA LEU B 3133 27.93 134.45 -31.89
C LEU B 3133 26.58 134.16 -31.21
N PRO B 3134 26.49 133.91 -29.89
CA PRO B 3134 25.13 133.73 -29.31
C PRO B 3134 24.26 134.96 -29.40
N MET B 3135 24.85 136.14 -29.18
CA MET B 3135 24.11 137.39 -29.32
C MET B 3135 23.60 137.57 -30.74
N LEU B 3136 24.43 137.24 -31.73
CA LEU B 3136 24.02 137.36 -33.12
C LEU B 3136 22.92 136.36 -33.48
N CYS B 3137 23.01 135.14 -32.96
CA CYS B 3137 21.98 134.15 -33.21
C CYS B 3137 20.63 134.58 -32.64
N ASN B 3138 20.64 135.08 -31.39
CA ASN B 3138 19.39 135.54 -30.78
C ASN B 3138 18.85 136.79 -31.47
N TYR B 3139 19.74 137.69 -31.88
CA TYR B 3139 19.34 138.90 -32.59
C TYR B 3139 18.70 138.58 -33.93
N LEU B 3140 19.30 137.67 -34.70
CA LEU B 3140 18.75 137.30 -36.00
C LEU B 3140 17.44 136.55 -35.84
N SER B 3141 17.34 135.68 -34.82
CA SER B 3141 16.09 134.98 -34.58
C SER B 3141 14.98 135.95 -34.17
N TYR B 3142 15.31 136.98 -33.39
CA TYR B 3142 14.31 137.96 -33.00
C TYR B 3142 13.87 138.81 -34.19
N TRP B 3143 14.82 139.33 -34.96
CA TRP B 3143 14.51 140.32 -35.98
C TRP B 3143 14.23 139.73 -37.35
N TRP B 3144 14.25 138.40 -37.50
CA TRP B 3144 13.74 137.82 -38.73
C TRP B 3144 12.24 138.03 -38.84
N GLU B 3145 11.52 137.96 -37.71
CA GLU B 3145 10.07 138.06 -37.73
C GLU B 3145 9.58 139.47 -37.99
N ARG B 3146 10.42 140.47 -37.80
CA ARG B 3146 10.05 141.87 -38.01
C ARG B 3146 10.76 142.45 -39.23
N GLY B 3147 11.01 141.64 -40.24
CA GLY B 3147 11.75 142.07 -41.39
C GLY B 3147 11.02 141.82 -42.70
N PRO B 3148 11.76 141.80 -43.80
CA PRO B 3148 11.12 141.71 -45.12
C PRO B 3148 10.48 140.37 -45.43
N GLU B 3149 11.17 139.26 -45.12
CA GLU B 3149 10.67 137.96 -45.55
C GLU B 3149 9.50 137.46 -44.70
N HIS B 3150 9.39 137.90 -43.45
CA HIS B 3150 8.27 137.46 -42.62
C HIS B 3150 6.97 138.15 -43.01
N LEU B 3151 7.05 139.35 -43.60
CA LEU B 3151 5.86 140.10 -43.97
C LEU B 3151 5.77 140.20 -45.48
N PRO B 3152 4.95 139.39 -46.14
CA PRO B 3152 4.76 139.53 -47.60
C PRO B 3152 4.15 140.86 -48.00
N PRO B 3153 3.24 141.48 -47.23
CA PRO B 3153 2.98 142.90 -47.46
C PRO B 3153 4.15 143.76 -47.02
N SER B 3154 4.32 144.88 -47.73
CA SER B 3154 5.39 145.82 -47.39
C SER B 3154 5.14 146.48 -46.04
N THR B 3155 3.93 147.01 -45.84
CA THR B 3155 3.54 147.76 -44.63
C THR B 3155 4.52 148.88 -44.31
N GLY B 3156 4.93 149.61 -45.35
CA GLY B 3156 5.94 150.63 -45.22
C GLY B 3156 7.33 150.03 -45.14
N PRO B 3157 8.33 150.87 -44.88
CA PRO B 3157 9.69 150.35 -44.69
C PRO B 3157 9.80 149.56 -43.39
N TRP B 3158 10.75 148.63 -43.37
CA TRP B 3158 11.02 147.86 -42.17
C TRP B 3158 12.18 148.47 -41.40
N CYS B 3159 12.23 148.17 -40.10
CA CYS B 3159 13.28 148.64 -39.23
C CYS B 3159 14.51 147.76 -39.24
N THR B 3160 14.52 146.70 -40.06
CA THR B 3160 15.65 145.81 -40.15
C THR B 3160 15.72 145.22 -41.55
N LYS B 3161 16.87 144.64 -41.87
CA LYS B 3161 17.10 143.99 -43.16
C LYS B 3161 17.43 142.51 -42.99
N VAL B 3162 16.98 141.90 -41.90
CA VAL B 3162 17.29 140.50 -41.62
C VAL B 3162 16.33 139.61 -42.41
N THR B 3163 16.89 138.75 -43.25
CA THR B 3163 16.16 137.74 -43.99
C THR B 3163 16.70 136.37 -43.63
N SER B 3164 16.16 135.33 -44.27
CA SER B 3164 16.64 133.98 -44.02
C SER B 3164 18.02 133.73 -44.61
N GLU B 3165 18.47 134.58 -45.52
CA GLU B 3165 19.81 134.44 -46.08
C GLU B 3165 20.88 134.67 -45.01
N HIS B 3166 20.68 135.67 -44.14
CA HIS B 3166 21.62 135.92 -43.06
C HIS B 3166 21.69 134.76 -42.10
N LEU B 3167 20.53 134.19 -41.75
CA LEU B 3167 20.48 133.06 -40.84
C LEU B 3167 21.14 131.82 -41.45
N SER B 3168 20.91 131.58 -42.75
CA SER B 3168 21.55 130.46 -43.42
C SER B 3168 23.06 130.63 -43.49
N VAL B 3169 23.54 131.84 -43.79
CA VAL B 3169 24.97 132.11 -43.85
C VAL B 3169 25.62 131.94 -42.47
N ILE B 3170 24.95 132.43 -41.43
CA ILE B 3170 25.50 132.30 -40.07
C ILE B 3170 25.53 130.84 -39.62
N LEU B 3171 24.49 130.06 -39.97
CA LEU B 3171 24.51 128.64 -39.66
C LEU B 3171 25.61 127.91 -40.41
N GLY B 3172 25.84 128.27 -41.67
CA GLY B 3172 26.95 127.68 -42.42
C GLY B 3172 28.30 128.03 -41.82
N ASN B 3173 28.43 129.26 -41.33
CA ASN B 3173 29.66 129.66 -40.65
C ASN B 3173 29.87 128.88 -39.35
N ILE B 3174 28.78 128.65 -38.59
CA ILE B 3174 28.87 127.86 -37.37
C ILE B 3174 29.30 126.43 -37.68
N LEU B 3175 28.72 125.85 -38.74
CA LEU B 3175 29.10 124.49 -39.14
C LEU B 3175 30.54 124.43 -39.60
N LYS B 3176 31.01 125.46 -40.31
CA LYS B 3176 32.41 125.50 -40.73
C LYS B 3176 33.34 125.64 -39.53
N ILE B 3177 32.95 126.44 -38.54
CA ILE B 3177 33.76 126.62 -37.33
C ILE B 3177 33.86 125.30 -36.56
N ILE B 3178 32.74 124.58 -36.43
CA ILE B 3178 32.77 123.28 -35.78
C ILE B 3178 33.60 122.28 -36.58
N ASN B 3179 33.50 122.33 -37.91
CA ASN B 3179 34.26 121.44 -38.77
C ASN B 3179 35.76 121.71 -38.69
N ASN B 3180 36.16 122.97 -38.46
CA ASN B 3180 37.57 123.28 -38.34
C ASN B 3180 38.17 122.69 -37.08
N ASN B 3181 37.47 122.81 -35.95
CA ASN B 3181 37.99 122.36 -34.67
C ASN B 3181 37.55 120.93 -34.35
N LEU B 3182 37.77 120.01 -35.28
CA LEU B 3182 37.41 118.60 -35.08
C LEU B 3182 38.64 117.82 -34.64
N GLY B 3183 38.49 117.06 -33.56
CA GLY B 3183 39.57 116.22 -33.08
C GLY B 3183 40.58 116.89 -32.17
N ILE B 3184 40.34 118.13 -31.76
CA ILE B 3184 41.25 118.82 -30.84
C ILE B 3184 41.02 118.28 -29.44
N ASP B 3185 41.93 118.59 -28.52
CA ASP B 3185 41.92 117.97 -27.20
C ASP B 3185 40.77 118.51 -26.35
N GLU B 3186 40.77 119.81 -26.08
CA GLU B 3186 39.80 120.42 -25.18
C GLU B 3186 38.98 121.46 -25.95
N ALA B 3187 37.66 121.25 -25.97
CA ALA B 3187 36.74 122.24 -26.53
C ALA B 3187 35.42 122.12 -25.78
N SER B 3188 35.27 122.92 -24.73
CA SER B 3188 34.05 122.92 -23.93
C SER B 3188 33.04 123.94 -24.42
N TRP B 3189 33.35 124.68 -25.47
CA TRP B 3189 32.45 125.65 -26.05
C TRP B 3189 31.47 125.01 -27.03
N MET B 3190 31.69 123.75 -27.40
CA MET B 3190 30.84 123.10 -28.39
C MET B 3190 29.45 122.82 -27.83
N LYS B 3191 29.36 122.43 -26.56
CA LYS B 3191 28.07 122.16 -25.94
C LYS B 3191 27.25 123.43 -25.73
N ARG B 3192 27.88 124.59 -25.78
CA ARG B 3192 27.15 125.85 -25.74
C ARG B 3192 26.72 126.30 -27.14
N ILE B 3193 27.61 126.17 -28.13
CA ILE B 3193 27.27 126.58 -29.48
C ILE B 3193 26.27 125.63 -30.13
N ALA B 3194 26.11 124.42 -29.60
CA ALA B 3194 25.03 123.56 -30.06
C ALA B 3194 23.68 124.01 -29.55
N VAL B 3195 23.63 124.76 -28.47
CA VAL B 3195 22.38 125.22 -27.88
C VAL B 3195 22.02 126.62 -28.36
N TYR B 3196 23.01 127.50 -28.50
CA TYR B 3196 22.73 128.86 -28.94
C TYR B 3196 22.36 128.93 -30.42
N ALA B 3197 22.80 127.97 -31.23
CA ALA B 3197 22.55 128.00 -32.66
C ALA B 3197 21.20 127.45 -33.05
N GLN B 3198 20.39 126.97 -32.10
CA GLN B 3198 19.10 126.36 -32.43
C GLN B 3198 18.09 127.29 -33.12
N PRO B 3199 17.78 128.51 -32.64
CA PRO B 3199 16.63 129.23 -33.21
C PRO B 3199 16.83 129.71 -34.65
N ILE B 3200 18.04 129.62 -35.20
CA ILE B 3200 18.26 129.98 -36.59
C ILE B 3200 18.24 128.79 -37.53
N ILE B 3201 18.06 127.57 -37.00
CA ILE B 3201 18.06 126.39 -37.88
C ILE B 3201 16.76 126.30 -38.68
N SER B 3202 15.67 126.87 -38.18
CA SER B 3202 14.38 126.78 -38.87
C SER B 3202 14.36 127.55 -40.18
N LYS B 3203 15.29 128.49 -40.39
CA LYS B 3203 15.35 129.26 -41.62
C LYS B 3203 16.56 128.87 -42.48
N ALA B 3204 17.15 127.71 -42.21
CA ALA B 3204 18.27 127.25 -43.01
C ALA B 3204 17.80 126.84 -44.40
N ARG B 3205 18.54 127.31 -45.41
CA ARG B 3205 18.20 127.04 -46.79
C ARG B 3205 18.70 125.66 -47.21
N PRO B 3206 18.06 125.02 -48.20
CA PRO B 3206 18.42 123.64 -48.55
C PRO B 3206 19.78 123.47 -49.21
N ASP B 3207 20.53 124.55 -49.46
CA ASP B 3207 21.87 124.41 -50.02
C ASP B 3207 22.91 124.01 -48.98
N LEU B 3208 22.56 123.98 -47.70
CA LEU B 3208 23.51 123.64 -46.65
C LEU B 3208 23.80 122.14 -46.58
N LEU B 3209 22.97 121.31 -47.23
CA LEU B 3209 23.16 119.87 -47.13
C LEU B 3209 24.40 119.40 -47.87
N LYS B 3210 24.57 119.85 -49.12
CA LYS B 3210 25.68 119.39 -49.93
C LYS B 3210 26.98 120.12 -49.62
N SER B 3211 26.93 121.22 -48.89
CA SER B 3211 28.11 122.04 -48.63
C SER B 3211 28.61 121.97 -47.20
N HIS B 3212 27.74 121.80 -46.21
CA HIS B 3212 28.18 121.84 -44.82
C HIS B 3212 27.86 120.60 -44.02
N PHE B 3213 26.66 120.04 -44.15
CA PHE B 3213 26.27 118.93 -43.28
C PHE B 3213 26.93 117.63 -43.72
N ILE B 3214 26.91 117.33 -45.01
CA ILE B 3214 27.49 116.10 -45.56
C ILE B 3214 29.01 116.03 -45.37
N PRO B 3215 29.82 117.08 -45.68
CA PRO B 3215 31.26 116.96 -45.38
C PRO B 3215 31.60 116.81 -43.90
N THR B 3216 30.87 117.51 -43.02
CA THR B 3216 31.11 117.37 -41.58
C THR B 3216 30.78 115.97 -41.10
N LEU B 3217 29.64 115.43 -41.54
CA LEU B 3217 29.26 114.07 -41.17
C LEU B 3217 30.22 113.05 -41.77
N GLU B 3218 30.76 113.32 -42.96
CA GLU B 3218 31.74 112.43 -43.56
C GLU B 3218 33.04 112.41 -42.76
N LYS B 3219 33.49 113.58 -42.29
CA LYS B 3219 34.67 113.63 -41.42
C LYS B 3219 34.44 112.88 -40.12
N LEU B 3220 33.27 113.06 -39.51
CA LEU B 3220 32.94 112.34 -38.28
C LEU B 3220 32.87 110.84 -38.52
N LYS B 3221 32.32 110.43 -39.66
CA LYS B 3221 32.23 109.01 -39.99
C LYS B 3221 33.61 108.40 -40.23
N LYS B 3222 34.51 109.14 -40.88
CA LYS B 3222 35.86 108.64 -41.09
C LYS B 3222 36.61 108.50 -39.76
N LYS B 3223 36.44 109.47 -38.87
CA LYS B 3223 37.03 109.35 -37.54
C LYS B 3223 36.47 108.16 -36.78
N ALA B 3224 35.16 107.92 -36.92
CA ALA B 3224 34.52 106.80 -36.24
C ALA B 3224 35.01 105.45 -36.78
N VAL B 3225 35.13 105.32 -38.11
CA VAL B 3225 35.59 104.04 -38.65
C VAL B 3225 37.07 103.82 -38.31
N LYS B 3226 37.87 104.88 -38.25
CA LYS B 3226 39.26 104.73 -37.84
C LYS B 3226 39.37 104.28 -36.38
N THR B 3227 38.56 104.88 -35.50
CA THR B 3227 38.60 104.50 -34.08
C THR B 3227 38.11 103.07 -33.87
N VAL B 3228 37.05 102.67 -34.59
CA VAL B 3228 36.54 101.31 -34.46
C VAL B 3228 37.54 100.29 -35.00
N GLN B 3229 38.20 100.60 -36.12
CA GLN B 3229 39.22 99.71 -36.66
C GLN B 3229 40.40 99.58 -35.71
N GLU B 3230 40.82 100.69 -35.09
CA GLU B 3230 41.90 100.63 -34.10
C GLU B 3230 41.50 99.79 -32.88
N GLU B 3231 40.26 99.94 -32.42
CA GLU B 3231 39.78 99.15 -31.30
C GLU B 3231 39.76 97.66 -31.63
N GLU B 3232 39.32 97.32 -32.85
CA GLU B 3232 39.27 95.91 -33.25
C GLU B 3232 40.67 95.32 -33.40
N GLN B 3233 41.61 96.07 -33.98
CA GLN B 3233 42.96 95.55 -34.11
C GLN B 3233 43.70 95.51 -32.78
N LEU B 3234 43.28 96.34 -31.81
CA LEU B 3234 43.81 96.19 -30.45
C LEU B 3234 43.25 94.95 -29.77
N LYS B 3235 41.94 94.73 -29.89
CA LYS B 3235 41.31 93.57 -29.25
C LYS B 3235 41.65 92.26 -29.95
N ALA B 3236 42.22 92.31 -31.16
CA ALA B 3236 42.66 91.09 -31.82
C ALA B 3236 43.80 90.43 -31.05
N ASP B 3237 44.74 91.22 -30.54
CA ASP B 3237 45.87 90.68 -29.79
C ASP B 3237 45.46 90.45 -28.34
N THR B 3238 45.73 89.25 -27.83
CA THR B 3238 45.41 88.88 -26.46
C THR B 3238 46.58 89.03 -25.52
N LYS B 3239 47.73 89.52 -25.99
CA LYS B 3239 48.91 89.69 -25.16
C LYS B 3239 49.53 91.06 -25.43
N GLY B 3240 50.25 91.55 -24.44
CA GLY B 3240 50.92 92.83 -24.54
C GLY B 3240 50.37 93.85 -23.55
N ASP B 3241 51.02 95.01 -23.53
CA ASP B 3241 50.62 96.12 -22.66
C ASP B 3241 49.50 96.88 -23.35
N THR B 3242 48.27 96.48 -23.06
CA THR B 3242 47.09 97.04 -23.71
C THR B 3242 46.39 98.10 -22.87
N GLN B 3243 46.92 98.45 -21.70
CA GLN B 3243 46.26 99.44 -20.86
C GLN B 3243 46.37 100.84 -21.46
N GLU B 3244 47.57 101.22 -21.90
CA GLU B 3244 47.77 102.55 -22.49
C GLU B 3244 47.02 102.68 -23.80
N ALA B 3245 47.00 101.61 -24.61
CA ALA B 3245 46.23 101.63 -25.86
C ALA B 3245 44.74 101.73 -25.58
N GLU B 3246 44.26 101.06 -24.53
CA GLU B 3246 42.85 101.17 -24.15
C GLU B 3246 42.51 102.59 -23.71
N LEU B 3247 43.40 103.23 -22.94
CA LEU B 3247 43.17 104.61 -22.55
C LEU B 3247 43.16 105.55 -23.75
N LEU B 3248 44.06 105.32 -24.71
CA LEU B 3248 44.10 106.14 -25.91
C LEU B 3248 42.83 105.97 -26.75
N ILE B 3249 42.35 104.73 -26.88
CA ILE B 3249 41.12 104.47 -27.60
C ILE B 3249 39.93 105.12 -26.90
N LEU B 3250 39.89 105.06 -25.57
CA LEU B 3250 38.82 105.69 -24.81
C LEU B 3250 38.84 107.19 -24.96
N ASP B 3251 40.03 107.80 -24.98
CA ASP B 3251 40.12 109.24 -25.20
C ASP B 3251 39.67 109.64 -26.61
N GLU B 3252 40.04 108.83 -27.61
CA GLU B 3252 39.57 109.07 -28.97
C GLU B 3252 38.07 108.97 -29.07
N PHE B 3253 37.48 107.99 -28.40
CA PHE B 3253 36.02 107.85 -28.39
C PHE B 3253 35.35 109.01 -27.69
N ALA B 3254 35.96 109.52 -26.60
CA ALA B 3254 35.40 110.68 -25.92
C ALA B 3254 35.44 111.93 -26.79
N VAL B 3255 36.55 112.14 -27.50
CA VAL B 3255 36.64 113.26 -28.44
C VAL B 3255 35.61 113.14 -29.55
N LEU B 3256 35.45 111.91 -30.07
CA LEU B 3256 34.46 111.66 -31.13
C LEU B 3256 33.04 111.92 -30.64
N CYS B 3257 32.73 111.52 -29.41
CA CYS B 3257 31.39 111.75 -28.87
C CYS B 3257 31.14 113.23 -28.61
N ARG B 3258 32.17 113.96 -28.18
CA ARG B 3258 32.03 115.40 -28.01
C ARG B 3258 31.75 116.10 -29.33
N ASP B 3259 32.48 115.73 -30.38
CA ASP B 3259 32.24 116.32 -31.70
C ASP B 3259 30.88 115.92 -32.26
N LEU B 3260 30.47 114.67 -32.04
CA LEU B 3260 29.17 114.21 -32.51
C LEU B 3260 28.03 114.94 -31.82
N TYR B 3261 28.14 115.16 -30.51
CA TYR B 3261 27.10 115.90 -29.80
C TYR B 3261 27.20 117.41 -30.03
N ALA B 3262 28.31 117.89 -30.58
CA ALA B 3262 28.33 119.25 -31.11
C ALA B 3262 27.56 119.34 -32.42
N PHE B 3263 27.74 118.36 -33.31
CA PHE B 3263 27.21 118.47 -34.67
C PHE B 3263 25.77 118.00 -34.78
N TYR B 3264 25.35 117.01 -34.01
CA TYR B 3264 24.10 116.30 -34.20
C TYR B 3264 22.79 117.02 -33.87
N PRO B 3265 22.70 117.89 -32.84
CA PRO B 3265 21.43 118.63 -32.67
C PRO B 3265 21.05 119.50 -33.86
N MET B 3266 22.03 120.15 -34.49
CA MET B 3266 21.76 120.94 -35.68
C MET B 3266 21.29 120.07 -36.83
N LEU B 3267 21.91 118.90 -37.01
CA LEU B 3267 21.50 117.96 -38.05
C LEU B 3267 20.10 117.44 -37.80
N ILE B 3268 19.78 117.15 -36.54
CA ILE B 3268 18.45 116.63 -36.19
C ILE B 3268 17.37 117.68 -36.47
N ARG B 3269 17.61 118.94 -36.09
CA ARG B 3269 16.64 119.99 -36.38
C ARG B 3269 16.51 120.23 -37.88
N TYR B 3270 17.63 120.19 -38.61
CA TYR B 3270 17.60 120.39 -40.06
C TYR B 3270 16.82 119.28 -40.75
N VAL B 3271 17.02 118.04 -40.32
CA VAL B 3271 16.28 116.90 -40.85
C VAL B 3271 14.80 117.02 -40.52
N ASP B 3272 14.48 117.40 -39.28
CA ASP B 3272 13.08 117.59 -38.88
C ASP B 3272 12.39 118.68 -39.70
N ASN B 3273 13.16 119.68 -40.13
CA ASN B 3273 12.55 120.74 -40.93
C ASN B 3273 12.46 120.40 -42.42
N ASN B 3274 13.40 119.61 -42.94
CA ASN B 3274 13.46 119.37 -44.39
C ASN B 3274 13.03 117.97 -44.81
N ARG B 3275 12.56 117.13 -43.88
CA ARG B 3275 12.27 115.73 -44.22
C ARG B 3275 11.09 115.62 -45.17
N SER B 3276 10.05 116.43 -45.00
CA SER B 3276 8.89 116.36 -45.89
C SER B 3276 9.24 116.76 -47.31
N ASN B 3277 10.07 117.80 -47.46
CA ASN B 3277 10.51 118.22 -48.78
C ASN B 3277 11.45 117.20 -49.41
N TRP B 3278 12.23 116.50 -48.59
CA TRP B 3278 13.07 115.41 -49.12
C TRP B 3278 12.23 114.23 -49.57
N LEU B 3279 11.16 113.93 -48.83
CA LEU B 3279 10.30 112.80 -49.19
C LEU B 3279 9.48 113.09 -50.44
N LYS B 3280 9.01 114.33 -50.59
CA LYS B 3280 8.22 114.67 -51.77
C LYS B 3280 9.06 114.76 -53.03
N SER B 3281 10.38 114.88 -52.91
CA SER B 3281 11.27 114.95 -54.06
C SER B 3281 12.61 114.38 -53.66
N PRO B 3282 12.82 113.08 -53.84
CA PRO B 3282 14.10 112.47 -53.46
C PRO B 3282 15.24 112.94 -54.33
N SER B 3283 16.43 112.99 -53.74
CA SER B 3283 17.64 113.42 -54.42
C SER B 3283 18.79 112.53 -53.99
N ALA B 3284 19.97 112.81 -54.54
CA ALA B 3284 21.17 112.03 -54.23
C ALA B 3284 21.89 112.50 -52.98
N ASP B 3285 21.41 113.57 -52.35
CA ASP B 3285 22.04 114.10 -51.15
C ASP B 3285 21.41 113.57 -49.87
N SER B 3286 20.08 113.51 -49.81
CA SER B 3286 19.41 112.95 -48.64
C SER B 3286 19.68 111.45 -48.51
N ASP B 3287 19.82 110.75 -49.64
CA ASP B 3287 20.18 109.33 -49.60
C ASP B 3287 21.58 109.15 -49.01
N GLN B 3288 22.53 110.00 -49.40
CA GLN B 3288 23.87 109.94 -48.84
C GLN B 3288 23.86 110.29 -47.35
N LEU B 3289 23.01 111.24 -46.97
CA LEU B 3289 22.86 111.59 -45.56
C LEU B 3289 22.35 110.40 -44.75
N PHE B 3290 21.34 109.71 -45.27
CA PHE B 3290 20.83 108.51 -44.60
C PHE B 3290 21.90 107.42 -44.54
N ARG B 3291 22.68 107.27 -45.61
CA ARG B 3291 23.72 106.26 -45.67
C ARG B 3291 24.78 106.50 -44.59
N MET B 3292 25.23 107.75 -44.46
CA MET B 3292 26.23 108.08 -43.46
C MET B 3292 25.68 107.96 -42.04
N VAL B 3293 24.44 108.40 -41.82
CA VAL B 3293 23.84 108.29 -40.48
C VAL B 3293 23.66 106.83 -40.09
N ALA B 3294 23.23 105.99 -41.04
CA ALA B 3294 23.07 104.56 -40.78
C ALA B 3294 24.41 103.89 -40.49
N GLU B 3295 25.46 104.27 -41.21
CA GLU B 3295 26.78 103.71 -40.95
C GLU B 3295 27.29 104.09 -39.55
N VAL B 3296 27.10 105.34 -39.16
CA VAL B 3296 27.53 105.77 -37.83
C VAL B 3296 26.71 105.06 -36.75
N PHE B 3297 25.41 104.87 -36.97
CA PHE B 3297 24.57 104.17 -36.02
C PHE B 3297 24.97 102.70 -35.90
N ILE B 3298 25.32 102.06 -37.02
CA ILE B 3298 25.77 100.68 -37.00
C ILE B 3298 27.07 100.54 -36.23
N LEU B 3299 28.01 101.48 -36.44
CA LEU B 3299 29.24 101.49 -35.66
C LEU B 3299 28.97 101.67 -34.17
N TRP B 3300 28.00 102.53 -33.83
CA TRP B 3300 27.62 102.72 -32.43
C TRP B 3300 27.03 101.45 -31.85
N CYS B 3301 26.25 100.71 -32.64
CA CYS B 3301 25.66 99.45 -32.19
C CYS B 3301 26.73 98.39 -31.95
N LYS B 3302 27.72 98.30 -32.85
CA LYS B 3302 28.70 97.23 -32.75
C LYS B 3302 29.69 97.47 -31.61
N SER B 3303 30.14 98.72 -31.45
CA SER B 3303 31.17 99.01 -30.47
C SER B 3303 30.59 99.10 -29.07
N HIS B 3304 31.32 98.53 -28.10
CA HIS B 3304 30.94 98.59 -26.70
C HIS B 3304 31.46 99.85 -26.02
N ASN B 3305 32.62 100.36 -26.45
CA ASN B 3305 33.17 101.58 -25.88
C ASN B 3305 32.45 102.82 -26.37
N PHE B 3306 31.87 102.77 -27.58
CA PHE B 3306 31.15 103.91 -28.14
C PHE B 3306 29.96 104.30 -27.27
N LYS B 3307 29.14 103.31 -26.90
CA LYS B 3307 27.97 103.58 -26.07
C LYS B 3307 28.38 104.07 -24.68
N ARG B 3308 29.42 103.46 -24.11
CA ARG B 3308 29.87 103.86 -22.78
C ARG B 3308 30.41 105.28 -22.76
N GLU B 3309 31.19 105.65 -23.77
CA GLU B 3309 31.74 107.01 -23.82
C GLU B 3309 30.65 108.04 -24.13
N GLU B 3310 29.68 107.68 -24.97
CA GLU B 3310 28.55 108.57 -25.21
C GLU B 3310 27.74 108.80 -23.94
N GLN B 3311 27.46 107.73 -23.19
CA GLN B 3311 26.72 107.85 -21.94
C GLN B 3311 27.51 108.68 -20.93
N ASN B 3312 28.83 108.46 -20.85
CA ASN B 3312 29.66 109.23 -19.93
C ASN B 3312 29.69 110.70 -20.30
N PHE B 3313 29.75 111.01 -21.60
CA PHE B 3313 29.72 112.41 -22.03
C PHE B 3313 28.40 113.07 -21.64
N VAL B 3314 27.28 112.38 -21.90
CA VAL B 3314 25.98 112.96 -21.60
C VAL B 3314 25.80 113.16 -20.09
N ILE B 3315 26.23 112.19 -19.29
CA ILE B 3315 26.06 112.29 -17.84
C ILE B 3315 26.98 113.36 -17.25
N GLN B 3316 28.26 113.38 -17.66
CA GLN B 3316 29.21 114.32 -17.06
C GLN B 3316 28.94 115.75 -17.50
N ASN B 3317 28.62 115.97 -18.77
CA ASN B 3317 28.37 117.32 -19.25
C ASN B 3317 26.92 117.77 -19.03
N GLU B 3318 26.07 116.88 -18.53
CA GLU B 3318 24.65 117.15 -18.27
C GLU B 3318 23.93 117.66 -19.52
N ILE B 3319 24.08 116.92 -20.61
CA ILE B 3319 23.43 117.27 -21.86
C ILE B 3319 21.96 116.88 -21.78
N ASN B 3320 21.08 117.83 -22.09
CA ASN B 3320 19.63 117.62 -22.04
C ASN B 3320 19.17 117.22 -23.43
N ASN B 3321 19.05 115.91 -23.67
CA ASN B 3321 18.67 115.42 -24.99
C ASN B 3321 17.21 115.70 -25.31
N LEU B 3322 16.34 115.73 -24.29
CA LEU B 3322 14.93 115.97 -24.53
C LEU B 3322 14.67 117.40 -25.00
N ALA B 3323 15.55 118.34 -24.65
CA ALA B 3323 15.43 119.69 -25.19
C ALA B 3323 15.66 119.70 -26.69
N PHE B 3324 16.63 118.91 -27.16
CA PHE B 3324 16.86 118.80 -28.60
C PHE B 3324 15.74 118.04 -29.29
N LEU B 3325 15.24 116.98 -28.66
CA LEU B 3325 14.25 116.14 -29.32
C LEU B 3325 12.88 116.80 -29.37
N THR B 3326 12.46 117.45 -28.28
CA THR B 3326 11.13 118.04 -28.22
C THR B 3326 11.01 119.25 -29.13
N GLY B 3327 11.97 120.16 -29.05
CA GLY B 3327 11.93 121.37 -29.86
C GLY B 3327 11.81 122.63 -29.03
N GLY B 3338 1.51 119.87 -20.52
CA GLY B 3338 1.34 121.30 -20.69
C GLY B 3338 1.53 122.08 -19.40
N GLN B 3339 0.46 122.18 -18.61
CA GLN B 3339 0.53 122.88 -17.35
C GLN B 3339 1.31 122.06 -16.32
N ASP B 3340 1.87 122.75 -15.33
CA ASP B 3340 2.67 122.10 -14.30
C ASP B 3340 1.74 121.51 -13.24
N GLN B 3341 1.11 120.40 -13.63
CA GLN B 3341 0.20 119.67 -12.75
C GLN B 3341 0.90 118.59 -11.95
N GLU B 3342 2.20 118.42 -12.14
CA GLU B 3342 3.00 117.44 -11.41
C GLU B 3342 4.17 118.14 -10.75
N ARG B 3343 4.61 117.59 -9.62
CA ARG B 3343 5.70 118.16 -8.83
C ARG B 3343 6.81 117.12 -8.69
N LYS B 3344 7.71 117.09 -9.68
CA LYS B 3344 8.82 116.14 -9.70
C LYS B 3344 10.07 116.83 -9.13
N LYS B 3345 10.09 116.92 -7.80
CA LYS B 3345 11.22 117.55 -7.12
C LYS B 3345 12.47 116.68 -7.19
N THR B 3346 12.31 115.36 -7.00
CA THR B 3346 13.45 114.46 -7.02
C THR B 3346 13.94 114.25 -8.45
N LYS B 3347 15.25 114.32 -8.62
CA LYS B 3347 15.88 114.12 -9.93
C LYS B 3347 17.15 113.30 -9.76
N ARG B 3348 17.51 112.58 -10.82
CA ARG B 3348 18.70 111.75 -10.82
C ARG B 3348 19.60 112.14 -11.98
N ARG B 3349 20.89 112.29 -11.71
CA ARG B 3349 21.84 112.62 -12.78
C ARG B 3349 22.02 111.43 -13.73
N GLY B 3350 21.90 110.21 -13.21
CA GLY B 3350 22.02 109.05 -14.07
C GLY B 3350 20.80 108.85 -14.96
N ASP B 3351 19.68 109.48 -14.60
CA ASP B 3351 18.46 109.35 -15.38
C ASP B 3351 18.45 110.33 -16.55
N LEU B 3352 19.49 111.18 -16.64
CA LEU B 3352 19.59 112.12 -17.75
C LEU B 3352 19.84 111.41 -19.07
N TYR B 3353 20.52 110.26 -19.05
CA TYR B 3353 20.81 109.52 -20.26
C TYR B 3353 19.86 108.34 -20.40
N SER B 3354 19.40 108.12 -21.63
CA SER B 3354 18.67 106.92 -21.99
C SER B 3354 19.00 106.57 -23.42
N ILE B 3355 18.85 105.28 -23.76
CA ILE B 3355 19.14 104.84 -25.12
C ILE B 3355 18.12 105.42 -26.09
N GLN B 3356 16.86 105.57 -25.66
CA GLN B 3356 15.82 106.10 -26.53
C GLN B 3356 16.06 107.57 -26.85
N THR B 3357 16.60 108.33 -25.91
CA THR B 3357 16.84 109.75 -26.11
C THR B 3357 18.21 110.05 -26.69
N SER B 3358 19.00 109.03 -27.02
CA SER B 3358 20.32 109.24 -27.60
C SER B 3358 20.20 109.84 -29.00
N LEU B 3359 21.07 110.81 -29.30
CA LEU B 3359 20.98 111.52 -30.57
C LEU B 3359 21.45 110.65 -31.73
N ILE B 3360 22.35 109.70 -31.47
CA ILE B 3360 22.80 108.79 -32.51
C ILE B 3360 21.67 107.87 -32.95
N VAL B 3361 20.87 107.38 -32.00
CA VAL B 3361 19.69 106.59 -32.33
C VAL B 3361 18.65 107.45 -33.01
N ALA B 3362 18.44 108.67 -32.51
CA ALA B 3362 17.37 109.53 -33.01
C ALA B 3362 17.64 110.02 -34.43
N ALA B 3363 18.91 110.21 -34.79
CA ALA B 3363 19.22 110.62 -36.15
C ALA B 3363 18.82 109.55 -37.17
N LEU B 3364 19.13 108.28 -36.88
CA LEU B 3364 18.67 107.21 -37.76
C LEU B 3364 17.15 107.06 -37.71
N LYS B 3365 16.57 107.18 -36.50
CA LYS B 3365 15.13 107.02 -36.37
C LYS B 3365 14.36 108.11 -37.11
N LYS B 3366 14.98 109.25 -37.38
CA LYS B 3366 14.36 110.29 -38.19
C LYS B 3366 14.74 110.21 -39.66
N MET B 3367 15.93 109.72 -39.99
CA MET B 3367 16.35 109.61 -41.38
C MET B 3367 15.94 108.31 -42.05
N LEU B 3368 15.37 107.38 -41.31
CA LEU B 3368 14.93 106.09 -41.85
C LEU B 3368 13.75 106.18 -42.81
N PRO B 3369 12.78 107.12 -42.65
CA PRO B 3369 11.84 107.35 -43.76
C PRO B 3369 12.49 107.78 -45.07
N ILE B 3370 13.64 108.41 -45.03
CA ILE B 3370 14.34 108.74 -46.28
C ILE B 3370 14.89 107.48 -46.93
N GLY B 3371 15.39 106.54 -46.12
CA GLY B 3371 15.85 105.28 -46.68
C GLY B 3371 14.71 104.40 -47.15
N LEU B 3372 13.66 104.29 -46.35
CA LEU B 3372 12.46 103.52 -46.69
C LEU B 3372 11.49 104.37 -47.51
N ASN B 3373 11.95 104.77 -48.69
CA ASN B 3373 11.17 105.65 -49.55
C ASN B 3373 11.01 105.01 -50.91
N MET B 3374 9.78 105.01 -51.42
CA MET B 3374 9.40 104.44 -52.72
C MET B 3374 9.77 102.96 -52.81
N CYS B 3375 9.59 102.24 -51.71
CA CYS B 3375 9.87 100.80 -51.68
C CYS B 3375 8.62 100.05 -52.13
N THR B 3376 8.76 99.28 -53.20
CA THR B 3376 7.69 98.44 -53.70
C THR B 3376 7.52 97.23 -52.77
N PRO B 3377 6.38 96.52 -52.87
CA PRO B 3377 6.23 95.29 -52.07
C PRO B 3377 7.30 94.23 -52.32
N GLY B 3378 7.82 94.14 -53.54
CA GLY B 3378 8.96 93.26 -53.77
C GLY B 3378 10.21 93.70 -53.04
N ASP B 3379 10.46 95.02 -53.00
CA ASP B 3379 11.56 95.55 -52.21
C ASP B 3379 11.36 95.26 -50.73
N GLN B 3380 10.12 95.37 -50.25
CA GLN B 3380 9.82 95.06 -48.86
C GLN B 3380 10.05 93.58 -48.55
N GLU B 3381 9.74 92.70 -49.51
CA GLU B 3381 10.03 91.28 -49.34
C GLU B 3381 11.53 91.02 -49.28
N LEU B 3382 12.31 91.69 -50.15
CA LEU B 3382 13.76 91.55 -50.11
C LEU B 3382 14.34 92.08 -48.80
N ILE B 3383 13.79 93.19 -48.28
CA ILE B 3383 14.23 93.74 -47.02
C ILE B 3383 13.92 92.78 -45.87
N SER B 3384 12.74 92.16 -45.89
CA SER B 3384 12.39 91.19 -44.85
C SER B 3384 13.28 89.96 -44.90
N LEU B 3385 13.60 89.49 -46.11
CA LEU B 3385 14.52 88.37 -46.27
C LEU B 3385 15.92 88.72 -45.74
N ALA B 3386 16.40 89.91 -46.06
CA ALA B 3386 17.73 90.30 -45.60
C ALA B 3386 17.76 90.52 -44.09
N LYS B 3387 16.65 90.99 -43.51
CA LYS B 3387 16.57 91.09 -42.04
C LYS B 3387 16.58 89.71 -41.41
N SER B 3388 15.90 88.74 -42.03
CA SER B 3388 15.95 87.36 -41.54
C SER B 3388 17.36 86.80 -41.62
N ARG B 3389 18.10 87.16 -42.67
CA ARG B 3389 19.49 86.72 -42.78
C ARG B 3389 20.38 87.40 -41.73
N TYR B 3390 20.12 88.67 -41.44
CA TYR B 3390 20.85 89.37 -40.38
C TYR B 3390 20.53 88.80 -39.01
N SER B 3391 19.35 88.21 -38.86
CA SER B 3391 19.00 87.56 -37.59
C SER B 3391 19.85 86.33 -37.30
N TYR B 3392 20.48 85.75 -38.31
CA TYR B 3392 21.36 84.60 -38.15
C TYR B 3392 22.82 84.99 -38.02
N ARG B 3393 23.10 86.26 -37.76
CA ARG B 3393 24.45 86.80 -37.59
C ARG B 3393 25.32 86.57 -38.83
N ASP B 3394 24.88 87.13 -39.94
CA ASP B 3394 25.61 87.09 -41.19
C ASP B 3394 26.30 88.43 -41.46
N THR B 3395 27.32 88.38 -42.30
CA THR B 3395 28.01 89.60 -42.71
C THR B 3395 27.26 90.27 -43.85
N ASP B 3396 27.83 91.37 -44.37
CA ASP B 3396 27.19 92.09 -45.45
C ASP B 3396 27.24 91.31 -46.76
N GLU B 3397 28.38 90.65 -47.03
CA GLU B 3397 28.54 89.93 -48.29
C GLU B 3397 27.63 88.71 -48.36
N GLU B 3398 27.44 88.02 -47.23
CA GLU B 3398 26.53 86.88 -47.21
C GLU B 3398 25.09 87.33 -47.47
N VAL B 3399 24.69 88.45 -46.88
CA VAL B 3399 23.36 89.00 -47.09
C VAL B 3399 23.18 89.42 -48.55
N LYS B 3400 24.19 90.05 -49.14
CA LYS B 3400 24.10 90.45 -50.53
C LYS B 3400 24.08 89.25 -51.46
N GLU B 3401 24.78 88.16 -51.12
CA GLU B 3401 24.72 86.95 -51.93
C GLU B 3401 23.35 86.29 -51.84
N HIS B 3402 22.76 86.26 -50.65
CA HIS B 3402 21.40 85.74 -50.51
C HIS B 3402 20.39 86.58 -51.27
N LEU B 3403 20.56 87.91 -51.26
CA LEU B 3403 19.69 88.78 -52.04
C LEU B 3403 19.88 88.58 -53.53
N ARG B 3404 21.11 88.31 -53.97
CA ARG B 3404 21.37 88.05 -55.37
C ARG B 3404 20.76 86.72 -55.81
N ASN B 3405 20.74 85.73 -54.92
CA ASN B 3405 20.18 84.42 -55.25
C ASN B 3405 18.66 84.37 -55.11
N ASN B 3406 18.03 85.44 -54.63
CA ASN B 3406 16.58 85.47 -54.43
C ASN B 3406 15.97 86.73 -55.03
N LEU B 3407 16.36 87.04 -56.27
CA LEU B 3407 15.88 88.25 -56.92
C LEU B 3407 14.48 88.12 -57.49
N HIS B 3408 13.89 86.93 -57.45
CA HIS B 3408 12.54 86.75 -57.98
C HIS B 3408 11.46 87.34 -57.07
N LEU B 3409 11.80 87.67 -55.82
CA LEU B 3409 10.82 88.25 -54.90
C LEU B 3409 10.31 89.61 -55.36
N GLN B 3410 11.01 90.26 -56.29
CA GLN B 3410 10.54 91.50 -56.88
C GLN B 3410 9.25 91.32 -57.67
N GLU B 3411 8.89 90.07 -58.01
CA GLU B 3411 7.60 89.83 -58.64
C GLU B 3411 6.43 89.99 -57.67
N LYS B 3412 6.70 90.11 -56.37
CA LYS B 3412 5.64 90.23 -55.37
C LYS B 3412 4.82 91.51 -55.54
N SER B 3413 5.35 92.50 -56.25
CA SER B 3413 4.58 93.70 -56.57
C SER B 3413 3.42 93.40 -57.51
N ASP B 3414 3.45 92.27 -58.23
CA ASP B 3414 2.35 91.89 -59.11
C ASP B 3414 1.29 91.05 -58.41
N ASP B 3415 1.45 90.79 -57.11
CA ASP B 3415 0.45 90.04 -56.37
C ASP B 3415 -0.81 90.90 -56.20
N PRO B 3416 -2.00 90.32 -56.36
CA PRO B 3416 -3.23 91.12 -56.21
C PRO B 3416 -3.46 91.64 -54.80
N ALA B 3417 -3.02 90.91 -53.78
CA ALA B 3417 -3.30 91.31 -52.40
C ALA B 3417 -2.57 92.58 -51.99
N VAL B 3418 -1.52 92.96 -52.71
CA VAL B 3418 -0.82 94.21 -52.47
C VAL B 3418 -1.10 95.22 -53.59
N LYS B 3419 -2.15 94.97 -54.39
CA LYS B 3419 -2.48 95.85 -55.51
C LYS B 3419 -2.87 97.25 -55.07
N TRP B 3420 -3.24 97.43 -53.80
CA TRP B 3420 -3.53 98.76 -53.28
C TRP B 3420 -2.29 99.62 -53.13
N GLN B 3421 -1.08 99.06 -53.26
CA GLN B 3421 0.14 99.84 -53.14
C GLN B 3421 0.66 100.36 -54.47
N LEU B 3422 -0.05 100.12 -55.58
CA LEU B 3422 0.50 100.40 -56.89
C LEU B 3422 0.33 101.85 -57.34
N ASN B 3423 -0.29 102.70 -56.53
CA ASN B 3423 -0.51 104.10 -56.91
C ASN B 3423 -0.14 105.08 -55.81
N LEU B 3424 0.54 104.64 -54.76
CA LEU B 3424 0.81 105.51 -53.63
C LEU B 3424 1.91 106.52 -53.93
N TYR B 3425 2.86 106.18 -54.81
CA TYR B 3425 3.98 107.05 -55.14
C TYR B 3425 3.89 107.59 -56.56
N LYS B 3426 2.68 107.91 -57.01
CA LYS B 3426 2.54 108.52 -58.33
C LYS B 3426 2.86 110.01 -58.31
N ASP B 3427 2.86 110.65 -57.14
CA ASP B 3427 3.11 112.07 -57.06
C ASP B 3427 4.59 112.39 -57.22
N VAL B 3428 5.48 111.53 -56.71
CA VAL B 3428 6.90 111.79 -56.80
C VAL B 3428 7.38 111.57 -58.23
N LEU B 3429 8.39 112.35 -58.63
CA LEU B 3429 8.95 112.27 -59.97
C LEU B 3429 10.24 111.46 -60.01
N LYS B 3430 10.61 110.81 -58.91
CA LYS B 3430 11.85 110.05 -58.84
C LYS B 3430 11.71 108.63 -59.36
N SER B 3431 10.52 108.25 -59.85
CA SER B 3431 10.30 106.91 -60.40
C SER B 3431 10.61 106.88 -61.88
N GLU B 3432 11.83 107.27 -62.22
CA GLU B 3432 12.29 107.26 -63.61
C GLU B 3432 13.80 106.97 -63.59
N GLU B 3433 14.14 105.69 -63.75
CA GLU B 3433 15.52 105.23 -63.73
C GLU B 3433 15.57 103.83 -64.33
N PRO B 3434 16.65 103.48 -65.02
CA PRO B 3434 16.81 102.10 -65.50
C PRO B 3434 17.01 101.14 -64.34
N PHE B 3435 16.60 99.88 -64.56
CA PHE B 3435 16.66 98.87 -63.51
C PHE B 3435 18.07 98.30 -63.42
N ASN B 3436 18.65 98.37 -62.22
CA ASN B 3436 19.94 97.75 -61.92
C ASN B 3436 19.74 96.78 -60.76
N ALA B 3437 20.23 95.55 -60.93
CA ALA B 3437 20.07 94.55 -59.88
C ALA B 3437 21.00 94.82 -58.70
N GLU B 3438 22.26 95.16 -58.98
CA GLU B 3438 23.25 95.31 -57.90
C GLU B 3438 22.98 96.54 -57.06
N LYS B 3439 22.50 97.62 -57.67
CA LYS B 3439 22.11 98.80 -56.91
C LYS B 3439 20.96 98.51 -55.97
N THR B 3440 19.97 97.74 -56.44
CA THR B 3440 18.87 97.32 -55.59
C THR B 3440 19.36 96.43 -54.46
N ILE B 3441 20.32 95.55 -54.74
CA ILE B 3441 20.87 94.67 -53.72
C ILE B 3441 21.55 95.48 -52.62
N GLU B 3442 22.38 96.45 -53.01
CA GLU B 3442 23.09 97.27 -52.05
C GLU B 3442 22.13 98.13 -51.24
N ARG B 3443 21.14 98.73 -51.90
CA ARG B 3443 20.16 99.57 -51.21
C ARG B 3443 19.34 98.76 -50.20
N VAL B 3444 18.87 97.58 -50.61
CA VAL B 3444 18.09 96.73 -49.72
C VAL B 3444 18.93 96.23 -48.56
N GLN B 3445 20.21 95.93 -48.81
CA GLN B 3445 21.10 95.50 -47.73
C GLN B 3445 21.32 96.61 -46.71
N ARG B 3446 21.52 97.85 -47.18
CA ARG B 3446 21.73 98.96 -46.25
C ARG B 3446 20.48 99.25 -45.41
N ILE B 3447 19.32 99.28 -46.08
CA ILE B 3447 18.06 99.52 -45.37
C ILE B 3447 17.80 98.42 -44.34
N SER B 3448 18.02 97.16 -44.74
CA SER B 3448 17.78 96.03 -43.85
C SER B 3448 18.72 96.05 -42.66
N ALA B 3449 20.00 96.40 -42.87
CA ALA B 3449 20.93 96.48 -41.75
C ALA B 3449 20.53 97.56 -40.77
N ALA B 3450 20.14 98.74 -41.28
CA ALA B 3450 19.72 99.83 -40.40
C ALA B 3450 18.47 99.45 -39.60
N VAL B 3451 17.47 98.86 -40.27
CA VAL B 3451 16.22 98.52 -39.61
C VAL B 3451 16.44 97.41 -38.59
N PHE B 3452 17.24 96.40 -38.94
CA PHE B 3452 17.50 95.30 -38.02
C PHE B 3452 18.23 95.77 -36.77
N HIS B 3453 19.25 96.62 -36.94
CA HIS B 3453 20.00 97.10 -35.79
C HIS B 3453 19.15 98.02 -34.92
N LEU B 3454 18.30 98.85 -35.54
CA LEU B 3454 17.41 99.73 -34.78
C LEU B 3454 16.40 98.91 -33.97
N GLU B 3455 15.83 97.87 -34.58
CA GLU B 3455 14.88 97.03 -33.87
C GLU B 3455 15.55 96.25 -32.75
N GLN B 3456 16.78 95.77 -32.99
CA GLN B 3456 17.53 95.04 -31.96
C GLN B 3456 17.86 95.95 -30.78
N VAL B 3457 18.16 97.22 -31.04
CA VAL B 3457 18.42 98.17 -29.96
C VAL B 3457 17.14 98.47 -29.19
N GLU B 3458 16.03 98.71 -29.91
CA GLU B 3458 14.81 99.15 -29.25
C GLU B 3458 14.02 98.03 -28.58
N GLN B 3459 14.29 96.75 -28.91
CA GLN B 3459 13.55 95.66 -28.30
C GLN B 3459 13.72 95.54 -26.79
N PRO B 3460 14.92 95.62 -26.19
CA PRO B 3460 14.97 95.62 -24.72
C PRO B 3460 14.41 96.88 -24.07
N LEU B 3461 14.28 97.97 -24.83
CA LEU B 3461 13.82 99.23 -24.25
C LEU B 3461 12.36 99.17 -23.86
N ARG B 3462 11.56 98.37 -24.58
CA ARG B 3462 10.13 98.30 -24.27
C ARG B 3462 9.89 97.57 -22.95
N SER B 3463 10.55 96.43 -22.76
CA SER B 3463 10.49 95.61 -21.55
C SER B 3463 9.06 95.23 -21.15
N ALA B 3487 45.49 93.62 15.60
CA ALA B 3487 45.90 92.66 14.57
C ALA B 3487 47.43 92.56 14.33
N PRO B 3488 48.21 93.66 14.38
CA PRO B 3488 49.66 93.50 14.41
C PRO B 3488 50.12 92.79 15.68
N LEU B 3489 51.17 91.98 15.54
CA LEU B 3489 51.66 91.20 16.66
C LEU B 3489 52.36 92.07 17.70
N TYR B 3490 53.00 93.15 17.28
CA TYR B 3490 53.76 93.98 18.19
C TYR B 3490 52.89 94.88 19.06
N ASN B 3491 51.61 95.05 18.72
CA ASN B 3491 50.70 95.90 19.48
C ASN B 3491 49.92 95.13 20.54
N LEU B 3492 50.12 93.83 20.64
CA LEU B 3492 49.43 92.99 21.60
C LEU B 3492 50.33 92.65 22.78
N PRO B 3493 49.75 92.35 23.95
CA PRO B 3493 50.57 91.94 25.09
C PRO B 3493 51.30 90.63 24.81
N ARG B 3494 52.48 90.49 25.43
CA ARG B 3494 53.39 89.40 25.08
C ARG B 3494 52.89 88.05 25.58
N HIS B 3495 52.08 88.03 26.64
CA HIS B 3495 51.63 86.75 27.19
C HIS B 3495 50.59 86.09 26.30
N LYS B 3496 49.72 86.88 25.66
CA LYS B 3496 48.75 86.30 24.73
C LYS B 3496 49.43 85.72 23.50
N ILE B 3497 50.44 86.42 22.98
CA ILE B 3497 51.22 85.90 21.87
C ILE B 3497 52.00 84.66 22.30
N ASN B 3498 52.46 84.62 23.56
CA ASN B 3498 53.13 83.44 24.07
C ASN B 3498 52.18 82.25 24.15
N ASN B 3499 50.93 82.48 24.54
CA ASN B 3499 49.92 81.41 24.53
C ASN B 3499 49.65 80.92 23.13
N PHE B 3500 49.57 81.85 22.15
CA PHE B 3500 49.38 81.45 20.77
C PHE B 3500 50.57 80.64 20.25
N PHE B 3501 51.78 81.04 20.64
CA PHE B 3501 52.98 80.29 20.30
C PHE B 3501 52.94 78.89 20.90
N LEU B 3502 52.49 78.76 22.15
CA LEU B 3502 52.42 77.46 22.78
C LEU B 3502 51.42 76.56 22.08
N SER B 3503 50.26 77.10 21.69
CA SER B 3503 49.26 76.32 20.97
C SER B 3503 49.79 75.86 19.61
N THR B 3504 50.47 76.75 18.89
CA THR B 3504 51.02 76.38 17.58
C THR B 3504 52.17 75.39 17.72
N PHE B 3505 52.97 75.53 18.78
CA PHE B 3505 54.07 74.61 19.05
C PHE B 3505 53.54 73.22 19.39
N GLN B 3506 52.43 73.15 20.10
CA GLN B 3506 51.78 71.86 20.35
C GLN B 3506 51.26 71.25 19.05
N ARG B 3507 50.55 72.05 18.25
CA ARG B 3507 49.86 71.49 17.08
C ARG B 3507 50.83 71.10 15.97
N VAL B 3508 51.90 71.87 15.77
CA VAL B 3508 52.74 71.70 14.59
C VAL B 3508 53.91 70.76 14.86
N TRP B 3509 54.73 71.11 15.86
CA TRP B 3509 56.02 70.44 16.05
C TRP B 3509 55.91 69.12 16.81
N LEU B 3510 55.32 69.14 18.01
CA LEU B 3510 55.45 68.02 18.93
C LEU B 3510 54.57 66.82 18.56
N GLU B 3511 53.41 67.05 17.95
CA GLU B 3511 52.47 65.95 17.70
C GLU B 3511 53.00 64.98 16.66
N LYS B 3512 53.72 65.48 15.66
CA LYS B 3512 54.34 64.61 14.67
C LYS B 3512 55.39 63.69 15.29
N VAL B 3513 56.15 64.20 16.26
CA VAL B 3513 57.12 63.36 16.97
C VAL B 3513 56.40 62.37 17.87
N ASN B 3514 55.33 62.81 18.53
CA ASN B 3514 54.59 61.95 19.46
C ASN B 3514 53.91 60.80 18.74
N GLU B 3515 53.43 61.03 17.52
CA GLU B 3515 52.80 59.96 16.74
C GLU B 3515 53.82 58.96 16.17
N LYS B 3516 55.10 59.11 16.47
CA LYS B 3516 56.13 58.21 15.98
C LYS B 3516 57.00 57.60 17.07
N THR B 3517 57.28 58.30 18.15
CA THR B 3517 58.21 57.81 19.17
C THR B 3517 57.54 57.17 20.38
N GLN B 3518 56.21 57.11 20.42
CA GLN B 3518 55.52 56.62 21.61
C GLN B 3518 55.64 55.11 21.72
N TYR B 3519 56.08 54.63 22.90
CA TYR B 3519 56.23 53.20 23.22
C TYR B 3519 57.12 52.51 22.19
N ASP B 3520 58.23 53.16 21.83
CA ASP B 3520 59.00 52.75 20.65
C ASP B 3520 59.73 51.44 20.89
N ARG B 3521 60.26 51.22 22.09
CA ARG B 3521 61.12 50.06 22.31
C ARG B 3521 60.87 49.37 23.64
N LEU B 3522 59.67 49.52 24.23
CA LEU B 3522 59.42 48.96 25.54
C LEU B 3522 59.18 47.45 25.49
N ILE B 3523 58.52 46.97 24.44
CA ILE B 3523 58.21 45.53 24.35
C ILE B 3523 59.46 44.66 24.23
N PRO B 3524 60.47 44.97 23.38
CA PRO B 3524 61.70 44.17 23.43
C PRO B 3524 62.45 44.24 24.76
N ILE B 3525 62.39 45.37 25.46
CA ILE B 3525 63.05 45.49 26.76
C ILE B 3525 62.34 44.63 27.80
N LEU B 3526 61.01 44.54 27.71
CA LEU B 3526 60.24 43.75 28.67
C LEU B 3526 60.55 42.26 28.57
N MET B 3527 60.78 41.76 27.35
CA MET B 3527 61.02 40.35 27.13
C MET B 3527 62.51 40.01 27.04
N LYS B 3528 63.38 40.99 27.25
CA LYS B 3528 64.81 40.79 27.12
C LYS B 3528 65.33 39.93 28.27
N SER B 3529 66.08 38.89 27.94
CA SER B 3529 66.58 37.98 28.96
C SER B 3529 67.71 38.63 29.75
N PRO B 3530 67.70 38.51 31.08
CA PRO B 3530 68.76 39.08 31.93
C PRO B 3530 70.07 38.30 31.81
N LYS B 3542 62.67 35.17 38.70
CA LYS B 3542 61.28 35.03 38.27
C LYS B 3542 61.17 34.21 37.00
N GLN B 3543 60.42 33.12 37.07
CA GLN B 3543 60.15 32.34 35.86
C GLN B 3543 59.34 33.12 34.81
N PRO B 3544 58.27 33.85 35.14
CA PRO B 3544 57.69 34.74 34.13
C PRO B 3544 58.51 36.01 33.94
N ASP B 3545 58.61 36.44 32.70
CA ASP B 3545 59.25 37.70 32.35
C ASP B 3545 58.29 38.84 32.71
N PRO B 3546 58.77 40.10 32.75
CA PRO B 3546 57.88 41.23 33.07
C PRO B 3546 56.65 41.36 32.19
N LEU B 3547 56.76 41.07 30.89
CA LEU B 3547 55.61 41.11 30.01
C LEU B 3547 54.57 40.04 30.39
N HIS B 3548 55.05 38.85 30.74
CA HIS B 3548 54.17 37.80 31.22
C HIS B 3548 53.47 38.22 32.52
N GLN B 3549 54.20 38.89 33.40
CA GLN B 3549 53.63 39.35 34.67
C GLN B 3549 52.54 40.40 34.45
N ILE B 3550 52.76 41.35 33.55
CA ILE B 3550 51.73 42.36 33.34
C ILE B 3550 50.52 41.77 32.60
N ILE B 3551 50.74 40.80 31.71
CA ILE B 3551 49.60 40.12 31.07
C ILE B 3551 48.80 39.32 32.09
N LEU B 3552 49.49 38.64 33.02
CA LEU B 3552 48.79 37.91 34.07
C LEU B 3552 48.05 38.83 35.02
N HIS B 3553 48.62 40.02 35.29
CA HIS B 3553 47.92 41.00 36.12
C HIS B 3553 46.62 41.47 35.45
N PHE B 3554 46.69 41.74 34.15
CA PHE B 3554 45.47 42.14 33.43
C PHE B 3554 44.45 41.02 33.37
N SER B 3555 44.91 39.78 33.21
CA SER B 3555 44.00 38.63 33.23
C SER B 3555 43.34 38.46 34.59
N ARG B 3556 44.10 38.65 35.67
CA ARG B 3556 43.55 38.54 37.01
C ARG B 3556 42.55 39.66 37.29
N ASN B 3557 42.81 40.87 36.78
CA ASN B 3557 41.83 41.93 36.89
C ASN B 3557 40.56 41.62 36.10
N ALA B 3558 40.71 41.02 34.92
CA ALA B 3558 39.56 40.68 34.10
C ALA B 3558 38.72 39.58 34.72
N LEU B 3559 39.35 38.63 35.42
CA LEU B 3559 38.61 37.52 36.02
C LEU B 3559 37.91 37.90 37.32
N THR B 3560 38.22 39.06 37.91
CA THR B 3560 37.59 39.47 39.15
C THR B 3560 36.13 39.86 38.90
N GLU B 3561 35.23 39.32 39.72
CA GLU B 3561 33.80 39.52 39.53
C GLU B 3561 33.41 40.94 39.89
N ARG B 3562 33.00 41.71 38.89
CA ARG B 3562 32.56 43.09 39.08
C ARG B 3562 31.28 43.32 38.29
N SER B 3563 30.51 44.32 38.72
CA SER B 3563 29.29 44.68 38.02
C SER B 3563 29.57 45.43 36.72
N LYS B 3564 30.66 46.19 36.66
CA LYS B 3564 30.99 47.02 35.51
C LYS B 3564 32.49 47.08 35.34
N LEU B 3565 32.94 47.01 34.09
CA LEU B 3565 34.36 47.12 33.77
C LEU B 3565 34.79 48.58 33.94
N GLU B 3566 35.48 48.86 35.04
CA GLU B 3566 35.92 50.22 35.32
C GLU B 3566 37.07 50.60 34.40
N ASP B 3567 37.27 51.91 34.24
CA ASP B 3567 38.27 52.41 33.31
C ASP B 3567 39.68 52.11 33.82
N ASP B 3568 40.50 51.53 32.96
CA ASP B 3568 41.88 51.17 33.27
C ASP B 3568 42.78 51.76 32.19
N PRO B 3569 43.34 52.95 32.40
CA PRO B 3569 44.26 53.51 31.40
C PRO B 3569 45.52 52.69 31.18
N LEU B 3570 45.99 51.99 32.23
CA LEU B 3570 47.18 51.15 32.10
C LEU B 3570 46.94 50.02 31.12
N TYR B 3571 45.77 49.37 31.19
CA TYR B 3571 45.44 48.32 30.24
C TYR B 3571 45.35 48.87 28.83
N THR B 3572 44.75 50.05 28.67
CA THR B 3572 44.62 50.66 27.36
C THR B 3572 45.98 50.93 26.73
N SER B 3573 46.90 51.53 27.50
CA SER B 3573 48.23 51.83 26.98
C SER B 3573 49.01 50.55 26.67
N TYR B 3574 48.95 49.55 27.55
CA TYR B 3574 49.76 48.36 27.33
C TYR B 3574 49.20 47.48 26.21
N SER B 3575 47.88 47.37 26.10
CA SER B 3575 47.29 46.64 24.97
C SER B 3575 47.54 47.35 23.65
N SER B 3576 47.54 48.69 23.67
CA SER B 3576 47.88 49.45 22.47
C SER B 3576 49.32 49.20 22.05
N MET B 3577 50.25 49.18 23.01
CA MET B 3577 51.65 48.95 22.65
C MET B 3577 51.90 47.50 22.25
N MET B 3578 51.13 46.55 22.78
CA MET B 3578 51.23 45.17 22.32
C MET B 3578 50.75 45.02 20.88
N ALA B 3579 49.60 45.64 20.57
CA ALA B 3579 49.07 45.60 19.21
C ALA B 3579 50.00 46.27 18.22
N LYS B 3580 50.64 47.37 18.65
CA LYS B 3580 51.66 47.99 17.79
C LYS B 3580 52.89 47.13 17.65
N SER B 3581 53.25 46.36 18.68
CA SER B 3581 54.40 45.46 18.58
C SER B 3581 54.14 44.35 17.58
N CYS B 3582 52.93 43.82 17.53
CA CYS B 3582 52.62 42.77 16.55
C CYS B 3582 52.54 43.33 15.14
N GLN B 3583 52.11 44.58 14.98
CA GLN B 3583 51.88 45.17 13.66
C GLN B 3583 53.11 45.95 13.23
N SER B 3584 54.13 45.22 12.80
CA SER B 3584 55.35 45.83 12.31
C SER B 3584 55.96 45.02 11.17
N GLU B 3595 55.85 44.90 -6.41
CA GLU B 3595 55.66 43.57 -5.86
C GLU B 3595 56.84 43.17 -4.97
N LYS B 3596 56.82 41.93 -4.50
CA LYS B 3596 57.86 41.41 -3.62
C LYS B 3596 58.27 40.02 -4.07
N THR B 3597 59.48 39.63 -3.67
CA THR B 3597 59.96 38.29 -3.96
C THR B 3597 59.24 37.27 -3.06
N PHE B 3598 59.39 35.99 -3.41
CA PHE B 3598 58.88 34.93 -2.56
C PHE B 3598 59.60 34.91 -1.22
N GLU B 3599 60.91 35.12 -1.23
CA GLU B 3599 61.69 35.11 0.00
C GLU B 3599 61.30 36.26 0.92
N GLU B 3600 61.05 37.44 0.35
CA GLU B 3600 60.66 38.60 1.16
C GLU B 3600 59.29 38.38 1.81
N LYS B 3601 58.33 37.83 1.06
CA LYS B 3601 57.01 37.56 1.62
C LYS B 3601 57.06 36.47 2.68
N GLU B 3602 57.88 35.44 2.44
CA GLU B 3602 58.01 34.38 3.43
C GLU B 3602 58.67 34.87 4.71
N MET B 3603 59.70 35.72 4.58
CA MET B 3603 60.34 36.30 5.75
C MET B 3603 59.40 37.24 6.50
N GLU B 3604 58.56 37.97 5.77
CA GLU B 3604 57.56 38.82 6.42
C GLU B 3604 56.55 37.98 7.19
N LYS B 3605 56.11 36.86 6.62
CA LYS B 3605 55.19 35.97 7.31
C LYS B 3605 55.82 35.36 8.55
N GLN B 3606 57.09 34.96 8.46
CA GLN B 3606 57.77 34.39 9.62
C GLN B 3606 58.01 35.44 10.71
N LYS B 3607 58.29 36.69 10.31
CA LYS B 3607 58.45 37.76 11.27
C LYS B 3607 57.14 38.05 12.00
N THR B 3608 56.02 38.05 11.26
CA THR B 3608 54.71 38.24 11.89
C THR B 3608 54.38 37.09 12.83
N LEU B 3609 54.72 35.85 12.43
CA LEU B 3609 54.48 34.70 13.29
C LEU B 3609 55.30 34.78 14.58
N TYR B 3610 56.55 35.21 14.47
CA TYR B 3610 57.40 35.37 15.65
C TYR B 3610 56.86 36.46 16.59
N GLN B 3611 56.44 37.58 16.02
CA GLN B 3611 55.90 38.67 16.83
C GLN B 3611 54.59 38.29 17.50
N GLN B 3612 53.76 37.49 16.85
CA GLN B 3612 52.52 37.03 17.48
C GLN B 3612 52.79 35.93 18.51
N ALA B 3613 53.82 35.12 18.30
CA ALA B 3613 54.19 34.10 19.29
C ALA B 3613 54.69 34.74 20.56
N ARG B 3614 55.42 35.86 20.42
CA ARG B 3614 55.91 36.62 21.57
C ARG B 3614 54.79 37.00 22.53
N LEU B 3615 53.61 37.32 22.00
CA LEU B 3615 52.49 37.68 22.84
C LEU B 3615 51.65 36.49 23.25
N HIS B 3616 51.36 35.56 22.33
CA HIS B 3616 50.41 34.50 22.70
C HIS B 3616 51.07 33.36 23.48
N GLU B 3617 52.39 33.32 23.59
CA GLU B 3617 53.01 32.38 24.50
C GLU B 3617 53.04 32.89 25.93
N ARG B 3618 52.59 34.11 26.17
CA ARG B 3618 52.50 34.70 27.49
C ARG B 3618 51.07 34.92 27.95
N GLY B 3619 50.10 34.33 27.24
CA GLY B 3619 48.72 34.36 27.69
C GLY B 3619 47.89 35.54 27.22
N ALA B 3620 48.22 36.12 26.05
CA ALA B 3620 47.51 37.30 25.59
C ALA B 3620 46.13 36.98 25.01
N ALA B 3621 45.98 35.82 24.37
CA ALA B 3621 44.70 35.47 23.74
C ALA B 3621 43.61 35.24 24.80
N GLU B 3622 43.95 34.51 25.86
CA GLU B 3622 43.00 34.32 26.97
C GLU B 3622 42.66 35.65 27.62
N MET B 3623 43.63 36.56 27.72
CA MET B 3623 43.37 37.88 28.27
C MET B 3623 42.41 38.68 27.39
N VAL B 3624 42.55 38.55 26.06
CA VAL B 3624 41.64 39.23 25.13
C VAL B 3624 40.22 38.70 25.31
N LEU B 3625 40.07 37.38 25.39
CA LEU B 3625 38.74 36.80 25.60
C LEU B 3625 38.15 37.21 26.94
N GLN B 3626 38.99 37.27 27.99
CA GLN B 3626 38.52 37.67 29.31
C GLN B 3626 38.08 39.12 29.35
N MET B 3627 38.82 40.01 28.67
CA MET B 3627 38.44 41.42 28.64
C MET B 3627 37.16 41.62 27.84
N ILE B 3628 36.98 40.87 26.75
CA ILE B 3628 35.73 40.95 26.00
C ILE B 3628 34.57 40.48 26.84
N SER B 3629 34.76 39.38 27.59
CA SER B 3629 33.71 38.90 28.50
C SER B 3629 33.41 39.91 29.60
N ALA B 3630 34.45 40.54 30.15
CA ALA B 3630 34.29 41.50 31.23
C ALA B 3630 33.72 42.83 30.77
N SER B 3631 33.67 43.08 29.45
CA SER B 3631 33.07 44.32 28.96
C SER B 3631 31.58 44.40 29.25
N LYS B 3632 30.91 43.24 29.37
CA LYS B 3632 29.47 43.13 29.59
C LYS B 3632 28.66 43.81 28.48
N GLY B 3633 29.20 43.81 27.26
CA GLY B 3633 28.51 44.40 26.13
C GLY B 3633 28.54 45.91 26.07
N GLU B 3634 29.33 46.56 26.91
CA GLU B 3634 29.41 48.01 26.95
C GLU B 3634 30.68 48.49 26.25
N MET B 3635 30.54 49.45 25.36
CA MET B 3635 31.69 49.95 24.62
C MET B 3635 32.52 50.88 25.48
N SER B 3636 33.84 50.76 25.36
CA SER B 3636 34.80 51.55 26.11
C SER B 3636 36.12 51.51 25.36
N PRO B 3637 37.07 52.40 25.70
CA PRO B 3637 38.40 52.29 25.08
C PRO B 3637 39.10 50.96 25.30
N MET B 3638 38.84 50.31 26.44
CA MET B 3638 39.41 48.99 26.71
C MET B 3638 38.91 47.96 25.71
N VAL B 3639 37.63 48.02 25.34
CA VAL B 3639 37.09 47.11 24.33
C VAL B 3639 37.75 47.35 22.98
N VAL B 3640 37.99 48.63 22.63
CA VAL B 3640 38.62 48.97 21.37
C VAL B 3640 40.02 48.41 21.29
N GLU B 3641 40.82 48.63 22.34
CA GLU B 3641 42.19 48.11 22.34
C GLU B 3641 42.22 46.59 22.44
N THR B 3642 41.24 45.99 23.13
CA THR B 3642 41.17 44.53 23.20
C THR B 3642 40.89 43.91 21.84
N LEU B 3643 39.96 44.50 21.08
CA LEU B 3643 39.69 43.98 19.74
C LEU B 3643 40.86 44.21 18.80
N LYS B 3644 41.54 45.35 18.93
CA LYS B 3644 42.73 45.59 18.11
C LYS B 3644 43.84 44.60 18.42
N LEU B 3645 44.05 44.28 19.70
CA LEU B 3645 45.07 43.31 20.09
C LEU B 3645 44.70 41.90 19.65
N GLY B 3646 43.42 41.55 19.72
CA GLY B 3646 42.99 40.26 19.23
C GLY B 3646 43.16 40.11 17.73
N ILE B 3647 42.90 41.19 16.99
CA ILE B 3647 43.17 41.21 15.55
C ILE B 3647 44.65 41.07 15.28
N ALA B 3648 45.49 41.77 16.07
CA ALA B 3648 46.93 41.71 15.86
C ALA B 3648 47.50 40.33 16.11
N ILE B 3649 47.04 39.64 17.15
CA ILE B 3649 47.55 38.30 17.39
C ILE B 3649 46.85 37.25 16.52
N LEU B 3650 45.69 37.56 15.94
CA LEU B 3650 44.98 36.63 15.08
C LEU B 3650 45.23 36.88 13.60
N ASN B 3651 46.03 37.87 13.25
CA ASN B 3651 46.14 38.29 11.86
C ASN B 3651 46.86 37.25 11.02
N GLY B 3652 46.38 37.06 9.79
CA GLY B 3652 46.87 36.00 8.94
C GLY B 3652 46.24 34.65 9.20
N GLY B 3653 45.25 34.57 10.08
CA GLY B 3653 44.64 33.31 10.43
C GLY B 3653 45.58 32.42 11.21
N ASN B 3654 46.04 32.90 12.37
CA ASN B 3654 46.97 32.13 13.20
C ASN B 3654 46.24 30.96 13.82
N ALA B 3655 46.59 29.75 13.39
CA ALA B 3655 45.86 28.56 13.84
C ALA B 3655 46.15 28.22 15.30
N GLY B 3656 47.35 28.54 15.78
CA GLY B 3656 47.65 28.31 17.19
C GLY B 3656 46.84 29.21 18.11
N VAL B 3657 46.70 30.47 17.76
CA VAL B 3657 45.88 31.40 18.54
C VAL B 3657 44.41 30.98 18.50
N GLN B 3658 43.94 30.53 17.33
CA GLN B 3658 42.57 30.03 17.22
C GLN B 3658 42.34 28.82 18.10
N GLN B 3659 43.30 27.89 18.11
CA GLN B 3659 43.18 26.70 18.94
C GLN B 3659 43.20 27.06 20.43
N LYS B 3660 44.06 27.99 20.83
CA LYS B 3660 44.09 28.41 22.22
C LYS B 3660 42.80 29.09 22.64
N MET B 3661 42.26 29.97 21.79
CA MET B 3661 41.01 30.65 22.10
C MET B 3661 39.85 29.67 22.19
N LEU B 3662 39.77 28.73 21.26
CA LEU B 3662 38.68 27.75 21.28
C LEU B 3662 38.81 26.81 22.48
N ASP B 3663 40.04 26.40 22.81
CA ASP B 3663 40.25 25.56 23.99
C ASP B 3663 39.86 26.28 25.27
N TYR B 3664 40.20 27.56 25.38
CA TYR B 3664 39.79 28.34 26.55
C TYR B 3664 38.27 28.47 26.64
N LEU B 3665 37.62 28.77 25.51
CA LEU B 3665 36.18 28.98 25.53
C LEU B 3665 35.42 27.69 25.82
N LYS B 3666 35.92 26.55 25.33
CA LYS B 3666 35.24 25.29 25.61
C LYS B 3666 35.59 24.73 26.99
N GLU B 3667 36.77 25.05 27.52
CA GLU B 3667 37.12 24.58 28.85
C GLU B 3667 36.39 25.37 29.92
N LYS B 3668 36.35 26.70 29.79
CA LYS B 3668 35.75 27.53 30.83
C LYS B 3668 34.23 27.63 30.73
N LYS B 3669 33.65 27.23 29.60
CA LYS B 3669 32.21 27.34 29.33
C LYS B 3669 31.73 28.77 29.54
N ASP B 3670 32.45 29.71 28.94
CA ASP B 3670 32.27 31.14 29.19
C ASP B 3670 31.15 31.67 28.30
N ALA B 3671 29.93 31.69 28.84
CA ALA B 3671 28.80 32.26 28.13
C ALA B 3671 28.81 33.78 28.17
N GLY B 3672 29.53 34.38 29.11
CA GLY B 3672 29.64 35.83 29.17
C GLY B 3672 30.33 36.43 27.97
N PHE B 3673 31.26 35.67 27.36
CA PHE B 3673 31.92 36.12 26.14
C PHE B 3673 30.92 36.31 25.01
N PHE B 3674 30.01 35.36 24.83
CA PHE B 3674 29.04 35.46 23.75
C PHE B 3674 27.92 36.43 24.08
N GLN B 3675 27.53 36.55 25.36
CA GLN B 3675 26.59 37.60 25.74
C GLN B 3675 27.15 38.99 25.48
N SER B 3676 28.43 39.19 25.80
CA SER B 3676 29.07 40.47 25.53
C SER B 3676 29.26 40.72 24.04
N LEU B 3677 29.53 39.65 23.26
CA LEU B 3677 29.61 39.80 21.81
C LEU B 3677 28.28 40.24 21.21
N SER B 3678 27.18 39.63 21.68
CA SER B 3678 25.86 40.04 21.22
C SER B 3678 25.55 41.47 21.60
N GLY B 3679 25.89 41.86 22.85
CA GLY B 3679 25.65 43.22 23.27
C GLY B 3679 26.48 44.25 22.51
N LEU B 3680 27.71 43.88 22.16
CA LEU B 3680 28.56 44.78 21.37
C LEU B 3680 28.07 44.88 19.94
N MET B 3681 27.55 43.79 19.39
CA MET B 3681 27.03 43.82 18.03
C MET B 3681 25.74 44.61 17.94
N GLN B 3682 24.90 44.56 18.98
CA GLN B 3682 23.64 45.29 18.94
C GLN B 3682 23.81 46.78 19.15
N SER B 3683 24.95 47.24 19.65
CA SER B 3683 25.18 48.65 19.88
C SER B 3683 25.95 49.32 18.76
N CYS B 3684 26.27 48.59 17.69
CA CYS B 3684 26.97 49.19 16.55
C CYS B 3684 26.04 50.11 15.79
N SER B 3685 26.60 51.19 15.26
CA SER B 3685 25.81 52.25 14.65
C SER B 3685 25.69 52.06 13.14
N VAL B 3686 24.66 52.68 12.58
CA VAL B 3686 24.40 52.69 11.14
C VAL B 3686 24.41 54.14 10.69
N LEU B 3687 24.12 54.38 9.41
CA LEU B 3687 24.06 55.74 8.90
C LEU B 3687 22.90 56.50 9.54
N ASP B 3688 23.19 57.75 9.94
CA ASP B 3688 22.22 58.60 10.64
C ASP B 3688 21.90 59.77 9.73
N LEU B 3689 20.72 59.72 9.10
CA LEU B 3689 20.36 60.74 8.11
C LEU B 3689 19.95 62.06 8.76
N ASN B 3690 19.34 62.00 9.95
CA ASN B 3690 18.98 63.23 10.65
C ASN B 3690 20.22 64.02 11.06
N ALA B 3691 21.24 63.34 11.58
CA ALA B 3691 22.49 64.01 11.93
C ALA B 3691 23.18 64.58 10.70
N PHE B 3692 23.08 63.86 9.57
CA PHE B 3692 23.63 64.35 8.32
C PHE B 3692 22.92 65.61 7.86
N GLU B 3693 21.59 65.65 7.99
CA GLU B 3693 20.84 66.84 7.60
C GLU B 3693 21.15 68.02 8.50
N ARG B 3694 21.30 67.79 9.81
CA ARG B 3694 21.67 68.87 10.72
C ARG B 3694 23.07 69.39 10.43
N GLN B 3695 24.00 68.48 10.10
CA GLN B 3695 25.34 68.89 9.72
C GLN B 3695 25.33 69.71 8.43
N ASN B 3696 24.51 69.30 7.45
CA ASN B 3696 24.40 70.06 6.21
C ASN B 3696 23.80 71.44 6.45
N LYS B 3697 22.81 71.53 7.33
CA LYS B 3697 22.23 72.83 7.68
C LYS B 3697 23.25 73.73 8.35
N ALA B 3698 24.04 73.17 9.28
CA ALA B 3698 25.07 73.96 9.96
C ALA B 3698 26.15 74.42 8.99
N GLU B 3699 26.54 73.55 8.05
CA GLU B 3699 27.53 73.94 7.05
C GLU B 3699 26.97 74.97 6.09
N GLY B 3700 25.67 74.92 5.80
CA GLY B 3700 25.03 75.94 5.00
C GLY B 3700 24.83 77.27 5.70
N LEU B 3701 24.84 77.27 7.03
CA LEU B 3701 24.81 78.50 7.81
C LEU B 3701 26.20 79.06 8.07
N GLY B 3702 27.20 78.64 7.30
CA GLY B 3702 28.55 79.16 7.43
C GLY B 3702 29.27 78.79 8.70
N MET B 3703 29.09 77.55 9.18
CA MET B 3703 29.75 77.08 10.38
C MET B 3703 30.67 75.93 10.03
N VAL B 3704 31.90 75.97 10.54
CA VAL B 3704 32.88 74.93 10.28
C VAL B 3704 32.63 73.77 11.24
N THR B 3705 32.41 72.58 10.68
CA THR B 3705 32.08 71.42 11.48
C THR B 3705 33.33 70.74 12.01
N GLU B 3706 33.30 70.35 13.27
CA GLU B 3706 34.41 69.65 13.89
C GLU B 3706 34.42 68.19 13.45
N GLU B 3707 35.51 67.49 13.80
CA GLU B 3707 35.65 66.08 13.44
C GLU B 3707 34.63 65.22 14.17
N GLY B 3708 34.36 65.53 15.44
CA GLY B 3708 33.36 64.79 16.19
C GLY B 3708 31.96 64.96 15.65
N THR B 3709 31.66 66.15 15.11
CA THR B 3709 30.36 66.35 14.46
C THR B 3709 30.25 65.54 13.17
N ARG B 3710 31.32 65.52 12.37
CA ARG B 3710 31.30 64.77 11.13
C ARG B 3710 31.32 63.26 11.36
N GLU B 3711 31.78 62.81 12.53
CA GLU B 3711 31.79 61.40 12.86
C GLU B 3711 30.52 60.95 13.57
N LYS B 3712 29.42 61.67 13.39
CA LYS B 3712 28.14 61.28 13.99
C LYS B 3712 27.20 60.60 13.01
N VAL B 3713 27.42 60.77 11.70
CA VAL B 3713 26.55 60.15 10.71
C VAL B 3713 26.71 58.64 10.72
N LEU B 3714 27.97 58.16 10.71
CA LEU B 3714 28.29 56.75 10.90
C LEU B 3714 29.34 56.71 12.00
N GLN B 3715 28.88 56.56 13.24
CA GLN B 3715 29.74 56.69 14.40
C GLN B 3715 30.36 55.35 14.76
N ASN B 3716 31.65 55.39 15.14
CA ASN B 3716 32.43 54.22 15.56
C ASN B 3716 32.45 53.13 14.48
N ASP B 3717 32.68 53.55 13.23
CA ASP B 3717 32.74 52.58 12.14
C ASP B 3717 34.03 51.76 12.19
N GLU B 3718 35.11 52.35 12.71
CA GLU B 3718 36.34 51.61 12.88
C GLU B 3718 36.18 50.48 13.90
N PHE B 3719 35.43 50.74 14.98
CA PHE B 3719 35.14 49.68 15.94
C PHE B 3719 34.28 48.59 15.34
N THR B 3720 33.31 48.96 14.49
CA THR B 3720 32.46 47.96 13.83
C THR B 3720 33.29 47.07 12.91
N ARG B 3721 34.17 47.69 12.12
CA ARG B 3721 35.05 46.93 11.24
C ARG B 3721 36.00 46.04 12.04
N ASP B 3722 36.50 46.53 13.17
CA ASP B 3722 37.38 45.72 14.02
C ASP B 3722 36.64 44.54 14.64
N LEU B 3723 35.41 44.76 15.08
CA LEU B 3723 34.62 43.69 15.69
C LEU B 3723 34.33 42.58 14.69
N PHE B 3724 33.86 42.96 13.50
CA PHE B 3724 33.57 41.93 12.52
C PHE B 3724 34.81 41.34 11.88
N ARG B 3725 35.94 42.08 11.89
CA ARG B 3725 37.20 41.51 11.46
C ARG B 3725 37.71 40.47 12.44
N PHE B 3726 37.53 40.71 13.74
CA PHE B 3726 37.88 39.72 14.76
C PHE B 3726 37.02 38.47 14.63
N LEU B 3727 35.71 38.66 14.40
CA LEU B 3727 34.82 37.52 14.22
C LEU B 3727 35.16 36.75 12.95
N GLN B 3728 35.58 37.45 11.90
CA GLN B 3728 36.05 36.77 10.68
C GLN B 3728 37.34 36.01 10.93
N LEU B 3729 38.29 36.60 11.65
CA LEU B 3729 39.57 35.96 11.92
C LEU B 3729 39.45 34.76 12.84
N LEU B 3730 38.37 34.66 13.62
CA LEU B 3730 38.14 33.43 14.38
C LEU B 3730 37.91 32.23 13.46
N CYS B 3731 37.27 32.44 12.32
CA CYS B 3731 36.88 31.37 11.42
C CYS B 3731 37.80 31.25 10.20
N GLU B 3732 38.91 31.99 10.17
CA GLU B 3732 39.76 32.03 8.99
C GLU B 3732 40.46 30.70 8.77
N GLY B 3733 40.64 30.34 7.51
CA GLY B 3733 41.21 29.05 7.18
C GLY B 3733 40.23 27.91 7.19
N HIS B 3734 38.93 28.21 7.09
CA HIS B 3734 37.83 27.24 7.16
C HIS B 3734 37.90 26.43 8.45
N ASN B 3735 38.14 27.12 9.56
CA ASN B 3735 38.21 26.47 10.87
C ASN B 3735 36.82 26.07 11.31
N SER B 3736 36.43 24.83 11.00
CA SER B 3736 35.04 24.41 11.13
C SER B 3736 34.60 24.27 12.58
N ASP B 3737 35.53 24.06 13.51
CA ASP B 3737 35.17 23.97 14.91
C ASP B 3737 34.66 25.31 15.44
N PHE B 3738 35.40 26.38 15.17
CA PHE B 3738 34.93 27.71 15.56
C PHE B 3738 33.71 28.15 14.75
N GLN B 3739 33.61 27.70 13.49
CA GLN B 3739 32.43 27.99 12.68
C GLN B 3739 31.17 27.38 13.29
N ASN B 3740 31.26 26.14 13.76
CA ASN B 3740 30.12 25.53 14.43
C ASN B 3740 29.92 26.08 15.83
N PHE B 3741 30.99 26.52 16.49
CA PHE B 3741 30.86 27.02 17.86
C PHE B 3741 30.22 28.40 17.91
N LEU B 3742 30.46 29.24 16.90
CA LEU B 3742 29.83 30.55 16.87
C LEU B 3742 28.33 30.46 16.62
N ARG B 3743 27.85 29.38 16.02
CA ARG B 3743 26.41 29.22 15.82
C ARG B 3743 25.72 28.70 17.08
N THR B 3744 26.13 27.53 17.56
CA THR B 3744 25.60 26.95 18.78
C THR B 3744 26.74 26.60 19.72
N GLN B 3745 26.65 27.04 20.96
CA GLN B 3745 27.68 26.77 21.97
C GLN B 3745 27.20 25.61 22.82
N MET B 3746 27.59 24.39 22.42
CA MET B 3746 27.19 23.20 23.15
C MET B 3746 27.95 23.11 24.47
N GLY B 3747 27.22 22.81 25.55
CA GLY B 3747 27.81 22.69 26.86
C GLY B 3747 27.65 23.93 27.73
N ASN B 3748 27.33 25.07 27.15
CA ASN B 3748 27.11 26.29 27.90
C ASN B 3748 25.66 26.39 28.34
N THR B 3749 25.42 27.21 29.37
CA THR B 3749 24.06 27.38 29.88
C THR B 3749 23.19 28.14 28.88
N THR B 3750 23.74 29.18 28.27
CA THR B 3750 23.02 29.97 27.28
C THR B 3750 23.76 29.91 25.95
N THR B 3751 23.00 30.11 24.86
CA THR B 3751 23.54 30.04 23.52
C THR B 3751 23.19 31.32 22.76
N ILE B 3752 24.19 31.92 22.13
CA ILE B 3752 24.02 33.11 21.31
C ILE B 3752 24.45 32.76 19.89
N ASN B 3753 23.56 32.98 18.93
CA ASN B 3753 23.85 32.74 17.52
C ASN B 3753 24.48 34.00 16.94
N VAL B 3754 25.80 33.96 16.74
CA VAL B 3754 26.54 35.12 16.25
C VAL B 3754 26.22 35.40 14.79
N ILE B 3755 25.91 34.35 14.02
CA ILE B 3755 25.61 34.50 12.60
C ILE B 3755 24.35 35.32 12.40
N ILE B 3756 23.30 35.03 13.18
CA ILE B 3756 22.05 35.76 13.07
C ILE B 3756 22.22 37.21 13.53
N SER B 3757 23.07 37.45 14.53
CA SER B 3757 23.36 38.81 14.96
C SER B 3757 24.08 39.61 13.86
N THR B 3758 25.00 38.96 13.15
CA THR B 3758 25.65 39.60 12.01
C THR B 3758 24.64 39.93 10.92
N VAL B 3759 23.69 39.03 10.67
CA VAL B 3759 22.65 39.28 9.67
C VAL B 3759 21.76 40.44 10.10
N ASP B 3760 21.46 40.54 11.40
CA ASP B 3760 20.62 41.61 11.91
C ASP B 3760 21.30 42.97 11.74
N TYR B 3761 22.58 43.06 12.07
CA TYR B 3761 23.30 44.32 11.85
C TYR B 3761 23.39 44.64 10.37
N LEU B 3762 23.55 43.62 9.52
CA LEU B 3762 23.58 43.85 8.08
C LEU B 3762 22.26 44.40 7.57
N LEU B 3763 21.15 43.91 8.12
CA LEU B 3763 19.84 44.41 7.72
C LEU B 3763 19.63 45.86 8.16
N ARG B 3764 20.06 46.20 9.38
CA ARG B 3764 19.95 47.59 9.83
C ARG B 3764 20.80 48.52 8.97
N LEU B 3765 22.02 48.09 8.65
CA LEU B 3765 22.91 48.90 7.80
C LEU B 3765 22.34 49.05 6.39
N GLN B 3766 21.73 47.99 5.86
CA GLN B 3766 21.11 48.07 4.54
C GLN B 3766 19.96 49.06 4.51
N GLU B 3767 19.14 49.05 5.57
CA GLU B 3767 18.04 50.02 5.65
C GLU B 3767 18.57 51.45 5.71
N SER B 3768 19.66 51.68 6.46
CA SER B 3768 20.26 53.01 6.51
C SER B 3768 20.81 53.44 5.14
N ILE B 3769 21.45 52.52 4.42
CA ILE B 3769 22.00 52.84 3.11
C ILE B 3769 20.88 53.13 2.10
N SER B 3770 19.76 52.40 2.20
CA SER B 3770 18.61 52.69 1.36
C SER B 3770 18.04 54.08 1.66
N ASP B 3771 18.00 54.46 2.94
CA ASP B 3771 17.56 55.81 3.30
C ASP B 3771 18.49 56.88 2.73
N PHE B 3772 19.80 56.63 2.78
CA PHE B 3772 20.76 57.58 2.22
C PHE B 3772 20.61 57.71 0.70
N TYR B 3773 20.40 56.58 0.01
CA TYR B 3773 20.17 56.63 -1.43
C TYR B 3773 18.91 57.40 -1.77
N TRP B 3774 17.82 57.16 -1.03
CA TRP B 3774 16.59 57.89 -1.31
C TRP B 3774 16.71 59.36 -0.99
N TYR B 3775 17.60 59.71 -0.05
CA TYR B 3775 17.94 61.12 0.12
C TYR B 3775 18.64 61.66 -1.13
N TYR B 3776 19.58 60.91 -1.69
CA TYR B 3776 20.37 61.39 -2.81
C TYR B 3776 19.81 61.01 -4.17
N SER B 3777 18.63 60.38 -4.22
CA SER B 3777 18.12 59.88 -5.50
C SER B 3777 17.72 61.01 -6.44
N GLY B 3778 17.15 62.09 -5.91
CA GLY B 3778 16.67 63.18 -6.71
C GLY B 3778 17.66 64.27 -7.02
N LYS B 3779 18.93 64.10 -6.66
CA LYS B 3779 19.95 65.11 -6.86
C LYS B 3779 20.89 64.72 -7.99
N ASP B 3780 21.38 65.73 -8.71
CA ASP B 3780 22.26 65.47 -9.83
C ASP B 3780 23.65 65.03 -9.38
N ILE B 3781 24.19 65.67 -8.35
CA ILE B 3781 25.53 65.38 -7.88
C ILE B 3781 25.47 64.99 -6.41
N ILE B 3782 26.57 64.41 -5.94
CA ILE B 3782 26.76 64.05 -4.54
C ILE B 3782 27.95 64.84 -4.02
N ASP B 3783 27.77 65.51 -2.88
CA ASP B 3783 28.81 66.36 -2.32
C ASP B 3783 29.87 65.50 -1.61
N GLU B 3784 30.81 66.17 -0.94
CA GLU B 3784 31.92 65.44 -0.31
C GLU B 3784 31.49 64.71 0.95
N SER B 3785 30.57 65.30 1.73
CA SER B 3785 30.10 64.65 2.95
C SER B 3785 29.32 63.38 2.63
N GLY B 3786 28.46 63.45 1.60
CA GLY B 3786 27.74 62.26 1.18
C GLY B 3786 28.66 61.16 0.68
N GLN B 3787 29.68 61.53 -0.09
CA GLN B 3787 30.65 60.55 -0.58
C GLN B 3787 31.45 59.95 0.56
N HIS B 3788 31.83 60.76 1.54
CA HIS B 3788 32.58 60.28 2.70
C HIS B 3788 31.77 59.27 3.51
N ASN B 3789 30.51 59.61 3.79
CA ASN B 3789 29.65 58.70 4.56
C ASN B 3789 29.32 57.45 3.76
N PHE B 3790 29.12 57.59 2.44
CA PHE B 3790 28.89 56.43 1.59
C PHE B 3790 30.10 55.49 1.59
N SER B 3791 31.31 56.05 1.51
CA SER B 3791 32.51 55.22 1.51
C SER B 3791 32.66 54.49 2.84
N LYS B 3792 32.38 55.16 3.95
CA LYS B 3792 32.42 54.49 5.25
C LYS B 3792 31.41 53.34 5.34
N ALA B 3793 30.18 53.59 4.87
CA ALA B 3793 29.15 52.55 4.91
C ALA B 3793 29.50 51.37 4.02
N LEU B 3794 30.07 51.64 2.84
CA LEU B 3794 30.46 50.55 1.95
C LEU B 3794 31.63 49.75 2.51
N ALA B 3795 32.56 50.41 3.22
CA ALA B 3795 33.64 49.68 3.86
C ALA B 3795 33.12 48.74 4.96
N VAL B 3796 32.18 49.24 5.77
CA VAL B 3796 31.60 48.40 6.81
C VAL B 3796 30.83 47.22 6.19
N THR B 3797 30.09 47.49 5.11
CA THR B 3797 29.33 46.43 4.45
C THR B 3797 30.25 45.37 3.84
N LYS B 3798 31.39 45.81 3.29
CA LYS B 3798 32.36 44.87 2.75
C LYS B 3798 32.91 43.97 3.85
N GLN B 3799 33.20 44.54 5.02
CA GLN B 3799 33.66 43.73 6.13
C GLN B 3799 32.60 42.71 6.57
N ILE B 3800 31.33 43.12 6.60
CA ILE B 3800 30.27 42.20 7.03
C ILE B 3800 30.08 41.07 6.02
N PHE B 3801 30.14 41.38 4.72
CA PHE B 3801 30.05 40.34 3.70
C PHE B 3801 31.22 39.36 3.80
N ASN B 3802 32.42 39.87 4.06
CA ASN B 3802 33.57 39.00 4.24
C ASN B 3802 33.39 38.09 5.46
N SER B 3803 32.83 38.64 6.55
CA SER B 3803 32.58 37.84 7.74
C SER B 3803 31.57 36.72 7.48
N LEU B 3804 30.48 37.03 6.78
CA LEU B 3804 29.49 36.00 6.48
C LEU B 3804 30.07 34.92 5.56
N THR B 3805 30.87 35.33 4.58
CA THR B 3805 31.54 34.38 3.69
C THR B 3805 32.48 33.47 4.48
N GLU B 3806 33.19 34.02 5.47
CA GLU B 3806 34.03 33.18 6.31
C GLU B 3806 33.22 32.25 7.20
N TYR B 3807 32.03 32.69 7.63
CA TYR B 3807 31.17 31.82 8.42
C TYR B 3807 30.72 30.60 7.63
N ILE B 3808 30.37 30.78 6.36
CA ILE B 3808 29.75 29.69 5.62
C ILE B 3808 30.71 28.85 4.77
N GLN B 3809 31.90 29.34 4.49
CA GLN B 3809 32.80 28.59 3.62
C GLN B 3809 33.38 27.37 4.32
N GLY B 3810 33.82 26.40 3.52
CA GLY B 3810 34.33 25.15 4.02
C GLY B 3810 33.80 23.88 3.37
N PRO B 3811 32.47 23.75 3.10
CA PRO B 3811 31.31 24.50 3.58
C PRO B 3811 30.87 24.10 4.99
N CYS B 3812 30.17 24.97 5.71
CA CYS B 3812 29.56 24.64 6.98
C CYS B 3812 28.07 24.52 6.74
N ILE B 3813 27.55 23.29 6.85
CA ILE B 3813 26.15 23.02 6.53
C ILE B 3813 25.22 23.72 7.51
N GLY B 3814 25.59 23.70 8.80
CA GLY B 3814 24.76 24.35 9.80
C GLY B 3814 24.67 25.86 9.62
N ASN B 3815 25.79 26.50 9.29
CA ASN B 3815 25.78 27.94 9.07
C ASN B 3815 25.09 28.30 7.76
N GLN B 3816 25.19 27.46 6.74
CA GLN B 3816 24.45 27.69 5.51
C GLN B 3816 22.94 27.59 5.74
N GLN B 3817 22.51 26.60 6.50
CA GLN B 3817 21.09 26.47 6.80
C GLN B 3817 20.60 27.58 7.74
N SER B 3818 21.47 28.05 8.62
CA SER B 3818 21.12 29.20 9.45
C SER B 3818 20.96 30.47 8.61
N LEU B 3819 21.84 30.65 7.61
CA LEU B 3819 21.75 31.82 6.74
C LEU B 3819 20.53 31.75 5.84
N ALA B 3820 20.18 30.55 5.37
CA ALA B 3820 19.02 30.40 4.50
C ALA B 3820 17.73 30.73 5.25
N HIS B 3821 17.63 30.31 6.51
CA HIS B 3821 16.45 30.60 7.33
C HIS B 3821 16.73 31.81 8.21
N SER B 3822 16.80 32.97 7.57
CA SER B 3822 17.08 34.23 8.24
C SER B 3822 16.54 35.36 7.39
N ARG B 3823 16.91 36.59 7.73
CA ARG B 3823 16.50 37.78 6.99
C ARG B 3823 17.60 38.27 6.04
N LEU B 3824 18.43 37.37 5.54
CA LEU B 3824 19.50 37.75 4.64
C LEU B 3824 18.99 38.15 3.26
N TRP B 3825 17.93 37.48 2.80
CA TRP B 3825 17.43 37.70 1.45
C TRP B 3825 16.82 39.08 1.27
N ASP B 3826 16.19 39.62 2.32
CA ASP B 3826 15.67 40.98 2.25
C ASP B 3826 16.80 42.00 2.11
N ALA B 3827 17.90 41.78 2.84
CA ALA B 3827 19.07 42.62 2.68
C ALA B 3827 19.65 42.49 1.28
N VAL B 3828 19.63 41.28 0.72
CA VAL B 3828 20.11 41.07 -0.65
C VAL B 3828 19.27 41.85 -1.65
N VAL B 3829 17.94 41.83 -1.48
CA VAL B 3829 17.04 42.55 -2.38
C VAL B 3829 17.28 44.05 -2.31
N GLY B 3830 17.38 44.58 -1.08
CA GLY B 3830 17.64 46.01 -0.93
C GLY B 3830 19.00 46.43 -1.47
N PHE B 3831 20.01 45.58 -1.27
CA PHE B 3831 21.34 45.87 -1.79
C PHE B 3831 21.36 45.81 -3.31
N LEU B 3832 20.60 44.89 -3.91
CA LEU B 3832 20.52 44.84 -5.37
C LEU B 3832 19.87 46.10 -5.94
N HIS B 3833 18.81 46.59 -5.28
CA HIS B 3833 18.19 47.84 -5.69
C HIS B 3833 19.17 49.00 -5.63
N VAL B 3834 19.89 49.12 -4.50
CA VAL B 3834 20.86 50.20 -4.34
C VAL B 3834 22.00 50.07 -5.34
N PHE B 3835 22.47 48.83 -5.58
CA PHE B 3835 23.58 48.60 -6.51
C PHE B 3835 23.20 49.02 -7.92
N ALA B 3836 22.03 48.60 -8.41
CA ALA B 3836 21.62 48.93 -9.77
C ALA B 3836 21.43 50.45 -9.93
N ASN B 3837 20.71 51.06 -9.00
CA ASN B 3837 20.40 52.48 -9.16
C ASN B 3837 21.63 53.36 -8.98
N MET B 3838 22.48 53.05 -7.99
CA MET B 3838 23.69 53.83 -7.80
C MET B 3838 24.71 53.59 -8.90
N GLN B 3839 24.73 52.39 -9.49
CA GLN B 3839 25.60 52.12 -10.63
C GLN B 3839 25.23 53.03 -11.79
N MET B 3840 23.94 53.06 -12.14
CA MET B 3840 23.49 53.93 -13.23
C MET B 3840 23.66 55.41 -12.90
N LYS B 3841 23.50 55.78 -11.63
CA LYS B 3841 23.64 57.19 -11.25
C LYS B 3841 25.09 57.65 -11.28
N LEU B 3842 26.01 56.86 -10.72
CA LEU B 3842 27.40 57.25 -10.59
C LEU B 3842 28.22 57.01 -11.84
N SER B 3843 27.72 56.25 -12.82
CA SER B 3843 28.49 56.09 -14.05
C SER B 3843 28.51 57.34 -14.92
N GLN B 3844 27.60 58.29 -14.68
CA GLN B 3844 27.42 59.42 -15.57
C GLN B 3844 28.23 60.65 -15.17
N ASP B 3845 29.02 60.59 -14.10
CA ASP B 3845 29.81 61.73 -13.66
C ASP B 3845 31.24 61.30 -13.41
N SER B 3846 32.18 62.18 -13.74
CA SER B 3846 33.60 61.89 -13.61
C SER B 3846 34.17 62.24 -12.24
N SER B 3847 33.38 62.85 -11.37
CA SER B 3847 33.83 63.14 -10.01
C SER B 3847 33.50 62.02 -9.04
N GLN B 3848 32.91 60.93 -9.53
CA GLN B 3848 32.46 59.81 -8.70
C GLN B 3848 33.05 58.50 -9.23
N ILE B 3849 34.35 58.50 -9.50
CA ILE B 3849 35.01 57.31 -10.01
C ILE B 3849 35.38 56.36 -8.87
N GLU B 3850 35.94 56.91 -7.79
CA GLU B 3850 36.32 56.08 -6.64
C GLU B 3850 35.09 55.48 -5.97
N LEU B 3851 34.01 56.25 -5.88
CA LEU B 3851 32.78 55.74 -5.28
C LEU B 3851 32.19 54.61 -6.12
N LEU B 3852 32.26 54.72 -7.44
CA LEU B 3852 31.80 53.65 -8.32
C LEU B 3852 32.67 52.41 -8.17
N LYS B 3853 33.99 52.60 -8.02
CA LYS B 3853 34.88 51.47 -7.79
C LYS B 3853 34.56 50.75 -6.48
N GLU B 3854 34.29 51.53 -5.41
CA GLU B 3854 33.92 50.92 -4.13
C GLU B 3854 32.59 50.19 -4.21
N LEU B 3855 31.62 50.77 -4.91
CA LEU B 3855 30.33 50.11 -5.09
C LEU B 3855 30.47 48.80 -5.86
N LEU B 3856 31.31 48.80 -6.90
CA LEU B 3856 31.50 47.58 -7.68
C LEU B 3856 32.25 46.51 -6.90
N ASP B 3857 33.21 46.93 -6.06
CA ASP B 3857 33.89 45.97 -5.18
C ASP B 3857 32.91 45.36 -4.18
N LEU B 3858 32.01 46.17 -3.63
CA LEU B 3858 31.00 45.66 -2.71
C LEU B 3858 30.06 44.69 -3.41
N LEU B 3859 29.70 44.99 -4.67
CA LEU B 3859 28.87 44.07 -5.44
C LEU B 3859 29.56 42.73 -5.66
N GLN B 3860 30.87 42.76 -5.96
CA GLN B 3860 31.59 41.51 -6.14
C GLN B 3860 31.68 40.72 -4.84
N ASP B 3861 31.84 41.42 -3.70
CA ASP B 3861 31.83 40.74 -2.41
C ASP B 3861 30.49 40.07 -2.12
N MET B 3862 29.39 40.76 -2.43
CA MET B 3862 28.06 40.17 -2.22
C MET B 3862 27.84 38.96 -3.12
N VAL B 3863 28.28 39.02 -4.37
CA VAL B 3863 28.12 37.88 -5.28
C VAL B 3863 28.99 36.70 -4.83
N VAL B 3864 30.18 36.99 -4.30
CA VAL B 3864 31.04 35.94 -3.75
C VAL B 3864 30.37 35.27 -2.55
N MET B 3865 29.73 36.06 -1.69
CA MET B 3865 28.98 35.48 -0.56
C MET B 3865 27.83 34.61 -1.05
N LEU B 3866 27.11 35.06 -2.07
CA LEU B 3866 26.00 34.27 -2.61
C LEU B 3866 26.48 32.99 -3.26
N LEU B 3867 27.68 33.01 -3.85
CA LEU B 3867 28.27 31.78 -4.39
C LEU B 3867 28.70 30.84 -3.27
N SER B 3868 29.19 31.40 -2.16
CA SER B 3868 29.58 30.56 -1.02
C SER B 3868 28.36 29.95 -0.36
N LEU B 3869 27.18 30.58 -0.48
CA LEU B 3869 25.95 29.96 0.01
C LEU B 3869 25.57 28.73 -0.79
N LEU B 3870 25.86 28.71 -2.10
CA LEU B 3870 25.54 27.61 -2.99
C LEU B 3870 26.59 26.52 -3.00
N GLU B 3871 27.45 26.46 -1.98
CA GLU B 3871 28.56 25.53 -1.96
C GLU B 3871 28.07 24.17 -1.48
N GLY B 3872 28.25 23.14 -2.30
CA GLY B 3872 27.73 21.83 -2.00
C GLY B 3872 26.22 21.73 -2.02
N ASN B 3873 25.57 22.43 -2.94
CA ASN B 3873 24.12 22.41 -3.06
C ASN B 3873 23.70 21.31 -4.02
N VAL B 3874 22.66 20.57 -3.64
CA VAL B 3874 22.17 19.45 -4.43
C VAL B 3874 21.19 19.96 -5.49
N VAL B 3875 20.85 19.10 -6.45
CA VAL B 3875 19.84 19.43 -7.44
C VAL B 3875 18.50 19.54 -6.75
N ASN B 3876 17.77 20.63 -7.03
CA ASN B 3876 16.51 21.00 -6.39
C ASN B 3876 16.66 21.11 -4.87
N GLY B 3877 17.73 21.77 -4.43
CA GLY B 3877 17.92 22.04 -3.03
C GLY B 3877 17.19 23.29 -2.57
N THR B 3878 17.11 23.45 -1.25
CA THR B 3878 16.30 24.52 -0.68
C THR B 3878 16.95 25.88 -0.85
N ILE B 3879 18.27 25.96 -0.67
CA ILE B 3879 18.98 27.24 -0.77
C ILE B 3879 18.94 27.76 -2.20
N GLY B 3880 19.01 26.85 -3.17
CA GLY B 3880 18.85 27.27 -4.57
C GLY B 3880 17.47 27.82 -4.86
N LYS B 3881 16.43 27.19 -4.29
CA LYS B 3881 15.08 27.70 -4.44
C LYS B 3881 14.93 29.09 -3.83
N GLN B 3882 15.50 29.29 -2.64
CA GLN B 3882 15.37 30.58 -1.99
C GLN B 3882 16.16 31.66 -2.73
N MET B 3883 17.31 31.30 -3.30
CA MET B 3883 18.09 32.25 -4.08
C MET B 3883 17.38 32.61 -5.38
N VAL B 3884 16.72 31.63 -6.02
CA VAL B 3884 15.93 31.92 -7.21
C VAL B 3884 14.75 32.82 -6.87
N ASP B 3885 14.11 32.58 -5.73
CA ASP B 3885 13.01 33.45 -5.29
C ASP B 3885 13.49 34.87 -5.03
N THR B 3886 14.67 35.01 -4.41
CA THR B 3886 15.24 36.33 -4.15
C THR B 3886 15.58 37.06 -5.44
N LEU B 3887 16.16 36.34 -6.41
CA LEU B 3887 16.53 36.99 -7.67
C LEU B 3887 15.31 37.32 -8.52
N VAL B 3888 14.25 36.51 -8.43
CA VAL B 3888 13.01 36.82 -9.14
C VAL B 3888 12.32 38.02 -8.50
N GLU B 3889 12.36 38.11 -7.16
CA GLU B 3889 11.73 39.22 -6.45
C GLU B 3889 12.35 40.56 -6.80
N SER B 3890 13.64 40.58 -7.12
CA SER B 3890 14.35 41.79 -7.49
C SER B 3890 14.85 41.72 -8.92
N SER B 3891 13.98 41.25 -9.83
CA SER B 3891 14.40 40.96 -11.20
C SER B 3891 14.65 42.22 -12.01
N THR B 3892 13.98 43.32 -11.69
CA THR B 3892 14.19 44.58 -12.41
C THR B 3892 15.60 45.11 -12.20
N ASN B 3893 16.07 45.10 -10.95
CA ASN B 3893 17.42 45.55 -10.65
C ASN B 3893 18.47 44.60 -11.19
N VAL B 3894 18.17 43.30 -11.18
CA VAL B 3894 19.06 42.31 -11.80
C VAL B 3894 19.19 42.58 -13.30
N GLU B 3895 18.07 42.88 -13.96
CA GLU B 3895 18.10 43.21 -15.38
C GLU B 3895 18.87 44.50 -15.65
N MET B 3896 18.75 45.49 -14.75
CA MET B 3896 19.51 46.73 -14.91
C MET B 3896 21.02 46.47 -14.80
N ILE B 3897 21.42 45.67 -13.81
CA ILE B 3897 22.84 45.34 -13.64
C ILE B 3897 23.37 44.55 -14.83
N LEU B 3898 22.57 43.61 -15.32
CA LEU B 3898 22.96 42.82 -16.49
C LEU B 3898 23.07 43.67 -17.75
N LYS B 3899 22.17 44.65 -17.91
CA LYS B 3899 22.25 45.54 -19.07
C LYS B 3899 23.49 46.42 -19.00
N PHE B 3900 23.82 46.91 -17.79
CA PHE B 3900 25.06 47.65 -17.58
C PHE B 3900 26.28 46.83 -18.00
N PHE B 3901 26.37 45.60 -17.49
CA PHE B 3901 27.48 44.73 -17.83
C PHE B 3901 27.52 44.39 -19.32
N ASP B 3902 26.35 44.12 -19.91
CA ASP B 3902 26.30 43.75 -21.32
C ASP B 3902 26.73 44.90 -22.22
N MET B 3903 26.30 46.12 -21.91
CA MET B 3903 26.70 47.29 -22.69
C MET B 3903 28.20 47.51 -22.59
N PHE B 3904 28.75 47.44 -21.39
CA PHE B 3904 30.19 47.71 -21.29
C PHE B 3904 31.05 46.50 -21.63
N LEU B 3905 30.47 45.34 -21.91
CA LEU B 3905 31.21 44.24 -22.52
C LEU B 3905 31.12 44.26 -24.04
N LYS B 3906 30.02 44.73 -24.61
CA LYS B 3906 29.95 44.95 -26.05
C LYS B 3906 30.86 46.10 -26.48
N LEU B 3907 31.08 47.06 -25.58
CA LEU B 3907 31.86 48.25 -25.92
C LEU B 3907 33.29 47.91 -26.30
N LYS B 3908 33.85 46.84 -25.73
CA LYS B 3908 35.23 46.47 -26.03
C LYS B 3908 35.36 45.93 -27.45
N ASP B 3909 34.45 45.05 -27.86
CA ASP B 3909 34.53 44.49 -29.20
C ASP B 3909 34.07 45.47 -30.27
N LEU B 3910 33.19 46.41 -29.92
CA LEU B 3910 32.75 47.37 -30.92
C LEU B 3910 33.73 48.53 -31.12
N THR B 3911 34.71 48.69 -30.24
CA THR B 3911 35.74 49.71 -30.40
C THR B 3911 37.05 49.13 -30.90
N SER B 3912 37.07 47.86 -31.32
CA SER B 3912 38.24 47.24 -31.91
C SER B 3912 37.97 46.69 -33.30
N SER B 3913 36.76 46.90 -33.84
CA SER B 3913 36.41 46.41 -35.16
C SER B 3913 37.05 47.29 -36.24
N ASP B 3914 36.93 46.83 -37.49
CA ASP B 3914 37.53 47.54 -38.61
C ASP B 3914 36.78 48.83 -38.93
N THR B 3915 35.46 48.84 -38.73
CA THR B 3915 34.68 50.04 -38.99
C THR B 3915 35.07 51.18 -38.05
N PHE B 3916 35.24 50.88 -36.77
CA PHE B 3916 35.69 51.90 -35.82
C PHE B 3916 37.12 52.32 -36.08
N LYS B 3917 37.95 51.41 -36.60
CA LYS B 3917 39.30 51.78 -37.01
C LYS B 3917 39.27 52.71 -38.21
N GLU B 3918 38.28 52.54 -39.10
CA GLU B 3918 38.09 53.50 -40.18
C GLU B 3918 37.56 54.83 -39.65
N TYR B 3919 36.81 54.80 -38.54
CA TYR B 3919 36.32 56.04 -37.95
C TYR B 3919 37.45 56.86 -37.32
N ASP B 3920 38.55 56.21 -36.92
CA ASP B 3920 39.74 56.90 -36.41
C ASP B 3920 40.95 56.36 -37.17
N PRO B 3921 41.21 56.86 -38.38
CA PRO B 3921 42.35 56.35 -39.15
C PRO B 3921 43.71 56.73 -38.58
N ASP B 3922 43.79 57.77 -37.75
CA ASP B 3922 45.07 58.19 -37.21
C ASP B 3922 45.63 57.18 -36.21
N GLY B 3923 44.77 56.57 -35.41
CA GLY B 3923 45.21 55.61 -34.42
C GLY B 3923 45.78 56.21 -33.16
N LYS B 3924 45.58 57.51 -32.94
CA LYS B 3924 46.09 58.14 -31.72
C LYS B 3924 45.27 57.74 -30.50
N GLY B 3925 44.01 57.38 -30.69
CA GLY B 3925 43.16 56.97 -29.60
C GLY B 3925 42.25 58.04 -29.03
N ILE B 3926 42.14 59.19 -29.69
CA ILE B 3926 41.28 60.28 -29.25
C ILE B 3926 40.25 60.55 -30.34
N ILE B 3927 38.97 60.51 -29.97
CA ILE B 3927 37.88 60.66 -30.92
C ILE B 3927 36.88 61.65 -30.37
N SER B 3928 36.06 62.19 -31.27
CA SER B 3928 35.02 63.13 -30.89
C SER B 3928 33.71 62.40 -30.58
N LYS B 3929 32.76 63.14 -30.00
CA LYS B 3929 31.48 62.52 -29.62
C LYS B 3929 30.61 62.23 -30.84
N LYS B 3930 30.68 63.09 -31.87
CA LYS B 3930 29.88 62.85 -33.08
C LYS B 3930 30.37 61.63 -33.83
N GLU B 3931 31.69 61.46 -33.93
CA GLU B 3931 32.24 60.28 -34.59
C GLU B 3931 31.92 59.01 -33.83
N PHE B 3932 31.98 59.07 -32.49
CA PHE B 3932 31.63 57.91 -31.68
C PHE B 3932 30.15 57.57 -31.80
N GLN B 3933 29.28 58.59 -31.85
CA GLN B 3933 27.86 58.36 -32.05
C GLN B 3933 27.59 57.71 -33.40
N LYS B 3934 28.23 58.21 -34.46
CA LYS B 3934 28.04 57.64 -35.79
C LYS B 3934 28.60 56.22 -35.86
N ALA B 3935 29.72 55.96 -35.19
CA ALA B 3935 30.32 54.62 -35.21
C ALA B 3935 29.43 53.62 -34.48
N MET B 3936 28.97 53.97 -33.28
CA MET B 3936 28.10 53.05 -32.53
C MET B 3936 26.72 52.93 -33.16
N GLU B 3937 26.29 53.91 -33.95
CA GLU B 3937 25.08 53.73 -34.74
C GLU B 3937 25.32 52.81 -35.94
N GLY B 3938 26.53 52.85 -36.50
CA GLY B 3938 26.85 52.03 -37.65
C GLY B 3938 27.04 50.56 -37.34
N GLN B 3939 27.39 50.23 -36.09
CA GLN B 3939 27.58 48.82 -35.73
C GLN B 3939 26.26 48.08 -35.58
N LYS B 3940 25.15 48.81 -35.41
CA LYS B 3940 23.80 48.25 -35.34
C LYS B 3940 23.64 47.24 -34.21
N GLN B 3941 24.25 47.53 -33.06
CA GLN B 3941 24.12 46.70 -31.87
C GLN B 3941 23.50 47.42 -30.68
N TYR B 3942 23.68 48.72 -30.56
CA TYR B 3942 23.11 49.49 -29.47
C TYR B 3942 21.80 50.13 -29.90
N THR B 3943 20.91 50.33 -28.92
CA THR B 3943 19.70 51.12 -29.15
C THR B 3943 20.00 52.59 -28.88
N GLN B 3944 18.98 53.43 -28.99
CA GLN B 3944 19.18 54.86 -28.81
C GLN B 3944 19.42 55.23 -27.36
N SER B 3945 18.71 54.56 -26.44
CA SER B 3945 18.89 54.82 -25.01
C SER B 3945 20.28 54.42 -24.56
N GLU B 3946 20.78 53.28 -25.04
CA GLU B 3946 22.10 52.81 -24.65
C GLU B 3946 23.20 53.72 -25.19
N ILE B 3947 23.08 54.18 -26.43
CA ILE B 3947 24.11 55.07 -26.97
C ILE B 3947 24.04 56.44 -26.33
N ASP B 3948 22.84 56.91 -25.96
CA ASP B 3948 22.73 58.16 -25.21
C ASP B 3948 23.36 58.03 -23.83
N PHE B 3949 23.17 56.90 -23.16
CA PHE B 3949 23.81 56.66 -21.86
C PHE B 3949 25.33 56.61 -22.00
N LEU B 3950 25.82 55.96 -23.06
CA LEU B 3950 27.27 55.88 -23.30
C LEU B 3950 27.86 57.26 -23.57
N LEU B 3951 27.14 58.09 -24.33
CA LEU B 3951 27.62 59.46 -24.57
C LEU B 3951 27.55 60.31 -23.31
N SER B 3952 26.59 60.05 -22.43
CA SER B 3952 26.54 60.77 -21.16
C SER B 3952 27.69 60.37 -20.25
N CYS B 3953 28.07 59.08 -20.26
CA CYS B 3953 29.16 58.62 -19.41
C CYS B 3953 30.54 59.07 -19.86
N ALA B 3954 30.67 59.57 -21.09
CA ALA B 3954 31.96 60.01 -21.61
C ALA B 3954 32.20 61.48 -21.29
N GLU B 3955 33.36 61.78 -20.75
CA GLU B 3955 33.72 63.14 -20.36
C GLU B 3955 34.45 63.82 -21.51
N ALA B 3956 33.85 64.86 -22.07
CA ALA B 3956 34.43 65.62 -23.17
C ALA B 3956 35.13 66.86 -22.63
N ASP B 3957 35.54 67.74 -23.53
CA ASP B 3957 36.17 69.01 -23.18
C ASP B 3957 35.63 70.08 -24.12
N GLU B 3958 36.32 71.23 -24.16
CA GLU B 3958 35.93 72.29 -25.09
C GLU B 3958 36.14 71.90 -26.55
N ASN B 3959 37.04 70.94 -26.82
CA ASN B 3959 37.23 70.42 -28.17
C ASN B 3959 36.25 69.30 -28.50
N ASP B 3960 35.41 68.90 -27.53
CA ASP B 3960 34.42 67.82 -27.68
C ASP B 3960 35.08 66.51 -28.10
N MET B 3961 36.27 66.25 -27.56
CA MET B 3961 37.02 65.04 -27.87
C MET B 3961 37.50 64.39 -26.58
N PHE B 3962 37.61 63.06 -26.62
CA PHE B 3962 38.07 62.31 -25.46
C PHE B 3962 38.84 61.09 -25.93
N ASN B 3963 39.69 60.58 -25.05
CA ASN B 3963 40.44 59.36 -25.30
C ASN B 3963 39.52 58.17 -25.01
N TYR B 3964 39.04 57.50 -26.06
CA TYR B 3964 38.12 56.39 -25.87
C TYR B 3964 38.81 55.16 -25.27
N VAL B 3965 40.14 55.07 -25.39
CA VAL B 3965 40.86 53.94 -24.82
C VAL B 3965 40.77 53.96 -23.29
N ASP B 3966 40.94 55.13 -22.69
CA ASP B 3966 40.81 55.25 -21.24
C ASP B 3966 39.37 55.04 -20.79
N PHE B 3967 38.41 55.49 -21.60
CA PHE B 3967 37.00 55.30 -21.29
C PHE B 3967 36.63 53.82 -21.26
N VAL B 3968 37.04 53.08 -22.30
CA VAL B 3968 36.74 51.65 -22.37
C VAL B 3968 37.51 50.88 -21.30
N ASP B 3969 38.77 51.25 -21.04
CA ASP B 3969 39.53 50.57 -20.00
C ASP B 3969 38.99 50.87 -18.61
N ARG B 3970 38.36 52.03 -18.41
CA ARG B 3970 37.75 52.34 -17.13
C ARG B 3970 36.46 51.57 -16.93
N PHE B 3971 35.63 51.45 -17.97
CA PHE B 3971 34.32 50.88 -17.79
C PHE B 3971 34.20 49.41 -18.19
N HIS B 3972 35.26 48.80 -18.71
CA HIS B 3972 35.17 47.43 -19.20
C HIS B 3972 35.81 46.41 -18.27
N GLU B 3973 36.95 46.72 -17.68
CA GLU B 3973 37.60 45.77 -16.78
C GLU B 3973 36.80 45.44 -15.52
N PRO B 3974 36.18 46.39 -14.78
CA PRO B 3974 35.28 45.96 -13.70
C PRO B 3974 34.10 45.14 -14.17
N ALA B 3975 33.57 45.45 -15.35
CA ALA B 3975 32.48 44.65 -15.90
C ALA B 3975 32.93 43.23 -16.17
N LYS B 3976 34.12 43.07 -16.74
CA LYS B 3976 34.66 41.73 -17.00
C LYS B 3976 35.00 41.00 -15.71
N ASP B 3977 35.34 41.73 -14.64
CA ASP B 3977 35.67 41.06 -13.38
C ASP B 3977 34.42 40.60 -12.63
N ILE B 3978 33.34 41.38 -12.67
CA ILE B 3978 32.16 41.10 -11.86
C ILE B 3978 31.11 40.31 -12.61
N GLY B 3979 30.92 40.59 -13.90
CA GLY B 3979 29.97 39.83 -14.69
C GLY B 3979 30.32 38.37 -14.83
N PHE B 3980 31.60 38.01 -14.68
CA PHE B 3980 31.95 36.61 -14.65
C PHE B 3980 31.38 35.92 -13.42
N ASN B 3981 31.48 36.55 -12.25
CA ASN B 3981 30.90 35.98 -11.04
C ASN B 3981 29.39 35.92 -11.14
N VAL B 3982 28.77 36.93 -11.75
CA VAL B 3982 27.32 36.89 -11.95
C VAL B 3982 26.93 35.74 -12.89
N ALA B 3983 27.72 35.53 -13.94
CA ALA B 3983 27.46 34.44 -14.87
C ALA B 3983 27.67 33.08 -14.21
N VAL B 3984 28.67 32.96 -13.33
CA VAL B 3984 28.89 31.72 -12.60
C VAL B 3984 27.72 31.44 -11.67
N LEU B 3985 27.21 32.48 -10.99
CA LEU B 3985 26.04 32.32 -10.13
C LEU B 3985 24.82 31.86 -10.91
N LEU B 3986 24.58 32.49 -12.07
CA LEU B 3986 23.42 32.14 -12.89
C LEU B 3986 23.56 30.74 -13.47
N THR B 3987 24.75 30.35 -13.90
CA THR B 3987 24.98 29.00 -14.43
C THR B 3987 24.82 27.95 -13.35
N ASN B 3988 25.31 28.23 -12.14
CA ASN B 3988 25.14 27.32 -11.01
C ASN B 3988 23.67 27.11 -10.70
N LEU B 3989 22.91 28.20 -10.60
CA LEU B 3989 21.48 28.09 -10.32
C LEU B 3989 20.73 27.39 -11.46
N SER B 3990 21.11 27.66 -12.70
CA SER B 3990 20.47 27.01 -13.84
C SER B 3990 20.73 25.51 -13.87
N GLU B 3991 21.96 25.10 -13.59
CA GLU B 3991 22.29 23.68 -13.64
C GLU B 3991 21.79 22.91 -12.42
N HIS B 3992 21.57 23.58 -11.29
CA HIS B 3992 21.07 22.90 -10.11
C HIS B 3992 19.57 23.11 -9.88
N MET B 3993 18.92 23.93 -10.68
CA MET B 3993 17.45 24.05 -10.69
C MET B 3993 16.97 23.89 -12.12
N PRO B 3994 17.05 22.67 -12.68
CA PRO B 3994 16.75 22.50 -14.10
C PRO B 3994 15.26 22.51 -14.42
N ASN B 3995 14.39 22.36 -13.42
CA ASN B 3995 12.96 22.27 -13.63
C ASN B 3995 12.24 23.50 -13.08
N ASP B 3996 12.85 24.68 -13.25
CA ASP B 3996 12.31 25.94 -12.76
C ASP B 3996 12.07 26.87 -13.94
N SER B 3997 10.83 27.36 -14.07
CA SER B 3997 10.46 28.22 -15.18
C SER B 3997 10.74 29.69 -14.92
N ARG B 3998 10.69 30.11 -13.65
CA ARG B 3998 11.00 31.50 -13.31
C ARG B 3998 12.46 31.81 -13.59
N LEU B 3999 13.35 30.84 -13.36
CA LEU B 3999 14.75 31.02 -13.70
C LEU B 3999 14.95 31.13 -15.20
N LYS B 4000 14.18 30.37 -15.98
CA LYS B 4000 14.23 30.49 -17.43
C LYS B 4000 13.71 31.84 -17.91
N CYS B 4001 12.73 32.41 -17.20
CA CYS B 4001 12.30 33.77 -17.49
C CYS B 4001 13.29 34.80 -16.96
N LEU B 4002 14.22 34.39 -16.10
CA LEU B 4002 15.24 35.28 -15.56
C LEU B 4002 16.53 35.25 -16.37
N LEU B 4003 16.84 34.13 -17.02
CA LEU B 4003 18.07 33.99 -17.79
C LEU B 4003 17.98 34.58 -19.18
N ASP B 4004 16.79 34.99 -19.63
CA ASP B 4004 16.67 35.60 -20.95
C ASP B 4004 17.39 36.94 -21.08
N PRO B 4005 17.29 37.89 -20.13
CA PRO B 4005 18.12 39.10 -20.26
C PRO B 4005 19.61 38.85 -20.08
N ALA B 4006 19.99 37.71 -19.49
CA ALA B 4006 21.39 37.38 -19.27
C ALA B 4006 22.00 36.59 -20.41
N GLY B 4007 21.31 36.48 -21.55
CA GLY B 4007 21.80 35.64 -22.63
C GLY B 4007 23.09 36.15 -23.24
N SER B 4008 23.20 37.47 -23.42
CA SER B 4008 24.43 38.03 -23.97
C SER B 4008 25.57 37.95 -22.98
N VAL B 4009 25.28 38.17 -21.69
CA VAL B 4009 26.30 38.06 -20.65
C VAL B 4009 26.79 36.62 -20.52
N LEU B 4010 25.87 35.66 -20.53
CA LEU B 4010 26.27 34.25 -20.45
C LEU B 4010 26.97 33.80 -21.72
N ASN B 4011 26.63 34.40 -22.87
CA ASN B 4011 27.33 34.07 -24.11
C ASN B 4011 28.73 34.67 -24.16
N TYR B 4012 28.94 35.79 -23.46
CA TYR B 4012 30.27 36.39 -23.45
C TYR B 4012 31.27 35.53 -22.68
N PHE B 4013 30.87 35.00 -21.53
CA PHE B 4013 31.77 34.29 -20.63
C PHE B 4013 31.80 32.79 -20.87
N GLU B 4014 31.15 32.32 -21.93
CA GLU B 4014 31.18 30.89 -22.25
C GLU B 4014 32.59 30.34 -22.50
N PRO B 4015 33.50 31.00 -23.24
CA PRO B 4015 34.88 30.49 -23.28
C PRO B 4015 35.60 30.49 -21.94
N TYR B 4016 35.31 31.44 -21.07
CA TYR B 4016 36.10 31.63 -19.85
C TYR B 4016 35.54 30.89 -18.66
N LEU B 4017 34.40 30.22 -18.79
CA LEU B 4017 33.75 29.56 -17.67
C LEU B 4017 34.05 28.07 -17.75
N GLY B 4018 34.84 27.57 -16.82
CA GLY B 4018 35.22 26.17 -16.80
C GLY B 4018 34.43 25.41 -15.75
N ARG B 4019 34.07 24.18 -16.10
CA ARG B 4019 33.32 23.29 -15.21
C ARG B 4019 34.09 21.98 -15.08
N ILE B 4020 34.24 21.51 -13.85
CA ILE B 4020 34.70 20.14 -13.60
C ILE B 4020 33.75 19.50 -12.58
N GLU B 4021 33.90 18.20 -12.43
CA GLU B 4021 33.16 17.45 -11.42
C GLU B 4021 34.14 16.72 -10.53
N ILE B 4022 33.93 16.83 -9.21
CA ILE B 4022 34.78 16.16 -8.24
C ILE B 4022 33.92 15.30 -7.32
N MET B 4023 34.58 14.45 -6.55
CA MET B 4023 33.96 13.75 -5.43
C MET B 4023 34.26 14.57 -4.18
N GLY B 4024 33.25 15.26 -3.65
CA GLY B 4024 33.44 16.19 -2.58
C GLY B 4024 33.61 15.52 -1.23
N GLY B 4025 33.65 16.35 -0.19
CA GLY B 4025 33.82 15.87 1.17
C GLY B 4025 32.58 15.26 1.79
N ALA B 4026 31.42 15.44 1.17
CA ALA B 4026 30.18 14.86 1.66
C ALA B 4026 29.82 13.56 0.94
N LYS B 4027 30.82 12.90 0.34
CA LYS B 4027 30.65 11.66 -0.42
C LYS B 4027 29.64 11.81 -1.55
N LYS B 4028 29.66 12.97 -2.20
CA LYS B 4028 28.76 13.26 -3.32
C LYS B 4028 29.55 13.91 -4.45
N ILE B 4029 29.07 13.72 -5.67
CA ILE B 4029 29.64 14.38 -6.83
C ILE B 4029 29.23 15.85 -6.81
N GLU B 4030 30.21 16.73 -6.86
CA GLU B 4030 29.98 18.17 -6.87
C GLU B 4030 30.49 18.74 -8.18
N ARG B 4031 29.92 19.88 -8.58
CA ARG B 4031 30.32 20.60 -9.77
C ARG B 4031 31.05 21.87 -9.37
N VAL B 4032 32.24 22.07 -9.93
CA VAL B 4032 33.11 23.19 -9.60
C VAL B 4032 33.21 24.09 -10.82
N TYR B 4033 32.91 25.37 -10.61
CA TYR B 4033 32.96 26.40 -11.64
C TYR B 4033 34.14 27.32 -11.37
N PHE B 4034 34.96 27.54 -12.38
CA PHE B 4034 36.16 28.35 -12.24
C PHE B 4034 36.38 29.15 -13.51
N GLU B 4035 37.47 29.92 -13.53
CA GLU B 4035 37.78 30.83 -14.63
C GLU B 4035 38.95 30.31 -15.45
N ILE B 4036 38.79 30.31 -16.76
CA ILE B 4036 39.85 29.98 -17.71
C ILE B 4036 40.30 31.27 -18.37
N SER B 4037 41.59 31.58 -18.26
CA SER B 4037 42.12 32.76 -18.91
C SER B 4037 42.23 32.54 -20.41
N GLU B 4038 42.26 33.64 -21.16
CA GLU B 4038 42.33 33.57 -22.61
C GLU B 4038 43.69 33.09 -23.08
N SER B 4039 44.76 33.45 -22.37
CA SER B 4039 46.10 32.99 -22.74
C SER B 4039 46.22 31.49 -22.58
N SER B 4040 45.58 30.93 -21.55
CA SER B 4040 45.56 29.48 -21.37
C SER B 4040 44.84 28.80 -22.53
N ARG B 4041 43.73 29.38 -23.00
CA ARG B 4041 43.03 28.85 -24.16
C ARG B 4041 43.89 28.89 -25.41
N THR B 4042 44.61 30.00 -25.62
CA THR B 4042 45.44 30.11 -26.81
C THR B 4042 46.62 29.15 -26.76
N GLN B 4043 47.25 29.00 -25.60
CA GLN B 4043 48.39 28.10 -25.48
C GLN B 4043 47.98 26.64 -25.48
N TRP B 4044 46.74 26.33 -25.10
CA TRP B 4044 46.30 24.94 -25.11
C TRP B 4044 46.05 24.44 -26.53
N GLU B 4045 45.66 25.34 -27.44
CA GLU B 4045 45.31 24.97 -28.80
C GLU B 4045 46.48 25.00 -29.76
N LYS B 4046 47.71 25.11 -29.26
CA LYS B 4046 48.87 25.06 -30.12
C LYS B 4046 49.04 23.63 -30.67
N PRO B 4047 49.54 23.48 -31.90
CA PRO B 4047 49.69 22.14 -32.48
C PRO B 4047 50.64 21.23 -31.71
N GLN B 4048 51.70 21.78 -31.12
CA GLN B 4048 52.63 20.97 -30.35
C GLN B 4048 51.98 20.46 -29.06
N VAL B 4049 51.12 21.28 -28.45
CA VAL B 4049 50.40 20.85 -27.25
C VAL B 4049 49.40 19.76 -27.59
N LYS B 4050 48.76 19.87 -28.76
CA LYS B 4050 47.85 18.82 -29.22
C LYS B 4050 48.58 17.52 -29.49
N GLU B 4051 49.78 17.60 -30.10
CA GLU B 4051 50.58 16.41 -30.32
C GLU B 4051 51.02 15.78 -29.01
N SER B 4052 51.37 16.61 -28.02
CA SER B 4052 51.72 16.11 -26.70
C SER B 4052 50.54 15.41 -26.04
N LYS B 4053 49.33 15.97 -26.18
CA LYS B 4053 48.15 15.36 -25.60
C LYS B 4053 47.83 14.03 -26.25
N ARG B 4054 47.93 13.94 -27.58
CA ARG B 4054 47.60 12.68 -28.24
C ARG B 4054 48.67 11.62 -27.96
N GLN B 4055 49.93 12.05 -27.80
CA GLN B 4055 50.97 11.11 -27.38
C GLN B 4055 50.72 10.60 -25.97
N PHE B 4056 50.26 11.48 -25.07
CA PHE B 4056 49.92 11.07 -23.72
C PHE B 4056 48.78 10.07 -23.70
N ILE B 4057 47.75 10.30 -24.52
CA ILE B 4057 46.61 9.40 -24.56
C ILE B 4057 47.03 8.04 -25.13
N PHE B 4058 47.89 8.06 -26.16
CA PHE B 4058 48.43 6.83 -26.73
C PHE B 4058 49.21 6.04 -25.69
N ASP B 4059 50.07 6.73 -24.93
CA ASP B 4059 50.91 6.07 -23.93
C ASP B 4059 50.06 5.50 -22.80
N VAL B 4060 49.03 6.25 -22.37
CA VAL B 4060 48.18 5.77 -21.28
C VAL B 4060 47.37 4.57 -21.71
N VAL B 4061 46.85 4.57 -22.94
CA VAL B 4061 46.05 3.44 -23.39
C VAL B 4061 46.91 2.20 -23.60
N ASN B 4062 48.09 2.36 -24.21
CA ASN B 4062 48.88 1.19 -24.55
C ASN B 4062 49.85 0.77 -23.45
N GLU B 4063 50.77 1.66 -23.08
CA GLU B 4063 51.80 1.35 -22.08
C GLU B 4063 51.52 2.01 -20.73
N GLY B 4064 50.25 2.17 -20.39
CA GLY B 4064 49.86 2.81 -19.15
C GLY B 4064 49.64 1.89 -17.98
N GLY B 4065 50.02 0.61 -18.10
CA GLY B 4065 49.81 -0.34 -17.04
C GLY B 4065 50.79 -0.16 -15.88
N GLU B 4066 50.48 -0.85 -14.78
CA GLU B 4066 51.24 -0.90 -13.54
C GLU B 4066 51.37 0.45 -12.86
N GLN B 4067 50.54 1.44 -13.22
CA GLN B 4067 50.55 2.73 -12.57
C GLN B 4067 49.15 3.32 -12.64
N GLU B 4068 48.83 4.17 -11.67
CA GLU B 4068 47.52 4.79 -11.64
C GLU B 4068 47.36 5.77 -12.79
N LYS B 4069 46.20 5.74 -13.44
CA LYS B 4069 45.96 6.61 -14.59
C LYS B 4069 45.86 8.07 -14.18
N MET B 4070 45.33 8.33 -12.98
CA MET B 4070 45.17 9.71 -12.55
C MET B 4070 46.51 10.33 -12.15
N GLU B 4071 47.43 9.51 -11.64
CA GLU B 4071 48.78 10.00 -11.36
C GLU B 4071 49.49 10.43 -12.64
N LEU B 4072 49.38 9.61 -13.70
CA LEU B 4072 49.95 9.96 -14.99
C LEU B 4072 49.28 11.18 -15.58
N PHE B 4073 47.96 11.29 -15.41
CA PHE B 4073 47.23 12.45 -15.91
C PHE B 4073 47.65 13.73 -15.21
N VAL B 4074 47.85 13.68 -13.89
CA VAL B 4074 48.28 14.85 -13.14
C VAL B 4074 49.71 15.24 -13.53
N ASN B 4075 50.58 14.25 -13.75
CA ASN B 4075 51.94 14.53 -14.22
C ASN B 4075 51.93 15.20 -15.59
N PHE B 4076 51.09 14.70 -16.50
CA PHE B 4076 50.93 15.31 -17.81
C PHE B 4076 50.42 16.74 -17.70
N CYS B 4077 49.45 16.96 -16.80
CA CYS B 4077 48.89 18.30 -16.61
C CYS B 4077 49.95 19.26 -16.10
N GLU B 4078 50.78 18.81 -15.15
CA GLU B 4078 51.82 19.68 -14.60
C GLU B 4078 52.87 20.03 -15.65
N ASP B 4079 53.28 19.05 -16.44
CA ASP B 4079 54.25 19.32 -17.51
C ASP B 4079 53.67 20.25 -18.57
N THR B 4080 52.39 20.05 -18.92
CA THR B 4080 51.76 20.91 -19.92
C THR B 4080 51.57 22.33 -19.39
N ILE B 4081 51.25 22.48 -18.11
CA ILE B 4081 51.11 23.80 -17.52
C ILE B 4081 52.45 24.53 -17.53
N PHE B 4082 53.53 23.83 -17.22
CA PHE B 4082 54.86 24.44 -17.28
C PHE B 4082 55.22 24.85 -18.70
N GLU B 4083 54.92 23.99 -19.68
CA GLU B 4083 55.20 24.32 -21.08
C GLU B 4083 54.40 25.53 -21.53
N MET B 4084 53.13 25.60 -21.17
CA MET B 4084 52.28 26.72 -21.57
C MET B 4084 52.74 28.02 -20.92
N GLN B 4085 53.13 27.98 -19.64
CA GLN B 4085 53.66 29.18 -18.99
C GLN B 4085 54.96 29.63 -19.61
N LEU B 4086 55.84 28.69 -19.96
CA LEU B 4086 57.09 29.04 -20.63
C LEU B 4086 56.84 29.64 -22.00
N ALA B 4087 55.86 29.11 -22.73
CA ALA B 4087 55.51 29.67 -24.04
C ALA B 4087 54.89 31.05 -23.92
N SER B 4088 54.15 31.31 -22.83
CA SER B 4088 53.63 32.66 -22.61
C SER B 4088 54.73 33.63 -22.20
N GLN B 4089 55.77 33.15 -21.52
CA GLN B 4089 56.87 34.02 -21.12
C GLN B 4089 57.66 34.52 -22.32
N ILE B 4090 57.92 33.64 -23.30
CA ILE B 4090 58.73 34.02 -24.45
C ILE B 4090 57.91 34.62 -25.58
N SER B 4091 56.60 34.77 -25.41
CA SER B 4091 55.73 35.27 -26.47
C SER B 4091 55.82 36.79 -26.49
N GLU B 4092 56.57 37.32 -27.46
CA GLU B 4092 56.74 38.75 -27.72
C GLU B 4092 57.22 39.55 -26.51
N LEU B 4384 71.39 46.32 -22.52
CA LEU B 4384 72.04 45.09 -22.94
C LEU B 4384 71.25 43.86 -22.51
N GLU B 4385 70.72 43.91 -21.28
CA GLU B 4385 69.95 42.80 -20.76
C GLU B 4385 68.63 42.64 -21.52
N ILE B 4386 68.01 43.76 -21.90
CA ILE B 4386 66.77 43.70 -22.68
C ILE B 4386 67.03 43.08 -24.05
N TYR B 4387 68.12 43.49 -24.71
CA TYR B 4387 68.46 42.91 -26.01
C TYR B 4387 68.84 41.45 -25.90
N GLN B 4388 69.53 41.07 -24.82
CA GLN B 4388 69.87 39.66 -24.60
C GLN B 4388 68.61 38.82 -24.38
N THR B 4389 67.66 39.34 -23.61
CA THR B 4389 66.40 38.63 -23.38
C THR B 4389 65.60 38.50 -24.67
N LYS B 4390 65.57 39.57 -25.48
CA LYS B 4390 64.87 39.52 -26.76
C LYS B 4390 65.52 38.53 -27.72
N LEU B 4391 66.86 38.50 -27.75
CA LEU B 4391 67.56 37.54 -28.61
C LEU B 4391 67.31 36.11 -28.18
N LEU B 4392 67.36 35.84 -26.87
CA LEU B 4392 67.12 34.50 -26.37
C LEU B 4392 65.69 34.05 -26.61
N HIS B 4393 64.72 34.95 -26.44
CA HIS B 4393 63.33 34.61 -26.72
C HIS B 4393 63.08 34.41 -28.21
N TYR B 4394 63.77 35.18 -29.07
CA TYR B 4394 63.64 34.98 -30.50
C TYR B 4394 64.22 33.64 -30.93
N LEU B 4395 65.36 33.25 -30.35
CA LEU B 4395 65.94 31.96 -30.66
C LEU B 4395 65.09 30.82 -30.11
N ALA B 4396 64.43 31.02 -28.96
CA ALA B 4396 63.55 30.00 -28.41
C ALA B 4396 62.28 29.84 -29.23
N ARG B 4397 61.74 30.95 -29.75
CA ARG B 4397 60.49 30.88 -30.50
C ARG B 4397 60.67 30.22 -31.86
N ASN B 4398 61.82 30.42 -32.50
CA ASN B 4398 62.05 29.96 -33.86
C ASN B 4398 63.04 28.81 -33.91
N PHE B 4399 62.94 27.88 -32.97
CA PHE B 4399 63.87 26.76 -32.92
C PHE B 4399 63.64 25.79 -34.08
N TYR B 4400 62.39 25.42 -34.32
CA TYR B 4400 62.08 24.46 -35.37
C TYR B 4400 62.31 25.04 -36.77
N ASN B 4401 62.04 26.34 -36.93
CA ASN B 4401 62.32 26.99 -38.21
C ASN B 4401 63.81 26.99 -38.51
N LEU B 4402 64.64 27.22 -37.48
CA LEU B 4402 66.09 27.16 -37.67
C LEU B 4402 66.57 25.74 -37.94
N ARG B 4403 65.91 24.73 -37.34
CA ARG B 4403 66.24 23.34 -37.66
C ARG B 4403 65.93 23.01 -39.11
N PHE B 4404 64.78 23.44 -39.61
CA PHE B 4404 64.44 23.22 -41.02
C PHE B 4404 65.38 23.98 -41.94
N LEU B 4405 65.81 25.19 -41.53
CA LEU B 4405 66.77 25.94 -42.31
C LEU B 4405 68.12 25.23 -42.36
N ALA B 4406 68.54 24.61 -41.25
CA ALA B 4406 69.77 23.83 -41.24
C ALA B 4406 69.66 22.63 -42.17
N LEU B 4407 68.50 21.96 -42.19
CA LEU B 4407 68.30 20.84 -43.10
C LEU B 4407 68.37 21.29 -44.57
N PHE B 4408 67.76 22.44 -44.87
CA PHE B 4408 67.82 22.99 -46.23
C PHE B 4408 69.25 23.32 -46.65
N VAL B 4409 70.01 23.93 -45.74
CA VAL B 4409 71.40 24.28 -46.05
C VAL B 4409 72.24 23.02 -46.25
N ALA B 4410 72.00 21.98 -45.45
CA ALA B 4410 72.73 20.72 -45.61
C ALA B 4410 72.41 20.06 -46.95
N PHE B 4411 71.14 20.12 -47.37
CA PHE B 4411 70.77 19.58 -48.68
C PHE B 4411 71.46 20.34 -49.81
N ALA B 4412 71.53 21.67 -49.70
CA ALA B 4412 72.23 22.47 -50.71
C ALA B 4412 73.72 22.15 -50.74
N ILE B 4413 74.33 21.96 -49.57
CA ILE B 4413 75.76 21.64 -49.49
C ILE B 4413 76.05 20.30 -50.14
N ASN B 4414 75.19 19.30 -49.89
CA ASN B 4414 75.42 17.99 -50.50
C ASN B 4414 75.14 18.00 -52.00
N PHE B 4415 74.18 18.82 -52.46
CA PHE B 4415 73.99 19.00 -53.89
C PHE B 4415 75.22 19.61 -54.54
N ILE B 4416 75.88 20.55 -53.87
CA ILE B 4416 77.12 21.10 -54.39
C ILE B 4416 78.23 20.05 -54.35
N LEU B 4417 78.26 19.22 -53.29
CA LEU B 4417 79.26 18.17 -53.15
C LEU B 4417 79.13 17.09 -54.21
N LEU B 4418 77.96 16.95 -54.83
CA LEU B 4418 77.80 16.01 -55.94
C LEU B 4418 78.65 16.36 -57.16
N PHE B 4419 79.19 17.58 -57.25
CA PHE B 4419 79.98 18.02 -58.40
C PHE B 4419 81.47 17.94 -58.16
N TYR B 4420 81.92 17.04 -57.27
CA TYR B 4420 83.34 16.88 -57.01
C TYR B 4420 83.94 15.82 -57.93
N LYS B 4421 85.25 15.90 -58.12
CA LYS B 4421 85.98 14.91 -58.90
C LYS B 4421 87.41 14.84 -58.38
N VAL B 4422 88.11 13.80 -58.81
CA VAL B 4422 89.47 13.52 -58.36
C VAL B 4422 90.42 13.79 -59.50
N THR B 4423 91.45 14.59 -59.24
CA THR B 4423 92.50 14.90 -60.19
C THR B 4423 93.84 14.44 -59.63
N GLU B 4424 94.66 13.85 -60.50
CA GLU B 4424 95.99 13.39 -60.10
C GLU B 4424 97.01 14.51 -60.00
N GLU B 4425 96.70 15.69 -60.52
CA GLU B 4425 97.62 16.82 -60.47
C GLU B 4425 97.13 17.86 -59.46
N ALA B 4449 101.59 9.70 -56.34
CA ALA B 4449 101.28 11.10 -56.62
C ALA B 4449 100.44 11.72 -55.51
N MET B 4450 99.80 12.84 -55.81
CA MET B 4450 98.94 13.53 -54.88
C MET B 4450 97.53 13.63 -55.45
N VAL B 4451 96.54 13.33 -54.62
CA VAL B 4451 95.14 13.30 -55.02
C VAL B 4451 94.51 14.63 -54.63
N PHE B 4452 93.93 15.33 -55.61
CA PHE B 4452 93.27 16.60 -55.38
C PHE B 4452 91.79 16.47 -55.67
N PHE B 4453 90.96 17.02 -54.78
CA PHE B 4453 89.51 17.01 -54.94
C PHE B 4453 89.09 18.35 -55.51
N VAL B 4454 88.68 18.36 -56.78
CA VAL B 4454 88.39 19.58 -57.51
C VAL B 4454 86.90 19.59 -57.86
N LEU B 4455 86.27 20.74 -57.65
CA LEU B 4455 84.85 20.91 -57.95
C LEU B 4455 84.71 21.28 -59.42
N GLN B 4456 84.28 20.32 -60.25
CA GLN B 4456 84.09 20.60 -61.67
C GLN B 4456 82.84 21.45 -61.86
N GLU B 4457 83.00 22.56 -62.59
CA GLU B 4457 81.95 23.55 -62.72
C GLU B 4457 82.24 24.43 -63.91
N SER B 4458 81.19 24.81 -64.65
CA SER B 4458 81.32 25.66 -65.82
C SER B 4458 81.00 27.12 -65.52
N THR B 4459 80.68 27.47 -64.28
CA THR B 4459 80.31 28.84 -63.93
C THR B 4459 81.30 29.51 -62.99
N GLY B 4460 81.94 28.77 -62.09
CA GLY B 4460 82.87 29.34 -61.15
C GLY B 4460 82.26 29.94 -59.90
N TYR B 4461 80.99 29.67 -59.62
CA TYR B 4461 80.31 30.24 -58.47
C TYR B 4461 80.10 29.27 -57.31
N MET B 4462 80.21 27.96 -57.54
CA MET B 4462 79.78 27.00 -56.53
C MET B 4462 80.77 26.83 -55.38
N ALA B 4463 82.04 27.20 -55.55
CA ALA B 4463 82.98 27.08 -54.43
C ALA B 4463 82.84 28.21 -53.40
N PRO B 4464 82.73 29.49 -53.79
CA PRO B 4464 82.36 30.50 -52.77
C PRO B 4464 80.99 30.24 -52.16
N ALA B 4465 80.05 29.72 -52.94
CA ALA B 4465 78.75 29.34 -52.40
C ALA B 4465 78.89 28.22 -51.37
N LEU B 4466 79.78 27.27 -51.64
CA LEU B 4466 80.02 26.18 -50.70
C LEU B 4466 80.62 26.69 -49.40
N ARG B 4467 81.59 27.59 -49.49
CA ARG B 4467 82.20 28.16 -48.28
C ARG B 4467 81.18 28.97 -47.48
N ALA B 4468 80.37 29.79 -48.16
CA ALA B 4468 79.34 30.58 -47.50
C ALA B 4468 78.30 29.69 -46.83
N LEU B 4469 77.89 28.62 -47.51
CA LEU B 4469 76.91 27.70 -46.94
C LEU B 4469 77.47 26.92 -45.76
N ALA B 4470 78.77 26.58 -45.78
CA ALA B 4470 79.38 25.94 -44.62
C ALA B 4470 79.38 26.85 -43.41
N ILE B 4471 79.75 28.12 -43.60
CA ILE B 4471 79.73 29.08 -42.50
C ILE B 4471 78.31 29.29 -41.98
N ILE B 4472 77.35 29.43 -42.89
CA ILE B 4472 75.95 29.61 -42.51
C ILE B 4472 75.44 28.41 -41.73
N HIS B 4473 75.78 27.19 -42.17
CA HIS B 4473 75.33 25.98 -41.49
C HIS B 4473 75.90 25.88 -40.08
N THR B 4474 77.18 26.23 -39.91
CA THR B 4474 77.76 26.22 -38.57
C THR B 4474 77.09 27.22 -37.65
N VAL B 4475 76.81 28.43 -38.16
CA VAL B 4475 76.13 29.45 -37.37
C VAL B 4475 74.73 28.99 -36.97
N ILE B 4476 74.00 28.39 -37.91
CA ILE B 4476 72.64 27.92 -37.63
C ILE B 4476 72.67 26.78 -36.61
N SER B 4477 73.67 25.90 -36.68
CA SER B 4477 73.78 24.82 -35.69
C SER B 4477 74.04 25.38 -34.29
N LEU B 4478 74.92 26.38 -34.19
CA LEU B 4478 75.18 26.98 -32.88
C LEU B 4478 73.95 27.67 -32.31
N VAL B 4479 73.23 28.43 -33.14
CA VAL B 4479 72.04 29.09 -32.61
C VAL B 4479 70.91 28.11 -32.38
N CYS B 4480 70.91 26.95 -33.04
CA CYS B 4480 69.96 25.89 -32.72
C CYS B 4480 70.23 25.30 -31.34
N VAL B 4481 71.51 25.10 -31.01
CA VAL B 4481 71.84 24.63 -29.67
C VAL B 4481 71.43 25.65 -28.61
N VAL B 4482 71.69 26.94 -28.88
CA VAL B 4482 71.31 27.99 -27.94
C VAL B 4482 69.78 28.06 -27.78
N GLY B 4483 69.05 27.94 -28.89
CA GLY B 4483 67.60 27.94 -28.82
C GLY B 4483 67.04 26.72 -28.11
N TYR B 4484 67.69 25.57 -28.24
CA TYR B 4484 67.29 24.40 -27.47
C TYR B 4484 67.50 24.62 -25.98
N TYR B 4485 68.59 25.29 -25.60
CA TYR B 4485 68.86 25.48 -24.18
C TYR B 4485 67.84 26.39 -23.52
N CYS B 4486 67.21 27.29 -24.28
CA CYS B 4486 66.25 28.24 -23.74
C CYS B 4486 64.80 27.79 -23.91
N LEU B 4487 64.55 26.66 -24.55
CA LEU B 4487 63.19 26.21 -24.82
C LEU B 4487 62.87 24.85 -24.23
N LYS B 4488 63.79 23.89 -24.32
CA LYS B 4488 63.53 22.52 -23.89
C LYS B 4488 64.26 22.12 -22.63
N VAL B 4489 65.40 22.75 -22.35
CA VAL B 4489 66.11 22.49 -21.08
C VAL B 4489 65.27 22.82 -19.85
N PRO B 4490 64.52 23.94 -19.77
CA PRO B 4490 63.68 24.15 -18.56
C PRO B 4490 62.67 23.05 -18.28
N LEU B 4491 62.07 22.43 -19.30
CA LEU B 4491 61.13 21.35 -19.04
C LEU B 4491 61.83 20.10 -18.51
N VAL B 4492 63.02 19.80 -19.03
CA VAL B 4492 63.79 18.64 -18.55
C VAL B 4492 64.21 18.85 -17.11
N VAL B 4493 64.69 20.05 -16.77
CA VAL B 4493 65.09 20.35 -15.40
C VAL B 4493 63.86 20.37 -14.49
N PHE B 4494 62.72 20.84 -14.99
CA PHE B 4494 61.48 20.83 -14.23
C PHE B 4494 61.05 19.40 -13.89
N LYS B 4495 61.10 18.50 -14.87
CA LYS B 4495 60.73 17.11 -14.64
C LYS B 4495 61.68 16.44 -13.65
N ARG B 4496 62.98 16.68 -13.80
CA ARG B 4496 63.95 16.08 -12.88
C ARG B 4496 63.78 16.61 -11.46
N GLU B 4497 63.60 17.91 -11.29
CA GLU B 4497 63.41 18.49 -9.96
C GLU B 4497 62.11 18.02 -9.33
N LYS B 4498 61.05 17.91 -10.12
CA LYS B 4498 59.78 17.41 -9.60
C LYS B 4498 59.92 15.97 -9.13
N GLU B 4499 60.60 15.13 -9.91
CA GLU B 4499 60.80 13.74 -9.51
C GLU B 4499 61.65 13.63 -8.26
N ILE B 4500 62.68 14.47 -8.14
CA ILE B 4500 63.52 14.50 -6.94
C ILE B 4500 62.70 14.88 -5.73
N ALA B 4501 61.86 15.92 -5.85
CA ALA B 4501 61.05 16.38 -4.74
C ALA B 4501 60.03 15.32 -4.30
N ARG B 4502 59.38 14.65 -5.26
CA ARG B 4502 58.42 13.61 -4.89
C ARG B 4502 59.10 12.42 -4.22
N LYS B 4503 60.28 12.01 -4.74
CA LYS B 4503 61.01 10.92 -4.09
C LYS B 4503 61.53 11.32 -2.72
N LEU B 4504 61.90 12.58 -2.53
CA LEU B 4504 62.42 13.04 -1.26
C LEU B 4504 61.30 13.12 -0.21
N GLU B 4505 60.11 13.55 -0.61
CA GLU B 4505 59.04 13.77 0.37
C GLU B 4505 58.20 12.52 0.62
N PHE B 4506 57.79 11.82 -0.43
CA PHE B 4506 56.87 10.70 -0.29
C PHE B 4506 57.56 9.34 -0.23
N ASP B 4507 58.89 9.30 -0.29
CA ASP B 4507 59.63 8.06 -0.15
C ASP B 4507 60.83 8.14 0.78
N GLY B 4508 61.34 9.34 1.09
CA GLY B 4508 62.53 9.46 1.90
C GLY B 4508 63.75 8.92 1.18
N LEU B 4509 64.08 9.50 0.04
CA LEU B 4509 65.14 8.94 -0.80
C LEU B 4509 66.52 9.13 -0.20
N TYR B 4510 66.74 10.21 0.54
CA TYR B 4510 68.02 10.46 1.18
C TYR B 4510 67.89 10.62 2.69
N ILE B 4511 66.80 10.12 3.27
CA ILE B 4511 66.60 10.16 4.71
C ILE B 4511 66.38 8.74 5.22
N THR B 4512 65.34 8.08 4.73
CA THR B 4512 65.00 6.73 5.16
C THR B 4512 65.75 5.67 4.36
N GLU B 4513 65.66 5.73 3.04
CA GLU B 4513 66.34 4.79 2.17
C GLU B 4513 67.55 5.45 1.53
N GLN B 4514 68.19 4.73 0.62
CA GLN B 4514 69.33 5.23 -0.15
C GLN B 4514 69.20 4.72 -1.58
N PRO B 4515 69.73 5.48 -2.55
CA PRO B 4515 69.72 4.98 -3.93
C PRO B 4515 70.67 3.80 -4.10
N SER B 4516 70.30 2.92 -5.03
CA SER B 4516 71.10 1.73 -5.30
C SER B 4516 72.38 2.11 -6.05
N GLU B 4517 73.32 1.16 -6.08
CA GLU B 4517 74.56 1.37 -6.81
C GLU B 4517 74.35 1.31 -8.33
N ASP B 4518 73.24 0.74 -8.78
CA ASP B 4518 72.91 0.69 -10.20
C ASP B 4518 72.08 1.89 -10.66
N ASP B 4519 71.81 2.84 -9.78
CA ASP B 4519 71.01 4.02 -10.09
C ASP B 4519 71.95 5.22 -10.12
N ILE B 4520 72.43 5.57 -11.31
CA ILE B 4520 73.32 6.73 -11.45
C ILE B 4520 72.55 8.02 -11.25
N LYS B 4521 71.26 8.03 -11.59
CA LYS B 4521 70.44 9.24 -11.46
C LYS B 4521 70.31 9.66 -10.00
N GLY B 4522 70.08 8.71 -9.10
CA GLY B 4522 69.97 9.07 -7.68
C GLY B 4522 71.27 9.58 -7.11
N GLN B 4523 72.38 8.95 -7.48
CA GLN B 4523 73.69 9.41 -7.01
C GLN B 4523 74.02 10.80 -7.52
N TRP B 4524 73.65 11.10 -8.77
CA TRP B 4524 73.89 12.44 -9.30
C TRP B 4524 72.95 13.46 -8.65
N ASP B 4525 71.69 13.08 -8.42
CA ASP B 4525 70.71 13.98 -7.82
C ASP B 4525 70.94 14.20 -6.33
N ARG B 4526 71.79 13.39 -5.69
CA ARG B 4526 72.21 13.68 -4.32
C ARG B 4526 72.95 15.01 -4.22
N LEU B 4527 73.52 15.51 -5.32
CA LEU B 4527 74.29 16.75 -5.31
C LEU B 4527 73.43 18.00 -5.23
N VAL B 4528 72.12 17.90 -5.46
CA VAL B 4528 71.30 19.09 -5.62
C VAL B 4528 70.44 19.42 -4.41
N ILE B 4529 70.26 18.48 -3.48
CA ILE B 4529 69.26 18.66 -2.42
C ILE B 4529 69.68 19.74 -1.42
N ASN B 4530 70.98 19.91 -1.19
CA ASN B 4530 71.47 20.88 -0.23
C ASN B 4530 71.69 22.26 -0.83
N THR B 4531 71.53 22.41 -2.13
CA THR B 4531 71.75 23.71 -2.75
C THR B 4531 70.59 24.65 -2.44
N PRO B 4532 70.86 25.94 -2.24
CA PRO B 4532 69.76 26.88 -1.95
C PRO B 4532 68.86 27.16 -3.13
N SER B 4533 69.34 26.98 -4.36
CA SER B 4533 68.51 27.25 -5.53
C SER B 4533 67.46 26.16 -5.77
N PHE B 4534 67.69 24.97 -5.25
CA PHE B 4534 66.73 23.87 -5.46
C PHE B 4534 65.48 24.10 -4.61
N PRO B 4535 64.28 23.98 -5.19
CA PRO B 4535 63.99 23.76 -6.63
C PRO B 4535 63.85 25.08 -7.38
N ASN B 4536 64.38 25.17 -8.60
CA ASN B 4536 64.39 26.42 -9.34
C ASN B 4536 63.27 26.50 -10.37
N ASN B 4537 62.97 25.41 -11.07
CA ASN B 4537 61.89 25.39 -12.05
C ASN B 4537 60.60 24.81 -11.49
N TYR B 4538 60.69 23.85 -10.57
CA TYR B 4538 59.52 23.31 -9.90
C TYR B 4538 58.89 24.40 -9.01
N TRP B 4539 57.57 24.55 -9.11
CA TRP B 4539 56.90 25.66 -8.46
C TRP B 4539 56.62 25.45 -6.98
N ASP B 4540 56.78 24.23 -6.47
CA ASP B 4540 56.61 23.98 -5.04
C ASP B 4540 57.88 24.39 -4.31
N LYS B 4541 57.82 25.51 -3.60
CA LYS B 4541 58.99 26.06 -2.92
C LYS B 4541 59.01 25.75 -1.43
N PHE B 4542 58.15 24.84 -0.97
CA PHE B 4542 58.11 24.42 0.43
C PHE B 4542 58.50 22.95 0.58
N VAL B 4543 59.32 22.44 -0.34
CA VAL B 4543 59.67 21.02 -0.31
C VAL B 4543 60.53 20.69 0.90
N LYS B 4544 61.54 21.54 1.17
CA LYS B 4544 62.43 21.30 2.29
C LYS B 4544 61.70 21.40 3.62
N ARG B 4545 60.80 22.38 3.75
CA ARG B 4545 60.00 22.51 4.97
C ARG B 4545 59.11 21.30 5.18
N LYS B 4546 58.49 20.78 4.11
CA LYS B 4546 57.65 19.60 4.23
C LYS B 4546 58.45 18.37 4.64
N VAL B 4547 59.64 18.20 4.05
CA VAL B 4547 60.48 17.06 4.40
C VAL B 4547 60.94 17.15 5.85
N ILE B 4548 61.32 18.36 6.29
CA ILE B 4548 61.74 18.57 7.67
C ILE B 4548 60.60 18.27 8.64
N ASN B 4549 59.41 18.81 8.35
CA ASN B 4549 58.27 18.59 9.23
C ASN B 4549 57.83 17.12 9.25
N LYS B 4550 58.02 16.40 8.15
CA LYS B 4550 57.63 15.01 8.12
C LYS B 4550 58.64 14.12 8.86
N TYR B 4551 59.94 14.39 8.74
CA TYR B 4551 60.94 13.45 9.20
C TYR B 4551 61.74 13.89 10.42
N GLY B 4552 61.52 15.11 10.93
CA GLY B 4552 62.30 15.56 12.07
C GLY B 4552 61.91 14.94 13.40
N ASP B 4553 60.71 14.36 13.48
CA ASP B 4553 60.29 13.73 14.72
C ASP B 4553 61.06 12.44 14.98
N LEU B 4554 61.48 11.74 13.93
CA LEU B 4554 62.17 10.47 14.06
C LEU B 4554 63.61 10.51 13.55
N TYR B 4555 64.05 11.62 12.95
CA TYR B 4555 65.41 11.68 12.44
C TYR B 4555 66.14 12.96 12.82
N GLY B 4556 65.52 13.85 13.59
CA GLY B 4556 66.20 15.05 14.05
C GLY B 4556 66.10 16.20 13.06
N ALA B 4557 65.65 17.35 13.54
CA ALA B 4557 65.45 18.50 12.66
C ALA B 4557 66.77 19.09 12.20
N GLU B 4558 67.79 19.09 13.08
CA GLU B 4558 69.08 19.69 12.73
C GLU B 4558 69.80 18.89 11.66
N ARG B 4559 69.74 17.56 11.75
CA ARG B 4559 70.40 16.70 10.76
C ARG B 4559 69.80 16.87 9.38
N ILE B 4560 68.47 16.93 9.30
CA ILE B 4560 67.81 17.10 8.01
C ILE B 4560 68.00 18.52 7.49
N ALA B 4561 68.04 19.51 8.39
CA ALA B 4561 68.31 20.88 7.98
C ALA B 4561 69.71 21.01 7.40
N GLU B 4562 70.69 20.32 7.99
CA GLU B 4562 72.03 20.29 7.42
C GLU B 4562 72.06 19.52 6.11
N LEU B 4563 71.24 18.47 6.01
CA LEU B 4563 71.15 17.69 4.77
C LEU B 4563 70.55 18.50 3.63
N LEU B 4564 69.53 19.29 3.93
CA LEU B 4564 68.83 20.08 2.92
C LEU B 4564 69.40 21.48 2.77
N GLY B 4565 70.58 21.74 3.33
CA GLY B 4565 71.23 23.03 3.20
C GLY B 4565 70.50 24.18 3.88
N LEU B 4566 69.89 23.92 5.03
CA LEU B 4566 69.12 24.92 5.76
C LEU B 4566 69.79 25.21 7.09
N ASP B 4567 70.00 26.49 7.38
CA ASP B 4567 70.59 26.90 8.64
C ASP B 4567 69.60 26.67 9.78
N LYS B 4568 70.13 26.42 10.98
CA LYS B 4568 69.29 26.23 12.16
C LYS B 4568 68.54 27.51 12.49
N ASN B 4569 69.19 28.67 12.37
CA ASN B 4569 68.52 29.94 12.59
C ASN B 4569 67.60 30.30 11.44
N ALA B 4570 67.75 29.69 10.27
CA ALA B 4570 66.87 29.96 9.15
C ALA B 4570 65.51 29.28 9.27
N LEU B 4571 65.40 28.25 10.12
CA LEU B 4571 64.12 27.59 10.33
C LEU B 4571 63.15 28.50 11.07
N ASP B 4572 63.63 29.20 12.09
CA ASP B 4572 62.83 30.18 12.81
C ASP B 4572 63.14 31.56 12.24
N PHE B 4573 62.57 32.60 12.86
CA PHE B 4573 62.88 33.96 12.43
C PHE B 4573 64.29 34.36 12.84
N SER B 4574 64.66 34.08 14.11
CA SER B 4574 65.97 34.33 14.72
C SER B 4574 66.42 35.78 14.55
N PRO B 4575 65.83 36.73 15.30
CA PRO B 4575 66.19 38.14 15.18
C PRO B 4575 67.61 38.44 15.67
N ILE B 4593 76.38 33.20 -6.98
CA ILE B 4593 76.31 32.17 -8.01
C ILE B 4593 76.46 30.80 -7.37
N ASP B 4594 75.43 29.97 -7.53
CA ASP B 4594 75.39 28.63 -6.97
C ASP B 4594 76.08 27.69 -7.95
N MET B 4595 77.36 27.42 -7.71
CA MET B 4595 78.15 26.61 -8.65
C MET B 4595 77.72 25.16 -8.64
N LYS B 4596 77.40 24.61 -7.46
CA LYS B 4596 77.05 23.20 -7.34
C LYS B 4596 75.75 22.88 -8.08
N TYR B 4597 74.76 23.78 -7.97
CA TYR B 4597 73.51 23.59 -8.70
C TYR B 4597 73.73 23.62 -10.20
N HIS B 4598 74.58 24.52 -10.69
CA HIS B 4598 74.82 24.59 -12.12
C HIS B 4598 75.65 23.42 -12.62
N ILE B 4599 76.53 22.87 -11.79
CA ILE B 4599 77.23 21.63 -12.16
C ILE B 4599 76.25 20.48 -12.28
N TRP B 4600 75.31 20.38 -11.33
CA TRP B 4600 74.27 19.36 -11.41
C TRP B 4600 73.39 19.56 -12.65
N LYS B 4601 73.05 20.81 -12.96
CA LYS B 4601 72.21 21.10 -14.11
C LYS B 4601 72.93 20.76 -15.42
N LEU B 4602 74.23 21.04 -15.49
CA LEU B 4602 75.01 20.65 -16.66
C LEU B 4602 75.08 19.13 -16.80
N GLY B 4603 75.21 18.42 -15.67
CA GLY B 4603 75.15 16.97 -15.72
C GLY B 4603 73.81 16.42 -16.17
N VAL B 4604 72.72 17.10 -15.80
CA VAL B 4604 71.40 16.70 -16.29
C VAL B 4604 71.27 16.97 -17.78
N VAL B 4605 71.77 18.12 -18.24
CA VAL B 4605 71.64 18.50 -19.65
C VAL B 4605 72.48 17.60 -20.54
N PHE B 4606 73.72 17.31 -20.14
CA PHE B 4606 74.63 16.52 -20.95
C PHE B 4606 74.21 15.05 -21.08
N THR B 4607 73.25 14.59 -20.28
CA THR B 4607 72.72 13.24 -20.41
C THR B 4607 71.39 13.22 -21.14
N ASP B 4608 70.96 14.33 -21.71
CA ASP B 4608 69.72 14.40 -22.48
C ASP B 4608 70.00 14.05 -23.93
N ASN B 4609 69.13 13.21 -24.51
CA ASN B 4609 69.39 12.65 -25.83
C ASN B 4609 69.31 13.70 -26.93
N SER B 4610 68.34 14.62 -26.85
CA SER B 4610 68.19 15.63 -27.89
C SER B 4610 69.35 16.63 -27.85
N PHE B 4611 69.80 17.00 -26.66
CA PHE B 4611 70.96 17.87 -26.55
C PHE B 4611 72.22 17.19 -27.07
N LEU B 4612 72.38 15.90 -26.82
CA LEU B 4612 73.53 15.17 -27.35
C LEU B 4612 73.47 15.07 -28.86
N TYR B 4613 72.27 14.88 -29.42
CA TYR B 4613 72.11 14.87 -30.87
C TYR B 4613 72.48 16.22 -31.47
N LEU B 4614 72.05 17.31 -30.85
CA LEU B 4614 72.38 18.64 -31.37
C LEU B 4614 73.87 18.95 -31.20
N ALA B 4615 74.49 18.48 -30.12
CA ALA B 4615 75.94 18.65 -29.95
C ALA B 4615 76.71 17.87 -31.01
N TRP B 4616 76.25 16.64 -31.32
CA TRP B 4616 76.87 15.88 -32.40
C TRP B 4616 76.69 16.57 -33.74
N TYR B 4617 75.50 17.14 -33.98
CA TYR B 4617 75.23 17.88 -35.22
C TYR B 4617 76.17 19.07 -35.36
N THR B 4618 76.38 19.82 -34.27
CA THR B 4618 77.27 20.96 -34.31
C THR B 4618 78.73 20.53 -34.47
N THR B 4619 79.10 19.40 -33.86
CA THR B 4619 80.46 18.88 -34.03
C THR B 4619 80.74 18.49 -35.47
N MET B 4620 79.77 17.83 -36.12
CA MET B 4620 79.93 17.49 -37.53
C MET B 4620 79.93 18.73 -38.41
N SER B 4621 79.17 19.77 -38.03
CA SER B 4621 79.21 21.03 -38.78
C SER B 4621 80.58 21.70 -38.67
N VAL B 4622 81.19 21.64 -37.49
CA VAL B 4622 82.53 22.21 -37.32
C VAL B 4622 83.55 21.40 -38.10
N LEU B 4623 83.44 20.06 -38.07
CA LEU B 4623 84.33 19.21 -38.85
C LEU B 4623 84.14 19.37 -40.35
N GLY B 4624 82.98 19.87 -40.79
CA GLY B 4624 82.75 20.12 -42.20
C GLY B 4624 83.66 21.17 -42.81
N HIS B 4625 84.28 22.02 -41.98
CA HIS B 4625 85.28 22.95 -42.48
C HIS B 4625 86.63 22.27 -42.66
N TYR B 4626 86.95 21.29 -41.81
CA TYR B 4626 88.15 20.49 -42.02
C TYR B 4626 88.07 19.67 -43.29
N ASN B 4627 86.90 19.09 -43.57
CA ASN B 4627 86.65 18.34 -44.79
C ASN B 4627 85.16 18.43 -45.09
N ASN B 4628 84.82 18.82 -46.31
CA ASN B 4628 83.44 19.15 -46.65
C ASN B 4628 82.50 17.94 -46.60
N PHE B 4629 83.04 16.74 -46.82
CA PHE B 4629 82.19 15.54 -46.85
C PHE B 4629 81.65 15.17 -45.48
N PHE B 4630 82.17 15.79 -44.41
CA PHE B 4630 81.55 15.68 -43.09
C PHE B 4630 80.17 16.33 -43.03
N PHE B 4631 79.80 17.14 -44.03
CA PHE B 4631 78.43 17.61 -44.14
C PHE B 4631 77.48 16.56 -44.68
N ALA B 4632 77.97 15.38 -45.06
CA ALA B 4632 77.08 14.32 -45.53
C ALA B 4632 76.31 13.67 -44.39
N ALA B 4633 76.77 13.80 -43.15
CA ALA B 4633 76.09 13.19 -42.02
C ALA B 4633 74.76 13.87 -41.73
N HIS B 4634 74.68 15.19 -41.98
CA HIS B 4634 73.50 15.97 -41.62
C HIS B 4634 72.26 15.57 -42.41
N LEU B 4635 72.41 14.87 -43.53
CA LEU B 4635 71.26 14.34 -44.26
C LEU B 4635 70.50 13.32 -43.42
N LEU B 4636 71.18 12.67 -42.47
CA LEU B 4636 70.49 11.76 -41.55
C LEU B 4636 69.47 12.48 -40.68
N ASP B 4637 69.53 13.82 -40.61
CA ASP B 4637 68.52 14.60 -39.93
C ASP B 4637 67.12 14.44 -40.54
N ILE B 4638 67.02 13.96 -41.79
CA ILE B 4638 65.69 13.68 -42.33
C ILE B 4638 65.01 12.55 -41.57
N ALA B 4639 65.79 11.68 -40.92
CA ALA B 4639 65.21 10.66 -40.06
C ALA B 4639 64.66 11.24 -38.77
N MET B 4640 65.04 12.46 -38.41
CA MET B 4640 64.57 13.10 -37.18
C MET B 4640 63.62 14.26 -37.44
N GLY B 4641 63.52 14.74 -38.67
CA GLY B 4641 62.77 15.93 -38.95
C GLY B 4641 61.34 15.70 -39.40
N PHE B 4642 61.11 14.59 -40.11
CA PHE B 4642 59.80 14.28 -40.66
C PHE B 4642 59.13 13.19 -39.84
N LYS B 4643 57.86 13.41 -39.49
CA LYS B 4643 57.12 12.46 -38.67
C LYS B 4643 56.83 11.16 -39.42
N THR B 4644 56.60 11.26 -40.73
CA THR B 4644 56.32 10.07 -41.53
C THR B 4644 57.53 9.13 -41.58
N LEU B 4645 58.72 9.70 -41.71
CA LEU B 4645 59.94 8.89 -41.72
C LEU B 4645 60.20 8.26 -40.35
N ARG B 4646 59.87 8.98 -39.26
CA ARG B 4646 59.97 8.39 -37.94
C ARG B 4646 59.00 7.24 -37.76
N THR B 4647 57.78 7.38 -38.29
CA THR B 4647 56.81 6.30 -38.23
C THR B 4647 57.26 5.09 -39.05
N ILE B 4648 57.90 5.34 -40.21
CA ILE B 4648 58.42 4.23 -41.02
C ILE B 4648 59.57 3.52 -40.30
N LEU B 4649 60.50 4.30 -39.72
CA LEU B 4649 61.62 3.68 -39.01
C LEU B 4649 61.22 3.06 -37.68
N SER B 4650 60.04 3.40 -37.17
CA SER B 4650 59.50 2.69 -36.01
C SER B 4650 59.18 1.24 -36.32
N SER B 4651 58.97 0.89 -37.59
CA SER B 4651 58.81 -0.52 -37.95
C SER B 4651 60.12 -1.28 -37.87
N VAL B 4652 61.25 -0.58 -37.90
CA VAL B 4652 62.54 -1.24 -37.73
C VAL B 4652 62.97 -1.23 -36.28
N THR B 4653 62.71 -0.15 -35.55
CA THR B 4653 63.12 -0.05 -34.16
C THR B 4653 62.15 -0.68 -33.17
N HIS B 4654 60.98 -1.15 -33.65
CA HIS B 4654 60.03 -1.82 -32.75
C HIS B 4654 60.58 -3.17 -32.28
N ASN B 4655 61.09 -3.96 -33.21
CA ASN B 4655 61.64 -5.28 -32.93
C ASN B 4655 63.13 -5.31 -33.21
N GLY B 4656 63.83 -4.24 -32.84
CA GLY B 4656 65.25 -4.15 -33.11
C GLY B 4656 66.07 -5.15 -32.31
N LYS B 4657 65.65 -5.43 -31.08
CA LYS B 4657 66.31 -6.45 -30.27
C LYS B 4657 66.18 -7.83 -30.92
N GLN B 4658 64.99 -8.15 -31.42
CA GLN B 4658 64.80 -9.40 -32.14
C GLN B 4658 65.60 -9.44 -33.43
N LEU B 4659 65.76 -8.30 -34.12
CA LEU B 4659 66.59 -8.25 -35.31
C LEU B 4659 68.06 -8.54 -35.00
N VAL B 4660 68.58 -7.95 -33.92
CA VAL B 4660 69.96 -8.19 -33.52
C VAL B 4660 70.15 -9.65 -33.11
N LEU B 4661 69.18 -10.21 -32.37
CA LEU B 4661 69.26 -11.62 -31.99
C LEU B 4661 69.17 -12.55 -33.20
N THR B 4662 68.39 -12.16 -34.21
CA THR B 4662 68.32 -12.97 -35.43
C THR B 4662 69.62 -12.93 -36.21
N VAL B 4663 70.28 -11.76 -36.26
CA VAL B 4663 71.59 -11.68 -36.90
C VAL B 4663 72.62 -12.50 -36.15
N GLY B 4664 72.56 -12.50 -34.81
CA GLY B 4664 73.45 -13.36 -34.03
C GLY B 4664 73.20 -14.84 -34.25
N LEU B 4665 71.93 -15.23 -34.34
CA LEU B 4665 71.58 -16.62 -34.64
C LEU B 4665 72.09 -17.02 -36.03
N LEU B 4666 71.99 -16.11 -37.00
CA LEU B 4666 72.53 -16.37 -38.33
C LEU B 4666 74.04 -16.57 -38.28
N ALA B 4667 74.73 -15.75 -37.48
CA ALA B 4667 76.18 -15.91 -37.32
C ALA B 4667 76.54 -17.26 -36.72
N VAL B 4668 75.78 -17.71 -35.71
CA VAL B 4668 76.05 -19.01 -35.09
C VAL B 4668 75.82 -20.16 -36.08
N VAL B 4669 74.73 -20.10 -36.85
CA VAL B 4669 74.43 -21.15 -37.82
C VAL B 4669 75.48 -21.21 -38.92
N VAL B 4670 75.91 -20.04 -39.41
CA VAL B 4670 76.97 -19.99 -40.42
C VAL B 4670 78.29 -20.49 -39.85
N TYR B 4671 78.55 -20.25 -38.56
CA TYR B 4671 79.73 -20.82 -37.92
C TYR B 4671 79.68 -22.35 -37.89
N LEU B 4672 78.50 -22.91 -37.63
CA LEU B 4672 78.36 -24.37 -37.64
C LEU B 4672 78.62 -24.95 -39.02
N TYR B 4673 78.07 -24.30 -40.06
CA TYR B 4673 78.35 -24.73 -41.42
C TYR B 4673 79.83 -24.58 -41.78
N THR B 4674 80.48 -23.54 -41.24
CA THR B 4674 81.92 -23.36 -41.43
C THR B 4674 82.72 -24.49 -40.80
N VAL B 4675 82.32 -24.91 -39.60
CA VAL B 4675 82.99 -26.04 -38.93
C VAL B 4675 82.87 -27.31 -39.77
N VAL B 4676 81.66 -27.58 -40.27
CA VAL B 4676 81.44 -28.75 -41.10
C VAL B 4676 82.28 -28.70 -42.39
N ALA B 4677 82.31 -27.54 -43.05
CA ALA B 4677 83.06 -27.39 -44.29
C ALA B 4677 84.56 -27.50 -44.06
N PHE B 4678 85.07 -26.92 -42.97
CA PHE B 4678 86.48 -26.99 -42.66
C PHE B 4678 86.92 -28.40 -42.28
N ASN B 4679 86.01 -29.19 -41.71
CA ASN B 4679 86.37 -30.57 -41.39
C ASN B 4679 86.26 -31.49 -42.60
N PHE B 4680 85.30 -31.27 -43.51
CA PHE B 4680 85.01 -32.28 -44.53
C PHE B 4680 85.12 -31.81 -45.97
N PHE B 4681 84.96 -30.53 -46.26
CA PHE B 4681 84.82 -30.07 -47.64
C PHE B 4681 85.88 -29.05 -48.03
N ARG B 4682 87.13 -29.27 -47.61
CA ARG B 4682 88.17 -28.27 -47.85
C ARG B 4682 88.58 -28.20 -49.31
N LYS B 4683 88.46 -29.31 -50.06
CA LYS B 4683 88.94 -29.36 -51.44
C LYS B 4683 88.08 -28.55 -52.41
N PHE B 4684 86.87 -28.16 -52.01
CA PHE B 4684 85.97 -27.45 -52.90
C PHE B 4684 86.07 -25.94 -52.79
N TYR B 4685 87.00 -25.42 -52.00
CA TYR B 4685 87.09 -23.99 -51.72
C TYR B 4685 88.31 -23.36 -52.39
N ASN B 4686 88.65 -23.83 -53.59
CA ASN B 4686 89.71 -23.24 -54.39
C ASN B 4686 89.09 -22.19 -55.31
N LYS B 4687 89.41 -20.93 -55.06
CA LYS B 4687 88.88 -19.81 -55.84
C LYS B 4687 89.92 -19.25 -56.80
N SER B 4688 90.86 -20.09 -57.23
CA SER B 4688 91.94 -19.67 -58.12
C SER B 4688 91.67 -20.16 -59.53
N GLU B 4689 91.80 -19.27 -60.50
CA GLU B 4689 91.58 -19.64 -61.90
C GLU B 4689 92.72 -20.49 -62.43
N ASP B 4690 93.96 -20.12 -62.12
CA ASP B 4690 95.14 -20.82 -62.61
C ASP B 4690 95.64 -21.81 -61.56
N ASP B 4691 96.21 -22.92 -62.05
CA ASP B 4691 96.72 -23.97 -61.18
C ASP B 4691 98.12 -23.70 -60.67
N ASP B 4692 98.75 -22.60 -61.11
CA ASP B 4692 100.08 -22.26 -60.61
C ASP B 4692 100.04 -21.86 -59.14
N GLU B 4693 99.01 -21.12 -58.74
CA GLU B 4693 98.90 -20.66 -57.36
C GLU B 4693 97.46 -20.79 -56.87
N PRO B 4694 97.20 -21.68 -55.92
CA PRO B 4694 95.83 -21.84 -55.41
C PRO B 4694 95.43 -20.70 -54.49
N ASP B 4695 94.13 -20.60 -54.26
CA ASP B 4695 93.51 -19.56 -53.45
C ASP B 4695 92.52 -20.19 -52.47
N MET B 4696 92.99 -21.18 -51.72
CA MET B 4696 92.13 -21.96 -50.82
C MET B 4696 91.53 -21.08 -49.73
N LYS B 4697 90.20 -21.04 -49.69
CA LYS B 4697 89.47 -20.19 -48.75
C LYS B 4697 89.14 -20.90 -47.45
N CYS B 4698 89.44 -22.19 -47.31
CA CYS B 4698 89.04 -22.93 -46.11
C CYS B 4698 90.21 -23.72 -45.54
N ASP B 4699 91.43 -23.21 -45.68
CA ASP B 4699 92.59 -23.84 -45.05
C ASP B 4699 92.78 -23.42 -43.60
N ASP B 4700 91.99 -22.45 -43.13
CA ASP B 4700 91.95 -22.11 -41.71
C ASP B 4700 90.53 -21.66 -41.39
N MET B 4701 90.19 -21.72 -40.10
CA MET B 4701 88.81 -21.49 -39.68
C MET B 4701 88.38 -20.04 -39.85
N MET B 4702 89.31 -19.10 -39.65
CA MET B 4702 88.95 -17.68 -39.72
C MET B 4702 88.63 -17.27 -41.15
N THR B 4703 89.46 -17.68 -42.11
CA THR B 4703 89.21 -17.38 -43.51
C THR B 4703 87.93 -18.04 -44.01
N CYS B 4704 87.70 -19.29 -43.62
CA CYS B 4704 86.49 -20.00 -44.04
C CYS B 4704 85.24 -19.37 -43.43
N TYR B 4705 85.33 -18.92 -42.18
CA TYR B 4705 84.18 -18.27 -41.55
C TYR B 4705 83.88 -16.93 -42.20
N LEU B 4706 84.93 -16.16 -42.51
CA LEU B 4706 84.72 -14.89 -43.22
C LEU B 4706 84.15 -15.12 -44.60
N PHE B 4707 84.62 -16.17 -45.29
CA PHE B 4707 84.09 -16.51 -46.61
C PHE B 4707 82.63 -16.90 -46.55
N HIS B 4708 82.24 -17.69 -45.54
CA HIS B 4708 80.85 -18.11 -45.42
C HIS B 4708 79.95 -16.94 -45.04
N MET B 4709 80.44 -16.04 -44.16
CA MET B 4709 79.61 -14.93 -43.73
C MET B 4709 79.50 -13.84 -44.78
N TYR B 4710 80.51 -13.68 -45.62
CA TYR B 4710 80.54 -12.57 -46.56
C TYR B 4710 80.10 -12.97 -47.96
N VAL B 4711 80.37 -14.19 -48.38
CA VAL B 4711 80.08 -14.65 -49.73
C VAL B 4711 78.84 -15.54 -49.77
N GLY B 4712 78.72 -16.46 -48.82
CA GLY B 4712 77.60 -17.38 -48.81
C GLY B 4712 76.26 -16.74 -48.50
N VAL B 4713 76.24 -15.79 -47.56
CA VAL B 4713 74.98 -15.17 -47.17
C VAL B 4713 74.45 -14.26 -48.28
N ARG B 4714 75.33 -13.47 -48.91
CA ARG B 4714 74.90 -12.57 -49.96
C ARG B 4714 74.57 -13.28 -51.26
N ALA B 4715 75.01 -14.52 -51.43
CA ALA B 4715 74.70 -15.26 -52.64
C ALA B 4715 73.23 -15.66 -52.67
N GLY B 4716 72.67 -15.70 -53.88
CA GLY B 4716 71.25 -15.97 -54.03
C GLY B 4716 70.86 -17.38 -53.64
N GLY B 4717 71.67 -18.36 -54.03
CA GLY B 4717 71.42 -19.75 -53.73
C GLY B 4717 72.26 -20.33 -52.61
N GLY B 4718 72.90 -19.50 -51.79
CA GLY B 4718 73.70 -20.00 -50.70
C GLY B 4718 75.15 -20.22 -51.07
N ILE B 4719 75.80 -21.03 -50.24
CA ILE B 4719 77.21 -21.34 -50.42
C ILE B 4719 77.47 -22.19 -51.66
N GLY B 4720 76.44 -22.90 -52.15
CA GLY B 4720 76.61 -23.75 -53.32
C GLY B 4720 76.83 -23.00 -54.61
N ASP B 4721 76.47 -21.72 -54.65
CA ASP B 4721 76.69 -20.92 -55.85
C ASP B 4721 78.17 -20.62 -56.07
N GLU B 4722 78.96 -20.58 -55.00
CA GLU B 4722 80.28 -19.96 -55.05
C GLU B 4722 81.43 -20.93 -54.76
N ILE B 4723 81.17 -22.23 -54.70
CA ILE B 4723 82.25 -23.19 -54.52
C ILE B 4723 82.24 -24.19 -55.66
N GLU B 4724 83.17 -25.16 -55.60
CA GLU B 4724 83.37 -26.11 -56.68
C GLU B 4724 82.17 -27.03 -56.84
N ASP B 4725 81.88 -27.39 -58.09
CA ASP B 4725 80.80 -28.31 -58.38
C ASP B 4725 81.10 -29.69 -57.81
N PRO B 4726 80.17 -30.32 -57.09
CA PRO B 4726 80.45 -31.58 -56.40
C PRO B 4726 80.22 -32.84 -57.21
N ALA B 4727 79.89 -32.74 -58.50
CA ALA B 4727 79.59 -33.92 -59.30
C ALA B 4727 80.85 -34.72 -59.57
N GLY B 4728 80.72 -36.04 -59.59
CA GLY B 4728 81.86 -36.93 -59.73
C GLY B 4728 82.79 -36.94 -58.55
N ASP B 4729 82.25 -36.92 -57.33
CA ASP B 4729 83.01 -36.92 -56.10
C ASP B 4729 82.43 -37.94 -55.14
N PRO B 4730 83.25 -38.56 -54.30
CA PRO B 4730 82.71 -39.43 -53.24
C PRO B 4730 81.80 -38.72 -52.27
N TYR B 4731 82.02 -37.43 -52.01
CA TYR B 4731 81.20 -36.65 -51.09
C TYR B 4731 80.17 -35.80 -51.82
N GLU B 4732 79.59 -36.31 -52.91
CA GLU B 4732 78.67 -35.51 -53.71
C GLU B 4732 77.34 -35.33 -52.98
N MET B 4733 76.78 -36.40 -52.42
CA MET B 4733 75.48 -36.31 -51.78
C MET B 4733 75.56 -35.52 -50.47
N TYR B 4734 76.66 -35.65 -49.74
CA TYR B 4734 76.87 -34.84 -48.55
C TYR B 4734 76.98 -33.37 -48.90
N ARG B 4735 77.66 -33.05 -50.00
CA ARG B 4735 77.75 -31.67 -50.46
C ARG B 4735 76.41 -31.12 -50.91
N ILE B 4736 75.58 -31.96 -51.55
CA ILE B 4736 74.27 -31.53 -51.99
C ILE B 4736 73.36 -31.26 -50.80
N VAL B 4737 73.39 -32.13 -49.78
CA VAL B 4737 72.63 -31.90 -48.56
C VAL B 4737 73.12 -30.65 -47.84
N PHE B 4738 74.45 -30.45 -47.82
CA PHE B 4738 75.06 -29.27 -47.22
C PHE B 4738 74.57 -27.98 -47.88
N ASP B 4739 74.62 -27.93 -49.22
CA ASP B 4739 74.19 -26.74 -49.96
C ASP B 4739 72.69 -26.51 -49.82
N ILE B 4740 71.89 -27.57 -49.87
CA ILE B 4740 70.44 -27.43 -49.79
C ILE B 4740 70.02 -26.95 -48.42
N THR B 4741 70.62 -27.49 -47.36
CA THR B 4741 70.25 -27.04 -46.02
C THR B 4741 70.80 -25.65 -45.71
N PHE B 4742 71.94 -25.26 -46.30
CA PHE B 4742 72.38 -23.88 -46.21
C PHE B 4742 71.41 -22.94 -46.89
N PHE B 4743 70.90 -23.32 -48.06
CA PHE B 4743 69.93 -22.48 -48.76
C PHE B 4743 68.62 -22.38 -47.99
N PHE B 4744 68.15 -23.48 -47.43
CA PHE B 4744 66.84 -23.47 -46.76
C PHE B 4744 66.90 -22.76 -45.41
N PHE B 4745 67.92 -23.07 -44.59
CA PHE B 4745 67.94 -22.55 -43.23
C PHE B 4745 68.36 -21.09 -43.17
N VAL B 4746 69.30 -20.68 -44.01
CA VAL B 4746 69.88 -19.35 -43.93
C VAL B 4746 69.18 -18.40 -44.89
N ILE B 4747 69.18 -18.75 -46.17
CA ILE B 4747 68.67 -17.84 -47.20
C ILE B 4747 67.16 -17.72 -47.11
N VAL B 4748 66.46 -18.84 -46.91
CA VAL B 4748 65.00 -18.84 -46.98
C VAL B 4748 64.38 -18.47 -45.63
N ILE B 4749 64.83 -19.08 -44.55
CA ILE B 4749 64.10 -18.99 -43.28
C ILE B 4749 64.50 -17.75 -42.46
N LEU B 4750 65.80 -17.48 -42.31
CA LEU B 4750 66.22 -16.40 -41.41
C LEU B 4750 65.90 -15.02 -41.98
N LEU B 4751 66.07 -14.85 -43.29
CA LEU B 4751 65.67 -13.59 -43.92
C LEU B 4751 64.14 -13.42 -43.88
N ALA B 4752 63.40 -14.52 -43.97
CA ALA B 4752 61.95 -14.46 -43.76
C ALA B 4752 61.61 -14.07 -42.34
N ILE B 4753 62.41 -14.49 -41.36
CA ILE B 4753 62.19 -14.06 -39.97
C ILE B 4753 62.39 -12.56 -39.84
N ILE B 4754 63.43 -12.03 -40.49
CA ILE B 4754 63.68 -10.59 -40.45
C ILE B 4754 62.52 -9.80 -41.08
N GLN B 4755 62.09 -10.22 -42.28
CA GLN B 4755 61.00 -9.55 -42.96
C GLN B 4755 59.68 -9.67 -42.19
N GLY B 4756 59.43 -10.83 -41.60
CA GLY B 4756 58.24 -11.01 -40.79
C GLY B 4756 58.24 -10.16 -39.54
N LEU B 4757 59.42 -9.96 -38.93
CA LEU B 4757 59.51 -9.05 -37.79
C LEU B 4757 59.16 -7.62 -38.18
N ILE B 4758 59.63 -7.17 -39.35
CA ILE B 4758 59.30 -5.82 -39.81
C ILE B 4758 57.78 -5.68 -40.08
N ILE B 4759 57.21 -6.68 -40.76
CA ILE B 4759 55.78 -6.63 -41.09
C ILE B 4759 54.92 -6.71 -39.83
N ASP B 4760 55.33 -7.55 -38.87
CA ASP B 4760 54.62 -7.63 -37.60
C ASP B 4760 54.72 -6.33 -36.81
N ALA B 4761 55.84 -5.62 -36.93
CA ALA B 4761 55.94 -4.29 -36.31
C ALA B 4761 54.93 -3.32 -36.90
N PHE B 4762 54.79 -3.34 -38.23
CA PHE B 4762 53.75 -2.52 -38.90
C PHE B 4762 52.36 -2.84 -38.36
N GLY B 4763 52.02 -4.14 -38.33
CA GLY B 4763 50.70 -4.54 -37.87
C GLY B 4763 50.45 -4.22 -36.40
N GLU B 4764 51.48 -4.34 -35.56
CA GLU B 4764 51.33 -4.05 -34.14
C GLU B 4764 51.11 -2.57 -33.88
N LEU B 4765 51.83 -1.71 -34.61
CA LEU B 4765 51.60 -0.28 -34.47
C LEU B 4765 50.20 0.12 -34.91
N ARG B 4766 49.72 -0.46 -36.02
CA ARG B 4766 48.35 -0.19 -36.47
C ARG B 4766 47.32 -0.67 -35.46
N ASP B 4767 47.54 -1.84 -34.86
CA ASP B 4767 46.60 -2.35 -33.86
C ASP B 4767 46.60 -1.51 -32.60
N GLN B 4768 47.76 -0.97 -32.21
CA GLN B 4768 47.82 -0.07 -31.06
C GLN B 4768 47.03 1.21 -31.30
N GLN B 4769 47.16 1.79 -32.50
CA GLN B 4769 46.37 2.98 -32.82
C GLN B 4769 44.87 2.69 -32.85
N GLU B 4770 44.47 1.53 -33.39
CA GLU B 4770 43.05 1.18 -33.37
C GLU B 4770 42.53 0.93 -31.96
N GLN B 4771 43.37 0.38 -31.09
CA GLN B 4771 42.98 0.19 -29.69
C GLN B 4771 42.77 1.52 -28.99
N VAL B 4772 43.65 2.50 -29.27
CA VAL B 4772 43.46 3.85 -28.72
C VAL B 4772 42.15 4.45 -29.21
N ARG B 4773 41.86 4.30 -30.51
CA ARG B 4773 40.63 4.86 -31.06
C ARG B 4773 39.38 4.24 -30.44
N GLU B 4774 39.37 2.91 -30.29
CA GLU B 4774 38.22 2.24 -29.71
C GLU B 4774 38.04 2.60 -28.23
N ASP B 4775 39.14 2.67 -27.47
CA ASP B 4775 39.04 3.02 -26.06
C ASP B 4775 38.57 4.46 -25.87
N MET B 4776 38.99 5.38 -26.74
CA MET B 4776 38.53 6.76 -26.62
C MET B 4776 37.09 6.91 -27.08
N GLU B 4777 36.62 6.05 -27.99
CA GLU B 4777 35.24 6.16 -28.44
C GLU B 4777 34.25 5.44 -27.53
N THR B 4778 34.69 4.47 -26.72
CA THR B 4778 33.73 3.64 -26.01
C THR B 4778 33.55 3.99 -24.54
N LYS B 4779 34.46 4.75 -23.92
CA LYS B 4779 34.30 5.07 -22.51
C LYS B 4779 34.99 6.38 -22.17
N CYS B 4780 34.57 6.97 -21.06
CA CYS B 4780 35.14 8.22 -20.61
C CYS B 4780 36.54 8.01 -20.03
N PHE B 4781 37.41 8.99 -20.24
CA PHE B 4781 38.77 8.91 -19.72
C PHE B 4781 38.81 9.14 -18.22
N ILE B 4782 37.88 9.92 -17.68
CA ILE B 4782 37.91 10.29 -16.27
C ILE B 4782 37.20 9.23 -15.42
N CYS B 4783 35.91 9.00 -15.69
CA CYS B 4783 35.12 8.13 -14.85
C CYS B 4783 35.05 6.69 -15.36
N GLY B 4784 35.30 6.46 -16.64
CA GLY B 4784 35.32 5.11 -17.18
C GLY B 4784 33.97 4.54 -17.53
N ILE B 4785 32.89 5.30 -17.39
CA ILE B 4785 31.56 4.82 -17.76
C ILE B 4785 31.44 4.76 -19.28
N GLY B 4786 30.82 3.70 -19.78
CA GLY B 4786 30.69 3.52 -21.21
C GLY B 4786 29.71 4.48 -21.85
N ASN B 4787 29.79 4.56 -23.18
CA ASN B 4787 28.98 5.51 -23.93
C ASN B 4787 27.51 5.12 -23.99
N ASP B 4788 27.18 3.85 -23.75
CA ASP B 4788 25.80 3.41 -23.84
C ASP B 4788 24.94 3.97 -22.71
N TYR B 4789 25.54 4.25 -21.56
CA TYR B 4789 24.80 4.89 -20.48
C TYR B 4789 24.49 6.34 -20.80
N PHE B 4790 25.48 7.06 -21.35
CA PHE B 4790 25.29 8.48 -21.63
C PHE B 4790 24.44 8.72 -22.86
N ASP B 4791 24.43 7.78 -23.81
CA ASP B 4791 23.78 8.01 -25.09
C ASP B 4791 22.27 7.83 -25.04
N THR B 4792 21.68 7.59 -23.86
CA THR B 4792 20.22 7.63 -23.75
C THR B 4792 19.69 9.02 -24.05
N THR B 4793 20.34 10.05 -23.51
CA THR B 4793 20.13 11.40 -23.98
C THR B 4793 20.73 11.56 -25.38
N PRO B 4794 20.05 12.24 -26.30
CA PRO B 4794 20.60 12.43 -27.65
C PRO B 4794 21.93 13.19 -27.63
N HIS B 4795 22.96 12.55 -28.19
CA HIS B 4795 24.35 13.02 -28.18
C HIS B 4795 24.84 13.23 -26.75
N GLY B 4796 24.49 12.32 -25.85
CA GLY B 4796 24.83 12.47 -24.45
C GLY B 4796 26.28 12.19 -24.13
N PHE B 4797 26.92 11.27 -24.86
CA PHE B 4797 28.32 10.97 -24.59
C PHE B 4797 29.23 12.09 -25.08
N GLU B 4798 28.88 12.69 -26.22
CA GLU B 4798 29.61 13.85 -26.71
C GLU B 4798 29.48 15.03 -25.74
N THR B 4799 28.28 15.24 -25.20
CA THR B 4799 28.07 16.27 -24.19
C THR B 4799 28.87 15.98 -22.93
N HIS B 4800 28.91 14.71 -22.51
CA HIS B 4800 29.66 14.35 -21.32
C HIS B 4800 31.16 14.56 -21.49
N THR B 4801 31.71 14.17 -22.64
CA THR B 4801 33.13 14.30 -22.85
C THR B 4801 33.57 15.70 -23.26
N LEU B 4802 32.64 16.56 -23.68
CA LEU B 4802 33.00 17.92 -24.04
C LEU B 4802 32.68 18.95 -22.96
N GLN B 4803 31.73 18.66 -22.08
CA GLN B 4803 31.34 19.62 -21.05
C GLN B 4803 31.50 19.09 -19.64
N GLU B 4804 31.08 17.85 -19.38
CA GLU B 4804 31.03 17.36 -18.00
C GLU B 4804 32.40 16.90 -17.51
N HIS B 4805 33.08 16.05 -18.29
CA HIS B 4805 34.36 15.50 -17.88
C HIS B 4805 35.43 15.80 -18.90
N ASN B 4806 35.51 17.06 -19.33
CA ASN B 4806 36.52 17.47 -20.30
C ASN B 4806 37.91 17.49 -19.66
N LEU B 4807 38.88 16.86 -20.32
CA LEU B 4807 40.24 16.76 -19.80
C LEU B 4807 40.91 18.12 -19.70
N ALA B 4808 40.70 18.97 -20.71
CA ALA B 4808 41.27 20.31 -20.71
C ALA B 4808 40.74 21.13 -19.56
N ASN B 4809 39.49 20.91 -19.14
CA ASN B 4809 38.95 21.61 -17.99
C ASN B 4809 39.66 21.21 -16.70
N TYR B 4810 40.04 19.93 -16.57
CA TYR B 4810 40.80 19.52 -15.39
C TYR B 4810 42.20 20.11 -15.40
N LEU B 4811 42.82 20.18 -16.59
CA LEU B 4811 44.12 20.85 -16.70
C LEU B 4811 44.02 22.33 -16.34
N PHE B 4812 42.97 23.00 -16.83
CA PHE B 4812 42.76 24.42 -16.52
C PHE B 4812 42.44 24.62 -15.05
N PHE B 4813 41.77 23.66 -14.41
CA PHE B 4813 41.48 23.79 -12.98
C PHE B 4813 42.73 23.64 -12.14
N LEU B 4814 43.62 22.71 -12.51
CA LEU B 4814 44.89 22.61 -11.81
C LEU B 4814 45.73 23.86 -12.01
N MET B 4815 45.73 24.40 -13.24
CA MET B 4815 46.43 25.65 -13.52
C MET B 4815 45.85 26.82 -12.72
N TYR B 4816 44.53 26.82 -12.54
CA TYR B 4816 43.86 27.86 -11.76
C TYR B 4816 44.16 27.73 -10.27
N LEU B 4817 44.24 26.49 -9.78
CA LEU B 4817 44.53 26.27 -8.35
C LEU B 4817 45.97 26.64 -8.02
N ILE B 4818 46.91 26.30 -8.89
CA ILE B 4818 48.32 26.58 -8.61
C ILE B 4818 48.58 28.09 -8.62
N ASN B 4819 47.98 28.81 -9.56
CA ASN B 4819 48.19 30.24 -9.71
C ASN B 4819 47.30 31.08 -8.81
N LYS B 4820 46.73 30.50 -7.77
CA LYS B 4820 45.84 31.21 -6.86
C LYS B 4820 46.40 31.16 -5.45
N ASP B 4821 46.20 32.25 -4.71
CA ASP B 4821 46.62 32.32 -3.33
C ASP B 4821 45.82 31.35 -2.47
N GLU B 4822 46.51 30.71 -1.51
CA GLU B 4822 45.84 29.74 -0.65
C GLU B 4822 44.83 30.40 0.28
N THR B 4823 45.04 31.66 0.63
CA THR B 4823 44.08 32.37 1.47
C THR B 4823 42.81 32.74 0.72
N GLU B 4824 42.84 32.73 -0.60
CA GLU B 4824 41.67 33.03 -1.42
C GLU B 4824 40.92 31.78 -1.86
N HIS B 4825 41.39 30.60 -1.50
CA HIS B 4825 40.72 29.36 -1.88
C HIS B 4825 39.35 29.26 -1.21
N THR B 4826 38.38 28.76 -1.97
CA THR B 4826 37.07 28.46 -1.42
C THR B 4826 37.13 27.09 -0.73
N GLY B 4827 35.98 26.59 -0.25
CA GLY B 4827 35.97 25.31 0.42
C GLY B 4827 36.30 24.15 -0.49
N GLN B 4828 35.71 24.13 -1.69
CA GLN B 4828 36.01 23.07 -2.66
C GLN B 4828 37.45 23.16 -3.16
N GLU B 4829 37.91 24.39 -3.42
CA GLU B 4829 39.29 24.58 -3.87
C GLU B 4829 40.28 24.17 -2.79
N SER B 4830 39.99 24.49 -1.53
CA SER B 4830 40.85 24.06 -0.43
C SER B 4830 40.85 22.54 -0.29
N TYR B 4831 39.68 21.91 -0.46
CA TYR B 4831 39.59 20.45 -0.39
C TYR B 4831 40.44 19.79 -1.46
N VAL B 4832 40.29 20.25 -2.71
CA VAL B 4832 41.05 19.68 -3.81
C VAL B 4832 42.54 19.99 -3.68
N TRP B 4833 42.88 21.18 -3.18
CA TRP B 4833 44.27 21.56 -2.98
C TRP B 4833 44.95 20.70 -1.92
N LYS B 4834 44.26 20.44 -0.81
CA LYS B 4834 44.81 19.57 0.22
C LYS B 4834 44.96 18.14 -0.28
N MET B 4835 44.00 17.65 -1.06
CA MET B 4835 44.15 16.30 -1.61
C MET B 4835 45.23 16.23 -2.69
N TYR B 4836 45.48 17.35 -3.37
CA TYR B 4836 46.50 17.40 -4.42
C TYR B 4836 47.90 17.46 -3.83
N GLN B 4837 48.07 18.14 -2.70
CA GLN B 4837 49.39 18.19 -2.08
C GLN B 4837 49.79 16.87 -1.44
N GLU B 4838 48.84 15.99 -1.16
CA GLU B 4838 49.12 14.66 -0.63
C GLU B 4838 49.18 13.60 -1.71
N ARG B 4839 49.05 13.98 -2.98
CA ARG B 4839 48.98 13.07 -4.12
C ARG B 4839 47.85 12.05 -3.97
N CYS B 4840 46.71 12.50 -3.46
CA CYS B 4840 45.54 11.64 -3.31
C CYS B 4840 44.53 12.02 -4.38
N TRP B 4841 44.22 11.09 -5.28
CA TRP B 4841 43.37 11.35 -6.43
C TRP B 4841 41.98 10.75 -6.26
N ASP B 4842 41.47 10.77 -5.02
CA ASP B 4842 40.11 10.33 -4.77
C ASP B 4842 39.07 11.39 -5.15
N PHE B 4843 39.49 12.64 -5.40
CA PHE B 4843 38.54 13.65 -5.84
C PHE B 4843 38.17 13.48 -7.31
N PHE B 4844 38.98 12.80 -8.10
CA PHE B 4844 38.57 12.45 -9.45
C PHE B 4844 37.43 11.45 -9.39
N PRO B 4845 36.31 11.69 -10.08
CA PRO B 4845 35.22 10.73 -10.06
C PRO B 4845 35.58 9.45 -10.80
N ALA B 4846 35.25 8.32 -10.19
CA ALA B 4846 35.57 7.00 -10.73
C ALA B 4846 34.30 6.15 -10.70
N GLY B 4847 33.75 5.88 -11.88
CA GLY B 4847 32.51 5.14 -11.95
C GLY B 4847 31.28 5.91 -11.56
N ASP B 4848 31.40 7.22 -11.38
CA ASP B 4848 30.28 8.06 -10.96
C ASP B 4848 30.37 9.39 -11.69
N CYS B 4849 29.21 10.03 -11.85
CA CYS B 4849 29.14 11.33 -12.50
C CYS B 4849 27.96 12.09 -11.93
N PHE B 4850 27.78 13.32 -12.41
CA PHE B 4850 26.69 14.17 -11.95
C PHE B 4850 25.34 13.62 -12.41
N ARG B 4851 25.28 13.07 -13.62
CA ARG B 4851 24.04 12.49 -14.11
C ARG B 4851 23.68 11.21 -13.36
N LYS B 4852 24.68 10.43 -12.97
CA LYS B 4852 24.42 9.17 -12.29
C LYS B 4852 23.93 9.38 -10.88
N GLN B 4853 24.46 10.39 -10.19
CA GLN B 4853 24.09 10.62 -8.80
C GLN B 4853 22.69 11.23 -8.68
N TYR B 4854 22.36 12.18 -9.56
CA TYR B 4854 21.07 12.85 -9.53
C TYR B 4854 20.15 12.35 -10.63
N GLU B 4855 20.18 11.05 -10.91
CA GLU B 4855 19.41 10.49 -12.01
C GLU B 4855 17.91 10.57 -11.75
N ASP B 4856 17.50 10.40 -10.50
CA ASP B 4856 16.07 10.53 -10.18
C ASP B 4856 15.61 11.97 -10.24
N GLN B 4857 16.43 12.90 -9.74
CA GLN B 4857 16.02 14.30 -9.68
C GLN B 4857 16.11 14.99 -11.04
N LEU B 4858 17.15 14.68 -11.82
CA LEU B 4858 17.26 15.26 -13.16
C LEU B 4858 16.25 14.63 -14.11
N GLY B 4859 16.02 13.33 -13.98
CA GLY B 4859 15.08 12.64 -14.84
C GLY B 4859 13.66 12.70 -14.31
N VAL C 5 -70.13 99.71 -43.96
CA VAL C 5 -68.77 99.91 -44.48
C VAL C 5 -68.60 101.36 -44.91
N GLU C 6 -67.99 102.16 -44.05
CA GLU C 6 -67.74 103.56 -44.37
C GLU C 6 -66.62 103.69 -45.39
N ILE C 7 -66.75 104.68 -46.27
CA ILE C 7 -65.79 104.92 -47.34
C ILE C 7 -65.26 106.33 -47.21
N GLU C 8 -63.93 106.47 -47.23
CA GLU C 8 -63.26 107.75 -47.19
C GLU C 8 -62.64 108.04 -48.55
N THR C 9 -62.84 109.26 -49.05
CA THR C 9 -62.39 109.64 -50.39
C THR C 9 -60.96 110.16 -50.31
N ILE C 10 -60.00 109.26 -50.54
CA ILE C 10 -58.60 109.66 -50.54
C ILE C 10 -58.27 110.50 -51.77
N SER C 11 -58.74 110.07 -52.94
CA SER C 11 -58.52 110.80 -54.18
C SER C 11 -59.68 110.55 -55.14
N PRO C 12 -60.51 111.55 -55.41
CA PRO C 12 -61.65 111.36 -56.30
C PRO C 12 -61.22 111.17 -57.75
N GLY C 13 -62.06 110.47 -58.50
CA GLY C 13 -61.80 110.20 -59.89
C GLY C 13 -62.73 110.92 -60.85
N ASP C 14 -63.20 110.21 -61.88
CA ASP C 14 -64.09 110.83 -62.86
C ASP C 14 -65.46 111.12 -62.27
N GLY C 15 -66.00 110.19 -61.46
CA GLY C 15 -67.30 110.37 -60.86
C GLY C 15 -68.47 109.99 -61.74
N ARG C 16 -68.23 109.54 -62.97
CA ARG C 16 -69.29 109.17 -63.90
C ARG C 16 -69.29 107.68 -64.21
N THR C 17 -68.15 107.12 -64.64
CA THR C 17 -68.07 105.71 -64.97
C THR C 17 -68.04 104.88 -63.69
N PHE C 18 -68.85 103.83 -63.64
CA PHE C 18 -68.93 102.93 -62.51
C PHE C 18 -68.87 101.49 -62.99
N PRO C 19 -68.28 100.59 -62.19
CA PRO C 19 -68.26 99.18 -62.57
C PRO C 19 -69.67 98.57 -62.55
N LYS C 20 -69.87 97.59 -63.43
CA LYS C 20 -71.14 96.90 -63.56
C LYS C 20 -70.94 95.41 -63.31
N LYS C 21 -72.05 94.67 -63.30
CA LYS C 21 -72.01 93.24 -63.08
C LYS C 21 -71.46 92.53 -64.32
N GLY C 22 -70.57 91.58 -64.10
CA GLY C 22 -69.97 90.83 -65.18
C GLY C 22 -68.79 91.51 -65.85
N GLN C 23 -68.36 92.66 -65.37
CA GLN C 23 -67.23 93.39 -65.94
C GLN C 23 -66.03 93.28 -65.02
N THR C 24 -64.88 92.93 -65.60
CA THR C 24 -63.66 92.79 -64.81
C THR C 24 -63.14 94.16 -64.39
N CYS C 25 -62.76 94.29 -63.12
CA CYS C 25 -62.26 95.52 -62.56
C CYS C 25 -60.80 95.32 -62.15
N VAL C 26 -59.90 96.05 -62.80
CA VAL C 26 -58.48 95.99 -62.48
C VAL C 26 -58.20 97.06 -61.43
N VAL C 27 -57.91 96.61 -60.20
CA VAL C 27 -57.74 97.51 -59.06
C VAL C 27 -56.43 97.19 -58.35
N HIS C 28 -55.93 98.19 -57.63
CA HIS C 28 -54.76 98.04 -56.77
C HIS C 28 -55.19 98.32 -55.34
N TYR C 29 -54.88 97.39 -54.44
CA TYR C 29 -55.37 97.45 -53.06
C TYR C 29 -54.22 97.28 -52.08
N THR C 30 -54.50 97.63 -50.82
CA THR C 30 -53.56 97.44 -49.71
C THR C 30 -54.40 97.12 -48.47
N GLY C 31 -54.44 95.84 -48.11
CA GLY C 31 -55.22 95.40 -46.97
C GLY C 31 -54.43 95.24 -45.70
N MET C 32 -54.88 95.90 -44.64
CA MET C 32 -54.22 95.90 -43.35
C MET C 32 -55.25 95.72 -42.24
N LEU C 33 -54.76 95.39 -41.05
CA LEU C 33 -55.62 95.27 -39.90
C LEU C 33 -55.97 96.66 -39.35
N GLN C 34 -56.89 96.69 -38.40
CA GLN C 34 -57.30 97.96 -37.79
C GLN C 34 -56.21 98.53 -36.90
N ASN C 35 -55.30 97.68 -36.42
CA ASN C 35 -54.21 98.12 -35.55
C ASN C 35 -53.01 98.62 -36.34
N GLY C 36 -53.06 98.59 -37.67
CA GLY C 36 -51.94 99.01 -38.48
C GLY C 36 -51.03 97.90 -38.98
N LYS C 37 -51.48 96.64 -38.91
CA LYS C 37 -50.68 95.50 -39.31
C LYS C 37 -51.05 95.12 -40.74
N LYS C 38 -50.16 95.42 -41.68
CA LYS C 38 -50.41 95.12 -43.09
C LYS C 38 -50.29 93.62 -43.34
N PHE C 39 -51.24 93.07 -44.10
CA PHE C 39 -51.18 91.67 -44.49
C PHE C 39 -51.18 91.44 -45.99
N ASP C 40 -51.79 92.31 -46.79
CA ASP C 40 -51.85 92.08 -48.23
C ASP C 40 -51.58 93.38 -48.97
N SER C 41 -50.92 93.25 -50.12
CA SER C 41 -50.68 94.40 -51.00
C SER C 41 -50.39 93.87 -52.40
N SER C 42 -51.23 94.25 -53.37
CA SER C 42 -51.01 93.85 -54.74
C SER C 42 -49.86 94.64 -55.39
N ARG C 43 -49.52 95.80 -54.83
CA ARG C 43 -48.45 96.61 -55.39
C ARG C 43 -47.07 96.07 -55.05
N ASP C 44 -46.95 95.26 -53.99
CA ASP C 44 -45.66 94.67 -53.65
C ASP C 44 -45.23 93.64 -54.68
N ARG C 45 -46.17 92.86 -55.20
CA ARG C 45 -45.90 91.87 -56.24
C ARG C 45 -46.07 92.44 -57.63
N ASN C 46 -46.45 93.72 -57.75
CA ASN C 46 -46.63 94.43 -59.02
C ASN C 46 -47.67 93.74 -59.92
N LYS C 47 -48.66 93.09 -59.32
CA LYS C 47 -49.71 92.41 -60.06
C LYS C 47 -51.06 92.95 -59.61
N PRO C 48 -51.70 93.80 -60.41
CA PRO C 48 -53.02 94.32 -60.02
C PRO C 48 -54.08 93.23 -60.01
N PHE C 49 -55.06 93.40 -59.11
CA PHE C 49 -56.09 92.41 -58.90
C PHE C 49 -57.23 92.59 -59.89
N LYS C 50 -57.64 91.49 -60.50
CA LYS C 50 -58.75 91.47 -61.46
C LYS C 50 -59.84 90.55 -60.95
N PHE C 51 -61.06 91.08 -60.90
CA PHE C 51 -62.20 90.28 -60.46
C PHE C 51 -63.47 90.81 -61.14
N ARG C 52 -64.46 89.94 -61.25
CA ARG C 52 -65.72 90.27 -61.90
C ARG C 52 -66.79 90.51 -60.87
N ILE C 53 -67.51 91.62 -61.01
CA ILE C 53 -68.58 91.97 -60.08
C ILE C 53 -69.80 91.11 -60.39
N GLY C 54 -70.50 90.69 -59.33
CA GLY C 54 -71.68 89.88 -59.45
C GLY C 54 -71.45 88.40 -59.16
N LYS C 55 -70.20 87.94 -59.16
CA LYS C 55 -69.89 86.56 -58.82
C LYS C 55 -69.63 86.36 -57.35
N GLN C 56 -69.60 87.44 -56.56
CA GLN C 56 -69.38 87.42 -55.11
C GLN C 56 -68.07 86.74 -54.74
N GLU C 57 -67.05 86.93 -55.58
CA GLU C 57 -65.73 86.37 -55.29
C GLU C 57 -65.09 87.08 -54.11
N VAL C 58 -65.08 88.41 -54.14
CA VAL C 58 -64.51 89.21 -53.06
C VAL C 58 -65.52 89.32 -51.93
N ILE C 59 -65.07 89.83 -50.78
CA ILE C 59 -65.94 90.01 -49.62
C ILE C 59 -66.95 91.13 -49.89
N LYS C 60 -67.95 91.24 -49.02
CA LYS C 60 -69.04 92.20 -49.24
C LYS C 60 -68.55 93.64 -49.17
N GLY C 61 -67.64 93.93 -48.25
CA GLY C 61 -67.10 95.29 -48.15
C GLY C 61 -66.28 95.69 -49.36
N PHE C 62 -65.46 94.77 -49.87
CA PHE C 62 -64.65 95.06 -51.05
C PHE C 62 -65.53 95.24 -52.29
N GLU C 63 -66.58 94.42 -52.42
CA GLU C 63 -67.50 94.57 -53.55
C GLU C 63 -68.28 95.86 -53.46
N GLU C 64 -68.73 96.24 -52.26
CA GLU C 64 -69.44 97.51 -52.07
C GLU C 64 -68.54 98.71 -52.38
N GLY C 65 -67.28 98.65 -51.94
CA GLY C 65 -66.35 99.72 -52.24
C GLY C 65 -66.03 99.81 -53.73
N ALA C 66 -65.91 98.67 -54.40
CA ALA C 66 -65.65 98.67 -55.83
C ALA C 66 -66.85 99.20 -56.61
N ALA C 67 -68.07 98.88 -56.15
CA ALA C 67 -69.26 99.40 -56.81
C ALA C 67 -69.42 100.90 -56.57
N GLN C 68 -69.05 101.38 -55.37
CA GLN C 68 -69.21 102.79 -55.06
C GLN C 68 -68.14 103.65 -55.71
N MET C 69 -66.92 103.14 -55.88
CA MET C 69 -65.85 103.92 -56.46
C MET C 69 -66.04 104.10 -57.97
N SER C 70 -65.56 105.22 -58.48
CA SER C 70 -65.58 105.53 -59.90
C SER C 70 -64.25 105.16 -60.53
N LEU C 71 -64.07 105.53 -61.80
CA LEU C 71 -62.82 105.24 -62.48
C LEU C 71 -61.71 106.18 -62.01
N GLY C 72 -60.55 105.60 -61.70
CA GLY C 72 -59.41 106.38 -61.23
C GLY C 72 -59.61 107.01 -59.88
N GLN C 73 -60.30 106.33 -58.97
CA GLN C 73 -60.58 106.84 -57.63
C GLN C 73 -59.89 105.95 -56.60
N ARG C 74 -59.15 106.58 -55.69
CA ARG C 74 -58.50 105.88 -54.59
C ARG C 74 -59.28 106.17 -53.31
N ALA C 75 -59.63 105.11 -52.58
CA ALA C 75 -60.48 105.25 -51.42
C ALA C 75 -60.05 104.30 -50.32
N LYS C 76 -60.42 104.65 -49.09
CA LYS C 76 -60.22 103.80 -47.92
C LYS C 76 -61.54 103.13 -47.55
N LEU C 77 -61.51 101.81 -47.45
CA LEU C 77 -62.69 101.01 -47.13
C LEU C 77 -62.48 100.34 -45.78
N THR C 78 -63.47 100.50 -44.90
CA THR C 78 -63.44 99.88 -43.57
C THR C 78 -64.44 98.74 -43.56
N CYS C 79 -63.93 97.51 -43.57
CA CYS C 79 -64.76 96.32 -43.57
C CYS C 79 -64.97 95.84 -42.14
N THR C 80 -66.23 95.73 -41.72
CA THR C 80 -66.58 95.25 -40.41
C THR C 80 -66.25 93.77 -40.28
N PRO C 81 -66.06 93.27 -39.05
CA PRO C 81 -65.78 91.83 -38.87
C PRO C 81 -66.90 90.91 -39.34
N ASP C 82 -68.13 91.42 -39.46
CA ASP C 82 -69.22 90.61 -40.03
C ASP C 82 -68.94 90.27 -41.49
N VAL C 83 -68.41 91.22 -42.26
CA VAL C 83 -68.09 90.97 -43.67
C VAL C 83 -66.61 90.67 -43.88
N ALA C 84 -65.80 90.67 -42.81
CA ALA C 84 -64.39 90.31 -42.92
C ALA C 84 -64.22 88.83 -42.55
N TYR C 85 -64.77 87.99 -43.44
CA TYR C 85 -64.79 86.53 -43.32
C TYR C 85 -65.49 86.04 -42.06
N GLY C 86 -66.32 86.88 -41.44
CA GLY C 86 -67.04 86.50 -40.24
C GLY C 86 -66.13 86.24 -39.06
N ALA C 87 -66.53 85.28 -38.23
CA ALA C 87 -65.71 84.80 -37.13
C ALA C 87 -64.83 83.62 -37.54
N THR C 88 -64.82 83.28 -38.82
CA THR C 88 -64.00 82.19 -39.35
C THR C 88 -62.96 82.76 -40.31
N GLY C 89 -62.27 83.83 -39.87
CA GLY C 89 -61.31 84.49 -40.72
C GLY C 89 -60.12 83.62 -41.06
N HIS C 90 -59.39 84.06 -42.09
CA HIS C 90 -58.26 83.36 -42.70
C HIS C 90 -57.19 83.06 -41.65
N PRO C 91 -57.02 81.80 -41.26
CA PRO C 91 -56.09 81.48 -40.16
C PRO C 91 -54.64 81.65 -40.59
N GLY C 92 -53.81 82.06 -39.63
CA GLY C 92 -52.42 82.34 -39.88
C GLY C 92 -52.12 83.78 -40.28
N VAL C 93 -53.13 84.51 -40.75
CA VAL C 93 -52.95 85.91 -41.14
C VAL C 93 -53.94 86.79 -40.41
N ILE C 94 -55.23 86.54 -40.62
CA ILE C 94 -56.30 87.39 -40.11
C ILE C 94 -56.90 86.71 -38.88
N PRO C 95 -56.79 87.29 -37.69
CA PRO C 95 -57.47 86.73 -36.52
C PRO C 95 -58.98 86.87 -36.65
N PRO C 96 -59.74 85.99 -35.99
CA PRO C 96 -61.21 86.07 -36.08
C PRO C 96 -61.75 87.35 -35.44
N ASN C 97 -62.86 87.83 -36.01
CA ASN C 97 -63.56 89.05 -35.58
C ASN C 97 -62.62 90.26 -35.60
N ALA C 98 -62.13 90.58 -36.79
CA ALA C 98 -61.18 91.66 -36.99
C ALA C 98 -61.69 92.63 -38.05
N THR C 99 -61.54 93.91 -37.79
CA THR C 99 -61.90 94.95 -38.74
C THR C 99 -60.77 95.16 -39.72
N LEU C 100 -61.09 95.18 -41.02
CA LEU C 100 -60.09 95.31 -42.06
C LEU C 100 -60.12 96.70 -42.68
N ILE C 101 -58.96 97.18 -43.11
CA ILE C 101 -58.84 98.48 -43.77
C ILE C 101 -58.16 98.27 -45.12
N PHE C 102 -58.81 98.72 -46.19
CA PHE C 102 -58.30 98.57 -47.54
C PHE C 102 -58.08 99.94 -48.16
N ASP C 103 -57.02 100.06 -48.95
CA ASP C 103 -56.68 101.27 -49.69
C ASP C 103 -56.73 100.91 -51.16
N VAL C 104 -57.89 101.08 -51.79
CA VAL C 104 -58.17 100.54 -53.11
C VAL C 104 -58.19 101.68 -54.12
N GLU C 105 -57.39 101.54 -55.18
CA GLU C 105 -57.39 102.45 -56.30
C GLU C 105 -57.86 101.70 -57.54
N LEU C 106 -58.87 102.24 -58.21
CA LEU C 106 -59.48 101.58 -59.36
C LEU C 106 -58.73 101.99 -60.62
N LEU C 107 -57.85 101.11 -61.10
CA LEU C 107 -57.06 101.42 -62.29
C LEU C 107 -57.92 101.35 -63.55
N ASN C 108 -58.81 100.37 -63.63
CA ASN C 108 -59.68 100.22 -64.80
C ASN C 108 -61.01 99.57 -64.44
N ILE D 12 0.58 32.38 1.41
CA ILE D 12 1.65 32.75 2.32
C ILE D 12 1.07 33.39 3.58
N GLN D 13 1.94 33.66 4.55
CA GLN D 13 1.56 34.27 5.81
C GLN D 13 1.86 35.75 5.87
N PHE D 14 2.25 36.36 4.75
CA PHE D 14 2.62 37.76 4.71
C PHE D 14 1.71 38.52 3.74
N LEU D 15 1.45 39.78 4.06
CA LEU D 15 0.64 40.63 3.21
C LEU D 15 1.48 41.23 2.09
N ARG D 16 0.99 41.14 0.87
CA ARG D 16 1.63 41.73 -0.30
C ARG D 16 0.70 42.76 -0.92
N THR D 17 1.19 43.46 -1.93
CA THR D 17 0.36 44.45 -2.61
C THR D 17 -0.63 43.75 -3.55
N GLU D 18 -1.62 44.54 -4.00
CA GLU D 18 -2.73 44.07 -4.82
C GLU D 18 -3.51 42.94 -4.15
N ASP D 19 -3.65 43.04 -2.83
CA ASP D 19 -4.32 42.05 -2.01
C ASP D 19 -5.60 42.63 -1.45
N GLU D 20 -6.69 41.87 -1.52
CA GLU D 20 -7.98 42.32 -0.99
C GLU D 20 -8.09 41.91 0.47
N VAL D 21 -8.17 42.91 1.36
CA VAL D 21 -8.18 42.71 2.80
C VAL D 21 -9.37 43.45 3.39
N VAL D 22 -9.61 43.19 4.68
CA VAL D 22 -10.54 43.97 5.49
C VAL D 22 -9.81 44.42 6.74
N LEU D 23 -10.25 45.55 7.29
CA LEU D 23 -9.66 46.11 8.51
C LEU D 23 -10.65 45.94 9.65
N GLN D 24 -10.25 45.16 10.65
CA GLN D 24 -11.14 44.74 11.72
C GLN D 24 -10.62 45.26 13.06
N CYS D 25 -11.56 45.65 13.92
CA CYS D 25 -11.26 46.20 15.24
C CYS D 25 -12.21 45.59 16.26
N ILE D 26 -11.81 45.67 17.53
CA ILE D 26 -12.57 45.08 18.63
C ILE D 26 -12.89 46.17 19.64
N ALA D 27 -14.17 46.31 19.99
CA ALA D 27 -14.63 47.27 20.98
C ALA D 27 -15.31 46.52 22.12
N ASN D 28 -14.96 46.87 23.35
CA ASN D 28 -15.57 46.25 24.54
C ASN D 28 -16.78 47.09 24.92
N ILE D 29 -17.96 46.61 24.56
CA ILE D 29 -19.22 47.29 24.84
C ILE D 29 -20.04 46.38 25.75
N HIS D 30 -20.49 46.92 26.88
CA HIS D 30 -21.37 46.23 27.84
C HIS D 30 -20.74 44.91 28.31
N LYS D 31 -19.43 44.95 28.56
CA LYS D 31 -18.62 43.79 28.97
C LYS D 31 -18.72 42.65 27.96
N GLU D 32 -18.78 43.00 26.68
CA GLU D 32 -18.72 42.01 25.61
C GLU D 32 -17.92 42.59 24.47
N GLN D 33 -17.03 41.80 23.88
CA GLN D 33 -16.23 42.27 22.76
C GLN D 33 -17.00 42.12 21.46
N ARG D 34 -17.08 43.20 20.71
CA ARG D 34 -17.76 43.23 19.42
C ARG D 34 -16.75 43.60 18.34
N LYS D 35 -16.75 42.85 17.26
CA LYS D 35 -15.83 43.07 16.15
C LYS D 35 -16.52 43.87 15.05
N PHE D 36 -15.80 44.87 14.54
CA PHE D 36 -16.30 45.75 13.49
C PHE D 36 -15.27 45.79 12.36
N CYS D 37 -15.76 46.08 11.16
CA CYS D 37 -14.90 46.24 10.00
C CYS D 37 -15.09 47.64 9.41
N LEU D 38 -14.01 48.18 8.87
CA LEU D 38 -14.07 49.51 8.28
C LEU D 38 -14.77 49.44 6.93
N ALA D 39 -15.85 50.20 6.76
CA ALA D 39 -16.65 50.16 5.55
C ALA D 39 -16.99 51.58 5.11
N ALA D 40 -17.31 51.72 3.82
CA ALA D 40 -17.76 52.98 3.27
C ALA D 40 -18.52 52.71 1.97
N GLU D 41 -19.42 53.61 1.63
CA GLU D 41 -20.13 53.57 0.35
C GLU D 41 -19.49 54.57 -0.61
N GLY D 42 -19.71 54.33 -1.90
CA GLY D 42 -19.14 55.22 -2.90
C GLY D 42 -20.01 56.42 -3.20
N LEU D 43 -21.23 56.18 -3.67
CA LEU D 43 -22.13 57.26 -4.05
C LEU D 43 -23.02 57.64 -2.89
N GLY D 44 -23.30 58.94 -2.76
CA GLY D 44 -24.21 59.46 -1.76
C GLY D 44 -23.59 59.77 -0.41
N ASN D 45 -22.69 58.91 0.06
CA ASN D 45 -22.09 59.08 1.38
C ASN D 45 -20.64 58.60 1.31
N ARG D 46 -19.70 59.52 1.37
CA ARG D 46 -18.29 59.19 1.31
C ARG D 46 -17.65 58.95 2.66
N LEU D 47 -18.38 59.20 3.75
CA LEU D 47 -17.82 58.99 5.08
C LEU D 47 -17.78 57.51 5.43
N CYS D 48 -16.85 57.16 6.30
CA CYS D 48 -16.65 55.78 6.72
C CYS D 48 -17.49 55.46 7.94
N PHE D 49 -17.87 54.19 8.06
CA PHE D 49 -18.58 53.67 9.21
C PHE D 49 -17.99 52.31 9.55
N LEU D 50 -18.50 51.72 10.63
CA LEU D 50 -18.04 50.41 11.08
C LEU D 50 -19.18 49.41 10.96
N GLU D 51 -18.95 48.35 10.20
CA GLU D 51 -19.92 47.29 9.99
C GLU D 51 -19.70 46.20 11.02
N PRO D 52 -20.68 45.90 11.88
CA PRO D 52 -20.49 44.83 12.86
C PRO D 52 -20.46 43.46 12.21
N THR D 53 -19.56 42.61 12.69
CA THR D 53 -19.39 41.27 12.16
C THR D 53 -19.41 40.19 13.23
N SER D 54 -19.70 40.54 14.48
CA SER D 54 -19.70 39.53 15.54
C SER D 54 -20.91 38.62 15.43
N GLU D 55 -22.10 39.18 15.20
CA GLU D 55 -23.33 38.40 15.10
C GLU D 55 -23.64 38.02 13.66
N ALA D 56 -22.68 37.39 12.99
CA ALA D 56 -22.88 37.00 11.60
C ALA D 56 -23.79 35.79 11.46
N LYS D 57 -24.01 35.04 12.54
CA LYS D 57 -24.87 33.87 12.47
C LYS D 57 -26.35 34.26 12.39
N TYR D 58 -26.71 35.38 13.01
CA TYR D 58 -28.10 35.83 13.03
C TYR D 58 -28.41 36.90 12.00
N VAL D 59 -27.49 37.84 11.78
CA VAL D 59 -27.66 38.91 10.81
C VAL D 59 -26.47 38.88 9.86
N PRO D 60 -26.68 38.83 8.54
CA PRO D 60 -25.54 38.73 7.62
C PRO D 60 -24.78 40.04 7.54
N PRO D 61 -23.46 40.01 7.63
CA PRO D 61 -22.67 41.21 7.43
C PRO D 61 -22.61 41.60 5.95
N ASP D 62 -22.40 42.88 5.71
CA ASP D 62 -22.28 43.42 4.35
C ASP D 62 -20.80 43.69 4.09
N LEU D 63 -20.09 42.66 3.63
CA LEU D 63 -18.66 42.75 3.40
C LEU D 63 -18.30 43.21 2.00
N CYS D 64 -19.29 43.57 1.18
CA CYS D 64 -19.01 44.14 -0.13
C CYS D 64 -18.29 45.48 0.00
N VAL D 65 -18.71 46.29 0.97
CA VAL D 65 -18.14 47.63 1.15
C VAL D 65 -16.97 47.65 2.12
N CYS D 66 -16.59 46.52 2.70
CA CYS D 66 -15.48 46.45 3.63
C CYS D 66 -14.15 46.11 2.95
N ASN D 67 -14.15 45.79 1.66
CA ASN D 67 -12.94 45.32 1.01
C ASN D 67 -12.10 46.50 0.54
N PHE D 68 -10.80 46.44 0.82
CA PHE D 68 -9.83 47.41 0.33
C PHE D 68 -8.69 46.65 -0.34
N VAL D 69 -8.04 47.32 -1.28
CA VAL D 69 -6.94 46.74 -2.05
C VAL D 69 -5.67 47.49 -1.71
N LEU D 70 -4.63 46.76 -1.33
CA LEU D 70 -3.32 47.33 -1.02
C LEU D 70 -2.62 47.66 -2.35
N GLU D 71 -2.67 48.94 -2.75
CA GLU D 71 -2.07 49.32 -4.02
C GLU D 71 -0.55 49.42 -3.93
N GLN D 72 -0.05 50.31 -3.07
CA GLN D 72 1.38 50.55 -2.95
C GLN D 72 1.79 50.51 -1.49
N SER D 73 3.04 50.12 -1.25
CA SER D 73 3.60 49.92 0.08
C SER D 73 4.98 50.55 0.17
N LEU D 74 5.08 51.82 -0.19
CA LEU D 74 6.38 52.46 -0.34
C LEU D 74 7.00 52.75 1.02
N SER D 75 8.29 53.09 1.00
CA SER D 75 8.96 53.56 2.20
C SER D 75 8.69 55.05 2.39
N VAL D 76 9.04 55.56 3.57
CA VAL D 76 8.76 56.96 3.91
C VAL D 76 9.62 57.89 3.07
N ARG D 77 10.92 57.61 2.96
CA ARG D 77 11.80 58.41 2.11
C ARG D 77 11.42 58.28 0.64
N ALA D 78 11.05 57.07 0.22
CA ALA D 78 10.58 56.88 -1.15
C ALA D 78 9.28 57.64 -1.40
N LEU D 79 8.39 57.67 -0.41
CA LEU D 79 7.15 58.44 -0.54
C LEU D 79 7.43 59.93 -0.65
N GLN D 80 8.38 60.44 0.16
CA GLN D 80 8.75 61.85 0.08
C GLN D 80 9.35 62.19 -1.27
N GLU D 81 10.22 61.32 -1.80
CA GLU D 81 10.80 61.56 -3.11
C GLU D 81 9.75 61.52 -4.21
N MET D 82 8.80 60.58 -4.13
CA MET D 82 7.74 60.49 -5.13
C MET D 82 6.82 61.70 -5.08
N LEU D 83 6.49 62.18 -3.88
CA LEU D 83 5.63 63.34 -3.78
C LEU D 83 6.35 64.62 -4.19
N ALA D 84 7.67 64.69 -3.97
CA ALA D 84 8.43 65.86 -4.42
C ALA D 84 8.57 65.87 -5.94
N ASN D 85 8.83 64.71 -6.54
CA ASN D 85 8.99 64.64 -7.99
C ASN D 85 7.64 64.70 -8.70
N THR D 86 6.77 63.73 -8.41
CA THR D 86 5.42 63.62 -8.98
C THR D 86 5.39 63.61 -10.51
N GLY D 99 5.57 45.06 -8.69
CA GLY D 99 4.40 44.21 -8.75
C GLY D 99 3.85 43.85 -7.38
N HIS D 100 4.39 42.78 -6.80
CA HIS D 100 4.00 42.32 -5.47
C HIS D 100 5.19 42.45 -4.55
N ARG D 101 5.03 43.23 -3.48
CA ARG D 101 6.08 43.38 -2.48
C ARG D 101 5.46 43.29 -1.09
N THR D 102 6.20 42.68 -0.17
CA THR D 102 5.69 42.44 1.17
C THR D 102 5.63 43.74 1.96
N LEU D 103 4.54 43.92 2.70
CA LEU D 103 4.38 45.08 3.55
C LEU D 103 5.32 44.98 4.74
N LEU D 104 6.02 46.07 5.03
CA LEU D 104 6.94 46.14 6.15
C LEU D 104 6.45 47.17 7.15
N TYR D 105 6.79 46.95 8.42
CA TYR D 105 6.46 47.92 9.46
C TYR D 105 7.25 49.20 9.25
N GLY D 106 6.57 50.33 9.40
CA GLY D 106 7.16 51.62 9.10
C GLY D 106 6.96 52.09 7.68
N HIS D 107 6.33 51.29 6.82
CA HIS D 107 6.08 51.68 5.44
C HIS D 107 4.74 52.40 5.33
N ALA D 108 4.61 53.18 4.26
CA ALA D 108 3.39 53.91 3.95
C ALA D 108 2.66 53.19 2.83
N ILE D 109 1.40 52.84 3.09
CA ILE D 109 0.58 52.08 2.16
C ILE D 109 -0.54 52.97 1.64
N LEU D 110 -1.07 52.57 0.49
CA LEU D 110 -2.20 53.23 -0.16
C LEU D 110 -3.35 52.24 -0.24
N LEU D 111 -4.51 52.62 0.28
CA LEU D 111 -5.68 51.75 0.32
C LEU D 111 -6.73 52.24 -0.67
N ARG D 112 -7.17 51.35 -1.56
CA ARG D 112 -8.19 51.67 -2.54
C ARG D 112 -9.44 50.87 -2.25
N HIS D 113 -10.57 51.55 -2.20
CA HIS D 113 -11.84 50.89 -1.96
C HIS D 113 -12.18 49.98 -3.14
N SER D 114 -12.50 48.72 -2.83
CA SER D 114 -12.63 47.72 -3.90
C SER D 114 -13.89 47.94 -4.71
N PHE D 115 -14.98 48.36 -4.06
CA PHE D 115 -16.24 48.55 -4.79
C PHE D 115 -16.23 49.86 -5.57
N SER D 116 -16.04 50.98 -4.89
CA SER D 116 -16.17 52.29 -5.54
C SER D 116 -14.95 52.68 -6.34
N GLY D 117 -13.78 52.12 -6.05
CA GLY D 117 -12.56 52.55 -6.69
C GLY D 117 -11.93 53.77 -6.09
N MET D 118 -12.50 54.32 -5.02
CA MET D 118 -11.95 55.49 -4.35
C MET D 118 -10.86 55.05 -3.37
N TYR D 119 -10.23 56.03 -2.75
CA TYR D 119 -9.11 55.81 -1.84
C TYR D 119 -9.47 56.30 -0.45
N LEU D 120 -8.97 55.60 0.56
CA LEU D 120 -9.18 55.98 1.94
C LEU D 120 -8.36 57.22 2.28
N THR D 121 -9.04 58.28 2.67
CA THR D 121 -8.43 59.60 2.85
C THR D 121 -8.79 60.14 4.22
N CYS D 122 -7.79 60.67 4.92
CA CYS D 122 -8.03 61.43 6.16
C CYS D 122 -8.53 62.81 5.77
N LEU D 123 -9.79 63.11 6.07
CA LEU D 123 -10.42 64.35 5.64
C LEU D 123 -10.17 65.46 6.64
N THR D 124 -10.05 66.69 6.12
CA THR D 124 -9.81 67.84 6.99
C THR D 124 -11.04 68.25 7.76
N THR D 125 -12.24 67.87 7.31
CA THR D 125 -13.46 68.19 8.02
C THR D 125 -13.59 67.33 9.27
N SER D 126 -14.39 67.80 10.21
CA SER D 126 -14.62 67.09 11.46
C SER D 126 -16.09 67.19 11.85
N ARG D 127 -16.56 66.16 12.55
CA ARG D 127 -17.93 66.15 13.06
C ARG D 127 -18.04 65.56 14.45
N SER D 128 -16.93 65.21 15.10
CA SER D 128 -16.97 64.59 16.42
C SER D 128 -17.22 65.65 17.49
N GLN D 129 -18.33 65.51 18.21
CA GLN D 129 -18.61 66.42 19.31
C GLN D 129 -17.77 66.12 20.53
N THR D 130 -17.40 64.86 20.73
CA THR D 130 -16.62 64.49 21.91
C THR D 130 -15.16 64.96 21.78
N ASP D 131 -14.55 64.76 20.61
CA ASP D 131 -13.15 65.08 20.39
C ASP D 131 -13.05 66.23 19.40
N LYS D 132 -12.54 67.37 19.87
CA LYS D 132 -12.38 68.53 19.01
C LYS D 132 -11.17 68.41 18.08
N LEU D 133 -10.21 67.56 18.43
CA LEU D 133 -8.97 67.43 17.65
C LEU D 133 -9.03 66.29 16.64
N ALA D 134 -10.16 65.58 16.56
CA ALA D 134 -10.28 64.45 15.66
C ALA D 134 -10.76 64.90 14.28
N PHE D 135 -10.39 64.13 13.27
CA PHE D 135 -10.75 64.41 11.88
C PHE D 135 -11.56 63.26 11.31
N ASP D 136 -12.37 63.57 10.30
CA ASP D 136 -13.15 62.56 9.62
C ASP D 136 -12.29 61.75 8.66
N VAL D 137 -12.67 60.49 8.46
CA VAL D 137 -12.01 59.58 7.54
C VAL D 137 -13.04 59.13 6.50
N GLY D 138 -12.69 59.24 5.23
CA GLY D 138 -13.63 58.90 4.18
C GLY D 138 -13.02 58.41 2.90
N LEU D 139 -13.75 58.55 1.79
CA LEU D 139 -13.28 58.13 0.48
C LEU D 139 -13.10 59.36 -0.42
N ARG D 140 -12.04 59.35 -1.22
CA ARG D 140 -11.78 60.41 -2.18
C ARG D 140 -11.46 59.79 -3.54
N GLU D 141 -11.82 60.51 -4.60
CA GLU D 141 -11.76 59.96 -5.94
C GLU D 141 -10.32 59.74 -6.41
N ASN D 142 -9.41 60.66 -6.07
CA ASN D 142 -8.05 60.61 -6.54
C ASN D 142 -7.08 60.45 -5.37
N ALA D 143 -5.94 59.82 -5.66
CA ALA D 143 -4.89 59.63 -4.65
C ALA D 143 -3.80 60.66 -4.88
N THR D 144 -4.03 61.85 -4.31
CA THR D 144 -3.12 62.98 -4.46
C THR D 144 -2.67 63.46 -3.08
N GLY D 145 -1.37 63.68 -2.93
CA GLY D 145 -0.83 64.21 -1.71
C GLY D 145 -0.65 63.18 -0.61
N GLU D 146 -0.43 63.68 0.60
CA GLU D 146 -0.20 62.83 1.76
C GLU D 146 -1.48 62.38 2.42
N ALA D 147 -2.64 62.87 1.99
CA ALA D 147 -3.88 62.62 2.70
C ALA D 147 -4.41 61.21 2.53
N CYS D 148 -3.86 60.42 1.62
CA CYS D 148 -4.35 59.07 1.36
C CYS D 148 -3.37 57.98 1.76
N TRP D 149 -2.18 58.33 2.23
CA TRP D 149 -1.16 57.36 2.60
C TRP D 149 -1.17 57.14 4.10
N TRP D 150 -1.02 55.89 4.52
CA TRP D 150 -1.07 55.54 5.94
C TRP D 150 0.16 54.73 6.31
N THR D 151 0.84 55.10 7.38
CA THR D 151 2.00 54.36 7.85
C THR D 151 1.58 53.28 8.83
N ILE D 152 2.20 52.11 8.69
CA ILE D 152 1.92 50.93 9.51
C ILE D 152 2.94 50.86 10.62
N HIS D 153 2.48 50.68 11.85
CA HIS D 153 3.38 50.59 13.00
C HIS D 153 2.99 49.41 13.87
N PRO D 154 3.96 48.79 14.53
CA PRO D 154 3.66 47.64 15.40
C PRO D 154 2.89 48.05 16.64
N ALA D 155 2.11 47.09 17.16
CA ALA D 155 1.30 47.34 18.34
C ALA D 155 2.03 47.08 19.65
N SER D 156 3.15 46.36 19.61
CA SER D 156 3.85 45.98 20.83
C SER D 156 5.33 45.80 20.50
N LYS D 157 6.10 45.31 21.48
CA LYS D 157 7.53 45.10 21.31
C LYS D 157 7.85 43.80 20.58
N GLN D 158 6.85 42.95 20.32
CA GLN D 158 7.09 41.68 19.63
C GLN D 158 7.52 41.90 18.18
N ARG D 159 7.12 43.00 17.57
CA ARG D 159 7.51 43.34 16.21
C ARG D 159 8.42 44.55 16.22
N SER D 160 8.97 44.87 15.04
CA SER D 160 9.85 46.01 14.90
C SER D 160 9.77 46.51 13.46
N GLU D 161 10.24 47.73 13.26
CA GLU D 161 10.23 48.33 11.94
C GLU D 161 11.20 47.61 11.00
N GLY D 162 10.78 47.46 9.74
CA GLY D 162 11.54 46.69 8.78
C GLY D 162 11.20 45.22 8.72
N GLU D 163 10.37 44.73 9.65
CA GLU D 163 9.94 43.35 9.63
C GLU D 163 8.70 43.21 8.74
N LYS D 164 8.54 42.01 8.17
CA LYS D 164 7.39 41.75 7.32
C LYS D 164 6.11 41.67 8.14
N VAL D 165 5.04 42.26 7.62
CA VAL D 165 3.75 42.24 8.29
C VAL D 165 3.11 40.87 8.08
N ARG D 166 2.76 40.21 9.17
CA ARG D 166 2.20 38.87 9.13
C ARG D 166 0.68 38.93 9.21
N ILE D 167 0.04 37.90 8.66
CA ILE D 167 -1.42 37.82 8.68
C ILE D 167 -1.88 37.53 10.10
N GLY D 168 -2.76 38.38 10.62
CA GLY D 168 -3.25 38.25 11.98
C GLY D 168 -2.59 39.18 12.98
N ASP D 169 -1.69 40.04 12.54
CA ASP D 169 -1.03 40.98 13.45
C ASP D 169 -1.95 42.15 13.77
N ASP D 170 -1.67 42.80 14.90
CA ASP D 170 -2.35 44.03 15.27
C ASP D 170 -1.51 45.20 14.79
N LEU D 171 -2.08 46.03 13.93
CA LEU D 171 -1.35 47.13 13.32
C LEU D 171 -1.88 48.45 13.85
N ILE D 172 -1.07 49.49 13.69
CA ILE D 172 -1.45 50.87 14.01
C ILE D 172 -1.27 51.70 12.75
N LEU D 173 -2.35 52.33 12.30
CA LEU D 173 -2.33 53.13 11.08
C LEU D 173 -2.27 54.61 11.44
N VAL D 174 -1.26 55.30 10.92
CA VAL D 174 -1.07 56.72 11.20
C VAL D 174 -1.14 57.48 9.88
N SER D 175 -1.95 58.54 9.86
CA SER D 175 -2.04 59.37 8.66
C SER D 175 -0.73 60.10 8.42
N VAL D 176 -0.29 60.12 7.17
CA VAL D 176 0.93 60.84 6.82
C VAL D 176 0.69 62.35 6.89
N SER D 177 -0.48 62.80 6.44
CA SER D 177 -0.73 64.23 6.33
C SER D 177 -0.97 64.87 7.70
N SER D 178 -1.74 64.22 8.58
CA SER D 178 -2.15 64.83 9.82
C SER D 178 -1.51 64.23 11.06
N GLU D 179 -0.73 63.16 10.92
CA GLU D 179 -0.07 62.45 12.03
C GLU D 179 -1.06 62.02 13.10
N ARG D 180 -2.15 61.40 12.66
CA ARG D 180 -3.22 60.96 13.54
C ARG D 180 -3.49 59.48 13.34
N TYR D 181 -3.74 58.78 14.44
CA TYR D 181 -4.11 57.38 14.39
C TYR D 181 -5.53 57.20 13.86
N LEU D 182 -5.74 56.12 13.11
CA LEU D 182 -7.09 55.66 12.83
C LEU D 182 -7.65 55.03 14.08
N HIS D 183 -8.75 55.58 14.59
CA HIS D 183 -9.15 55.36 15.98
C HIS D 183 -10.65 55.07 16.06
N LEU D 184 -11.00 54.15 16.95
CA LEU D 184 -12.38 53.79 17.23
C LEU D 184 -12.87 54.63 18.42
N SER D 185 -13.99 55.30 18.23
CA SER D 185 -14.61 56.10 19.28
C SER D 185 -15.91 55.45 19.72
N VAL D 186 -16.05 55.26 21.03
CA VAL D 186 -17.27 54.72 21.64
C VAL D 186 -17.91 55.81 22.48
N SER D 187 -19.19 56.04 22.26
CA SER D 187 -19.92 57.09 22.97
C SER D 187 -21.36 56.64 23.18
N ASN D 188 -21.68 56.25 24.42
CA ASN D 188 -23.02 55.83 24.83
C ASN D 188 -23.54 54.67 23.98
N GLY D 189 -22.65 53.74 23.65
CA GLY D 189 -22.98 52.62 22.81
C GLY D 189 -22.80 52.86 21.33
N ASN D 190 -22.70 54.12 20.91
CA ASN D 190 -22.45 54.43 19.51
C ASN D 190 -20.99 54.20 19.19
N VAL D 191 -20.72 53.68 17.99
CA VAL D 191 -19.40 53.28 17.57
C VAL D 191 -19.08 54.00 16.26
N GLN D 192 -17.97 54.74 16.25
CA GLN D 192 -17.57 55.51 15.08
C GLN D 192 -16.06 55.39 14.87
N VAL D 193 -15.59 55.85 13.72
CA VAL D 193 -14.18 55.78 13.36
C VAL D 193 -13.73 57.18 12.92
N ASP D 194 -12.58 57.62 13.43
CA ASP D 194 -12.07 58.94 13.10
C ASP D 194 -10.54 58.94 13.22
N ALA D 195 -9.91 59.98 12.66
CA ALA D 195 -8.48 60.17 12.81
C ALA D 195 -8.25 61.01 14.06
N SER D 196 -7.81 60.36 15.13
CA SER D 196 -7.65 60.98 16.44
C SER D 196 -6.19 60.92 16.89
N PHE D 197 -5.91 61.47 18.06
CA PHE D 197 -4.58 61.37 18.65
C PHE D 197 -4.45 60.19 19.61
N MET D 198 -5.50 59.40 19.77
CA MET D 198 -5.46 58.15 20.52
C MET D 198 -5.38 56.99 19.55
N GLN D 199 -4.65 55.95 19.95
CA GLN D 199 -4.42 54.83 19.04
C GLN D 199 -5.47 53.74 19.23
N THR D 200 -5.61 52.91 18.19
CA THR D 200 -6.52 51.79 18.19
C THR D 200 -5.91 50.71 17.31
N LEU D 201 -5.90 49.47 17.80
CA LEU D 201 -5.32 48.36 17.07
C LEU D 201 -6.30 47.84 16.03
N TRP D 202 -5.77 47.50 14.85
CA TRP D 202 -6.56 46.97 13.76
C TRP D 202 -6.00 45.64 13.30
N ASN D 203 -6.90 44.69 13.01
CA ASN D 203 -6.54 43.42 12.41
C ASN D 203 -6.81 43.49 10.92
N VAL D 204 -5.88 42.97 10.13
CA VAL D 204 -5.98 43.00 8.68
C VAL D 204 -6.15 41.56 8.22
N HIS D 205 -7.40 41.16 8.00
CA HIS D 205 -7.70 39.82 7.51
C HIS D 205 -7.75 39.82 5.99
N PRO D 206 -6.92 39.06 5.30
CA PRO D 206 -7.00 39.02 3.83
C PRO D 206 -8.23 38.25 3.38
N THR D 207 -8.96 38.82 2.43
CA THR D 207 -10.08 38.12 1.82
C THR D 207 -9.72 37.47 0.50
N CYS D 208 -8.79 38.04 -0.25
CA CYS D 208 -8.38 37.45 -1.52
C CYS D 208 -6.93 37.80 -1.79
N SER D 209 -6.08 36.78 -1.88
CA SER D 209 -4.68 36.99 -2.22
C SER D 209 -4.54 37.35 -3.70
N GLY D 210 -3.71 38.34 -3.98
CA GLY D 210 -3.51 38.81 -5.33
C GLY D 210 -2.59 37.96 -6.19
N SER D 211 -1.96 36.94 -5.60
CA SER D 211 -1.10 36.06 -6.39
C SER D 211 -1.92 35.21 -7.35
N SER D 212 -3.07 34.72 -6.90
CA SER D 212 -3.94 33.91 -7.76
C SER D 212 -4.72 34.82 -8.68
N ILE D 213 -4.57 34.64 -9.98
CA ILE D 213 -5.25 35.46 -10.97
C ILE D 213 -6.03 34.57 -11.92
N GLU D 214 -6.40 33.38 -11.45
CA GLU D 214 -7.19 32.46 -12.25
C GLU D 214 -8.61 32.99 -12.43
N GLU D 215 -9.17 32.78 -13.61
CA GLU D 215 -10.51 33.23 -13.93
C GLU D 215 -11.37 32.04 -14.36
N GLY D 216 -12.68 32.27 -14.42
CA GLY D 216 -13.61 31.25 -14.84
C GLY D 216 -14.15 30.37 -13.73
N TYR D 217 -13.68 30.54 -12.50
CA TYR D 217 -14.11 29.72 -11.38
C TYR D 217 -14.78 30.59 -10.32
N LEU D 218 -15.74 29.98 -9.62
CA LEU D 218 -16.58 30.72 -8.68
C LEU D 218 -15.79 31.09 -7.43
N LEU D 219 -15.60 32.38 -7.20
CA LEU D 219 -15.02 32.91 -5.98
C LEU D 219 -16.12 33.48 -5.11
N GLY D 220 -15.83 33.60 -3.81
CA GLY D 220 -16.78 34.18 -2.90
C GLY D 220 -16.92 35.67 -3.11
N GLY D 221 -18.12 36.17 -2.86
CA GLY D 221 -18.42 37.57 -3.11
C GLY D 221 -18.65 37.93 -4.56
N HIS D 222 -18.76 36.94 -5.43
CA HIS D 222 -19.05 37.17 -6.83
C HIS D 222 -20.54 37.38 -7.05
N VAL D 223 -20.86 38.21 -8.04
CA VAL D 223 -22.25 38.46 -8.43
C VAL D 223 -22.53 37.65 -9.69
N VAL D 224 -23.52 36.76 -9.61
CA VAL D 224 -23.74 35.75 -10.64
C VAL D 224 -25.21 35.73 -11.05
N ARG D 225 -25.46 35.16 -12.22
CA ARG D 225 -26.79 34.76 -12.68
C ARG D 225 -26.85 33.24 -12.73
N LEU D 226 -27.98 32.69 -12.26
CA LEU D 226 -28.18 31.25 -12.16
C LEU D 226 -29.15 30.84 -13.25
N PHE D 227 -28.61 30.51 -14.43
CA PHE D 227 -29.43 30.13 -15.56
C PHE D 227 -29.94 28.70 -15.43
N HIS D 228 -31.21 28.51 -15.72
CA HIS D 228 -31.84 27.18 -15.74
C HIS D 228 -31.90 26.73 -17.19
N GLY D 229 -30.97 25.88 -17.57
CA GLY D 229 -30.84 25.47 -18.97
C GLY D 229 -29.96 26.46 -19.75
N HIS D 230 -30.58 27.17 -20.69
CA HIS D 230 -29.87 28.15 -21.51
C HIS D 230 -30.56 29.49 -21.64
N ASP D 231 -31.85 29.58 -21.37
CA ASP D 231 -32.59 30.83 -21.50
C ASP D 231 -33.22 31.30 -20.20
N GLU D 232 -33.77 30.40 -19.41
CA GLU D 232 -34.38 30.78 -18.15
C GLU D 232 -33.33 31.20 -17.14
N CYS D 233 -33.77 32.03 -16.18
CA CYS D 233 -32.89 32.47 -15.10
C CYS D 233 -33.74 32.76 -13.87
N LEU D 234 -33.06 32.85 -12.73
CA LEU D 234 -33.71 33.08 -11.44
C LEU D 234 -33.96 34.57 -11.26
N THR D 235 -35.21 34.95 -11.04
CA THR D 235 -35.59 36.36 -11.00
C THR D 235 -36.70 36.56 -9.97
N ILE D 236 -37.04 37.83 -9.76
CA ILE D 236 -38.20 38.23 -8.97
C ILE D 236 -39.03 39.18 -9.82
N PRO D 237 -40.34 39.31 -9.53
CA PRO D 237 -41.18 40.18 -10.37
C PRO D 237 -40.79 41.65 -10.38
N SER D 238 -40.40 42.23 -9.25
CA SER D 238 -40.20 43.68 -9.22
C SER D 238 -39.21 44.05 -8.14
N THR D 239 -38.44 45.11 -8.42
CA THR D 239 -37.52 45.68 -7.43
C THR D 239 -38.27 46.50 -6.38
N ASP D 240 -39.34 47.17 -6.77
CA ASP D 240 -40.08 48.05 -5.87
C ASP D 240 -40.72 47.26 -4.75
N GLN D 241 -40.35 47.59 -3.51
CA GLN D 241 -40.76 46.83 -2.34
C GLN D 241 -42.14 47.21 -1.83
N ASN D 242 -42.80 48.19 -2.45
CA ASN D 242 -44.20 48.44 -2.14
C ASN D 242 -45.09 47.34 -2.71
N ASP D 243 -44.65 46.69 -3.79
CA ASP D 243 -45.35 45.53 -4.30
C ASP D 243 -45.26 44.37 -3.32
N ALA D 244 -46.38 43.70 -3.09
CA ALA D 244 -46.43 42.62 -2.10
C ALA D 244 -45.89 41.30 -2.64
N GLN D 245 -45.74 41.17 -3.97
CA GLN D 245 -45.29 39.93 -4.58
C GLN D 245 -43.86 40.04 -5.11
N HIS D 246 -43.06 40.96 -4.57
CA HIS D 246 -41.68 41.11 -5.00
C HIS D 246 -40.73 40.14 -4.31
N ARG D 247 -41.22 39.33 -3.38
CA ARG D 247 -40.39 38.38 -2.65
C ARG D 247 -40.48 36.96 -3.21
N ARG D 248 -41.26 36.76 -4.26
CA ARG D 248 -41.39 35.43 -4.86
C ARG D 248 -40.33 35.25 -5.94
N ILE D 249 -39.92 34.00 -6.14
CA ILE D 249 -38.78 33.65 -6.96
C ILE D 249 -39.26 32.81 -8.13
N PHE D 250 -38.85 33.18 -9.35
CA PHE D 250 -39.33 32.52 -10.55
C PHE D 250 -38.17 32.19 -11.49
N TYR D 251 -38.38 31.16 -12.29
CA TYR D 251 -37.59 30.92 -13.50
C TYR D 251 -38.28 31.64 -14.65
N GLU D 252 -37.65 32.70 -15.15
CA GLU D 252 -38.21 33.49 -16.23
C GLU D 252 -37.24 33.50 -17.41
N ALA D 253 -37.80 33.53 -18.62
CA ALA D 253 -37.02 33.52 -19.84
C ALA D 253 -37.45 34.66 -20.73
N GLY D 254 -36.47 35.33 -21.33
CA GLY D 254 -36.74 36.41 -22.26
C GLY D 254 -36.57 37.77 -21.64
N GLY D 255 -35.41 38.40 -21.86
CA GLY D 255 -35.11 39.69 -21.30
C GLY D 255 -34.68 39.68 -19.85
N ALA D 256 -35.01 38.64 -19.09
CA ALA D 256 -34.67 38.60 -17.67
C ALA D 256 -33.19 38.32 -17.44
N GLY D 257 -32.49 37.77 -18.41
CA GLY D 257 -31.08 37.49 -18.29
C GLY D 257 -30.17 38.68 -18.47
N THR D 258 -30.73 39.84 -18.79
CA THR D 258 -29.95 41.06 -18.96
C THR D 258 -30.35 42.16 -17.97
N ARG D 259 -31.31 41.89 -17.09
CA ARG D 259 -31.74 42.87 -16.11
C ARG D 259 -30.92 42.75 -14.83
N ALA D 260 -31.18 43.64 -13.89
CA ALA D 260 -30.51 43.66 -12.60
C ALA D 260 -31.27 42.90 -11.52
N ARG D 261 -32.46 42.38 -11.83
CA ARG D 261 -33.19 41.56 -10.88
C ARG D 261 -32.72 40.10 -10.89
N SER D 262 -31.91 39.71 -11.86
CA SER D 262 -31.38 38.36 -11.95
C SER D 262 -30.00 38.23 -11.32
N LEU D 263 -29.57 39.23 -10.55
CA LEU D 263 -28.23 39.27 -10.01
C LEU D 263 -28.24 38.86 -8.55
N TRP D 264 -27.40 37.88 -8.20
CA TRP D 264 -27.28 37.38 -6.85
C TRP D 264 -25.81 37.36 -6.45
N ARG D 265 -25.54 37.73 -5.21
CA ARG D 265 -24.18 37.65 -4.66
C ARG D 265 -24.06 36.40 -3.80
N VAL D 266 -22.98 35.66 -4.02
CA VAL D 266 -22.66 34.45 -3.26
C VAL D 266 -21.77 34.87 -2.10
N GLU D 267 -22.30 34.75 -0.88
CA GLU D 267 -21.60 35.23 0.31
C GLU D 267 -21.25 34.05 1.21
N PRO D 268 -19.98 33.67 1.31
CA PRO D 268 -19.62 32.57 2.21
C PRO D 268 -19.78 32.98 3.66
N LEU D 269 -19.92 31.96 4.51
CA LEU D 269 -20.10 32.17 5.95
C LEU D 269 -18.76 32.30 6.67
N ARG D 270 -17.94 33.22 6.19
CA ARG D 270 -16.62 33.47 6.77
C ARG D 270 -16.23 34.91 6.48
N ILE D 271 -15.32 35.43 7.31
CA ILE D 271 -14.83 36.80 7.16
C ILE D 271 -13.44 36.82 6.53
N SER D 272 -12.54 35.98 7.02
CA SER D 272 -11.23 35.83 6.42
C SER D 272 -11.31 34.86 5.26
N TRP D 273 -10.64 35.23 4.16
CA TRP D 273 -10.60 34.45 2.91
C TRP D 273 -12.01 34.20 2.36
N SER D 274 -12.87 35.21 2.47
CA SER D 274 -14.21 35.13 1.92
C SER D 274 -14.26 35.42 0.44
N GLY D 275 -13.15 35.80 -0.18
CA GLY D 275 -13.09 36.00 -1.61
C GLY D 275 -12.39 34.86 -2.31
N SER D 276 -12.26 33.73 -1.61
CA SER D 276 -11.52 32.58 -2.13
C SER D 276 -12.47 31.67 -2.91
N ASN D 277 -11.96 30.51 -3.35
CA ASN D 277 -12.73 29.60 -4.17
C ASN D 277 -13.84 28.94 -3.38
N ILE D 278 -14.99 28.78 -4.02
CA ILE D 278 -16.13 28.09 -3.43
C ILE D 278 -16.06 26.62 -3.84
N ARG D 279 -16.15 25.73 -2.88
CA ARG D 279 -16.09 24.30 -3.11
C ARG D 279 -17.49 23.71 -3.19
N TRP D 280 -17.57 22.44 -3.59
CA TRP D 280 -18.83 21.73 -3.55
C TRP D 280 -19.21 21.43 -2.11
N GLY D 281 -20.47 21.70 -1.77
CA GLY D 281 -20.95 21.46 -0.43
C GLY D 281 -20.64 22.55 0.58
N GLN D 282 -20.05 23.67 0.15
CA GLN D 282 -19.76 24.77 1.05
C GLN D 282 -20.98 25.66 1.24
N ALA D 283 -21.25 26.04 2.48
CA ALA D 283 -22.40 26.87 2.78
C ALA D 283 -22.19 28.31 2.34
N PHE D 284 -23.25 28.95 1.89
CA PHE D 284 -23.22 30.37 1.55
C PHE D 284 -24.63 30.93 1.67
N ARG D 285 -24.74 32.24 1.50
CA ARG D 285 -26.01 32.94 1.35
C ARG D 285 -26.08 33.55 -0.03
N LEU D 286 -27.28 33.60 -0.59
CA LEU D 286 -27.54 34.26 -1.86
C LEU D 286 -28.28 35.56 -1.58
N ARG D 287 -27.64 36.69 -1.87
CA ARG D 287 -28.26 37.99 -1.64
C ARG D 287 -28.70 38.59 -2.97
N HIS D 288 -29.95 39.06 -3.01
CA HIS D 288 -30.46 39.74 -4.18
C HIS D 288 -30.00 41.20 -4.15
N ILE D 289 -29.40 41.65 -5.25
CA ILE D 289 -28.67 42.92 -5.22
C ILE D 289 -29.63 44.11 -5.21
N THR D 290 -30.67 44.08 -6.02
CA THR D 290 -31.54 45.26 -6.14
C THR D 290 -32.53 45.39 -4.98
N THR D 291 -32.74 44.35 -4.19
CA THR D 291 -33.61 44.43 -3.03
C THR D 291 -32.87 44.36 -1.71
N GLY D 292 -31.75 43.64 -1.66
CA GLY D 292 -31.05 43.44 -0.40
C GLY D 292 -31.58 42.31 0.44
N HIS D 293 -32.44 41.47 -0.12
CA HIS D 293 -33.05 40.36 0.60
C HIS D 293 -32.27 39.08 0.33
N TYR D 294 -32.46 38.10 1.19
CA TYR D 294 -31.74 36.84 1.12
C TYR D 294 -32.71 35.71 0.82
N LEU D 295 -32.27 34.79 -0.04
CA LEU D 295 -33.03 33.58 -0.31
C LEU D 295 -33.11 32.73 0.97
N ALA D 296 -34.32 32.29 1.31
CA ALA D 296 -34.53 31.67 2.60
C ALA D 296 -35.69 30.70 2.55
N LEU D 297 -35.69 29.78 3.52
CA LEU D 297 -36.83 28.91 3.81
C LEU D 297 -37.56 29.56 4.98
N THR D 298 -38.64 30.27 4.67
CA THR D 298 -39.41 30.96 5.70
C THR D 298 -40.26 29.96 6.49
N GLU D 299 -40.73 30.41 7.65
CA GLU D 299 -41.51 29.54 8.52
C GLU D 299 -42.90 29.26 7.93
N ASP D 300 -43.58 30.31 7.47
CA ASP D 300 -44.92 30.14 6.93
C ASP D 300 -44.90 29.67 5.49
N GLN D 301 -44.30 30.46 4.60
CA GLN D 301 -44.21 30.11 3.19
C GLN D 301 -43.01 29.19 2.96
N GLY D 302 -42.72 28.89 1.71
CA GLY D 302 -41.58 28.04 1.39
C GLY D 302 -40.34 28.85 1.05
N LEU D 303 -39.85 28.72 -0.18
CA LEU D 303 -38.70 29.50 -0.62
C LEU D 303 -39.13 30.93 -0.89
N LEU D 304 -38.45 31.88 -0.26
CA LEU D 304 -38.89 33.27 -0.30
C LEU D 304 -37.69 34.18 -0.04
N LEU D 305 -37.81 35.43 -0.48
CA LEU D 305 -36.86 36.44 -0.08
C LEU D 305 -37.20 36.95 1.31
N GLN D 306 -36.17 37.11 2.14
CA GLN D 306 -36.34 37.49 3.53
C GLN D 306 -35.46 38.70 3.84
N ASP D 307 -35.91 39.51 4.79
CA ASP D 307 -35.17 40.70 5.20
C ASP D 307 -33.84 40.32 5.83
N ARG D 308 -32.90 41.25 5.77
CA ARG D 308 -31.58 41.03 6.35
C ARG D 308 -31.64 40.90 7.86
N ALA D 309 -32.59 41.57 8.50
CA ALA D 309 -32.69 41.52 9.96
C ALA D 309 -33.18 40.18 10.47
N LYS D 310 -33.74 39.33 9.60
CA LYS D 310 -34.23 38.02 10.01
C LYS D 310 -33.49 36.87 9.34
N SER D 311 -32.43 37.17 8.58
CA SER D 311 -31.73 36.15 7.80
C SER D 311 -30.67 35.49 8.66
N ASP D 312 -31.11 34.55 9.49
CA ASP D 312 -30.18 33.75 10.27
C ASP D 312 -29.57 32.67 9.39
N THR D 313 -28.62 31.92 9.96
CA THR D 313 -27.91 30.91 9.19
C THR D 313 -28.80 29.73 8.84
N LYS D 314 -29.69 29.34 9.77
CA LYS D 314 -30.56 28.19 9.53
C LYS D 314 -31.53 28.44 8.38
N SER D 315 -32.07 29.67 8.29
CA SER D 315 -32.97 30.00 7.19
C SER D 315 -32.20 30.14 5.88
N THR D 316 -31.06 30.83 5.91
CA THR D 316 -30.31 31.18 4.70
C THR D 316 -29.01 30.37 4.69
N ALA D 317 -29.06 29.18 4.09
CA ALA D 317 -27.86 28.36 3.93
C ALA D 317 -28.09 27.44 2.74
N PHE D 318 -27.35 27.66 1.66
CA PHE D 318 -27.48 26.88 0.46
C PHE D 318 -26.10 26.44 0.00
N SER D 319 -26.05 25.29 -0.66
CA SER D 319 -24.79 24.74 -1.15
C SER D 319 -24.97 24.25 -2.58
N PHE D 320 -23.87 24.23 -3.31
CA PHE D 320 -23.82 23.72 -4.67
C PHE D 320 -23.33 22.28 -4.63
N ARG D 321 -24.12 21.37 -5.20
CA ARG D 321 -23.79 19.96 -5.25
C ARG D 321 -23.57 19.54 -6.69
N ALA D 322 -22.61 18.64 -6.90
CA ALA D 322 -22.35 18.15 -8.25
C ALA D 322 -23.46 17.23 -8.74
N SER D 323 -24.11 16.50 -7.83
CA SER D 323 -25.18 15.60 -8.19
C SER D 323 -26.05 15.37 -6.97
N LYS D 324 -27.23 14.79 -7.19
CA LYS D 324 -28.14 14.42 -6.12
C LYS D 324 -27.86 13.02 -5.59
N GLU D 325 -26.61 12.76 -5.23
CA GLU D 325 -26.16 11.44 -4.77
C GLU D 325 -25.50 11.61 -3.41
N ILE D 326 -26.26 11.46 -2.34
CA ILE D 326 -25.74 11.57 -0.99
C ILE D 326 -25.07 10.27 -0.58
N ARG D 336 -12.89 21.47 4.48
CA ARG D 336 -12.96 22.33 5.66
C ARG D 336 -12.64 23.77 5.31
N ASP D 337 -12.75 24.65 6.30
CA ASP D 337 -12.49 26.08 6.12
C ASP D 337 -10.98 26.32 6.23
N ILE D 338 -10.27 26.08 5.12
CA ILE D 338 -8.84 26.24 5.11
C ILE D 338 -8.48 27.72 5.00
N GLU D 339 -7.25 28.04 5.41
CA GLU D 339 -6.76 29.42 5.45
C GLU D 339 -5.97 29.69 4.18
N GLY D 340 -6.70 29.92 3.09
CA GLY D 340 -6.04 30.21 1.83
C GLY D 340 -7.06 30.34 0.71
N MET D 341 -6.54 30.50 -0.51
CA MET D 341 -7.40 30.62 -1.68
C MET D 341 -8.08 29.31 -2.05
N GLY D 342 -7.60 28.18 -1.55
CA GLY D 342 -8.26 26.93 -1.84
C GLY D 342 -7.97 26.45 -3.26
N VAL D 343 -8.81 25.51 -3.70
CA VAL D 343 -8.66 24.94 -5.04
C VAL D 343 -9.92 25.23 -5.85
N PRO D 344 -9.79 25.58 -7.13
CA PRO D 344 -10.97 25.88 -7.94
C PRO D 344 -11.75 24.61 -8.28
N GLU D 345 -13.03 24.60 -7.90
CA GLU D 345 -13.89 23.45 -8.15
C GLU D 345 -15.08 23.77 -9.05
N ILE D 346 -15.84 24.82 -8.74
CA ILE D 346 -17.02 25.18 -9.51
C ILE D 346 -16.60 26.15 -10.61
N LYS D 347 -17.03 25.88 -11.83
CA LYS D 347 -16.62 26.64 -13.00
C LYS D 347 -17.80 27.38 -13.60
N TYR D 348 -17.54 28.56 -14.14
CA TYR D 348 -18.57 29.36 -14.80
C TYR D 348 -18.87 28.79 -16.18
N GLY D 349 -20.14 28.54 -16.45
CA GLY D 349 -20.58 28.15 -17.76
C GLY D 349 -20.45 26.68 -18.10
N ASP D 350 -19.73 25.91 -17.28
CA ASP D 350 -19.50 24.49 -17.55
C ASP D 350 -20.08 23.60 -16.47
N SER D 351 -19.82 23.90 -15.20
CA SER D 351 -20.32 23.06 -14.11
C SER D 351 -21.82 23.21 -13.96
N VAL D 352 -22.48 22.08 -13.71
CA VAL D 352 -23.91 22.06 -13.45
C VAL D 352 -24.10 21.89 -11.94
N CYS D 353 -24.69 22.91 -11.31
CA CYS D 353 -24.78 22.99 -9.86
C CYS D 353 -26.21 22.74 -9.41
N PHE D 354 -26.36 21.88 -8.41
CA PHE D 354 -27.64 21.62 -7.78
C PHE D 354 -27.68 22.37 -6.46
N VAL D 355 -28.63 23.29 -6.32
CA VAL D 355 -28.73 24.09 -5.11
C VAL D 355 -29.49 23.30 -4.06
N GLN D 356 -28.88 23.13 -2.89
CA GLN D 356 -29.48 22.38 -1.81
C GLN D 356 -29.51 23.21 -0.54
N HIS D 357 -30.68 23.31 0.08
CA HIS D 357 -30.79 23.89 1.40
C HIS D 357 -30.13 22.96 2.42
N ILE D 358 -29.43 23.55 3.38
CA ILE D 358 -28.59 22.75 4.28
C ILE D 358 -29.34 22.34 5.54
N ALA D 359 -30.08 23.27 6.17
CA ALA D 359 -30.78 22.95 7.40
C ALA D 359 -31.99 22.03 7.17
N SER D 360 -32.40 21.81 5.93
CA SER D 360 -33.52 20.92 5.64
C SER D 360 -33.19 19.81 4.65
N GLY D 361 -32.18 19.96 3.81
CA GLY D 361 -31.87 18.97 2.80
C GLY D 361 -32.68 19.05 1.54
N LEU D 362 -33.53 20.06 1.40
CA LEU D 362 -34.39 20.19 0.24
C LEU D 362 -33.59 20.66 -0.98
N TRP D 363 -34.21 20.55 -2.15
CA TRP D 363 -33.61 20.94 -3.41
C TRP D 363 -34.42 22.06 -4.04
N VAL D 364 -33.73 22.99 -4.69
CA VAL D 364 -34.38 24.12 -5.35
C VAL D 364 -34.89 23.64 -6.70
N THR D 365 -36.20 23.47 -6.81
CA THR D 365 -36.85 22.94 -8.01
C THR D 365 -37.84 23.97 -8.53
N TYR D 366 -38.45 23.64 -9.67
CA TYR D 366 -39.51 24.45 -10.25
C TYR D 366 -40.84 23.72 -10.07
N LYS D 367 -41.87 24.48 -9.71
CA LYS D 367 -43.20 23.92 -9.59
C LYS D 367 -43.75 23.59 -10.97
N ALA D 368 -44.27 22.38 -11.13
CA ALA D 368 -44.75 21.93 -12.43
C ALA D 368 -46.03 22.64 -12.82
N GLN D 369 -46.06 23.18 -14.04
CA GLN D 369 -47.22 23.91 -14.53
C GLN D 369 -48.26 22.97 -15.13
N PRO D 378 -46.31 34.25 -19.40
CA PRO D 378 -45.36 33.62 -20.32
C PRO D 378 -44.69 32.40 -19.70
N LEU D 379 -43.47 32.11 -20.13
CA LEU D 379 -42.67 31.05 -19.53
C LEU D 379 -42.13 31.58 -18.21
N LYS D 380 -42.85 31.29 -17.13
CA LYS D 380 -42.54 31.83 -15.80
C LYS D 380 -42.92 30.75 -14.79
N ARG D 381 -41.92 30.00 -14.33
CA ARG D 381 -42.15 28.87 -13.44
C ARG D 381 -41.90 29.29 -11.99
N LYS D 382 -42.79 28.90 -11.10
CA LYS D 382 -42.58 29.16 -9.67
C LYS D 382 -41.49 28.25 -9.13
N VAL D 383 -40.65 28.80 -8.27
CA VAL D 383 -39.48 28.11 -7.72
C VAL D 383 -39.79 27.74 -6.27
N ILE D 384 -39.61 26.45 -5.94
CA ILE D 384 -39.95 25.90 -4.64
C ILE D 384 -38.79 25.07 -4.13
N LEU D 385 -38.93 24.57 -2.91
CA LEU D 385 -38.01 23.62 -2.30
C LEU D 385 -38.71 22.28 -2.15
N HIS D 386 -38.18 21.25 -2.79
CA HIS D 386 -38.81 19.94 -2.83
C HIS D 386 -37.83 18.87 -2.37
N GLN D 387 -38.36 17.80 -1.79
CA GLN D 387 -37.53 16.74 -1.24
C GLN D 387 -36.81 15.96 -2.35
N GLU D 388 -37.54 15.57 -3.39
CA GLU D 388 -37.00 14.74 -4.45
C GLU D 388 -36.60 15.57 -5.66
N GLY D 389 -37.52 16.35 -6.20
CA GLY D 389 -37.21 17.24 -7.31
C GLY D 389 -37.25 16.56 -8.66
N HIS D 390 -36.82 17.31 -9.67
CA HIS D 390 -36.80 16.85 -11.04
C HIS D 390 -35.39 16.51 -11.47
N MET D 391 -35.27 15.98 -12.68
CA MET D 391 -33.97 15.57 -13.23
C MET D 391 -33.26 16.69 -13.97
N ASP D 392 -33.87 17.88 -14.06
CA ASP D 392 -33.26 19.03 -14.71
C ASP D 392 -33.22 20.22 -13.77
N ASP D 393 -32.94 19.97 -12.49
CA ASP D 393 -32.86 21.03 -11.50
C ASP D 393 -31.53 21.75 -11.49
N GLY D 394 -30.56 21.28 -12.28
CA GLY D 394 -29.23 21.86 -12.24
C GLY D 394 -29.19 23.26 -12.85
N LEU D 395 -28.34 24.10 -12.27
CA LEU D 395 -28.20 25.49 -12.67
C LEU D 395 -26.79 25.76 -13.15
N THR D 396 -26.67 26.69 -14.08
CA THR D 396 -25.39 27.10 -14.64
C THR D 396 -25.10 28.53 -14.21
N LEU D 397 -23.91 28.76 -13.66
CA LEU D 397 -23.53 30.08 -13.18
C LEU D 397 -22.91 30.89 -14.32
N GLN D 398 -23.25 32.18 -14.36
CA GLN D 398 -22.61 33.11 -15.28
C GLN D 398 -22.26 34.38 -14.51
N ARG D 399 -21.00 34.79 -14.59
CA ARG D 399 -20.57 35.98 -13.88
C ARG D 399 -20.94 37.23 -14.67
N CYS D 400 -21.44 38.24 -13.97
CA CYS D 400 -21.82 39.50 -14.59
C CYS D 400 -20.63 40.45 -14.63
N GLN D 401 -20.81 41.57 -15.30
CA GLN D 401 -19.78 42.59 -15.37
C GLN D 401 -19.81 43.47 -14.12
N ARG D 402 -18.73 44.22 -13.92
CA ARG D 402 -18.63 45.09 -12.75
C ARG D 402 -19.62 46.25 -12.82
N GLU D 403 -19.85 46.77 -14.03
CA GLU D 403 -20.77 47.88 -14.19
C GLU D 403 -22.20 47.49 -13.82
N GLU D 404 -22.61 46.27 -14.17
CA GLU D 404 -23.97 45.83 -13.85
C GLU D 404 -24.18 45.69 -12.35
N SER D 405 -23.23 45.08 -11.63
CA SER D 405 -23.40 44.90 -10.20
C SER D 405 -23.28 46.22 -9.45
N GLN D 406 -22.38 47.10 -9.89
CA GLN D 406 -22.28 48.44 -9.30
C GLN D 406 -23.56 49.22 -9.52
N ALA D 407 -24.13 49.15 -10.73
CA ALA D 407 -25.38 49.81 -11.03
C ALA D 407 -26.52 49.25 -10.21
N ALA D 408 -26.53 47.93 -9.97
CA ALA D 408 -27.59 47.32 -9.19
C ALA D 408 -27.54 47.75 -7.73
N ARG D 409 -26.33 47.83 -7.15
CA ARG D 409 -26.23 48.31 -5.78
C ARG D 409 -26.61 49.80 -5.67
N ILE D 410 -26.20 50.60 -6.66
CA ILE D 410 -26.60 52.01 -6.70
C ILE D 410 -28.12 52.12 -6.83
N ILE D 411 -28.73 51.24 -7.61
CA ILE D 411 -30.18 51.20 -7.77
C ILE D 411 -30.86 50.91 -6.44
N ARG D 412 -30.34 49.93 -5.69
CA ARG D 412 -30.94 49.61 -4.39
C ARG D 412 -30.84 50.77 -3.42
N ASN D 413 -29.65 51.39 -3.32
CA ASN D 413 -29.46 52.50 -2.39
C ASN D 413 -30.32 53.71 -2.77
N THR D 414 -30.37 54.03 -4.06
CA THR D 414 -31.17 55.16 -4.53
C THR D 414 -32.66 54.89 -4.36
N THR D 415 -33.09 53.66 -4.58
CA THR D 415 -34.49 53.31 -4.37
C THR D 415 -34.88 53.45 -2.91
N ALA D 416 -34.01 53.00 -2.00
CA ALA D 416 -34.28 53.15 -0.57
C ALA D 416 -34.37 54.62 -0.17
N LEU D 417 -33.41 55.43 -0.64
CA LEU D 417 -33.39 56.84 -0.28
C LEU D 417 -34.61 57.59 -0.84
N PHE D 418 -34.95 57.36 -2.11
CA PHE D 418 -36.07 58.06 -2.70
C PHE D 418 -37.40 57.56 -2.18
N SER D 419 -37.49 56.27 -1.79
CA SER D 419 -38.72 55.77 -1.21
C SER D 419 -38.93 56.33 0.19
N GLN D 420 -37.86 56.51 0.96
CA GLN D 420 -38.01 57.17 2.24
C GLN D 420 -38.22 58.67 2.09
N PHE D 421 -37.81 59.25 0.96
CA PHE D 421 -38.08 60.66 0.71
C PHE D 421 -39.53 60.90 0.30
N VAL D 422 -40.11 59.99 -0.48
CA VAL D 422 -41.51 60.11 -0.87
C VAL D 422 -42.42 59.90 0.34
N SER D 423 -42.15 58.87 1.13
CA SER D 423 -42.91 58.48 2.32
C SER D 423 -44.38 58.27 2.02
N THR D 433 -35.01 64.53 10.32
CA THR D 433 -36.22 64.02 9.69
C THR D 433 -35.90 63.44 8.32
N LEU D 434 -35.50 64.30 7.39
CA LEU D 434 -35.14 63.90 6.04
C LEU D 434 -33.69 64.29 5.77
N PRO D 435 -32.85 63.36 5.34
CA PRO D 435 -31.42 63.67 5.12
C PRO D 435 -31.19 64.50 3.87
N ILE D 436 -31.31 65.83 4.00
CA ILE D 436 -31.23 66.74 2.86
C ILE D 436 -29.85 66.68 2.21
N GLN D 437 -28.80 66.66 3.03
CA GLN D 437 -27.44 66.65 2.48
C GLN D 437 -27.14 65.34 1.76
N GLU D 438 -27.66 64.22 2.29
CA GLU D 438 -27.50 62.94 1.62
C GLU D 438 -28.23 62.92 0.29
N VAL D 439 -29.42 63.52 0.23
CA VAL D 439 -30.17 63.61 -1.02
C VAL D 439 -29.42 64.46 -2.04
N LEU D 440 -28.86 65.59 -1.60
CA LEU D 440 -28.10 66.47 -2.49
C LEU D 440 -26.86 65.77 -3.03
N GLN D 441 -26.11 65.10 -2.16
CA GLN D 441 -24.91 64.38 -2.59
C GLN D 441 -25.26 63.23 -3.54
N THR D 442 -26.34 62.50 -3.25
CA THR D 442 -26.77 61.41 -4.12
C THR D 442 -27.20 61.93 -5.49
N LEU D 443 -27.94 63.04 -5.52
CA LEU D 443 -28.37 63.61 -6.79
C LEU D 443 -27.19 64.10 -7.62
N GLN D 444 -26.22 64.77 -6.99
CA GLN D 444 -25.04 65.22 -7.72
C GLN D 444 -24.21 64.04 -8.23
N ASP D 445 -24.08 62.99 -7.41
CA ASP D 445 -23.33 61.81 -7.83
C ASP D 445 -24.03 61.09 -8.97
N LEU D 446 -25.37 61.05 -8.96
CA LEU D 446 -26.09 60.41 -10.05
C LEU D 446 -26.05 61.23 -11.33
N ILE D 447 -26.04 62.56 -11.22
CA ILE D 447 -25.90 63.40 -12.40
C ILE D 447 -24.50 63.24 -13.00
N ALA D 448 -23.48 63.13 -12.14
CA ALA D 448 -22.15 62.82 -12.64
C ALA D 448 -22.03 61.39 -13.15
N TYR D 449 -22.92 60.50 -12.71
CA TYR D 449 -22.89 59.10 -13.12
C TYR D 449 -23.40 58.92 -14.55
N PHE D 450 -24.45 59.65 -14.92
CA PHE D 450 -25.01 59.59 -16.26
C PHE D 450 -24.48 60.69 -17.16
N GLN D 451 -23.25 61.12 -16.94
CA GLN D 451 -22.66 62.20 -17.72
C GLN D 451 -22.22 61.70 -19.09
N PRO D 452 -22.63 62.35 -20.18
CA PRO D 452 -22.18 61.94 -21.51
C PRO D 452 -20.71 62.21 -21.70
N PRO D 453 -20.04 61.48 -22.59
CA PRO D 453 -18.63 61.77 -22.87
C PRO D 453 -18.46 63.10 -23.59
N GLU D 454 -17.29 63.71 -23.39
CA GLU D 454 -17.00 64.99 -24.00
C GLU D 454 -16.83 64.85 -25.51
N GLU D 455 -17.12 65.95 -26.22
CA GLU D 455 -17.12 65.92 -27.68
C GLU D 455 -15.72 65.81 -28.26
N GLU D 456 -14.69 66.22 -27.51
CA GLU D 456 -13.31 66.17 -27.99
C GLU D 456 -12.65 64.82 -27.77
N MET D 457 -13.37 63.85 -27.22
CA MET D 457 -12.82 62.53 -26.98
C MET D 457 -12.61 61.79 -28.31
N GLN D 458 -11.71 60.81 -28.28
CA GLN D 458 -11.47 59.96 -29.43
C GLN D 458 -12.72 59.14 -29.74
N HIS D 459 -12.90 58.81 -31.03
CA HIS D 459 -14.16 58.26 -31.52
C HIS D 459 -14.48 56.91 -30.89
N GLU D 460 -13.50 56.02 -30.79
CA GLU D 460 -13.76 54.69 -30.25
C GLU D 460 -14.03 54.75 -28.76
N ASP D 461 -13.28 55.57 -28.02
CA ASP D 461 -13.53 55.75 -26.60
C ASP D 461 -14.89 56.41 -26.37
N LYS D 462 -15.25 57.37 -27.22
CA LYS D 462 -16.55 58.01 -27.12
C LYS D 462 -17.69 57.01 -27.35
N GLN D 463 -17.51 56.13 -28.33
CA GLN D 463 -18.55 55.13 -28.61
C GLN D 463 -18.65 54.10 -27.48
N ASN D 464 -17.52 53.71 -26.89
CA ASN D 464 -17.54 52.81 -25.75
C ASN D 464 -18.25 53.44 -24.55
N LYS D 465 -17.98 54.73 -24.28
CA LYS D 465 -18.64 55.39 -23.17
C LYS D 465 -20.12 55.61 -23.44
N LEU D 466 -20.50 55.88 -24.69
CA LEU D 466 -21.91 55.98 -25.03
C LEU D 466 -22.63 54.63 -24.86
N ARG D 467 -21.95 53.54 -25.21
CA ARG D 467 -22.52 52.21 -25.03
C ARG D 467 -22.73 51.91 -23.55
N SER D 468 -21.74 52.22 -22.71
CA SER D 468 -21.88 52.00 -21.27
C SER D 468 -22.97 52.88 -20.67
N LEU D 469 -23.07 54.14 -21.12
CA LEU D 469 -24.10 55.04 -20.64
C LEU D 469 -25.50 54.54 -21.01
N LYS D 470 -25.65 54.05 -22.24
CA LYS D 470 -26.95 53.51 -22.67
C LYS D 470 -27.31 52.27 -21.87
N ASN D 471 -26.33 51.40 -21.59
CA ASN D 471 -26.59 50.22 -20.78
C ASN D 471 -27.03 50.59 -19.36
N ARG D 472 -26.37 51.59 -18.77
CA ARG D 472 -26.74 52.00 -17.41
C ARG D 472 -28.11 52.69 -17.39
N GLN D 473 -28.42 53.48 -18.42
CA GLN D 473 -29.75 54.08 -18.51
C GLN D 473 -30.84 53.02 -18.64
N ASN D 474 -30.59 51.98 -19.45
CA ASN D 474 -31.55 50.88 -19.58
C ASN D 474 -31.71 50.12 -18.27
N LEU D 475 -30.60 49.90 -17.56
CA LEU D 475 -30.67 49.21 -16.27
C LEU D 475 -31.48 50.01 -15.25
N PHE D 476 -31.28 51.33 -15.21
CA PHE D 476 -32.04 52.14 -14.27
C PHE D 476 -33.51 52.25 -14.68
N LYS D 477 -33.80 52.29 -15.97
CA LYS D 477 -35.19 52.35 -16.41
C LYS D 477 -35.93 51.05 -16.11
N GLU D 478 -35.25 49.91 -16.25
CA GLU D 478 -35.90 48.62 -16.04
C GLU D 478 -36.27 48.37 -14.59
N GLU D 479 -35.69 49.10 -13.64
CA GLU D 479 -36.01 48.96 -12.23
C GLU D 479 -36.97 50.04 -11.74
N GLY D 480 -37.59 50.77 -12.66
CA GLY D 480 -38.56 51.79 -12.29
C GLY D 480 -37.99 52.98 -11.55
N MET D 481 -36.87 53.52 -12.02
CA MET D 481 -36.31 54.73 -11.42
C MET D 481 -36.89 56.00 -12.00
N LEU D 482 -37.37 55.96 -13.25
CA LEU D 482 -38.05 57.11 -13.83
C LEU D 482 -39.33 57.44 -13.07
N ALA D 483 -40.13 56.41 -12.77
CA ALA D 483 -41.34 56.60 -12.00
C ALA D 483 -41.03 57.06 -10.58
N LEU D 484 -39.94 56.58 -10.00
CA LEU D 484 -39.53 57.02 -8.68
C LEU D 484 -39.15 58.50 -8.67
N VAL D 485 -38.42 58.94 -9.70
CA VAL D 485 -38.07 60.36 -9.83
C VAL D 485 -39.33 61.20 -10.04
N LEU D 486 -40.31 60.68 -10.79
CA LEU D 486 -41.56 61.42 -10.98
C LEU D 486 -42.35 61.55 -9.68
N ASN D 487 -42.40 60.48 -8.89
CA ASN D 487 -43.07 60.56 -7.59
C ASN D 487 -42.34 61.50 -6.65
N CYS D 488 -41.01 61.53 -6.71
CA CYS D 488 -40.24 62.48 -5.92
C CYS D 488 -40.53 63.92 -6.33
N ILE D 489 -40.65 64.17 -7.64
CA ILE D 489 -40.97 65.51 -8.12
C ILE D 489 -42.37 65.93 -7.67
N ASP D 490 -43.34 65.02 -7.77
CA ASP D 490 -44.69 65.32 -7.32
C ASP D 490 -44.74 65.60 -5.82
N ARG D 491 -44.03 64.79 -5.03
CA ARG D 491 -43.98 65.00 -3.58
C ARG D 491 -43.31 66.32 -3.24
N LEU D 492 -42.25 66.67 -3.96
CA LEU D 492 -41.57 67.95 -3.73
C LEU D 492 -42.47 69.13 -4.09
N ASN D 493 -43.26 69.01 -5.15
CA ASN D 493 -44.17 70.10 -5.50
C ASN D 493 -45.28 70.24 -4.48
N ILE D 494 -45.77 69.10 -3.95
CA ILE D 494 -46.76 69.16 -2.88
C ILE D 494 -46.19 69.81 -1.62
N TYR D 495 -44.95 69.44 -1.27
CA TYR D 495 -44.30 70.03 -0.09
C TYR D 495 -44.04 71.53 -0.29
N ASN D 496 -43.59 71.91 -1.49
CA ASN D 496 -43.22 73.30 -1.73
C ASN D 496 -44.45 74.20 -1.88
N SER D 497 -45.56 73.65 -2.35
CA SER D 497 -46.79 74.44 -2.41
C SER D 497 -47.30 74.75 -1.02
N VAL D 498 -47.19 73.80 -0.10
CA VAL D 498 -47.62 74.01 1.28
C VAL D 498 -46.54 74.74 2.06
N GLU D 508 -31.94 78.78 3.39
CA GLU D 508 -33.24 78.42 3.95
C GLU D 508 -33.68 77.04 3.47
N SER D 509 -34.78 76.55 4.02
CA SER D 509 -35.31 75.26 3.62
C SER D 509 -35.89 75.29 2.21
N GLY D 510 -36.50 76.42 1.83
CA GLY D 510 -37.05 76.54 0.49
C GLY D 510 -35.98 76.54 -0.59
N MET D 511 -34.83 77.15 -0.29
CA MET D 511 -33.71 77.12 -1.23
C MET D 511 -33.20 75.70 -1.44
N ALA D 512 -33.09 74.93 -0.35
CA ALA D 512 -32.70 73.53 -0.48
C ALA D 512 -33.74 72.72 -1.24
N TRP D 513 -35.02 72.99 -1.00
CA TRP D 513 -36.09 72.28 -1.70
C TRP D 513 -36.06 72.56 -3.20
N LYS D 514 -35.88 73.83 -3.59
CA LYS D 514 -35.84 74.14 -5.02
C LYS D 514 -34.54 73.65 -5.66
N GLU D 515 -33.44 73.60 -4.89
CA GLU D 515 -32.22 73.02 -5.42
C GLU D 515 -32.38 71.52 -5.67
N ILE D 516 -33.05 70.81 -4.73
CA ILE D 516 -33.30 69.38 -4.92
C ILE D 516 -34.23 69.16 -6.10
N LEU D 517 -35.24 70.02 -6.28
CA LEU D 517 -36.13 69.90 -7.43
C LEU D 517 -35.39 70.13 -8.75
N ASN D 518 -34.50 71.12 -8.78
CA ASN D 518 -33.71 71.38 -9.99
C ASN D 518 -32.78 70.21 -10.30
N LEU D 519 -32.15 69.63 -9.26
CA LEU D 519 -31.32 68.45 -9.46
C LEU D 519 -32.13 67.25 -9.91
N LEU D 520 -33.39 67.13 -9.45
CA LEU D 520 -34.25 66.04 -9.91
C LEU D 520 -34.60 66.20 -11.38
N TYR D 521 -34.88 67.42 -11.83
CA TYR D 521 -35.13 67.63 -13.26
C TYR D 521 -33.88 67.35 -14.09
N LYS D 522 -32.71 67.74 -13.59
CA LYS D 522 -31.46 67.44 -14.28
C LYS D 522 -31.21 65.93 -14.34
N LEU D 523 -31.53 65.22 -13.25
CA LEU D 523 -31.38 63.77 -13.23
C LEU D 523 -32.33 63.09 -14.21
N LEU D 524 -33.56 63.57 -14.31
CA LEU D 524 -34.50 63.02 -15.29
C LEU D 524 -34.02 63.24 -16.71
N ALA D 525 -33.55 64.45 -17.00
CA ALA D 525 -33.02 64.75 -18.33
C ALA D 525 -31.81 63.89 -18.65
N ALA D 526 -30.91 63.70 -17.68
CA ALA D 526 -29.75 62.84 -17.89
C ALA D 526 -30.13 61.38 -18.05
N LEU D 527 -31.22 60.96 -17.41
CA LEU D 527 -31.66 59.58 -17.51
C LEU D 527 -32.25 59.28 -18.89
N ILE D 528 -32.94 60.25 -19.49
CA ILE D 528 -33.61 59.96 -20.76
C ILE D 528 -32.89 60.53 -21.98
N ARG D 529 -31.78 61.25 -21.79
CA ARG D 529 -31.12 61.88 -22.93
C ARG D 529 -30.43 60.85 -23.82
N GLY D 530 -30.75 60.88 -25.12
CA GLY D 530 -30.10 60.03 -26.09
C GLY D 530 -30.60 58.61 -26.14
N ASN D 531 -31.55 58.24 -25.30
CA ASN D 531 -32.06 56.88 -25.21
C ASN D 531 -33.49 56.87 -25.74
N ARG D 532 -33.71 56.15 -26.85
CA ARG D 532 -35.03 56.16 -27.47
C ARG D 532 -36.04 55.40 -26.63
N ASN D 533 -35.63 54.30 -25.99
CA ASN D 533 -36.56 53.49 -25.21
C ASN D 533 -37.06 54.24 -23.98
N ASN D 534 -36.18 54.96 -23.29
CA ASN D 534 -36.60 55.74 -22.13
C ASN D 534 -37.54 56.87 -22.52
N CYS D 535 -37.28 57.54 -23.64
CA CYS D 535 -38.16 58.61 -24.09
C CYS D 535 -39.50 58.06 -24.56
N ALA D 536 -39.51 56.91 -25.22
CA ALA D 536 -40.76 56.28 -25.63
C ALA D 536 -41.57 55.82 -24.44
N GLN D 537 -40.90 55.36 -23.37
CA GLN D 537 -41.59 55.05 -22.14
C GLN D 537 -42.14 56.31 -21.47
N PHE D 538 -41.37 57.41 -21.53
CA PHE D 538 -41.75 58.64 -20.86
C PHE D 538 -42.76 59.46 -21.64
N SER D 539 -43.04 59.11 -22.89
CA SER D 539 -44.05 59.83 -23.67
C SER D 539 -45.45 59.70 -23.10
N ASN D 540 -45.70 58.74 -22.22
CA ASN D 540 -47.00 58.60 -21.58
C ASN D 540 -47.28 59.71 -20.57
N ASN D 541 -46.24 60.39 -20.07
CA ASN D 541 -46.36 61.45 -19.09
C ASN D 541 -46.31 62.83 -19.75
N LEU D 542 -46.77 62.94 -20.99
CA LEU D 542 -46.67 64.20 -21.73
C LEU D 542 -47.58 65.25 -21.14
N ASP D 543 -48.79 64.86 -20.72
CA ASP D 543 -49.70 65.82 -20.10
C ASP D 543 -49.14 66.34 -18.78
N TRP D 544 -48.53 65.45 -17.99
CA TRP D 544 -47.88 65.84 -16.74
C TRP D 544 -46.74 66.82 -16.99
N LEU D 545 -45.89 66.51 -17.98
CA LEU D 545 -44.74 67.35 -18.29
C LEU D 545 -45.17 68.72 -18.81
N ILE D 546 -46.19 68.76 -19.68
CA ILE D 546 -46.68 70.03 -20.20
C ILE D 546 -47.37 70.83 -19.10
N SER D 547 -48.12 70.15 -18.22
CA SER D 547 -48.82 70.82 -17.14
C SER D 547 -47.88 71.41 -16.11
N LYS D 548 -46.66 70.89 -15.99
CA LYS D 548 -45.68 71.48 -15.08
C LYS D 548 -44.83 72.57 -15.72
N LEU D 549 -45.35 73.28 -16.73
CA LEU D 549 -44.62 74.35 -17.39
C LEU D 549 -44.92 75.74 -16.84
N ASP D 550 -45.87 75.87 -15.91
CA ASP D 550 -46.29 77.19 -15.45
C ASP D 550 -45.27 77.83 -14.53
N ARG D 551 -44.58 77.04 -13.72
CA ARG D 551 -43.69 77.56 -12.69
C ARG D 551 -42.42 78.14 -13.31
N LEU D 552 -41.89 79.18 -12.65
CA LEU D 552 -40.69 79.85 -13.17
C LEU D 552 -39.45 79.00 -12.96
N GLU D 553 -39.28 78.43 -11.77
CA GLU D 553 -38.05 77.72 -11.45
C GLU D 553 -37.97 76.38 -12.16
N SER D 554 -39.10 75.77 -12.46
CA SER D 554 -39.14 74.46 -13.08
C SER D 554 -39.24 74.51 -14.61
N SER D 555 -39.24 75.71 -15.20
CA SER D 555 -39.53 75.84 -16.62
C SER D 555 -38.39 75.32 -17.50
N SER D 556 -37.15 75.67 -17.16
CA SER D 556 -36.01 75.31 -18.02
C SER D 556 -35.75 73.81 -18.02
N GLY D 557 -35.85 73.18 -16.85
CA GLY D 557 -35.65 71.73 -16.80
C GLY D 557 -36.74 70.96 -17.52
N ILE D 558 -37.99 71.39 -17.36
CA ILE D 558 -39.10 70.78 -18.08
C ILE D 558 -38.93 70.96 -19.59
N LEU D 559 -38.47 72.14 -20.01
CA LEU D 559 -38.24 72.39 -21.43
C LEU D 559 -37.13 71.52 -21.99
N GLU D 560 -36.06 71.32 -21.22
CA GLU D 560 -34.96 70.44 -21.64
C GLU D 560 -35.42 68.99 -21.75
N VAL D 561 -36.19 68.52 -20.77
CA VAL D 561 -36.71 67.15 -20.81
C VAL D 561 -37.65 66.97 -22.00
N LEU D 562 -38.52 67.95 -22.24
CA LEU D 562 -39.46 67.91 -23.36
C LEU D 562 -38.72 67.89 -24.70
N HIS D 563 -37.66 68.69 -24.82
CA HIS D 563 -36.90 68.69 -26.06
C HIS D 563 -36.18 67.36 -26.28
N CYS D 564 -35.66 66.75 -25.21
CA CYS D 564 -35.05 65.42 -25.34
C CYS D 564 -36.06 64.39 -25.81
N ILE D 565 -37.27 64.42 -25.24
CA ILE D 565 -38.31 63.48 -25.64
C ILE D 565 -38.72 63.69 -27.10
N LEU D 566 -38.88 64.94 -27.51
CA LEU D 566 -39.30 65.23 -28.87
C LEU D 566 -38.23 64.90 -29.89
N ILE D 567 -36.95 65.05 -29.53
CA ILE D 567 -35.88 64.66 -30.43
C ILE D 567 -35.83 63.14 -30.56
N GLU D 568 -35.88 62.42 -29.44
CA GLU D 568 -35.69 60.97 -29.50
C GLU D 568 -36.97 60.24 -29.88
N SER D 569 -38.01 60.36 -29.07
CA SER D 569 -39.24 59.61 -29.29
C SER D 569 -40.05 60.21 -30.43
N PRO D 570 -40.43 59.43 -31.44
CA PRO D 570 -41.26 59.97 -32.53
C PRO D 570 -42.75 59.96 -32.21
N GLU D 571 -43.19 59.07 -31.33
CA GLU D 571 -44.60 58.98 -31.00
C GLU D 571 -45.07 60.11 -30.09
N ALA D 572 -44.14 60.79 -29.42
CA ALA D 572 -44.51 61.95 -28.62
C ALA D 572 -45.08 63.07 -29.46
N LEU D 573 -44.61 63.20 -30.71
CA LEU D 573 -45.20 64.16 -31.63
C LEU D 573 -46.62 63.78 -32.00
N ASN D 574 -46.90 62.47 -32.08
CA ASN D 574 -48.28 62.03 -32.31
C ASN D 574 -49.15 62.29 -31.09
N LEU D 575 -48.57 62.21 -29.89
CA LEU D 575 -49.33 62.43 -28.67
C LEU D 575 -49.55 63.89 -28.33
N ILE D 576 -48.95 64.82 -29.07
CA ILE D 576 -49.07 66.24 -28.79
C ILE D 576 -50.45 66.72 -29.24
N ALA D 577 -51.16 67.41 -28.35
CA ALA D 577 -52.49 67.95 -28.60
C ALA D 577 -52.41 69.47 -28.78
N GLU D 578 -53.60 70.09 -28.91
CA GLU D 578 -53.65 71.54 -29.11
C GLU D 578 -53.35 72.30 -27.83
N GLY D 579 -53.82 71.77 -26.68
CA GLY D 579 -53.56 72.43 -25.42
C GLY D 579 -52.09 72.47 -25.05
N HIS D 580 -51.34 71.43 -25.42
CA HIS D 580 -49.90 71.42 -25.19
C HIS D 580 -49.20 72.51 -25.99
N ILE D 581 -49.58 72.67 -27.26
CA ILE D 581 -48.99 73.70 -28.11
C ILE D 581 -49.36 75.09 -27.60
N LYS D 582 -50.60 75.27 -27.15
CA LYS D 582 -51.00 76.55 -26.56
C LYS D 582 -50.25 76.82 -25.26
N SER D 583 -49.96 75.79 -24.46
CA SER D 583 -49.17 75.97 -23.24
C SER D 583 -47.74 76.39 -23.55
N ILE D 584 -47.13 75.80 -24.59
CA ILE D 584 -45.78 76.17 -24.98
C ILE D 584 -45.74 77.61 -25.51
N ILE D 585 -46.75 77.98 -26.31
CA ILE D 585 -46.83 79.34 -26.83
C ILE D 585 -47.08 80.35 -25.70
N SER D 586 -47.89 79.98 -24.72
CA SER D 586 -48.10 80.86 -23.57
C SER D 586 -46.87 80.97 -22.71
N LEU D 587 -46.05 79.91 -22.65
CA LEU D 587 -44.75 80.01 -21.99
C LEU D 587 -43.85 81.01 -22.70
N LEU D 588 -43.86 80.98 -24.04
CA LEU D 588 -43.12 81.98 -24.81
C LEU D 588 -43.65 83.39 -24.55
N ASP D 589 -44.97 83.51 -24.37
CA ASP D 589 -45.59 84.81 -24.14
C ASP D 589 -45.28 85.37 -22.76
N LYS D 590 -45.22 84.50 -21.75
CA LYS D 590 -45.08 84.94 -20.37
C LYS D 590 -43.63 84.99 -19.88
N HIS D 591 -42.71 84.30 -20.53
CA HIS D 591 -41.34 84.26 -20.04
C HIS D 591 -40.36 85.10 -20.85
N GLY D 592 -40.76 85.61 -22.00
CA GLY D 592 -39.89 86.42 -22.82
C GLY D 592 -39.51 85.73 -24.12
N ARG D 593 -38.62 86.36 -24.85
CA ARG D 593 -38.18 85.86 -26.16
C ARG D 593 -37.02 84.90 -25.96
N ASN D 594 -37.35 83.63 -25.79
CA ASN D 594 -36.38 82.56 -25.66
C ASN D 594 -36.45 81.69 -26.91
N HIS D 595 -35.33 81.51 -27.58
CA HIS D 595 -35.31 80.78 -28.84
C HIS D 595 -35.33 79.26 -28.64
N LYS D 596 -35.17 78.78 -27.42
CA LYS D 596 -35.33 77.35 -27.15
C LYS D 596 -36.78 76.92 -27.29
N VAL D 597 -37.73 77.80 -26.98
CA VAL D 597 -39.14 77.54 -27.24
C VAL D 597 -39.38 77.40 -28.74
N LEU D 598 -38.74 78.25 -29.54
CA LEU D 598 -38.84 78.14 -30.98
C LEU D 598 -38.21 76.85 -31.49
N ASP D 599 -37.13 76.40 -30.86
CA ASP D 599 -36.53 75.12 -31.21
C ASP D 599 -37.47 73.96 -30.90
N VAL D 600 -38.17 74.04 -29.77
CA VAL D 600 -39.16 73.02 -29.41
C VAL D 600 -40.29 72.99 -30.44
N LEU D 601 -40.76 74.17 -30.88
CA LEU D 601 -41.82 74.21 -31.89
C LEU D 601 -41.33 73.67 -33.23
N CYS D 602 -40.08 73.97 -33.60
CA CYS D 602 -39.49 73.41 -34.82
C CYS D 602 -39.40 71.90 -34.75
N SER D 603 -39.03 71.36 -33.58
CA SER D 603 -39.01 69.92 -33.41
C SER D 603 -40.42 69.33 -33.45
N LEU D 604 -41.42 70.10 -33.02
CA LEU D 604 -42.81 69.67 -33.12
C LEU D 604 -43.28 69.61 -34.57
N CYS D 605 -42.74 70.47 -35.43
CA CYS D 605 -43.22 70.50 -36.81
C CYS D 605 -42.72 69.31 -37.63
N LEU D 606 -41.47 68.89 -37.43
CA LEU D 606 -40.89 67.81 -38.21
C LEU D 606 -40.14 66.82 -37.32
N CYS D 607 -40.23 65.54 -37.67
CA CYS D 607 -39.50 64.49 -36.98
C CYS D 607 -38.90 63.55 -38.02
N ASN D 608 -37.57 63.60 -38.17
CA ASN D 608 -36.81 62.72 -39.07
C ASN D 608 -37.30 62.81 -40.52
N GLY D 609 -37.58 64.03 -40.96
CA GLY D 609 -38.03 64.23 -42.33
C GLY D 609 -39.49 63.96 -42.58
N VAL D 610 -40.31 63.81 -41.54
CA VAL D 610 -41.74 63.59 -41.68
C VAL D 610 -42.46 64.77 -41.05
N ALA D 611 -43.33 65.41 -41.82
CA ALA D 611 -44.02 66.62 -41.40
C ALA D 611 -45.38 66.28 -40.80
N VAL D 612 -45.60 66.71 -39.56
CA VAL D 612 -46.88 66.51 -38.90
C VAL D 612 -47.75 67.72 -39.21
N ARG D 613 -48.81 67.51 -40.00
CA ARG D 613 -49.65 68.62 -40.45
C ARG D 613 -50.43 69.26 -39.33
N ALA D 614 -50.87 68.47 -38.35
CA ALA D 614 -51.67 69.01 -37.25
C ALA D 614 -50.86 69.99 -36.42
N ASN D 615 -49.62 69.64 -36.10
CA ASN D 615 -48.75 70.53 -35.32
C ASN D 615 -48.41 71.80 -36.10
N GLN D 616 -48.15 71.66 -37.40
CA GLN D 616 -47.86 72.83 -38.25
C GLN D 616 -49.06 73.78 -38.29
N ASN D 617 -50.26 73.23 -38.50
CA ASN D 617 -51.45 74.05 -38.57
C ASN D 617 -51.76 74.72 -37.23
N LEU D 618 -51.58 73.99 -36.12
CA LEU D 618 -51.84 74.58 -34.81
C LEU D 618 -50.85 75.68 -34.47
N ILE D 619 -49.56 75.48 -34.79
CA ILE D 619 -48.57 76.52 -34.55
C ILE D 619 -48.84 77.74 -35.41
N CYS D 620 -49.20 77.54 -36.68
CA CYS D 620 -49.50 78.65 -37.57
C CYS D 620 -50.74 79.42 -37.11
N ASP D 621 -51.76 78.71 -36.62
CA ASP D 621 -52.99 79.36 -36.20
C ASP D 621 -52.90 79.99 -34.81
N ASN D 622 -51.99 79.54 -33.96
CA ASN D 622 -51.92 80.05 -32.59
C ASN D 622 -50.69 80.89 -32.32
N LEU D 623 -49.80 81.09 -33.29
CA LEU D 623 -48.61 81.90 -33.04
C LEU D 623 -48.52 83.08 -33.98
N LEU D 624 -48.91 82.90 -35.23
CA LEU D 624 -48.75 83.93 -36.25
C LEU D 624 -49.73 85.10 -36.19
N PRO D 625 -51.06 84.90 -36.18
CA PRO D 625 -51.95 86.05 -36.42
C PRO D 625 -52.00 87.08 -35.30
N ARG D 626 -51.50 86.76 -34.10
CA ARG D 626 -51.50 87.74 -33.01
C ARG D 626 -50.54 88.89 -33.29
N ARG D 627 -49.40 88.58 -33.91
CA ARG D 627 -48.38 89.57 -34.31
C ARG D 627 -47.89 90.40 -33.13
N ASN D 628 -47.69 89.75 -31.98
CA ASN D 628 -47.15 90.43 -30.82
C ASN D 628 -46.10 89.63 -30.07
N LEU D 629 -45.76 88.42 -30.50
CA LEU D 629 -44.69 87.64 -29.90
C LEU D 629 -43.43 87.64 -30.76
N LEU D 630 -43.58 87.35 -32.05
CA LEU D 630 -42.45 87.38 -32.95
C LEU D 630 -42.19 88.80 -33.43
N LEU D 631 -40.91 89.11 -33.67
CA LEU D 631 -40.54 90.40 -34.21
C LEU D 631 -41.03 90.52 -35.64
N GLN D 632 -41.53 91.70 -35.99
CA GLN D 632 -42.10 91.89 -37.32
C GLN D 632 -41.07 92.53 -38.25
N THR D 633 -41.28 92.33 -39.56
CA THR D 633 -40.41 92.93 -40.56
C THR D 633 -41.25 93.54 -41.66
N ARG D 634 -40.76 94.63 -42.25
CA ARG D 634 -41.41 95.22 -43.40
C ARG D 634 -40.40 96.02 -44.20
N LEU D 635 -40.81 96.44 -45.39
CA LEU D 635 -40.05 97.38 -46.21
C LEU D 635 -40.72 98.74 -46.13
N ILE D 636 -39.99 99.74 -45.66
CA ILE D 636 -40.53 101.08 -45.46
C ILE D 636 -39.72 102.08 -46.28
N ASN D 637 -40.36 103.19 -46.60
CA ASN D 637 -39.75 104.28 -47.32
C ASN D 637 -39.06 105.24 -46.36
N ASP D 638 -37.94 105.79 -46.80
CA ASP D 638 -37.21 106.77 -46.00
C ASP D 638 -37.82 108.15 -46.17
N VAL D 639 -37.95 108.87 -45.05
CA VAL D 639 -38.61 110.16 -44.99
C VAL D 639 -37.63 111.18 -44.45
N THR D 640 -37.55 112.34 -45.10
CA THR D 640 -36.66 113.41 -44.68
C THR D 640 -37.48 114.70 -44.53
N SER D 641 -37.04 115.54 -43.60
CA SER D 641 -37.66 116.84 -43.34
C SER D 641 -36.72 117.96 -43.73
N ILE D 642 -37.29 119.00 -44.35
CA ILE D 642 -36.57 120.17 -44.82
C ILE D 642 -37.25 121.41 -44.25
N ARG D 643 -36.45 122.33 -43.72
CA ARG D 643 -36.95 123.57 -43.13
C ARG D 643 -36.20 124.77 -43.68
N PRO D 644 -36.83 125.94 -43.70
CA PRO D 644 -36.10 127.19 -43.85
C PRO D 644 -35.64 127.71 -42.50
N ASN D 645 -34.62 128.57 -42.53
CA ASN D 645 -34.03 129.11 -41.30
C ASN D 645 -34.87 130.30 -40.80
N ILE D 646 -36.09 129.99 -40.38
CA ILE D 646 -37.04 130.96 -39.87
C ILE D 646 -37.55 130.43 -38.54
N PHE D 647 -37.13 131.04 -37.43
CA PHE D 647 -37.43 130.54 -36.10
C PHE D 647 -38.24 131.58 -35.33
N LEU D 648 -39.34 131.13 -34.73
CA LEU D 648 -40.30 131.99 -34.04
C LEU D 648 -40.41 131.55 -32.59
N GLY D 649 -40.38 132.51 -31.67
CA GLY D 649 -40.40 132.21 -30.26
C GLY D 649 -41.44 133.03 -29.51
N VAL D 650 -41.68 132.62 -28.27
CA VAL D 650 -42.56 133.34 -27.35
C VAL D 650 -41.82 133.49 -26.03
N ALA D 651 -41.67 134.73 -25.58
CA ALA D 651 -41.01 135.02 -24.31
C ALA D 651 -41.59 136.30 -23.73
N GLU D 652 -41.45 136.45 -22.42
CA GLU D 652 -41.92 137.65 -21.74
C GLU D 652 -40.99 138.82 -22.03
N GLY D 653 -41.58 139.94 -22.44
CA GLY D 653 -40.78 141.10 -22.81
C GLY D 653 -39.94 140.90 -24.05
N SER D 654 -40.51 140.28 -25.08
CA SER D 654 -39.79 139.97 -26.31
C SER D 654 -40.39 140.76 -27.47
N ALA D 655 -39.52 141.21 -28.38
CA ALA D 655 -39.95 141.94 -29.57
C ALA D 655 -40.13 140.98 -30.74
N GLN D 656 -41.01 140.00 -30.54
CA GLN D 656 -41.29 138.95 -31.52
C GLN D 656 -42.77 138.97 -31.85
N TYR D 657 -43.10 139.13 -33.13
CA TYR D 657 -44.48 139.06 -33.56
C TYR D 657 -44.97 137.61 -33.49
N LYS D 658 -46.29 137.45 -33.31
CA LYS D 658 -46.85 136.16 -32.95
C LYS D 658 -47.68 135.49 -34.03
N LYS D 659 -48.16 136.22 -35.03
CA LYS D 659 -48.94 135.65 -36.12
C LYS D 659 -48.06 135.53 -37.35
N TRP D 660 -47.94 134.32 -37.89
CA TRP D 660 -47.06 134.06 -39.02
C TRP D 660 -47.77 133.16 -40.03
N TYR D 661 -47.29 133.20 -41.27
CA TYR D 661 -47.97 132.58 -42.39
C TYR D 661 -46.95 132.21 -43.45
N PHE D 662 -47.13 131.04 -44.08
CA PHE D 662 -46.33 130.69 -45.24
C PHE D 662 -47.12 129.77 -46.15
N GLU D 663 -46.58 129.51 -47.34
CA GLU D 663 -47.25 128.67 -48.32
C GLU D 663 -46.29 127.67 -48.94
N LEU D 664 -46.86 126.57 -49.40
CA LEU D 664 -46.12 125.51 -50.08
C LEU D 664 -46.86 125.11 -51.34
N ILE D 665 -46.16 125.11 -52.48
CA ILE D 665 -46.72 124.69 -53.75
C ILE D 665 -46.18 123.31 -54.08
N ILE D 666 -47.07 122.39 -54.42
CA ILE D 666 -46.68 121.04 -54.81
C ILE D 666 -46.64 120.99 -56.33
N ASP D 667 -45.44 120.99 -56.91
CA ASP D 667 -45.31 120.93 -58.37
C ASP D 667 -45.60 119.54 -58.90
N GLN D 668 -45.09 118.51 -58.23
CA GLN D 668 -45.21 117.15 -58.73
C GLN D 668 -45.13 116.16 -57.58
N VAL D 669 -46.09 115.25 -57.52
CA VAL D 669 -46.07 114.12 -56.58
C VAL D 669 -46.36 112.86 -57.37
N ASP D 670 -45.51 111.84 -57.20
CA ASP D 670 -45.70 110.52 -57.80
C ASP D 670 -46.09 109.56 -56.69
N PRO D 671 -47.38 109.35 -56.45
CA PRO D 671 -47.79 108.36 -55.45
C PRO D 671 -47.49 106.95 -55.94
N PHE D 672 -47.24 106.06 -54.97
CA PHE D 672 -46.91 104.65 -55.21
C PHE D 672 -45.71 104.49 -56.14
N LEU D 673 -44.68 105.32 -55.91
CA LEU D 673 -43.42 105.14 -56.61
C LEU D 673 -42.74 103.84 -56.20
N THR D 674 -42.76 103.52 -54.91
CA THR D 674 -42.05 102.37 -54.35
C THR D 674 -43.01 101.39 -53.69
N ALA D 675 -44.19 101.21 -54.30
CA ALA D 675 -45.27 100.32 -53.85
C ALA D 675 -45.81 100.66 -52.46
N GLU D 676 -45.46 101.83 -51.93
CA GLU D 676 -45.93 102.38 -50.68
C GLU D 676 -46.38 103.81 -50.95
N PRO D 677 -47.45 104.29 -50.30
CA PRO D 677 -47.90 105.66 -50.55
C PRO D 677 -46.83 106.70 -50.21
N THR D 678 -46.74 107.72 -51.05
CA THR D 678 -45.71 108.73 -50.90
C THR D 678 -46.01 109.62 -49.70
N HIS D 679 -45.05 109.70 -48.79
CA HIS D 679 -45.18 110.61 -47.66
C HIS D 679 -45.03 112.05 -48.14
N LEU D 680 -45.97 112.91 -47.73
CA LEU D 680 -45.84 114.34 -47.98
C LEU D 680 -46.70 115.06 -46.96
N ARG D 681 -46.06 115.68 -45.97
CA ARG D 681 -46.75 116.47 -44.96
C ARG D 681 -46.07 117.81 -44.81
N VAL D 682 -46.86 118.83 -44.47
CA VAL D 682 -46.34 120.18 -44.32
C VAL D 682 -46.91 120.77 -43.04
N GLY D 683 -46.09 121.52 -42.31
CA GLY D 683 -46.63 122.17 -41.12
C GLY D 683 -45.55 122.88 -40.32
N TRP D 684 -45.76 122.90 -39.01
CA TRP D 684 -44.92 123.65 -38.08
C TRP D 684 -44.30 122.69 -37.08
N ALA D 685 -43.01 122.85 -36.83
CA ALA D 685 -42.33 122.03 -35.83
C ALA D 685 -41.62 122.90 -34.83
N SER D 686 -41.66 122.47 -33.56
CA SER D 686 -40.99 123.18 -32.49
C SER D 686 -39.59 122.62 -32.29
N SER D 687 -38.65 123.50 -31.98
CA SER D 687 -37.26 123.11 -31.78
C SER D 687 -37.00 122.49 -30.41
N SER D 688 -38.04 122.31 -29.60
CA SER D 688 -37.87 121.70 -28.28
C SER D 688 -37.48 120.23 -28.40
N GLY D 689 -38.19 119.47 -29.24
CA GLY D 689 -37.91 118.05 -29.34
C GLY D 689 -38.02 117.41 -30.71
N TYR D 690 -38.31 118.20 -31.74
CA TYR D 690 -38.47 117.62 -33.09
C TYR D 690 -37.09 117.31 -33.64
N ALA D 691 -36.67 116.06 -33.48
CA ALA D 691 -35.37 115.59 -33.94
C ALA D 691 -35.55 114.29 -34.71
N PRO D 692 -36.04 114.35 -35.94
CA PRO D 692 -36.21 113.11 -36.71
C PRO D 692 -34.90 112.62 -37.30
N TYR D 693 -34.68 111.31 -37.19
CA TYR D 693 -33.52 110.67 -37.77
C TYR D 693 -33.95 109.71 -38.86
N PRO D 694 -33.15 109.58 -39.93
CA PRO D 694 -33.49 108.61 -40.98
C PRO D 694 -33.32 107.18 -40.50
N GLY D 695 -34.29 106.34 -40.84
CA GLY D 695 -34.23 104.94 -40.45
C GLY D 695 -35.34 104.55 -39.49
N GLY D 696 -34.96 103.98 -38.35
CA GLY D 696 -35.91 103.52 -37.37
C GLY D 696 -36.53 104.67 -36.59
N GLY D 697 -37.45 104.30 -35.71
CA GLY D 697 -38.14 105.29 -34.90
C GLY D 697 -39.41 104.69 -34.31
N GLU D 698 -40.26 105.58 -33.82
CA GLU D 698 -41.53 105.15 -33.24
C GLU D 698 -42.47 104.62 -34.31
N GLY D 699 -43.25 103.61 -33.94
CA GLY D 699 -44.16 103.02 -34.89
C GLY D 699 -43.41 102.16 -35.90
N TRP D 700 -43.65 102.42 -37.18
CA TRP D 700 -43.01 101.69 -38.26
C TRP D 700 -41.99 102.55 -39.01
N GLY D 701 -41.44 103.57 -38.33
CA GLY D 701 -40.49 104.43 -38.98
C GLY D 701 -41.15 105.40 -39.95
N GLY D 702 -40.31 106.03 -40.76
CA GLY D 702 -40.78 107.04 -41.69
C GLY D 702 -41.35 108.25 -40.99
N ASN D 703 -40.65 108.74 -39.99
CA ASN D 703 -41.17 109.78 -39.12
C ASN D 703 -41.09 111.13 -39.78
N GLY D 704 -42.23 111.84 -39.81
CA GLY D 704 -42.34 113.13 -40.43
C GLY D 704 -43.00 114.13 -39.50
N VAL D 705 -43.68 115.10 -40.10
CA VAL D 705 -44.37 116.14 -39.34
C VAL D 705 -45.63 115.53 -38.74
N GLY D 706 -45.76 115.62 -37.43
CA GLY D 706 -46.90 115.06 -36.74
C GLY D 706 -46.70 113.68 -36.19
N ASP D 707 -45.48 113.14 -36.24
CA ASP D 707 -45.20 111.83 -35.68
C ASP D 707 -44.63 111.93 -34.27
N ASP D 708 -44.55 113.13 -33.71
CA ASP D 708 -44.31 113.34 -32.30
C ASP D 708 -45.14 114.54 -31.86
N LEU D 709 -45.07 114.87 -30.57
CA LEU D 709 -45.85 115.96 -30.02
C LEU D 709 -45.16 117.31 -30.16
N TYR D 710 -44.10 117.39 -30.96
CA TYR D 710 -43.41 118.64 -31.25
C TYR D 710 -43.62 119.10 -32.68
N SER D 711 -44.37 118.37 -33.48
CA SER D 711 -44.62 118.73 -34.87
C SER D 711 -46.11 118.61 -35.15
N TYR D 712 -46.61 119.50 -36.00
CA TYR D 712 -48.04 119.62 -36.29
C TYR D 712 -48.15 119.76 -37.81
N GLY D 713 -48.73 118.75 -38.45
CA GLY D 713 -48.65 118.63 -39.89
C GLY D 713 -49.98 118.34 -40.54
N PHE D 714 -50.00 118.56 -41.86
CA PHE D 714 -51.17 118.37 -42.69
C PHE D 714 -50.73 117.64 -43.94
N ASP D 715 -51.53 116.65 -44.37
CA ASP D 715 -51.19 115.83 -45.52
C ASP D 715 -52.26 115.86 -46.61
N GLY D 716 -53.27 116.71 -46.48
CA GLY D 716 -54.35 116.81 -47.42
C GLY D 716 -55.65 116.19 -46.96
N LEU D 717 -55.58 115.20 -46.08
CA LEU D 717 -56.75 114.52 -45.55
C LEU D 717 -56.84 114.58 -44.04
N HIS D 718 -55.74 114.43 -43.34
CA HIS D 718 -55.74 114.30 -41.88
C HIS D 718 -54.90 115.40 -41.25
N LEU D 719 -55.13 115.57 -39.95
CA LEU D 719 -54.26 116.36 -39.10
C LEU D 719 -53.44 115.39 -38.25
N TRP D 720 -52.12 115.58 -38.25
CA TRP D 720 -51.18 114.67 -37.61
C TRP D 720 -50.51 115.36 -36.44
N SER D 721 -50.57 114.73 -35.27
CA SER D 721 -49.78 115.13 -34.11
C SER D 721 -49.68 113.95 -33.17
N GLY D 722 -48.48 113.62 -32.74
CA GLY D 722 -48.28 112.46 -31.90
C GLY D 722 -48.46 111.14 -32.62
N ARG D 723 -48.22 111.13 -33.95
CA ARG D 723 -48.35 109.96 -34.81
C ARG D 723 -49.76 109.37 -34.78
N ILE D 724 -50.77 110.23 -34.63
CA ILE D 724 -52.16 109.81 -34.64
C ILE D 724 -52.92 110.72 -35.60
N PRO D 725 -53.46 110.20 -36.69
CA PRO D 725 -54.19 111.06 -37.63
C PRO D 725 -55.63 111.28 -37.20
N ARG D 726 -56.13 112.47 -37.53
CA ARG D 726 -57.54 112.80 -37.35
C ARG D 726 -58.07 113.27 -38.69
N ALA D 727 -59.07 112.57 -39.22
CA ALA D 727 -59.65 112.95 -40.51
C ALA D 727 -60.46 114.23 -40.35
N VAL D 728 -60.21 115.19 -41.24
CA VAL D 728 -60.82 116.52 -41.16
C VAL D 728 -61.47 116.84 -42.50
N ALA D 729 -62.73 117.25 -42.46
CA ALA D 729 -63.47 117.56 -43.67
C ALA D 729 -62.97 118.86 -44.31
N SER D 730 -63.04 118.91 -45.63
CA SER D 730 -62.68 120.10 -46.39
C SER D 730 -63.41 120.05 -47.72
N ILE D 731 -63.40 121.18 -48.42
CA ILE D 731 -64.06 121.26 -49.73
C ILE D 731 -63.22 120.51 -50.75
N ASN D 732 -63.79 119.45 -51.32
CA ASN D 732 -63.13 118.56 -52.28
C ASN D 732 -61.84 117.97 -51.70
N LEU D 733 -62.00 117.20 -50.63
CA LEU D 733 -60.86 116.68 -49.89
C LEU D 733 -60.12 115.62 -50.71
N HIS D 734 -58.80 115.74 -50.75
CA HIS D 734 -57.93 114.77 -51.42
C HIS D 734 -56.53 114.91 -50.85
N LEU D 735 -55.70 113.91 -51.13
CA LEU D 735 -54.30 113.99 -50.76
C LEU D 735 -53.60 115.08 -51.57
N LEU D 736 -52.45 115.52 -51.07
CA LEU D 736 -51.69 116.60 -51.70
C LEU D 736 -51.18 116.12 -53.05
N ARG D 737 -51.82 116.59 -54.12
CA ARG D 737 -51.44 116.26 -55.49
C ARG D 737 -50.73 117.47 -56.10
N SER D 738 -50.43 117.36 -57.39
CA SER D 738 -49.72 118.42 -58.10
C SER D 738 -50.59 119.66 -58.23
N ASP D 739 -49.91 120.82 -58.31
CA ASP D 739 -50.55 122.13 -58.43
C ASP D 739 -51.49 122.42 -57.25
N ASP D 740 -51.09 122.01 -56.07
CA ASP D 740 -51.83 122.30 -54.83
C ASP D 740 -51.04 123.28 -54.00
N VAL D 741 -51.72 124.29 -53.47
CA VAL D 741 -51.11 125.31 -52.64
C VAL D 741 -51.65 125.15 -51.22
N VAL D 742 -50.75 124.91 -50.28
CA VAL D 742 -51.11 124.72 -48.88
C VAL D 742 -50.62 125.92 -48.10
N SER D 743 -51.53 126.60 -47.41
CA SER D 743 -51.21 127.77 -46.61
C SER D 743 -51.27 127.40 -45.14
N CYS D 744 -50.18 127.67 -44.42
CA CYS D 744 -50.10 127.34 -43.00
C CYS D 744 -49.98 128.62 -42.19
N CYS D 745 -50.83 128.73 -41.16
CA CYS D 745 -50.90 129.90 -40.30
C CYS D 745 -50.65 129.48 -38.86
N LEU D 746 -49.75 130.19 -38.19
CA LEU D 746 -49.40 129.92 -36.80
C LEU D 746 -49.65 131.18 -35.98
N ASP D 747 -50.50 131.07 -34.97
CA ASP D 747 -50.82 132.18 -34.07
C ASP D 747 -50.26 131.81 -32.70
N LEU D 748 -49.04 132.25 -32.42
CA LEU D 748 -48.35 131.88 -31.19
C LEU D 748 -48.98 132.46 -29.93
N GLY D 749 -49.89 133.43 -30.07
CA GLY D 749 -50.50 134.02 -28.89
C GLY D 749 -51.47 133.09 -28.18
N VAL D 750 -52.33 132.41 -28.92
CA VAL D 750 -53.41 131.60 -28.35
C VAL D 750 -52.88 130.38 -27.58
N PRO D 751 -51.99 129.51 -28.12
CA PRO D 751 -51.44 129.33 -29.48
C PRO D 751 -52.38 128.49 -30.35
N SER D 752 -52.27 128.60 -31.67
CA SER D 752 -53.12 127.84 -32.57
C SER D 752 -52.41 127.67 -33.90
N ILE D 753 -52.77 126.61 -34.60
CA ILE D 753 -52.23 126.30 -35.92
C ILE D 753 -53.39 125.93 -36.84
N SER D 754 -53.48 126.60 -37.99
CA SER D 754 -54.55 126.37 -38.95
C SER D 754 -53.98 126.22 -40.35
N PHE D 755 -54.75 125.57 -41.21
CA PHE D 755 -54.33 125.26 -42.56
C PHE D 755 -55.43 125.63 -43.55
N ARG D 756 -55.01 125.95 -44.77
CA ARG D 756 -55.90 126.21 -45.89
C ARG D 756 -55.35 125.48 -47.10
N ILE D 757 -56.24 124.99 -47.95
CA ILE D 757 -55.84 124.28 -49.16
C ILE D 757 -56.52 124.95 -50.35
N ASN D 758 -55.71 125.47 -51.27
CA ASN D 758 -56.18 126.20 -52.46
C ASN D 758 -57.09 127.38 -52.10
N GLY D 759 -56.81 128.03 -50.97
CA GLY D 759 -57.64 129.10 -50.47
C GLY D 759 -58.83 128.66 -49.64
N GLN D 760 -59.23 127.40 -49.75
CA GLN D 760 -60.33 126.87 -48.96
C GLN D 760 -59.85 126.51 -47.56
N PRO D 761 -60.51 127.02 -46.52
CA PRO D 761 -60.04 126.72 -45.16
C PRO D 761 -60.30 125.27 -44.78
N VAL D 762 -59.33 124.68 -44.10
CA VAL D 762 -59.47 123.32 -43.57
C VAL D 762 -60.16 123.40 -42.22
N GLN D 763 -61.20 122.57 -42.05
CA GLN D 763 -62.09 122.67 -40.89
C GLN D 763 -61.52 121.93 -39.67
N GLY D 764 -60.33 122.35 -39.27
CA GLY D 764 -59.67 121.75 -38.13
C GLY D 764 -58.42 122.53 -37.79
N MET D 765 -58.02 122.42 -36.53
CA MET D 765 -56.89 123.21 -36.05
C MET D 765 -56.22 122.52 -34.87
N PHE D 766 -55.00 122.97 -34.59
CA PHE D 766 -54.26 122.56 -33.40
C PHE D 766 -54.26 123.71 -32.40
N GLU D 767 -54.30 123.37 -31.12
CA GLU D 767 -54.30 124.39 -30.08
C GLU D 767 -53.76 123.80 -28.78
N ASN D 768 -53.50 124.71 -27.83
CA ASN D 768 -53.11 124.38 -26.45
C ASN D 768 -51.84 123.53 -26.40
N PHE D 769 -50.84 123.90 -27.18
CA PHE D 769 -49.55 123.21 -27.17
C PHE D 769 -48.49 124.07 -26.53
N ASN D 770 -47.35 123.45 -26.25
CA ASN D 770 -46.25 124.13 -25.59
C ASN D 770 -45.61 125.16 -26.52
N THR D 771 -45.47 126.38 -26.03
CA THR D 771 -44.85 127.46 -26.78
C THR D 771 -43.37 127.62 -26.49
N ASP D 772 -42.80 126.76 -25.65
CA ASP D 772 -41.36 126.79 -25.41
C ASP D 772 -40.63 126.28 -26.64
N GLY D 773 -39.43 126.80 -26.86
CA GLY D 773 -38.66 126.48 -28.04
C GLY D 773 -39.06 127.32 -29.23
N LEU D 774 -38.32 127.15 -30.31
CA LEU D 774 -38.49 127.93 -31.53
C LEU D 774 -39.32 127.15 -32.53
N PHE D 775 -40.27 127.82 -33.16
CA PHE D 775 -41.14 127.21 -34.16
C PHE D 775 -40.63 127.54 -35.55
N PHE D 776 -40.64 126.53 -36.42
CA PHE D 776 -40.18 126.73 -37.79
C PHE D 776 -41.09 125.99 -38.76
N PRO D 777 -41.24 126.51 -39.98
CA PRO D 777 -41.91 125.74 -41.04
C PRO D 777 -41.10 124.50 -41.39
N VAL D 778 -41.80 123.44 -41.79
CA VAL D 778 -41.14 122.19 -42.11
C VAL D 778 -42.01 121.42 -43.11
N VAL D 779 -41.34 120.71 -44.02
CA VAL D 779 -42.01 119.76 -44.90
C VAL D 779 -41.28 118.43 -44.78
N SER D 780 -42.04 117.35 -44.63
CA SER D 780 -41.48 116.01 -44.59
C SER D 780 -42.00 115.22 -45.78
N PHE D 781 -41.13 114.40 -46.36
CA PHE D 781 -41.47 113.75 -47.62
C PHE D 781 -40.67 112.47 -47.76
N SER D 782 -41.16 111.61 -48.65
CA SER D 782 -40.40 110.50 -49.19
C SER D 782 -40.01 110.85 -50.62
N ALA D 783 -39.39 109.89 -51.31
CA ALA D 783 -38.90 110.15 -52.66
C ALA D 783 -40.06 110.28 -53.65
N GLY D 784 -39.86 111.13 -54.65
CA GLY D 784 -40.83 111.35 -55.68
C GLY D 784 -41.67 112.61 -55.54
N VAL D 785 -41.10 113.68 -54.99
CA VAL D 785 -41.84 114.92 -54.78
C VAL D 785 -41.02 116.10 -55.30
N LYS D 786 -41.74 117.16 -55.65
CA LYS D 786 -41.17 118.48 -55.94
C LYS D 786 -42.07 119.52 -55.29
N VAL D 787 -41.52 120.31 -54.38
CA VAL D 787 -42.28 121.32 -53.68
C VAL D 787 -41.52 122.64 -53.69
N ARG D 788 -42.24 123.72 -53.42
CA ARG D 788 -41.66 125.06 -53.35
C ARG D 788 -42.19 125.81 -52.14
N PHE D 789 -41.27 126.33 -51.34
CA PHE D 789 -41.60 127.22 -50.23
C PHE D 789 -41.81 128.64 -50.75
N LEU D 790 -42.88 129.28 -50.26
CA LEU D 790 -43.14 130.69 -50.46
C LEU D 790 -43.28 131.33 -49.08
N THR D 791 -42.43 132.32 -48.80
CA THR D 791 -42.46 133.03 -47.53
C THR D 791 -42.72 134.52 -47.71
N GLY D 792 -43.07 134.96 -48.91
CA GLY D 792 -43.40 136.35 -49.16
C GLY D 792 -42.19 137.20 -49.50
N GLY D 793 -42.47 138.37 -50.06
CA GLY D 793 -41.41 139.31 -50.39
C GLY D 793 -40.60 138.83 -51.59
N ARG D 794 -39.29 138.89 -51.46
CA ARG D 794 -38.37 138.43 -52.49
C ARG D 794 -38.07 136.94 -52.40
N HIS D 795 -38.84 136.20 -51.61
CA HIS D 795 -38.62 134.77 -51.39
C HIS D 795 -39.90 133.99 -51.68
N GLY D 796 -40.54 134.31 -52.80
CA GLY D 796 -41.73 133.60 -53.20
C GLY D 796 -43.00 134.40 -53.05
N GLU D 797 -43.60 134.80 -54.16
CA GLU D 797 -44.85 135.56 -54.13
C GLU D 797 -46.00 134.63 -53.78
N PHE D 798 -46.83 135.07 -52.83
CA PHE D 798 -47.96 134.26 -52.39
C PHE D 798 -49.01 134.17 -53.50
N LYS D 799 -49.55 132.96 -53.69
CA LYS D 799 -50.64 132.77 -54.63
C LYS D 799 -52.00 133.15 -54.04
N PHE D 800 -52.07 133.31 -52.72
CA PHE D 800 -53.32 133.68 -52.05
C PHE D 800 -53.02 134.75 -51.02
N LEU D 801 -54.05 135.51 -50.68
CA LEU D 801 -53.90 136.58 -49.71
C LEU D 801 -53.81 136.01 -48.30
N PRO D 802 -52.82 136.39 -47.51
CA PRO D 802 -52.74 135.94 -46.12
C PRO D 802 -53.90 136.51 -45.30
N PRO D 803 -54.29 135.84 -44.22
CA PRO D 803 -55.36 136.37 -43.37
C PRO D 803 -54.93 137.64 -42.65
N SER D 804 -55.93 138.34 -42.11
CA SER D 804 -55.70 139.63 -41.47
C SER D 804 -54.89 139.46 -40.20
N GLY D 805 -53.80 140.21 -40.09
CA GLY D 805 -52.93 140.16 -38.93
C GLY D 805 -51.77 139.19 -39.05
N TYR D 806 -51.78 138.31 -40.05
CA TYR D 806 -50.74 137.29 -40.19
C TYR D 806 -49.62 137.83 -41.09
N ALA D 807 -48.41 137.84 -40.56
CA ALA D 807 -47.25 138.33 -41.26
C ALA D 807 -46.55 137.22 -42.03
N PRO D 808 -45.97 137.52 -43.20
CA PRO D 808 -45.17 136.51 -43.90
C PRO D 808 -43.92 136.16 -43.12
N CYS D 809 -43.44 134.93 -43.34
CA CYS D 809 -42.34 134.40 -42.54
C CYS D 809 -41.00 135.05 -42.87
N TYR D 810 -40.84 135.61 -44.07
CA TYR D 810 -39.57 136.23 -44.46
C TYR D 810 -39.27 137.48 -43.64
N GLU D 811 -40.27 138.09 -43.01
CA GLU D 811 -40.05 139.20 -42.11
C GLU D 811 -39.41 138.77 -40.79
N ALA D 812 -39.37 137.47 -40.50
CA ALA D 812 -38.73 136.99 -39.28
C ALA D 812 -37.22 136.84 -39.43
N LEU D 813 -36.67 137.02 -40.62
CA LEU D 813 -35.24 136.92 -40.82
C LEU D 813 -34.51 138.11 -40.22
N LEU D 814 -33.31 137.84 -39.70
CA LEU D 814 -32.44 138.91 -39.26
C LEU D 814 -31.95 139.70 -40.45
N PRO D 815 -31.69 141.01 -40.28
CA PRO D 815 -31.13 141.80 -41.39
C PRO D 815 -29.77 141.30 -41.87
N LYS D 816 -28.94 140.78 -40.98
CA LYS D 816 -27.66 140.20 -41.36
C LYS D 816 -27.77 138.67 -41.49
N GLU D 817 -28.68 138.25 -42.37
CA GLU D 817 -28.92 136.83 -42.61
C GLU D 817 -29.50 136.64 -44.00
N LYS D 818 -29.30 135.43 -44.54
CA LYS D 818 -29.84 135.05 -45.83
C LYS D 818 -30.62 133.75 -45.68
N MET D 819 -31.73 133.65 -46.41
CA MET D 819 -32.58 132.47 -46.30
C MET D 819 -31.92 131.28 -46.99
N ARG D 820 -32.11 130.10 -46.41
CA ARG D 820 -31.62 128.85 -46.99
C ARG D 820 -32.53 127.72 -46.55
N LEU D 821 -32.47 126.62 -47.28
CA LEU D 821 -33.19 125.40 -46.94
C LEU D 821 -32.21 124.38 -46.39
N GLU D 822 -32.54 123.77 -45.27
CA GLU D 822 -31.62 122.90 -44.55
C GLU D 822 -32.36 121.71 -43.98
N PRO D 823 -31.66 120.59 -43.76
CA PRO D 823 -32.23 119.51 -42.96
C PRO D 823 -32.44 119.95 -41.52
N VAL D 824 -33.46 119.38 -40.90
CA VAL D 824 -33.76 119.71 -39.51
C VAL D 824 -32.68 119.16 -38.58
N LYS D 825 -32.29 117.91 -38.79
CA LYS D 825 -31.27 117.26 -37.98
C LYS D 825 -30.26 116.61 -38.91
N GLU D 826 -28.98 116.82 -38.65
CA GLU D 826 -27.94 116.16 -39.43
C GLU D 826 -26.72 115.93 -38.55
N TYR D 827 -26.17 114.72 -38.64
CA TYR D 827 -24.91 114.37 -37.99
C TYR D 827 -23.79 114.14 -38.99
N LYS D 828 -24.06 114.33 -40.28
CA LYS D 828 -23.05 114.20 -41.32
C LYS D 828 -23.44 115.09 -42.48
N ARG D 829 -22.45 115.42 -43.30
CA ARG D 829 -22.66 116.31 -44.44
C ARG D 829 -21.80 115.82 -45.59
N ASP D 830 -22.42 115.47 -46.71
CA ASP D 830 -21.72 114.95 -47.86
C ASP D 830 -21.59 116.03 -48.93
N ALA D 831 -20.37 116.29 -49.36
CA ALA D 831 -20.09 117.28 -50.40
C ALA D 831 -19.00 116.74 -51.30
N GLU D 832 -19.32 116.60 -52.59
CA GLU D 832 -18.38 116.14 -53.63
C GLU D 832 -17.78 114.78 -53.29
N GLY D 833 -18.59 113.91 -52.67
CA GLY D 833 -18.12 112.60 -52.29
C GLY D 833 -17.32 112.55 -51.00
N ILE D 834 -17.22 113.67 -50.29
CA ILE D 834 -16.46 113.74 -49.05
C ILE D 834 -17.45 113.94 -47.90
N ARG D 835 -17.34 113.13 -46.86
CA ARG D 835 -18.27 113.16 -45.75
C ARG D 835 -17.62 113.81 -44.54
N ASP D 836 -18.29 114.81 -43.97
CA ASP D 836 -17.89 115.47 -42.74
C ASP D 836 -18.79 115.00 -41.62
N LEU D 837 -18.21 114.60 -40.50
CA LEU D 837 -18.97 114.24 -39.31
C LEU D 837 -19.17 115.50 -38.47
N LEU D 838 -20.37 115.64 -37.92
CA LEU D 838 -20.79 116.88 -37.27
C LEU D 838 -21.14 116.63 -35.82
N GLY D 839 -20.66 117.50 -34.94
CA GLY D 839 -21.09 117.51 -33.56
C GLY D 839 -22.41 118.24 -33.39
N THR D 840 -22.93 118.20 -32.16
CA THR D 840 -24.22 118.81 -31.87
C THR D 840 -24.09 120.32 -31.85
N THR D 841 -24.95 120.99 -32.63
CA THR D 841 -24.98 122.45 -32.66
C THR D 841 -26.12 122.97 -31.78
N GLN D 842 -25.89 124.13 -31.19
CA GLN D 842 -26.88 124.77 -30.33
C GLN D 842 -27.93 125.49 -31.18
N SER D 843 -28.90 126.10 -30.51
CA SER D 843 -29.96 126.81 -31.22
C SER D 843 -29.43 128.09 -31.83
N LEU D 844 -29.76 128.31 -33.10
CA LEU D 844 -29.28 129.46 -33.86
C LEU D 844 -30.45 130.31 -34.33
N SER D 845 -30.18 131.62 -34.46
CA SER D 845 -31.16 132.61 -34.91
C SER D 845 -32.41 132.61 -34.04
N GLN D 846 -32.20 132.75 -32.72
CA GLN D 846 -33.31 132.79 -31.78
C GLN D 846 -34.16 134.04 -31.98
N ALA D 847 -33.52 135.17 -32.26
CA ALA D 847 -34.18 136.47 -32.47
C ALA D 847 -35.03 136.88 -31.26
N SER D 848 -34.54 136.55 -30.07
CA SER D 848 -35.19 136.92 -28.82
C SER D 848 -34.36 138.03 -28.19
N PHE D 849 -34.83 139.27 -28.30
CA PHE D 849 -34.07 140.40 -27.80
C PHE D 849 -34.07 140.43 -26.28
N ILE D 850 -35.26 140.55 -25.69
CA ILE D 850 -35.50 140.57 -24.23
C ILE D 850 -34.62 141.62 -23.55
N PRO D 851 -34.94 142.90 -23.67
CA PRO D 851 -34.08 143.95 -23.09
C PRO D 851 -34.04 143.87 -21.58
N CYS D 852 -32.84 143.98 -21.02
CA CYS D 852 -32.61 143.90 -19.59
C CYS D 852 -31.78 145.10 -19.16
N PRO D 853 -32.42 146.25 -18.94
CA PRO D 853 -31.68 147.43 -18.48
C PRO D 853 -31.18 147.26 -17.07
N ILE D 854 -30.10 148.00 -16.75
CA ILE D 854 -29.51 147.94 -15.43
C ILE D 854 -30.44 148.60 -14.43
N ASP D 855 -30.67 147.92 -13.30
CA ASP D 855 -31.64 148.38 -12.31
C ASP D 855 -31.08 149.60 -11.57
N THR D 856 -31.70 150.76 -11.78
CA THR D 856 -31.32 151.99 -11.13
C THR D 856 -32.39 152.51 -10.18
N SER D 857 -33.30 151.63 -9.74
CA SER D 857 -34.36 152.05 -8.82
C SER D 857 -33.80 152.33 -7.43
N GLN D 858 -32.91 151.47 -6.94
CA GLN D 858 -32.33 151.61 -5.61
C GLN D 858 -31.06 152.46 -5.59
N VAL D 859 -30.59 152.92 -6.74
CA VAL D 859 -29.40 153.77 -6.80
C VAL D 859 -29.78 155.16 -6.33
N VAL D 860 -29.12 155.62 -5.27
CA VAL D 860 -29.43 156.89 -4.63
C VAL D 860 -28.31 157.87 -4.93
N LEU D 861 -28.67 159.00 -5.52
CA LEU D 861 -27.67 160.02 -5.83
C LEU D 861 -27.29 160.77 -4.54
N PRO D 862 -26.01 160.97 -4.27
CA PRO D 862 -25.61 161.77 -3.11
C PRO D 862 -26.02 163.22 -3.29
N PRO D 863 -26.29 163.94 -2.20
CA PRO D 863 -26.67 165.36 -2.32
C PRO D 863 -25.58 166.24 -2.92
N HIS D 864 -24.31 165.94 -2.66
CA HIS D 864 -23.23 166.77 -3.20
C HIS D 864 -23.07 166.60 -4.70
N LEU D 865 -23.61 165.53 -5.27
CA LEU D 865 -23.68 165.34 -6.70
C LEU D 865 -24.97 165.90 -7.30
N GLU D 866 -25.79 166.56 -6.48
CA GLU D 866 -27.03 167.13 -7.00
C GLU D 866 -26.78 168.38 -7.82
N LYS D 867 -25.69 169.12 -7.52
CA LYS D 867 -25.42 170.39 -8.18
C LYS D 867 -25.16 170.20 -9.67
N ILE D 868 -24.36 169.19 -10.03
CA ILE D 868 -24.16 168.87 -11.45
C ILE D 868 -25.47 168.37 -12.07
N ARG D 869 -26.35 167.77 -11.24
CA ARG D 869 -27.68 167.43 -11.72
C ARG D 869 -28.48 168.68 -12.05
N ASP D 870 -28.20 169.80 -11.40
CA ASP D 870 -28.78 171.08 -11.76
C ASP D 870 -28.02 171.78 -12.88
N ARG D 871 -26.92 171.21 -13.37
CA ARG D 871 -26.15 171.79 -14.46
C ARG D 871 -26.44 171.14 -15.79
N LEU D 872 -26.29 169.81 -15.88
CA LEU D 872 -26.50 169.11 -17.14
C LEU D 872 -27.93 169.25 -17.64
N ALA D 873 -28.90 169.23 -16.72
CA ALA D 873 -30.29 169.46 -17.08
C ALA D 873 -30.49 170.84 -17.70
N GLU D 874 -29.68 171.81 -17.29
CA GLU D 874 -29.67 173.08 -18.01
C GLU D 874 -29.00 172.93 -19.37
N ASN D 875 -27.84 172.26 -19.40
CA ASN D 875 -27.00 172.22 -20.60
C ASN D 875 -27.69 171.47 -21.74
N ILE D 876 -28.37 170.35 -21.41
CA ILE D 876 -29.18 169.65 -22.40
C ILE D 876 -30.26 170.56 -22.95
N HIS D 877 -30.89 171.36 -22.07
CA HIS D 877 -31.83 172.37 -22.52
C HIS D 877 -31.15 173.40 -23.42
N GLU D 878 -29.89 173.74 -23.09
CA GLU D 878 -29.09 174.56 -24.00
C GLU D 878 -28.90 173.85 -25.33
N LEU D 879 -28.61 172.55 -25.30
CA LEU D 879 -28.58 171.76 -26.51
C LEU D 879 -29.95 171.67 -27.18
N TRP D 880 -31.02 171.82 -26.40
CA TRP D 880 -32.35 171.91 -26.99
C TRP D 880 -32.59 173.27 -27.63
N GLY D 881 -31.89 174.32 -27.19
CA GLY D 881 -32.20 175.65 -27.68
C GLY D 881 -31.67 175.95 -29.06
N MET D 882 -30.35 176.00 -29.20
CA MET D 882 -29.73 176.43 -30.45
C MET D 882 -30.01 175.45 -31.58
N ASN D 883 -30.21 174.17 -31.27
CA ASN D 883 -30.61 173.20 -32.29
C ASN D 883 -31.96 173.57 -32.89
N LYS D 884 -32.90 174.02 -32.06
CA LYS D 884 -34.17 174.52 -32.60
C LYS D 884 -33.97 175.79 -33.41
N ILE D 885 -32.92 176.55 -33.12
CA ILE D 885 -32.56 177.67 -33.98
C ILE D 885 -32.03 177.16 -35.31
N GLU D 886 -31.30 176.04 -35.29
CA GLU D 886 -30.77 175.48 -36.54
C GLU D 886 -31.87 174.84 -37.38
N LEU D 887 -32.95 174.38 -36.73
CA LEU D 887 -34.07 173.78 -37.45
C LEU D 887 -35.01 174.81 -38.05
N GLY D 888 -34.86 176.09 -37.71
CA GLY D 888 -35.73 177.13 -38.21
C GLY D 888 -36.88 177.50 -37.32
N TRP D 889 -36.92 176.99 -36.09
CA TRP D 889 -38.00 177.34 -35.17
C TRP D 889 -37.83 178.74 -34.62
N THR D 890 -38.93 179.45 -34.49
CA THR D 890 -38.96 180.80 -33.92
C THR D 890 -39.58 180.74 -32.51
N PHE D 891 -39.65 181.90 -31.87
CA PHE D 891 -40.19 182.02 -30.52
C PHE D 891 -41.53 182.74 -30.55
N GLY D 892 -42.50 182.19 -29.81
CA GLY D 892 -43.80 182.81 -29.71
C GLY D 892 -44.50 182.34 -28.44
N LYS D 893 -45.51 183.11 -28.04
CA LYS D 893 -46.28 182.75 -26.85
C LYS D 893 -47.24 181.60 -27.10
N ILE D 894 -47.56 181.30 -28.36
CA ILE D 894 -48.50 180.26 -28.73
C ILE D 894 -47.76 179.22 -29.56
N ARG D 895 -47.90 177.94 -29.20
CA ARG D 895 -47.32 176.87 -29.98
C ARG D 895 -48.03 176.76 -31.33
N ASP D 896 -47.24 176.75 -32.41
CA ASP D 896 -47.79 176.70 -33.76
C ASP D 896 -46.72 176.15 -34.69
N ASP D 897 -47.00 175.03 -35.33
CA ASP D 897 -46.03 174.39 -36.22
C ASP D 897 -45.97 175.02 -37.60
N ASN D 898 -46.95 175.85 -37.98
CA ASN D 898 -46.93 176.47 -39.29
C ASN D 898 -45.85 177.55 -39.36
N LYS D 899 -45.78 178.41 -38.35
CA LYS D 899 -44.74 179.42 -38.26
C LYS D 899 -43.57 178.97 -37.40
N ARG D 900 -43.61 177.73 -36.89
CA ARG D 900 -42.56 177.11 -36.07
C ARG D 900 -42.26 177.96 -34.83
N GLN D 901 -43.29 178.16 -34.01
CA GLN D 901 -43.18 178.90 -32.77
C GLN D 901 -43.35 177.94 -31.60
N HIS D 902 -42.38 177.94 -30.70
CA HIS D 902 -42.41 177.07 -29.53
C HIS D 902 -42.34 177.92 -28.27
N PRO D 903 -43.29 177.77 -27.34
CA PRO D 903 -43.30 178.62 -26.13
C PRO D 903 -42.25 178.24 -25.10
N CYS D 904 -41.54 177.13 -25.27
CA CYS D 904 -40.55 176.68 -24.30
C CYS D 904 -39.15 177.19 -24.60
N LEU D 905 -38.98 178.03 -25.62
CA LEU D 905 -37.66 178.57 -25.97
C LEU D 905 -37.35 179.78 -25.08
N VAL D 906 -37.14 179.49 -23.80
CA VAL D 906 -36.82 180.49 -22.80
C VAL D 906 -35.65 179.98 -21.96
N GLU D 907 -35.24 180.79 -21.00
CA GLU D 907 -34.17 180.40 -20.10
C GLU D 907 -34.66 179.33 -19.11
N PHE D 908 -33.70 178.68 -18.45
CA PHE D 908 -34.03 177.58 -17.55
C PHE D 908 -34.77 178.06 -16.31
N SER D 909 -34.53 179.30 -15.88
CA SER D 909 -35.28 179.86 -14.76
C SER D 909 -36.75 180.10 -15.12
N LYS D 910 -37.00 180.49 -16.38
CA LYS D 910 -38.36 180.75 -16.84
C LYS D 910 -39.01 179.54 -17.49
N LEU D 911 -38.37 178.38 -17.47
CA LEU D 911 -38.97 177.18 -18.00
C LEU D 911 -40.13 176.73 -17.11
N PRO D 912 -41.14 176.09 -17.69
CA PRO D 912 -42.25 175.56 -16.88
C PRO D 912 -41.80 174.38 -16.04
N GLU D 913 -42.67 173.99 -15.10
CA GLU D 913 -42.33 172.92 -14.17
C GLU D 913 -42.20 171.56 -14.85
N THR D 914 -42.99 171.33 -15.91
CA THR D 914 -42.94 170.04 -16.60
C THR D 914 -41.62 169.85 -17.33
N GLU D 915 -41.17 170.88 -18.07
CA GLU D 915 -39.90 170.78 -18.78
C GLU D 915 -38.72 170.71 -17.82
N LYS D 916 -38.77 171.49 -16.74
CA LYS D 916 -37.71 171.44 -15.73
C LYS D 916 -37.64 170.08 -15.06
N ASN D 917 -38.79 169.50 -14.71
CA ASN D 917 -38.80 168.18 -14.10
C ASN D 917 -38.35 167.10 -15.08
N TYR D 918 -38.70 167.25 -16.36
CA TYR D 918 -38.23 166.30 -17.37
C TYR D 918 -36.72 166.34 -17.54
N ASN D 919 -36.14 167.55 -17.57
CA ASN D 919 -34.70 167.67 -17.66
C ASN D 919 -34.00 167.13 -16.42
N LEU D 920 -34.56 167.41 -15.24
CA LEU D 920 -34.00 166.91 -14.00
C LEU D 920 -34.06 165.39 -13.93
N GLN D 921 -35.17 164.81 -14.39
CA GLN D 921 -35.30 163.34 -14.37
C GLN D 921 -34.39 162.70 -15.41
N MET D 922 -34.18 163.35 -16.55
CA MET D 922 -33.23 162.82 -17.54
C MET D 922 -31.81 162.84 -17.00
N SER D 923 -31.41 163.94 -16.35
CA SER D 923 -30.08 164.00 -15.73
C SER D 923 -29.96 163.01 -14.59
N THR D 924 -31.03 162.81 -13.81
CA THR D 924 -31.02 161.85 -12.72
C THR D 924 -30.87 160.42 -13.24
N GLU D 925 -31.57 160.09 -14.33
CA GLU D 925 -31.44 158.77 -14.91
C GLU D 925 -30.05 158.54 -15.50
N THR D 926 -29.48 159.57 -16.12
CA THR D 926 -28.10 159.45 -16.62
C THR D 926 -27.11 159.24 -15.48
N LEU D 927 -27.26 159.99 -14.39
CA LEU D 927 -26.37 159.84 -13.25
C LEU D 927 -26.54 158.48 -12.58
N LYS D 928 -27.78 157.99 -12.47
CA LYS D 928 -28.01 156.67 -11.90
C LYS D 928 -27.46 155.56 -12.79
N THR D 929 -27.55 155.72 -14.11
CA THR D 929 -26.95 154.75 -15.03
C THR D 929 -25.44 154.74 -14.92
N LEU D 930 -24.83 155.92 -14.75
CA LEU D 930 -23.38 155.97 -14.54
C LEU D 930 -22.98 155.37 -13.20
N LEU D 931 -23.77 155.59 -12.16
CA LEU D 931 -23.45 155.06 -10.83
C LEU D 931 -23.71 153.57 -10.72
N ALA D 932 -24.63 153.02 -11.51
CA ALA D 932 -24.91 151.59 -11.46
C ALA D 932 -23.76 150.74 -12.02
N LEU D 933 -22.87 151.35 -12.79
CA LEU D 933 -21.68 150.67 -13.29
C LEU D 933 -20.54 150.68 -12.27
N GLY D 934 -20.75 151.29 -11.10
CA GLY D 934 -19.71 151.41 -10.10
C GLY D 934 -18.77 152.58 -10.28
N CYS D 935 -19.08 153.51 -11.19
CA CYS D 935 -18.22 154.66 -11.42
C CYS D 935 -18.23 155.59 -10.22
N HIS D 936 -17.05 156.10 -9.87
CA HIS D 936 -16.89 156.99 -8.72
C HIS D 936 -16.86 158.42 -9.21
N ILE D 937 -17.89 159.19 -8.85
CA ILE D 937 -18.03 160.58 -9.28
C ILE D 937 -17.66 161.47 -8.10
N ALA D 938 -16.61 162.27 -8.27
CA ALA D 938 -16.14 163.18 -7.24
C ALA D 938 -15.71 164.49 -7.87
N HIS D 939 -15.80 165.56 -7.09
CA HIS D 939 -15.38 166.90 -7.53
C HIS D 939 -13.98 167.17 -7.02
N VAL D 940 -13.03 166.44 -7.59
CA VAL D 940 -11.64 166.50 -7.12
C VAL D 940 -10.99 167.82 -7.50
N ASN D 941 -11.21 168.29 -8.73
CA ASN D 941 -10.57 169.50 -9.24
C ASN D 941 -11.64 170.50 -9.67
N PRO D 942 -12.12 171.35 -8.76
CA PRO D 942 -13.10 172.38 -9.15
C PRO D 942 -12.52 173.52 -9.96
N ALA D 943 -11.18 173.62 -10.04
CA ALA D 943 -10.55 174.75 -10.73
C ALA D 943 -10.85 174.76 -12.23
N ALA D 944 -11.12 173.58 -12.81
CA ALA D 944 -11.54 173.52 -14.21
C ALA D 944 -12.88 174.22 -14.40
N GLU D 945 -13.75 174.18 -13.39
CA GLU D 945 -14.99 174.96 -13.44
C GLU D 945 -14.70 176.46 -13.48
N GLU D 946 -13.58 176.89 -12.86
CA GLU D 946 -13.15 178.27 -13.01
C GLU D 946 -12.67 178.53 -14.44
N ASP D 947 -12.10 177.52 -15.09
CA ASP D 947 -11.64 177.67 -16.47
C ASP D 947 -12.73 177.36 -17.49
N LEU D 948 -13.89 176.91 -17.05
CA LEU D 948 -14.98 176.59 -17.96
C LEU D 948 -15.70 177.86 -18.41
N LYS D 949 -15.92 177.98 -19.71
CA LYS D 949 -16.64 179.12 -20.27
C LYS D 949 -17.78 178.65 -21.17
N LYS D 950 -18.43 179.58 -21.86
CA LYS D 950 -19.56 179.28 -22.71
C LYS D 950 -19.34 179.83 -24.11
N VAL D 951 -19.96 179.19 -25.09
CA VAL D 951 -19.84 179.60 -26.48
C VAL D 951 -20.71 180.82 -26.72
N LYS D 952 -20.11 181.88 -27.26
CA LYS D 952 -20.83 183.12 -27.56
C LYS D 952 -21.42 182.99 -28.96
N LEU D 953 -22.72 182.68 -29.03
CA LEU D 953 -23.37 182.50 -30.31
C LEU D 953 -23.58 183.85 -31.00
N PRO D 954 -23.53 183.88 -32.34
CA PRO D 954 -23.72 185.15 -33.06
C PRO D 954 -25.17 185.65 -33.04
N LYS D 955 -25.43 186.74 -33.76
CA LYS D 955 -26.70 187.45 -33.66
C LYS D 955 -27.87 186.66 -34.23
N ASN D 956 -27.63 185.72 -35.15
CA ASN D 956 -28.73 184.96 -35.73
C ASN D 956 -29.32 183.93 -34.76
N TYR D 957 -28.68 183.69 -33.62
CA TYR D 957 -29.23 182.83 -32.58
C TYR D 957 -30.07 183.60 -31.57
N MET D 958 -30.29 184.90 -31.79
CA MET D 958 -31.14 185.69 -30.90
C MET D 958 -32.60 185.55 -31.29
N MET D 959 -33.46 185.43 -30.28
CA MET D 959 -34.89 185.28 -30.49
C MET D 959 -35.59 186.63 -30.32
N SER D 960 -36.93 186.62 -30.35
CA SER D 960 -37.68 187.86 -30.20
C SER D 960 -37.63 188.38 -28.78
N ASN D 961 -37.54 187.49 -27.80
CA ASN D 961 -37.48 187.89 -26.39
C ASN D 961 -36.07 188.13 -25.89
N GLY D 962 -35.06 188.02 -26.77
CA GLY D 962 -33.68 188.19 -26.36
C GLY D 962 -33.04 186.97 -25.76
N TYR D 963 -33.69 185.81 -25.82
CA TYR D 963 -33.14 184.59 -25.24
C TYR D 963 -32.09 184.02 -26.18
N LYS D 964 -30.83 184.09 -25.76
CA LYS D 964 -29.72 183.49 -26.50
C LYS D 964 -29.22 182.29 -25.74
N PRO D 965 -29.29 181.09 -26.30
CA PRO D 965 -28.76 179.91 -25.60
C PRO D 965 -27.25 179.98 -25.46
N ALA D 966 -26.75 179.40 -24.36
CA ALA D 966 -25.33 179.48 -23.99
C ALA D 966 -24.79 178.09 -23.75
N PRO D 967 -24.40 177.38 -24.80
CA PRO D 967 -23.74 176.08 -24.62
C PRO D 967 -22.33 176.25 -24.10
N LEU D 968 -21.84 175.21 -23.41
CA LEU D 968 -20.50 175.25 -22.85
C LEU D 968 -19.44 175.11 -23.95
N ASP D 969 -18.27 175.70 -23.69
CA ASP D 969 -17.15 175.63 -24.62
C ASP D 969 -16.36 174.36 -24.32
N LEU D 970 -16.87 173.25 -24.87
CA LEU D 970 -16.30 171.92 -24.64
C LEU D 970 -15.48 171.42 -25.83
N SER D 971 -15.09 172.32 -26.74
CA SER D 971 -14.28 171.91 -27.88
C SER D 971 -12.88 171.49 -27.47
N ASP D 972 -12.38 172.01 -26.34
CA ASP D 972 -11.08 171.64 -25.81
C ASP D 972 -11.15 170.52 -24.79
N VAL D 973 -12.33 169.96 -24.54
CA VAL D 973 -12.49 168.87 -23.59
C VAL D 973 -12.38 167.55 -24.36
N LYS D 974 -11.45 166.70 -23.94
CA LYS D 974 -11.19 165.41 -24.57
C LYS D 974 -11.58 164.28 -23.62
N LEU D 975 -12.09 163.19 -24.19
CA LEU D 975 -12.53 162.05 -23.41
C LEU D 975 -11.61 160.86 -23.66
N LEU D 976 -11.36 160.09 -22.60
CA LEU D 976 -10.52 158.91 -22.69
C LEU D 976 -11.23 157.81 -23.46
N PRO D 977 -10.48 156.88 -24.07
CA PRO D 977 -11.09 155.71 -24.71
C PRO D 977 -11.86 154.84 -23.72
N PRO D 978 -11.44 154.69 -22.44
CA PRO D 978 -12.40 154.11 -21.47
C PRO D 978 -13.65 154.95 -21.29
N GLN D 979 -13.55 156.28 -21.36
CA GLN D 979 -14.76 157.10 -21.30
C GLN D 979 -15.59 156.95 -22.58
N GLU D 980 -14.95 156.67 -23.71
CA GLU D 980 -15.70 156.35 -24.93
C GLU D 980 -16.43 155.02 -24.78
N VAL D 981 -15.81 154.05 -24.12
CA VAL D 981 -16.48 152.78 -23.80
C VAL D 981 -17.66 153.04 -22.88
N LEU D 982 -17.49 153.95 -21.92
CA LEU D 982 -18.60 154.34 -21.04
C LEU D 982 -19.73 154.99 -21.82
N VAL D 983 -19.39 155.83 -22.82
CA VAL D 983 -20.40 156.44 -23.69
C VAL D 983 -21.15 155.38 -24.48
N ASP D 984 -20.42 154.38 -25.00
CA ASP D 984 -21.07 153.29 -25.73
C ASP D 984 -21.98 152.48 -24.83
N LYS D 985 -21.56 152.24 -23.58
CA LYS D 985 -22.41 151.52 -22.63
C LYS D 985 -23.65 152.33 -22.25
N LEU D 986 -23.50 153.64 -22.13
CA LEU D 986 -24.66 154.50 -21.88
C LEU D 986 -25.64 154.47 -23.04
N ALA D 987 -25.12 154.48 -24.27
CA ALA D 987 -25.98 154.39 -25.45
C ALA D 987 -26.69 153.05 -25.51
N GLU D 988 -25.99 151.97 -25.17
CA GLU D 988 -26.60 150.64 -25.12
C GLU D 988 -27.70 150.58 -24.06
N ASN D 989 -27.44 151.16 -22.89
CA ASN D 989 -28.45 151.16 -21.82
C ASN D 989 -29.66 152.00 -22.20
N ALA D 990 -29.44 153.13 -22.86
CA ALA D 990 -30.57 153.95 -23.32
C ALA D 990 -31.38 153.22 -24.39
N HIS D 991 -30.70 152.51 -25.29
CA HIS D 991 -31.39 151.70 -26.29
C HIS D 991 -32.21 150.60 -25.64
N ASN D 992 -31.66 149.94 -24.62
CA ASN D 992 -32.39 148.89 -23.91
C ASN D 992 -33.60 149.45 -23.18
N VAL D 993 -33.46 150.63 -22.56
CA VAL D 993 -34.58 151.26 -21.85
C VAL D 993 -35.68 151.64 -22.84
N TRP D 994 -35.30 152.24 -23.96
CA TRP D 994 -36.29 152.62 -24.98
C TRP D 994 -36.98 151.41 -25.58
N ALA D 995 -36.23 150.34 -25.83
CA ALA D 995 -36.82 149.11 -26.37
C ALA D 995 -37.77 148.46 -25.39
N LYS D 996 -37.40 148.42 -24.10
CA LYS D 996 -38.29 147.86 -23.09
C LYS D 996 -39.55 148.70 -22.92
N ASP D 997 -39.42 150.03 -23.01
CA ASP D 997 -40.58 150.90 -22.95
C ASP D 997 -41.51 150.68 -24.14
N ARG D 998 -40.93 150.48 -25.33
CA ARG D 998 -41.76 150.22 -26.51
C ARG D 998 -42.44 148.86 -26.43
N ILE D 999 -41.72 147.83 -25.94
CA ILE D 999 -42.29 146.50 -25.80
C ILE D 999 -43.41 146.49 -24.77
N LYS D 1000 -43.24 147.25 -23.68
CA LYS D 1000 -44.28 147.38 -22.67
C LYS D 1000 -45.51 148.11 -23.20
N GLN D 1001 -45.37 148.87 -24.29
CA GLN D 1001 -46.49 149.53 -24.94
C GLN D 1001 -47.13 148.65 -26.02
N GLY D 1002 -46.66 147.42 -26.20
CA GLY D 1002 -47.23 146.53 -27.18
C GLY D 1002 -46.59 146.56 -28.55
N TRP D 1003 -45.41 147.17 -28.68
CA TRP D 1003 -44.73 147.23 -29.98
C TRP D 1003 -43.92 145.97 -30.23
N THR D 1004 -43.89 145.55 -31.49
CA THR D 1004 -43.13 144.40 -31.92
C THR D 1004 -42.21 144.79 -33.06
N TYR D 1005 -41.35 143.87 -33.47
CA TYR D 1005 -40.45 144.11 -34.59
C TYR D 1005 -41.22 144.09 -35.90
N GLY D 1006 -40.88 145.02 -36.79
CA GLY D 1006 -41.49 145.09 -38.10
C GLY D 1006 -40.77 146.06 -39.02
N ILE D 1007 -40.59 145.66 -40.29
CA ILE D 1007 -39.85 146.50 -41.23
C ILE D 1007 -40.64 147.75 -41.56
N GLN D 1008 -41.93 147.61 -41.85
CA GLN D 1008 -42.79 148.75 -42.13
C GLN D 1008 -43.47 149.20 -40.84
N GLN D 1009 -43.37 150.49 -40.55
CA GLN D 1009 -43.90 151.05 -39.30
C GLN D 1009 -45.31 151.57 -39.53
N ASP D 1010 -46.26 151.02 -38.78
CA ASP D 1010 -47.64 151.49 -38.79
C ASP D 1010 -48.14 151.63 -37.36
N LEU D 1011 -49.04 152.59 -37.15
CA LEU D 1011 -49.49 152.90 -35.80
C LEU D 1011 -50.45 151.83 -35.27
N LYS D 1012 -51.24 151.20 -36.14
CA LYS D 1012 -52.19 150.20 -35.67
C LYS D 1012 -51.49 148.93 -35.21
N ASN D 1013 -50.55 148.42 -36.01
CA ASN D 1013 -49.89 147.16 -35.69
C ASN D 1013 -48.76 147.30 -34.69
N LYS D 1014 -48.30 148.53 -34.42
CA LYS D 1014 -47.20 148.82 -33.49
C LYS D 1014 -45.93 148.05 -33.88
N ARG D 1015 -45.41 148.41 -35.05
CA ARG D 1015 -44.21 147.78 -35.59
C ARG D 1015 -43.08 148.79 -35.62
N ASN D 1016 -41.94 148.43 -35.02
CA ASN D 1016 -40.79 149.32 -34.91
C ASN D 1016 -39.58 148.67 -35.56
N PRO D 1017 -39.01 149.25 -36.62
CA PRO D 1017 -37.84 148.64 -37.25
C PRO D 1017 -36.58 148.69 -36.40
N ARG D 1018 -36.52 149.57 -35.40
CA ARG D 1018 -35.33 149.72 -34.57
C ARG D 1018 -35.28 148.74 -33.41
N LEU D 1019 -36.31 147.91 -33.24
CA LEU D 1019 -36.34 146.92 -32.17
C LEU D 1019 -35.40 145.76 -32.57
N VAL D 1020 -34.11 145.99 -32.34
CA VAL D 1020 -33.06 145.06 -32.74
C VAL D 1020 -31.97 145.08 -31.69
N PRO D 1021 -31.10 144.05 -31.69
CA PRO D 1021 -29.87 144.14 -30.90
C PRO D 1021 -29.01 145.31 -31.35
N TYR D 1022 -28.30 145.90 -30.38
CA TYR D 1022 -27.57 147.15 -30.62
C TYR D 1022 -26.43 146.98 -31.61
N ALA D 1023 -25.94 145.75 -31.81
CA ALA D 1023 -24.84 145.51 -32.75
C ALA D 1023 -25.29 145.58 -34.21
N LEU D 1024 -26.60 145.63 -34.48
CA LEU D 1024 -27.11 145.61 -35.84
C LEU D 1024 -27.99 146.82 -36.14
N LEU D 1025 -27.88 147.89 -35.36
CA LEU D 1025 -28.73 149.06 -35.56
C LEU D 1025 -28.19 149.94 -36.68
N ASP D 1026 -28.91 151.01 -36.97
CA ASP D 1026 -28.49 151.97 -37.98
C ASP D 1026 -27.30 152.79 -37.46
N GLU D 1027 -26.49 153.28 -38.40
CA GLU D 1027 -25.30 154.04 -38.02
C GLU D 1027 -25.66 155.41 -37.46
N ARG D 1028 -26.58 156.12 -38.12
CA ARG D 1028 -26.94 157.46 -37.67
C ARG D 1028 -27.77 157.43 -36.40
N THR D 1029 -28.64 156.43 -36.25
CA THR D 1029 -29.46 156.32 -35.05
C THR D 1029 -28.62 156.09 -33.81
N LYS D 1030 -27.61 155.22 -33.91
CA LYS D 1030 -26.67 155.06 -32.80
C LYS D 1030 -25.77 156.28 -32.65
N LYS D 1031 -25.40 156.90 -33.77
CA LYS D 1031 -24.42 157.98 -33.75
C LYS D 1031 -24.96 159.23 -33.07
N SER D 1032 -26.24 159.55 -33.29
CA SER D 1032 -26.82 160.73 -32.67
C SER D 1032 -26.87 160.61 -31.15
N ASN D 1033 -27.33 159.46 -30.65
CA ASN D 1033 -27.37 159.24 -29.21
C ASN D 1033 -25.96 159.13 -28.62
N ARG D 1034 -25.01 158.54 -29.38
CA ARG D 1034 -23.64 158.46 -28.92
C ARG D 1034 -23.01 159.85 -28.80
N ASP D 1035 -23.27 160.72 -29.77
CA ASP D 1035 -22.75 162.09 -29.71
C ASP D 1035 -23.41 162.89 -28.58
N SER D 1036 -24.71 162.68 -28.36
CA SER D 1036 -25.38 163.37 -27.26
C SER D 1036 -24.83 162.94 -25.90
N LEU D 1037 -24.62 161.64 -25.72
CA LEU D 1037 -24.07 161.17 -24.44
C LEU D 1037 -22.59 161.51 -24.30
N ARG D 1038 -21.85 161.60 -25.42
CA ARG D 1038 -20.48 162.07 -25.38
C ARG D 1038 -20.42 163.54 -24.95
N GLU D 1039 -21.36 164.36 -25.45
CA GLU D 1039 -21.44 165.74 -25.00
C GLU D 1039 -21.82 165.82 -23.53
N ALA D 1040 -22.69 164.92 -23.07
CA ALA D 1040 -23.04 164.88 -21.65
C ALA D 1040 -21.83 164.52 -20.79
N VAL D 1041 -21.02 163.56 -21.24
CA VAL D 1041 -19.82 163.18 -20.49
C VAL D 1041 -18.80 164.33 -20.51
N ARG D 1042 -18.70 165.04 -21.63
CA ARG D 1042 -17.83 166.22 -21.69
C ARG D 1042 -18.30 167.31 -20.74
N THR D 1043 -19.63 167.49 -20.62
CA THR D 1043 -20.18 168.43 -19.65
C THR D 1043 -19.86 168.01 -18.22
N PHE D 1044 -19.92 166.70 -17.95
CA PHE D 1044 -19.57 166.19 -16.62
C PHE D 1044 -18.09 166.43 -16.32
N VAL D 1045 -17.22 166.20 -17.31
CA VAL D 1045 -15.78 166.37 -17.08
C VAL D 1045 -15.43 167.84 -16.92
N GLY D 1046 -16.06 168.71 -17.70
CA GLY D 1046 -15.72 170.14 -17.70
C GLY D 1046 -16.03 170.86 -16.40
N TYR D 1047 -16.91 170.30 -15.57
CA TYR D 1047 -17.22 170.87 -14.27
C TYR D 1047 -16.34 170.31 -13.16
N GLY D 1048 -15.36 169.49 -13.49
CA GLY D 1048 -14.41 168.99 -12.51
C GLY D 1048 -14.80 167.69 -11.82
N TYR D 1049 -15.68 166.90 -12.43
CA TYR D 1049 -16.11 165.63 -11.87
C TYR D 1049 -15.34 164.50 -12.54
N ASN D 1050 -14.78 163.59 -11.74
CA ASN D 1050 -14.06 162.45 -12.27
C ASN D 1050 -15.02 161.32 -12.58
N ILE D 1051 -14.84 160.69 -13.74
CA ILE D 1051 -15.78 159.69 -14.24
C ILE D 1051 -15.06 158.34 -14.33
N GLU D 1052 -14.15 158.09 -13.40
CA GLU D 1052 -13.45 156.81 -13.38
C GLU D 1052 -14.42 155.68 -13.03
N PRO D 1053 -14.31 154.53 -13.69
CA PRO D 1053 -15.23 153.43 -13.44
C PRO D 1053 -14.80 152.61 -12.22
N SER D 1054 -15.54 151.53 -11.98
CA SER D 1054 -15.25 150.65 -10.85
C SER D 1054 -14.00 149.82 -11.12
N ASP D 1055 -13.21 149.62 -10.08
CA ASP D 1055 -12.01 148.80 -10.20
C ASP D 1055 -12.33 147.31 -10.23
N GLN D 1056 -13.44 146.90 -9.61
CA GLN D 1056 -13.82 145.49 -9.53
C GLN D 1056 -14.54 145.12 -10.83
N GLU D 1057 -13.80 144.56 -11.78
CA GLU D 1057 -14.37 144.10 -13.04
C GLU D 1057 -13.78 142.76 -13.46
N LEU D 1058 -13.41 141.93 -12.49
CA LEU D 1058 -12.79 140.64 -12.78
C LEU D 1058 -13.60 139.50 -12.16
N ALA D 1059 -14.92 139.54 -12.32
CA ALA D 1059 -15.76 138.49 -11.78
C ALA D 1059 -15.53 137.17 -12.51
N ASP D 1060 -15.32 137.22 -13.83
CA ASP D 1060 -15.05 136.10 -14.72
C ASP D 1060 -16.16 135.06 -14.65
N PRO D 1061 -17.35 135.36 -15.14
CA PRO D 1061 -18.44 134.37 -15.12
C PRO D 1061 -18.20 133.29 -16.17
N ALA D 1062 -18.01 132.06 -15.70
CA ALA D 1062 -17.71 130.93 -16.56
C ALA D 1062 -18.92 130.00 -16.64
N VAL D 1063 -19.29 129.60 -17.85
CA VAL D 1063 -20.41 128.69 -18.02
C VAL D 1063 -19.99 127.27 -17.62
N GLU D 1064 -21.00 126.43 -17.38
CA GLU D 1064 -20.74 125.06 -16.98
C GLU D 1064 -20.22 124.24 -18.16
N LYS D 1065 -19.68 123.06 -17.83
CA LYS D 1065 -19.17 122.17 -18.86
C LYS D 1065 -20.33 121.53 -19.63
N VAL D 1066 -20.02 121.10 -20.85
CA VAL D 1066 -21.03 120.48 -21.70
C VAL D 1066 -21.36 119.09 -21.18
N SER D 1067 -22.64 118.74 -21.23
CA SER D 1067 -23.08 117.41 -20.82
C SER D 1067 -22.59 116.35 -21.80
N ILE D 1068 -22.49 115.12 -21.30
CA ILE D 1068 -22.05 114.00 -22.14
C ILE D 1068 -23.11 113.64 -23.17
N ASP D 1069 -24.37 114.02 -22.94
CA ASP D 1069 -25.44 113.74 -23.90
C ASP D 1069 -25.31 114.57 -25.16
N LYS D 1070 -24.61 115.71 -25.11
CA LYS D 1070 -24.45 116.58 -26.26
C LYS D 1070 -23.16 116.34 -27.02
N ILE D 1071 -22.33 115.41 -26.56
CA ILE D 1071 -21.13 115.00 -27.29
C ILE D 1071 -21.50 113.84 -28.19
N ARG D 1072 -21.15 113.92 -29.47
CA ARG D 1072 -21.56 112.90 -30.43
C ARG D 1072 -20.41 111.96 -30.74
N PHE D 1073 -20.66 110.67 -30.55
CA PHE D 1073 -19.66 109.63 -30.77
C PHE D 1073 -19.89 109.01 -32.13
N PHE D 1074 -18.82 108.82 -32.89
CA PHE D 1074 -18.84 108.07 -34.14
C PHE D 1074 -17.88 106.90 -34.01
N ARG D 1075 -18.23 105.79 -34.64
CA ARG D 1075 -17.61 104.52 -34.27
C ARG D 1075 -17.71 103.56 -35.44
N VAL D 1076 -16.72 102.68 -35.56
CA VAL D 1076 -16.80 101.57 -36.50
C VAL D 1076 -17.57 100.42 -35.84
N GLU D 1077 -18.39 99.72 -36.63
CA GLU D 1077 -19.16 98.58 -36.13
C GLU D 1077 -18.25 97.51 -35.54
N TRP D 1078 -18.72 96.86 -34.48
CA TRP D 1078 -17.91 95.90 -33.72
C TRP D 1078 -17.49 94.68 -34.52
N SER D 1079 -18.19 94.36 -35.60
CA SER D 1079 -17.84 93.18 -36.40
C SER D 1079 -16.56 93.38 -37.20
N TYR D 1080 -16.05 94.61 -37.27
CA TYR D 1080 -14.79 94.90 -37.93
C TYR D 1080 -13.62 94.99 -36.96
N ALA D 1081 -13.81 94.56 -35.71
CA ALA D 1081 -12.76 94.68 -34.70
C ALA D 1081 -11.58 93.77 -35.02
N VAL D 1082 -10.38 94.31 -34.83
CA VAL D 1082 -9.14 93.64 -35.21
C VAL D 1082 -8.46 93.11 -33.96
N ARG D 1083 -7.99 91.87 -34.02
CA ARG D 1083 -7.28 91.25 -32.90
C ARG D 1083 -5.79 91.08 -33.14
N SER D 1084 -5.32 91.26 -34.38
CA SER D 1084 -3.91 91.14 -34.69
C SER D 1084 -3.61 91.92 -35.95
N GLY D 1085 -2.35 92.31 -36.10
CA GLY D 1085 -1.90 93.04 -37.26
C GLY D 1085 -1.49 94.47 -36.91
N LYS D 1086 -1.12 95.19 -37.97
CA LYS D 1086 -0.77 96.61 -37.88
C LYS D 1086 -1.75 97.40 -38.71
N TRP D 1087 -2.43 98.36 -38.09
CA TRP D 1087 -3.54 99.06 -38.75
C TRP D 1087 -3.39 100.57 -38.60
N TYR D 1088 -3.85 101.28 -39.62
CA TYR D 1088 -3.67 102.72 -39.75
C TYR D 1088 -4.98 103.35 -40.20
N PHE D 1089 -5.33 104.50 -39.61
CA PHE D 1089 -6.38 105.33 -40.18
C PHE D 1089 -6.06 106.80 -39.88
N GLU D 1090 -6.83 107.70 -40.48
CA GLU D 1090 -6.58 109.12 -40.34
C GLU D 1090 -7.84 109.85 -39.90
N PHE D 1091 -7.63 110.99 -39.24
CA PHE D 1091 -8.73 111.83 -38.75
C PHE D 1091 -8.35 113.27 -39.02
N GLU D 1092 -8.98 113.89 -40.01
CA GLU D 1092 -8.76 115.29 -40.30
C GLU D 1092 -9.67 116.13 -39.42
N VAL D 1093 -9.11 117.14 -38.78
CA VAL D 1093 -9.85 118.04 -37.90
C VAL D 1093 -10.16 119.30 -38.71
N VAL D 1094 -11.40 119.37 -39.21
CA VAL D 1094 -11.80 120.53 -40.01
C VAL D 1094 -11.94 121.76 -39.13
N THR D 1095 -12.57 121.61 -37.97
CA THR D 1095 -12.72 122.67 -36.99
C THR D 1095 -11.90 122.29 -35.77
N GLY D 1096 -10.81 123.01 -35.52
CA GLY D 1096 -9.98 122.73 -34.36
C GLY D 1096 -10.72 123.03 -33.08
N GLY D 1097 -10.74 122.07 -32.16
CA GLY D 1097 -11.50 122.22 -30.93
C GLY D 1097 -11.56 120.93 -30.14
N ASP D 1098 -12.62 120.79 -29.37
CA ASP D 1098 -12.79 119.66 -28.45
C ASP D 1098 -13.21 118.43 -29.23
N MET D 1099 -12.24 117.59 -29.59
CA MET D 1099 -12.49 116.30 -30.23
C MET D 1099 -11.52 115.28 -29.69
N ARG D 1100 -11.95 114.01 -29.71
CA ARG D 1100 -11.09 112.90 -29.31
C ARG D 1100 -11.11 111.84 -30.41
N VAL D 1101 -9.99 111.15 -30.59
CA VAL D 1101 -9.91 110.14 -31.63
C VAL D 1101 -9.01 109.00 -31.15
N GLY D 1102 -9.40 107.76 -31.44
CA GLY D 1102 -8.58 106.64 -31.01
C GLY D 1102 -9.24 105.30 -31.26
N TRP D 1103 -8.90 104.34 -30.39
CA TRP D 1103 -9.32 102.96 -30.56
C TRP D 1103 -10.19 102.53 -29.40
N ALA D 1104 -11.30 101.86 -29.71
CA ALA D 1104 -12.28 101.46 -28.71
C ALA D 1104 -12.47 99.95 -28.69
N ARG D 1105 -12.68 99.40 -27.49
CA ARG D 1105 -13.04 98.01 -27.31
C ARG D 1105 -14.55 97.81 -27.49
N PRO D 1106 -14.99 96.62 -27.89
CA PRO D 1106 -16.42 96.32 -27.86
C PRO D 1106 -16.95 96.28 -26.44
N GLY D 1107 -17.76 97.27 -26.08
CA GLY D 1107 -18.18 97.43 -24.71
C GLY D 1107 -18.09 98.88 -24.29
N CYS D 1108 -17.58 99.71 -25.19
CA CYS D 1108 -17.55 101.15 -24.96
C CYS D 1108 -18.97 101.70 -24.95
N ARG D 1109 -19.24 102.62 -24.03
CA ARG D 1109 -20.58 103.15 -23.85
C ARG D 1109 -20.66 104.59 -24.35
N PRO D 1110 -21.81 105.00 -24.88
CA PRO D 1110 -21.93 106.37 -25.42
C PRO D 1110 -22.18 107.44 -24.37
N ASP D 1111 -22.44 107.08 -23.11
CA ASP D 1111 -22.73 108.05 -22.07
C ASP D 1111 -21.54 108.31 -21.15
N ILE D 1112 -20.37 107.77 -21.48
CA ILE D 1112 -19.14 108.00 -20.73
C ILE D 1112 -18.15 108.66 -21.68
N GLU D 1113 -17.41 109.65 -21.16
CA GLU D 1113 -16.40 110.34 -21.95
C GLU D 1113 -15.34 109.38 -22.45
N LEU D 1114 -14.85 109.62 -23.66
CA LEU D 1114 -13.95 108.69 -24.33
C LEU D 1114 -12.61 108.64 -23.62
N GLY D 1115 -12.19 107.44 -23.23
CA GLY D 1115 -10.95 107.24 -22.53
C GLY D 1115 -11.02 107.43 -21.03
N ALA D 1116 -12.19 107.77 -20.48
CA ALA D 1116 -12.32 107.93 -19.04
C ALA D 1116 -12.34 106.60 -18.30
N ASP D 1117 -12.56 105.50 -19.00
CA ASP D 1117 -12.52 104.16 -18.41
C ASP D 1117 -11.62 103.25 -19.22
N ASP D 1118 -11.67 101.95 -18.95
CA ASP D 1118 -10.78 100.97 -19.57
C ASP D 1118 -11.32 100.45 -20.90
N GLN D 1119 -12.19 101.20 -21.57
CA GLN D 1119 -12.79 100.73 -22.82
C GLN D 1119 -12.31 101.47 -24.05
N ALA D 1120 -11.62 102.60 -23.90
CA ALA D 1120 -11.15 103.37 -25.04
C ALA D 1120 -9.76 103.92 -24.76
N PHE D 1121 -8.99 104.08 -25.83
CA PHE D 1121 -7.63 104.63 -25.79
C PHE D 1121 -7.65 105.76 -26.81
N VAL D 1122 -7.75 107.01 -26.35
CA VAL D 1122 -7.95 108.11 -27.27
C VAL D 1122 -6.96 109.23 -27.03
N PHE D 1123 -6.83 110.09 -28.03
CA PHE D 1123 -6.02 111.30 -27.99
C PHE D 1123 -6.94 112.49 -28.18
N GLU D 1124 -6.78 113.49 -27.32
CA GLU D 1124 -7.52 114.75 -27.40
C GLU D 1124 -6.52 115.86 -27.68
N GLY D 1125 -6.59 116.43 -28.88
CA GLY D 1125 -5.65 117.45 -29.28
C GLY D 1125 -6.04 118.87 -28.98
N SER D 1126 -7.16 119.11 -28.32
CA SER D 1126 -7.48 120.46 -27.89
C SER D 1126 -6.60 120.88 -26.72
N ARG D 1127 -6.28 119.94 -25.84
CA ARG D 1127 -5.41 120.19 -24.70
C ARG D 1127 -4.12 119.40 -24.76
N GLY D 1128 -3.93 118.56 -25.77
CA GLY D 1128 -2.74 117.75 -25.89
C GLY D 1128 -2.67 116.68 -24.81
N GLN D 1129 -3.68 115.82 -24.76
CA GLN D 1129 -3.79 114.81 -23.71
C GLN D 1129 -4.07 113.45 -24.31
N ARG D 1130 -3.68 112.41 -23.59
CA ARG D 1130 -4.05 111.04 -23.89
C ARG D 1130 -4.97 110.52 -22.79
N TRP D 1131 -5.96 109.72 -23.16
CA TRP D 1131 -6.98 109.25 -22.24
C TRP D 1131 -7.08 107.73 -22.32
N HIS D 1132 -6.82 107.08 -21.19
CA HIS D 1132 -7.17 105.69 -20.93
C HIS D 1132 -7.14 105.49 -19.43
N GLN D 1133 -8.29 105.18 -18.83
CA GLN D 1133 -8.45 105.07 -17.37
C GLN D 1133 -8.00 106.34 -16.66
N GLY D 1134 -8.38 107.49 -17.22
CA GLY D 1134 -7.95 108.77 -16.73
C GLY D 1134 -7.36 109.58 -17.87
N SER D 1135 -6.51 110.55 -17.52
CA SER D 1135 -5.89 111.41 -18.51
C SER D 1135 -4.43 111.66 -18.15
N GLY D 1136 -3.63 111.94 -19.17
CA GLY D 1136 -2.26 112.35 -19.00
C GLY D 1136 -1.91 113.27 -20.14
N TYR D 1137 -0.74 113.90 -20.04
CA TYR D 1137 -0.31 114.86 -21.06
C TYR D 1137 0.57 114.17 -22.09
N PHE D 1138 0.32 114.45 -23.37
CA PHE D 1138 0.96 113.75 -24.45
C PHE D 1138 0.88 114.60 -25.72
N GLY D 1139 1.99 114.69 -26.44
CA GLY D 1139 1.98 115.34 -27.74
C GLY D 1139 1.81 116.84 -27.65
N ARG D 1140 1.22 117.40 -28.70
CA ARG D 1140 1.00 118.84 -28.79
C ARG D 1140 -0.38 119.10 -29.35
N THR D 1141 -0.87 120.31 -29.12
CA THR D 1141 -2.21 120.68 -29.56
C THR D 1141 -2.24 120.84 -31.08
N TRP D 1142 -3.44 120.67 -31.65
CA TRP D 1142 -3.62 120.71 -33.10
C TRP D 1142 -4.24 122.03 -33.53
N GLN D 1143 -4.31 122.21 -34.84
CA GLN D 1143 -4.90 123.37 -35.50
C GLN D 1143 -5.98 122.90 -36.46
N PRO D 1144 -6.87 123.80 -36.88
CA PRO D 1144 -7.80 123.45 -37.95
C PRO D 1144 -7.07 123.07 -39.23
N GLY D 1145 -7.57 122.03 -39.89
CA GLY D 1145 -6.94 121.50 -41.08
C GLY D 1145 -5.88 120.45 -40.83
N ASP D 1146 -5.59 120.11 -39.58
CA ASP D 1146 -4.61 119.10 -39.28
C ASP D 1146 -5.16 117.70 -39.53
N VAL D 1147 -4.25 116.73 -39.60
CA VAL D 1147 -4.60 115.33 -39.79
C VAL D 1147 -3.88 114.53 -38.72
N VAL D 1148 -4.63 113.74 -37.96
CA VAL D 1148 -4.08 112.86 -36.94
C VAL D 1148 -4.07 111.45 -37.50
N GLY D 1149 -2.88 110.86 -37.60
CA GLY D 1149 -2.75 109.49 -38.04
C GLY D 1149 -2.65 108.53 -36.87
N CYS D 1150 -3.60 107.62 -36.76
CA CYS D 1150 -3.64 106.67 -35.66
C CYS D 1150 -3.19 105.31 -36.15
N MET D 1151 -2.22 104.72 -35.47
CA MET D 1151 -1.67 103.41 -35.79
C MET D 1151 -1.77 102.51 -34.57
N ILE D 1152 -2.19 101.27 -34.79
CA ILE D 1152 -2.23 100.27 -33.73
C ILE D 1152 -1.40 99.08 -34.18
N ASN D 1153 -0.63 98.51 -33.25
CA ASN D 1153 0.24 97.37 -33.49
C ASN D 1153 -0.10 96.35 -32.42
N LEU D 1154 -1.01 95.42 -32.75
CA LEU D 1154 -1.44 94.43 -31.79
C LEU D 1154 -0.45 93.28 -31.66
N ASP D 1155 0.52 93.19 -32.58
CA ASP D 1155 1.59 92.23 -32.42
C ASP D 1155 2.51 92.60 -31.26
N ASP D 1156 2.86 93.88 -31.14
CA ASP D 1156 3.66 94.38 -30.04
C ASP D 1156 2.82 95.03 -28.95
N ALA D 1157 1.51 95.14 -29.16
CA ALA D 1157 0.56 95.79 -28.25
C ALA D 1157 0.96 97.23 -27.94
N SER D 1158 0.96 98.06 -28.98
CA SER D 1158 1.30 99.46 -28.84
C SER D 1158 0.42 100.31 -29.74
N MET D 1159 0.31 101.60 -29.41
CA MET D 1159 -0.48 102.55 -30.18
C MET D 1159 0.36 103.81 -30.41
N ILE D 1160 0.31 104.33 -31.63
CA ILE D 1160 1.12 105.47 -32.04
C ILE D 1160 0.21 106.51 -32.69
N PHE D 1161 0.41 107.77 -32.31
CA PHE D 1161 -0.31 108.88 -32.91
C PHE D 1161 0.67 109.82 -33.61
N THR D 1162 0.24 110.32 -34.76
CA THR D 1162 1.00 111.32 -35.52
C THR D 1162 0.12 112.53 -35.77
N LEU D 1163 0.76 113.69 -35.84
CA LEU D 1163 0.06 114.94 -36.19
C LEU D 1163 0.76 115.54 -37.39
N ASN D 1164 0.05 115.61 -38.52
CA ASN D 1164 0.55 116.12 -39.80
C ASN D 1164 1.82 115.38 -40.24
N GLY D 1165 1.83 114.08 -40.03
CA GLY D 1165 2.94 113.24 -40.47
C GLY D 1165 4.11 113.18 -39.53
N GLU D 1166 4.11 113.96 -38.46
CA GLU D 1166 5.20 113.97 -37.50
C GLU D 1166 4.79 113.16 -36.27
N LEU D 1167 5.73 112.35 -35.77
CA LEU D 1167 5.45 111.47 -34.65
C LEU D 1167 5.25 112.26 -33.37
N LEU D 1168 4.16 111.99 -32.66
CA LEU D 1168 3.93 112.56 -31.34
C LEU D 1168 4.63 111.72 -30.29
N ILE D 1169 5.25 112.40 -29.33
CA ILE D 1169 6.07 111.72 -28.32
C ILE D 1169 5.57 112.10 -26.93
N THR D 1170 5.93 111.29 -25.95
CA THR D 1170 5.55 111.50 -24.57
C THR D 1170 6.52 112.47 -23.91
N ASN D 1171 6.40 112.64 -22.60
CA ASN D 1171 7.35 113.48 -21.87
C ASN D 1171 8.71 112.81 -21.70
N LYS D 1172 8.78 111.49 -21.86
CA LYS D 1172 10.02 110.75 -21.77
C LYS D 1172 10.66 110.48 -23.12
N GLY D 1173 10.08 111.02 -24.20
CA GLY D 1173 10.62 110.84 -25.53
C GLY D 1173 10.16 109.62 -26.28
N SER D 1174 9.32 108.78 -25.67
CA SER D 1174 8.82 107.59 -26.32
C SER D 1174 7.69 107.94 -27.29
N GLU D 1175 7.67 107.26 -28.44
CA GLU D 1175 6.62 107.47 -29.43
C GLU D 1175 5.36 106.67 -29.14
N LEU D 1176 5.39 105.83 -28.11
CA LEU D 1176 4.25 104.96 -27.79
C LEU D 1176 3.31 105.70 -26.85
N ALA D 1177 2.11 106.04 -27.34
CA ALA D 1177 1.13 106.69 -26.49
C ALA D 1177 0.54 105.72 -25.47
N PHE D 1178 0.19 104.51 -25.91
CA PHE D 1178 -0.28 103.46 -25.04
C PHE D 1178 0.46 102.17 -25.38
N ALA D 1179 0.75 101.39 -24.35
CA ALA D 1179 1.48 100.15 -24.54
C ALA D 1179 1.08 99.16 -23.46
N ASP D 1180 1.32 97.87 -23.77
CA ASP D 1180 1.11 96.75 -22.84
C ASP D 1180 -0.35 96.66 -22.37
N TYR D 1181 -1.25 96.55 -23.34
CA TYR D 1181 -2.66 96.32 -23.08
C TYR D 1181 -3.05 94.91 -23.48
N GLU D 1182 -4.24 94.50 -23.04
CA GLU D 1182 -4.79 93.21 -23.41
C GLU D 1182 -5.62 93.34 -24.68
N ILE D 1183 -5.54 92.34 -25.55
CA ILE D 1183 -6.25 92.40 -26.82
C ILE D 1183 -7.75 92.20 -26.59
N GLU D 1184 -8.11 91.08 -25.95
CA GLU D 1184 -9.49 90.70 -25.61
C GLU D 1184 -10.31 90.60 -26.89
N ASN D 1185 -11.39 91.37 -27.05
CA ASN D 1185 -12.25 91.26 -28.23
C ASN D 1185 -11.65 91.94 -29.45
N GLY D 1186 -10.93 93.04 -29.27
CA GLY D 1186 -10.34 93.77 -30.37
C GLY D 1186 -10.60 95.25 -30.23
N PHE D 1187 -10.33 95.98 -31.32
CA PHE D 1187 -10.46 97.44 -31.33
C PHE D 1187 -11.04 97.91 -32.64
N VAL D 1188 -11.83 98.97 -32.58
CA VAL D 1188 -12.32 99.66 -33.78
C VAL D 1188 -11.96 101.13 -33.68
N PRO D 1189 -11.88 101.83 -34.80
CA PRO D 1189 -11.76 103.28 -34.75
C PRO D 1189 -12.98 103.94 -34.12
N ILE D 1190 -12.71 104.97 -33.31
CA ILE D 1190 -13.74 105.75 -32.65
C ILE D 1190 -13.29 107.21 -32.59
N CYS D 1191 -14.26 108.11 -32.58
CA CYS D 1191 -14.02 109.52 -32.36
C CYS D 1191 -15.21 110.12 -31.64
N SER D 1192 -14.96 111.22 -30.95
CA SER D 1192 -16.00 111.98 -30.27
C SER D 1192 -15.85 113.44 -30.65
N LEU D 1193 -16.96 114.06 -31.04
CA LEU D 1193 -16.97 115.46 -31.42
C LEU D 1193 -17.84 116.25 -30.46
N GLY D 1194 -17.34 117.42 -30.07
CA GLY D 1194 -18.05 118.32 -29.18
C GLY D 1194 -18.98 119.25 -29.94
N LEU D 1195 -19.29 120.38 -29.30
CA LEU D 1195 -20.24 121.31 -29.87
C LEU D 1195 -19.64 122.05 -31.06
N SER D 1196 -20.36 122.02 -32.19
CA SER D 1196 -19.98 122.71 -33.43
C SER D 1196 -18.61 122.29 -33.94
N GLN D 1197 -18.29 121.00 -33.78
CA GLN D 1197 -17.02 120.45 -34.25
C GLN D 1197 -17.24 119.60 -35.49
N ILE D 1198 -16.30 119.67 -36.41
CA ILE D 1198 -16.36 118.94 -37.68
C ILE D 1198 -15.09 118.13 -37.82
N GLY D 1199 -15.24 116.84 -38.15
CA GLY D 1199 -14.11 115.98 -38.38
C GLY D 1199 -14.39 114.99 -39.49
N ARG D 1200 -13.32 114.49 -40.10
CA ARG D 1200 -13.42 113.53 -41.19
C ARG D 1200 -12.57 112.32 -40.86
N MET D 1201 -13.21 111.15 -40.77
CA MET D 1201 -12.51 109.90 -40.51
C MET D 1201 -12.26 109.19 -41.84
N ASN D 1202 -11.00 108.90 -42.12
CA ASN D 1202 -10.60 108.19 -43.34
C ASN D 1202 -10.03 106.84 -42.92
N LEU D 1203 -10.73 105.78 -43.32
CA LEU D 1203 -10.34 104.43 -42.95
C LEU D 1203 -9.46 103.75 -43.99
N GLY D 1204 -9.33 104.33 -45.18
CA GLY D 1204 -8.40 103.80 -46.16
C GLY D 1204 -9.00 102.80 -47.12
N MET D 1205 -10.24 103.04 -47.56
CA MET D 1205 -10.78 102.29 -48.68
C MET D 1205 -9.97 102.55 -49.94
N ASP D 1206 -9.59 103.81 -50.16
CA ASP D 1206 -8.60 104.19 -51.16
C ASP D 1206 -7.41 104.77 -50.39
N ALA D 1207 -6.27 104.07 -50.44
CA ALA D 1207 -5.11 104.50 -49.68
C ALA D 1207 -4.43 105.72 -50.30
N SER D 1208 -4.74 106.04 -51.55
CA SER D 1208 -4.21 107.24 -52.18
C SER D 1208 -4.88 108.52 -51.69
N THR D 1209 -6.02 108.41 -51.01
CA THR D 1209 -6.67 109.57 -50.42
C THR D 1209 -6.08 109.95 -49.07
N PHE D 1210 -5.18 109.14 -48.53
CA PHE D 1210 -4.46 109.49 -47.32
C PHE D 1210 -3.51 110.66 -47.59
N LYS D 1211 -3.21 111.41 -46.53
CA LYS D 1211 -2.36 112.59 -46.66
C LYS D 1211 -0.93 112.34 -46.19
N PHE D 1212 -0.74 111.54 -45.13
CA PHE D 1212 0.58 111.34 -44.55
C PHE D 1212 0.87 109.86 -44.33
N TYR D 1213 0.26 108.99 -45.13
CA TYR D 1213 0.49 107.56 -44.99
C TYR D 1213 1.88 107.19 -45.48
N THR D 1214 2.35 107.80 -46.56
CA THR D 1214 3.66 107.48 -47.09
C THR D 1214 4.77 108.09 -46.24
N MET D 1215 4.50 109.22 -45.59
CA MET D 1215 5.51 109.82 -44.71
C MET D 1215 5.74 108.98 -43.46
N CYS D 1216 4.67 108.51 -42.83
CA CYS D 1216 4.80 107.68 -41.65
C CYS D 1216 3.66 106.67 -41.66
N GLY D 1217 4.01 105.39 -41.70
CA GLY D 1217 3.02 104.33 -41.58
C GLY D 1217 3.08 103.27 -42.65
N LEU D 1218 3.32 103.65 -43.90
CA LEU D 1218 3.34 102.68 -44.99
C LEU D 1218 4.56 101.78 -44.91
N GLN D 1219 5.74 102.37 -44.73
CA GLN D 1219 6.97 101.60 -44.70
C GLN D 1219 7.26 101.03 -43.31
N GLU D 1220 6.51 101.41 -42.30
CA GLU D 1220 6.63 100.84 -40.96
C GLU D 1220 5.79 99.58 -40.79
N GLY D 1221 5.06 99.17 -41.82
CA GLY D 1221 4.29 97.95 -41.78
C GLY D 1221 2.82 98.09 -41.45
N PHE D 1222 2.31 99.32 -41.36
CA PHE D 1222 0.91 99.55 -41.02
C PHE D 1222 0.07 99.61 -42.28
N GLU D 1223 -1.01 98.86 -42.29
CA GLU D 1223 -1.95 98.80 -43.39
C GLU D 1223 -3.16 99.69 -43.12
N PRO D 1224 -3.87 100.12 -44.16
CA PRO D 1224 -5.14 100.80 -43.94
C PRO D 1224 -6.15 99.88 -43.26
N PHE D 1225 -7.02 100.47 -42.45
CA PHE D 1225 -7.99 99.68 -41.70
C PHE D 1225 -8.97 98.98 -42.64
N ALA D 1226 -9.41 99.67 -43.68
CA ALA D 1226 -10.36 99.12 -44.64
C ALA D 1226 -9.66 98.64 -45.92
N VAL D 1227 -8.44 98.12 -45.81
CA VAL D 1227 -7.75 97.62 -46.98
C VAL D 1227 -8.35 96.28 -47.39
N ASN D 1228 -8.37 96.04 -48.72
CA ASN D 1228 -8.90 94.81 -49.33
C ASN D 1228 -10.36 94.57 -48.95
N MET D 1229 -11.15 95.64 -48.96
CA MET D 1229 -12.58 95.56 -48.69
C MET D 1229 -13.36 96.12 -49.86
N ASN D 1230 -14.44 95.43 -50.22
CA ASN D 1230 -15.21 95.79 -51.42
C ASN D 1230 -16.29 96.83 -51.15
N ARG D 1231 -16.92 96.79 -50.00
CA ARG D 1231 -17.95 97.74 -49.64
C ARG D 1231 -17.51 98.60 -48.46
N ASP D 1232 -18.20 99.70 -48.26
CA ASP D 1232 -17.82 100.66 -47.22
C ASP D 1232 -18.07 100.08 -45.83
N VAL D 1233 -17.21 100.48 -44.90
CA VAL D 1233 -17.30 100.00 -43.53
C VAL D 1233 -18.51 100.63 -42.86
N ALA D 1234 -19.32 99.81 -42.19
CA ALA D 1234 -20.52 100.29 -41.52
C ALA D 1234 -20.16 101.08 -40.27
N MET D 1235 -20.87 102.18 -40.05
CA MET D 1235 -20.58 103.11 -38.97
C MET D 1235 -21.77 103.23 -38.05
N TRP D 1236 -21.50 103.50 -36.78
CA TRP D 1236 -22.53 103.76 -35.78
C TRP D 1236 -22.24 105.09 -35.12
N PHE D 1237 -23.30 105.72 -34.60
CA PHE D 1237 -23.19 106.99 -33.91
C PHE D 1237 -23.98 106.93 -32.62
N SER D 1238 -23.73 107.90 -31.75
CA SER D 1238 -24.41 107.97 -30.46
C SER D 1238 -25.59 108.93 -30.58
N LYS D 1239 -26.78 108.43 -30.27
CA LYS D 1239 -28.01 109.20 -30.38
C LYS D 1239 -28.58 109.45 -28.99
N ARG D 1240 -29.01 110.69 -28.76
CA ARG D 1240 -29.61 111.08 -27.49
C ARG D 1240 -31.11 110.90 -27.62
N LEU D 1241 -31.59 109.71 -27.28
CA LEU D 1241 -33.01 109.39 -27.28
C LEU D 1241 -33.27 108.52 -26.06
N PRO D 1242 -33.87 109.08 -25.01
CA PRO D 1242 -34.05 108.30 -23.76
C PRO D 1242 -35.07 107.17 -23.94
N THR D 1243 -34.64 105.96 -23.58
CA THR D 1243 -35.46 104.77 -23.74
C THR D 1243 -35.43 103.97 -22.44
N PHE D 1244 -36.54 103.30 -22.13
CA PHE D 1244 -36.61 102.48 -20.94
C PHE D 1244 -35.91 101.16 -21.17
N VAL D 1245 -34.91 100.86 -20.34
CA VAL D 1245 -34.16 99.61 -20.41
C VAL D 1245 -34.31 98.89 -19.08
N ASN D 1246 -34.35 97.56 -19.13
CA ASN D 1246 -34.49 96.75 -17.92
C ASN D 1246 -33.32 96.99 -16.97
N VAL D 1247 -33.63 97.03 -15.68
CA VAL D 1247 -32.63 97.28 -14.65
C VAL D 1247 -31.75 96.05 -14.49
N PRO D 1248 -30.43 96.16 -14.69
CA PRO D 1248 -29.55 95.01 -14.55
C PRO D 1248 -29.30 94.70 -13.08
N LYS D 1249 -28.66 93.54 -12.86
CA LYS D 1249 -28.28 93.17 -11.50
C LYS D 1249 -27.18 94.06 -10.96
N ASP D 1250 -26.33 94.60 -11.84
CA ASP D 1250 -25.24 95.48 -11.44
C ASP D 1250 -25.57 96.95 -11.68
N HIS D 1251 -26.83 97.33 -11.49
CA HIS D 1251 -27.21 98.73 -11.59
C HIS D 1251 -26.62 99.51 -10.42
N PRO D 1252 -26.06 100.70 -10.65
CA PRO D 1252 -25.36 101.42 -9.58
C PRO D 1252 -26.28 102.05 -8.55
N HIS D 1253 -27.58 102.20 -8.81
CA HIS D 1253 -28.45 102.94 -7.93
C HIS D 1253 -29.77 102.28 -7.58
N ILE D 1254 -30.26 101.34 -8.38
CA ILE D 1254 -31.61 100.80 -8.22
C ILE D 1254 -31.52 99.29 -8.03
N GLU D 1255 -32.20 98.78 -7.00
CA GLU D 1255 -32.33 97.35 -6.77
C GLU D 1255 -33.81 96.98 -6.79
N VAL D 1256 -34.14 95.92 -7.51
CA VAL D 1256 -35.51 95.45 -7.67
C VAL D 1256 -35.62 94.07 -7.05
N VAL D 1257 -36.61 93.88 -6.17
CA VAL D 1257 -36.85 92.62 -5.49
C VAL D 1257 -38.24 92.13 -5.87
N ARG D 1258 -38.32 90.88 -6.30
CA ARG D 1258 -39.61 90.28 -6.65
C ARG D 1258 -40.18 89.56 -5.45
N ILE D 1259 -41.43 89.85 -5.11
CA ILE D 1259 -42.11 89.27 -3.95
C ILE D 1259 -43.30 88.47 -4.48
N ASP D 1260 -43.30 87.17 -4.21
CA ASP D 1260 -44.38 86.31 -4.66
C ASP D 1260 -45.66 86.59 -3.89
N GLY D 1261 -46.79 86.49 -4.58
CA GLY D 1261 -48.07 86.75 -3.96
C GLY D 1261 -48.57 85.64 -3.08
N THR D 1262 -48.76 85.94 -1.79
CA THR D 1262 -49.27 84.97 -0.84
C THR D 1262 -50.80 84.96 -0.89
N MET D 1263 -51.43 84.29 0.07
CA MET D 1263 -52.88 84.22 0.11
C MET D 1263 -53.50 85.54 0.53
N ASP D 1264 -52.76 86.36 1.30
CA ASP D 1264 -53.27 87.62 1.80
C ASP D 1264 -52.61 88.84 1.19
N SER D 1265 -51.49 88.67 0.49
CA SER D 1265 -50.78 89.80 -0.08
C SER D 1265 -50.61 89.63 -1.58
N PRO D 1266 -50.70 90.71 -2.35
CA PRO D 1266 -50.50 90.60 -3.80
C PRO D 1266 -49.03 90.43 -4.14
N PRO D 1267 -48.70 89.95 -5.35
CA PRO D 1267 -47.30 89.96 -5.78
C PRO D 1267 -46.80 91.39 -5.94
N CYS D 1268 -45.53 91.59 -5.63
CA CYS D 1268 -44.97 92.94 -5.56
C CYS D 1268 -43.63 93.01 -6.26
N LEU D 1269 -43.33 94.20 -6.75
CA LEU D 1269 -42.00 94.53 -7.29
C LEU D 1269 -41.47 95.71 -6.47
N LYS D 1270 -40.52 95.44 -5.59
CA LYS D 1270 -40.03 96.42 -4.64
C LYS D 1270 -38.79 97.09 -5.19
N VAL D 1271 -38.86 98.41 -5.38
CA VAL D 1271 -37.75 99.21 -5.89
C VAL D 1271 -37.15 99.95 -4.71
N THR D 1272 -35.84 99.75 -4.51
CA THR D 1272 -35.08 100.39 -3.44
C THR D 1272 -33.83 101.04 -4.02
N HIS D 1273 -33.32 102.03 -3.30
CA HIS D 1273 -32.10 102.72 -3.70
C HIS D 1273 -30.90 102.08 -3.02
N LYS D 1274 -29.79 102.01 -3.76
CA LYS D 1274 -28.59 101.35 -3.25
C LYS D 1274 -27.67 102.31 -2.49
N THR D 1275 -27.35 103.45 -3.10
CA THR D 1275 -26.29 104.31 -2.60
C THR D 1275 -26.80 105.52 -1.81
N PHE D 1276 -28.09 105.58 -1.50
CA PHE D 1276 -28.60 106.72 -0.76
C PHE D 1276 -28.15 106.67 0.70
N GLY D 1277 -27.92 107.85 1.26
CA GLY D 1277 -27.47 107.97 2.64
C GLY D 1277 -25.98 107.83 2.83
N THR D 1278 -25.22 107.65 1.75
CA THR D 1278 -23.77 107.48 1.81
C THR D 1278 -23.09 108.62 1.06
N GLN D 1279 -21.77 108.54 0.98
CA GLN D 1279 -21.00 109.53 0.23
C GLN D 1279 -21.05 109.33 -1.28
N ASN D 1280 -21.50 108.16 -1.73
CA ASN D 1280 -21.67 107.87 -3.15
C ASN D 1280 -23.10 108.07 -3.61
N SER D 1281 -23.86 108.90 -2.90
CA SER D 1281 -25.27 109.11 -3.23
C SER D 1281 -25.41 110.01 -4.46
N ASN D 1282 -26.39 109.67 -5.30
CA ASN D 1282 -26.73 110.47 -6.47
C ASN D 1282 -28.24 110.74 -6.39
N ALA D 1283 -28.59 111.92 -5.87
CA ALA D 1283 -29.99 112.28 -5.66
C ALA D 1283 -30.58 112.95 -6.90
N SER D 1284 -30.56 112.19 -8.00
CA SER D 1284 -31.13 112.62 -9.26
C SER D 1284 -32.48 111.93 -9.49
N MET D 1285 -33.23 112.46 -10.45
CA MET D 1285 -34.55 111.92 -10.75
C MET D 1285 -34.43 110.52 -11.36
N ILE D 1286 -35.35 109.65 -10.98
CA ILE D 1286 -35.38 108.26 -11.44
C ILE D 1286 -36.73 108.05 -12.13
N TYR D 1287 -36.68 107.59 -13.37
CA TYR D 1287 -37.87 107.38 -14.20
C TYR D 1287 -38.01 105.88 -14.42
N CYS D 1288 -38.96 105.26 -13.72
CA CYS D 1288 -39.19 103.83 -13.74
C CYS D 1288 -40.51 103.52 -14.43
N ARG D 1289 -40.51 102.38 -15.13
CA ARG D 1289 -41.65 101.94 -15.92
C ARG D 1289 -41.77 100.42 -15.77
N LEU D 1290 -42.97 99.90 -16.06
CA LEU D 1290 -43.11 98.47 -16.14
C LEU D 1290 -42.89 98.00 -17.57
N SER D 1291 -42.45 96.75 -17.71
CA SER D 1291 -41.94 96.27 -18.99
C SER D 1291 -43.04 96.10 -20.02
N MET D 1292 -44.25 95.73 -19.60
CA MET D 1292 -45.30 95.43 -20.55
C MET D 1292 -46.44 96.45 -20.46
N PRO D 1293 -47.08 96.78 -21.56
CA PRO D 1293 -48.16 97.76 -21.55
C PRO D 1293 -49.54 97.13 -21.36
N VAL D 1294 -50.52 98.02 -21.20
CA VAL D 1294 -51.93 97.66 -21.19
C VAL D 1294 -52.59 98.41 -22.35
N GLU D 1295 -53.28 97.68 -23.21
CA GLU D 1295 -53.81 98.24 -24.45
C GLU D 1295 -55.33 98.38 -24.36
N CYS D 1296 -55.83 99.53 -24.79
CA CYS D 1296 -57.25 99.79 -24.82
C CYS D 1296 -57.88 99.16 -26.07
N HIS D 1297 -59.22 99.07 -26.06
CA HIS D 1297 -59.94 98.41 -27.13
C HIS D 1297 -59.93 99.26 -28.40
N SER D 1298 -60.13 98.57 -29.53
CA SER D 1298 -60.08 99.24 -30.83
C SER D 1298 -61.30 100.12 -31.08
N SER D 1299 -62.41 99.85 -30.43
CA SER D 1299 -63.62 100.66 -30.55
C SER D 1299 -64.19 100.91 -29.16
N PHE D 1300 -64.57 102.15 -28.89
CA PHE D 1300 -65.07 102.55 -27.57
C PHE D 1300 -66.58 102.67 -27.65
N SER D 1301 -67.28 101.62 -27.22
CA SER D 1301 -68.74 101.61 -27.20
C SER D 1301 -69.25 100.62 -26.16
N HIS D 1323 -65.56 87.78 -18.91
CA HIS D 1323 -65.44 88.84 -19.90
C HIS D 1323 -66.28 90.05 -19.51
N THR D 1324 -66.93 89.95 -18.36
CA THR D 1324 -67.78 91.04 -17.87
C THR D 1324 -67.00 92.19 -17.28
N THR D 1325 -65.70 92.03 -17.05
CA THR D 1325 -64.86 93.07 -16.49
C THR D 1325 -63.98 93.64 -17.60
N THR D 1326 -64.10 94.95 -17.82
CA THR D 1326 -63.29 95.67 -18.79
C THR D 1326 -62.38 96.69 -18.11
N GLN D 1327 -62.01 96.42 -16.86
CA GLN D 1327 -61.22 97.35 -16.07
C GLN D 1327 -59.97 96.66 -15.56
N CYS D 1328 -58.86 97.39 -15.58
CA CYS D 1328 -57.59 96.93 -15.06
C CYS D 1328 -57.16 97.83 -13.90
N TYR D 1329 -56.39 97.28 -12.98
CA TYR D 1329 -56.00 97.99 -11.78
C TYR D 1329 -54.56 97.67 -11.42
N TYR D 1330 -53.84 98.66 -10.91
CA TYR D 1330 -52.56 98.40 -10.26
C TYR D 1330 -52.38 99.43 -9.15
N ALA D 1331 -51.43 99.16 -8.26
CA ALA D 1331 -51.24 100.08 -7.14
C ALA D 1331 -49.75 100.31 -6.91
N ILE D 1332 -49.45 101.44 -6.29
CA ILE D 1332 -48.12 101.75 -5.81
C ILE D 1332 -48.21 101.93 -4.30
N ARG D 1333 -47.15 101.51 -3.62
CA ARG D 1333 -46.99 101.72 -2.19
C ARG D 1333 -45.69 102.45 -1.95
N ILE D 1334 -45.80 103.69 -1.47
CA ILE D 1334 -44.65 104.51 -1.14
C ILE D 1334 -44.33 104.27 0.33
N PHE D 1335 -43.12 103.81 0.60
CA PHE D 1335 -42.71 103.44 1.95
C PHE D 1335 -42.46 104.69 2.79
N ALA D 1336 -42.44 104.49 4.11
CA ALA D 1336 -42.15 105.57 5.03
C ALA D 1336 -40.71 106.01 4.89
N GLY D 1337 -40.48 107.32 5.02
CA GLY D 1337 -39.20 107.92 4.79
C GLY D 1337 -39.03 108.50 3.40
N GLN D 1338 -39.87 108.10 2.45
CA GLN D 1338 -39.87 108.68 1.11
C GLN D 1338 -40.91 109.78 1.05
N ASP D 1339 -40.49 110.96 0.62
CA ASP D 1339 -41.38 112.12 0.58
C ASP D 1339 -42.43 111.94 -0.50
N PRO D 1340 -43.73 111.95 -0.17
CA PRO D 1340 -44.75 111.82 -1.21
C PRO D 1340 -44.81 113.00 -2.18
N SER D 1341 -44.29 114.17 -1.80
CA SER D 1341 -44.31 115.31 -2.69
C SER D 1341 -43.29 115.22 -3.81
N CYS D 1342 -42.39 114.23 -3.77
CA CYS D 1342 -41.39 114.03 -4.81
C CYS D 1342 -41.67 112.80 -5.66
N VAL D 1343 -42.93 112.36 -5.72
CA VAL D 1343 -43.31 111.14 -6.42
C VAL D 1343 -44.49 111.45 -7.34
N TRP D 1344 -44.37 111.06 -8.61
CA TRP D 1344 -45.45 111.12 -9.58
C TRP D 1344 -45.76 109.70 -10.03
N VAL D 1345 -47.04 109.34 -10.05
CA VAL D 1345 -47.48 107.98 -10.34
C VAL D 1345 -48.50 108.02 -11.47
N GLY D 1346 -48.34 107.14 -12.46
CA GLY D 1346 -49.34 107.08 -13.51
C GLY D 1346 -49.02 106.19 -14.69
N TRP D 1347 -49.32 106.66 -15.89
CA TRP D 1347 -49.14 105.88 -17.11
C TRP D 1347 -48.36 106.70 -18.13
N VAL D 1348 -47.60 106.00 -18.97
CA VAL D 1348 -46.87 106.62 -20.06
C VAL D 1348 -47.13 105.83 -21.34
N THR D 1349 -47.32 106.56 -22.45
CA THR D 1349 -47.42 105.96 -23.76
C THR D 1349 -46.04 105.54 -24.26
N PRO D 1350 -45.95 104.68 -25.28
CA PRO D 1350 -44.63 104.26 -25.79
C PRO D 1350 -43.77 105.39 -26.34
N ASP D 1351 -44.36 106.54 -26.71
CA ASP D 1351 -43.60 107.64 -27.28
C ASP D 1351 -43.09 108.63 -26.25
N TYR D 1352 -42.86 108.19 -25.01
CA TYR D 1352 -42.31 109.06 -23.97
C TYR D 1352 -40.79 108.93 -23.98
N HIS D 1353 -40.11 110.01 -24.35
CA HIS D 1353 -38.65 110.03 -24.47
C HIS D 1353 -38.08 111.28 -23.80
N LEU D 1354 -38.53 111.56 -22.58
CA LEU D 1354 -38.14 112.76 -21.87
C LEU D 1354 -37.27 112.40 -20.67
N TYR D 1355 -36.11 113.03 -20.57
CA TYR D 1355 -35.21 112.86 -19.44
C TYR D 1355 -34.79 114.23 -18.95
N SER D 1356 -34.89 114.46 -17.65
CA SER D 1356 -34.58 115.75 -17.06
C SER D 1356 -34.07 115.54 -15.65
N GLU D 1357 -33.36 116.55 -15.13
CA GLU D 1357 -32.94 116.55 -13.74
C GLU D 1357 -34.04 117.05 -12.80
N LYS D 1358 -34.94 117.89 -13.31
CA LYS D 1358 -36.09 118.37 -12.55
C LYS D 1358 -37.35 118.05 -13.33
N PHE D 1359 -38.30 117.37 -12.70
CA PHE D 1359 -39.55 116.97 -13.35
C PHE D 1359 -40.69 117.85 -12.86
N ASP D 1360 -41.46 118.37 -13.79
CA ASP D 1360 -42.66 119.13 -13.48
C ASP D 1360 -43.81 118.61 -14.32
N LEU D 1361 -44.97 118.48 -13.69
CA LEU D 1361 -46.14 117.92 -14.37
C LEU D 1361 -46.80 118.92 -15.33
N ASN D 1362 -46.43 120.20 -15.26
CA ASN D 1362 -46.97 121.20 -16.18
C ASN D 1362 -46.14 121.34 -17.44
N LYS D 1363 -44.99 120.68 -17.53
CA LYS D 1363 -44.13 120.71 -18.70
C LYS D 1363 -44.39 119.55 -19.65
N ASN D 1364 -45.47 118.80 -19.43
CA ASN D 1364 -45.78 117.67 -20.28
C ASN D 1364 -46.20 118.13 -21.68
N CYS D 1365 -45.82 117.35 -22.68
CA CYS D 1365 -46.18 117.67 -24.05
C CYS D 1365 -47.66 117.34 -24.28
N THR D 1366 -48.44 118.36 -24.64
CA THR D 1366 -49.87 118.20 -24.82
C THR D 1366 -50.30 118.99 -26.04
N VAL D 1367 -51.22 118.43 -26.81
CA VAL D 1367 -51.82 119.10 -27.96
C VAL D 1367 -53.33 118.87 -27.90
N THR D 1368 -54.07 119.73 -28.58
CA THR D 1368 -55.53 119.59 -28.69
C THR D 1368 -55.92 119.80 -30.13
N VAL D 1369 -56.44 118.76 -30.76
CA VAL D 1369 -56.92 118.83 -32.14
C VAL D 1369 -58.41 119.11 -32.10
N THR D 1370 -58.81 120.23 -32.70
CA THR D 1370 -60.20 120.66 -32.72
C THR D 1370 -60.73 120.50 -34.13
N LEU D 1371 -61.78 119.70 -34.29
CA LEU D 1371 -62.44 119.48 -35.56
C LEU D 1371 -63.83 120.09 -35.50
N GLY D 1372 -64.14 120.93 -36.49
CA GLY D 1372 -65.41 121.63 -36.49
C GLY D 1372 -66.21 121.43 -37.76
N ASP D 1373 -66.85 122.52 -38.24
CA ASP D 1373 -67.67 122.46 -39.44
C ASP D 1373 -67.35 123.63 -40.35
N GLU D 1374 -68.15 123.80 -41.42
CA GLU D 1374 -67.95 124.91 -42.35
C GLU D 1374 -68.38 126.25 -41.77
N ARG D 1375 -69.16 126.24 -40.70
CA ARG D 1375 -69.63 127.47 -40.05
C ARG D 1375 -68.71 127.91 -38.92
N GLY D 1376 -67.60 127.22 -38.71
CA GLY D 1376 -66.70 127.55 -37.61
C GLY D 1376 -67.26 127.25 -36.24
N ARG D 1377 -67.96 126.14 -36.10
CA ARG D 1377 -68.52 125.70 -34.82
C ARG D 1377 -67.81 124.43 -34.38
N VAL D 1378 -67.29 124.43 -33.16
CA VAL D 1378 -66.49 123.31 -32.67
C VAL D 1378 -67.41 122.11 -32.42
N HIS D 1379 -67.06 120.97 -33.04
CA HIS D 1379 -67.81 119.74 -32.87
C HIS D 1379 -67.07 118.72 -32.01
N GLU D 1380 -65.78 118.51 -32.24
CA GLU D 1380 -65.01 117.54 -31.48
C GLU D 1380 -63.68 118.15 -31.08
N SER D 1381 -63.21 117.80 -29.88
CA SER D 1381 -61.95 118.29 -29.35
C SER D 1381 -61.20 117.12 -28.71
N VAL D 1382 -60.13 116.66 -29.34
CA VAL D 1382 -59.36 115.53 -28.87
C VAL D 1382 -58.08 116.05 -28.23
N LYS D 1383 -57.85 115.68 -26.97
CA LYS D 1383 -56.66 116.08 -26.24
C LYS D 1383 -55.67 114.93 -26.20
N ARG D 1384 -54.44 115.20 -26.64
CA ARG D 1384 -53.41 114.17 -26.74
C ARG D 1384 -52.21 114.56 -25.88
N SER D 1385 -51.66 113.56 -25.19
CA SER D 1385 -50.45 113.72 -24.38
C SER D 1385 -49.67 112.42 -24.45
N ASN D 1386 -48.60 112.32 -23.67
CA ASN D 1386 -47.81 111.11 -23.59
C ASN D 1386 -47.50 110.73 -22.15
N CYS D 1387 -48.16 111.34 -21.17
CA CYS D 1387 -47.88 111.09 -19.77
C CYS D 1387 -49.13 111.47 -18.99
N TYR D 1388 -49.81 110.48 -18.42
CA TYR D 1388 -51.03 110.70 -17.65
C TYR D 1388 -50.74 110.29 -16.22
N MET D 1389 -50.37 111.27 -15.39
CA MET D 1389 -49.89 110.98 -14.04
C MET D 1389 -50.61 111.86 -13.02
N VAL D 1390 -50.38 111.54 -11.75
CA VAL D 1390 -50.78 112.37 -10.63
C VAL D 1390 -49.56 112.62 -9.76
N TRP D 1391 -49.57 113.76 -9.08
CA TRP D 1391 -48.49 114.17 -8.21
C TRP D 1391 -48.88 113.88 -6.77
N GLY D 1392 -47.97 113.30 -6.00
CA GLY D 1392 -48.25 113.00 -4.61
C GLY D 1392 -48.34 114.22 -3.72
N GLY D 1393 -47.73 115.34 -4.14
CA GLY D 1393 -47.88 116.57 -3.38
C GLY D 1393 -49.32 117.08 -3.37
N ASP D 1394 -50.01 116.96 -4.51
CA ASP D 1394 -51.42 117.31 -4.57
C ASP D 1394 -52.26 116.35 -3.73
N ILE D 1395 -51.84 115.08 -3.65
CA ILE D 1395 -52.53 114.12 -2.79
C ILE D 1395 -52.37 114.49 -1.32
N VAL D 1396 -51.15 114.90 -0.92
CA VAL D 1396 -50.90 115.33 0.45
C VAL D 1396 -51.70 116.59 0.77
N ALA D 1397 -51.72 117.54 -0.16
CA ALA D 1397 -52.46 118.78 0.06
C ALA D 1397 -53.97 118.54 0.13
N THR D 1398 -54.47 117.61 -0.67
CA THR D 1398 -55.90 117.30 -0.64
C THR D 1398 -56.28 116.54 0.63
N SER D 1399 -55.37 115.75 1.18
CA SER D 1399 -55.63 115.00 2.40
C SER D 1399 -55.20 115.79 3.63
N SER D 1405 -41.23 107.52 9.04
CA SER D 1405 -41.77 108.86 8.86
C SER D 1405 -43.16 108.81 8.24
N ASN D 1406 -44.14 109.32 8.98
CA ASN D 1406 -45.56 109.40 8.60
C ASN D 1406 -46.05 107.98 8.34
N VAL D 1407 -46.75 107.71 7.24
CA VAL D 1407 -47.28 106.39 6.93
C VAL D 1407 -47.03 106.10 5.46
N ASP D 1408 -47.08 104.82 5.11
CA ASP D 1408 -46.96 104.41 3.71
C ASP D 1408 -48.17 104.88 2.93
N LEU D 1409 -47.94 105.36 1.71
CA LEU D 1409 -49.00 105.93 0.89
C LEU D 1409 -49.37 104.95 -0.21
N GLU D 1410 -50.67 104.66 -0.32
CA GLU D 1410 -51.20 103.70 -1.29
C GLU D 1410 -51.91 104.48 -2.39
N ILE D 1411 -51.40 104.38 -3.62
CA ILE D 1411 -51.97 105.10 -4.76
C ILE D 1411 -52.39 104.07 -5.81
N GLY D 1412 -53.68 104.01 -6.11
CA GLY D 1412 -54.23 103.04 -7.03
C GLY D 1412 -54.60 103.71 -8.35
N CYS D 1413 -54.26 103.04 -9.45
CA CYS D 1413 -54.58 103.50 -10.79
C CYS D 1413 -55.48 102.48 -11.48
N LEU D 1414 -56.57 102.97 -12.06
CA LEU D 1414 -57.61 102.14 -12.66
C LEU D 1414 -57.85 102.58 -14.10
N VAL D 1415 -58.00 101.61 -15.00
CA VAL D 1415 -58.25 101.87 -16.41
C VAL D 1415 -59.53 101.17 -16.82
N ASP D 1416 -60.43 101.91 -17.44
CA ASP D 1416 -61.56 101.34 -18.16
C ASP D 1416 -61.14 101.19 -19.61
N LEU D 1417 -60.90 99.94 -20.03
CA LEU D 1417 -60.42 99.64 -21.37
C LEU D 1417 -61.52 99.78 -22.42
N ALA D 1418 -62.77 99.52 -22.05
CA ALA D 1418 -63.86 99.64 -23.01
C ALA D 1418 -64.18 101.10 -23.30
N MET D 1419 -63.94 101.99 -22.34
CA MET D 1419 -64.13 103.42 -22.53
C MET D 1419 -62.83 104.20 -22.58
N GLY D 1420 -61.70 103.58 -22.22
CA GLY D 1420 -60.43 104.26 -22.21
C GLY D 1420 -60.35 105.38 -21.20
N MET D 1421 -60.82 105.13 -19.98
CA MET D 1421 -60.87 106.14 -18.94
C MET D 1421 -59.88 105.81 -17.83
N LEU D 1422 -58.98 106.74 -17.55
CA LEU D 1422 -57.96 106.55 -16.52
C LEU D 1422 -58.38 107.33 -15.27
N SER D 1423 -58.46 106.63 -14.14
CA SER D 1423 -58.87 107.23 -12.87
C SER D 1423 -57.90 106.81 -11.78
N PHE D 1424 -57.91 107.56 -10.68
CA PHE D 1424 -56.95 107.38 -9.61
C PHE D 1424 -57.64 107.37 -8.26
N SER D 1425 -56.98 106.77 -7.27
CA SER D 1425 -57.46 106.73 -5.91
C SER D 1425 -56.27 106.81 -4.97
N ALA D 1426 -56.50 107.36 -3.78
CA ALA D 1426 -55.47 107.51 -2.76
C ALA D 1426 -56.01 107.00 -1.43
N ASN D 1427 -55.48 105.84 -0.98
CA ASN D 1427 -55.90 105.17 0.26
C ASN D 1427 -57.40 104.91 0.28
N GLY D 1428 -57.94 104.48 -0.86
CA GLY D 1428 -59.36 104.25 -1.01
C GLY D 1428 -60.15 105.46 -1.44
N ARG D 1429 -59.72 106.66 -1.05
CA ARG D 1429 -60.41 107.88 -1.45
C ARG D 1429 -60.17 108.17 -2.92
N GLU D 1430 -61.25 108.39 -3.66
CA GLU D 1430 -61.15 108.63 -5.09
C GLU D 1430 -60.74 110.07 -5.37
N LEU D 1431 -59.74 110.25 -6.21
CA LEU D 1431 -59.24 111.58 -6.56
C LEU D 1431 -60.03 112.15 -7.73
N GLY D 1432 -59.92 113.47 -7.90
CA GLY D 1432 -60.63 114.16 -8.96
C GLY D 1432 -59.95 114.16 -10.31
N THR D 1433 -58.73 113.61 -10.40
CA THR D 1433 -58.01 113.59 -11.65
C THR D 1433 -58.47 112.41 -12.51
N CYS D 1434 -58.82 112.71 -13.76
CA CYS D 1434 -59.26 111.68 -14.70
C CYS D 1434 -58.76 112.04 -16.09
N TYR D 1435 -58.53 111.02 -16.90
CA TYR D 1435 -58.01 111.21 -18.25
C TYR D 1435 -58.80 110.36 -19.23
N GLN D 1436 -58.92 110.86 -20.46
CA GLN D 1436 -59.57 110.14 -21.55
C GLN D 1436 -58.55 109.91 -22.66
N VAL D 1437 -58.42 108.66 -23.08
CA VAL D 1437 -57.48 108.30 -24.13
C VAL D 1437 -58.25 107.77 -25.33
N GLU D 1438 -57.56 107.74 -26.46
CA GLU D 1438 -58.13 107.28 -27.71
C GLU D 1438 -58.10 105.76 -27.79
N PRO D 1439 -58.90 105.16 -28.68
CA PRO D 1439 -58.81 103.71 -28.90
C PRO D 1439 -57.44 103.28 -29.40
N ASN D 1440 -57.08 102.03 -29.06
CA ASN D 1440 -55.79 101.42 -29.40
C ASN D 1440 -54.62 102.22 -28.83
N THR D 1441 -54.71 102.53 -27.53
CA THR D 1441 -53.67 103.28 -26.83
C THR D 1441 -52.99 102.35 -25.83
N LYS D 1442 -51.69 102.15 -26.00
CA LYS D 1442 -50.90 101.39 -25.05
C LYS D 1442 -50.44 102.32 -23.93
N VAL D 1443 -50.66 101.92 -22.69
CA VAL D 1443 -50.20 102.66 -21.53
C VAL D 1443 -49.39 101.72 -20.65
N PHE D 1444 -48.23 102.19 -20.21
CA PHE D 1444 -47.35 101.50 -19.29
C PHE D 1444 -47.51 102.10 -17.91
N PRO D 1445 -47.53 101.28 -16.86
CA PRO D 1445 -47.41 101.84 -15.50
C PRO D 1445 -46.04 102.47 -15.29
N ALA D 1446 -46.01 103.61 -14.62
CA ALA D 1446 -44.77 104.36 -14.46
C ALA D 1446 -44.77 105.15 -13.16
N VAL D 1447 -43.57 105.28 -12.58
CA VAL D 1447 -43.33 106.06 -11.38
C VAL D 1447 -42.10 106.92 -11.62
N PHE D 1448 -42.23 108.23 -11.44
CA PHE D 1448 -41.10 109.14 -11.52
C PHE D 1448 -40.86 109.69 -10.12
N LEU D 1449 -39.65 109.52 -9.60
CA LEU D 1449 -39.43 109.96 -8.23
C LEU D 1449 -38.01 110.43 -8.01
N GLN D 1450 -37.85 111.30 -7.02
CA GLN D 1450 -36.54 111.68 -6.52
C GLN D 1450 -36.31 111.03 -5.18
N PRO D 1451 -35.27 110.21 -5.02
CA PRO D 1451 -35.12 109.39 -3.81
C PRO D 1451 -34.76 110.22 -2.59
N THR D 1452 -35.57 110.10 -1.54
CA THR D 1452 -35.29 110.72 -0.25
C THR D 1452 -35.10 109.69 0.85
N SER D 1453 -35.02 108.40 0.51
CA SER D 1453 -34.81 107.34 1.48
C SER D 1453 -34.06 106.20 0.80
N THR D 1454 -34.01 105.05 1.46
CA THR D 1454 -33.34 103.88 0.91
C THR D 1454 -34.30 102.83 0.37
N ALA D 1455 -35.53 102.79 0.88
CA ALA D 1455 -36.57 101.90 0.36
C ALA D 1455 -37.59 102.80 -0.35
N LEU D 1456 -37.56 102.78 -1.68
CA LEU D 1456 -38.28 103.80 -2.43
C LEU D 1456 -39.77 103.51 -2.50
N PHE D 1457 -40.16 102.41 -3.16
CA PHE D 1457 -41.57 102.12 -3.34
C PHE D 1457 -41.74 100.66 -3.76
N GLN D 1458 -42.98 100.26 -4.01
CA GLN D 1458 -43.22 98.95 -4.60
C GLN D 1458 -44.48 98.97 -5.46
N PHE D 1459 -44.41 98.26 -6.58
CA PHE D 1459 -45.58 97.96 -7.40
C PHE D 1459 -46.36 96.82 -6.77
N GLU D 1460 -47.65 97.06 -6.51
CA GLU D 1460 -48.57 96.05 -6.01
C GLU D 1460 -49.52 95.67 -7.14
N LEU D 1461 -49.34 94.44 -7.65
CA LEU D 1461 -50.10 93.95 -8.79
C LEU D 1461 -51.28 93.10 -8.32
N GLY D 1462 -52.15 93.71 -7.53
CA GLY D 1462 -53.32 93.05 -6.99
C GLY D 1462 -54.54 93.23 -7.87
N LYS D 1463 -55.70 93.12 -7.24
CA LYS D 1463 -56.96 93.25 -7.93
C LYS D 1463 -58.02 93.78 -6.99
N LEU D 1464 -59.09 94.30 -7.56
CA LEU D 1464 -60.26 94.77 -6.83
C LEU D 1464 -61.50 94.04 -7.32
N LYS D 1465 -62.65 94.42 -6.76
CA LYS D 1465 -63.91 93.93 -7.29
C LYS D 1465 -64.21 94.60 -8.62
N ASN D 1466 -64.60 93.80 -9.62
CA ASN D 1466 -64.85 94.24 -10.99
C ASN D 1466 -63.63 94.95 -11.58
N ALA D 1467 -62.44 94.42 -11.30
CA ALA D 1467 -61.20 95.00 -11.80
C ALA D 1467 -60.17 93.89 -11.95
N MET D 1468 -59.71 93.67 -13.17
CA MET D 1468 -58.71 92.64 -13.43
C MET D 1468 -57.37 93.04 -12.82
N PRO D 1469 -56.53 92.07 -12.48
CA PRO D 1469 -55.13 92.38 -12.16
C PRO D 1469 -54.38 92.76 -13.43
N LEU D 1470 -53.15 93.22 -13.22
CA LEU D 1470 -52.34 93.69 -14.35
C LEU D 1470 -51.97 92.55 -15.29
N SER D 1471 -51.63 91.39 -14.75
CA SER D 1471 -51.26 90.24 -15.56
C SER D 1471 -52.44 89.67 -16.34
N ALA D 1472 -53.67 89.91 -15.88
CA ALA D 1472 -54.83 89.45 -16.63
C ALA D 1472 -55.06 90.33 -17.87
N ALA D 1473 -54.83 91.63 -17.74
CA ALA D 1473 -54.98 92.52 -18.88
C ALA D 1473 -53.82 92.41 -19.86
N ILE D 1474 -52.60 92.24 -19.35
CA ILE D 1474 -51.43 92.20 -20.21
C ILE D 1474 -51.41 90.91 -21.03
N PHE D 1475 -51.64 89.77 -20.38
CA PHE D 1475 -51.51 88.47 -21.01
C PHE D 1475 -52.88 87.89 -21.30
N LYS D 1476 -53.10 87.49 -22.56
CA LYS D 1476 -54.38 86.92 -22.96
C LYS D 1476 -54.58 85.51 -22.42
N SER D 1477 -53.49 84.80 -22.10
CA SER D 1477 -53.63 83.49 -21.48
C SER D 1477 -54.18 83.58 -20.07
N GLU D 1478 -53.86 84.66 -19.35
CA GLU D 1478 -54.35 84.89 -18.01
C GLU D 1478 -55.59 85.79 -17.98
N GLU D 1479 -56.25 85.97 -19.13
CA GLU D 1479 -57.39 86.87 -19.22
C GLU D 1479 -58.56 86.37 -18.37
N LYS D 1480 -58.81 85.06 -18.39
CA LYS D 1480 -59.90 84.47 -17.61
C LYS D 1480 -59.45 84.04 -16.21
N ASN D 1481 -58.18 84.22 -15.88
CA ASN D 1481 -57.66 83.77 -14.59
C ASN D 1481 -57.78 84.90 -13.57
N PRO D 1482 -58.56 84.73 -12.50
CA PRO D 1482 -58.69 85.80 -11.50
C PRO D 1482 -57.49 85.93 -10.56
N VAL D 1483 -56.60 84.94 -10.53
CA VAL D 1483 -55.46 84.97 -9.61
C VAL D 1483 -54.42 85.95 -10.13
N PRO D 1484 -54.01 86.93 -9.34
CA PRO D 1484 -52.94 87.84 -9.78
C PRO D 1484 -51.60 87.13 -9.86
N GLN D 1485 -50.83 87.48 -10.89
CA GLN D 1485 -49.53 86.87 -11.13
C GLN D 1485 -48.52 87.95 -11.47
N CYS D 1486 -47.25 87.62 -11.30
CA CYS D 1486 -46.14 88.47 -11.74
C CYS D 1486 -45.18 87.60 -12.55
N PRO D 1487 -45.44 87.45 -13.85
CA PRO D 1487 -44.57 86.62 -14.69
C PRO D 1487 -43.20 87.25 -14.86
N PRO D 1488 -42.17 86.46 -15.18
CA PRO D 1488 -40.82 87.01 -15.32
C PRO D 1488 -40.65 88.00 -16.47
N ARG D 1489 -41.59 88.05 -17.42
CA ARG D 1489 -41.50 89.08 -18.45
C ARG D 1489 -41.81 90.46 -17.90
N LEU D 1490 -42.61 90.53 -16.83
CA LEU D 1490 -42.83 91.80 -16.15
C LEU D 1490 -41.60 92.18 -15.35
N ASP D 1491 -41.07 93.37 -15.62
CA ASP D 1491 -39.85 93.83 -14.98
C ASP D 1491 -39.90 95.35 -14.90
N VAL D 1492 -38.99 95.90 -14.09
CA VAL D 1492 -38.88 97.34 -13.91
C VAL D 1492 -37.79 97.86 -14.84
N GLN D 1493 -38.10 98.91 -15.58
CA GLN D 1493 -37.17 99.55 -16.51
C GLN D 1493 -36.93 100.99 -16.07
N THR D 1494 -35.75 101.50 -16.39
CA THR D 1494 -35.39 102.87 -16.09
C THR D 1494 -34.99 103.59 -17.38
N ILE D 1495 -35.13 104.92 -17.35
CA ILE D 1495 -34.74 105.73 -18.50
C ILE D 1495 -33.22 105.69 -18.68
N GLN D 1496 -32.78 105.43 -19.92
CA GLN D 1496 -31.39 105.54 -20.32
C GLN D 1496 -31.29 106.58 -21.43
N PRO D 1497 -30.51 107.65 -21.27
CA PRO D 1497 -30.59 108.77 -22.22
C PRO D 1497 -29.96 108.55 -23.58
N VAL D 1498 -28.77 107.95 -23.64
CA VAL D 1498 -27.99 107.85 -24.87
C VAL D 1498 -27.90 106.39 -25.29
N LEU D 1499 -27.99 106.15 -26.60
CA LEU D 1499 -27.87 104.80 -27.14
C LEU D 1499 -27.02 104.83 -28.40
N TRP D 1500 -26.67 103.65 -28.89
CA TRP D 1500 -25.99 103.50 -30.16
C TRP D 1500 -27.01 103.27 -31.27
N SER D 1501 -26.81 103.93 -32.40
CA SER D 1501 -27.67 103.75 -33.56
C SER D 1501 -26.81 103.61 -34.81
N ARG D 1502 -27.20 102.71 -35.69
CA ARG D 1502 -26.43 102.44 -36.90
C ARG D 1502 -26.67 103.53 -37.93
N MET D 1503 -25.59 104.02 -38.53
CA MET D 1503 -25.71 105.00 -39.60
C MET D 1503 -26.18 104.29 -40.87
N PRO D 1504 -27.17 104.82 -41.58
CA PRO D 1504 -27.65 104.17 -42.80
C PRO D 1504 -26.60 104.13 -43.90
N SER D 1505 -26.68 103.10 -44.73
CA SER D 1505 -25.72 102.94 -45.81
C SER D 1505 -25.97 103.93 -46.94
N SER D 1506 -27.22 104.38 -47.11
CA SER D 1506 -27.55 105.36 -48.13
C SER D 1506 -28.53 106.37 -47.55
N PHE D 1507 -28.49 107.58 -48.11
CA PHE D 1507 -29.36 108.66 -47.68
C PHE D 1507 -30.12 109.19 -48.89
N LEU D 1508 -31.27 109.81 -48.62
CA LEU D 1508 -32.05 110.43 -49.68
C LEU D 1508 -31.30 111.61 -50.27
N LYS D 1509 -31.26 111.68 -51.60
CA LYS D 1509 -30.57 112.75 -52.31
C LYS D 1509 -31.54 113.90 -52.50
N VAL D 1510 -31.48 114.88 -51.59
CA VAL D 1510 -32.37 116.04 -51.60
C VAL D 1510 -31.63 117.22 -52.19
N GLU D 1511 -32.21 117.82 -53.23
CA GLU D 1511 -31.61 118.96 -53.91
C GLU D 1511 -32.43 120.20 -53.62
N THR D 1512 -31.79 121.23 -53.06
CA THR D 1512 -32.43 122.48 -52.72
C THR D 1512 -31.82 123.61 -53.53
N GLU D 1513 -32.67 124.51 -54.03
CA GLU D 1513 -32.21 125.63 -54.82
C GLU D 1513 -33.22 126.76 -54.73
N ARG D 1514 -32.80 127.95 -55.15
CA ARG D 1514 -33.66 129.11 -55.24
C ARG D 1514 -33.98 129.34 -56.72
N VAL D 1515 -35.25 129.20 -57.08
CA VAL D 1515 -35.64 129.32 -58.48
C VAL D 1515 -35.65 130.79 -58.90
N SER D 1516 -36.49 131.59 -58.26
CA SER D 1516 -36.61 133.01 -58.56
C SER D 1516 -37.17 133.71 -57.34
N GLU D 1517 -37.09 135.05 -57.36
CA GLU D 1517 -37.69 135.85 -56.29
C GLU D 1517 -39.21 135.74 -56.28
N ARG D 1518 -39.82 135.35 -57.40
CA ARG D 1518 -41.25 135.11 -57.45
C ARG D 1518 -41.60 133.64 -57.23
N HIS D 1519 -40.78 132.73 -57.78
CA HIS D 1519 -41.10 131.31 -57.68
C HIS D 1519 -40.79 130.72 -56.31
N GLY D 1520 -39.85 131.31 -55.57
CA GLY D 1520 -39.58 130.84 -54.23
C GLY D 1520 -38.45 129.84 -54.15
N TRP D 1521 -38.47 128.97 -53.15
CA TRP D 1521 -37.40 128.00 -52.95
C TRP D 1521 -37.87 126.61 -53.30
N ALA D 1522 -36.99 125.80 -53.88
CA ALA D 1522 -37.36 124.50 -54.43
C ALA D 1522 -36.72 123.37 -53.63
N VAL D 1523 -37.53 122.34 -53.35
CA VAL D 1523 -37.06 121.06 -52.82
C VAL D 1523 -37.52 119.97 -53.77
N GLN D 1524 -36.67 118.99 -54.03
CA GLN D 1524 -37.09 117.85 -54.82
C GLN D 1524 -36.37 116.59 -54.34
N CYS D 1525 -37.04 115.46 -54.50
CA CYS D 1525 -36.46 114.16 -54.16
C CYS D 1525 -37.10 113.12 -55.04
N LEU D 1526 -36.29 112.48 -55.89
CA LEU D 1526 -36.81 111.61 -56.94
C LEU D 1526 -36.36 110.16 -56.83
N GLU D 1527 -35.13 109.91 -56.41
CA GLU D 1527 -34.61 108.55 -56.39
C GLU D 1527 -35.16 107.79 -55.19
N PRO D 1528 -35.84 106.67 -55.38
CA PRO D 1528 -36.42 105.93 -54.25
C PRO D 1528 -35.38 105.29 -53.36
N LEU D 1529 -35.72 105.16 -52.08
CA LEU D 1529 -34.85 104.54 -51.10
C LEU D 1529 -35.70 103.91 -50.01
N GLN D 1530 -35.44 102.64 -49.73
CA GLN D 1530 -36.20 101.89 -48.73
C GLN D 1530 -35.26 101.22 -47.75
N MET D 1531 -35.83 100.77 -46.64
CA MET D 1531 -35.09 99.97 -45.67
C MET D 1531 -36.00 98.90 -45.10
N MET D 1532 -35.40 97.85 -44.57
CA MET D 1532 -36.14 96.79 -43.91
C MET D 1532 -36.22 97.11 -42.42
N ALA D 1533 -37.42 97.44 -41.97
CA ALA D 1533 -37.68 97.77 -40.58
C ALA D 1533 -38.00 96.50 -39.80
N LEU D 1534 -37.36 96.35 -38.64
CA LEU D 1534 -37.63 95.30 -37.68
C LEU D 1534 -38.37 95.92 -36.50
N HIS D 1535 -39.57 95.44 -36.23
CA HIS D 1535 -40.51 96.07 -35.33
C HIS D 1535 -40.71 95.22 -34.09
N ILE D 1536 -40.49 95.82 -32.93
CA ILE D 1536 -40.77 95.19 -31.64
C ILE D 1536 -42.19 95.56 -31.24
N PRO D 1537 -43.10 94.59 -31.09
CA PRO D 1537 -44.52 94.94 -31.00
C PRO D 1537 -44.93 95.60 -29.70
N GLU D 1538 -44.43 95.12 -28.56
CA GLU D 1538 -44.88 95.67 -27.28
C GLU D 1538 -44.30 97.05 -27.00
N GLU D 1539 -43.21 97.42 -27.65
CA GLU D 1539 -42.62 98.75 -27.50
C GLU D 1539 -43.11 99.72 -28.56
N ASN D 1540 -43.78 99.23 -29.60
CA ASN D 1540 -44.31 100.03 -30.71
C ASN D 1540 -43.23 100.87 -31.37
N ARG D 1541 -42.05 100.27 -31.57
CA ARG D 1541 -40.96 100.94 -32.25
C ARG D 1541 -40.28 99.95 -33.18
N CYS D 1542 -39.49 100.51 -34.10
CA CYS D 1542 -38.76 99.71 -35.07
C CYS D 1542 -37.32 100.22 -35.15
N VAL D 1543 -36.43 99.31 -35.51
CA VAL D 1543 -35.05 99.65 -35.84
C VAL D 1543 -34.77 99.15 -37.25
N ASP D 1544 -33.57 99.38 -37.73
CA ASP D 1544 -33.12 98.73 -38.96
C ASP D 1544 -32.82 97.27 -38.68
N ILE D 1545 -32.99 96.44 -39.71
CA ILE D 1545 -32.63 95.03 -39.59
C ILE D 1545 -31.12 94.89 -39.45
N LEU D 1546 -30.35 95.83 -40.03
CA LEU D 1546 -28.90 95.79 -39.95
C LEU D 1546 -28.39 96.10 -38.55
N GLU D 1547 -29.22 96.69 -37.70
CA GLU D 1547 -28.87 96.84 -36.29
C GLU D 1547 -28.86 95.51 -35.56
N LEU D 1548 -29.34 94.43 -36.17
CA LEU D 1548 -29.12 93.09 -35.64
C LEU D 1548 -27.70 92.59 -35.87
N CYS D 1549 -26.86 93.36 -36.56
CA CYS D 1549 -25.46 93.01 -36.69
C CYS D 1549 -24.71 93.09 -35.37
N GLU D 1550 -25.28 93.74 -34.35
CA GLU D 1550 -24.66 93.84 -33.04
C GLU D 1550 -25.53 93.35 -31.89
N GLN D 1551 -26.85 93.30 -32.05
CA GLN D 1551 -27.75 92.81 -31.01
C GLN D 1551 -27.88 91.30 -31.19
N GLU D 1552 -27.12 90.53 -30.39
CA GLU D 1552 -26.99 89.10 -30.63
C GLU D 1552 -28.23 88.34 -30.21
N ASP D 1553 -28.88 88.76 -29.13
CA ASP D 1553 -30.04 88.02 -28.61
C ASP D 1553 -31.22 88.12 -29.55
N LEU D 1554 -31.54 89.34 -30.00
CA LEU D 1554 -32.62 89.53 -30.97
C LEU D 1554 -32.29 88.88 -32.30
N MET D 1555 -31.01 88.87 -32.70
CA MET D 1555 -30.63 88.21 -33.94
C MET D 1555 -30.84 86.71 -33.86
N GLN D 1556 -30.48 86.10 -32.72
CA GLN D 1556 -30.70 84.67 -32.54
C GLN D 1556 -32.19 84.35 -32.52
N PHE D 1557 -32.99 85.18 -31.83
CA PHE D 1557 -34.43 84.95 -31.79
C PHE D 1557 -35.06 85.08 -33.17
N HIS D 1558 -34.61 86.07 -33.97
CA HIS D 1558 -35.20 86.23 -35.30
C HIS D 1558 -34.71 85.16 -36.27
N TYR D 1559 -33.48 84.69 -36.10
CA TYR D 1559 -33.00 83.56 -36.91
C TYR D 1559 -33.81 82.30 -36.62
N HIS D 1560 -34.10 82.03 -35.35
CA HIS D 1560 -34.92 80.87 -35.04
C HIS D 1560 -36.38 81.09 -35.42
N THR D 1561 -36.83 82.35 -35.48
CA THR D 1561 -38.15 82.65 -36.03
C THR D 1561 -38.22 82.33 -37.51
N LEU D 1562 -37.16 82.66 -38.26
CA LEU D 1562 -37.10 82.30 -39.67
C LEU D 1562 -37.04 80.79 -39.86
N ARG D 1563 -36.32 80.09 -38.97
CA ARG D 1563 -36.31 78.63 -39.00
C ARG D 1563 -37.69 78.05 -38.74
N LEU D 1564 -38.43 78.63 -37.79
CA LEU D 1564 -39.80 78.18 -37.53
C LEU D 1564 -40.73 78.48 -38.70
N TYR D 1565 -40.52 79.60 -39.37
CA TYR D 1565 -41.27 79.90 -40.59
C TYR D 1565 -41.01 78.86 -41.67
N SER D 1566 -39.76 78.43 -41.82
CA SER D 1566 -39.48 77.36 -42.77
C SER D 1566 -40.05 76.03 -42.31
N ALA D 1567 -40.14 75.81 -40.99
CA ALA D 1567 -40.60 74.53 -40.47
C ALA D 1567 -42.11 74.36 -40.63
N VAL D 1568 -42.88 75.44 -40.44
CA VAL D 1568 -44.33 75.31 -40.44
C VAL D 1568 -44.90 75.10 -41.83
N CYS D 1569 -44.13 75.40 -42.88
CA CYS D 1569 -44.58 75.18 -44.25
C CYS D 1569 -43.76 74.10 -44.95
N ALA D 1570 -43.09 73.25 -44.19
CA ALA D 1570 -42.21 72.25 -44.77
C ALA D 1570 -43.03 71.11 -45.40
N LEU D 1571 -42.48 70.57 -46.48
CA LEU D 1571 -43.05 69.43 -47.22
C LEU D 1571 -44.46 69.73 -47.71
N GLY D 1572 -44.58 70.82 -48.46
CA GLY D 1572 -45.80 71.14 -49.20
C GLY D 1572 -47.03 71.49 -48.39
N ASN D 1573 -46.87 72.27 -47.33
CA ASN D 1573 -48.03 72.79 -46.59
C ASN D 1573 -48.41 74.12 -47.23
N SER D 1574 -49.31 74.05 -48.21
CA SER D 1574 -49.58 75.21 -49.05
C SER D 1574 -50.37 76.29 -48.32
N ARG D 1575 -51.32 75.89 -47.47
CA ARG D 1575 -52.13 76.87 -46.75
C ARG D 1575 -51.27 77.70 -45.79
N VAL D 1576 -50.34 77.05 -45.09
CA VAL D 1576 -49.44 77.77 -44.20
C VAL D 1576 -48.49 78.66 -44.99
N ALA D 1577 -48.07 78.23 -46.19
CA ALA D 1577 -47.21 79.08 -47.01
C ALA D 1577 -47.96 80.33 -47.50
N TYR D 1578 -49.23 80.17 -47.87
CA TYR D 1578 -50.04 81.34 -48.22
C TYR D 1578 -50.24 82.26 -47.02
N ALA D 1579 -50.40 81.69 -45.83
CA ALA D 1579 -50.47 82.50 -44.62
C ALA D 1579 -49.16 83.23 -44.36
N LEU D 1580 -48.03 82.57 -44.64
CA LEU D 1580 -46.72 83.18 -44.45
C LEU D 1580 -46.42 84.27 -45.45
N CYS D 1581 -47.05 84.23 -46.63
CA CYS D 1581 -46.88 85.32 -47.57
C CYS D 1581 -47.44 86.65 -47.07
N GLY D 1582 -48.33 86.61 -46.08
CA GLY D 1582 -48.82 87.80 -45.42
C GLY D 1582 -47.95 88.30 -44.29
N HIS D 1583 -46.82 87.65 -44.03
CA HIS D 1583 -45.86 88.09 -43.03
C HIS D 1583 -44.54 88.51 -43.65
N VAL D 1584 -43.96 87.67 -44.50
CA VAL D 1584 -42.79 88.03 -45.30
C VAL D 1584 -43.18 87.88 -46.76
N ASP D 1585 -43.24 88.99 -47.48
CA ASP D 1585 -43.65 88.98 -48.87
C ASP D 1585 -42.44 88.96 -49.79
N LEU D 1586 -42.70 89.03 -51.10
CA LEU D 1586 -41.64 88.87 -52.09
C LEU D 1586 -40.70 90.05 -52.13
N SER D 1587 -41.19 91.26 -51.86
CA SER D 1587 -40.31 92.44 -51.83
C SER D 1587 -39.31 92.35 -50.70
N GLN D 1588 -39.75 91.89 -49.53
CA GLN D 1588 -38.85 91.67 -48.40
C GLN D 1588 -37.81 90.60 -48.73
N LEU D 1589 -38.25 89.50 -49.36
CA LEU D 1589 -37.33 88.42 -49.70
C LEU D 1589 -36.30 88.86 -50.73
N PHE D 1590 -36.72 89.64 -51.73
CA PHE D 1590 -35.78 90.14 -52.72
C PHE D 1590 -34.78 91.11 -52.09
N TYR D 1591 -35.25 92.00 -51.22
CA TYR D 1591 -34.37 92.91 -50.50
C TYR D 1591 -33.37 92.15 -49.64
N ALA D 1592 -33.84 91.11 -48.95
CA ALA D 1592 -32.99 90.37 -48.03
C ALA D 1592 -31.96 89.52 -48.77
N ILE D 1593 -32.32 88.94 -49.91
CA ILE D 1593 -31.34 88.17 -50.65
C ILE D 1593 -30.36 89.06 -51.41
N ASP D 1594 -30.75 90.29 -51.74
CA ASP D 1594 -29.83 91.20 -52.41
C ASP D 1594 -28.89 91.92 -51.43
N ASN D 1595 -29.29 92.07 -50.18
CA ASN D 1595 -28.56 92.89 -49.23
C ASN D 1595 -27.23 92.25 -48.84
N LYS D 1596 -26.19 93.08 -48.71
CA LYS D 1596 -24.84 92.61 -48.43
C LYS D 1596 -24.37 92.90 -47.01
N TYR D 1597 -25.05 93.77 -46.28
CA TYR D 1597 -24.68 94.07 -44.90
C TYR D 1597 -25.44 93.20 -43.90
N LEU D 1598 -26.29 92.30 -44.37
CA LEU D 1598 -27.06 91.44 -43.50
C LEU D 1598 -26.14 90.43 -42.82
N PRO D 1599 -26.45 90.03 -41.58
CA PRO D 1599 -25.68 88.96 -40.93
C PRO D 1599 -25.87 87.64 -41.65
N GLY D 1600 -24.88 86.76 -41.48
CA GLY D 1600 -24.85 85.52 -42.24
C GLY D 1600 -25.98 84.57 -41.88
N LEU D 1601 -26.31 84.46 -40.59
CA LEU D 1601 -27.42 83.61 -40.19
C LEU D 1601 -28.75 84.14 -40.71
N LEU D 1602 -28.95 85.46 -40.66
CA LEU D 1602 -30.17 86.05 -41.19
C LEU D 1602 -30.25 85.89 -42.71
N ARG D 1603 -29.12 86.07 -43.41
CA ARG D 1603 -29.10 85.89 -44.85
C ARG D 1603 -29.43 84.46 -45.25
N SER D 1604 -28.84 83.49 -44.55
CA SER D 1604 -29.16 82.08 -44.79
C SER D 1604 -30.62 81.77 -44.49
N GLY D 1605 -31.15 82.33 -43.40
CA GLY D 1605 -32.54 82.09 -43.06
C GLY D 1605 -33.51 82.70 -44.05
N PHE D 1606 -33.18 83.87 -44.59
CA PHE D 1606 -34.06 84.49 -45.59
C PHE D 1606 -34.03 83.74 -46.91
N TYR D 1607 -32.85 83.26 -47.33
CA TYR D 1607 -32.77 82.41 -48.52
C TYR D 1607 -33.56 81.11 -48.32
N ASP D 1608 -33.43 80.50 -47.14
CA ASP D 1608 -34.16 79.28 -46.84
C ASP D 1608 -35.66 79.51 -46.81
N LEU D 1609 -36.08 80.67 -46.29
CA LEU D 1609 -37.50 81.00 -46.26
C LEU D 1609 -38.06 81.22 -47.66
N LEU D 1610 -37.28 81.88 -48.53
CA LEU D 1610 -37.70 82.05 -49.92
C LEU D 1610 -37.88 80.71 -50.62
N ILE D 1611 -36.90 79.81 -50.44
CA ILE D 1611 -36.99 78.48 -51.05
C ILE D 1611 -38.16 77.69 -50.47
N SER D 1612 -38.38 77.78 -49.16
CA SER D 1612 -39.44 77.02 -48.51
C SER D 1612 -40.82 77.49 -48.94
N ILE D 1613 -41.04 78.80 -48.99
CA ILE D 1613 -42.36 79.31 -49.37
C ILE D 1613 -42.62 79.08 -50.85
N HIS D 1614 -41.65 79.38 -51.71
CA HIS D 1614 -41.96 79.49 -53.13
C HIS D 1614 -41.41 78.39 -54.02
N LEU D 1615 -40.35 77.68 -53.61
CA LEU D 1615 -39.64 76.82 -54.54
C LEU D 1615 -39.49 75.37 -54.10
N ALA D 1616 -39.78 75.03 -52.84
CA ALA D 1616 -39.44 73.71 -52.33
C ALA D 1616 -40.35 72.63 -52.90
N ASN D 1617 -41.64 72.93 -53.08
CA ASN D 1617 -42.59 71.91 -53.50
C ASN D 1617 -42.36 71.49 -54.94
N ALA D 1618 -42.06 72.45 -55.83
CA ALA D 1618 -41.76 72.11 -57.22
C ALA D 1618 -40.50 71.29 -57.34
N LYS D 1619 -39.46 71.63 -56.55
CA LYS D 1619 -38.23 70.86 -56.56
C LYS D 1619 -38.45 69.44 -56.04
N GLU D 1620 -39.27 69.29 -55.00
CA GLU D 1620 -39.58 67.97 -54.48
C GLU D 1620 -40.35 67.13 -55.50
N ARG D 1621 -41.30 67.75 -56.21
CA ARG D 1621 -42.04 67.01 -57.22
C ARG D 1621 -41.16 66.64 -58.41
N LYS D 1622 -40.20 67.49 -58.76
CA LYS D 1622 -39.25 67.14 -59.81
C LYS D 1622 -38.33 66.01 -59.37
N LEU D 1623 -37.93 66.00 -58.10
CA LEU D 1623 -37.01 64.98 -57.61
C LEU D 1623 -37.70 63.63 -57.41
N MET D 1624 -39.01 63.63 -57.11
CA MET D 1624 -39.73 62.37 -56.98
C MET D 1624 -39.84 61.66 -58.33
N MET D 1625 -40.27 62.39 -59.36
CA MET D 1625 -40.48 61.81 -60.68
C MET D 1625 -39.26 62.07 -61.57
N LYS D 1626 -38.13 61.47 -61.18
CA LYS D 1626 -36.89 61.66 -61.91
C LYS D 1626 -36.16 60.38 -62.26
N ASN D 1627 -36.53 59.24 -61.66
CA ASN D 1627 -35.89 57.97 -61.97
C ASN D 1627 -36.58 57.21 -63.08
N GLU D 1628 -37.69 57.71 -63.61
CA GLU D 1628 -38.41 57.10 -64.71
C GLU D 1628 -38.31 57.97 -65.94
N TYR D 1629 -38.20 57.33 -67.11
CA TYR D 1629 -38.05 58.01 -68.38
C TYR D 1629 -39.16 57.53 -69.31
N ILE D 1630 -40.24 58.30 -69.39
CA ILE D 1630 -41.38 57.95 -70.22
C ILE D 1630 -41.34 58.83 -71.47
N ILE D 1631 -41.10 58.22 -72.62
CA ILE D 1631 -40.83 58.93 -73.85
C ILE D 1631 -41.90 58.57 -74.87
N PRO D 1632 -42.59 59.54 -75.46
CA PRO D 1632 -43.52 59.25 -76.55
C PRO D 1632 -42.84 59.31 -77.92
N ILE D 1633 -43.36 58.51 -78.85
CA ILE D 1633 -42.83 58.48 -80.20
C ILE D 1633 -43.51 59.59 -81.00
N THR D 1634 -42.78 60.67 -81.28
CA THR D 1634 -43.25 61.74 -82.14
C THR D 1634 -42.22 61.96 -83.25
N SER D 1635 -42.42 63.01 -84.06
CA SER D 1635 -41.38 63.38 -85.02
C SER D 1635 -40.19 64.05 -84.33
N ALA D 1636 -40.43 64.70 -83.19
CA ALA D 1636 -39.34 65.31 -82.44
C ALA D 1636 -38.55 64.29 -81.63
N THR D 1637 -39.09 63.08 -81.42
CA THR D 1637 -38.36 62.05 -80.71
C THR D 1637 -37.15 61.58 -81.49
N ARG D 1638 -37.28 61.45 -82.81
CA ARG D 1638 -36.18 61.01 -83.66
C ARG D 1638 -35.02 62.00 -83.71
N LYS D 1639 -35.26 63.26 -83.34
CA LYS D 1639 -34.27 64.31 -83.55
C LYS D 1639 -33.18 64.34 -82.49
N ILE D 1640 -33.27 63.50 -81.46
CA ILE D 1640 -32.25 63.49 -80.42
C ILE D 1640 -31.00 62.79 -80.95
N ARG D 1641 -29.88 63.48 -80.89
CA ARG D 1641 -28.59 62.95 -81.34
C ARG D 1641 -27.68 62.73 -80.14
N LEU D 1642 -26.82 61.71 -80.25
CA LEU D 1642 -25.88 61.44 -79.18
C LEU D 1642 -24.83 62.54 -79.07
N TYR D 1643 -24.29 62.97 -80.20
CA TYR D 1643 -23.35 64.08 -80.27
C TYR D 1643 -23.99 65.26 -81.00
N PRO D 1644 -23.70 66.49 -80.60
CA PRO D 1644 -24.35 67.64 -81.24
C PRO D 1644 -23.89 67.89 -82.66
N ASP D 1645 -22.76 67.34 -83.07
CA ASP D 1645 -22.25 67.52 -84.43
C ASP D 1645 -21.51 66.25 -84.82
N GLU D 1646 -20.74 66.33 -85.91
CA GLU D 1646 -19.94 65.22 -86.39
C GLU D 1646 -18.50 65.27 -85.88
N SER D 1647 -18.17 66.24 -85.03
CA SER D 1647 -16.82 66.39 -84.51
C SER D 1647 -16.51 65.45 -83.34
N LYS D 1648 -17.52 64.71 -82.86
CA LYS D 1648 -17.40 63.80 -81.72
C LYS D 1648 -16.90 64.51 -80.47
N ARG D 1649 -17.38 65.73 -80.27
CA ARG D 1649 -17.12 66.50 -79.06
C ARG D 1649 -18.41 66.58 -78.25
N HIS D 1650 -18.28 66.44 -76.93
CA HIS D 1650 -19.45 66.42 -76.05
C HIS D 1650 -20.16 67.76 -76.03
N GLY D 1651 -21.49 67.71 -76.04
CA GLY D 1651 -22.28 68.89 -75.81
C GLY D 1651 -22.31 69.25 -74.34
N LEU D 1652 -22.82 70.44 -74.06
CA LEU D 1652 -22.90 70.90 -72.68
C LEU D 1652 -24.00 70.14 -71.95
N PRO D 1653 -23.75 69.70 -70.71
CA PRO D 1653 -24.79 68.99 -69.96
C PRO D 1653 -25.93 69.92 -69.55
N GLY D 1654 -27.16 69.45 -69.76
CA GLY D 1654 -28.33 70.24 -69.46
C GLY D 1654 -28.81 71.12 -70.59
N VAL D 1655 -28.05 71.20 -71.68
CA VAL D 1655 -28.38 72.07 -72.82
C VAL D 1655 -28.85 71.18 -73.97
N GLY D 1656 -30.04 71.47 -74.47
CA GLY D 1656 -30.57 70.72 -75.60
C GLY D 1656 -32.02 70.35 -75.46
N LEU D 1657 -32.60 69.76 -76.51
CA LEU D 1657 -33.98 69.31 -76.47
C LEU D 1657 -34.10 68.07 -75.60
N ARG D 1658 -35.18 68.02 -74.81
CA ARG D 1658 -35.45 66.88 -73.94
C ARG D 1658 -36.77 66.27 -74.34
N THR D 1659 -36.75 64.98 -74.67
CA THR D 1659 -37.96 64.23 -75.04
C THR D 1659 -38.26 63.28 -73.89
N CYS D 1660 -38.94 63.80 -72.87
CA CYS D 1660 -39.38 63.02 -71.72
C CYS D 1660 -40.64 63.68 -71.17
N LEU D 1661 -41.40 62.90 -70.41
CA LEU D 1661 -42.70 63.35 -69.91
C LEU D 1661 -42.53 63.76 -68.45
N LYS D 1662 -42.11 65.01 -68.25
CA LYS D 1662 -41.97 65.58 -66.93
C LYS D 1662 -43.11 66.55 -66.67
N PRO D 1663 -44.07 66.22 -65.81
CA PRO D 1663 -45.17 67.14 -65.55
C PRO D 1663 -44.71 68.39 -64.82
N GLY D 1664 -45.41 69.50 -65.10
CA GLY D 1664 -45.07 70.79 -64.53
C GLY D 1664 -45.70 71.02 -63.17
N PHE D 1665 -45.60 72.26 -62.72
CA PHE D 1665 -46.12 72.66 -61.42
C PHE D 1665 -47.03 73.87 -61.58
N ARG D 1666 -48.00 73.99 -60.67
CA ARG D 1666 -49.00 75.03 -60.71
C ARG D 1666 -48.77 76.04 -59.61
N PHE D 1667 -48.88 77.32 -59.95
CA PHE D 1667 -48.73 78.42 -59.01
C PHE D 1667 -49.94 79.34 -59.12
N SER D 1668 -50.24 80.03 -58.01
CA SER D 1668 -51.33 80.99 -57.99
C SER D 1668 -50.94 82.19 -57.14
N THR D 1669 -51.56 83.32 -57.42
CA THR D 1669 -51.22 84.59 -56.76
C THR D 1669 -51.63 84.56 -55.30
N PRO D 1670 -50.74 84.94 -54.37
CA PRO D 1670 -51.12 84.97 -52.95
C PRO D 1670 -52.06 86.10 -52.61
N CYS D 1671 -53.33 85.97 -52.99
CA CYS D 1671 -54.33 86.98 -52.71
C CYS D 1671 -55.21 86.49 -51.54
N PHE D 1672 -55.27 87.29 -50.49
CA PHE D 1672 -56.09 86.93 -49.34
C PHE D 1672 -57.57 87.25 -49.56
N VAL D 1673 -57.89 88.07 -50.56
CA VAL D 1673 -59.26 88.18 -51.01
C VAL D 1673 -59.60 86.97 -51.87
N VAL D 1674 -60.90 86.70 -52.01
CA VAL D 1674 -61.45 85.55 -52.73
C VAL D 1674 -60.92 84.23 -52.17
N GLN D 1680 -56.39 78.90 -54.14
CA GLN D 1680 -55.03 78.45 -53.85
C GLN D 1680 -54.65 77.24 -54.69
N LYS D 1681 -53.54 77.37 -55.42
CA LYS D 1681 -53.05 76.31 -56.31
C LYS D 1681 -51.58 76.05 -55.98
N GLN D 1682 -51.34 75.15 -55.03
CA GLN D 1682 -50.02 74.63 -54.66
C GLN D 1682 -49.15 75.80 -54.15
N SER D 1683 -47.95 76.01 -54.70
CA SER D 1683 -47.05 77.03 -54.17
C SER D 1683 -47.53 78.43 -54.55
N PRO D 1684 -47.24 79.43 -53.73
CA PRO D 1684 -47.57 80.80 -54.08
C PRO D 1684 -46.77 81.30 -55.28
N GLU D 1685 -47.36 82.26 -55.99
CA GLU D 1685 -46.78 82.76 -57.23
C GLU D 1685 -45.51 83.56 -56.95
N ILE D 1686 -44.62 83.54 -57.95
CA ILE D 1686 -43.33 84.21 -57.90
C ILE D 1686 -42.96 84.48 -59.35
N PRO D 1687 -42.34 85.62 -59.69
CA PRO D 1687 -42.08 85.93 -61.10
C PRO D 1687 -41.22 84.91 -61.84
N LEU D 1688 -40.21 84.33 -61.19
CA LEU D 1688 -39.35 83.28 -61.73
C LEU D 1688 -38.52 83.69 -62.95
N GLU D 1689 -38.62 84.95 -63.36
CA GLU D 1689 -37.77 85.52 -64.40
C GLU D 1689 -36.92 86.65 -63.87
N ILE D 1690 -37.46 87.45 -62.96
CA ILE D 1690 -36.62 88.35 -62.17
C ILE D 1690 -35.74 87.55 -61.23
N LEU D 1691 -36.27 86.45 -60.68
CA LEU D 1691 -35.54 85.67 -59.69
C LEU D 1691 -34.33 84.97 -60.28
N LYS D 1692 -34.48 84.36 -61.46
CA LYS D 1692 -33.35 83.63 -62.04
C LYS D 1692 -32.27 84.57 -62.54
N THR D 1693 -32.67 85.72 -63.09
CA THR D 1693 -31.71 86.75 -63.48
C THR D 1693 -30.96 87.29 -62.27
N LYS D 1694 -31.70 87.51 -61.17
CA LYS D 1694 -31.08 87.99 -59.94
C LYS D 1694 -30.11 86.96 -59.37
N ALA D 1695 -30.48 85.68 -59.41
CA ALA D 1695 -29.61 84.62 -58.92
C ALA D 1695 -28.35 84.50 -59.77
N LEU D 1696 -28.48 84.61 -61.09
CA LEU D 1696 -27.31 84.57 -61.97
C LEU D 1696 -26.38 85.75 -61.73
N SER D 1697 -26.96 86.95 -61.56
CA SER D 1697 -26.14 88.13 -61.28
C SER D 1697 -25.45 88.03 -59.92
N MET D 1698 -26.15 87.51 -58.92
CA MET D 1698 -25.55 87.33 -57.59
C MET D 1698 -24.42 86.29 -57.63
N LEU D 1699 -24.61 85.20 -58.39
CA LEU D 1699 -23.54 84.21 -58.51
C LEU D 1699 -22.33 84.77 -59.24
N THR D 1700 -22.56 85.54 -60.31
CA THR D 1700 -21.45 86.16 -61.03
C THR D 1700 -20.70 87.15 -60.15
N GLU D 1701 -21.43 87.96 -59.38
CA GLU D 1701 -20.79 88.94 -58.50
C GLU D 1701 -20.06 88.26 -57.35
N ALA D 1702 -20.59 87.14 -56.84
CA ALA D 1702 -19.90 86.40 -55.79
C ALA D 1702 -18.62 85.77 -56.31
N VAL D 1703 -18.64 85.26 -57.55
CA VAL D 1703 -17.44 84.64 -58.11
C VAL D 1703 -16.38 85.70 -58.40
N GLN D 1704 -16.80 86.88 -58.89
CA GLN D 1704 -15.84 87.95 -59.19
C GLN D 1704 -15.14 88.45 -57.94
N HIS D 1705 -15.87 88.65 -56.85
CA HIS D 1705 -15.29 89.13 -55.59
C HIS D 1705 -15.01 87.95 -54.66
N SER D 1706 -14.20 87.00 -55.14
CA SER D 1706 -13.94 85.77 -54.39
C SER D 1706 -12.45 85.52 -54.21
N GLY D 1707 -11.66 86.59 -54.09
CA GLY D 1707 -10.25 86.41 -53.82
C GLY D 1707 -10.00 85.96 -52.39
N ALA D 1708 -8.82 85.38 -52.17
CA ALA D 1708 -8.44 84.95 -50.84
C ALA D 1708 -8.03 86.11 -49.94
N HIS D 1709 -7.76 87.27 -50.52
CA HIS D 1709 -7.33 88.45 -49.79
C HIS D 1709 -8.48 89.34 -49.35
N ILE D 1710 -9.71 89.06 -49.79
CA ILE D 1710 -10.84 89.92 -49.48
C ILE D 1710 -11.22 89.76 -48.02
N ARG D 1711 -11.37 90.89 -47.32
CA ARG D 1711 -11.56 90.88 -45.88
C ARG D 1711 -12.98 91.25 -45.45
N ASP D 1712 -13.91 91.40 -46.39
CA ASP D 1712 -15.33 91.57 -46.07
C ASP D 1712 -16.20 90.68 -46.96
N PRO D 1713 -16.18 89.37 -46.74
CA PRO D 1713 -17.13 88.51 -47.46
C PRO D 1713 -18.54 88.74 -46.97
N VAL D 1714 -19.51 88.50 -47.86
CA VAL D 1714 -20.91 88.76 -47.54
C VAL D 1714 -21.39 87.75 -46.52
N GLY D 1715 -21.98 88.24 -45.43
CA GLY D 1715 -22.41 87.40 -44.34
C GLY D 1715 -21.38 87.17 -43.26
N GLY D 1716 -20.14 87.60 -43.47
CA GLY D 1716 -19.09 87.40 -42.51
C GLY D 1716 -18.11 86.29 -42.83
N SER D 1717 -18.43 85.44 -43.81
CA SER D 1717 -17.54 84.37 -44.21
C SER D 1717 -17.81 84.01 -45.67
N VAL D 1718 -16.93 83.19 -46.23
CA VAL D 1718 -17.09 82.71 -47.59
C VAL D 1718 -18.28 81.75 -47.68
N GLU D 1719 -18.48 80.95 -46.63
CA GLU D 1719 -19.61 80.03 -46.59
C GLU D 1719 -20.94 80.78 -46.65
N PHE D 1720 -21.07 81.83 -45.85
CA PHE D 1720 -22.30 82.62 -45.85
C PHE D 1720 -22.50 83.35 -47.16
N GLN D 1721 -21.41 83.68 -47.87
CA GLN D 1721 -21.54 84.34 -49.16
C GLN D 1721 -21.99 83.37 -50.24
N PHE D 1722 -21.47 82.15 -50.25
CA PHE D 1722 -21.65 81.25 -51.37
C PHE D 1722 -22.76 80.23 -51.19
N VAL D 1723 -22.92 79.66 -49.99
CA VAL D 1723 -23.85 78.54 -49.80
C VAL D 1723 -25.31 78.90 -50.09
N PRO D 1724 -25.87 80.02 -49.60
CA PRO D 1724 -27.27 80.33 -49.98
C PRO D 1724 -27.49 80.56 -51.46
N VAL D 1725 -26.53 81.21 -52.13
CA VAL D 1725 -26.64 81.45 -53.57
C VAL D 1725 -26.61 80.14 -54.33
N LEU D 1726 -25.72 79.23 -53.93
CA LEU D 1726 -25.63 77.93 -54.61
C LEU D 1726 -26.85 77.06 -54.33
N LYS D 1727 -27.43 77.15 -53.13
CA LYS D 1727 -28.68 76.45 -52.86
C LYS D 1727 -29.81 76.96 -53.75
N LEU D 1728 -29.90 78.28 -53.91
CA LEU D 1728 -30.91 78.85 -54.79
C LEU D 1728 -30.69 78.45 -56.25
N ILE D 1729 -29.43 78.45 -56.70
CA ILE D 1729 -29.10 78.06 -58.06
C ILE D 1729 -29.45 76.59 -58.31
N GLY D 1730 -29.12 75.71 -57.35
CA GLY D 1730 -29.46 74.31 -57.50
C GLY D 1730 -30.95 74.05 -57.47
N THR D 1731 -31.68 74.77 -56.61
CA THR D 1731 -33.12 74.64 -56.56
C THR D 1731 -33.77 75.08 -57.87
N LEU D 1732 -33.29 76.17 -58.47
CA LEU D 1732 -33.83 76.60 -59.74
C LEU D 1732 -33.39 75.70 -60.88
N LEU D 1733 -32.24 75.02 -60.73
CA LEU D 1733 -31.79 74.08 -61.76
C LEU D 1733 -32.64 72.82 -61.79
N VAL D 1734 -32.96 72.27 -60.62
CA VAL D 1734 -33.77 71.06 -60.56
C VAL D 1734 -35.19 71.32 -61.07
N MET D 1735 -35.72 72.52 -60.79
CA MET D 1735 -37.05 72.89 -61.25
C MET D 1735 -37.14 73.12 -62.75
N GLY D 1736 -36.00 73.19 -63.46
CA GLY D 1736 -36.03 73.44 -64.87
C GLY D 1736 -36.33 74.87 -65.27
N VAL D 1737 -36.05 75.83 -64.37
CA VAL D 1737 -36.35 77.23 -64.65
C VAL D 1737 -35.41 77.80 -65.71
N PHE D 1738 -34.11 77.49 -65.61
CA PHE D 1738 -33.13 78.09 -66.49
C PHE D 1738 -33.24 77.56 -67.92
N ASP D 1739 -32.94 78.42 -68.88
CA ASP D 1739 -32.84 78.05 -70.28
C ASP D 1739 -31.37 77.76 -70.62
N ASP D 1740 -31.08 77.61 -71.91
CA ASP D 1740 -29.77 77.12 -72.34
C ASP D 1740 -28.67 78.15 -72.11
N ASP D 1741 -28.96 79.43 -72.32
CA ASP D 1741 -27.96 80.47 -72.11
C ASP D 1741 -27.61 80.61 -70.63
N ASP D 1742 -28.61 80.49 -69.75
CA ASP D 1742 -28.36 80.55 -68.32
C ASP D 1742 -27.53 79.36 -67.85
N ILE D 1743 -27.81 78.17 -68.37
CA ILE D 1743 -27.01 76.99 -68.04
C ILE D 1743 -25.59 77.16 -68.57
N ARG D 1744 -25.44 77.79 -69.74
CA ARG D 1744 -24.11 78.07 -70.28
C ARG D 1744 -23.34 79.03 -69.37
N GLN D 1745 -24.02 80.05 -68.85
CA GLN D 1745 -23.38 80.96 -67.89
C GLN D 1745 -22.95 80.24 -66.62
N ILE D 1746 -23.80 79.36 -66.10
CA ILE D 1746 -23.47 78.59 -64.91
C ILE D 1746 -22.27 77.69 -65.16
N LEU D 1747 -22.24 77.03 -66.32
CA LEU D 1747 -21.13 76.13 -66.65
C LEU D 1747 -19.83 76.91 -66.84
N LEU D 1748 -19.90 78.11 -67.42
CA LEU D 1748 -18.71 78.94 -67.53
C LEU D 1748 -18.24 79.42 -66.16
N LEU D 1749 -19.16 79.66 -65.24
CA LEU D 1749 -18.75 80.03 -63.88
C LEU D 1749 -18.13 78.84 -63.13
N ILE D 1750 -18.57 77.62 -63.44
CA ILE D 1750 -18.02 76.45 -62.76
C ILE D 1750 -16.62 76.12 -63.28
N ASP D 1751 -16.48 75.97 -64.60
CA ASP D 1751 -15.18 75.67 -65.21
C ASP D 1751 -15.19 76.19 -66.64
N PRO D 1752 -14.59 77.35 -66.89
CA PRO D 1752 -14.62 77.94 -68.24
C PRO D 1752 -13.76 77.22 -69.27
N SER D 1753 -12.90 76.30 -68.85
CA SER D 1753 -12.05 75.59 -69.81
C SER D 1753 -12.72 74.33 -70.34
N VAL D 1754 -13.34 73.54 -69.46
CA VAL D 1754 -14.03 72.33 -69.91
C VAL D 1754 -15.28 72.69 -70.70
N PHE D 1755 -16.05 73.67 -70.22
CA PHE D 1755 -17.27 74.10 -70.88
C PHE D 1755 -17.07 75.36 -71.72
N GLY D 1756 -15.90 75.51 -72.32
CA GLY D 1756 -15.60 76.66 -73.14
C GLY D 1756 -16.26 76.59 -74.51
N GLU D 1757 -16.11 77.69 -75.25
CA GLU D 1757 -16.74 77.82 -76.55
C GLU D 1757 -16.10 76.96 -77.63
N HIS D 1758 -14.87 76.48 -77.42
CA HIS D 1758 -14.18 75.67 -78.41
C HIS D 1758 -14.79 74.27 -78.49
N LYS D 1792 -10.03 81.50 -61.35
CA LYS D 1792 -10.70 80.96 -62.53
C LYS D 1792 -12.13 80.56 -62.18
N GLY D 1793 -12.44 79.27 -62.30
CA GLY D 1793 -13.76 78.78 -61.98
C GLY D 1793 -13.94 78.53 -60.49
N LEU D 1794 -15.12 78.01 -60.15
CA LEU D 1794 -15.43 77.71 -58.76
C LEU D 1794 -14.67 76.48 -58.27
N LEU D 1795 -14.51 75.48 -59.15
CA LEU D 1795 -13.91 74.22 -58.74
C LEU D 1795 -12.41 74.31 -58.51
N GLN D 1796 -11.75 75.36 -59.03
CA GLN D 1796 -10.31 75.51 -58.91
C GLN D 1796 -9.93 76.61 -57.92
N THR D 1797 -10.72 76.75 -56.86
CA THR D 1797 -10.45 77.73 -55.81
C THR D 1797 -10.48 77.03 -54.45
N ARG D 1798 -9.81 77.64 -53.49
CA ARG D 1798 -9.80 77.14 -52.12
C ARG D 1798 -11.14 77.45 -51.48
N LEU D 1799 -11.93 76.40 -51.22
CA LEU D 1799 -13.29 76.56 -50.76
C LEU D 1799 -13.50 75.91 -49.41
N PRO D 1800 -14.47 76.38 -48.62
CA PRO D 1800 -14.90 75.62 -47.45
C PRO D 1800 -15.65 74.36 -47.86
N GLU D 1801 -15.92 73.51 -46.87
CA GLU D 1801 -16.52 72.21 -47.15
C GLU D 1801 -18.00 72.31 -47.47
N SER D 1802 -18.69 73.35 -46.98
CA SER D 1802 -20.10 73.53 -47.33
C SER D 1802 -20.27 73.91 -48.79
N VAL D 1803 -19.39 74.79 -49.29
CA VAL D 1803 -19.40 75.13 -50.70
C VAL D 1803 -19.06 73.92 -51.54
N LYS D 1804 -18.19 73.04 -51.04
CA LYS D 1804 -17.90 71.79 -51.72
C LYS D 1804 -19.11 70.88 -51.77
N LEU D 1805 -19.92 70.86 -50.69
CA LEU D 1805 -21.16 70.10 -50.70
C LEU D 1805 -22.12 70.60 -51.77
N GLN D 1806 -22.27 71.93 -51.86
CA GLN D 1806 -23.16 72.50 -52.87
C GLN D 1806 -22.64 72.22 -54.29
N MET D 1807 -21.33 72.31 -54.50
CA MET D 1807 -20.76 71.99 -55.80
C MET D 1807 -20.94 70.53 -56.15
N CYS D 1808 -20.85 69.64 -55.16
CA CYS D 1808 -21.12 68.22 -55.39
C CYS D 1808 -22.54 67.98 -55.82
N GLU D 1809 -23.49 68.69 -55.20
CA GLU D 1809 -24.90 68.56 -55.62
C GLU D 1809 -25.11 69.05 -57.05
N LEU D 1810 -24.48 70.17 -57.41
CA LEU D 1810 -24.59 70.68 -58.77
C LEU D 1810 -24.01 69.72 -59.80
N LEU D 1811 -22.84 69.14 -59.49
CA LEU D 1811 -22.23 68.19 -60.42
C LEU D 1811 -23.04 66.90 -60.52
N SER D 1812 -23.69 66.48 -59.44
CA SER D 1812 -24.58 65.33 -59.50
C SER D 1812 -25.78 65.61 -60.41
N TYR D 1813 -26.31 66.83 -60.35
CA TYR D 1813 -27.39 67.20 -61.26
C TYR D 1813 -26.93 67.18 -62.71
N LEU D 1814 -25.70 67.63 -62.97
CA LEU D 1814 -25.16 67.58 -64.34
C LEU D 1814 -25.00 66.14 -64.82
N CYS D 1815 -24.57 65.24 -63.93
CA CYS D 1815 -24.49 63.82 -64.26
C CYS D 1815 -25.86 63.25 -64.61
N ASP D 1816 -26.89 63.63 -63.85
CA ASP D 1816 -28.25 63.17 -64.15
C ASP D 1816 -28.72 63.67 -65.51
N CYS D 1817 -28.39 64.91 -65.85
CA CYS D 1817 -28.74 65.45 -67.16
C CYS D 1817 -28.06 64.67 -68.29
N GLU D 1818 -26.78 64.34 -68.12
CA GLU D 1818 -26.08 63.55 -69.14
C GLU D 1818 -26.68 62.16 -69.28
N LEU D 1819 -27.06 61.53 -68.17
CA LEU D 1819 -27.68 60.21 -68.23
C LEU D 1819 -29.01 60.24 -68.96
N GLN D 1820 -29.82 61.27 -68.69
CA GLN D 1820 -31.10 61.41 -69.39
C GLN D 1820 -30.90 61.64 -70.88
N HIS D 1821 -29.88 62.43 -71.24
CA HIS D 1821 -29.58 62.64 -72.65
C HIS D 1821 -29.17 61.34 -73.35
N ARG D 1822 -28.37 60.52 -72.68
CA ARG D 1822 -27.98 59.22 -73.25
C ARG D 1822 -29.19 58.31 -73.45
N VAL D 1823 -30.11 58.29 -72.48
CA VAL D 1823 -31.30 57.46 -72.59
C VAL D 1823 -32.17 57.92 -73.76
N GLU D 1824 -32.35 59.23 -73.91
CA GLU D 1824 -33.16 59.75 -75.01
C GLU D 1824 -32.53 59.46 -76.37
N ALA D 1825 -31.20 59.56 -76.47
CA ALA D 1825 -30.52 59.24 -77.71
C ALA D 1825 -30.67 57.77 -78.07
N ILE D 1826 -30.57 56.89 -77.07
CA ILE D 1826 -30.76 55.45 -77.28
C ILE D 1826 -32.17 55.17 -77.79
N VAL D 1827 -33.16 55.84 -77.20
CA VAL D 1827 -34.55 55.61 -77.62
C VAL D 1827 -34.79 56.11 -79.05
N ALA D 1828 -34.18 57.24 -79.41
CA ALA D 1828 -34.32 57.76 -80.78
C ALA D 1828 -33.71 56.81 -81.81
N PHE D 1829 -32.49 56.35 -81.54
CA PHE D 1829 -31.87 55.38 -82.43
C PHE D 1829 -32.66 54.08 -82.49
N GLY D 1830 -33.25 53.67 -81.36
CA GLY D 1830 -34.08 52.48 -81.36
C GLY D 1830 -35.31 52.62 -82.24
N ASP D 1831 -35.92 53.81 -82.24
CA ASP D 1831 -37.07 54.06 -83.11
C ASP D 1831 -36.68 53.96 -84.58
N ILE D 1832 -35.55 54.59 -84.95
CA ILE D 1832 -35.12 54.55 -86.35
C ILE D 1832 -34.75 53.12 -86.76
N TYR D 1833 -34.03 52.41 -85.89
CA TYR D 1833 -33.63 51.03 -86.16
C TYR D 1833 -34.84 50.10 -86.26
N VAL D 1834 -35.86 50.33 -85.44
CA VAL D 1834 -37.06 49.51 -85.48
C VAL D 1834 -37.82 49.73 -86.78
N SER D 1835 -37.89 50.98 -87.25
CA SER D 1835 -38.52 51.24 -88.55
C SER D 1835 -37.75 50.56 -89.69
N LYS D 1836 -36.42 50.63 -89.66
CA LYS D 1836 -35.62 49.96 -90.68
C LYS D 1836 -35.79 48.44 -90.64
N LEU D 1837 -35.83 47.86 -89.44
CA LEU D 1837 -36.00 46.42 -89.31
C LEU D 1837 -37.39 45.98 -89.77
N GLN D 1838 -38.42 46.80 -89.50
CA GLN D 1838 -39.75 46.47 -90.00
C GLN D 1838 -39.80 46.49 -91.51
N ALA D 1839 -39.18 47.50 -92.14
CA ALA D 1839 -39.14 47.55 -93.61
C ALA D 1839 -38.37 46.36 -94.18
N ASN D 1840 -37.23 46.02 -93.58
CA ASN D 1840 -36.43 44.90 -94.08
C ASN D 1840 -37.15 43.57 -93.93
N GLN D 1841 -37.83 43.35 -92.80
CA GLN D 1841 -38.56 42.11 -92.61
C GLN D 1841 -39.78 42.03 -93.53
N LYS D 1842 -40.42 43.17 -93.80
CA LYS D 1842 -41.51 43.18 -94.77
C LYS D 1842 -41.03 42.80 -96.16
N SER D 1843 -39.88 43.35 -96.57
CA SER D 1843 -39.31 43.00 -97.86
C SER D 1843 -38.91 41.53 -97.93
N ARG D 1844 -38.31 41.01 -96.86
CA ARG D 1844 -37.91 39.61 -96.84
C ARG D 1844 -39.11 38.68 -96.86
N TYR D 1845 -40.18 39.02 -96.16
CA TYR D 1845 -41.39 38.21 -96.16
C TYR D 1845 -42.06 38.24 -97.53
N ASN D 1846 -42.08 39.41 -98.19
CA ASN D 1846 -42.61 39.51 -99.53
C ASN D 1846 -41.80 38.68 -100.52
N GLU D 1847 -40.47 38.68 -100.37
CA GLU D 1847 -39.62 37.86 -101.21
C GLU D 1847 -39.85 36.37 -100.95
N LEU D 1848 -40.04 36.00 -99.69
CA LEU D 1848 -40.27 34.60 -99.34
C LEU D 1848 -41.59 34.08 -99.90
N MET D 1849 -42.66 34.87 -99.77
CA MET D 1849 -43.96 34.44 -100.29
C MET D 1849 -44.03 34.48 -101.81
N GLN D 1850 -43.11 35.19 -102.46
CA GLN D 1850 -43.06 35.24 -103.92
C GLN D 1850 -42.20 34.15 -104.53
N ALA D 1851 -41.60 33.29 -103.71
CA ALA D 1851 -40.75 32.21 -104.20
C ALA D 1851 -41.61 31.11 -104.80
N LEU D 1852 -41.43 30.85 -106.10
CA LEU D 1852 -42.26 29.87 -106.78
C LEU D 1852 -41.89 28.45 -106.40
N ASN D 1853 -40.59 28.15 -106.32
CA ASN D 1853 -40.10 26.79 -106.11
C ASN D 1853 -39.16 26.74 -104.93
N MET D 1854 -39.56 27.34 -103.81
CA MET D 1854 -38.76 27.31 -102.61
C MET D 1854 -38.74 25.91 -102.00
N SER D 1855 -37.62 25.57 -101.38
CA SER D 1855 -37.47 24.28 -100.72
C SER D 1855 -38.35 24.19 -99.49
N ALA D 1856 -38.73 22.96 -99.14
CA ALA D 1856 -39.62 22.75 -98.00
C ALA D 1856 -38.94 23.07 -96.67
N ALA D 1857 -37.66 22.68 -96.53
CA ALA D 1857 -36.96 22.91 -95.28
C ALA D 1857 -36.71 24.39 -95.02
N LEU D 1858 -36.29 25.12 -96.05
CA LEU D 1858 -36.05 26.56 -95.90
C LEU D 1858 -37.34 27.31 -95.62
N THR D 1859 -38.44 26.94 -96.31
CA THR D 1859 -39.72 27.58 -96.06
C THR D 1859 -40.24 27.26 -94.66
N ALA D 1860 -40.04 26.02 -94.20
CA ALA D 1860 -40.44 25.66 -92.84
C ALA D 1860 -39.65 26.42 -91.79
N ARG D 1861 -38.33 26.57 -92.00
CA ARG D 1861 -37.51 27.33 -91.07
C ARG D 1861 -37.90 28.80 -91.06
N LYS D 1862 -38.18 29.37 -92.24
CA LYS D 1862 -38.59 30.77 -92.31
C LYS D 1862 -39.95 30.99 -91.66
N THR D 1863 -40.88 30.05 -91.84
CA THR D 1863 -42.19 30.16 -91.22
C THR D 1863 -42.09 30.02 -89.70
N ARG D 1864 -41.20 29.14 -89.22
CA ARG D 1864 -40.98 29.01 -87.78
C ARG D 1864 -40.34 30.27 -87.21
N GLU D 1865 -39.45 30.90 -87.98
CA GLU D 1865 -38.87 32.18 -87.55
C GLU D 1865 -39.91 33.29 -87.51
N PHE D 1866 -40.83 33.31 -88.49
CA PHE D 1866 -41.85 34.35 -88.54
C PHE D 1866 -43.05 34.06 -87.65
N ARG D 1867 -43.14 32.87 -87.08
CA ARG D 1867 -44.21 32.55 -86.13
C ARG D 1867 -43.80 32.80 -84.69
N SER D 1868 -42.59 33.32 -84.47
CA SER D 1868 -42.11 33.60 -83.13
C SER D 1868 -42.85 34.80 -82.54
N PRO D 1869 -42.85 34.94 -81.21
CA PRO D 1869 -43.33 36.17 -80.61
C PRO D 1869 -42.46 37.35 -81.02
N PRO D 1870 -43.01 38.57 -81.00
CA PRO D 1870 -42.24 39.74 -81.45
C PRO D 1870 -40.96 39.98 -80.66
N GLN D 1871 -40.96 39.68 -79.35
CA GLN D 1871 -39.73 39.77 -78.58
C GLN D 1871 -38.70 38.75 -79.06
N GLU D 1872 -39.15 37.55 -79.42
CA GLU D 1872 -38.25 36.54 -79.97
C GLU D 1872 -37.73 36.98 -81.35
N GLN D 1873 -38.57 37.66 -82.14
CA GLN D 1873 -38.12 38.18 -83.42
C GLN D 1873 -37.04 39.26 -83.24
N ILE D 1874 -37.22 40.14 -82.25
CA ILE D 1874 -36.22 41.16 -81.97
C ILE D 1874 -34.93 40.53 -81.46
N ASN D 1875 -35.04 39.51 -80.60
CA ASN D 1875 -33.86 38.81 -80.11
C ASN D 1875 -33.11 38.12 -81.23
N MET D 1876 -33.84 37.51 -82.17
CA MET D 1876 -33.18 36.85 -83.30
C MET D 1876 -32.54 37.87 -84.24
N LEU D 1877 -33.18 39.02 -84.44
CA LEU D 1877 -32.63 40.04 -85.32
C LEU D 1877 -31.40 40.72 -84.71
N LEU D 1878 -31.36 40.87 -83.40
CA LEU D 1878 -30.28 41.62 -82.77
C LEU D 1878 -29.08 40.77 -82.40
N ASN D 1879 -29.26 39.47 -82.19
CA ASN D 1879 -28.14 38.60 -81.84
C ASN D 1879 -27.25 38.38 -83.05
N PHE D 1880 -26.17 39.15 -83.15
CA PHE D 1880 -25.26 39.03 -84.29
C PHE D 1880 -24.30 37.86 -84.15
N GLN D 1881 -24.26 37.23 -82.97
CA GLN D 1881 -23.43 36.05 -82.77
C GLN D 1881 -23.99 34.80 -83.44
N LEU D 1882 -25.23 34.85 -83.94
CA LEU D 1882 -25.82 33.70 -84.59
C LEU D 1882 -25.25 33.45 -85.98
N GLY D 1883 -24.59 34.45 -86.57
CA GLY D 1883 -23.98 34.29 -87.88
C GLY D 1883 -24.98 34.19 -89.00
N GLU D 1884 -25.05 33.01 -89.64
CA GLU D 1884 -26.02 32.80 -90.71
C GLU D 1884 -27.44 32.66 -90.16
N ASN D 1885 -27.59 32.23 -88.91
CA ASN D 1885 -28.91 32.09 -88.31
C ASN D 1885 -29.59 33.43 -88.08
N CYS D 1886 -28.82 34.50 -87.93
CA CYS D 1886 -29.41 35.84 -87.79
C CYS D 1886 -29.79 36.37 -89.17
N PRO D 1887 -31.04 36.77 -89.38
CA PRO D 1887 -31.46 37.21 -90.73
C PRO D 1887 -31.17 38.68 -91.01
N CYS D 1888 -30.32 39.30 -90.20
CA CYS D 1888 -30.03 40.72 -90.36
C CYS D 1888 -29.04 40.94 -91.50
N PRO D 1889 -29.34 41.83 -92.44
CA PRO D 1889 -28.36 42.17 -93.48
C PRO D 1889 -27.18 42.95 -92.91
N GLU D 1890 -26.13 43.07 -93.73
CA GLU D 1890 -24.85 43.60 -93.28
C GLU D 1890 -24.91 45.09 -92.97
N GLU D 1891 -25.70 45.85 -93.73
CA GLU D 1891 -25.76 47.31 -93.53
C GLU D 1891 -26.36 47.67 -92.17
N ILE D 1892 -27.41 46.97 -91.78
CA ILE D 1892 -28.05 47.23 -90.49
C ILE D 1892 -27.12 46.83 -89.35
N ARG D 1893 -26.35 45.75 -89.54
CA ARG D 1893 -25.35 45.35 -88.56
C ARG D 1893 -24.25 46.40 -88.42
N GLU D 1894 -23.83 46.98 -89.55
CA GLU D 1894 -22.83 48.04 -89.50
C GLU D 1894 -23.36 49.28 -88.78
N GLU D 1895 -24.62 49.62 -89.02
CA GLU D 1895 -25.21 50.78 -88.34
C GLU D 1895 -25.30 50.54 -86.83
N LEU D 1896 -25.70 49.33 -86.41
CA LEU D 1896 -25.79 49.04 -84.98
C LEU D 1896 -24.42 49.00 -84.34
N TYR D 1897 -23.42 48.47 -85.06
CA TYR D 1897 -22.04 48.49 -84.56
C TYR D 1897 -21.53 49.93 -84.37
N ASP D 1898 -21.83 50.80 -85.34
CA ASP D 1898 -21.40 52.19 -85.23
C ASP D 1898 -22.08 52.88 -84.05
N PHE D 1899 -23.38 52.64 -83.85
CA PHE D 1899 -24.06 53.27 -82.72
C PHE D 1899 -23.55 52.73 -81.39
N HIS D 1900 -23.26 51.43 -81.32
CA HIS D 1900 -22.71 50.87 -80.09
C HIS D 1900 -21.34 51.44 -79.77
N GLU D 1901 -20.51 51.61 -80.80
CA GLU D 1901 -19.20 52.24 -80.60
C GLU D 1901 -19.33 53.68 -80.13
N ASP D 1902 -20.26 54.43 -80.73
CA ASP D 1902 -20.48 55.82 -80.32
C ASP D 1902 -21.00 55.90 -78.89
N LEU D 1903 -21.92 55.00 -78.50
CA LEU D 1903 -22.43 54.99 -77.14
C LEU D 1903 -21.35 54.64 -76.13
N LEU D 1904 -20.47 53.69 -76.49
CA LEU D 1904 -19.42 53.32 -75.56
C LEU D 1904 -18.34 54.38 -75.45
N ILE D 1905 -18.09 55.14 -76.53
CA ILE D 1905 -17.17 56.26 -76.45
C ILE D 1905 -17.77 57.39 -75.63
N HIS D 1906 -19.07 57.65 -75.82
CA HIS D 1906 -19.73 58.74 -75.10
C HIS D 1906 -19.83 58.47 -73.60
N CYS D 1907 -19.83 57.20 -73.19
CA CYS D 1907 -19.90 56.83 -71.79
C CYS D 1907 -18.54 56.76 -71.13
N GLY D 1908 -17.48 57.14 -71.82
CA GLY D 1908 -16.16 57.15 -71.24
C GLY D 1908 -15.48 55.81 -71.14
N VAL D 1909 -15.98 54.80 -71.84
CA VAL D 1909 -15.40 53.46 -71.83
C VAL D 1909 -14.50 53.31 -73.05
N PRO D 1910 -13.18 53.18 -72.89
CA PRO D 1910 -12.26 53.05 -74.03
C PRO D 1910 -12.37 51.70 -74.73
N GLU D 1950 -1.28 64.50 -66.21
CA GLU D 1950 -1.91 64.09 -67.45
C GLU D 1950 -2.43 65.29 -68.24
N ARG D 1951 -3.47 65.06 -69.03
CA ARG D 1951 -4.05 66.12 -69.85
C ARG D 1951 -5.16 66.83 -69.09
N CYS D 1952 -5.44 68.06 -69.51
CA CYS D 1952 -6.55 68.83 -68.95
C CYS D 1952 -7.88 68.16 -69.32
N PRO D 1953 -8.90 68.29 -68.46
CA PRO D 1953 -10.18 67.63 -68.75
C PRO D 1953 -10.87 68.21 -69.97
N THR D 1954 -11.64 67.35 -70.64
CA THR D 1954 -12.44 67.73 -71.79
C THR D 1954 -13.92 67.40 -71.61
N THR D 1955 -14.24 66.30 -70.93
CA THR D 1955 -15.61 65.91 -70.66
C THR D 1955 -15.93 66.17 -69.19
N LEU D 1956 -17.19 65.94 -68.83
CA LEU D 1956 -17.62 66.15 -67.45
C LEU D 1956 -17.04 65.09 -66.52
N LYS D 1957 -16.90 63.85 -67.01
CA LYS D 1957 -16.41 62.76 -66.19
C LYS D 1957 -14.97 63.00 -65.74
N GLU D 1958 -14.11 63.44 -66.65
CA GLU D 1958 -12.73 63.72 -66.31
C GLU D 1958 -12.62 64.87 -65.32
N LEU D 1959 -13.42 65.92 -65.53
CA LEU D 1959 -13.43 67.06 -64.63
C LEU D 1959 -13.85 66.66 -63.23
N ILE D 1960 -14.91 65.86 -63.11
CA ILE D 1960 -15.41 65.45 -61.80
C ILE D 1960 -14.40 64.54 -61.10
N SER D 1961 -13.81 63.60 -61.84
CA SER D 1961 -12.83 62.70 -61.26
C SER D 1961 -11.60 63.44 -60.76
N GLN D 1962 -11.07 64.36 -61.57
CA GLN D 1962 -9.89 65.12 -61.17
C GLN D 1962 -10.21 66.05 -60.01
N THR D 1963 -11.41 66.64 -60.00
CA THR D 1963 -11.80 67.53 -58.90
C THR D 1963 -11.92 66.77 -57.59
N MET D 1964 -12.56 65.60 -57.60
CA MET D 1964 -12.71 64.82 -56.37
C MET D 1964 -11.35 64.32 -55.86
N ILE D 1965 -10.50 63.84 -56.77
CA ILE D 1965 -9.18 63.37 -56.36
C ILE D 1965 -8.33 64.52 -55.80
N ARG D 1966 -8.40 65.69 -56.44
CA ARG D 1966 -7.63 66.84 -55.95
C ARG D 1966 -8.15 67.33 -54.61
N TRP D 1967 -9.47 67.35 -54.41
CA TRP D 1967 -10.03 67.74 -53.12
C TRP D 1967 -9.61 66.79 -52.01
N ALA D 1968 -9.62 65.48 -52.29
CA ALA D 1968 -9.25 64.54 -51.25
C ALA D 1968 -7.74 64.51 -51.01
N GLN D 1969 -6.94 64.86 -52.02
CA GLN D 1969 -5.49 64.91 -51.83
C GLN D 1969 -5.06 66.17 -51.09
N GLU D 1970 -5.69 67.32 -51.38
CA GLU D 1970 -5.20 68.58 -50.83
C GLU D 1970 -5.52 68.71 -49.35
N ASP D 1971 -6.64 68.17 -48.90
CA ASP D 1971 -7.04 68.29 -47.50
C ASP D 1971 -7.60 66.97 -47.02
N GLN D 1972 -7.62 66.80 -45.70
CA GLN D 1972 -8.32 65.69 -45.08
C GLN D 1972 -9.72 66.18 -44.71
N ILE D 1973 -10.74 65.58 -45.32
CA ILE D 1973 -12.10 66.08 -45.19
C ILE D 1973 -12.65 65.73 -43.81
N GLN D 1974 -13.14 66.75 -43.11
CA GLN D 1974 -13.60 66.58 -41.74
C GLN D 1974 -15.10 66.34 -41.62
N ASP D 1975 -15.86 66.47 -42.71
CA ASP D 1975 -17.29 66.23 -42.70
C ASP D 1975 -17.58 64.89 -43.34
N ALA D 1976 -18.37 64.06 -42.64
CA ALA D 1976 -18.68 62.73 -43.15
C ALA D 1976 -19.58 62.80 -44.37
N GLU D 1977 -20.51 63.77 -44.40
CA GLU D 1977 -21.40 63.91 -45.54
C GLU D 1977 -20.64 64.32 -46.79
N LEU D 1978 -19.61 65.16 -46.64
CA LEU D 1978 -18.81 65.54 -47.79
C LEU D 1978 -17.98 64.38 -48.32
N VAL D 1979 -17.45 63.54 -47.42
CA VAL D 1979 -16.74 62.34 -47.84
C VAL D 1979 -17.67 61.41 -48.61
N ARG D 1980 -18.88 61.21 -48.08
CA ARG D 1980 -19.86 60.35 -48.73
C ARG D 1980 -20.25 60.88 -50.11
N MET D 1981 -20.51 62.18 -50.21
CA MET D 1981 -20.91 62.77 -51.48
C MET D 1981 -19.78 62.74 -52.50
N MET D 1982 -18.56 63.07 -52.07
CA MET D 1982 -17.41 63.07 -52.96
C MET D 1982 -17.12 61.68 -53.50
N PHE D 1983 -17.15 60.67 -52.64
CA PHE D 1983 -16.82 59.34 -53.12
C PHE D 1983 -17.97 58.68 -53.86
N SER D 1984 -19.22 59.02 -53.56
CA SER D 1984 -20.33 58.58 -54.40
C SER D 1984 -20.25 59.17 -55.80
N LEU D 1985 -19.96 60.47 -55.88
CA LEU D 1985 -19.82 61.13 -57.17
C LEU D 1985 -18.62 60.63 -57.94
N LEU D 1986 -17.54 60.28 -57.25
CA LEU D 1986 -16.38 59.70 -57.91
C LEU D 1986 -16.67 58.29 -58.42
N GLN D 1987 -17.39 57.49 -57.63
CA GLN D 1987 -17.69 56.12 -58.03
C GLN D 1987 -18.65 56.07 -59.20
N ARG D 1988 -19.63 56.98 -59.24
CA ARG D 1988 -20.60 56.91 -60.33
C ARG D 1988 -20.05 57.42 -61.66
N GLN D 1989 -18.86 58.03 -61.67
CA GLN D 1989 -18.23 58.38 -62.94
C GLN D 1989 -17.65 57.15 -63.63
N TYR D 1990 -17.30 56.12 -62.87
CA TYR D 1990 -16.74 54.90 -63.40
C TYR D 1990 -17.76 53.76 -63.43
N ASP D 1991 -19.03 54.11 -63.38
CA ASP D 1991 -20.14 53.17 -63.46
C ASP D 1991 -21.18 53.70 -64.44
N SER D 1992 -20.72 54.15 -65.60
CA SER D 1992 -21.62 54.77 -66.56
C SER D 1992 -22.51 53.75 -67.25
N ILE D 1993 -21.96 52.58 -67.59
CA ILE D 1993 -22.75 51.54 -68.24
C ILE D 1993 -23.77 50.95 -67.27
N GLY D 1994 -23.36 50.75 -66.01
CA GLY D 1994 -24.30 50.24 -65.02
C GLY D 1994 -25.43 51.19 -64.73
N GLU D 1995 -25.13 52.48 -64.63
CA GLU D 1995 -26.18 53.49 -64.44
C GLU D 1995 -27.07 53.59 -65.67
N LEU D 1996 -26.50 53.46 -66.87
CA LEU D 1996 -27.29 53.47 -68.08
C LEU D 1996 -28.24 52.28 -68.14
N LEU D 1997 -27.76 51.10 -67.71
CA LEU D 1997 -28.62 49.92 -67.63
C LEU D 1997 -29.73 50.12 -66.61
N GLN D 1998 -29.41 50.68 -65.45
CA GLN D 1998 -30.42 50.92 -64.42
C GLN D 1998 -31.46 51.93 -64.91
N ALA D 1999 -31.03 52.93 -65.67
CA ALA D 1999 -31.96 53.90 -66.24
C ALA D 1999 -32.84 53.27 -67.31
N LEU D 2000 -32.25 52.41 -68.16
CA LEU D 2000 -33.01 51.76 -69.22
C LEU D 2000 -33.99 50.73 -68.70
N ARG D 2001 -33.73 50.16 -67.51
CA ARG D 2001 -34.73 49.27 -66.91
C ARG D 2001 -36.01 50.02 -66.53
N LYS D 2002 -35.89 51.31 -66.22
CA LYS D 2002 -37.05 52.13 -65.88
C LYS D 2002 -37.46 53.08 -67.01
N THR D 2003 -37.04 52.78 -68.24
CA THR D 2003 -37.40 53.56 -69.42
C THR D 2003 -38.58 52.90 -70.11
N TYR D 2004 -39.61 53.68 -70.41
CA TYR D 2004 -40.77 53.18 -71.14
C TYR D 2004 -41.10 54.12 -72.28
N THR D 2005 -41.66 53.54 -73.34
CA THR D 2005 -41.98 54.25 -74.57
C THR D 2005 -43.47 54.13 -74.84
N ILE D 2006 -44.13 55.27 -75.05
CA ILE D 2006 -45.56 55.32 -75.29
C ILE D 2006 -45.85 55.97 -76.63
N SER D 2007 -47.14 56.12 -76.95
CA SER D 2007 -47.58 56.73 -78.20
C SER D 2007 -48.14 58.12 -77.94
N GLN D 2008 -48.45 58.82 -79.04
CA GLN D 2008 -48.94 60.20 -78.93
C GLN D 2008 -50.33 60.25 -78.29
N ALA D 2009 -51.25 59.41 -78.74
CA ALA D 2009 -52.61 59.40 -78.23
C ALA D 2009 -52.69 58.98 -76.77
N SER D 2010 -51.64 58.36 -76.24
CA SER D 2010 -51.56 57.98 -74.84
C SER D 2010 -50.73 58.97 -74.02
N VAL D 2011 -50.42 60.15 -74.56
CA VAL D 2011 -49.59 61.09 -73.80
C VAL D 2011 -50.39 61.71 -72.67
N SER D 2012 -51.52 62.37 -72.98
CA SER D 2012 -52.17 63.28 -72.06
C SER D 2012 -52.67 62.56 -70.81
N ASP D 2013 -53.34 61.42 -70.98
CA ASP D 2013 -53.77 60.60 -69.85
C ASP D 2013 -52.59 60.20 -68.99
N THR D 2014 -51.49 59.79 -69.63
CA THR D 2014 -50.26 59.45 -68.91
C THR D 2014 -49.81 60.60 -68.04
N ILE D 2015 -49.86 61.82 -68.59
CA ILE D 2015 -49.48 63.02 -67.84
C ILE D 2015 -50.34 63.14 -66.59
N ASN D 2016 -51.66 62.99 -66.76
CA ASN D 2016 -52.56 63.05 -65.61
C ASN D 2016 -52.20 61.96 -64.61
N LEU D 2017 -51.96 60.75 -65.12
CA LEU D 2017 -51.59 59.63 -64.27
C LEU D 2017 -50.31 59.94 -63.51
N LEU D 2018 -49.31 60.49 -64.22
CA LEU D 2018 -48.04 60.81 -63.59
C LEU D 2018 -48.24 61.86 -62.50
N ALA D 2019 -49.09 62.86 -62.78
CA ALA D 2019 -49.36 63.90 -61.79
C ALA D 2019 -49.94 63.28 -60.53
N ALA D 2020 -50.91 62.36 -60.71
CA ALA D 2020 -51.53 61.72 -59.56
C ALA D 2020 -50.51 60.92 -58.78
N LEU D 2021 -49.65 60.19 -59.50
CA LEU D 2021 -48.62 59.39 -58.83
C LEU D 2021 -47.68 60.29 -58.06
N GLY D 2022 -47.33 61.44 -58.65
CA GLY D 2022 -46.44 62.37 -57.96
C GLY D 2022 -47.04 62.84 -56.65
N GLN D 2023 -48.34 63.11 -56.65
CA GLN D 2023 -49.00 63.57 -55.44
C GLN D 2023 -48.90 62.52 -54.35
N ILE D 2024 -49.08 61.26 -54.73
CA ILE D 2024 -49.03 60.18 -53.74
C ILE D 2024 -47.63 60.08 -53.15
N ARG D 2025 -46.60 60.29 -53.99
CA ARG D 2025 -45.25 60.24 -53.48
C ARG D 2025 -44.97 61.41 -52.55
N CYS D 2026 -45.59 62.55 -52.82
CA CYS D 2026 -45.43 63.70 -51.94
C CYS D 2026 -46.14 63.51 -50.62
N LEU D 2027 -46.97 62.47 -50.48
CA LEU D 2027 -47.57 62.16 -49.20
C LEU D 2027 -46.84 61.04 -48.47
N LEU D 2028 -45.68 60.58 -48.99
CA LEU D 2028 -44.93 59.56 -48.29
C LEU D 2028 -44.15 60.13 -47.10
N SER D 2029 -43.94 61.44 -47.05
CA SER D 2029 -43.20 62.08 -45.98
C SER D 2029 -44.09 62.95 -45.10
N VAL D 2030 -45.40 62.72 -45.12
CA VAL D 2030 -46.36 63.51 -44.35
C VAL D 2030 -47.11 62.58 -43.41
N ARG D 2031 -47.20 62.98 -42.14
CA ARG D 2031 -47.86 62.16 -41.11
C ARG D 2031 -49.38 62.42 -41.17
N MET D 2032 -49.99 61.89 -42.22
CA MET D 2032 -51.42 61.62 -42.32
C MET D 2032 -52.29 62.86 -42.09
N GLY D 2033 -52.13 63.84 -42.98
CA GLY D 2033 -53.05 64.97 -42.98
C GLY D 2033 -54.41 64.55 -43.49
N LYS D 2034 -55.48 65.06 -42.86
CA LYS D 2034 -56.83 64.64 -43.23
C LYS D 2034 -57.20 65.14 -44.62
N GLU D 2035 -56.87 66.41 -44.91
CA GLU D 2035 -56.98 66.91 -46.28
C GLU D 2035 -56.07 66.13 -47.21
N GLU D 2036 -54.86 65.82 -46.76
CA GLU D 2036 -53.96 64.96 -47.52
C GLU D 2036 -54.52 63.55 -47.66
N GLU D 2037 -55.26 63.07 -46.65
CA GLU D 2037 -55.87 61.75 -46.73
C GLU D 2037 -56.95 61.69 -47.81
N LEU D 2038 -57.82 62.72 -47.83
CA LEU D 2038 -58.82 62.81 -48.89
C LEU D 2038 -58.17 62.97 -50.26
N LEU D 2039 -57.09 63.74 -50.33
CA LEU D 2039 -56.35 63.92 -51.57
C LEU D 2039 -55.75 62.59 -52.06
N MET D 2040 -55.25 61.77 -51.14
CA MET D 2040 -54.67 60.49 -51.52
C MET D 2040 -55.75 59.51 -51.96
N ILE D 2041 -56.90 59.52 -51.30
CA ILE D 2041 -58.03 58.67 -51.71
C ILE D 2041 -58.49 59.06 -53.11
N ASN D 2042 -58.62 60.36 -53.38
CA ASN D 2042 -59.03 60.81 -54.70
C ASN D 2042 -57.95 60.53 -55.74
N GLY D 2043 -56.68 60.58 -55.36
CA GLY D 2043 -55.61 60.25 -56.27
C GLY D 2043 -55.61 58.78 -56.66
N LEU D 2044 -55.85 57.89 -55.68
CA LEU D 2044 -55.97 56.46 -55.98
C LEU D 2044 -57.18 56.21 -56.88
N GLY D 2045 -58.29 56.90 -56.61
CA GLY D 2045 -59.46 56.76 -57.47
C GLY D 2045 -59.21 57.23 -58.89
N ASP D 2046 -58.47 58.33 -59.04
CA ASP D 2046 -58.15 58.83 -60.37
C ASP D 2046 -57.16 57.93 -61.10
N ILE D 2047 -56.26 57.28 -60.37
CA ILE D 2047 -55.35 56.33 -60.99
C ILE D 2047 -56.10 55.10 -61.46
N MET D 2048 -57.03 54.58 -60.63
CA MET D 2048 -57.75 53.36 -60.99
C MET D 2048 -58.67 53.57 -62.20
N ASN D 2049 -59.13 54.80 -62.43
CA ASN D 2049 -60.01 55.08 -63.56
C ASN D 2049 -59.27 55.44 -64.83
N ASN D 2050 -57.95 55.60 -64.77
CA ASN D 2050 -57.19 55.98 -65.95
C ASN D 2050 -57.05 54.79 -66.90
N LYS D 2051 -57.12 55.07 -68.20
CA LYS D 2051 -57.07 54.00 -69.20
C LYS D 2051 -55.71 53.33 -69.24
N VAL D 2052 -54.63 54.10 -69.05
CA VAL D 2052 -53.28 53.54 -69.07
C VAL D 2052 -53.04 52.60 -67.90
N PHE D 2053 -53.82 52.73 -66.82
CA PHE D 2053 -53.64 51.87 -65.66
C PHE D 2053 -54.00 50.42 -65.95
N TYR D 2054 -55.14 50.20 -66.62
CA TYR D 2054 -55.54 48.85 -66.99
C TYR D 2054 -55.26 48.51 -68.44
N GLN D 2055 -54.57 49.39 -69.17
CA GLN D 2055 -54.12 49.07 -70.52
C GLN D 2055 -52.61 48.96 -70.66
N HIS D 2056 -51.85 49.51 -69.71
CA HIS D 2056 -50.38 49.39 -69.71
C HIS D 2056 -49.92 48.96 -68.33
N PRO D 2057 -50.09 47.67 -67.98
CA PRO D 2057 -49.64 47.22 -66.66
C PRO D 2057 -48.13 47.21 -66.50
N ASN D 2058 -47.38 47.04 -67.59
CA ASN D 2058 -45.93 47.09 -67.53
C ASN D 2058 -45.44 48.47 -67.14
N LEU D 2059 -46.10 49.52 -67.63
CA LEU D 2059 -45.76 50.88 -67.24
C LEU D 2059 -46.03 51.11 -65.77
N MET D 2060 -47.13 50.56 -65.25
CA MET D 2060 -47.45 50.69 -63.83
C MET D 2060 -46.47 49.91 -62.96
N ARG D 2061 -45.93 48.81 -63.46
CA ARG D 2061 -44.91 48.09 -62.70
C ARG D 2061 -43.56 48.80 -62.77
N VAL D 2062 -43.24 49.45 -63.89
CA VAL D 2062 -42.03 50.25 -63.97
C VAL D 2062 -42.10 51.44 -63.03
N LEU D 2063 -43.26 52.12 -62.99
CA LEU D 2063 -43.45 53.25 -62.10
C LEU D 2063 -43.49 52.85 -60.63
N GLY D 2064 -43.72 51.58 -60.32
CA GLY D 2064 -43.76 51.13 -58.95
C GLY D 2064 -44.92 51.65 -58.13
N MET D 2065 -46.13 51.63 -58.69
CA MET D 2065 -47.30 52.12 -57.96
C MET D 2065 -47.63 51.23 -56.78
N HIS D 2066 -47.52 49.92 -56.95
CA HIS D 2066 -47.88 48.99 -55.88
C HIS D 2066 -46.96 49.13 -54.69
N GLU D 2067 -45.67 49.37 -54.93
CA GLU D 2067 -44.72 49.59 -53.84
C GLU D 2067 -45.03 50.88 -53.08
N THR D 2068 -45.41 51.94 -53.80
CA THR D 2068 -45.77 53.19 -53.15
C THR D 2068 -47.03 53.04 -52.31
N VAL D 2069 -48.04 52.34 -52.83
CA VAL D 2069 -49.27 52.13 -52.07
C VAL D 2069 -49.02 51.22 -50.86
N MET D 2070 -48.14 50.23 -51.02
CA MET D 2070 -47.74 49.41 -49.89
C MET D 2070 -47.02 50.23 -48.83
N GLU D 2071 -46.17 51.16 -49.25
CA GLU D 2071 -45.50 52.06 -48.30
C GLU D 2071 -46.50 52.92 -47.55
N VAL D 2072 -47.51 53.43 -48.27
CA VAL D 2072 -48.56 54.24 -47.63
C VAL D 2072 -49.32 53.41 -46.60
N MET D 2073 -49.69 52.18 -46.97
CA MET D 2073 -50.46 51.33 -46.08
C MET D 2073 -49.65 50.92 -44.85
N VAL D 2074 -48.35 50.66 -45.03
CA VAL D 2074 -47.48 50.36 -43.91
C VAL D 2074 -47.35 51.57 -42.99
N ASP D 2075 -47.21 52.77 -43.57
CA ASP D 2075 -47.08 53.98 -42.77
C ASP D 2075 -48.34 54.27 -41.96
N VAL D 2076 -49.52 53.98 -42.52
CA VAL D 2076 -50.75 54.16 -41.76
C VAL D 2076 -50.83 53.15 -40.62
N LEU D 2077 -50.54 51.88 -40.91
CA LEU D 2077 -50.57 50.84 -39.89
C LEU D 2077 -49.38 50.96 -38.94
N ILE D 2084 -55.40 50.34 -38.21
CA ILE D 2084 -54.99 51.40 -37.29
C ILE D 2084 -56.15 52.38 -37.08
N ALA D 2085 -55.83 53.66 -37.01
CA ALA D 2085 -56.81 54.70 -36.74
C ALA D 2085 -57.42 55.29 -38.01
N PHE D 2086 -57.02 54.81 -39.18
CA PHE D 2086 -57.51 55.33 -40.46
C PHE D 2086 -57.98 54.16 -41.31
N PRO D 2087 -59.20 53.67 -41.10
CA PRO D 2087 -59.68 52.52 -41.87
C PRO D 2087 -59.95 52.83 -43.33
N LYS D 2088 -60.34 54.06 -43.67
CA LYS D 2088 -60.70 54.39 -45.04
C LYS D 2088 -59.49 54.41 -45.96
N MET D 2089 -58.36 54.93 -45.47
CA MET D 2089 -57.14 54.95 -46.27
C MET D 2089 -56.64 53.53 -46.54
N VAL D 2090 -56.66 52.68 -45.51
CA VAL D 2090 -56.25 51.29 -45.68
C VAL D 2090 -57.19 50.55 -46.61
N ALA D 2091 -58.50 50.84 -46.52
CA ALA D 2091 -59.46 50.22 -47.41
C ALA D 2091 -59.24 50.62 -48.86
N SER D 2092 -58.97 51.91 -49.11
CA SER D 2092 -58.71 52.36 -50.48
C SER D 2092 -57.41 51.77 -51.02
N CYS D 2093 -56.37 51.69 -50.18
CA CYS D 2093 -55.13 51.06 -50.59
C CYS D 2093 -55.32 49.59 -50.93
N CYS D 2094 -56.11 48.88 -50.12
CA CYS D 2094 -56.33 47.47 -50.34
C CYS D 2094 -57.17 47.22 -51.60
N ARG D 2095 -58.16 48.07 -51.85
CA ARG D 2095 -58.92 47.94 -53.09
C ARG D 2095 -58.05 48.19 -54.31
N PHE D 2096 -57.16 49.20 -54.23
CA PHE D 2096 -56.22 49.46 -55.31
C PHE D 2096 -55.31 48.27 -55.55
N LEU D 2097 -54.79 47.67 -54.49
CA LEU D 2097 -53.85 46.56 -54.65
C LEU D 2097 -54.56 45.31 -55.16
N CYS D 2098 -55.79 45.06 -54.73
CA CYS D 2098 -56.55 43.93 -55.24
C CYS D 2098 -56.86 44.08 -56.73
N TYR D 2099 -57.26 45.28 -57.15
CA TYR D 2099 -57.50 45.51 -58.58
C TYR D 2099 -56.21 45.40 -59.38
N PHE D 2100 -55.10 45.87 -58.80
CA PHE D 2100 -53.80 45.76 -59.44
C PHE D 2100 -53.41 44.29 -59.65
N CYS D 2101 -53.67 43.45 -58.64
CA CYS D 2101 -53.43 42.01 -58.80
C CYS D 2101 -54.35 41.42 -59.86
N ARG D 2102 -55.60 41.86 -59.90
CA ARG D 2102 -56.55 41.29 -60.87
C ARG D 2102 -56.27 41.72 -62.31
N ILE D 2103 -55.46 42.76 -62.51
CA ILE D 2103 -55.21 43.22 -63.88
C ILE D 2103 -54.42 42.19 -64.68
N SER D 2104 -53.33 41.67 -64.10
CA SER D 2104 -52.45 40.81 -64.88
C SER D 2104 -51.72 39.83 -63.96
N ARG D 2105 -51.11 38.81 -64.58
CA ARG D 2105 -50.38 37.80 -63.83
C ARG D 2105 -49.04 38.31 -63.32
N GLN D 2106 -48.39 39.19 -64.09
CA GLN D 2106 -47.11 39.75 -63.67
C GLN D 2106 -47.30 40.70 -62.48
N ASN D 2107 -48.38 41.47 -62.49
CA ASN D 2107 -48.73 42.29 -61.33
C ASN D 2107 -49.04 41.42 -60.12
N GLN D 2108 -49.68 40.27 -60.36
CA GLN D 2108 -49.96 39.32 -59.29
C GLN D 2108 -48.67 38.78 -58.67
N LYS D 2109 -47.68 38.46 -59.51
CA LYS D 2109 -46.39 38.01 -59.01
C LYS D 2109 -45.65 39.12 -58.25
N ALA D 2110 -45.74 40.35 -58.76
CA ALA D 2110 -45.09 41.49 -58.11
C ALA D 2110 -45.67 41.74 -56.73
N MET D 2111 -46.99 41.64 -56.58
CA MET D 2111 -47.58 41.74 -55.26
C MET D 2111 -47.39 40.49 -54.41
N PHE D 2112 -47.22 39.32 -55.04
CA PHE D 2112 -46.90 38.11 -54.31
C PHE D 2112 -45.53 38.18 -53.67
N GLU D 2113 -44.63 39.00 -54.20
CA GLU D 2113 -43.33 39.19 -53.58
C GLU D 2113 -43.42 39.82 -52.18
N HIS D 2114 -44.53 40.46 -51.84
CA HIS D 2114 -44.71 41.12 -50.54
C HIS D 2114 -45.68 40.37 -49.64
N LEU D 2115 -45.84 39.06 -49.86
CA LEU D 2115 -46.84 38.27 -49.14
C LEU D 2115 -46.51 38.14 -47.67
N SER D 2116 -45.23 38.08 -47.31
CA SER D 2116 -44.85 37.95 -45.90
C SER D 2116 -45.26 39.17 -45.10
N TYR D 2117 -45.05 40.37 -45.65
CA TYR D 2117 -45.48 41.57 -44.95
C TYR D 2117 -46.98 41.77 -45.04
N LEU D 2118 -47.63 41.28 -46.10
CA LEU D 2118 -49.09 41.31 -46.15
C LEU D 2118 -49.69 40.43 -45.06
N LEU D 2119 -49.11 39.26 -44.83
CA LEU D 2119 -49.60 38.34 -43.80
C LEU D 2119 -49.16 38.73 -42.40
N GLU D 2120 -48.12 39.57 -42.27
CA GLU D 2120 -47.74 40.04 -40.95
C GLU D 2120 -48.81 40.94 -40.35
N ASN D 2121 -49.27 41.93 -41.10
CA ASN D 2121 -50.38 42.78 -40.67
C ASN D 2121 -51.68 42.34 -41.33
N SER D 2122 -52.11 41.12 -41.00
CA SER D 2122 -53.29 40.52 -41.62
C SER D 2122 -54.43 40.33 -40.63
N SER D 2123 -54.30 40.81 -39.40
CA SER D 2123 -55.38 40.76 -38.43
C SER D 2123 -56.04 42.12 -38.25
N VAL D 2124 -56.13 42.90 -39.33
CA VAL D 2124 -56.60 44.27 -39.28
C VAL D 2124 -57.89 44.37 -40.07
N GLY D 2125 -58.96 44.82 -39.41
CA GLY D 2125 -60.22 45.06 -40.08
C GLY D 2125 -61.04 43.83 -40.38
N LEU D 2126 -60.65 42.66 -39.86
CA LEU D 2126 -61.39 41.45 -40.16
C LEU D 2126 -62.72 41.36 -39.40
N ALA D 2127 -62.87 42.11 -38.32
CA ALA D 2127 -64.11 42.06 -37.56
C ALA D 2127 -65.22 42.86 -38.23
N SER D 2128 -64.88 43.94 -38.93
CA SER D 2128 -65.88 44.75 -39.59
C SER D 2128 -66.35 44.07 -40.87
N PRO D 2129 -67.65 43.81 -41.03
CA PRO D 2129 -68.13 43.15 -42.26
C PRO D 2129 -68.13 44.05 -43.48
N SER D 2130 -68.03 45.37 -43.30
CA SER D 2130 -68.03 46.28 -44.43
C SER D 2130 -66.67 46.41 -45.10
N MET D 2131 -65.62 45.81 -44.54
CA MET D 2131 -64.28 45.89 -45.09
C MET D 2131 -63.84 44.60 -45.77
N ARG D 2132 -64.78 43.76 -46.18
CA ARG D 2132 -64.43 42.56 -46.94
C ARG D 2132 -63.97 42.97 -48.34
N GLY D 2133 -62.81 42.47 -48.75
CA GLY D 2133 -62.17 42.96 -49.95
C GLY D 2133 -61.36 44.22 -49.76
N SER D 2134 -61.27 44.73 -48.52
CA SER D 2134 -60.57 45.97 -48.22
C SER D 2134 -59.64 45.80 -47.03
N THR D 2135 -59.10 44.61 -46.86
CA THR D 2135 -58.19 44.27 -45.78
C THR D 2135 -56.91 43.70 -46.37
N PRO D 2136 -55.78 43.80 -45.66
CA PRO D 2136 -54.53 43.21 -46.17
C PRO D 2136 -54.59 41.69 -46.36
N LEU D 2137 -55.47 41.00 -45.63
CA LEU D 2137 -55.67 39.58 -45.87
C LEU D 2137 -56.26 39.34 -47.26
N ASP D 2138 -57.16 40.23 -47.71
CA ASP D 2138 -57.73 40.09 -49.04
C ASP D 2138 -56.68 40.37 -50.13
N VAL D 2139 -55.77 41.32 -49.86
CA VAL D 2139 -54.67 41.56 -50.80
C VAL D 2139 -53.73 40.37 -50.84
N ALA D 2140 -53.48 39.75 -49.69
CA ALA D 2140 -52.66 38.54 -49.65
C ALA D 2140 -53.32 37.39 -50.37
N ALA D 2141 -54.65 37.30 -50.30
CA ALA D 2141 -55.36 36.25 -51.03
C ALA D 2141 -55.34 36.51 -52.53
N SER D 2142 -55.51 37.76 -52.95
CA SER D 2142 -55.61 38.10 -54.36
C SER D 2142 -54.30 37.89 -55.11
N SER D 2143 -53.18 37.87 -54.41
CA SER D 2143 -51.89 37.65 -55.04
C SER D 2143 -51.58 36.18 -55.26
N VAL D 2144 -52.46 35.27 -54.86
CA VAL D 2144 -52.22 33.84 -54.98
C VAL D 2144 -53.43 33.17 -55.61
N MET D 2145 -54.49 33.95 -55.86
CA MET D 2145 -55.75 33.41 -56.35
C MET D 2145 -55.61 32.86 -57.76
N ASP D 2146 -55.85 31.55 -57.90
CA ASP D 2146 -55.92 30.85 -59.19
C ASP D 2146 -54.63 31.02 -60.00
N ASN D 2147 -53.50 31.01 -59.31
CA ASN D 2147 -52.19 31.04 -59.96
C ASN D 2147 -51.43 29.81 -59.47
N ASN D 2148 -51.31 28.81 -60.34
CA ASN D 2148 -50.72 27.54 -59.93
C ASN D 2148 -49.21 27.66 -59.74
N GLU D 2149 -48.57 28.56 -60.48
CA GLU D 2149 -47.14 28.79 -60.29
C GLU D 2149 -46.87 29.44 -58.93
N LEU D 2150 -47.68 30.44 -58.56
CA LEU D 2150 -47.47 31.15 -57.31
C LEU D 2150 -47.95 30.35 -56.11
N ALA D 2151 -48.95 29.49 -56.28
CA ALA D 2151 -49.40 28.66 -55.18
C ALA D 2151 -48.39 27.59 -54.81
N LEU D 2152 -47.59 27.14 -55.79
CA LEU D 2152 -46.47 26.26 -55.50
C LEU D 2152 -45.29 26.99 -54.89
N GLY D 2153 -45.30 28.31 -54.90
CA GLY D 2153 -44.26 29.12 -54.29
C GLY D 2153 -44.51 29.49 -52.85
N LEU D 2154 -45.56 28.96 -52.23
CA LEU D 2154 -45.86 29.30 -50.84
C LEU D 2154 -44.84 28.65 -49.90
N GLU D 2155 -44.71 29.24 -48.73
CA GLU D 2155 -43.78 28.76 -47.71
C GLU D 2155 -44.57 28.28 -46.49
N GLU D 2156 -44.04 27.26 -45.83
CA GLU D 2156 -44.64 26.78 -44.59
C GLU D 2156 -44.73 27.81 -43.47
N PRO D 2157 -43.75 28.70 -43.23
CA PRO D 2157 -43.96 29.74 -42.19
C PRO D 2157 -45.14 30.68 -42.45
N ASP D 2158 -45.46 31.00 -43.71
CA ASP D 2158 -46.60 31.85 -43.98
C ASP D 2158 -47.92 31.17 -43.62
N LEU D 2159 -48.09 29.92 -44.06
CA LEU D 2159 -49.28 29.17 -43.73
C LEU D 2159 -49.35 28.90 -42.23
N GLU D 2160 -48.20 28.70 -41.59
CA GLU D 2160 -48.17 28.52 -40.14
C GLU D 2160 -48.56 29.80 -39.41
N LYS D 2161 -48.20 30.96 -39.95
CA LYS D 2161 -48.64 32.23 -39.39
C LYS D 2161 -50.15 32.38 -39.48
N VAL D 2162 -50.73 32.01 -40.64
CA VAL D 2162 -52.18 32.09 -40.80
C VAL D 2162 -52.88 31.10 -39.86
N VAL D 2163 -52.32 29.89 -39.70
CA VAL D 2163 -52.88 28.91 -38.79
C VAL D 2163 -52.75 29.36 -37.34
N THR D 2164 -51.67 30.07 -37.00
CA THR D 2164 -51.53 30.63 -35.66
C THR D 2164 -52.58 31.70 -35.39
N TYR D 2165 -52.85 32.56 -36.38
CA TYR D 2165 -53.93 33.53 -36.25
C TYR D 2165 -55.29 32.83 -36.07
N LEU D 2166 -55.52 31.76 -36.85
CA LEU D 2166 -56.77 31.02 -36.76
C LEU D 2166 -56.93 30.34 -35.41
N ALA D 2167 -55.83 29.81 -34.86
CA ALA D 2167 -55.86 29.20 -33.54
C ALA D 2167 -56.14 30.23 -32.46
N GLY D 2168 -55.57 31.43 -32.62
CA GLY D 2168 -55.90 32.53 -31.73
C GLY D 2168 -57.36 32.93 -31.82
N CYS D 2169 -57.95 32.83 -33.02
CA CYS D 2169 -59.37 33.14 -33.17
C CYS D 2169 -60.26 32.07 -32.54
N GLY D 2170 -59.79 30.84 -32.45
CA GLY D 2170 -60.60 29.78 -31.88
C GLY D 2170 -60.55 29.64 -30.38
N LEU D 2171 -59.86 30.55 -29.69
CA LEU D 2171 -59.68 30.47 -28.25
C LEU D 2171 -60.40 31.56 -27.48
N GLN D 2172 -60.39 32.81 -27.96
CA GLN D 2172 -60.94 33.92 -27.21
C GLN D 2172 -61.86 34.75 -28.10
N SER D 2173 -62.80 35.45 -27.46
CA SER D 2173 -63.79 36.24 -28.17
C SER D 2173 -63.16 37.48 -28.76
N CYS D 2174 -63.86 38.08 -29.72
CA CYS D 2174 -63.38 39.31 -30.36
C CYS D 2174 -63.64 40.49 -29.45
N PRO D 2175 -62.61 41.27 -29.07
CA PRO D 2175 -62.85 42.45 -28.23
C PRO D 2175 -63.72 43.50 -28.89
N MET D 2176 -63.67 43.65 -30.21
CA MET D 2176 -64.51 44.62 -30.89
C MET D 2176 -65.98 44.23 -30.80
N LEU D 2177 -66.30 42.94 -30.96
CA LEU D 2177 -67.67 42.49 -30.80
C LEU D 2177 -68.07 42.41 -29.33
N LEU D 2178 -67.12 42.17 -28.44
CA LEU D 2178 -67.44 42.11 -27.01
C LEU D 2178 -67.70 43.50 -26.45
N ALA D 2179 -67.11 44.54 -27.04
CA ALA D 2179 -67.38 45.90 -26.60
C ALA D 2179 -68.79 46.35 -26.98
N LYS D 2180 -69.33 45.83 -28.08
CA LYS D 2180 -70.64 46.25 -28.56
C LYS D 2180 -71.79 45.53 -27.87
N GLY D 2181 -71.51 44.62 -26.95
CA GLY D 2181 -72.55 43.98 -26.18
C GLY D 2181 -72.98 42.60 -26.65
N TYR D 2182 -72.26 42.02 -27.60
CA TYR D 2182 -72.58 40.66 -28.04
C TYR D 2182 -72.24 39.67 -26.93
N PRO D 2183 -73.01 38.58 -26.81
CA PRO D 2183 -72.73 37.59 -25.77
C PRO D 2183 -71.39 36.90 -25.98
N ASP D 2184 -70.77 36.52 -24.87
CA ASP D 2184 -69.45 35.89 -24.88
C ASP D 2184 -69.63 34.41 -25.21
N VAL D 2185 -69.53 34.07 -26.49
CA VAL D 2185 -69.64 32.68 -26.90
C VAL D 2185 -68.37 31.91 -26.58
N GLY D 2186 -67.27 32.59 -26.29
CA GLY D 2186 -66.04 31.95 -25.91
C GLY D 2186 -65.00 31.83 -27.00
N TRP D 2187 -65.32 32.24 -28.22
CA TRP D 2187 -64.38 32.15 -29.34
C TRP D 2187 -64.78 33.19 -30.38
N ASN D 2188 -63.99 33.29 -31.44
CA ASN D 2188 -64.17 34.32 -32.46
C ASN D 2188 -64.44 33.65 -33.80
N PRO D 2189 -65.72 33.45 -34.16
CA PRO D 2189 -66.06 32.83 -35.44
C PRO D 2189 -66.13 33.78 -36.62
N ILE D 2190 -65.84 35.07 -36.44
CA ILE D 2190 -65.99 36.04 -37.53
C ILE D 2190 -64.70 36.17 -38.32
N GLU D 2191 -63.56 36.34 -37.63
CA GLU D 2191 -62.28 36.41 -38.32
C GLU D 2191 -61.74 35.04 -38.70
N GLY D 2192 -62.15 33.99 -37.97
CA GLY D 2192 -61.77 32.64 -38.32
C GLY D 2192 -62.23 32.26 -39.71
N GLU D 2193 -63.42 32.72 -40.10
CA GLU D 2193 -63.91 32.50 -41.46
C GLU D 2193 -63.01 33.18 -42.49
N ARG D 2194 -62.47 34.35 -42.17
CA ARG D 2194 -61.56 35.04 -43.08
C ARG D 2194 -60.26 34.27 -43.26
N TYR D 2195 -59.70 33.76 -42.15
CA TYR D 2195 -58.47 32.95 -42.26
C TYR D 2195 -58.74 31.65 -43.00
N LEU D 2196 -59.90 31.05 -42.79
CA LEU D 2196 -60.27 29.84 -43.53
C LEU D 2196 -60.43 30.12 -45.02
N SER D 2197 -60.95 31.31 -45.37
CA SER D 2197 -61.08 31.69 -46.77
C SER D 2197 -59.71 31.87 -47.43
N PHE D 2198 -58.76 32.48 -46.72
CA PHE D 2198 -57.41 32.58 -47.27
C PHE D 2198 -56.77 31.21 -47.45
N LEU D 2199 -56.93 30.32 -46.48
CA LEU D 2199 -56.39 28.97 -46.61
C LEU D 2199 -57.04 28.20 -47.75
N ARG D 2200 -58.35 28.43 -47.97
CA ARG D 2200 -59.04 27.84 -49.09
C ARG D 2200 -58.46 28.32 -50.42
N PHE D 2201 -58.16 29.62 -50.51
CA PHE D 2201 -57.50 30.12 -51.72
C PHE D 2201 -56.09 29.57 -51.88
N ALA D 2202 -55.44 29.23 -50.76
CA ALA D 2202 -54.09 28.68 -50.84
C ALA D 2202 -54.08 27.24 -51.33
N VAL D 2203 -55.03 26.41 -50.88
CA VAL D 2203 -54.95 24.97 -51.13
C VAL D 2203 -55.69 24.52 -52.37
N PHE D 2204 -56.35 25.41 -53.11
CA PHE D 2204 -57.19 25.01 -54.23
C PHE D 2204 -57.06 26.02 -55.36
N VAL D 2205 -56.55 25.58 -56.51
CA VAL D 2205 -56.29 26.44 -57.65
C VAL D 2205 -56.85 25.76 -58.90
N ASN D 2206 -57.79 26.43 -59.57
CA ASN D 2206 -58.32 26.05 -60.88
C ASN D 2206 -58.92 24.64 -60.86
N SER D 2207 -59.90 24.45 -59.97
CA SER D 2207 -60.70 23.24 -59.84
C SER D 2207 -59.88 22.00 -59.48
N GLU D 2208 -58.67 22.17 -58.97
CA GLU D 2208 -57.86 21.06 -58.49
C GLU D 2208 -57.07 21.50 -57.26
N SER D 2209 -56.94 20.61 -56.29
CA SER D 2209 -56.22 20.92 -55.07
C SER D 2209 -54.72 20.79 -55.28
N VAL D 2210 -53.98 21.69 -54.63
CA VAL D 2210 -52.52 21.60 -54.59
C VAL D 2210 -52.15 20.66 -53.46
N GLU D 2211 -51.54 19.52 -53.80
CA GLU D 2211 -51.35 18.44 -52.83
C GLU D 2211 -50.40 18.84 -51.70
N GLU D 2212 -49.32 19.55 -52.02
CA GLU D 2212 -48.35 19.94 -51.01
C GLU D 2212 -48.92 20.95 -50.04
N ASN D 2213 -49.59 21.97 -50.56
CA ASN D 2213 -50.23 22.97 -49.71
C ASN D 2213 -51.34 22.36 -48.87
N ALA D 2214 -52.12 21.45 -49.46
CA ALA D 2214 -53.20 20.81 -48.71
C ALA D 2214 -52.65 19.94 -47.57
N SER D 2215 -51.58 19.18 -47.85
CA SER D 2215 -50.97 18.36 -46.80
C SER D 2215 -50.38 19.21 -45.68
N VAL D 2216 -49.71 20.31 -46.05
CA VAL D 2216 -49.13 21.21 -45.04
C VAL D 2216 -50.23 21.83 -44.19
N VAL D 2217 -51.31 22.29 -44.82
CA VAL D 2217 -52.40 22.92 -44.08
C VAL D 2217 -53.10 21.93 -43.17
N VAL D 2218 -53.32 20.69 -43.64
CA VAL D 2218 -53.97 19.68 -42.82
C VAL D 2218 -53.09 19.32 -41.62
N LYS D 2219 -51.78 19.17 -41.84
CA LYS D 2219 -50.87 18.89 -40.73
C LYS D 2219 -50.86 20.02 -39.70
N LEU D 2220 -50.82 21.27 -40.17
CA LEU D 2220 -50.83 22.40 -39.24
C LEU D 2220 -52.15 22.52 -38.50
N LEU D 2221 -53.27 22.17 -39.15
CA LEU D 2221 -54.57 22.25 -38.49
C LEU D 2221 -54.73 21.16 -37.44
N ILE D 2222 -54.25 19.95 -37.72
CA ILE D 2222 -54.39 18.89 -36.73
C ILE D 2222 -53.37 19.00 -35.61
N ARG D 2223 -52.25 19.70 -35.83
CA ARG D 2223 -51.34 19.96 -34.72
C ARG D 2223 -51.87 21.00 -33.75
N ARG D 2224 -52.83 21.83 -34.18
CA ARG D 2224 -53.48 22.81 -33.31
C ARG D 2224 -54.99 22.67 -33.51
N PRO D 2225 -55.64 21.73 -32.81
CA PRO D 2225 -57.05 21.43 -33.07
C PRO D 2225 -58.01 22.54 -32.64
N GLU D 2226 -57.55 23.55 -31.91
CA GLU D 2226 -58.43 24.67 -31.55
C GLU D 2226 -58.84 25.50 -32.76
N CYS D 2227 -58.16 25.34 -33.89
CA CYS D 2227 -58.62 25.94 -35.15
C CYS D 2227 -59.95 25.34 -35.60
N PHE D 2228 -60.24 24.10 -35.20
CA PHE D 2228 -61.45 23.43 -35.64
C PHE D 2228 -62.70 23.95 -34.93
N GLY D 2229 -62.54 24.76 -33.89
CA GLY D 2229 -63.67 25.28 -33.16
C GLY D 2229 -64.07 24.42 -31.99
N PRO D 2230 -65.01 24.90 -31.18
CA PRO D 2230 -65.45 24.14 -29.99
C PRO D 2230 -66.12 22.81 -30.31
N ALA D 2231 -66.66 22.66 -31.52
CA ALA D 2231 -67.38 21.44 -31.86
C ALA D 2231 -66.44 20.27 -32.09
N LEU D 2232 -65.32 20.51 -32.77
CA LEU D 2232 -64.41 19.45 -33.17
C LEU D 2232 -63.14 19.41 -32.33
N ARG D 2233 -63.21 19.90 -31.09
CA ARG D 2233 -62.02 19.95 -30.25
C ARG D 2233 -61.67 18.57 -29.70
N GLY D 2234 -62.67 17.70 -29.56
CA GLY D 2234 -62.45 16.41 -28.93
C GLY D 2234 -62.42 16.50 -27.42
N GLU D 2235 -62.94 15.45 -26.79
CA GLU D 2235 -63.11 15.34 -25.34
C GLU D 2235 -63.92 16.51 -24.79
N GLY D 2236 -65.16 16.59 -25.25
CA GLY D 2236 -66.05 17.67 -24.84
C GLY D 2236 -66.80 18.29 -26.01
N GLY D 2237 -66.26 18.14 -27.21
CA GLY D 2237 -66.92 18.66 -28.40
C GLY D 2237 -68.15 17.84 -28.73
N ASN D 2238 -69.28 18.53 -28.96
CA ASN D 2238 -70.52 17.82 -29.25
C ASN D 2238 -70.52 17.24 -30.66
N GLY D 2239 -70.05 17.99 -31.64
CA GLY D 2239 -70.05 17.52 -33.01
C GLY D 2239 -70.45 18.58 -34.01
N LEU D 2240 -70.29 18.28 -35.30
CA LEU D 2240 -70.57 19.26 -36.35
C LEU D 2240 -72.07 19.54 -36.47
N LEU D 2241 -72.87 18.48 -36.53
CA LEU D 2241 -74.31 18.63 -36.68
C LEU D 2241 -74.92 19.27 -35.44
N ALA D 2242 -74.44 18.87 -34.25
CA ALA D 2242 -74.90 19.49 -33.02
C ALA D 2242 -74.54 20.96 -32.95
N ALA D 2243 -73.36 21.32 -33.48
CA ALA D 2243 -72.96 22.72 -33.55
C ALA D 2243 -73.87 23.52 -34.48
N MET D 2244 -74.21 22.94 -35.63
CA MET D 2244 -75.08 23.65 -36.56
C MET D 2244 -76.49 23.81 -36.00
N GLN D 2245 -77.00 22.79 -35.31
CA GLN D 2245 -78.31 22.90 -34.67
C GLN D 2245 -78.29 23.91 -33.53
N GLY D 2246 -77.19 23.95 -32.76
CA GLY D 2246 -77.06 24.96 -31.72
C GLY D 2246 -76.97 26.37 -32.29
N ALA D 2247 -76.31 26.53 -33.43
CA ALA D 2247 -76.25 27.83 -34.08
C ALA D 2247 -77.63 28.25 -34.59
N ILE D 2248 -78.43 27.29 -35.06
CA ILE D 2248 -79.80 27.61 -35.46
C ILE D 2248 -80.63 28.03 -34.24
N LYS D 2249 -80.45 27.36 -33.11
CA LYS D 2249 -81.12 27.76 -31.87
C LYS D 2249 -80.68 29.15 -31.42
N ILE D 2250 -79.38 29.46 -31.57
CA ILE D 2250 -78.87 30.79 -31.25
C ILE D 2250 -79.51 31.84 -32.14
N SER D 2251 -79.64 31.54 -33.44
CA SER D 2251 -80.27 32.47 -34.37
C SER D 2251 -81.75 32.65 -34.06
N GLU D 2252 -82.40 31.65 -33.47
CA GLU D 2252 -83.80 31.79 -33.10
C GLU D 2252 -84.00 32.67 -31.87
N ASN D 2253 -83.00 32.74 -30.98
CA ASN D 2253 -83.13 33.52 -29.75
C ASN D 2253 -82.51 34.89 -29.95
N PRO D 2254 -83.29 35.98 -29.89
CA PRO D 2254 -82.70 37.31 -30.06
C PRO D 2254 -81.77 37.74 -28.94
N ALA D 2255 -81.87 37.14 -27.76
CA ALA D 2255 -80.98 37.50 -26.66
C ALA D 2255 -79.55 37.03 -26.94
N LEU D 2256 -79.40 35.88 -27.60
CA LEU D 2256 -78.09 35.35 -27.94
C LEU D 2256 -77.59 35.82 -29.30
N ASP D 2257 -78.50 35.99 -30.26
CA ASP D 2257 -78.10 36.38 -31.60
C ASP D 2257 -77.62 37.83 -31.67
N LEU D 2258 -78.21 38.70 -30.87
CA LEU D 2258 -78.00 40.14 -30.93
C LEU D 2258 -77.69 40.67 -29.55
N PRO D 2259 -77.03 41.82 -29.44
CA PRO D 2259 -76.82 42.44 -28.13
C PRO D 2259 -78.13 42.94 -27.54
N SER D 2260 -78.10 43.19 -26.23
CA SER D 2260 -79.27 43.67 -25.53
C SER D 2260 -79.65 45.06 -26.00
N GLN D 2261 -80.96 45.34 -26.04
CA GLN D 2261 -81.45 46.61 -26.55
C GLN D 2261 -81.08 47.74 -25.59
N GLY D 2262 -80.56 48.83 -26.14
CA GLY D 2262 -80.04 49.93 -25.37
C GLY D 2262 -78.53 49.95 -25.24
N TYR D 2263 -77.86 48.85 -25.57
CA TYR D 2263 -76.39 48.80 -25.55
C TYR D 2263 -75.88 49.43 -26.85
N LYS D 2264 -75.33 50.63 -26.75
CA LYS D 2264 -74.81 51.34 -27.93
C LYS D 2264 -73.71 52.31 -27.52
N GLU D 2274 -73.22 49.76 -39.12
CA GLU D 2274 -74.20 49.88 -40.19
C GLU D 2274 -74.72 48.50 -40.61
N GLU D 2275 -74.02 47.45 -40.17
CA GLU D 2275 -74.41 46.07 -40.45
C GLU D 2275 -74.13 45.24 -39.21
N ILE D 2276 -75.19 44.66 -38.65
CA ILE D 2276 -75.04 43.84 -37.45
C ILE D 2276 -74.53 42.45 -37.83
N VAL D 2277 -73.73 41.87 -36.95
CA VAL D 2277 -73.15 40.55 -37.16
C VAL D 2277 -73.93 39.58 -36.27
N HIS D 2278 -74.89 38.87 -36.86
CA HIS D 2278 -75.62 37.85 -36.12
C HIS D 2278 -74.71 36.69 -35.75
N MET D 2279 -74.82 36.23 -34.52
CA MET D 2279 -73.86 35.24 -34.02
C MET D 2279 -74.14 33.85 -34.57
N GLY D 2280 -75.42 33.48 -34.71
CA GLY D 2280 -75.74 32.17 -35.25
C GLY D 2280 -75.27 32.00 -36.68
N ASN D 2281 -75.53 33.01 -37.52
CA ASN D 2281 -75.06 32.96 -38.89
C ASN D 2281 -73.54 33.02 -38.97
N ALA D 2282 -72.88 33.69 -38.01
CA ALA D 2282 -71.43 33.71 -37.97
C ALA D 2282 -70.85 32.33 -37.66
N ILE D 2283 -71.47 31.63 -36.70
CA ILE D 2283 -71.04 30.27 -36.37
C ILE D 2283 -71.25 29.33 -37.55
N MET D 2284 -72.42 29.45 -38.20
CA MET D 2284 -72.71 28.64 -39.38
C MET D 2284 -71.71 28.90 -40.50
N SER D 2285 -71.37 30.17 -40.73
CA SER D 2285 -70.42 30.52 -41.78
C SER D 2285 -69.02 30.00 -41.46
N PHE D 2286 -68.64 30.04 -40.18
CA PHE D 2286 -67.35 29.47 -39.79
C PHE D 2286 -67.29 27.99 -40.10
N TYR D 2287 -68.33 27.24 -39.69
CA TYR D 2287 -68.28 25.80 -39.89
C TYR D 2287 -68.41 25.42 -41.35
N SER D 2288 -69.18 26.18 -42.13
CA SER D 2288 -69.25 25.96 -43.57
C SER D 2288 -67.90 26.22 -44.24
N ALA D 2289 -67.21 27.30 -43.85
CA ALA D 2289 -65.92 27.59 -44.44
C ALA D 2289 -64.87 26.56 -44.03
N LEU D 2290 -64.96 26.05 -42.80
CA LEU D 2290 -64.04 25.00 -42.36
C LEU D 2290 -64.25 23.71 -43.14
N ILE D 2291 -65.52 23.31 -43.33
CA ILE D 2291 -65.80 22.11 -44.10
C ILE D 2291 -65.42 22.28 -45.56
N ASP D 2292 -65.60 23.50 -46.09
CA ASP D 2292 -65.18 23.79 -47.46
C ASP D 2292 -63.66 23.66 -47.62
N LEU D 2293 -62.90 24.22 -46.66
CA LEU D 2293 -61.45 24.09 -46.70
C LEU D 2293 -61.00 22.65 -46.58
N LEU D 2294 -61.62 21.88 -45.68
CA LEU D 2294 -61.22 20.48 -45.50
C LEU D 2294 -61.61 19.63 -46.70
N GLY D 2295 -62.73 19.95 -47.36
CA GLY D 2295 -63.11 19.22 -48.56
C GLY D 2295 -62.28 19.56 -49.76
N ARG D 2296 -61.75 20.79 -49.81
CA ARG D 2296 -60.81 21.14 -50.86
C ARG D 2296 -59.38 20.73 -50.53
N CYS D 2297 -59.13 20.20 -49.34
CA CYS D 2297 -57.85 19.61 -48.98
C CYS D 2297 -57.77 18.13 -49.29
N ALA D 2298 -58.85 17.55 -49.78
CA ALA D 2298 -58.86 16.12 -50.10
C ALA D 2298 -58.02 15.86 -51.35
N PRO D 2299 -57.32 14.74 -51.40
CA PRO D 2299 -56.51 14.42 -52.59
C PRO D 2299 -57.40 14.11 -53.79
N GLU D 2300 -56.84 14.34 -54.97
CA GLU D 2300 -57.52 13.98 -56.20
C GLU D 2300 -57.54 12.46 -56.37
N MET D 2301 -58.43 12.00 -57.24
CA MET D 2301 -58.60 10.55 -57.41
C MET D 2301 -57.41 9.92 -58.11
N HIS D 2302 -56.69 10.67 -58.95
CA HIS D 2302 -55.51 10.12 -59.61
C HIS D 2302 -54.35 9.92 -58.65
N LEU D 2303 -54.34 10.63 -57.51
CA LEU D 2303 -53.35 10.33 -56.47
C LEU D 2303 -53.71 9.08 -55.71
N ILE D 2304 -55.01 8.85 -55.48
CA ILE D 2304 -55.46 7.65 -54.76
C ILE D 2304 -55.25 6.41 -55.61
N GLN D 2305 -55.54 6.51 -56.92
CA GLN D 2305 -55.43 5.35 -57.80
C GLN D 2305 -53.99 4.91 -58.03
N THR D 2306 -53.02 5.79 -57.80
CA THR D 2306 -51.61 5.41 -57.85
C THR D 2306 -51.12 4.83 -56.53
N GLY D 2307 -51.97 4.79 -55.51
CA GLY D 2307 -51.60 4.23 -54.22
C GLY D 2307 -50.54 5.01 -53.47
N LYS D 2308 -50.60 6.34 -53.52
CA LYS D 2308 -49.67 7.17 -52.78
C LYS D 2308 -50.04 7.15 -51.30
N GLY D 2309 -49.04 6.90 -50.44
CA GLY D 2309 -49.31 6.76 -49.03
C GLY D 2309 -49.76 8.05 -48.36
N GLU D 2310 -49.19 9.18 -48.79
CA GLU D 2310 -49.53 10.46 -48.18
C GLU D 2310 -50.98 10.85 -48.48
N ALA D 2311 -51.45 10.59 -49.70
CA ALA D 2311 -52.83 10.89 -50.05
C ALA D 2311 -53.81 10.05 -49.25
N ILE D 2312 -53.51 8.76 -49.07
CA ILE D 2312 -54.34 7.89 -48.25
C ILE D 2312 -54.35 8.36 -46.80
N ARG D 2313 -53.19 8.79 -46.30
CA ARG D 2313 -53.11 9.29 -44.92
C ARG D 2313 -53.94 10.55 -44.72
N ILE D 2314 -53.84 11.49 -45.67
CA ILE D 2314 -54.60 12.74 -45.57
C ILE D 2314 -56.10 12.46 -45.66
N ARG D 2315 -56.51 11.58 -46.58
CA ARG D 2315 -57.93 11.27 -46.71
C ARG D 2315 -58.45 10.53 -45.48
N SER D 2316 -57.63 9.68 -44.87
CA SER D 2316 -58.02 9.00 -43.64
C SER D 2316 -58.19 9.98 -42.49
N ILE D 2317 -57.29 10.98 -42.39
CA ILE D 2317 -57.43 12.00 -41.36
C ILE D 2317 -58.71 12.80 -41.57
N LEU D 2318 -58.99 13.19 -42.82
CA LEU D 2318 -60.21 13.95 -43.11
C LEU D 2318 -61.47 13.12 -42.87
N ARG D 2319 -61.42 11.81 -43.11
CA ARG D 2319 -62.56 10.95 -42.81
C ARG D 2319 -62.76 10.82 -41.30
N SER D 2320 -61.66 10.75 -40.55
CA SER D 2320 -61.78 10.66 -39.10
C SER D 2320 -62.26 11.96 -38.48
N LEU D 2321 -62.03 13.09 -39.14
CA LEU D 2321 -62.48 14.37 -38.60
C LEU D 2321 -64.00 14.51 -38.66
N VAL D 2322 -64.59 14.23 -39.82
CA VAL D 2322 -66.01 14.47 -40.06
C VAL D 2322 -66.67 13.16 -40.47
N PRO D 2323 -67.61 12.64 -39.69
CA PRO D 2323 -68.36 11.45 -40.11
C PRO D 2323 -69.43 11.81 -41.15
N THR D 2324 -69.91 10.76 -41.83
CA THR D 2324 -70.93 10.95 -42.85
C THR D 2324 -72.27 11.35 -42.25
N GLU D 2325 -72.55 10.92 -41.01
CA GLU D 2325 -73.82 11.22 -40.38
C GLU D 2325 -73.99 12.71 -40.14
N ASP D 2326 -72.90 13.40 -39.78
CA ASP D 2326 -72.96 14.84 -39.60
C ASP D 2326 -73.24 15.57 -40.90
N LEU D 2327 -72.60 15.15 -41.99
CA LEU D 2327 -72.82 15.77 -43.29
C LEU D 2327 -74.25 15.56 -43.77
N VAL D 2328 -74.75 14.33 -43.66
CA VAL D 2328 -76.11 14.04 -44.09
C VAL D 2328 -77.13 14.76 -43.21
N GLY D 2329 -76.83 14.90 -41.92
CA GLY D 2329 -77.71 15.64 -41.03
C GLY D 2329 -77.77 17.12 -41.35
N ILE D 2330 -76.62 17.71 -41.70
CA ILE D 2330 -76.60 19.13 -42.05
C ILE D 2330 -77.31 19.37 -43.38
N ILE D 2331 -77.10 18.46 -44.35
CA ILE D 2331 -77.80 18.54 -45.63
C ILE D 2331 -79.31 18.39 -45.43
N SER D 2332 -79.72 17.60 -44.45
CA SER D 2332 -81.13 17.35 -44.19
C SER D 2332 -81.80 18.45 -43.37
N ILE D 2333 -81.08 19.48 -42.96
CA ILE D 2333 -81.68 20.55 -42.15
C ILE D 2333 -82.63 21.37 -43.02
N PRO D 2334 -83.89 21.52 -42.62
CA PRO D 2334 -84.83 22.31 -43.43
C PRO D 2334 -84.49 23.79 -43.41
N LEU D 2335 -84.82 24.45 -44.51
CA LEU D 2335 -84.56 25.87 -44.69
C LEU D 2335 -85.83 26.68 -44.46
N LYS D 2336 -85.65 27.96 -44.12
CA LYS D 2336 -86.74 28.92 -44.02
C LYS D 2336 -86.74 29.76 -45.30
N LEU D 2337 -87.86 29.76 -46.00
CA LEU D 2337 -87.95 30.34 -47.33
C LEU D 2337 -89.12 31.31 -47.40
N PRO D 2338 -89.06 32.31 -48.29
CA PRO D 2338 -90.15 33.29 -48.39
C PRO D 2338 -91.46 32.67 -48.83
N SER D 2339 -92.55 33.23 -48.33
CA SER D 2339 -93.89 32.74 -48.61
C SER D 2339 -94.77 33.90 -49.03
N LEU D 2340 -95.97 33.57 -49.49
CA LEU D 2340 -96.96 34.55 -49.92
C LEU D 2340 -98.04 34.64 -48.85
N ASN D 2341 -98.28 35.84 -48.35
CA ASN D 2341 -99.25 36.04 -47.29
C ASN D 2341 -100.68 36.01 -47.86
N LYS D 2342 -101.65 35.89 -46.95
CA LYS D 2342 -103.05 35.91 -47.36
C LYS D 2342 -103.50 37.28 -47.84
N ASP D 2343 -102.80 38.34 -47.44
CA ASP D 2343 -103.09 39.69 -47.92
C ASP D 2343 -102.39 40.02 -49.22
N GLY D 2344 -101.60 39.10 -49.77
CA GLY D 2344 -100.92 39.32 -51.02
C GLY D 2344 -99.51 39.87 -50.91
N SER D 2345 -98.91 39.83 -49.73
CA SER D 2345 -97.56 40.35 -49.52
C SER D 2345 -96.55 39.21 -49.53
N ILE D 2346 -95.28 39.58 -49.72
CA ILE D 2346 -94.16 38.65 -49.75
C ILE D 2346 -93.40 38.78 -48.43
N SER D 2347 -93.23 37.66 -47.73
CA SER D 2347 -92.57 37.62 -46.43
C SER D 2347 -91.21 36.94 -46.59
N GLU D 2348 -90.20 37.74 -46.91
CA GLU D 2348 -88.84 37.21 -47.07
C GLU D 2348 -88.14 37.20 -45.71
N PRO D 2349 -87.68 36.05 -45.24
CA PRO D 2349 -86.87 36.03 -44.01
C PRO D 2349 -85.50 36.63 -44.24
N ASP D 2350 -84.87 37.03 -43.14
CA ASP D 2350 -83.56 37.66 -43.19
C ASP D 2350 -82.50 36.62 -43.53
N MET D 2351 -81.81 36.81 -44.66
CA MET D 2351 -80.80 35.86 -45.09
C MET D 2351 -79.46 36.04 -44.38
N ALA D 2352 -79.26 37.18 -43.73
CA ALA D 2352 -78.03 37.42 -42.98
C ALA D 2352 -78.12 36.93 -41.55
N ALA D 2353 -79.24 36.34 -41.15
CA ALA D 2353 -79.44 35.85 -39.80
C ALA D 2353 -79.99 34.43 -39.76
N ASN D 2354 -80.05 33.73 -40.89
CA ASN D 2354 -80.69 32.43 -40.97
C ASN D 2354 -79.75 31.42 -41.63
N PHE D 2355 -80.11 30.15 -41.47
CA PHE D 2355 -79.41 29.06 -42.16
C PHE D 2355 -79.70 29.15 -43.65
N CYS D 2356 -78.65 29.14 -44.46
CA CYS D 2356 -78.74 29.44 -45.88
C CYS D 2356 -78.39 28.23 -46.73
N PRO D 2357 -78.86 28.18 -47.99
CA PRO D 2357 -78.43 27.10 -48.89
C PRO D 2357 -76.94 27.10 -49.19
N ASP D 2358 -76.27 28.25 -49.04
CA ASP D 2358 -74.82 28.31 -49.23
C ASP D 2358 -74.05 27.66 -48.08
N HIS D 2359 -74.72 27.33 -46.98
CA HIS D 2359 -74.11 26.57 -45.90
C HIS D 2359 -74.14 25.07 -46.16
N LYS D 2360 -74.88 24.60 -47.17
CA LYS D 2360 -74.96 23.19 -47.49
C LYS D 2360 -74.04 22.78 -48.62
N ALA D 2361 -73.62 23.72 -49.47
CA ALA D 2361 -72.69 23.38 -50.55
C ALA D 2361 -71.33 22.85 -50.08
N PRO D 2362 -70.68 23.40 -49.03
CA PRO D 2362 -69.47 22.72 -48.52
C PRO D 2362 -69.71 21.30 -48.03
N MET D 2363 -70.89 21.00 -47.48
CA MET D 2363 -71.19 19.65 -47.03
C MET D 2363 -71.26 18.69 -48.22
N VAL D 2364 -71.89 19.12 -49.31
CA VAL D 2364 -71.96 18.29 -50.51
C VAL D 2364 -70.58 18.10 -51.12
N LEU D 2365 -69.77 19.16 -51.13
CA LEU D 2365 -68.40 19.04 -51.65
C LEU D 2365 -67.55 18.10 -50.82
N PHE D 2366 -67.67 18.18 -49.49
CA PHE D 2366 -66.93 17.29 -48.61
C PHE D 2366 -67.40 15.84 -48.77
N LEU D 2367 -68.70 15.64 -48.91
CA LEU D 2367 -69.22 14.28 -49.08
C LEU D 2367 -68.80 13.69 -50.42
N ASP D 2368 -68.73 14.52 -51.47
CA ASP D 2368 -68.32 14.02 -52.77
C ASP D 2368 -66.83 13.76 -52.86
N ARG D 2369 -66.01 14.68 -52.33
CA ARG D 2369 -64.56 14.59 -52.52
C ARG D 2369 -63.88 13.69 -51.51
N VAL D 2370 -64.31 13.70 -50.25
CA VAL D 2370 -63.62 12.92 -49.23
C VAL D 2370 -64.15 11.49 -49.20
N TYR D 2371 -65.46 11.33 -49.06
CA TYR D 2371 -66.05 10.00 -49.03
C TYR D 2371 -66.38 9.49 -50.43
N GLY D 2372 -67.16 10.25 -51.18
CA GLY D 2372 -67.59 9.78 -52.48
C GLY D 2372 -68.85 8.93 -52.39
N ILE D 2373 -69.63 8.96 -53.46
CA ILE D 2373 -70.86 8.19 -53.55
C ILE D 2373 -70.59 7.03 -54.51
N LYS D 2374 -70.46 5.82 -53.95
CA LYS D 2374 -70.20 4.63 -54.73
C LYS D 2374 -71.18 3.51 -54.48
N ASP D 2375 -72.10 3.67 -53.53
CA ASP D 2375 -73.11 2.67 -53.22
C ASP D 2375 -74.48 3.24 -53.53
N GLN D 2376 -75.35 2.39 -54.10
CA GLN D 2376 -76.68 2.83 -54.49
C GLN D 2376 -77.54 3.18 -53.28
N THR D 2377 -77.43 2.39 -52.21
CA THR D 2377 -78.28 2.61 -51.03
C THR D 2377 -77.98 3.93 -50.35
N PHE D 2378 -76.69 4.29 -50.25
CA PHE D 2378 -76.33 5.58 -49.67
C PHE D 2378 -76.82 6.74 -50.52
N LEU D 2379 -76.72 6.61 -51.84
CA LEU D 2379 -77.22 7.65 -52.74
C LEU D 2379 -78.72 7.83 -52.60
N LEU D 2380 -79.46 6.73 -52.50
CA LEU D 2380 -80.92 6.83 -52.38
C LEU D 2380 -81.32 7.38 -51.02
N HIS D 2381 -80.59 7.02 -49.97
CA HIS D 2381 -80.85 7.58 -48.64
C HIS D 2381 -80.59 9.09 -48.62
N LEU D 2382 -79.48 9.52 -49.21
CA LEU D 2382 -79.14 10.93 -49.27
C LEU D 2382 -80.15 11.70 -50.11
N LEU D 2383 -80.60 11.10 -51.21
CA LEU D 2383 -81.63 11.71 -52.05
C LEU D 2383 -82.95 11.84 -51.32
N GLU D 2384 -83.30 10.83 -50.51
CA GLU D 2384 -84.59 10.85 -49.82
C GLU D 2384 -84.60 11.87 -48.70
N VAL D 2385 -83.56 11.89 -47.87
CA VAL D 2385 -83.62 12.75 -46.69
C VAL D 2385 -83.06 14.15 -46.94
N GLY D 2386 -82.10 14.31 -47.84
CA GLY D 2386 -81.46 15.60 -47.98
C GLY D 2386 -81.82 16.41 -49.21
N PHE D 2387 -81.82 15.79 -50.38
CA PHE D 2387 -81.89 16.52 -51.65
C PHE D 2387 -83.31 16.78 -52.12
N LEU D 2388 -84.17 15.77 -52.02
CA LEU D 2388 -85.55 15.92 -52.50
C LEU D 2388 -86.36 16.99 -51.77
N PRO D 2389 -86.27 17.18 -50.44
CA PRO D 2389 -86.92 18.36 -49.85
C PRO D 2389 -86.41 19.69 -50.39
N ASP D 2390 -85.12 19.80 -50.70
CA ASP D 2390 -84.60 21.04 -51.29
C ASP D 2390 -85.12 21.24 -52.70
N LEU D 2391 -85.20 20.16 -53.49
CA LEU D 2391 -85.75 20.25 -54.84
C LEU D 2391 -87.22 20.66 -54.80
N ARG D 2392 -88.00 20.07 -53.90
CA ARG D 2392 -89.41 20.44 -53.76
C ARG D 2392 -89.56 21.87 -53.25
N ALA D 2393 -88.66 22.31 -52.37
CA ALA D 2393 -88.72 23.67 -51.86
C ALA D 2393 -88.39 24.69 -52.93
N SER D 2394 -87.48 24.35 -53.85
CA SER D 2394 -87.21 25.25 -54.97
C SER D 2394 -88.32 25.21 -56.00
N ALA D 2395 -88.99 24.07 -56.16
CA ALA D 2395 -90.13 24.01 -57.06
C ALA D 2395 -91.31 24.81 -56.51
N SER D 2396 -91.47 24.85 -55.19
CA SER D 2396 -92.54 25.60 -54.57
C SER D 2396 -92.31 27.11 -54.59
N LEU D 2397 -91.07 27.55 -54.83
CA LEU D 2397 -90.76 28.97 -54.97
C LEU D 2397 -90.81 29.42 -56.42
N ASP D 2398 -91.56 28.72 -57.28
CA ASP D 2398 -91.64 29.04 -58.69
C ASP D 2398 -92.93 29.79 -59.02
N THR D 2399 -93.50 30.47 -58.04
CA THR D 2399 -94.61 31.37 -58.31
C THR D 2399 -94.09 32.65 -58.95
N VAL D 2400 -95.03 33.48 -59.42
CA VAL D 2400 -94.64 34.73 -60.08
C VAL D 2400 -94.01 35.70 -59.08
N SER D 2401 -94.53 35.74 -57.85
CA SER D 2401 -94.03 36.67 -56.86
C SER D 2401 -92.70 36.21 -56.25
N LEU D 2402 -92.53 34.92 -56.01
CA LEU D 2402 -91.42 34.41 -55.23
C LEU D 2402 -90.22 33.97 -56.08
N SER D 2403 -90.30 34.06 -57.40
CA SER D 2403 -89.24 33.49 -58.22
C SER D 2403 -87.98 34.34 -58.23
N THR D 2404 -88.12 35.65 -58.09
CA THR D 2404 -87.00 36.58 -58.21
C THR D 2404 -86.44 37.02 -56.87
N THR D 2405 -86.88 36.42 -55.77
CA THR D 2405 -86.29 36.73 -54.48
C THR D 2405 -84.87 36.19 -54.40
N GLU D 2406 -84.08 36.78 -53.49
CA GLU D 2406 -82.69 36.37 -53.36
C GLU D 2406 -82.56 34.97 -52.80
N ALA D 2407 -83.49 34.56 -51.94
CA ALA D 2407 -83.45 33.20 -51.39
C ALA D 2407 -83.72 32.16 -52.48
N ALA D 2408 -84.66 32.45 -53.39
CA ALA D 2408 -84.94 31.53 -54.49
C ALA D 2408 -83.75 31.40 -55.43
N LEU D 2409 -83.10 32.51 -55.75
CA LEU D 2409 -81.91 32.46 -56.60
C LEU D 2409 -80.75 31.76 -55.90
N ALA D 2410 -80.62 31.94 -54.59
CA ALA D 2410 -79.59 31.23 -53.83
C ALA D 2410 -79.84 29.73 -53.83
N LEU D 2411 -81.11 29.32 -53.68
CA LEU D 2411 -81.44 27.91 -53.72
C LEU D 2411 -81.22 27.33 -55.10
N ASN D 2412 -81.49 28.10 -56.15
CA ASN D 2412 -81.20 27.66 -57.51
C ASN D 2412 -79.71 27.49 -57.74
N ARG D 2413 -78.89 28.41 -57.22
CA ARG D 2413 -77.44 28.26 -57.30
C ARG D 2413 -76.96 27.02 -56.55
N TYR D 2414 -77.51 26.76 -55.37
CA TYR D 2414 -77.16 25.58 -54.60
C TYR D 2414 -77.52 24.30 -55.34
N LEU D 2415 -78.70 24.27 -55.96
CA LEU D 2415 -79.12 23.06 -56.66
C LEU D 2415 -78.34 22.84 -57.94
N CYS D 2416 -78.08 23.89 -58.71
CA CYS D 2416 -77.44 23.75 -60.00
C CYS D 2416 -75.92 23.76 -59.92
N SER D 2417 -75.34 24.02 -58.75
CA SER D 2417 -73.89 23.95 -58.59
C SER D 2417 -73.44 22.77 -57.75
N ALA D 2418 -74.27 22.26 -56.84
CA ALA D 2418 -73.86 21.19 -55.95
C ALA D 2418 -74.69 19.92 -56.12
N VAL D 2419 -76.02 20.03 -56.08
CA VAL D 2419 -76.88 18.85 -55.99
C VAL D 2419 -77.00 18.15 -57.33
N LEU D 2420 -77.37 18.88 -58.37
CA LEU D 2420 -77.72 18.28 -59.66
C LEU D 2420 -76.51 17.79 -60.46
N PRO D 2421 -75.35 18.47 -60.47
CA PRO D 2421 -74.16 17.81 -61.04
C PRO D 2421 -73.78 16.52 -60.32
N LEU D 2422 -73.97 16.46 -59.01
CA LEU D 2422 -73.71 15.22 -58.27
C LEU D 2422 -74.68 14.13 -58.68
N LEU D 2423 -75.96 14.48 -58.86
CA LEU D 2423 -76.93 13.50 -59.33
C LEU D 2423 -76.67 13.08 -60.77
N THR D 2424 -76.09 13.96 -61.58
CA THR D 2424 -75.70 13.59 -62.94
C THR D 2424 -74.53 12.62 -62.93
N ARG D 2425 -73.54 12.84 -62.06
CA ARG D 2425 -72.39 11.95 -61.99
C ARG D 2425 -72.78 10.58 -61.43
N CYS D 2426 -73.72 10.54 -60.48
CA CYS D 2426 -74.18 9.31 -59.87
C CYS D 2426 -75.36 8.68 -60.61
N ALA D 2427 -75.51 8.98 -61.90
CA ALA D 2427 -76.59 8.41 -62.70
C ALA D 2427 -76.55 6.89 -62.84
N PRO D 2428 -75.43 6.21 -63.10
CA PRO D 2428 -75.48 4.74 -63.23
C PRO D 2428 -75.90 4.01 -61.96
N LEU D 2429 -75.84 4.65 -60.79
CA LEU D 2429 -76.35 4.04 -59.58
C LEU D 2429 -77.87 4.01 -59.53
N PHE D 2430 -78.56 4.73 -60.42
CA PHE D 2430 -80.01 4.67 -60.48
C PHE D 2430 -80.53 3.43 -61.19
N ALA D 2431 -79.67 2.69 -61.86
CA ALA D 2431 -80.08 1.44 -62.49
C ALA D 2431 -80.33 0.37 -61.44
N GLY D 2432 -81.43 -0.35 -61.59
CA GLY D 2432 -81.78 -1.41 -60.66
C GLY D 2432 -82.51 -0.97 -59.42
N THR D 2433 -83.09 0.23 -59.41
CA THR D 2433 -83.82 0.73 -58.24
C THR D 2433 -85.29 0.30 -58.34
N GLU D 2434 -85.49 -1.01 -58.25
CA GLU D 2434 -86.83 -1.57 -58.43
C GLU D 2434 -87.72 -1.33 -57.21
N HIS D 2435 -87.12 -1.24 -56.02
CA HIS D 2435 -87.88 -1.11 -54.78
C HIS D 2435 -88.11 0.34 -54.38
N TYR D 2436 -87.73 1.29 -55.22
CA TYR D 2436 -87.78 2.71 -54.88
C TYR D 2436 -88.59 3.49 -55.92
N THR D 2437 -89.72 2.93 -56.35
CA THR D 2437 -90.48 3.53 -57.44
C THR D 2437 -91.06 4.89 -57.05
N SER D 2438 -91.54 5.01 -55.82
CA SER D 2438 -92.12 6.28 -55.36
C SER D 2438 -91.07 7.39 -55.29
N LEU D 2439 -89.89 7.07 -54.74
CA LEU D 2439 -88.83 8.06 -54.61
C LEU D 2439 -88.31 8.51 -55.97
N ILE D 2440 -88.08 7.56 -56.88
CA ILE D 2440 -87.59 7.90 -58.20
C ILE D 2440 -88.64 8.68 -58.99
N ASP D 2441 -89.91 8.30 -58.84
CA ASP D 2441 -90.99 9.03 -59.51
C ASP D 2441 -91.11 10.46 -59.02
N SER D 2442 -91.02 10.66 -57.69
CA SER D 2442 -91.07 12.02 -57.15
C SER D 2442 -89.86 12.84 -57.57
N THR D 2443 -88.68 12.21 -57.63
CA THR D 2443 -87.48 12.90 -58.09
C THR D 2443 -87.63 13.33 -59.55
N LEU D 2444 -88.15 12.45 -60.41
CA LEU D 2444 -88.33 12.79 -61.81
C LEU D 2444 -89.34 13.91 -61.99
N GLN D 2445 -90.45 13.85 -61.24
CA GLN D 2445 -91.46 14.90 -61.32
C GLN D 2445 -90.90 16.25 -60.87
N THR D 2446 -90.13 16.25 -59.77
CA THR D 2446 -89.60 17.51 -59.26
C THR D 2446 -88.53 18.10 -60.16
N ILE D 2447 -87.65 17.26 -60.71
CA ILE D 2447 -86.62 17.77 -61.62
C ILE D 2447 -87.24 18.27 -62.92
N TYR D 2448 -88.27 17.57 -63.43
CA TYR D 2448 -88.95 18.04 -64.63
C TYR D 2448 -89.69 19.34 -64.37
N ARG D 2449 -90.25 19.51 -63.16
CA ARG D 2449 -90.85 20.78 -62.79
C ARG D 2449 -89.81 21.89 -62.72
N LEU D 2450 -88.63 21.58 -62.19
CA LEU D 2450 -87.56 22.57 -62.12
C LEU D 2450 -87.04 22.95 -63.50
N SER D 2451 -87.12 22.04 -64.47
CA SER D 2451 -86.66 22.35 -65.83
C SER D 2451 -87.53 23.41 -66.49
N LYS D 2452 -88.79 23.53 -66.07
CA LYS D 2452 -89.67 24.60 -66.54
C LYS D 2452 -89.61 25.78 -65.58
N GLY D 2453 -88.40 26.29 -65.38
CA GLY D 2453 -88.17 27.34 -64.40
C GLY D 2453 -88.55 28.70 -64.95
N ARG D 2454 -89.19 29.50 -64.10
CA ARG D 2454 -89.63 30.83 -64.52
C ARG D 2454 -88.44 31.79 -64.63
N SER D 2455 -87.54 31.76 -63.66
CA SER D 2455 -86.37 32.65 -63.62
C SER D 2455 -85.13 31.80 -63.39
N LEU D 2456 -84.57 31.26 -64.48
CA LEU D 2456 -83.34 30.50 -64.45
C LEU D 2456 -82.41 31.04 -65.53
N THR D 2457 -81.10 30.91 -65.28
CA THR D 2457 -80.16 31.23 -66.33
C THR D 2457 -80.10 30.08 -67.33
N LYS D 2458 -79.42 30.32 -68.44
CA LYS D 2458 -79.30 29.29 -69.47
C LYS D 2458 -78.46 28.11 -68.97
N ALA D 2459 -77.38 28.39 -68.25
CA ALA D 2459 -76.52 27.32 -67.74
C ALA D 2459 -77.22 26.47 -66.70
N GLN D 2460 -78.03 27.11 -65.84
CA GLN D 2460 -78.78 26.36 -64.83
C GLN D 2460 -79.82 25.45 -65.47
N ARG D 2461 -80.52 25.96 -66.48
CA ARG D 2461 -81.51 25.14 -67.18
C ARG D 2461 -80.85 23.99 -67.93
N ASP D 2462 -79.67 24.25 -68.53
CA ASP D 2462 -78.92 23.19 -69.19
C ASP D 2462 -78.48 22.12 -68.20
N THR D 2463 -78.07 22.53 -66.99
CA THR D 2463 -77.70 21.58 -65.95
C THR D 2463 -78.88 20.71 -65.54
N ILE D 2464 -80.05 21.32 -65.35
CA ILE D 2464 -81.25 20.56 -64.98
C ILE D 2464 -81.63 19.56 -66.07
N GLU D 2465 -81.60 20.02 -67.32
CA GLU D 2465 -81.96 19.15 -68.45
C GLU D 2465 -80.97 18.00 -68.60
N GLU D 2466 -79.68 18.27 -68.45
CA GLU D 2466 -78.68 17.23 -68.54
C GLU D 2466 -78.83 16.21 -67.41
N CYS D 2467 -79.14 16.69 -66.20
CA CYS D 2467 -79.37 15.77 -65.08
C CYS D 2467 -80.57 14.87 -65.32
N LEU D 2468 -81.68 15.44 -65.82
CA LEU D 2468 -82.88 14.64 -66.07
C LEU D 2468 -82.64 13.62 -67.18
N LEU D 2469 -81.93 14.02 -68.24
CA LEU D 2469 -81.62 13.09 -69.33
C LEU D 2469 -80.72 11.95 -68.84
N ALA D 2470 -79.70 12.27 -68.05
CA ALA D 2470 -78.78 11.26 -67.58
C ALA D 2470 -79.43 10.30 -66.59
N ILE D 2471 -80.34 10.80 -65.75
CA ILE D 2471 -81.04 9.92 -64.82
C ILE D 2471 -82.02 9.03 -65.56
N CYS D 2472 -82.77 9.59 -66.52
CA CYS D 2472 -83.74 8.79 -67.26
C CYS D 2472 -83.09 7.81 -68.22
N ASN D 2473 -81.83 8.02 -68.59
CA ASN D 2473 -81.13 7.08 -69.47
C ASN D 2473 -80.83 5.75 -68.80
N HIS D 2474 -80.93 5.66 -67.47
CA HIS D 2474 -80.56 4.46 -66.74
C HIS D 2474 -81.75 3.82 -66.03
N LEU D 2475 -82.97 4.22 -66.37
CA LEU D 2475 -84.17 3.68 -65.75
C LEU D 2475 -84.90 2.78 -66.72
N ARG D 2476 -85.43 1.68 -66.21
CA ARG D 2476 -86.23 0.78 -67.02
C ARG D 2476 -87.58 1.43 -67.35
N PRO D 2477 -88.20 1.06 -68.48
CA PRO D 2477 -89.41 1.78 -68.93
C PRO D 2477 -90.60 1.68 -68.01
N SER D 2478 -90.66 0.71 -67.10
CA SER D 2478 -91.77 0.64 -66.17
C SER D 2478 -91.71 1.72 -65.10
N MET D 2479 -90.53 2.33 -64.90
CA MET D 2479 -90.35 3.37 -63.90
C MET D 2479 -90.53 4.78 -64.46
N LEU D 2480 -90.60 4.93 -65.77
CA LEU D 2480 -90.69 6.24 -66.41
C LEU D 2480 -92.12 6.65 -66.73
N GLN D 2481 -93.11 5.81 -66.40
CA GLN D 2481 -94.47 6.01 -66.92
C GLN D 2481 -95.15 7.23 -66.32
N GLN D 2482 -94.90 7.53 -65.05
CA GLN D 2482 -95.53 8.70 -64.43
C GLN D 2482 -94.98 10.00 -65.02
N LEU D 2483 -93.72 9.99 -65.48
CA LEU D 2483 -93.18 11.15 -66.17
C LEU D 2483 -93.72 11.24 -67.60
N LEU D 2484 -93.91 10.10 -68.26
CA LEU D 2484 -94.47 10.11 -69.60
C LEU D 2484 -95.93 10.54 -69.61
N ARG D 2485 -96.65 10.33 -68.49
CA ARG D 2485 -98.01 10.85 -68.39
C ARG D 2485 -98.02 12.38 -68.35
N ARG D 2486 -96.97 12.99 -67.80
CA ARG D 2486 -96.85 14.45 -67.86
C ARG D 2486 -96.39 14.91 -69.24
N LEU D 2487 -95.52 14.12 -69.87
CA LEU D 2487 -95.03 14.48 -71.20
C LEU D 2487 -96.12 14.40 -72.25
N VAL D 2488 -97.06 13.46 -72.12
CA VAL D 2488 -98.15 13.33 -73.08
C VAL D 2488 -99.09 14.52 -73.04
N PHE D 2489 -99.04 15.31 -71.96
CA PHE D 2489 -99.79 16.57 -71.88
C PHE D 2489 -98.95 17.78 -72.25
N ASP D 2490 -97.65 17.76 -71.94
CA ASP D 2490 -96.83 18.96 -72.16
C ASP D 2490 -96.20 19.04 -73.54
N VAL D 2491 -95.75 17.91 -74.09
CA VAL D 2491 -95.06 17.94 -75.40
C VAL D 2491 -95.95 18.37 -76.55
N PRO D 2492 -97.21 17.90 -76.71
CA PRO D 2492 -98.02 18.37 -77.85
C PRO D 2492 -98.36 19.86 -77.83
N GLN D 2493 -98.03 20.60 -76.78
CA GLN D 2493 -98.10 22.06 -76.87
C GLN D 2493 -97.00 22.61 -77.75
N LEU D 2494 -95.84 21.94 -77.78
CA LEU D 2494 -94.70 22.30 -78.63
C LEU D 2494 -94.24 23.74 -78.39
N ASN D 2495 -94.26 24.17 -77.13
CA ASN D 2495 -93.84 25.51 -76.76
C ASN D 2495 -92.32 25.56 -76.67
N GLU D 2496 -91.80 26.63 -76.07
CA GLU D 2496 -90.38 26.68 -75.75
C GLU D 2496 -90.06 25.67 -74.65
N TYR D 2497 -88.76 25.38 -74.52
CA TYR D 2497 -88.23 24.36 -73.60
C TYR D 2497 -88.84 23.00 -73.89
N CYS D 2498 -89.00 22.67 -75.17
CA CYS D 2498 -89.50 21.36 -75.59
C CYS D 2498 -88.40 20.49 -76.16
N LYS D 2499 -87.16 21.00 -76.25
CA LYS D 2499 -86.07 20.19 -76.77
C LYS D 2499 -85.72 19.04 -75.84
N MET D 2500 -85.69 19.30 -74.53
CA MET D 2500 -85.37 18.24 -73.57
C MET D 2500 -86.39 17.12 -73.52
N PRO D 2501 -87.72 17.35 -73.45
CA PRO D 2501 -88.64 16.20 -73.49
C PRO D 2501 -88.60 15.43 -74.80
N LEU D 2502 -88.41 16.12 -75.93
CA LEU D 2502 -88.29 15.43 -77.21
C LEU D 2502 -87.04 14.55 -77.26
N LYS D 2503 -85.92 15.06 -76.74
CA LYS D 2503 -84.70 14.27 -76.71
C LYS D 2503 -84.82 13.09 -75.73
N LEU D 2504 -85.52 13.30 -74.61
CA LEU D 2504 -85.75 12.24 -73.65
C LEU D 2504 -86.58 11.12 -74.27
N LEU D 2505 -87.66 11.48 -74.96
CA LEU D 2505 -88.50 10.49 -75.63
C LEU D 2505 -87.75 9.79 -76.74
N THR D 2506 -86.92 10.52 -77.50
CA THR D 2506 -86.13 9.93 -78.56
C THR D 2506 -85.15 8.89 -78.02
N ASN D 2507 -84.40 9.25 -76.98
CA ASN D 2507 -83.45 8.33 -76.38
C ASN D 2507 -84.15 7.12 -75.77
N HIS D 2508 -85.28 7.36 -75.10
CA HIS D 2508 -85.99 6.28 -74.42
C HIS D 2508 -86.56 5.27 -75.41
N TYR D 2509 -87.23 5.75 -76.46
CA TYR D 2509 -87.84 4.83 -77.41
C TYR D 2509 -86.85 4.30 -78.44
N GLU D 2510 -85.67 4.89 -78.56
CA GLU D 2510 -84.65 4.29 -79.40
C GLU D 2510 -83.83 3.25 -78.65
N GLN D 2511 -83.62 3.45 -77.35
CA GLN D 2511 -82.88 2.47 -76.56
C GLN D 2511 -83.73 1.25 -76.23
N CYS D 2512 -85.02 1.44 -75.99
CA CYS D 2512 -85.89 0.40 -75.44
C CYS D 2512 -86.98 0.01 -76.44
N TRP D 2513 -86.62 -0.15 -77.72
CA TRP D 2513 -87.64 -0.47 -78.71
C TRP D 2513 -88.07 -1.93 -78.64
N LYS D 2514 -87.19 -2.83 -78.22
CA LYS D 2514 -87.56 -4.24 -78.11
C LYS D 2514 -88.57 -4.47 -76.99
N TYR D 2515 -88.58 -3.59 -75.98
CA TYR D 2515 -89.51 -3.72 -74.88
C TYR D 2515 -90.95 -3.51 -75.35
N TYR D 2516 -91.16 -2.59 -76.29
CA TYR D 2516 -92.51 -2.27 -76.76
C TYR D 2516 -92.90 -3.04 -78.00
N CYS D 2517 -91.95 -3.34 -78.89
CA CYS D 2517 -92.28 -3.88 -80.21
C CYS D 2517 -92.27 -5.41 -80.22
N LEU D 2518 -91.17 -6.02 -79.79
CA LEU D 2518 -91.03 -7.47 -79.91
C LEU D 2518 -91.97 -8.18 -78.93
N PRO D 2519 -92.64 -9.25 -79.38
CA PRO D 2519 -93.54 -9.97 -78.47
C PRO D 2519 -92.83 -10.86 -77.47
N SER D 2520 -91.51 -11.06 -77.61
CA SER D 2520 -90.74 -11.81 -76.64
C SER D 2520 -90.07 -10.91 -75.61
N GLY D 2521 -90.32 -9.60 -75.66
CA GLY D 2521 -89.74 -8.69 -74.70
C GLY D 2521 -88.29 -8.35 -75.02
N TRP D 2522 -87.65 -7.70 -74.05
CA TRP D 2522 -86.27 -7.25 -74.16
C TRP D 2522 -85.47 -7.86 -73.01
N GLY D 2523 -84.99 -9.09 -73.23
CA GLY D 2523 -84.18 -9.74 -72.21
C GLY D 2523 -84.97 -10.02 -70.95
N SER D 2524 -84.42 -9.58 -69.82
CA SER D 2524 -85.07 -9.71 -68.52
C SER D 2524 -85.86 -8.48 -68.13
N TYR D 2525 -85.90 -7.44 -68.98
CA TYR D 2525 -86.66 -6.24 -68.65
C TYR D 2525 -88.16 -6.51 -68.66
N GLY D 2526 -88.62 -7.35 -69.58
CA GLY D 2526 -90.02 -7.72 -69.62
C GLY D 2526 -90.75 -7.26 -70.86
N LEU D 2527 -92.07 -7.13 -70.78
CA LEU D 2527 -92.90 -6.70 -71.88
C LEU D 2527 -93.73 -5.50 -71.48
N ALA D 2528 -94.14 -4.73 -72.47
CA ALA D 2528 -94.97 -3.55 -72.23
C ALA D 2528 -96.42 -3.96 -72.05
N VAL D 2529 -97.06 -3.36 -71.05
CA VAL D 2529 -98.48 -3.61 -70.80
C VAL D 2529 -99.31 -2.73 -71.74
N GLU D 2530 -100.62 -2.97 -71.76
CA GLU D 2530 -101.52 -2.23 -72.65
C GLU D 2530 -101.50 -0.73 -72.35
N GLU D 2531 -101.38 -0.36 -71.07
CA GLU D 2531 -101.38 1.05 -70.70
C GLU D 2531 -100.16 1.78 -71.26
N GLU D 2532 -98.99 1.13 -71.21
CA GLU D 2532 -97.77 1.75 -71.73
C GLU D 2532 -97.85 1.94 -73.24
N LEU D 2533 -98.37 0.94 -73.96
CA LEU D 2533 -98.53 1.07 -75.40
C LEU D 2533 -99.57 2.12 -75.76
N HIS D 2534 -100.64 2.22 -74.96
CA HIS D 2534 -101.63 3.27 -75.18
C HIS D 2534 -101.03 4.66 -74.98
N LEU D 2535 -100.19 4.81 -73.95
CA LEU D 2535 -99.52 6.09 -73.72
C LEU D 2535 -98.56 6.41 -74.84
N THR D 2536 -97.85 5.40 -75.36
CA THR D 2536 -96.93 5.60 -76.48
C THR D 2536 -97.68 6.05 -77.74
N GLU D 2537 -98.81 5.41 -78.05
CA GLU D 2537 -99.59 5.80 -79.21
C GLU D 2537 -100.19 7.19 -79.04
N LYS D 2538 -100.65 7.51 -77.83
CA LYS D 2538 -101.21 8.83 -77.55
C LYS D 2538 -100.14 9.92 -77.70
N LEU D 2539 -98.91 9.62 -77.25
CA LEU D 2539 -97.78 10.52 -77.46
C LEU D 2539 -97.52 10.75 -78.94
N PHE D 2540 -97.53 9.66 -79.72
CA PHE D 2540 -97.28 9.78 -81.16
C PHE D 2540 -98.33 10.65 -81.83
N TRP D 2541 -99.61 10.40 -81.55
CA TRP D 2541 -100.65 11.15 -82.22
C TRP D 2541 -100.70 12.59 -81.75
N GLY D 2542 -100.39 12.84 -80.47
CA GLY D 2542 -100.34 14.22 -80.00
C GLY D 2542 -99.24 15.02 -80.66
N ILE D 2543 -98.02 14.45 -80.73
CA ILE D 2543 -96.91 15.16 -81.34
C ILE D 2543 -97.13 15.33 -82.85
N PHE D 2544 -97.68 14.30 -83.51
CA PHE D 2544 -97.91 14.36 -84.95
C PHE D 2544 -98.98 15.40 -85.29
N ASP D 2545 -100.09 15.40 -84.54
CA ASP D 2545 -101.16 16.35 -84.81
C ASP D 2545 -100.76 17.77 -84.45
N SER D 2546 -99.87 17.93 -83.46
CA SER D 2546 -99.36 19.27 -83.17
C SER D 2546 -98.40 19.75 -84.25
N LEU D 2547 -97.53 18.86 -84.73
CA LEU D 2547 -96.52 19.27 -85.70
C LEU D 2547 -97.11 19.46 -87.09
N SER D 2548 -98.27 18.86 -87.37
CA SER D 2548 -98.92 19.05 -88.67
C SER D 2548 -99.42 20.48 -88.83
N HIS D 2549 -99.98 21.06 -87.77
CA HIS D 2549 -100.55 22.40 -87.82
C HIS D 2549 -99.56 23.49 -87.44
N LYS D 2550 -98.34 23.13 -87.04
CA LYS D 2550 -97.34 24.10 -86.63
C LYS D 2550 -96.72 24.78 -87.85
N LYS D 2551 -96.34 26.04 -87.68
CA LYS D 2551 -95.61 26.75 -88.70
C LYS D 2551 -94.20 26.18 -88.84
N TYR D 2552 -93.57 26.46 -89.98
CA TYR D 2552 -92.29 25.83 -90.29
C TYR D 2552 -91.18 26.45 -89.46
N ASP D 2553 -90.50 25.61 -88.67
CA ASP D 2553 -89.35 26.02 -87.89
C ASP D 2553 -88.26 24.99 -88.16
N PRO D 2554 -87.12 25.38 -88.74
CA PRO D 2554 -86.06 24.40 -89.03
C PRO D 2554 -85.44 23.76 -87.80
N ASP D 2555 -85.56 24.37 -86.63
CA ASP D 2555 -85.01 23.81 -85.40
C ASP D 2555 -85.99 22.88 -84.70
N LEU D 2556 -87.28 23.22 -84.72
CA LEU D 2556 -88.29 22.38 -84.07
C LEU D 2556 -88.50 21.08 -84.84
N PHE D 2557 -88.54 21.16 -86.17
CA PHE D 2557 -88.75 19.97 -86.99
C PHE D 2557 -87.58 19.00 -86.88
N ARG D 2558 -86.36 19.56 -86.82
CA ARG D 2558 -85.14 18.76 -86.76
C ARG D 2558 -85.07 17.90 -85.51
N MET D 2559 -85.69 18.34 -84.42
CA MET D 2559 -85.71 17.58 -83.18
C MET D 2559 -87.03 16.87 -82.93
N ALA D 2560 -88.09 17.21 -83.67
CA ALA D 2560 -89.36 16.50 -83.51
C ALA D 2560 -89.49 15.30 -84.44
N LEU D 2561 -88.79 15.31 -85.58
CA LEU D 2561 -88.80 14.14 -86.46
C LEU D 2561 -88.16 12.89 -85.83
N PRO D 2562 -86.98 12.94 -85.20
CA PRO D 2562 -86.47 11.70 -84.56
C PRO D 2562 -87.34 11.19 -83.43
N CYS D 2563 -88.04 12.07 -82.71
CA CYS D 2563 -88.97 11.62 -81.68
C CYS D 2563 -90.12 10.81 -82.29
N LEU D 2564 -90.68 11.30 -83.40
CA LEU D 2564 -91.74 10.57 -84.09
C LEU D 2564 -91.24 9.25 -84.64
N SER D 2565 -90.01 9.25 -85.19
CA SER D 2565 -89.45 8.01 -85.73
C SER D 2565 -89.16 7.00 -84.63
N ALA D 2566 -88.75 7.47 -83.46
CA ALA D 2566 -88.48 6.56 -82.35
C ALA D 2566 -89.76 6.00 -81.75
N ILE D 2567 -90.81 6.83 -81.64
CA ILE D 2567 -92.06 6.35 -81.08
C ILE D 2567 -92.75 5.40 -82.04
N ALA D 2568 -92.75 5.72 -83.33
CA ALA D 2568 -93.39 4.86 -84.32
C ALA D 2568 -92.64 3.53 -84.47
N GLY D 2569 -91.32 3.55 -84.36
CA GLY D 2569 -90.54 2.34 -84.46
C GLY D 2569 -90.57 1.46 -83.22
N ALA D 2570 -91.17 1.94 -82.14
CA ALA D 2570 -91.35 1.15 -80.93
C ALA D 2570 -92.72 0.50 -80.84
N LEU D 2571 -93.75 1.14 -81.36
CA LEU D 2571 -95.08 0.55 -81.37
C LEU D 2571 -95.13 -0.64 -82.30
N PRO D 2572 -95.77 -1.74 -81.90
CA PRO D 2572 -96.09 -2.79 -82.86
C PRO D 2572 -97.05 -2.26 -83.91
N PRO D 2573 -96.88 -2.65 -85.17
CA PRO D 2573 -97.77 -2.13 -86.22
C PRO D 2573 -99.19 -2.64 -86.11
N ASP D 2574 -99.42 -3.75 -85.41
CA ASP D 2574 -100.75 -4.32 -85.23
C ASP D 2574 -101.30 -4.09 -83.83
N TYR D 2575 -100.98 -2.93 -83.24
CA TYR D 2575 -101.46 -2.61 -81.90
C TYR D 2575 -102.88 -2.06 -82.00
N LEU D 2576 -103.82 -2.73 -81.34
CA LEU D 2576 -105.21 -2.31 -81.33
C LEU D 2576 -105.52 -1.59 -80.01
N ASP D 2577 -106.02 -0.38 -80.11
CA ASP D 2577 -106.37 0.43 -78.95
C ASP D 2577 -107.88 0.39 -78.80
N THR D 2578 -108.37 -0.47 -77.91
CA THR D 2578 -109.80 -0.68 -77.71
C THR D 2578 -110.33 0.25 -76.60
N ARG D 2579 -110.11 1.54 -76.78
CA ARG D 2579 -110.59 2.57 -75.87
C ARG D 2579 -111.26 3.66 -76.70
N ILE D 2580 -112.56 3.78 -76.58
CA ILE D 2580 -113.34 4.73 -77.38
C ILE D 2580 -113.19 6.12 -76.77
N SER D 2581 -112.74 7.08 -77.59
CA SER D 2581 -112.54 8.48 -77.23
C SER D 2581 -111.66 8.67 -75.98
N SER D 2808 -110.66 -6.69 -81.72
CA SER D 2808 -111.59 -5.85 -82.47
C SER D 2808 -111.30 -5.92 -83.96
N SER D 2809 -111.86 -4.98 -84.71
CA SER D 2809 -111.66 -4.94 -86.15
C SER D 2809 -110.23 -4.51 -86.48
N MET D 2810 -109.77 -4.92 -87.67
CA MET D 2810 -108.41 -4.63 -88.11
C MET D 2810 -108.22 -3.17 -88.50
N GLU D 2811 -109.29 -2.38 -88.58
CA GLU D 2811 -109.18 -0.95 -88.83
C GLU D 2811 -108.65 -0.18 -87.62
N LYS D 2812 -108.58 -0.81 -86.46
CA LYS D 2812 -108.11 -0.18 -85.24
C LYS D 2812 -106.61 -0.32 -85.04
N ARG D 2813 -105.90 -0.93 -85.98
CA ARG D 2813 -104.46 -1.07 -85.86
C ARG D 2813 -103.77 0.26 -86.11
N PHE D 2814 -102.57 0.39 -85.54
CA PHE D 2814 -101.80 1.64 -85.67
C PHE D 2814 -101.34 1.87 -87.10
N ALA D 2815 -100.92 0.81 -87.78
CA ALA D 2815 -100.43 0.95 -89.16
C ALA D 2815 -101.54 1.36 -90.10
N TYR D 2816 -102.78 0.94 -89.84
CA TYR D 2816 -103.91 1.33 -90.68
C TYR D 2816 -104.17 2.82 -90.59
N LYS D 2817 -104.24 3.37 -89.37
CA LYS D 2817 -104.46 4.80 -89.20
C LYS D 2817 -103.29 5.61 -89.74
N PHE D 2818 -102.06 5.12 -89.51
CA PHE D 2818 -100.88 5.83 -90.01
C PHE D 2818 -100.88 5.89 -91.53
N LEU D 2819 -101.19 4.76 -92.19
CA LEU D 2819 -101.22 4.73 -93.65
C LEU D 2819 -102.37 5.58 -94.20
N LYS D 2820 -103.51 5.61 -93.51
CA LYS D 2820 -104.61 6.45 -93.95
C LYS D 2820 -104.25 7.93 -93.87
N LYS D 2821 -103.60 8.35 -92.78
CA LYS D 2821 -103.16 9.73 -92.66
C LYS D 2821 -102.12 10.08 -93.72
N ILE D 2822 -101.19 9.16 -93.99
CA ILE D 2822 -100.16 9.40 -95.00
C ILE D 2822 -100.80 9.52 -96.39
N LEU D 2823 -101.78 8.67 -96.69
CA LEU D 2823 -102.44 8.74 -97.99
C LEU D 2823 -103.23 10.03 -98.17
N LYS D 2824 -103.90 10.48 -97.10
CA LYS D 2824 -104.61 11.76 -97.17
C LYS D 2824 -103.64 12.92 -97.40
N TYR D 2825 -102.53 12.93 -96.67
CA TYR D 2825 -101.52 13.98 -96.87
C TYR D 2825 -100.89 13.89 -98.26
N VAL D 2826 -100.77 12.68 -98.82
CA VAL D 2826 -100.18 12.53 -100.15
C VAL D 2826 -101.12 13.08 -101.22
N ASP D 2827 -102.42 12.84 -101.08
CA ASP D 2827 -103.38 13.42 -102.03
C ASP D 2827 -103.41 14.94 -101.92
N SER D 2828 -103.40 15.47 -100.70
CA SER D 2828 -103.36 16.92 -100.52
C SER D 2828 -102.08 17.52 -101.08
N ALA D 2829 -100.95 16.84 -100.89
CA ALA D 2829 -99.68 17.29 -101.45
C ALA D 2829 -99.68 17.21 -102.96
N GLN D 2830 -100.39 16.23 -103.54
CA GLN D 2830 -100.52 16.15 -104.99
C GLN D 2830 -101.24 17.38 -105.53
N GLU D 2831 -102.35 17.77 -104.87
CA GLU D 2831 -103.06 18.97 -105.30
C GLU D 2831 -102.22 20.22 -105.13
N PHE D 2832 -101.49 20.33 -104.00
CA PHE D 2832 -100.66 21.50 -103.75
C PHE D 2832 -99.50 21.60 -104.74
N ILE D 2833 -98.89 20.46 -105.08
CA ILE D 2833 -97.79 20.45 -106.04
C ILE D 2833 -98.31 20.77 -107.44
N ALA D 2834 -99.54 20.34 -107.77
CA ALA D 2834 -100.14 20.73 -109.04
C ALA D 2834 -100.36 22.24 -109.11
N HIS D 2835 -100.84 22.84 -108.02
CA HIS D 2835 -101.02 24.30 -107.99
C HIS D 2835 -99.69 25.02 -108.07
N LEU D 2836 -98.66 24.52 -107.38
CA LEU D 2836 -97.34 25.14 -107.43
C LEU D 2836 -96.73 25.01 -108.82
N GLU D 2837 -96.95 23.88 -109.49
CA GLU D 2837 -96.48 23.70 -110.86
C GLU D 2837 -97.18 24.66 -111.81
N ALA D 2838 -98.48 24.89 -111.61
CA ALA D 2838 -99.19 25.89 -112.40
C ALA D 2838 -98.64 27.29 -112.15
N ILE D 2839 -98.29 27.60 -110.90
CA ILE D 2839 -97.70 28.89 -110.57
C ILE D 2839 -96.35 29.06 -111.24
N VAL D 2840 -95.51 28.01 -111.21
CA VAL D 2840 -94.20 28.06 -111.84
C VAL D 2840 -94.32 28.21 -113.35
N SER D 2841 -95.24 27.47 -113.97
CA SER D 2841 -95.47 27.60 -115.40
C SER D 2841 -96.08 28.94 -115.78
N SER D 2842 -96.76 29.62 -114.85
CA SER D 2842 -97.26 30.96 -115.12
C SER D 2842 -96.11 31.97 -115.19
N GLY D 2843 -95.02 31.72 -114.49
CA GLY D 2843 -93.85 32.58 -114.52
C GLY D 2843 -93.69 33.47 -113.31
N LYS D 2844 -94.70 33.56 -112.44
CA LYS D 2844 -94.61 34.41 -111.27
C LYS D 2844 -93.66 33.81 -110.23
N THR D 2845 -93.13 34.67 -109.36
CA THR D 2845 -92.20 34.26 -108.32
C THR D 2845 -92.76 34.51 -106.92
N GLU D 2846 -94.08 34.60 -106.79
CA GLU D 2846 -94.70 34.82 -105.49
C GLU D 2846 -94.63 33.56 -104.64
N LYS D 2847 -94.70 33.74 -103.33
CA LYS D 2847 -94.68 32.63 -102.40
C LYS D 2847 -95.96 31.81 -102.52
N SER D 2848 -95.83 30.50 -102.39
CA SER D 2848 -96.99 29.62 -102.51
C SER D 2848 -97.88 29.75 -101.28
N PRO D 2849 -99.21 29.70 -101.46
CA PRO D 2849 -100.10 29.76 -100.30
C PRO D 2849 -100.02 28.54 -99.40
N HIS D 2850 -99.54 27.41 -99.90
CA HIS D 2850 -99.46 26.18 -99.14
C HIS D 2850 -98.02 25.80 -98.82
N ASP D 2851 -97.21 26.79 -98.46
CA ASP D 2851 -95.79 26.53 -98.17
C ASP D 2851 -95.61 25.70 -96.92
N GLN D 2852 -96.46 25.92 -95.90
CA GLN D 2852 -96.38 25.14 -94.67
C GLN D 2852 -96.66 23.67 -94.92
N GLU D 2853 -97.67 23.37 -95.73
CA GLU D 2853 -98.01 21.97 -96.03
C GLU D 2853 -96.91 21.30 -96.83
N ILE D 2854 -96.31 22.01 -97.78
CA ILE D 2854 -95.21 21.45 -98.56
C ILE D 2854 -93.99 21.20 -97.67
N LYS D 2855 -93.70 22.12 -96.75
CA LYS D 2855 -92.58 21.94 -95.83
C LYS D 2855 -92.82 20.76 -94.90
N PHE D 2856 -94.05 20.60 -94.40
CA PHE D 2856 -94.35 19.45 -93.55
C PHE D 2856 -94.33 18.14 -94.32
N PHE D 2857 -94.75 18.16 -95.59
CA PHE D 2857 -94.72 16.95 -96.41
C PHE D 2857 -93.30 16.53 -96.73
N ALA D 2858 -92.43 17.47 -97.06
CA ALA D 2858 -91.10 17.13 -97.53
C ALA D 2858 -90.08 16.98 -96.40
N LYS D 2859 -90.20 17.75 -95.32
CA LYS D 2859 -89.19 17.76 -94.28
C LYS D 2859 -89.50 16.82 -93.12
N VAL D 2860 -90.74 16.37 -92.98
CA VAL D 2860 -91.16 15.52 -91.87
C VAL D 2860 -91.77 14.22 -92.36
N LEU D 2861 -92.75 14.30 -93.26
CA LEU D 2861 -93.57 13.15 -93.60
C LEU D 2861 -92.79 12.10 -94.38
N LEU D 2862 -92.05 12.53 -95.41
CA LEU D 2862 -91.27 11.57 -96.22
C LEU D 2862 -90.17 10.86 -95.44
N PRO D 2863 -89.32 11.51 -94.62
CA PRO D 2863 -88.38 10.73 -93.80
C PRO D 2863 -89.06 9.83 -92.79
N LEU D 2864 -90.21 10.25 -92.25
CA LEU D 2864 -90.95 9.40 -91.32
C LEU D 2864 -91.44 8.13 -92.00
N VAL D 2865 -91.99 8.26 -93.21
CA VAL D 2865 -92.44 7.10 -93.97
C VAL D 2865 -91.26 6.19 -94.31
N ASP D 2866 -90.14 6.79 -94.74
CA ASP D 2866 -88.96 6.02 -95.12
C ASP D 2866 -88.42 5.22 -93.93
N GLN D 2867 -88.31 5.86 -92.77
CA GLN D 2867 -87.79 5.17 -91.59
C GLN D 2867 -88.78 4.13 -91.06
N TYR D 2868 -90.08 4.44 -91.14
CA TYR D 2868 -91.09 3.50 -90.66
C TYR D 2868 -91.12 2.23 -91.49
N PHE D 2869 -91.01 2.36 -92.82
CA PHE D 2869 -90.96 1.15 -93.64
C PHE D 2869 -89.57 0.53 -93.71
N THR D 2870 -88.53 1.25 -93.28
CA THR D 2870 -87.26 0.58 -93.02
C THR D 2870 -87.37 -0.32 -91.80
N ASN D 2871 -88.06 0.14 -90.76
CA ASN D 2871 -88.15 -0.64 -89.53
C ASN D 2871 -89.09 -1.82 -89.66
N HIS D 2872 -90.21 -1.64 -90.36
CA HIS D 2872 -91.29 -2.63 -90.38
C HIS D 2872 -91.60 -3.14 -91.78
N HIS D 2873 -90.57 -3.46 -92.58
CA HIS D 2873 -90.85 -3.95 -93.92
C HIS D 2873 -91.29 -5.41 -93.92
N LEU D 2874 -90.73 -6.22 -93.02
CA LEU D 2874 -91.11 -7.63 -92.96
C LEU D 2874 -92.51 -7.84 -92.42
N TYR D 2875 -93.07 -6.86 -91.70
CA TYR D 2875 -94.46 -6.95 -91.28
C TYR D 2875 -95.39 -6.86 -92.49
N PHE D 2876 -95.10 -5.96 -93.42
CA PHE D 2876 -95.94 -5.80 -94.61
C PHE D 2876 -95.60 -6.79 -95.70
N LEU D 2877 -94.43 -7.44 -95.64
CA LEU D 2877 -94.08 -8.45 -96.62
C LEU D 2877 -94.51 -9.85 -96.23
N SER D 2878 -94.99 -10.05 -95.01
CA SER D 2878 -95.28 -11.39 -94.52
C SER D 2878 -96.69 -11.82 -94.91
N SER D 2879 -96.88 -13.13 -94.90
CA SER D 2879 -98.14 -13.78 -95.24
C SER D 2879 -98.32 -14.95 -94.27
N PRO D 2880 -99.55 -15.47 -94.14
CA PRO D 2880 -99.73 -16.69 -93.33
C PRO D 2880 -98.92 -17.88 -93.81
N LEU D 2881 -98.63 -17.96 -95.11
CA LEU D 2881 -97.82 -19.07 -95.62
C LEU D 2881 -96.37 -18.96 -95.15
N LYS D 2882 -95.77 -17.78 -95.30
CA LYS D 2882 -94.38 -17.58 -94.90
C LYS D 2882 -94.28 -16.54 -93.79
N PRO D 2883 -94.03 -16.95 -92.55
CA PRO D 2883 -93.85 -15.98 -91.44
C PRO D 2883 -92.48 -15.30 -91.45
N LEU D 2884 -92.38 -14.24 -92.26
CA LEU D 2884 -91.11 -13.54 -92.39
C LEU D 2884 -90.80 -12.68 -91.15
N SER D 2885 -91.83 -12.23 -90.44
CA SER D 2885 -91.66 -11.35 -89.30
C SER D 2885 -92.23 -11.98 -88.04
N SER D 2886 -91.59 -11.69 -86.91
CA SER D 2886 -92.07 -12.16 -85.61
C SER D 2886 -93.25 -11.36 -85.10
N SER D 2887 -93.43 -10.13 -85.59
CA SER D 2887 -94.54 -9.29 -85.14
C SER D 2887 -95.88 -9.75 -85.70
N GLY D 2888 -95.87 -10.50 -86.80
CA GLY D 2888 -97.11 -10.93 -87.43
C GLY D 2888 -97.08 -10.68 -88.92
N TYR D 2889 -98.23 -10.36 -89.50
CA TYR D 2889 -98.29 -10.02 -90.91
C TYR D 2889 -99.40 -8.98 -91.10
N ALA D 2890 -99.22 -8.15 -92.12
CA ALA D 2890 -100.20 -7.11 -92.42
C ALA D 2890 -101.44 -7.72 -93.03
N SER D 2891 -102.57 -7.02 -92.89
CA SER D 2891 -103.81 -7.45 -93.51
C SER D 2891 -103.80 -7.07 -94.99
N HIS D 2892 -104.88 -7.43 -95.68
CA HIS D 2892 -104.97 -7.15 -97.11
C HIS D 2892 -105.11 -5.66 -97.38
N LYS D 2893 -105.88 -4.96 -96.54
CA LYS D 2893 -106.07 -3.53 -96.74
C LYS D 2893 -104.80 -2.73 -96.47
N GLU D 2894 -103.98 -3.18 -95.51
CA GLU D 2894 -102.71 -2.49 -95.25
C GLU D 2894 -101.74 -2.64 -96.42
N LYS D 2895 -101.68 -3.85 -97.01
CA LYS D 2895 -100.82 -4.05 -98.19
C LYS D 2895 -101.36 -3.27 -99.39
N GLU D 2896 -102.68 -3.19 -99.52
CA GLU D 2896 -103.29 -2.36 -100.55
C GLU D 2896 -102.94 -0.90 -100.37
N MET D 2897 -102.95 -0.42 -99.12
CA MET D 2897 -102.55 0.94 -98.83
C MET D 2897 -101.08 1.19 -99.13
N VAL D 2898 -100.22 0.21 -98.85
CA VAL D 2898 -98.80 0.34 -99.15
C VAL D 2898 -98.57 0.44 -100.66
N ALA D 2899 -99.24 -0.41 -101.43
CA ALA D 2899 -99.12 -0.35 -102.88
C ALA D 2899 -99.67 0.95 -103.45
N SER D 2900 -100.80 1.42 -102.91
CA SER D 2900 -101.36 2.70 -103.34
C SER D 2900 -100.43 3.86 -103.01
N LEU D 2901 -99.81 3.83 -101.84
CA LEU D 2901 -98.87 4.88 -101.44
C LEU D 2901 -97.65 4.90 -102.35
N PHE D 2902 -97.12 3.71 -102.69
CA PHE D 2902 -96.00 3.65 -103.62
C PHE D 2902 -96.37 4.18 -105.00
N CYS D 2903 -97.55 3.81 -105.49
CA CYS D 2903 -97.99 4.28 -106.81
C CYS D 2903 -98.20 5.79 -106.83
N LYS D 2904 -98.79 6.34 -105.76
CA LYS D 2904 -99.05 7.77 -105.71
C LYS D 2904 -97.76 8.58 -105.57
N LEU D 2905 -96.82 8.10 -104.75
CA LEU D 2905 -95.54 8.78 -104.64
C LEU D 2905 -94.73 8.68 -105.92
N ALA D 2906 -94.81 7.56 -106.64
CA ALA D 2906 -94.11 7.44 -107.91
C ALA D 2906 -94.73 8.34 -108.97
N ALA D 2907 -96.06 8.48 -108.96
CA ALA D 2907 -96.72 9.38 -109.89
C ALA D 2907 -96.56 10.84 -109.51
N LEU D 2908 -96.18 11.13 -108.26
CA LEU D 2908 -96.03 12.51 -107.84
C LEU D 2908 -94.75 13.14 -108.39
N VAL D 2909 -93.73 12.34 -108.68
CA VAL D 2909 -92.45 12.86 -109.17
C VAL D 2909 -92.14 12.29 -110.54
N ARG D 2910 -93.17 12.08 -111.36
CA ARG D 2910 -92.97 11.48 -112.67
C ARG D 2910 -92.14 12.36 -113.58
N HIS D 2911 -92.27 13.69 -113.45
CA HIS D 2911 -91.37 14.59 -114.14
C HIS D 2911 -90.97 15.78 -113.29
N ARG D 2912 -91.38 15.84 -112.03
CA ARG D 2912 -91.16 17.01 -111.18
C ARG D 2912 -89.97 16.78 -110.27
N ILE D 2913 -88.79 16.76 -110.87
CA ILE D 2913 -87.54 16.63 -110.13
C ILE D 2913 -86.98 17.99 -109.75
N SER D 2914 -86.93 18.91 -110.71
CA SER D 2914 -86.47 20.27 -110.43
C SER D 2914 -87.45 21.03 -109.54
N LEU D 2915 -88.73 20.66 -109.55
CA LEU D 2915 -89.68 21.24 -108.61
C LEU D 2915 -89.34 20.86 -107.17
N PHE D 2916 -88.97 19.59 -106.95
CA PHE D 2916 -88.63 19.14 -105.62
C PHE D 2916 -87.27 19.67 -105.19
N GLY D 2917 -86.32 19.73 -106.11
CA GLY D 2917 -85.00 20.26 -105.80
C GLY D 2917 -84.19 19.36 -104.89
N SER D 2918 -83.99 19.78 -103.64
CA SER D 2918 -83.22 18.99 -102.69
C SER D 2918 -84.04 17.89 -102.03
N ASP D 2919 -85.37 17.93 -102.14
CA ASP D 2919 -86.24 16.90 -101.59
C ASP D 2919 -86.39 15.71 -102.52
N SER D 2920 -85.85 15.78 -103.73
CA SER D 2920 -85.91 14.67 -104.65
C SER D 2920 -85.12 13.47 -104.14
N THR D 2921 -84.03 13.70 -103.41
CA THR D 2921 -83.27 12.62 -102.82
C THR D 2921 -84.10 11.88 -101.77
N THR D 2922 -84.81 12.62 -100.92
CA THR D 2922 -85.68 12.01 -99.93
C THR D 2922 -86.83 11.26 -100.59
N MET D 2923 -87.39 11.83 -101.66
CA MET D 2923 -88.47 11.16 -102.38
C MET D 2923 -88.00 9.86 -103.02
N VAL D 2924 -86.81 9.87 -103.63
CA VAL D 2924 -86.28 8.67 -104.26
C VAL D 2924 -85.91 7.62 -103.22
N SER D 2925 -85.40 8.04 -102.06
CA SER D 2925 -85.12 7.09 -100.98
C SER D 2925 -86.40 6.45 -100.44
N CYS D 2926 -87.45 7.27 -100.29
CA CYS D 2926 -88.74 6.74 -99.83
C CYS D 2926 -89.33 5.77 -100.85
N LEU D 2927 -89.19 6.07 -102.14
CA LEU D 2927 -89.66 5.15 -103.17
C LEU D 2927 -88.81 3.87 -103.22
N HIS D 2928 -87.52 3.98 -102.91
CA HIS D 2928 -86.68 2.79 -102.80
C HIS D 2928 -87.14 1.89 -101.67
N ILE D 2929 -87.47 2.48 -100.52
CA ILE D 2929 -87.89 1.65 -99.39
C ILE D 2929 -89.32 1.16 -99.57
N LEU D 2930 -90.14 1.83 -100.38
CA LEU D 2930 -91.49 1.34 -100.65
C LEU D 2930 -91.50 0.28 -101.74
N ALA D 2931 -90.53 0.32 -102.65
CA ALA D 2931 -90.43 -0.70 -103.69
C ALA D 2931 -90.07 -2.07 -103.12
N GLN D 2932 -89.49 -2.11 -101.93
CA GLN D 2932 -89.08 -3.36 -101.30
C GLN D 2932 -90.08 -3.87 -100.27
N THR D 2933 -91.22 -3.21 -100.10
CA THR D 2933 -92.29 -3.69 -99.24
C THR D 2933 -93.50 -4.18 -100.01
N LEU D 2934 -93.44 -4.21 -101.34
CA LEU D 2934 -94.60 -4.53 -102.15
C LEU D 2934 -94.85 -6.03 -102.12
N ASP D 2935 -95.98 -6.42 -101.54
CA ASP D 2935 -96.48 -7.79 -101.64
C ASP D 2935 -97.54 -7.79 -102.75
N THR D 2936 -97.04 -7.77 -103.99
CA THR D 2936 -97.92 -7.63 -105.15
C THR D 2936 -98.77 -8.85 -105.40
N ARG D 2937 -98.39 -10.01 -104.85
CA ARG D 2937 -99.20 -11.22 -105.02
C ARG D 2937 -100.56 -11.06 -104.35
N THR D 2938 -100.57 -10.60 -103.09
CA THR D 2938 -101.82 -10.40 -102.37
C THR D 2938 -102.62 -9.24 -102.96
N VAL D 2939 -101.94 -8.18 -103.39
CA VAL D 2939 -102.62 -7.01 -103.93
C VAL D 2939 -103.30 -7.36 -105.25
N MET D 2940 -102.60 -8.06 -106.13
CA MET D 2940 -103.20 -8.45 -107.40
C MET D 2940 -104.22 -9.55 -107.23
N LYS D 2941 -104.06 -10.40 -106.22
CA LYS D 2941 -105.02 -11.48 -105.99
C LYS D 2941 -106.27 -10.98 -105.26
N SER D 2942 -106.08 -10.24 -104.16
CA SER D 2942 -107.18 -9.71 -103.35
C SER D 2942 -106.91 -8.23 -103.13
N GLY D 2943 -107.38 -7.39 -104.04
CA GLY D 2943 -107.22 -5.96 -103.91
C GLY D 2943 -108.27 -5.23 -104.72
N SER D 2944 -108.32 -3.92 -104.52
CA SER D 2944 -109.23 -3.11 -105.29
C SER D 2944 -108.73 -2.93 -106.72
N GLU D 2945 -109.66 -2.60 -107.62
CA GLU D 2945 -109.30 -2.44 -109.02
C GLU D 2945 -108.47 -1.18 -109.24
N LEU D 2946 -108.67 -0.16 -108.41
CA LEU D 2946 -107.93 1.09 -108.56
C LEU D 2946 -106.44 0.90 -108.29
N VAL D 2947 -106.10 0.09 -107.28
CA VAL D 2947 -104.69 -0.12 -106.94
C VAL D 2947 -103.99 -0.97 -108.00
N LYS D 2948 -104.68 -2.01 -108.51
CA LYS D 2948 -104.12 -2.81 -109.59
C LYS D 2948 -103.93 -1.97 -110.85
N ALA D 2949 -104.91 -1.11 -111.16
CA ALA D 2949 -104.78 -0.19 -112.27
C ALA D 2949 -103.63 0.78 -112.05
N GLY D 2950 -103.40 1.20 -110.81
CA GLY D 2950 -102.29 2.08 -110.52
C GLY D 2950 -100.94 1.42 -110.72
N LEU D 2951 -100.81 0.15 -110.32
CA LEU D 2951 -99.56 -0.59 -110.55
C LEU D 2951 -99.29 -0.79 -112.05
N ARG D 2952 -100.32 -1.21 -112.79
CA ARG D 2952 -100.17 -1.38 -114.23
C ARG D 2952 -99.88 -0.05 -114.92
N ALA D 2953 -100.48 1.04 -114.42
CA ALA D 2953 -100.21 2.36 -114.94
C ALA D 2953 -98.79 2.80 -114.64
N PHE D 2954 -98.25 2.42 -113.48
CA PHE D 2954 -96.86 2.73 -113.17
C PHE D 2954 -95.91 2.05 -114.15
N PHE D 2955 -96.16 0.77 -114.44
CA PHE D 2955 -95.31 0.07 -115.41
C PHE D 2955 -95.44 0.66 -116.80
N GLU D 2956 -96.67 1.01 -117.22
CA GLU D 2956 -96.87 1.61 -118.53
C GLU D 2956 -96.22 2.99 -118.62
N ASN D 2957 -96.28 3.77 -117.54
CA ASN D 2957 -95.64 5.08 -117.52
C ASN D 2957 -94.13 4.96 -117.60
N ALA D 2958 -93.55 3.98 -116.92
CA ALA D 2958 -92.11 3.74 -117.03
C ALA D 2958 -91.73 3.38 -118.47
N ALA D 2959 -92.54 2.53 -119.11
CA ALA D 2959 -92.28 2.18 -120.51
C ALA D 2959 -92.37 3.41 -121.42
N GLU D 2960 -93.38 4.26 -121.20
CA GLU D 2960 -93.54 5.47 -122.02
C GLU D 2960 -92.37 6.43 -121.83
N ASP D 2961 -91.92 6.62 -120.60
CA ASP D 2961 -90.81 7.53 -120.34
C ASP D 2961 -89.51 7.01 -120.94
N LEU D 2962 -89.28 5.69 -120.87
CA LEU D 2962 -88.10 5.12 -121.50
C LEU D 2962 -88.15 5.26 -123.02
N GLU D 2963 -89.34 5.07 -123.61
CA GLU D 2963 -89.48 5.26 -125.06
C GLU D 2963 -89.23 6.70 -125.47
N LYS D 2964 -89.73 7.66 -124.68
CA LYS D 2964 -89.48 9.08 -124.97
C LYS D 2964 -88.01 9.42 -124.85
N THR D 2965 -87.32 8.88 -123.83
CA THR D 2965 -85.89 9.11 -123.69
C THR D 2965 -85.11 8.52 -124.86
N SER D 2966 -85.49 7.32 -125.30
CA SER D 2966 -84.83 6.70 -126.45
C SER D 2966 -85.05 7.51 -127.73
N GLU D 2967 -86.27 8.00 -127.94
CA GLU D 2967 -86.56 8.80 -129.12
C GLU D 2967 -85.82 10.13 -129.09
N ASN D 2968 -85.70 10.75 -127.91
CA ASN D 2968 -84.94 11.99 -127.81
C ASN D 2968 -83.45 11.77 -128.04
N LEU D 2969 -82.92 10.63 -127.59
CA LEU D 2969 -81.50 10.36 -127.82
C LEU D 2969 -81.22 9.97 -129.27
N LYS D 2970 -82.16 9.32 -129.94
CA LYS D 2970 -81.97 8.99 -131.35
C LYS D 2970 -82.00 10.22 -132.24
N LEU D 2971 -82.81 11.21 -131.88
CA LEU D 2971 -82.95 12.43 -132.66
C LEU D 2971 -82.01 13.54 -132.21
N GLY D 2972 -81.13 13.28 -131.26
CA GLY D 2972 -80.18 14.28 -130.81
C GLY D 2972 -80.82 15.37 -129.96
N VAL D 2984 -86.14 17.50 -122.96
CA VAL D 2984 -84.96 16.71 -123.28
C VAL D 2984 -84.12 16.49 -122.03
N SER D 2985 -83.66 17.59 -121.42
CA SER D 2985 -82.85 17.49 -120.22
C SER D 2985 -83.68 17.02 -119.02
N GLN D 2986 -84.96 17.40 -118.97
CA GLN D 2986 -85.81 16.96 -117.87
C GLN D 2986 -86.06 15.46 -117.92
N ASN D 2987 -86.34 14.92 -119.12
CA ASN D 2987 -86.54 13.49 -119.27
C ASN D 2987 -85.27 12.71 -118.96
N ILE D 2988 -84.12 13.23 -119.41
CA ILE D 2988 -82.83 12.59 -119.14
C ILE D 2988 -82.54 12.56 -117.65
N ASN D 2989 -82.77 13.69 -116.97
CA ASN D 2989 -82.50 13.76 -115.54
C ASN D 2989 -83.45 12.87 -114.75
N TYR D 2990 -84.73 12.84 -115.12
CA TYR D 2990 -85.69 11.96 -114.45
C TYR D 2990 -85.33 10.49 -114.66
N THR D 2991 -84.93 10.13 -115.88
CA THR D 2991 -84.53 8.75 -116.16
C THR D 2991 -83.29 8.37 -115.36
N THR D 2992 -82.35 9.30 -115.21
CA THR D 2992 -81.13 9.02 -114.46
C THR D 2992 -81.39 8.86 -112.97
N VAL D 2993 -82.15 9.79 -112.38
CA VAL D 2993 -82.21 9.85 -110.92
C VAL D 2993 -83.47 9.27 -110.30
N ALA D 2994 -84.53 9.03 -111.08
CA ALA D 2994 -85.78 8.58 -110.46
C ALA D 2994 -86.52 7.53 -111.28
N LEU D 2995 -85.95 6.99 -112.35
CA LEU D 2995 -86.61 5.93 -113.09
C LEU D 2995 -85.81 4.64 -113.12
N LEU D 2996 -84.54 4.70 -113.52
CA LEU D 2996 -83.71 3.50 -113.54
C LEU D 2996 -83.46 2.90 -112.15
N PRO D 2997 -83.11 3.68 -111.09
CA PRO D 2997 -82.97 3.02 -109.77
C PRO D 2997 -84.25 2.43 -109.23
N ILE D 2998 -85.40 3.08 -109.45
CA ILE D 2998 -86.66 2.57 -108.92
C ILE D 2998 -87.11 1.33 -109.69
N LEU D 2999 -86.92 1.33 -111.01
CA LEU D 2999 -87.19 0.13 -111.80
C LEU D 2999 -86.27 -1.01 -111.39
N THR D 3000 -84.99 -0.70 -111.13
CA THR D 3000 -84.06 -1.72 -110.65
C THR D 3000 -84.50 -2.31 -109.33
N SER D 3001 -84.96 -1.46 -108.40
CA SER D 3001 -85.45 -1.93 -107.12
C SER D 3001 -86.69 -2.79 -107.27
N ILE D 3002 -87.61 -2.39 -108.16
CA ILE D 3002 -88.84 -3.15 -108.38
C ILE D 3002 -88.52 -4.52 -108.96
N PHE D 3003 -87.64 -4.58 -109.96
CA PHE D 3003 -87.30 -5.84 -110.59
C PHE D 3003 -86.51 -6.75 -109.65
N GLU D 3004 -85.62 -6.18 -108.84
CA GLU D 3004 -84.91 -6.98 -107.85
C GLU D 3004 -85.85 -7.50 -106.78
N HIS D 3005 -86.85 -6.70 -106.39
CA HIS D 3005 -87.81 -7.15 -105.39
C HIS D 3005 -88.69 -8.28 -105.92
N VAL D 3006 -89.16 -8.17 -107.16
CA VAL D 3006 -89.99 -9.24 -107.69
C VAL D 3006 -89.17 -10.47 -108.07
N ALA D 3007 -87.87 -10.31 -108.34
CA ALA D 3007 -87.03 -11.47 -108.58
C ALA D 3007 -86.66 -12.19 -107.29
N GLN D 3008 -86.44 -11.44 -106.21
CA GLN D 3008 -86.02 -12.05 -104.95
C GLN D 3008 -87.15 -12.84 -104.30
N HIS D 3009 -88.35 -12.30 -104.30
CA HIS D 3009 -89.50 -12.94 -103.67
C HIS D 3009 -90.32 -13.77 -104.64
N GLN D 3010 -89.86 -13.90 -105.89
CA GLN D 3010 -90.50 -14.71 -106.93
C GLN D 3010 -91.93 -14.25 -107.20
N PHE D 3011 -92.14 -12.94 -107.17
CA PHE D 3011 -93.44 -12.36 -107.52
C PHE D 3011 -93.62 -12.20 -109.03
N GLY D 3012 -92.54 -12.27 -109.80
CA GLY D 3012 -92.60 -11.95 -111.21
C GLY D 3012 -93.34 -12.95 -112.06
N VAL D 3013 -93.49 -14.18 -111.58
CA VAL D 3013 -94.23 -15.19 -112.32
C VAL D 3013 -95.72 -14.86 -112.32
N ASP D 3014 -96.25 -14.38 -111.20
CA ASP D 3014 -97.66 -14.05 -111.06
C ASP D 3014 -97.98 -12.59 -111.33
N LEU D 3015 -96.98 -11.76 -111.60
CA LEU D 3015 -97.19 -10.32 -111.79
C LEU D 3015 -97.03 -9.88 -113.24
N LEU D 3016 -95.95 -10.28 -113.89
CA LEU D 3016 -95.63 -9.80 -115.24
C LEU D 3016 -96.34 -10.63 -116.30
N LEU D 3017 -97.67 -10.57 -116.25
CA LEU D 3017 -98.54 -11.34 -117.14
C LEU D 3017 -99.53 -10.40 -117.81
N GLY D 3018 -99.66 -10.50 -119.11
CA GLY D 3018 -100.67 -9.75 -119.85
C GLY D 3018 -100.15 -8.37 -120.26
N ASP D 3019 -100.86 -7.33 -119.84
CA ASP D 3019 -100.48 -5.96 -120.20
C ASP D 3019 -99.17 -5.56 -119.55
N VAL D 3020 -98.93 -6.05 -118.32
CA VAL D 3020 -97.66 -5.80 -117.65
C VAL D 3020 -96.51 -6.44 -118.41
N GLN D 3021 -96.76 -7.61 -119.02
CA GLN D 3021 -95.72 -8.25 -119.81
C GLN D 3021 -95.40 -7.47 -121.07
N ILE D 3022 -96.42 -6.86 -121.70
CA ILE D 3022 -96.17 -6.01 -122.86
C ILE D 3022 -95.40 -4.76 -122.47
N SER D 3023 -95.73 -4.18 -121.31
CA SER D 3023 -94.98 -3.04 -120.81
C SER D 3023 -93.53 -3.43 -120.51
N CYS D 3024 -93.31 -4.63 -119.97
CA CYS D 3024 -91.97 -5.12 -119.74
C CYS D 3024 -91.21 -5.37 -121.04
N TYR D 3025 -91.93 -5.81 -122.09
CA TYR D 3025 -91.31 -5.92 -123.41
C TYR D 3025 -90.83 -4.57 -123.93
N HIS D 3026 -91.67 -3.54 -123.78
CA HIS D 3026 -91.27 -2.20 -124.20
C HIS D 3026 -90.09 -1.68 -123.39
N ILE D 3027 -90.12 -1.92 -122.08
CA ILE D 3027 -89.01 -1.53 -121.20
C ILE D 3027 -87.73 -2.23 -121.61
N LEU D 3028 -87.81 -3.53 -121.90
CA LEU D 3028 -86.65 -4.32 -122.30
C LEU D 3028 -86.05 -3.81 -123.60
N CYS D 3029 -86.91 -3.53 -124.60
CA CYS D 3029 -86.42 -3.02 -125.87
C CYS D 3029 -85.79 -1.65 -125.71
N SER D 3030 -86.42 -0.76 -124.92
CA SER D 3030 -85.85 0.56 -124.69
C SER D 3030 -84.51 0.49 -123.97
N LEU D 3031 -84.41 -0.35 -122.94
CA LEU D 3031 -83.18 -0.48 -122.18
C LEU D 3031 -82.05 -1.06 -123.04
N TYR D 3032 -82.36 -2.06 -123.86
CA TYR D 3032 -81.33 -2.63 -124.73
C TYR D 3032 -80.88 -1.62 -125.78
N SER D 3033 -81.81 -0.88 -126.38
CA SER D 3033 -81.45 0.10 -127.39
C SER D 3033 -80.64 1.25 -126.78
N LEU D 3034 -80.96 1.64 -125.55
CA LEU D 3034 -80.19 2.69 -124.90
C LEU D 3034 -78.80 2.21 -124.51
N GLY D 3035 -78.70 0.99 -123.96
CA GLY D 3035 -77.41 0.50 -123.51
C GLY D 3035 -76.45 0.20 -124.65
N THR D 3036 -76.95 -0.40 -125.73
CA THR D 3036 -76.08 -0.81 -126.82
C THR D 3036 -75.78 0.31 -127.81
N GLY D 3037 -76.40 1.48 -127.66
CA GLY D 3037 -76.16 2.59 -128.56
C GLY D 3037 -74.87 3.31 -128.26
N LYS D 3038 -74.57 4.30 -129.11
CA LYS D 3038 -73.35 5.11 -129.01
C LYS D 3038 -73.76 6.57 -129.00
N ASN D 3039 -73.94 7.14 -127.80
CA ASN D 3039 -74.30 8.54 -127.63
C ASN D 3039 -73.43 9.16 -126.54
N ILE D 3040 -73.65 10.45 -126.29
CA ILE D 3040 -72.96 11.12 -125.19
C ILE D 3040 -73.51 10.64 -123.86
N TYR D 3041 -74.83 10.47 -123.77
CA TYR D 3041 -75.46 10.04 -122.52
C TYR D 3041 -75.15 8.59 -122.18
N VAL D 3042 -74.98 7.74 -123.21
CA VAL D 3042 -74.83 6.31 -123.00
C VAL D 3042 -73.52 6.00 -122.28
N GLU D 3043 -72.45 6.71 -122.64
CA GLU D 3043 -71.13 6.45 -122.07
C GLU D 3043 -71.03 6.83 -120.59
N ARG D 3044 -71.99 7.58 -120.06
CA ARG D 3044 -72.00 7.94 -118.65
C ARG D 3044 -72.96 7.10 -117.82
N GLN D 3045 -74.01 6.57 -118.43
CA GLN D 3045 -75.05 5.82 -117.71
C GLN D 3045 -75.15 4.38 -118.19
N ARG D 3046 -74.13 3.87 -118.87
CA ARG D 3046 -74.12 2.46 -119.26
C ARG D 3046 -74.18 1.47 -118.10
N PRO D 3047 -73.45 1.64 -116.98
CA PRO D 3047 -73.64 0.69 -115.86
C PRO D 3047 -75.05 0.67 -115.29
N ALA D 3048 -75.74 1.81 -115.21
CA ALA D 3048 -77.09 1.83 -114.66
C ALA D 3048 -78.08 1.17 -115.62
N LEU D 3049 -77.92 1.40 -116.93
CA LEU D 3049 -78.76 0.73 -117.91
C LEU D 3049 -78.52 -0.77 -117.91
N GLY D 3050 -77.26 -1.19 -117.78
CA GLY D 3050 -76.96 -2.62 -117.69
C GLY D 3050 -77.51 -3.24 -116.42
N GLU D 3051 -77.46 -2.52 -115.31
CA GLU D 3051 -78.02 -3.02 -114.06
C GLU D 3051 -79.53 -3.18 -114.14
N CYS D 3052 -80.23 -2.20 -114.73
CA CYS D 3052 -81.67 -2.29 -114.87
C CYS D 3052 -82.07 -3.40 -115.84
N LEU D 3053 -81.32 -3.56 -116.94
CA LEU D 3053 -81.61 -4.62 -117.89
C LEU D 3053 -81.36 -6.00 -117.29
N ALA D 3054 -80.31 -6.14 -116.49
CA ALA D 3054 -80.03 -7.41 -115.84
C ALA D 3054 -81.04 -7.71 -114.74
N SER D 3055 -81.56 -6.68 -114.07
CA SER D 3055 -82.62 -6.89 -113.10
C SER D 3055 -83.91 -7.35 -113.78
N LEU D 3056 -84.22 -6.76 -114.94
CA LEU D 3056 -85.42 -7.17 -115.67
C LEU D 3056 -85.27 -8.58 -116.25
N ALA D 3057 -84.06 -8.94 -116.68
CA ALA D 3057 -83.83 -10.24 -117.31
C ALA D 3057 -84.02 -11.41 -116.35
N ALA D 3058 -83.92 -11.18 -115.05
CA ALA D 3058 -84.06 -12.22 -114.05
C ALA D 3058 -85.47 -12.28 -113.45
N ALA D 3059 -86.42 -11.52 -114.01
CA ALA D 3059 -87.75 -11.45 -113.43
C ALA D 3059 -88.84 -11.74 -114.45
N ILE D 3060 -88.61 -11.39 -115.71
CA ILE D 3060 -89.65 -11.55 -116.73
C ILE D 3060 -89.79 -13.03 -117.08
N PRO D 3061 -91.02 -13.57 -117.11
CA PRO D 3061 -91.17 -15.03 -117.24
C PRO D 3061 -91.20 -15.54 -118.66
N VAL D 3062 -90.74 -14.75 -119.63
CA VAL D 3062 -90.68 -15.22 -121.01
C VAL D 3062 -89.22 -15.22 -121.47
N ALA D 3063 -88.89 -16.17 -122.34
CA ALA D 3063 -87.54 -16.31 -122.89
C ALA D 3063 -87.45 -15.43 -124.13
N PHE D 3064 -87.06 -14.16 -123.92
CA PHE D 3064 -87.00 -13.20 -125.01
C PHE D 3064 -85.79 -13.41 -125.91
N LEU D 3065 -84.76 -14.10 -125.43
CA LEU D 3065 -83.63 -14.44 -126.28
C LEU D 3065 -83.85 -15.70 -127.08
N GLU D 3066 -84.92 -16.45 -126.79
CA GLU D 3066 -85.26 -17.68 -127.51
C GLU D 3066 -86.72 -17.63 -127.91
N PRO D 3067 -87.07 -16.85 -128.94
CA PRO D 3067 -88.48 -16.76 -129.34
C PRO D 3067 -88.99 -17.96 -130.11
N THR D 3068 -88.10 -18.87 -130.53
CA THR D 3068 -88.53 -20.03 -131.31
C THR D 3068 -89.37 -20.99 -130.48
N LEU D 3069 -88.98 -21.23 -129.24
CA LEU D 3069 -89.66 -22.18 -128.38
C LEU D 3069 -90.76 -21.54 -127.54
N ASN D 3070 -91.19 -20.33 -127.90
CA ASN D 3070 -92.17 -19.59 -127.11
C ASN D 3070 -93.54 -20.28 -127.06
N ARG D 3071 -93.81 -21.19 -128.00
CA ARG D 3071 -95.04 -21.96 -127.96
C ARG D 3071 -95.10 -22.90 -126.76
N TYR D 3072 -93.96 -23.24 -126.16
CA TYR D 3072 -93.93 -24.12 -125.00
C TYR D 3072 -93.94 -23.35 -123.68
N ASN D 3073 -94.07 -22.03 -123.72
CA ASN D 3073 -94.12 -21.22 -122.51
C ASN D 3073 -95.56 -20.85 -122.23
N PRO D 3074 -96.19 -21.39 -121.18
CA PRO D 3074 -97.60 -21.07 -120.93
C PRO D 3074 -97.82 -19.68 -120.36
N LEU D 3075 -96.78 -19.05 -119.80
CA LEU D 3075 -96.91 -17.75 -119.17
C LEU D 3075 -96.78 -16.60 -120.15
N SER D 3076 -96.54 -16.88 -121.43
CA SER D 3076 -96.43 -15.83 -122.43
C SER D 3076 -97.81 -15.28 -122.77
N VAL D 3077 -97.83 -14.02 -123.20
CA VAL D 3077 -99.08 -13.39 -123.59
C VAL D 3077 -99.58 -13.93 -124.93
N PHE D 3078 -98.69 -14.52 -125.74
CA PHE D 3078 -99.10 -15.13 -127.00
C PHE D 3078 -99.80 -16.46 -126.79
N ASN D 3079 -99.36 -17.22 -125.79
CA ASN D 3079 -99.96 -18.52 -125.50
C ASN D 3079 -101.21 -18.40 -124.62
N THR D 3080 -101.51 -17.21 -124.12
CA THR D 3080 -102.68 -16.98 -123.28
C THR D 3080 -103.78 -16.22 -124.00
N LYS D 3081 -103.47 -15.05 -124.54
CA LYS D 3081 -104.48 -14.22 -125.16
C LYS D 3081 -104.73 -14.64 -126.61
N THR D 3082 -105.97 -14.49 -127.05
CA THR D 3082 -106.35 -14.81 -128.41
C THR D 3082 -105.74 -13.80 -129.38
N PRO D 3083 -105.56 -14.19 -130.65
CA PRO D 3083 -105.06 -13.23 -131.65
C PRO D 3083 -105.94 -12.01 -131.84
N ARG D 3084 -107.25 -12.15 -131.63
CA ARG D 3084 -108.15 -10.98 -131.67
C ARG D 3084 -107.83 -10.00 -130.55
N GLU D 3085 -107.58 -10.51 -129.34
CA GLU D 3085 -107.23 -9.65 -128.21
C GLU D 3085 -105.89 -8.96 -128.44
N ARG D 3086 -104.90 -9.69 -128.96
CA ARG D 3086 -103.60 -9.08 -129.22
C ARG D 3086 -103.64 -8.13 -130.41
N SER D 3087 -104.59 -8.29 -131.32
CA SER D 3087 -104.81 -7.30 -132.37
C SER D 3087 -105.51 -6.05 -131.82
N ILE D 3088 -106.41 -6.23 -130.86
CA ILE D 3088 -107.05 -5.09 -130.19
C ILE D 3088 -106.01 -4.29 -129.41
N LEU D 3089 -105.11 -4.98 -128.71
CA LEU D 3089 -104.07 -4.31 -127.94
C LEU D 3089 -103.04 -3.63 -128.83
N GLY D 3090 -102.95 -4.00 -130.10
CA GLY D 3090 -102.02 -3.38 -131.03
C GLY D 3090 -100.66 -4.05 -131.12
N MET D 3091 -100.39 -5.04 -130.28
CA MET D 3091 -99.13 -5.75 -130.37
C MET D 3091 -99.12 -6.67 -131.59
N PRO D 3092 -97.96 -6.94 -132.17
CA PRO D 3092 -97.91 -7.82 -133.34
C PRO D 3092 -98.27 -9.26 -132.99
N ASP D 3093 -98.73 -9.98 -134.01
CA ASP D 3093 -99.21 -11.34 -133.84
C ASP D 3093 -98.10 -12.38 -133.86
N THR D 3094 -96.85 -11.96 -134.05
CA THR D 3094 -95.71 -12.87 -134.09
C THR D 3094 -94.77 -12.54 -132.92
N VAL D 3095 -94.26 -13.59 -132.27
CA VAL D 3095 -93.39 -13.39 -131.12
C VAL D 3095 -91.98 -12.99 -131.55
N GLU D 3096 -91.60 -13.22 -132.81
CA GLU D 3096 -90.30 -12.82 -133.30
C GLU D 3096 -90.21 -11.32 -133.60
N GLU D 3097 -91.34 -10.61 -133.57
CA GLU D 3097 -91.39 -9.19 -133.86
C GLU D 3097 -91.41 -8.32 -132.60
N MET D 3098 -91.41 -8.92 -131.42
CA MET D 3098 -91.45 -8.14 -130.18
C MET D 3098 -90.10 -7.50 -129.88
N CYS D 3099 -89.01 -8.20 -130.14
CA CYS D 3099 -87.66 -7.70 -129.90
C CYS D 3099 -86.85 -7.86 -131.17
N PRO D 3100 -87.02 -6.94 -132.13
CA PRO D 3100 -86.31 -7.09 -133.41
C PRO D 3100 -84.83 -6.68 -133.33
N ASP D 3101 -84.50 -5.77 -132.41
CA ASP D 3101 -83.14 -5.28 -132.28
C ASP D 3101 -82.31 -6.06 -131.27
N ILE D 3102 -82.90 -7.02 -130.57
CA ILE D 3102 -82.21 -7.84 -129.59
C ILE D 3102 -81.78 -9.14 -130.26
N PRO D 3103 -80.49 -9.46 -130.31
CA PRO D 3103 -80.06 -10.72 -130.91
C PRO D 3103 -80.51 -11.92 -130.10
N GLN D 3104 -80.56 -13.07 -130.76
CA GLN D 3104 -80.95 -14.29 -130.10
C GLN D 3104 -79.79 -14.84 -129.27
N LEU D 3105 -80.05 -15.95 -128.57
CA LEU D 3105 -79.09 -16.49 -127.61
C LEU D 3105 -77.83 -17.00 -128.30
N GLU D 3106 -77.99 -17.69 -129.43
CA GLU D 3106 -76.84 -18.23 -130.15
C GLU D 3106 -75.95 -17.12 -130.70
N GLY D 3107 -76.55 -16.06 -131.24
CA GLY D 3107 -75.76 -14.95 -131.75
C GLY D 3107 -75.01 -14.21 -130.66
N LEU D 3108 -75.65 -13.98 -129.52
CA LEU D 3108 -75.00 -13.32 -128.39
C LEU D 3108 -73.84 -14.16 -127.85
N MET D 3109 -74.06 -15.47 -127.70
CA MET D 3109 -73.00 -16.33 -127.18
C MET D 3109 -71.84 -16.45 -128.16
N LYS D 3110 -72.13 -16.51 -129.47
CA LYS D 3110 -71.07 -16.53 -130.47
C LYS D 3110 -70.29 -15.21 -130.47
N GLU D 3111 -70.99 -14.09 -130.31
CA GLU D 3111 -70.32 -12.78 -130.25
C GLU D 3111 -69.39 -12.69 -129.04
N ILE D 3112 -69.86 -13.14 -127.87
CA ILE D 3112 -69.05 -13.09 -126.67
C ILE D 3112 -67.87 -14.03 -126.76
N SER D 3113 -68.06 -15.22 -127.35
CA SER D 3113 -66.96 -16.16 -127.54
C SER D 3113 -65.91 -15.60 -128.50
N ASP D 3114 -66.35 -14.98 -129.60
CA ASP D 3114 -65.41 -14.41 -130.54
C ASP D 3114 -64.68 -13.20 -129.97
N LEU D 3115 -65.33 -12.44 -129.10
CA LEU D 3115 -64.65 -11.31 -128.46
C LEU D 3115 -63.68 -11.77 -127.39
N ALA D 3116 -63.99 -12.86 -126.68
CA ALA D 3116 -63.08 -13.36 -125.66
C ALA D 3116 -61.87 -14.05 -126.29
N GLU D 3117 -62.08 -14.80 -127.36
CA GLU D 3117 -60.98 -15.52 -128.00
C GLU D 3117 -60.08 -14.61 -128.83
N SER D 3118 -60.48 -13.37 -129.10
CA SER D 3118 -59.68 -12.46 -129.89
C SER D 3118 -58.73 -11.60 -129.07
N GLY D 3119 -58.79 -11.69 -127.75
CA GLY D 3119 -57.96 -10.85 -126.89
C GLY D 3119 -58.31 -9.38 -126.96
N ALA D 3120 -59.60 -9.06 -127.05
CA ALA D 3120 -60.02 -7.67 -127.18
C ALA D 3120 -59.89 -6.95 -125.85
N ARG D 3121 -59.73 -5.63 -125.93
CA ARG D 3121 -59.72 -4.77 -124.76
C ARG D 3121 -61.13 -4.27 -124.46
N TYR D 3122 -61.26 -3.58 -123.31
CA TYR D 3122 -62.55 -3.04 -122.91
C TYR D 3122 -63.00 -1.90 -123.82
N THR D 3123 -62.04 -1.18 -124.42
CA THR D 3123 -62.39 -0.08 -125.31
C THR D 3123 -63.06 -0.57 -126.58
N GLU D 3124 -62.77 -1.80 -127.00
CA GLU D 3124 -63.44 -2.37 -128.16
C GLU D 3124 -64.86 -2.83 -127.83
N MET D 3125 -65.09 -3.33 -126.61
CA MET D 3125 -66.38 -3.90 -126.22
C MET D 3125 -66.85 -3.34 -124.88
N PRO D 3126 -67.28 -2.06 -124.85
CA PRO D 3126 -67.83 -1.53 -123.59
C PRO D 3126 -69.23 -2.03 -123.30
N HIS D 3127 -70.10 -2.06 -124.30
CA HIS D 3127 -71.49 -2.46 -124.13
C HIS D 3127 -71.65 -3.97 -124.02
N VAL D 3128 -70.70 -4.75 -124.55
CA VAL D 3128 -70.74 -6.18 -124.38
C VAL D 3128 -70.45 -6.55 -122.92
N ILE D 3129 -69.47 -5.88 -122.32
CA ILE D 3129 -69.13 -6.16 -120.93
C ILE D 3129 -70.17 -5.59 -119.98
N GLU D 3130 -70.62 -4.36 -120.22
CA GLU D 3130 -71.42 -3.65 -119.23
C GLU D 3130 -72.93 -3.74 -119.43
N VAL D 3131 -73.40 -4.27 -120.55
CA VAL D 3131 -74.84 -4.38 -120.78
C VAL D 3131 -75.23 -5.82 -121.13
N ILE D 3132 -74.57 -6.38 -122.15
CA ILE D 3132 -74.97 -7.69 -122.65
C ILE D 3132 -74.62 -8.80 -121.66
N LEU D 3133 -73.41 -8.75 -121.11
CA LEU D 3133 -72.95 -9.83 -120.23
C LEU D 3133 -73.74 -9.96 -118.93
N PRO D 3134 -74.06 -8.88 -118.17
CA PRO D 3134 -74.90 -9.10 -116.97
C PRO D 3134 -76.29 -9.60 -117.28
N MET D 3135 -76.90 -9.09 -118.35
CA MET D 3135 -78.20 -9.56 -118.77
C MET D 3135 -78.15 -11.04 -119.15
N LEU D 3136 -77.10 -11.45 -119.84
CA LEU D 3136 -76.96 -12.85 -120.23
C LEU D 3136 -76.74 -13.75 -119.01
N CYS D 3137 -75.95 -13.28 -118.03
CA CYS D 3137 -75.73 -14.07 -116.82
C CYS D 3137 -77.03 -14.26 -116.05
N ASN D 3138 -77.81 -13.18 -115.88
CA ASN D 3138 -79.08 -13.31 -115.16
C ASN D 3138 -80.09 -14.14 -115.94
N TYR D 3139 -80.10 -14.02 -117.26
CA TYR D 3139 -81.00 -14.80 -118.10
C TYR D 3139 -80.68 -16.28 -118.02
N LEU D 3140 -79.40 -16.65 -118.11
CA LEU D 3140 -79.01 -18.05 -118.03
C LEU D 3140 -79.27 -18.62 -116.64
N SER D 3141 -79.02 -17.82 -115.59
CA SER D 3141 -79.31 -18.27 -114.24
C SER D 3141 -80.81 -18.48 -114.03
N TYR D 3142 -81.64 -17.62 -114.61
CA TYR D 3142 -83.08 -17.79 -114.49
C TYR D 3142 -83.57 -19.02 -115.25
N TRP D 3143 -83.14 -19.17 -116.51
CA TRP D 3143 -83.72 -20.18 -117.38
C TRP D 3143 -82.98 -21.50 -117.36
N TRP D 3144 -81.94 -21.65 -116.54
CA TRP D 3144 -81.39 -22.98 -116.32
C TRP D 3144 -82.38 -23.85 -115.56
N GLU D 3145 -83.12 -23.27 -114.62
CA GLU D 3145 -84.03 -24.03 -113.78
C GLU D 3145 -85.27 -24.48 -114.53
N ARG D 3146 -85.60 -23.85 -115.65
CA ARG D 3146 -86.77 -24.20 -116.43
C ARG D 3146 -86.40 -24.85 -117.76
N GLY D 3147 -85.30 -25.61 -117.77
CA GLY D 3147 -84.80 -26.20 -118.98
C GLY D 3147 -84.61 -27.70 -118.87
N PRO D 3148 -83.79 -28.25 -119.77
CA PRO D 3148 -83.66 -29.72 -119.83
C PRO D 3148 -82.93 -30.34 -118.66
N GLU D 3149 -81.81 -29.74 -118.23
CA GLU D 3149 -80.99 -30.39 -117.21
C GLU D 3149 -81.58 -30.29 -115.81
N HIS D 3150 -82.39 -29.27 -115.53
CA HIS D 3150 -82.99 -29.16 -114.20
C HIS D 3150 -84.13 -30.15 -114.00
N LEU D 3151 -84.77 -30.58 -115.09
CA LEU D 3151 -85.89 -31.50 -115.00
C LEU D 3151 -85.52 -32.84 -115.62
N PRO D 3152 -85.17 -33.85 -114.82
CA PRO D 3152 -84.89 -35.19 -115.38
C PRO D 3152 -86.10 -35.82 -116.04
N PRO D 3153 -87.35 -35.62 -115.58
CA PRO D 3153 -88.48 -35.93 -116.46
C PRO D 3153 -88.58 -34.92 -117.60
N SER D 3154 -89.08 -35.42 -118.73
CA SER D 3154 -89.27 -34.55 -119.90
C SER D 3154 -90.35 -33.51 -119.64
N THR D 3155 -91.52 -33.96 -119.16
CA THR D 3155 -92.71 -33.11 -118.93
C THR D 3155 -93.08 -32.31 -120.18
N GLY D 3156 -93.03 -32.97 -121.33
CA GLY D 3156 -93.25 -32.31 -122.59
C GLY D 3156 -92.03 -31.53 -123.04
N PRO D 3157 -92.16 -30.76 -124.12
CA PRO D 3157 -91.05 -29.91 -124.55
C PRO D 3157 -90.83 -28.76 -123.57
N TRP D 3158 -89.60 -28.27 -123.54
CA TRP D 3158 -89.27 -27.12 -122.71
C TRP D 3158 -89.31 -25.84 -123.54
N CYS D 3159 -89.49 -24.72 -122.85
CA CYS D 3159 -89.52 -23.41 -123.48
C CYS D 3159 -88.15 -22.80 -123.66
N THR D 3160 -87.09 -23.52 -123.29
CA THR D 3160 -85.74 -23.03 -123.43
C THR D 3160 -84.79 -24.20 -123.64
N LYS D 3161 -83.58 -23.89 -124.11
CA LYS D 3161 -82.54 -24.88 -124.33
C LYS D 3161 -81.30 -24.60 -123.47
N VAL D 3162 -81.48 -23.91 -122.35
CA VAL D 3162 -80.35 -23.54 -121.50
C VAL D 3162 -79.98 -24.73 -120.61
N THR D 3163 -78.74 -25.17 -120.72
CA THR D 3163 -78.16 -26.21 -119.88
C THR D 3163 -76.95 -25.65 -119.16
N SER D 3164 -76.28 -26.51 -118.38
CA SER D 3164 -75.08 -26.07 -117.67
C SER D 3164 -73.90 -25.86 -118.61
N GLU D 3165 -73.96 -26.39 -119.83
CA GLU D 3165 -72.90 -26.16 -120.80
C GLU D 3165 -72.80 -24.69 -121.19
N HIS D 3166 -73.95 -24.04 -121.39
CA HIS D 3166 -73.95 -22.62 -121.72
C HIS D 3166 -73.38 -21.79 -120.60
N LEU D 3167 -73.75 -22.11 -119.35
CA LEU D 3167 -73.24 -21.37 -118.20
C LEU D 3167 -71.73 -21.58 -118.03
N SER D 3168 -71.25 -22.81 -118.24
CA SER D 3168 -69.82 -23.08 -118.16
C SER D 3168 -69.04 -22.35 -119.25
N VAL D 3169 -69.57 -22.33 -120.48
CA VAL D 3169 -68.92 -21.63 -121.57
C VAL D 3169 -68.88 -20.12 -121.32
N ILE D 3170 -69.98 -19.56 -120.81
CA ILE D 3170 -70.02 -18.13 -120.53
C ILE D 3170 -69.07 -17.76 -119.39
N LEU D 3171 -68.98 -18.61 -118.37
CA LEU D 3171 -68.02 -18.36 -117.30
C LEU D 3171 -66.58 -18.45 -117.79
N GLY D 3172 -66.29 -19.40 -118.69
CA GLY D 3172 -64.96 -19.47 -119.28
C GLY D 3172 -64.64 -18.25 -120.13
N ASN D 3173 -65.64 -17.73 -120.83
CA ASN D 3173 -65.45 -16.50 -121.60
C ASN D 3173 -65.19 -15.31 -120.69
N ILE D 3174 -65.90 -15.23 -119.56
CA ILE D 3174 -65.67 -14.16 -118.60
C ILE D 3174 -64.26 -14.23 -118.03
N LEU D 3175 -63.81 -15.45 -117.69
CA LEU D 3175 -62.45 -15.62 -117.19
C LEU D 3175 -61.41 -15.27 -118.24
N LYS D 3176 -61.66 -15.61 -119.50
CA LYS D 3176 -60.74 -15.23 -120.57
C LYS D 3176 -60.71 -13.72 -120.77
N ILE D 3177 -61.86 -13.06 -120.66
CA ILE D 3177 -61.93 -11.61 -120.81
C ILE D 3177 -61.15 -10.92 -119.69
N ILE D 3178 -61.31 -11.41 -118.45
CA ILE D 3178 -60.54 -10.87 -117.33
C ILE D 3178 -59.05 -11.14 -117.51
N ASN D 3179 -58.70 -12.33 -118.01
CA ASN D 3179 -57.31 -12.69 -118.24
C ASN D 3179 -56.67 -11.83 -119.32
N ASN D 3180 -57.45 -11.40 -120.32
CA ASN D 3180 -56.90 -10.56 -121.37
C ASN D 3180 -56.54 -9.18 -120.85
N ASN D 3181 -57.41 -8.58 -120.04
CA ASN D 3181 -57.20 -7.22 -119.55
C ASN D 3181 -56.51 -7.21 -118.19
N LEU D 3182 -55.38 -7.91 -118.08
CA LEU D 3182 -54.62 -7.95 -116.84
C LEU D 3182 -53.47 -6.96 -116.91
N GLY D 3183 -53.35 -6.13 -115.88
CA GLY D 3183 -52.26 -5.17 -115.80
C GLY D 3183 -52.48 -3.86 -116.51
N ILE D 3184 -53.68 -3.60 -117.03
CA ILE D 3184 -53.96 -2.34 -117.70
C ILE D 3184 -54.17 -1.27 -116.63
N ASP D 3185 -54.18 0.00 -117.05
CA ASP D 3185 -54.17 1.10 -116.10
C ASP D 3185 -55.52 1.25 -115.40
N GLU D 3186 -56.58 1.50 -116.17
CA GLU D 3186 -57.90 1.78 -115.60
C GLU D 3186 -58.88 0.72 -116.09
N ALA D 3187 -59.49 0.01 -115.14
CA ALA D 3187 -60.57 -0.93 -115.44
C ALA D 3187 -61.49 -0.98 -114.24
N SER D 3188 -62.53 -0.14 -114.25
CA SER D 3188 -63.50 -0.09 -113.18
C SER D 3188 -64.68 -1.01 -113.42
N TRP D 3189 -64.70 -1.73 -114.53
CA TRP D 3189 -65.75 -2.68 -114.84
C TRP D 3189 -65.51 -4.04 -114.20
N MET D 3190 -64.33 -4.27 -113.63
CA MET D 3190 -64.00 -5.57 -113.05
C MET D 3190 -64.80 -5.82 -111.78
N LYS D 3191 -64.98 -4.79 -110.96
CA LYS D 3191 -65.74 -4.94 -109.72
C LYS D 3191 -67.22 -5.16 -109.96
N ARG D 3192 -67.71 -4.85 -111.16
CA ARG D 3192 -69.08 -5.17 -111.54
C ARG D 3192 -69.19 -6.57 -112.12
N ILE D 3193 -68.24 -6.96 -112.98
CA ILE D 3193 -68.29 -8.28 -113.59
C ILE D 3193 -67.96 -9.38 -112.59
N ALA D 3194 -67.32 -9.04 -111.46
CA ALA D 3194 -67.15 -10.01 -110.39
C ALA D 3194 -68.45 -10.27 -109.64
N VAL D 3195 -69.40 -9.35 -109.69
CA VAL D 3195 -70.66 -9.49 -108.97
C VAL D 3195 -71.75 -10.05 -109.87
N TYR D 3196 -71.78 -9.64 -111.15
CA TYR D 3196 -72.80 -10.13 -112.06
C TYR D 3196 -72.57 -11.59 -112.46
N ALA D 3197 -71.33 -12.07 -112.41
CA ALA D 3197 -71.02 -13.42 -112.85
C ALA D 3197 -71.27 -14.47 -111.79
N GLN D 3198 -71.70 -14.09 -110.59
CA GLN D 3198 -71.88 -15.06 -109.50
C GLN D 3198 -72.92 -16.15 -109.76
N PRO D 3199 -74.17 -15.87 -110.19
CA PRO D 3199 -75.18 -16.94 -110.18
C PRO D 3199 -74.94 -18.06 -111.20
N ILE D 3200 -74.00 -17.90 -112.12
CA ILE D 3200 -73.67 -18.97 -113.06
C ILE D 3200 -72.47 -19.80 -112.62
N ILE D 3201 -71.85 -19.47 -111.48
CA ILE D 3201 -70.69 -20.25 -111.05
C ILE D 3201 -71.10 -21.61 -110.48
N SER D 3202 -72.33 -21.74 -109.98
CA SER D 3202 -72.77 -23.00 -109.39
C SER D 3202 -72.91 -24.11 -110.41
N LYS D 3203 -73.01 -23.79 -111.71
CA LYS D 3203 -73.13 -24.79 -112.75
C LYS D 3203 -71.85 -24.90 -113.59
N ALA D 3204 -70.74 -24.40 -113.08
CA ALA D 3204 -69.47 -24.50 -113.79
C ALA D 3204 -68.98 -25.94 -113.78
N ARG D 3205 -68.56 -26.41 -114.96
CA ARG D 3205 -68.10 -27.77 -115.11
C ARG D 3205 -66.64 -27.90 -114.67
N PRO D 3206 -66.21 -29.09 -114.24
CA PRO D 3206 -64.85 -29.23 -113.68
C PRO D 3206 -63.72 -29.09 -114.69
N ASP D 3207 -64.00 -28.89 -115.97
CA ASP D 3207 -62.93 -28.68 -116.94
C ASP D 3207 -62.37 -27.25 -116.91
N LEU D 3208 -62.99 -26.34 -116.16
CA LEU D 3208 -62.54 -24.96 -116.10
C LEU D 3208 -61.28 -24.79 -115.26
N LEU D 3209 -60.93 -25.78 -114.44
CA LEU D 3209 -59.78 -25.63 -113.56
C LEU D 3209 -58.47 -25.63 -114.32
N LYS D 3210 -58.29 -26.60 -115.22
CA LYS D 3210 -57.02 -26.72 -115.94
C LYS D 3210 -56.92 -25.76 -117.11
N SER D 3211 -58.01 -25.14 -117.52
CA SER D 3211 -58.02 -24.29 -118.71
C SER D 3211 -58.16 -22.81 -118.41
N HIS D 3212 -58.86 -22.42 -117.36
CA HIS D 3212 -59.11 -21.01 -117.11
C HIS D 3212 -58.64 -20.51 -115.75
N PHE D 3213 -58.88 -21.26 -114.68
CA PHE D 3213 -58.56 -20.75 -113.34
C PHE D 3213 -57.07 -20.81 -113.06
N ILE D 3214 -56.43 -21.93 -113.37
CA ILE D 3214 -55.00 -22.12 -113.13
C ILE D 3214 -54.12 -21.17 -113.96
N PRO D 3215 -54.33 -20.98 -115.28
CA PRO D 3215 -53.51 -19.99 -115.99
C PRO D 3215 -53.70 -18.55 -115.51
N THR D 3216 -54.94 -18.16 -115.17
CA THR D 3216 -55.17 -16.81 -114.66
C THR D 3216 -54.49 -16.60 -113.31
N LEU D 3217 -54.60 -17.58 -112.42
CA LEU D 3217 -53.93 -17.49 -111.13
C LEU D 3217 -52.41 -17.53 -111.28
N GLU D 3218 -51.91 -18.26 -112.27
CA GLU D 3218 -50.48 -18.28 -112.52
C GLU D 3218 -49.98 -16.92 -113.01
N LYS D 3219 -50.74 -16.26 -113.89
CA LYS D 3219 -50.38 -14.91 -114.31
C LYS D 3219 -50.40 -13.93 -113.15
N LEU D 3220 -51.42 -14.01 -112.30
CA LEU D 3220 -51.48 -13.15 -111.12
C LEU D 3220 -50.33 -13.42 -110.16
N LYS D 3221 -49.96 -14.69 -110.00
CA LYS D 3221 -48.85 -15.05 -109.12
C LYS D 3221 -47.52 -14.55 -109.67
N LYS D 3222 -47.33 -14.62 -110.99
CA LYS D 3222 -46.10 -14.11 -111.59
C LYS D 3222 -46.01 -12.59 -111.44
N LYS D 3223 -47.13 -11.89 -111.62
CA LYS D 3223 -47.14 -10.45 -111.39
C LYS D 3223 -46.83 -10.12 -109.93
N ALA D 3224 -47.37 -10.92 -109.01
CA ALA D 3224 -47.14 -10.70 -107.58
C ALA D 3224 -45.67 -10.93 -107.20
N VAL D 3225 -45.06 -12.01 -107.72
CA VAL D 3225 -43.66 -12.26 -107.37
C VAL D 3225 -42.76 -11.21 -108.01
N LYS D 3226 -43.10 -10.71 -109.20
CA LYS D 3226 -42.32 -9.64 -109.81
C LYS D 3226 -42.41 -8.36 -108.99
N THR D 3227 -43.61 -8.01 -108.53
CA THR D 3227 -43.79 -6.79 -107.74
C THR D 3227 -43.08 -6.89 -106.39
N VAL D 3228 -43.15 -8.06 -105.75
CA VAL D 3228 -42.48 -8.25 -104.47
C VAL D 3228 -40.96 -8.21 -104.62
N GLN D 3229 -40.44 -8.82 -105.69
CA GLN D 3229 -39.01 -8.77 -105.95
C GLN D 3229 -38.54 -7.34 -106.23
N GLU D 3230 -39.33 -6.57 -106.98
CA GLU D 3230 -38.99 -5.17 -107.23
C GLU D 3230 -39.01 -4.35 -105.93
N GLU D 3231 -39.99 -4.60 -105.06
CA GLU D 3231 -40.06 -3.91 -103.79
C GLU D 3231 -38.86 -4.24 -102.91
N GLU D 3232 -38.45 -5.51 -102.90
CA GLU D 3232 -37.29 -5.91 -102.08
C GLU D 3232 -36.00 -5.32 -102.62
N GLN D 3233 -35.81 -5.31 -103.95
CA GLN D 3233 -34.60 -4.73 -104.50
C GLN D 3233 -34.59 -3.21 -104.40
N LEU D 3234 -35.77 -2.58 -104.30
CA LEU D 3234 -35.81 -1.15 -104.00
C LEU D 3234 -35.44 -0.89 -102.54
N LYS D 3235 -36.00 -1.68 -101.62
CA LYS D 3235 -35.72 -1.49 -100.20
C LYS D 3235 -34.31 -1.93 -99.81
N ALA D 3236 -33.61 -2.66 -100.69
CA ALA D 3236 -32.23 -3.03 -100.41
C ALA D 3236 -31.33 -1.79 -100.37
N ASP D 3237 -31.55 -0.85 -101.29
CA ASP D 3237 -30.75 0.37 -101.34
C ASP D 3237 -31.30 1.39 -100.35
N THR D 3238 -30.42 1.94 -99.51
CA THR D 3238 -30.79 2.93 -98.51
C THR D 3238 -30.54 4.35 -98.98
N LYS D 3239 -30.08 4.55 -100.21
CA LYS D 3239 -29.80 5.88 -100.73
C LYS D 3239 -30.37 6.00 -102.14
N GLY D 3240 -30.65 7.24 -102.53
CA GLY D 3240 -31.17 7.53 -103.85
C GLY D 3240 -32.58 8.10 -103.79
N ASP D 3241 -33.07 8.49 -104.96
CA ASP D 3241 -34.42 9.04 -105.12
C ASP D 3241 -35.40 7.89 -105.19
N THR D 3242 -35.92 7.49 -104.03
CA THR D 3242 -36.80 6.33 -103.93
C THR D 3242 -38.27 6.70 -103.87
N GLN D 3243 -38.62 7.98 -103.97
CA GLN D 3243 -40.02 8.38 -103.88
C GLN D 3243 -40.79 7.96 -105.13
N GLU D 3244 -40.23 8.22 -106.32
CA GLU D 3244 -40.90 7.85 -107.56
C GLU D 3244 -41.00 6.34 -107.70
N ALA D 3245 -39.94 5.61 -107.30
CA ALA D 3245 -39.99 4.15 -107.33
C ALA D 3245 -41.02 3.61 -106.34
N GLU D 3246 -41.15 4.24 -105.18
CA GLU D 3246 -42.18 3.84 -104.22
C GLU D 3246 -43.57 4.07 -104.78
N LEU D 3247 -43.79 5.20 -105.46
CA LEU D 3247 -45.09 5.44 -106.08
C LEU D 3247 -45.38 4.43 -107.19
N LEU D 3248 -44.37 4.08 -107.98
CA LEU D 3248 -44.55 3.08 -109.03
C LEU D 3248 -44.88 1.71 -108.45
N ILE D 3249 -44.20 1.32 -107.37
CA ILE D 3249 -44.47 0.06 -106.71
C ILE D 3249 -45.88 0.05 -106.13
N LEU D 3250 -46.30 1.17 -105.53
CA LEU D 3250 -47.65 1.27 -104.98
C LEU D 3250 -48.70 1.18 -106.06
N ASP D 3251 -48.46 1.80 -107.22
CA ASP D 3251 -49.40 1.69 -108.33
C ASP D 3251 -49.48 0.26 -108.87
N GLU D 3252 -48.33 -0.43 -108.95
CA GLU D 3252 -48.33 -1.82 -109.39
C GLU D 3252 -49.09 -2.69 -108.41
N PHE D 3253 -48.93 -2.45 -107.11
CA PHE D 3253 -49.67 -3.20 -106.10
C PHE D 3253 -51.16 -2.92 -106.18
N ALA D 3254 -51.55 -1.67 -106.46
CA ALA D 3254 -52.96 -1.35 -106.62
C ALA D 3254 -53.58 -2.05 -107.83
N VAL D 3255 -52.85 -2.08 -108.95
CA VAL D 3255 -53.32 -2.80 -110.13
C VAL D 3255 -53.45 -4.29 -109.84
N LEU D 3256 -52.46 -4.85 -109.13
CA LEU D 3256 -52.49 -6.26 -108.77
C LEU D 3256 -53.68 -6.58 -107.86
N CYS D 3257 -53.97 -5.70 -106.90
CA CYS D 3257 -55.10 -5.93 -105.99
C CYS D 3257 -56.43 -5.81 -106.73
N ARG D 3258 -56.51 -4.89 -107.69
CA ARG D 3258 -57.73 -4.79 -108.50
C ARG D 3258 -57.96 -6.05 -109.32
N ASP D 3259 -56.91 -6.57 -109.95
CA ASP D 3259 -57.05 -7.81 -110.72
C ASP D 3259 -57.35 -9.00 -109.83
N LEU D 3260 -56.73 -9.06 -108.64
CA LEU D 3260 -56.99 -10.14 -107.70
C LEU D 3260 -58.42 -10.13 -107.20
N TYR D 3261 -58.97 -8.95 -106.89
CA TYR D 3261 -60.35 -8.87 -106.46
C TYR D 3261 -61.34 -8.99 -107.62
N ALA D 3262 -60.87 -8.86 -108.86
CA ALA D 3262 -61.69 -9.28 -109.99
C ALA D 3262 -61.77 -10.79 -110.10
N PHE D 3263 -60.64 -11.48 -109.91
CA PHE D 3263 -60.57 -12.91 -110.19
C PHE D 3263 -61.02 -13.77 -109.01
N TYR D 3264 -60.79 -13.34 -107.79
CA TYR D 3264 -60.92 -14.18 -106.60
C TYR D 3264 -62.33 -14.56 -106.13
N PRO D 3265 -63.37 -13.71 -106.25
CA PRO D 3265 -64.71 -14.21 -105.88
C PRO D 3265 -65.18 -15.41 -106.70
N MET D 3266 -64.88 -15.42 -108.00
CA MET D 3266 -65.22 -16.56 -108.83
C MET D 3266 -64.47 -17.81 -108.41
N LEU D 3267 -63.18 -17.66 -108.09
CA LEU D 3267 -62.38 -18.78 -107.63
C LEU D 3267 -62.88 -19.31 -106.29
N ILE D 3268 -63.27 -18.41 -105.39
CA ILE D 3268 -63.77 -18.82 -104.08
C ILE D 3268 -65.09 -19.59 -104.22
N ARG D 3269 -66.00 -19.11 -105.05
CA ARG D 3269 -67.25 -19.84 -105.26
C ARG D 3269 -67.01 -21.19 -105.94
N TYR D 3270 -66.08 -21.23 -106.91
CA TYR D 3270 -65.77 -22.48 -107.60
C TYR D 3270 -65.16 -23.50 -106.64
N VAL D 3271 -64.26 -23.05 -105.77
CA VAL D 3271 -63.67 -23.92 -104.76
C VAL D 3271 -64.74 -24.40 -103.77
N ASP D 3272 -65.62 -23.50 -103.34
CA ASP D 3272 -66.70 -23.89 -102.43
C ASP D 3272 -67.64 -24.91 -103.05
N ASN D 3273 -67.79 -24.87 -104.37
CA ASN D 3273 -68.66 -25.84 -105.02
C ASN D 3273 -67.96 -27.17 -105.33
N ASN D 3274 -66.65 -27.14 -105.59
CA ASN D 3274 -65.96 -28.35 -106.05
C ASN D 3274 -65.02 -28.96 -105.01
N ARG D 3275 -64.98 -28.43 -103.79
CA ARG D 3275 -64.00 -28.91 -102.80
C ARG D 3275 -64.28 -30.33 -102.36
N SER D 3276 -65.55 -30.71 -102.19
CA SER D 3276 -65.87 -32.08 -101.77
C SER D 3276 -65.48 -33.10 -102.83
N ASN D 3277 -65.73 -32.77 -104.10
CA ASN D 3277 -65.34 -33.66 -105.18
C ASN D 3277 -63.83 -33.72 -105.34
N TRP D 3278 -63.13 -32.63 -105.03
CA TRP D 3278 -61.67 -32.67 -105.05
C TRP D 3278 -61.12 -33.52 -103.91
N LEU D 3279 -61.76 -33.46 -102.74
CA LEU D 3279 -61.30 -34.23 -101.59
C LEU D 3279 -61.57 -35.71 -101.77
N LYS D 3280 -62.71 -36.07 -102.36
CA LYS D 3280 -63.03 -37.48 -102.56
C LYS D 3280 -62.19 -38.11 -103.65
N SER D 3281 -61.56 -37.32 -104.51
CA SER D 3281 -60.70 -37.84 -105.58
C SER D 3281 -59.63 -36.81 -105.87
N PRO D 3282 -58.49 -36.88 -105.21
CA PRO D 3282 -57.42 -35.91 -105.45
C PRO D 3282 -56.82 -36.05 -106.83
N SER D 3283 -56.36 -34.92 -107.37
CA SER D 3283 -55.75 -34.86 -108.69
C SER D 3283 -54.57 -33.92 -108.64
N ALA D 3284 -53.90 -33.76 -109.78
CA ALA D 3284 -52.74 -32.90 -109.89
C ALA D 3284 -53.09 -31.45 -110.16
N ASP D 3285 -54.37 -31.13 -110.32
CA ASP D 3285 -54.80 -29.77 -110.60
C ASP D 3285 -55.19 -29.02 -109.33
N SER D 3286 -55.94 -29.66 -108.44
CA SER D 3286 -56.31 -29.02 -107.18
C SER D 3286 -55.08 -28.81 -106.29
N ASP D 3287 -54.11 -29.71 -106.36
CA ASP D 3287 -52.86 -29.51 -105.62
C ASP D 3287 -52.10 -28.29 -106.14
N GLN D 3288 -52.06 -28.11 -107.46
CA GLN D 3288 -51.42 -26.93 -108.04
C GLN D 3288 -52.19 -25.66 -107.68
N LEU D 3289 -53.52 -25.75 -107.62
CA LEU D 3289 -54.33 -24.62 -107.20
C LEU D 3289 -54.02 -24.22 -105.76
N PHE D 3290 -53.92 -25.21 -104.87
CA PHE D 3290 -53.54 -24.93 -103.48
C PHE D 3290 -52.13 -24.35 -103.40
N ARG D 3291 -51.22 -24.86 -104.21
CA ARG D 3291 -49.84 -24.38 -104.22
C ARG D 3291 -49.77 -22.91 -104.61
N MET D 3292 -50.48 -22.53 -105.68
CA MET D 3292 -50.48 -21.14 -106.13
C MET D 3292 -51.18 -20.23 -105.13
N VAL D 3293 -52.31 -20.68 -104.56
CA VAL D 3293 -53.02 -19.85 -103.58
C VAL D 3293 -52.17 -19.64 -102.34
N ALA D 3294 -51.47 -20.69 -101.88
CA ALA D 3294 -50.60 -20.58 -100.72
C ALA D 3294 -49.42 -19.66 -101.00
N GLU D 3295 -48.85 -19.71 -102.20
CA GLU D 3295 -47.75 -18.82 -102.54
C GLU D 3295 -48.21 -17.35 -102.56
N VAL D 3296 -49.38 -17.08 -103.13
CA VAL D 3296 -49.90 -15.72 -103.15
C VAL D 3296 -50.20 -15.23 -101.73
N PHE D 3297 -50.74 -16.11 -100.88
CA PHE D 3297 -51.03 -15.74 -99.50
C PHE D 3297 -49.74 -15.47 -98.72
N ILE D 3298 -48.69 -16.25 -98.96
CA ILE D 3298 -47.41 -16.04 -98.30
C ILE D 3298 -46.81 -14.70 -98.73
N LEU D 3299 -46.90 -14.37 -100.02
CA LEU D 3299 -46.45 -13.06 -100.49
C LEU D 3299 -47.25 -11.93 -99.85
N TRP D 3300 -48.55 -12.13 -99.68
CA TRP D 3300 -49.38 -11.13 -99.01
C TRP D 3300 -48.98 -10.96 -97.55
N CYS D 3301 -48.62 -12.07 -96.89
CA CYS D 3301 -48.17 -12.01 -95.50
C CYS D 3301 -46.84 -11.27 -95.36
N LYS D 3302 -45.90 -11.52 -96.28
CA LYS D 3302 -44.57 -10.95 -96.14
C LYS D 3302 -44.56 -9.46 -96.47
N SER D 3303 -45.28 -9.06 -97.52
CA SER D 3303 -45.23 -7.68 -97.97
C SER D 3303 -46.10 -6.79 -97.11
N HIS D 3304 -45.58 -5.60 -96.80
CA HIS D 3304 -46.31 -4.59 -96.04
C HIS D 3304 -47.18 -3.71 -96.94
N ASN D 3305 -46.74 -3.47 -98.18
CA ASN D 3305 -47.51 -2.67 -99.11
C ASN D 3305 -48.69 -3.44 -99.69
N PHE D 3306 -48.59 -4.77 -99.77
CA PHE D 3306 -49.66 -5.60 -100.31
C PHE D 3306 -50.93 -5.46 -99.48
N LYS D 3307 -50.79 -5.60 -98.16
CA LYS D 3307 -51.95 -5.50 -97.27
C LYS D 3307 -52.55 -4.09 -97.30
N ARG D 3308 -51.68 -3.07 -97.32
CA ARG D 3308 -52.16 -1.69 -97.34
C ARG D 3308 -52.91 -1.37 -98.62
N GLU D 3309 -52.39 -1.81 -99.76
CA GLU D 3309 -53.07 -1.54 -101.03
C GLU D 3309 -54.36 -2.35 -101.16
N GLU D 3310 -54.37 -3.58 -100.65
CA GLU D 3310 -55.61 -4.36 -100.63
C GLU D 3310 -56.68 -3.69 -99.77
N GLN D 3311 -56.29 -3.22 -98.58
CA GLN D 3311 -57.23 -2.53 -97.70
C GLN D 3311 -57.73 -1.23 -98.34
N ASN D 3312 -56.83 -0.49 -99.00
CA ASN D 3312 -57.23 0.75 -99.67
C ASN D 3312 -58.18 0.48 -100.82
N PHE D 3313 -57.94 -0.59 -101.58
CA PHE D 3313 -58.85 -0.95 -102.66
C PHE D 3313 -60.23 -1.29 -102.13
N VAL D 3314 -60.29 -2.11 -101.07
CA VAL D 3314 -61.58 -2.52 -100.52
C VAL D 3314 -62.33 -1.32 -99.94
N ILE D 3315 -61.63 -0.43 -99.24
CA ILE D 3315 -62.28 0.72 -98.62
C ILE D 3315 -62.75 1.73 -99.68
N GLN D 3316 -61.88 2.04 -100.66
CA GLN D 3316 -62.22 3.07 -101.64
C GLN D 3316 -63.30 2.58 -102.61
N ASN D 3317 -63.22 1.34 -103.06
CA ASN D 3317 -64.21 0.82 -103.99
C ASN D 3317 -65.46 0.27 -103.31
N GLU D 3318 -65.46 0.23 -101.98
CA GLU D 3318 -66.57 -0.28 -101.17
C GLU D 3318 -66.95 -1.71 -101.55
N ILE D 3319 -65.94 -2.58 -101.59
CA ILE D 3319 -66.16 -3.98 -101.91
C ILE D 3319 -66.76 -4.68 -100.70
N ASN D 3320 -67.87 -5.38 -100.90
CA ASN D 3320 -68.56 -6.10 -99.83
C ASN D 3320 -68.07 -7.53 -99.83
N ASN D 3321 -67.09 -7.83 -98.98
CA ASN D 3321 -66.50 -9.16 -98.94
C ASN D 3321 -67.45 -10.19 -98.34
N LEU D 3322 -68.32 -9.77 -97.41
CA LEU D 3322 -69.23 -10.71 -96.78
C LEU D 3322 -70.29 -11.21 -97.76
N ALA D 3323 -70.59 -10.43 -98.80
CA ALA D 3323 -71.49 -10.93 -99.84
C ALA D 3323 -70.85 -12.09 -100.60
N PHE D 3324 -69.55 -12.00 -100.86
CA PHE D 3324 -68.85 -13.11 -101.51
C PHE D 3324 -68.71 -14.31 -100.57
N LEU D 3325 -68.42 -14.05 -99.30
CA LEU D 3325 -68.15 -15.14 -98.37
C LEU D 3325 -69.42 -15.89 -97.97
N THR D 3326 -70.50 -15.16 -97.71
CA THR D 3326 -71.73 -15.79 -97.24
C THR D 3326 -72.40 -16.60 -98.35
N GLY D 3327 -72.55 -16.02 -99.53
CA GLY D 3327 -73.20 -16.70 -100.64
C GLY D 3327 -74.48 -16.03 -101.08
N GLY D 3338 -81.25 -14.18 -89.38
CA GLY D 3338 -82.36 -14.39 -90.30
C GLY D 3338 -83.26 -13.17 -90.43
N GLN D 3339 -84.22 -13.05 -89.51
CA GLN D 3339 -85.12 -11.92 -89.51
C GLN D 3339 -84.40 -10.65 -89.05
N ASP D 3340 -84.92 -9.50 -89.47
CA ASP D 3340 -84.32 -8.21 -89.12
C ASP D 3340 -84.77 -7.81 -87.72
N GLN D 3341 -84.19 -8.50 -86.73
CA GLN D 3341 -84.47 -8.23 -85.32
C GLN D 3341 -83.53 -7.22 -84.72
N GLU D 3342 -82.58 -6.70 -85.50
CA GLU D 3342 -81.64 -5.68 -85.05
C GLU D 3342 -81.70 -4.49 -86.00
N ARG D 3343 -81.42 -3.31 -85.45
CA ARG D 3343 -81.47 -2.06 -86.20
C ARG D 3343 -80.09 -1.39 -86.13
N LYS D 3344 -79.23 -1.76 -87.08
CA LYS D 3344 -77.87 -1.22 -87.15
C LYS D 3344 -77.84 -0.07 -88.16
N LYS D 3345 -78.35 1.08 -87.71
CA LYS D 3345 -78.39 2.26 -88.57
C LYS D 3345 -76.99 2.83 -88.78
N THR D 3346 -76.18 2.89 -87.74
CA THR D 3346 -74.84 3.44 -87.86
C THR D 3346 -73.92 2.48 -88.59
N LYS D 3347 -73.15 3.01 -89.53
CA LYS D 3347 -72.20 2.21 -90.31
C LYS D 3347 -70.92 3.00 -90.49
N ARG D 3348 -69.82 2.28 -90.67
CA ARG D 3348 -68.50 2.88 -90.85
C ARG D 3348 -67.89 2.36 -92.14
N ARG D 3349 -67.34 3.27 -92.94
CA ARG D 3349 -66.67 2.85 -94.18
C ARG D 3349 -65.38 2.11 -93.88
N GLY D 3350 -64.71 2.47 -92.78
CA GLY D 3350 -63.49 1.77 -92.41
C GLY D 3350 -63.75 0.37 -91.88
N ASP D 3351 -64.98 0.11 -91.45
CA ASP D 3351 -65.34 -1.19 -90.91
C ASP D 3351 -65.67 -2.18 -92.03
N LEU D 3352 -65.67 -1.69 -93.28
CA LEU D 3352 -65.94 -2.57 -94.42
C LEU D 3352 -64.82 -3.59 -94.63
N TYR D 3353 -63.59 -3.23 -94.28
CA TYR D 3353 -62.46 -4.13 -94.44
C TYR D 3353 -62.09 -4.77 -93.11
N SER D 3354 -61.78 -6.06 -93.17
CA SER D 3354 -61.19 -6.78 -92.04
C SER D 3354 -60.26 -7.84 -92.59
N ILE D 3355 -59.28 -8.23 -91.77
CA ILE D 3355 -58.33 -9.26 -92.20
C ILE D 3355 -59.02 -10.60 -92.33
N GLN D 3356 -60.01 -10.88 -91.48
CA GLN D 3356 -60.72 -12.16 -91.52
C GLN D 3356 -61.56 -12.28 -92.79
N THR D 3357 -62.13 -11.17 -93.27
CA THR D 3357 -62.98 -11.19 -94.44
C THR D 3357 -62.21 -10.97 -95.74
N SER D 3358 -60.89 -10.86 -95.67
CA SER D 3358 -60.09 -10.66 -96.87
C SER D 3358 -60.13 -11.91 -97.76
N LEU D 3359 -60.24 -11.69 -99.07
CA LEU D 3359 -60.40 -12.80 -100.00
C LEU D 3359 -59.09 -13.57 -100.18
N ILE D 3360 -57.95 -12.91 -100.00
CA ILE D 3360 -56.66 -13.57 -100.09
C ILE D 3360 -56.49 -14.56 -98.94
N VAL D 3361 -56.90 -14.17 -97.73
CA VAL D 3361 -56.89 -15.08 -96.59
C VAL D 3361 -57.91 -16.19 -96.79
N ALA D 3362 -59.10 -15.85 -97.28
CA ALA D 3362 -60.20 -16.81 -97.38
C ALA D 3362 -59.92 -17.87 -98.44
N ALA D 3363 -59.21 -17.52 -99.51
CA ALA D 3363 -58.87 -18.51 -100.52
C ALA D 3363 -57.98 -19.60 -99.96
N LEU D 3364 -56.95 -19.23 -99.19
CA LEU D 3364 -56.13 -20.24 -98.53
C LEU D 3364 -56.92 -20.98 -97.46
N LYS D 3365 -57.74 -20.26 -96.69
CA LYS D 3365 -58.51 -20.89 -95.64
C LYS D 3365 -59.51 -21.91 -96.17
N LYS D 3366 -59.91 -21.79 -97.43
CA LYS D 3366 -60.77 -22.78 -98.06
C LYS D 3366 -59.99 -23.84 -98.84
N MET D 3367 -58.83 -23.51 -99.39
CA MET D 3367 -58.04 -24.49 -100.13
C MET D 3367 -57.09 -25.30 -99.27
N LEU D 3368 -56.98 -24.98 -97.99
CA LEU D 3368 -56.09 -25.70 -97.07
C LEU D 3368 -56.53 -27.13 -96.77
N PRO D 3369 -57.84 -27.48 -96.74
CA PRO D 3369 -58.19 -28.91 -96.74
C PRO D 3369 -57.68 -29.68 -97.94
N ILE D 3370 -57.50 -29.04 -99.09
CA ILE D 3370 -56.92 -29.73 -100.24
C ILE D 3370 -55.45 -30.03 -100.00
N GLY D 3371 -54.73 -29.10 -99.36
CA GLY D 3371 -53.33 -29.36 -99.03
C GLY D 3371 -53.19 -30.37 -97.91
N LEU D 3372 -53.99 -30.24 -96.86
CA LEU D 3372 -53.99 -31.17 -95.73
C LEU D 3372 -54.92 -32.36 -96.02
N ASN D 3373 -54.55 -33.12 -97.05
CA ASN D 3373 -55.37 -34.23 -97.49
C ASN D 3373 -54.53 -35.50 -97.50
N MET D 3374 -55.08 -36.57 -96.93
CA MET D 3374 -54.43 -37.89 -96.83
C MET D 3374 -53.10 -37.80 -96.11
N CYS D 3375 -53.02 -36.97 -95.07
CA CYS D 3375 -51.81 -36.83 -94.28
C CYS D 3375 -51.83 -37.89 -93.17
N THR D 3376 -50.81 -38.75 -93.17
CA THR D 3376 -50.64 -39.75 -92.13
C THR D 3376 -50.16 -39.07 -90.85
N PRO D 3377 -50.25 -39.76 -89.70
CA PRO D 3377 -49.70 -39.18 -88.46
C PRO D 3377 -48.20 -38.86 -88.53
N GLY D 3378 -47.43 -39.63 -89.28
CA GLY D 3378 -46.04 -39.26 -89.49
C GLY D 3378 -45.89 -37.97 -90.27
N ASP D 3379 -46.73 -37.78 -91.30
CA ASP D 3379 -46.75 -36.52 -92.03
C ASP D 3379 -47.15 -35.37 -91.12
N GLN D 3380 -48.11 -35.60 -90.22
CA GLN D 3380 -48.52 -34.57 -89.27
C GLN D 3380 -47.39 -34.22 -88.31
N GLU D 3381 -46.60 -35.22 -87.90
CA GLU D 3381 -45.42 -34.96 -87.07
C GLU D 3381 -44.38 -34.13 -87.81
N LEU D 3382 -44.14 -34.45 -89.09
CA LEU D 3382 -43.21 -33.67 -89.90
C LEU D 3382 -43.71 -32.24 -90.09
N ILE D 3383 -45.02 -32.06 -90.28
CA ILE D 3383 -45.60 -30.74 -90.42
C ILE D 3383 -45.45 -29.94 -89.13
N SER D 3384 -45.67 -30.58 -87.98
CA SER D 3384 -45.50 -29.89 -86.70
C SER D 3384 -44.05 -29.50 -86.45
N LEU D 3385 -43.11 -30.38 -86.83
CA LEU D 3385 -41.69 -30.06 -86.71
C LEU D 3385 -41.32 -28.88 -87.61
N ALA D 3386 -41.81 -28.87 -88.84
CA ALA D 3386 -41.49 -27.78 -89.75
C ALA D 3386 -42.14 -26.47 -89.32
N LYS D 3387 -43.33 -26.54 -88.70
CA LYS D 3387 -43.93 -25.33 -88.13
C LYS D 3387 -43.12 -24.81 -86.96
N SER D 3388 -42.59 -25.71 -86.13
CA SER D 3388 -41.70 -25.30 -85.05
C SER D 3388 -40.43 -24.65 -85.59
N ARG D 3389 -39.92 -25.16 -86.71
CA ARG D 3389 -38.75 -24.53 -87.33
C ARG D 3389 -39.09 -23.16 -87.93
N TYR D 3390 -40.29 -23.02 -88.50
CA TYR D 3390 -40.73 -21.72 -89.00
C TYR D 3390 -40.96 -20.72 -87.87
N SER D 3391 -41.25 -21.22 -86.67
CA SER D 3391 -41.40 -20.34 -85.52
C SER D 3391 -40.09 -19.68 -85.11
N TYR D 3392 -38.95 -20.22 -85.52
CA TYR D 3392 -37.65 -19.66 -85.23
C TYR D 3392 -37.13 -18.77 -86.36
N ARG D 3393 -38.00 -18.38 -87.28
CA ARG D 3393 -37.68 -17.51 -88.43
C ARG D 3393 -36.58 -18.12 -89.31
N ASP D 3394 -36.89 -19.29 -89.85
CA ASP D 3394 -36.01 -19.98 -90.78
C ASP D 3394 -36.52 -19.82 -92.21
N THR D 3395 -35.61 -20.02 -93.16
CA THR D 3395 -35.97 -19.98 -94.57
C THR D 3395 -36.52 -21.33 -95.00
N ASP D 3396 -36.84 -21.45 -96.30
CA ASP D 3396 -37.38 -22.70 -96.82
C ASP D 3396 -36.33 -23.80 -96.85
N GLU D 3397 -35.09 -23.45 -97.23
CA GLU D 3397 -34.05 -24.46 -97.34
C GLU D 3397 -33.64 -25.02 -95.99
N GLU D 3398 -33.61 -24.17 -94.96
CA GLU D 3398 -33.30 -24.65 -93.61
C GLU D 3398 -34.39 -25.60 -93.12
N VAL D 3399 -35.65 -25.28 -93.39
CA VAL D 3399 -36.76 -26.15 -93.00
C VAL D 3399 -36.68 -27.48 -93.75
N LYS D 3400 -36.37 -27.44 -95.04
CA LYS D 3400 -36.25 -28.67 -95.81
C LYS D 3400 -35.06 -29.51 -95.36
N GLU D 3401 -33.96 -28.87 -94.94
CA GLU D 3401 -32.82 -29.61 -94.41
C GLU D 3401 -33.16 -30.27 -93.08
N HIS D 3402 -33.88 -29.56 -92.21
CA HIS D 3402 -34.33 -30.15 -90.95
C HIS D 3402 -35.28 -31.32 -91.18
N LEU D 3403 -36.17 -31.19 -92.18
CA LEU D 3403 -37.07 -32.29 -92.53
C LEU D 3403 -36.31 -33.47 -93.11
N ARG D 3404 -35.25 -33.20 -93.88
CA ARG D 3404 -34.43 -34.28 -94.42
C ARG D 3404 -33.65 -35.00 -93.32
N ASN D 3405 -33.22 -34.27 -92.29
CA ASN D 3405 -32.47 -34.86 -91.20
C ASN D 3405 -33.36 -35.54 -90.15
N ASN D 3406 -34.68 -35.44 -90.28
CA ASN D 3406 -35.61 -36.02 -89.31
C ASN D 3406 -36.70 -36.82 -90.02
N LEU D 3407 -36.28 -37.67 -90.96
CA LEU D 3407 -37.25 -38.45 -91.73
C LEU D 3407 -37.77 -39.67 -90.99
N HIS D 3408 -37.24 -39.97 -89.81
CA HIS D 3408 -37.71 -41.12 -89.05
C HIS D 3408 -39.08 -40.90 -88.41
N LEU D 3409 -39.55 -39.65 -88.34
CA LEU D 3409 -40.86 -39.36 -87.75
C LEU D 3409 -42.01 -39.99 -88.52
N GLN D 3410 -41.77 -40.40 -89.77
CA GLN D 3410 -42.77 -41.12 -90.54
C GLN D 3410 -43.11 -42.48 -89.92
N GLU D 3411 -42.28 -42.98 -89.00
CA GLU D 3411 -42.65 -44.20 -88.28
C GLU D 3411 -43.77 -43.97 -87.27
N LYS D 3412 -44.13 -42.72 -87.00
CA LYS D 3412 -45.17 -42.41 -86.01
C LYS D 3412 -46.54 -42.95 -86.43
N SER D 3413 -46.73 -43.27 -87.71
CA SER D 3413 -47.96 -43.92 -88.16
C SER D 3413 -48.10 -45.33 -87.61
N ASP D 3414 -47.01 -45.95 -87.15
CA ASP D 3414 -47.06 -47.28 -86.56
C ASP D 3414 -47.28 -47.25 -85.05
N ASP D 3415 -47.43 -46.06 -84.46
CA ASP D 3415 -47.71 -45.98 -83.04
C ASP D 3415 -49.13 -46.46 -82.76
N PRO D 3416 -49.34 -47.23 -81.69
CA PRO D 3416 -50.70 -47.73 -81.39
C PRO D 3416 -51.69 -46.63 -81.04
N ALA D 3417 -51.24 -45.55 -80.41
CA ALA D 3417 -52.15 -44.51 -79.95
C ALA D 3417 -52.81 -43.75 -81.09
N VAL D 3418 -52.25 -43.81 -82.30
CA VAL D 3418 -52.85 -43.22 -83.48
C VAL D 3418 -53.38 -44.30 -84.43
N LYS D 3419 -53.54 -45.53 -83.92
CA LYS D 3419 -54.01 -46.64 -84.75
C LYS D 3419 -55.43 -46.44 -85.27
N TRP D 3420 -56.20 -45.54 -84.65
CA TRP D 3420 -57.52 -45.22 -85.15
C TRP D 3420 -57.50 -44.43 -86.44
N GLN D 3421 -56.34 -43.92 -86.88
CA GLN D 3421 -56.25 -43.17 -88.12
C GLN D 3421 -55.88 -44.03 -89.32
N LEU D 3422 -55.75 -45.34 -89.16
CA LEU D 3422 -55.20 -46.17 -90.22
C LEU D 3422 -56.22 -46.61 -91.26
N ASN D 3423 -57.49 -46.23 -91.11
CA ASN D 3423 -58.52 -46.63 -92.06
C ASN D 3423 -59.41 -45.48 -92.51
N LEU D 3424 -59.04 -44.24 -92.22
CA LEU D 3424 -59.90 -43.11 -92.53
C LEU D 3424 -59.91 -42.78 -94.01
N TYR D 3425 -58.82 -43.04 -94.73
CA TYR D 3425 -58.70 -42.72 -96.15
C TYR D 3425 -58.68 -43.97 -97.02
N LYS D 3426 -59.47 -44.98 -96.66
CA LYS D 3426 -59.56 -46.16 -97.50
C LYS D 3426 -60.49 -45.95 -98.69
N ASP D 3427 -61.36 -44.93 -98.65
CA ASP D 3427 -62.29 -44.70 -99.73
C ASP D 3427 -61.62 -44.06 -100.94
N VAL D 3428 -60.63 -43.19 -100.71
CA VAL D 3428 -59.97 -42.52 -101.81
C VAL D 3428 -59.05 -43.49 -102.54
N LEU D 3429 -58.91 -43.30 -103.85
CA LEU D 3429 -58.08 -44.15 -104.68
C LEU D 3429 -56.71 -43.53 -104.96
N LYS D 3430 -56.39 -42.41 -104.32
CA LYS D 3430 -55.13 -41.72 -104.56
C LYS D 3430 -53.98 -42.27 -103.73
N SER D 3431 -54.23 -43.32 -102.93
CA SER D 3431 -53.17 -43.93 -102.11
C SER D 3431 -52.47 -45.04 -102.87
N GLU D 3432 -51.94 -44.68 -104.04
CA GLU D 3432 -51.20 -45.63 -104.88
C GLU D 3432 -50.11 -44.83 -105.62
N GLU D 3433 -48.92 -44.81 -105.03
CA GLU D 3433 -47.78 -44.09 -105.59
C GLU D 3433 -46.51 -44.60 -104.92
N PRO D 3434 -45.40 -44.64 -105.64
CA PRO D 3434 -44.12 -44.99 -105.00
C PRO D 3434 -43.68 -43.92 -104.02
N PHE D 3435 -42.91 -44.35 -103.01
CA PHE D 3435 -42.47 -43.45 -101.96
C PHE D 3435 -41.26 -42.65 -102.43
N ASN D 3436 -41.38 -41.32 -102.36
CA ASN D 3436 -40.27 -40.41 -102.62
C ASN D 3436 -40.05 -39.54 -101.39
N ALA D 3437 -38.80 -39.45 -100.94
CA ALA D 3437 -38.50 -38.66 -99.75
C ALA D 3437 -38.55 -37.17 -100.05
N GLU D 3438 -37.99 -36.74 -101.18
CA GLU D 3438 -37.88 -35.30 -101.46
C GLU D 3438 -39.24 -34.70 -101.78
N LYS D 3439 -40.11 -35.45 -102.45
CA LYS D 3439 -41.47 -34.97 -102.70
C LYS D 3439 -42.24 -34.78 -101.40
N THR D 3440 -42.08 -35.71 -100.46
CA THR D 3440 -42.69 -35.56 -99.14
C THR D 3440 -42.13 -34.36 -98.40
N ILE D 3441 -40.82 -34.13 -98.53
CA ILE D 3441 -40.19 -32.99 -97.87
C ILE D 3441 -40.76 -31.67 -98.41
N GLU D 3442 -40.87 -31.56 -99.73
CA GLU D 3442 -41.39 -30.34 -100.35
C GLU D 3442 -42.86 -30.14 -100.00
N ARG D 3443 -43.67 -31.20 -100.04
CA ARG D 3443 -45.08 -31.11 -99.71
C ARG D 3443 -45.29 -30.69 -98.26
N VAL D 3444 -44.55 -31.31 -97.33
CA VAL D 3444 -44.67 -30.98 -95.92
C VAL D 3444 -44.20 -29.55 -95.65
N GLN D 3445 -43.16 -29.11 -96.35
CA GLN D 3445 -42.69 -27.73 -96.19
C GLN D 3445 -43.72 -26.72 -96.66
N ARG D 3446 -44.37 -26.99 -97.81
CA ARG D 3446 -45.39 -26.07 -98.31
C ARG D 3446 -46.60 -26.00 -97.39
N ILE D 3447 -47.07 -27.17 -96.94
CA ILE D 3447 -48.22 -27.21 -96.03
C ILE D 3447 -47.90 -26.50 -94.73
N SER D 3448 -46.70 -26.75 -94.18
CA SER D 3448 -46.30 -26.14 -92.92
C SER D 3448 -46.17 -24.63 -93.05
N ALA D 3449 -45.61 -24.14 -94.15
CA ALA D 3449 -45.50 -22.70 -94.36
C ALA D 3449 -46.88 -22.04 -94.43
N ALA D 3450 -47.80 -22.66 -95.19
CA ALA D 3450 -49.15 -22.10 -95.30
C ALA D 3450 -49.86 -22.07 -93.95
N VAL D 3451 -49.78 -23.18 -93.19
CA VAL D 3451 -50.47 -23.28 -91.92
C VAL D 3451 -49.87 -22.32 -90.90
N PHE D 3452 -48.53 -22.22 -90.87
CA PHE D 3452 -47.87 -21.32 -89.93
C PHE D 3452 -48.22 -19.86 -90.21
N HIS D 3453 -48.20 -19.46 -91.48
CA HIS D 3453 -48.51 -18.08 -91.81
C HIS D 3453 -49.98 -17.76 -91.55
N LEU D 3454 -50.87 -18.71 -91.82
CA LEU D 3454 -52.30 -18.51 -91.54
C LEU D 3454 -52.55 -18.36 -90.05
N GLU D 3455 -51.91 -19.20 -89.23
CA GLU D 3455 -52.07 -19.11 -87.79
C GLU D 3455 -51.47 -17.81 -87.24
N GLN D 3456 -50.32 -17.39 -87.79
CA GLN D 3456 -49.70 -16.14 -87.36
C GLN D 3456 -50.57 -14.94 -87.71
N VAL D 3457 -51.25 -14.98 -88.85
CA VAL D 3457 -52.18 -13.90 -89.21
C VAL D 3457 -53.40 -13.91 -88.31
N GLU D 3458 -53.97 -15.09 -88.05
CA GLU D 3458 -55.23 -15.15 -87.32
C GLU D 3458 -55.08 -15.02 -85.81
N GLN D 3459 -53.87 -15.18 -85.27
CA GLN D 3459 -53.69 -15.07 -83.82
C GLN D 3459 -54.01 -13.69 -83.24
N PRO D 3460 -53.57 -12.56 -83.81
CA PRO D 3460 -54.03 -11.28 -83.25
C PRO D 3460 -55.51 -10.98 -83.49
N LEU D 3461 -56.14 -11.68 -84.44
CA LEU D 3461 -57.54 -11.39 -84.76
C LEU D 3461 -58.47 -11.82 -83.65
N ARG D 3462 -58.11 -12.87 -82.91
CA ARG D 3462 -58.98 -13.36 -81.83
C ARG D 3462 -59.02 -12.37 -80.67
N SER D 3463 -57.86 -11.89 -80.25
CA SER D 3463 -57.69 -10.90 -79.17
C SER D 3463 -58.37 -11.31 -77.86
N ALA D 3487 -48.36 38.98 -84.97
CA ALA D 3487 -47.06 38.30 -85.00
C ALA D 3487 -46.02 38.88 -85.98
N PRO D 3488 -46.40 39.35 -87.19
CA PRO D 3488 -45.45 40.14 -87.98
C PRO D 3488 -45.08 41.44 -87.28
N LEU D 3489 -43.82 41.85 -87.45
CA LEU D 3489 -43.33 43.05 -86.79
C LEU D 3489 -43.92 44.32 -87.40
N TYR D 3490 -44.22 44.31 -88.69
CA TYR D 3490 -44.71 45.51 -89.37
C TYR D 3490 -46.16 45.81 -89.07
N ASN D 3491 -46.91 44.86 -88.52
CA ASN D 3491 -48.33 45.06 -88.21
C ASN D 3491 -48.56 45.54 -86.79
N LEU D 3492 -47.51 45.70 -86.00
CA LEU D 3492 -47.61 46.14 -84.62
C LEU D 3492 -47.23 47.61 -84.49
N PRO D 3493 -47.74 48.30 -83.46
CA PRO D 3493 -47.34 49.69 -83.24
C PRO D 3493 -45.85 49.80 -82.94
N ARG D 3494 -45.27 50.94 -83.33
CA ARG D 3494 -43.81 51.10 -83.31
C ARG D 3494 -43.27 51.23 -81.89
N HIS D 3495 -44.08 51.71 -80.96
CA HIS D 3495 -43.58 51.93 -79.59
C HIS D 3495 -43.39 50.61 -78.85
N LYS D 3496 -44.26 49.63 -79.09
CA LYS D 3496 -44.09 48.32 -78.47
C LYS D 3496 -42.85 47.61 -79.00
N ILE D 3497 -42.62 47.70 -80.31
CA ILE D 3497 -41.40 47.15 -80.89
C ILE D 3497 -40.17 47.90 -80.38
N ASN D 3498 -40.30 49.21 -80.15
CA ASN D 3498 -39.20 49.98 -79.56
C ASN D 3498 -38.90 49.51 -78.14
N ASN D 3499 -39.93 49.21 -77.35
CA ASN D 3499 -39.72 48.66 -76.02
C ASN D 3499 -39.04 47.30 -76.07
N PHE D 3500 -39.44 46.45 -77.02
CA PHE D 3500 -38.79 45.15 -77.19
C PHE D 3500 -37.33 45.32 -77.60
N PHE D 3501 -37.06 46.29 -78.48
CA PHE D 3501 -35.69 46.61 -78.87
C PHE D 3501 -34.87 47.06 -77.66
N LEU D 3502 -35.46 47.90 -76.80
CA LEU D 3502 -34.74 48.38 -75.62
C LEU D 3502 -34.42 47.23 -74.68
N SER D 3503 -35.37 46.31 -74.47
CA SER D 3503 -35.12 45.16 -73.61
C SER D 3503 -34.02 44.27 -74.18
N THR D 3504 -34.05 44.02 -75.49
CA THR D 3504 -33.01 43.18 -76.10
C THR D 3504 -31.66 43.88 -76.10
N PHE D 3505 -31.65 45.21 -76.28
CA PHE D 3505 -30.42 45.98 -76.24
C PHE D 3505 -29.81 45.97 -74.85
N GLN D 3506 -30.64 46.00 -73.82
CA GLN D 3506 -30.14 45.85 -72.45
C GLN D 3506 -29.56 44.45 -72.23
N ARG D 3507 -30.29 43.42 -72.64
CA ARG D 3507 -29.88 42.05 -72.30
C ARG D 3507 -28.66 41.60 -73.09
N VAL D 3508 -28.54 41.99 -74.35
CA VAL D 3508 -27.54 41.42 -75.24
C VAL D 3508 -26.25 42.25 -75.24
N TRP D 3509 -26.37 43.53 -75.58
CA TRP D 3509 -25.19 44.35 -75.87
C TRP D 3509 -24.53 44.91 -74.61
N LEU D 3510 -25.28 45.63 -73.78
CA LEU D 3510 -24.68 46.46 -72.74
C LEU D 3510 -24.18 45.66 -71.54
N GLU D 3511 -24.82 44.54 -71.21
CA GLU D 3511 -24.47 43.83 -69.99
C GLU D 3511 -23.09 43.19 -70.07
N LYS D 3512 -22.71 42.72 -71.27
CA LYS D 3512 -21.37 42.17 -71.46
C LYS D 3512 -20.29 43.23 -71.26
N VAL D 3513 -20.55 44.47 -71.69
CA VAL D 3513 -19.60 45.56 -71.45
C VAL D 3513 -19.58 45.93 -69.98
N ASN D 3514 -20.76 45.95 -69.34
CA ASN D 3514 -20.86 46.34 -67.94
C ASN D 3514 -20.15 45.35 -67.02
N GLU D 3515 -20.19 44.06 -67.36
CA GLU D 3515 -19.51 43.05 -66.56
C GLU D 3515 -17.99 43.06 -66.76
N LYS D 3516 -17.45 43.99 -67.55
CA LYS D 3516 -16.01 44.08 -67.77
C LYS D 3516 -15.42 45.46 -67.48
N THR D 3517 -16.15 46.54 -67.69
CA THR D 3517 -15.59 47.88 -67.54
C THR D 3517 -15.91 48.56 -66.22
N GLN D 3518 -16.64 47.89 -65.32
CA GLN D 3518 -17.07 48.54 -64.09
C GLN D 3518 -15.92 48.66 -63.11
N TYR D 3519 -15.71 49.89 -62.59
CA TYR D 3519 -14.67 50.21 -61.61
C TYR D 3519 -13.29 49.79 -62.11
N ASP D 3520 -13.01 50.07 -63.38
CA ASP D 3520 -11.87 49.45 -64.05
C ASP D 3520 -10.55 50.01 -63.54
N ARG D 3521 -10.48 51.30 -63.25
CA ARG D 3521 -9.20 51.91 -62.92
C ARG D 3521 -9.28 52.91 -61.77
N LEU D 3522 -10.28 52.79 -60.90
CA LEU D 3522 -10.45 53.77 -59.84
C LEU D 3522 -9.45 53.57 -58.70
N ILE D 3523 -9.12 52.32 -58.38
CA ILE D 3523 -8.20 52.05 -57.26
C ILE D 3523 -6.79 52.58 -57.51
N PRO D 3524 -6.16 52.38 -58.68
CA PRO D 3524 -4.86 53.05 -58.90
C PRO D 3524 -4.92 54.57 -58.89
N ILE D 3525 -6.03 55.16 -59.33
CA ILE D 3525 -6.17 56.62 -59.30
C ILE D 3525 -6.29 57.12 -57.86
N LEU D 3526 -6.96 56.35 -57.01
CA LEU D 3526 -7.15 56.75 -55.62
C LEU D 3526 -5.83 56.80 -54.86
N MET D 3527 -4.92 55.87 -55.14
CA MET D 3527 -3.66 55.78 -54.44
C MET D 3527 -2.51 56.46 -55.18
N LYS D 3528 -2.80 57.11 -56.30
CA LYS D 3528 -1.78 57.75 -57.12
C LYS D 3528 -1.23 58.98 -56.41
N SER D 3529 0.09 59.07 -56.32
CA SER D 3529 0.72 60.18 -55.61
C SER D 3529 0.62 61.45 -56.44
N PRO D 3530 0.26 62.58 -55.82
CA PRO D 3530 0.17 63.87 -56.53
C PRO D 3530 1.55 64.43 -56.88
N LYS D 3542 -2.73 66.40 -47.40
CA LYS D 3542 -3.29 65.31 -46.60
C LYS D 3542 -2.32 64.14 -46.49
N GLN D 3543 -1.97 63.79 -45.26
CA GLN D 3543 -1.14 62.60 -45.05
C GLN D 3543 -1.84 61.30 -45.48
N PRO D 3544 -3.12 61.04 -45.17
CA PRO D 3544 -3.77 59.89 -45.81
C PRO D 3544 -4.17 60.19 -47.24
N ASP D 3545 -4.02 59.19 -48.10
CA ASP D 3545 -4.47 59.25 -49.47
C ASP D 3545 -5.99 59.09 -49.50
N PRO D 3546 -6.66 59.39 -50.63
CA PRO D 3546 -8.12 59.23 -50.70
C PRO D 3546 -8.64 57.84 -50.36
N LEU D 3547 -7.92 56.78 -50.75
CA LEU D 3547 -8.33 55.43 -50.41
C LEU D 3547 -8.26 55.19 -48.90
N HIS D 3548 -7.22 55.72 -48.25
CA HIS D 3548 -7.11 55.64 -46.81
C HIS D 3548 -8.26 56.40 -46.13
N GLN D 3549 -8.63 57.55 -46.69
CA GLN D 3549 -9.72 58.34 -46.13
C GLN D 3549 -11.07 57.61 -46.24
N ILE D 3550 -11.34 56.98 -47.37
CA ILE D 3550 -12.62 56.28 -47.49
C ILE D 3550 -12.64 55.01 -46.63
N ILE D 3551 -11.49 54.34 -46.47
CA ILE D 3551 -11.43 53.19 -45.56
C ILE D 3551 -11.65 53.63 -44.12
N LEU D 3552 -11.05 54.76 -43.72
CA LEU D 3552 -11.26 55.28 -42.37
C LEU D 3552 -12.70 55.73 -42.15
N HIS D 3553 -13.34 56.28 -43.19
CA HIS D 3553 -14.75 56.64 -43.08
C HIS D 3553 -15.63 55.41 -42.85
N PHE D 3554 -15.35 54.33 -43.59
CA PHE D 3554 -16.12 53.10 -43.38
C PHE D 3554 -15.86 52.49 -42.01
N SER D 3555 -14.61 52.57 -41.54
CA SER D 3555 -14.29 52.08 -40.19
C SER D 3555 -15.01 52.90 -39.12
N ARG D 3556 -15.07 54.22 -39.29
CA ARG D 3556 -15.76 55.08 -38.34
C ARG D 3556 -17.26 54.81 -38.35
N ASN D 3557 -17.84 54.55 -39.52
CA ASN D 3557 -19.23 54.15 -39.58
C ASN D 3557 -19.47 52.81 -38.89
N ALA D 3558 -18.55 51.87 -39.06
CA ALA D 3558 -18.68 50.56 -38.43
C ALA D 3558 -18.57 50.63 -36.92
N LEU D 3559 -17.73 51.53 -36.40
CA LEU D 3559 -17.54 51.64 -34.96
C LEU D 3559 -18.66 52.40 -34.25
N THR D 3560 -19.53 53.09 -34.99
CA THR D 3560 -20.63 53.82 -34.37
C THR D 3560 -21.67 52.86 -33.82
N GLU D 3561 -22.07 53.08 -32.57
CA GLU D 3561 -22.98 52.17 -31.88
C GLU D 3561 -24.38 52.32 -32.44
N ARG D 3562 -24.86 51.26 -33.10
CA ARG D 3562 -26.20 51.22 -33.67
C ARG D 3562 -26.85 49.89 -33.34
N SER D 3563 -28.18 49.88 -33.36
CA SER D 3563 -28.92 48.65 -33.11
C SER D 3563 -28.88 47.71 -34.30
N LYS D 3564 -28.79 48.24 -35.52
CA LYS D 3564 -28.84 47.44 -36.74
C LYS D 3564 -27.95 48.08 -37.79
N LEU D 3565 -27.22 47.24 -38.53
CA LEU D 3565 -26.37 47.71 -39.62
C LEU D 3565 -27.27 48.11 -40.79
N GLU D 3566 -27.44 49.41 -40.98
CA GLU D 3566 -28.29 49.91 -42.05
C GLU D 3566 -27.59 49.73 -43.40
N ASP D 3567 -28.39 49.73 -44.46
CA ASP D 3567 -27.88 49.47 -45.79
C ASP D 3567 -27.01 50.63 -46.27
N ASP D 3568 -25.82 50.30 -46.74
CA ASP D 3568 -24.86 51.28 -47.25
C ASP D 3568 -24.41 50.84 -48.63
N PRO D 3569 -25.03 51.34 -49.69
CA PRO D 3569 -24.58 50.98 -51.05
C PRO D 3569 -23.16 51.43 -51.37
N LEU D 3570 -22.72 52.55 -50.78
CA LEU D 3570 -21.37 53.04 -51.02
C LEU D 3570 -20.34 52.06 -50.50
N TYR D 3571 -20.56 51.50 -49.30
CA TYR D 3571 -19.65 50.49 -48.77
C TYR D 3571 -19.64 49.25 -49.64
N THR D 3572 -20.82 48.83 -50.12
CA THR D 3572 -20.90 47.65 -50.97
C THR D 3572 -20.10 47.83 -52.26
N SER D 3573 -20.27 48.97 -52.92
CA SER D 3573 -19.55 49.24 -54.17
C SER D 3573 -18.04 49.34 -53.93
N TYR D 3574 -17.63 50.04 -52.86
CA TYR D 3574 -16.20 50.25 -52.66
C TYR D 3574 -15.50 48.99 -52.18
N SER D 3575 -16.15 48.20 -51.32
CA SER D 3575 -15.57 46.92 -50.91
C SER D 3575 -15.51 45.94 -52.07
N SER D 3576 -16.51 45.98 -52.96
CA SER D 3576 -16.47 45.15 -54.15
C SER D 3576 -15.31 45.54 -55.06
N MET D 3577 -15.08 46.84 -55.24
CA MET D 3577 -13.98 47.25 -56.11
C MET D 3577 -12.61 47.01 -55.46
N MET D 3578 -12.54 47.04 -54.12
CA MET D 3578 -11.30 46.68 -53.45
C MET D 3578 -10.99 45.19 -53.62
N ALA D 3579 -12.01 44.34 -53.44
CA ALA D 3579 -11.83 42.90 -53.62
C ALA D 3579 -11.46 42.56 -55.05
N LYS D 3580 -12.05 43.28 -56.02
CA LYS D 3580 -11.64 43.09 -57.41
C LYS D 3580 -10.23 43.60 -57.67
N SER D 3581 -9.80 44.65 -56.96
CA SER D 3581 -8.43 45.14 -57.12
C SER D 3581 -7.41 44.12 -56.61
N CYS D 3582 -7.71 43.44 -55.51
CA CYS D 3582 -6.79 42.42 -55.02
C CYS D 3582 -6.77 41.18 -55.90
N GLN D 3583 -7.90 40.86 -56.53
CA GLN D 3583 -8.03 39.62 -57.31
C GLN D 3583 -7.75 39.91 -58.78
N SER D 3584 -6.47 40.06 -59.09
CA SER D 3584 -6.05 40.29 -60.46
C SER D 3584 -4.71 39.61 -60.76
N GLU D 3595 1.20 24.54 -67.62
CA GLU D 3595 1.89 24.89 -66.39
C GLU D 3595 2.57 26.25 -66.51
N LYS D 3596 3.33 26.62 -65.47
CA LYS D 3596 4.02 27.90 -65.43
C LYS D 3596 5.44 27.70 -64.95
N THR D 3597 6.30 28.66 -65.27
CA THR D 3597 7.67 28.64 -64.79
C THR D 3597 7.71 29.01 -63.30
N PHE D 3598 8.87 28.76 -62.68
CA PHE D 3598 9.08 29.20 -61.31
C PHE D 3598 9.05 30.71 -61.21
N GLU D 3599 9.67 31.40 -62.18
CA GLU D 3599 9.72 32.85 -62.17
C GLU D 3599 8.32 33.45 -62.32
N GLU D 3600 7.49 32.86 -63.19
CA GLU D 3600 6.14 33.37 -63.39
C GLU D 3600 5.29 33.21 -62.13
N LYS D 3601 5.39 32.06 -61.46
CA LYS D 3601 4.63 31.85 -60.23
C LYS D 3601 5.12 32.76 -59.11
N GLU D 3602 6.44 32.96 -59.02
CA GLU D 3602 6.97 33.85 -58.00
C GLU D 3602 6.56 35.29 -58.24
N MET D 3603 6.57 35.73 -59.51
CA MET D 3603 6.11 37.08 -59.83
C MET D 3603 4.63 37.25 -59.57
N GLU D 3604 3.84 36.21 -59.82
CA GLU D 3604 2.41 36.26 -59.51
C GLU D 3604 2.19 36.37 -58.00
N LYS D 3605 2.96 35.63 -57.20
CA LYS D 3605 2.85 35.73 -55.75
C LYS D 3605 3.26 37.10 -55.25
N GLN D 3606 4.31 37.68 -55.82
CA GLN D 3606 4.75 39.01 -55.40
C GLN D 3606 3.74 40.09 -55.81
N LYS D 3607 3.12 39.91 -56.98
CA LYS D 3607 2.08 40.84 -57.42
C LYS D 3607 0.87 40.79 -56.50
N THR D 3608 0.47 39.57 -56.10
CA THR D 3608 -0.64 39.43 -55.15
C THR D 3608 -0.30 40.04 -53.80
N LEU D 3609 0.95 39.85 -53.34
CA LEU D 3609 1.38 40.44 -52.07
C LEU D 3609 1.36 41.96 -52.13
N TYR D 3610 1.81 42.53 -53.25
CA TYR D 3610 1.79 43.98 -53.42
C TYR D 3610 0.35 44.53 -53.43
N GLN D 3611 -0.54 43.85 -54.15
CA GLN D 3611 -1.93 44.28 -54.22
C GLN D 3611 -2.64 44.16 -52.87
N GLN D 3612 -2.30 43.15 -52.08
CA GLN D 3612 -2.88 43.04 -50.74
C GLN D 3612 -2.26 44.04 -49.76
N ALA D 3613 -0.98 44.37 -49.94
CA ALA D 3613 -0.36 45.39 -49.10
C ALA D 3613 -0.96 46.75 -49.34
N ARG D 3614 -1.32 47.04 -50.60
CA ARG D 3614 -1.99 48.29 -50.96
C ARG D 3614 -3.24 48.53 -50.13
N LEU D 3615 -3.99 47.47 -49.81
CA LEU D 3615 -5.19 47.61 -49.02
C LEU D 3615 -4.92 47.50 -47.53
N HIS D 3616 -4.10 46.55 -47.09
CA HIS D 3616 -3.99 46.35 -45.64
C HIS D 3616 -3.02 47.33 -44.98
N GLU D 3617 -2.26 48.11 -45.74
CA GLU D 3617 -1.51 49.19 -45.13
C GLU D 3617 -2.34 50.44 -44.92
N ARG D 3618 -3.59 50.43 -45.36
CA ARG D 3618 -4.52 51.53 -45.17
C ARG D 3618 -5.67 51.18 -44.24
N GLY D 3619 -5.56 50.06 -43.52
CA GLY D 3619 -6.54 49.72 -42.50
C GLY D 3619 -7.73 48.91 -42.96
N ALA D 3620 -7.58 48.10 -44.01
CA ALA D 3620 -8.71 47.36 -44.55
C ALA D 3620 -9.08 46.14 -43.70
N ALA D 3621 -8.09 45.49 -43.07
CA ALA D 3621 -8.37 44.29 -42.29
C ALA D 3621 -9.18 44.61 -41.04
N GLU D 3622 -8.80 45.68 -40.34
CA GLU D 3622 -9.58 46.13 -39.18
C GLU D 3622 -10.98 46.54 -39.59
N MET D 3623 -11.13 47.14 -40.77
CA MET D 3623 -12.45 47.50 -41.27
C MET D 3623 -13.29 46.27 -41.55
N VAL D 3624 -12.68 45.21 -42.09
CA VAL D 3624 -13.39 43.96 -42.34
C VAL D 3624 -13.89 43.36 -41.03
N LEU D 3625 -13.02 43.32 -40.02
CA LEU D 3625 -13.43 42.80 -38.71
C LEU D 3625 -14.53 43.64 -38.08
N GLN D 3626 -14.44 44.97 -38.23
CA GLN D 3626 -15.45 45.87 -37.67
C GLN D 3626 -16.79 45.70 -38.36
N MET D 3627 -16.80 45.52 -39.68
CA MET D 3627 -18.05 45.33 -40.40
C MET D 3627 -18.68 43.99 -40.05
N ILE D 3628 -17.86 42.95 -39.88
CA ILE D 3628 -18.39 41.66 -39.45
C ILE D 3628 -18.99 41.76 -38.06
N SER D 3629 -18.32 42.48 -37.15
CA SER D 3629 -18.88 42.70 -35.81
C SER D 3629 -20.17 43.50 -35.86
N ALA D 3630 -20.22 44.53 -36.71
CA ALA D 3630 -21.39 45.39 -36.82
C ALA D 3630 -22.55 44.72 -37.54
N SER D 3631 -22.33 43.58 -38.21
CA SER D 3631 -23.43 42.88 -38.85
C SER D 3631 -24.45 42.35 -37.85
N LYS D 3632 -24.02 42.08 -36.61
CA LYS D 3632 -24.85 41.51 -35.55
C LYS D 3632 -25.45 40.16 -35.94
N GLY D 3633 -24.73 39.40 -36.76
CA GLY D 3633 -25.19 38.09 -37.18
C GLY D 3633 -26.27 38.08 -38.23
N GLU D 3634 -26.58 39.23 -38.83
CA GLU D 3634 -27.62 39.33 -39.83
C GLU D 3634 -27.00 39.41 -41.22
N MET D 3635 -27.50 38.59 -42.13
CA MET D 3635 -26.95 38.57 -43.49
C MET D 3635 -27.46 39.76 -44.29
N SER D 3636 -26.56 40.34 -45.08
CA SER D 3636 -26.85 41.49 -45.91
C SER D 3636 -25.79 41.54 -47.02
N PRO D 3637 -26.01 42.34 -48.07
CA PRO D 3637 -24.95 42.51 -49.08
C PRO D 3637 -23.64 43.03 -48.53
N MET D 3638 -23.69 43.85 -47.48
CA MET D 3638 -22.47 44.35 -46.85
C MET D 3638 -21.65 43.22 -46.24
N VAL D 3639 -22.32 42.24 -45.63
CA VAL D 3639 -21.62 41.07 -45.09
C VAL D 3639 -20.96 40.27 -46.20
N VAL D 3640 -21.66 40.13 -47.34
CA VAL D 3640 -21.12 39.38 -48.47
C VAL D 3640 -19.86 40.03 -49.00
N GLU D 3641 -19.92 41.35 -49.23
CA GLU D 3641 -18.74 42.05 -49.74
C GLU D 3641 -17.63 42.12 -48.71
N THR D 3642 -17.98 42.18 -47.41
CA THR D 3642 -16.96 42.18 -46.36
C THR D 3642 -16.21 40.85 -46.32
N LEU D 3643 -16.92 39.74 -46.43
CA LEU D 3643 -16.25 38.44 -46.44
C LEU D 3643 -15.43 38.25 -47.71
N LYS D 3644 -15.92 38.74 -48.84
CA LYS D 3644 -15.14 38.66 -50.08
C LYS D 3644 -13.85 39.49 -49.99
N LEU D 3645 -13.93 40.69 -49.40
CA LEU D 3645 -12.75 41.52 -49.24
C LEU D 3645 -11.77 40.93 -48.24
N GLY D 3646 -12.27 40.32 -47.17
CA GLY D 3646 -11.40 39.64 -46.23
C GLY D 3646 -10.69 38.45 -46.84
N ILE D 3647 -11.40 37.70 -47.69
CA ILE D 3647 -10.77 36.62 -48.45
C ILE D 3647 -9.72 37.16 -49.39
N ALA D 3648 -10.01 38.27 -50.07
CA ALA D 3648 -9.07 38.84 -51.02
C ALA D 3648 -7.79 39.33 -50.35
N ILE D 3649 -7.89 39.96 -49.18
CA ILE D 3649 -6.68 40.40 -48.50
C ILE D 3649 -6.02 39.28 -47.71
N LEU D 3650 -6.73 38.19 -47.43
CA LEU D 3650 -6.16 37.06 -46.71
C LEU D 3650 -5.71 35.93 -47.61
N ASN D 3651 -5.86 36.07 -48.92
CA ASN D 3651 -5.64 34.95 -49.83
C ASN D 3651 -4.18 34.59 -49.92
N GLY D 3652 -3.90 33.28 -49.98
CA GLY D 3652 -2.54 32.79 -49.91
C GLY D 3652 -1.99 32.65 -48.51
N GLY D 3653 -2.80 32.89 -47.49
CA GLY D 3653 -2.34 32.84 -46.12
C GLY D 3653 -1.39 33.98 -45.80
N ASN D 3654 -1.87 35.21 -45.95
CA ASN D 3654 -1.04 36.39 -45.69
C ASN D 3654 -0.80 36.52 -44.20
N ALA D 3655 0.45 36.31 -43.77
CA ALA D 3655 0.76 36.28 -42.35
C ALA D 3655 0.69 37.68 -41.72
N GLY D 3656 0.98 38.72 -42.50
CA GLY D 3656 0.86 40.07 -41.97
C GLY D 3656 -0.59 40.46 -41.69
N VAL D 3657 -1.49 40.11 -42.59
CA VAL D 3657 -2.91 40.37 -42.38
C VAL D 3657 -3.44 39.56 -41.20
N GLN D 3658 -2.99 38.31 -41.06
CA GLN D 3658 -3.38 37.49 -39.92
C GLN D 3658 -2.90 38.10 -38.61
N GLN D 3659 -1.66 38.59 -38.59
CA GLN D 3659 -1.13 39.21 -37.38
C GLN D 3659 -1.88 40.49 -37.04
N LYS D 3660 -2.21 41.30 -38.05
CA LYS D 3660 -2.96 42.52 -37.79
C LYS D 3660 -4.36 42.22 -37.27
N MET D 3661 -5.04 41.23 -37.86
CA MET D 3661 -6.38 40.86 -37.41
C MET D 3661 -6.36 40.32 -35.99
N LEU D 3662 -5.39 39.46 -35.68
CA LEU D 3662 -5.30 38.89 -34.34
C LEU D 3662 -4.93 39.95 -33.31
N ASP D 3663 -4.03 40.87 -33.67
CA ASP D 3663 -3.67 41.97 -32.77
C ASP D 3663 -4.86 42.88 -32.50
N TYR D 3664 -5.66 43.18 -33.53
CA TYR D 3664 -6.86 43.98 -33.33
C TYR D 3664 -7.86 43.26 -32.42
N LEU D 3665 -8.08 41.96 -32.66
CA LEU D 3665 -9.09 41.23 -31.90
C LEU D 3665 -8.67 41.06 -30.45
N LYS D 3666 -7.37 40.88 -30.18
CA LYS D 3666 -6.92 40.74 -28.80
C LYS D 3666 -6.77 42.08 -28.10
N GLU D 3667 -6.49 43.16 -28.84
CA GLU D 3667 -6.39 44.47 -28.21
C GLU D 3667 -7.76 45.02 -27.86
N LYS D 3668 -8.73 44.92 -28.78
CA LYS D 3668 -10.03 45.51 -28.55
C LYS D 3668 -10.95 44.64 -27.70
N LYS D 3669 -10.62 43.36 -27.52
CA LYS D 3669 -11.44 42.38 -26.80
C LYS D 3669 -12.86 42.34 -27.37
N ASP D 3670 -12.93 42.22 -28.69
CA ASP D 3670 -14.18 42.37 -29.44
C ASP D 3670 -14.93 41.04 -29.44
N ALA D 3671 -15.83 40.87 -28.48
CA ALA D 3671 -16.68 39.68 -28.43
C ALA D 3671 -17.81 39.75 -29.44
N GLY D 3672 -18.15 40.95 -29.92
CA GLY D 3672 -19.19 41.09 -30.93
C GLY D 3672 -18.83 40.43 -32.25
N PHE D 3673 -17.52 40.38 -32.56
CA PHE D 3673 -17.06 39.70 -33.77
C PHE D 3673 -17.41 38.22 -33.71
N PHE D 3674 -17.17 37.56 -32.58
CA PHE D 3674 -17.44 36.14 -32.47
C PHE D 3674 -18.93 35.86 -32.29
N GLN D 3675 -19.67 36.76 -31.62
CA GLN D 3675 -21.12 36.61 -31.57
C GLN D 3675 -21.73 36.71 -32.96
N SER D 3676 -21.25 37.65 -33.77
CA SER D 3676 -21.74 37.78 -35.13
C SER D 3676 -21.32 36.62 -36.01
N LEU D 3677 -20.11 36.06 -35.78
CA LEU D 3677 -19.69 34.87 -36.51
C LEU D 3677 -20.58 33.68 -36.21
N SER D 3678 -20.92 33.50 -34.93
CA SER D 3678 -21.84 32.42 -34.55
C SER D 3678 -23.22 32.62 -35.16
N GLY D 3679 -23.72 33.87 -35.14
CA GLY D 3679 -25.01 34.14 -35.73
C GLY D 3679 -25.04 33.94 -37.24
N LEU D 3680 -23.93 34.27 -37.91
CA LEU D 3680 -23.84 34.06 -39.36
C LEU D 3680 -23.72 32.59 -39.69
N MET D 3681 -23.03 31.82 -38.85
CA MET D 3681 -22.89 30.39 -39.09
C MET D 3681 -24.21 29.66 -38.84
N GLN D 3682 -25.00 30.11 -37.88
CA GLN D 3682 -26.26 29.44 -37.58
C GLN D 3682 -27.35 29.73 -38.61
N SER D 3683 -27.18 30.76 -39.43
CA SER D 3683 -28.18 31.11 -40.43
C SER D 3683 -27.86 30.57 -41.81
N CYS D 3684 -26.76 29.80 -41.94
CA CYS D 3684 -26.42 29.21 -43.23
C CYS D 3684 -27.39 28.09 -43.57
N SER D 3685 -27.70 27.96 -44.86
CA SER D 3685 -28.73 27.05 -45.32
C SER D 3685 -28.16 25.70 -45.72
N VAL D 3686 -29.03 24.69 -45.71
CA VAL D 3686 -28.70 23.33 -46.12
C VAL D 3686 -29.62 22.98 -47.28
N LEU D 3687 -29.54 21.74 -47.77
CA LEU D 3687 -30.41 21.30 -48.85
C LEU D 3687 -31.87 21.27 -48.38
N ASP D 3688 -32.76 21.78 -49.23
CA ASP D 3688 -34.19 21.90 -48.91
C ASP D 3688 -34.94 20.97 -49.86
N LEU D 3689 -35.37 19.82 -49.34
CA LEU D 3689 -36.01 18.82 -50.19
C LEU D 3689 -37.44 19.18 -50.56
N ASN D 3690 -38.15 19.88 -49.66
CA ASN D 3690 -39.51 20.32 -49.98
C ASN D 3690 -39.52 21.32 -51.12
N ALA D 3691 -38.59 22.29 -51.10
CA ALA D 3691 -38.49 23.25 -52.19
C ALA D 3691 -38.09 22.57 -53.49
N PHE D 3692 -37.24 21.54 -53.40
CA PHE D 3692 -36.87 20.77 -54.58
C PHE D 3692 -38.06 20.03 -55.16
N GLU D 3693 -38.90 19.45 -54.30
CA GLU D 3693 -40.09 18.75 -54.78
C GLU D 3693 -41.09 19.71 -55.41
N ARG D 3694 -41.27 20.90 -54.82
CA ARG D 3694 -42.17 21.90 -55.42
C ARG D 3694 -41.63 22.39 -56.76
N GLN D 3695 -40.32 22.57 -56.86
CA GLN D 3695 -39.71 22.95 -58.13
C GLN D 3695 -39.89 21.86 -59.19
N ASN D 3696 -39.74 20.59 -58.79
CA ASN D 3696 -39.95 19.49 -59.72
C ASN D 3696 -41.40 19.41 -60.17
N LYS D 3697 -42.34 19.65 -59.26
CA LYS D 3697 -43.76 19.68 -59.62
C LYS D 3697 -44.06 20.80 -60.61
N ALA D 3698 -43.50 21.99 -60.35
CA ALA D 3698 -43.71 23.12 -61.25
C ALA D 3698 -43.10 22.87 -62.63
N GLU D 3699 -41.91 22.25 -62.66
CA GLU D 3699 -41.29 21.92 -63.95
C GLU D 3699 -42.06 20.83 -64.67
N GLY D 3700 -42.68 19.90 -63.94
CA GLY D 3700 -43.55 18.91 -64.53
C GLY D 3700 -44.88 19.43 -65.02
N LEU D 3701 -45.32 20.58 -64.49
CA LEU D 3701 -46.51 21.25 -64.99
C LEU D 3701 -46.21 22.21 -66.13
N GLY D 3702 -45.06 22.06 -66.79
CA GLY D 3702 -44.71 22.88 -67.93
C GLY D 3702 -44.44 24.33 -67.62
N MET D 3703 -43.79 24.63 -66.49
CA MET D 3703 -43.46 25.98 -66.10
C MET D 3703 -41.95 26.14 -66.06
N VAL D 3704 -41.44 27.22 -66.65
CA VAL D 3704 -40.00 27.48 -66.67
C VAL D 3704 -39.61 28.14 -65.36
N THR D 3705 -38.67 27.53 -64.65
CA THR D 3705 -38.27 28.01 -63.34
C THR D 3705 -37.22 29.10 -63.46
N GLU D 3706 -37.37 30.15 -62.68
CA GLU D 3706 -36.41 31.25 -62.65
C GLU D 3706 -35.17 30.85 -61.86
N GLU D 3707 -34.14 31.70 -61.94
CA GLU D 3707 -32.89 31.43 -61.23
C GLU D 3707 -33.09 31.50 -59.72
N GLY D 3708 -33.90 32.46 -59.25
CA GLY D 3708 -34.18 32.56 -57.83
C GLY D 3708 -34.94 31.37 -57.28
N THR D 3709 -35.81 30.78 -58.10
CA THR D 3709 -36.50 29.55 -57.69
C THR D 3709 -35.53 28.38 -57.59
N ARG D 3710 -34.63 28.25 -58.56
CA ARG D 3710 -33.66 27.16 -58.54
C ARG D 3710 -32.61 27.34 -57.45
N GLU D 3711 -32.40 28.57 -56.98
CA GLU D 3711 -31.46 28.83 -55.90
C GLU D 3711 -32.10 28.76 -54.52
N LYS D 3712 -33.21 28.05 -54.38
CA LYS D 3712 -33.86 27.89 -53.09
C LYS D 3712 -33.58 26.55 -52.43
N VAL D 3713 -33.14 25.55 -53.21
CA VAL D 3713 -32.85 24.24 -52.64
C VAL D 3713 -31.64 24.30 -51.73
N LEU D 3714 -30.55 24.93 -52.20
CA LEU D 3714 -29.38 25.23 -51.37
C LEU D 3714 -29.11 26.72 -51.57
N GLN D 3715 -29.68 27.54 -50.69
CA GLN D 3715 -29.67 28.97 -50.85
C GLN D 3715 -28.43 29.58 -50.19
N ASN D 3716 -27.84 30.57 -50.88
CA ASN D 3716 -26.66 31.31 -50.42
C ASN D 3716 -25.48 30.38 -50.14
N ASP D 3717 -25.24 29.44 -51.06
CA ASP D 3717 -24.12 28.52 -50.89
C ASP D 3717 -22.78 29.22 -51.11
N GLU D 3718 -22.77 30.24 -51.98
CA GLU D 3718 -21.56 31.00 -52.19
C GLU D 3718 -21.15 31.77 -50.93
N PHE D 3719 -22.14 32.31 -50.20
CA PHE D 3719 -21.86 32.96 -48.93
C PHE D 3719 -21.33 31.96 -47.90
N THR D 3720 -21.88 30.74 -47.87
CA THR D 3720 -21.41 29.72 -46.94
C THR D 3720 -19.97 29.34 -47.23
N ARG D 3721 -19.65 29.14 -48.51
CA ARG D 3721 -18.29 28.83 -48.90
C ARG D 3721 -17.34 29.99 -48.58
N ASP D 3722 -17.79 31.23 -48.78
CA ASP D 3722 -16.97 32.40 -48.45
C ASP D 3722 -16.72 32.51 -46.95
N LEU D 3723 -17.75 32.25 -46.14
CA LEU D 3723 -17.62 32.34 -44.69
C LEU D 3723 -16.63 31.31 -44.17
N PHE D 3724 -16.79 30.06 -44.60
CA PHE D 3724 -15.85 29.05 -44.12
C PHE D 3724 -14.48 29.13 -44.76
N ARG D 3725 -14.38 29.74 -45.96
CA ARG D 3725 -13.08 30.02 -46.54
C ARG D 3725 -12.35 31.11 -45.76
N PHE D 3726 -13.07 32.13 -45.30
CA PHE D 3726 -12.47 33.16 -44.45
C PHE D 3726 -12.00 32.57 -43.13
N LEU D 3727 -12.82 31.70 -42.52
CA LEU D 3727 -12.43 31.06 -41.27
C LEU D 3727 -11.24 30.13 -41.47
N GLN D 3728 -11.15 29.47 -42.63
CA GLN D 3728 -9.97 28.66 -42.95
C GLN D 3728 -8.74 29.53 -43.15
N LEU D 3729 -8.87 30.65 -43.86
CA LEU D 3729 -7.74 31.54 -44.12
C LEU D 3729 -7.23 32.23 -42.87
N LEU D 3730 -8.05 32.34 -41.82
CA LEU D 3730 -7.51 32.84 -40.55
C LEU D 3730 -6.46 31.91 -39.97
N CYS D 3731 -6.60 30.60 -40.17
CA CYS D 3731 -5.73 29.61 -39.57
C CYS D 3731 -4.70 29.05 -40.54
N GLU D 3732 -4.59 29.61 -41.75
CA GLU D 3732 -3.74 29.05 -42.78
C GLU D 3732 -2.27 29.20 -42.41
N GLY D 3733 -1.47 28.21 -42.79
CA GLY D 3733 -0.07 28.20 -42.42
C GLY D 3733 0.20 27.67 -41.03
N HIS D 3734 -0.74 26.91 -40.46
CA HIS D 3734 -0.69 26.38 -39.09
C HIS D 3734 -0.47 27.50 -38.08
N ASN D 3735 -1.22 28.59 -38.25
CA ASN D 3735 -1.14 29.73 -37.34
C ASN D 3735 -1.79 29.37 -36.02
N SER D 3736 -0.99 28.88 -35.07
CA SER D 3736 -1.53 28.26 -33.86
C SER D 3736 -2.17 29.26 -32.91
N ASP D 3737 -1.78 30.53 -32.99
CA ASP D 3737 -2.39 31.55 -32.15
C ASP D 3737 -3.86 31.76 -32.51
N PHE D 3738 -4.14 31.93 -33.80
CA PHE D 3738 -5.53 32.05 -34.24
C PHE D 3738 -6.29 30.73 -34.09
N GLN D 3739 -5.60 29.59 -34.23
CA GLN D 3739 -6.23 28.30 -34.01
C GLN D 3739 -6.70 28.15 -32.57
N ASN D 3740 -5.89 28.57 -31.61
CA ASN D 3740 -6.32 28.54 -30.22
C ASN D 3740 -7.31 29.64 -29.90
N PHE D 3741 -7.24 30.77 -30.60
CA PHE D 3741 -8.15 31.88 -30.31
C PHE D 3741 -9.56 31.62 -30.81
N LEU D 3742 -9.70 30.90 -31.93
CA LEU D 3742 -11.03 30.57 -32.43
C LEU D 3742 -11.76 29.59 -31.53
N ARG D 3743 -11.03 28.79 -30.73
CA ARG D 3743 -11.67 27.87 -29.81
C ARG D 3743 -12.12 28.58 -28.53
N THR D 3744 -11.17 29.18 -27.81
CA THR D 3744 -11.46 29.92 -26.60
C THR D 3744 -10.85 31.31 -26.71
N GLN D 3745 -11.65 32.34 -26.45
CA GLN D 3745 -11.18 33.73 -26.51
C GLN D 3745 -10.89 34.18 -25.09
N MET D 3746 -9.62 34.02 -24.68
CA MET D 3746 -9.21 34.41 -23.34
C MET D 3746 -9.14 35.92 -23.23
N GLY D 3747 -9.71 36.46 -22.15
CA GLY D 3747 -9.72 37.89 -21.91
C GLY D 3747 -11.02 38.57 -22.29
N ASN D 3748 -11.86 37.93 -23.09
CA ASN D 3748 -13.14 38.49 -23.47
C ASN D 3748 -14.21 38.11 -22.45
N THR D 3749 -15.30 38.89 -22.44
CA THR D 3749 -16.39 38.61 -21.50
C THR D 3749 -17.11 37.32 -21.86
N THR D 3750 -17.37 37.10 -23.14
CA THR D 3750 -18.04 35.90 -23.62
C THR D 3750 -17.13 35.15 -24.57
N THR D 3751 -17.35 33.84 -24.66
CA THR D 3751 -16.53 32.97 -25.49
C THR D 3751 -17.43 32.16 -26.43
N ILE D 3752 -17.08 32.16 -27.71
CA ILE D 3752 -17.80 31.39 -28.72
C ILE D 3752 -16.80 30.40 -29.32
N ASN D 3753 -17.17 29.12 -29.30
CA ASN D 3753 -16.35 28.06 -29.88
C ASN D 3753 -16.73 27.93 -31.35
N VAL D 3754 -15.86 28.44 -32.23
CA VAL D 3754 -16.13 28.43 -33.66
C VAL D 3754 -16.03 27.02 -34.23
N ILE D 3755 -15.18 26.18 -33.64
CA ILE D 3755 -14.98 24.82 -34.12
C ILE D 3755 -16.25 24.01 -33.96
N ILE D 3756 -16.91 24.12 -32.80
CA ILE D 3756 -18.14 23.40 -32.55
C ILE D 3756 -19.27 23.91 -33.45
N SER D 3757 -19.29 25.20 -33.74
CA SER D 3757 -20.28 25.76 -34.66
C SER D 3757 -20.09 25.21 -36.08
N THR D 3758 -18.83 25.06 -36.51
CA THR D 3758 -18.55 24.44 -37.80
C THR D 3758 -19.02 22.99 -37.82
N VAL D 3759 -18.81 22.27 -36.72
CA VAL D 3759 -19.27 20.88 -36.64
C VAL D 3759 -20.79 20.81 -36.69
N ASP D 3760 -21.47 21.76 -36.05
CA ASP D 3760 -22.93 21.79 -36.04
C ASP D 3760 -23.49 22.02 -37.43
N TYR D 3761 -22.92 22.97 -38.17
CA TYR D 3761 -23.37 23.18 -39.55
C TYR D 3761 -23.06 21.97 -40.41
N LEU D 3762 -21.91 21.31 -40.17
CA LEU D 3762 -21.58 20.10 -40.92
C LEU D 3762 -22.60 19.00 -40.66
N LEU D 3763 -23.06 18.87 -39.42
CA LEU D 3763 -24.06 17.86 -39.09
C LEU D 3763 -25.40 18.15 -39.75
N ARG D 3764 -25.81 19.43 -39.76
CA ARG D 3764 -27.06 19.79 -40.44
C ARG D 3764 -26.96 19.51 -41.95
N LEU D 3765 -25.83 19.87 -42.55
CA LEU D 3765 -25.64 19.62 -43.98
C LEU D 3765 -25.60 18.13 -44.29
N GLN D 3766 -25.00 17.33 -43.41
CA GLN D 3766 -24.96 15.88 -43.61
C GLN D 3766 -26.36 15.28 -43.54
N GLU D 3767 -27.19 15.76 -42.62
CA GLU D 3767 -28.57 15.28 -42.54
C GLU D 3767 -29.35 15.63 -43.81
N SER D 3768 -29.13 16.84 -44.34
CA SER D 3768 -29.79 17.23 -45.59
C SER D 3768 -29.33 16.36 -46.77
N ILE D 3769 -28.03 16.05 -46.84
CA ILE D 3769 -27.52 15.22 -47.92
C ILE D 3769 -28.04 13.79 -47.82
N SER D 3770 -28.19 13.28 -46.59
CA SER D 3770 -28.79 11.97 -46.40
C SER D 3770 -30.25 11.96 -46.85
N ASP D 3771 -30.99 13.03 -46.57
CA ASP D 3771 -32.37 13.14 -47.05
C ASP D 3771 -32.42 13.16 -48.58
N PHE D 3772 -31.50 13.89 -49.22
CA PHE D 3772 -31.45 13.92 -50.68
C PHE D 3772 -31.13 12.55 -51.27
N TYR D 3773 -30.18 11.83 -50.66
CA TYR D 3773 -29.87 10.48 -51.12
C TYR D 3773 -31.06 9.55 -50.98
N TRP D 3774 -31.76 9.61 -49.84
CA TRP D 3774 -32.92 8.75 -49.67
C TRP D 3774 -34.05 9.11 -50.61
N TYR D 3775 -34.11 10.39 -51.03
CA TYR D 3775 -35.02 10.74 -52.12
C TYR D 3775 -34.60 10.05 -53.42
N TYR D 3776 -33.30 10.04 -53.72
CA TYR D 3776 -32.83 9.50 -54.99
C TYR D 3776 -32.41 8.04 -54.92
N SER D 3777 -32.62 7.37 -53.78
CA SER D 3777 -32.11 6.01 -53.63
C SER D 3777 -32.87 5.02 -54.52
N GLY D 3778 -34.18 5.20 -54.67
CA GLY D 3778 -35.00 4.29 -55.42
C GLY D 3778 -35.13 4.57 -56.89
N LYS D 3779 -34.38 5.53 -57.43
CA LYS D 3779 -34.48 5.91 -58.83
C LYS D 3779 -33.26 5.43 -59.61
N ASP D 3780 -33.48 5.09 -60.88
CA ASP D 3780 -32.41 4.58 -61.71
C ASP D 3780 -31.43 5.68 -62.10
N ILE D 3781 -31.94 6.85 -62.46
CA ILE D 3781 -31.10 7.95 -62.92
C ILE D 3781 -31.33 9.16 -62.02
N ILE D 3782 -30.42 10.13 -62.14
CA ILE D 3782 -30.52 11.42 -61.46
C ILE D 3782 -30.59 12.50 -62.53
N ASP D 3783 -31.57 13.38 -62.41
CA ASP D 3783 -31.79 14.43 -63.41
C ASP D 3783 -30.78 15.56 -63.21
N GLU D 3784 -30.95 16.64 -63.98
CA GLU D 3784 -29.97 17.74 -63.95
C GLU D 3784 -30.10 18.57 -62.68
N SER D 3785 -31.34 18.77 -62.19
CA SER D 3785 -31.53 19.56 -60.98
C SER D 3785 -30.94 18.85 -59.76
N GLY D 3786 -31.13 17.52 -59.67
CA GLY D 3786 -30.54 16.77 -58.60
C GLY D 3786 -29.02 16.79 -58.63
N GLN D 3787 -28.44 16.68 -59.83
CA GLN D 3787 -26.98 16.74 -59.97
C GLN D 3787 -26.46 18.12 -59.62
N HIS D 3788 -27.17 19.18 -60.01
CA HIS D 3788 -26.76 20.55 -59.70
C HIS D 3788 -26.76 20.79 -58.19
N ASN D 3789 -27.84 20.38 -57.52
CA ASN D 3789 -27.91 20.57 -56.07
C ASN D 3789 -26.91 19.69 -55.34
N PHE D 3790 -26.69 18.47 -55.84
CA PHE D 3790 -25.68 17.59 -55.25
C PHE D 3790 -24.28 18.20 -55.39
N SER D 3791 -23.97 18.77 -56.55
CA SER D 3791 -22.66 19.38 -56.74
C SER D 3791 -22.46 20.58 -55.82
N LYS D 3792 -23.50 21.40 -55.65
CA LYS D 3792 -23.42 22.51 -54.71
C LYS D 3792 -23.17 22.04 -53.27
N ALA D 3793 -23.92 21.00 -52.85
CA ALA D 3793 -23.76 20.48 -51.50
C ALA D 3793 -22.38 19.88 -51.28
N LEU D 3794 -21.85 19.17 -52.28
CA LEU D 3794 -20.52 18.59 -52.16
C LEU D 3794 -19.44 19.66 -52.13
N ALA D 3795 -19.62 20.77 -52.87
CA ALA D 3795 -18.67 21.86 -52.81
C ALA D 3795 -18.64 22.50 -51.41
N VAL D 3796 -19.83 22.72 -50.83
CA VAL D 3796 -19.89 23.29 -49.49
C VAL D 3796 -19.25 22.33 -48.47
N THR D 3797 -19.51 21.03 -48.61
CA THR D 3797 -18.95 20.05 -47.69
C THR D 3797 -17.43 19.98 -47.80
N LYS D 3798 -16.91 20.12 -49.03
CA LYS D 3798 -15.47 20.15 -49.23
C LYS D 3798 -14.85 21.35 -48.53
N GLN D 3799 -15.50 22.51 -48.62
CA GLN D 3799 -15.00 23.68 -47.93
C GLN D 3799 -15.01 23.49 -46.40
N ILE D 3800 -16.05 22.86 -45.87
CA ILE D 3800 -16.13 22.65 -44.42
C ILE D 3800 -15.07 21.66 -43.95
N PHE D 3801 -14.83 20.59 -44.71
CA PHE D 3801 -13.76 19.65 -44.36
C PHE D 3801 -12.39 20.32 -44.40
N ASN D 3802 -12.16 21.18 -45.40
CA ASN D 3802 -10.90 21.92 -45.46
C ASN D 3802 -10.75 22.85 -44.25
N SER D 3803 -11.84 23.50 -43.84
CA SER D 3803 -11.79 24.37 -42.67
C SER D 3803 -11.46 23.60 -41.39
N LEU D 3804 -12.09 22.44 -41.19
CA LEU D 3804 -11.80 21.64 -40.00
C LEU D 3804 -10.35 21.14 -40.01
N THR D 3805 -9.86 20.72 -41.18
CA THR D 3805 -8.47 20.30 -41.32
C THR D 3805 -7.52 21.44 -40.98
N GLU D 3806 -7.85 22.67 -41.39
CA GLU D 3806 -7.01 23.80 -41.03
C GLU D 3806 -7.10 24.12 -39.54
N TYR D 3807 -8.25 23.87 -38.91
CA TYR D 3807 -8.37 24.09 -37.48
C TYR D 3807 -7.46 23.16 -36.70
N ILE D 3808 -7.37 21.89 -37.11
CA ILE D 3808 -6.67 20.91 -36.28
C ILE D 3808 -5.21 20.66 -36.65
N GLN D 3809 -4.79 21.06 -37.85
CA GLN D 3809 -3.42 20.76 -38.26
C GLN D 3809 -2.41 21.64 -37.53
N GLY D 3810 -1.17 21.17 -37.48
CA GLY D 3810 -0.11 21.83 -36.75
C GLY D 3810 0.74 20.97 -35.82
N PRO D 3811 0.16 20.05 -35.01
CA PRO D 3811 -1.24 19.87 -34.60
C PRO D 3811 -1.66 20.83 -33.49
N CYS D 3812 -2.96 21.11 -33.36
CA CYS D 3812 -3.49 21.87 -32.24
C CYS D 3812 -4.18 20.88 -31.32
N ILE D 3813 -3.60 20.68 -30.13
CA ILE D 3813 -4.11 19.67 -29.20
C ILE D 3813 -5.50 20.04 -28.69
N GLY D 3814 -5.71 21.33 -28.40
CA GLY D 3814 -7.00 21.77 -27.91
C GLY D 3814 -8.11 21.60 -28.94
N ASN D 3815 -7.82 21.92 -30.20
CA ASN D 3815 -8.82 21.75 -31.24
C ASN D 3815 -9.06 20.28 -31.57
N GLN D 3816 -8.03 19.45 -31.48
CA GLN D 3816 -8.22 18.02 -31.67
C GLN D 3816 -9.10 17.43 -30.56
N GLN D 3817 -8.87 17.83 -29.32
CA GLN D 3817 -9.70 17.34 -28.22
C GLN D 3817 -11.11 17.91 -28.28
N SER D 3818 -11.27 19.13 -28.80
CA SER D 3818 -12.60 19.68 -29.02
C SER D 3818 -13.35 18.91 -30.11
N LEU D 3819 -12.64 18.52 -31.18
CA LEU D 3819 -13.27 17.75 -32.25
C LEU D 3819 -13.62 16.34 -31.79
N ALA D 3820 -12.78 15.74 -30.96
CA ALA D 3820 -13.05 14.39 -30.47
C ALA D 3820 -14.29 14.36 -29.58
N HIS D 3821 -14.46 15.38 -28.74
CA HIS D 3821 -15.63 15.47 -27.87
C HIS D 3821 -16.67 16.39 -28.50
N SER D 3822 -17.27 15.90 -29.58
CA SER D 3822 -18.27 16.65 -30.34
C SER D 3822 -19.14 15.67 -31.10
N ARG D 3823 -19.95 16.18 -32.01
CA ARG D 3823 -20.82 15.36 -32.85
C ARG D 3823 -20.24 15.13 -34.24
N LEU D 3824 -18.92 15.11 -34.36
CA LEU D 3824 -18.28 14.92 -35.65
C LEU D 3824 -18.41 13.48 -36.14
N TRP D 3825 -18.36 12.52 -35.22
CA TRP D 3825 -18.37 11.11 -35.59
C TRP D 3825 -19.69 10.67 -36.20
N ASP D 3826 -20.81 11.25 -35.75
CA ASP D 3826 -22.10 10.95 -36.36
C ASP D 3826 -22.15 11.43 -37.80
N ALA D 3827 -21.59 12.62 -38.05
CA ALA D 3827 -21.48 13.12 -39.41
C ALA D 3827 -20.59 12.23 -40.25
N VAL D 3828 -19.51 11.71 -39.66
CA VAL D 3828 -18.62 10.79 -40.36
C VAL D 3828 -19.34 9.51 -40.75
N VAL D 3829 -20.16 8.96 -39.83
CA VAL D 3829 -20.91 7.74 -40.11
C VAL D 3829 -21.91 7.96 -41.24
N GLY D 3830 -22.66 9.07 -41.17
CA GLY D 3830 -23.62 9.37 -42.23
C GLY D 3830 -22.96 9.62 -43.57
N PHE D 3831 -21.81 10.30 -43.57
CA PHE D 3831 -21.08 10.55 -44.80
C PHE D 3831 -20.52 9.27 -45.38
N LEU D 3832 -20.08 8.34 -44.52
CA LEU D 3832 -19.59 7.05 -45.02
C LEU D 3832 -20.72 6.25 -45.68
N HIS D 3833 -21.91 6.28 -45.08
CA HIS D 3833 -23.07 5.62 -45.70
C HIS D 3833 -23.38 6.22 -47.06
N VAL D 3834 -23.43 7.55 -47.15
CA VAL D 3834 -23.72 8.22 -48.42
C VAL D 3834 -22.63 7.95 -49.44
N PHE D 3835 -21.36 7.97 -49.00
CA PHE D 3835 -20.23 7.74 -49.90
C PHE D 3835 -20.29 6.35 -50.52
N ALA D 3836 -20.48 5.32 -49.70
CA ALA D 3836 -20.52 3.95 -50.20
C ALA D 3836 -21.70 3.75 -51.17
N ASN D 3837 -22.89 4.18 -50.75
CA ASN D 3837 -24.07 3.91 -51.57
C ASN D 3837 -24.07 4.73 -52.86
N MET D 3838 -23.68 6.01 -52.79
CA MET D 3838 -23.62 6.82 -54.00
C MET D 3838 -22.47 6.40 -54.91
N GLN D 3839 -21.38 5.89 -54.36
CA GLN D 3839 -20.29 5.35 -55.18
C GLN D 3839 -20.79 4.19 -56.02
N MET D 3840 -21.45 3.22 -55.37
CA MET D 3840 -21.99 2.07 -56.10
C MET D 3840 -23.09 2.48 -57.07
N LYS D 3841 -23.90 3.49 -56.72
CA LYS D 3841 -24.98 3.92 -57.59
C LYS D 3841 -24.47 4.65 -58.82
N LEU D 3842 -23.54 5.59 -58.64
CA LEU D 3842 -23.07 6.44 -59.72
C LEU D 3842 -22.00 5.79 -60.58
N SER D 3843 -21.39 4.68 -60.15
CA SER D 3843 -20.42 4.03 -61.00
C SER D 3843 -21.04 3.32 -62.20
N GLN D 3844 -22.35 3.07 -62.17
CA GLN D 3844 -23.00 2.24 -63.18
C GLN D 3844 -23.57 3.03 -64.35
N ASP D 3845 -23.44 4.35 -64.37
CA ASP D 3845 -23.97 5.16 -65.46
C ASP D 3845 -22.91 6.11 -65.96
N SER D 3846 -22.90 6.34 -67.28
CA SER D 3846 -21.91 7.18 -67.92
C SER D 3846 -22.29 8.65 -67.96
N SER D 3847 -23.50 9.01 -67.54
CA SER D 3847 -23.91 10.40 -67.47
C SER D 3847 -23.59 11.03 -66.12
N GLN D 3848 -22.96 10.29 -65.22
CA GLN D 3848 -22.66 10.74 -63.86
C GLN D 3848 -21.18 10.56 -63.56
N ILE D 3849 -20.33 11.01 -64.48
CA ILE D 3849 -18.89 10.90 -64.30
C ILE D 3849 -18.36 12.03 -63.44
N GLU D 3850 -18.80 13.26 -63.73
CA GLU D 3850 -18.35 14.42 -62.96
C GLU D 3850 -18.84 14.34 -61.52
N LEU D 3851 -20.07 13.87 -61.32
CA LEU D 3851 -20.61 13.74 -59.96
C LEU D 3851 -19.82 12.69 -59.17
N LEU D 3852 -19.43 11.60 -59.82
CA LEU D 3852 -18.61 10.59 -59.17
C LEU D 3852 -17.23 11.14 -58.83
N LYS D 3853 -16.66 11.96 -59.71
CA LYS D 3853 -15.37 12.60 -59.42
C LYS D 3853 -15.47 13.53 -58.22
N GLU D 3854 -16.55 14.31 -58.14
CA GLU D 3854 -16.75 15.21 -57.00
C GLU D 3854 -16.96 14.44 -55.70
N LEU D 3855 -17.71 13.34 -55.76
CA LEU D 3855 -17.91 12.50 -54.59
C LEU D 3855 -16.60 11.89 -54.10
N LEU D 3856 -15.76 11.44 -55.04
CA LEU D 3856 -14.48 10.85 -54.66
C LEU D 3856 -13.52 11.88 -54.11
N ASP D 3857 -13.55 13.10 -54.65
CA ASP D 3857 -12.74 14.19 -54.08
C ASP D 3857 -13.19 14.53 -52.66
N LEU D 3858 -14.50 14.54 -52.42
CA LEU D 3858 -15.01 14.79 -51.08
C LEU D 3858 -14.61 13.68 -50.12
N LEU D 3859 -14.62 12.43 -50.60
CA LEU D 3859 -14.16 11.31 -49.77
C LEU D 3859 -12.69 11.46 -49.39
N GLN D 3860 -11.85 11.88 -50.35
CA GLN D 3860 -10.44 12.08 -50.04
C GLN D 3860 -10.24 13.22 -49.05
N ASP D 3861 -11.04 14.29 -49.16
CA ASP D 3861 -10.98 15.37 -48.19
C ASP D 3861 -11.36 14.90 -46.78
N MET D 3862 -12.40 14.09 -46.68
CA MET D 3862 -12.81 13.56 -45.37
C MET D 3862 -11.74 12.65 -44.77
N VAL D 3863 -11.11 11.81 -45.59
CA VAL D 3863 -10.05 10.93 -45.09
C VAL D 3863 -8.82 11.75 -44.67
N VAL D 3864 -8.52 12.82 -45.39
CA VAL D 3864 -7.42 13.71 -45.01
C VAL D 3864 -7.72 14.38 -43.66
N MET D 3865 -8.97 14.79 -43.44
CA MET D 3865 -9.34 15.36 -42.14
C MET D 3865 -9.21 14.32 -41.03
N LEU D 3866 -9.62 13.09 -41.29
CA LEU D 3866 -9.50 12.03 -40.28
C LEU D 3866 -8.04 11.70 -39.98
N LEU D 3867 -7.17 11.82 -40.98
CA LEU D 3867 -5.73 11.64 -40.75
C LEU D 3867 -5.16 12.80 -39.94
N SER D 3868 -5.66 14.01 -40.18
CA SER D 3868 -5.19 15.17 -39.41
C SER D 3868 -5.67 15.09 -37.96
N LEU D 3869 -6.78 14.39 -37.70
CA LEU D 3869 -7.20 14.15 -36.32
C LEU D 3869 -6.23 13.25 -35.58
N LEU D 3870 -5.62 12.28 -36.27
CA LEU D 3870 -4.69 11.33 -35.68
C LEU D 3870 -3.27 11.84 -35.62
N GLU D 3871 -3.06 13.16 -35.71
CA GLU D 3871 -1.73 13.74 -35.77
C GLU D 3871 -1.17 13.86 -34.36
N GLY D 3872 -0.03 13.23 -34.12
CA GLY D 3872 0.54 13.18 -32.79
C GLY D 3872 -0.25 12.39 -31.79
N ASN D 3873 -0.84 11.28 -32.22
CA ASN D 3873 -1.62 10.42 -31.34
C ASN D 3873 -0.73 9.35 -30.73
N VAL D 3874 -0.91 9.12 -29.42
CA VAL D 3874 -0.10 8.17 -28.68
C VAL D 3874 -0.69 6.77 -28.83
N VAL D 3875 0.08 5.75 -28.42
CA VAL D 3875 -0.43 4.39 -28.41
C VAL D 3875 -1.52 4.28 -27.37
N ASN D 3876 -2.66 3.69 -27.76
CA ASN D 3876 -3.87 3.58 -26.95
C ASN D 3876 -4.38 4.96 -26.51
N GLY D 3877 -4.40 5.90 -27.45
CA GLY D 3877 -4.96 7.21 -27.19
C GLY D 3877 -6.46 7.24 -27.39
N THR D 3878 -7.06 8.34 -26.92
CA THR D 3878 -8.52 8.42 -26.90
C THR D 3878 -9.11 8.65 -28.29
N ILE D 3879 -8.46 9.49 -29.09
CA ILE D 3879 -8.96 9.80 -30.43
C ILE D 3879 -8.89 8.57 -31.33
N GLY D 3880 -7.85 7.75 -31.16
CA GLY D 3880 -7.78 6.49 -31.89
C GLY D 3880 -8.89 5.54 -31.51
N LYS D 3881 -9.22 5.47 -30.21
CA LYS D 3881 -10.34 4.64 -29.76
C LYS D 3881 -11.66 5.12 -30.36
N GLN D 3882 -11.87 6.44 -30.37
CA GLN D 3882 -13.13 6.95 -30.91
C GLN D 3882 -13.22 6.76 -32.42
N MET D 3883 -12.09 6.86 -33.12
CA MET D 3883 -12.10 6.62 -34.56
C MET D 3883 -12.33 5.15 -34.87
N VAL D 3884 -11.77 4.24 -34.06
CA VAL D 3884 -12.04 2.81 -34.23
C VAL D 3884 -13.51 2.51 -33.96
N ASP D 3885 -14.09 3.14 -32.93
CA ASP D 3885 -15.52 2.97 -32.66
C ASP D 3885 -16.38 3.47 -33.81
N THR D 3886 -16.01 4.62 -34.39
CA THR D 3886 -16.75 5.16 -35.53
C THR D 3886 -16.66 4.25 -36.75
N LEU D 3887 -15.47 3.71 -37.02
CA LEU D 3887 -15.31 2.84 -38.18
C LEU D 3887 -15.98 1.49 -37.98
N VAL D 3888 -16.02 1.00 -36.73
CA VAL D 3888 -16.73 -0.25 -36.45
C VAL D 3888 -18.24 -0.04 -36.57
N GLU D 3889 -18.73 1.13 -36.12
CA GLU D 3889 -20.16 1.43 -36.18
C GLU D 3889 -20.68 1.48 -37.61
N SER D 3890 -19.84 1.89 -38.56
CA SER D 3890 -20.20 1.97 -39.97
C SER D 3890 -19.38 1.00 -40.79
N SER D 3891 -19.23 -0.24 -40.29
CA SER D 3891 -18.31 -1.19 -40.91
C SER D 3891 -18.83 -1.73 -42.24
N THR D 3892 -20.15 -1.78 -42.43
CA THR D 3892 -20.71 -2.26 -43.69
C THR D 3892 -20.36 -1.33 -44.84
N ASN D 3893 -20.50 -0.03 -44.63
CA ASN D 3893 -20.16 0.95 -45.67
C ASN D 3893 -18.66 1.00 -45.90
N VAL D 3894 -17.87 0.83 -44.84
CA VAL D 3894 -16.42 0.75 -44.99
C VAL D 3894 -16.03 -0.46 -45.84
N GLU D 3895 -16.68 -1.60 -45.60
CA GLU D 3895 -16.43 -2.79 -46.40
C GLU D 3895 -16.85 -2.59 -47.86
N MET D 3896 -17.96 -1.87 -48.08
CA MET D 3896 -18.39 -1.58 -49.45
C MET D 3896 -17.35 -0.70 -50.18
N ILE D 3897 -16.86 0.33 -49.51
CA ILE D 3897 -15.85 1.21 -50.11
C ILE D 3897 -14.56 0.45 -50.39
N LEU D 3898 -14.15 -0.41 -49.45
CA LEU D 3898 -12.95 -1.21 -49.63
C LEU D 3898 -13.10 -2.22 -50.77
N LYS D 3899 -14.29 -2.80 -50.93
CA LYS D 3899 -14.52 -3.73 -52.04
C LYS D 3899 -14.48 -3.00 -53.38
N PHE D 3900 -15.05 -1.79 -53.43
CA PHE D 3900 -14.96 -0.95 -54.62
C PHE D 3900 -13.50 -0.69 -55.00
N PHE D 3901 -12.70 -0.24 -54.02
CA PHE D 3901 -11.29 0.04 -54.28
C PHE D 3901 -10.52 -1.22 -54.67
N ASP D 3902 -10.80 -2.34 -53.99
CA ASP D 3902 -10.09 -3.58 -54.27
C ASP D 3902 -10.39 -4.10 -55.67
N MET D 3903 -11.65 -4.04 -56.09
CA MET D 3903 -12.02 -4.47 -57.44
C MET D 3903 -11.35 -3.60 -58.49
N PHE D 3904 -11.38 -2.29 -58.31
CA PHE D 3904 -10.78 -1.45 -59.35
C PHE D 3904 -9.27 -1.31 -59.22
N LEU D 3905 -8.65 -1.89 -58.19
CA LEU D 3905 -7.20 -2.04 -58.16
C LEU D 3905 -6.76 -3.38 -58.72
N LYS D 3906 -7.56 -4.43 -58.57
CA LYS D 3906 -7.27 -5.69 -59.25
C LYS D 3906 -7.46 -5.57 -60.76
N LEU D 3907 -8.35 -4.66 -61.18
CA LEU D 3907 -8.66 -4.52 -62.61
C LEU D 3907 -7.45 -4.11 -63.43
N LYS D 3908 -6.53 -3.35 -62.84
CA LYS D 3908 -5.35 -2.90 -63.58
C LYS D 3908 -4.40 -4.05 -63.86
N ASP D 3909 -4.14 -4.90 -62.86
CA ASP D 3909 -3.22 -6.01 -63.07
C ASP D 3909 -3.86 -7.14 -63.86
N LEU D 3910 -5.19 -7.28 -63.80
CA LEU D 3910 -5.82 -8.35 -64.57
C LEU D 3910 -6.05 -7.98 -66.03
N THR D 3911 -5.90 -6.71 -66.41
CA THR D 3911 -5.99 -6.30 -67.80
C THR D 3911 -4.63 -6.05 -68.43
N SER D 3912 -3.54 -6.43 -67.76
CA SER D 3912 -2.20 -6.34 -68.32
C SER D 3912 -1.49 -7.68 -68.33
N SER D 3913 -2.17 -8.75 -67.94
CA SER D 3913 -1.56 -10.08 -67.91
C SER D 3913 -1.48 -10.65 -69.33
N ASP D 3914 -0.79 -11.79 -69.44
CA ASP D 3914 -0.60 -12.42 -70.74
C ASP D 3914 -1.88 -13.06 -71.27
N THR D 3915 -2.72 -13.57 -70.36
CA THR D 3915 -3.98 -14.17 -70.79
C THR D 3915 -4.92 -13.14 -71.41
N PHE D 3916 -5.02 -11.96 -70.81
CA PHE D 3916 -5.84 -10.90 -71.39
C PHE D 3916 -5.23 -10.37 -72.68
N LYS D 3917 -3.90 -10.40 -72.80
CA LYS D 3917 -3.25 -10.04 -74.05
C LYS D 3917 -3.56 -11.06 -75.13
N GLU D 3918 -3.71 -12.34 -74.76
CA GLU D 3918 -4.17 -13.34 -75.71
C GLU D 3918 -5.64 -13.14 -76.05
N TYR D 3919 -6.43 -12.58 -75.12
CA TYR D 3919 -7.83 -12.31 -75.42
C TYR D 3919 -8.00 -11.16 -76.42
N ASP D 3920 -7.01 -10.26 -76.52
CA ASP D 3920 -7.00 -9.20 -77.51
C ASP D 3920 -5.64 -9.22 -78.21
N PRO D 3921 -5.46 -10.11 -79.20
CA PRO D 3921 -4.16 -10.19 -79.88
C PRO D 3921 -3.84 -8.98 -80.76
N ASP D 3922 -4.85 -8.21 -81.17
CA ASP D 3922 -4.60 -7.08 -82.04
C ASP D 3922 -3.86 -5.95 -81.32
N GLY D 3923 -4.17 -5.73 -80.05
CA GLY D 3923 -3.54 -4.68 -79.29
C GLY D 3923 -4.07 -3.29 -79.54
N LYS D 3924 -5.23 -3.17 -80.21
CA LYS D 3924 -5.81 -1.86 -80.46
C LYS D 3924 -6.40 -1.25 -79.19
N GLY D 3925 -6.80 -2.07 -78.23
CA GLY D 3925 -7.36 -1.60 -76.99
C GLY D 3925 -8.86 -1.56 -76.91
N ILE D 3926 -9.56 -2.15 -77.88
CA ILE D 3926 -11.02 -2.20 -77.89
C ILE D 3926 -11.44 -3.67 -77.86
N ILE D 3927 -12.28 -4.02 -76.88
CA ILE D 3927 -12.71 -5.40 -76.68
C ILE D 3927 -14.22 -5.42 -76.49
N SER D 3928 -14.79 -6.60 -76.70
CA SER D 3928 -16.22 -6.80 -76.53
C SER D 3928 -16.53 -7.24 -75.10
N LYS D 3929 -17.83 -7.22 -74.76
CA LYS D 3929 -18.24 -7.58 -73.40
C LYS D 3929 -18.11 -9.08 -73.14
N LYS D 3930 -18.37 -9.90 -74.17
CA LYS D 3930 -18.25 -11.35 -73.99
C LYS D 3930 -16.81 -11.77 -73.78
N GLU D 3931 -15.89 -11.17 -74.54
CA GLU D 3931 -14.47 -11.47 -74.36
C GLU D 3931 -13.97 -11.01 -73.00
N PHE D 3932 -14.43 -9.84 -72.54
CA PHE D 3932 -14.04 -9.35 -71.22
C PHE D 3932 -14.60 -10.24 -70.12
N GLN D 3933 -15.85 -10.70 -70.27
CA GLN D 3933 -16.43 -11.62 -69.31
C GLN D 3933 -15.66 -12.93 -69.24
N LYS D 3934 -15.31 -13.49 -70.40
CA LYS D 3934 -14.54 -14.74 -70.43
C LYS D 3934 -13.14 -14.54 -69.86
N ALA D 3935 -12.52 -13.38 -70.12
CA ALA D 3935 -11.18 -13.12 -69.61
C ALA D 3935 -11.19 -12.98 -68.09
N MET D 3936 -12.12 -12.19 -67.56
CA MET D 3936 -12.19 -12.02 -66.10
C MET D 3936 -12.70 -13.28 -65.40
N GLU D 3937 -13.41 -14.16 -66.10
CA GLU D 3937 -13.71 -15.46 -65.54
C GLU D 3937 -12.49 -16.38 -65.56
N GLY D 3938 -11.63 -16.23 -66.57
CA GLY D 3938 -10.45 -17.06 -66.68
C GLY D 3938 -9.35 -16.73 -65.69
N GLN D 3939 -9.32 -15.49 -65.19
CA GLN D 3939 -8.28 -15.11 -64.22
C GLN D 3939 -8.55 -15.68 -62.84
N LYS D 3940 -9.79 -16.10 -62.56
CA LYS D 3940 -10.18 -16.76 -61.31
C LYS D 3940 -9.90 -15.89 -60.08
N GLN D 3941 -10.15 -14.59 -60.20
CA GLN D 3941 -10.00 -13.66 -59.09
C GLN D 3941 -11.29 -12.95 -58.70
N TYR D 3942 -12.20 -12.73 -59.64
CA TYR D 3942 -13.47 -12.08 -59.36
C TYR D 3942 -14.57 -13.11 -59.14
N THR D 3943 -15.56 -12.74 -58.33
CA THR D 3943 -16.76 -13.54 -58.19
C THR D 3943 -17.77 -13.13 -59.26
N GLN D 3944 -18.95 -13.73 -59.22
CA GLN D 3944 -19.96 -13.45 -60.24
C GLN D 3944 -20.58 -12.07 -60.05
N SER D 3945 -20.80 -11.67 -58.79
CA SER D 3945 -21.37 -10.36 -58.52
C SER D 3945 -20.42 -9.25 -58.93
N GLU D 3946 -19.12 -9.43 -58.68
CA GLU D 3946 -18.13 -8.42 -59.04
C GLU D 3946 -18.00 -8.29 -60.55
N ILE D 3947 -17.99 -9.40 -61.28
CA ILE D 3947 -17.86 -9.31 -62.73
C ILE D 3947 -19.14 -8.76 -63.35
N ASP D 3948 -20.31 -9.06 -62.76
CA ASP D 3948 -21.56 -8.45 -63.23
C ASP D 3948 -21.56 -6.95 -63.00
N PHE D 3949 -21.05 -6.50 -61.85
CA PHE D 3949 -20.93 -5.07 -61.57
C PHE D 3949 -19.97 -4.40 -62.54
N LEU D 3950 -18.85 -5.06 -62.84
CA LEU D 3950 -17.87 -4.51 -63.79
C LEU D 3950 -18.46 -4.40 -65.19
N LEU D 3951 -19.24 -5.41 -65.60
CA LEU D 3951 -19.90 -5.34 -66.91
C LEU D 3951 -20.99 -4.28 -66.94
N SER D 3952 -21.65 -4.03 -65.82
CA SER D 3952 -22.64 -2.96 -65.76
C SER D 3952 -21.97 -1.59 -65.85
N CYS D 3953 -20.80 -1.43 -65.23
CA CYS D 3953 -20.11 -0.15 -65.26
C CYS D 3953 -19.49 0.19 -66.61
N ALA D 3954 -19.38 -0.77 -67.51
CA ALA D 3954 -18.78 -0.54 -68.82
C ALA D 3954 -19.84 -0.11 -69.83
N GLU D 3955 -19.57 0.96 -70.54
CA GLU D 3955 -20.50 1.51 -71.52
C GLU D 3955 -20.20 0.92 -72.90
N ALA D 3956 -21.13 0.15 -73.44
CA ALA D 3956 -20.99 -0.46 -74.74
C ALA D 3956 -21.69 0.39 -75.81
N ASP D 3957 -21.80 -0.15 -77.01
CA ASP D 3957 -22.49 0.50 -78.11
C ASP D 3957 -23.29 -0.55 -78.87
N GLU D 3958 -23.73 -0.21 -80.08
CA GLU D 3958 -24.43 -1.19 -80.92
C GLU D 3958 -23.53 -2.33 -81.38
N ASN D 3959 -22.21 -2.12 -81.40
CA ASN D 3959 -21.26 -3.17 -81.71
C ASN D 3959 -20.88 -3.99 -80.47
N ASP D 3960 -21.39 -3.61 -79.30
CA ASP D 3960 -21.12 -4.28 -78.02
C ASP D 3960 -19.62 -4.32 -77.71
N MET D 3961 -18.92 -3.25 -78.08
CA MET D 3961 -17.48 -3.14 -77.85
C MET D 3961 -17.15 -1.81 -77.21
N PHE D 3962 -16.09 -1.81 -76.41
CA PHE D 3962 -15.65 -0.60 -75.73
C PHE D 3962 -14.14 -0.63 -75.58
N ASN D 3963 -13.57 0.56 -75.42
CA ASN D 3963 -12.14 0.71 -75.17
C ASN D 3963 -11.89 0.45 -73.68
N TYR D 3964 -11.32 -0.71 -73.36
CA TYR D 3964 -11.09 -1.05 -71.96
C TYR D 3964 -9.98 -0.20 -71.33
N VAL D 3965 -9.10 0.39 -72.14
CA VAL D 3965 -8.03 1.23 -71.62
C VAL D 3965 -8.61 2.48 -70.96
N ASP D 3966 -9.59 3.11 -71.62
CA ASP D 3966 -10.24 4.28 -71.04
C ASP D 3966 -11.07 3.91 -69.82
N PHE D 3967 -11.69 2.73 -69.83
CA PHE D 3967 -12.47 2.25 -68.70
C PHE D 3967 -11.59 2.06 -67.47
N VAL D 3968 -10.46 1.37 -67.64
CA VAL D 3968 -9.55 1.12 -66.53
C VAL D 3968 -8.89 2.42 -66.07
N ASP D 3969 -8.52 3.31 -67.00
CA ASP D 3969 -7.92 4.57 -66.60
C ASP D 3969 -8.92 5.49 -65.91
N ARG D 3970 -10.21 5.35 -66.22
CA ARG D 3970 -11.23 6.14 -65.53
C ARG D 3970 -11.47 5.62 -64.13
N PHE D 3971 -11.52 4.30 -63.94
CA PHE D 3971 -11.92 3.75 -62.66
C PHE D 3971 -10.76 3.32 -61.77
N HIS D 3972 -9.51 3.42 -62.23
CA HIS D 3972 -8.38 2.92 -61.45
C HIS D 3972 -7.57 4.03 -60.79
N GLU D 3973 -7.34 5.13 -61.49
CA GLU D 3973 -6.55 6.22 -60.90
C GLU D 3973 -7.20 6.87 -59.67
N PRO D 3974 -8.50 7.20 -59.63
CA PRO D 3974 -9.08 7.65 -58.35
C PRO D 3974 -8.99 6.61 -57.24
N ALA D 3975 -9.14 5.33 -57.58
CA ALA D 3975 -8.99 4.28 -56.59
C ALA D 3975 -7.58 4.25 -56.02
N LYS D 3976 -6.58 4.38 -56.89
CA LYS D 3976 -5.19 4.42 -56.44
C LYS D 3976 -4.88 5.67 -55.65
N ASP D 3977 -5.58 6.78 -55.92
CA ASP D 3977 -5.32 8.01 -55.19
C ASP D 3977 -5.96 7.99 -53.79
N ILE D 3978 -7.14 7.41 -53.65
CA ILE D 3978 -7.89 7.49 -52.40
C ILE D 3978 -7.66 6.28 -51.51
N GLY D 3979 -7.55 5.08 -52.10
CA GLY D 3979 -7.27 3.90 -51.31
C GLY D 3979 -5.94 3.94 -50.60
N PHE D 3980 -4.98 4.72 -51.11
CA PHE D 3980 -3.74 4.90 -50.37
C PHE D 3980 -3.97 5.64 -49.06
N ASN D 3981 -4.78 6.70 -49.08
CA ASN D 3981 -5.10 7.42 -47.85
C ASN D 3981 -5.90 6.55 -46.91
N VAL D 3982 -6.80 5.73 -47.44
CA VAL D 3982 -7.54 4.80 -46.59
C VAL D 3982 -6.60 3.77 -45.95
N ALA D 3983 -5.63 3.28 -46.72
CA ALA D 3983 -4.66 2.32 -46.19
C ALA D 3983 -3.75 2.97 -45.16
N VAL D 3984 -3.38 4.24 -45.35
CA VAL D 3984 -2.57 4.95 -44.37
C VAL D 3984 -3.36 5.13 -43.08
N LEU D 3985 -4.65 5.46 -43.18
CA LEU D 3985 -5.50 5.59 -42.00
C LEU D 3985 -5.60 4.27 -41.23
N LEU D 3986 -5.82 3.18 -41.97
CA LEU D 3986 -5.96 1.87 -41.33
C LEU D 3986 -4.64 1.41 -40.71
N THR D 3987 -3.52 1.66 -41.37
CA THR D 3987 -2.21 1.29 -40.83
C THR D 3987 -1.88 2.12 -39.59
N ASN D 3988 -2.21 3.41 -39.60
CA ASN D 3988 -2.01 4.27 -38.44
C ASN D 3988 -2.81 3.76 -37.24
N LEU D 3989 -4.10 3.47 -37.46
CA LEU D 3989 -4.94 2.96 -36.38
C LEU D 3989 -4.48 1.59 -35.90
N SER D 3990 -4.03 0.73 -36.81
CA SER D 3990 -3.55 -0.59 -36.43
C SER D 3990 -2.27 -0.51 -35.60
N GLU D 3991 -1.35 0.36 -35.98
CA GLU D 3991 -0.08 0.46 -35.26
C GLU D 3991 -0.21 1.22 -33.95
N HIS D 3992 -1.22 2.08 -33.81
CA HIS D 3992 -1.40 2.82 -32.56
C HIS D 3992 -2.49 2.24 -31.68
N MET D 3993 -3.21 1.24 -32.14
CA MET D 3993 -4.15 0.47 -31.30
C MET D 3993 -3.83 -1.01 -31.46
N PRO D 3994 -2.70 -1.47 -30.92
CA PRO D 3994 -2.27 -2.85 -31.18
C PRO D 3994 -3.03 -3.89 -30.39
N ASN D 3995 -3.76 -3.49 -29.34
CA ASN D 3995 -4.45 -4.42 -28.46
C ASN D 3995 -5.97 -4.30 -28.62
N ASP D 3996 -6.43 -4.10 -29.86
CA ASP D 3996 -7.85 -3.94 -30.16
C ASP D 3996 -8.28 -5.05 -31.11
N SER D 3997 -9.31 -5.79 -30.71
CA SER D 3997 -9.80 -6.92 -31.50
C SER D 3997 -10.82 -6.51 -32.55
N ARG D 3998 -11.59 -5.44 -32.30
CA ARG D 3998 -12.55 -4.96 -33.29
C ARG D 3998 -11.83 -4.44 -34.52
N LEU D 3999 -10.68 -3.80 -34.34
CA LEU D 3999 -9.88 -3.36 -35.48
C LEU D 3999 -9.35 -4.54 -36.27
N LYS D 4000 -8.97 -5.61 -35.59
CA LYS D 4000 -8.54 -6.83 -36.28
C LYS D 4000 -9.69 -7.47 -37.05
N CYS D 4001 -10.92 -7.37 -36.53
CA CYS D 4001 -12.08 -7.81 -37.29
C CYS D 4001 -12.45 -6.82 -38.39
N LEU D 4002 -11.90 -5.61 -38.35
CA LEU D 4002 -12.14 -4.60 -39.37
C LEU D 4002 -11.10 -4.62 -40.49
N LEU D 4003 -9.87 -5.04 -40.19
CA LEU D 4003 -8.80 -5.06 -41.17
C LEU D 4003 -8.82 -6.28 -42.07
N ASP D 4004 -9.67 -7.28 -41.77
CA ASP D 4004 -9.74 -8.46 -42.63
C ASP D 4004 -10.28 -8.16 -44.03
N PRO D 4005 -11.36 -7.38 -44.23
CA PRO D 4005 -11.74 -7.03 -45.61
C PRO D 4005 -10.75 -6.11 -46.30
N ALA D 4006 -9.87 -5.44 -45.55
CA ALA D 4006 -8.90 -4.52 -46.12
C ALA D 4006 -7.57 -5.19 -46.42
N GLY D 4007 -7.51 -6.53 -46.37
CA GLY D 4007 -6.24 -7.21 -46.55
C GLY D 4007 -5.66 -7.05 -47.94
N SER D 4008 -6.51 -7.12 -48.96
CA SER D 4008 -6.03 -6.95 -50.33
C SER D 4008 -5.65 -5.50 -50.60
N VAL D 4009 -6.40 -4.55 -50.04
CA VAL D 4009 -6.09 -3.13 -50.19
C VAL D 4009 -4.78 -2.80 -49.49
N LEU D 4010 -4.59 -3.31 -48.27
CA LEU D 4010 -3.34 -3.06 -47.55
C LEU D 4010 -2.18 -3.79 -48.19
N ASN D 4011 -2.43 -4.93 -48.84
CA ASN D 4011 -1.37 -5.63 -49.55
C ASN D 4011 -0.99 -4.94 -50.85
N TYR D 4012 -1.93 -4.21 -51.45
CA TYR D 4012 -1.61 -3.49 -52.69
C TYR D 4012 -0.64 -2.34 -52.43
N PHE D 4013 -0.87 -1.57 -51.36
CA PHE D 4013 -0.12 -0.35 -51.10
C PHE D 4013 1.09 -0.57 -50.21
N GLU D 4014 1.42 -1.82 -49.90
CA GLU D 4014 2.60 -2.11 -49.09
C GLU D 4014 3.92 -1.60 -49.71
N PRO D 4015 4.20 -1.74 -51.02
CA PRO D 4015 5.39 -1.08 -51.55
C PRO D 4015 5.37 0.44 -51.47
N TYR D 4016 4.20 1.06 -51.59
CA TYR D 4016 4.10 2.51 -51.72
C TYR D 4016 3.93 3.22 -50.39
N LEU D 4017 3.81 2.51 -49.28
CA LEU D 4017 3.54 3.11 -47.99
C LEU D 4017 4.85 3.16 -47.21
N GLY D 4018 5.38 4.36 -47.00
CA GLY D 4018 6.63 4.54 -46.29
C GLY D 4018 6.38 5.01 -44.87
N ARG D 4019 7.20 4.50 -43.96
CA ARG D 4019 7.13 4.85 -42.54
C ARG D 4019 8.50 5.33 -42.09
N ILE D 4020 8.53 6.46 -41.38
CA ILE D 4020 9.72 6.87 -40.66
C ILE D 4020 9.31 7.24 -39.23
N GLU D 4021 10.31 7.42 -38.38
CA GLU D 4021 10.10 7.88 -37.01
C GLU D 4021 10.91 9.13 -36.79
N ILE D 4022 10.27 10.15 -36.20
CA ILE D 4022 10.94 11.41 -35.90
C ILE D 4022 10.77 11.73 -34.42
N MET D 4023 11.52 12.71 -33.96
CA MET D 4023 11.30 13.33 -32.66
C MET D 4023 10.45 14.57 -32.90
N GLY D 4024 9.18 14.51 -32.51
CA GLY D 4024 8.23 15.55 -32.84
C GLY D 4024 8.39 16.77 -31.95
N GLY D 4025 7.44 17.70 -32.12
CA GLY D 4025 7.44 18.93 -31.35
C GLY D 4025 6.97 18.80 -29.92
N ALA D 4026 6.36 17.68 -29.56
CA ALA D 4026 5.91 17.44 -28.20
C ALA D 4026 6.91 16.61 -27.39
N LYS D 4027 8.18 16.61 -27.82
CA LYS D 4027 9.26 15.84 -27.18
C LYS D 4027 8.94 14.36 -27.10
N LYS D 4028 8.31 13.83 -28.15
CA LYS D 4028 7.95 12.42 -28.23
C LYS D 4028 8.30 11.88 -29.61
N ILE D 4029 8.57 10.58 -29.66
CA ILE D 4029 8.80 9.90 -30.93
C ILE D 4029 7.47 9.74 -31.64
N GLU D 4030 7.40 10.22 -32.87
CA GLU D 4030 6.21 10.12 -33.69
C GLU D 4030 6.51 9.28 -34.92
N ARG D 4031 5.47 8.67 -35.48
CA ARG D 4031 5.57 7.88 -36.69
C ARG D 4031 4.91 8.63 -37.84
N VAL D 4032 5.64 8.77 -38.94
CA VAL D 4032 5.20 9.53 -40.10
C VAL D 4032 4.99 8.56 -41.26
N TYR D 4033 3.81 8.61 -41.85
CA TYR D 4033 3.41 7.78 -42.97
C TYR D 4033 3.33 8.64 -44.22
N PHE D 4034 3.97 8.21 -45.29
CA PHE D 4034 4.03 8.98 -46.52
C PHE D 4034 3.98 8.02 -47.71
N GLU D 4035 4.05 8.58 -48.91
CA GLU D 4035 3.93 7.83 -50.15
C GLU D 4035 5.26 7.72 -50.86
N ILE D 4036 5.61 6.52 -51.29
CA ILE D 4036 6.78 6.26 -52.11
C ILE D 4036 6.31 5.96 -53.52
N SER D 4037 6.79 6.72 -54.48
CA SER D 4037 6.44 6.48 -55.87
C SER D 4037 7.17 5.24 -56.39
N GLU D 4038 6.61 4.65 -57.45
CA GLU D 4038 7.20 3.44 -58.02
C GLU D 4038 8.51 3.74 -58.74
N SER D 4039 8.62 4.91 -59.37
CA SER D 4039 9.86 5.28 -60.05
C SER D 4039 10.99 5.45 -59.05
N SER D 4040 10.69 5.98 -57.86
CA SER D 4040 11.70 6.09 -56.81
C SER D 4040 12.17 4.71 -56.37
N ARG D 4041 11.26 3.75 -56.25
CA ARG D 4041 11.63 2.38 -55.91
C ARG D 4041 12.52 1.76 -56.98
N THR D 4042 12.18 1.98 -58.26
CA THR D 4042 12.98 1.40 -59.33
C THR D 4042 14.36 2.04 -59.41
N GLN D 4043 14.45 3.35 -59.23
CA GLN D 4043 15.74 4.02 -59.30
C GLN D 4043 16.59 3.78 -58.06
N TRP D 4044 15.97 3.46 -56.93
CA TRP D 4044 16.75 3.19 -55.72
C TRP D 4044 17.45 1.84 -55.80
N GLU D 4045 16.86 0.88 -56.53
CA GLU D 4045 17.39 -0.47 -56.59
C GLU D 4045 18.37 -0.69 -57.74
N LYS D 4046 18.83 0.38 -58.38
CA LYS D 4046 19.83 0.25 -59.41
C LYS D 4046 21.17 -0.16 -58.78
N PRO D 4047 21.98 -0.96 -59.49
CA PRO D 4047 23.27 -1.39 -58.92
C PRO D 4047 24.23 -0.26 -58.60
N GLN D 4048 24.24 0.80 -59.39
CA GLN D 4048 25.12 1.92 -59.12
C GLN D 4048 24.70 2.67 -57.86
N VAL D 4049 23.38 2.76 -57.63
CA VAL D 4049 22.89 3.41 -56.41
C VAL D 4049 23.23 2.57 -55.19
N LYS D 4050 23.16 1.24 -55.33
CA LYS D 4050 23.57 0.36 -54.24
C LYS D 4050 25.05 0.48 -53.93
N GLU D 4051 25.88 0.58 -54.98
CA GLU D 4051 27.32 0.79 -54.78
C GLU D 4051 27.60 2.12 -54.11
N SER D 4052 26.85 3.17 -54.49
CA SER D 4052 26.98 4.46 -53.84
C SER D 4052 26.60 4.40 -52.37
N LYS D 4053 25.53 3.66 -52.05
CA LYS D 4053 25.10 3.53 -50.67
C LYS D 4053 26.12 2.78 -49.83
N ARG D 4054 26.69 1.69 -50.37
CA ARG D 4054 27.65 0.94 -49.59
C ARG D 4054 28.97 1.71 -49.43
N GLN D 4055 29.33 2.50 -50.45
CA GLN D 4055 30.49 3.39 -50.30
C GLN D 4055 30.25 4.45 -49.23
N PHE D 4056 29.03 5.00 -49.18
CA PHE D 4056 28.68 5.97 -48.16
C PHE D 4056 28.76 5.36 -46.76
N ILE D 4057 28.26 4.14 -46.60
CA ILE D 4057 28.29 3.49 -45.30
C ILE D 4057 29.73 3.20 -44.88
N PHE D 4058 30.56 2.75 -45.84
CA PHE D 4058 31.98 2.53 -45.58
C PHE D 4058 32.67 3.81 -45.12
N ASP D 4059 32.40 4.92 -45.83
CA ASP D 4059 33.04 6.19 -45.50
C ASP D 4059 32.59 6.71 -44.15
N VAL D 4060 31.30 6.55 -43.83
CA VAL D 4060 30.79 7.03 -42.55
C VAL D 4060 31.36 6.22 -41.40
N VAL D 4061 31.46 4.89 -41.57
CA VAL D 4061 31.99 4.07 -40.49
C VAL D 4061 33.48 4.31 -40.28
N ASN D 4062 34.25 4.41 -41.37
CA ASN D 4062 35.69 4.50 -41.22
C ASN D 4062 36.19 5.94 -41.11
N GLU D 4063 35.95 6.76 -42.13
CA GLU D 4063 36.44 8.13 -42.17
C GLU D 4063 35.34 9.15 -41.90
N GLY D 4064 34.36 8.79 -41.08
CA GLY D 4064 33.25 9.65 -40.76
C GLY D 4064 33.42 10.53 -39.54
N GLY D 4065 34.63 10.59 -38.97
CA GLY D 4065 34.86 11.37 -37.78
C GLY D 4065 34.90 12.87 -38.06
N GLU D 4066 34.87 13.63 -36.96
CA GLU D 4066 34.92 15.09 -36.91
C GLU D 4066 33.77 15.77 -37.63
N GLN D 4067 32.68 15.05 -37.91
CA GLN D 4067 31.50 15.64 -38.52
C GLN D 4067 30.28 14.86 -38.06
N GLU D 4068 29.13 15.53 -38.05
CA GLU D 4068 27.89 14.90 -37.64
C GLU D 4068 27.47 13.85 -38.65
N LYS D 4069 27.04 12.69 -38.16
CA LYS D 4069 26.64 11.60 -39.05
C LYS D 4069 25.36 11.93 -39.80
N MET D 4070 24.46 12.68 -39.16
CA MET D 4070 23.19 13.00 -39.81
C MET D 4070 23.38 14.05 -40.91
N GLU D 4071 24.35 14.95 -40.74
CA GLU D 4071 24.68 15.90 -41.80
C GLU D 4071 25.20 15.18 -43.04
N LEU D 4072 26.10 14.21 -42.85
CA LEU D 4072 26.60 13.41 -43.95
C LEU D 4072 25.50 12.59 -44.59
N PHE D 4073 24.59 12.04 -43.76
CA PHE D 4073 23.48 11.26 -44.27
C PHE D 4073 22.54 12.10 -45.12
N VAL D 4074 22.25 13.34 -44.68
CA VAL D 4074 21.38 14.22 -45.44
C VAL D 4074 22.04 14.64 -46.75
N ASN D 4075 23.36 14.88 -46.72
CA ASN D 4075 24.10 15.19 -47.95
C ASN D 4075 24.06 14.04 -48.94
N PHE D 4076 24.25 12.81 -48.44
CA PHE D 4076 24.14 11.62 -49.28
C PHE D 4076 22.75 11.49 -49.87
N CYS D 4077 21.72 11.76 -49.05
CA CYS D 4077 20.34 11.65 -49.51
C CYS D 4077 20.06 12.66 -50.62
N GLU D 4078 20.56 13.89 -50.46
CA GLU D 4078 20.34 14.92 -51.47
C GLU D 4078 21.03 14.58 -52.79
N ASP D 4079 22.27 14.09 -52.70
CA ASP D 4079 22.99 13.70 -53.92
C ASP D 4079 22.32 12.51 -54.60
N THR D 4080 21.84 11.54 -53.80
CA THR D 4080 21.17 10.38 -54.38
C THR D 4080 19.83 10.76 -55.00
N ILE D 4081 19.10 11.69 -54.39
CA ILE D 4081 17.84 12.15 -54.95
C ILE D 4081 18.08 12.85 -56.29
N PHE D 4082 19.13 13.67 -56.37
CA PHE D 4082 19.46 14.32 -57.63
C PHE D 4082 19.84 13.30 -58.70
N GLU D 4083 20.63 12.29 -58.33
CA GLU D 4083 21.02 11.25 -59.29
C GLU D 4083 19.81 10.47 -59.78
N MET D 4084 18.90 10.11 -58.88
CA MET D 4084 17.71 9.36 -59.26
C MET D 4084 16.79 10.19 -60.15
N GLN D 4085 16.63 11.48 -59.86
CA GLN D 4085 15.82 12.33 -60.73
C GLN D 4085 16.44 12.50 -62.10
N LEU D 4086 17.77 12.63 -62.17
CA LEU D 4086 18.46 12.72 -63.45
C LEU D 4086 18.33 11.42 -64.24
N ALA D 4087 18.40 10.28 -63.56
CA ALA D 4087 18.22 9.00 -64.24
C ALA D 4087 16.79 8.80 -64.72
N SER D 4088 15.81 9.35 -64.01
CA SER D 4088 14.43 9.30 -64.49
C SER D 4088 14.21 10.25 -65.67
N GLN D 4089 14.94 11.36 -65.72
CA GLN D 4089 14.80 12.29 -66.84
C GLN D 4089 15.29 11.69 -68.15
N ILE D 4090 16.42 10.96 -68.11
CA ILE D 4090 17.00 10.41 -69.33
C ILE D 4090 16.45 9.03 -69.67
N SER D 4091 15.52 8.50 -68.88
CA SER D 4091 15.01 7.16 -69.10
C SER D 4091 13.94 7.22 -70.18
N GLU D 4092 14.31 6.79 -71.39
CA GLU D 4092 13.43 6.68 -72.56
C GLU D 4092 12.70 7.99 -72.90
N LEU D 4384 14.56 18.91 -84.73
CA LEU D 4384 15.99 18.86 -84.48
C LEU D 4384 16.30 18.79 -82.99
N GLU D 4385 15.55 19.57 -82.21
CA GLU D 4385 15.75 19.58 -80.76
C GLU D 4385 15.35 18.25 -80.14
N ILE D 4386 14.29 17.63 -80.65
CA ILE D 4386 13.87 16.31 -80.15
C ILE D 4386 14.95 15.26 -80.45
N TYR D 4387 15.50 15.28 -81.66
CA TYR D 4387 16.56 14.33 -82.01
C TYR D 4387 17.83 14.60 -81.22
N GLN D 4388 18.15 15.87 -80.97
CA GLN D 4388 19.32 16.20 -80.15
C GLN D 4388 19.14 15.71 -78.71
N THR D 4389 17.94 15.89 -78.15
CA THR D 4389 17.66 15.41 -76.80
C THR D 4389 17.73 13.89 -76.73
N LYS D 4390 17.19 13.21 -77.75
CA LYS D 4390 17.25 11.75 -77.78
C LYS D 4390 18.68 11.25 -77.91
N LEU D 4391 19.49 11.92 -78.74
CA LEU D 4391 20.90 11.53 -78.89
C LEU D 4391 21.67 11.74 -77.59
N LEU D 4392 21.45 12.88 -76.93
CA LEU D 4392 22.15 13.15 -75.68
C LEU D 4392 21.73 12.19 -74.58
N HIS D 4393 20.44 11.85 -74.50
CA HIS D 4393 19.99 10.88 -73.51
C HIS D 4393 20.49 9.48 -73.82
N TYR D 4394 20.60 9.12 -75.10
CA TYR D 4394 21.16 7.82 -75.46
C TYR D 4394 22.64 7.73 -75.10
N LEU D 4395 23.39 8.82 -75.34
CA LEU D 4395 24.79 8.82 -74.94
C LEU D 4395 24.96 8.82 -73.43
N ALA D 4396 24.04 9.46 -72.70
CA ALA D 4396 24.11 9.46 -71.24
C ALA D 4396 23.76 8.09 -70.67
N ARG D 4397 22.79 7.39 -71.27
CA ARG D 4397 22.38 6.09 -70.75
C ARG D 4397 23.42 5.02 -70.96
N ASN D 4398 24.16 5.07 -72.07
CA ASN D 4398 25.09 4.02 -72.45
C ASN D 4398 26.54 4.47 -72.32
N PHE D 4399 26.85 5.20 -71.26
CA PHE D 4399 28.21 5.70 -71.07
C PHE D 4399 29.18 4.57 -70.74
N TYR D 4400 28.81 3.71 -69.80
CA TYR D 4400 29.70 2.63 -69.39
C TYR D 4400 29.86 1.57 -70.47
N ASN D 4401 28.80 1.31 -71.24
CA ASN D 4401 28.91 0.39 -72.36
C ASN D 4401 29.87 0.91 -73.41
N LEU D 4402 29.84 2.22 -73.68
CA LEU D 4402 30.79 2.81 -74.62
C LEU D 4402 32.21 2.80 -74.08
N ARG D 4403 32.37 2.95 -72.76
CA ARG D 4403 33.71 2.82 -72.16
C ARG D 4403 34.26 1.41 -72.32
N PHE D 4404 33.44 0.39 -72.08
CA PHE D 4404 33.87 -0.99 -72.29
C PHE D 4404 34.16 -1.27 -73.75
N LEU D 4405 33.39 -0.67 -74.66
CA LEU D 4405 33.64 -0.82 -76.09
C LEU D 4405 34.97 -0.18 -76.47
N ALA D 4406 35.30 0.97 -75.88
CA ALA D 4406 36.59 1.61 -76.12
C ALA D 4406 37.73 0.73 -75.63
N LEU D 4407 37.56 0.10 -74.46
CA LEU D 4407 38.58 -0.81 -73.95
C LEU D 4407 38.78 -2.02 -74.87
N PHE D 4408 37.67 -2.57 -75.38
CA PHE D 4408 37.75 -3.69 -76.33
C PHE D 4408 38.48 -3.30 -77.62
N VAL D 4409 38.17 -2.11 -78.14
CA VAL D 4409 38.82 -1.64 -79.36
C VAL D 4409 40.31 -1.40 -79.13
N ALA D 4410 40.67 -0.86 -77.96
CA ALA D 4410 42.08 -0.65 -77.64
C ALA D 4410 42.83 -1.98 -77.53
N PHE D 4411 42.19 -3.00 -76.94
CA PHE D 4411 42.82 -4.31 -76.88
C PHE D 4411 43.03 -4.90 -78.26
N ALA D 4412 42.05 -4.74 -79.16
CA ALA D 4412 42.20 -5.22 -80.53
C ALA D 4412 43.31 -4.48 -81.27
N ILE D 4413 43.41 -3.17 -81.05
CA ILE D 4413 44.45 -2.36 -81.70
C ILE D 4413 45.83 -2.79 -81.24
N ASN D 4414 46.00 -3.05 -79.94
CA ASN D 4414 47.30 -3.48 -79.45
C ASN D 4414 47.64 -4.91 -79.88
N PHE D 4415 46.63 -5.78 -80.01
CA PHE D 4415 46.86 -7.10 -80.58
C PHE D 4415 47.34 -7.00 -82.01
N ILE D 4416 46.80 -6.07 -82.79
CA ILE D 4416 47.29 -5.85 -84.15
C ILE D 4416 48.70 -5.26 -84.12
N LEU D 4417 48.97 -4.36 -83.17
CA LEU D 4417 50.29 -3.74 -83.03
C LEU D 4417 51.37 -4.74 -82.65
N LEU D 4418 51.00 -5.88 -82.08
CA LEU D 4418 51.97 -6.93 -81.79
C LEU D 4418 52.62 -7.52 -83.04
N PHE D 4419 52.06 -7.29 -84.23
CA PHE D 4419 52.57 -7.85 -85.47
C PHE D 4419 53.42 -6.87 -86.26
N TYR D 4420 54.05 -5.90 -85.59
CA TYR D 4420 54.91 -4.94 -86.26
C TYR D 4420 56.35 -5.44 -86.29
N LYS D 4421 57.11 -4.91 -87.25
CA LYS D 4421 58.53 -5.22 -87.36
C LYS D 4421 59.24 -4.04 -87.99
N VAL D 4422 60.56 -4.06 -87.91
CA VAL D 4422 61.41 -2.97 -88.39
C VAL D 4422 62.14 -3.45 -89.63
N THR D 4423 62.06 -2.67 -90.70
CA THR D 4423 62.76 -2.93 -91.95
C THR D 4423 63.68 -1.77 -92.26
N GLU D 4424 64.89 -2.09 -92.72
CA GLU D 4424 65.87 -1.07 -93.08
C GLU D 4424 65.60 -0.43 -94.44
N GLU D 4425 64.72 -1.01 -95.24
CA GLU D 4425 64.39 -0.47 -96.55
C GLU D 4425 63.00 0.17 -96.54
N ALA D 4449 70.59 4.98 -92.63
CA ALA D 4449 69.47 4.60 -93.48
C ALA D 4449 68.15 5.13 -92.93
N MET D 4450 67.05 4.56 -93.40
CA MET D 4450 65.72 4.93 -92.95
C MET D 4450 65.03 3.70 -92.36
N VAL D 4451 64.40 3.90 -91.20
CA VAL D 4451 63.74 2.82 -90.47
C VAL D 4451 62.26 2.86 -90.81
N PHE D 4452 61.73 1.74 -91.31
CA PHE D 4452 60.33 1.61 -91.66
C PHE D 4452 59.66 0.59 -90.76
N PHE D 4453 58.47 0.93 -90.25
CA PHE D 4453 57.70 0.04 -89.40
C PHE D 4453 56.64 -0.64 -90.26
N VAL D 4454 56.83 -1.93 -90.51
CA VAL D 4454 56.00 -2.69 -91.44
C VAL D 4454 55.24 -3.75 -90.65
N LEU D 4455 53.95 -3.88 -90.94
CA LEU D 4455 53.11 -4.88 -90.28
C LEU D 4455 53.25 -6.19 -91.03
N GLN D 4456 53.98 -7.14 -90.45
CA GLN D 4456 54.14 -8.45 -91.08
C GLN D 4456 52.85 -9.24 -90.95
N GLU D 4457 52.36 -9.76 -92.08
CA GLU D 4457 51.06 -10.39 -92.13
C GLU D 4457 50.97 -11.25 -93.38
N SER D 4458 50.33 -12.41 -93.27
CA SER D 4458 50.16 -13.33 -94.39
C SER D 4458 48.79 -13.21 -95.05
N THR D 4459 47.93 -12.31 -94.59
CA THR D 4459 46.59 -12.17 -95.13
C THR D 4459 46.34 -10.84 -95.83
N GLY D 4460 46.97 -9.75 -95.38
CA GLY D 4460 46.76 -8.45 -95.97
C GLY D 4460 45.55 -7.69 -95.49
N TYR D 4461 44.93 -8.12 -94.40
CA TYR D 4461 43.72 -7.48 -93.89
C TYR D 4461 43.93 -6.62 -92.65
N MET D 4462 45.04 -6.79 -91.94
CA MET D 4462 45.16 -6.16 -90.62
C MET D 4462 45.48 -4.67 -90.66
N ALA D 4463 46.00 -4.15 -91.77
CA ALA D 4463 46.26 -2.71 -91.84
C ALA D 4463 44.99 -1.88 -92.10
N PRO D 4464 44.10 -2.24 -93.04
CA PRO D 4464 42.80 -1.54 -93.07
C PRO D 4464 41.99 -1.74 -91.81
N ALA D 4465 42.10 -2.90 -91.17
CA ALA D 4465 41.45 -3.13 -89.89
C ALA D 4465 42.01 -2.20 -88.82
N LEU D 4466 43.33 -1.99 -88.84
CA LEU D 4466 43.96 -1.09 -87.89
C LEU D 4466 43.49 0.35 -88.09
N ARG D 4467 43.41 0.80 -89.35
CA ARG D 4467 42.94 2.16 -89.62
C ARG D 4467 41.48 2.33 -89.20
N ALA D 4468 40.63 1.34 -89.52
CA ALA D 4468 39.22 1.39 -89.14
C ALA D 4468 39.06 1.40 -87.62
N LEU D 4469 39.85 0.58 -86.92
CA LEU D 4469 39.77 0.54 -85.46
C LEU D 4469 40.27 1.82 -84.82
N ALA D 4470 41.28 2.48 -85.42
CA ALA D 4470 41.73 3.76 -84.91
C ALA D 4470 40.65 4.82 -85.03
N ILE D 4471 39.98 4.87 -86.19
CA ILE D 4471 38.89 5.83 -86.38
C ILE D 4471 37.74 5.54 -85.43
N ILE D 4472 37.38 4.26 -85.28
CA ILE D 4472 36.31 3.86 -84.37
C ILE D 4472 36.64 4.24 -82.94
N HIS D 4473 37.89 4.01 -82.51
CA HIS D 4473 38.30 4.33 -81.15
C HIS D 4473 38.23 5.83 -80.88
N THR D 4474 38.66 6.65 -81.85
CA THR D 4474 38.56 8.09 -81.67
C THR D 4474 37.12 8.55 -81.55
N VAL D 4475 36.23 8.00 -82.39
CA VAL D 4475 34.81 8.34 -82.33
C VAL D 4475 34.20 7.94 -80.98
N ILE D 4476 34.54 6.75 -80.50
CA ILE D 4476 34.01 6.27 -79.22
C ILE D 4476 34.53 7.13 -78.07
N SER D 4477 35.79 7.57 -78.13
CA SER D 4477 36.32 8.45 -77.09
C SER D 4477 35.59 9.80 -77.06
N LEU D 4478 35.32 10.36 -78.24
CA LEU D 4478 34.59 11.63 -78.30
C LEU D 4478 33.17 11.49 -77.76
N VAL D 4479 32.46 10.42 -78.14
CA VAL D 4479 31.11 10.27 -77.63
C VAL D 4479 31.10 9.86 -76.17
N CYS D 4480 32.18 9.26 -75.66
CA CYS D 4480 32.32 9.02 -74.23
C CYS D 4480 32.45 10.32 -73.45
N VAL D 4481 33.22 11.27 -73.98
CA VAL D 4481 33.32 12.58 -73.35
C VAL D 4481 31.97 13.29 -73.35
N VAL D 4482 31.26 13.23 -74.48
CA VAL D 4482 29.94 13.85 -74.57
C VAL D 4482 28.95 13.20 -73.60
N GLY D 4483 28.98 11.87 -73.51
CA GLY D 4483 28.12 11.17 -72.57
C GLY D 4483 28.46 11.46 -71.11
N TYR D 4484 29.74 11.66 -70.81
CA TYR D 4484 30.12 12.08 -69.46
C TYR D 4484 29.57 13.47 -69.14
N TYR D 4485 29.58 14.37 -70.13
CA TYR D 4485 29.12 15.73 -69.86
C TYR D 4485 27.63 15.79 -69.56
N CYS D 4486 26.85 14.83 -70.08
CA CYS D 4486 25.41 14.81 -69.89
C CYS D 4486 24.96 13.91 -68.75
N LEU D 4487 25.87 13.20 -68.09
CA LEU D 4487 25.50 12.25 -67.05
C LEU D 4487 26.13 12.55 -65.70
N LYS D 4488 27.41 12.94 -65.67
CA LYS D 4488 28.13 13.14 -64.42
C LYS D 4488 28.43 14.59 -64.11
N VAL D 4489 28.53 15.44 -65.13
CA VAL D 4489 28.71 16.88 -64.89
C VAL D 4489 27.57 17.50 -64.09
N PRO D 4490 26.27 17.21 -64.34
CA PRO D 4490 25.22 17.81 -63.48
C PRO D 4490 25.36 17.50 -61.99
N LEU D 4491 25.81 16.30 -61.61
CA LEU D 4491 25.98 16.01 -60.20
C LEU D 4491 27.14 16.80 -59.59
N VAL D 4492 28.23 16.97 -60.34
CA VAL D 4492 29.37 17.75 -59.86
C VAL D 4492 28.98 19.21 -59.68
N VAL D 4493 28.26 19.78 -60.65
CA VAL D 4493 27.80 21.15 -60.56
C VAL D 4493 26.77 21.30 -59.44
N PHE D 4494 25.93 20.29 -59.24
CA PHE D 4494 24.96 20.29 -58.15
C PHE D 4494 25.66 20.33 -56.79
N LYS D 4495 26.68 19.50 -56.62
CA LYS D 4495 27.42 19.47 -55.35
C LYS D 4495 28.14 20.79 -55.11
N ARG D 4496 28.76 21.35 -56.15
CA ARG D 4496 29.47 22.62 -55.99
C ARG D 4496 28.50 23.76 -55.66
N GLU D 4497 27.37 23.84 -56.36
CA GLU D 4497 26.39 24.89 -56.10
C GLU D 4497 25.77 24.74 -54.71
N LYS D 4498 25.50 23.51 -54.29
CA LYS D 4498 24.97 23.28 -52.95
C LYS D 4498 25.96 23.73 -51.89
N GLU D 4499 27.24 23.40 -52.06
CA GLU D 4499 28.25 23.81 -51.09
C GLU D 4499 28.40 25.32 -51.06
N ILE D 4500 28.34 25.97 -52.22
CA ILE D 4500 28.40 27.43 -52.28
C ILE D 4500 27.23 28.06 -51.54
N ALA D 4501 26.02 27.53 -51.76
CA ALA D 4501 24.83 28.07 -51.12
C ALA D 4501 24.88 27.89 -49.59
N ARG D 4502 25.32 26.73 -49.12
CA ARG D 4502 25.42 26.52 -47.68
C ARG D 4502 26.47 27.42 -47.04
N LYS D 4503 27.63 27.58 -47.71
CA LYS D 4503 28.65 28.49 -47.18
C LYS D 4503 28.20 29.94 -47.22
N LEU D 4504 27.41 30.32 -48.23
CA LEU D 4504 26.94 31.69 -48.35
C LEU D 4504 25.88 32.00 -47.29
N GLU D 4505 25.01 31.05 -46.99
CA GLU D 4505 23.90 31.34 -46.07
C GLU D 4505 24.25 31.09 -44.61
N PHE D 4506 24.89 29.96 -44.31
CA PHE D 4506 25.14 29.58 -42.92
C PHE D 4506 26.52 29.96 -42.42
N ASP D 4507 27.34 30.59 -43.26
CA ASP D 4507 28.66 31.07 -42.83
C ASP D 4507 28.98 32.50 -43.26
N GLY D 4508 28.28 33.05 -44.26
CA GLY D 4508 28.61 34.36 -44.77
C GLY D 4508 29.96 34.38 -45.45
N LEU D 4509 30.10 33.58 -46.51
CA LEU D 4509 31.42 33.40 -47.13
C LEU D 4509 31.87 34.64 -47.88
N TYR D 4510 30.94 35.41 -48.45
CA TYR D 4510 31.29 36.63 -49.17
C TYR D 4510 30.59 37.85 -48.59
N ILE D 4511 30.14 37.77 -47.34
CA ILE D 4511 29.51 38.90 -46.67
C ILE D 4511 30.26 39.18 -45.38
N THR D 4512 30.31 38.21 -44.47
CA THR D 4512 30.98 38.37 -43.19
C THR D 4512 32.47 38.06 -43.27
N GLU D 4513 32.82 36.88 -43.78
CA GLU D 4513 34.20 36.47 -43.92
C GLU D 4513 34.62 36.57 -45.38
N GLN D 4514 35.83 36.11 -45.66
CA GLN D 4514 36.38 36.06 -47.01
C GLN D 4514 37.16 34.76 -47.17
N PRO D 4515 37.24 34.22 -48.38
CA PRO D 4515 38.06 33.03 -48.60
C PRO D 4515 39.54 33.35 -48.47
N SER D 4516 40.29 32.35 -48.02
CA SER D 4516 41.72 32.51 -47.83
C SER D 4516 42.44 32.54 -49.19
N GLU D 4517 43.70 32.99 -49.15
CA GLU D 4517 44.51 33.01 -50.37
C GLU D 4517 44.94 31.61 -50.80
N ASP D 4518 44.87 30.64 -49.90
CA ASP D 4518 45.19 29.25 -50.23
C ASP D 4518 43.98 28.45 -50.69
N ASP D 4519 42.82 29.08 -50.80
CA ASP D 4519 41.58 28.43 -51.22
C ASP D 4519 41.25 28.92 -52.62
N ILE D 4520 41.67 28.16 -53.64
CA ILE D 4520 41.37 28.52 -55.02
C ILE D 4520 39.89 28.32 -55.33
N LYS D 4521 39.25 27.35 -54.66
CA LYS D 4521 37.84 27.07 -54.90
C LYS D 4521 36.96 28.26 -54.53
N GLY D 4522 37.22 28.88 -53.38
CA GLY D 4522 36.43 30.04 -52.98
C GLY D 4522 36.60 31.22 -53.91
N GLN D 4523 37.85 31.47 -54.34
CA GLN D 4523 38.11 32.56 -55.28
C GLN D 4523 37.43 32.33 -56.62
N TRP D 4524 37.42 31.08 -57.09
CA TRP D 4524 36.73 30.78 -58.34
C TRP D 4524 35.22 30.87 -58.18
N ASP D 4525 34.69 30.39 -57.04
CA ASP D 4525 33.25 30.42 -56.79
C ASP D 4525 32.72 31.82 -56.50
N ARG D 4526 33.60 32.78 -56.23
CA ARG D 4526 33.17 34.17 -56.14
C ARG D 4526 32.58 34.68 -57.45
N LEU D 4527 32.91 34.05 -58.58
CA LEU D 4527 32.43 34.49 -59.89
C LEU D 4527 30.97 34.13 -60.16
N VAL D 4528 30.37 33.25 -59.36
CA VAL D 4528 29.06 32.71 -59.71
C VAL D 4528 27.91 33.30 -58.90
N ILE D 4529 28.19 33.99 -57.79
CA ILE D 4529 27.13 34.37 -56.86
C ILE D 4529 26.24 35.47 -57.44
N ASN D 4530 26.79 36.34 -58.28
CA ASN D 4530 26.02 37.44 -58.86
C ASN D 4530 25.33 37.08 -60.16
N THR D 4531 25.56 35.88 -60.69
CA THR D 4531 24.94 35.50 -61.94
C THR D 4531 23.46 35.17 -61.72
N PRO D 4532 22.59 35.51 -62.67
CA PRO D 4532 21.15 35.21 -62.49
C PRO D 4532 20.82 33.74 -62.59
N SER D 4533 21.65 32.93 -63.26
CA SER D 4533 21.36 31.51 -63.39
C SER D 4533 21.63 30.74 -62.10
N PHE D 4534 22.48 31.27 -61.23
CA PHE D 4534 22.81 30.57 -59.98
C PHE D 4534 21.63 30.65 -59.01
N PRO D 4535 21.22 29.53 -58.41
CA PRO D 4535 21.70 28.15 -58.66
C PRO D 4535 20.88 27.46 -59.75
N ASN D 4536 21.53 26.70 -60.63
CA ASN D 4536 20.87 26.09 -61.76
C ASN D 4536 20.49 24.64 -61.53
N ASN D 4537 21.37 23.86 -60.89
CA ASN D 4537 21.08 22.46 -60.59
C ASN D 4537 20.58 22.26 -59.17
N TYR D 4538 21.03 23.07 -58.22
CA TYR D 4538 20.53 23.02 -56.86
C TYR D 4538 19.06 23.47 -56.84
N TRP D 4539 18.21 22.70 -56.15
CA TRP D 4539 16.78 22.94 -56.23
C TRP D 4539 16.28 24.05 -55.31
N ASP D 4540 17.11 24.54 -54.39
CA ASP D 4540 16.72 25.67 -53.54
C ASP D 4540 16.91 26.95 -54.32
N LYS D 4541 15.80 27.56 -54.75
CA LYS D 4541 15.84 28.76 -55.58
C LYS D 4541 15.58 30.03 -54.79
N PHE D 4542 15.61 29.97 -53.46
CA PHE D 4542 15.43 31.12 -52.60
C PHE D 4542 16.69 31.43 -51.80
N VAL D 4543 17.86 31.05 -52.33
CA VAL D 4543 19.11 31.23 -51.59
C VAL D 4543 19.45 32.71 -51.43
N LYS D 4544 19.31 33.48 -52.52
CA LYS D 4544 19.63 34.90 -52.48
C LYS D 4544 18.68 35.65 -51.56
N ARG D 4545 17.39 35.32 -51.60
CA ARG D 4545 16.42 35.95 -50.70
C ARG D 4545 16.73 35.64 -49.24
N LYS D 4546 17.11 34.39 -48.94
CA LYS D 4546 17.46 34.02 -47.57
C LYS D 4546 18.71 34.77 -47.08
N VAL D 4547 19.72 34.88 -47.95
CA VAL D 4547 20.94 35.59 -47.57
C VAL D 4547 20.65 37.08 -47.35
N ILE D 4548 19.82 37.67 -48.21
CA ILE D 4548 19.45 39.07 -48.07
C ILE D 4548 18.69 39.30 -46.77
N ASN D 4549 17.69 38.44 -46.50
CA ASN D 4549 16.90 38.60 -45.28
C ASN D 4549 17.73 38.36 -44.02
N LYS D 4550 18.74 37.50 -44.10
CA LYS D 4550 19.56 37.24 -42.93
C LYS D 4550 20.56 38.37 -42.67
N TYR D 4551 21.16 38.96 -43.72
CA TYR D 4551 22.28 39.85 -43.53
C TYR D 4551 22.00 41.32 -43.84
N GLY D 4552 20.80 41.67 -44.31
CA GLY D 4552 20.54 43.06 -44.65
C GLY D 4552 20.33 43.97 -43.46
N ASP D 4553 20.03 43.40 -42.29
CA ASP D 4553 19.84 44.23 -41.10
C ASP D 4553 21.16 44.82 -40.62
N LEU D 4554 22.28 44.13 -40.84
CA LEU D 4554 23.58 44.58 -40.37
C LEU D 4554 24.55 44.89 -41.50
N TYR D 4555 24.18 44.64 -42.76
CA TYR D 4555 25.09 44.90 -43.86
C TYR D 4555 24.44 45.64 -45.02
N GLY D 4556 23.16 46.00 -44.92
CA GLY D 4556 22.52 46.76 -45.97
C GLY D 4556 21.93 45.89 -47.06
N ALA D 4557 20.66 46.09 -47.36
CA ALA D 4557 19.98 45.26 -48.36
C ALA D 4557 20.47 45.57 -49.76
N GLU D 4558 20.76 46.85 -50.06
CA GLU D 4558 21.18 47.23 -51.40
C GLU D 4558 22.56 46.68 -51.74
N ARG D 4559 23.48 46.69 -50.78
CA ARG D 4559 24.83 46.18 -51.02
C ARG D 4559 24.81 44.69 -51.31
N ILE D 4560 24.02 43.93 -50.54
CA ILE D 4560 23.95 42.49 -50.75
C ILE D 4560 23.18 42.17 -52.03
N ALA D 4561 22.17 42.98 -52.36
CA ALA D 4561 21.45 42.80 -53.61
C ALA D 4561 22.35 43.04 -54.81
N GLU D 4562 23.24 44.04 -54.72
CA GLU D 4562 24.23 44.25 -55.77
C GLU D 4562 25.26 43.13 -55.79
N LEU D 4563 25.60 42.59 -54.61
CA LEU D 4563 26.54 41.47 -54.53
C LEU D 4563 25.97 40.21 -55.15
N LEU D 4564 24.68 39.95 -54.93
CA LEU D 4564 24.03 38.74 -55.42
C LEU D 4564 23.38 38.93 -56.78
N GLY D 4565 23.68 40.03 -57.46
CA GLY D 4565 23.14 40.29 -58.79
C GLY D 4565 21.64 40.52 -58.83
N LEU D 4566 21.09 41.17 -57.81
CA LEU D 4566 19.65 41.42 -57.71
C LEU D 4566 19.38 42.91 -57.79
N ASP D 4567 18.46 43.29 -58.66
CA ASP D 4567 18.07 44.68 -58.80
C ASP D 4567 17.28 45.13 -57.57
N LYS D 4568 17.38 46.43 -57.26
CA LYS D 4568 16.64 46.99 -56.14
C LYS D 4568 15.14 46.92 -56.39
N ASN D 4569 14.70 47.17 -57.63
CA ASN D 4569 13.29 47.04 -57.96
C ASN D 4569 12.87 45.59 -58.09
N ALA D 4570 13.81 44.65 -58.24
CA ALA D 4570 13.48 43.25 -58.32
C ALA D 4570 13.15 42.63 -56.96
N LEU D 4571 13.56 43.28 -55.87
CA LEU D 4571 13.24 42.77 -54.54
C LEU D 4571 11.75 42.91 -54.25
N ASP D 4572 11.18 44.05 -54.60
CA ASP D 4572 9.75 44.27 -54.48
C ASP D 4572 9.09 43.98 -55.82
N PHE D 4573 7.77 44.23 -55.92
CA PHE D 4573 7.09 44.06 -57.19
C PHE D 4573 7.47 45.15 -58.18
N SER D 4574 7.47 46.42 -57.72
CA SER D 4574 7.84 47.63 -58.46
C SER D 4574 7.08 47.74 -59.78
N PRO D 4575 5.78 48.10 -59.75
CA PRO D 4575 4.99 48.21 -60.97
C PRO D 4575 5.42 49.38 -61.86
N ILE D 4593 21.99 34.50 -72.88
CA ILE D 4593 23.06 33.56 -72.56
C ILE D 4593 23.95 34.15 -71.48
N ASP D 4594 24.01 33.46 -70.34
CA ASP D 4594 24.81 33.89 -69.20
C ASP D 4594 26.23 33.39 -69.40
N MET D 4595 27.10 34.26 -69.91
CA MET D 4595 28.46 33.85 -70.24
C MET D 4595 29.29 33.60 -69.00
N LYS D 4596 29.12 34.44 -67.96
CA LYS D 4596 29.92 34.32 -66.74
C LYS D 4596 29.65 33.01 -66.02
N TYR D 4597 28.38 32.60 -65.96
CA TYR D 4597 28.03 31.33 -65.33
C TYR D 4597 28.64 30.16 -66.09
N HIS D 4598 28.64 30.21 -67.42
CA HIS D 4598 29.20 29.11 -68.18
C HIS D 4598 30.72 29.09 -68.12
N ILE D 4599 31.36 30.25 -67.98
CA ILE D 4599 32.81 30.27 -67.74
C ILE D 4599 33.13 29.63 -66.40
N TRP D 4600 32.34 29.95 -65.36
CA TRP D 4600 32.52 29.32 -64.06
C TRP D 4600 32.28 27.81 -64.13
N LYS D 4601 31.26 27.39 -64.89
CA LYS D 4601 30.94 25.98 -65.01
C LYS D 4601 32.05 25.23 -65.75
N LEU D 4602 32.62 25.85 -66.79
CA LEU D 4602 33.76 25.25 -67.48
C LEU D 4602 34.97 25.14 -66.56
N GLY D 4603 35.19 26.15 -65.72
CA GLY D 4603 36.26 26.05 -64.73
C GLY D 4603 36.03 24.96 -63.70
N VAL D 4604 34.77 24.71 -63.32
CA VAL D 4604 34.47 23.61 -62.43
C VAL D 4604 34.69 22.27 -63.11
N VAL D 4605 34.29 22.16 -64.38
CA VAL D 4605 34.39 20.90 -65.12
C VAL D 4605 35.85 20.56 -65.41
N PHE D 4606 36.65 21.54 -65.82
CA PHE D 4606 38.04 21.30 -66.18
C PHE D 4606 38.93 20.94 -64.99
N THR D 4607 38.45 21.12 -63.76
CA THR D 4607 39.18 20.70 -62.57
C THR D 4607 38.67 19.38 -62.02
N ASP D 4608 37.79 18.70 -62.73
CA ASP D 4608 37.28 17.40 -62.31
C ASP D 4608 38.19 16.29 -62.82
N ASN D 4609 38.50 15.33 -61.94
CA ASN D 4609 39.50 14.33 -62.25
C ASN D 4609 39.05 13.37 -63.35
N SER D 4610 37.78 12.95 -63.32
CA SER D 4610 37.29 12.01 -64.32
C SER D 4610 37.21 12.66 -65.70
N PHE D 4611 36.80 13.93 -65.76
CA PHE D 4611 36.78 14.64 -67.02
C PHE D 4611 38.19 14.84 -67.57
N LEU D 4612 39.16 15.11 -66.70
CA LEU D 4612 40.54 15.24 -67.15
C LEU D 4612 41.10 13.91 -67.65
N TYR D 4613 40.72 12.81 -66.99
CA TYR D 4613 41.13 11.49 -67.46
C TYR D 4613 40.54 11.19 -68.84
N LEU D 4614 39.27 11.52 -69.04
CA LEU D 4614 38.66 11.29 -70.35
C LEU D 4614 39.23 12.20 -71.42
N ALA D 4615 39.58 13.45 -71.07
CA ALA D 4615 40.23 14.34 -72.02
C ALA D 4615 41.62 13.83 -72.40
N TRP D 4616 42.36 13.29 -71.42
CA TRP D 4616 43.65 12.68 -71.73
C TRP D 4616 43.48 11.45 -72.61
N TYR D 4617 42.45 10.64 -72.34
CA TYR D 4617 42.16 9.47 -73.16
C TYR D 4617 41.86 9.85 -74.61
N THR D 4618 41.07 10.91 -74.80
CA THR D 4618 40.75 11.36 -76.14
C THR D 4618 41.97 11.98 -76.83
N THR D 4619 42.82 12.67 -76.07
CA THR D 4619 44.05 13.22 -76.64
C THR D 4619 44.98 12.13 -77.12
N MET D 4620 45.13 11.06 -76.33
CA MET D 4620 45.94 9.93 -76.77
C MET D 4620 45.31 9.21 -77.96
N SER D 4621 43.98 9.15 -78.02
CA SER D 4621 43.32 8.56 -79.18
C SER D 4621 43.58 9.38 -80.45
N VAL D 4622 43.58 10.70 -80.32
CA VAL D 4622 43.88 11.56 -81.47
C VAL D 4622 45.34 11.41 -81.88
N LEU D 4623 46.25 11.35 -80.91
CA LEU D 4623 47.66 11.13 -81.21
C LEU D 4623 47.94 9.75 -81.79
N GLY D 4624 47.05 8.79 -81.57
CA GLY D 4624 47.20 7.47 -82.16
C GLY D 4624 47.14 7.44 -83.68
N HIS D 4625 46.60 8.49 -84.30
CA HIS D 4625 46.66 8.60 -85.75
C HIS D 4625 48.00 9.14 -86.22
N TYR D 4626 48.63 10.01 -85.42
CA TYR D 4626 49.99 10.44 -85.72
C TYR D 4626 50.98 9.29 -85.62
N ASN D 4627 50.83 8.43 -84.61
CA ASN D 4627 51.65 7.24 -84.44
C ASN D 4627 50.82 6.22 -83.69
N ASN D 4628 50.74 5.00 -84.23
CA ASN D 4628 49.80 4.00 -83.71
C ASN D 4628 50.15 3.53 -82.30
N PHE D 4629 51.42 3.60 -81.92
CA PHE D 4629 51.83 3.11 -80.60
C PHE D 4629 51.32 3.99 -79.47
N PHE D 4630 50.81 5.19 -79.78
CA PHE D 4630 50.09 5.98 -78.79
C PHE D 4630 48.79 5.34 -78.34
N PHE D 4631 48.31 4.31 -79.04
CA PHE D 4631 47.20 3.51 -78.55
C PHE D 4631 47.61 2.53 -77.46
N ALA D 4632 48.91 2.43 -77.13
CA ALA D 4632 49.33 1.55 -76.05
C ALA D 4632 48.99 2.10 -74.68
N ALA D 4633 48.74 3.40 -74.56
CA ALA D 4633 48.42 4.00 -73.27
C ALA D 4633 47.04 3.57 -72.78
N HIS D 4634 46.10 3.35 -73.71
CA HIS D 4634 44.72 3.06 -73.35
C HIS D 4634 44.55 1.73 -72.62
N LEU D 4635 45.54 0.84 -72.70
CA LEU D 4635 45.51 -0.39 -71.91
C LEU D 4635 45.55 -0.10 -70.42
N LEU D 4636 46.11 1.05 -70.02
CA LEU D 4636 46.07 1.47 -68.62
C LEU D 4636 44.66 1.69 -68.12
N ASP D 4637 43.68 1.81 -69.02
CA ASP D 4637 42.28 1.88 -68.64
C ASP D 4637 41.80 0.63 -67.90
N ILE D 4638 42.51 -0.51 -68.01
CA ILE D 4638 42.13 -1.67 -67.21
C ILE D 4638 42.31 -1.39 -65.72
N ALA D 4639 43.19 -0.45 -65.37
CA ALA D 4639 43.33 -0.04 -63.98
C ALA D 4639 42.15 0.79 -63.51
N MET D 4640 41.34 1.32 -64.42
CA MET D 4640 40.18 2.14 -64.07
C MET D 4640 38.86 1.45 -64.35
N GLY D 4641 38.86 0.36 -65.10
CA GLY D 4641 37.63 -0.25 -65.54
C GLY D 4641 37.12 -1.38 -64.67
N PHE D 4642 38.05 -2.13 -64.06
CA PHE D 4642 37.70 -3.29 -63.25
C PHE D 4642 37.85 -2.96 -61.77
N LYS D 4643 36.83 -3.32 -60.99
CA LYS D 4643 36.84 -3.02 -59.56
C LYS D 4643 37.88 -3.84 -58.81
N THR D 4644 38.11 -5.08 -59.25
CA THR D 4644 39.11 -5.93 -58.59
C THR D 4644 40.52 -5.36 -58.75
N LEU D 4645 40.83 -4.84 -59.93
CA LEU D 4645 42.14 -4.23 -60.15
C LEU D 4645 42.30 -2.94 -59.35
N ARG D 4646 41.21 -2.17 -59.19
CA ARG D 4646 41.26 -1.00 -58.33
C ARG D 4646 41.49 -1.38 -56.88
N THR D 4647 40.86 -2.47 -56.42
CA THR D 4647 41.08 -2.94 -55.07
C THR D 4647 42.52 -3.43 -54.87
N ILE D 4648 43.09 -4.08 -55.89
CA ILE D 4648 44.48 -4.53 -55.80
C ILE D 4648 45.43 -3.33 -55.76
N LEU D 4649 45.21 -2.33 -56.63
CA LEU D 4649 46.08 -1.16 -56.64
C LEU D 4649 45.87 -0.25 -55.44
N SER D 4650 44.75 -0.41 -54.72
CA SER D 4650 44.58 0.28 -53.46
C SER D 4650 45.58 -0.18 -52.40
N SER D 4651 46.14 -1.39 -52.54
CA SER D 4651 47.21 -1.80 -51.64
C SER D 4651 48.51 -1.07 -51.92
N VAL D 4652 48.66 -0.49 -53.11
CA VAL D 4652 49.83 0.31 -53.41
C VAL D 4652 49.59 1.78 -53.11
N THR D 4653 48.39 2.28 -53.38
CA THR D 4653 48.09 3.69 -53.15
C THR D 4653 47.67 4.00 -51.72
N HIS D 4654 47.50 2.99 -50.86
CA HIS D 4654 47.14 3.24 -49.46
C HIS D 4654 48.30 3.90 -48.72
N ASN D 4655 49.50 3.35 -48.88
CA ASN D 4655 50.71 3.85 -48.22
C ASN D 4655 51.69 4.39 -49.26
N GLY D 4656 51.17 5.09 -50.26
CA GLY D 4656 52.02 5.60 -51.32
C GLY D 4656 52.97 6.69 -50.85
N LYS D 4657 52.52 7.52 -49.90
CA LYS D 4657 53.39 8.53 -49.31
C LYS D 4657 54.56 7.88 -48.56
N GLN D 4658 54.27 6.82 -47.81
CA GLN D 4658 55.33 6.08 -47.14
C GLN D 4658 56.26 5.40 -48.12
N LEU D 4659 55.74 4.92 -49.26
CA LEU D 4659 56.58 4.33 -50.29
C LEU D 4659 57.54 5.36 -50.89
N VAL D 4660 57.04 6.56 -51.19
CA VAL D 4660 57.89 7.62 -51.73
C VAL D 4660 58.94 8.04 -50.71
N LEU D 4661 58.55 8.15 -49.43
CA LEU D 4661 59.52 8.48 -48.39
C LEU D 4661 60.56 7.38 -48.19
N THR D 4662 60.16 6.13 -48.37
CA THR D 4662 61.13 5.03 -48.26
C THR D 4662 62.12 5.04 -49.42
N VAL D 4663 61.65 5.37 -50.63
CA VAL D 4663 62.56 5.50 -51.76
C VAL D 4663 63.52 6.67 -51.56
N GLY D 4664 63.03 7.77 -50.99
CA GLY D 4664 63.92 8.89 -50.66
C GLY D 4664 64.95 8.54 -49.60
N LEU D 4665 64.53 7.79 -48.58
CA LEU D 4665 65.47 7.33 -47.55
C LEU D 4665 66.52 6.40 -48.15
N LEU D 4666 66.11 5.53 -49.08
CA LEU D 4666 67.07 4.67 -49.78
C LEU D 4666 68.08 5.50 -50.57
N ALA D 4667 67.60 6.56 -51.23
CA ALA D 4667 68.50 7.44 -51.98
C ALA D 4667 69.51 8.12 -51.06
N VAL D 4668 69.07 8.57 -49.88
CA VAL D 4668 69.98 9.21 -48.93
C VAL D 4668 71.04 8.23 -48.41
N VAL D 4669 70.62 7.00 -48.08
CA VAL D 4669 71.55 6.00 -47.56
C VAL D 4669 72.57 5.61 -48.63
N VAL D 4670 72.11 5.43 -49.88
CA VAL D 4670 73.03 5.13 -50.97
C VAL D 4670 73.98 6.29 -51.24
N TYR D 4671 73.51 7.53 -51.05
CA TYR D 4671 74.41 8.68 -51.15
C TYR D 4671 75.50 8.65 -50.09
N LEU D 4672 75.15 8.24 -48.86
CA LEU D 4672 76.15 8.13 -47.80
C LEU D 4672 77.20 7.07 -48.13
N TYR D 4673 76.75 5.91 -48.63
CA TYR D 4673 77.69 4.88 -49.06
C TYR D 4673 78.55 5.35 -50.24
N THR D 4674 77.98 6.17 -51.12
CA THR D 4674 78.74 6.76 -52.22
C THR D 4674 79.83 7.69 -51.72
N VAL D 4675 79.52 8.50 -50.71
CA VAL D 4675 80.51 9.40 -50.11
C VAL D 4675 81.67 8.59 -49.51
N VAL D 4676 81.34 7.53 -48.78
CA VAL D 4676 82.36 6.68 -48.18
C VAL D 4676 83.23 6.02 -49.26
N ALA D 4677 82.61 5.50 -50.32
CA ALA D 4677 83.35 4.83 -51.38
C ALA D 4677 84.23 5.80 -52.16
N PHE D 4678 83.73 7.01 -52.43
CA PHE D 4678 84.49 8.02 -53.14
C PHE D 4678 85.66 8.53 -52.32
N ASN D 4679 85.53 8.53 -50.99
CA ASN D 4679 86.66 8.96 -50.17
C ASN D 4679 87.69 7.85 -49.96
N PHE D 4680 87.27 6.58 -49.88
CA PHE D 4680 88.19 5.54 -49.43
C PHE D 4680 88.40 4.37 -50.38
N PHE D 4681 87.44 4.07 -51.25
CA PHE D 4681 87.48 2.83 -52.02
C PHE D 4681 87.47 3.07 -53.52
N ARG D 4682 88.22 4.07 -54.00
CA ARG D 4682 88.16 4.43 -55.41
C ARG D 4682 88.84 3.40 -56.30
N LYS D 4683 89.84 2.67 -55.78
CA LYS D 4683 90.62 1.75 -56.60
C LYS D 4683 89.84 0.49 -56.98
N PHE D 4684 88.72 0.21 -56.33
CA PHE D 4684 87.97 -1.01 -56.59
C PHE D 4684 86.87 -0.83 -57.63
N TYR D 4685 86.76 0.34 -58.24
CA TYR D 4685 85.66 0.66 -59.15
C TYR D 4685 86.12 0.73 -60.60
N ASN D 4686 87.07 -0.12 -60.97
CA ASN D 4686 87.51 -0.24 -62.36
C ASN D 4686 86.68 -1.33 -63.03
N LYS D 4687 85.85 -0.92 -63.98
CA LYS D 4687 84.97 -1.84 -64.70
C LYS D 4687 85.48 -2.11 -66.12
N SER D 4688 86.79 -2.00 -66.32
CA SER D 4688 87.40 -2.19 -67.63
C SER D 4688 88.09 -3.54 -67.69
N GLU D 4689 87.82 -4.29 -68.76
CA GLU D 4689 88.44 -5.60 -68.93
C GLU D 4689 89.91 -5.48 -69.29
N ASP D 4690 90.25 -4.56 -70.18
CA ASP D 4690 91.62 -4.38 -70.65
C ASP D 4690 92.30 -3.25 -69.89
N ASP D 4691 93.61 -3.40 -69.70
CA ASP D 4691 94.39 -2.41 -68.96
C ASP D 4691 94.83 -1.24 -69.82
N ASP D 4692 94.53 -1.26 -71.13
CA ASP D 4692 94.88 -0.14 -71.99
C ASP D 4692 94.07 1.10 -71.65
N GLU D 4693 92.79 0.93 -71.34
CA GLU D 4693 91.92 2.06 -71.03
C GLU D 4693 91.02 1.73 -69.84
N PRO D 4694 91.21 2.38 -68.70
CA PRO D 4694 90.36 2.10 -67.53
C PRO D 4694 88.98 2.70 -67.68
N ASP D 4695 88.07 2.22 -66.84
CA ASP D 4695 86.67 2.62 -66.82
C ASP D 4695 86.23 2.92 -65.39
N MET D 4696 86.99 3.79 -64.72
CA MET D 4696 86.77 4.09 -63.30
C MET D 4696 85.41 4.73 -63.08
N LYS D 4697 84.58 4.07 -62.26
CA LYS D 4697 83.22 4.51 -61.99
C LYS D 4697 83.12 5.44 -60.80
N CYS D 4698 84.20 5.68 -60.06
CA CYS D 4698 84.12 6.48 -58.84
C CYS D 4698 85.19 7.57 -58.81
N ASP D 4699 85.57 8.08 -59.98
CA ASP D 4699 86.50 9.21 -60.03
C ASP D 4699 85.81 10.56 -59.85
N ASP D 4700 84.48 10.58 -59.82
CA ASP D 4700 83.72 11.77 -59.45
C ASP D 4700 82.45 11.32 -58.74
N MET D 4701 81.87 12.24 -57.97
CA MET D 4701 80.76 11.88 -57.10
C MET D 4701 79.49 11.55 -57.87
N MET D 4702 79.26 12.22 -59.00
CA MET D 4702 78.03 12.00 -59.75
C MET D 4702 78.01 10.63 -60.39
N THR D 4703 79.12 10.23 -61.02
CA THR D 4703 79.22 8.91 -61.63
C THR D 4703 79.14 7.81 -60.58
N CYS D 4704 79.81 7.99 -59.44
CA CYS D 4704 79.77 6.99 -58.38
C CYS D 4704 78.38 6.87 -57.77
N TYR D 4705 77.67 7.99 -57.63
CA TYR D 4705 76.32 7.95 -57.09
C TYR D 4705 75.36 7.27 -58.06
N LEU D 4706 75.50 7.56 -59.36
CA LEU D 4706 74.68 6.88 -60.36
C LEU D 4706 74.98 5.39 -60.40
N PHE D 4707 76.26 5.03 -60.27
CA PHE D 4707 76.65 3.62 -60.24
C PHE D 4707 76.07 2.90 -59.03
N HIS D 4708 76.10 3.54 -57.86
CA HIS D 4708 75.56 2.91 -56.66
C HIS D 4708 74.04 2.80 -56.73
N MET D 4709 73.36 3.81 -57.28
CA MET D 4709 71.91 3.78 -57.33
C MET D 4709 71.38 2.85 -58.41
N TYR D 4710 72.14 2.66 -59.49
CA TYR D 4710 71.65 1.89 -60.63
C TYR D 4710 72.16 0.46 -60.64
N VAL D 4711 73.36 0.22 -60.16
CA VAL D 4711 73.99 -1.10 -60.21
C VAL D 4711 73.94 -1.79 -58.86
N GLY D 4712 74.23 -1.06 -57.78
CA GLY D 4712 74.27 -1.66 -56.46
C GLY D 4712 72.91 -2.07 -55.93
N VAL D 4713 71.88 -1.27 -56.18
CA VAL D 4713 70.55 -1.57 -55.64
C VAL D 4713 69.94 -2.77 -56.37
N ARG D 4714 70.08 -2.84 -57.69
CA ARG D 4714 69.52 -3.94 -58.45
C ARG D 4714 70.29 -5.24 -58.28
N ALA D 4715 71.52 -5.18 -57.80
CA ALA D 4715 72.29 -6.39 -57.59
C ALA D 4715 71.75 -7.19 -56.42
N GLY D 4716 71.86 -8.51 -56.51
CA GLY D 4716 71.28 -9.38 -55.51
C GLY D 4716 71.97 -9.29 -54.16
N GLY D 4717 73.30 -9.22 -54.17
CA GLY D 4717 74.09 -9.12 -52.96
C GLY D 4717 74.63 -7.74 -52.65
N GLY D 4718 74.12 -6.69 -53.28
CA GLY D 4718 74.58 -5.36 -53.01
C GLY D 4718 75.71 -4.92 -53.92
N ILE D 4719 76.41 -3.89 -53.45
CA ILE D 4719 77.53 -3.32 -54.21
C ILE D 4719 78.71 -4.26 -54.30
N GLY D 4720 78.81 -5.22 -53.37
CA GLY D 4720 79.93 -6.15 -53.38
C GLY D 4720 79.93 -7.13 -54.53
N ASP D 4721 78.79 -7.32 -55.18
CA ASP D 4721 78.73 -8.22 -56.33
C ASP D 4721 79.43 -7.63 -57.55
N GLU D 4722 79.50 -6.30 -57.64
CA GLU D 4722 79.83 -5.64 -58.90
C GLU D 4722 81.12 -4.82 -58.85
N ILE D 4723 81.91 -4.93 -57.80
CA ILE D 4723 83.19 -4.23 -57.76
C ILE D 4723 84.31 -5.23 -57.54
N GLU D 4724 85.55 -4.72 -57.45
CA GLU D 4724 86.74 -5.56 -57.37
C GLU D 4724 86.77 -6.34 -56.07
N ASP D 4725 87.29 -7.56 -56.14
CA ASP D 4725 87.44 -8.40 -54.96
C ASP D 4725 88.45 -7.78 -54.00
N PRO D 4726 88.14 -7.66 -52.71
CA PRO D 4726 89.01 -6.95 -51.77
C PRO D 4726 90.08 -7.80 -51.10
N ALA D 4727 90.25 -9.06 -51.48
CA ALA D 4727 91.22 -9.92 -50.82
C ALA D 4727 92.64 -9.52 -51.18
N GLY D 4728 93.54 -9.63 -50.22
CA GLY D 4728 94.91 -9.18 -50.40
C GLY D 4728 95.06 -7.69 -50.50
N ASP D 4729 94.33 -6.93 -49.69
CA ASP D 4729 94.35 -5.48 -49.68
C ASP D 4729 94.45 -4.99 -48.25
N PRO D 4730 95.11 -3.85 -48.01
CA PRO D 4730 95.09 -3.25 -46.67
C PRO D 4730 93.70 -2.88 -46.19
N TYR D 4731 92.79 -2.52 -47.08
CA TYR D 4731 91.43 -2.15 -46.72
C TYR D 4731 90.44 -3.28 -46.94
N GLU D 4732 90.85 -4.53 -46.68
CA GLU D 4732 89.99 -5.67 -46.94
C GLU D 4732 88.84 -5.74 -45.94
N MET D 4733 89.13 -5.57 -44.65
CA MET D 4733 88.09 -5.69 -43.65
C MET D 4733 87.11 -4.52 -43.70
N TYR D 4734 87.60 -3.33 -44.01
CA TYR D 4734 86.72 -2.19 -44.21
C TYR D 4734 85.81 -2.40 -45.40
N ARG D 4735 86.34 -2.98 -46.48
CA ARG D 4735 85.52 -3.29 -47.65
C ARG D 4735 84.48 -4.36 -47.35
N ILE D 4736 84.84 -5.35 -46.53
CA ILE D 4736 83.90 -6.41 -46.17
C ILE D 4736 82.78 -5.85 -45.31
N VAL D 4737 83.10 -4.99 -44.34
CA VAL D 4737 82.08 -4.33 -43.52
C VAL D 4737 81.19 -3.44 -44.39
N PHE D 4738 81.81 -2.72 -45.34
CA PHE D 4738 81.09 -1.88 -46.28
C PHE D 4738 80.07 -2.67 -47.09
N ASP D 4739 80.51 -3.78 -47.70
CA ASP D 4739 79.63 -4.61 -48.51
C ASP D 4739 78.53 -5.27 -47.68
N ILE D 4740 78.88 -5.75 -46.48
CA ILE D 4740 77.90 -6.44 -45.64
C ILE D 4740 76.84 -5.47 -45.15
N THR D 4741 77.24 -4.27 -44.74
CA THR D 4741 76.24 -3.31 -44.28
C THR D 4741 75.42 -2.73 -45.43
N PHE D 4742 76.00 -2.63 -46.63
CA PHE D 4742 75.19 -2.29 -47.80
C PHE D 4742 74.16 -3.35 -48.09
N PHE D 4743 74.54 -4.63 -47.99
CA PHE D 4743 73.59 -5.72 -48.22
C PHE D 4743 72.49 -5.74 -47.16
N PHE D 4744 72.86 -5.52 -45.90
CA PHE D 4744 71.86 -5.64 -44.83
C PHE D 4744 70.92 -4.43 -44.80
N PHE D 4745 71.46 -3.21 -44.90
CA PHE D 4745 70.63 -2.03 -44.72
C PHE D 4745 69.77 -1.73 -45.93
N VAL D 4746 70.30 -1.95 -47.14
CA VAL D 4746 69.61 -1.55 -48.36
C VAL D 4746 68.83 -2.71 -48.94
N ILE D 4747 69.52 -3.82 -49.21
CA ILE D 4747 68.89 -4.94 -49.91
C ILE D 4747 67.89 -5.65 -49.01
N VAL D 4748 68.26 -5.86 -47.75
CA VAL D 4748 67.43 -6.68 -46.86
C VAL D 4748 66.34 -5.85 -46.17
N ILE D 4749 66.69 -4.70 -45.62
CA ILE D 4749 65.78 -3.99 -44.72
C ILE D 4749 64.82 -3.06 -45.47
N LEU D 4750 65.32 -2.25 -46.41
CA LEU D 4750 64.46 -1.24 -47.04
C LEU D 4750 63.44 -1.87 -47.99
N LEU D 4751 63.85 -2.89 -48.73
CA LEU D 4751 62.89 -3.61 -49.57
C LEU D 4751 61.87 -4.37 -48.71
N ALA D 4752 62.29 -4.85 -47.54
CA ALA D 4752 61.33 -5.43 -46.60
C ALA D 4752 60.36 -4.38 -46.08
N ILE D 4753 60.81 -3.14 -45.90
CA ILE D 4753 59.90 -2.06 -45.50
C ILE D 4753 58.87 -1.81 -46.58
N ILE D 4754 59.29 -1.81 -47.84
CA ILE D 4754 58.35 -1.62 -48.95
C ILE D 4754 57.31 -2.74 -49.00
N GLN D 4755 57.77 -3.99 -48.93
CA GLN D 4755 56.87 -5.13 -48.97
C GLN D 4755 55.93 -5.17 -47.76
N GLY D 4756 56.45 -4.82 -46.58
CA GLY D 4756 55.62 -4.75 -45.39
C GLY D 4756 54.57 -3.67 -45.46
N LEU D 4757 54.90 -2.53 -46.10
CA LEU D 4757 53.90 -1.49 -46.30
C LEU D 4757 52.77 -1.96 -47.20
N ILE D 4758 53.10 -2.72 -48.26
CA ILE D 4758 52.05 -3.25 -49.14
C ILE D 4758 51.17 -4.27 -48.39
N ILE D 4759 51.80 -5.17 -47.64
CA ILE D 4759 51.05 -6.20 -46.90
C ILE D 4759 50.18 -5.57 -45.81
N ASP D 4760 50.72 -4.55 -45.13
CA ASP D 4760 49.95 -3.84 -44.12
C ASP D 4760 48.78 -3.08 -44.74
N ALA D 4761 48.93 -2.58 -45.96
CA ALA D 4761 47.80 -1.98 -46.66
C ALA D 4761 46.69 -2.99 -46.91
N PHE D 4762 47.07 -4.20 -47.34
CA PHE D 4762 46.08 -5.29 -47.51
C PHE D 4762 45.33 -5.56 -46.21
N GLY D 4763 46.09 -5.73 -45.12
CA GLY D 4763 45.46 -6.04 -43.84
C GLY D 4763 44.60 -4.91 -43.31
N GLU D 4764 45.00 -3.66 -43.54
CA GLU D 4764 44.22 -2.52 -43.07
C GLU D 4764 42.91 -2.38 -43.82
N LEU D 4765 42.92 -2.61 -45.14
CA LEU D 4765 41.69 -2.58 -45.90
C LEU D 4765 40.72 -3.68 -45.46
N ARG D 4766 41.25 -4.89 -45.22
CA ARG D 4766 40.41 -5.98 -44.72
C ARG D 4766 39.82 -5.66 -43.35
N ASP D 4767 40.62 -5.06 -42.46
CA ASP D 4767 40.12 -4.71 -41.13
C ASP D 4767 39.07 -3.61 -41.20
N GLN D 4768 39.21 -2.67 -42.13
CA GLN D 4768 38.19 -1.63 -42.30
C GLN D 4768 36.87 -2.22 -42.77
N GLN D 4769 36.91 -3.17 -43.71
CA GLN D 4769 35.68 -3.83 -44.14
C GLN D 4769 35.04 -4.64 -43.02
N GLU D 4770 35.84 -5.33 -42.21
CA GLU D 4770 35.27 -6.06 -41.08
C GLU D 4770 34.68 -5.13 -40.02
N GLN D 4771 35.29 -3.96 -39.83
CA GLN D 4771 34.74 -2.98 -38.90
C GLN D 4771 33.39 -2.46 -39.38
N VAL D 4772 33.27 -2.22 -40.70
CA VAL D 4772 31.97 -1.82 -41.27
C VAL D 4772 30.93 -2.91 -41.04
N ARG D 4773 31.31 -4.17 -41.28
CA ARG D 4773 30.36 -5.27 -41.10
C ARG D 4773 29.89 -5.40 -39.66
N GLU D 4774 30.82 -5.31 -38.70
CA GLU D 4774 30.46 -5.42 -37.29
C GLU D 4774 29.59 -4.25 -36.84
N ASP D 4775 29.92 -3.02 -37.27
CA ASP D 4775 29.13 -1.87 -36.88
C ASP D 4775 27.72 -1.92 -37.47
N MET D 4776 27.58 -2.42 -38.70
CA MET D 4776 26.25 -2.53 -39.29
C MET D 4776 25.45 -3.67 -38.67
N GLU D 4777 26.13 -4.71 -38.16
CA GLU D 4777 25.39 -5.80 -37.55
C GLU D 4777 25.05 -5.57 -36.08
N THR D 4778 25.76 -4.66 -35.39
CA THR D 4778 25.58 -4.57 -33.95
C THR D 4778 24.72 -3.40 -33.48
N LYS D 4779 24.47 -2.39 -34.32
CA LYS D 4779 23.67 -1.26 -33.86
C LYS D 4779 22.99 -0.58 -35.04
N CYS D 4780 21.93 0.16 -34.73
CA CYS D 4780 21.18 0.87 -35.75
C CYS D 4780 21.95 2.09 -36.25
N PHE D 4781 21.81 2.38 -37.54
CA PHE D 4781 22.48 3.53 -38.12
C PHE D 4781 21.83 4.84 -37.70
N ILE D 4782 20.53 4.83 -37.43
CA ILE D 4782 19.80 6.06 -37.13
C ILE D 4782 19.89 6.39 -35.65
N CYS D 4783 19.40 5.49 -34.80
CA CYS D 4783 19.31 5.78 -33.37
C CYS D 4783 20.51 5.27 -32.57
N GLY D 4784 21.26 4.30 -33.09
CA GLY D 4784 22.44 3.82 -32.41
C GLY D 4784 22.20 2.81 -31.32
N ILE D 4785 20.97 2.38 -31.10
CA ILE D 4785 20.67 1.37 -30.09
C ILE D 4785 21.16 0.01 -30.58
N GLY D 4786 21.76 -0.77 -29.68
CA GLY D 4786 22.30 -2.06 -30.05
C GLY D 4786 21.23 -3.10 -30.33
N ASN D 4787 21.65 -4.19 -30.96
CA ASN D 4787 20.73 -5.23 -31.39
C ASN D 4787 20.19 -6.06 -30.24
N ASP D 4788 20.87 -6.05 -29.08
CA ASP D 4788 20.42 -6.85 -27.96
C ASP D 4788 19.13 -6.33 -27.34
N TYR D 4789 18.88 -5.02 -27.45
CA TYR D 4789 17.62 -4.47 -26.98
C TYR D 4789 16.47 -4.88 -27.89
N PHE D 4790 16.69 -4.81 -29.21
CA PHE D 4790 15.62 -5.12 -30.16
C PHE D 4790 15.36 -6.61 -30.27
N ASP D 4791 16.37 -7.44 -30.02
CA ASP D 4791 16.25 -8.87 -30.27
C ASP D 4791 15.49 -9.62 -29.18
N THR D 4792 14.93 -8.92 -28.18
CA THR D 4792 14.02 -9.59 -27.25
C THR D 4792 12.78 -10.10 -27.97
N THR D 4793 12.22 -9.27 -28.85
CA THR D 4793 11.24 -9.75 -29.81
C THR D 4793 11.95 -10.63 -30.85
N PRO D 4794 11.35 -11.76 -31.24
CA PRO D 4794 11.99 -12.61 -32.26
C PRO D 4794 12.19 -11.89 -33.59
N HIS D 4795 13.44 -11.85 -34.03
CA HIS D 4795 13.90 -11.11 -35.21
C HIS D 4795 13.54 -9.63 -35.09
N GLY D 4796 13.72 -9.07 -33.90
CA GLY D 4796 13.34 -7.69 -33.66
C GLY D 4796 14.28 -6.66 -34.26
N PHE D 4797 15.58 -6.97 -34.33
CA PHE D 4797 16.52 -6.02 -34.90
C PHE D 4797 16.38 -5.95 -36.41
N GLU D 4798 16.11 -7.09 -37.06
CA GLU D 4798 15.84 -7.10 -38.48
C GLU D 4798 14.57 -6.31 -38.80
N THR D 4799 13.53 -6.47 -37.97
CA THR D 4799 12.30 -5.69 -38.13
C THR D 4799 12.56 -4.21 -37.93
N HIS D 4800 13.39 -3.85 -36.94
CA HIS D 4800 13.69 -2.46 -36.69
C HIS D 4800 14.46 -1.82 -37.84
N THR D 4801 15.45 -2.53 -38.39
CA THR D 4801 16.26 -1.96 -39.45
C THR D 4801 15.61 -2.06 -40.82
N LEU D 4802 14.57 -2.88 -40.99
CA LEU D 4802 13.88 -2.97 -42.27
C LEU D 4802 12.58 -2.19 -42.32
N GLN D 4803 11.95 -1.94 -41.18
CA GLN D 4803 10.66 -1.25 -41.17
C GLN D 4803 10.68 0.04 -40.35
N GLU D 4804 11.27 0.01 -39.16
CA GLU D 4804 11.14 1.15 -38.25
C GLU D 4804 12.11 2.27 -38.60
N HIS D 4805 13.39 1.94 -38.77
CA HIS D 4805 14.41 2.95 -39.04
C HIS D 4805 15.15 2.64 -40.32
N ASN D 4806 14.41 2.34 -41.39
CA ASN D 4806 15.01 2.04 -42.68
C ASN D 4806 15.59 3.32 -43.31
N LEU D 4807 16.84 3.24 -43.76
CA LEU D 4807 17.53 4.40 -44.34
C LEU D 4807 16.88 4.86 -45.63
N ALA D 4808 16.46 3.90 -46.46
CA ALA D 4808 15.80 4.23 -47.72
C ALA D 4808 14.49 4.95 -47.48
N ASN D 4809 13.79 4.65 -46.38
CA ASN D 4809 12.58 5.37 -46.06
C ASN D 4809 12.85 6.83 -45.71
N TYR D 4810 13.97 7.11 -45.04
CA TYR D 4810 14.33 8.51 -44.77
C TYR D 4810 14.71 9.24 -46.05
N LEU D 4811 15.41 8.55 -46.96
CA LEU D 4811 15.71 9.14 -48.27
C LEU D 4811 14.43 9.44 -49.05
N PHE D 4812 13.48 8.48 -49.04
CA PHE D 4812 12.21 8.67 -49.73
C PHE D 4812 11.38 9.76 -49.09
N PHE D 4813 11.48 9.94 -47.76
CA PHE D 4813 10.74 11.01 -47.10
C PHE D 4813 11.30 12.38 -47.46
N LEU D 4814 12.62 12.50 -47.53
CA LEU D 4814 13.20 13.76 -47.98
C LEU D 4814 12.83 14.05 -49.43
N MET D 4815 12.84 13.02 -50.28
CA MET D 4815 12.41 13.17 -51.67
C MET D 4815 10.94 13.57 -51.76
N TYR D 4816 10.11 13.04 -50.86
CA TYR D 4816 8.69 13.37 -50.83
C TYR D 4816 8.47 14.80 -50.34
N LEU D 4817 9.27 15.24 -49.37
CA LEU D 4817 9.12 16.60 -48.82
C LEU D 4817 9.57 17.65 -49.84
N ILE D 4818 10.66 17.38 -50.55
CA ILE D 4818 11.17 18.36 -51.51
C ILE D 4818 10.21 18.52 -52.69
N ASN D 4819 9.64 17.42 -53.17
CA ASN D 4819 8.76 17.43 -54.32
C ASN D 4819 7.31 17.75 -53.97
N LYS D 4820 7.06 18.34 -52.80
CA LYS D 4820 5.72 18.66 -52.36
C LYS D 4820 5.60 20.16 -52.12
N ASP D 4821 4.43 20.70 -52.42
CA ASP D 4821 4.16 22.11 -52.19
C ASP D 4821 4.13 22.40 -50.69
N GLU D 4822 4.68 23.56 -50.31
CA GLU D 4822 4.72 23.93 -48.90
C GLU D 4822 3.34 24.21 -48.34
N THR D 4823 2.40 24.64 -49.17
CA THR D 4823 1.04 24.88 -48.72
C THR D 4823 0.28 23.59 -48.46
N GLU D 4824 0.75 22.48 -49.01
CA GLU D 4824 0.12 21.18 -48.79
C GLU D 4824 0.76 20.38 -47.67
N HIS D 4825 1.79 20.91 -47.03
CA HIS D 4825 2.45 20.21 -45.92
C HIS D 4825 1.51 20.07 -44.73
N THR D 4826 1.56 18.91 -44.09
CA THR D 4826 0.85 18.68 -42.85
C THR D 4826 1.67 19.28 -41.70
N GLY D 4827 1.21 19.07 -40.46
CA GLY D 4827 1.93 19.62 -39.32
C GLY D 4827 3.29 18.99 -39.11
N GLN D 4828 3.36 17.66 -39.21
CA GLN D 4828 4.65 16.96 -39.07
C GLN D 4828 5.58 17.28 -40.23
N GLU D 4829 5.03 17.33 -41.45
CA GLU D 4829 5.83 17.67 -42.62
C GLU D 4829 6.35 19.10 -42.54
N SER D 4830 5.52 20.03 -42.07
CA SER D 4830 5.98 21.40 -41.88
C SER D 4830 7.06 21.49 -40.80
N TYR D 4831 6.90 20.73 -39.72
CA TYR D 4831 7.91 20.70 -38.66
C TYR D 4831 9.25 20.21 -39.18
N VAL D 4832 9.24 19.08 -39.89
CA VAL D 4832 10.48 18.53 -40.43
C VAL D 4832 11.06 19.42 -41.52
N TRP D 4833 10.21 20.05 -42.32
CA TRP D 4833 10.67 20.95 -43.37
C TRP D 4833 11.35 22.19 -42.79
N LYS D 4834 10.76 22.78 -41.75
CA LYS D 4834 11.38 23.92 -41.10
C LYS D 4834 12.70 23.54 -40.44
N MET D 4835 12.77 22.37 -39.81
CA MET D 4835 14.05 21.95 -39.23
C MET D 4835 15.08 21.59 -40.29
N TYR D 4836 14.63 21.16 -41.47
CA TYR D 4836 15.53 20.79 -42.55
C TYR D 4836 16.11 22.03 -43.24
N GLN D 4837 15.31 23.10 -43.35
CA GLN D 4837 15.84 24.31 -43.96
C GLN D 4837 16.83 25.04 -43.07
N GLU D 4838 16.84 24.76 -41.78
CA GLU D 4838 17.81 25.34 -40.85
C GLU D 4838 19.00 24.42 -40.60
N ARG D 4839 19.06 23.28 -41.29
CA ARG D 4839 20.08 22.24 -41.09
C ARG D 4839 20.14 21.77 -39.64
N CYS D 4840 18.97 21.63 -39.02
CA CYS D 4840 18.88 21.12 -37.65
C CYS D 4840 18.37 19.68 -37.71
N TRP D 4841 19.18 18.74 -37.25
CA TRP D 4841 18.88 17.32 -37.35
C TRP D 4841 18.46 16.74 -36.01
N ASP D 4842 17.74 17.52 -35.20
CA ASP D 4842 17.19 17.02 -33.96
C ASP D 4842 15.93 16.18 -34.17
N PHE D 4843 15.33 16.21 -35.36
CA PHE D 4843 14.18 15.36 -35.62
C PHE D 4843 14.57 13.91 -35.87
N PHE D 4844 15.82 13.64 -36.23
CA PHE D 4844 16.29 12.27 -36.28
C PHE D 4844 16.35 11.71 -34.87
N PRO D 4845 15.76 10.54 -34.61
CA PRO D 4845 15.83 9.97 -33.26
C PRO D 4845 17.23 9.49 -32.93
N ALA D 4846 17.69 9.82 -31.72
CA ALA D 4846 19.03 9.50 -31.26
C ALA D 4846 18.91 8.85 -29.89
N GLY D 4847 19.19 7.55 -29.83
CA GLY D 4847 19.05 6.82 -28.58
C GLY D 4847 17.63 6.54 -28.17
N ASP D 4848 16.66 6.77 -29.05
CA ASP D 4848 15.25 6.57 -28.74
C ASP D 4848 14.55 6.03 -29.98
N CYS D 4849 13.46 5.30 -29.75
CA CYS D 4849 12.68 4.73 -30.83
C CYS D 4849 11.24 4.62 -30.38
N PHE D 4850 10.38 4.15 -31.28
CA PHE D 4850 8.97 3.99 -30.98
C PHE D 4850 8.74 2.88 -29.95
N ARG D 4851 9.52 1.81 -30.02
CA ARG D 4851 9.40 0.73 -29.05
C ARG D 4851 9.89 1.16 -27.67
N LYS D 4852 10.92 2.00 -27.62
CA LYS D 4852 11.48 2.41 -26.35
C LYS D 4852 10.56 3.37 -25.62
N GLN D 4853 9.88 4.25 -26.35
CA GLN D 4853 9.03 5.25 -25.72
C GLN D 4853 7.73 4.64 -25.20
N TYR D 4854 7.13 3.74 -25.98
CA TYR D 4854 5.87 3.10 -25.60
C TYR D 4854 6.08 1.68 -25.14
N GLU D 4855 7.15 1.43 -24.40
CA GLU D 4855 7.49 0.07 -23.97
C GLU D 4855 6.47 -0.48 -22.99
N ASP D 4856 5.94 0.36 -22.12
CA ASP D 4856 4.92 -0.10 -21.18
C ASP D 4856 3.60 -0.36 -21.88
N GLN D 4857 3.21 0.51 -22.81
CA GLN D 4857 1.91 0.38 -23.47
C GLN D 4857 1.91 -0.72 -24.54
N LEU D 4858 3.01 -0.85 -25.29
CA LEU D 4858 3.09 -1.93 -26.28
C LEU D 4858 3.29 -3.28 -25.61
N GLY D 4859 4.08 -3.31 -24.54
CA GLY D 4859 4.34 -4.55 -23.83
C GLY D 4859 3.29 -4.84 -22.77
N VAL E 5 -99.98 -71.89 -40.33
CA VAL E 5 -99.17 -71.64 -41.52
C VAL E 5 -100.00 -71.88 -42.77
N GLU E 6 -100.53 -70.81 -43.34
CA GLU E 6 -101.32 -70.92 -44.57
C GLU E 6 -100.42 -71.21 -45.76
N ILE E 7 -100.94 -72.00 -46.70
CA ILE E 7 -100.20 -72.42 -47.88
C ILE E 7 -100.99 -72.00 -49.11
N GLU E 8 -100.31 -71.32 -50.04
CA GLU E 8 -100.89 -70.91 -51.31
C GLU E 8 -100.29 -71.75 -52.43
N THR E 9 -101.14 -72.25 -53.32
CA THR E 9 -100.71 -73.15 -54.39
C THR E 9 -100.29 -72.33 -55.60
N ILE E 10 -98.99 -72.04 -55.70
CA ILE E 10 -98.47 -71.31 -56.84
C ILE E 10 -98.50 -72.17 -58.09
N SER E 11 -98.07 -73.43 -57.98
CA SER E 11 -98.06 -74.36 -59.11
C SER E 11 -98.22 -75.77 -58.59
N PRO E 12 -99.36 -76.41 -58.85
CA PRO E 12 -99.58 -77.78 -58.36
C PRO E 12 -98.71 -78.79 -59.08
N GLY E 13 -98.42 -79.89 -58.38
CA GLY E 13 -97.60 -80.94 -58.92
C GLY E 13 -98.35 -82.23 -59.21
N ASP E 14 -97.76 -83.36 -58.85
CA ASP E 14 -98.40 -84.65 -59.09
C ASP E 14 -99.61 -84.85 -58.19
N GLY E 15 -99.51 -84.47 -56.91
CA GLY E 15 -100.60 -84.63 -55.98
C GLY E 15 -100.70 -86.00 -55.34
N ARG E 16 -99.81 -86.93 -55.68
CA ARG E 16 -99.84 -88.28 -55.13
C ARG E 16 -98.63 -88.58 -54.26
N THR E 17 -97.42 -88.36 -54.77
CA THR E 17 -96.20 -88.64 -54.01
C THR E 17 -96.00 -87.54 -52.97
N PHE E 18 -95.71 -87.96 -51.74
CA PHE E 18 -95.47 -87.04 -50.64
C PHE E 18 -94.20 -87.45 -49.90
N PRO E 19 -93.46 -86.49 -49.35
CA PRO E 19 -92.27 -86.83 -48.56
C PRO E 19 -92.64 -87.55 -47.27
N LYS E 20 -91.74 -88.42 -46.84
CA LYS E 20 -91.91 -89.22 -45.62
C LYS E 20 -90.78 -88.94 -44.66
N LYS E 21 -90.88 -89.52 -43.46
CA LYS E 21 -89.86 -89.34 -42.45
C LYS E 21 -88.61 -90.13 -42.81
N GLY E 22 -87.45 -89.50 -42.64
CA GLY E 22 -86.18 -90.12 -42.95
C GLY E 22 -85.78 -90.07 -44.40
N GLN E 23 -86.55 -89.40 -45.26
CA GLN E 23 -86.24 -89.29 -46.68
C GLN E 23 -85.77 -87.88 -46.99
N THR E 24 -84.66 -87.78 -47.71
CA THR E 24 -84.11 -86.48 -48.06
C THR E 24 -84.97 -85.82 -49.14
N CYS E 25 -85.26 -84.54 -48.95
CA CYS E 25 -86.08 -83.77 -49.87
C CYS E 25 -85.22 -82.67 -50.49
N VAL E 26 -85.02 -82.74 -51.80
CA VAL E 26 -84.26 -81.72 -52.53
C VAL E 26 -85.24 -80.66 -52.99
N VAL E 27 -85.16 -79.47 -52.39
CA VAL E 27 -86.11 -78.39 -52.64
C VAL E 27 -85.34 -77.11 -52.97
N HIS E 28 -86.04 -76.21 -53.66
CA HIS E 28 -85.54 -74.88 -53.95
C HIS E 28 -86.47 -73.87 -53.30
N TYR E 29 -85.90 -72.96 -52.51
CA TYR E 29 -86.70 -72.04 -51.70
C TYR E 29 -86.23 -70.61 -51.91
N THR E 30 -87.08 -69.67 -51.47
CA THR E 30 -86.76 -68.24 -51.48
C THR E 30 -87.42 -67.62 -50.25
N GLY E 31 -86.61 -67.36 -49.23
CA GLY E 31 -87.12 -66.80 -47.99
C GLY E 31 -86.97 -65.31 -47.87
N MET E 32 -88.08 -64.63 -47.61
CA MET E 32 -88.13 -63.18 -47.51
C MET E 32 -88.96 -62.78 -46.29
N LEU E 33 -88.83 -61.51 -45.91
CA LEU E 33 -89.64 -60.98 -44.83
C LEU E 33 -91.05 -60.67 -45.32
N GLN E 34 -91.93 -60.33 -44.39
CA GLN E 34 -93.31 -59.99 -44.73
C GLN E 34 -93.39 -58.66 -45.45
N ASN E 35 -92.40 -57.79 -45.26
CA ASN E 35 -92.38 -56.47 -45.88
C ASN E 35 -91.79 -56.51 -47.29
N GLY E 36 -91.36 -57.67 -47.77
CA GLY E 36 -90.75 -57.77 -49.08
C GLY E 36 -89.24 -57.75 -49.10
N LYS E 37 -88.58 -57.94 -47.95
CA LYS E 37 -87.13 -57.90 -47.84
C LYS E 37 -86.59 -59.32 -47.93
N LYS E 38 -85.97 -59.66 -49.06
CA LYS E 38 -85.43 -60.99 -49.27
C LYS E 38 -84.16 -61.18 -48.44
N PHE E 39 -84.05 -62.33 -47.78
CA PHE E 39 -82.84 -62.66 -47.03
C PHE E 39 -82.17 -63.95 -47.48
N ASP E 40 -82.90 -64.93 -47.98
CA ASP E 40 -82.29 -66.19 -48.38
C ASP E 40 -82.84 -66.66 -49.72
N SER E 41 -81.98 -67.30 -50.50
CA SER E 41 -82.40 -67.91 -51.77
C SER E 41 -81.37 -68.96 -52.15
N SER E 42 -81.82 -70.21 -52.27
CA SER E 42 -80.93 -71.28 -52.69
C SER E 42 -80.64 -71.22 -54.19
N ARG E 43 -81.49 -70.54 -54.96
CA ARG E 43 -81.28 -70.44 -56.40
C ARG E 43 -80.18 -69.44 -56.77
N ASP E 44 -79.87 -68.50 -55.87
CA ASP E 44 -78.80 -67.55 -56.15
C ASP E 44 -77.44 -68.23 -56.14
N ARG E 45 -77.23 -69.17 -55.23
CA ARG E 45 -76.00 -69.94 -55.16
C ARG E 45 -76.05 -71.20 -55.99
N ASN E 46 -77.18 -71.48 -56.66
CA ASN E 46 -77.38 -72.64 -57.53
C ASN E 46 -77.18 -73.96 -56.78
N LYS E 47 -77.47 -73.98 -55.48
CA LYS E 47 -77.33 -75.17 -54.65
C LYS E 47 -78.66 -75.48 -54.00
N PRO E 48 -79.40 -76.48 -54.48
CA PRO E 48 -80.67 -76.82 -53.84
C PRO E 48 -80.49 -77.38 -52.45
N PHE E 49 -81.48 -77.13 -51.59
CA PHE E 49 -81.41 -77.50 -50.20
C PHE E 49 -81.88 -78.93 -50.00
N LYS E 50 -81.10 -79.69 -49.24
CA LYS E 50 -81.40 -81.09 -48.93
C LYS E 50 -81.53 -81.25 -47.42
N PHE E 51 -82.63 -81.82 -46.98
CA PHE E 51 -82.86 -82.07 -45.57
C PHE E 51 -83.75 -83.28 -45.39
N ARG E 52 -83.65 -83.92 -44.23
CA ARG E 52 -84.40 -85.12 -43.93
C ARG E 52 -85.55 -84.79 -43.00
N ILE E 53 -86.75 -85.26 -43.35
CA ILE E 53 -87.94 -85.02 -42.55
C ILE E 53 -87.90 -85.93 -41.33
N GLY E 54 -88.35 -85.41 -40.19
CA GLY E 54 -88.38 -86.14 -38.95
C GLY E 54 -87.26 -85.80 -37.99
N LYS E 55 -86.20 -85.16 -38.47
CA LYS E 55 -85.10 -84.74 -37.61
C LYS E 55 -85.29 -83.35 -37.04
N GLN E 56 -86.35 -82.64 -37.47
CA GLN E 56 -86.69 -81.29 -37.01
C GLN E 56 -85.54 -80.30 -37.23
N GLU E 57 -84.81 -80.49 -38.34
CA GLU E 57 -83.73 -79.56 -38.67
C GLU E 57 -84.28 -78.20 -39.08
N VAL E 58 -85.26 -78.20 -39.99
CA VAL E 58 -85.88 -76.97 -40.45
C VAL E 58 -86.92 -76.53 -39.44
N ILE E 59 -87.43 -75.30 -39.60
CA ILE E 59 -88.46 -74.77 -38.72
C ILE E 59 -89.78 -75.49 -38.94
N LYS E 60 -90.74 -75.27 -38.04
CA LYS E 60 -92.01 -76.00 -38.09
C LYS E 60 -92.81 -75.66 -39.33
N GLY E 61 -92.81 -74.39 -39.73
CA GLY E 61 -93.54 -73.99 -40.94
C GLY E 61 -92.95 -74.60 -42.20
N PHE E 62 -91.63 -74.62 -42.31
CA PHE E 62 -90.98 -75.20 -43.48
C PHE E 62 -91.21 -76.71 -43.54
N GLU E 63 -91.16 -77.39 -42.39
CA GLU E 63 -91.43 -78.83 -42.36
C GLU E 63 -92.88 -79.14 -42.70
N GLU E 64 -93.82 -78.33 -42.19
CA GLU E 64 -95.23 -78.52 -42.52
C GLU E 64 -95.49 -78.28 -44.00
N GLY E 65 -94.87 -77.25 -44.58
CA GLY E 65 -95.02 -77.00 -46.00
C GLY E 65 -94.40 -78.10 -46.86
N ALA E 66 -93.26 -78.63 -46.44
CA ALA E 66 -92.64 -79.73 -47.17
C ALA E 66 -93.46 -81.00 -47.09
N ALA E 67 -94.09 -81.25 -45.93
CA ALA E 67 -94.95 -82.43 -45.79
C ALA E 67 -96.23 -82.27 -46.59
N GLN E 68 -96.77 -81.04 -46.67
CA GLN E 68 -98.02 -80.83 -47.40
C GLN E 68 -97.83 -80.82 -48.90
N MET E 69 -96.68 -80.34 -49.39
CA MET E 69 -96.44 -80.26 -50.82
C MET E 69 -96.18 -81.64 -51.41
N SER E 70 -96.56 -81.80 -52.68
CA SER E 70 -96.32 -83.02 -53.43
C SER E 70 -95.06 -82.87 -54.27
N LEU E 71 -94.81 -83.85 -55.13
CA LEU E 71 -93.64 -83.79 -55.99
C LEU E 71 -93.85 -82.79 -57.13
N GLY E 72 -92.85 -81.94 -57.35
CA GLY E 72 -92.92 -80.93 -58.39
C GLY E 72 -93.97 -79.86 -58.16
N GLN E 73 -94.16 -79.46 -56.90
CA GLN E 73 -95.15 -78.45 -56.54
C GLN E 73 -94.44 -77.23 -55.96
N ARG E 74 -94.79 -76.06 -56.49
CA ARG E 74 -94.26 -74.80 -55.99
C ARG E 74 -95.35 -74.10 -55.18
N ALA E 75 -95.02 -73.68 -53.96
CA ALA E 75 -96.00 -73.13 -53.06
C ALA E 75 -95.41 -71.99 -52.24
N LYS E 76 -96.30 -71.12 -51.76
CA LYS E 76 -95.95 -70.04 -50.85
C LYS E 76 -96.34 -70.42 -49.43
N LEU E 77 -95.38 -70.35 -48.53
CA LEU E 77 -95.57 -70.70 -47.13
C LEU E 77 -95.41 -69.46 -46.27
N THR E 78 -96.39 -69.22 -45.40
CA THR E 78 -96.37 -68.09 -44.48
C THR E 78 -96.09 -68.62 -43.08
N CYS E 79 -94.88 -68.39 -42.59
CA CYS E 79 -94.48 -68.85 -41.27
C CYS E 79 -94.72 -67.74 -40.25
N THR E 80 -95.52 -68.05 -39.22
CA THR E 80 -95.81 -67.11 -38.15
C THR E 80 -94.55 -66.87 -37.32
N PRO E 81 -94.49 -65.72 -36.61
CA PRO E 81 -93.32 -65.47 -35.75
C PRO E 81 -93.13 -66.47 -34.62
N ASP E 82 -94.18 -67.20 -34.24
CA ASP E 82 -94.02 -68.26 -33.24
C ASP E 82 -93.11 -69.37 -33.76
N VAL E 83 -93.25 -69.73 -35.04
CA VAL E 83 -92.41 -70.77 -35.64
C VAL E 83 -91.26 -70.19 -36.45
N ALA E 84 -91.15 -68.86 -36.53
CA ALA E 84 -90.02 -68.22 -37.22
C ALA E 84 -88.95 -67.86 -36.19
N TYR E 85 -88.35 -68.91 -35.63
CA TYR E 85 -87.31 -68.85 -34.60
C TYR E 85 -87.77 -68.15 -33.32
N GLY E 86 -89.09 -68.04 -33.12
CA GLY E 86 -89.63 -67.40 -31.93
C GLY E 86 -89.30 -65.93 -31.86
N ALA E 87 -89.10 -65.44 -30.64
CA ALA E 87 -88.63 -64.08 -30.39
C ALA E 87 -87.11 -64.00 -30.32
N THR E 88 -86.42 -65.10 -30.61
CA THR E 88 -84.97 -65.15 -30.60
C THR E 88 -84.46 -65.41 -32.02
N GLY E 89 -84.99 -64.65 -32.98
CA GLY E 89 -84.66 -64.87 -34.38
C GLY E 89 -83.20 -64.57 -34.67
N HIS E 90 -82.76 -65.04 -35.84
CA HIS E 90 -81.38 -64.99 -36.32
C HIS E 90 -80.89 -63.55 -36.37
N PRO E 91 -79.99 -63.15 -35.47
CA PRO E 91 -79.58 -61.75 -35.41
C PRO E 91 -78.72 -61.35 -36.60
N GLY E 92 -78.86 -60.09 -37.01
CA GLY E 92 -78.18 -59.58 -38.18
C GLY E 92 -78.95 -59.72 -39.48
N VAL E 93 -79.91 -60.64 -39.53
CA VAL E 93 -80.71 -60.85 -40.73
C VAL E 93 -82.19 -60.72 -40.40
N ILE E 94 -82.68 -61.58 -39.52
CA ILE E 94 -84.10 -61.68 -39.21
C ILE E 94 -84.35 -60.96 -37.89
N PRO E 95 -85.12 -59.88 -37.87
CA PRO E 95 -85.49 -59.23 -36.60
C PRO E 95 -86.43 -60.12 -35.80
N PRO E 96 -86.44 -59.98 -34.47
CA PRO E 96 -87.32 -60.82 -33.65
C PRO E 96 -88.80 -60.53 -33.90
N ASN E 97 -89.61 -61.58 -33.76
CA ASN E 97 -91.06 -61.56 -33.97
C ASN E 97 -91.41 -61.06 -35.38
N ALA E 98 -90.97 -61.82 -36.37
CA ALA E 98 -91.15 -61.46 -37.77
C ALA E 98 -91.81 -62.62 -38.51
N THR E 99 -92.77 -62.28 -39.37
CA THR E 99 -93.43 -63.26 -40.22
C THR E 99 -92.60 -63.51 -41.46
N LEU E 100 -92.36 -64.79 -41.79
CA LEU E 100 -91.53 -65.14 -42.92
C LEU E 100 -92.38 -65.66 -44.07
N ILE E 101 -91.91 -65.42 -45.29
CA ILE E 101 -92.58 -65.89 -46.50
C ILE E 101 -91.58 -66.69 -47.33
N PHE E 102 -91.94 -67.93 -47.65
CA PHE E 102 -91.07 -68.82 -48.41
C PHE E 102 -91.75 -69.21 -49.71
N ASP E 103 -90.96 -69.33 -50.77
CA ASP E 103 -91.43 -69.76 -52.09
C ASP E 103 -90.69 -71.05 -52.40
N VAL E 104 -91.28 -72.19 -52.03
CA VAL E 104 -90.60 -73.47 -52.02
C VAL E 104 -91.12 -74.32 -53.18
N GLU E 105 -90.19 -74.80 -54.01
CA GLU E 105 -90.49 -75.75 -55.07
C GLU E 105 -89.79 -77.06 -54.76
N LEU E 106 -90.55 -78.15 -54.76
CA LEU E 106 -90.03 -79.47 -54.39
C LEU E 106 -89.48 -80.14 -55.64
N LEU E 107 -88.16 -80.11 -55.79
CA LEU E 107 -87.53 -80.72 -56.97
C LEU E 107 -87.56 -82.23 -56.89
N ASN E 108 -87.32 -82.79 -55.71
CA ASN E 108 -87.32 -84.24 -55.53
C ASN E 108 -87.73 -84.64 -54.12
N ILE F 12 -24.18 2.20 -21.47
CA ILE F 12 -24.14 3.54 -22.04
C ILE F 12 -25.37 4.32 -21.59
N GLN F 13 -25.39 5.61 -21.94
CA GLN F 13 -26.49 6.50 -21.60
C GLN F 13 -27.44 6.74 -22.76
N PHE F 14 -27.28 6.00 -23.86
CA PHE F 14 -28.10 6.19 -25.05
C PHE F 14 -28.86 4.90 -25.36
N LEU F 15 -30.06 5.07 -25.92
CA LEU F 15 -30.87 3.93 -26.32
C LEU F 15 -30.45 3.43 -27.70
N ARG F 16 -30.26 2.13 -27.81
CA ARG F 16 -29.94 1.48 -29.08
C ARG F 16 -31.04 0.48 -29.43
N THR F 17 -30.93 -0.11 -30.61
CA THR F 17 -31.92 -1.10 -31.02
C THR F 17 -31.67 -2.43 -30.31
N GLU F 18 -32.67 -3.31 -30.40
CA GLU F 18 -32.69 -4.60 -29.71
C GLU F 18 -32.53 -4.45 -28.20
N ASP F 19 -33.13 -3.40 -27.65
CA ASP F 19 -33.05 -3.07 -26.24
C ASP F 19 -34.41 -3.24 -25.61
N GLU F 20 -34.46 -3.88 -24.45
CA GLU F 20 -35.72 -4.10 -23.73
C GLU F 20 -35.97 -2.92 -22.80
N VAL F 21 -37.05 -2.18 -23.07
CA VAL F 21 -37.39 -0.96 -22.35
C VAL F 21 -38.83 -1.05 -21.86
N VAL F 22 -39.22 -0.09 -21.03
CA VAL F 22 -40.60 0.14 -20.64
C VAL F 22 -40.93 1.59 -20.90
N LEU F 23 -42.21 1.86 -21.16
CA LEU F 23 -42.69 3.21 -21.43
C LEU F 23 -43.52 3.68 -20.23
N GLN F 24 -43.04 4.72 -19.56
CA GLN F 24 -43.61 5.16 -18.29
C GLN F 24 -44.14 6.59 -18.44
N CYS F 25 -45.27 6.84 -17.76
CA CYS F 25 -45.94 8.14 -17.80
C CYS F 25 -46.38 8.50 -16.39
N ILE F 26 -46.63 9.79 -16.18
CA ILE F 26 -47.01 10.32 -14.87
C ILE F 26 -48.34 11.04 -15.00
N ALA F 27 -49.30 10.67 -14.15
CA ALA F 27 -50.61 11.31 -14.11
C ALA F 27 -50.84 11.90 -12.73
N ASN F 28 -51.30 13.15 -12.69
CA ASN F 28 -51.59 13.83 -11.43
C ASN F 28 -53.05 13.55 -11.07
N ILE F 29 -53.26 12.61 -10.16
CA ILE F 29 -54.58 12.21 -9.70
C ILE F 29 -54.68 12.53 -8.22
N HIS F 30 -55.73 13.28 -7.84
CA HIS F 30 -56.05 13.63 -6.46
C HIS F 30 -54.86 14.33 -5.78
N LYS F 31 -54.22 15.23 -6.53
CA LYS F 31 -53.02 15.98 -6.09
C LYS F 31 -51.89 15.04 -5.67
N GLU F 32 -51.76 13.92 -6.37
CA GLU F 32 -50.63 13.02 -6.18
C GLU F 32 -50.21 12.47 -7.53
N GLN F 33 -48.91 12.41 -7.78
CA GLN F 33 -48.42 11.89 -9.05
C GLN F 33 -48.33 10.37 -8.98
N ARG F 34 -48.92 9.71 -9.96
CA ARG F 34 -48.91 8.26 -10.07
C ARG F 34 -48.23 7.87 -11.38
N LYS F 35 -47.31 6.93 -11.31
CA LYS F 35 -46.57 6.46 -12.48
C LYS F 35 -47.20 5.19 -13.02
N PHE F 36 -47.36 5.15 -14.34
CA PHE F 36 -47.94 4.01 -15.03
C PHE F 36 -47.00 3.58 -16.15
N CYS F 37 -47.09 2.31 -16.52
CA CYS F 37 -46.33 1.77 -17.64
C CYS F 37 -47.27 1.20 -18.67
N LEU F 38 -46.88 1.31 -19.94
CA LEU F 38 -47.70 0.80 -21.03
C LEU F 38 -47.60 -0.72 -21.08
N ALA F 39 -48.74 -1.41 -20.98
CA ALA F 39 -48.77 -2.86 -20.93
C ALA F 39 -49.86 -3.38 -21.85
N ALA F 40 -49.71 -4.65 -22.25
CA ALA F 40 -50.73 -5.33 -23.03
C ALA F 40 -50.53 -6.83 -22.89
N GLU F 41 -51.61 -7.57 -23.07
CA GLU F 41 -51.57 -9.03 -23.11
C GLU F 41 -51.61 -9.51 -24.55
N GLY F 42 -51.14 -10.73 -24.78
CA GLY F 42 -51.14 -11.26 -26.13
C GLY F 42 -52.43 -11.95 -26.51
N LEU F 43 -52.80 -12.98 -25.77
CA LEU F 43 -53.99 -13.76 -26.08
C LEU F 43 -55.18 -13.22 -25.31
N GLY F 44 -56.35 -13.23 -25.96
CA GLY F 44 -57.60 -12.83 -25.34
C GLY F 44 -57.92 -11.36 -25.39
N ASN F 45 -56.93 -10.50 -25.19
CA ASN F 45 -57.14 -9.06 -25.15
C ASN F 45 -55.92 -8.38 -25.77
N ARG F 46 -56.08 -7.83 -26.96
CA ARG F 46 -55.00 -7.14 -27.65
C ARG F 46 -54.90 -5.66 -27.33
N LEU F 47 -55.87 -5.10 -26.61
CA LEU F 47 -55.84 -3.68 -26.30
C LEU F 47 -54.83 -3.39 -25.19
N CYS F 48 -54.32 -2.17 -25.19
CA CYS F 48 -53.33 -1.74 -24.22
C CYS F 48 -53.98 -1.14 -23.00
N PHE F 49 -53.30 -1.26 -21.86
CA PHE F 49 -53.71 -0.67 -20.61
C PHE F 49 -52.47 -0.10 -19.93
N LEU F 50 -52.69 0.55 -18.79
CA LEU F 50 -51.60 1.14 -18.02
C LEU F 50 -51.48 0.43 -16.68
N GLU F 51 -50.31 -0.13 -16.43
CA GLU F 51 -50.01 -0.84 -15.19
C GLU F 51 -49.42 0.14 -14.18
N PRO F 52 -50.06 0.35 -13.04
CA PRO F 52 -49.48 1.27 -12.05
C PRO F 52 -48.23 0.70 -11.40
N THR F 53 -47.24 1.57 -11.21
CA THR F 53 -45.97 1.16 -10.63
C THR F 53 -45.53 2.05 -9.47
N SER F 54 -46.38 2.97 -9.02
CA SER F 54 -45.99 3.85 -7.92
C SER F 54 -45.98 3.12 -6.59
N GLU F 55 -47.01 2.31 -6.32
CA GLU F 55 -47.11 1.57 -5.07
C GLU F 55 -46.52 0.17 -5.19
N ALA F 56 -45.26 0.08 -5.64
CA ALA F 56 -44.63 -1.22 -5.80
C ALA F 56 -44.21 -1.84 -4.48
N LYS F 57 -44.14 -1.04 -3.41
CA LYS F 57 -43.75 -1.58 -2.12
C LYS F 57 -44.87 -2.40 -1.48
N TYR F 58 -46.12 -2.05 -1.76
CA TYR F 58 -47.27 -2.73 -1.18
C TYR F 58 -47.90 -3.75 -2.12
N VAL F 59 -47.99 -3.45 -3.41
CA VAL F 59 -48.56 -4.34 -4.40
C VAL F 59 -47.53 -4.53 -5.51
N PRO F 60 -47.17 -5.76 -5.87
CA PRO F 60 -46.13 -5.96 -6.88
C PRO F 60 -46.63 -5.61 -8.27
N PRO F 61 -45.87 -4.84 -9.03
CA PRO F 61 -46.24 -4.59 -10.42
C PRO F 61 -45.99 -5.80 -11.31
N ASP F 62 -46.74 -5.87 -12.40
CA ASP F 62 -46.61 -6.96 -13.37
C ASP F 62 -45.88 -6.41 -14.58
N LEU F 63 -44.54 -6.45 -14.52
CA LEU F 63 -43.70 -5.90 -15.57
C LEU F 63 -43.36 -6.90 -16.65
N CYS F 64 -43.94 -8.10 -16.61
CA CYS F 64 -43.76 -9.06 -17.69
C CYS F 64 -44.37 -8.56 -18.98
N VAL F 65 -45.55 -7.92 -18.88
CA VAL F 65 -46.27 -7.44 -20.05
C VAL F 65 -45.94 -6.01 -20.42
N CYS F 66 -45.07 -5.34 -19.67
CA CYS F 66 -44.68 -3.97 -19.95
C CYS F 66 -43.43 -3.87 -20.82
N ASN F 67 -42.76 -4.97 -21.11
CA ASN F 67 -41.50 -4.91 -21.83
C ASN F 67 -41.72 -4.85 -23.34
N PHE F 68 -41.02 -3.93 -23.99
CA PHE F 68 -41.02 -3.82 -25.44
C PHE F 68 -39.56 -3.82 -25.92
N VAL F 69 -39.37 -4.28 -27.15
CA VAL F 69 -38.04 -4.37 -27.76
C VAL F 69 -37.98 -3.39 -28.92
N LEU F 70 -36.96 -2.54 -28.93
CA LEU F 70 -36.73 -1.60 -30.02
C LEU F 70 -36.12 -2.35 -31.20
N GLU F 71 -36.96 -2.69 -32.18
CA GLU F 71 -36.48 -3.46 -33.33
C GLU F 71 -35.69 -2.59 -34.30
N GLN F 72 -36.35 -1.58 -34.87
CA GLN F 72 -35.74 -0.72 -35.89
C GLN F 72 -35.96 0.74 -35.52
N SER F 73 -35.03 1.58 -35.96
CA SER F 73 -35.01 3.01 -35.64
C SER F 73 -34.70 3.81 -36.90
N LEU F 74 -35.46 3.58 -37.95
CA LEU F 74 -35.14 4.14 -39.26
C LEU F 74 -35.45 5.64 -39.30
N SER F 75 -34.95 6.30 -40.34
CA SER F 75 -35.31 7.68 -40.60
C SER F 75 -36.63 7.73 -41.35
N VAL F 76 -37.21 8.94 -41.44
CA VAL F 76 -38.52 9.11 -42.06
C VAL F 76 -38.44 8.85 -43.56
N ARG F 77 -37.43 9.44 -44.23
CA ARG F 77 -37.23 9.19 -45.66
C ARG F 77 -36.86 7.73 -45.92
N ALA F 78 -36.04 7.15 -45.05
CA ALA F 78 -35.72 5.73 -45.17
C ALA F 78 -36.95 4.86 -44.97
N LEU F 79 -37.82 5.24 -44.03
CA LEU F 79 -39.06 4.50 -43.82
C LEU F 79 -39.97 4.59 -45.04
N GLN F 80 -40.07 5.78 -45.65
CA GLN F 80 -40.87 5.94 -46.86
C GLN F 80 -40.32 5.10 -48.00
N GLU F 81 -39.00 5.08 -48.17
CA GLU F 81 -38.40 4.27 -49.22
C GLU F 81 -38.61 2.79 -48.98
N MET F 82 -38.49 2.35 -47.72
CA MET F 82 -38.70 0.94 -47.39
C MET F 82 -40.15 0.52 -47.60
N LEU F 83 -41.10 1.39 -47.24
CA LEU F 83 -42.50 1.05 -47.44
C LEU F 83 -42.90 1.11 -48.91
N ALA F 84 -42.25 1.98 -49.70
CA ALA F 84 -42.53 2.01 -51.13
C ALA F 84 -41.95 0.79 -51.84
N ASN F 85 -40.73 0.38 -51.46
CA ASN F 85 -40.10 -0.77 -52.10
C ASN F 85 -40.69 -2.08 -51.57
N THR F 86 -40.57 -2.30 -50.26
CA THR F 86 -41.09 -3.49 -49.57
C THR F 86 -40.59 -4.81 -50.16
N GLY F 99 -27.31 -3.57 -37.12
CA GLY F 99 -27.34 -4.24 -35.84
C GLY F 99 -27.86 -3.36 -34.71
N HIS F 100 -26.94 -2.61 -34.10
CA HIS F 100 -27.27 -1.69 -33.02
C HIS F 100 -26.98 -0.27 -33.49
N ARG F 101 -28.01 0.57 -33.48
CA ARG F 101 -27.86 1.97 -33.84
C ARG F 101 -28.61 2.83 -32.84
N THR F 102 -28.04 3.99 -32.53
CA THR F 102 -28.60 4.87 -31.51
C THR F 102 -29.87 5.54 -32.03
N LEU F 103 -30.88 5.59 -31.16
CA LEU F 103 -32.13 6.27 -31.51
C LEU F 103 -31.91 7.77 -31.56
N LEU F 104 -32.40 8.41 -32.61
CA LEU F 104 -32.29 9.85 -32.79
C LEU F 104 -33.68 10.47 -32.77
N TYR F 105 -33.74 11.72 -32.33
CA TYR F 105 -35.00 12.45 -32.35
C TYR F 105 -35.43 12.71 -33.80
N GLY F 106 -36.71 12.51 -34.07
CA GLY F 106 -37.22 12.59 -35.41
C GLY F 106 -37.21 11.29 -36.18
N HIS F 107 -36.70 10.21 -35.59
CA HIS F 107 -36.67 8.90 -36.23
C HIS F 107 -37.94 8.13 -35.93
N ALA F 108 -38.24 7.17 -36.80
CA ALA F 108 -39.39 6.28 -36.65
C ALA F 108 -38.90 4.93 -36.14
N ILE F 109 -39.45 4.49 -35.01
CA ILE F 109 -39.06 3.25 -34.37
C ILE F 109 -40.19 2.25 -34.47
N LEU F 110 -39.82 0.98 -34.33
CA LEU F 110 -40.75 -0.15 -34.32
C LEU F 110 -40.65 -0.85 -32.97
N LEU F 111 -41.78 -1.00 -32.29
CA LEU F 111 -41.83 -1.58 -30.96
C LEU F 111 -42.47 -2.96 -31.02
N ARG F 112 -41.77 -3.97 -30.51
CA ARG F 112 -42.26 -5.33 -30.48
C ARG F 112 -42.49 -5.75 -29.04
N HIS F 113 -43.67 -6.28 -28.76
CA HIS F 113 -44.00 -6.75 -27.43
C HIS F 113 -43.12 -7.95 -27.08
N SER F 114 -42.47 -7.88 -25.91
CA SER F 114 -41.45 -8.88 -25.59
C SER F 114 -42.07 -10.23 -25.27
N PHE F 115 -43.23 -10.23 -24.60
CA PHE F 115 -43.87 -11.50 -24.24
C PHE F 115 -44.56 -12.14 -25.42
N SER F 116 -45.52 -11.44 -26.03
CA SER F 116 -46.35 -12.03 -27.08
C SER F 116 -45.66 -12.07 -28.43
N GLY F 117 -44.66 -11.22 -28.67
CA GLY F 117 -44.07 -11.14 -29.98
C GLY F 117 -44.81 -10.26 -30.95
N MET F 118 -45.90 -9.63 -30.53
CA MET F 118 -46.67 -8.75 -31.39
C MET F 118 -46.05 -7.36 -31.39
N TYR F 119 -46.62 -6.48 -32.20
CA TYR F 119 -46.10 -5.13 -32.38
C TYR F 119 -47.14 -4.11 -31.94
N LEU F 120 -46.67 -3.01 -31.37
CA LEU F 120 -47.54 -1.93 -30.95
C LEU F 120 -48.10 -1.19 -32.16
N THR F 121 -49.42 -1.18 -32.29
CA THR F 121 -50.10 -0.68 -33.48
C THR F 121 -51.17 0.31 -33.07
N CYS F 122 -51.22 1.44 -33.77
CA CYS F 122 -52.33 2.38 -33.63
C CYS F 122 -53.52 1.82 -34.40
N LEU F 123 -54.57 1.43 -33.69
CA LEU F 123 -55.71 0.76 -34.30
C LEU F 123 -56.73 1.77 -34.80
N THR F 124 -57.40 1.41 -35.91
CA THR F 124 -58.40 2.30 -36.48
C THR F 124 -59.68 2.33 -35.68
N THR F 125 -59.94 1.32 -34.85
CA THR F 125 -61.12 1.29 -34.02
C THR F 125 -60.98 2.27 -32.86
N SER F 126 -62.11 2.67 -32.30
CA SER F 126 -62.13 3.60 -31.18
C SER F 126 -63.19 3.18 -30.17
N ARG F 127 -62.93 3.50 -28.91
CA ARG F 127 -63.89 3.23 -27.84
C ARG F 127 -63.98 4.35 -26.82
N SER F 128 -63.30 5.47 -27.02
CA SER F 128 -63.30 6.56 -26.06
C SER F 128 -64.59 7.36 -26.18
N GLN F 129 -65.38 7.40 -25.11
CA GLN F 129 -66.58 8.21 -25.10
C GLN F 129 -66.28 9.69 -24.94
N THR F 130 -65.20 10.03 -24.25
CA THR F 130 -64.86 11.43 -24.03
C THR F 130 -64.32 12.08 -25.30
N ASP F 131 -63.43 11.40 -26.01
CA ASP F 131 -62.78 11.95 -27.19
C ASP F 131 -63.25 11.18 -28.42
N LYS F 132 -63.96 11.87 -29.32
CA LYS F 132 -64.43 11.24 -30.54
C LYS F 132 -63.33 11.08 -31.58
N LEU F 133 -62.26 11.86 -31.49
CA LEU F 133 -61.19 11.82 -32.48
C LEU F 133 -60.03 10.92 -32.08
N ALA F 134 -60.13 10.25 -30.93
CA ALA F 134 -59.06 9.39 -30.46
C ALA F 134 -59.21 7.98 -31.02
N PHE F 135 -58.09 7.28 -31.13
CA PHE F 135 -58.04 5.92 -31.65
C PHE F 135 -57.46 4.98 -30.59
N ASP F 136 -57.82 3.71 -30.70
CA ASP F 136 -57.30 2.69 -29.80
C ASP F 136 -55.88 2.31 -30.18
N VAL F 137 -55.10 1.91 -29.18
CA VAL F 137 -53.72 1.45 -29.35
C VAL F 137 -53.65 0.02 -28.82
N GLY F 138 -53.10 -0.88 -29.63
CA GLY F 138 -53.04 -2.27 -29.22
C GLY F 138 -51.90 -3.06 -29.79
N LEU F 139 -52.05 -4.38 -29.86
CA LEU F 139 -51.03 -5.27 -30.41
C LEU F 139 -51.54 -5.91 -31.69
N ARG F 140 -50.64 -6.04 -32.67
CA ARG F 140 -50.96 -6.71 -33.93
C ARG F 140 -49.86 -7.71 -34.25
N GLU F 141 -50.25 -8.79 -34.94
CA GLU F 141 -49.35 -9.92 -35.14
C GLU F 141 -48.20 -9.57 -36.08
N ASN F 142 -48.46 -8.79 -37.12
CA ASN F 142 -47.48 -8.48 -38.14
C ASN F 142 -47.19 -6.99 -38.18
N ALA F 143 -45.97 -6.64 -38.59
CA ALA F 143 -45.55 -5.25 -38.71
C ALA F 143 -45.62 -4.85 -40.18
N THR F 144 -46.82 -4.46 -40.60
CA THR F 144 -47.08 -4.08 -41.99
C THR F 144 -47.64 -2.67 -42.04
N GLY F 145 -47.10 -1.86 -42.94
CA GLY F 145 -47.59 -0.52 -43.15
C GLY F 145 -47.09 0.48 -42.14
N GLU F 146 -47.73 1.64 -42.12
CA GLU F 146 -47.36 2.73 -41.24
C GLU F 146 -47.99 2.63 -39.87
N ALA F 147 -48.88 1.66 -39.64
CA ALA F 147 -49.65 1.62 -38.42
C ALA F 147 -48.85 1.17 -37.20
N CYS F 148 -47.64 0.66 -37.39
CA CYS F 148 -46.84 0.15 -36.28
C CYS F 148 -45.60 0.98 -36.00
N TRP F 149 -45.32 2.01 -36.80
CA TRP F 149 -44.14 2.84 -36.64
C TRP F 149 -44.48 4.11 -35.89
N TRP F 150 -43.61 4.52 -34.98
CA TRP F 150 -43.85 5.70 -34.15
C TRP F 150 -42.66 6.63 -34.22
N THR F 151 -42.90 7.91 -34.47
CA THR F 151 -41.84 8.90 -34.52
C THR F 151 -41.60 9.49 -33.13
N ILE F 152 -40.33 9.67 -32.80
CA ILE F 152 -39.89 10.20 -31.51
C ILE F 152 -39.62 11.68 -31.66
N HIS F 153 -40.16 12.49 -30.76
CA HIS F 153 -39.96 13.93 -30.80
C HIS F 153 -39.60 14.45 -29.43
N PRO F 154 -38.80 15.51 -29.35
CA PRO F 154 -38.41 16.06 -28.05
C PRO F 154 -39.58 16.73 -27.34
N ALA F 155 -39.49 16.74 -26.01
CA ALA F 155 -40.54 17.34 -25.19
C ALA F 155 -40.36 18.84 -24.96
N SER F 156 -39.17 19.37 -25.20
CA SER F 156 -38.88 20.76 -24.89
C SER F 156 -37.79 21.25 -25.83
N LYS F 157 -37.30 22.47 -25.59
CA LYS F 157 -36.26 23.07 -26.40
C LYS F 157 -34.87 22.58 -26.04
N GLN F 158 -34.72 21.83 -24.95
CA GLN F 158 -33.42 21.34 -24.52
C GLN F 158 -32.83 20.32 -25.50
N ARG F 159 -33.69 19.62 -26.25
CA ARG F 159 -33.25 18.66 -27.25
C ARG F 159 -33.63 19.17 -28.63
N SER F 160 -33.16 18.46 -29.66
CA SER F 160 -33.44 18.82 -31.04
C SER F 160 -33.38 17.57 -31.89
N GLU F 161 -33.94 17.67 -33.09
CA GLU F 161 -33.95 16.54 -34.00
C GLU F 161 -32.54 16.23 -34.51
N GLY F 162 -32.25 14.94 -34.64
CA GLY F 162 -30.92 14.49 -35.00
C GLY F 162 -30.01 14.24 -33.82
N GLU F 163 -30.43 14.59 -32.60
CA GLU F 163 -29.65 14.31 -31.41
C GLU F 163 -29.96 12.91 -30.89
N LYS F 164 -28.98 12.32 -30.22
CA LYS F 164 -29.17 10.98 -29.66
C LYS F 164 -30.13 11.02 -28.48
N VAL F 165 -31.01 10.02 -28.42
CA VAL F 165 -31.97 9.93 -27.32
C VAL F 165 -31.25 9.39 -26.09
N ARG F 166 -31.33 10.12 -25.00
CA ARG F 166 -30.65 9.77 -23.76
C ARG F 166 -31.60 9.04 -22.82
N ILE F 167 -31.02 8.21 -21.95
CA ILE F 167 -31.81 7.47 -20.97
C ILE F 167 -32.34 8.44 -19.92
N GLY F 168 -33.66 8.44 -19.73
CA GLY F 168 -34.30 9.35 -18.80
C GLY F 168 -34.94 10.56 -19.42
N ASP F 169 -34.91 10.68 -20.75
CA ASP F 169 -35.53 11.81 -21.42
C ASP F 169 -37.04 11.63 -21.51
N ASP F 170 -37.73 12.75 -21.65
CA ASP F 170 -39.17 12.75 -21.91
C ASP F 170 -39.39 12.81 -23.41
N LEU F 171 -40.05 11.79 -23.96
CA LEU F 171 -40.24 11.67 -25.40
C LEU F 171 -41.71 11.87 -25.74
N ILE F 172 -41.96 12.18 -27.01
CA ILE F 172 -43.30 12.28 -27.55
C ILE F 172 -43.40 11.32 -28.72
N LEU F 173 -44.34 10.39 -28.66
CA LEU F 173 -44.51 9.38 -29.69
C LEU F 173 -45.69 9.74 -30.57
N VAL F 174 -45.46 9.84 -31.88
CA VAL F 174 -46.49 10.21 -32.84
C VAL F 174 -46.65 9.07 -33.83
N SER F 175 -47.90 8.65 -34.04
CA SER F 175 -48.17 7.59 -35.01
C SER F 175 -47.87 8.09 -36.42
N VAL F 176 -47.20 7.24 -37.20
CA VAL F 176 -46.92 7.60 -38.59
C VAL F 176 -48.21 7.57 -39.42
N SER F 177 -49.07 6.58 -39.17
CA SER F 177 -50.24 6.39 -40.02
C SER F 177 -51.31 7.44 -39.75
N SER F 178 -51.56 7.79 -38.48
CA SER F 178 -52.67 8.65 -38.14
C SER F 178 -52.27 10.03 -37.64
N GLU F 179 -50.98 10.28 -37.47
CA GLU F 179 -50.44 11.56 -36.97
C GLU F 179 -51.05 11.95 -35.62
N ARG F 180 -51.08 10.99 -34.71
CA ARG F 180 -51.67 11.18 -33.40
C ARG F 180 -50.66 10.83 -32.32
N TYR F 181 -50.66 11.63 -31.25
CA TYR F 181 -49.81 11.37 -30.10
C TYR F 181 -50.32 10.18 -29.30
N LEU F 182 -49.39 9.41 -28.75
CA LEU F 182 -49.74 8.45 -27.71
C LEU F 182 -50.02 9.20 -26.43
N HIS F 183 -51.23 9.09 -25.91
CA HIS F 183 -51.77 10.04 -24.96
C HIS F 183 -52.45 9.34 -23.79
N LEU F 184 -52.26 9.90 -22.60
CA LEU F 184 -52.89 9.41 -21.38
C LEU F 184 -54.19 10.19 -21.16
N SER F 185 -55.29 9.46 -20.98
CA SER F 185 -56.59 10.05 -20.72
C SER F 185 -57.00 9.74 -19.29
N VAL F 186 -57.39 10.78 -18.55
CA VAL F 186 -57.90 10.65 -17.18
C VAL F 186 -59.36 11.06 -17.17
N SER F 187 -60.20 10.20 -16.61
CA SER F 187 -61.65 10.46 -16.58
C SER F 187 -62.21 9.88 -15.29
N ASN F 188 -62.52 10.76 -14.33
CA ASN F 188 -63.13 10.40 -13.05
C ASN F 188 -62.28 9.39 -12.28
N GLY F 189 -60.97 9.55 -12.35
CA GLY F 189 -60.04 8.63 -11.72
C GLY F 189 -59.62 7.47 -12.59
N ASN F 190 -60.36 7.19 -13.67
CA ASN F 190 -59.97 6.13 -14.59
C ASN F 190 -58.85 6.62 -15.48
N VAL F 191 -57.91 5.72 -15.77
CA VAL F 191 -56.69 6.04 -16.51
C VAL F 191 -56.61 5.11 -17.71
N GLN F 192 -56.51 5.69 -18.91
CA GLN F 192 -56.46 4.91 -20.14
C GLN F 192 -55.42 5.51 -21.08
N VAL F 193 -55.11 4.79 -22.15
CA VAL F 193 -54.12 5.21 -23.13
C VAL F 193 -54.75 5.10 -24.53
N ASP F 194 -54.58 6.15 -25.34
CA ASP F 194 -55.15 6.15 -26.67
C ASP F 194 -54.31 7.06 -27.58
N ALA F 195 -54.52 6.93 -28.88
CA ALA F 195 -53.89 7.80 -29.86
C ALA F 195 -54.80 9.01 -30.06
N SER F 196 -54.41 10.14 -29.48
CA SER F 196 -55.23 11.35 -29.47
C SER F 196 -54.48 12.49 -30.16
N PHE F 197 -55.11 13.65 -30.25
CA PHE F 197 -54.47 14.84 -30.78
C PHE F 197 -53.84 15.71 -29.69
N MET F 198 -53.92 15.28 -28.44
CA MET F 198 -53.22 15.91 -27.33
C MET F 198 -51.98 15.10 -26.98
N GLN F 199 -50.91 15.80 -26.58
CA GLN F 199 -49.66 15.12 -26.35
C GLN F 199 -49.52 14.71 -24.89
N THR F 200 -48.64 13.73 -24.66
CA THR F 200 -48.33 13.24 -23.33
C THR F 200 -46.87 12.77 -23.34
N LEU F 201 -46.12 13.18 -22.32
CA LEU F 201 -44.71 12.83 -22.23
C LEU F 201 -44.55 11.41 -21.69
N TRP F 202 -43.58 10.68 -22.26
CA TRP F 202 -43.30 9.32 -21.85
C TRP F 202 -41.82 9.20 -21.49
N ASN F 203 -41.55 8.47 -20.41
CA ASN F 203 -40.20 8.12 -20.02
C ASN F 203 -39.90 6.71 -20.49
N VAL F 204 -38.71 6.50 -21.04
CA VAL F 204 -38.30 5.21 -21.58
C VAL F 204 -37.18 4.70 -20.69
N HIS F 205 -37.52 3.85 -19.72
CA HIS F 205 -36.55 3.26 -18.84
C HIS F 205 -36.08 1.92 -19.42
N PRO F 206 -34.79 1.75 -19.70
CA PRO F 206 -34.32 0.46 -20.21
C PRO F 206 -34.31 -0.58 -19.10
N THR F 207 -34.83 -1.77 -19.40
CA THR F 207 -34.76 -2.88 -18.48
C THR F 207 -33.62 -3.84 -18.79
N CYS F 208 -33.26 -3.97 -20.06
CA CYS F 208 -32.16 -4.86 -20.43
C CYS F 208 -31.49 -4.33 -21.68
N SER F 209 -30.21 -3.99 -21.57
CA SER F 209 -29.44 -3.54 -22.72
C SER F 209 -29.13 -4.72 -23.63
N GLY F 210 -29.29 -4.51 -24.93
CA GLY F 210 -29.07 -5.55 -25.91
C GLY F 210 -27.62 -5.82 -26.26
N SER F 211 -26.69 -5.02 -25.74
CA SER F 211 -25.27 -5.26 -25.99
C SER F 211 -24.79 -6.52 -25.30
N SER F 212 -25.25 -6.75 -24.07
CA SER F 212 -24.86 -7.95 -23.33
C SER F 212 -25.69 -9.13 -23.81
N ILE F 213 -25.02 -10.16 -24.31
CA ILE F 213 -25.70 -11.34 -24.82
C ILE F 213 -25.17 -12.58 -24.12
N GLU F 214 -24.66 -12.39 -22.90
CA GLU F 214 -24.17 -13.52 -22.11
C GLU F 214 -25.33 -14.39 -21.64
N GLU F 215 -25.10 -15.69 -21.62
CA GLU F 215 -26.10 -16.66 -21.21
C GLU F 215 -25.57 -17.49 -20.05
N GLY F 216 -26.48 -18.22 -19.41
CA GLY F 216 -26.13 -19.09 -18.31
C GLY F 216 -26.15 -18.43 -16.94
N TYR F 217 -26.43 -17.14 -16.86
CA TYR F 217 -26.44 -16.43 -15.59
C TYR F 217 -27.83 -15.85 -15.33
N LEU F 218 -28.17 -15.76 -14.05
CA LEU F 218 -29.52 -15.38 -13.64
C LEU F 218 -29.75 -13.90 -13.89
N LEU F 219 -30.68 -13.59 -14.78
CA LEU F 219 -31.14 -12.22 -15.00
C LEU F 219 -32.50 -12.03 -14.35
N GLY F 220 -32.85 -10.78 -14.09
CA GLY F 220 -34.14 -10.48 -13.52
C GLY F 220 -35.26 -10.71 -14.52
N GLY F 221 -36.41 -11.10 -14.00
CA GLY F 221 -37.54 -11.44 -14.85
C GLY F 221 -37.44 -12.79 -15.51
N HIS F 222 -36.48 -13.62 -15.13
CA HIS F 222 -36.36 -14.95 -15.67
C HIS F 222 -37.31 -15.91 -14.96
N VAL F 223 -37.78 -16.91 -15.71
CA VAL F 223 -38.64 -17.96 -15.16
C VAL F 223 -37.78 -19.19 -14.94
N VAL F 224 -37.72 -19.66 -13.70
CA VAL F 224 -36.75 -20.69 -13.30
C VAL F 224 -37.44 -21.79 -12.52
N ARG F 225 -36.78 -22.93 -12.45
CA ARG F 225 -37.10 -24.02 -11.54
C ARG F 225 -35.99 -24.13 -10.50
N LEU F 226 -36.40 -24.33 -9.24
CA LEU F 226 -35.48 -24.38 -8.11
C LEU F 226 -35.36 -25.83 -7.67
N PHE F 227 -34.41 -26.55 -8.25
CA PHE F 227 -34.23 -27.96 -7.93
C PHE F 227 -33.50 -28.14 -6.60
N HIS F 228 -34.00 -29.05 -5.79
CA HIS F 228 -33.38 -29.43 -4.52
C HIS F 228 -32.58 -30.71 -4.75
N GLY F 229 -31.29 -30.56 -4.92
CA GLY F 229 -30.45 -31.70 -5.29
C GLY F 229 -30.41 -31.90 -6.81
N HIS F 230 -30.98 -33.00 -7.28
CA HIS F 230 -31.01 -33.31 -8.70
C HIS F 230 -32.36 -33.75 -9.22
N ASP F 231 -33.28 -34.18 -8.37
CA ASP F 231 -34.59 -34.66 -8.79
C ASP F 231 -35.74 -33.86 -8.19
N GLU F 232 -35.65 -33.49 -6.93
CA GLU F 232 -36.71 -32.74 -6.29
C GLU F 232 -36.76 -31.31 -6.83
N CYS F 233 -37.95 -30.71 -6.73
CA CYS F 233 -38.13 -29.31 -7.14
C CYS F 233 -39.25 -28.70 -6.32
N LEU F 234 -39.30 -27.37 -6.33
CA LEU F 234 -40.28 -26.60 -5.58
C LEU F 234 -41.59 -26.55 -6.35
N THR F 235 -42.68 -27.01 -5.73
CA THR F 235 -43.95 -27.13 -6.42
C THR F 235 -45.09 -26.83 -5.45
N ILE F 236 -46.31 -26.80 -6.00
CA ILE F 236 -47.54 -26.72 -5.23
C ILE F 236 -48.44 -27.86 -5.69
N PRO F 237 -49.39 -28.29 -4.83
CA PRO F 237 -50.24 -29.43 -5.22
C PRO F 237 -51.10 -29.20 -6.46
N SER F 238 -51.68 -28.02 -6.63
CA SER F 238 -52.66 -27.86 -7.72
C SER F 238 -52.72 -26.41 -8.16
N THR F 239 -52.98 -26.23 -9.46
CA THR F 239 -53.19 -24.90 -10.03
C THR F 239 -54.58 -24.37 -9.69
N ASP F 240 -55.57 -25.25 -9.62
CA ASP F 240 -56.96 -24.86 -9.39
C ASP F 240 -57.11 -24.23 -8.01
N GLN F 241 -57.56 -22.99 -7.97
CA GLN F 241 -57.63 -22.21 -6.74
C GLN F 241 -58.88 -22.48 -5.92
N ASN F 242 -59.78 -23.34 -6.42
CA ASN F 242 -60.89 -23.80 -5.58
C ASN F 242 -60.40 -24.77 -4.51
N ASP F 243 -59.30 -25.47 -4.78
CA ASP F 243 -58.67 -26.30 -3.77
C ASP F 243 -58.08 -25.44 -2.66
N ALA F 244 -58.31 -25.84 -1.42
CA ALA F 244 -57.87 -25.05 -0.28
C ALA F 244 -56.40 -25.26 0.06
N GLN F 245 -55.77 -26.31 -0.47
CA GLN F 245 -54.38 -26.63 -0.17
C GLN F 245 -53.45 -26.33 -1.35
N HIS F 246 -53.86 -25.44 -2.25
CA HIS F 246 -53.03 -25.08 -3.39
C HIS F 246 -51.98 -24.02 -3.06
N ARG F 247 -51.98 -23.50 -1.84
CA ARG F 247 -51.03 -22.47 -1.43
C ARG F 247 -49.85 -23.02 -0.65
N ARG F 248 -49.79 -24.33 -0.44
CA ARG F 248 -48.68 -24.93 0.28
C ARG F 248 -47.58 -25.32 -0.69
N ILE F 249 -46.34 -25.29 -0.19
CA ILE F 249 -45.14 -25.41 -1.00
C ILE F 249 -44.41 -26.67 -0.60
N PHE F 250 -44.04 -27.49 -1.59
CA PHE F 250 -43.43 -28.79 -1.33
C PHE F 250 -42.19 -28.99 -2.20
N TYR F 251 -41.28 -29.82 -1.70
CA TYR F 251 -40.24 -30.42 -2.52
C TYR F 251 -40.78 -31.75 -3.03
N GLU F 252 -41.04 -31.82 -4.33
CA GLU F 252 -41.59 -33.02 -4.95
C GLU F 252 -40.64 -33.53 -6.03
N ALA F 253 -40.58 -34.85 -6.17
CA ALA F 253 -39.71 -35.49 -7.15
C ALA F 253 -40.51 -36.44 -8.00
N GLY F 254 -40.23 -36.45 -9.30
CA GLY F 254 -40.88 -37.35 -10.22
C GLY F 254 -42.00 -36.69 -10.99
N GLY F 255 -41.72 -36.28 -12.23
CA GLY F 255 -42.69 -35.61 -13.06
C GLY F 255 -42.93 -34.14 -12.75
N ALA F 256 -42.60 -33.69 -11.54
CA ALA F 256 -42.85 -32.31 -11.16
C ALA F 256 -41.86 -31.34 -11.81
N GLY F 257 -40.72 -31.82 -12.26
CA GLY F 257 -39.74 -30.99 -12.91
C GLY F 257 -40.03 -30.64 -14.35
N THR F 258 -41.11 -31.19 -14.91
CA THR F 258 -41.51 -30.90 -16.28
C THR F 258 -42.88 -30.24 -16.37
N ARG F 259 -43.54 -29.99 -15.24
CA ARG F 259 -44.85 -29.36 -15.23
C ARG F 259 -44.70 -27.84 -15.16
N ALA F 260 -45.84 -27.16 -15.21
CA ALA F 260 -45.89 -25.70 -15.13
C ALA F 260 -46.13 -25.20 -13.72
N ARG F 261 -46.33 -26.08 -12.75
CA ARG F 261 -46.46 -25.68 -11.36
C ARG F 261 -45.11 -25.48 -10.68
N SER F 262 -44.02 -25.88 -11.32
CA SER F 262 -42.68 -25.72 -10.78
C SER F 262 -42.00 -24.46 -11.31
N LEU F 263 -42.74 -23.56 -11.94
CA LEU F 263 -42.18 -22.40 -12.59
C LEU F 263 -42.37 -21.16 -11.73
N TRP F 264 -41.27 -20.45 -11.46
CA TRP F 264 -41.28 -19.25 -10.65
C TRP F 264 -40.55 -18.15 -11.40
N ARG F 265 -41.08 -16.93 -11.33
CA ARG F 265 -40.42 -15.77 -11.91
C ARG F 265 -39.71 -14.99 -10.80
N VAL F 266 -38.46 -14.63 -11.07
CA VAL F 266 -37.63 -13.84 -10.16
C VAL F 266 -37.82 -12.38 -10.53
N GLU F 267 -38.44 -11.62 -9.64
CA GLU F 267 -38.79 -10.24 -9.92
C GLU F 267 -38.02 -9.31 -9.00
N PRO F 268 -37.03 -8.57 -9.49
CA PRO F 268 -36.30 -7.63 -8.63
C PRO F 268 -37.18 -6.47 -8.21
N LEU F 269 -36.80 -5.84 -7.10
CA LEU F 269 -37.54 -4.69 -6.57
C LEU F 269 -37.10 -3.38 -7.20
N ARG F 270 -37.14 -3.34 -8.53
CA ARG F 270 -36.76 -2.16 -9.28
C ARG F 270 -37.50 -2.16 -10.61
N ILE F 271 -37.65 -0.98 -11.20
CA ILE F 271 -38.33 -0.83 -12.49
C ILE F 271 -37.33 -0.63 -13.62
N SER F 272 -36.34 0.24 -13.43
CA SER F 272 -35.27 0.40 -14.39
C SER F 272 -34.21 -0.66 -14.16
N TRP F 273 -33.72 -1.24 -15.26
CA TRP F 273 -32.70 -2.30 -15.25
C TRP F 273 -33.15 -3.51 -14.42
N SER F 274 -34.43 -3.84 -14.52
CA SER F 274 -34.97 -5.00 -13.84
C SER F 274 -34.72 -6.30 -14.60
N GLY F 275 -34.15 -6.24 -15.79
CA GLY F 275 -33.78 -7.42 -16.54
C GLY F 275 -32.30 -7.68 -16.49
N SER F 276 -31.61 -7.05 -15.54
CA SER F 276 -30.17 -7.12 -15.44
C SER F 276 -29.77 -8.30 -14.54
N ASN F 277 -28.47 -8.43 -14.27
CA ASN F 277 -27.96 -9.56 -13.51
C ASN F 277 -28.38 -9.47 -12.05
N ILE F 278 -28.72 -10.62 -11.48
CA ILE F 278 -29.06 -10.73 -10.06
C ILE F 278 -27.80 -11.08 -9.30
N ARG F 279 -27.51 -10.31 -8.25
CA ARG F 279 -26.33 -10.51 -7.42
C ARG F 279 -26.68 -11.33 -6.18
N TRP F 280 -25.65 -11.73 -5.45
CA TRP F 280 -25.86 -12.37 -4.16
C TRP F 280 -26.35 -11.35 -3.15
N GLY F 281 -27.39 -11.70 -2.41
CA GLY F 281 -27.94 -10.81 -1.41
C GLY F 281 -28.91 -9.77 -1.93
N GLN F 282 -29.25 -9.80 -3.22
CA GLN F 282 -30.20 -8.85 -3.78
C GLN F 282 -31.63 -9.33 -3.53
N ALA F 283 -32.49 -8.38 -3.13
CA ALA F 283 -33.88 -8.71 -2.84
C ALA F 283 -34.67 -8.94 -4.11
N PHE F 284 -35.62 -9.87 -4.06
CA PHE F 284 -36.54 -10.12 -5.16
C PHE F 284 -37.81 -10.74 -4.60
N ARG F 285 -38.79 -10.91 -5.48
CA ARG F 285 -39.99 -11.68 -5.21
C ARG F 285 -40.02 -12.89 -6.12
N LEU F 286 -40.57 -13.99 -5.63
CA LEU F 286 -40.79 -15.19 -6.42
C LEU F 286 -42.27 -15.31 -6.71
N ARG F 287 -42.65 -15.20 -7.98
CA ARG F 287 -44.05 -15.29 -8.38
C ARG F 287 -44.31 -16.65 -9.03
N HIS F 288 -45.36 -17.33 -8.58
CA HIS F 288 -45.78 -18.57 -9.18
C HIS F 288 -46.60 -18.27 -10.44
N ILE F 289 -46.22 -18.89 -11.56
CA ILE F 289 -46.75 -18.46 -12.85
C ILE F 289 -48.20 -18.92 -13.04
N THR F 290 -48.51 -20.17 -12.69
CA THR F 290 -49.84 -20.69 -12.98
C THR F 290 -50.90 -20.21 -11.99
N THR F 291 -50.51 -19.67 -10.84
CA THR F 291 -51.47 -19.13 -9.89
C THR F 291 -51.42 -17.62 -9.77
N GLY F 292 -50.26 -17.01 -9.98
CA GLY F 292 -50.13 -15.58 -9.79
C GLY F 292 -49.88 -15.16 -8.36
N HIS F 293 -49.57 -16.10 -7.48
CA HIS F 293 -49.34 -15.82 -6.07
C HIS F 293 -47.85 -15.68 -5.81
N TYR F 294 -47.52 -15.06 -4.69
CA TYR F 294 -46.14 -14.77 -4.32
C TYR F 294 -45.76 -15.56 -3.08
N LEU F 295 -44.54 -16.08 -3.08
CA LEU F 295 -43.98 -16.74 -1.90
C LEU F 295 -43.84 -15.71 -0.77
N ALA F 296 -44.32 -16.05 0.41
CA ALA F 296 -44.41 -15.07 1.47
C ALA F 296 -44.34 -15.74 2.84
N LEU F 297 -43.99 -14.93 3.83
CA LEU F 297 -44.10 -15.29 5.25
C LEU F 297 -45.40 -14.67 5.74
N THR F 298 -46.45 -15.47 5.82
CA THR F 298 -47.75 -14.99 6.25
C THR F 298 -47.77 -14.77 7.76
N GLU F 299 -48.77 -14.01 8.22
CA GLU F 299 -48.87 -13.70 9.64
C GLU F 299 -49.27 -14.93 10.46
N ASP F 300 -50.28 -15.65 10.00
CA ASP F 300 -50.76 -16.82 10.74
C ASP F 300 -49.90 -18.05 10.47
N GLN F 301 -49.85 -18.47 9.21
CA GLN F 301 -49.07 -19.64 8.82
C GLN F 301 -47.61 -19.23 8.60
N GLY F 302 -46.80 -20.16 8.12
CA GLY F 302 -45.41 -19.86 7.84
C GLY F 302 -45.17 -19.48 6.39
N LEU F 303 -44.38 -20.28 5.68
CA LEU F 303 -44.14 -20.05 4.27
C LEU F 303 -45.37 -20.46 3.46
N LEU F 304 -45.88 -19.55 2.65
CA LEU F 304 -47.15 -19.79 1.98
C LEU F 304 -47.22 -18.92 0.73
N LEU F 305 -48.07 -19.33 -0.20
CA LEU F 305 -48.41 -18.47 -1.33
C LEU F 305 -49.45 -17.45 -0.90
N GLN F 306 -49.25 -16.20 -1.32
CA GLN F 306 -50.10 -15.10 -0.92
C GLN F 306 -50.58 -14.36 -2.15
N ASP F 307 -51.77 -13.76 -2.03
CA ASP F 307 -52.36 -13.01 -3.12
C ASP F 307 -51.52 -11.77 -3.46
N ARG F 308 -51.64 -11.32 -4.70
CA ARG F 308 -50.91 -10.14 -5.15
C ARG F 308 -51.35 -8.88 -4.42
N ALA F 309 -52.62 -8.82 -4.01
CA ALA F 309 -53.13 -7.63 -3.34
C ALA F 309 -52.59 -7.47 -1.92
N LYS F 310 -51.99 -8.52 -1.36
CA LYS F 310 -51.44 -8.47 -0.01
C LYS F 310 -49.93 -8.67 0.02
N SER F 311 -49.28 -8.76 -1.14
CA SER F 311 -47.86 -9.08 -1.21
C SER F 311 -47.04 -7.81 -1.08
N ASP F 312 -46.88 -7.35 0.15
CA ASP F 312 -46.01 -6.22 0.42
C ASP F 312 -44.55 -6.68 0.41
N THR F 313 -43.64 -5.72 0.54
CA THR F 313 -42.22 -6.03 0.46
C THR F 313 -41.74 -6.81 1.67
N LYS F 314 -42.27 -6.49 2.86
CA LYS F 314 -41.85 -7.17 4.08
C LYS F 314 -42.22 -8.65 4.06
N SER F 315 -43.40 -8.98 3.55
CA SER F 315 -43.81 -10.38 3.45
C SER F 315 -43.03 -11.10 2.35
N THR F 316 -42.89 -10.47 1.19
CA THR F 316 -42.31 -11.09 0.00
C THR F 316 -40.95 -10.45 -0.28
N ALA F 317 -39.89 -11.01 0.31
CA ALA F 317 -38.54 -10.54 0.04
C ALA F 317 -37.59 -11.69 0.33
N PHE F 318 -36.96 -12.22 -0.71
CA PHE F 318 -36.05 -13.34 -0.59
C PHE F 318 -34.77 -13.02 -1.34
N SER F 319 -33.67 -13.58 -0.86
CA SER F 319 -32.36 -13.36 -1.48
C SER F 319 -31.62 -14.67 -1.61
N PHE F 320 -30.73 -14.73 -2.58
CA PHE F 320 -29.87 -15.88 -2.81
C PHE F 320 -28.53 -15.62 -2.14
N ARG F 321 -28.12 -16.53 -1.27
CA ARG F 321 -26.86 -16.44 -0.54
C ARG F 321 -25.94 -17.56 -0.98
N ALA F 322 -24.65 -17.25 -1.06
CA ALA F 322 -23.67 -18.29 -1.44
C ALA F 322 -23.48 -19.30 -0.32
N SER F 323 -23.61 -18.88 0.94
CA SER F 323 -23.44 -19.76 2.08
C SER F 323 -24.19 -19.18 3.26
N LYS F 324 -24.37 -19.99 4.30
CA LYS F 324 -24.98 -19.56 5.55
C LYS F 324 -23.95 -19.00 6.52
N GLU F 325 -23.15 -18.03 6.05
CA GLU F 325 -22.07 -17.44 6.84
C GLU F 325 -22.26 -15.93 6.85
N ILE F 326 -22.95 -15.43 7.86
CA ILE F 326 -23.19 -13.99 7.99
C ILE F 326 -21.97 -13.32 8.61
N ARG F 336 -24.92 -2.42 -4.51
CA ARG F 336 -25.99 -1.44 -4.56
C ARG F 336 -26.76 -1.54 -5.88
N ASP F 337 -27.81 -0.74 -6.00
CA ASP F 337 -28.65 -0.72 -7.19
C ASP F 337 -28.00 0.16 -8.25
N ILE F 338 -27.05 -0.43 -8.98
CA ILE F 338 -26.32 0.32 -9.99
C ILE F 338 -27.17 0.45 -11.25
N GLU F 339 -26.84 1.44 -12.07
CA GLU F 339 -27.60 1.76 -13.29
C GLU F 339 -26.91 1.09 -14.47
N GLY F 340 -27.13 -0.22 -14.60
CA GLY F 340 -26.55 -0.94 -15.71
C GLY F 340 -26.86 -2.42 -15.61
N MET F 341 -26.26 -3.19 -16.52
CA MET F 341 -26.47 -4.63 -16.53
C MET F 341 -25.77 -5.33 -15.38
N GLY F 342 -24.82 -4.68 -14.72
CA GLY F 342 -24.17 -5.30 -13.59
C GLY F 342 -23.18 -6.37 -14.01
N VAL F 343 -22.81 -7.20 -13.03
CA VAL F 343 -21.86 -8.28 -13.28
C VAL F 343 -22.53 -9.62 -13.00
N PRO F 344 -22.28 -10.64 -13.83
CA PRO F 344 -22.92 -11.94 -13.61
C PRO F 344 -22.32 -12.66 -12.41
N GLU F 345 -23.18 -13.00 -11.45
CA GLU F 345 -22.74 -13.69 -10.24
C GLU F 345 -23.36 -15.07 -10.08
N ILE F 346 -24.69 -15.17 -10.17
CA ILE F 346 -25.38 -16.44 -9.99
C ILE F 346 -25.49 -17.14 -11.33
N LYS F 347 -25.13 -18.42 -11.36
CA LYS F 347 -25.06 -19.18 -12.59
C LYS F 347 -26.10 -20.30 -12.59
N TYR F 348 -26.64 -20.59 -13.77
CA TYR F 348 -27.62 -21.67 -13.91
C TYR F 348 -26.90 -23.02 -13.90
N GLY F 349 -27.36 -23.91 -13.04
CA GLY F 349 -26.89 -25.29 -13.03
C GLY F 349 -25.61 -25.52 -12.26
N ASP F 350 -24.89 -24.47 -11.87
CA ASP F 350 -23.62 -24.61 -11.17
C ASP F 350 -23.65 -24.01 -9.78
N SER F 351 -24.15 -22.78 -9.64
CA SER F 351 -24.18 -22.13 -8.33
C SER F 351 -25.21 -22.78 -7.43
N VAL F 352 -24.85 -22.94 -6.16
CA VAL F 352 -25.74 -23.46 -5.14
C VAL F 352 -26.23 -22.27 -4.31
N CYS F 353 -27.54 -22.02 -4.37
CA CYS F 353 -28.14 -20.82 -3.80
C CYS F 353 -28.93 -21.18 -2.55
N PHE F 354 -28.72 -20.42 -1.48
CA PHE F 354 -29.48 -20.56 -0.25
C PHE F 354 -30.50 -19.44 -0.20
N VAL F 355 -31.78 -19.80 -0.16
CA VAL F 355 -32.84 -18.80 -0.16
C VAL F 355 -33.05 -18.32 1.27
N GLN F 356 -32.96 -17.00 1.46
CA GLN F 356 -33.11 -16.41 2.78
C GLN F 356 -34.17 -15.32 2.74
N HIS F 357 -35.13 -15.41 3.65
CA HIS F 357 -36.06 -14.31 3.86
C HIS F 357 -35.34 -13.12 4.48
N ILE F 358 -35.69 -11.93 4.03
CA ILE F 358 -34.91 -10.74 4.39
C ILE F 358 -35.47 -10.06 5.64
N ALA F 359 -36.79 -9.89 5.73
CA ALA F 359 -37.38 -9.22 6.88
C ALA F 359 -37.32 -10.05 8.16
N SER F 360 -36.97 -11.33 8.07
CA SER F 360 -36.86 -12.18 9.25
C SER F 360 -35.52 -12.88 9.39
N GLY F 361 -34.76 -13.07 8.32
CA GLY F 361 -33.50 -13.78 8.39
C GLY F 361 -33.61 -15.29 8.34
N LEU F 362 -34.81 -15.83 8.14
CA LEU F 362 -35.02 -17.27 8.13
C LEU F 362 -34.49 -17.88 6.83
N TRP F 363 -34.38 -19.20 6.83
CA TRP F 363 -33.90 -19.95 5.68
C TRP F 363 -34.98 -20.89 5.19
N VAL F 364 -35.07 -21.07 3.88
CA VAL F 364 -36.06 -21.94 3.27
C VAL F 364 -35.54 -23.38 3.37
N THR F 365 -36.14 -24.15 4.26
CA THR F 365 -35.73 -25.52 4.54
C THR F 365 -36.89 -26.47 4.27
N TYR F 366 -36.62 -27.76 4.41
CA TYR F 366 -37.64 -28.79 4.31
C TYR F 366 -37.93 -29.35 5.70
N LYS F 367 -39.20 -29.55 5.98
CA LYS F 367 -39.60 -30.16 7.24
C LYS F 367 -39.22 -31.63 7.26
N ALA F 368 -38.57 -32.06 8.33
CA ALA F 368 -38.07 -33.43 8.41
C ALA F 368 -39.22 -34.42 8.58
N GLN F 369 -39.22 -35.46 7.76
CA GLN F 369 -40.27 -36.46 7.80
C GLN F 369 -39.97 -37.54 8.84
N PRO F 378 -45.79 -39.93 -1.64
CA PRO F 378 -44.46 -40.24 -2.18
C PRO F 378 -43.38 -39.38 -1.53
N LEU F 379 -42.31 -39.12 -2.28
CA LEU F 379 -41.26 -38.21 -1.83
C LEU F 379 -41.78 -36.79 -2.00
N LYS F 380 -42.35 -36.25 -0.92
CA LYS F 380 -43.01 -34.95 -0.94
C LYS F 380 -42.77 -34.30 0.41
N ARG F 381 -41.79 -33.42 0.48
CA ARG F 381 -41.38 -32.79 1.73
C ARG F 381 -42.03 -31.42 1.87
N LYS F 382 -42.56 -31.12 3.04
CA LYS F 382 -43.11 -29.80 3.31
C LYS F 382 -41.98 -28.78 3.45
N VAL F 383 -42.19 -27.60 2.90
CA VAL F 383 -41.19 -26.54 2.85
C VAL F 383 -41.57 -25.47 3.86
N ILE F 384 -40.63 -25.13 4.75
CA ILE F 384 -40.85 -24.21 5.85
C ILE F 384 -39.72 -23.18 5.88
N LEU F 385 -39.85 -22.22 6.79
CA LEU F 385 -38.81 -21.24 7.09
C LEU F 385 -38.28 -21.51 8.49
N HIS F 386 -36.99 -21.80 8.59
CA HIS F 386 -36.36 -22.20 9.85
C HIS F 386 -35.16 -21.30 10.13
N GLN F 387 -34.87 -21.11 11.42
CA GLN F 387 -33.78 -20.23 11.82
C GLN F 387 -32.41 -20.82 11.44
N GLU F 388 -32.20 -22.09 11.76
CA GLU F 388 -30.91 -22.74 11.55
C GLU F 388 -30.89 -23.55 10.25
N GLY F 389 -31.82 -24.47 10.10
CA GLY F 389 -31.93 -25.23 8.87
C GLY F 389 -30.99 -26.43 8.81
N HIS F 390 -30.97 -27.04 7.64
CA HIS F 390 -30.16 -28.22 7.38
C HIS F 390 -28.94 -27.85 6.56
N MET F 391 -28.07 -28.83 6.35
CA MET F 391 -26.84 -28.64 5.60
C MET F 391 -27.00 -28.88 4.10
N ASP F 392 -28.21 -29.26 3.66
CA ASP F 392 -28.49 -29.46 2.24
C ASP F 392 -29.67 -28.61 1.79
N ASP F 393 -29.75 -27.38 2.30
CA ASP F 393 -30.82 -26.47 1.93
C ASP F 393 -30.58 -25.75 0.62
N GLY F 394 -29.41 -25.93 0.01
CA GLY F 394 -29.09 -25.19 -1.20
C GLY F 394 -29.89 -25.66 -2.40
N LEU F 395 -30.22 -24.71 -3.26
CA LEU F 395 -31.03 -24.95 -4.44
C LEU F 395 -30.25 -24.62 -5.69
N THR F 396 -30.57 -25.33 -6.77
CA THR F 396 -29.94 -25.13 -8.07
C THR F 396 -30.98 -24.58 -9.04
N LEU F 397 -30.64 -23.49 -9.71
CA LEU F 397 -31.57 -22.86 -10.65
C LEU F 397 -31.43 -23.49 -12.03
N GLN F 398 -32.57 -23.67 -12.69
CA GLN F 398 -32.58 -24.10 -14.08
C GLN F 398 -33.57 -23.24 -14.85
N ARG F 399 -33.12 -22.64 -15.95
CA ARG F 399 -33.99 -21.79 -16.73
C ARG F 399 -34.87 -22.63 -17.65
N CYS F 400 -36.15 -22.27 -17.73
CA CYS F 400 -37.10 -22.97 -18.59
C CYS F 400 -37.10 -22.36 -19.98
N GLN F 401 -37.82 -23.01 -20.89
CA GLN F 401 -37.95 -22.51 -22.24
C GLN F 401 -39.04 -21.44 -22.31
N ARG F 402 -39.04 -20.69 -23.42
CA ARG F 402 -40.01 -19.62 -23.59
C ARG F 402 -41.43 -20.16 -23.78
N GLU F 403 -41.54 -21.31 -24.46
CA GLU F 403 -42.85 -21.91 -24.70
C GLU F 403 -43.51 -22.34 -23.39
N GLU F 404 -42.73 -22.89 -22.45
CA GLU F 404 -43.30 -23.33 -21.18
C GLU F 404 -43.81 -22.15 -20.35
N SER F 405 -43.05 -21.06 -20.26
CA SER F 405 -43.49 -19.93 -19.46
C SER F 405 -44.66 -19.19 -20.12
N GLN F 406 -44.64 -19.09 -21.45
CA GLN F 406 -45.76 -18.51 -22.17
C GLN F 406 -47.03 -19.35 -21.98
N ALA F 407 -46.88 -20.68 -22.06
CA ALA F 407 -48.02 -21.57 -21.84
C ALA F 407 -48.53 -21.47 -20.42
N ALA F 408 -47.63 -21.30 -19.44
CA ALA F 408 -48.06 -21.20 -18.05
C ALA F 408 -48.83 -19.91 -17.78
N ARG F 409 -48.39 -18.79 -18.37
CA ARG F 409 -49.15 -17.56 -18.21
C ARG F 409 -50.51 -17.63 -18.92
N ILE F 410 -50.53 -18.25 -20.11
CA ILE F 410 -51.80 -18.46 -20.81
C ILE F 410 -52.72 -19.35 -20.00
N ILE F 411 -52.15 -20.35 -19.33
CA ILE F 411 -52.92 -21.25 -18.46
C ILE F 411 -53.54 -20.47 -17.31
N ARG F 412 -52.76 -19.58 -16.68
CA ARG F 412 -53.30 -18.80 -15.57
C ARG F 412 -54.44 -17.88 -16.02
N ASN F 413 -54.24 -17.17 -17.14
CA ASN F 413 -55.27 -16.26 -17.63
C ASN F 413 -56.54 -17.00 -18.06
N THR F 414 -56.37 -18.13 -18.75
CA THR F 414 -57.52 -18.91 -19.20
C THR F 414 -58.24 -19.55 -18.02
N THR F 415 -57.50 -20.00 -17.01
CA THR F 415 -58.13 -20.55 -15.82
C THR F 415 -58.95 -19.50 -15.08
N ALA F 416 -58.40 -18.28 -14.96
CA ALA F 416 -59.16 -17.20 -14.31
C ALA F 416 -60.43 -16.87 -15.09
N LEU F 417 -60.32 -16.76 -16.42
CA LEU F 417 -61.48 -16.40 -17.24
C LEU F 417 -62.55 -17.50 -17.20
N PHE F 418 -62.15 -18.77 -17.33
CA PHE F 418 -63.13 -19.84 -17.34
C PHE F 418 -63.70 -20.10 -15.96
N SER F 419 -62.93 -19.85 -14.90
CA SER F 419 -63.46 -20.00 -13.55
C SER F 419 -64.47 -18.90 -13.23
N GLN F 420 -64.23 -17.68 -13.72
CA GLN F 420 -65.25 -16.65 -13.55
C GLN F 420 -66.43 -16.86 -14.49
N PHE F 421 -66.25 -17.61 -15.58
CA PHE F 421 -67.36 -17.92 -16.46
C PHE F 421 -68.24 -19.02 -15.87
N VAL F 422 -67.65 -20.01 -15.21
CA VAL F 422 -68.42 -21.06 -14.57
C VAL F 422 -69.20 -20.51 -13.38
N SER F 423 -68.53 -19.72 -12.54
CA SER F 423 -69.09 -19.11 -11.34
C SER F 423 -69.68 -20.13 -10.39
N THR F 433 -71.68 -8.04 -17.14
CA THR F 433 -71.79 -9.21 -16.30
C THR F 433 -70.71 -10.23 -16.65
N LEU F 434 -70.81 -10.80 -17.85
CA LEU F 434 -69.85 -11.77 -18.35
C LEU F 434 -69.21 -11.24 -19.63
N PRO F 435 -67.88 -11.19 -19.70
CA PRO F 435 -67.22 -10.64 -20.89
C PRO F 435 -67.28 -11.56 -22.09
N ILE F 436 -68.38 -11.47 -22.85
CA ILE F 436 -68.63 -12.39 -23.96
C ILE F 436 -67.57 -12.23 -25.05
N GLN F 437 -67.22 -10.99 -25.38
CA GLN F 437 -66.24 -10.75 -26.43
C GLN F 437 -64.85 -11.23 -26.03
N GLU F 438 -64.49 -11.07 -24.75
CA GLU F 438 -63.22 -11.58 -24.25
C GLU F 438 -63.18 -13.10 -24.32
N VAL F 439 -64.30 -13.76 -23.99
CA VAL F 439 -64.39 -15.21 -24.08
C VAL F 439 -64.25 -15.68 -25.53
N LEU F 440 -64.90 -14.98 -26.46
CA LEU F 440 -64.81 -15.34 -27.87
C LEU F 440 -63.40 -15.17 -28.41
N GLN F 441 -62.75 -14.05 -28.07
CA GLN F 441 -61.38 -13.81 -28.52
C GLN F 441 -60.41 -14.82 -27.91
N THR F 442 -60.60 -15.15 -26.63
CA THR F 442 -59.75 -16.14 -25.98
C THR F 442 -59.92 -17.52 -26.60
N LEU F 443 -61.17 -17.91 -26.90
CA LEU F 443 -61.41 -19.21 -27.51
C LEU F 443 -60.81 -19.29 -28.91
N GLN F 444 -60.96 -18.24 -29.71
CA GLN F 444 -60.36 -18.24 -31.05
C GLN F 444 -58.84 -18.26 -30.98
N ASP F 445 -58.25 -17.51 -30.04
CA ASP F 445 -56.80 -17.51 -29.88
C ASP F 445 -56.28 -18.87 -29.41
N LEU F 446 -57.04 -19.55 -28.54
CA LEU F 446 -56.62 -20.87 -28.10
C LEU F 446 -56.78 -21.92 -29.18
N ILE F 447 -57.80 -21.80 -30.03
CA ILE F 447 -57.95 -22.71 -31.16
C ILE F 447 -56.82 -22.51 -32.17
N ALA F 448 -56.43 -21.24 -32.39
CA ALA F 448 -55.25 -20.98 -33.22
C ALA F 448 -53.95 -21.38 -32.53
N TYR F 449 -53.96 -21.49 -31.20
CA TYR F 449 -52.76 -21.86 -30.45
C TYR F 449 -52.45 -23.34 -30.58
N PHE F 450 -53.47 -24.19 -30.56
CA PHE F 450 -53.31 -25.63 -30.70
C PHE F 450 -53.51 -26.11 -32.13
N GLN F 451 -53.19 -25.26 -33.10
CA GLN F 451 -53.39 -25.59 -34.50
C GLN F 451 -52.30 -26.55 -34.99
N PRO F 452 -52.66 -27.67 -35.60
CA PRO F 452 -51.65 -28.59 -36.14
C PRO F 452 -50.94 -27.98 -37.32
N PRO F 453 -49.70 -28.40 -37.61
CA PRO F 453 -49.01 -27.90 -38.80
C PRO F 453 -49.65 -28.40 -40.08
N GLU F 454 -49.50 -27.61 -41.14
CA GLU F 454 -50.08 -27.95 -42.42
C GLU F 454 -49.37 -29.15 -43.04
N GLU F 455 -50.12 -29.89 -43.87
CA GLU F 455 -49.60 -31.13 -44.44
C GLU F 455 -48.52 -30.90 -45.48
N GLU F 456 -48.47 -29.72 -46.09
CA GLU F 456 -47.48 -29.42 -47.12
C GLU F 456 -46.17 -28.91 -46.54
N MET F 457 -46.04 -28.83 -45.22
CA MET F 457 -44.82 -28.37 -44.58
C MET F 457 -43.71 -29.41 -44.75
N GLN F 458 -42.47 -28.94 -44.64
CA GLN F 458 -41.32 -29.83 -44.69
C GLN F 458 -41.33 -30.76 -43.48
N HIS F 459 -40.75 -31.95 -43.67
CA HIS F 459 -40.91 -33.04 -42.70
C HIS F 459 -40.31 -32.70 -41.34
N GLU F 460 -39.11 -32.12 -41.32
CA GLU F 460 -38.45 -31.83 -40.05
C GLU F 460 -39.15 -30.69 -39.32
N ASP F 461 -39.57 -29.65 -40.05
CA ASP F 461 -40.34 -28.56 -39.45
C ASP F 461 -41.68 -29.06 -38.94
N LYS F 462 -42.33 -29.95 -39.71
CA LYS F 462 -43.59 -30.53 -39.28
C LYS F 462 -43.43 -31.34 -37.99
N GLN F 463 -42.34 -32.10 -37.89
CA GLN F 463 -42.11 -32.90 -36.69
C GLN F 463 -41.78 -32.01 -35.49
N ASN F 464 -41.03 -30.93 -35.70
CA ASN F 464 -40.76 -29.98 -34.62
C ASN F 464 -42.04 -29.32 -34.12
N LYS F 465 -42.92 -28.92 -35.04
CA LYS F 465 -44.17 -28.30 -34.64
C LYS F 465 -45.11 -29.29 -33.97
N LEU F 466 -45.11 -30.55 -34.41
CA LEU F 466 -45.89 -31.58 -33.73
C LEU F 466 -45.36 -31.83 -32.31
N ARG F 467 -44.04 -31.81 -32.14
CA ARG F 467 -43.44 -31.97 -30.82
C ARG F 467 -43.84 -30.83 -29.89
N SER F 468 -43.77 -29.58 -30.39
CA SER F 468 -44.17 -28.44 -29.58
C SER F 468 -45.66 -28.48 -29.24
N LEU F 469 -46.50 -28.88 -30.21
CA LEU F 469 -47.93 -28.99 -29.96
C LEU F 469 -48.25 -30.05 -28.91
N LYS F 470 -47.56 -31.19 -28.97
CA LYS F 470 -47.77 -32.23 -27.97
C LYS F 470 -47.32 -31.76 -26.60
N ASN F 471 -46.20 -31.04 -26.52
CA ASN F 471 -45.74 -30.51 -25.23
C ASN F 471 -46.75 -29.51 -24.65
N ARG F 472 -47.31 -28.64 -25.50
CA ARG F 472 -48.29 -27.68 -25.00
C ARG F 472 -49.60 -28.35 -24.59
N GLN F 473 -50.02 -29.38 -25.33
CA GLN F 473 -51.21 -30.13 -24.94
C GLN F 473 -51.00 -30.83 -23.60
N ASN F 474 -49.82 -31.42 -23.38
CA ASN F 474 -49.52 -32.05 -22.10
C ASN F 474 -49.49 -31.03 -20.96
N LEU F 475 -48.92 -29.85 -21.23
CA LEU F 475 -48.88 -28.80 -20.20
C LEU F 475 -50.28 -28.34 -19.83
N PHE F 476 -51.16 -28.17 -20.82
CA PHE F 476 -52.52 -27.75 -20.51
C PHE F 476 -53.32 -28.86 -19.83
N LYS F 477 -53.08 -30.12 -20.19
CA LYS F 477 -53.79 -31.22 -19.53
C LYS F 477 -53.35 -31.36 -18.08
N GLU F 478 -52.06 -31.16 -17.80
CA GLU F 478 -51.55 -31.34 -16.44
C GLU F 478 -52.06 -30.30 -15.46
N GLU F 479 -52.59 -29.18 -15.95
CA GLU F 479 -53.14 -28.14 -15.08
C GLU F 479 -54.66 -28.20 -15.01
N GLY F 480 -55.26 -29.28 -15.48
CA GLY F 480 -56.71 -29.45 -15.41
C GLY F 480 -57.51 -28.50 -16.27
N MET F 481 -57.10 -28.30 -17.52
CA MET F 481 -57.86 -27.48 -18.43
C MET F 481 -58.96 -28.25 -19.15
N LEU F 482 -58.79 -29.57 -19.33
CA LEU F 482 -59.84 -30.39 -19.90
C LEU F 482 -61.08 -30.40 -19.02
N ALA F 483 -60.88 -30.58 -17.71
CA ALA F 483 -61.99 -30.55 -16.77
C ALA F 483 -62.63 -29.17 -16.70
N LEU F 484 -61.82 -28.12 -16.83
CA LEU F 484 -62.36 -26.77 -16.86
C LEU F 484 -63.24 -26.53 -18.08
N VAL F 485 -62.80 -27.02 -19.24
CA VAL F 485 -63.61 -26.92 -20.46
C VAL F 485 -64.89 -27.73 -20.32
N LEU F 486 -64.82 -28.89 -19.67
CA LEU F 486 -66.03 -29.70 -19.45
C LEU F 486 -67.02 -28.99 -18.53
N ASN F 487 -66.53 -28.36 -17.46
CA ASN F 487 -67.41 -27.61 -16.57
C ASN F 487 -67.99 -26.40 -17.29
N CYS F 488 -67.22 -25.76 -18.17
CA CYS F 488 -67.75 -24.66 -18.97
C CYS F 488 -68.85 -25.13 -19.91
N ILE F 489 -68.67 -26.30 -20.53
CA ILE F 489 -69.68 -26.86 -21.42
C ILE F 489 -70.95 -27.21 -20.64
N ASP F 490 -70.81 -27.81 -19.46
CA ASP F 490 -71.97 -28.11 -18.64
C ASP F 490 -72.71 -26.85 -18.20
N ARG F 491 -71.96 -25.82 -17.79
CA ARG F 491 -72.57 -24.56 -17.38
C ARG F 491 -73.28 -23.89 -18.55
N LEU F 492 -72.68 -23.95 -19.74
CA LEU F 492 -73.31 -23.37 -20.92
C LEU F 492 -74.59 -24.12 -21.29
N ASN F 493 -74.61 -25.44 -21.15
CA ASN F 493 -75.82 -26.19 -21.44
C ASN F 493 -76.91 -25.89 -20.42
N ILE F 494 -76.53 -25.72 -19.15
CA ILE F 494 -77.51 -25.33 -18.14
C ILE F 494 -78.08 -23.94 -18.43
N TYR F 495 -77.21 -22.99 -18.82
CA TYR F 495 -77.67 -21.65 -19.16
C TYR F 495 -78.55 -21.64 -20.40
N ASN F 496 -78.18 -22.42 -21.42
CA ASN F 496 -78.92 -22.41 -22.68
C ASN F 496 -80.24 -23.15 -22.57
N SER F 497 -80.33 -24.15 -21.69
CA SER F 497 -81.60 -24.82 -21.47
C SER F 497 -82.60 -23.89 -20.80
N VAL F 498 -82.13 -23.07 -19.86
CA VAL F 498 -83.00 -22.11 -19.19
C VAL F 498 -83.18 -20.86 -20.05
N GLU F 508 -78.16 -12.05 -31.37
CA GLU F 508 -78.83 -12.26 -30.09
C GLU F 508 -77.90 -12.92 -29.08
N SER F 509 -78.36 -13.04 -27.85
CA SER F 509 -77.57 -13.68 -26.81
C SER F 509 -77.47 -15.19 -27.03
N GLY F 510 -78.53 -15.81 -27.55
CA GLY F 510 -78.47 -17.23 -27.82
C GLY F 510 -77.51 -17.60 -28.93
N MET F 511 -77.39 -16.73 -29.94
CA MET F 511 -76.40 -16.95 -30.99
C MET F 511 -74.98 -16.89 -30.45
N ALA F 512 -74.71 -15.92 -29.57
CA ALA F 512 -73.40 -15.86 -28.92
C ALA F 512 -73.15 -17.07 -28.04
N TRP F 513 -74.18 -17.53 -27.32
CA TRP F 513 -74.04 -18.70 -26.45
C TRP F 513 -73.72 -19.96 -27.25
N LYS F 514 -74.42 -20.17 -28.37
CA LYS F 514 -74.15 -21.36 -29.16
C LYS F 514 -72.83 -21.24 -29.92
N GLU F 515 -72.41 -20.02 -30.27
CA GLU F 515 -71.08 -19.84 -30.84
C GLU F 515 -69.99 -20.16 -29.84
N ILE F 516 -70.16 -19.74 -28.58
CA ILE F 516 -69.18 -20.05 -27.54
C ILE F 516 -69.16 -21.55 -27.28
N LEU F 517 -70.33 -22.21 -27.30
CA LEU F 517 -70.36 -23.66 -27.12
C LEU F 517 -69.66 -24.40 -28.26
N ASN F 518 -69.88 -23.94 -29.49
CA ASN F 518 -69.20 -24.55 -30.64
C ASN F 518 -67.69 -24.36 -30.56
N LEU F 519 -67.25 -23.16 -30.16
CA LEU F 519 -65.82 -22.91 -29.97
C LEU F 519 -65.25 -23.76 -28.83
N LEU F 520 -66.05 -24.01 -27.78
CA LEU F 520 -65.59 -24.88 -26.70
C LEU F 520 -65.40 -26.32 -27.16
N TYR F 521 -66.32 -26.82 -27.99
CA TYR F 521 -66.15 -28.16 -28.55
C TYR F 521 -64.94 -28.22 -29.48
N LYS F 522 -64.72 -27.18 -30.27
CA LYS F 522 -63.53 -27.13 -31.13
C LYS F 522 -62.25 -27.08 -30.29
N LEU F 523 -62.27 -26.33 -29.19
CA LEU F 523 -61.12 -26.27 -28.30
C LEU F 523 -60.83 -27.61 -27.64
N LEU F 524 -61.87 -28.33 -27.23
CA LEU F 524 -61.68 -29.66 -26.66
C LEU F 524 -61.09 -30.62 -27.68
N ALA F 525 -61.62 -30.60 -28.90
CA ALA F 525 -61.08 -31.45 -29.96
C ALA F 525 -59.64 -31.11 -30.27
N ALA F 526 -59.30 -29.82 -30.33
CA ALA F 526 -57.92 -29.42 -30.56
C ALA F 526 -57.01 -29.78 -29.41
N LEU F 527 -57.54 -29.81 -28.19
CA LEU F 527 -56.73 -30.16 -27.02
C LEU F 527 -56.40 -31.65 -27.00
N ILE F 528 -57.31 -32.50 -27.46
CA ILE F 528 -57.06 -33.94 -27.35
C ILE F 528 -56.65 -34.59 -28.67
N ARG F 529 -56.61 -33.84 -29.78
CA ARG F 529 -56.31 -34.46 -31.07
C ARG F 529 -54.85 -34.87 -31.16
N GLY F 530 -54.62 -36.15 -31.50
CA GLY F 530 -53.29 -36.66 -31.73
C GLY F 530 -52.51 -36.99 -30.49
N ASN F 531 -53.06 -36.77 -29.30
CA ASN F 531 -52.39 -37.00 -28.04
C ASN F 531 -53.03 -38.20 -27.35
N ARG F 532 -52.25 -39.27 -27.17
CA ARG F 532 -52.81 -40.48 -26.59
C ARG F 532 -53.12 -40.31 -25.12
N ASN F 533 -52.28 -39.57 -24.39
CA ASN F 533 -52.47 -39.41 -22.95
C ASN F 533 -53.74 -38.60 -22.65
N ASN F 534 -53.99 -37.54 -23.41
CA ASN F 534 -55.21 -36.75 -23.20
C ASN F 534 -56.46 -37.54 -23.53
N CYS F 535 -56.43 -38.35 -24.59
CA CYS F 535 -57.58 -39.18 -24.93
C CYS F 535 -57.79 -40.29 -23.91
N ALA F 536 -56.72 -40.88 -23.39
CA ALA F 536 -56.84 -41.89 -22.35
C ALA F 536 -57.38 -41.31 -21.06
N GLN F 537 -57.00 -40.07 -20.74
CA GLN F 537 -57.58 -39.37 -19.61
C GLN F 537 -59.05 -39.06 -19.85
N PHE F 538 -59.40 -38.69 -21.08
CA PHE F 538 -60.76 -38.28 -21.41
C PHE F 538 -61.70 -39.46 -21.64
N SER F 539 -61.18 -40.68 -21.72
CA SER F 539 -62.04 -41.86 -21.89
C SER F 539 -62.95 -42.11 -20.69
N ASN F 540 -62.68 -41.50 -19.54
CA ASN F 540 -63.54 -41.63 -18.38
C ASN F 540 -64.87 -40.89 -18.55
N ASN F 541 -64.93 -39.91 -19.45
CA ASN F 541 -66.12 -39.12 -19.70
C ASN F 541 -66.90 -39.62 -20.92
N LEU F 542 -66.83 -40.91 -21.19
CA LEU F 542 -67.45 -41.47 -22.39
C LEU F 542 -68.97 -41.42 -22.29
N ASP F 543 -69.52 -41.70 -21.11
CA ASP F 543 -70.97 -41.62 -20.92
C ASP F 543 -71.47 -40.19 -21.10
N TRP F 544 -70.72 -39.22 -20.58
CA TRP F 544 -71.05 -37.81 -20.74
C TRP F 544 -71.03 -37.40 -22.21
N LEU F 545 -69.98 -37.82 -22.93
CA LEU F 545 -69.83 -37.47 -24.34
C LEU F 545 -70.92 -38.10 -25.19
N ILE F 546 -71.25 -39.37 -24.94
CA ILE F 546 -72.30 -40.05 -25.69
C ILE F 546 -73.66 -39.44 -25.34
N SER F 547 -73.90 -39.11 -24.07
CA SER F 547 -75.16 -38.53 -23.65
C SER F 547 -75.39 -37.15 -24.22
N LYS F 548 -74.35 -36.43 -24.60
CA LYS F 548 -74.52 -35.12 -25.23
C LYS F 548 -74.63 -35.20 -26.75
N LEU F 549 -75.11 -36.32 -27.30
CA LEU F 549 -75.26 -36.48 -28.75
C LEU F 549 -76.65 -36.14 -29.27
N ASP F 550 -77.61 -35.84 -28.38
CA ASP F 550 -78.98 -35.64 -28.82
C ASP F 550 -79.18 -34.31 -29.52
N ARG F 551 -78.46 -33.27 -29.10
CA ARG F 551 -78.68 -31.93 -29.60
C ARG F 551 -78.17 -31.77 -31.03
N LEU F 552 -78.85 -30.93 -31.80
CA LEU F 552 -78.48 -30.72 -33.20
C LEU F 552 -77.20 -29.91 -33.33
N GLU F 553 -77.08 -28.81 -32.58
CA GLU F 553 -75.94 -27.92 -32.75
C GLU F 553 -74.66 -28.51 -32.19
N SER F 554 -74.77 -29.37 -31.19
CA SER F 554 -73.60 -29.96 -30.53
C SER F 554 -73.19 -31.31 -31.12
N SER F 555 -73.88 -31.78 -32.16
CA SER F 555 -73.67 -33.15 -32.62
C SER F 555 -72.33 -33.31 -33.34
N SER F 556 -71.98 -32.37 -34.21
CA SER F 556 -70.78 -32.53 -35.04
C SER F 556 -69.51 -32.42 -34.20
N GLY F 557 -69.48 -31.49 -33.24
CA GLY F 557 -68.31 -31.37 -32.38
C GLY F 557 -68.12 -32.57 -31.46
N ILE F 558 -69.23 -33.07 -30.91
CA ILE F 558 -69.18 -34.29 -30.09
C ILE F 558 -68.70 -35.47 -30.92
N LEU F 559 -69.17 -35.56 -32.16
CA LEU F 559 -68.76 -36.66 -33.04
C LEU F 559 -67.27 -36.57 -33.38
N GLU F 560 -66.76 -35.36 -33.61
CA GLU F 560 -65.33 -35.18 -33.88
C GLU F 560 -64.49 -35.53 -32.66
N VAL F 561 -64.90 -35.11 -31.47
CA VAL F 561 -64.18 -35.44 -30.24
C VAL F 561 -64.19 -36.96 -30.01
N LEU F 562 -65.35 -37.59 -30.22
CA LEU F 562 -65.48 -39.03 -30.05
C LEU F 562 -64.59 -39.78 -31.03
N HIS F 563 -64.53 -39.32 -32.28
CA HIS F 563 -63.67 -39.99 -33.25
C HIS F 563 -62.20 -39.82 -32.90
N CYS F 564 -61.80 -38.65 -32.39
CA CYS F 564 -60.42 -38.48 -31.94
C CYS F 564 -60.08 -39.42 -30.80
N ILE F 565 -60.99 -39.57 -29.83
CA ILE F 565 -60.76 -40.47 -28.71
C ILE F 565 -60.67 -41.92 -29.18
N LEU F 566 -61.56 -42.34 -30.08
CA LEU F 566 -61.56 -43.72 -30.55
C LEU F 566 -60.35 -44.03 -31.41
N ILE F 567 -59.84 -43.05 -32.17
CA ILE F 567 -58.63 -43.27 -32.93
C ILE F 567 -57.42 -43.39 -32.01
N GLU F 568 -57.30 -42.47 -31.04
CA GLU F 568 -56.09 -42.46 -30.21
C GLU F 568 -56.16 -43.47 -29.07
N SER F 569 -57.13 -43.31 -28.18
CA SER F 569 -57.20 -44.16 -26.98
C SER F 569 -57.74 -45.54 -27.35
N PRO F 570 -57.04 -46.61 -26.98
CA PRO F 570 -57.56 -47.96 -27.26
C PRO F 570 -58.53 -48.47 -26.20
N GLU F 571 -58.41 -47.96 -24.97
CA GLU F 571 -59.27 -48.42 -23.89
C GLU F 571 -60.69 -47.87 -23.99
N ALA F 572 -60.88 -46.79 -24.77
CA ALA F 572 -62.23 -46.27 -24.99
C ALA F 572 -63.11 -47.27 -25.72
N LEU F 573 -62.51 -48.08 -26.60
CA LEU F 573 -63.26 -49.16 -27.24
C LEU F 573 -63.67 -50.22 -26.23
N ASN F 574 -62.84 -50.47 -25.22
CA ASN F 574 -63.23 -51.38 -24.15
C ASN F 574 -64.34 -50.79 -23.30
N LEU F 575 -64.34 -49.47 -23.13
CA LEU F 575 -65.36 -48.82 -22.30
C LEU F 575 -66.69 -48.62 -23.02
N ILE F 576 -66.78 -48.91 -24.31
CA ILE F 576 -68.00 -48.71 -25.07
C ILE F 576 -69.01 -49.80 -24.71
N ALA F 577 -70.23 -49.39 -24.37
CA ALA F 577 -71.31 -50.29 -24.00
C ALA F 577 -72.33 -50.37 -25.13
N GLU F 578 -73.44 -51.08 -24.86
CA GLU F 578 -74.48 -51.25 -25.87
C GLU F 578 -75.30 -49.98 -26.06
N GLY F 579 -75.56 -49.26 -24.96
CA GLY F 579 -76.33 -48.03 -25.05
C GLY F 579 -75.63 -46.94 -25.86
N HIS F 580 -74.30 -46.90 -25.78
CA HIS F 580 -73.53 -45.95 -26.58
C HIS F 580 -73.67 -46.25 -28.07
N ILE F 581 -73.58 -47.52 -28.45
CA ILE F 581 -73.73 -47.93 -29.84
C ILE F 581 -75.13 -47.65 -30.34
N LYS F 582 -76.14 -47.91 -29.50
CA LYS F 582 -77.52 -47.58 -29.87
C LYS F 582 -77.72 -46.08 -30.00
N SER F 583 -77.06 -45.27 -29.18
CA SER F 583 -77.15 -43.82 -29.31
C SER F 583 -76.52 -43.33 -30.62
N ILE F 584 -75.38 -43.90 -31.01
CA ILE F 584 -74.75 -43.52 -32.26
C ILE F 584 -75.61 -43.93 -33.46
N ILE F 585 -76.20 -45.12 -33.40
CA ILE F 585 -77.08 -45.58 -34.47
C ILE F 585 -78.35 -44.73 -34.53
N SER F 586 -78.89 -44.32 -33.38
CA SER F 586 -80.04 -43.43 -33.38
C SER F 586 -79.70 -42.05 -33.89
N LEU F 587 -78.46 -41.60 -33.67
CA LEU F 587 -77.99 -40.36 -34.28
C LEU F 587 -77.98 -40.48 -35.80
N LEU F 588 -77.52 -41.62 -36.31
CA LEU F 588 -77.57 -41.87 -37.75
C LEU F 588 -79.01 -41.90 -38.26
N ASP F 589 -79.93 -42.43 -37.44
CA ASP F 589 -81.33 -42.53 -37.84
C ASP F 589 -82.03 -41.17 -37.85
N LYS F 590 -81.69 -40.30 -36.90
CA LYS F 590 -82.39 -39.04 -36.74
C LYS F 590 -81.76 -37.86 -37.48
N HIS F 591 -80.48 -37.96 -37.86
CA HIS F 591 -79.82 -36.83 -38.49
C HIS F 591 -79.61 -36.99 -39.99
N GLY F 592 -79.84 -38.18 -40.54
CA GLY F 592 -79.66 -38.41 -41.96
C GLY F 592 -78.48 -39.33 -42.24
N ARG F 593 -78.20 -39.48 -43.52
CA ARG F 593 -77.14 -40.37 -43.98
C ARG F 593 -75.82 -39.62 -43.99
N ASN F 594 -75.12 -39.67 -42.87
CA ASN F 594 -73.80 -39.08 -42.70
C ASN F 594 -72.78 -40.20 -42.57
N HIS F 595 -71.77 -40.20 -43.43
CA HIS F 595 -70.79 -41.28 -43.44
C HIS F 595 -69.75 -41.16 -42.34
N LYS F 596 -69.71 -40.03 -41.63
CA LYS F 596 -68.83 -39.91 -40.47
C LYS F 596 -69.30 -40.81 -39.33
N VAL F 597 -70.61 -41.01 -39.20
CA VAL F 597 -71.14 -41.97 -38.24
C VAL F 597 -70.69 -43.38 -38.59
N LEU F 598 -70.68 -43.71 -39.89
CA LEU F 598 -70.17 -45.00 -40.32
C LEU F 598 -68.67 -45.13 -40.05
N ASP F 599 -67.92 -44.03 -40.18
CA ASP F 599 -66.51 -44.05 -39.84
C ASP F 599 -66.30 -44.30 -38.35
N VAL F 600 -67.15 -43.70 -37.51
CA VAL F 600 -67.08 -43.94 -36.07
C VAL F 600 -67.37 -45.40 -35.76
N LEU F 601 -68.37 -45.99 -36.42
CA LEU F 601 -68.67 -47.40 -36.19
C LEU F 601 -67.54 -48.31 -36.67
N CYS F 602 -66.91 -47.97 -37.80
CA CYS F 602 -65.75 -48.72 -38.29
C CYS F 602 -64.60 -48.64 -37.29
N SER F 603 -64.37 -47.47 -36.71
CA SER F 603 -63.35 -47.33 -35.68
C SER F 603 -63.71 -48.11 -34.42
N LEU F 604 -65.02 -48.25 -34.13
CA LEU F 604 -65.46 -49.07 -33.02
C LEU F 604 -65.21 -50.55 -33.26
N CYS F 605 -65.24 -50.99 -34.52
CA CYS F 605 -65.08 -52.42 -34.79
C CYS F 605 -63.63 -52.88 -34.63
N LEU F 606 -62.66 -52.07 -35.05
CA LEU F 606 -61.27 -52.46 -35.00
C LEU F 606 -60.40 -51.32 -34.46
N CYS F 607 -59.38 -51.70 -33.68
CA CYS F 607 -58.40 -50.75 -33.16
C CYS F 607 -57.01 -51.35 -33.33
N ASN F 608 -56.23 -50.78 -34.25
CA ASN F 608 -54.83 -51.17 -34.50
C ASN F 608 -54.70 -52.66 -34.83
N GLY F 609 -55.61 -53.16 -35.64
CA GLY F 609 -55.57 -54.56 -36.04
C GLY F 609 -56.13 -55.54 -35.04
N VAL F 610 -56.84 -55.08 -34.02
CA VAL F 610 -57.46 -55.94 -33.03
C VAL F 610 -58.97 -55.75 -33.12
N ALA F 611 -59.69 -56.86 -33.30
CA ALA F 611 -61.13 -56.83 -33.52
C ALA F 611 -61.86 -57.04 -32.19
N VAL F 612 -62.72 -56.10 -31.85
CA VAL F 612 -63.55 -56.19 -30.65
C VAL F 612 -64.84 -56.88 -31.04
N ARG F 613 -65.04 -58.11 -30.55
CA ARG F 613 -66.19 -58.91 -30.95
C ARG F 613 -67.50 -58.34 -30.44
N ALA F 614 -67.50 -57.76 -29.24
CA ALA F 614 -68.73 -57.22 -28.67
C ALA F 614 -69.26 -56.07 -29.50
N ASN F 615 -68.39 -55.15 -29.91
CA ASN F 615 -68.81 -54.02 -30.75
C ASN F 615 -69.29 -54.49 -32.12
N GLN F 616 -68.61 -55.46 -32.71
CA GLN F 616 -69.02 -56.01 -34.00
C GLN F 616 -70.41 -56.64 -33.91
N ASN F 617 -70.62 -57.46 -32.88
CA ASN F 617 -71.91 -58.13 -32.71
C ASN F 617 -73.02 -57.13 -32.43
N LEU F 618 -72.76 -56.11 -31.61
CA LEU F 618 -73.78 -55.11 -31.32
C LEU F 618 -74.14 -54.28 -32.55
N ILE F 619 -73.14 -53.89 -33.34
CA ILE F 619 -73.41 -53.14 -34.56
C ILE F 619 -74.19 -53.99 -35.56
N CYS F 620 -73.82 -55.26 -35.70
CA CYS F 620 -74.52 -56.16 -36.61
C CYS F 620 -75.97 -56.40 -36.16
N ASP F 621 -76.19 -56.52 -34.86
CA ASP F 621 -77.53 -56.79 -34.35
C ASP F 621 -78.41 -55.56 -34.27
N ASN F 622 -77.84 -54.35 -34.21
CA ASN F 622 -78.62 -53.14 -34.04
C ASN F 622 -78.63 -52.25 -35.27
N LEU F 623 -77.94 -52.61 -36.35
CA LEU F 623 -77.93 -51.76 -37.53
C LEU F 623 -78.45 -52.49 -38.76
N LEU F 624 -78.12 -53.76 -38.89
CA LEU F 624 -78.45 -54.53 -40.09
C LEU F 624 -79.91 -54.96 -40.23
N PRO F 625 -80.53 -55.65 -39.26
CA PRO F 625 -81.83 -56.29 -39.57
C PRO F 625 -83.00 -55.34 -39.78
N ARG F 626 -82.86 -54.06 -39.40
CA ARG F 626 -83.96 -53.12 -39.62
C ARG F 626 -84.16 -52.83 -41.10
N ARG F 627 -83.06 -52.77 -41.87
CA ARG F 627 -83.07 -52.57 -43.32
C ARG F 627 -83.80 -51.28 -43.72
N ASN F 628 -83.59 -50.21 -42.95
CA ASN F 628 -84.17 -48.92 -43.28
C ASN F 628 -83.22 -47.75 -43.10
N LEU F 629 -81.98 -47.97 -42.68
CA LEU F 629 -80.98 -46.91 -42.59
C LEU F 629 -79.95 -47.00 -43.71
N LEU F 630 -79.40 -48.18 -43.95
CA LEU F 630 -78.46 -48.36 -45.03
C LEU F 630 -79.21 -48.61 -46.34
N LEU F 631 -78.61 -48.13 -47.44
CA LEU F 631 -79.18 -48.38 -48.76
C LEU F 631 -79.07 -49.85 -49.10
N GLN F 632 -80.12 -50.39 -49.72
CA GLN F 632 -80.15 -51.81 -50.01
C GLN F 632 -79.71 -52.06 -51.45
N THR F 633 -79.25 -53.29 -51.72
CA THR F 633 -78.85 -53.68 -53.06
C THR F 633 -79.42 -55.04 -53.38
N ARG F 634 -79.75 -55.26 -54.65
CA ARG F 634 -80.18 -56.57 -55.10
C ARG F 634 -79.92 -56.71 -56.59
N LEU F 635 -80.07 -57.93 -57.09
CA LEU F 635 -80.05 -58.22 -58.52
C LEU F 635 -81.48 -58.47 -58.98
N ILE F 636 -81.95 -57.67 -59.92
CA ILE F 636 -83.33 -57.75 -60.39
C ILE F 636 -83.33 -58.01 -61.90
N ASN F 637 -84.41 -58.59 -62.36
CA ASN F 637 -84.64 -58.86 -63.77
C ASN F 637 -85.27 -57.66 -64.46
N ASP F 638 -84.88 -57.44 -65.71
CA ASP F 638 -85.45 -56.36 -66.50
C ASP F 638 -86.77 -56.79 -67.11
N VAL F 639 -87.75 -55.89 -67.06
CA VAL F 639 -89.11 -56.16 -67.48
C VAL F 639 -89.48 -55.16 -68.57
N THR F 640 -90.08 -55.65 -69.65
CA THR F 640 -90.51 -54.80 -70.76
C THR F 640 -91.99 -55.07 -71.05
N SER F 641 -92.67 -54.03 -71.52
CA SER F 641 -94.08 -54.11 -71.90
C SER F 641 -94.24 -53.93 -73.40
N ILE F 642 -95.13 -54.73 -73.98
CA ILE F 642 -95.42 -54.73 -75.40
C ILE F 642 -96.93 -54.57 -75.58
N ARG F 643 -97.33 -53.69 -76.49
CA ARG F 643 -98.73 -53.42 -76.77
C ARG F 643 -99.01 -53.47 -78.26
N PRO F 644 -100.24 -53.80 -78.65
CA PRO F 644 -100.69 -53.52 -80.01
C PRO F 644 -101.26 -52.10 -80.11
N ASN F 645 -101.30 -51.59 -81.33
CA ASN F 645 -101.76 -50.22 -81.58
C ASN F 645 -103.30 -50.20 -81.65
N ILE F 646 -103.92 -50.49 -80.51
CA ILE F 646 -105.37 -50.52 -80.36
C ILE F 646 -105.70 -49.66 -79.14
N PHE F 647 -106.29 -48.49 -79.38
CA PHE F 647 -106.55 -47.52 -78.33
C PHE F 647 -108.04 -47.27 -78.21
N LEU F 648 -108.54 -47.33 -76.98
CA LEU F 648 -109.97 -47.22 -76.68
C LEU F 648 -110.20 -46.05 -75.73
N GLY F 649 -111.20 -45.23 -76.03
CA GLY F 649 -111.46 -44.04 -75.25
C GLY F 649 -112.92 -43.92 -74.86
N VAL F 650 -113.18 -43.00 -73.94
CA VAL F 650 -114.53 -42.66 -73.49
C VAL F 650 -114.66 -41.15 -73.54
N ALA F 651 -115.65 -40.66 -74.29
CA ALA F 651 -115.90 -39.22 -74.38
C ALA F 651 -117.38 -39.00 -74.65
N GLU F 652 -117.84 -37.81 -74.31
CA GLU F 652 -119.24 -37.45 -74.55
C GLU F 652 -119.47 -37.19 -76.03
N GLY F 653 -120.50 -37.82 -76.58
CA GLY F 653 -120.78 -37.70 -78.00
C GLY F 653 -119.73 -38.33 -78.89
N SER F 654 -119.25 -39.51 -78.53
CA SER F 654 -118.20 -40.19 -79.26
C SER F 654 -118.74 -41.48 -79.87
N ALA F 655 -118.26 -41.79 -81.08
CA ALA F 655 -118.66 -43.02 -81.78
C ALA F 655 -117.66 -44.13 -81.48
N GLN F 656 -117.50 -44.44 -80.20
CA GLN F 656 -116.56 -45.45 -79.72
C GLN F 656 -117.33 -46.49 -78.93
N TYR F 657 -117.20 -47.75 -79.34
CA TYR F 657 -117.81 -48.84 -78.60
C TYR F 657 -117.04 -49.06 -77.29
N LYS F 658 -117.75 -49.60 -76.29
CA LYS F 658 -117.23 -49.61 -74.93
C LYS F 658 -116.86 -50.98 -74.40
N LYS F 659 -117.34 -52.06 -74.98
CA LYS F 659 -117.00 -53.42 -74.55
C LYS F 659 -116.00 -54.01 -75.51
N TRP F 660 -114.85 -54.44 -74.99
CA TRP F 660 -113.76 -54.95 -75.81
C TRP F 660 -113.17 -56.19 -75.17
N TYR F 661 -112.50 -57.00 -75.99
CA TYR F 661 -112.07 -58.33 -75.60
C TYR F 661 -110.84 -58.72 -76.41
N PHE F 662 -109.87 -59.36 -75.76
CA PHE F 662 -108.75 -59.95 -76.50
C PHE F 662 -108.23 -61.15 -75.75
N GLU F 663 -107.32 -61.90 -76.38
CA GLU F 663 -106.76 -63.10 -75.79
C GLU F 663 -105.25 -63.15 -75.97
N LEU F 664 -104.61 -63.87 -75.06
CA LEU F 664 -103.15 -64.08 -75.08
C LEU F 664 -102.87 -65.55 -74.86
N ILE F 665 -102.09 -66.15 -75.76
CA ILE F 665 -101.67 -67.55 -75.63
C ILE F 665 -100.22 -67.57 -75.17
N ILE F 666 -99.94 -68.35 -74.14
CA ILE F 666 -98.58 -68.51 -73.63
C ILE F 666 -98.01 -69.79 -74.23
N ASP F 667 -97.12 -69.65 -75.22
CA ASP F 667 -96.52 -70.83 -75.83
C ASP F 667 -95.48 -71.46 -74.93
N GLN F 668 -94.64 -70.65 -74.30
CA GLN F 668 -93.53 -71.17 -73.51
C GLN F 668 -93.14 -70.17 -72.44
N VAL F 669 -93.04 -70.63 -71.20
CA VAL F 669 -92.50 -69.85 -70.09
C VAL F 669 -91.47 -70.70 -69.37
N ASP F 670 -90.28 -70.13 -69.16
CA ASP F 670 -89.20 -70.77 -68.40
C ASP F 670 -89.09 -70.05 -67.06
N PRO F 671 -89.76 -70.52 -66.02
CA PRO F 671 -89.60 -69.90 -64.70
C PRO F 671 -88.21 -70.19 -64.14
N PHE F 672 -87.73 -69.25 -63.32
CA PHE F 672 -86.42 -69.33 -62.68
C PHE F 672 -85.29 -69.49 -63.69
N LEU F 673 -85.38 -68.74 -64.80
CA LEU F 673 -84.28 -68.68 -65.75
C LEU F 673 -83.06 -68.00 -65.14
N THR F 674 -83.27 -66.92 -64.40
CA THR F 674 -82.19 -66.10 -63.85
C THR F 674 -82.24 -66.06 -62.33
N ALA F 675 -82.59 -67.19 -61.71
CA ALA F 675 -82.71 -67.40 -60.26
C ALA F 675 -83.74 -66.48 -59.60
N GLU F 676 -84.58 -65.83 -60.39
CA GLU F 676 -85.68 -64.98 -59.96
C GLU F 676 -86.91 -65.42 -60.74
N PRO F 677 -88.11 -65.41 -60.14
CA PRO F 677 -89.30 -65.83 -60.87
C PRO F 677 -89.56 -64.96 -62.09
N THR F 678 -89.99 -65.61 -63.17
CA THR F 678 -90.19 -64.92 -64.44
C THR F 678 -91.43 -64.04 -64.37
N HIS F 679 -91.24 -62.76 -64.66
CA HIS F 679 -92.36 -61.84 -64.74
C HIS F 679 -93.18 -62.15 -65.99
N LEU F 680 -94.50 -62.27 -65.81
CA LEU F 680 -95.41 -62.38 -66.95
C LEU F 680 -96.79 -61.94 -66.49
N ARG F 681 -97.21 -60.75 -66.91
CA ARG F 681 -98.53 -60.23 -66.59
C ARG F 681 -99.19 -59.72 -67.87
N VAL F 682 -100.51 -59.82 -67.92
CA VAL F 682 -101.27 -59.40 -69.09
C VAL F 682 -102.46 -58.58 -68.61
N GLY F 683 -102.79 -57.52 -69.34
CA GLY F 683 -103.98 -56.76 -68.96
C GLY F 683 -104.15 -55.51 -69.79
N TRP F 684 -104.73 -54.50 -69.15
CA TRP F 684 -105.10 -53.25 -69.81
C TRP F 684 -104.37 -52.09 -69.16
N ALA F 685 -103.82 -51.21 -69.98
CA ALA F 685 -103.16 -50.03 -69.44
C ALA F 685 -103.73 -48.78 -70.08
N SER F 686 -103.85 -47.72 -69.27
CA SER F 686 -104.35 -46.44 -69.73
C SER F 686 -103.19 -45.55 -70.15
N SER F 687 -103.40 -44.78 -71.21
CA SER F 687 -102.37 -43.90 -71.74
C SER F 687 -102.22 -42.61 -70.94
N SER F 688 -102.97 -42.46 -69.84
CA SER F 688 -102.86 -41.27 -69.02
C SER F 688 -101.50 -41.19 -68.33
N GLY F 689 -101.06 -42.29 -67.71
CA GLY F 689 -99.82 -42.26 -66.97
C GLY F 689 -98.94 -43.50 -67.03
N TYR F 690 -99.35 -44.52 -67.77
CA TYR F 690 -98.57 -45.76 -67.83
C TYR F 690 -97.35 -45.53 -68.71
N ALA F 691 -96.23 -45.19 -68.06
CA ALA F 691 -94.97 -44.91 -68.75
C ALA F 691 -93.85 -45.69 -68.07
N PRO F 692 -93.76 -47.00 -68.30
CA PRO F 692 -92.69 -47.79 -67.67
C PRO F 692 -91.37 -47.61 -68.39
N TYR F 693 -90.31 -47.42 -67.61
CA TYR F 693 -88.97 -47.33 -68.14
C TYR F 693 -88.13 -48.51 -67.67
N PRO F 694 -87.21 -49.00 -68.50
CA PRO F 694 -86.35 -50.10 -68.06
C PRO F 694 -85.34 -49.63 -67.02
N GLY F 695 -85.16 -50.45 -65.99
CA GLY F 695 -84.23 -50.11 -64.93
C GLY F 695 -84.89 -49.88 -63.59
N GLY F 696 -84.64 -48.71 -62.99
CA GLY F 696 -85.18 -48.38 -61.70
C GLY F 696 -86.65 -48.02 -61.77
N GLY F 697 -87.20 -47.75 -60.60
CA GLY F 697 -88.60 -47.40 -60.50
C GLY F 697 -89.10 -47.58 -59.07
N GLU F 698 -90.41 -47.58 -58.93
CA GLU F 698 -91.03 -47.75 -57.62
C GLU F 698 -90.81 -49.16 -57.10
N GLY F 699 -90.65 -49.27 -55.80
CA GLY F 699 -90.41 -50.58 -55.20
C GLY F 699 -89.01 -51.06 -55.50
N TRP F 700 -88.91 -52.28 -56.04
CA TRP F 700 -87.63 -52.88 -56.38
C TRP F 700 -87.44 -52.97 -57.90
N GLY F 701 -88.10 -52.09 -58.65
CA GLY F 701 -87.97 -52.13 -60.08
C GLY F 701 -88.74 -53.28 -60.69
N GLY F 702 -88.45 -53.51 -61.98
CA GLY F 702 -89.17 -54.53 -62.73
C GLY F 702 -90.62 -54.21 -62.90
N ASN F 703 -90.92 -52.97 -63.27
CA ASN F 703 -92.28 -52.48 -63.29
C ASN F 703 -93.03 -52.99 -64.51
N GLY F 704 -94.19 -53.57 -64.28
CA GLY F 704 -95.01 -54.13 -65.33
C GLY F 704 -96.45 -53.67 -65.21
N VAL F 705 -97.37 -54.52 -65.67
CA VAL F 705 -98.79 -54.20 -65.63
C VAL F 705 -99.27 -54.36 -64.20
N GLY F 706 -99.85 -53.30 -63.64
CA GLY F 706 -100.32 -53.32 -62.29
C GLY F 706 -99.36 -52.78 -61.26
N ASP F 707 -98.25 -52.21 -61.69
CA ASP F 707 -97.30 -51.60 -60.77
C ASP F 707 -97.51 -50.10 -60.62
N ASP F 708 -98.55 -49.55 -61.25
CA ASP F 708 -99.04 -48.22 -60.99
C ASP F 708 -100.55 -48.25 -61.10
N LEU F 709 -101.19 -47.11 -60.84
CA LEU F 709 -102.64 -47.02 -60.86
C LEU F 709 -103.19 -46.76 -62.26
N TYR F 710 -102.36 -46.88 -63.29
CA TYR F 710 -102.80 -46.75 -64.67
C TYR F 710 -102.79 -48.06 -65.43
N SER F 711 -102.41 -49.15 -64.78
CA SER F 711 -102.36 -50.46 -65.42
C SER F 711 -103.03 -51.48 -64.53
N TYR F 712 -103.71 -52.44 -65.15
CA TYR F 712 -104.52 -53.44 -64.45
C TYR F 712 -104.19 -54.78 -65.07
N GLY F 713 -103.56 -55.66 -64.29
CA GLY F 713 -102.94 -56.84 -64.83
C GLY F 713 -103.27 -58.10 -64.06
N PHE F 714 -103.01 -59.23 -64.72
CA PHE F 714 -103.27 -60.55 -64.20
C PHE F 714 -102.05 -61.41 -64.48
N ASP F 715 -101.63 -62.21 -63.50
CA ASP F 715 -100.44 -63.03 -63.61
C ASP F 715 -100.72 -64.52 -63.40
N GLY F 716 -101.99 -64.91 -63.28
CA GLY F 716 -102.37 -66.28 -63.05
C GLY F 716 -102.82 -66.57 -61.63
N LEU F 717 -102.34 -65.80 -60.66
CA LEU F 717 -102.69 -65.99 -59.26
C LEU F 717 -103.29 -64.74 -58.64
N HIS F 718 -102.77 -63.57 -58.95
CA HIS F 718 -103.17 -62.33 -58.29
C HIS F 718 -103.71 -61.33 -59.29
N LEU F 719 -104.41 -60.33 -58.75
CA LEU F 719 -104.77 -59.13 -59.48
C LEU F 719 -103.86 -58.00 -59.01
N TRP F 720 -103.23 -57.32 -59.97
CA TRP F 720 -102.23 -56.30 -59.69
C TRP F 720 -102.75 -54.93 -60.11
N SER F 721 -102.70 -53.98 -59.18
CA SER F 721 -102.93 -52.58 -59.48
C SER F 721 -102.32 -51.74 -58.37
N GLY F 722 -101.51 -50.76 -58.74
CA GLY F 722 -100.82 -49.96 -57.75
C GLY F 722 -99.70 -50.70 -57.04
N ARG F 723 -99.11 -51.70 -57.72
CA ARG F 723 -98.02 -52.54 -57.19
C ARG F 723 -98.42 -53.26 -55.90
N ILE F 724 -99.69 -53.63 -55.78
CA ILE F 724 -100.18 -54.38 -54.64
C ILE F 724 -100.98 -55.57 -55.15
N PRO F 725 -100.54 -56.81 -54.91
CA PRO F 725 -101.29 -57.96 -55.40
C PRO F 725 -102.43 -58.34 -54.47
N ARG F 726 -103.50 -58.85 -55.08
CA ARG F 726 -104.61 -59.43 -54.35
C ARG F 726 -104.83 -60.85 -54.87
N ALA F 727 -104.71 -61.83 -53.98
CA ALA F 727 -104.90 -63.22 -54.39
C ALA F 727 -106.36 -63.48 -54.67
N VAL F 728 -106.64 -64.09 -55.83
CA VAL F 728 -108.00 -64.31 -56.29
C VAL F 728 -108.17 -65.78 -56.64
N ALA F 729 -109.22 -66.40 -56.11
CA ALA F 729 -109.47 -67.81 -56.34
C ALA F 729 -109.93 -68.06 -57.77
N SER F 730 -109.57 -69.23 -58.29
CA SER F 730 -110.00 -69.67 -59.62
C SER F 730 -109.93 -71.18 -59.66
N ILE F 731 -110.53 -71.75 -60.70
CA ILE F 731 -110.53 -73.21 -60.86
C ILE F 731 -109.14 -73.66 -61.29
N ASN F 732 -108.49 -74.47 -60.45
CA ASN F 732 -107.12 -74.96 -60.64
C ASN F 732 -106.14 -73.80 -60.84
N LEU F 733 -106.02 -72.99 -59.79
CA LEU F 733 -105.22 -71.78 -59.86
C LEU F 733 -103.73 -72.11 -59.94
N HIS F 734 -103.04 -71.46 -60.87
CA HIS F 734 -101.60 -71.61 -61.03
C HIS F 734 -101.07 -70.38 -61.77
N LEU F 735 -99.75 -70.21 -61.74
CA LEU F 735 -99.12 -69.17 -62.52
C LEU F 735 -99.26 -69.47 -64.01
N LEU F 736 -99.08 -68.43 -64.83
CA LEU F 736 -99.23 -68.56 -66.27
C LEU F 736 -98.13 -69.45 -66.82
N ARG F 737 -98.49 -70.68 -67.15
CA ARG F 737 -97.57 -71.66 -67.72
C ARG F 737 -97.85 -71.80 -69.22
N SER F 738 -97.16 -72.75 -69.84
CA SER F 738 -97.30 -72.95 -71.28
C SER F 738 -98.68 -73.49 -71.62
N ASP F 739 -99.12 -73.18 -72.85
CA ASP F 739 -100.43 -73.58 -73.38
C ASP F 739 -101.58 -73.07 -72.52
N ASP F 740 -101.44 -71.85 -72.01
CA ASP F 740 -102.49 -71.18 -71.25
C ASP F 740 -103.05 -70.03 -72.08
N VAL F 741 -104.38 -69.92 -72.12
CA VAL F 741 -105.05 -68.86 -72.85
C VAL F 741 -105.72 -67.94 -71.83
N VAL F 742 -105.34 -66.67 -71.86
CA VAL F 742 -105.88 -65.67 -70.95
C VAL F 742 -106.74 -64.72 -71.76
N SER F 743 -108.01 -64.59 -71.36
CA SER F 743 -108.96 -63.72 -72.03
C SER F 743 -109.21 -62.50 -71.16
N CYS F 744 -109.02 -61.31 -71.73
CA CYS F 744 -109.20 -60.07 -71.00
C CYS F 744 -110.36 -59.30 -71.61
N CYS F 745 -111.27 -58.85 -70.74
CA CYS F 745 -112.47 -58.13 -71.13
C CYS F 745 -112.51 -56.78 -70.43
N LEU F 746 -112.73 -55.72 -71.21
CA LEU F 746 -112.79 -54.35 -70.69
C LEU F 746 -114.15 -53.76 -71.05
N ASP F 747 -114.90 -53.35 -70.04
CA ASP F 747 -116.21 -52.72 -70.23
C ASP F 747 -116.06 -51.27 -69.77
N LEU F 748 -115.78 -50.38 -70.73
CA LEU F 748 -115.52 -48.98 -70.42
C LEU F 748 -116.74 -48.22 -69.91
N GLY F 749 -117.94 -48.79 -70.04
CA GLY F 749 -119.12 -48.09 -69.59
C GLY F 749 -119.23 -48.00 -68.08
N VAL F 750 -118.98 -49.10 -67.38
CA VAL F 750 -119.19 -49.19 -65.94
C VAL F 750 -118.24 -48.29 -65.14
N PRO F 751 -116.89 -48.30 -65.33
CA PRO F 751 -115.99 -49.19 -66.09
C PRO F 751 -115.62 -50.43 -65.30
N SER F 752 -115.19 -51.50 -65.96
CA SER F 752 -114.82 -52.73 -65.28
C SER F 752 -113.85 -53.51 -66.14
N ILE F 753 -113.02 -54.30 -65.48
CA ILE F 753 -112.04 -55.17 -66.15
C ILE F 753 -112.13 -56.55 -65.54
N SER F 754 -112.29 -57.57 -66.39
CA SER F 754 -112.42 -58.94 -65.94
C SER F 754 -111.51 -59.85 -66.76
N PHE F 755 -111.19 -61.00 -66.18
CA PHE F 755 -110.26 -61.95 -66.78
C PHE F 755 -110.85 -63.35 -66.73
N ARG F 756 -110.43 -64.16 -67.70
CA ARG F 756 -110.76 -65.58 -67.76
C ARG F 756 -109.50 -66.34 -68.10
N ILE F 757 -109.35 -67.54 -67.54
CA ILE F 757 -108.19 -68.38 -67.81
C ILE F 757 -108.69 -69.74 -68.30
N ASN F 758 -108.30 -70.09 -69.53
CA ASN F 758 -108.71 -71.33 -70.20
C ASN F 758 -110.23 -71.48 -70.27
N GLY F 759 -110.94 -70.35 -70.43
CA GLY F 759 -112.37 -70.33 -70.42
C GLY F 759 -113.02 -70.25 -69.05
N GLN F 760 -112.28 -70.58 -68.01
CA GLN F 760 -112.79 -70.49 -66.65
C GLN F 760 -112.72 -69.05 -66.15
N PRO F 761 -113.82 -68.49 -65.66
CA PRO F 761 -113.78 -67.10 -65.21
C PRO F 761 -112.99 -66.94 -63.93
N VAL F 762 -112.21 -65.87 -63.87
CA VAL F 762 -111.46 -65.52 -62.66
C VAL F 762 -112.37 -64.73 -61.74
N GLN F 763 -112.42 -65.13 -60.47
CA GLN F 763 -113.40 -64.61 -59.52
C GLN F 763 -112.93 -63.29 -58.89
N GLY F 764 -112.68 -62.32 -59.75
CA GLY F 764 -112.23 -61.01 -59.31
C GLY F 764 -112.21 -60.05 -60.48
N MET F 765 -112.31 -58.77 -60.16
CA MET F 765 -112.40 -57.76 -61.20
C MET F 765 -111.90 -56.42 -60.70
N PHE F 766 -111.62 -55.53 -61.64
CA PHE F 766 -111.28 -54.14 -61.37
C PHE F 766 -112.47 -53.26 -61.73
N GLU F 767 -112.66 -52.20 -60.96
CA GLU F 767 -113.78 -51.28 -61.24
C GLU F 767 -113.46 -49.91 -60.67
N ASN F 768 -114.31 -48.94 -61.05
CA ASN F 768 -114.30 -47.57 -60.53
C ASN F 768 -112.95 -46.88 -60.74
N PHE F 769 -112.37 -47.03 -61.92
CA PHE F 769 -111.13 -46.37 -62.26
C PHE F 769 -111.36 -45.24 -63.25
N ASN F 770 -110.33 -44.42 -63.44
CA ASN F 770 -110.42 -43.27 -64.32
C ASN F 770 -110.50 -43.71 -65.78
N THR F 771 -111.49 -43.19 -66.49
CA THR F 771 -111.69 -43.50 -67.91
C THR F 771 -111.04 -42.46 -68.82
N ASP F 772 -110.35 -41.48 -68.27
CA ASP F 772 -109.62 -40.52 -69.09
C ASP F 772 -108.40 -41.21 -69.70
N GLY F 773 -108.03 -40.75 -70.89
CA GLY F 773 -106.94 -41.36 -71.63
C GLY F 773 -107.40 -42.57 -72.41
N LEU F 774 -106.48 -43.11 -73.19
CA LEU F 774 -106.75 -44.22 -74.09
C LEU F 774 -106.31 -45.53 -73.45
N PHE F 775 -107.16 -46.55 -73.55
CA PHE F 775 -106.87 -47.86 -73.00
C PHE F 775 -106.35 -48.78 -74.09
N PHE F 776 -105.32 -49.55 -73.76
CA PHE F 776 -104.74 -50.47 -74.72
C PHE F 776 -104.40 -51.79 -74.05
N PRO F 777 -104.46 -52.90 -74.79
CA PRO F 777 -103.92 -54.16 -74.28
C PRO F 777 -102.42 -54.08 -74.10
N VAL F 778 -101.91 -54.80 -73.11
CA VAL F 778 -100.48 -54.76 -72.81
C VAL F 778 -100.08 -56.08 -72.15
N VAL F 779 -98.86 -56.52 -72.46
CA VAL F 779 -98.25 -57.64 -71.75
C VAL F 779 -96.87 -57.20 -71.26
N SER F 780 -96.56 -57.48 -70.00
CA SER F 780 -95.26 -57.18 -69.45
C SER F 780 -94.58 -58.48 -69.07
N PHE F 781 -93.27 -58.54 -69.30
CA PHE F 781 -92.56 -59.81 -69.15
C PHE F 781 -91.09 -59.55 -68.85
N SER F 782 -90.44 -60.57 -68.32
CA SER F 782 -89.00 -60.66 -68.27
C SER F 782 -88.56 -61.67 -69.32
N ALA F 783 -87.25 -61.96 -69.35
CA ALA F 783 -86.71 -62.85 -70.36
C ALA F 783 -87.14 -64.30 -70.12
N GLY F 784 -87.32 -65.03 -71.21
CA GLY F 784 -87.71 -66.42 -71.16
C GLY F 784 -89.17 -66.70 -71.42
N VAL F 785 -89.82 -65.91 -72.28
CA VAL F 785 -91.24 -66.08 -72.56
C VAL F 785 -91.47 -66.08 -74.07
N LYS F 786 -92.56 -66.74 -74.47
CA LYS F 786 -93.11 -66.65 -75.82
C LYS F 786 -94.62 -66.55 -75.70
N VAL F 787 -95.20 -65.47 -76.20
CA VAL F 787 -96.63 -65.24 -76.12
C VAL F 787 -97.16 -64.83 -77.49
N ARG F 788 -98.47 -64.95 -77.65
CA ARG F 788 -99.14 -64.56 -78.89
C ARG F 788 -100.42 -63.79 -78.58
N PHE F 789 -100.53 -62.61 -79.18
CA PHE F 789 -101.76 -61.82 -79.13
C PHE F 789 -102.76 -62.35 -80.15
N LEU F 790 -104.02 -62.47 -79.71
CA LEU F 790 -105.16 -62.74 -80.58
C LEU F 790 -106.18 -61.64 -80.37
N THR F 791 -106.50 -60.92 -81.45
CA THR F 791 -107.48 -59.84 -81.40
C THR F 791 -108.67 -60.10 -82.31
N GLY F 792 -108.80 -61.30 -82.87
CA GLY F 792 -109.94 -61.65 -83.68
C GLY F 792 -109.76 -61.29 -85.15
N GLY F 793 -110.60 -61.90 -85.98
CA GLY F 793 -110.57 -61.61 -87.40
C GLY F 793 -109.35 -62.22 -88.06
N ARG F 794 -108.67 -61.42 -88.88
CA ARG F 794 -107.45 -61.83 -89.56
C ARG F 794 -106.20 -61.63 -88.71
N HIS F 795 -106.37 -61.37 -87.42
CA HIS F 795 -105.26 -61.10 -86.51
C HIS F 795 -105.32 -62.03 -85.31
N GLY F 796 -105.55 -63.31 -85.56
CA GLY F 796 -105.58 -64.29 -84.50
C GLY F 796 -106.96 -64.81 -84.17
N GLU F 797 -107.24 -66.06 -84.52
CA GLU F 797 -108.53 -66.66 -84.23
C GLU F 797 -108.63 -66.98 -82.74
N PHE F 798 -109.75 -66.60 -82.13
CA PHE F 798 -109.96 -66.84 -80.72
C PHE F 798 -110.12 -68.32 -80.43
N LYS F 799 -109.47 -68.79 -79.37
CA LYS F 799 -109.65 -70.17 -78.93
C LYS F 799 -110.92 -70.36 -78.10
N PHE F 800 -111.52 -69.27 -77.62
CA PHE F 800 -112.75 -69.33 -76.84
C PHE F 800 -113.71 -68.27 -77.33
N LEU F 801 -114.98 -68.50 -77.05
CA LEU F 801 -116.03 -67.58 -77.48
C LEU F 801 -116.02 -66.35 -76.58
N PRO F 802 -115.99 -65.14 -77.15
CA PRO F 802 -116.08 -63.92 -76.34
C PRO F 802 -117.45 -63.82 -75.67
N PRO F 803 -117.54 -63.11 -74.55
CA PRO F 803 -118.83 -62.93 -73.89
C PRO F 803 -119.77 -62.07 -74.73
N SER F 804 -121.05 -62.11 -74.35
CA SER F 804 -122.09 -61.41 -75.11
C SER F 804 -121.93 -59.91 -74.99
N GLY F 805 -121.88 -59.24 -76.14
CA GLY F 805 -121.73 -57.80 -76.19
C GLY F 805 -120.29 -57.32 -76.31
N TYR F 806 -119.31 -58.19 -76.11
CA TYR F 806 -117.90 -57.79 -76.14
C TYR F 806 -117.35 -57.96 -77.56
N ALA F 807 -116.84 -56.88 -78.11
CA ALA F 807 -116.30 -56.87 -79.45
C ALA F 807 -114.81 -57.19 -79.45
N PRO F 808 -114.30 -57.87 -80.47
CA PRO F 808 -112.85 -58.08 -80.58
C PRO F 808 -112.12 -56.77 -80.83
N CYS F 809 -110.86 -56.73 -80.39
CA CYS F 809 -110.10 -55.50 -80.40
C CYS F 809 -109.70 -55.06 -81.81
N TYR F 810 -109.62 -55.99 -82.77
CA TYR F 810 -109.21 -55.65 -84.13
C TYR F 810 -110.24 -54.76 -84.83
N GLU F 811 -111.48 -54.74 -84.35
CA GLU F 811 -112.48 -53.82 -84.88
C GLU F 811 -112.22 -52.38 -84.46
N ALA F 812 -111.33 -52.14 -83.51
CA ALA F 812 -111.02 -50.77 -83.10
C ALA F 812 -109.98 -50.11 -84.01
N LEU F 813 -109.40 -50.85 -84.95
CA LEU F 813 -108.43 -50.27 -85.85
C LEU F 813 -109.09 -49.36 -86.87
N LEU F 814 -108.37 -48.29 -87.23
CA LEU F 814 -108.80 -47.44 -88.32
C LEU F 814 -108.71 -48.20 -89.64
N PRO F 815 -109.59 -47.87 -90.60
CA PRO F 815 -109.48 -48.51 -91.92
C PRO F 815 -108.15 -48.24 -92.63
N LYS F 816 -107.58 -47.05 -92.45
CA LYS F 816 -106.28 -46.72 -93.01
C LYS F 816 -105.17 -46.93 -91.98
N GLU F 817 -105.09 -48.15 -91.47
CA GLU F 817 -104.09 -48.51 -90.47
C GLU F 817 -103.83 -50.00 -90.53
N LYS F 818 -102.63 -50.39 -90.06
CA LYS F 818 -102.23 -51.78 -89.98
C LYS F 818 -101.77 -52.08 -88.57
N MET F 819 -102.09 -53.28 -88.10
CA MET F 819 -101.74 -53.66 -86.73
C MET F 819 -100.25 -53.93 -86.62
N ARG F 820 -99.68 -53.57 -85.48
CA ARG F 820 -98.28 -53.84 -85.18
C ARG F 820 -98.11 -53.96 -83.68
N LEU F 821 -97.01 -54.57 -83.27
CA LEU F 821 -96.63 -54.68 -81.87
C LEU F 821 -95.49 -53.72 -81.58
N GLU F 822 -95.61 -52.96 -80.51
CA GLU F 822 -94.67 -51.88 -80.23
C GLU F 822 -94.41 -51.80 -78.74
N PRO F 823 -93.24 -51.26 -78.34
CA PRO F 823 -93.04 -50.90 -76.94
C PRO F 823 -93.97 -49.78 -76.53
N VAL F 824 -94.35 -49.78 -75.25
CA VAL F 824 -95.23 -48.75 -74.73
C VAL F 824 -94.51 -47.41 -74.68
N LYS F 825 -93.28 -47.41 -74.16
CA LYS F 825 -92.48 -46.20 -74.05
C LYS F 825 -91.09 -46.48 -74.61
N GLU F 826 -90.60 -45.59 -75.46
CA GLU F 826 -89.25 -45.72 -75.98
C GLU F 826 -88.66 -44.34 -76.24
N TYR F 827 -87.41 -44.16 -75.80
CA TYR F 827 -86.64 -42.96 -76.10
C TYR F 827 -85.49 -43.24 -77.05
N LYS F 828 -85.35 -44.48 -77.52
CA LYS F 828 -84.32 -44.84 -78.48
C LYS F 828 -84.82 -46.02 -79.30
N ARG F 829 -84.22 -46.20 -80.46
CA ARG F 829 -84.61 -47.25 -81.39
C ARG F 829 -83.36 -47.80 -82.05
N ASP F 830 -83.10 -49.09 -81.88
CA ASP F 830 -81.91 -49.72 -82.43
C ASP F 830 -82.29 -50.54 -83.66
N ALA F 831 -81.62 -50.27 -84.77
CA ALA F 831 -81.85 -50.98 -86.02
C ALA F 831 -80.51 -51.19 -86.70
N GLU F 832 -80.17 -52.47 -86.92
CA GLU F 832 -78.93 -52.87 -87.61
C GLU F 832 -77.68 -52.31 -86.94
N GLY F 833 -77.72 -52.21 -85.61
CA GLY F 833 -76.59 -51.67 -84.87
C GLY F 833 -76.53 -50.16 -84.83
N ILE F 834 -77.54 -49.47 -85.36
CA ILE F 834 -77.57 -48.01 -85.39
C ILE F 834 -78.68 -47.55 -84.44
N ARG F 835 -78.35 -46.63 -83.55
CA ARG F 835 -79.29 -46.15 -82.54
C ARG F 835 -79.81 -44.76 -82.91
N ASP F 836 -81.12 -44.61 -82.94
CA ASP F 836 -81.79 -43.34 -83.13
C ASP F 836 -82.34 -42.86 -81.80
N LEU F 837 -82.08 -41.61 -81.46
CA LEU F 837 -82.66 -41.00 -80.27
C LEU F 837 -83.99 -40.36 -80.65
N LEU F 838 -84.98 -40.51 -79.77
CA LEU F 838 -86.35 -40.15 -80.08
C LEU F 838 -86.86 -39.10 -79.11
N GLY F 839 -87.53 -38.08 -79.64
CA GLY F 839 -88.24 -37.12 -78.83
C GLY F 839 -89.61 -37.65 -78.42
N THR F 840 -90.29 -36.87 -77.58
CA THR F 840 -91.58 -37.28 -77.07
C THR F 840 -92.64 -37.17 -78.15
N THR F 841 -93.38 -38.26 -78.37
CA THR F 841 -94.46 -38.28 -79.33
C THR F 841 -95.81 -38.12 -78.63
N GLN F 842 -96.74 -37.46 -79.32
CA GLN F 842 -98.07 -37.23 -78.78
C GLN F 842 -98.93 -38.48 -78.94
N SER F 843 -100.17 -38.40 -78.47
CA SER F 843 -101.08 -39.54 -78.56
C SER F 843 -101.51 -39.76 -80.00
N LEU F 844 -101.44 -41.02 -80.45
CA LEU F 844 -101.76 -41.39 -81.82
C LEU F 844 -102.91 -42.38 -81.84
N SER F 845 -103.69 -42.32 -82.94
CA SER F 845 -104.84 -43.20 -83.17
C SER F 845 -105.86 -43.10 -82.04
N GLN F 846 -106.28 -41.86 -81.74
CA GLN F 846 -107.27 -41.64 -80.70
C GLN F 846 -108.62 -42.23 -81.07
N ALA F 847 -109.00 -42.11 -82.35
CA ALA F 847 -110.28 -42.60 -82.89
C ALA F 847 -111.48 -42.01 -82.14
N SER F 848 -111.35 -40.74 -81.76
CA SER F 848 -112.42 -40.00 -81.10
C SER F 848 -112.97 -39.01 -82.11
N PHE F 849 -114.13 -39.32 -82.69
CA PHE F 849 -114.69 -38.48 -83.73
C PHE F 849 -115.23 -37.18 -83.14
N ILE F 850 -116.20 -37.29 -82.23
CA ILE F 850 -116.84 -36.17 -81.52
C ILE F 850 -117.33 -35.11 -82.50
N PRO F 851 -118.44 -35.36 -83.20
CA PRO F 851 -118.91 -34.39 -84.22
C PRO F 851 -119.34 -33.07 -83.59
N CYS F 852 -118.91 -31.97 -84.19
CA CYS F 852 -119.20 -30.63 -83.71
C CYS F 852 -119.75 -29.81 -84.87
N PRO F 853 -121.05 -29.92 -85.14
CA PRO F 853 -121.65 -29.13 -86.21
C PRO F 853 -121.71 -27.66 -85.85
N ILE F 854 -121.74 -26.82 -86.90
CA ILE F 854 -121.79 -25.38 -86.70
C ILE F 854 -123.16 -25.00 -86.16
N ASP F 855 -123.17 -24.17 -85.11
CA ASP F 855 -124.40 -23.82 -84.42
C ASP F 855 -125.23 -22.87 -85.28
N THR F 856 -126.38 -23.35 -85.75
CA THR F 856 -127.30 -22.56 -86.56
C THR F 856 -128.62 -22.30 -85.86
N SER F 857 -128.64 -22.41 -84.53
CA SER F 857 -129.88 -22.17 -83.78
C SER F 857 -130.22 -20.69 -83.76
N GLN F 858 -129.23 -19.82 -83.55
CA GLN F 858 -129.45 -18.39 -83.47
C GLN F 858 -129.35 -17.69 -84.83
N VAL F 859 -129.03 -18.43 -85.89
CA VAL F 859 -128.94 -17.84 -87.22
C VAL F 859 -130.36 -17.60 -87.73
N VAL F 860 -130.67 -16.34 -88.03
CA VAL F 860 -132.02 -15.93 -88.44
C VAL F 860 -131.99 -15.58 -89.91
N LEU F 861 -132.84 -16.25 -90.68
CA LEU F 861 -132.92 -15.97 -92.11
C LEU F 861 -133.68 -14.66 -92.34
N PRO F 862 -133.17 -13.76 -93.17
CA PRO F 862 -133.93 -12.55 -93.49
C PRO F 862 -135.18 -12.88 -94.28
N PRO F 863 -136.24 -12.07 -94.16
CA PRO F 863 -137.48 -12.35 -94.91
C PRO F 863 -137.30 -12.27 -96.43
N HIS F 864 -136.43 -11.40 -96.92
CA HIS F 864 -136.23 -11.28 -98.37
C HIS F 864 -135.50 -12.47 -98.95
N LEU F 865 -134.83 -13.26 -98.11
CA LEU F 865 -134.26 -14.54 -98.53
C LEU F 865 -135.22 -15.69 -98.33
N GLU F 866 -136.46 -15.41 -97.93
CA GLU F 866 -137.43 -16.48 -97.74
C GLU F 866 -137.94 -17.02 -99.06
N LYS F 867 -137.96 -16.18 -100.12
CA LYS F 867 -138.52 -16.58 -101.40
C LYS F 867 -137.73 -17.73 -102.04
N ILE F 868 -136.39 -17.64 -102.00
CA ILE F 868 -135.57 -18.75 -102.48
C ILE F 868 -135.75 -19.97 -101.57
N ARG F 869 -136.09 -19.75 -100.29
CA ARG F 869 -136.45 -20.85 -99.41
C ARG F 869 -137.74 -21.53 -99.89
N ASP F 870 -138.62 -20.79 -100.55
CA ASP F 870 -139.78 -21.37 -101.19
C ASP F 870 -139.49 -21.92 -102.57
N ARG F 871 -138.26 -21.78 -103.08
CA ARG F 871 -137.88 -22.30 -104.38
C ARG F 871 -137.12 -23.60 -104.30
N LEU F 872 -136.02 -23.64 -103.54
CA LEU F 872 -135.19 -24.83 -103.43
C LEU F 872 -135.96 -25.99 -102.84
N ALA F 873 -136.82 -25.71 -101.85
CA ALA F 873 -137.68 -26.74 -101.27
C ALA F 873 -138.61 -27.34 -102.32
N GLU F 874 -139.00 -26.55 -103.32
CA GLU F 874 -139.69 -27.13 -104.47
C GLU F 874 -138.73 -27.95 -105.32
N ASN F 875 -137.55 -27.38 -105.61
CA ASN F 875 -136.63 -27.98 -106.58
C ASN F 875 -136.09 -29.32 -106.10
N ILE F 876 -135.77 -29.42 -104.80
CA ILE F 876 -135.39 -30.70 -104.22
C ILE F 876 -136.51 -31.71 -104.37
N HIS F 877 -137.76 -31.27 -104.16
CA HIS F 877 -138.91 -32.12 -104.43
C HIS F 877 -138.97 -32.51 -105.90
N GLU F 878 -138.61 -31.57 -106.79
CA GLU F 878 -138.45 -31.91 -108.20
C GLU F 878 -137.37 -32.97 -108.38
N LEU F 879 -136.24 -32.81 -107.67
CA LEU F 879 -135.23 -33.86 -107.65
C LEU F 879 -135.73 -35.13 -107.00
N TRP F 880 -136.73 -35.02 -106.12
CA TRP F 880 -137.37 -36.22 -105.58
C TRP F 880 -138.30 -36.87 -106.59
N GLY F 881 -138.82 -36.10 -107.55
CA GLY F 881 -139.82 -36.64 -108.45
C GLY F 881 -139.28 -37.54 -109.53
N MET F 882 -138.50 -36.97 -110.45
CA MET F 882 -138.04 -37.71 -111.63
C MET F 882 -137.11 -38.86 -111.25
N ASN F 883 -136.37 -38.71 -110.14
CA ASN F 883 -135.54 -39.80 -109.65
C ASN F 883 -136.40 -41.02 -109.29
N LYS F 884 -137.56 -40.79 -108.67
CA LYS F 884 -138.48 -41.90 -108.41
C LYS F 884 -139.04 -42.46 -109.72
N ILE F 885 -139.09 -41.65 -110.77
CA ILE F 885 -139.42 -42.17 -112.09
C ILE F 885 -138.29 -43.04 -112.61
N GLU F 886 -137.04 -42.67 -112.32
CA GLU F 886 -135.90 -43.48 -112.77
C GLU F 886 -135.79 -44.77 -111.98
N LEU F 887 -136.28 -44.79 -110.73
CA LEU F 887 -136.25 -46.00 -109.92
C LEU F 887 -137.36 -46.98 -110.26
N GLY F 888 -138.33 -46.59 -111.08
CA GLY F 888 -139.44 -47.44 -111.43
C GLY F 888 -140.69 -47.27 -110.60
N TRP F 889 -140.74 -46.26 -109.74
CA TRP F 889 -141.93 -46.03 -108.93
C TRP F 889 -143.06 -45.44 -109.76
N THR F 890 -144.27 -45.88 -109.49
CA THR F 890 -145.47 -45.38 -110.14
C THR F 890 -146.27 -44.51 -109.16
N PHE F 891 -147.39 -43.97 -109.64
CA PHE F 891 -148.24 -43.10 -108.84
C PHE F 891 -149.54 -43.80 -108.49
N GLY F 892 -149.94 -43.69 -107.22
CA GLY F 892 -151.19 -44.26 -106.78
C GLY F 892 -151.67 -43.56 -105.52
N LYS F 893 -152.96 -43.72 -105.23
CA LYS F 893 -153.55 -43.12 -104.05
C LYS F 893 -153.16 -43.85 -102.77
N ILE F 894 -152.70 -45.10 -102.88
CA ILE F 894 -152.34 -45.93 -101.73
C ILE F 894 -150.87 -46.28 -101.84
N ARG F 895 -150.13 -46.08 -100.75
CA ARG F 895 -148.73 -46.45 -100.70
C ARG F 895 -148.61 -47.98 -100.73
N ASP F 896 -147.78 -48.49 -101.64
CA ASP F 896 -147.61 -49.93 -101.80
C ASP F 896 -146.27 -50.18 -102.48
N ASP F 897 -145.39 -50.90 -101.81
CA ASP F 897 -144.06 -51.16 -102.34
C ASP F 897 -144.02 -52.29 -103.35
N ASN F 898 -145.08 -53.11 -103.44
CA ASN F 898 -145.09 -54.21 -104.39
C ASN F 898 -145.24 -53.68 -105.82
N LYS F 899 -146.18 -52.77 -106.04
CA LYS F 899 -146.35 -52.13 -107.33
C LYS F 899 -145.62 -50.79 -107.42
N ARG F 900 -144.91 -50.40 -106.36
CA ARG F 900 -144.11 -49.18 -106.29
C ARG F 900 -144.98 -47.94 -106.54
N GLN F 901 -146.00 -47.78 -105.70
CA GLN F 901 -146.90 -46.64 -105.77
C GLN F 901 -146.68 -45.75 -104.56
N HIS F 902 -146.42 -44.47 -104.80
CA HIS F 902 -146.18 -43.52 -103.74
C HIS F 902 -147.19 -42.38 -103.85
N PRO F 903 -147.95 -42.08 -102.78
CA PRO F 903 -148.99 -41.04 -102.87
C PRO F 903 -148.45 -39.63 -102.86
N CYS F 904 -147.15 -39.42 -102.63
CA CYS F 904 -146.57 -38.09 -102.56
C CYS F 904 -146.03 -37.60 -103.89
N LEU F 905 -146.22 -38.37 -104.97
CA LEU F 905 -145.74 -37.98 -106.31
C LEU F 905 -146.75 -37.02 -106.95
N VAL F 906 -146.84 -35.83 -106.38
CA VAL F 906 -147.74 -34.78 -106.84
C VAL F 906 -146.95 -33.48 -106.89
N GLU F 907 -147.64 -32.41 -107.32
CA GLU F 907 -147.03 -31.10 -107.37
C GLU F 907 -146.85 -30.54 -105.95
N PHE F 908 -146.04 -29.48 -105.86
CA PHE F 908 -145.71 -28.91 -104.56
C PHE F 908 -146.92 -28.24 -103.92
N SER F 909 -147.85 -27.71 -104.73
CA SER F 909 -149.06 -27.13 -104.18
C SER F 909 -149.98 -28.20 -103.58
N LYS F 910 -149.99 -29.39 -104.17
CA LYS F 910 -150.82 -30.49 -103.68
C LYS F 910 -150.08 -31.41 -102.72
N LEU F 911 -148.85 -31.08 -102.34
CA LEU F 911 -148.13 -31.87 -101.37
C LEU F 911 -148.77 -31.73 -99.98
N PRO F 912 -148.68 -32.77 -99.16
CA PRO F 912 -149.21 -32.66 -97.78
C PRO F 912 -148.34 -31.74 -96.94
N GLU F 913 -148.88 -31.39 -95.76
CA GLU F 913 -148.20 -30.44 -94.88
C GLU F 913 -146.89 -31.00 -94.33
N THR F 914 -146.82 -32.31 -94.10
CA THR F 914 -145.61 -32.90 -93.55
C THR F 914 -144.45 -32.84 -94.54
N GLU F 915 -144.70 -33.22 -95.80
CA GLU F 915 -143.66 -33.16 -96.82
C GLU F 915 -143.24 -31.73 -97.12
N LYS F 916 -144.22 -30.81 -97.18
CA LYS F 916 -143.90 -29.40 -97.41
C LYS F 916 -143.07 -28.82 -96.28
N ASN F 917 -143.43 -29.14 -95.03
CA ASN F 917 -142.66 -28.65 -93.90
C ASN F 917 -141.27 -29.28 -93.85
N TYR F 918 -141.15 -30.55 -94.24
CA TYR F 918 -139.83 -31.19 -94.29
C TYR F 918 -138.94 -30.54 -95.34
N ASN F 919 -139.48 -30.24 -96.52
CA ASN F 919 -138.71 -29.57 -97.55
C ASN F 919 -138.32 -28.16 -97.13
N LEU F 920 -139.25 -27.44 -96.50
CA LEU F 920 -138.96 -26.09 -96.02
C LEU F 920 -137.89 -26.10 -94.93
N GLN F 921 -137.94 -27.08 -94.02
CA GLN F 921 -136.95 -27.17 -92.96
C GLN F 921 -135.59 -27.59 -93.51
N MET F 922 -135.57 -28.45 -94.53
CA MET F 922 -134.30 -28.81 -95.17
C MET F 922 -133.67 -27.60 -95.86
N SER F 923 -134.46 -26.82 -96.59
CA SER F 923 -133.95 -25.61 -97.22
C SER F 923 -133.52 -24.58 -96.17
N THR F 924 -134.26 -24.48 -95.06
CA THR F 924 -133.90 -23.56 -93.99
C THR F 924 -132.58 -23.96 -93.33
N GLU F 925 -132.38 -25.26 -93.10
CA GLU F 925 -131.12 -25.72 -92.52
C GLU F 925 -129.96 -25.50 -93.49
N THR F 926 -130.18 -25.70 -94.78
CA THR F 926 -129.13 -25.43 -95.77
C THR F 926 -128.77 -23.94 -95.79
N LEU F 927 -129.79 -23.07 -95.76
CA LEU F 927 -129.54 -21.63 -95.76
C LEU F 927 -128.85 -21.18 -94.48
N LYS F 928 -129.24 -21.74 -93.33
CA LYS F 928 -128.58 -21.41 -92.07
C LYS F 928 -127.15 -21.90 -92.03
N THR F 929 -126.88 -23.08 -92.61
CA THR F 929 -125.50 -23.57 -92.71
C THR F 929 -124.65 -22.68 -93.60
N LEU F 930 -125.23 -22.19 -94.70
CA LEU F 930 -124.50 -21.26 -95.56
C LEU F 930 -124.26 -19.93 -94.87
N LEU F 931 -125.25 -19.44 -94.11
CA LEU F 931 -125.11 -18.15 -93.43
C LEU F 931 -124.18 -18.22 -92.22
N ALA F 932 -124.04 -19.39 -91.60
CA ALA F 932 -123.17 -19.52 -90.44
C ALA F 932 -121.69 -19.42 -90.82
N LEU F 933 -121.36 -19.61 -92.09
CA LEU F 933 -119.99 -19.42 -92.58
C LEU F 933 -119.69 -17.96 -92.90
N GLY F 934 -120.65 -17.06 -92.71
CA GLY F 934 -120.47 -15.66 -93.04
C GLY F 934 -120.74 -15.30 -94.49
N CYS F 935 -121.30 -16.22 -95.27
CA CYS F 935 -121.58 -15.94 -96.67
C CYS F 935 -122.68 -14.90 -96.81
N HIS F 936 -122.49 -13.98 -97.75
CA HIS F 936 -123.44 -12.89 -97.99
C HIS F 936 -124.33 -13.27 -99.17
N ILE F 937 -125.61 -13.48 -98.89
CA ILE F 937 -126.58 -13.89 -99.90
C ILE F 937 -127.43 -12.67 -100.27
N ALA F 938 -127.36 -12.26 -101.53
CA ALA F 938 -128.11 -11.11 -102.02
C ALA F 938 -128.61 -11.39 -103.42
N HIS F 939 -129.72 -10.75 -103.76
CA HIS F 939 -130.32 -10.88 -105.09
C HIS F 939 -129.88 -9.71 -105.96
N VAL F 940 -128.60 -9.71 -106.29
CA VAL F 940 -127.99 -8.59 -107.01
C VAL F 940 -128.48 -8.55 -108.46
N ASN F 941 -128.54 -9.70 -109.12
CA ASN F 941 -128.89 -9.79 -110.54
C ASN F 941 -130.11 -10.68 -110.71
N PRO F 942 -131.32 -10.14 -110.62
CA PRO F 942 -132.52 -10.96 -110.83
C PRO F 942 -132.77 -11.32 -112.29
N ALA F 943 -132.04 -10.70 -113.23
CA ALA F 943 -132.28 -10.94 -114.66
C ALA F 943 -131.96 -12.37 -115.07
N ALA F 944 -131.05 -13.03 -114.35
CA ALA F 944 -130.78 -14.44 -114.60
C ALA F 944 -132.01 -15.29 -114.31
N GLU F 945 -132.83 -14.88 -113.33
CA GLU F 945 -134.10 -15.55 -113.10
C GLU F 945 -135.03 -15.40 -114.30
N GLU F 946 -134.91 -14.28 -115.04
CA GLU F 946 -135.63 -14.16 -116.29
C GLU F 946 -135.08 -15.12 -117.34
N ASP F 947 -133.78 -15.41 -117.29
CA ASP F 947 -133.15 -16.35 -118.22
C ASP F 947 -133.21 -17.78 -117.74
N LEU F 948 -133.70 -18.02 -116.53
CA LEU F 948 -133.79 -19.37 -115.99
C LEU F 948 -135.00 -20.10 -116.57
N LYS F 949 -134.78 -21.33 -117.03
CA LYS F 949 -135.86 -22.15 -117.57
C LYS F 949 -135.88 -23.52 -116.90
N LYS F 950 -136.71 -24.43 -117.39
CA LYS F 950 -136.85 -25.76 -116.82
C LYS F 950 -136.67 -26.82 -117.88
N VAL F 951 -136.22 -28.00 -117.46
CA VAL F 951 -135.99 -29.11 -118.36
C VAL F 951 -137.32 -29.74 -118.73
N LYS F 952 -137.58 -29.87 -120.03
CA LYS F 952 -138.81 -30.47 -120.53
C LYS F 952 -138.59 -31.98 -120.63
N LEU F 953 -139.09 -32.72 -119.64
CA LEU F 953 -138.91 -34.16 -119.62
C LEU F 953 -139.80 -34.82 -120.67
N PRO F 954 -139.34 -35.94 -121.25
CA PRO F 954 -140.15 -36.64 -122.26
C PRO F 954 -141.38 -37.35 -121.69
N LYS F 955 -142.09 -38.08 -122.54
CA LYS F 955 -143.39 -38.64 -122.19
C LYS F 955 -143.29 -39.76 -121.14
N ASN F 956 -142.15 -40.43 -121.04
CA ASN F 956 -142.03 -41.52 -120.07
C ASN F 956 -141.93 -41.02 -118.63
N TYR F 957 -141.77 -39.72 -118.41
CA TYR F 957 -141.80 -39.13 -117.08
C TYR F 957 -143.19 -38.69 -116.66
N MET F 958 -144.21 -38.98 -117.48
CA MET F 958 -145.58 -38.63 -117.12
C MET F 958 -146.20 -39.73 -116.27
N MET F 959 -146.95 -39.32 -115.25
CA MET F 959 -147.60 -40.24 -114.33
C MET F 959 -149.06 -40.43 -114.74
N SER F 960 -149.82 -41.16 -113.90
CA SER F 960 -151.22 -41.39 -114.19
C SER F 960 -152.06 -40.15 -114.01
N ASN F 961 -151.68 -39.27 -113.08
CA ASN F 961 -152.41 -38.04 -112.82
C ASN F 961 -151.93 -36.87 -113.67
N GLY F 962 -150.98 -37.10 -114.57
CA GLY F 962 -150.44 -36.03 -115.39
C GLY F 962 -149.36 -35.21 -114.74
N TYR F 963 -148.86 -35.62 -113.58
CA TYR F 963 -147.82 -34.87 -112.87
C TYR F 963 -146.48 -35.13 -113.52
N LYS F 964 -145.94 -34.11 -114.19
CA LYS F 964 -144.61 -34.19 -114.78
C LYS F 964 -143.67 -33.30 -113.99
N PRO F 965 -142.64 -33.84 -113.36
CA PRO F 965 -141.69 -32.99 -112.63
C PRO F 965 -140.91 -32.08 -113.57
N ALA F 966 -140.56 -30.90 -113.06
CA ALA F 966 -139.93 -29.84 -113.85
C ALA F 966 -138.65 -29.38 -113.16
N PRO F 967 -137.55 -30.10 -113.35
CA PRO F 967 -136.26 -29.62 -112.82
C PRO F 967 -135.75 -28.44 -113.61
N LEU F 968 -134.92 -27.63 -112.95
CA LEU F 968 -134.36 -26.45 -113.59
C LEU F 968 -133.27 -26.83 -114.60
N ASP F 969 -133.12 -25.99 -115.62
CA ASP F 969 -132.11 -26.20 -116.65
C ASP F 969 -130.81 -25.58 -116.17
N LEU F 970 -130.10 -26.33 -115.33
CA LEU F 970 -128.86 -25.87 -114.70
C LEU F 970 -127.61 -26.46 -115.36
N SER F 971 -127.74 -27.01 -116.56
CA SER F 971 -126.59 -27.57 -117.25
C SER F 971 -125.60 -26.50 -117.69
N ASP F 972 -126.08 -25.27 -117.90
CA ASP F 972 -125.23 -24.16 -118.25
C ASP F 972 -124.77 -23.34 -117.06
N VAL F 973 -125.13 -23.75 -115.84
CA VAL F 973 -124.72 -23.05 -114.62
C VAL F 973 -123.43 -23.67 -114.13
N LYS F 974 -122.39 -22.85 -113.97
CA LYS F 974 -121.08 -23.28 -113.52
C LYS F 974 -120.79 -22.70 -112.15
N LEU F 975 -120.08 -23.47 -111.32
CA LEU F 975 -119.75 -23.05 -109.97
C LEU F 975 -118.24 -22.82 -109.84
N LEU F 976 -117.89 -21.80 -109.06
CA LEU F 976 -116.49 -21.46 -108.84
C LEU F 976 -115.82 -22.52 -107.96
N PRO F 977 -114.50 -22.66 -108.06
CA PRO F 977 -113.77 -23.55 -107.14
C PRO F 977 -113.90 -23.13 -105.69
N PRO F 978 -113.98 -21.83 -105.34
CA PRO F 978 -114.43 -21.50 -103.97
C PRO F 978 -115.84 -21.99 -103.67
N GLN F 979 -116.74 -21.97 -104.65
CA GLN F 979 -118.07 -22.54 -104.41
C GLN F 979 -118.02 -24.05 -104.31
N GLU F 980 -117.06 -24.69 -104.97
CA GLU F 980 -116.85 -26.12 -104.77
C GLU F 980 -116.33 -26.41 -103.36
N VAL F 981 -115.47 -25.54 -102.84
CA VAL F 981 -115.03 -25.65 -101.45
C VAL F 981 -116.21 -25.46 -100.51
N LEU F 982 -117.11 -24.54 -100.84
CA LEU F 982 -118.34 -24.35 -100.06
C LEU F 982 -119.22 -25.60 -100.10
N VAL F 983 -119.30 -26.25 -101.27
CA VAL F 983 -120.05 -27.51 -101.39
C VAL F 983 -119.44 -28.60 -100.53
N ASP F 984 -118.10 -28.69 -100.53
CA ASP F 984 -117.42 -29.66 -99.68
C ASP F 984 -117.65 -29.39 -98.20
N LYS F 985 -117.65 -28.11 -97.81
CA LYS F 985 -117.92 -27.75 -96.42
C LYS F 985 -119.37 -28.06 -96.03
N LEU F 986 -120.30 -27.86 -96.96
CA LEU F 986 -121.69 -28.22 -96.71
C LEU F 986 -121.85 -29.73 -96.54
N ALA F 987 -121.14 -30.51 -97.36
CA ALA F 987 -121.18 -31.96 -97.23
C ALA F 987 -120.58 -32.41 -95.91
N GLU F 988 -119.48 -31.77 -95.48
CA GLU F 988 -118.86 -32.08 -94.20
C GLU F 988 -119.81 -31.75 -93.04
N ASN F 989 -120.49 -30.60 -93.12
CA ASN F 989 -121.43 -30.22 -92.07
C ASN F 989 -122.63 -31.15 -92.02
N ALA F 990 -123.12 -31.58 -93.18
CA ALA F 990 -124.23 -32.54 -93.21
C ALA F 990 -123.80 -33.88 -92.64
N HIS F 991 -122.57 -34.32 -92.95
CA HIS F 991 -122.05 -35.56 -92.37
C HIS F 991 -121.91 -35.45 -90.86
N ASN F 992 -121.45 -34.30 -90.36
CA ASN F 992 -121.33 -34.10 -88.91
C ASN F 992 -122.70 -34.10 -88.24
N VAL F 993 -123.69 -33.46 -88.87
CA VAL F 993 -125.05 -33.43 -88.31
C VAL F 993 -125.64 -34.84 -88.27
N TRP F 994 -125.49 -35.60 -89.36
CA TRP F 994 -126.01 -36.96 -89.40
C TRP F 994 -125.30 -37.86 -88.39
N ALA F 995 -123.98 -37.71 -88.24
CA ALA F 995 -123.24 -38.50 -87.27
C ALA F 995 -123.63 -38.16 -85.85
N LYS F 996 -123.83 -36.88 -85.54
CA LYS F 996 -124.26 -36.50 -84.20
C LYS F 996 -125.67 -36.98 -83.91
N ASP F 997 -126.55 -36.96 -84.91
CA ASP F 997 -127.89 -37.49 -84.74
C ASP F 997 -127.87 -39.00 -84.49
N ARG F 998 -126.99 -39.72 -85.19
CA ARG F 998 -126.88 -41.16 -84.96
C ARG F 998 -126.29 -41.47 -83.60
N ILE F 999 -125.28 -40.70 -83.17
CA ILE F 999 -124.66 -40.92 -81.86
C ILE F 999 -125.65 -40.62 -80.75
N LYS F 1000 -126.48 -39.58 -80.92
CA LYS F 1000 -127.51 -39.26 -79.95
C LYS F 1000 -128.60 -40.34 -79.88
N GLN F 1001 -128.71 -41.18 -80.92
CA GLN F 1001 -129.63 -42.31 -80.91
C GLN F 1001 -129.00 -43.58 -80.36
N GLY F 1002 -127.75 -43.51 -79.90
CA GLY F 1002 -127.08 -44.66 -79.34
C GLY F 1002 -126.28 -45.50 -80.31
N TRP F 1003 -126.00 -44.99 -81.50
CA TRP F 1003 -125.22 -45.73 -82.48
C TRP F 1003 -123.74 -45.56 -82.25
N THR F 1004 -122.98 -46.62 -82.48
CA THR F 1004 -121.54 -46.62 -82.36
C THR F 1004 -120.92 -47.11 -83.67
N TYR F 1005 -119.60 -47.03 -83.75
CA TYR F 1005 -118.88 -47.51 -84.92
C TYR F 1005 -118.87 -49.03 -84.95
N GLY F 1006 -119.07 -49.59 -86.14
CA GLY F 1006 -119.03 -51.03 -86.32
C GLY F 1006 -119.02 -51.42 -87.78
N ILE F 1007 -118.20 -52.42 -88.15
CA ILE F 1007 -118.08 -52.82 -89.54
C ILE F 1007 -119.35 -53.49 -90.02
N GLN F 1008 -119.90 -54.40 -89.23
CA GLN F 1008 -121.15 -55.07 -89.56
C GLN F 1008 -122.31 -54.31 -88.92
N GLN F 1009 -123.31 -53.99 -89.74
CA GLN F 1009 -124.45 -53.18 -89.28
C GLN F 1009 -125.58 -54.10 -88.83
N ASP F 1010 -125.98 -53.96 -87.57
CA ASP F 1010 -127.12 -54.68 -87.03
C ASP F 1010 -127.99 -53.72 -86.24
N LEU F 1011 -129.30 -53.99 -86.23
CA LEU F 1011 -130.23 -53.07 -85.61
C LEU F 1011 -130.18 -53.13 -84.09
N LYS F 1012 -129.88 -54.30 -83.52
CA LYS F 1012 -129.84 -54.41 -82.07
C LYS F 1012 -128.65 -53.68 -81.47
N ASN F 1013 -127.46 -53.88 -82.04
CA ASN F 1013 -126.25 -53.30 -81.48
C ASN F 1013 -126.03 -51.85 -81.89
N LYS F 1014 -126.77 -51.36 -82.89
CA LYS F 1014 -126.66 -49.99 -83.40
C LYS F 1014 -125.23 -49.67 -83.84
N ARG F 1015 -124.79 -50.39 -84.87
CA ARG F 1015 -123.44 -50.25 -85.41
C ARG F 1015 -123.53 -49.66 -86.82
N ASN F 1016 -122.80 -48.57 -87.05
CA ASN F 1016 -122.84 -47.85 -88.32
C ASN F 1016 -121.43 -47.79 -88.90
N PRO F 1017 -121.18 -48.39 -90.07
CA PRO F 1017 -119.83 -48.33 -90.65
C PRO F 1017 -119.42 -46.95 -91.14
N ARG F 1018 -120.38 -46.04 -91.36
CA ARG F 1018 -120.08 -44.72 -91.88
C ARG F 1018 -119.71 -43.72 -90.79
N LEU F 1019 -119.75 -44.13 -89.52
CA LEU F 1019 -119.38 -43.25 -88.40
C LEU F 1019 -117.85 -43.12 -88.38
N VAL F 1020 -117.35 -42.25 -89.25
CA VAL F 1020 -115.92 -42.06 -89.45
C VAL F 1020 -115.64 -40.61 -89.72
N PRO F 1021 -114.38 -40.18 -89.58
CA PRO F 1021 -114.00 -38.86 -90.10
C PRO F 1021 -114.22 -38.76 -91.60
N TYR F 1022 -114.57 -37.56 -92.05
CA TYR F 1022 -114.99 -37.35 -93.43
C TYR F 1022 -113.87 -37.61 -94.44
N ALA F 1023 -112.61 -37.56 -94.01
CA ALA F 1023 -111.49 -37.80 -94.91
C ALA F 1023 -111.31 -39.27 -95.25
N LEU F 1024 -112.01 -40.18 -94.57
CA LEU F 1024 -111.84 -41.61 -94.78
C LEU F 1024 -113.14 -42.29 -95.17
N LEU F 1025 -114.13 -41.55 -95.63
CA LEU F 1025 -115.43 -42.13 -95.96
C LEU F 1025 -115.39 -42.79 -97.34
N ASP F 1026 -116.51 -43.40 -97.73
CA ASP F 1026 -116.64 -44.01 -99.03
C ASP F 1026 -116.74 -42.94 -100.12
N GLU F 1027 -116.31 -43.30 -101.33
CA GLU F 1027 -116.31 -42.35 -102.42
C GLU F 1027 -117.73 -42.03 -102.90
N ARG F 1028 -118.57 -43.05 -103.06
CA ARG F 1028 -119.92 -42.83 -103.55
C ARG F 1028 -120.81 -42.17 -102.51
N THR F 1029 -120.62 -42.52 -101.23
CA THR F 1029 -121.41 -41.93 -100.16
C THR F 1029 -121.17 -40.43 -100.04
N LYS F 1030 -119.90 -40.01 -100.13
CA LYS F 1030 -119.61 -38.59 -100.16
C LYS F 1030 -120.05 -37.96 -101.49
N LYS F 1031 -119.92 -38.71 -102.58
CA LYS F 1031 -120.16 -38.17 -103.92
C LYS F 1031 -121.63 -37.83 -104.14
N SER F 1032 -122.53 -38.67 -103.64
CA SER F 1032 -123.96 -38.43 -103.82
C SER F 1032 -124.41 -37.15 -103.10
N ASN F 1033 -123.98 -36.99 -101.85
CA ASN F 1033 -124.32 -35.79 -101.10
C ASN F 1033 -123.63 -34.57 -101.68
N ARG F 1034 -122.39 -34.73 -102.18
CA ARG F 1034 -121.69 -33.62 -102.80
C ARG F 1034 -122.39 -33.16 -104.07
N ASP F 1035 -122.86 -34.11 -104.89
CA ASP F 1035 -123.59 -33.75 -106.10
C ASP F 1035 -124.94 -33.12 -105.77
N SER F 1036 -125.62 -33.61 -104.73
CA SER F 1036 -126.89 -33.00 -104.33
C SER F 1036 -126.71 -31.56 -103.86
N LEU F 1037 -125.68 -31.32 -103.04
CA LEU F 1037 -125.44 -29.96 -102.56
C LEU F 1037 -124.88 -29.07 -103.66
N ARG F 1038 -124.15 -29.63 -104.62
CA ARG F 1038 -123.72 -28.87 -105.78
C ARG F 1038 -124.91 -28.45 -106.64
N GLU F 1039 -125.90 -29.34 -106.80
CA GLU F 1039 -127.13 -28.98 -107.49
C GLU F 1039 -127.90 -27.92 -106.72
N ALA F 1040 -127.89 -27.99 -105.39
CA ALA F 1040 -128.54 -26.96 -104.58
C ALA F 1040 -127.86 -25.60 -104.75
N VAL F 1041 -126.52 -25.59 -104.79
CA VAL F 1041 -125.79 -24.33 -105.00
C VAL F 1041 -126.05 -23.79 -106.41
N ARG F 1042 -126.15 -24.69 -107.40
CA ARG F 1042 -126.49 -24.26 -108.75
C ARG F 1042 -127.90 -23.67 -108.81
N THR F 1043 -128.84 -24.25 -108.05
CA THR F 1043 -130.18 -23.69 -107.95
C THR F 1043 -130.16 -22.32 -107.30
N PHE F 1044 -129.32 -22.15 -106.27
CA PHE F 1044 -129.18 -20.84 -105.63
C PHE F 1044 -128.59 -19.81 -106.58
N VAL F 1045 -127.60 -20.20 -107.38
CA VAL F 1045 -126.96 -19.25 -108.30
C VAL F 1045 -127.90 -18.90 -109.44
N GLY F 1046 -128.66 -19.89 -109.94
CA GLY F 1046 -129.52 -19.67 -111.10
C GLY F 1046 -130.67 -18.71 -110.88
N TYR F 1047 -131.04 -18.47 -109.62
CA TYR F 1047 -132.08 -17.51 -109.29
C TYR F 1047 -131.53 -16.12 -109.02
N GLY F 1048 -130.24 -15.90 -109.23
CA GLY F 1048 -129.65 -14.59 -109.09
C GLY F 1048 -129.14 -14.24 -107.71
N TYR F 1049 -128.86 -15.23 -106.86
CA TYR F 1049 -128.34 -14.99 -105.52
C TYR F 1049 -126.84 -15.19 -105.51
N ASN F 1050 -126.11 -14.24 -104.94
CA ASN F 1050 -124.67 -14.34 -104.84
C ASN F 1050 -124.28 -15.13 -103.60
N ILE F 1051 -123.32 -16.05 -103.76
CA ILE F 1051 -122.95 -16.98 -102.70
C ILE F 1051 -121.51 -16.71 -102.28
N GLU F 1052 -121.10 -15.44 -102.31
CA GLU F 1052 -119.75 -15.08 -101.89
C GLU F 1052 -119.60 -15.31 -100.38
N PRO F 1053 -118.46 -15.85 -99.95
CA PRO F 1053 -118.26 -16.13 -98.53
C PRO F 1053 -117.80 -14.89 -97.76
N SER F 1054 -117.52 -15.09 -96.48
CA SER F 1054 -117.07 -14.00 -95.63
C SER F 1054 -115.64 -13.59 -95.96
N ASP F 1055 -115.38 -12.29 -95.91
CA ASP F 1055 -114.03 -11.79 -96.16
C ASP F 1055 -113.11 -12.02 -94.98
N GLN F 1056 -113.65 -12.07 -93.76
CA GLN F 1056 -112.86 -12.24 -92.55
C GLN F 1056 -112.56 -13.72 -92.36
N GLU F 1057 -111.39 -14.16 -92.83
CA GLU F 1057 -110.96 -15.55 -92.67
C GLU F 1057 -109.48 -15.62 -92.31
N LEU F 1058 -108.98 -14.62 -91.60
CA LEU F 1058 -107.56 -14.57 -91.23
C LEU F 1058 -107.40 -14.49 -89.72
N ALA F 1059 -108.14 -15.31 -88.98
CA ALA F 1059 -108.02 -15.32 -87.53
C ALA F 1059 -106.67 -15.84 -87.08
N ASP F 1060 -106.14 -16.86 -87.79
CA ASP F 1060 -104.85 -17.50 -87.55
C ASP F 1060 -104.75 -18.04 -86.13
N PRO F 1061 -105.50 -19.08 -85.79
CA PRO F 1061 -105.40 -19.65 -84.43
C PRO F 1061 -104.11 -20.44 -84.28
N ALA F 1062 -103.25 -19.97 -83.39
CA ALA F 1062 -101.94 -20.57 -83.16
C ALA F 1062 -101.92 -21.28 -81.80
N VAL F 1063 -101.44 -22.53 -81.79
CA VAL F 1063 -101.35 -23.27 -80.54
C VAL F 1063 -100.20 -22.73 -79.70
N GLU F 1064 -100.23 -23.07 -78.41
CA GLU F 1064 -99.20 -22.63 -77.49
C GLU F 1064 -97.89 -23.38 -77.74
N LYS F 1065 -96.81 -22.84 -77.17
CA LYS F 1065 -95.51 -23.48 -77.28
C LYS F 1065 -95.46 -24.75 -76.45
N VAL F 1066 -94.54 -25.64 -76.84
CA VAL F 1066 -94.39 -26.91 -76.13
C VAL F 1066 -93.72 -26.66 -74.78
N SER F 1067 -94.18 -27.39 -73.76
CA SER F 1067 -93.59 -27.28 -72.44
C SER F 1067 -92.19 -27.89 -72.43
N ILE F 1068 -91.38 -27.44 -71.47
CA ILE F 1068 -90.02 -27.95 -71.33
C ILE F 1068 -90.02 -29.39 -70.84
N ASP F 1069 -91.11 -29.84 -70.20
CA ASP F 1069 -91.20 -31.22 -69.73
C ASP F 1069 -91.32 -32.21 -70.87
N LYS F 1070 -91.78 -31.78 -72.05
CA LYS F 1070 -91.95 -32.67 -73.19
C LYS F 1070 -90.76 -32.65 -74.14
N ILE F 1071 -89.75 -31.85 -73.86
CA ILE F 1071 -88.50 -31.85 -74.63
C ILE F 1071 -87.55 -32.83 -73.98
N ARG F 1072 -86.98 -33.74 -74.77
CA ARG F 1072 -86.14 -34.79 -74.21
C ARG F 1072 -84.67 -34.48 -74.42
N PHE F 1073 -83.92 -34.48 -73.32
CA PHE F 1073 -82.50 -34.16 -73.34
C PHE F 1073 -81.70 -35.46 -73.32
N PHE F 1074 -80.69 -35.56 -74.17
CA PHE F 1074 -79.73 -36.65 -74.15
C PHE F 1074 -78.35 -36.07 -73.92
N ARG F 1075 -77.52 -36.80 -73.20
CA ARG F 1075 -76.34 -36.20 -72.60
C ARG F 1075 -75.29 -37.26 -72.36
N VAL F 1076 -74.03 -36.87 -72.44
CA VAL F 1076 -72.93 -37.74 -72.02
C VAL F 1076 -72.75 -37.60 -70.51
N GLU F 1077 -72.44 -38.72 -69.84
CA GLU F 1077 -72.21 -38.72 -68.40
C GLU F 1077 -71.08 -37.76 -68.01
N TRP F 1078 -71.23 -37.11 -66.86
CA TRP F 1078 -70.30 -36.06 -66.43
C TRP F 1078 -68.89 -36.56 -66.19
N SER F 1079 -68.69 -37.85 -65.97
CA SER F 1079 -67.34 -38.37 -65.71
C SER F 1079 -66.48 -38.40 -66.97
N TYR F 1080 -67.07 -38.16 -68.14
CA TYR F 1080 -66.34 -38.06 -69.39
C TYR F 1080 -66.04 -36.62 -69.80
N ALA F 1081 -66.26 -35.66 -68.89
CA ALA F 1081 -66.08 -34.26 -69.23
C ALA F 1081 -64.61 -33.93 -69.48
N VAL F 1082 -64.37 -33.13 -70.51
CA VAL F 1082 -63.03 -32.83 -71.00
C VAL F 1082 -62.66 -31.41 -70.58
N ARG F 1083 -61.45 -31.24 -70.06
CA ARG F 1083 -60.95 -29.93 -69.65
C ARG F 1083 -59.88 -29.37 -70.56
N SER F 1084 -59.33 -30.17 -71.47
CA SER F 1084 -58.32 -29.71 -72.40
C SER F 1084 -58.30 -30.61 -73.61
N GLY F 1085 -57.81 -30.08 -74.72
CA GLY F 1085 -57.70 -30.82 -75.96
C GLY F 1085 -58.64 -30.28 -77.03
N LYS F 1086 -58.61 -30.97 -78.17
CA LYS F 1086 -59.48 -30.68 -79.30
C LYS F 1086 -60.37 -31.89 -79.55
N TRP F 1087 -61.68 -31.69 -79.52
CA TRP F 1087 -62.62 -32.81 -79.55
C TRP F 1087 -63.70 -32.58 -80.59
N TYR F 1088 -64.16 -33.68 -81.19
CA TYR F 1088 -65.08 -33.66 -82.31
C TYR F 1088 -66.16 -34.71 -82.10
N PHE F 1089 -67.41 -34.36 -82.42
CA PHE F 1089 -68.44 -35.38 -82.54
C PHE F 1089 -69.45 -34.93 -83.60
N GLU F 1090 -70.37 -35.82 -83.96
CA GLU F 1090 -71.33 -35.54 -85.01
C GLU F 1090 -72.74 -35.80 -84.54
N PHE F 1091 -73.70 -35.12 -85.17
CA PHE F 1091 -75.11 -35.24 -84.85
C PHE F 1091 -75.88 -35.24 -86.16
N GLU F 1092 -76.37 -36.41 -86.57
CA GLU F 1092 -77.19 -36.51 -87.76
C GLU F 1092 -78.64 -36.22 -87.41
N VAL F 1093 -79.27 -35.35 -88.18
CA VAL F 1093 -80.65 -34.97 -87.96
C VAL F 1093 -81.50 -35.80 -88.93
N VAL F 1094 -82.11 -36.86 -88.41
CA VAL F 1094 -82.93 -37.73 -89.25
C VAL F 1094 -84.23 -37.03 -89.64
N THR F 1095 -84.86 -36.37 -88.67
CA THR F 1095 -86.07 -35.58 -88.90
C THR F 1095 -85.72 -34.13 -88.67
N GLY F 1096 -85.71 -33.34 -89.74
CA GLY F 1096 -85.41 -31.92 -89.61
C GLY F 1096 -86.49 -31.20 -88.84
N GLY F 1097 -86.09 -30.45 -87.82
CA GLY F 1097 -87.06 -29.80 -86.95
C GLY F 1097 -86.40 -29.17 -85.74
N ASP F 1098 -87.17 -29.07 -84.66
CA ASP F 1098 -86.73 -28.39 -83.44
C ASP F 1098 -85.80 -29.31 -82.66
N MET F 1099 -84.49 -29.13 -82.85
CA MET F 1099 -83.47 -29.83 -82.09
C MET F 1099 -82.33 -28.89 -81.78
N ARG F 1100 -81.63 -29.16 -80.69
CA ARG F 1100 -80.44 -28.39 -80.32
C ARG F 1100 -79.30 -29.37 -80.04
N VAL F 1101 -78.08 -28.95 -80.35
CA VAL F 1101 -76.93 -29.81 -80.14
C VAL F 1101 -75.73 -28.96 -79.74
N GLY F 1102 -74.93 -29.44 -78.79
CA GLY F 1102 -73.77 -28.66 -78.38
C GLY F 1102 -73.07 -29.25 -77.17
N TRP F 1103 -72.46 -28.37 -76.40
CA TRP F 1103 -71.61 -28.74 -75.28
C TRP F 1103 -72.20 -28.23 -73.98
N ALA F 1104 -72.23 -29.08 -72.95
CA ALA F 1104 -72.84 -28.74 -71.67
C ALA F 1104 -71.83 -28.85 -70.54
N ARG F 1105 -71.95 -27.96 -69.56
CA ARG F 1105 -71.19 -28.01 -68.33
C ARG F 1105 -71.85 -28.96 -67.33
N PRO F 1106 -71.09 -29.55 -66.41
CA PRO F 1106 -71.71 -30.28 -65.30
C PRO F 1106 -72.46 -29.34 -64.38
N GLY F 1107 -73.78 -29.44 -64.38
CA GLY F 1107 -74.61 -28.48 -63.69
C GLY F 1107 -75.78 -28.04 -64.55
N CYS F 1108 -75.79 -28.53 -65.78
CA CYS F 1108 -76.92 -28.29 -66.68
C CYS F 1108 -78.16 -29.01 -66.15
N ARG F 1109 -79.31 -28.35 -66.23
CA ARG F 1109 -80.54 -28.87 -65.67
C ARG F 1109 -81.48 -29.31 -66.78
N PRO F 1110 -82.28 -30.36 -66.55
CA PRO F 1110 -83.19 -30.84 -67.61
C PRO F 1110 -84.48 -30.05 -67.75
N ASP F 1111 -84.78 -29.13 -66.84
CA ASP F 1111 -86.02 -28.37 -66.89
C ASP F 1111 -85.83 -26.96 -67.45
N ILE F 1112 -84.64 -26.65 -67.95
CA ILE F 1112 -84.34 -25.36 -68.58
C ILE F 1112 -83.95 -25.64 -70.01
N GLU F 1113 -84.42 -24.79 -70.94
CA GLU F 1113 -84.09 -24.93 -72.34
C GLU F 1113 -82.59 -24.82 -72.56
N LEU F 1114 -82.08 -25.59 -73.52
CA LEU F 1114 -80.65 -25.72 -73.72
C LEU F 1114 -80.07 -24.41 -74.24
N GLY F 1115 -79.06 -23.90 -73.54
CA GLY F 1115 -78.43 -22.65 -73.91
C GLY F 1115 -79.12 -21.41 -73.40
N ALA F 1116 -80.22 -21.53 -72.68
CA ALA F 1116 -80.91 -20.37 -72.12
C ALA F 1116 -80.18 -19.77 -70.93
N ASP F 1117 -79.25 -20.52 -70.33
CA ASP F 1117 -78.44 -20.01 -69.23
C ASP F 1117 -76.97 -20.26 -69.50
N ASP F 1118 -76.12 -20.08 -68.49
CA ASP F 1118 -74.68 -20.18 -68.64
C ASP F 1118 -74.15 -21.60 -68.48
N GLN F 1119 -74.98 -22.61 -68.71
CA GLN F 1119 -74.57 -23.99 -68.52
C GLN F 1119 -74.42 -24.78 -69.81
N ALA F 1120 -74.92 -24.27 -70.94
CA ALA F 1120 -74.83 -24.98 -72.20
C ALA F 1120 -74.52 -24.00 -73.32
N PHE F 1121 -73.84 -24.51 -74.35
CA PHE F 1121 -73.48 -23.76 -75.55
C PHE F 1121 -73.98 -24.62 -76.70
N VAL F 1122 -75.12 -24.25 -77.29
CA VAL F 1122 -75.75 -25.12 -78.27
C VAL F 1122 -76.08 -24.37 -79.54
N PHE F 1123 -76.32 -25.14 -80.60
CA PHE F 1123 -76.75 -24.66 -81.90
C PHE F 1123 -78.11 -25.28 -82.20
N GLU F 1124 -79.05 -24.44 -82.63
CA GLU F 1124 -80.38 -24.87 -83.03
C GLU F 1124 -80.53 -24.55 -84.51
N GLY F 1125 -80.60 -25.60 -85.33
CA GLY F 1125 -80.67 -25.43 -86.76
C GLY F 1125 -82.06 -25.36 -87.36
N SER F 1126 -83.11 -25.37 -86.54
CA SER F 1126 -84.44 -25.14 -87.08
C SER F 1126 -84.63 -23.68 -87.44
N ARG F 1127 -84.05 -22.77 -86.66
CA ARG F 1127 -84.11 -21.35 -86.92
C ARG F 1127 -82.75 -20.74 -87.23
N GLY F 1128 -81.68 -21.53 -87.18
CA GLY F 1128 -80.34 -21.02 -87.43
C GLY F 1128 -79.87 -20.09 -86.33
N GLN F 1129 -79.84 -20.59 -85.10
CA GLN F 1129 -79.50 -19.77 -83.95
C GLN F 1129 -78.45 -20.47 -83.09
N ARG F 1130 -77.70 -19.66 -82.36
CA ARG F 1130 -76.80 -20.14 -81.33
C ARG F 1130 -77.31 -19.69 -79.96
N TRP F 1131 -77.16 -20.54 -78.95
CA TRP F 1131 -77.72 -20.30 -77.64
C TRP F 1131 -76.62 -20.45 -76.59
N HIS F 1132 -76.37 -19.36 -75.86
CA HIS F 1132 -75.63 -19.35 -74.61
C HIS F 1132 -75.96 -18.05 -73.90
N GLN F 1133 -76.60 -18.15 -72.73
CA GLN F 1133 -77.10 -17.00 -71.97
C GLN F 1133 -78.02 -16.12 -72.82
N GLY F 1134 -78.90 -16.77 -73.58
CA GLY F 1134 -79.77 -16.11 -74.51
C GLY F 1134 -79.65 -16.75 -75.87
N SER F 1135 -80.00 -15.99 -76.91
CA SER F 1135 -79.93 -16.50 -78.27
C SER F 1135 -79.40 -15.42 -79.21
N GLY F 1136 -78.80 -15.87 -80.31
CA GLY F 1136 -78.37 -15.00 -81.37
C GLY F 1136 -78.47 -15.78 -82.67
N TYR F 1137 -78.29 -15.07 -83.78
CA TYR F 1137 -78.41 -15.69 -85.10
C TYR F 1137 -77.04 -16.13 -85.59
N PHE F 1138 -76.97 -17.34 -86.14
CA PHE F 1138 -75.71 -17.95 -86.50
C PHE F 1138 -75.97 -19.05 -87.53
N GLY F 1139 -75.14 -19.09 -88.57
CA GLY F 1139 -75.19 -20.20 -89.52
C GLY F 1139 -76.44 -20.18 -90.38
N ARG F 1140 -76.85 -21.37 -90.80
CA ARG F 1140 -78.01 -21.53 -91.67
C ARG F 1140 -78.82 -22.72 -91.20
N THR F 1141 -80.09 -22.75 -91.61
CA THR F 1141 -80.99 -23.83 -91.20
C THR F 1141 -80.62 -25.14 -91.89
N TRP F 1142 -80.99 -26.24 -91.25
CA TRP F 1142 -80.64 -27.57 -91.74
C TRP F 1142 -81.84 -28.24 -92.41
N GLN F 1143 -81.57 -29.38 -93.01
CA GLN F 1143 -82.55 -30.23 -93.68
C GLN F 1143 -82.51 -31.62 -93.07
N PRO F 1144 -83.56 -32.43 -93.28
CA PRO F 1144 -83.48 -33.84 -92.89
C PRO F 1144 -82.34 -34.55 -93.60
N GLY F 1145 -81.64 -35.40 -92.86
CA GLY F 1145 -80.48 -36.10 -93.37
C GLY F 1145 -79.17 -35.35 -93.23
N ASP F 1146 -79.17 -34.14 -92.69
CA ASP F 1146 -77.94 -33.40 -92.51
C ASP F 1146 -77.14 -33.94 -91.32
N VAL F 1147 -75.87 -33.54 -91.28
CA VAL F 1147 -74.97 -33.91 -90.20
C VAL F 1147 -74.31 -32.64 -89.68
N VAL F 1148 -74.42 -32.40 -88.38
CA VAL F 1148 -73.79 -31.26 -87.72
C VAL F 1148 -72.55 -31.76 -87.02
N GLY F 1149 -71.39 -31.24 -87.40
CA GLY F 1149 -70.15 -31.58 -86.75
C GLY F 1149 -69.77 -30.54 -85.70
N CYS F 1150 -69.68 -30.96 -84.45
CA CYS F 1150 -69.37 -30.06 -83.35
C CYS F 1150 -67.93 -30.28 -82.91
N MET F 1151 -67.16 -29.21 -82.86
CA MET F 1151 -65.76 -29.23 -82.45
C MET F 1151 -65.56 -28.25 -81.30
N ILE F 1152 -64.81 -28.68 -80.29
CA ILE F 1152 -64.44 -27.83 -79.18
C ILE F 1152 -62.93 -27.80 -79.08
N ASN F 1153 -62.37 -26.62 -78.81
CA ASN F 1153 -60.94 -26.40 -78.69
C ASN F 1153 -60.73 -25.68 -77.36
N LEU F 1154 -60.47 -26.45 -76.31
CA LEU F 1154 -60.29 -25.88 -74.98
C LEU F 1154 -58.92 -25.28 -74.79
N ASP F 1155 -57.98 -25.56 -75.71
CA ASP F 1155 -56.69 -24.89 -75.67
C ASP F 1155 -56.83 -23.40 -76.03
N ASP F 1156 -57.61 -23.10 -77.06
CA ASP F 1156 -57.89 -21.73 -77.46
C ASP F 1156 -59.23 -21.23 -76.93
N ALA F 1157 -60.00 -22.08 -76.26
CA ALA F 1157 -61.33 -21.78 -75.74
C ALA F 1157 -62.27 -21.28 -76.83
N SER F 1158 -62.55 -22.15 -77.80
CA SER F 1158 -63.44 -21.83 -78.90
C SER F 1158 -64.28 -23.05 -79.27
N MET F 1159 -65.41 -22.79 -79.93
CA MET F 1159 -66.31 -23.83 -80.39
C MET F 1159 -66.69 -23.57 -81.85
N ILE F 1160 -66.69 -24.62 -82.65
CA ILE F 1160 -66.92 -24.53 -84.09
C ILE F 1160 -68.01 -25.53 -84.47
N PHE F 1161 -68.96 -25.07 -85.29
CA PHE F 1161 -70.00 -25.93 -85.82
C PHE F 1161 -69.89 -26.01 -87.34
N THR F 1162 -70.13 -27.20 -87.87
CA THR F 1162 -70.17 -27.43 -89.32
C THR F 1162 -71.50 -28.08 -89.67
N LEU F 1163 -71.97 -27.78 -90.88
CA LEU F 1163 -73.18 -28.41 -91.42
C LEU F 1163 -72.83 -29.06 -92.74
N ASN F 1164 -72.91 -30.40 -92.79
CA ASN F 1164 -72.56 -31.21 -93.95
C ASN F 1164 -71.14 -30.95 -94.43
N GLY F 1165 -70.22 -30.80 -93.48
CA GLY F 1165 -68.82 -30.61 -93.79
C GLY F 1165 -68.41 -29.20 -94.11
N GLU F 1166 -69.35 -28.27 -94.20
CA GLU F 1166 -69.04 -26.88 -94.51
C GLU F 1166 -69.09 -26.06 -93.22
N LEU F 1167 -68.11 -25.17 -93.07
CA LEU F 1167 -67.99 -24.37 -91.86
C LEU F 1167 -69.13 -23.37 -91.75
N LEU F 1168 -69.80 -23.34 -90.60
CA LEU F 1168 -70.80 -22.32 -90.32
C LEU F 1168 -70.13 -21.07 -89.77
N ILE F 1169 -70.59 -19.91 -90.24
CA ILE F 1169 -69.95 -18.65 -89.89
C ILE F 1169 -70.99 -17.71 -89.28
N THR F 1170 -70.49 -16.70 -88.56
CA THR F 1170 -71.35 -15.72 -87.92
C THR F 1170 -71.71 -14.63 -88.92
N ASN F 1171 -72.35 -13.56 -88.43
CA ASN F 1171 -72.67 -12.43 -89.30
C ASN F 1171 -71.44 -11.60 -89.63
N LYS F 1172 -70.37 -11.72 -88.86
CA LYS F 1172 -69.12 -11.01 -89.10
C LYS F 1172 -68.10 -11.84 -89.87
N GLY F 1173 -68.48 -13.05 -90.29
CA GLY F 1173 -67.59 -13.91 -91.04
C GLY F 1173 -66.69 -14.81 -90.23
N SER F 1174 -66.76 -14.75 -88.91
CA SER F 1174 -65.95 -15.60 -88.05
C SER F 1174 -66.54 -17.00 -87.96
N GLU F 1175 -65.66 -18.00 -87.95
CA GLU F 1175 -66.09 -19.39 -87.83
C GLU F 1175 -66.33 -19.82 -86.39
N LEU F 1176 -66.03 -18.95 -85.43
CA LEU F 1176 -66.16 -19.28 -84.01
C LEU F 1176 -67.57 -18.95 -83.54
N ALA F 1177 -68.35 -19.99 -83.22
CA ALA F 1177 -69.69 -19.76 -82.70
C ALA F 1177 -69.65 -19.21 -81.27
N PHE F 1178 -68.81 -19.80 -80.42
CA PHE F 1178 -68.59 -19.32 -79.07
C PHE F 1178 -67.10 -19.26 -78.82
N ALA F 1179 -66.69 -18.24 -78.05
CA ALA F 1179 -65.28 -18.05 -77.76
C ALA F 1179 -65.14 -17.36 -76.42
N ASP F 1180 -63.95 -17.52 -75.83
CA ASP F 1180 -63.54 -16.87 -74.57
C ASP F 1180 -64.48 -17.23 -73.42
N TYR F 1181 -64.59 -18.53 -73.15
CA TYR F 1181 -65.33 -19.04 -72.02
C TYR F 1181 -64.38 -19.61 -70.99
N GLU F 1182 -64.91 -19.87 -69.79
CA GLU F 1182 -64.14 -20.50 -68.74
C GLU F 1182 -64.30 -22.01 -68.81
N ILE F 1183 -63.22 -22.73 -68.53
CA ILE F 1183 -63.25 -24.18 -68.63
C ILE F 1183 -64.04 -24.77 -67.47
N GLU F 1184 -63.63 -24.44 -66.23
CA GLU F 1184 -64.27 -24.87 -64.98
C GLU F 1184 -64.24 -26.39 -64.92
N ASN F 1185 -65.39 -27.07 -64.81
CA ASN F 1185 -65.41 -28.53 -64.67
C ASN F 1185 -65.15 -29.25 -65.99
N GLY F 1186 -65.62 -28.70 -67.11
CA GLY F 1186 -65.45 -29.31 -68.41
C GLY F 1186 -66.75 -29.29 -69.18
N PHE F 1187 -66.77 -30.07 -70.27
CA PHE F 1187 -67.92 -30.11 -71.17
C PHE F 1187 -68.17 -31.53 -71.65
N VAL F 1188 -69.44 -31.87 -71.83
CA VAL F 1188 -69.83 -33.13 -72.45
C VAL F 1188 -70.74 -32.82 -73.63
N PRO F 1189 -70.84 -33.72 -74.60
CA PRO F 1189 -71.87 -33.59 -75.63
C PRO F 1189 -73.27 -33.67 -75.06
N ILE F 1190 -74.15 -32.81 -75.59
CA ILE F 1190 -75.55 -32.77 -75.20
C ILE F 1190 -76.39 -32.45 -76.43
N CYS F 1191 -77.62 -32.94 -76.43
CA CYS F 1191 -78.61 -32.59 -77.44
C CYS F 1191 -79.98 -32.58 -76.80
N SER F 1192 -80.89 -31.84 -77.42
CA SER F 1192 -82.29 -31.79 -77.01
C SER F 1192 -83.15 -32.01 -78.23
N LEU F 1193 -84.13 -32.89 -78.11
CA LEU F 1193 -85.05 -33.21 -79.19
C LEU F 1193 -86.46 -32.81 -78.79
N GLY F 1194 -87.17 -32.19 -79.73
CA GLY F 1194 -88.54 -31.78 -79.54
C GLY F 1194 -89.52 -32.90 -79.88
N LEU F 1195 -90.75 -32.48 -80.18
CA LEU F 1195 -91.81 -33.45 -80.44
C LEU F 1195 -91.61 -34.13 -81.78
N SER F 1196 -91.62 -35.47 -81.76
CA SER F 1196 -91.50 -36.32 -82.96
C SER F 1196 -90.21 -36.06 -83.73
N GLN F 1197 -89.13 -35.78 -83.01
CA GLN F 1197 -87.83 -35.53 -83.62
C GLN F 1197 -86.91 -36.72 -83.41
N ILE F 1198 -86.11 -37.02 -84.42
CA ILE F 1198 -85.18 -38.15 -84.40
C ILE F 1198 -83.79 -37.63 -84.71
N GLY F 1199 -82.81 -38.01 -83.89
CA GLY F 1199 -81.44 -37.63 -84.10
C GLY F 1199 -80.50 -38.76 -83.71
N ARG F 1200 -79.30 -38.73 -84.29
CA ARG F 1200 -78.28 -39.73 -84.02
C ARG F 1200 -77.00 -39.03 -83.61
N MET F 1201 -76.53 -39.31 -82.39
CA MET F 1201 -75.28 -38.76 -81.89
C MET F 1201 -74.16 -39.78 -82.09
N ASN F 1202 -73.13 -39.37 -82.81
CA ASN F 1202 -71.96 -40.21 -83.07
C ASN F 1202 -70.77 -39.59 -82.35
N LEU F 1203 -70.25 -40.31 -81.37
CA LEU F 1203 -69.15 -39.82 -80.56
C LEU F 1203 -67.79 -40.27 -81.06
N GLY F 1204 -67.74 -41.20 -82.02
CA GLY F 1204 -66.48 -41.57 -82.63
C GLY F 1204 -65.77 -42.72 -81.97
N MET F 1205 -66.51 -43.74 -81.53
CA MET F 1205 -65.88 -45.00 -81.13
C MET F 1205 -65.20 -45.64 -82.32
N ASP F 1206 -65.84 -45.60 -83.49
CA ASP F 1206 -65.21 -45.93 -84.76
C ASP F 1206 -65.21 -44.64 -85.59
N ALA F 1207 -64.01 -44.11 -85.86
CA ALA F 1207 -63.91 -42.84 -86.57
C ALA F 1207 -64.20 -43.00 -88.05
N SER F 1208 -64.22 -44.23 -88.58
CA SER F 1208 -64.59 -44.45 -89.97
C SER F 1208 -66.09 -44.36 -90.20
N THR F 1209 -66.89 -44.37 -89.14
CA THR F 1209 -68.33 -44.18 -89.27
C THR F 1209 -68.72 -42.72 -89.36
N PHE F 1210 -67.78 -41.80 -89.17
CA PHE F 1210 -68.03 -40.39 -89.37
C PHE F 1210 -68.25 -40.10 -90.85
N LYS F 1211 -69.00 -39.03 -91.13
CA LYS F 1211 -69.33 -38.66 -92.50
C LYS F 1211 -68.47 -37.52 -93.04
N PHE F 1212 -68.13 -36.54 -92.21
CA PHE F 1212 -67.41 -35.36 -92.67
C PHE F 1212 -66.22 -35.05 -91.77
N TYR F 1213 -65.66 -36.07 -91.12
CA TYR F 1213 -64.50 -35.86 -90.25
C TYR F 1213 -63.26 -35.56 -91.07
N THR F 1214 -63.09 -36.24 -92.21
CA THR F 1214 -61.91 -36.01 -93.03
C THR F 1214 -62.00 -34.70 -93.79
N MET F 1215 -63.21 -34.25 -94.12
CA MET F 1215 -63.37 -32.97 -94.81
C MET F 1215 -63.02 -31.80 -93.89
N CYS F 1216 -63.51 -31.83 -92.65
CA CYS F 1216 -63.21 -30.77 -91.70
C CYS F 1216 -63.12 -31.39 -90.31
N GLY F 1217 -61.95 -31.27 -89.70
CA GLY F 1217 -61.79 -31.70 -88.32
C GLY F 1217 -60.60 -32.61 -88.07
N LEU F 1218 -60.33 -33.55 -88.98
CA LEU F 1218 -59.23 -34.48 -88.77
C LEU F 1218 -57.88 -33.80 -88.90
N GLN F 1219 -57.69 -33.02 -89.96
CA GLN F 1219 -56.41 -32.37 -90.20
C GLN F 1219 -56.29 -31.04 -89.46
N GLU F 1220 -57.35 -30.57 -88.84
CA GLU F 1220 -57.31 -29.38 -88.00
C GLU F 1220 -56.91 -29.69 -86.56
N GLY F 1221 -56.69 -30.96 -86.24
CA GLY F 1221 -56.24 -31.35 -84.92
C GLY F 1221 -57.31 -31.83 -83.97
N PHE F 1222 -58.55 -31.99 -84.44
CA PHE F 1222 -59.64 -32.42 -83.57
C PHE F 1222 -59.75 -33.94 -83.59
N GLU F 1223 -59.82 -34.53 -82.41
CA GLU F 1223 -59.95 -35.96 -82.23
C GLU F 1223 -61.40 -36.33 -81.95
N PRO F 1224 -61.79 -37.58 -82.21
CA PRO F 1224 -63.11 -38.05 -81.78
C PRO F 1224 -63.24 -38.00 -80.27
N PHE F 1225 -64.45 -37.75 -79.79
CA PHE F 1225 -64.68 -37.64 -78.35
C PHE F 1225 -64.41 -38.96 -77.65
N ALA F 1226 -64.84 -40.08 -78.25
CA ALA F 1226 -64.65 -41.39 -77.67
C ALA F 1226 -63.47 -42.14 -78.29
N VAL F 1227 -62.41 -41.41 -78.66
CA VAL F 1227 -61.24 -42.06 -79.23
C VAL F 1227 -60.45 -42.76 -78.12
N ASN F 1228 -59.84 -43.90 -78.48
CA ASN F 1228 -59.03 -44.72 -77.57
C ASN F 1228 -59.83 -45.16 -76.34
N MET F 1229 -61.08 -45.57 -76.56
CA MET F 1229 -61.94 -46.08 -75.50
C MET F 1229 -62.41 -47.47 -75.86
N ASN F 1230 -62.41 -48.36 -74.86
CA ASN F 1230 -62.72 -49.77 -75.10
C ASN F 1230 -64.21 -50.08 -75.02
N ARG F 1231 -64.93 -49.43 -74.13
CA ARG F 1231 -66.36 -49.64 -73.97
C ARG F 1231 -67.12 -48.39 -74.35
N ASP F 1232 -68.42 -48.55 -74.59
CA ASP F 1232 -69.25 -47.45 -75.05
C ASP F 1232 -69.43 -46.40 -73.95
N VAL F 1233 -69.54 -45.15 -74.39
CA VAL F 1233 -69.70 -44.03 -73.46
C VAL F 1233 -71.10 -44.09 -72.86
N ALA F 1234 -71.17 -43.95 -71.54
CA ALA F 1234 -72.46 -43.99 -70.84
C ALA F 1234 -73.25 -42.71 -71.09
N MET F 1235 -74.55 -42.88 -71.30
CA MET F 1235 -75.44 -41.79 -71.67
C MET F 1235 -76.53 -41.61 -70.64
N TRP F 1236 -77.00 -40.38 -70.48
CA TRP F 1236 -78.12 -40.06 -69.61
C TRP F 1236 -79.17 -39.32 -70.42
N PHE F 1237 -80.42 -39.41 -69.97
CA PHE F 1237 -81.53 -38.74 -70.61
C PHE F 1237 -82.38 -38.05 -69.56
N SER F 1238 -83.24 -37.15 -70.02
CA SER F 1238 -84.13 -36.40 -69.13
C SER F 1238 -85.48 -37.10 -69.08
N LYS F 1239 -85.90 -37.47 -67.88
CA LYS F 1239 -87.15 -38.19 -67.66
C LYS F 1239 -88.14 -37.29 -66.92
N ARG F 1240 -89.38 -37.29 -67.39
CA ARG F 1240 -90.44 -36.51 -66.77
C ARG F 1240 -91.14 -37.41 -65.77
N LEU F 1241 -90.65 -37.39 -64.53
CA LEU F 1241 -91.24 -38.14 -63.42
C LEU F 1241 -91.15 -37.25 -62.19
N PRO F 1242 -92.25 -36.65 -61.76
CA PRO F 1242 -92.21 -35.70 -60.64
C PRO F 1242 -91.90 -36.40 -59.32
N THR F 1243 -90.87 -35.91 -58.63
CA THR F 1243 -90.41 -36.49 -57.38
C THR F 1243 -90.23 -35.38 -56.35
N PHE F 1244 -90.48 -35.71 -55.08
CA PHE F 1244 -90.31 -34.74 -54.02
C PHE F 1244 -88.84 -34.61 -53.65
N VAL F 1245 -88.32 -33.39 -53.75
CA VAL F 1245 -86.94 -33.08 -53.41
C VAL F 1245 -86.94 -32.04 -52.31
N ASN F 1246 -85.95 -32.13 -51.42
CA ASN F 1246 -85.85 -31.19 -50.30
C ASN F 1246 -85.65 -29.76 -50.81
N VAL F 1247 -86.30 -28.82 -50.13
CA VAL F 1247 -86.25 -27.42 -50.52
C VAL F 1247 -84.88 -26.85 -50.19
N PRO F 1248 -84.13 -26.34 -51.16
CA PRO F 1248 -82.81 -25.78 -50.89
C PRO F 1248 -82.92 -24.40 -50.24
N LYS F 1249 -81.77 -23.90 -49.78
CA LYS F 1249 -81.72 -22.55 -49.23
C LYS F 1249 -81.93 -21.50 -50.31
N ASP F 1250 -81.55 -21.79 -51.55
CA ASP F 1250 -81.70 -20.87 -52.66
C ASP F 1250 -82.91 -21.21 -53.53
N HIS F 1251 -83.98 -21.70 -52.93
CA HIS F 1251 -85.21 -21.96 -53.67
C HIS F 1251 -85.83 -20.63 -54.09
N PRO F 1252 -86.31 -20.51 -55.33
CA PRO F 1252 -86.80 -19.22 -55.82
C PRO F 1252 -88.15 -18.80 -55.25
N HIS F 1253 -88.93 -19.70 -54.65
CA HIS F 1253 -90.28 -19.38 -54.25
C HIS F 1253 -90.67 -19.79 -52.83
N ILE F 1254 -89.98 -20.75 -52.21
CA ILE F 1254 -90.42 -21.32 -50.94
C ILE F 1254 -89.32 -21.15 -49.92
N GLU F 1255 -89.68 -20.63 -48.74
CA GLU F 1255 -88.77 -20.53 -47.61
C GLU F 1255 -89.34 -21.32 -46.44
N VAL F 1256 -88.50 -22.13 -45.82
CA VAL F 1256 -88.90 -22.99 -44.70
C VAL F 1256 -88.14 -22.55 -43.46
N VAL F 1257 -88.87 -22.32 -42.37
CA VAL F 1257 -88.30 -21.89 -41.10
C VAL F 1257 -88.62 -22.95 -40.05
N ARG F 1258 -87.60 -23.39 -39.33
CA ARG F 1258 -87.78 -24.37 -38.27
C ARG F 1258 -87.98 -23.65 -36.94
N ILE F 1259 -89.04 -24.01 -36.22
CA ILE F 1259 -89.38 -23.39 -34.95
C ILE F 1259 -89.30 -24.47 -33.87
N ASP F 1260 -88.43 -24.27 -32.90
CA ASP F 1260 -88.26 -25.24 -31.82
C ASP F 1260 -89.47 -25.24 -30.90
N GLY F 1261 -89.82 -26.42 -30.40
CA GLY F 1261 -90.97 -26.55 -29.53
C GLY F 1261 -90.73 -26.08 -28.12
N THR F 1262 -91.49 -25.07 -27.69
CA THR F 1262 -91.38 -24.55 -26.34
C THR F 1262 -92.24 -25.39 -25.39
N MET F 1263 -92.44 -24.90 -24.17
CA MET F 1263 -93.24 -25.64 -23.20
C MET F 1263 -94.72 -25.56 -23.53
N ASP F 1264 -95.15 -24.51 -24.22
CA ASP F 1264 -96.56 -24.32 -24.55
C ASP F 1264 -96.88 -24.47 -26.03
N SER F 1265 -95.87 -24.49 -26.90
CA SER F 1265 -96.10 -24.58 -28.33
C SER F 1265 -95.38 -25.79 -28.92
N PRO F 1266 -95.97 -26.47 -29.89
CA PRO F 1266 -95.29 -27.60 -30.52
C PRO F 1266 -94.20 -27.13 -31.47
N PRO F 1267 -93.24 -27.99 -31.82
CA PRO F 1267 -92.30 -27.64 -32.89
C PRO F 1267 -93.01 -27.48 -34.21
N CYS F 1268 -92.52 -26.55 -35.02
CA CYS F 1268 -93.23 -26.17 -36.25
C CYS F 1268 -92.27 -26.07 -37.42
N LEU F 1269 -92.81 -26.30 -38.60
CA LEU F 1269 -92.11 -26.07 -39.87
C LEU F 1269 -92.95 -25.07 -40.66
N LYS F 1270 -92.50 -23.83 -40.72
CA LYS F 1270 -93.26 -22.74 -41.31
C LYS F 1270 -92.85 -22.55 -42.76
N VAL F 1271 -93.81 -22.73 -43.67
CA VAL F 1271 -93.59 -22.56 -45.10
C VAL F 1271 -94.18 -21.22 -45.51
N THR F 1272 -93.34 -20.38 -46.12
CA THR F 1272 -93.73 -19.06 -46.59
C THR F 1272 -93.30 -18.89 -48.04
N HIS F 1273 -93.98 -17.99 -48.74
CA HIS F 1273 -93.65 -17.68 -50.12
C HIS F 1273 -92.71 -16.48 -50.18
N LYS F 1274 -91.76 -16.54 -51.12
CA LYS F 1274 -90.75 -15.49 -51.23
C LYS F 1274 -91.18 -14.35 -52.15
N THR F 1275 -91.64 -14.67 -53.35
CA THR F 1275 -91.83 -13.68 -54.40
C THR F 1275 -93.28 -13.25 -54.57
N PHE F 1276 -94.19 -13.65 -53.68
CA PHE F 1276 -95.57 -13.27 -53.83
C PHE F 1276 -95.76 -11.78 -53.49
N GLY F 1277 -96.70 -11.16 -54.20
CA GLY F 1277 -96.99 -9.75 -54.02
C GLY F 1277 -96.08 -8.81 -54.79
N THR F 1278 -95.14 -9.33 -55.56
CA THR F 1278 -94.20 -8.54 -56.33
C THR F 1278 -94.39 -8.80 -57.82
N GLN F 1279 -93.55 -8.19 -58.63
CA GLN F 1279 -93.59 -8.40 -60.07
C GLN F 1279 -92.96 -9.72 -60.51
N ASN F 1280 -92.20 -10.36 -59.63
CA ASN F 1280 -91.61 -11.67 -59.90
C ASN F 1280 -92.44 -12.81 -59.32
N SER F 1281 -93.73 -12.58 -59.11
CA SER F 1281 -94.59 -13.59 -58.50
C SER F 1281 -94.92 -14.69 -59.50
N ASN F 1282 -94.96 -15.92 -59.00
CA ASN F 1282 -95.36 -17.09 -59.79
C ASN F 1282 -96.47 -17.79 -58.99
N ALA F 1283 -97.72 -17.51 -59.35
CA ALA F 1283 -98.87 -18.05 -58.63
C ALA F 1283 -99.29 -19.40 -59.20
N SER F 1284 -98.35 -20.34 -59.15
CA SER F 1284 -98.58 -21.72 -59.58
C SER F 1284 -98.77 -22.62 -58.36
N MET F 1285 -99.28 -23.83 -58.63
CA MET F 1285 -99.54 -24.79 -57.57
C MET F 1285 -98.23 -25.27 -56.94
N ILE F 1286 -98.24 -25.45 -55.62
CA ILE F 1286 -97.08 -25.88 -54.87
C ILE F 1286 -97.47 -27.17 -54.15
N TYR F 1287 -96.68 -28.22 -54.37
CA TYR F 1287 -96.93 -29.55 -53.81
C TYR F 1287 -95.83 -29.84 -52.81
N CYS F 1288 -96.16 -29.74 -51.52
CA CYS F 1288 -95.22 -29.92 -50.42
C CYS F 1288 -95.52 -31.20 -49.67
N ARG F 1289 -94.45 -31.83 -49.18
CA ARG F 1289 -94.51 -33.10 -48.48
C ARG F 1289 -93.51 -33.06 -47.34
N LEU F 1290 -93.72 -33.94 -46.36
CA LEU F 1290 -92.71 -34.12 -45.33
C LEU F 1290 -91.76 -35.25 -45.73
N SER F 1291 -90.53 -35.15 -45.23
CA SER F 1291 -89.45 -35.99 -45.74
C SER F 1291 -89.61 -37.45 -45.34
N MET F 1292 -90.17 -37.72 -44.16
CA MET F 1292 -90.25 -39.09 -43.69
C MET F 1292 -91.69 -39.57 -43.62
N PRO F 1293 -91.94 -40.86 -43.88
CA PRO F 1293 -93.30 -41.38 -43.86
C PRO F 1293 -93.70 -41.96 -42.50
N VAL F 1294 -94.98 -42.31 -42.41
CA VAL F 1294 -95.53 -43.04 -41.28
C VAL F 1294 -96.08 -44.35 -41.83
N GLU F 1295 -95.65 -45.46 -41.26
CA GLU F 1295 -95.96 -46.78 -41.79
C GLU F 1295 -96.98 -47.49 -40.90
N CYS F 1296 -97.98 -48.10 -41.53
CA CYS F 1296 -98.99 -48.87 -40.82
C CYS F 1296 -98.46 -50.26 -40.50
N HIS F 1297 -99.18 -50.95 -39.60
CA HIS F 1297 -98.75 -52.25 -39.13
C HIS F 1297 -98.94 -53.32 -40.21
N SER F 1298 -98.17 -54.40 -40.08
CA SER F 1298 -98.21 -55.47 -41.08
C SER F 1298 -99.49 -56.30 -41.00
N SER F 1299 -100.14 -56.33 -39.85
CA SER F 1299 -101.41 -57.05 -39.70
C SER F 1299 -102.38 -56.15 -38.96
N PHE F 1300 -103.62 -56.09 -39.44
CA PHE F 1300 -104.65 -55.22 -38.86
C PHE F 1300 -105.59 -56.07 -38.03
N SER F 1301 -105.36 -56.09 -36.71
CA SER F 1301 -106.20 -56.83 -35.79
C SER F 1301 -106.11 -56.23 -34.39
N HIS F 1323 -96.87 -48.39 -25.22
CA HIS F 1323 -97.25 -49.15 -26.40
C HIS F 1323 -98.77 -49.23 -26.52
N THR F 1324 -99.47 -48.60 -25.59
CA THR F 1324 -100.93 -48.60 -25.59
C THR F 1324 -101.53 -47.65 -26.62
N THR F 1325 -100.73 -46.78 -27.23
CA THR F 1325 -101.20 -45.84 -28.24
C THR F 1325 -100.75 -46.33 -29.61
N THR F 1326 -101.71 -46.55 -30.50
CA THR F 1326 -101.45 -46.94 -31.88
C THR F 1326 -101.91 -45.86 -32.86
N GLN F 1327 -101.91 -44.61 -32.41
CA GLN F 1327 -102.41 -43.50 -33.21
C GLN F 1327 -101.34 -42.43 -33.33
N CYS F 1328 -101.24 -41.86 -34.52
CA CYS F 1328 -100.33 -40.76 -34.80
C CYS F 1328 -101.14 -39.54 -35.21
N TYR F 1329 -100.58 -38.35 -34.96
CA TYR F 1329 -101.29 -37.11 -35.20
C TYR F 1329 -100.34 -36.06 -35.74
N TYR F 1330 -100.83 -35.23 -36.66
CA TYR F 1330 -100.11 -34.02 -37.02
C TYR F 1330 -101.14 -32.96 -37.38
N ALA F 1331 -100.69 -31.70 -37.45
CA ALA F 1331 -101.63 -30.63 -37.74
C ALA F 1331 -101.02 -29.65 -38.73
N ILE F 1332 -101.89 -28.94 -39.42
CA ILE F 1332 -101.51 -27.83 -40.28
C ILE F 1332 -102.21 -26.59 -39.75
N ARG F 1333 -101.51 -25.46 -39.86
CA ARG F 1333 -102.05 -24.16 -39.51
C ARG F 1333 -101.92 -23.27 -40.74
N ILE F 1334 -103.06 -22.88 -41.30
CA ILE F 1334 -103.11 -21.98 -42.44
C ILE F 1334 -103.24 -20.57 -41.89
N PHE F 1335 -102.29 -19.72 -42.23
CA PHE F 1335 -102.23 -18.36 -41.71
C PHE F 1335 -103.29 -17.48 -42.37
N ALA F 1336 -103.58 -16.35 -41.72
CA ALA F 1336 -104.52 -15.40 -42.25
C ALA F 1336 -103.97 -14.75 -43.51
N GLY F 1337 -104.85 -14.51 -44.47
CA GLY F 1337 -104.47 -14.02 -45.77
C GLY F 1337 -104.34 -15.10 -46.82
N GLN F 1338 -104.21 -16.35 -46.41
CA GLN F 1338 -104.19 -17.49 -47.33
C GLN F 1338 -105.60 -18.05 -47.44
N ASP F 1339 -106.08 -18.19 -48.66
CA ASP F 1339 -107.44 -18.65 -48.89
C ASP F 1339 -107.55 -20.13 -48.54
N PRO F 1340 -108.43 -20.52 -47.61
CA PRO F 1340 -108.58 -21.95 -47.30
C PRO F 1340 -109.17 -22.77 -48.43
N SER F 1341 -109.86 -22.16 -49.39
CA SER F 1341 -110.42 -22.90 -50.50
C SER F 1341 -109.38 -23.33 -51.53
N CYS F 1342 -108.14 -22.84 -51.41
CA CYS F 1342 -107.06 -23.21 -52.32
C CYS F 1342 -106.03 -24.13 -51.65
N VAL F 1343 -106.42 -24.83 -50.59
CA VAL F 1343 -105.50 -25.65 -49.82
C VAL F 1343 -106.10 -27.04 -49.65
N TRP F 1344 -105.32 -28.07 -49.98
CA TRP F 1344 -105.66 -29.46 -49.72
C TRP F 1344 -104.63 -30.04 -48.76
N VAL F 1345 -105.10 -30.73 -47.73
CA VAL F 1345 -104.25 -31.24 -46.66
C VAL F 1345 -104.49 -32.73 -46.50
N GLY F 1346 -103.42 -33.51 -46.40
CA GLY F 1346 -103.60 -34.93 -46.15
C GLY F 1346 -102.36 -35.79 -46.22
N TRP F 1347 -102.48 -36.96 -46.83
CA TRP F 1347 -101.39 -37.93 -46.91
C TRP F 1347 -101.20 -38.38 -48.35
N VAL F 1348 -99.96 -38.72 -48.69
CA VAL F 1348 -99.62 -39.26 -50.00
C VAL F 1348 -98.77 -40.50 -49.82
N THR F 1349 -99.04 -41.52 -50.63
CA THR F 1349 -98.22 -42.71 -50.69
C THR F 1349 -96.94 -42.42 -51.48
N PRO F 1350 -95.91 -43.28 -51.35
CA PRO F 1350 -94.66 -43.02 -52.11
C PRO F 1350 -94.82 -43.02 -53.63
N ASP F 1351 -95.88 -43.61 -54.17
CA ASP F 1351 -96.07 -43.68 -55.62
C ASP F 1351 -96.86 -42.52 -56.19
N TYR F 1352 -96.81 -41.35 -55.54
CA TYR F 1352 -97.48 -40.16 -56.04
C TYR F 1352 -96.51 -39.38 -56.92
N HIS F 1353 -96.78 -39.32 -58.21
CA HIS F 1353 -95.92 -38.66 -59.19
C HIS F 1353 -96.74 -37.77 -60.12
N LEU F 1354 -97.61 -36.95 -59.54
CA LEU F 1354 -98.52 -36.11 -60.30
C LEU F 1354 -98.15 -34.65 -60.13
N TYR F 1355 -97.98 -33.95 -61.25
CA TYR F 1355 -97.70 -32.52 -61.24
C TYR F 1355 -98.65 -31.85 -62.23
N SER F 1356 -99.32 -30.79 -61.80
CA SER F 1356 -100.29 -30.10 -62.62
C SER F 1356 -100.31 -28.63 -62.24
N GLU F 1357 -100.83 -27.80 -63.15
CA GLU F 1357 -101.05 -26.39 -62.86
C GLU F 1357 -102.37 -26.15 -62.13
N LYS F 1358 -103.34 -27.03 -62.33
CA LYS F 1358 -104.62 -26.97 -61.63
C LYS F 1358 -104.85 -28.31 -60.94
N PHE F 1359 -105.11 -28.27 -59.64
CA PHE F 1359 -105.32 -29.49 -58.85
C PHE F 1359 -106.79 -29.64 -58.52
N ASP F 1360 -107.32 -30.83 -58.76
CA ASP F 1360 -108.69 -31.17 -58.40
C ASP F 1360 -108.69 -32.50 -57.66
N LEU F 1361 -109.46 -32.57 -56.58
CA LEU F 1361 -109.51 -33.78 -55.76
C LEU F 1361 -110.30 -34.91 -56.39
N ASN F 1362 -111.07 -34.64 -57.45
CA ASN F 1362 -111.81 -35.67 -58.15
C ASN F 1362 -111.01 -36.32 -59.27
N LYS F 1363 -109.83 -35.80 -59.59
CA LYS F 1363 -108.96 -36.36 -60.61
C LYS F 1363 -107.93 -37.33 -60.05
N ASN F 1364 -108.07 -37.72 -58.78
CA ASN F 1364 -107.13 -38.63 -58.17
C ASN F 1364 -107.25 -40.03 -58.78
N CYS F 1365 -106.12 -40.71 -58.89
CA CYS F 1365 -106.10 -42.06 -59.42
C CYS F 1365 -106.63 -43.03 -58.37
N THR F 1366 -107.72 -43.72 -58.70
CA THR F 1366 -108.37 -44.62 -57.78
C THR F 1366 -108.80 -45.87 -58.52
N VAL F 1367 -108.66 -47.03 -57.86
CA VAL F 1367 -109.13 -48.30 -58.40
C VAL F 1367 -109.85 -49.04 -57.28
N THR F 1368 -110.69 -49.99 -57.67
CA THR F 1368 -111.39 -50.84 -56.70
C THR F 1368 -111.29 -52.27 -57.17
N VAL F 1369 -110.61 -53.10 -56.39
CA VAL F 1369 -110.47 -54.53 -56.69
C VAL F 1369 -111.56 -55.27 -55.93
N THR F 1370 -112.42 -55.96 -56.67
CA THR F 1370 -113.54 -56.70 -56.09
C THR F 1370 -113.26 -58.18 -56.22
N LEU F 1371 -113.22 -58.87 -55.09
CA LEU F 1371 -113.01 -60.31 -55.03
C LEU F 1371 -114.29 -60.98 -54.55
N GLY F 1372 -114.77 -61.96 -55.31
CA GLY F 1372 -116.02 -62.61 -54.98
C GLY F 1372 -115.92 -64.11 -54.85
N ASP F 1373 -116.93 -64.82 -55.37
CA ASP F 1373 -116.97 -66.27 -55.30
C ASP F 1373 -117.34 -66.86 -56.65
N GLU F 1374 -117.57 -68.19 -56.68
CA GLU F 1374 -117.97 -68.85 -57.92
C GLU F 1374 -119.40 -68.56 -58.31
N ARG F 1375 -120.21 -68.05 -57.40
CA ARG F 1375 -121.61 -67.71 -57.67
C ARG F 1375 -121.79 -66.26 -58.09
N GLY F 1376 -120.70 -65.51 -58.24
CA GLY F 1376 -120.80 -64.10 -58.59
C GLY F 1376 -121.36 -63.23 -57.49
N ARG F 1377 -120.99 -63.50 -56.24
CA ARG F 1377 -121.42 -62.71 -55.09
C ARG F 1377 -120.21 -62.00 -54.51
N VAL F 1378 -120.31 -60.68 -54.36
CA VAL F 1378 -119.18 -59.87 -53.91
C VAL F 1378 -118.90 -60.16 -52.43
N HIS F 1379 -117.65 -60.52 -52.13
CA HIS F 1379 -117.23 -60.80 -50.77
C HIS F 1379 -116.33 -59.70 -50.20
N GLU F 1380 -115.35 -59.23 -50.97
CA GLU F 1380 -114.44 -58.21 -50.50
C GLU F 1380 -114.25 -57.15 -51.58
N SER F 1381 -114.12 -55.89 -51.16
CA SER F 1381 -113.93 -54.78 -52.07
C SER F 1381 -112.84 -53.86 -51.50
N VAL F 1382 -111.67 -53.86 -52.12
CA VAL F 1382 -110.54 -53.08 -51.66
C VAL F 1382 -110.40 -51.85 -52.55
N LYS F 1383 -110.40 -50.67 -51.94
CA LYS F 1383 -110.27 -49.42 -52.67
C LYS F 1383 -108.85 -48.89 -52.50
N ARG F 1384 -108.19 -48.62 -53.62
CA ARG F 1384 -106.79 -48.19 -53.62
C ARG F 1384 -106.67 -46.82 -54.30
N SER F 1385 -105.85 -45.97 -53.69
CA SER F 1385 -105.53 -44.65 -54.23
C SER F 1385 -104.09 -44.34 -53.87
N ASN F 1386 -103.66 -43.11 -54.18
CA ASN F 1386 -102.33 -42.65 -53.82
C ASN F 1386 -102.34 -41.27 -53.19
N CYS F 1387 -103.51 -40.76 -52.80
CA CYS F 1387 -103.63 -39.43 -52.24
C CYS F 1387 -104.90 -39.40 -51.41
N TYR F 1388 -104.75 -39.29 -50.09
CA TYR F 1388 -105.88 -39.27 -49.16
C TYR F 1388 -105.89 -37.90 -48.51
N MET F 1389 -106.68 -36.98 -49.06
CA MET F 1389 -106.64 -35.59 -48.63
C MET F 1389 -108.05 -35.07 -48.36
N VAL F 1390 -108.10 -33.87 -47.78
CA VAL F 1390 -109.33 -33.11 -47.64
C VAL F 1390 -109.09 -31.72 -48.23
N TRP F 1391 -110.17 -31.12 -48.72
CA TRP F 1391 -110.14 -29.81 -49.32
C TRP F 1391 -110.64 -28.79 -48.30
N GLY F 1392 -109.94 -27.67 -48.18
CA GLY F 1392 -110.34 -26.64 -47.25
C GLY F 1392 -111.60 -25.90 -47.66
N GLY F 1393 -111.94 -25.91 -48.95
CA GLY F 1393 -113.20 -25.32 -49.38
C GLY F 1393 -114.41 -26.05 -48.82
N ASP F 1394 -114.34 -27.38 -48.76
CA ASP F 1394 -115.39 -28.16 -48.13
C ASP F 1394 -115.46 -27.90 -46.63
N ILE F 1395 -114.30 -27.64 -46.01
CA ILE F 1395 -114.26 -27.29 -44.59
C ILE F 1395 -114.94 -25.94 -44.36
N VAL F 1396 -114.68 -24.97 -45.23
CA VAL F 1396 -115.30 -23.65 -45.12
C VAL F 1396 -116.81 -23.76 -45.34
N ALA F 1397 -117.22 -24.55 -46.34
CA ALA F 1397 -118.65 -24.72 -46.62
C ALA F 1397 -119.37 -25.45 -45.48
N THR F 1398 -118.70 -26.42 -44.87
CA THR F 1398 -119.30 -27.14 -43.75
C THR F 1398 -119.39 -26.27 -42.50
N SER F 1399 -118.46 -25.34 -42.32
CA SER F 1399 -118.46 -24.45 -41.17
C SER F 1399 -119.21 -23.16 -41.47
N SER F 1405 -106.78 -11.45 -42.53
CA SER F 1405 -108.03 -11.86 -43.17
C SER F 1405 -108.59 -13.11 -42.51
N ASN F 1406 -109.79 -12.98 -41.94
CA ASN F 1406 -110.54 -14.04 -41.26
C ASN F 1406 -109.68 -14.54 -40.10
N VAL F 1407 -109.52 -15.86 -39.92
CA VAL F 1407 -108.74 -16.42 -38.84
C VAL F 1407 -107.88 -17.55 -39.38
N ASP F 1408 -106.84 -17.91 -38.63
CA ASP F 1408 -106.00 -19.05 -38.99
C ASP F 1408 -106.80 -20.33 -38.85
N LEU F 1409 -106.61 -21.24 -39.81
CA LEU F 1409 -107.37 -22.48 -39.86
C LEU F 1409 -106.49 -23.64 -39.39
N GLU F 1410 -106.99 -24.41 -38.43
CA GLU F 1410 -106.27 -25.54 -37.85
C GLU F 1410 -106.89 -26.83 -38.36
N ILE F 1411 -106.11 -27.62 -39.11
CA ILE F 1411 -106.58 -28.87 -39.68
C ILE F 1411 -105.72 -30.00 -39.15
N GLY F 1412 -106.32 -30.93 -38.43
CA GLY F 1412 -105.61 -32.03 -37.81
C GLY F 1412 -105.87 -33.34 -38.54
N CYS F 1413 -104.81 -34.12 -38.74
CA CYS F 1413 -104.89 -35.41 -39.39
C CYS F 1413 -104.43 -36.49 -38.41
N LEU F 1414 -105.22 -37.55 -38.29
CA LEU F 1414 -105.01 -38.61 -37.32
C LEU F 1414 -104.99 -39.95 -38.04
N VAL F 1415 -104.07 -40.83 -37.65
CA VAL F 1415 -103.92 -42.15 -38.23
C VAL F 1415 -104.01 -43.18 -37.12
N ASP F 1416 -104.88 -44.17 -37.30
CA ASP F 1416 -104.87 -45.38 -36.50
C ASP F 1416 -104.02 -46.40 -37.25
N LEU F 1417 -102.81 -46.67 -36.73
CA LEU F 1417 -101.88 -47.57 -37.36
C LEU F 1417 -102.25 -49.03 -37.18
N ALA F 1418 -102.91 -49.37 -36.07
CA ALA F 1418 -103.31 -50.75 -35.86
C ALA F 1418 -104.49 -51.13 -36.74
N MET F 1419 -105.33 -50.17 -37.11
CA MET F 1419 -106.44 -50.41 -38.03
C MET F 1419 -106.24 -49.76 -39.38
N GLY F 1420 -105.25 -48.87 -39.53
CA GLY F 1420 -105.02 -48.18 -40.78
C GLY F 1420 -106.15 -47.26 -41.18
N MET F 1421 -106.64 -46.47 -40.23
CA MET F 1421 -107.78 -45.58 -40.46
C MET F 1421 -107.32 -44.13 -40.42
N LEU F 1422 -107.58 -43.40 -41.49
CA LEU F 1422 -107.20 -42.00 -41.59
C LEU F 1422 -108.44 -41.13 -41.35
N SER F 1423 -108.34 -40.23 -40.39
CA SER F 1423 -109.45 -39.34 -40.03
C SER F 1423 -108.94 -37.91 -39.91
N PHE F 1424 -109.87 -36.96 -39.97
CA PHE F 1424 -109.55 -35.55 -40.03
C PHE F 1424 -110.39 -34.76 -39.05
N SER F 1425 -109.90 -33.60 -38.67
CA SER F 1425 -110.60 -32.67 -37.80
C SER F 1425 -110.28 -31.25 -38.22
N ALA F 1426 -111.22 -30.34 -37.96
CA ALA F 1426 -111.08 -28.93 -38.31
C ALA F 1426 -111.45 -28.09 -37.10
N ASN F 1427 -110.45 -27.46 -36.48
CA ASN F 1427 -110.60 -26.63 -35.27
C ASN F 1427 -111.28 -27.40 -34.15
N GLY F 1428 -110.90 -28.66 -33.98
CA GLY F 1428 -111.50 -29.53 -32.99
C GLY F 1428 -112.71 -30.29 -33.48
N ARG F 1429 -113.48 -29.70 -34.39
CA ARG F 1429 -114.65 -30.38 -34.94
C ARG F 1429 -114.23 -31.50 -35.87
N GLU F 1430 -114.78 -32.69 -35.64
CA GLU F 1430 -114.42 -33.86 -36.43
C GLU F 1430 -115.16 -33.85 -37.76
N LEU F 1431 -114.44 -34.05 -38.85
CA LEU F 1431 -115.01 -34.06 -40.19
C LEU F 1431 -115.50 -35.45 -40.54
N GLY F 1432 -116.36 -35.51 -41.56
CA GLY F 1432 -116.93 -36.77 -42.00
C GLY F 1432 -116.08 -37.57 -42.97
N THR F 1433 -114.94 -37.02 -43.40
CA THR F 1433 -114.08 -37.72 -44.33
C THR F 1433 -113.19 -38.71 -43.60
N CYS F 1434 -113.20 -39.97 -44.08
CA CYS F 1434 -112.37 -41.01 -43.49
C CYS F 1434 -111.89 -41.93 -44.60
N TYR F 1435 -110.71 -42.52 -44.38
CA TYR F 1435 -110.11 -43.40 -45.37
C TYR F 1435 -109.61 -44.67 -44.70
N GLN F 1436 -109.64 -45.77 -45.45
CA GLN F 1436 -109.11 -47.05 -44.99
C GLN F 1436 -107.98 -47.47 -45.92
N VAL F 1437 -106.83 -47.79 -45.34
CA VAL F 1437 -105.67 -48.20 -46.10
C VAL F 1437 -105.31 -49.64 -45.74
N GLU F 1438 -104.52 -50.25 -46.60
CA GLU F 1438 -104.09 -51.63 -46.43
C GLU F 1438 -102.91 -51.71 -45.46
N PRO F 1439 -102.64 -52.90 -44.92
CA PRO F 1439 -101.43 -53.07 -44.09
C PRO F 1439 -100.15 -52.80 -44.87
N ASN F 1440 -99.14 -52.34 -44.12
CA ASN F 1440 -97.81 -51.97 -44.65
C ASN F 1440 -97.92 -50.86 -45.70
N THR F 1441 -98.64 -49.80 -45.34
CA THR F 1441 -98.82 -48.64 -46.20
C THR F 1441 -98.08 -47.45 -45.60
N LYS F 1442 -97.12 -46.92 -46.36
CA LYS F 1442 -96.41 -45.71 -45.97
C LYS F 1442 -97.21 -44.51 -46.43
N VAL F 1443 -97.45 -43.56 -45.53
CA VAL F 1443 -98.13 -42.32 -45.86
C VAL F 1443 -97.26 -41.16 -45.38
N PHE F 1444 -97.08 -40.18 -46.25
CA PHE F 1444 -96.36 -38.94 -45.96
C PHE F 1444 -97.36 -37.84 -45.72
N PRO F 1445 -97.12 -36.97 -44.74
CA PRO F 1445 -97.93 -35.73 -44.65
C PRO F 1445 -97.67 -34.83 -45.84
N ALA F 1446 -98.72 -34.22 -46.35
CA ALA F 1446 -98.61 -33.43 -47.57
C ALA F 1446 -99.64 -32.30 -47.58
N VAL F 1447 -99.22 -31.18 -48.18
CA VAL F 1447 -100.07 -30.01 -48.38
C VAL F 1447 -99.91 -29.55 -49.83
N PHE F 1448 -101.02 -29.44 -50.54
CA PHE F 1448 -101.02 -28.90 -51.90
C PHE F 1448 -101.75 -27.57 -51.86
N LEU F 1449 -101.10 -26.50 -52.30
CA LEU F 1449 -101.76 -25.20 -52.18
C LEU F 1449 -101.36 -24.27 -53.31
N GLN F 1450 -102.24 -23.32 -53.59
CA GLN F 1450 -101.93 -22.21 -54.47
C GLN F 1450 -101.76 -20.96 -53.64
N PRO F 1451 -100.61 -20.30 -53.68
CA PRO F 1451 -100.32 -19.21 -52.74
C PRO F 1451 -101.14 -17.95 -53.04
N THR F 1452 -101.87 -17.48 -52.03
CA THR F 1452 -102.59 -16.22 -52.11
C THR F 1452 -102.09 -15.20 -51.10
N SER F 1453 -100.98 -15.48 -50.42
CA SER F 1453 -100.39 -14.57 -49.45
C SER F 1453 -98.88 -14.78 -49.44
N THR F 1454 -98.22 -14.22 -48.43
CA THR F 1454 -96.77 -14.36 -48.29
C THR F 1454 -96.37 -15.34 -47.20
N ALA F 1455 -97.22 -15.55 -46.20
CA ALA F 1455 -97.00 -16.55 -45.16
C ALA F 1455 -98.01 -17.67 -45.39
N LEU F 1456 -97.54 -18.79 -45.94
CA LEU F 1456 -98.46 -19.79 -46.47
C LEU F 1456 -99.08 -20.63 -45.37
N PHE F 1457 -98.27 -21.41 -44.65
CA PHE F 1457 -98.82 -22.32 -43.65
C PHE F 1457 -97.69 -22.78 -42.73
N GLN F 1458 -98.03 -23.65 -41.79
CA GLN F 1458 -97.00 -24.31 -40.99
C GLN F 1458 -97.46 -25.70 -40.56
N PHE F 1459 -96.51 -26.64 -40.57
CA PHE F 1459 -96.69 -27.95 -39.97
C PHE F 1459 -96.51 -27.84 -38.46
N GLU F 1460 -97.53 -28.29 -37.71
CA GLU F 1460 -97.48 -28.37 -36.26
C GLU F 1460 -97.36 -29.83 -35.86
N LEU F 1461 -96.18 -30.19 -35.35
CA LEU F 1461 -95.87 -31.58 -35.00
C LEU F 1461 -96.08 -31.81 -33.51
N GLY F 1462 -97.30 -31.57 -33.06
CA GLY F 1462 -97.67 -31.73 -31.66
C GLY F 1462 -98.22 -33.11 -31.37
N LYS F 1463 -99.03 -33.18 -30.32
CA LYS F 1463 -99.63 -34.44 -29.89
C LYS F 1463 -100.95 -34.16 -29.21
N LEU F 1464 -101.76 -35.20 -29.11
CA LEU F 1464 -103.03 -35.17 -28.40
C LEU F 1464 -103.05 -36.25 -27.33
N LYS F 1465 -104.18 -36.36 -26.64
CA LYS F 1465 -104.37 -37.48 -25.73
C LYS F 1465 -104.60 -38.75 -26.53
N ASN F 1466 -103.89 -39.83 -26.14
CA ASN F 1466 -103.91 -41.12 -26.83
C ASN F 1466 -103.53 -40.97 -28.31
N ALA F 1467 -102.54 -40.13 -28.58
CA ALA F 1467 -102.08 -39.90 -29.95
C ALA F 1467 -100.61 -39.51 -29.91
N MET F 1468 -99.77 -40.32 -30.54
CA MET F 1468 -98.34 -40.05 -30.58
C MET F 1468 -98.06 -38.82 -31.44
N PRO F 1469 -96.97 -38.11 -31.18
CA PRO F 1469 -96.50 -37.10 -32.14
C PRO F 1469 -95.91 -37.79 -33.37
N LEU F 1470 -95.62 -36.97 -34.37
CA LEU F 1470 -95.12 -37.49 -35.64
C LEU F 1470 -93.74 -38.13 -35.48
N SER F 1471 -92.86 -37.51 -34.71
CA SER F 1471 -91.53 -38.05 -34.50
C SER F 1471 -91.52 -39.33 -33.69
N ALA F 1472 -92.57 -39.57 -32.88
CA ALA F 1472 -92.65 -40.83 -32.15
C ALA F 1472 -93.02 -41.98 -33.09
N ALA F 1473 -93.89 -41.73 -34.06
CA ALA F 1473 -94.26 -42.76 -35.01
C ALA F 1473 -93.18 -43.00 -36.06
N ILE F 1474 -92.52 -41.93 -36.50
CA ILE F 1474 -91.52 -42.06 -37.55
C ILE F 1474 -90.28 -42.78 -37.03
N PHE F 1475 -89.78 -42.36 -35.86
CA PHE F 1475 -88.53 -42.86 -35.32
C PHE F 1475 -88.80 -43.83 -34.19
N LYS F 1476 -88.20 -45.03 -34.29
CA LYS F 1476 -88.39 -46.04 -33.26
C LYS F 1476 -87.64 -45.72 -31.98
N SER F 1477 -86.59 -44.90 -32.06
CA SER F 1477 -85.90 -44.47 -30.85
C SER F 1477 -86.76 -43.55 -29.99
N GLU F 1478 -87.61 -42.75 -30.63
CA GLU F 1478 -88.52 -41.85 -29.95
C GLU F 1478 -89.92 -42.45 -29.76
N GLU F 1479 -90.05 -43.77 -29.93
CA GLU F 1479 -91.35 -44.42 -29.85
C GLU F 1479 -91.94 -44.32 -28.45
N LYS F 1480 -91.11 -44.49 -27.42
CA LYS F 1480 -91.56 -44.41 -26.03
C LYS F 1480 -91.45 -42.99 -25.47
N ASN F 1481 -90.96 -42.03 -26.25
CA ASN F 1481 -90.75 -40.68 -25.76
C ASN F 1481 -92.00 -39.85 -26.04
N PRO F 1482 -92.69 -39.34 -25.01
CA PRO F 1482 -93.89 -38.53 -25.25
C PRO F 1482 -93.61 -37.10 -25.71
N VAL F 1483 -92.37 -36.63 -25.59
CA VAL F 1483 -92.04 -35.26 -25.95
C VAL F 1483 -91.99 -35.14 -27.47
N PRO F 1484 -92.75 -34.22 -28.07
CA PRO F 1484 -92.65 -34.02 -29.53
C PRO F 1484 -91.32 -33.41 -29.91
N GLN F 1485 -90.79 -33.89 -31.05
CA GLN F 1485 -89.50 -33.43 -31.55
C GLN F 1485 -89.60 -33.18 -33.04
N CYS F 1486 -88.67 -32.37 -33.55
CA CYS F 1486 -88.51 -32.15 -34.99
C CYS F 1486 -87.05 -32.36 -35.33
N PRO F 1487 -86.65 -33.60 -35.59
CA PRO F 1487 -85.25 -33.89 -35.91
C PRO F 1487 -84.86 -33.31 -37.26
N PRO F 1488 -83.57 -33.06 -37.50
CA PRO F 1488 -83.15 -32.46 -38.78
C PRO F 1488 -83.40 -33.34 -40.00
N ARG F 1489 -83.66 -34.63 -39.83
CA ARG F 1489 -84.03 -35.45 -40.98
C ARG F 1489 -85.42 -35.12 -41.49
N LEU F 1490 -86.30 -34.61 -40.62
CA LEU F 1490 -87.60 -34.13 -41.05
C LEU F 1490 -87.43 -32.79 -41.76
N ASP F 1491 -87.92 -32.72 -43.00
CA ASP F 1491 -87.76 -31.53 -43.81
C ASP F 1491 -88.95 -31.45 -44.77
N VAL F 1492 -89.10 -30.29 -45.38
CA VAL F 1492 -90.17 -30.04 -46.35
C VAL F 1492 -89.61 -30.25 -47.75
N GLN F 1493 -90.32 -31.02 -48.55
CA GLN F 1493 -89.95 -31.32 -49.93
C GLN F 1493 -91.02 -30.79 -50.87
N THR F 1494 -90.61 -30.43 -52.08
CA THR F 1494 -91.52 -29.96 -53.11
C THR F 1494 -91.39 -30.84 -54.35
N ILE F 1495 -92.47 -30.86 -55.14
CA ILE F 1495 -92.46 -31.63 -56.39
C ILE F 1495 -91.49 -30.98 -57.38
N GLN F 1496 -90.62 -31.82 -57.98
CA GLN F 1496 -89.76 -31.43 -59.09
C GLN F 1496 -90.11 -32.31 -60.29
N PRO F 1497 -90.50 -31.74 -61.43
CA PRO F 1497 -91.07 -32.57 -62.51
C PRO F 1497 -90.08 -33.41 -63.30
N VAL F 1498 -88.92 -32.85 -63.66
CA VAL F 1498 -87.99 -33.50 -64.58
C VAL F 1498 -86.71 -33.84 -63.83
N LEU F 1499 -86.14 -35.03 -64.12
CA LEU F 1499 -84.89 -35.45 -63.52
C LEU F 1499 -83.99 -36.07 -64.57
N TRP F 1500 -82.75 -36.33 -64.19
CA TRP F 1500 -81.82 -37.07 -65.03
C TRP F 1500 -81.87 -38.55 -64.68
N SER F 1501 -81.86 -39.40 -65.70
CA SER F 1501 -81.84 -40.84 -65.50
C SER F 1501 -80.83 -41.46 -66.44
N ARG F 1502 -80.08 -42.44 -65.95
CA ARG F 1502 -79.03 -43.07 -66.74
C ARG F 1502 -79.63 -44.07 -67.73
N MET F 1503 -79.17 -43.99 -68.96
CA MET F 1503 -79.61 -44.95 -69.97
C MET F 1503 -78.93 -46.29 -69.71
N PRO F 1504 -79.66 -47.40 -69.73
CA PRO F 1504 -79.04 -48.70 -69.48
C PRO F 1504 -78.04 -49.10 -70.55
N SER F 1505 -77.05 -49.89 -70.14
CA SER F 1505 -76.01 -50.31 -71.06
C SER F 1505 -76.50 -51.38 -72.02
N SER F 1506 -77.50 -52.16 -71.60
CA SER F 1506 -78.08 -53.19 -72.46
C SER F 1506 -79.59 -53.18 -72.29
N PHE F 1507 -80.29 -53.61 -73.34
CA PHE F 1507 -81.74 -53.68 -73.35
C PHE F 1507 -82.16 -55.09 -73.71
N LEU F 1508 -83.39 -55.44 -73.30
CA LEU F 1508 -83.93 -56.74 -73.64
C LEU F 1508 -84.19 -56.83 -75.15
N LYS F 1509 -83.77 -57.95 -75.75
CA LYS F 1509 -83.92 -58.17 -77.18
C LYS F 1509 -85.28 -58.81 -77.42
N VAL F 1510 -86.28 -57.98 -77.75
CA VAL F 1510 -87.65 -58.43 -77.97
C VAL F 1510 -87.89 -58.52 -79.47
N GLU F 1511 -88.33 -59.69 -79.92
CA GLU F 1511 -88.60 -59.94 -81.33
C GLU F 1511 -90.10 -60.09 -81.53
N THR F 1512 -90.67 -59.26 -82.39
CA THR F 1512 -92.09 -59.29 -82.69
C THR F 1512 -92.31 -59.62 -84.15
N GLU F 1513 -93.30 -60.48 -84.42
CA GLU F 1513 -93.60 -60.89 -85.78
C GLU F 1513 -95.05 -61.31 -85.86
N ARG F 1514 -95.55 -61.42 -87.09
CA ARG F 1514 -96.88 -61.93 -87.37
C ARG F 1514 -96.74 -63.35 -87.91
N VAL F 1515 -97.25 -64.32 -87.16
CA VAL F 1515 -97.10 -65.72 -87.56
C VAL F 1515 -98.06 -66.05 -88.70
N SER F 1516 -99.35 -65.92 -88.45
CA SER F 1516 -100.38 -66.21 -89.45
C SER F 1516 -101.63 -65.44 -89.09
N GLU F 1517 -102.57 -65.39 -90.03
CA GLU F 1517 -103.87 -64.78 -89.77
C GLU F 1517 -104.68 -65.56 -88.74
N ARG F 1518 -104.37 -66.84 -88.54
CA ARG F 1518 -105.00 -67.64 -87.50
C ARG F 1518 -104.19 -67.66 -86.22
N HIS F 1519 -102.85 -67.72 -86.34
CA HIS F 1519 -102.01 -67.83 -85.15
C HIS F 1519 -101.86 -66.51 -84.41
N GLY F 1520 -102.00 -65.38 -85.09
CA GLY F 1520 -101.94 -64.10 -84.41
C GLY F 1520 -100.57 -63.47 -84.42
N TRP F 1521 -100.26 -62.65 -83.42
CA TRP F 1521 -98.99 -61.94 -83.37
C TRP F 1521 -98.11 -62.52 -82.27
N ALA F 1522 -96.81 -62.57 -82.52
CA ALA F 1522 -95.88 -63.25 -81.64
C ALA F 1522 -94.93 -62.27 -80.95
N VAL F 1523 -94.73 -62.47 -79.66
CA VAL F 1523 -93.69 -61.80 -78.88
C VAL F 1523 -92.83 -62.88 -78.25
N GLN F 1524 -91.52 -62.67 -78.22
CA GLN F 1524 -90.65 -63.59 -77.51
C GLN F 1524 -89.46 -62.83 -76.93
N CYS F 1525 -88.95 -63.34 -75.81
CA CYS F 1525 -87.77 -62.78 -75.17
C CYS F 1525 -87.07 -63.89 -74.43
N LEU F 1526 -85.84 -64.20 -74.84
CA LEU F 1526 -85.15 -65.39 -74.36
C LEU F 1526 -83.85 -65.09 -73.62
N GLU F 1527 -83.08 -64.10 -74.05
CA GLU F 1527 -81.78 -63.84 -73.46
C GLU F 1527 -81.94 -63.11 -72.13
N PRO F 1528 -81.44 -63.66 -71.03
CA PRO F 1528 -81.61 -63.02 -69.72
C PRO F 1528 -80.82 -61.72 -69.60
N LEU F 1529 -81.35 -60.81 -68.78
CA LEU F 1529 -80.72 -59.53 -68.52
C LEU F 1529 -81.10 -59.06 -67.13
N GLN F 1530 -80.11 -58.71 -66.33
CA GLN F 1530 -80.33 -58.27 -64.95
C GLN F 1530 -79.61 -56.95 -64.70
N MET F 1531 -79.98 -56.31 -63.61
CA MET F 1531 -79.28 -55.11 -63.15
C MET F 1531 -79.21 -55.14 -61.63
N MET F 1532 -78.25 -54.39 -61.09
CA MET F 1532 -78.12 -54.23 -59.65
C MET F 1532 -78.91 -53.00 -59.23
N ALA F 1533 -79.99 -53.23 -58.51
CA ALA F 1533 -80.85 -52.17 -58.02
C ALA F 1533 -80.36 -51.69 -56.66
N LEU F 1534 -80.27 -50.38 -56.50
CA LEU F 1534 -79.96 -49.72 -55.24
C LEU F 1534 -81.25 -49.08 -54.72
N HIS F 1535 -81.68 -49.49 -53.54
CA HIS F 1535 -82.99 -49.20 -53.02
C HIS F 1535 -82.89 -48.25 -51.82
N ILE F 1536 -83.61 -47.14 -51.90
CA ILE F 1536 -83.73 -46.20 -50.79
C ILE F 1536 -84.96 -46.59 -49.99
N PRO F 1537 -84.81 -46.96 -48.71
CA PRO F 1537 -85.93 -47.61 -48.02
C PRO F 1537 -87.09 -46.70 -47.69
N GLU F 1538 -86.83 -45.47 -47.22
CA GLU F 1538 -87.93 -44.61 -46.80
C GLU F 1538 -88.71 -44.04 -47.97
N GLU F 1539 -88.13 -44.02 -49.16
CA GLU F 1539 -88.83 -43.56 -50.36
C GLU F 1539 -89.48 -44.69 -51.13
N ASN F 1540 -89.15 -45.94 -50.79
CA ASN F 1540 -89.69 -47.15 -51.44
C ASN F 1540 -89.46 -47.13 -52.95
N ARG F 1541 -88.26 -46.70 -53.36
CA ARG F 1541 -87.90 -46.69 -54.76
C ARG F 1541 -86.47 -47.17 -54.90
N CYS F 1542 -86.11 -47.53 -56.13
CA CYS F 1542 -84.77 -47.98 -56.45
C CYS F 1542 -84.28 -47.30 -57.72
N VAL F 1543 -82.97 -47.16 -57.81
CA VAL F 1543 -82.32 -46.72 -59.04
C VAL F 1543 -81.31 -47.78 -59.43
N ASP F 1544 -80.62 -47.56 -60.54
CA ASP F 1544 -79.47 -48.39 -60.87
C ASP F 1544 -78.30 -48.03 -59.97
N ILE F 1545 -77.44 -49.01 -59.72
CA ILE F 1545 -76.23 -48.75 -58.96
C ILE F 1545 -75.29 -47.85 -59.76
N LEU F 1546 -75.35 -47.92 -61.09
CA LEU F 1546 -74.51 -47.11 -61.95
C LEU F 1546 -74.91 -45.64 -61.92
N GLU F 1547 -76.12 -45.33 -61.45
CA GLU F 1547 -76.49 -43.94 -61.21
C GLU F 1547 -75.74 -43.34 -60.03
N LEU F 1548 -75.02 -44.14 -59.26
CA LEU F 1548 -74.07 -43.61 -58.28
C LEU F 1548 -72.80 -43.07 -58.93
N CYS F 1549 -72.65 -43.21 -60.25
CA CYS F 1549 -71.53 -42.59 -60.94
C CYS F 1549 -71.60 -41.07 -60.94
N GLU F 1550 -72.76 -40.48 -60.61
CA GLU F 1550 -72.91 -39.04 -60.54
C GLU F 1550 -73.44 -38.52 -59.21
N GLN F 1551 -74.11 -39.35 -58.41
CA GLN F 1551 -74.61 -38.94 -57.11
C GLN F 1551 -73.51 -39.19 -56.08
N GLU F 1552 -72.77 -38.14 -55.74
CA GLU F 1552 -71.55 -38.31 -54.95
C GLU F 1552 -71.84 -38.60 -53.49
N ASP F 1553 -72.89 -38.00 -52.94
CA ASP F 1553 -73.19 -38.18 -51.51
C ASP F 1553 -73.64 -39.61 -51.22
N LEU F 1554 -74.58 -40.12 -52.01
CA LEU F 1554 -75.02 -41.51 -51.84
C LEU F 1554 -73.90 -42.48 -52.15
N MET F 1555 -73.02 -42.16 -53.10
CA MET F 1555 -71.89 -43.03 -53.39
C MET F 1555 -70.93 -43.11 -52.22
N GLN F 1556 -70.64 -41.96 -51.59
CA GLN F 1556 -69.78 -41.96 -50.42
C GLN F 1556 -70.41 -42.72 -49.26
N PHE F 1557 -71.72 -42.53 -49.05
CA PHE F 1557 -72.40 -43.25 -47.97
C PHE F 1557 -72.40 -44.75 -48.21
N HIS F 1558 -72.60 -45.18 -49.47
CA HIS F 1558 -72.62 -46.61 -49.74
C HIS F 1558 -71.21 -47.21 -49.72
N TYR F 1559 -70.21 -46.44 -50.11
CA TYR F 1559 -68.82 -46.90 -49.98
C TYR F 1559 -68.45 -47.11 -48.51
N HIS F 1560 -68.85 -46.18 -47.64
CA HIS F 1560 -68.56 -46.37 -46.22
C HIS F 1560 -69.45 -47.45 -45.62
N THR F 1561 -70.62 -47.70 -46.20
CA THR F 1561 -71.42 -48.85 -45.79
C THR F 1561 -70.73 -50.16 -46.13
N LEU F 1562 -70.11 -50.24 -47.30
CA LEU F 1562 -69.34 -51.43 -47.67
C LEU F 1562 -68.12 -51.59 -46.76
N ARG F 1563 -67.48 -50.47 -46.39
CA ARG F 1563 -66.38 -50.52 -45.43
C ARG F 1563 -66.83 -51.02 -44.08
N LEU F 1564 -68.02 -50.59 -43.62
CA LEU F 1564 -68.56 -51.08 -42.36
C LEU F 1564 -68.92 -52.56 -42.44
N TYR F 1565 -69.42 -53.00 -43.60
CA TYR F 1565 -69.67 -54.42 -43.81
C TYR F 1565 -68.38 -55.24 -43.70
N SER F 1566 -67.29 -54.73 -44.26
CA SER F 1566 -66.01 -55.41 -44.10
C SER F 1566 -65.51 -55.35 -42.67
N ALA F 1567 -65.84 -54.27 -41.94
CA ALA F 1567 -65.33 -54.09 -40.59
C ALA F 1567 -66.03 -55.02 -39.59
N VAL F 1568 -67.34 -55.23 -39.76
CA VAL F 1568 -68.08 -55.99 -38.75
C VAL F 1568 -67.79 -57.47 -38.82
N CYS F 1569 -67.21 -57.97 -39.90
CA CYS F 1569 -66.85 -59.37 -40.03
C CYS F 1569 -65.34 -59.57 -40.09
N ALA F 1570 -64.57 -58.59 -39.65
CA ALA F 1570 -63.13 -58.65 -39.76
C ALA F 1570 -62.55 -59.63 -38.74
N LEU F 1571 -61.46 -60.28 -39.15
CA LEU F 1571 -60.70 -61.23 -38.33
C LEU F 1571 -61.58 -62.39 -37.84
N GLY F 1572 -62.21 -63.06 -38.79
CA GLY F 1572 -62.90 -64.32 -38.54
C GLY F 1572 -64.15 -64.26 -37.68
N ASN F 1573 -64.99 -63.25 -37.87
CA ASN F 1573 -66.29 -63.22 -37.21
C ASN F 1573 -67.29 -63.93 -38.11
N SER F 1574 -67.43 -65.24 -37.89
CA SER F 1574 -68.17 -66.09 -38.83
C SER F 1574 -69.67 -65.84 -38.77
N ARG F 1575 -70.21 -65.62 -37.57
CA ARG F 1575 -71.65 -65.40 -37.42
C ARG F 1575 -72.09 -64.13 -38.14
N VAL F 1576 -71.30 -63.05 -38.01
CA VAL F 1576 -71.61 -61.81 -38.70
C VAL F 1576 -71.46 -61.97 -40.21
N ALA F 1577 -70.50 -62.78 -40.66
CA ALA F 1577 -70.35 -63.02 -42.10
C ALA F 1577 -71.54 -63.80 -42.66
N TYR F 1578 -72.05 -64.78 -41.90
CA TYR F 1578 -73.26 -65.47 -42.32
C TYR F 1578 -74.46 -64.54 -42.33
N ALA F 1579 -74.52 -63.62 -41.37
CA ALA F 1579 -75.58 -62.60 -41.39
C ALA F 1579 -75.45 -61.68 -42.60
N LEU F 1580 -74.21 -61.34 -42.98
CA LEU F 1580 -73.96 -60.48 -44.12
C LEU F 1580 -74.27 -61.16 -45.45
N CYS F 1581 -74.21 -62.49 -45.50
CA CYS F 1581 -74.60 -63.19 -46.71
C CYS F 1581 -76.08 -63.03 -47.05
N GLY F 1582 -76.91 -62.65 -46.07
CA GLY F 1582 -78.29 -62.31 -46.30
C GLY F 1582 -78.54 -60.88 -46.72
N HIS F 1583 -77.48 -60.09 -46.90
CA HIS F 1583 -77.58 -58.72 -47.38
C HIS F 1583 -76.92 -58.55 -48.74
N VAL F 1584 -75.68 -59.00 -48.89
CA VAL F 1584 -75.00 -59.06 -50.17
C VAL F 1584 -74.62 -60.52 -50.41
N ASP F 1585 -75.24 -61.14 -51.41
CA ASP F 1585 -75.02 -62.54 -51.70
C ASP F 1585 -73.99 -62.69 -52.81
N LEU F 1586 -73.75 -63.95 -53.22
CA LEU F 1586 -72.69 -64.24 -54.17
C LEU F 1586 -73.01 -63.76 -55.57
N SER F 1587 -74.28 -63.77 -55.96
CA SER F 1587 -74.65 -63.26 -57.28
C SER F 1587 -74.38 -61.77 -57.40
N GLN F 1588 -74.69 -61.01 -56.35
CA GLN F 1588 -74.39 -59.58 -56.32
C GLN F 1588 -72.88 -59.35 -56.38
N LEU F 1589 -72.11 -60.14 -55.63
CA LEU F 1589 -70.65 -59.97 -55.61
C LEU F 1589 -70.04 -60.30 -56.96
N PHE F 1590 -70.52 -61.36 -57.62
CA PHE F 1590 -70.02 -61.71 -58.95
C PHE F 1590 -70.37 -60.63 -59.97
N TYR F 1591 -71.60 -60.11 -59.92
CA TYR F 1591 -72.00 -59.02 -60.80
C TYR F 1591 -71.14 -57.78 -60.56
N ALA F 1592 -70.88 -57.46 -59.30
CA ALA F 1592 -70.14 -56.25 -58.98
C ALA F 1592 -68.67 -56.36 -59.35
N ILE F 1593 -68.07 -57.54 -59.19
CA ILE F 1593 -66.68 -57.67 -59.58
C ILE F 1593 -66.52 -57.79 -61.09
N ASP F 1594 -67.54 -58.25 -61.81
CA ASP F 1594 -67.46 -58.32 -63.26
C ASP F 1594 -67.77 -56.99 -63.93
N ASN F 1595 -68.54 -56.12 -63.28
CA ASN F 1595 -69.05 -54.91 -63.92
C ASN F 1595 -67.93 -53.90 -64.16
N LYS F 1596 -67.98 -53.23 -65.32
CA LYS F 1596 -66.94 -52.30 -65.74
C LYS F 1596 -67.36 -50.84 -65.66
N TYR F 1597 -68.65 -50.55 -65.53
CA TYR F 1597 -69.11 -49.17 -65.40
C TYR F 1597 -69.25 -48.73 -63.96
N LEU F 1598 -68.92 -49.60 -63.01
CA LEU F 1598 -69.01 -49.27 -61.60
C LEU F 1598 -67.96 -48.23 -61.23
N PRO F 1599 -68.26 -47.34 -60.28
CA PRO F 1599 -67.23 -46.42 -59.78
C PRO F 1599 -66.12 -47.15 -59.06
N GLY F 1600 -64.95 -46.51 -59.04
CA GLY F 1600 -63.75 -47.17 -58.51
C GLY F 1600 -63.83 -47.48 -57.03
N LEU F 1601 -64.37 -46.55 -56.24
CA LEU F 1601 -64.52 -46.80 -54.81
C LEU F 1601 -65.50 -47.92 -54.55
N LEU F 1602 -66.62 -47.96 -55.28
CA LEU F 1602 -67.59 -49.04 -55.13
C LEU F 1602 -67.01 -50.38 -55.57
N ARG F 1603 -66.26 -50.38 -56.68
CA ARG F 1603 -65.63 -51.61 -57.15
C ARG F 1603 -64.63 -52.15 -56.14
N SER F 1604 -63.80 -51.26 -55.58
CA SER F 1604 -62.85 -51.67 -54.54
C SER F 1604 -63.57 -52.17 -53.29
N GLY F 1605 -64.66 -51.51 -52.90
CA GLY F 1605 -65.40 -51.94 -51.74
C GLY F 1605 -66.08 -53.29 -51.93
N PHE F 1606 -66.58 -53.56 -53.13
CA PHE F 1606 -67.21 -54.84 -53.40
C PHE F 1606 -66.20 -55.97 -53.44
N TYR F 1607 -65.02 -55.72 -54.02
CA TYR F 1607 -63.95 -56.72 -53.98
C TYR F 1607 -63.50 -56.99 -52.54
N ASP F 1608 -63.37 -55.92 -51.74
CA ASP F 1608 -62.99 -56.07 -50.34
C ASP F 1608 -64.04 -56.83 -49.55
N LEU F 1609 -65.32 -56.58 -49.85
CA LEU F 1609 -66.40 -57.28 -49.17
C LEU F 1609 -66.41 -58.77 -49.53
N LEU F 1610 -66.16 -59.09 -50.80
CA LEU F 1610 -66.07 -60.49 -51.21
C LEU F 1610 -64.94 -61.21 -50.48
N ILE F 1611 -63.76 -60.57 -50.41
CA ILE F 1611 -62.62 -61.16 -49.71
C ILE F 1611 -62.91 -61.29 -48.22
N SER F 1612 -63.54 -60.28 -47.61
CA SER F 1612 -63.80 -60.30 -46.18
C SER F 1612 -64.81 -61.37 -45.81
N ILE F 1613 -65.90 -61.51 -46.57
CA ILE F 1613 -66.92 -62.50 -46.23
C ILE F 1613 -66.40 -63.90 -46.50
N HIS F 1614 -65.77 -64.13 -47.66
CA HIS F 1614 -65.56 -65.50 -48.10
C HIS F 1614 -64.13 -65.99 -48.06
N LEU F 1615 -63.12 -65.11 -48.10
CA LEU F 1615 -61.76 -65.55 -48.33
C LEU F 1615 -60.74 -65.13 -47.28
N ALA F 1616 -61.08 -64.21 -46.37
CA ALA F 1616 -60.08 -63.63 -45.50
C ALA F 1616 -59.60 -64.61 -44.43
N ASN F 1617 -60.52 -65.43 -43.89
CA ASN F 1617 -60.18 -66.31 -42.78
C ASN F 1617 -59.25 -67.43 -43.22
N ALA F 1618 -59.48 -68.00 -44.40
CA ALA F 1618 -58.60 -69.04 -44.92
C ALA F 1618 -57.21 -68.50 -45.21
N LYS F 1619 -57.14 -67.29 -45.77
CA LYS F 1619 -55.84 -66.66 -46.03
C LYS F 1619 -55.09 -66.37 -44.74
N GLU F 1620 -55.80 -65.91 -43.71
CA GLU F 1620 -55.17 -65.66 -42.41
C GLU F 1620 -54.65 -66.95 -41.78
N ARG F 1621 -55.42 -68.04 -41.89
CA ARG F 1621 -54.96 -69.31 -41.33
C ARG F 1621 -53.79 -69.87 -42.11
N LYS F 1622 -53.74 -69.64 -43.42
CA LYS F 1622 -52.57 -70.05 -44.19
C LYS F 1622 -51.36 -69.22 -43.84
N LEU F 1623 -51.54 -67.93 -43.58
CA LEU F 1623 -50.40 -67.06 -43.27
C LEU F 1623 -49.88 -67.28 -41.86
N MET F 1624 -50.74 -67.70 -40.93
CA MET F 1624 -50.26 -67.99 -39.57
C MET F 1624 -49.35 -69.21 -39.57
N MET F 1625 -49.79 -70.30 -40.20
CA MET F 1625 -49.04 -71.55 -40.21
C MET F 1625 -48.23 -71.67 -41.50
N LYS F 1626 -47.26 -70.76 -41.65
CA LYS F 1626 -46.44 -70.74 -42.85
C LYS F 1626 -44.95 -70.68 -42.58
N ASN F 1627 -44.52 -70.40 -41.35
CA ASN F 1627 -43.09 -70.34 -41.03
C ASN F 1627 -42.56 -71.67 -40.51
N GLU F 1628 -43.40 -72.68 -40.38
CA GLU F 1628 -43.00 -74.01 -39.95
C GLU F 1628 -43.17 -74.99 -41.09
N TYR F 1629 -42.23 -75.95 -41.20
CA TYR F 1629 -42.23 -76.94 -42.26
C TYR F 1629 -42.20 -78.32 -41.61
N ILE F 1630 -43.38 -78.94 -41.48
CA ILE F 1630 -43.50 -80.25 -40.85
C ILE F 1630 -43.71 -81.27 -41.97
N ILE F 1631 -42.73 -82.14 -42.17
CA ILE F 1631 -42.69 -83.04 -43.31
C ILE F 1631 -42.71 -84.48 -42.81
N PRO F 1632 -43.63 -85.32 -43.25
CA PRO F 1632 -43.58 -86.74 -42.91
C PRO F 1632 -42.78 -87.55 -43.93
N ILE F 1633 -42.17 -88.63 -43.43
CA ILE F 1633 -41.40 -89.52 -44.29
C ILE F 1633 -42.35 -90.52 -44.92
N THR F 1634 -42.62 -90.35 -46.21
CA THR F 1634 -43.41 -91.31 -46.98
C THR F 1634 -42.61 -91.73 -48.21
N SER F 1635 -43.22 -92.49 -49.11
CA SER F 1635 -42.57 -92.76 -50.39
C SER F 1635 -42.61 -91.54 -51.30
N ALA F 1636 -43.61 -90.68 -51.15
CA ALA F 1636 -43.69 -89.46 -51.93
C ALA F 1636 -42.74 -88.38 -51.43
N THR F 1637 -42.23 -88.52 -50.20
CA THR F 1637 -41.28 -87.54 -49.67
C THR F 1637 -39.96 -87.59 -50.43
N ARG F 1638 -39.51 -88.78 -50.79
CA ARG F 1638 -38.25 -88.94 -51.52
C ARG F 1638 -38.30 -88.37 -52.94
N LYS F 1639 -39.50 -88.15 -53.48
CA LYS F 1639 -39.64 -87.79 -54.89
C LYS F 1639 -39.38 -86.31 -55.17
N ILE F 1640 -39.16 -85.50 -54.14
CA ILE F 1640 -38.90 -84.08 -54.35
C ILE F 1640 -37.48 -83.90 -54.88
N ARG F 1641 -37.36 -83.25 -56.03
CA ARG F 1641 -36.08 -82.97 -56.66
C ARG F 1641 -35.78 -81.48 -56.61
N LEU F 1642 -34.49 -81.15 -56.50
CA LEU F 1642 -34.10 -79.75 -56.48
C LEU F 1642 -34.34 -79.09 -57.83
N TYR F 1643 -33.98 -79.76 -58.91
CA TYR F 1643 -34.23 -79.31 -60.27
C TYR F 1643 -35.23 -80.24 -60.95
N PRO F 1644 -36.11 -79.72 -61.79
CA PRO F 1644 -37.13 -80.58 -62.42
C PRO F 1644 -36.58 -81.55 -63.44
N ASP F 1645 -35.36 -81.33 -63.94
CA ASP F 1645 -34.75 -82.22 -64.92
C ASP F 1645 -33.25 -82.19 -64.69
N GLU F 1646 -32.50 -82.72 -65.66
CA GLU F 1646 -31.05 -82.74 -65.62
C GLU F 1646 -30.42 -81.55 -66.34
N SER F 1647 -31.23 -80.63 -66.86
CA SER F 1647 -30.73 -79.49 -67.60
C SER F 1647 -30.25 -78.35 -66.70
N LYS F 1648 -30.44 -78.48 -65.38
CA LYS F 1648 -30.08 -77.46 -64.39
C LYS F 1648 -30.74 -76.12 -64.69
N ARG F 1649 -31.99 -76.17 -65.12
CA ARG F 1649 -32.82 -74.98 -65.31
C ARG F 1649 -33.90 -74.96 -64.23
N HIS F 1650 -34.16 -73.78 -63.70
CA HIS F 1650 -35.11 -73.63 -62.60
C HIS F 1650 -36.53 -73.95 -63.04
N GLY F 1651 -37.26 -74.65 -62.18
CA GLY F 1651 -38.68 -74.84 -62.39
C GLY F 1651 -39.46 -73.60 -62.02
N LEU F 1652 -40.72 -73.60 -62.39
CA LEU F 1652 -41.57 -72.46 -62.09
C LEU F 1652 -41.89 -72.41 -60.60
N PRO F 1653 -41.84 -71.24 -59.97
CA PRO F 1653 -42.16 -71.16 -58.54
C PRO F 1653 -43.65 -71.38 -58.29
N GLY F 1654 -43.95 -72.20 -57.29
CA GLY F 1654 -45.31 -72.54 -56.97
C GLY F 1654 -45.86 -73.74 -57.71
N VAL F 1655 -45.13 -74.29 -58.67
CA VAL F 1655 -45.57 -75.39 -59.50
C VAL F 1655 -44.80 -76.64 -59.07
N GLY F 1656 -45.53 -77.70 -58.71
CA GLY F 1656 -44.91 -78.94 -58.34
C GLY F 1656 -45.53 -79.59 -57.11
N LEU F 1657 -45.07 -80.80 -56.78
CA LEU F 1657 -45.56 -81.49 -55.59
C LEU F 1657 -45.00 -80.84 -54.34
N ARG F 1658 -45.84 -80.72 -53.32
CA ARG F 1658 -45.45 -80.14 -52.04
C ARG F 1658 -45.62 -81.19 -50.95
N THR F 1659 -44.54 -81.49 -50.24
CA THR F 1659 -44.57 -82.44 -49.13
C THR F 1659 -44.42 -81.64 -47.84
N CYS F 1660 -45.54 -81.12 -47.36
CA CYS F 1660 -45.61 -80.38 -46.11
C CYS F 1660 -47.01 -80.55 -45.54
N LEU F 1661 -47.13 -80.32 -44.24
CA LEU F 1661 -48.38 -80.55 -43.53
C LEU F 1661 -49.07 -79.21 -43.32
N LYS F 1662 -49.82 -78.79 -44.34
CA LYS F 1662 -50.61 -77.57 -44.28
C LYS F 1662 -52.08 -77.93 -44.12
N PRO F 1663 -52.68 -77.71 -42.95
CA PRO F 1663 -54.09 -78.03 -42.77
C PRO F 1663 -55.00 -77.15 -43.61
N GLY F 1664 -56.13 -77.72 -44.02
CA GLY F 1664 -57.08 -77.04 -44.87
C GLY F 1664 -58.07 -76.20 -44.08
N PHE F 1665 -59.09 -75.74 -44.80
CA PHE F 1665 -60.12 -74.88 -44.23
C PHE F 1665 -61.49 -75.47 -44.52
N ARG F 1666 -62.44 -75.20 -43.64
CA ARG F 1666 -63.79 -75.74 -43.73
C ARG F 1666 -64.78 -74.65 -44.11
N PHE F 1667 -65.68 -74.97 -45.04
CA PHE F 1667 -66.72 -74.07 -45.49
C PHE F 1667 -68.07 -74.76 -45.39
N SER F 1668 -69.13 -73.97 -45.22
CA SER F 1668 -70.48 -74.50 -45.18
C SER F 1668 -71.43 -73.53 -45.88
N THR F 1669 -72.54 -74.08 -46.36
CA THR F 1669 -73.49 -73.32 -47.15
C THR F 1669 -74.20 -72.27 -46.30
N PRO F 1670 -74.28 -71.02 -46.75
CA PRO F 1670 -74.99 -70.00 -45.96
C PRO F 1670 -76.50 -70.17 -45.99
N CYS F 1671 -77.01 -71.16 -45.26
CA CYS F 1671 -78.43 -71.43 -45.19
C CYS F 1671 -78.98 -70.90 -43.86
N PHE F 1672 -79.96 -70.01 -43.93
CA PHE F 1672 -80.55 -69.46 -42.71
C PHE F 1672 -81.57 -70.41 -42.09
N VAL F 1673 -82.03 -71.41 -42.84
CA VAL F 1673 -82.76 -72.50 -42.23
C VAL F 1673 -81.76 -73.44 -41.55
N VAL F 1674 -82.28 -74.25 -40.61
CA VAL F 1674 -81.50 -75.17 -39.78
C VAL F 1674 -80.40 -74.44 -39.01
N GLN F 1680 -73.14 -73.88 -39.06
CA GLN F 1680 -72.13 -72.94 -39.50
C GLN F 1680 -70.73 -73.48 -39.27
N LYS F 1681 -69.93 -73.52 -40.34
CA LYS F 1681 -68.57 -74.05 -40.29
C LYS F 1681 -67.63 -73.01 -40.91
N GLN F 1682 -67.14 -72.09 -40.08
CA GLN F 1682 -66.11 -71.10 -40.41
C GLN F 1682 -66.65 -70.19 -41.53
N SER F 1683 -65.92 -70.03 -42.64
CA SER F 1683 -66.33 -69.09 -43.67
C SER F 1683 -67.53 -69.63 -44.46
N PRO F 1684 -68.37 -68.75 -44.99
CA PRO F 1684 -69.47 -69.20 -45.84
C PRO F 1684 -68.98 -69.80 -47.16
N GLU F 1685 -69.79 -70.69 -47.71
CA GLU F 1685 -69.41 -71.44 -48.90
C GLU F 1685 -69.36 -70.53 -50.12
N ILE F 1686 -68.49 -70.91 -51.07
CA ILE F 1686 -68.26 -70.18 -52.31
C ILE F 1686 -67.76 -71.23 -53.29
N PRO F 1687 -68.14 -71.16 -54.59
CA PRO F 1687 -67.74 -72.23 -55.52
C PRO F 1687 -66.24 -72.45 -55.67
N LEU F 1688 -65.44 -71.37 -55.65
CA LEU F 1688 -63.98 -71.40 -55.71
C LEU F 1688 -63.39 -72.01 -56.98
N GLU F 1689 -64.25 -72.38 -57.93
CA GLU F 1689 -63.83 -72.82 -59.26
C GLU F 1689 -64.35 -71.90 -60.34
N ILE F 1690 -65.56 -71.38 -60.17
CA ILE F 1690 -66.02 -70.25 -60.98
C ILE F 1690 -65.22 -69.00 -60.62
N LEU F 1691 -64.90 -68.84 -59.34
CA LEU F 1691 -64.23 -67.62 -58.87
C LEU F 1691 -62.81 -67.51 -59.40
N LYS F 1692 -62.05 -68.61 -59.37
CA LYS F 1692 -60.65 -68.54 -59.82
C LYS F 1692 -60.57 -68.39 -61.33
N THR F 1693 -61.46 -69.04 -62.07
CA THR F 1693 -61.53 -68.85 -63.52
C THR F 1693 -61.91 -67.41 -63.86
N LYS F 1694 -62.87 -66.85 -63.11
CA LYS F 1694 -63.28 -65.47 -63.33
C LYS F 1694 -62.14 -64.50 -63.02
N ALA F 1695 -61.39 -64.76 -61.95
CA ALA F 1695 -60.26 -63.91 -61.59
C ALA F 1695 -59.16 -63.98 -62.63
N LEU F 1696 -58.88 -65.17 -63.15
CA LEU F 1696 -57.87 -65.31 -64.21
C LEU F 1696 -58.30 -64.60 -65.49
N SER F 1697 -59.58 -64.73 -65.86
CA SER F 1697 -60.07 -64.04 -67.06
C SER F 1697 -60.04 -62.52 -66.87
N MET F 1698 -60.40 -62.04 -65.69
CA MET F 1698 -60.36 -60.60 -65.42
C MET F 1698 -58.93 -60.07 -65.44
N LEU F 1699 -57.97 -60.84 -64.90
CA LEU F 1699 -56.58 -60.40 -64.95
C LEU F 1699 -56.05 -60.38 -66.38
N THR F 1700 -56.39 -61.40 -67.18
CA THR F 1700 -55.97 -61.42 -68.57
C THR F 1700 -56.57 -60.26 -69.36
N GLU F 1701 -57.85 -59.97 -69.13
CA GLU F 1701 -58.49 -58.86 -69.84
C GLU F 1701 -57.95 -57.51 -69.38
N ALA F 1702 -57.60 -57.38 -68.10
CA ALA F 1702 -57.00 -56.15 -67.62
C ALA F 1702 -55.62 -55.94 -68.20
N VAL F 1703 -54.84 -57.01 -68.34
CA VAL F 1703 -53.50 -56.89 -68.91
C VAL F 1703 -53.57 -56.57 -70.40
N GLN F 1704 -54.53 -57.17 -71.11
CA GLN F 1704 -54.66 -56.90 -72.55
C GLN F 1704 -55.05 -55.45 -72.83
N HIS F 1705 -55.98 -54.90 -72.08
CA HIS F 1705 -56.42 -53.52 -72.24
C HIS F 1705 -55.69 -52.60 -71.26
N SER F 1706 -54.36 -52.61 -71.33
CA SER F 1706 -53.55 -51.86 -70.37
C SER F 1706 -52.56 -50.94 -71.07
N GLY F 1707 -52.93 -50.40 -72.23
CA GLY F 1707 -52.07 -49.43 -72.89
C GLY F 1707 -52.07 -48.10 -72.17
N ALA F 1708 -51.03 -47.31 -72.43
CA ALA F 1708 -50.94 -45.98 -71.85
C ALA F 1708 -51.87 -44.98 -72.53
N HIS F 1709 -52.38 -45.31 -73.71
CA HIS F 1709 -53.24 -44.43 -74.47
C HIS F 1709 -54.72 -44.64 -74.17
N ILE F 1710 -55.08 -45.67 -73.39
CA ILE F 1710 -56.47 -45.97 -73.13
C ILE F 1710 -57.07 -44.92 -72.21
N ARG F 1711 -58.22 -44.38 -72.59
CA ARG F 1711 -58.82 -43.25 -71.89
C ARG F 1711 -60.05 -43.62 -71.07
N ASP F 1712 -60.39 -44.90 -70.97
CA ASP F 1712 -61.45 -45.36 -70.06
C ASP F 1712 -61.00 -46.59 -69.28
N PRO F 1713 -60.08 -46.42 -68.32
CA PRO F 1713 -59.75 -47.55 -67.44
C PRO F 1713 -60.91 -47.86 -66.52
N VAL F 1714 -60.99 -49.13 -66.10
CA VAL F 1714 -62.11 -49.57 -65.27
C VAL F 1714 -61.98 -48.98 -63.89
N GLY F 1715 -63.05 -48.34 -63.41
CA GLY F 1715 -63.04 -47.66 -62.15
C GLY F 1715 -62.64 -46.20 -62.21
N GLY F 1716 -62.16 -45.72 -63.35
CA GLY F 1716 -61.73 -44.36 -63.50
C GLY F 1716 -60.23 -44.15 -63.49
N SER F 1717 -59.45 -45.17 -63.12
CA SER F 1717 -58.00 -45.07 -63.12
C SER F 1717 -57.41 -46.47 -63.28
N VAL F 1718 -56.10 -46.50 -63.52
CA VAL F 1718 -55.38 -47.76 -63.64
C VAL F 1718 -55.33 -48.48 -62.29
N GLU F 1719 -55.20 -47.70 -61.20
CA GLU F 1719 -55.19 -48.27 -59.87
C GLU F 1719 -56.49 -49.00 -59.55
N PHE F 1720 -57.62 -48.36 -59.86
CA PHE F 1720 -58.92 -48.99 -59.61
C PHE F 1720 -59.14 -50.20 -60.50
N GLN F 1721 -58.51 -50.22 -61.69
CA GLN F 1721 -58.64 -51.38 -62.56
C GLN F 1721 -57.83 -52.56 -62.07
N PHE F 1722 -56.61 -52.32 -61.57
CA PHE F 1722 -55.67 -53.40 -61.30
C PHE F 1722 -55.62 -53.84 -59.85
N VAL F 1723 -55.69 -52.91 -58.90
CA VAL F 1723 -55.46 -53.25 -57.49
C VAL F 1723 -56.48 -54.25 -56.93
N PRO F 1724 -57.81 -54.11 -57.13
CA PRO F 1724 -58.72 -55.15 -56.62
C PRO F 1724 -58.51 -56.52 -57.23
N VAL F 1725 -58.23 -56.58 -58.53
CA VAL F 1725 -57.98 -57.86 -59.19
C VAL F 1725 -56.73 -58.52 -58.64
N LEU F 1726 -55.67 -57.74 -58.42
CA LEU F 1726 -54.43 -58.29 -57.88
C LEU F 1726 -54.59 -58.71 -56.42
N LYS F 1727 -55.40 -57.98 -55.64
CA LYS F 1727 -55.69 -58.42 -54.28
C LYS F 1727 -56.42 -59.76 -54.27
N LEU F 1728 -57.40 -59.91 -55.16
CA LEU F 1728 -58.12 -61.18 -55.26
C LEU F 1728 -57.20 -62.32 -55.72
N ILE F 1729 -56.33 -62.05 -56.68
CA ILE F 1729 -55.38 -63.05 -57.17
C ILE F 1729 -54.42 -63.47 -56.06
N GLY F 1730 -53.89 -62.51 -55.31
CA GLY F 1730 -53.00 -62.83 -54.21
C GLY F 1730 -53.68 -63.59 -53.09
N THR F 1731 -54.93 -63.22 -52.78
CA THR F 1731 -55.68 -63.93 -51.77
C THR F 1731 -55.94 -65.38 -52.17
N LEU F 1732 -56.28 -65.61 -53.44
CA LEU F 1732 -56.49 -66.98 -53.90
C LEU F 1732 -55.17 -67.74 -54.03
N LEU F 1733 -54.05 -67.04 -54.23
CA LEU F 1733 -52.75 -67.69 -54.30
C LEU F 1733 -52.30 -68.19 -52.93
N VAL F 1734 -52.47 -67.36 -51.90
CA VAL F 1734 -52.06 -67.76 -50.55
C VAL F 1734 -52.91 -68.93 -50.04
N MET F 1735 -54.20 -68.94 -50.40
CA MET F 1735 -55.09 -70.01 -50.00
C MET F 1735 -54.81 -71.34 -50.69
N GLY F 1736 -53.97 -71.35 -51.74
CA GLY F 1736 -53.70 -72.57 -52.46
C GLY F 1736 -54.80 -73.03 -53.38
N VAL F 1737 -55.64 -72.09 -53.84
CA VAL F 1737 -56.77 -72.47 -54.70
C VAL F 1737 -56.29 -72.86 -56.09
N PHE F 1738 -55.34 -72.11 -56.66
CA PHE F 1738 -54.92 -72.34 -58.03
C PHE F 1738 -54.12 -73.63 -58.17
N ASP F 1739 -54.26 -74.27 -59.32
CA ASP F 1739 -53.45 -75.42 -59.69
C ASP F 1739 -52.28 -74.96 -60.55
N ASP F 1740 -51.56 -75.91 -61.15
CA ASP F 1740 -50.29 -75.60 -61.81
C ASP F 1740 -50.50 -74.81 -63.10
N ASP F 1741 -51.55 -75.12 -63.86
CA ASP F 1741 -51.81 -74.40 -65.10
C ASP F 1741 -52.20 -72.95 -64.82
N ASP F 1742 -52.99 -72.72 -63.76
CA ASP F 1742 -53.36 -71.36 -63.39
C ASP F 1742 -52.16 -70.56 -62.93
N ILE F 1743 -51.26 -71.17 -62.17
CA ILE F 1743 -50.03 -70.50 -61.75
C ILE F 1743 -49.16 -70.21 -62.96
N ARG F 1744 -49.15 -71.11 -63.94
CA ARG F 1744 -48.40 -70.88 -65.17
C ARG F 1744 -48.97 -69.69 -65.94
N GLN F 1745 -50.30 -69.57 -65.99
CA GLN F 1745 -50.93 -68.40 -66.62
C GLN F 1745 -50.57 -67.10 -65.90
N ILE F 1746 -50.58 -67.13 -64.56
CA ILE F 1746 -50.22 -65.95 -63.78
C ILE F 1746 -48.77 -65.56 -64.03
N LEU F 1747 -47.87 -66.55 -64.07
CA LEU F 1747 -46.46 -66.27 -64.30
C LEU F 1747 -46.21 -65.74 -65.71
N LEU F 1748 -46.95 -66.25 -66.70
CA LEU F 1748 -46.84 -65.71 -68.05
C LEU F 1748 -47.37 -64.28 -68.11
N LEU F 1749 -48.40 -63.96 -67.34
CA LEU F 1749 -48.89 -62.58 -67.29
C LEU F 1749 -47.91 -61.65 -66.59
N ILE F 1750 -47.15 -62.16 -65.62
CA ILE F 1750 -46.19 -61.33 -64.91
C ILE F 1750 -44.96 -61.05 -65.77
N ASP F 1751 -44.33 -62.11 -66.29
CA ASP F 1751 -43.14 -61.96 -67.14
C ASP F 1751 -43.06 -63.17 -68.06
N PRO F 1752 -43.48 -63.04 -69.31
CA PRO F 1752 -43.49 -64.20 -70.22
C PRO F 1752 -42.11 -64.65 -70.69
N SER F 1753 -41.07 -63.86 -70.45
CA SER F 1753 -39.73 -64.26 -70.88
C SER F 1753 -39.01 -65.10 -69.84
N VAL F 1754 -39.07 -64.68 -68.57
CA VAL F 1754 -38.42 -65.44 -67.50
C VAL F 1754 -39.14 -66.76 -67.28
N PHE F 1755 -40.48 -66.74 -67.26
CA PHE F 1755 -41.29 -67.92 -67.05
C PHE F 1755 -41.82 -68.51 -68.34
N GLY F 1756 -41.06 -68.41 -69.42
CA GLY F 1756 -41.46 -68.93 -70.71
C GLY F 1756 -41.34 -70.44 -70.79
N GLU F 1757 -41.82 -70.97 -71.92
CA GLU F 1757 -41.85 -72.41 -72.13
C GLU F 1757 -40.47 -73.01 -72.39
N HIS F 1758 -39.48 -72.20 -72.75
CA HIS F 1758 -38.14 -72.71 -73.03
C HIS F 1758 -37.43 -73.13 -71.75
N LYS F 1792 -45.78 -55.86 -72.74
CA LYS F 1792 -45.36 -57.23 -72.42
C LYS F 1792 -46.02 -57.68 -71.12
N GLY F 1793 -45.20 -57.97 -70.12
CA GLY F 1793 -45.70 -58.39 -68.82
C GLY F 1793 -46.13 -57.23 -67.95
N LEU F 1794 -46.55 -57.56 -66.73
CA LEU F 1794 -46.96 -56.54 -65.78
C LEU F 1794 -45.78 -55.76 -65.24
N LEU F 1795 -44.64 -56.44 -65.03
CA LEU F 1795 -43.49 -55.81 -64.39
C LEU F 1795 -42.77 -54.82 -65.30
N GLN F 1796 -42.98 -54.91 -66.61
CA GLN F 1796 -42.31 -54.05 -67.58
C GLN F 1796 -43.24 -52.99 -68.15
N THR F 1797 -44.15 -52.48 -67.33
CA THR F 1797 -45.07 -51.43 -67.74
C THR F 1797 -45.03 -50.30 -66.71
N ARG F 1798 -45.42 -49.11 -67.16
CA ARG F 1798 -45.50 -47.95 -66.29
C ARG F 1798 -46.72 -48.09 -65.39
N LEU F 1799 -46.49 -48.31 -64.10
CA LEU F 1799 -47.55 -48.62 -63.17
C LEU F 1799 -47.64 -47.59 -62.06
N PRO F 1800 -48.81 -47.41 -61.45
CA PRO F 1800 -48.89 -46.65 -60.20
C PRO F 1800 -48.26 -47.42 -59.06
N GLU F 1801 -48.11 -46.73 -57.92
CA GLU F 1801 -47.40 -47.31 -56.79
C GLU F 1801 -48.23 -48.35 -56.06
N SER F 1802 -49.56 -48.27 -56.13
CA SER F 1802 -50.40 -49.30 -55.50
C SER F 1802 -50.30 -50.62 -56.23
N VAL F 1803 -50.27 -50.58 -57.57
CA VAL F 1803 -50.05 -51.78 -58.36
C VAL F 1803 -48.67 -52.34 -58.09
N LYS F 1804 -47.68 -51.49 -57.85
CA LYS F 1804 -46.36 -51.94 -57.47
C LYS F 1804 -46.37 -52.63 -56.11
N LEU F 1805 -47.18 -52.13 -55.17
CA LEU F 1805 -47.33 -52.80 -53.88
C LEU F 1805 -47.91 -54.20 -54.05
N GLN F 1806 -48.95 -54.33 -54.88
CA GLN F 1806 -49.55 -55.64 -55.10
C GLN F 1806 -48.57 -56.60 -55.81
N MET F 1807 -47.80 -56.08 -56.77
CA MET F 1807 -46.80 -56.91 -57.43
C MET F 1807 -45.69 -57.34 -56.48
N CYS F 1808 -45.31 -56.46 -55.54
CA CYS F 1808 -44.34 -56.82 -54.52
C CYS F 1808 -44.85 -57.94 -53.64
N GLU F 1809 -46.13 -57.90 -53.26
CA GLU F 1809 -46.71 -58.98 -52.47
C GLU F 1809 -46.73 -60.30 -53.24
N LEU F 1810 -47.06 -60.25 -54.53
CA LEU F 1810 -47.05 -61.46 -55.34
C LEU F 1810 -45.66 -62.06 -55.47
N LEU F 1811 -44.66 -61.21 -55.70
CA LEU F 1811 -43.28 -61.69 -55.81
C LEU F 1811 -42.76 -62.23 -54.48
N SER F 1812 -43.19 -61.65 -53.36
CA SER F 1812 -42.83 -62.19 -52.06
C SER F 1812 -43.42 -63.58 -51.85
N TYR F 1813 -44.66 -63.78 -52.32
CA TYR F 1813 -45.26 -65.12 -52.25
C TYR F 1813 -44.48 -66.12 -53.10
N LEU F 1814 -44.03 -65.70 -54.28
CA LEU F 1814 -43.22 -66.58 -55.12
C LEU F 1814 -41.89 -66.94 -54.46
N CYS F 1815 -41.28 -65.97 -53.76
CA CYS F 1815 -40.06 -66.25 -52.99
C CYS F 1815 -40.31 -67.26 -51.89
N ASP F 1816 -41.46 -67.15 -51.21
CA ASP F 1816 -41.80 -68.12 -50.16
C ASP F 1816 -41.99 -69.51 -50.75
N CYS F 1817 -42.60 -69.60 -51.92
CA CYS F 1817 -42.77 -70.89 -52.59
C CYS F 1817 -41.41 -71.52 -52.93
N GLU F 1818 -40.48 -70.72 -53.44
CA GLU F 1818 -39.15 -71.24 -53.76
C GLU F 1818 -38.41 -71.70 -52.52
N LEU F 1819 -38.54 -70.96 -51.42
CA LEU F 1819 -37.90 -71.37 -50.17
C LEU F 1819 -38.45 -72.69 -49.65
N GLN F 1820 -39.78 -72.86 -49.72
CA GLN F 1820 -40.39 -74.11 -49.29
C GLN F 1820 -39.94 -75.27 -50.16
N HIS F 1821 -39.81 -75.04 -51.47
CA HIS F 1821 -39.32 -76.08 -52.36
C HIS F 1821 -37.89 -76.50 -52.03
N ARG F 1822 -37.03 -75.52 -51.71
CA ARG F 1822 -35.66 -75.83 -51.32
C ARG F 1822 -35.62 -76.65 -50.03
N VAL F 1823 -36.46 -76.30 -49.05
CA VAL F 1823 -36.50 -77.04 -47.79
C VAL F 1823 -36.95 -78.47 -48.02
N GLU F 1824 -37.98 -78.67 -48.85
CA GLU F 1824 -38.46 -80.02 -49.12
C GLU F 1824 -37.43 -80.86 -49.87
N ALA F 1825 -36.70 -80.25 -50.81
CA ALA F 1825 -35.65 -80.96 -51.52
C ALA F 1825 -34.52 -81.37 -50.58
N ILE F 1826 -34.15 -80.49 -49.65
CA ILE F 1826 -33.12 -80.80 -48.66
C ILE F 1826 -33.56 -81.97 -47.79
N VAL F 1827 -34.83 -81.98 -47.37
CA VAL F 1827 -35.33 -83.06 -46.52
C VAL F 1827 -35.35 -84.39 -47.28
N ALA F 1828 -35.72 -84.36 -48.57
CA ALA F 1828 -35.73 -85.60 -49.37
C ALA F 1828 -34.33 -86.17 -49.53
N PHE F 1829 -33.36 -85.31 -49.87
CA PHE F 1829 -31.98 -85.78 -49.97
C PHE F 1829 -31.46 -86.26 -48.63
N GLY F 1830 -31.87 -85.62 -47.53
CA GLY F 1830 -31.47 -86.07 -46.21
C GLY F 1830 -32.00 -87.46 -45.89
N ASP F 1831 -33.23 -87.76 -46.30
CA ASP F 1831 -33.78 -89.09 -46.09
C ASP F 1831 -33.00 -90.14 -46.86
N ILE F 1832 -32.69 -89.86 -48.13
CA ILE F 1832 -31.94 -90.83 -48.94
C ILE F 1832 -30.53 -91.02 -48.38
N TYR F 1833 -29.87 -89.92 -48.00
CA TYR F 1833 -28.53 -89.97 -47.43
C TYR F 1833 -28.51 -90.70 -46.10
N VAL F 1834 -29.55 -90.52 -45.29
CA VAL F 1834 -29.62 -91.20 -44.00
C VAL F 1834 -29.78 -92.70 -44.19
N SER F 1835 -30.60 -93.11 -45.18
CA SER F 1835 -30.72 -94.54 -45.47
C SER F 1835 -29.39 -95.13 -45.95
N LYS F 1836 -28.67 -94.41 -46.82
CA LYS F 1836 -27.37 -94.88 -47.28
C LYS F 1836 -26.36 -94.97 -46.14
N LEU F 1837 -26.36 -93.98 -45.25
CA LEU F 1837 -25.43 -93.99 -44.13
C LEU F 1837 -25.75 -95.11 -43.15
N GLN F 1838 -27.04 -95.40 -42.94
CA GLN F 1838 -27.41 -96.53 -42.08
C GLN F 1838 -26.94 -97.84 -42.67
N ALA F 1839 -27.12 -98.04 -43.98
CA ALA F 1839 -26.64 -99.27 -44.62
C ALA F 1839 -25.12 -99.38 -44.54
N ASN F 1840 -24.40 -98.29 -44.78
CA ASN F 1840 -22.94 -98.32 -44.74
C ASN F 1840 -22.43 -98.59 -43.34
N GLN F 1841 -23.04 -97.98 -42.32
CA GLN F 1841 -22.61 -98.23 -40.95
C GLN F 1841 -22.94 -99.65 -40.50
N LYS F 1842 -24.07 -100.19 -40.96
CA LYS F 1842 -24.39 -101.58 -40.68
C LYS F 1842 -23.36 -102.53 -41.28
N SER F 1843 -22.96 -102.27 -42.53
CA SER F 1843 -21.94 -103.08 -43.17
C SER F 1843 -20.60 -102.97 -42.46
N ARG F 1844 -20.22 -101.75 -42.07
CA ARG F 1844 -18.95 -101.55 -41.37
C ARG F 1844 -18.95 -102.22 -40.00
N TYR F 1845 -20.06 -102.16 -39.28
CA TYR F 1845 -20.16 -102.82 -37.98
C TYR F 1845 -20.11 -104.34 -38.13
N ASN F 1846 -20.77 -104.88 -39.16
CA ASN F 1846 -20.70 -106.30 -39.42
C ASN F 1846 -19.29 -106.74 -39.78
N GLU F 1847 -18.57 -105.92 -40.55
CA GLU F 1847 -17.18 -106.22 -40.87
C GLU F 1847 -16.29 -106.14 -39.63
N LEU F 1848 -16.55 -105.18 -38.75
CA LEU F 1848 -15.76 -105.02 -37.54
C LEU F 1848 -15.96 -106.20 -36.58
N MET F 1849 -17.21 -106.63 -36.39
CA MET F 1849 -17.47 -107.75 -35.49
C MET F 1849 -17.03 -109.09 -36.08
N GLN F 1850 -16.80 -109.15 -37.39
CA GLN F 1850 -16.33 -110.38 -38.04
C GLN F 1850 -14.81 -110.47 -38.09
N ALA F 1851 -14.10 -109.47 -37.56
CA ALA F 1851 -12.64 -109.47 -37.57
C ALA F 1851 -12.12 -110.45 -36.53
N LEU F 1852 -11.39 -111.47 -36.99
CA LEU F 1852 -10.92 -112.52 -36.09
C LEU F 1852 -9.77 -112.03 -35.21
N ASN F 1853 -8.82 -111.29 -35.80
CA ASN F 1853 -7.60 -110.89 -35.11
C ASN F 1853 -7.41 -109.38 -35.20
N MET F 1854 -8.46 -108.63 -34.90
CA MET F 1854 -8.38 -107.18 -34.90
C MET F 1854 -7.53 -106.68 -33.74
N SER F 1855 -6.84 -105.57 -33.97
CA SER F 1855 -6.01 -104.96 -32.93
C SER F 1855 -6.87 -104.37 -31.83
N ALA F 1856 -6.30 -104.29 -30.63
CA ALA F 1856 -7.04 -103.79 -29.47
C ALA F 1856 -7.32 -102.31 -29.59
N ALA F 1857 -6.34 -101.52 -30.07
CA ALA F 1857 -6.52 -100.08 -30.16
C ALA F 1857 -7.56 -99.70 -31.21
N LEU F 1858 -7.53 -100.35 -32.37
CA LEU F 1858 -8.50 -100.06 -33.42
C LEU F 1858 -9.90 -100.48 -33.01
N THR F 1859 -10.03 -101.65 -32.35
CA THR F 1859 -11.33 -102.09 -31.87
C THR F 1859 -11.86 -101.18 -30.78
N ALA F 1860 -10.98 -100.69 -29.89
CA ALA F 1860 -11.40 -99.77 -28.85
C ALA F 1860 -11.86 -98.43 -29.44
N ARG F 1861 -11.13 -97.92 -30.44
CA ARG F 1861 -11.53 -96.68 -31.10
C ARG F 1861 -12.86 -96.84 -31.84
N LYS F 1862 -13.05 -97.98 -32.52
CA LYS F 1862 -14.30 -98.23 -33.22
C LYS F 1862 -15.47 -98.38 -32.26
N THR F 1863 -15.26 -99.05 -31.11
CA THR F 1863 -16.31 -99.18 -30.12
C THR F 1863 -16.65 -97.84 -29.48
N ARG F 1864 -15.63 -96.99 -29.26
CA ARG F 1864 -15.90 -95.65 -28.74
C ARG F 1864 -16.65 -94.80 -29.76
N GLU F 1865 -16.35 -94.98 -31.05
CA GLU F 1865 -17.10 -94.28 -32.08
C GLU F 1865 -18.55 -94.77 -32.16
N PHE F 1866 -18.76 -96.08 -31.99
CA PHE F 1866 -20.11 -96.63 -32.07
C PHE F 1866 -20.89 -96.51 -30.77
N ARG F 1867 -20.25 -96.08 -29.69
CA ARG F 1867 -20.95 -95.84 -28.43
C ARG F 1867 -21.38 -94.39 -28.27
N SER F 1868 -21.14 -93.56 -29.30
CA SER F 1868 -21.52 -92.16 -29.25
C SER F 1868 -23.04 -92.02 -29.35
N PRO F 1869 -23.58 -90.88 -28.92
CA PRO F 1869 -24.98 -90.59 -29.20
C PRO F 1869 -25.21 -90.46 -30.70
N PRO F 1870 -26.45 -90.71 -31.16
CA PRO F 1870 -26.72 -90.66 -32.61
C PRO F 1870 -26.42 -89.32 -33.26
N GLN F 1871 -26.64 -88.22 -32.54
CA GLN F 1871 -26.25 -86.91 -33.06
C GLN F 1871 -24.73 -86.81 -33.21
N GLU F 1872 -23.98 -87.38 -32.27
CA GLU F 1872 -22.53 -87.41 -32.38
C GLU F 1872 -22.09 -88.29 -33.54
N GLN F 1873 -22.81 -89.39 -33.78
CA GLN F 1873 -22.51 -90.23 -34.93
C GLN F 1873 -22.74 -89.49 -36.26
N ILE F 1874 -23.83 -88.73 -36.34
CA ILE F 1874 -24.11 -87.95 -37.54
C ILE F 1874 -23.06 -86.86 -37.72
N ASN F 1875 -22.66 -86.20 -36.63
CA ASN F 1875 -21.62 -85.18 -36.70
C ASN F 1875 -20.30 -85.77 -37.16
N MET F 1876 -19.95 -86.96 -36.67
CA MET F 1876 -18.70 -87.60 -37.09
C MET F 1876 -18.77 -88.04 -38.54
N LEU F 1877 -19.93 -88.52 -38.99
CA LEU F 1877 -20.07 -88.96 -40.37
C LEU F 1877 -20.06 -87.80 -41.35
N LEU F 1878 -20.59 -86.64 -40.96
CA LEU F 1878 -20.73 -85.52 -41.89
C LEU F 1878 -19.53 -84.60 -41.92
N ASN F 1879 -18.74 -84.56 -40.85
CA ASN F 1879 -17.56 -83.69 -40.84
C ASN F 1879 -16.47 -84.27 -41.73
N PHE F 1880 -16.39 -83.77 -42.97
CA PHE F 1880 -15.39 -84.27 -43.91
C PHE F 1880 -14.02 -83.68 -43.67
N GLN F 1881 -13.91 -82.66 -42.80
CA GLN F 1881 -12.62 -82.08 -42.45
C GLN F 1881 -11.80 -82.97 -41.53
N LEU F 1882 -12.39 -84.04 -40.99
CA LEU F 1882 -11.65 -84.93 -40.11
C LEU F 1882 -10.67 -85.83 -40.85
N GLY F 1883 -10.83 -85.96 -42.17
CA GLY F 1883 -9.93 -86.77 -42.97
C GLY F 1883 -10.06 -88.26 -42.72
N GLU F 1884 -9.01 -88.85 -42.14
CA GLU F 1884 -9.05 -90.28 -41.81
C GLU F 1884 -9.97 -90.56 -40.62
N ASN F 1885 -10.15 -89.57 -39.73
CA ASN F 1885 -11.01 -89.75 -38.58
C ASN F 1885 -12.48 -89.87 -38.96
N CYS F 1886 -12.88 -89.33 -40.10
CA CYS F 1886 -14.25 -89.49 -40.57
C CYS F 1886 -14.40 -90.85 -41.23
N PRO F 1887 -15.36 -91.68 -40.79
CA PRO F 1887 -15.48 -93.03 -41.37
C PRO F 1887 -16.30 -93.09 -42.64
N CYS F 1888 -16.54 -91.94 -43.27
CA CYS F 1888 -17.38 -91.90 -44.46
C CYS F 1888 -16.58 -92.35 -45.69
N PRO F 1889 -17.11 -93.29 -46.48
CA PRO F 1889 -16.44 -93.66 -47.73
C PRO F 1889 -16.53 -92.54 -48.77
N GLU F 1890 -15.72 -92.70 -49.82
CA GLU F 1890 -15.53 -91.63 -50.81
C GLU F 1890 -16.78 -91.37 -51.64
N GLU F 1891 -17.55 -92.41 -51.96
CA GLU F 1891 -18.73 -92.24 -52.83
C GLU F 1891 -19.80 -91.38 -52.15
N ILE F 1892 -20.03 -91.61 -50.86
CA ILE F 1892 -21.02 -90.84 -50.12
C ILE F 1892 -20.57 -89.39 -49.98
N ARG F 1893 -19.25 -89.18 -49.81
CA ARG F 1893 -18.71 -87.83 -49.78
C ARG F 1893 -18.89 -87.12 -51.12
N GLU F 1894 -18.70 -87.85 -52.22
CA GLU F 1894 -18.92 -87.27 -53.54
C GLU F 1894 -20.39 -86.89 -53.75
N GLU F 1895 -21.30 -87.75 -53.29
CA GLU F 1895 -22.72 -87.46 -53.41
C GLU F 1895 -23.11 -86.22 -52.60
N LEU F 1896 -22.59 -86.10 -51.38
CA LEU F 1896 -22.90 -84.94 -50.55
C LEU F 1896 -22.29 -83.66 -51.13
N TYR F 1897 -21.08 -83.76 -51.69
CA TYR F 1897 -20.46 -82.63 -52.37
C TYR F 1897 -21.29 -82.17 -53.56
N ASP F 1898 -21.79 -83.13 -54.36
CA ASP F 1898 -22.61 -82.79 -55.51
C ASP F 1898 -23.91 -82.12 -55.08
N PHE F 1899 -24.55 -82.63 -54.02
CA PHE F 1899 -25.79 -82.00 -53.57
C PHE F 1899 -25.55 -80.62 -52.99
N HIS F 1900 -24.43 -80.43 -52.28
CA HIS F 1900 -24.11 -79.10 -51.75
C HIS F 1900 -23.85 -78.11 -52.87
N GLU F 1901 -23.15 -78.55 -53.92
CA GLU F 1901 -22.92 -77.68 -55.08
C GLU F 1901 -24.23 -77.33 -55.77
N ASP F 1902 -25.12 -78.30 -55.93
CA ASP F 1902 -26.41 -78.04 -56.55
C ASP F 1902 -27.26 -77.08 -55.71
N LEU F 1903 -27.25 -77.25 -54.39
CA LEU F 1903 -28.00 -76.36 -53.51
C LEU F 1903 -27.44 -74.94 -53.55
N LEU F 1904 -26.11 -74.80 -53.61
CA LEU F 1904 -25.54 -73.47 -53.65
C LEU F 1904 -25.74 -72.80 -55.00
N ILE F 1905 -25.79 -73.57 -56.09
CA ILE F 1905 -26.12 -73.00 -57.39
C ILE F 1905 -27.58 -72.59 -57.44
N HIS F 1906 -28.47 -73.42 -56.88
CA HIS F 1906 -29.90 -73.13 -56.90
C HIS F 1906 -30.26 -71.91 -56.06
N CYS F 1907 -29.45 -71.59 -55.05
CA CYS F 1907 -29.69 -70.43 -54.20
C CYS F 1907 -29.07 -69.16 -54.74
N GLY F 1908 -28.50 -69.19 -55.94
CA GLY F 1908 -27.94 -68.01 -56.54
C GLY F 1908 -26.58 -67.60 -56.03
N VAL F 1909 -25.89 -68.48 -55.32
CA VAL F 1909 -24.56 -68.19 -54.77
C VAL F 1909 -23.52 -68.77 -55.73
N PRO F 1910 -22.71 -67.95 -56.41
CA PRO F 1910 -21.70 -68.45 -57.35
C PRO F 1910 -20.52 -69.13 -56.65
N GLU F 1950 -26.45 -55.81 -68.78
CA GLU F 1950 -26.09 -57.21 -68.61
C GLU F 1950 -27.02 -58.13 -69.39
N ARG F 1951 -27.19 -59.35 -68.90
CA ARG F 1951 -28.04 -60.33 -69.57
C ARG F 1951 -29.47 -60.24 -69.05
N CYS F 1952 -30.40 -60.72 -69.87
CA CYS F 1952 -31.80 -60.81 -69.47
C CYS F 1952 -31.95 -61.83 -68.33
N PRO F 1953 -32.93 -61.62 -67.44
CA PRO F 1953 -33.09 -62.54 -66.31
C PRO F 1953 -33.51 -63.94 -66.75
N THR F 1954 -33.09 -64.92 -65.96
CA THR F 1954 -33.45 -66.32 -66.17
C THR F 1954 -34.13 -66.94 -64.95
N THR F 1955 -33.72 -66.55 -63.74
CA THR F 1955 -34.32 -67.04 -62.51
C THR F 1955 -35.19 -65.95 -61.90
N LEU F 1956 -35.87 -66.30 -60.82
CA LEU F 1956 -36.74 -65.35 -60.14
C LEU F 1956 -35.92 -64.27 -59.42
N LYS F 1957 -34.77 -64.65 -58.87
CA LYS F 1957 -33.94 -63.70 -58.12
C LYS F 1957 -33.44 -62.57 -59.00
N GLU F 1958 -32.96 -62.90 -60.20
CA GLU F 1958 -32.48 -61.88 -61.12
C GLU F 1958 -33.60 -60.95 -61.56
N LEU F 1959 -34.77 -61.52 -61.85
CA LEU F 1959 -35.93 -60.73 -62.25
C LEU F 1959 -36.34 -59.76 -61.16
N ILE F 1960 -36.40 -60.23 -59.91
CA ILE F 1960 -36.83 -59.38 -58.80
C ILE F 1960 -35.80 -58.29 -58.55
N SER F 1961 -34.52 -58.63 -58.58
CA SER F 1961 -33.47 -57.63 -58.36
C SER F 1961 -33.48 -56.56 -59.43
N GLN F 1962 -33.57 -56.96 -60.69
CA GLN F 1962 -33.60 -55.98 -61.79
C GLN F 1962 -34.85 -55.13 -61.74
N THR F 1963 -36.00 -55.74 -61.39
CA THR F 1963 -37.25 -54.99 -61.30
C THR F 1963 -37.20 -53.94 -60.19
N MET F 1964 -36.69 -54.31 -59.00
CA MET F 1964 -36.61 -53.36 -57.91
C MET F 1964 -35.63 -52.23 -58.22
N ILE F 1965 -34.48 -52.57 -58.79
CA ILE F 1965 -33.49 -51.54 -59.14
C ILE F 1965 -34.05 -50.60 -60.22
N ARG F 1966 -34.74 -51.15 -61.22
CA ARG F 1966 -35.31 -50.31 -62.27
C ARG F 1966 -36.43 -49.42 -61.75
N TRP F 1967 -37.26 -49.95 -60.84
CA TRP F 1967 -38.32 -49.13 -60.25
C TRP F 1967 -37.74 -47.98 -59.44
N ALA F 1968 -36.69 -48.25 -58.66
CA ALA F 1968 -36.11 -47.19 -57.84
C ALA F 1968 -35.30 -46.20 -58.68
N GLN F 1969 -34.75 -46.64 -59.81
CA GLN F 1969 -34.02 -45.72 -60.68
C GLN F 1969 -34.95 -44.84 -61.50
N GLU F 1970 -36.07 -45.39 -61.99
CA GLU F 1970 -36.91 -44.64 -62.93
C GLU F 1970 -37.69 -43.54 -62.22
N ASP F 1971 -38.09 -43.75 -60.97
CA ASP F 1971 -38.88 -42.76 -60.25
C ASP F 1971 -38.38 -42.67 -58.82
N GLN F 1972 -38.70 -41.56 -58.17
CA GLN F 1972 -38.50 -41.43 -56.74
C GLN F 1972 -39.80 -41.82 -56.04
N ILE F 1973 -39.74 -42.88 -55.24
CA ILE F 1973 -40.94 -43.47 -54.68
C ILE F 1973 -41.46 -42.58 -53.55
N GLN F 1974 -42.74 -42.22 -53.64
CA GLN F 1974 -43.34 -41.29 -52.69
C GLN F 1974 -44.07 -41.98 -51.55
N ASP F 1975 -44.24 -43.30 -51.59
CA ASP F 1975 -44.90 -44.04 -50.53
C ASP F 1975 -43.85 -44.77 -49.70
N ALA F 1976 -43.93 -44.59 -48.38
CA ALA F 1976 -42.95 -45.22 -47.49
C ALA F 1976 -43.12 -46.74 -47.46
N GLU F 1977 -44.36 -47.22 -47.54
CA GLU F 1977 -44.61 -48.65 -47.53
C GLU F 1977 -44.06 -49.31 -48.78
N LEU F 1978 -44.13 -48.63 -49.93
CA LEU F 1978 -43.56 -49.19 -51.15
C LEU F 1978 -42.04 -49.24 -51.09
N VAL F 1979 -41.41 -48.21 -50.51
CA VAL F 1979 -39.97 -48.22 -50.31
C VAL F 1979 -39.55 -49.39 -49.42
N ARG F 1980 -40.29 -49.56 -48.32
CA ARG F 1980 -40.00 -50.65 -47.38
C ARG F 1980 -40.16 -52.02 -48.04
N MET F 1981 -41.24 -52.21 -48.80
CA MET F 1981 -41.49 -53.49 -49.44
C MET F 1981 -40.47 -53.77 -50.54
N MET F 1982 -40.15 -52.76 -51.35
CA MET F 1982 -39.18 -52.93 -52.43
C MET F 1982 -37.81 -53.27 -51.89
N PHE F 1983 -37.35 -52.57 -50.84
CA PHE F 1983 -36.02 -52.84 -50.36
C PHE F 1983 -35.95 -54.08 -49.49
N SER F 1984 -37.03 -54.47 -48.82
CA SER F 1984 -37.05 -55.78 -48.16
C SER F 1984 -36.98 -56.91 -49.17
N LEU F 1985 -37.76 -56.80 -50.26
CA LEU F 1985 -37.74 -57.83 -51.30
C LEU F 1985 -36.41 -57.86 -52.03
N LEU F 1986 -35.75 -56.72 -52.18
CA LEU F 1986 -34.43 -56.70 -52.79
C LEU F 1986 -33.37 -57.30 -51.87
N GLN F 1987 -33.46 -57.03 -50.57
CA GLN F 1987 -32.49 -57.55 -49.62
C GLN F 1987 -32.61 -59.05 -49.44
N ARG F 1988 -33.85 -59.57 -49.46
CA ARG F 1988 -33.99 -61.01 -49.25
C ARG F 1988 -33.61 -61.85 -50.46
N GLN F 1989 -33.36 -61.23 -51.62
CA GLN F 1989 -32.83 -61.97 -52.75
C GLN F 1989 -31.35 -62.29 -52.58
N TYR F 1990 -30.64 -61.48 -51.80
CA TYR F 1990 -29.23 -61.66 -51.54
C TYR F 1990 -28.97 -62.24 -50.16
N ASP F 1991 -29.98 -62.86 -49.56
CA ASP F 1991 -29.90 -63.53 -48.27
C ASP F 1991 -30.57 -64.88 -48.37
N SER F 1992 -30.24 -65.64 -49.42
CA SER F 1992 -30.91 -66.91 -49.66
C SER F 1992 -30.43 -67.98 -48.69
N ILE F 1993 -29.13 -68.01 -48.38
CA ILE F 1993 -28.61 -69.00 -47.46
C ILE F 1993 -29.08 -68.71 -46.04
N GLY F 1994 -29.12 -67.43 -45.66
CA GLY F 1994 -29.61 -67.08 -44.33
C GLY F 1994 -31.07 -67.40 -44.14
N GLU F 1995 -31.89 -67.13 -45.16
CA GLU F 1995 -33.31 -67.49 -45.10
C GLU F 1995 -33.49 -69.00 -45.10
N LEU F 1996 -32.66 -69.73 -45.84
CA LEU F 1996 -32.72 -71.18 -45.84
C LEU F 1996 -32.36 -71.75 -44.47
N LEU F 1997 -31.36 -71.16 -43.81
CA LEU F 1997 -31.01 -71.56 -42.45
C LEU F 1997 -32.14 -71.27 -41.47
N GLN F 1998 -32.76 -70.09 -41.59
CA GLN F 1998 -33.87 -69.74 -40.71
C GLN F 1998 -35.05 -70.68 -40.93
N ALA F 1999 -35.30 -71.08 -42.17
CA ALA F 1999 -36.36 -72.03 -42.47
C ALA F 1999 -36.04 -73.42 -41.91
N LEU F 2000 -34.78 -73.85 -42.05
CA LEU F 2000 -34.39 -75.17 -41.57
C LEU F 2000 -34.36 -75.25 -40.05
N ARG F 2001 -34.19 -74.13 -39.36
CA ARG F 2001 -34.31 -74.15 -37.90
C ARG F 2001 -35.73 -74.47 -37.45
N LYS F 2002 -36.73 -74.13 -38.26
CA LYS F 2002 -38.13 -74.41 -37.95
C LYS F 2002 -38.68 -75.57 -38.77
N THR F 2003 -37.80 -76.40 -39.32
CA THR F 2003 -38.20 -77.58 -40.09
C THR F 2003 -38.16 -78.80 -39.19
N TYR F 2004 -39.24 -79.58 -39.18
CA TYR F 2004 -39.30 -80.81 -38.41
C TYR F 2004 -39.81 -81.95 -39.29
N THR F 2005 -39.34 -83.15 -38.98
CA THR F 2005 -39.64 -84.35 -39.74
C THR F 2005 -40.33 -85.36 -38.83
N ILE F 2006 -41.49 -85.86 -39.27
CA ILE F 2006 -42.27 -86.81 -38.49
C ILE F 2006 -42.48 -88.09 -39.29
N SER F 2007 -43.23 -89.03 -38.71
CA SER F 2007 -43.51 -90.31 -39.33
C SER F 2007 -44.96 -90.35 -39.81
N GLN F 2008 -45.30 -91.43 -40.53
CA GLN F 2008 -46.64 -91.57 -41.09
C GLN F 2008 -47.70 -91.74 -40.01
N ALA F 2009 -47.46 -92.63 -39.05
CA ALA F 2009 -48.41 -92.90 -37.98
C ALA F 2009 -48.63 -91.70 -37.07
N SER F 2010 -47.74 -90.71 -37.11
CA SER F 2010 -47.88 -89.48 -36.34
C SER F 2010 -48.41 -88.33 -37.20
N VAL F 2011 -48.92 -88.60 -38.39
CA VAL F 2011 -49.40 -87.51 -39.25
C VAL F 2011 -50.71 -86.94 -38.71
N SER F 2012 -51.74 -87.79 -38.57
CA SER F 2012 -53.11 -87.32 -38.40
C SER F 2012 -53.28 -86.52 -37.11
N ASP F 2013 -52.76 -87.04 -36.00
CA ASP F 2013 -52.79 -86.33 -34.72
C ASP F 2013 -52.08 -84.98 -34.85
N THR F 2014 -50.93 -84.96 -35.52
CA THR F 2014 -50.20 -83.72 -35.77
C THR F 2014 -51.09 -82.71 -36.49
N ILE F 2015 -51.84 -83.19 -37.49
CA ILE F 2015 -52.75 -82.32 -38.22
C ILE F 2015 -53.76 -81.70 -37.27
N ASN F 2016 -54.37 -82.53 -36.42
CA ASN F 2016 -55.31 -82.01 -35.43
C ASN F 2016 -54.64 -81.01 -34.53
N LEU F 2017 -53.42 -81.34 -34.06
CA LEU F 2017 -52.66 -80.44 -33.21
C LEU F 2017 -52.41 -79.12 -33.92
N LEU F 2018 -52.00 -79.20 -35.20
CA LEU F 2018 -51.71 -77.99 -35.96
C LEU F 2018 -52.97 -77.15 -36.10
N ALA F 2019 -54.12 -77.80 -36.35
CA ALA F 2019 -55.37 -77.07 -36.47
C ALA F 2019 -55.68 -76.31 -35.20
N ALA F 2020 -55.49 -76.99 -34.05
CA ALA F 2020 -55.76 -76.36 -32.77
C ALA F 2020 -54.84 -75.17 -32.57
N LEU F 2021 -53.55 -75.35 -32.90
CA LEU F 2021 -52.59 -74.26 -32.74
C LEU F 2021 -52.97 -73.09 -33.63
N GLY F 2022 -53.43 -73.39 -34.86
CA GLY F 2022 -53.83 -72.32 -35.76
C GLY F 2022 -54.96 -71.50 -35.18
N GLN F 2023 -55.91 -72.17 -34.54
CA GLN F 2023 -57.05 -71.48 -33.95
C GLN F 2023 -56.58 -70.51 -32.88
N ILE F 2024 -55.61 -70.96 -32.07
CA ILE F 2024 -55.12 -70.11 -30.99
C ILE F 2024 -54.43 -68.88 -31.56
N ARG F 2025 -53.71 -69.05 -32.68
CA ARG F 2025 -53.05 -67.92 -33.29
C ARG F 2025 -54.07 -66.96 -33.88
N CYS F 2026 -55.20 -67.49 -34.37
CA CYS F 2026 -56.25 -66.62 -34.88
C CYS F 2026 -56.96 -65.87 -33.78
N LEU F 2027 -56.72 -66.21 -32.52
CA LEU F 2027 -57.26 -65.43 -31.42
C LEU F 2027 -56.24 -64.45 -30.83
N LEU F 2028 -55.07 -64.31 -31.46
CA LEU F 2028 -54.11 -63.33 -30.97
C LEU F 2028 -54.47 -61.91 -31.36
N SER F 2029 -55.34 -61.73 -32.35
CA SER F 2029 -55.75 -60.41 -32.82
C SER F 2029 -57.20 -60.10 -32.49
N VAL F 2030 -57.79 -60.80 -31.52
CA VAL F 2030 -59.19 -60.63 -31.15
C VAL F 2030 -59.25 -60.24 -29.68
N ARG F 2031 -60.02 -59.19 -29.38
CA ARG F 2031 -60.14 -58.69 -28.01
C ARG F 2031 -61.19 -59.51 -27.26
N MET F 2032 -60.80 -60.74 -26.94
CA MET F 2032 -61.40 -61.58 -25.90
C MET F 2032 -62.90 -61.80 -26.09
N GLY F 2033 -63.24 -62.45 -27.20
CA GLY F 2033 -64.61 -62.91 -27.39
C GLY F 2033 -64.92 -64.07 -26.45
N LYS F 2034 -66.12 -64.08 -25.87
CA LYS F 2034 -66.48 -65.10 -24.89
C LYS F 2034 -66.59 -66.47 -25.56
N GLU F 2035 -67.25 -66.53 -26.73
CA GLU F 2035 -67.23 -67.74 -27.53
C GLU F 2035 -65.81 -68.07 -27.96
N GLU F 2036 -65.03 -67.06 -28.33
CA GLU F 2036 -63.61 -67.27 -28.61
C GLU F 2036 -62.84 -67.70 -27.38
N GLU F 2037 -63.25 -67.24 -26.19
CA GLU F 2037 -62.59 -67.65 -24.96
C GLU F 2037 -62.82 -69.14 -24.67
N LEU F 2038 -64.07 -69.59 -24.82
CA LEU F 2038 -64.36 -71.01 -24.67
C LEU F 2038 -63.65 -71.84 -25.74
N LEU F 2039 -63.58 -71.31 -26.96
CA LEU F 2039 -62.87 -71.99 -28.04
C LEU F 2039 -61.37 -72.13 -27.72
N MET F 2040 -60.78 -71.09 -27.12
CA MET F 2040 -59.36 -71.14 -26.78
C MET F 2040 -59.10 -72.10 -25.61
N ILE F 2041 -60.01 -72.13 -24.64
CA ILE F 2041 -59.90 -73.09 -23.53
C ILE F 2041 -59.98 -74.52 -24.06
N ASN F 2042 -60.93 -74.79 -24.95
CA ASN F 2042 -61.07 -76.12 -25.53
C ASN F 2042 -59.88 -76.45 -26.43
N GLY F 2043 -59.31 -75.46 -27.11
CA GLY F 2043 -58.13 -75.70 -27.92
C GLY F 2043 -56.91 -76.05 -27.08
N LEU F 2044 -56.72 -75.36 -25.96
CA LEU F 2044 -55.64 -75.72 -25.04
C LEU F 2044 -55.85 -77.11 -24.47
N GLY F 2045 -57.09 -77.45 -24.13
CA GLY F 2045 -57.38 -78.79 -23.64
C GLY F 2045 -57.11 -79.87 -24.69
N ASP F 2046 -57.44 -79.59 -25.95
CA ASP F 2046 -57.18 -80.55 -27.01
C ASP F 2046 -55.70 -80.67 -27.32
N ILE F 2047 -54.94 -79.59 -27.15
CA ILE F 2047 -53.49 -79.67 -27.34
C ILE F 2047 -52.86 -80.50 -26.23
N MET F 2048 -53.29 -80.27 -24.98
CA MET F 2048 -52.69 -80.99 -23.85
C MET F 2048 -52.97 -82.49 -23.89
N ASN F 2049 -54.07 -82.90 -24.52
CA ASN F 2049 -54.41 -84.31 -24.60
C ASN F 2049 -53.82 -85.01 -25.82
N ASN F 2050 -53.19 -84.27 -26.72
CA ASN F 2050 -52.64 -84.87 -27.93
C ASN F 2050 -51.35 -85.63 -27.60
N LYS F 2051 -51.17 -86.77 -28.26
CA LYS F 2051 -50.02 -87.62 -27.98
C LYS F 2051 -48.71 -86.96 -28.40
N VAL F 2052 -48.72 -86.23 -29.51
CA VAL F 2052 -47.52 -85.55 -29.99
C VAL F 2052 -47.07 -84.45 -29.04
N PHE F 2053 -47.98 -83.92 -28.21
CA PHE F 2053 -47.62 -82.86 -27.29
C PHE F 2053 -46.66 -83.33 -26.20
N TYR F 2054 -46.93 -84.50 -25.61
CA TYR F 2054 -46.04 -85.05 -24.60
C TYR F 2054 -45.14 -86.15 -25.13
N GLN F 2055 -45.15 -86.39 -26.45
CA GLN F 2055 -44.20 -87.32 -27.05
C GLN F 2055 -43.19 -86.66 -27.97
N HIS F 2056 -43.47 -85.44 -28.45
CA HIS F 2056 -42.54 -84.68 -29.29
C HIS F 2056 -42.42 -83.27 -28.73
N PRO F 2057 -41.67 -83.09 -27.63
CA PRO F 2057 -41.52 -81.73 -27.08
C PRO F 2057 -40.69 -80.81 -27.96
N ASN F 2058 -39.76 -81.36 -28.75
CA ASN F 2058 -38.98 -80.54 -29.67
C ASN F 2058 -39.86 -79.93 -30.74
N LEU F 2059 -40.85 -80.67 -31.23
CA LEU F 2059 -41.80 -80.14 -32.20
C LEU F 2059 -42.61 -79.01 -31.59
N MET F 2060 -43.01 -79.16 -30.32
CA MET F 2060 -43.77 -78.11 -29.64
C MET F 2060 -42.92 -76.87 -29.39
N ARG F 2061 -41.61 -77.04 -29.19
CA ARG F 2061 -40.75 -75.87 -29.05
C ARG F 2061 -40.46 -75.21 -30.39
N VAL F 2062 -40.39 -75.99 -31.47
CA VAL F 2062 -40.25 -75.41 -32.80
C VAL F 2062 -41.49 -74.62 -33.18
N LEU F 2063 -42.68 -75.18 -32.89
CA LEU F 2063 -43.93 -74.49 -33.18
C LEU F 2063 -44.15 -73.26 -32.30
N GLY F 2064 -43.44 -73.15 -31.18
CA GLY F 2064 -43.59 -72.01 -30.30
C GLY F 2064 -44.92 -71.90 -29.60
N MET F 2065 -45.43 -73.01 -29.06
CA MET F 2065 -46.72 -73.00 -28.36
C MET F 2065 -46.64 -72.16 -27.09
N HIS F 2066 -45.55 -72.28 -26.34
CA HIS F 2066 -45.43 -71.58 -25.07
C HIS F 2066 -45.39 -70.07 -25.27
N GLU F 2067 -44.74 -69.60 -26.33
CA GLU F 2067 -44.72 -68.18 -26.64
C GLU F 2067 -46.11 -67.67 -27.00
N THR F 2068 -46.88 -68.45 -27.76
CA THR F 2068 -48.23 -68.06 -28.12
C THR F 2068 -49.14 -68.00 -26.89
N VAL F 2069 -49.03 -68.98 -25.99
CA VAL F 2069 -49.84 -68.98 -24.78
C VAL F 2069 -49.43 -67.85 -23.85
N MET F 2070 -48.12 -67.54 -23.79
CA MET F 2070 -47.66 -66.38 -23.05
C MET F 2070 -48.21 -65.08 -23.62
N GLU F 2071 -48.26 -64.98 -24.95
CA GLU F 2071 -48.86 -63.80 -25.59
C GLU F 2071 -50.34 -63.67 -25.25
N VAL F 2072 -51.06 -64.79 -25.24
CA VAL F 2072 -52.48 -64.78 -24.87
C VAL F 2072 -52.65 -64.31 -23.43
N MET F 2073 -51.83 -64.84 -22.52
CA MET F 2073 -51.94 -64.50 -21.10
C MET F 2073 -51.57 -63.05 -20.85
N VAL F 2074 -50.57 -62.53 -21.57
CA VAL F 2074 -50.22 -61.12 -21.47
C VAL F 2074 -51.35 -60.24 -21.99
N ASP F 2075 -51.97 -60.64 -23.11
CA ASP F 2075 -53.06 -59.86 -23.69
C ASP F 2075 -54.28 -59.82 -22.77
N VAL F 2076 -54.55 -60.92 -22.06
CA VAL F 2076 -55.65 -60.91 -21.10
C VAL F 2076 -55.34 -59.99 -19.92
N LEU F 2077 -54.13 -60.12 -19.37
CA LEU F 2077 -53.72 -59.28 -18.24
C LEU F 2077 -53.43 -57.85 -18.70
N ILE F 2084 -56.71 -60.38 -14.22
CA ILE F 2084 -57.56 -59.36 -14.80
C ILE F 2084 -59.03 -59.75 -14.66
N ALA F 2085 -59.82 -59.50 -15.69
CA ALA F 2085 -61.26 -59.76 -15.67
C ALA F 2085 -61.62 -61.15 -16.18
N PHE F 2086 -60.64 -61.95 -16.58
CA PHE F 2086 -60.88 -63.29 -17.13
C PHE F 2086 -60.00 -64.29 -16.40
N PRO F 2087 -60.42 -64.75 -15.22
CA PRO F 2087 -59.59 -65.68 -14.45
C PRO F 2087 -59.48 -67.06 -15.07
N LYS F 2088 -60.51 -67.53 -15.79
CA LYS F 2088 -60.50 -68.88 -16.32
C LYS F 2088 -59.51 -69.03 -17.46
N MET F 2089 -59.40 -68.02 -18.33
CA MET F 2089 -58.43 -68.07 -19.41
C MET F 2089 -57.00 -68.06 -18.90
N VAL F 2090 -56.73 -67.22 -17.90
CA VAL F 2090 -55.40 -67.17 -17.29
C VAL F 2090 -55.09 -68.48 -16.59
N ALA F 2091 -56.10 -69.07 -15.92
CA ALA F 2091 -55.89 -70.34 -15.25
C ALA F 2091 -55.57 -71.46 -16.24
N SER F 2092 -56.29 -71.50 -17.37
CA SER F 2092 -56.02 -72.52 -18.39
C SER F 2092 -54.63 -72.33 -19.01
N CYS F 2093 -54.26 -71.07 -19.28
CA CYS F 2093 -52.94 -70.79 -19.81
C CYS F 2093 -51.84 -71.21 -18.83
N CYS F 2094 -52.05 -70.94 -17.54
CA CYS F 2094 -51.04 -71.28 -16.54
C CYS F 2094 -50.93 -72.79 -16.35
N ARG F 2095 -52.05 -73.51 -16.39
CA ARG F 2095 -51.99 -74.97 -16.34
C ARG F 2095 -51.25 -75.54 -17.53
N PHE F 2096 -51.51 -74.99 -18.73
CA PHE F 2096 -50.80 -75.42 -19.92
C PHE F 2096 -49.31 -75.18 -19.80
N LEU F 2097 -48.92 -74.01 -19.30
CA LEU F 2097 -47.49 -73.68 -19.21
C LEU F 2097 -46.80 -74.52 -18.13
N CYS F 2098 -47.48 -74.80 -17.02
CA CYS F 2098 -46.90 -75.65 -15.98
C CYS F 2098 -46.71 -77.08 -16.49
N TYR F 2099 -47.68 -77.62 -17.21
CA TYR F 2099 -47.52 -78.96 -17.78
C TYR F 2099 -46.42 -78.98 -18.84
N PHE F 2100 -46.32 -77.91 -19.62
CA PHE F 2100 -45.26 -77.77 -20.61
C PHE F 2100 -43.88 -77.77 -19.96
N CYS F 2101 -43.74 -77.06 -18.83
CA CYS F 2101 -42.49 -77.11 -18.08
C CYS F 2101 -42.22 -78.49 -17.53
N ARG F 2102 -43.26 -79.19 -17.06
CA ARG F 2102 -43.07 -80.51 -16.47
C ARG F 2102 -42.73 -81.58 -17.50
N ILE F 2103 -42.98 -81.32 -18.79
CA ILE F 2103 -42.72 -82.35 -19.81
C ILE F 2103 -41.21 -82.63 -19.93
N SER F 2104 -40.39 -81.59 -20.03
CA SER F 2104 -38.98 -81.81 -20.32
C SER F 2104 -38.14 -80.67 -19.74
N ARG F 2105 -36.82 -80.90 -19.70
CA ARG F 2105 -35.89 -79.91 -19.17
C ARG F 2105 -35.68 -78.76 -20.16
N GLN F 2106 -35.69 -79.06 -21.47
CA GLN F 2106 -35.51 -78.02 -22.47
C GLN F 2106 -36.72 -77.09 -22.52
N ASN F 2107 -37.91 -77.64 -22.35
CA ASN F 2107 -39.12 -76.82 -22.23
C ASN F 2107 -39.05 -75.96 -20.96
N GLN F 2108 -38.49 -76.52 -19.89
CA GLN F 2108 -38.31 -75.77 -18.65
C GLN F 2108 -37.37 -74.59 -18.85
N LYS F 2109 -36.28 -74.80 -19.59
CA LYS F 2109 -35.36 -73.70 -19.90
C LYS F 2109 -36.01 -72.66 -20.80
N ALA F 2110 -36.80 -73.10 -21.78
CA ALA F 2110 -37.49 -72.20 -22.69
C ALA F 2110 -38.47 -71.31 -21.94
N MET F 2111 -39.21 -71.87 -20.98
CA MET F 2111 -40.08 -71.04 -20.16
C MET F 2111 -39.33 -70.26 -19.10
N PHE F 2112 -38.15 -70.72 -18.68
CA PHE F 2112 -37.30 -69.95 -17.77
C PHE F 2112 -36.77 -68.69 -18.42
N GLU F 2113 -36.68 -68.67 -19.75
CA GLU F 2113 -36.28 -67.45 -20.44
C GLU F 2113 -37.26 -66.29 -20.25
N HIS F 2114 -38.51 -66.57 -19.85
CA HIS F 2114 -39.53 -65.53 -19.66
C HIS F 2114 -39.84 -65.29 -18.18
N LEU F 2115 -38.88 -65.59 -17.30
CA LEU F 2115 -39.12 -65.51 -15.86
C LEU F 2115 -39.32 -64.09 -15.39
N SER F 2116 -38.66 -63.11 -16.01
CA SER F 2116 -38.81 -61.72 -15.60
C SER F 2116 -40.23 -61.22 -15.84
N TYR F 2117 -40.81 -61.55 -17.00
CA TYR F 2117 -42.19 -61.15 -17.25
C TYR F 2117 -43.18 -62.01 -16.48
N LEU F 2118 -42.83 -63.26 -16.17
CA LEU F 2118 -43.68 -64.06 -15.28
C LEU F 2118 -43.74 -63.47 -13.89
N LEU F 2119 -42.61 -62.99 -13.38
CA LEU F 2119 -42.56 -62.39 -12.05
C LEU F 2119 -43.06 -60.96 -12.02
N GLU F 2120 -43.13 -60.28 -13.19
CA GLU F 2120 -43.70 -58.95 -13.22
C GLU F 2120 -45.19 -58.97 -12.91
N ASN F 2121 -45.94 -59.83 -13.58
CA ASN F 2121 -47.36 -60.03 -13.29
C ASN F 2121 -47.57 -61.28 -12.44
N SER F 2122 -47.02 -61.24 -11.22
CA SER F 2122 -47.05 -62.39 -10.33
C SER F 2122 -47.90 -62.15 -9.09
N SER F 2123 -48.59 -61.02 -8.99
CA SER F 2123 -49.51 -60.75 -7.90
C SER F 2123 -50.97 -60.93 -8.32
N VAL F 2124 -51.23 -61.87 -9.21
CA VAL F 2124 -52.53 -62.04 -9.83
C VAL F 2124 -53.10 -63.39 -9.40
N GLY F 2125 -54.28 -63.37 -8.77
CA GLY F 2125 -54.95 -64.59 -8.40
C GLY F 2125 -54.42 -65.30 -7.19
N LEU F 2126 -53.50 -64.68 -6.44
CA LEU F 2126 -52.93 -65.35 -5.28
C LEU F 2126 -53.88 -65.39 -4.09
N ALA F 2127 -54.89 -64.53 -4.07
CA ALA F 2127 -55.83 -64.53 -2.96
C ALA F 2127 -56.84 -65.66 -3.06
N SER F 2128 -57.21 -66.06 -4.28
CA SER F 2128 -58.18 -67.14 -4.46
C SER F 2128 -57.52 -68.48 -4.22
N PRO F 2129 -58.03 -69.30 -3.29
CA PRO F 2129 -57.39 -70.61 -3.04
C PRO F 2129 -57.65 -71.63 -4.13
N SER F 2130 -58.63 -71.40 -4.99
CA SER F 2130 -58.94 -72.35 -6.06
C SER F 2130 -58.02 -72.21 -7.27
N MET F 2131 -57.15 -71.20 -7.29
CA MET F 2131 -56.25 -70.96 -8.42
C MET F 2131 -54.81 -71.34 -8.10
N ARG F 2132 -54.59 -72.20 -7.11
CA ARG F 2132 -53.24 -72.69 -6.83
C ARG F 2132 -52.81 -73.64 -7.95
N GLY F 2133 -51.63 -73.40 -8.51
CA GLY F 2133 -51.22 -74.07 -9.71
C GLY F 2133 -51.76 -73.46 -10.99
N SER F 2134 -52.49 -72.36 -10.89
CA SER F 2134 -53.11 -71.72 -12.04
C SER F 2134 -52.84 -70.21 -12.03
N THR F 2135 -51.70 -69.80 -11.51
CA THR F 2135 -51.28 -68.42 -11.42
C THR F 2135 -49.92 -68.27 -12.08
N PRO F 2136 -49.58 -67.07 -12.57
CA PRO F 2136 -48.24 -66.88 -13.16
C PRO F 2136 -47.09 -67.10 -12.18
N LEU F 2137 -47.33 -66.95 -10.88
CA LEU F 2137 -46.31 -67.29 -9.90
C LEU F 2137 -46.01 -68.79 -9.92
N ASP F 2138 -47.03 -69.62 -10.12
CA ASP F 2138 -46.82 -71.06 -10.21
C ASP F 2138 -46.06 -71.43 -11.49
N VAL F 2139 -46.31 -70.71 -12.58
CA VAL F 2139 -45.55 -70.93 -13.81
C VAL F 2139 -44.11 -70.51 -13.62
N ALA F 2140 -43.89 -69.40 -12.90
CA ALA F 2140 -42.53 -68.96 -12.60
C ALA F 2140 -41.81 -69.95 -11.69
N ALA F 2141 -42.53 -70.59 -10.78
CA ALA F 2141 -41.93 -71.60 -9.92
C ALA F 2141 -41.60 -72.86 -10.69
N SER F 2142 -42.49 -73.29 -11.59
CA SER F 2142 -42.33 -74.54 -12.32
C SER F 2142 -41.17 -74.50 -13.31
N SER F 2143 -40.73 -73.32 -13.71
CA SER F 2143 -39.61 -73.19 -14.63
C SER F 2143 -38.26 -73.24 -13.92
N VAL F 2144 -38.23 -73.38 -12.61
CA VAL F 2144 -36.99 -73.39 -11.85
C VAL F 2144 -36.99 -74.57 -10.89
N MET F 2145 -38.09 -75.32 -10.85
CA MET F 2145 -38.26 -76.41 -9.89
C MET F 2145 -37.30 -77.55 -10.17
N ASP F 2146 -36.42 -77.82 -9.20
CA ASP F 2146 -35.51 -78.97 -9.20
C ASP F 2146 -34.62 -78.99 -10.45
N ASN F 2147 -34.18 -77.81 -10.88
CA ASN F 2147 -33.23 -77.68 -11.98
C ASN F 2147 -32.04 -76.89 -11.43
N ASN F 2148 -30.93 -77.59 -11.19
CA ASN F 2148 -29.79 -76.97 -10.54
C ASN F 2148 -29.06 -76.02 -11.50
N GLU F 2149 -29.11 -76.29 -12.79
CA GLU F 2149 -28.52 -75.39 -13.77
C GLU F 2149 -29.30 -74.07 -13.83
N LEU F 2150 -30.63 -74.16 -13.84
CA LEU F 2150 -31.46 -72.97 -13.96
C LEU F 2150 -31.55 -72.20 -12.64
N ALA F 2151 -31.43 -72.89 -11.50
CA ALA F 2151 -31.45 -72.20 -10.22
C ALA F 2151 -30.18 -71.38 -10.00
N LEU F 2152 -29.06 -71.81 -10.58
CA LEU F 2152 -27.85 -71.01 -10.58
C LEU F 2152 -27.91 -69.85 -11.57
N GLY F 2153 -28.90 -69.83 -12.45
CA GLY F 2153 -29.10 -68.76 -13.40
C GLY F 2153 -30.00 -67.65 -12.92
N LEU F 2154 -30.43 -67.68 -11.66
CA LEU F 2154 -31.32 -66.64 -11.14
C LEU F 2154 -30.56 -65.33 -10.98
N GLU F 2155 -31.32 -64.24 -10.98
CA GLU F 2155 -30.76 -62.90 -10.83
C GLU F 2155 -31.28 -62.28 -9.54
N GLU F 2156 -30.43 -61.46 -8.93
CA GLU F 2156 -30.83 -60.73 -7.73
C GLU F 2156 -32.03 -59.79 -7.92
N PRO F 2157 -32.20 -59.06 -9.04
CA PRO F 2157 -33.44 -58.27 -9.18
C PRO F 2157 -34.73 -59.07 -9.17
N ASP F 2158 -34.74 -60.31 -9.68
CA ASP F 2158 -35.95 -61.12 -9.65
C ASP F 2158 -36.32 -61.51 -8.23
N LEU F 2159 -35.35 -62.00 -7.46
CA LEU F 2159 -35.59 -62.35 -6.08
C LEU F 2159 -35.93 -61.12 -5.25
N GLU F 2160 -35.33 -59.98 -5.58
CA GLU F 2160 -35.66 -58.73 -4.91
C GLU F 2160 -37.09 -58.28 -5.23
N LYS F 2161 -37.56 -58.53 -6.45
CA LYS F 2161 -38.95 -58.25 -6.80
C LYS F 2161 -39.90 -59.11 -5.99
N VAL F 2162 -39.58 -60.41 -5.84
CA VAL F 2162 -40.42 -61.30 -5.05
C VAL F 2162 -40.40 -60.88 -3.57
N VAL F 2163 -39.24 -60.48 -3.05
CA VAL F 2163 -39.14 -60.01 -1.68
C VAL F 2163 -39.88 -58.70 -1.49
N THR F 2164 -39.90 -57.84 -2.50
CA THR F 2164 -40.68 -56.60 -2.43
C THR F 2164 -42.18 -56.90 -2.37
N TYR F 2165 -42.63 -57.87 -3.17
CA TYR F 2165 -44.03 -58.31 -3.09
C TYR F 2165 -44.36 -58.88 -1.71
N LEU F 2166 -43.44 -59.68 -1.16
CA LEU F 2166 -43.64 -60.27 0.15
C LEU F 2166 -43.68 -59.21 1.26
N ALA F 2167 -42.83 -58.18 1.14
CA ALA F 2167 -42.84 -57.08 2.10
C ALA F 2167 -44.13 -56.29 2.00
N GLY F 2168 -44.64 -56.10 0.78
CA GLY F 2168 -45.95 -55.49 0.61
C GLY F 2168 -47.06 -56.31 1.21
N CYS F 2169 -46.92 -57.65 1.19
CA CYS F 2169 -47.93 -58.50 1.80
C CYS F 2169 -47.86 -58.46 3.32
N GLY F 2170 -46.70 -58.16 3.89
CA GLY F 2170 -46.58 -58.11 5.33
C GLY F 2170 -46.95 -56.81 5.99
N LEU F 2171 -47.45 -55.84 5.23
CA LEU F 2171 -47.77 -54.52 5.74
C LEU F 2171 -49.26 -54.22 5.77
N GLN F 2172 -50.02 -54.60 4.74
CA GLN F 2172 -51.42 -54.23 4.63
C GLN F 2172 -52.26 -55.45 4.31
N SER F 2173 -53.54 -55.37 4.68
CA SER F 2173 -54.46 -56.48 4.49
C SER F 2173 -54.83 -56.63 3.02
N CYS F 2174 -55.36 -57.79 2.68
CA CYS F 2174 -55.78 -58.06 1.31
C CYS F 2174 -57.11 -57.39 1.03
N PRO F 2175 -57.22 -56.52 0.02
CA PRO F 2175 -58.51 -55.90 -0.29
C PRO F 2175 -59.58 -56.89 -0.70
N MET F 2176 -59.21 -57.99 -1.37
CA MET F 2176 -60.20 -58.99 -1.76
C MET F 2176 -60.80 -59.69 -0.54
N LEU F 2177 -59.96 -60.01 0.46
CA LEU F 2177 -60.48 -60.60 1.69
C LEU F 2177 -61.15 -59.56 2.57
N LEU F 2178 -60.72 -58.31 2.50
CA LEU F 2178 -61.33 -57.26 3.31
C LEU F 2178 -62.70 -56.88 2.77
N ALA F 2179 -62.93 -57.06 1.47
CA ALA F 2179 -64.25 -56.80 0.90
C ALA F 2179 -65.28 -57.84 1.33
N LYS F 2180 -64.84 -59.07 1.57
CA LYS F 2180 -65.74 -60.16 1.92
C LYS F 2180 -66.11 -60.18 3.40
N GLY F 2181 -65.58 -59.27 4.20
CA GLY F 2181 -65.96 -59.17 5.59
C GLY F 2181 -65.03 -59.82 6.59
N TYR F 2182 -63.86 -60.27 6.15
CA TYR F 2182 -62.90 -60.84 7.09
C TYR F 2182 -62.33 -59.74 7.98
N PRO F 2183 -62.01 -60.06 9.24
CA PRO F 2183 -61.45 -59.05 10.14
C PRO F 2183 -60.10 -58.55 9.68
N ASP F 2184 -59.83 -57.28 9.99
CA ASP F 2184 -58.59 -56.61 9.58
C ASP F 2184 -57.49 -57.02 10.56
N VAL F 2185 -56.75 -58.08 10.21
CA VAL F 2185 -55.64 -58.51 11.04
C VAL F 2185 -54.44 -57.59 10.90
N GLY F 2186 -54.41 -56.76 9.86
CA GLY F 2186 -53.34 -55.80 9.67
C GLY F 2186 -52.29 -56.19 8.66
N TRP F 2187 -52.37 -57.39 8.10
CA TRP F 2187 -51.38 -57.87 7.13
C TRP F 2187 -52.04 -58.94 6.27
N ASN F 2188 -51.30 -59.43 5.28
CA ASN F 2188 -51.82 -60.37 4.30
C ASN F 2188 -51.04 -61.67 4.39
N PRO F 2189 -51.51 -62.65 5.17
CA PRO F 2189 -50.82 -63.93 5.29
C PRO F 2189 -51.16 -64.96 4.24
N ILE F 2190 -52.01 -64.63 3.27
CA ILE F 2190 -52.45 -65.61 2.27
C ILE F 2190 -51.55 -65.61 1.05
N GLU F 2191 -51.24 -64.43 0.51
CA GLU F 2191 -50.32 -64.34 -0.62
C GLU F 2191 -48.86 -64.41 -0.19
N GLY F 2192 -48.57 -64.03 1.06
CA GLY F 2192 -47.23 -64.17 1.58
C GLY F 2192 -46.75 -65.60 1.57
N GLU F 2193 -47.65 -66.54 1.86
CA GLU F 2193 -47.31 -67.96 1.76
C GLU F 2193 -46.95 -68.36 0.34
N ARG F 2194 -47.61 -67.77 -0.65
CA ARG F 2194 -47.29 -68.06 -2.05
C ARG F 2194 -45.90 -67.55 -2.42
N TYR F 2195 -45.57 -66.33 -1.99
CA TYR F 2195 -44.23 -65.81 -2.26
C TYR F 2195 -43.16 -66.60 -1.52
N LEU F 2196 -43.46 -67.04 -0.31
CA LEU F 2196 -42.53 -67.89 0.44
C LEU F 2196 -42.33 -69.24 -0.25
N SER F 2197 -43.39 -69.78 -0.85
CA SER F 2197 -43.29 -71.03 -1.59
C SER F 2197 -42.40 -70.88 -2.82
N PHE F 2198 -42.54 -69.77 -3.55
CA PHE F 2198 -41.65 -69.53 -4.68
C PHE F 2198 -40.21 -69.39 -4.24
N LEU F 2199 -39.96 -68.66 -3.14
CA LEU F 2199 -38.60 -68.52 -2.64
C LEU F 2199 -38.03 -69.85 -2.17
N ARG F 2200 -38.88 -70.71 -1.59
CA ARG F 2200 -38.46 -72.05 -1.20
C ARG F 2200 -38.04 -72.86 -2.42
N PHE F 2201 -38.80 -72.76 -3.52
CA PHE F 2201 -38.38 -73.43 -4.74
C PHE F 2201 -37.11 -72.84 -5.32
N ALA F 2202 -36.85 -71.56 -5.06
CA ALA F 2202 -35.63 -70.93 -5.57
C ALA F 2202 -34.39 -71.38 -4.81
N VAL F 2203 -34.48 -71.50 -3.48
CA VAL F 2203 -33.28 -71.71 -2.66
C VAL F 2203 -32.96 -73.18 -2.40
N PHE F 2204 -33.76 -74.12 -2.87
CA PHE F 2204 -33.57 -75.52 -2.52
C PHE F 2204 -33.87 -76.39 -3.73
N VAL F 2205 -32.86 -77.12 -4.21
CA VAL F 2205 -32.96 -77.94 -5.40
C VAL F 2205 -32.37 -79.31 -5.10
N ASN F 2206 -33.19 -80.36 -5.22
CA ASN F 2206 -32.77 -81.77 -5.16
C ASN F 2206 -32.07 -82.09 -3.83
N SER F 2207 -32.81 -81.84 -2.74
CA SER F 2207 -32.41 -82.18 -1.37
C SER F 2207 -31.14 -81.48 -0.92
N GLU F 2208 -30.74 -80.40 -1.58
CA GLU F 2208 -29.60 -79.59 -1.16
C GLU F 2208 -29.88 -78.13 -1.46
N SER F 2209 -29.47 -77.25 -0.55
CA SER F 2209 -29.69 -75.82 -0.73
C SER F 2209 -28.66 -75.22 -1.66
N VAL F 2210 -29.11 -74.27 -2.48
CA VAL F 2210 -28.21 -73.48 -3.31
C VAL F 2210 -27.68 -72.34 -2.46
N GLU F 2211 -26.36 -72.33 -2.22
CA GLU F 2211 -25.77 -71.42 -1.23
C GLU F 2211 -25.90 -69.97 -1.64
N GLU F 2212 -25.70 -69.67 -2.92
CA GLU F 2212 -25.75 -68.28 -3.39
C GLU F 2212 -27.16 -67.73 -3.32
N ASN F 2213 -28.14 -68.50 -3.79
CA ASN F 2213 -29.54 -68.09 -3.72
C ASN F 2213 -30.01 -67.96 -2.28
N ALA F 2214 -29.59 -68.89 -1.41
CA ALA F 2214 -29.99 -68.82 -0.01
C ALA F 2214 -29.40 -67.60 0.68
N SER F 2215 -28.13 -67.28 0.40
CA SER F 2215 -27.51 -66.09 1.00
C SER F 2215 -28.18 -64.81 0.50
N VAL F 2216 -28.48 -64.74 -0.80
CA VAL F 2216 -29.14 -63.57 -1.36
C VAL F 2216 -30.53 -63.39 -0.75
N VAL F 2217 -31.29 -64.48 -0.64
CA VAL F 2217 -32.64 -64.41 -0.08
C VAL F 2217 -32.61 -64.02 1.39
N VAL F 2218 -31.67 -64.57 2.16
CA VAL F 2218 -31.56 -64.22 3.59
C VAL F 2218 -31.19 -62.74 3.75
N LYS F 2219 -30.25 -62.25 2.94
CA LYS F 2219 -29.88 -60.84 2.99
C LYS F 2219 -31.06 -59.94 2.65
N LEU F 2220 -31.81 -60.28 1.60
CA LEU F 2220 -32.97 -59.47 1.22
C LEU F 2220 -34.07 -59.52 2.26
N LEU F 2221 -34.24 -60.67 2.94
CA LEU F 2221 -35.27 -60.78 3.95
C LEU F 2221 -34.91 -60.00 5.20
N ILE F 2222 -33.64 -60.01 5.60
CA ILE F 2222 -33.26 -59.25 6.80
C ILE F 2222 -33.12 -57.77 6.53
N ARG F 2223 -32.93 -57.36 5.27
CA ARG F 2223 -32.97 -55.94 4.97
C ARG F 2223 -34.37 -55.36 5.00
N ARG F 2224 -35.40 -56.20 4.87
CA ARG F 2224 -36.80 -55.78 4.97
C ARG F 2224 -37.50 -56.74 5.92
N PRO F 2225 -37.41 -56.49 7.24
CA PRO F 2225 -37.92 -57.46 8.22
C PRO F 2225 -39.44 -57.57 8.25
N GLU F 2226 -40.18 -56.69 7.58
CA GLU F 2226 -41.63 -56.81 7.52
C GLU F 2226 -42.09 -58.04 6.74
N CYS F 2227 -41.19 -58.66 5.97
CA CYS F 2227 -41.48 -59.96 5.36
C CYS F 2227 -41.65 -61.05 6.42
N PHE F 2228 -41.04 -60.88 7.59
CA PHE F 2228 -41.10 -61.90 8.62
C PHE F 2228 -42.44 -61.94 9.33
N GLY F 2229 -43.31 -60.95 9.11
CA GLY F 2229 -44.59 -60.91 9.75
C GLY F 2229 -44.57 -60.13 11.05
N PRO F 2230 -45.75 -59.93 11.64
CA PRO F 2230 -45.84 -59.15 12.90
C PRO F 2230 -45.14 -59.80 14.08
N ALA F 2231 -44.92 -61.11 14.04
CA ALA F 2231 -44.32 -61.81 15.18
C ALA F 2231 -42.84 -61.54 15.28
N LEU F 2232 -42.14 -61.52 14.14
CA LEU F 2232 -40.68 -61.42 14.12
C LEU F 2232 -40.21 -60.04 13.69
N ARG F 2233 -41.03 -59.01 13.90
CA ARG F 2233 -40.65 -57.67 13.45
C ARG F 2233 -39.61 -57.05 14.38
N GLY F 2234 -39.59 -57.47 15.64
CA GLY F 2234 -38.71 -56.85 16.62
C GLY F 2234 -39.27 -55.54 17.14
N GLU F 2235 -39.00 -55.29 18.43
CA GLU F 2235 -39.50 -54.14 19.19
C GLU F 2235 -41.03 -54.07 19.12
N GLY F 2236 -41.66 -55.12 19.66
CA GLY F 2236 -43.10 -55.21 19.67
C GLY F 2236 -43.61 -56.58 19.25
N GLY F 2237 -42.78 -57.32 18.53
CA GLY F 2237 -43.16 -58.67 18.12
C GLY F 2237 -43.15 -59.61 19.31
N ASN F 2238 -44.23 -60.38 19.47
CA ASN F 2238 -44.33 -61.29 20.60
C ASN F 2238 -43.42 -62.50 20.44
N GLY F 2239 -43.39 -63.08 19.24
CA GLY F 2239 -42.57 -64.26 19.01
C GLY F 2239 -43.26 -65.30 18.15
N LEU F 2240 -42.51 -66.32 17.74
CA LEU F 2240 -43.05 -67.34 16.85
C LEU F 2240 -44.09 -68.22 17.54
N LEU F 2241 -43.75 -68.72 18.73
CA LEU F 2241 -44.65 -69.58 19.48
C LEU F 2241 -45.89 -68.83 19.93
N ALA F 2242 -45.71 -67.57 20.36
CA ALA F 2242 -46.85 -66.74 20.73
C ALA F 2242 -47.76 -66.47 19.54
N ALA F 2243 -47.16 -66.30 18.35
CA ALA F 2243 -47.95 -66.12 17.14
C ALA F 2243 -48.75 -67.37 16.81
N MET F 2244 -48.14 -68.55 16.95
CA MET F 2244 -48.85 -69.78 16.66
C MET F 2244 -49.98 -70.03 17.64
N GLN F 2245 -49.74 -69.74 18.93
CA GLN F 2245 -50.80 -69.86 19.93
C GLN F 2245 -51.92 -68.85 19.69
N GLY F 2246 -51.58 -67.63 19.28
CA GLY F 2246 -52.60 -66.65 18.94
C GLY F 2246 -53.40 -67.05 17.71
N ALA F 2247 -52.75 -67.68 16.74
CA ALA F 2247 -53.47 -68.18 15.58
C ALA F 2247 -54.41 -69.32 15.95
N ILE F 2248 -54.01 -70.16 16.91
CA ILE F 2248 -54.91 -71.21 17.39
C ILE F 2248 -56.11 -70.59 18.11
N LYS F 2249 -55.88 -69.54 18.91
CA LYS F 2249 -56.99 -68.84 19.55
C LYS F 2249 -57.91 -68.18 18.52
N ILE F 2250 -57.34 -67.63 17.44
CA ILE F 2250 -58.14 -67.06 16.36
C ILE F 2250 -58.99 -68.13 15.70
N SER F 2251 -58.40 -69.31 15.47
CA SER F 2251 -59.15 -70.41 14.87
C SER F 2251 -60.25 -70.93 15.80
N GLU F 2252 -60.07 -70.78 17.11
CA GLU F 2252 -61.12 -71.19 18.04
C GLU F 2252 -62.30 -70.23 18.07
N ASN F 2253 -62.07 -68.94 17.75
CA ASN F 2253 -63.13 -67.95 17.81
C ASN F 2253 -63.73 -67.76 16.41
N PRO F 2254 -65.01 -68.09 16.20
CA PRO F 2254 -65.60 -67.91 14.87
C PRO F 2254 -65.75 -66.45 14.44
N ALA F 2255 -65.76 -65.51 15.39
CA ALA F 2255 -65.88 -64.10 15.02
C ALA F 2255 -64.61 -63.61 14.32
N LEU F 2256 -63.45 -64.13 14.74
CA LEU F 2256 -62.18 -63.74 14.14
C LEU F 2256 -61.78 -64.62 12.97
N ASP F 2257 -62.12 -65.91 13.04
CA ASP F 2257 -61.72 -66.84 12.00
C ASP F 2257 -62.50 -66.62 10.70
N LEU F 2258 -63.75 -66.22 10.80
CA LEU F 2258 -64.68 -66.14 9.69
C LEU F 2258 -65.36 -64.79 9.69
N PRO F 2259 -65.87 -64.33 8.54
CA PRO F 2259 -66.64 -63.08 8.52
C PRO F 2259 -67.98 -63.26 9.23
N SER F 2260 -68.57 -62.12 9.58
CA SER F 2260 -69.85 -62.11 10.27
C SER F 2260 -70.95 -62.68 9.38
N GLN F 2261 -71.89 -63.40 10.01
CA GLN F 2261 -72.95 -64.06 9.26
C GLN F 2261 -73.90 -63.02 8.66
N GLY F 2262 -74.22 -63.20 7.37
CA GLY F 2262 -75.00 -62.24 6.62
C GLY F 2262 -74.18 -61.35 5.71
N TYR F 2263 -72.87 -61.30 5.89
CA TYR F 2263 -71.99 -60.53 5.02
C TYR F 2263 -71.72 -61.36 3.76
N LYS F 2264 -72.33 -60.97 2.65
CA LYS F 2264 -72.15 -61.67 1.38
C LYS F 2264 -72.37 -60.74 0.20
N GLU F 2274 -66.31 -70.44 -3.02
CA GLU F 2274 -66.60 -71.86 -2.91
C GLU F 2274 -65.74 -72.52 -1.83
N GLU F 2275 -64.71 -71.80 -1.39
CA GLU F 2275 -63.82 -72.28 -0.34
C GLU F 2275 -63.45 -71.09 0.54
N ILE F 2276 -63.82 -71.17 1.82
CA ILE F 2276 -63.53 -70.08 2.75
C ILE F 2276 -62.07 -70.17 3.21
N VAL F 2277 -61.47 -69.01 3.45
CA VAL F 2277 -60.09 -68.92 3.89
C VAL F 2277 -60.12 -68.59 5.37
N HIS F 2278 -59.94 -69.61 6.22
CA HIS F 2278 -59.87 -69.38 7.65
C HIS F 2278 -58.60 -68.63 8.00
N MET F 2279 -58.73 -67.63 8.87
CA MET F 2279 -57.61 -66.73 9.14
C MET F 2279 -56.55 -67.37 10.02
N GLY F 2280 -56.97 -68.16 11.01
CA GLY F 2280 -56.00 -68.82 11.88
C GLY F 2280 -55.12 -69.80 11.14
N ASN F 2281 -55.74 -70.63 10.29
CA ASN F 2281 -54.98 -71.56 9.47
C ASN F 2281 -54.11 -70.83 8.45
N ALA F 2282 -54.55 -69.66 7.97
CA ALA F 2282 -53.73 -68.87 7.06
C ALA F 2282 -52.48 -68.33 7.75
N ILE F 2283 -52.64 -67.85 8.98
CA ILE F 2283 -51.50 -67.37 9.76
C ILE F 2283 -50.53 -68.51 10.05
N MET F 2284 -51.07 -69.67 10.44
CA MET F 2284 -50.24 -70.85 10.70
C MET F 2284 -49.48 -71.27 9.45
N SER F 2285 -50.15 -71.26 8.30
CA SER F 2285 -49.51 -71.66 7.05
C SER F 2285 -48.42 -70.67 6.64
N PHE F 2286 -48.65 -69.38 6.89
CA PHE F 2286 -47.61 -68.39 6.62
C PHE F 2286 -46.37 -68.66 7.45
N TYR F 2287 -46.56 -68.86 8.76
CA TYR F 2287 -45.39 -69.03 9.62
C TYR F 2287 -44.70 -70.35 9.37
N SER F 2288 -45.45 -71.41 9.03
CA SER F 2288 -44.84 -72.68 8.66
C SER F 2288 -44.03 -72.54 7.36
N ALA F 2289 -44.56 -71.82 6.37
CA ALA F 2289 -43.83 -71.65 5.12
C ALA F 2289 -42.59 -70.77 5.32
N LEU F 2290 -42.68 -69.78 6.21
CA LEU F 2290 -41.51 -68.95 6.50
C LEU F 2290 -40.42 -69.76 7.20
N ILE F 2291 -40.79 -70.59 8.18
CA ILE F 2291 -39.81 -71.41 8.86
C ILE F 2291 -39.22 -72.46 7.92
N ASP F 2292 -40.05 -72.99 7.01
CA ASP F 2292 -39.56 -73.93 6.00
C ASP F 2292 -38.54 -73.27 5.07
N LEU F 2293 -38.83 -72.05 4.61
CA LEU F 2293 -37.88 -71.32 3.76
C LEU F 2293 -36.59 -71.02 4.50
N LEU F 2294 -36.68 -70.59 5.75
CA LEU F 2294 -35.47 -70.26 6.51
C LEU F 2294 -34.67 -71.51 6.85
N GLY F 2295 -35.33 -72.65 7.07
CA GLY F 2295 -34.60 -73.88 7.33
C GLY F 2295 -33.98 -74.47 6.10
N ARG F 2296 -34.56 -74.21 4.92
CA ARG F 2296 -33.92 -74.61 3.68
C ARG F 2296 -32.90 -73.60 3.19
N CYS F 2297 -32.76 -72.46 3.87
CA CYS F 2297 -31.70 -71.50 3.59
C CYS F 2297 -30.45 -71.76 4.42
N ALA F 2298 -30.48 -72.75 5.30
CA ALA F 2298 -29.33 -73.05 6.12
C ALA F 2298 -28.22 -73.68 5.27
N PRO F 2299 -26.96 -73.40 5.57
CA PRO F 2299 -25.87 -74.00 4.80
C PRO F 2299 -25.74 -75.48 5.08
N GLU F 2300 -25.19 -76.20 4.10
CA GLU F 2300 -24.91 -77.61 4.28
C GLU F 2300 -23.74 -77.80 5.24
N MET F 2301 -23.62 -79.02 5.77
CA MET F 2301 -22.59 -79.29 6.77
C MET F 2301 -21.19 -79.28 6.17
N HIS F 2302 -21.05 -79.60 4.88
CA HIS F 2302 -19.73 -79.56 4.26
C HIS F 2302 -19.24 -78.13 4.04
N LEU F 2303 -20.14 -77.15 4.01
CA LEU F 2303 -19.69 -75.76 4.00
C LEU F 2303 -19.23 -75.31 5.38
N ILE F 2304 -19.89 -75.80 6.43
CA ILE F 2304 -19.50 -75.44 7.80
C ILE F 2304 -18.17 -76.09 8.16
N GLN F 2305 -17.97 -77.35 7.76
CA GLN F 2305 -16.76 -78.08 8.11
C GLN F 2305 -15.52 -77.53 7.41
N THR F 2306 -15.68 -76.81 6.31
CA THR F 2306 -14.57 -76.13 5.66
C THR F 2306 -14.29 -74.76 6.26
N GLY F 2307 -15.10 -74.33 7.24
CA GLY F 2307 -14.90 -73.05 7.89
C GLY F 2307 -15.11 -71.84 7.00
N LYS F 2308 -16.12 -71.88 6.13
CA LYS F 2308 -16.44 -70.75 5.29
C LYS F 2308 -17.14 -69.68 6.11
N GLY F 2309 -16.67 -68.44 6.00
CA GLY F 2309 -17.20 -67.37 6.83
C GLY F 2309 -18.64 -67.01 6.52
N GLU F 2310 -19.00 -67.05 5.23
CA GLU F 2310 -20.36 -66.68 4.83
C GLU F 2310 -21.38 -67.68 5.35
N ALA F 2311 -21.05 -68.98 5.34
CA ALA F 2311 -21.96 -69.99 5.86
C ALA F 2311 -22.17 -69.83 7.36
N ILE F 2312 -21.10 -69.55 8.11
CA ILE F 2312 -21.20 -69.30 9.54
C ILE F 2312 -22.04 -68.06 9.81
N ARG F 2313 -21.86 -67.01 8.99
CA ARG F 2313 -22.65 -65.79 9.16
C ARG F 2313 -24.13 -66.02 8.91
N ILE F 2314 -24.46 -66.76 7.84
CA ILE F 2314 -25.86 -67.05 7.52
C ILE F 2314 -26.50 -67.91 8.62
N ARG F 2315 -25.77 -68.93 9.09
CA ARG F 2315 -26.32 -69.78 10.13
C ARG F 2315 -26.49 -69.02 11.45
N SER F 2316 -25.58 -68.09 11.75
CA SER F 2316 -25.72 -67.26 12.94
C SER F 2316 -26.93 -66.34 12.85
N ILE F 2317 -27.17 -65.77 11.66
CA ILE F 2317 -28.36 -64.93 11.47
C ILE F 2317 -29.63 -65.76 11.66
N LEU F 2318 -29.66 -66.97 11.08
CA LEU F 2318 -30.83 -67.83 11.21
C LEU F 2318 -31.03 -68.30 12.64
N ARG F 2319 -29.95 -68.52 13.40
CA ARG F 2319 -30.08 -68.86 14.81
C ARG F 2319 -30.60 -67.68 15.62
N SER F 2320 -30.16 -66.47 15.28
CA SER F 2320 -30.64 -65.30 16.00
C SER F 2320 -32.10 -64.99 15.68
N LEU F 2321 -32.58 -65.42 14.51
CA LEU F 2321 -33.97 -65.15 14.15
C LEU F 2321 -34.94 -66.00 14.98
N VAL F 2322 -34.69 -67.30 15.08
CA VAL F 2322 -35.61 -68.24 15.71
C VAL F 2322 -34.88 -68.96 16.84
N PRO F 2323 -35.30 -68.79 18.09
CA PRO F 2323 -34.72 -69.57 19.18
C PRO F 2323 -35.25 -71.00 19.20
N THR F 2324 -34.52 -71.86 19.93
CA THR F 2324 -34.91 -73.26 20.03
C THR F 2324 -36.19 -73.44 20.85
N GLU F 2325 -36.44 -72.53 21.80
CA GLU F 2325 -37.61 -72.66 22.65
C GLU F 2325 -38.90 -72.50 21.86
N ASP F 2326 -38.90 -71.61 20.86
CA ASP F 2326 -40.07 -71.45 20.00
C ASP F 2326 -40.34 -72.70 19.18
N LEU F 2327 -39.29 -73.30 18.62
CA LEU F 2327 -39.45 -74.52 17.82
C LEU F 2327 -39.95 -75.67 18.67
N VAL F 2328 -39.37 -75.86 19.85
CA VAL F 2328 -39.80 -76.95 20.73
C VAL F 2328 -41.22 -76.71 21.23
N GLY F 2329 -41.58 -75.44 21.46
CA GLY F 2329 -42.94 -75.13 21.87
C GLY F 2329 -43.96 -75.40 20.79
N ILE F 2330 -43.62 -75.10 19.54
CA ILE F 2330 -44.54 -75.36 18.44
C ILE F 2330 -44.68 -76.85 18.19
N ILE F 2331 -43.56 -77.59 18.28
CA ILE F 2331 -43.61 -79.05 18.15
C ILE F 2331 -44.43 -79.66 19.28
N SER F 2332 -44.41 -79.05 20.46
CA SER F 2332 -45.14 -79.58 21.61
C SER F 2332 -46.62 -79.19 21.62
N ILE F 2333 -47.10 -78.45 20.65
CA ILE F 2333 -48.51 -78.04 20.63
C ILE F 2333 -49.38 -79.27 20.33
N PRO F 2334 -50.35 -79.58 21.18
CA PRO F 2334 -51.21 -80.74 20.92
C PRO F 2334 -52.12 -80.52 19.72
N LEU F 2335 -52.44 -81.61 19.04
CA LEU F 2335 -53.28 -81.60 17.86
C LEU F 2335 -54.70 -82.05 18.20
N LYS F 2336 -55.65 -81.64 17.37
CA LYS F 2336 -57.03 -82.10 17.45
C LYS F 2336 -57.23 -83.17 16.38
N LEU F 2337 -57.64 -84.36 16.80
CA LEU F 2337 -57.69 -85.52 15.94
C LEU F 2337 -59.05 -86.17 15.99
N PRO F 2338 -59.47 -86.88 14.93
CA PRO F 2338 -60.79 -87.51 14.92
C PRO F 2338 -60.94 -88.58 15.98
N SER F 2339 -62.16 -88.71 16.49
CA SER F 2339 -62.48 -89.65 17.54
C SER F 2339 -63.72 -90.45 17.15
N LEU F 2340 -64.01 -91.48 17.94
CA LEU F 2340 -65.17 -92.33 17.74
C LEU F 2340 -66.22 -91.98 18.78
N ASN F 2341 -67.42 -91.65 18.32
CA ASN F 2341 -68.48 -91.26 19.22
C ASN F 2341 -69.09 -92.48 19.91
N LYS F 2342 -69.88 -92.21 20.96
CA LYS F 2342 -70.57 -93.28 21.66
C LYS F 2342 -71.68 -93.90 20.84
N ASP F 2343 -72.20 -93.19 19.85
CA ASP F 2343 -73.20 -93.71 18.94
C ASP F 2343 -72.61 -94.44 17.75
N GLY F 2344 -71.29 -94.52 17.66
CA GLY F 2344 -70.64 -95.23 16.58
C GLY F 2344 -70.26 -94.39 15.38
N SER F 2345 -70.28 -93.08 15.49
CA SER F 2345 -69.95 -92.19 14.39
C SER F 2345 -68.52 -91.69 14.51
N ILE F 2346 -67.99 -91.18 13.40
CA ILE F 2346 -66.64 -90.65 13.31
C ILE F 2346 -66.74 -89.12 13.27
N SER F 2347 -66.04 -88.46 14.19
CA SER F 2347 -66.08 -87.01 14.32
C SER F 2347 -64.72 -86.45 13.86
N GLU F 2348 -64.62 -86.18 12.56
CA GLU F 2348 -63.39 -85.63 12.00
C GLU F 2348 -63.42 -84.11 12.11
N PRO F 2349 -62.46 -83.48 12.78
CA PRO F 2349 -62.39 -82.01 12.78
C PRO F 2349 -61.97 -81.49 11.43
N ASP F 2350 -62.26 -80.20 11.20
CA ASP F 2350 -61.96 -79.56 9.94
C ASP F 2350 -60.46 -79.31 9.83
N MET F 2351 -59.82 -79.91 8.83
CA MET F 2351 -58.38 -79.77 8.66
C MET F 2351 -57.98 -78.48 7.97
N ALA F 2352 -58.93 -77.78 7.35
CA ALA F 2352 -58.64 -76.50 6.71
C ALA F 2352 -58.81 -75.33 7.67
N ALA F 2353 -59.16 -75.60 8.93
CA ALA F 2353 -59.35 -74.55 9.92
C ALA F 2353 -58.64 -74.83 11.23
N ASN F 2354 -57.77 -75.84 11.29
CA ASN F 2354 -57.15 -76.27 12.52
C ASN F 2354 -55.64 -76.37 12.35
N PHE F 2355 -54.95 -76.45 13.49
CA PHE F 2355 -53.52 -76.70 13.50
C PHE F 2355 -53.24 -78.12 13.03
N CYS F 2356 -52.36 -78.26 12.06
CA CYS F 2356 -52.15 -79.51 11.34
C CYS F 2356 -50.77 -80.09 11.61
N PRO F 2357 -50.58 -81.40 11.42
CA PRO F 2357 -49.24 -81.97 11.52
C PRO F 2357 -48.27 -81.45 10.47
N ASP F 2358 -48.77 -80.96 9.34
CA ASP F 2358 -47.92 -80.36 8.31
C ASP F 2358 -47.38 -79.00 8.72
N HIS F 2359 -47.89 -78.40 9.80
CA HIS F 2359 -47.34 -77.19 10.36
C HIS F 2359 -46.15 -77.45 11.28
N LYS F 2360 -45.90 -78.71 11.65
CA LYS F 2360 -44.78 -79.05 12.52
C LYS F 2360 -43.56 -79.55 11.76
N ALA F 2361 -43.73 -80.03 10.53
CA ALA F 2361 -42.59 -80.48 9.75
C ALA F 2361 -41.56 -79.39 9.44
N PRO F 2362 -41.94 -78.14 9.10
CA PRO F 2362 -40.91 -77.09 8.99
C PRO F 2362 -40.15 -76.83 10.28
N MET F 2363 -40.81 -76.98 11.44
CA MET F 2363 -40.12 -76.79 12.71
C MET F 2363 -39.06 -77.85 12.93
N VAL F 2364 -39.37 -79.09 12.60
CA VAL F 2364 -38.39 -80.18 12.71
C VAL F 2364 -37.25 -79.99 11.74
N LEU F 2365 -37.56 -79.54 10.51
CA LEU F 2365 -36.51 -79.29 9.52
C LEU F 2365 -35.59 -78.15 9.95
N PHE F 2366 -36.16 -77.07 10.51
CA PHE F 2366 -35.37 -75.96 10.99
C PHE F 2366 -34.51 -76.36 12.19
N LEU F 2367 -35.07 -77.17 13.09
CA LEU F 2367 -34.30 -77.61 14.25
C LEU F 2367 -33.17 -78.55 13.85
N ASP F 2368 -33.40 -79.39 12.84
CA ASP F 2368 -32.36 -80.31 12.39
C ASP F 2368 -31.27 -79.61 11.59
N ARG F 2369 -31.64 -78.71 10.68
CA ARG F 2369 -30.68 -78.13 9.76
C ARG F 2369 -29.95 -76.93 10.34
N VAL F 2370 -30.64 -76.07 11.10
CA VAL F 2370 -29.99 -74.86 11.59
C VAL F 2370 -29.26 -75.13 12.90
N TYR F 2371 -29.94 -75.71 13.88
CA TYR F 2371 -29.31 -76.02 15.16
C TYR F 2371 -28.65 -77.39 15.14
N GLY F 2372 -29.42 -78.42 14.82
CA GLY F 2372 -28.88 -79.77 14.90
C GLY F 2372 -29.01 -80.36 16.28
N ILE F 2373 -29.12 -81.68 16.32
CA ILE F 2373 -29.23 -82.41 17.58
C ILE F 2373 -27.90 -83.11 17.80
N LYS F 2374 -27.11 -82.59 18.75
CA LYS F 2374 -25.81 -83.15 19.07
C LYS F 2374 -25.64 -83.47 20.55
N ASP F 2375 -26.61 -83.14 21.39
CA ASP F 2375 -26.56 -83.42 22.81
C ASP F 2375 -27.67 -84.39 23.18
N GLN F 2376 -27.36 -85.34 24.05
CA GLN F 2376 -28.32 -86.36 24.44
C GLN F 2376 -29.49 -85.77 25.22
N THR F 2377 -29.20 -84.81 26.11
CA THR F 2377 -30.24 -84.24 26.97
C THR F 2377 -31.27 -83.47 26.16
N PHE F 2378 -30.83 -82.72 25.16
CA PHE F 2378 -31.77 -82.00 24.31
C PHE F 2378 -32.63 -82.96 23.49
N LEU F 2379 -32.03 -84.04 22.99
CA LEU F 2379 -32.80 -85.04 22.25
C LEU F 2379 -33.85 -85.70 23.12
N LEU F 2380 -33.49 -86.04 24.37
CA LEU F 2380 -34.45 -86.68 25.26
C LEU F 2380 -35.55 -85.72 25.69
N HIS F 2381 -35.21 -84.44 25.89
CA HIS F 2381 -36.22 -83.43 26.20
C HIS F 2381 -37.20 -83.25 25.04
N LEU F 2382 -36.67 -83.16 23.83
CA LEU F 2382 -37.51 -83.01 22.64
C LEU F 2382 -38.38 -84.23 22.42
N LEU F 2383 -37.83 -85.42 22.67
CA LEU F 2383 -38.60 -86.66 22.56
C LEU F 2383 -39.71 -86.72 23.60
N GLU F 2384 -39.43 -86.24 24.82
CA GLU F 2384 -40.43 -86.32 25.89
C GLU F 2384 -41.57 -85.34 25.66
N VAL F 2385 -41.26 -84.09 25.32
CA VAL F 2385 -42.32 -83.10 25.26
C VAL F 2385 -42.96 -82.99 23.87
N GLY F 2386 -42.21 -83.25 22.80
CA GLY F 2386 -42.75 -83.02 21.48
C GLY F 2386 -43.16 -84.23 20.67
N PHE F 2387 -42.30 -85.25 20.62
CA PHE F 2387 -42.46 -86.35 19.67
C PHE F 2387 -43.31 -87.49 20.20
N LEU F 2388 -43.10 -87.88 21.46
CA LEU F 2388 -43.84 -89.00 22.04
C LEU F 2388 -45.35 -88.77 22.11
N PRO F 2389 -45.89 -87.59 22.46
CA PRO F 2389 -47.34 -87.40 22.31
C PRO F 2389 -47.86 -87.57 20.88
N ASP F 2390 -47.08 -87.15 19.87
CA ASP F 2390 -47.51 -87.36 18.49
C ASP F 2390 -47.48 -88.83 18.12
N LEU F 2391 -46.46 -89.57 18.58
CA LEU F 2391 -46.40 -91.00 18.32
C LEU F 2391 -47.57 -91.73 18.98
N ARG F 2392 -47.89 -91.37 20.23
CA ARG F 2392 -49.02 -91.98 20.92
C ARG F 2392 -50.34 -91.60 20.26
N ALA F 2393 -50.44 -90.37 19.75
CA ALA F 2393 -51.66 -89.94 19.08
C ALA F 2393 -51.87 -90.66 17.76
N SER F 2394 -50.78 -90.98 17.05
CA SER F 2394 -50.91 -91.77 15.84
C SER F 2394 -51.18 -93.23 16.15
N ALA F 2395 -50.67 -93.74 17.27
CA ALA F 2395 -50.99 -95.11 17.67
C ALA F 2395 -52.45 -95.23 18.09
N SER F 2396 -53.01 -94.18 18.69
CA SER F 2396 -54.40 -94.20 19.10
C SER F 2396 -55.38 -94.06 17.94
N LEU F 2397 -54.90 -93.61 16.78
CA LEU F 2397 -55.73 -93.54 15.58
C LEU F 2397 -55.61 -94.79 14.72
N ASP F 2398 -55.24 -95.93 15.32
CA ASP F 2398 -55.05 -97.17 14.59
C ASP F 2398 -56.24 -98.11 14.76
N THR F 2399 -57.41 -97.55 15.06
CA THR F 2399 -58.64 -98.34 15.05
C THR F 2399 -59.06 -98.60 13.61
N VAL F 2400 -60.07 -99.46 13.45
CA VAL F 2400 -60.55 -99.80 12.11
C VAL F 2400 -61.24 -98.59 11.46
N SER F 2401 -61.98 -97.82 12.26
CA SER F 2401 -62.71 -96.69 11.72
C SER F 2401 -61.81 -95.48 11.43
N LEU F 2402 -60.83 -95.22 12.29
CA LEU F 2402 -60.07 -93.98 12.24
C LEU F 2402 -58.76 -94.10 11.44
N SER F 2403 -58.43 -95.27 10.91
CA SER F 2403 -57.12 -95.43 10.30
C SER F 2403 -57.02 -94.76 8.93
N THR F 2404 -58.12 -94.68 8.20
CA THR F 2404 -58.12 -94.19 6.83
C THR F 2404 -58.57 -92.74 6.72
N THR F 2405 -58.75 -92.04 7.84
CA THR F 2405 -59.06 -90.63 7.78
C THR F 2405 -57.87 -89.83 7.27
N GLU F 2406 -58.16 -88.64 6.75
CA GLU F 2406 -57.09 -87.80 6.20
C GLU F 2406 -56.15 -87.29 7.28
N ALA F 2407 -56.67 -87.06 8.49
CA ALA F 2407 -55.84 -86.60 9.58
C ALA F 2407 -54.85 -87.68 10.02
N ALA F 2408 -55.31 -88.94 10.05
CA ALA F 2408 -54.42 -90.04 10.40
C ALA F 2408 -53.32 -90.23 9.37
N LEU F 2409 -53.66 -90.14 8.08
CA LEU F 2409 -52.64 -90.25 7.04
C LEU F 2409 -51.69 -89.07 7.06
N ALA F 2410 -52.18 -87.87 7.38
CA ALA F 2410 -51.31 -86.71 7.52
C ALA F 2410 -50.35 -86.87 8.68
N LEU F 2411 -50.83 -87.41 9.80
CA LEU F 2411 -49.96 -87.64 10.94
C LEU F 2411 -48.93 -88.72 10.64
N ASN F 2412 -49.31 -89.74 9.88
CA ASN F 2412 -48.37 -90.77 9.45
C ASN F 2412 -47.30 -90.18 8.53
N ARG F 2413 -47.68 -89.29 7.61
CA ARG F 2413 -46.69 -88.62 6.78
C ARG F 2413 -45.75 -87.75 7.60
N TYR F 2414 -46.28 -87.03 8.59
CA TYR F 2414 -45.45 -86.21 9.46
C TYR F 2414 -44.46 -87.06 10.25
N LEU F 2415 -44.91 -88.21 10.76
CA LEU F 2415 -44.03 -89.05 11.56
C LEU F 2415 -42.98 -89.74 10.71
N CYS F 2416 -43.35 -90.24 9.53
CA CYS F 2416 -42.45 -91.01 8.71
C CYS F 2416 -41.59 -90.16 7.79
N SER F 2417 -41.85 -88.85 7.71
CA SER F 2417 -41.01 -87.96 6.92
C SER F 2417 -40.15 -87.03 7.76
N ALA F 2418 -40.56 -86.70 8.98
CA ALA F 2418 -39.82 -85.75 9.81
C ALA F 2418 -39.31 -86.35 11.10
N VAL F 2419 -40.17 -87.00 11.87
CA VAL F 2419 -39.83 -87.40 13.24
C VAL F 2419 -38.92 -88.63 13.25
N LEU F 2420 -39.33 -89.69 12.59
CA LEU F 2420 -38.66 -90.98 12.69
C LEU F 2420 -37.33 -91.06 11.93
N PRO F 2421 -37.16 -90.43 10.74
CA PRO F 2421 -35.79 -90.32 10.22
C PRO F 2421 -34.85 -89.54 11.12
N LEU F 2422 -35.35 -88.51 11.81
CA LEU F 2422 -34.52 -87.78 12.77
C LEU F 2422 -34.14 -88.65 13.95
N LEU F 2423 -35.09 -89.47 14.45
CA LEU F 2423 -34.77 -90.40 15.52
C LEU F 2423 -33.82 -91.49 15.07
N THR F 2424 -33.86 -91.87 13.78
CA THR F 2424 -32.91 -92.83 13.25
C THR F 2424 -31.51 -92.24 13.17
N ARG F 2425 -31.40 -90.98 12.75
CA ARG F 2425 -30.09 -90.33 12.66
C ARG F 2425 -29.49 -90.09 14.04
N CYS F 2426 -30.32 -89.77 15.03
CA CYS F 2426 -29.87 -89.51 16.39
C CYS F 2426 -29.85 -90.77 17.25
N ALA F 2427 -29.72 -91.95 16.63
CA ALA F 2427 -29.66 -93.19 17.37
C ALA F 2427 -28.46 -93.34 18.31
N PRO F 2428 -27.22 -92.98 17.96
CA PRO F 2428 -26.12 -93.15 18.93
C PRO F 2428 -26.24 -92.31 20.18
N LEU F 2429 -27.07 -91.26 20.18
CA LEU F 2429 -27.32 -90.51 21.39
C LEU F 2429 -28.20 -91.25 22.39
N PHE F 2430 -28.83 -92.35 21.98
CA PHE F 2430 -29.61 -93.16 22.90
C PHE F 2430 -28.76 -94.07 23.78
N ALA F 2431 -27.48 -94.21 23.47
CA ALA F 2431 -26.58 -94.99 24.30
C ALA F 2431 -26.29 -94.25 25.60
N GLY F 2432 -26.33 -94.96 26.72
CA GLY F 2432 -26.07 -94.37 28.01
C GLY F 2432 -27.23 -93.68 28.67
N THR F 2433 -28.46 -93.95 28.24
CA THR F 2433 -29.64 -93.31 28.83
C THR F 2433 -30.15 -94.18 29.99
N GLU F 2434 -29.32 -94.23 31.04
CA GLU F 2434 -29.62 -95.10 32.17
C GLU F 2434 -30.72 -94.51 33.05
N HIS F 2435 -30.84 -93.19 33.10
CA HIS F 2435 -31.79 -92.52 33.98
C HIS F 2435 -33.14 -92.27 33.31
N TYR F 2436 -33.34 -92.76 32.10
CA TYR F 2436 -34.54 -92.47 31.32
C TYR F 2436 -35.23 -93.76 30.89
N THR F 2437 -35.33 -94.72 31.80
CA THR F 2437 -35.86 -96.04 31.44
C THR F 2437 -37.33 -95.98 31.05
N SER F 2438 -38.12 -95.18 31.76
CA SER F 2438 -39.55 -95.07 31.46
C SER F 2438 -39.78 -94.43 30.09
N LEU F 2439 -39.04 -93.36 29.78
CA LEU F 2439 -39.21 -92.67 28.51
C LEU F 2439 -38.78 -93.55 27.33
N ILE F 2440 -37.64 -94.23 27.46
CA ILE F 2440 -37.16 -95.10 26.40
C ILE F 2440 -38.09 -96.30 26.22
N ASP F 2441 -38.60 -96.84 27.34
CA ASP F 2441 -39.53 -97.96 27.26
C ASP F 2441 -40.84 -97.57 26.57
N SER F 2442 -41.38 -96.39 26.90
CA SER F 2442 -42.60 -95.93 26.24
C SER F 2442 -42.36 -95.63 24.77
N THR F 2443 -41.19 -95.08 24.44
CA THR F 2443 -40.85 -94.84 23.03
C THR F 2443 -40.77 -96.15 22.25
N LEU F 2444 -40.13 -97.17 22.83
CA LEU F 2444 -40.02 -98.46 22.15
C LEU F 2444 -41.37 -99.12 21.97
N GLN F 2445 -42.23 -99.07 23.00
CA GLN F 2445 -43.57 -99.63 22.89
C GLN F 2445 -44.39 -98.92 21.83
N THR F 2446 -44.31 -97.58 21.77
CA THR F 2446 -45.12 -96.84 20.81
C THR F 2446 -44.63 -97.04 19.38
N ILE F 2447 -43.31 -97.08 19.17
CA ILE F 2447 -42.79 -97.30 17.83
C ILE F 2447 -43.08 -98.72 17.36
N TYR F 2448 -42.99 -99.70 18.27
CA TYR F 2448 -43.33 -101.07 17.90
C TYR F 2448 -44.82 -101.21 17.60
N ARG F 2449 -45.66 -100.47 18.33
CA ARG F 2449 -47.09 -100.44 17.99
C ARG F 2449 -47.33 -99.82 16.63
N LEU F 2450 -46.59 -98.75 16.30
CA LEU F 2450 -46.73 -98.11 14.99
C LEU F 2450 -46.24 -99.02 13.87
N SER F 2451 -45.29 -99.90 14.15
CA SER F 2451 -44.80 -100.81 13.11
C SER F 2451 -45.88 -101.81 12.68
N LYS F 2452 -46.84 -102.10 13.55
CA LYS F 2452 -47.98 -102.94 13.21
C LYS F 2452 -49.14 -102.06 12.76
N GLY F 2453 -48.89 -101.25 11.74
CA GLY F 2453 -49.87 -100.29 11.28
C GLY F 2453 -50.91 -100.91 10.39
N ARG F 2454 -52.16 -100.51 10.60
CA ARG F 2454 -53.26 -101.06 9.80
C ARG F 2454 -53.24 -100.52 8.38
N SER F 2455 -53.03 -99.22 8.22
CA SER F 2455 -53.02 -98.56 6.91
C SER F 2455 -51.74 -97.74 6.80
N LEU F 2456 -50.66 -98.39 6.37
CA LEU F 2456 -49.40 -97.74 6.12
C LEU F 2456 -48.89 -98.16 4.74
N THR F 2457 -48.13 -97.28 4.10
CA THR F 2457 -47.46 -97.67 2.88
C THR F 2457 -46.23 -98.52 3.22
N LYS F 2458 -45.64 -99.11 2.18
CA LYS F 2458 -44.46 -99.95 2.39
C LYS F 2458 -43.27 -99.12 2.86
N ALA F 2459 -43.09 -97.92 2.28
CA ALA F 2459 -41.97 -97.07 2.66
C ALA F 2459 -42.09 -96.57 4.09
N GLN F 2460 -43.32 -96.23 4.51
CA GLN F 2460 -43.54 -95.77 5.88
C GLN F 2460 -43.26 -96.88 6.89
N ARG F 2461 -43.70 -98.10 6.59
CA ARG F 2461 -43.43 -99.24 7.48
C ARG F 2461 -41.94 -99.55 7.52
N ASP F 2462 -41.26 -99.44 6.38
CA ASP F 2462 -39.80 -99.64 6.36
C ASP F 2462 -39.09 -98.59 7.19
N THR F 2463 -39.57 -97.33 7.14
CA THR F 2463 -38.99 -96.27 7.95
C THR F 2463 -39.17 -96.55 9.44
N ILE F 2464 -40.37 -96.99 9.85
CA ILE F 2464 -40.62 -97.31 11.25
C ILE F 2464 -39.74 -98.47 11.72
N GLU F 2465 -39.64 -99.51 10.90
CA GLU F 2465 -38.83 -100.68 11.26
C GLU F 2465 -37.35 -100.33 11.35
N GLU F 2466 -36.85 -99.52 10.41
CA GLU F 2466 -35.46 -99.08 10.45
C GLU F 2466 -35.17 -98.22 11.68
N CYS F 2467 -36.11 -97.34 12.04
CA CYS F 2467 -35.94 -96.53 13.24
C CYS F 2467 -35.89 -97.38 14.50
N LEU F 2468 -36.79 -98.36 14.61
CA LEU F 2468 -36.80 -99.22 15.80
C LEU F 2468 -35.54 -100.06 15.89
N LEU F 2469 -35.07 -100.60 14.75
CA LEU F 2469 -33.83 -101.38 14.75
C LEU F 2469 -32.63 -100.52 15.15
N ALA F 2470 -32.54 -99.30 14.60
CA ALA F 2470 -31.41 -98.44 14.89
C ALA F 2470 -31.40 -97.97 16.34
N ILE F 2471 -32.59 -97.70 16.91
CA ILE F 2471 -32.65 -97.30 18.30
C ILE F 2471 -32.31 -98.46 19.22
N CYS F 2472 -32.84 -99.65 18.93
CA CYS F 2472 -32.56 -100.81 19.78
C CYS F 2472 -31.13 -101.31 19.65
N ASN F 2473 -30.43 -100.96 18.57
CA ASN F 2473 -29.04 -101.37 18.41
C ASN F 2473 -28.10 -100.67 19.38
N HIS F 2474 -28.54 -99.59 20.03
CA HIS F 2474 -27.68 -98.80 20.90
C HIS F 2474 -28.13 -98.82 22.36
N LEU F 2475 -29.02 -99.74 22.71
CA LEU F 2475 -29.52 -99.85 24.08
C LEU F 2475 -28.95 -101.08 24.75
N ARG F 2476 -28.62 -100.94 26.02
CA ARG F 2476 -28.14 -102.07 26.80
C ARG F 2476 -29.29 -103.03 27.08
N PRO F 2477 -29.00 -104.33 27.26
CA PRO F 2477 -30.08 -105.33 27.37
C PRO F 2477 -31.01 -105.17 28.54
N SER F 2478 -30.63 -104.44 29.59
CA SER F 2478 -31.54 -104.23 30.70
C SER F 2478 -32.66 -103.26 30.37
N MET F 2479 -32.49 -102.47 29.30
CA MET F 2479 -33.50 -101.50 28.90
C MET F 2479 -34.46 -102.04 27.85
N LEU F 2480 -34.17 -103.18 27.25
CA LEU F 2480 -34.98 -103.75 26.18
C LEU F 2480 -36.01 -104.76 26.68
N GLN F 2481 -36.08 -105.02 27.99
CA GLN F 2481 -36.83 -106.15 28.50
C GLN F 2481 -38.34 -105.98 28.35
N GLN F 2482 -38.83 -104.76 28.50
CA GLN F 2482 -40.28 -104.53 28.36
C GLN F 2482 -40.73 -104.72 26.91
N LEU F 2483 -39.84 -104.46 25.94
CA LEU F 2483 -40.16 -104.75 24.55
C LEU F 2483 -40.05 -106.24 24.26
N LEU F 2484 -39.10 -106.92 24.88
CA LEU F 2484 -38.98 -108.37 24.69
C LEU F 2484 -40.15 -109.12 25.31
N ARG F 2485 -40.78 -108.54 26.35
CA ARG F 2485 -41.99 -109.15 26.89
C ARG F 2485 -43.14 -109.10 25.89
N ARG F 2486 -43.18 -108.06 25.04
CA ARG F 2486 -44.16 -108.02 23.97
C ARG F 2486 -43.78 -108.96 22.83
N LEU F 2487 -42.47 -109.05 22.56
CA LEU F 2487 -42.01 -109.92 21.48
C LEU F 2487 -42.23 -111.39 21.80
N VAL F 2488 -42.13 -111.79 23.07
CA VAL F 2488 -42.34 -113.17 23.45
C VAL F 2488 -43.78 -113.60 23.26
N PHE F 2489 -44.71 -112.65 23.13
CA PHE F 2489 -46.10 -112.93 22.79
C PHE F 2489 -46.39 -112.79 21.31
N ASP F 2490 -45.72 -111.85 20.63
CA ASP F 2490 -46.06 -111.58 19.23
C ASP F 2490 -45.29 -112.44 18.23
N VAL F 2491 -44.01 -112.69 18.47
CA VAL F 2491 -43.20 -113.45 17.51
C VAL F 2491 -43.65 -114.89 17.31
N PRO F 2492 -43.97 -115.69 18.36
CA PRO F 2492 -44.41 -117.07 18.09
C PRO F 2492 -45.72 -117.20 17.31
N GLN F 2493 -46.43 -116.12 17.03
CA GLN F 2493 -47.53 -116.21 16.07
C GLN F 2493 -47.00 -116.37 14.65
N LEU F 2494 -45.82 -115.81 14.37
CA LEU F 2494 -45.14 -115.92 13.07
C LEU F 2494 -46.02 -115.45 11.91
N ASN F 2495 -46.77 -114.38 12.14
CA ASN F 2495 -47.65 -113.82 11.13
C ASN F 2495 -46.84 -112.94 10.18
N GLU F 2496 -47.53 -112.14 9.38
CA GLU F 2496 -46.86 -111.13 8.58
C GLU F 2496 -46.29 -110.05 9.49
N TYR F 2497 -45.36 -109.26 8.93
CA TYR F 2497 -44.61 -108.23 9.64
C TYR F 2497 -43.84 -108.82 10.83
N CYS F 2498 -43.27 -110.00 10.63
CA CYS F 2498 -42.45 -110.64 11.65
C CYS F 2498 -40.96 -110.58 11.32
N LYS F 2499 -40.59 -110.00 10.18
CA LYS F 2499 -39.19 -109.89 9.82
C LYS F 2499 -38.45 -108.94 10.74
N MET F 2500 -39.06 -107.80 11.07
CA MET F 2500 -38.41 -106.84 11.96
C MET F 2500 -38.18 -107.36 13.38
N PRO F 2501 -39.15 -107.99 14.07
CA PRO F 2501 -38.82 -108.52 15.41
C PRO F 2501 -37.78 -109.63 15.38
N LEU F 2502 -37.80 -110.48 14.35
CA LEU F 2502 -36.79 -111.53 14.23
C LEU F 2502 -35.40 -110.94 14.00
N LYS F 2503 -35.30 -109.90 13.17
CA LYS F 2503 -34.01 -109.26 12.95
C LYS F 2503 -33.54 -108.52 14.20
N LEU F 2504 -34.48 -107.91 14.94
CA LEU F 2504 -34.15 -107.24 16.18
C LEU F 2504 -33.59 -108.22 17.21
N LEU F 2505 -34.26 -109.37 17.37
CA LEU F 2505 -33.78 -110.39 18.29
C LEU F 2505 -32.45 -110.97 17.85
N THR F 2506 -32.26 -111.17 16.53
CA THR F 2506 -31.01 -111.67 16.01
C THR F 2506 -29.85 -110.73 16.31
N ASN F 2507 -30.03 -109.44 16.01
CA ASN F 2507 -28.99 -108.45 16.27
C ASN F 2507 -28.71 -108.32 17.77
N HIS F 2508 -29.77 -108.33 18.58
CA HIS F 2508 -29.60 -108.14 20.02
C HIS F 2508 -28.85 -109.31 20.66
N TYR F 2509 -29.25 -110.54 20.34
CA TYR F 2509 -28.60 -111.69 20.95
C TYR F 2509 -27.29 -112.06 20.28
N GLU F 2510 -27.00 -111.54 19.10
CA GLU F 2510 -25.67 -111.75 18.53
C GLU F 2510 -24.68 -110.70 19.00
N GLN F 2511 -25.14 -109.48 19.27
CA GLN F 2511 -24.25 -108.43 19.76
C GLN F 2511 -23.95 -108.62 21.24
N CYS F 2512 -24.92 -109.08 22.02
CA CYS F 2512 -24.84 -109.10 23.48
C CYS F 2512 -24.85 -110.51 24.03
N TRP F 2513 -24.09 -111.42 23.40
CA TRP F 2513 -24.11 -112.80 23.86
C TRP F 2513 -23.30 -113.02 25.13
N LYS F 2514 -22.26 -112.21 25.35
CA LYS F 2514 -21.47 -112.35 26.57
C LYS F 2514 -22.26 -111.91 27.80
N TYR F 2515 -23.24 -111.04 27.63
CA TYR F 2515 -24.06 -110.58 28.74
C TYR F 2515 -24.90 -111.72 29.31
N TYR F 2516 -25.39 -112.62 28.45
CA TYR F 2516 -26.25 -113.71 28.89
C TYR F 2516 -25.49 -114.99 29.16
N CYS F 2517 -24.42 -115.27 28.41
CA CYS F 2517 -23.77 -116.57 28.45
C CYS F 2517 -22.62 -116.61 29.46
N LEU F 2518 -21.68 -115.69 29.36
CA LEU F 2518 -20.48 -115.74 30.20
C LEU F 2518 -20.82 -115.41 31.64
N PRO F 2519 -20.27 -116.16 32.61
CA PRO F 2519 -20.56 -115.88 34.02
C PRO F 2519 -19.82 -114.67 34.57
N SER F 2520 -18.86 -114.11 33.82
CA SER F 2520 -18.18 -112.89 34.21
C SER F 2520 -18.81 -111.65 33.61
N GLY F 2521 -19.91 -111.79 32.88
CA GLY F 2521 -20.57 -110.65 32.28
C GLY F 2521 -19.87 -110.16 31.02
N TRP F 2522 -20.31 -108.99 30.57
CA TRP F 2522 -19.81 -108.36 29.35
C TRP F 2522 -19.27 -106.97 29.72
N GLY F 2523 -18.02 -106.93 30.15
CA GLY F 2523 -17.40 -105.65 30.49
C GLY F 2523 -18.08 -105.00 31.68
N SER F 2524 -18.46 -103.74 31.48
CA SER F 2524 -19.17 -102.97 32.50
C SER F 2524 -20.68 -103.02 32.33
N TYR F 2525 -21.18 -103.75 31.32
CA TYR F 2525 -22.62 -103.83 31.12
C TYR F 2525 -23.29 -104.63 32.24
N GLY F 2526 -22.63 -105.67 32.72
CA GLY F 2526 -23.15 -106.44 33.84
C GLY F 2526 -23.50 -107.88 33.48
N LEU F 2527 -24.39 -108.48 34.25
CA LEU F 2527 -24.82 -109.85 34.05
C LEU F 2527 -26.33 -109.90 33.93
N ALA F 2528 -26.81 -110.96 33.27
CA ALA F 2528 -28.24 -111.16 33.10
C ALA F 2528 -28.84 -111.78 34.35
N VAL F 2529 -29.99 -111.24 34.76
CA VAL F 2529 -30.72 -111.76 35.91
C VAL F 2529 -31.53 -112.98 35.47
N GLU F 2530 -32.11 -113.68 36.44
CA GLU F 2530 -32.88 -114.89 36.15
C GLU F 2530 -34.08 -114.60 35.26
N GLU F 2531 -34.72 -113.43 35.44
CA GLU F 2531 -35.89 -113.09 34.64
C GLU F 2531 -35.54 -112.91 33.17
N GLU F 2532 -34.39 -112.28 32.89
CA GLU F 2532 -33.98 -112.07 31.50
C GLU F 2532 -33.65 -113.40 30.83
N LEU F 2533 -32.98 -114.31 31.53
CA LEU F 2533 -32.68 -115.62 30.98
C LEU F 2533 -33.95 -116.44 30.78
N HIS F 2534 -34.91 -116.31 31.70
CA HIS F 2534 -36.19 -117.00 31.53
C HIS F 2534 -36.93 -116.49 30.31
N LEU F 2535 -36.91 -115.16 30.09
CA LEU F 2535 -37.54 -114.59 28.91
C LEU F 2535 -36.85 -115.04 27.63
N THR F 2536 -35.51 -115.14 27.67
CA THR F 2536 -34.75 -115.61 26.52
C THR F 2536 -35.10 -117.06 26.17
N GLU F 2537 -35.17 -117.93 27.19
CA GLU F 2537 -35.53 -119.32 26.96
C GLU F 2537 -36.96 -119.46 26.48
N LYS F 2538 -37.88 -118.66 27.03
CA LYS F 2538 -39.27 -118.68 26.60
C LYS F 2538 -39.40 -118.23 25.15
N LEU F 2539 -38.63 -117.21 24.75
CA LEU F 2539 -38.58 -116.78 23.36
C LEU F 2539 -38.10 -117.91 22.45
N PHE F 2540 -37.03 -118.60 22.87
CA PHE F 2540 -36.49 -119.69 22.06
C PHE F 2540 -37.52 -120.79 21.87
N TRP F 2541 -38.17 -121.22 22.96
CA TRP F 2541 -39.10 -122.33 22.85
C TRP F 2541 -40.36 -121.92 22.09
N GLY F 2542 -40.80 -120.67 22.24
CA GLY F 2542 -41.95 -120.21 21.47
C GLY F 2542 -41.68 -120.18 19.98
N ILE F 2543 -40.54 -119.62 19.57
CA ILE F 2543 -40.21 -119.55 18.16
C ILE F 2543 -39.96 -120.94 17.58
N PHE F 2544 -39.29 -121.81 18.35
CA PHE F 2544 -38.99 -123.16 17.88
C PHE F 2544 -40.27 -123.99 17.72
N ASP F 2545 -41.17 -123.94 18.71
CA ASP F 2545 -42.40 -124.70 18.64
C ASP F 2545 -43.34 -124.15 17.58
N SER F 2546 -43.28 -122.84 17.31
CA SER F 2546 -44.07 -122.29 16.21
C SER F 2546 -43.51 -122.71 14.87
N LEU F 2547 -42.18 -122.69 14.72
CA LEU F 2547 -41.57 -122.98 13.43
C LEU F 2547 -41.60 -124.47 13.11
N SER F 2548 -41.73 -125.32 14.13
CA SER F 2548 -41.81 -126.76 13.89
C SER F 2548 -43.11 -127.13 13.19
N HIS F 2549 -44.22 -126.51 13.57
CA HIS F 2549 -45.53 -126.81 13.01
C HIS F 2549 -45.89 -125.95 11.81
N LYS F 2550 -45.05 -124.99 11.44
CA LYS F 2550 -45.33 -124.10 10.33
C LYS F 2550 -45.06 -124.80 9.01
N LYS F 2551 -45.83 -124.42 7.99
CA LYS F 2551 -45.60 -124.91 6.64
C LYS F 2551 -44.31 -124.30 6.09
N TYR F 2552 -43.77 -124.94 5.06
CA TYR F 2552 -42.46 -124.56 4.55
C TYR F 2552 -42.55 -123.25 3.77
N ASP F 2553 -41.80 -122.24 4.22
CA ASP F 2553 -41.69 -120.97 3.54
C ASP F 2553 -40.21 -120.66 3.43
N PRO F 2554 -39.64 -120.55 2.23
CA PRO F 2554 -38.20 -120.27 2.11
C PRO F 2554 -37.78 -118.91 2.64
N ASP F 2555 -38.70 -117.96 2.77
CA ASP F 2555 -38.37 -116.64 3.28
C ASP F 2555 -38.49 -116.57 4.81
N LEU F 2556 -39.48 -117.24 5.38
CA LEU F 2556 -39.65 -117.23 6.83
C LEU F 2556 -38.56 -118.03 7.53
N PHE F 2557 -38.20 -119.19 6.97
CA PHE F 2557 -37.16 -120.02 7.57
C PHE F 2557 -35.80 -119.33 7.53
N ARG F 2558 -35.53 -118.64 6.42
CA ARG F 2558 -34.24 -117.97 6.21
C ARG F 2558 -33.98 -116.89 7.24
N MET F 2559 -35.04 -116.27 7.77
CA MET F 2559 -34.90 -115.24 8.78
C MET F 2559 -35.22 -115.73 10.18
N ALA F 2560 -35.83 -116.89 10.33
CA ALA F 2560 -36.10 -117.44 11.66
C ALA F 2560 -34.97 -118.33 12.17
N LEU F 2561 -34.19 -118.94 11.28
CA LEU F 2561 -33.03 -119.72 11.72
C LEU F 2561 -31.95 -118.88 12.40
N PRO F 2562 -31.51 -117.72 11.89
CA PRO F 2562 -30.51 -116.94 12.64
C PRO F 2562 -31.01 -116.44 13.98
N CYS F 2563 -32.32 -116.17 14.12
CA CYS F 2563 -32.86 -115.79 15.42
C CYS F 2563 -32.72 -116.92 16.43
N LEU F 2564 -33.04 -118.14 16.01
CA LEU F 2564 -32.88 -119.30 16.90
C LEU F 2564 -31.42 -119.54 17.24
N SER F 2565 -30.53 -119.37 16.25
CA SER F 2565 -29.11 -119.57 16.51
C SER F 2565 -28.55 -118.50 17.45
N ALA F 2566 -29.06 -117.27 17.36
CA ALA F 2566 -28.60 -116.20 18.23
C ALA F 2566 -29.13 -116.37 19.64
N ILE F 2567 -30.39 -116.80 19.79
CA ILE F 2567 -30.95 -116.98 21.12
C ILE F 2567 -30.32 -118.18 21.81
N ALA F 2568 -30.13 -119.28 21.08
CA ALA F 2568 -29.52 -120.48 21.66
C ALA F 2568 -28.06 -120.25 22.02
N GLY F 2569 -27.34 -119.46 21.22
CA GLY F 2569 -25.95 -119.16 21.50
C GLY F 2569 -25.74 -118.15 22.60
N ALA F 2570 -26.81 -117.53 23.09
CA ALA F 2570 -26.72 -116.60 24.21
C ALA F 2570 -27.07 -117.25 25.55
N LEU F 2571 -27.97 -118.21 25.55
CA LEU F 2571 -28.30 -118.92 26.78
C LEU F 2571 -27.12 -119.77 27.23
N PRO F 2572 -26.81 -119.78 28.53
CA PRO F 2572 -25.90 -120.80 29.06
C PRO F 2572 -26.50 -122.19 28.88
N PRO F 2573 -25.68 -123.18 28.54
CA PRO F 2573 -26.24 -124.53 28.32
C PRO F 2573 -26.72 -125.18 29.61
N ASP F 2574 -26.26 -124.72 30.77
CA ASP F 2574 -26.66 -125.28 32.05
C ASP F 2574 -27.63 -124.36 32.80
N TYR F 2575 -28.50 -123.67 32.06
CA TYR F 2575 -29.47 -122.78 32.69
C TYR F 2575 -30.67 -123.58 33.17
N LEU F 2576 -30.94 -123.53 34.46
CA LEU F 2576 -32.06 -124.23 35.06
C LEU F 2576 -33.20 -123.25 35.31
N ASP F 2577 -34.37 -123.57 34.76
CA ASP F 2577 -35.56 -122.74 34.91
C ASP F 2577 -36.46 -123.41 35.94
N THR F 2578 -36.39 -122.91 37.18
CA THR F 2578 -37.15 -123.49 38.29
C THR F 2578 -38.51 -122.80 38.44
N ARG F 2579 -39.28 -122.81 37.36
CA ARG F 2579 -40.63 -122.26 37.33
C ARG F 2579 -41.55 -123.29 36.70
N ILE F 2580 -42.44 -123.86 37.48
CA ILE F 2580 -43.32 -124.93 37.01
C ILE F 2580 -44.47 -124.31 36.23
N SER F 2581 -44.64 -124.75 34.99
CA SER F 2581 -45.70 -124.31 34.07
C SER F 2581 -45.75 -122.79 33.88
N SER F 2808 -31.83 -127.49 41.25
CA SER F 2808 -32.75 -128.59 40.97
C SER F 2808 -32.02 -129.72 40.25
N SER F 2809 -32.80 -130.63 39.67
CA SER F 2809 -32.23 -131.75 38.94
C SER F 2809 -31.61 -131.28 37.63
N MET F 2810 -30.64 -132.06 37.14
CA MET F 2810 -29.92 -131.73 35.91
C MET F 2810 -30.77 -131.93 34.66
N GLU F 2811 -31.94 -132.54 34.77
CA GLU F 2811 -32.85 -132.66 33.64
C GLU F 2811 -33.53 -131.35 33.28
N LYS F 2812 -33.41 -130.32 34.13
CA LYS F 2812 -34.01 -129.03 33.90
C LYS F 2812 -33.10 -128.08 33.12
N ARG F 2813 -31.92 -128.52 32.72
CA ARG F 2813 -31.03 -127.68 31.95
C ARG F 2813 -31.53 -127.50 30.53
N PHE F 2814 -31.12 -126.39 29.91
CA PHE F 2814 -31.56 -126.07 28.55
C PHE F 2814 -30.99 -127.05 27.53
N ALA F 2815 -29.72 -127.43 27.70
CA ALA F 2815 -29.08 -128.35 26.76
C ALA F 2815 -29.72 -129.73 26.80
N TYR F 2816 -30.21 -130.16 27.97
CA TYR F 2816 -30.87 -131.45 28.08
C TYR F 2816 -32.16 -131.48 27.28
N LYS F 2817 -33.02 -130.46 27.44
CA LYS F 2817 -34.26 -130.40 26.69
C LYS F 2817 -34.01 -130.23 25.20
N PHE F 2818 -33.01 -129.43 24.85
CA PHE F 2818 -32.68 -129.21 23.44
C PHE F 2818 -32.22 -130.51 22.79
N LEU F 2819 -31.34 -131.25 23.47
CA LEU F 2819 -30.85 -132.52 22.93
C LEU F 2819 -31.95 -133.56 22.87
N LYS F 2820 -32.87 -133.57 23.84
CA LYS F 2820 -33.99 -134.50 23.78
C LYS F 2820 -34.90 -134.21 22.60
N LYS F 2821 -35.21 -132.93 22.35
CA LYS F 2821 -36.02 -132.57 21.19
C LYS F 2821 -35.32 -132.93 19.89
N ILE F 2822 -34.01 -132.70 19.81
CA ILE F 2822 -33.25 -133.02 18.60
C ILE F 2822 -33.24 -134.53 18.37
N LEU F 2823 -33.08 -135.33 19.43
CA LEU F 2823 -33.07 -136.78 19.29
C LEU F 2823 -34.43 -137.31 18.84
N LYS F 2824 -35.51 -136.74 19.39
CA LYS F 2824 -36.85 -137.14 18.94
C LYS F 2824 -37.07 -136.80 17.47
N TYR F 2825 -36.68 -135.60 17.05
CA TYR F 2825 -36.80 -135.23 15.65
C TYR F 2825 -35.91 -136.08 14.76
N VAL F 2826 -34.75 -136.53 15.26
CA VAL F 2826 -33.85 -137.36 14.47
C VAL F 2826 -34.45 -138.75 14.26
N ASP F 2827 -35.06 -139.32 15.30
CA ASP F 2827 -35.74 -140.61 15.13
C ASP F 2827 -36.92 -140.50 14.17
N SER F 2828 -37.72 -139.44 14.29
CA SER F 2828 -38.83 -139.23 13.38
C SER F 2828 -38.34 -139.04 11.94
N ALA F 2829 -37.25 -138.30 11.77
CA ALA F 2829 -36.66 -138.11 10.45
C ALA F 2829 -36.09 -139.40 9.90
N GLN F 2830 -35.59 -140.28 10.77
CA GLN F 2830 -35.12 -141.59 10.32
C GLN F 2830 -36.27 -142.40 9.74
N GLU F 2831 -37.42 -142.41 10.43
CA GLU F 2831 -38.58 -143.12 9.91
C GLU F 2831 -39.08 -142.50 8.61
N PHE F 2832 -39.11 -141.16 8.53
CA PHE F 2832 -39.59 -140.49 7.33
C PHE F 2832 -38.66 -140.73 6.15
N ILE F 2833 -37.34 -140.73 6.38
CA ILE F 2833 -36.37 -140.99 5.33
C ILE F 2833 -36.45 -142.43 4.87
N ALA F 2834 -36.73 -143.36 5.80
CA ALA F 2834 -36.94 -144.75 5.40
C ALA F 2834 -38.17 -144.89 4.50
N HIS F 2835 -39.26 -144.20 4.84
CA HIS F 2835 -40.46 -144.24 3.99
C HIS F 2835 -40.19 -143.60 2.64
N LEU F 2836 -39.46 -142.48 2.61
CA LEU F 2836 -39.13 -141.83 1.35
C LEU F 2836 -38.22 -142.70 0.49
N GLU F 2837 -37.28 -143.41 1.12
CA GLU F 2837 -36.42 -144.34 0.40
C GLU F 2837 -37.21 -145.49 -0.18
N ALA F 2838 -38.21 -145.99 0.55
CA ALA F 2838 -39.10 -147.02 0.02
C ALA F 2838 -39.90 -146.49 -1.16
N ILE F 2839 -40.34 -145.23 -1.09
CA ILE F 2839 -41.07 -144.62 -2.19
C ILE F 2839 -40.19 -144.48 -3.42
N VAL F 2840 -38.94 -144.04 -3.23
CA VAL F 2840 -38.00 -143.89 -4.34
C VAL F 2840 -37.68 -145.24 -4.97
N SER F 2841 -37.45 -146.27 -4.14
CA SER F 2841 -37.20 -147.61 -4.65
C SER F 2841 -38.43 -148.22 -5.32
N SER F 2842 -39.63 -147.77 -4.97
CA SER F 2842 -40.83 -148.23 -5.67
C SER F 2842 -40.89 -147.67 -7.09
N GLY F 2843 -40.30 -146.50 -7.33
CA GLY F 2843 -40.25 -145.90 -8.65
C GLY F 2843 -41.23 -144.77 -8.87
N LYS F 2844 -42.17 -144.55 -7.95
CA LYS F 2844 -43.15 -143.48 -8.10
C LYS F 2844 -42.49 -142.12 -7.88
N THR F 2845 -43.11 -141.09 -8.44
CA THR F 2845 -42.62 -139.72 -8.34
C THR F 2845 -43.60 -138.82 -7.59
N GLU F 2846 -44.48 -139.38 -6.78
CA GLU F 2846 -45.43 -138.59 -6.02
C GLU F 2846 -44.74 -137.86 -4.88
N LYS F 2847 -45.36 -136.78 -4.44
CA LYS F 2847 -44.83 -135.99 -3.33
C LYS F 2847 -44.92 -136.78 -2.03
N SER F 2848 -43.92 -136.63 -1.18
CA SER F 2848 -43.90 -137.35 0.08
C SER F 2848 -44.93 -136.77 1.05
N PRO F 2849 -45.60 -137.60 1.84
CA PRO F 2849 -46.55 -137.08 2.82
C PRO F 2849 -45.90 -136.30 3.95
N HIS F 2850 -44.62 -136.49 4.20
CA HIS F 2850 -43.90 -135.84 5.29
C HIS F 2850 -42.90 -134.82 4.76
N ASP F 2851 -43.28 -134.07 3.73
CA ASP F 2851 -42.37 -133.09 3.13
C ASP F 2851 -42.06 -131.95 4.08
N GLN F 2852 -43.06 -131.52 4.87
CA GLN F 2852 -42.84 -130.43 5.83
C GLN F 2852 -41.83 -130.83 6.90
N GLU F 2853 -41.92 -132.06 7.41
CA GLU F 2853 -40.99 -132.51 8.43
C GLU F 2853 -39.58 -132.64 7.87
N ILE F 2854 -39.44 -133.12 6.64
CA ILE F 2854 -38.13 -133.22 6.01
C ILE F 2854 -37.53 -131.84 5.78
N LYS F 2855 -38.36 -130.88 5.34
CA LYS F 2855 -37.87 -129.52 5.14
C LYS F 2855 -37.45 -128.87 6.44
N PHE F 2856 -38.22 -129.09 7.52
CA PHE F 2856 -37.83 -128.54 8.81
C PHE F 2856 -36.58 -129.22 9.37
N PHE F 2857 -36.41 -130.52 9.11
CA PHE F 2857 -35.22 -131.23 9.58
C PHE F 2857 -33.97 -130.78 8.85
N ALA F 2858 -34.06 -130.58 7.54
CA ALA F 2858 -32.88 -130.29 6.74
C ALA F 2858 -32.55 -128.81 6.65
N LYS F 2859 -33.56 -127.93 6.64
CA LYS F 2859 -33.33 -126.51 6.42
C LYS F 2859 -33.20 -125.71 7.70
N VAL F 2860 -33.63 -126.24 8.84
CA VAL F 2860 -33.61 -125.53 10.11
C VAL F 2860 -32.84 -126.29 11.17
N LEU F 2861 -33.17 -127.58 11.37
CA LEU F 2861 -32.67 -128.32 12.52
C LEU F 2861 -31.18 -128.61 12.42
N LEU F 2862 -30.72 -129.09 11.27
CA LEU F 2862 -29.29 -129.39 11.10
C LEU F 2862 -28.39 -128.16 11.19
N PRO F 2863 -28.65 -127.01 10.55
CA PRO F 2863 -27.80 -125.84 10.81
C PRO F 2863 -27.86 -125.35 12.24
N LEU F 2864 -29.02 -125.48 12.90
CA LEU F 2864 -29.13 -125.08 14.30
C LEU F 2864 -28.25 -125.95 15.19
N VAL F 2865 -28.26 -127.26 14.96
CA VAL F 2865 -27.40 -128.17 15.71
C VAL F 2865 -25.93 -127.87 15.45
N ASP F 2866 -25.58 -127.64 14.18
CA ASP F 2866 -24.19 -127.36 13.80
C ASP F 2866 -23.68 -126.09 14.47
N GLN F 2867 -24.49 -125.02 14.44
CA GLN F 2867 -24.06 -123.77 15.05
C GLN F 2867 -24.05 -123.85 16.57
N TYR F 2868 -25.00 -124.59 17.16
CA TYR F 2868 -25.05 -124.72 18.60
C TYR F 2868 -23.85 -125.47 19.13
N PHE F 2869 -23.44 -126.54 18.45
CA PHE F 2869 -22.24 -127.25 18.90
C PHE F 2869 -20.95 -126.59 18.42
N THR F 2870 -21.02 -125.68 17.47
CA THR F 2870 -19.87 -124.80 17.22
C THR F 2870 -19.67 -123.84 18.38
N ASN F 2871 -20.77 -123.29 18.91
CA ASN F 2871 -20.65 -122.31 19.98
C ASN F 2871 -20.28 -122.94 21.31
N HIS F 2872 -20.82 -124.12 21.62
CA HIS F 2872 -20.71 -124.71 22.94
C HIS F 2872 -20.04 -126.08 22.92
N HIS F 2873 -18.95 -126.24 22.17
CA HIS F 2873 -18.29 -127.54 22.14
C HIS F 2873 -17.46 -127.79 23.40
N LEU F 2874 -16.84 -126.75 23.94
CA LEU F 2874 -16.03 -126.92 25.15
C LEU F 2874 -16.87 -127.20 26.38
N TYR F 2875 -18.16 -126.85 26.36
CA TYR F 2875 -19.04 -127.24 27.46
C TYR F 2875 -19.25 -128.74 27.50
N PHE F 2876 -19.44 -129.37 26.34
CA PHE F 2876 -19.64 -130.81 26.30
C PHE F 2876 -18.34 -131.60 26.30
N LEU F 2877 -17.21 -130.94 26.03
CA LEU F 2877 -15.92 -131.62 26.10
C LEU F 2877 -15.26 -131.54 27.46
N SER F 2878 -15.80 -130.75 28.38
CA SER F 2878 -15.13 -130.51 29.66
C SER F 2878 -15.50 -131.59 30.67
N SER F 2879 -14.64 -131.71 31.68
CA SER F 2879 -14.78 -132.66 32.76
C SER F 2879 -14.35 -131.96 34.04
N PRO F 2880 -14.71 -132.50 35.22
CA PRO F 2880 -14.18 -131.93 36.46
C PRO F 2880 -12.67 -131.94 36.57
N LEU F 2881 -12.00 -132.90 35.92
CA LEU F 2881 -10.54 -132.94 35.95
C LEU F 2881 -9.93 -131.78 35.16
N LYS F 2882 -10.41 -131.57 33.93
CA LYS F 2882 -9.89 -130.50 33.08
C LYS F 2882 -10.98 -129.48 32.77
N PRO F 2883 -10.94 -128.30 33.38
CA PRO F 2883 -11.93 -127.25 33.06
C PRO F 2883 -11.64 -126.52 31.74
N LEU F 2884 -12.10 -127.13 30.65
CA LEU F 2884 -11.84 -126.56 29.33
C LEU F 2884 -12.71 -125.34 29.05
N SER F 2885 -13.88 -125.25 29.68
CA SER F 2885 -14.82 -124.17 29.44
C SER F 2885 -15.11 -123.41 30.72
N SER F 2886 -15.32 -122.10 30.58
CA SER F 2886 -15.68 -121.25 31.72
C SER F 2886 -17.14 -121.41 32.12
N SER F 2887 -17.99 -121.90 31.21
CA SER F 2887 -19.41 -122.07 31.53
C SER F 2887 -19.66 -123.26 32.45
N GLY F 2888 -18.73 -124.21 32.51
CA GLY F 2888 -18.91 -125.40 33.32
C GLY F 2888 -18.58 -126.65 32.54
N TYR F 2889 -19.29 -127.74 32.82
CA TYR F 2889 -19.12 -128.98 32.07
C TYR F 2889 -20.46 -129.69 31.99
N ALA F 2890 -20.63 -130.44 30.91
CA ALA F 2890 -21.87 -131.18 30.71
C ALA F 2890 -21.93 -132.37 31.66
N SER F 2891 -23.16 -132.82 31.94
CA SER F 2891 -23.35 -134.00 32.76
C SER F 2891 -23.13 -135.25 31.92
N HIS F 2892 -23.26 -136.42 32.56
CA HIS F 2892 -23.04 -137.67 31.86
C HIS F 2892 -24.14 -137.95 30.84
N LYS F 2893 -25.38 -137.61 31.19
CA LYS F 2893 -26.49 -137.86 30.27
C LYS F 2893 -26.44 -136.95 29.05
N GLU F 2894 -25.95 -135.71 29.21
CA GLU F 2894 -25.81 -134.82 28.07
C GLU F 2894 -24.74 -135.31 27.09
N LYS F 2895 -23.61 -135.81 27.62
CA LYS F 2895 -22.57 -136.37 26.75
C LYS F 2895 -23.06 -137.66 26.08
N GLU F 2896 -23.84 -138.46 26.81
CA GLU F 2896 -24.46 -139.64 26.23
C GLU F 2896 -25.41 -139.27 25.10
N MET F 2897 -26.19 -138.19 25.28
CA MET F 2897 -27.07 -137.71 24.24
C MET F 2897 -26.29 -137.20 23.03
N VAL F 2898 -25.16 -136.53 23.26
CA VAL F 2898 -24.34 -136.05 22.16
C VAL F 2898 -23.77 -137.21 21.35
N ALA F 2899 -23.27 -138.24 22.04
CA ALA F 2899 -22.76 -139.41 21.34
C ALA F 2899 -23.85 -140.16 20.59
N SER F 2900 -25.04 -140.27 21.20
CA SER F 2900 -26.17 -140.90 20.52
C SER F 2900 -26.60 -140.12 19.29
N LEU F 2901 -26.61 -138.79 19.39
CA LEU F 2901 -26.98 -137.95 18.26
C LEU F 2901 -25.98 -138.08 17.12
N PHE F 2902 -24.68 -138.13 17.44
CA PHE F 2902 -23.67 -138.33 16.41
C PHE F 2902 -23.82 -139.69 15.74
N CYS F 2903 -24.06 -140.74 16.53
CA CYS F 2903 -24.22 -142.08 15.96
C CYS F 2903 -25.46 -142.17 15.08
N LYS F 2904 -26.56 -141.55 15.50
CA LYS F 2904 -27.80 -141.62 14.72
C LYS F 2904 -27.70 -140.81 13.44
N LEU F 2905 -27.07 -139.64 13.50
CA LEU F 2905 -26.87 -138.86 12.28
C LEU F 2905 -25.90 -139.53 11.32
N ALA F 2906 -24.88 -140.21 11.84
CA ALA F 2906 -23.95 -140.94 10.98
C ALA F 2906 -24.63 -142.15 10.34
N ALA F 2907 -25.50 -142.82 11.09
CA ALA F 2907 -26.24 -143.94 10.52
C ALA F 2907 -27.36 -143.50 9.59
N LEU F 2908 -27.78 -142.23 9.67
CA LEU F 2908 -28.86 -141.76 8.81
C LEU F 2908 -28.40 -141.56 7.37
N VAL F 2909 -27.11 -141.29 7.15
CA VAL F 2909 -26.60 -141.03 5.81
C VAL F 2909 -25.53 -142.05 5.44
N ARG F 2910 -25.70 -143.29 5.91
CA ARG F 2910 -24.69 -144.32 5.67
C ARG F 2910 -24.57 -144.65 4.18
N HIS F 2911 -25.66 -144.57 3.43
CA HIS F 2911 -25.58 -144.67 1.98
C HIS F 2911 -26.52 -143.72 1.28
N ARG F 2912 -27.23 -142.85 2.00
CA ARG F 2912 -28.25 -141.99 1.42
C ARG F 2912 -27.69 -140.59 1.19
N ILE F 2913 -26.80 -140.49 0.22
CA ILE F 2913 -26.22 -139.21 -0.18
C ILE F 2913 -27.03 -138.57 -1.28
N SER F 2914 -27.37 -139.34 -2.32
CA SER F 2914 -28.21 -138.83 -3.40
C SER F 2914 -29.63 -138.57 -2.95
N LEU F 2915 -30.10 -139.26 -1.90
CA LEU F 2915 -31.39 -138.93 -1.32
C LEU F 2915 -31.39 -137.53 -0.70
N PHE F 2916 -30.32 -137.19 0.00
CA PHE F 2916 -30.24 -135.88 0.62
C PHE F 2916 -29.98 -134.79 -0.41
N GLY F 2917 -29.16 -135.08 -1.42
CA GLY F 2917 -28.90 -134.12 -2.47
C GLY F 2917 -28.06 -132.94 -2.02
N SER F 2918 -28.67 -131.76 -1.92
CA SER F 2918 -27.96 -130.56 -1.50
C SER F 2918 -27.84 -130.45 0.02
N ASP F 2919 -28.60 -131.23 0.78
CA ASP F 2919 -28.53 -131.24 2.23
C ASP F 2919 -27.43 -132.14 2.75
N SER F 2920 -26.76 -132.89 1.88
CA SER F 2920 -25.66 -133.73 2.30
C SER F 2920 -24.48 -132.92 2.81
N THR F 2921 -24.26 -131.72 2.26
CA THR F 2921 -23.21 -130.84 2.76
C THR F 2921 -23.50 -130.39 4.18
N THR F 2922 -24.75 -130.03 4.47
CA THR F 2922 -25.13 -129.63 5.81
C THR F 2922 -25.02 -130.81 6.78
N MET F 2923 -25.41 -132.01 6.32
CA MET F 2923 -25.29 -133.20 7.16
C MET F 2923 -23.84 -133.53 7.48
N VAL F 2924 -22.95 -133.42 6.48
CA VAL F 2924 -21.55 -133.72 6.69
C VAL F 2924 -20.90 -132.66 7.59
N SER F 2925 -21.30 -131.40 7.45
CA SER F 2925 -20.80 -130.35 8.34
C SER F 2925 -21.25 -130.57 9.78
N CYS F 2926 -22.51 -130.97 9.97
CA CYS F 2926 -23.02 -131.26 11.30
C CYS F 2926 -22.31 -132.45 11.92
N LEU F 2927 -22.02 -133.48 11.11
CA LEU F 2927 -21.26 -134.62 11.61
C LEU F 2927 -19.81 -134.26 11.91
N HIS F 2928 -19.24 -133.31 11.16
CA HIS F 2928 -17.90 -132.80 11.47
C HIS F 2928 -17.88 -132.10 12.81
N ILE F 2929 -18.89 -131.28 13.08
CA ILE F 2929 -18.90 -130.56 14.35
C ILE F 2929 -19.31 -131.47 15.51
N LEU F 2930 -20.01 -132.57 15.25
CA LEU F 2930 -20.33 -133.50 16.31
C LEU F 2930 -19.20 -134.47 16.59
N ALA F 2931 -18.35 -134.74 15.60
CA ALA F 2931 -17.19 -135.59 15.80
C ALA F 2931 -16.15 -134.94 16.71
N GLN F 2932 -16.18 -133.63 16.86
CA GLN F 2932 -15.23 -132.90 17.69
C GLN F 2932 -15.78 -132.55 19.07
N THR F 2933 -16.98 -132.99 19.41
CA THR F 2933 -17.54 -132.82 20.75
C THR F 2933 -17.62 -134.12 21.52
N LEU F 2934 -17.11 -135.22 20.97
CA LEU F 2934 -17.28 -136.53 21.60
C LEU F 2934 -16.32 -136.67 22.77
N ASP F 2935 -16.88 -136.77 23.97
CA ASP F 2935 -16.12 -137.14 25.16
C ASP F 2935 -16.36 -138.63 25.38
N THR F 2936 -15.67 -139.44 24.56
CA THR F 2936 -15.90 -140.87 24.55
C THR F 2936 -15.40 -141.57 25.80
N ARG F 2937 -14.50 -140.92 26.56
CA ARG F 2937 -14.03 -141.51 27.81
C ARG F 2937 -15.15 -141.64 28.83
N THR F 2938 -15.92 -140.56 29.02
CA THR F 2938 -17.04 -140.60 29.96
C THR F 2938 -18.16 -141.49 29.45
N VAL F 2939 -18.41 -141.48 28.14
CA VAL F 2939 -19.49 -142.27 27.57
C VAL F 2939 -19.19 -143.77 27.70
N MET F 2940 -17.96 -144.17 27.39
CA MET F 2940 -17.60 -145.57 27.51
C MET F 2940 -17.43 -145.98 28.96
N LYS F 2941 -17.04 -145.05 29.84
CA LYS F 2941 -16.88 -145.37 31.25
C LYS F 2941 -18.22 -145.39 31.98
N SER F 2942 -19.02 -144.33 31.81
CA SER F 2942 -20.32 -144.21 32.46
C SER F 2942 -21.35 -143.84 31.40
N GLY F 2943 -21.93 -144.86 30.77
CA GLY F 2943 -22.95 -144.62 29.76
C GLY F 2943 -23.82 -145.85 29.60
N SER F 2944 -24.90 -145.67 28.84
CA SER F 2944 -25.77 -146.79 28.56
C SER F 2944 -25.14 -147.74 27.56
N GLU F 2945 -25.62 -148.99 27.57
CA GLU F 2945 -25.05 -149.99 26.67
C GLU F 2945 -25.43 -149.73 25.22
N LEU F 2946 -26.59 -149.10 24.99
CA LEU F 2946 -27.03 -148.83 23.63
C LEU F 2946 -26.12 -147.82 22.93
N VAL F 2947 -25.66 -146.79 23.66
CA VAL F 2947 -24.80 -145.78 23.06
C VAL F 2947 -23.41 -146.33 22.77
N LYS F 2948 -22.87 -147.15 23.69
CA LYS F 2948 -21.59 -147.79 23.44
C LYS F 2948 -21.68 -148.75 22.25
N ALA F 2949 -22.78 -149.50 22.17
CA ALA F 2949 -23.01 -150.37 21.03
C ALA F 2949 -23.15 -149.56 19.75
N GLY F 2950 -23.74 -148.38 19.82
CA GLY F 2950 -23.84 -147.53 18.65
C GLY F 2950 -22.50 -147.01 18.17
N LEU F 2951 -21.62 -146.64 19.09
CA LEU F 2951 -20.28 -146.20 18.71
C LEU F 2951 -19.47 -147.34 18.08
N ARG F 2952 -19.50 -148.52 18.71
CA ARG F 2952 -18.80 -149.67 18.16
C ARG F 2952 -19.39 -150.08 16.81
N ALA F 2953 -20.71 -149.95 16.67
CA ALA F 2953 -21.37 -150.22 15.40
C ALA F 2953 -20.97 -149.21 14.33
N PHE F 2954 -20.76 -147.94 14.71
CA PHE F 2954 -20.29 -146.95 13.76
C PHE F 2954 -18.91 -147.31 13.23
N PHE F 2955 -18.00 -147.72 14.12
CA PHE F 2955 -16.66 -148.11 13.68
C PHE F 2955 -16.71 -149.36 12.80
N GLU F 2956 -17.55 -150.35 13.17
CA GLU F 2956 -17.67 -151.56 12.38
C GLU F 2956 -18.29 -151.27 11.01
N ASN F 2957 -19.26 -150.36 10.96
CA ASN F 2957 -19.87 -149.98 9.69
C ASN F 2957 -18.88 -149.26 8.78
N ALA F 2958 -18.03 -148.41 9.36
CA ALA F 2958 -16.99 -147.76 8.57
C ALA F 2958 -16.02 -148.79 7.99
N ALA F 2959 -15.65 -149.78 8.81
CA ALA F 2959 -14.77 -150.86 8.33
C ALA F 2959 -15.42 -151.64 7.20
N GLU F 2960 -16.72 -151.96 7.34
CA GLU F 2960 -17.43 -152.72 6.31
C GLU F 2960 -17.53 -151.94 5.01
N ASP F 2961 -17.83 -150.64 5.09
CA ASP F 2961 -17.95 -149.83 3.89
C ASP F 2961 -16.60 -149.68 3.19
N LEU F 2962 -15.51 -149.52 3.95
CA LEU F 2962 -14.19 -149.46 3.35
C LEU F 2962 -13.81 -150.78 2.68
N GLU F 2963 -14.17 -151.91 3.31
CA GLU F 2963 -13.91 -153.21 2.69
C GLU F 2963 -14.69 -153.39 1.41
N LYS F 2964 -15.96 -152.96 1.39
CA LYS F 2964 -16.77 -153.05 0.18
C LYS F 2964 -16.21 -152.18 -0.93
N THR F 2965 -15.75 -150.97 -0.59
CA THR F 2965 -15.14 -150.09 -1.59
C THR F 2965 -13.85 -150.70 -2.15
N SER F 2966 -13.04 -151.30 -1.28
CA SER F 2966 -11.81 -151.95 -1.74
C SER F 2966 -12.11 -153.14 -2.65
N GLU F 2967 -13.12 -153.94 -2.30
CA GLU F 2967 -13.48 -155.09 -3.12
C GLU F 2967 -14.05 -154.65 -4.46
N ASN F 2968 -14.83 -153.56 -4.48
CA ASN F 2968 -15.35 -153.06 -5.75
C ASN F 2968 -14.25 -152.48 -6.63
N LEU F 2969 -13.24 -151.85 -6.02
CA LEU F 2969 -12.14 -151.30 -6.82
C LEU F 2969 -11.20 -152.40 -7.31
N LYS F 2970 -11.04 -153.48 -6.55
CA LYS F 2970 -10.21 -154.59 -7.02
C LYS F 2970 -10.85 -155.34 -8.17
N LEU F 2971 -12.17 -155.44 -8.19
CA LEU F 2971 -12.89 -156.15 -9.23
C LEU F 2971 -13.33 -155.26 -10.39
N GLY F 2972 -12.93 -153.99 -10.38
CA GLY F 2972 -13.28 -153.09 -11.46
C GLY F 2972 -14.74 -152.67 -11.46
N VAL F 2984 -21.76 -149.42 -6.76
CA VAL F 2984 -20.38 -149.09 -7.09
C VAL F 2984 -20.15 -147.59 -6.98
N SER F 2985 -20.90 -146.81 -7.76
CA SER F 2985 -20.76 -145.37 -7.72
C SER F 2985 -21.29 -144.78 -6.40
N GLN F 2986 -22.33 -145.40 -5.84
CA GLN F 2986 -22.87 -144.91 -4.57
C GLN F 2986 -21.88 -145.12 -3.43
N ASN F 2987 -21.25 -146.30 -3.37
CA ASN F 2987 -20.25 -146.56 -2.35
C ASN F 2987 -19.03 -145.65 -2.50
N ILE F 2988 -18.61 -145.43 -3.75
CA ILE F 2988 -17.48 -144.55 -4.02
C ILE F 2988 -17.78 -143.12 -3.59
N ASN F 2989 -18.98 -142.64 -3.93
CA ASN F 2989 -19.36 -141.27 -3.57
C ASN F 2989 -19.51 -141.11 -2.07
N TYR F 2990 -20.11 -142.10 -1.39
CA TYR F 2990 -20.23 -142.03 0.07
C TYR F 2990 -18.86 -142.07 0.74
N THR F 2991 -17.96 -142.91 0.24
CA THR F 2991 -16.60 -142.96 0.81
C THR F 2991 -15.87 -141.64 0.60
N THR F 2992 -16.07 -141.01 -0.55
CA THR F 2992 -15.40 -139.74 -0.83
C THR F 2992 -15.94 -138.62 0.04
N VAL F 2993 -17.26 -138.48 0.13
CA VAL F 2993 -17.83 -137.27 0.70
C VAL F 2993 -18.34 -137.40 2.13
N ALA F 2994 -18.52 -138.62 2.64
CA ALA F 2994 -19.11 -138.75 3.97
C ALA F 2994 -18.49 -139.86 4.82
N LEU F 2995 -17.40 -140.48 4.39
CA LEU F 2995 -16.75 -141.49 5.22
C LEU F 2995 -15.32 -141.12 5.58
N LEU F 2996 -14.48 -140.81 4.58
CA LEU F 2996 -13.11 -140.41 4.85
C LEU F 2996 -12.98 -139.11 5.65
N PRO F 2997 -13.71 -138.01 5.34
CA PRO F 2997 -13.59 -136.82 6.21
C PRO F 2997 -14.07 -137.04 7.62
N ILE F 2998 -15.15 -137.81 7.82
CA ILE F 2998 -15.67 -138.02 9.17
C ILE F 2998 -14.76 -138.94 9.97
N LEU F 2999 -14.21 -139.97 9.32
CA LEU F 2999 -13.21 -140.81 9.98
C LEU F 2999 -11.97 -140.00 10.33
N THR F 3000 -11.54 -139.11 9.43
CA THR F 3000 -10.40 -138.25 9.71
C THR F 3000 -10.67 -137.35 10.92
N SER F 3001 -11.88 -136.78 11.00
CA SER F 3001 -12.24 -135.95 12.14
C SER F 3001 -12.27 -136.74 13.43
N ILE F 3002 -12.80 -137.97 13.38
CA ILE F 3002 -12.87 -138.81 14.58
C ILE F 3002 -11.47 -139.18 15.07
N PHE F 3003 -10.59 -139.57 14.15
CA PHE F 3003 -9.25 -139.96 14.53
C PHE F 3003 -8.43 -138.77 15.02
N GLU F 3004 -8.60 -137.60 14.40
CA GLU F 3004 -7.93 -136.40 14.89
C GLU F 3004 -8.45 -135.98 16.25
N HIS F 3005 -9.75 -136.16 16.50
CA HIS F 3005 -10.31 -135.81 17.80
C HIS F 3005 -9.80 -136.74 18.90
N VAL F 3006 -9.74 -138.05 18.62
CA VAL F 3006 -9.25 -138.96 19.65
C VAL F 3006 -7.74 -138.88 19.81
N ALA F 3007 -7.01 -138.43 18.78
CA ALA F 3007 -5.58 -138.22 18.93
C ALA F 3007 -5.27 -136.95 19.70
N GLN F 3008 -6.06 -135.89 19.48
CA GLN F 3008 -5.78 -134.61 20.13
C GLN F 3008 -6.06 -134.66 21.63
N HIS F 3009 -7.17 -135.28 22.02
CA HIS F 3009 -7.57 -135.34 23.42
C HIS F 3009 -7.10 -136.63 24.10
N GLN F 3010 -6.32 -137.44 23.40
CA GLN F 3010 -5.74 -138.69 23.93
C GLN F 3010 -6.82 -139.66 24.42
N PHE F 3011 -7.93 -139.71 23.68
CA PHE F 3011 -8.99 -140.68 23.97
C PHE F 3011 -8.71 -142.05 23.37
N GLY F 3012 -7.77 -142.14 22.43
CA GLY F 3012 -7.57 -143.37 21.69
C GLY F 3012 -6.97 -144.51 22.49
N VAL F 3013 -6.31 -144.20 23.60
CA VAL F 3013 -5.75 -145.25 24.44
C VAL F 3013 -6.85 -146.01 25.15
N ASP F 3014 -7.90 -145.32 25.62
CA ASP F 3014 -9.00 -145.93 26.33
C ASP F 3014 -10.18 -146.30 25.45
N LEU F 3015 -10.13 -145.98 24.16
CA LEU F 3015 -11.25 -146.23 23.25
C LEU F 3015 -11.00 -147.37 22.28
N LEU F 3016 -9.85 -147.37 21.61
CA LEU F 3016 -9.58 -148.34 20.55
C LEU F 3016 -9.02 -149.64 21.13
N LEU F 3017 -9.85 -150.29 21.94
CA LEU F 3017 -9.49 -151.52 22.64
C LEU F 3017 -10.53 -152.58 22.37
N GLY F 3018 -10.10 -153.76 22.00
CA GLY F 3018 -10.99 -154.90 21.83
C GLY F 3018 -11.58 -154.96 20.43
N ASP F 3019 -12.91 -154.94 20.34
CA ASP F 3019 -13.57 -155.03 19.05
C ASP F 3019 -13.33 -153.78 18.22
N VAL F 3020 -13.24 -152.62 18.87
CA VAL F 3020 -12.92 -151.38 18.18
C VAL F 3020 -11.52 -151.44 17.59
N GLN F 3021 -10.59 -152.11 18.28
CA GLN F 3021 -9.24 -152.26 17.74
C GLN F 3021 -9.22 -153.17 16.52
N ILE F 3022 -10.06 -154.21 16.50
CA ILE F 3022 -10.15 -155.06 15.31
C ILE F 3022 -10.76 -154.29 14.15
N SER F 3023 -11.78 -153.46 14.43
CA SER F 3023 -12.35 -152.62 13.39
C SER F 3023 -11.33 -151.63 12.86
N CYS F 3024 -10.49 -151.07 13.75
CA CYS F 3024 -9.42 -150.18 13.33
C CYS F 3024 -8.35 -150.91 12.51
N TYR F 3025 -8.10 -152.18 12.83
CA TYR F 3025 -7.21 -152.99 11.98
C TYR F 3025 -7.77 -153.16 10.58
N HIS F 3026 -9.06 -153.45 10.47
CA HIS F 3026 -9.69 -153.57 9.16
C HIS F 3026 -9.66 -152.25 8.39
N ILE F 3027 -9.94 -151.15 9.09
CA ILE F 3027 -9.88 -149.82 8.48
C ILE F 3027 -8.48 -149.51 7.99
N LEU F 3028 -7.46 -149.84 8.80
CA LEU F 3028 -6.08 -149.58 8.43
C LEU F 3028 -5.67 -150.38 7.21
N CYS F 3029 -6.04 -151.67 7.15
CA CYS F 3029 -5.71 -152.49 6.00
C CYS F 3029 -6.42 -151.99 4.75
N SER F 3030 -7.70 -151.62 4.87
CA SER F 3030 -8.43 -151.12 3.71
C SER F 3030 -7.85 -149.79 3.21
N LEU F 3031 -7.50 -148.88 4.13
CA LEU F 3031 -6.95 -147.59 3.74
C LEU F 3031 -5.58 -147.75 3.08
N TYR F 3032 -4.74 -148.64 3.61
CA TYR F 3032 -3.43 -148.85 3.00
C TYR F 3032 -3.56 -149.49 1.63
N SER F 3033 -4.45 -150.48 1.48
CA SER F 3033 -4.63 -151.13 0.19
C SER F 3033 -5.22 -150.18 -0.84
N LEU F 3034 -6.12 -149.27 -0.41
CA LEU F 3034 -6.66 -148.30 -1.35
C LEU F 3034 -5.63 -147.25 -1.74
N GLY F 3035 -4.85 -146.75 -0.77
CA GLY F 3035 -3.89 -145.71 -1.07
C GLY F 3035 -2.73 -146.19 -1.92
N THR F 3036 -2.21 -147.38 -1.64
CA THR F 3036 -1.04 -147.87 -2.34
C THR F 3036 -1.36 -148.55 -3.67
N GLY F 3037 -2.64 -148.71 -4.00
CA GLY F 3037 -3.02 -149.33 -5.25
C GLY F 3037 -2.91 -148.38 -6.43
N LYS F 3038 -3.19 -148.93 -7.62
CA LYS F 3038 -3.11 -148.19 -8.88
C LYS F 3038 -4.44 -148.36 -9.61
N ASN F 3039 -5.37 -147.42 -9.40
CA ASN F 3039 -6.67 -147.44 -10.04
C ASN F 3039 -6.99 -146.04 -10.56
N ILE F 3040 -8.16 -145.92 -11.19
CA ILE F 3040 -8.63 -144.60 -11.63
C ILE F 3040 -9.04 -143.76 -10.43
N TYR F 3041 -9.71 -144.37 -9.45
CA TYR F 3041 -10.17 -143.65 -8.28
C TYR F 3041 -9.03 -143.23 -7.37
N VAL F 3042 -7.96 -144.03 -7.32
CA VAL F 3042 -6.88 -143.80 -6.36
C VAL F 3042 -6.13 -142.51 -6.70
N GLU F 3043 -5.91 -142.25 -7.98
CA GLU F 3043 -5.15 -141.08 -8.41
C GLU F 3043 -5.87 -139.76 -8.14
N ARG F 3044 -7.16 -139.79 -7.82
CA ARG F 3044 -7.90 -138.58 -7.50
C ARG F 3044 -8.11 -138.40 -6.00
N GLN F 3045 -8.13 -139.48 -5.23
CA GLN F 3045 -8.41 -139.42 -3.80
C GLN F 3045 -7.24 -139.91 -2.95
N ARG F 3046 -6.04 -139.97 -3.52
CA ARG F 3046 -4.86 -140.34 -2.74
C ARG F 3046 -4.54 -139.39 -1.58
N PRO F 3047 -4.63 -138.05 -1.70
CA PRO F 3047 -4.40 -137.21 -0.50
C PRO F 3047 -5.40 -137.46 0.62
N ALA F 3048 -6.67 -137.73 0.32
CA ALA F 3048 -7.65 -137.96 1.38
C ALA F 3048 -7.41 -139.30 2.05
N LEU F 3049 -7.06 -140.33 1.28
CA LEU F 3049 -6.72 -141.63 1.86
C LEU F 3049 -5.46 -141.53 2.72
N GLY F 3050 -4.47 -140.78 2.26
CA GLY F 3050 -3.26 -140.57 3.06
C GLY F 3050 -3.55 -139.80 4.33
N GLU F 3051 -4.42 -138.81 4.26
CA GLU F 3051 -4.79 -138.03 5.44
C GLU F 3051 -5.53 -138.89 6.46
N CYS F 3052 -6.46 -139.74 6.01
CA CYS F 3052 -7.18 -140.61 6.92
C CYS F 3052 -6.27 -141.67 7.53
N LEU F 3053 -5.34 -142.22 6.73
CA LEU F 3053 -4.40 -143.20 7.23
C LEU F 3053 -3.44 -142.59 8.24
N ALA F 3054 -2.99 -141.37 7.99
CA ALA F 3054 -2.10 -140.69 8.94
C ALA F 3054 -2.83 -140.28 10.21
N SER F 3055 -4.13 -139.96 10.11
CA SER F 3055 -4.91 -139.69 11.30
C SER F 3055 -5.09 -140.96 12.14
N LEU F 3056 -5.32 -142.09 11.48
CA LEU F 3056 -5.46 -143.35 12.21
C LEU F 3056 -4.14 -143.80 12.83
N ALA F 3057 -3.02 -143.54 12.14
CA ALA F 3057 -1.71 -143.99 12.62
C ALA F 3057 -1.27 -143.29 13.91
N ALA F 3058 -1.83 -142.12 14.21
CA ALA F 3058 -1.47 -141.36 15.40
C ALA F 3058 -2.45 -141.58 16.55
N ALA F 3059 -3.37 -142.54 16.42
CA ALA F 3059 -4.38 -142.74 17.45
C ALA F 3059 -4.46 -144.18 17.90
N ILE F 3060 -4.17 -145.13 17.02
CA ILE F 3060 -4.31 -146.55 17.38
C ILE F 3060 -3.18 -146.96 18.32
N PRO F 3061 -3.48 -147.63 19.44
CA PRO F 3061 -2.44 -147.84 20.46
C PRO F 3061 -1.60 -149.09 20.26
N VAL F 3062 -1.60 -149.67 19.05
CA VAL F 3062 -0.74 -150.82 18.77
C VAL F 3062 0.25 -150.45 17.67
N ALA F 3063 1.44 -151.04 17.75
CA ALA F 3063 2.51 -150.81 16.79
C ALA F 3063 2.32 -151.80 15.65
N PHE F 3064 1.54 -151.39 14.64
CA PHE F 3064 1.23 -152.27 13.52
C PHE F 3064 2.39 -152.41 12.54
N LEU F 3065 3.34 -151.48 12.56
CA LEU F 3065 4.53 -151.62 11.73
C LEU F 3065 5.60 -152.46 12.40
N GLU F 3066 5.44 -152.78 13.68
CA GLU F 3066 6.40 -153.59 14.43
C GLU F 3066 5.65 -154.70 15.16
N PRO F 3067 5.21 -155.74 14.44
CA PRO F 3067 4.46 -156.81 15.11
C PRO F 3067 5.32 -157.76 15.92
N THR F 3068 6.65 -157.67 15.81
CA THR F 3068 7.52 -158.59 16.54
C THR F 3068 7.47 -158.34 18.04
N LEU F 3069 7.46 -157.08 18.45
CA LEU F 3069 7.48 -156.72 19.86
C LEU F 3069 6.08 -156.56 20.45
N ASN F 3070 5.05 -157.07 19.77
CA ASN F 3070 3.67 -156.89 20.20
C ASN F 3070 3.38 -157.58 21.54
N ARG F 3071 4.21 -158.54 21.94
CA ARG F 3071 4.06 -159.16 23.25
C ARG F 3071 4.32 -158.19 24.39
N TYR F 3072 5.03 -157.09 24.15
CA TYR F 3072 5.31 -156.10 25.17
C TYR F 3072 4.29 -154.96 25.21
N ASN F 3073 3.25 -155.03 24.38
CA ASN F 3073 2.21 -154.01 24.35
C ASN F 3073 1.01 -154.51 25.11
N PRO F 3074 0.70 -153.96 26.29
CA PRO F 3074 -0.44 -154.47 27.06
C PRO F 3074 -1.79 -154.07 26.49
N LEU F 3075 -1.85 -153.04 25.66
CA LEU F 3075 -3.10 -152.54 25.10
C LEU F 3075 -3.55 -153.29 23.86
N SER F 3076 -2.77 -154.26 23.40
CA SER F 3076 -3.15 -155.03 22.22
C SER F 3076 -4.25 -156.03 22.58
N VAL F 3077 -5.05 -156.38 21.58
CA VAL F 3077 -6.12 -157.36 21.78
C VAL F 3077 -5.55 -158.76 21.92
N PHE F 3078 -4.33 -159.00 21.44
CA PHE F 3078 -3.70 -160.31 21.60
C PHE F 3078 -3.18 -160.52 23.02
N ASN F 3079 -2.69 -159.45 23.65
CA ASN F 3079 -2.18 -159.55 25.01
C ASN F 3079 -3.29 -159.45 26.06
N THR F 3080 -4.51 -159.14 25.65
CA THR F 3080 -5.65 -159.03 26.57
C THR F 3080 -6.60 -160.21 26.47
N LYS F 3081 -7.11 -160.48 25.27
CA LYS F 3081 -8.11 -161.53 25.10
C LYS F 3081 -7.45 -162.89 24.95
N THR F 3082 -8.14 -163.91 25.46
CA THR F 3082 -7.67 -165.27 25.37
C THR F 3082 -7.73 -165.76 23.92
N PRO F 3083 -6.91 -166.77 23.57
CA PRO F 3083 -7.00 -167.34 22.22
C PRO F 3083 -8.35 -167.94 21.88
N ARG F 3084 -9.09 -168.45 22.87
CA ARG F 3084 -10.45 -168.92 22.63
C ARG F 3084 -11.37 -167.77 22.22
N GLU F 3085 -11.26 -166.62 22.89
CA GLU F 3085 -12.07 -165.46 22.55
C GLU F 3085 -11.73 -164.93 21.15
N ARG F 3086 -10.44 -164.89 20.81
CA ARG F 3086 -10.05 -164.42 19.49
C ARG F 3086 -10.38 -165.43 18.40
N SER F 3087 -10.51 -166.71 18.75
CA SER F 3087 -11.02 -167.70 17.80
C SER F 3087 -12.53 -167.57 17.63
N ILE F 3088 -13.25 -167.22 18.69
CA ILE F 3088 -14.69 -166.96 18.59
C ILE F 3088 -14.94 -165.73 17.71
N LEU F 3089 -14.14 -164.68 17.90
CA LEU F 3089 -14.30 -163.46 17.10
C LEU F 3089 -13.90 -163.67 15.64
N GLY F 3090 -13.15 -164.72 15.32
CA GLY F 3090 -12.76 -165.02 13.96
C GLY F 3090 -11.44 -164.40 13.52
N MET F 3091 -10.83 -163.56 14.35
CA MET F 3091 -9.54 -163.00 14.00
C MET F 3091 -8.45 -164.06 14.13
N PRO F 3092 -7.38 -163.96 13.34
CA PRO F 3092 -6.30 -164.94 13.43
C PRO F 3092 -5.56 -164.86 14.76
N ASP F 3093 -4.95 -165.99 15.13
CA ASP F 3093 -4.28 -166.12 16.40
C ASP F 3093 -2.85 -165.59 16.39
N THR F 3094 -2.37 -165.09 15.26
CA THR F 3094 -1.03 -164.54 15.14
C THR F 3094 -1.12 -163.06 14.80
N VAL F 3095 -0.27 -162.26 15.43
CA VAL F 3095 -0.29 -160.82 15.21
C VAL F 3095 0.38 -160.44 13.89
N GLU F 3096 1.18 -161.33 13.31
CA GLU F 3096 1.81 -161.06 12.02
C GLU F 3096 0.85 -161.23 10.86
N GLU F 3097 -0.34 -161.78 11.10
CA GLU F 3097 -1.33 -162.02 10.06
C GLU F 3097 -2.41 -160.94 9.99
N MET F 3098 -2.36 -159.94 10.87
CA MET F 3098 -3.38 -158.89 10.86
C MET F 3098 -3.18 -157.92 9.70
N CYS F 3099 -1.93 -157.59 9.39
CA CYS F 3099 -1.60 -156.67 8.30
C CYS F 3099 -0.59 -157.33 7.40
N PRO F 3100 -1.05 -158.22 6.50
CA PRO F 3100 -0.10 -158.95 5.64
C PRO F 3100 0.43 -158.11 4.49
N ASP F 3101 -0.36 -157.13 4.03
CA ASP F 3101 0.02 -156.30 2.91
C ASP F 3101 0.74 -155.02 3.30
N ILE F 3102 0.88 -154.76 4.60
CA ILE F 3102 1.56 -153.57 5.10
C ILE F 3102 3.00 -153.95 5.44
N PRO F 3103 4.00 -153.33 4.82
CA PRO F 3103 5.39 -153.65 5.16
C PRO F 3103 5.74 -153.21 6.56
N GLN F 3104 6.79 -153.83 7.10
CA GLN F 3104 7.26 -153.49 8.44
C GLN F 3104 8.05 -152.19 8.40
N LEU F 3105 8.49 -151.76 9.58
CA LEU F 3105 9.12 -150.45 9.73
C LEU F 3105 10.46 -150.39 9.01
N GLU F 3106 11.27 -151.45 9.11
CA GLU F 3106 12.58 -151.48 8.47
C GLU F 3106 12.45 -151.46 6.95
N GLY F 3107 11.50 -152.20 6.40
CA GLY F 3107 11.30 -152.21 4.96
C GLY F 3107 10.83 -150.88 4.43
N LEU F 3108 9.89 -150.23 5.13
CA LEU F 3108 9.41 -148.91 4.73
C LEU F 3108 10.52 -147.88 4.79
N MET F 3109 11.31 -147.88 5.86
CA MET F 3109 12.40 -146.91 5.98
C MET F 3109 13.49 -147.14 4.93
N LYS F 3110 13.80 -148.41 4.64
CA LYS F 3110 14.76 -148.71 3.59
C LYS F 3110 14.24 -148.28 2.22
N GLU F 3111 12.95 -148.48 1.97
CA GLU F 3111 12.35 -148.05 0.70
C GLU F 3111 12.41 -146.54 0.54
N ILE F 3112 12.08 -145.80 1.60
CA ILE F 3112 12.11 -144.34 1.53
C ILE F 3112 13.53 -143.83 1.38
N SER F 3113 14.49 -144.45 2.07
CA SER F 3113 15.89 -144.07 1.93
C SER F 3113 16.40 -144.32 0.52
N ASP F 3114 16.06 -145.48 -0.06
CA ASP F 3114 16.50 -145.79 -1.41
C ASP F 3114 15.84 -144.89 -2.44
N LEU F 3115 14.60 -144.47 -2.20
CA LEU F 3115 13.94 -143.55 -3.13
C LEU F 3115 14.48 -142.14 -3.00
N ALA F 3116 14.88 -141.72 -1.80
CA ALA F 3116 15.43 -140.38 -1.63
C ALA F 3116 16.86 -140.30 -2.17
N GLU F 3117 17.66 -141.34 -1.96
CA GLU F 3117 19.04 -141.34 -2.43
C GLU F 3117 19.17 -141.55 -3.93
N SER F 3118 18.10 -141.96 -4.61
CA SER F 3118 18.16 -142.21 -6.04
C SER F 3118 17.80 -140.99 -6.88
N GLY F 3119 17.38 -139.89 -6.26
CA GLY F 3119 16.96 -138.72 -7.00
C GLY F 3119 15.68 -138.93 -7.79
N ALA F 3120 14.72 -139.66 -7.24
CA ALA F 3120 13.50 -139.96 -7.96
C ALA F 3120 12.58 -138.74 -7.99
N ARG F 3121 11.72 -138.71 -9.01
CA ARG F 3121 10.71 -137.68 -9.12
C ARG F 3121 9.41 -138.14 -8.45
N TYR F 3122 8.45 -137.22 -8.38
CA TYR F 3122 7.16 -137.54 -7.76
C TYR F 3122 6.36 -138.53 -8.61
N THR F 3123 6.58 -138.52 -9.93
CA THR F 3123 5.86 -139.44 -10.81
C THR F 3123 6.26 -140.88 -10.56
N GLU F 3124 7.48 -141.12 -10.10
CA GLU F 3124 7.91 -142.47 -9.75
C GLU F 3124 7.32 -142.94 -8.42
N MET F 3125 7.14 -142.03 -7.46
CA MET F 3125 6.69 -142.37 -6.10
C MET F 3125 5.54 -141.46 -5.66
N PRO F 3126 4.34 -141.64 -6.22
CA PRO F 3126 3.20 -140.84 -5.74
C PRO F 3126 2.67 -141.33 -4.40
N HIS F 3127 2.51 -142.64 -4.25
CA HIS F 3127 1.96 -143.22 -3.04
C HIS F 3127 2.94 -143.24 -1.89
N VAL F 3128 4.25 -143.21 -2.17
CA VAL F 3128 5.24 -143.12 -1.12
C VAL F 3128 5.19 -141.74 -0.48
N ILE F 3129 5.05 -140.70 -1.30
CA ILE F 3129 5.00 -139.34 -0.77
C ILE F 3129 3.65 -139.06 -0.12
N GLU F 3130 2.56 -139.47 -0.76
CA GLU F 3130 1.23 -139.03 -0.33
C GLU F 3130 0.49 -139.99 0.60
N VAL F 3131 0.99 -141.21 0.80
CA VAL F 3131 0.31 -142.15 1.68
C VAL F 3131 1.27 -142.68 2.74
N ILE F 3132 2.41 -143.22 2.31
CA ILE F 3132 3.32 -143.89 3.23
C ILE F 3132 4.01 -142.89 4.15
N LEU F 3133 4.50 -141.77 3.57
CA LEU F 3133 5.27 -140.80 4.36
C LEU F 3133 4.47 -140.11 5.47
N PRO F 3134 3.24 -139.61 5.24
CA PRO F 3134 2.50 -139.02 6.39
C PRO F 3134 2.17 -140.02 7.48
N MET F 3135 1.80 -141.24 7.09
CA MET F 3135 1.53 -142.30 8.06
C MET F 3135 2.79 -142.62 8.86
N LEU F 3136 3.94 -142.67 8.21
CA LEU F 3136 5.18 -142.96 8.90
C LEU F 3136 5.57 -141.82 9.85
N CYS F 3137 5.36 -140.57 9.43
CA CYS F 3137 5.66 -139.44 10.30
C CYS F 3137 4.80 -139.45 11.56
N ASN F 3138 3.48 -139.69 11.39
CA ASN F 3138 2.60 -139.75 12.55
C ASN F 3138 2.89 -140.95 13.44
N TYR F 3139 3.24 -142.09 12.83
CA TYR F 3139 3.58 -143.29 13.59
C TYR F 3139 4.84 -143.08 14.41
N LEU F 3140 5.88 -142.50 13.82
CA LEU F 3140 7.12 -142.26 14.54
C LEU F 3140 6.93 -141.22 15.64
N SER F 3141 6.13 -140.17 15.37
CA SER F 3141 5.84 -139.18 16.40
C SER F 3141 5.06 -139.79 17.55
N TYR F 3142 4.13 -140.70 17.26
CA TYR F 3142 3.38 -141.35 18.34
C TYR F 3142 4.27 -142.28 19.16
N TRP F 3143 5.05 -143.13 18.49
CA TRP F 3143 5.76 -144.20 19.18
C TRP F 3143 7.16 -143.82 19.61
N TRP F 3144 7.60 -142.59 19.38
CA TRP F 3144 8.83 -142.14 20.02
C TRP F 3144 8.65 -142.03 21.52
N GLU F 3145 7.47 -141.59 21.97
CA GLU F 3145 7.23 -141.37 23.39
C GLU F 3145 7.10 -142.66 24.18
N ARG F 3146 6.82 -143.78 23.51
CA ARG F 3146 6.65 -145.07 24.17
C ARG F 3146 7.80 -146.02 23.84
N GLY F 3147 9.00 -145.47 23.65
CA GLY F 3147 10.13 -146.26 23.25
C GLY F 3147 11.32 -146.10 24.17
N PRO F 3148 12.51 -146.45 23.68
CA PRO F 3148 13.69 -146.46 24.55
C PRO F 3148 14.18 -145.10 24.97
N GLU F 3149 14.24 -144.13 24.05
CA GLU F 3149 14.86 -142.85 24.37
C GLU F 3149 13.98 -141.96 25.24
N HIS F 3150 12.66 -142.12 25.17
CA HIS F 3150 11.78 -141.30 26.00
C HIS F 3150 11.79 -141.74 27.46
N LEU F 3151 12.10 -143.01 27.71
CA LEU F 3151 12.11 -143.54 29.08
C LEU F 3151 13.52 -143.90 29.49
N PRO F 3152 14.21 -143.06 30.26
CA PRO F 3152 15.55 -143.41 30.76
C PRO F 3152 15.54 -144.63 31.68
N PRO F 3153 14.51 -144.88 32.51
CA PRO F 3153 14.38 -146.22 33.07
C PRO F 3153 13.95 -147.23 32.01
N SER F 3154 14.41 -148.47 32.20
CA SER F 3154 14.05 -149.54 31.27
C SER F 3154 12.56 -149.87 31.36
N THR F 3155 12.05 -150.08 32.58
CA THR F 3155 10.67 -150.48 32.85
C THR F 3155 10.26 -151.71 32.05
N GLY F 3156 11.18 -152.69 32.00
CA GLY F 3156 10.98 -153.87 31.19
C GLY F 3156 11.26 -153.60 29.73
N PRO F 3157 10.98 -154.57 28.87
CA PRO F 3157 11.13 -154.34 27.43
C PRO F 3157 10.08 -153.37 26.92
N TRP F 3158 10.41 -152.69 25.82
CA TRP F 3158 9.48 -151.78 25.18
C TRP F 3158 8.78 -152.48 24.01
N CYS F 3159 7.61 -151.96 23.65
CA CYS F 3159 6.83 -152.49 22.55
C CYS F 3159 7.24 -151.92 21.21
N THR F 3160 8.27 -151.07 21.18
CA THR F 3160 8.73 -150.48 19.94
C THR F 3160 10.22 -150.19 20.05
N LYS F 3161 10.84 -149.95 18.89
CA LYS F 3161 12.26 -149.61 18.81
C LYS F 3161 12.48 -148.24 18.19
N VAL F 3162 11.49 -147.35 18.29
CA VAL F 3162 11.58 -146.03 17.68
C VAL F 3162 12.39 -145.11 18.59
N THR F 3163 13.47 -144.57 18.07
CA THR F 3163 14.30 -143.58 18.74
C THR F 3163 14.33 -142.32 17.89
N SER F 3164 15.10 -141.33 18.35
CA SER F 3164 15.24 -140.08 17.59
C SER F 3164 16.08 -140.26 16.34
N GLU F 3165 16.84 -141.34 16.24
CA GLU F 3165 17.62 -141.61 15.04
C GLU F 3165 16.72 -141.86 13.84
N HIS F 3166 15.63 -142.62 14.04
CA HIS F 3166 14.68 -142.87 12.96
C HIS F 3166 14.02 -141.60 12.49
N LEU F 3167 13.63 -140.73 13.43
CA LEU F 3167 12.99 -139.47 13.08
C LEU F 3167 13.97 -138.55 12.35
N SER F 3168 15.22 -138.51 12.78
CA SER F 3168 16.23 -137.70 12.10
C SER F 3168 16.50 -138.20 10.69
N VAL F 3169 16.59 -139.52 10.52
CA VAL F 3169 16.82 -140.11 9.20
C VAL F 3169 15.64 -139.84 8.26
N ILE F 3170 14.42 -139.97 8.78
CA ILE F 3170 13.23 -139.72 7.96
C ILE F 3170 13.13 -138.24 7.58
N LEU F 3171 13.47 -137.33 8.49
CA LEU F 3171 13.48 -135.92 8.15
C LEU F 3171 14.55 -135.60 7.11
N GLY F 3172 15.72 -136.23 7.21
CA GLY F 3172 16.74 -136.05 6.19
C GLY F 3172 16.31 -136.57 4.83
N ASN F 3173 15.58 -137.70 4.83
CA ASN F 3173 15.03 -138.22 3.59
C ASN F 3173 13.99 -137.28 2.98
N ILE F 3174 13.14 -136.68 3.83
CA ILE F 3174 12.15 -135.72 3.35
C ILE F 3174 12.84 -134.50 2.74
N LEU F 3175 13.89 -134.01 3.41
CA LEU F 3175 14.64 -132.87 2.87
C LEU F 3175 15.33 -133.22 1.57
N LYS F 3176 15.86 -134.43 1.45
CA LYS F 3176 16.48 -134.86 0.19
C LYS F 3176 15.44 -134.99 -0.92
N ILE F 3177 14.25 -135.47 -0.60
CA ILE F 3177 13.18 -135.60 -1.58
C ILE F 3177 12.74 -134.23 -2.08
N ILE F 3178 12.60 -133.26 -1.16
CA ILE F 3178 12.27 -131.90 -1.56
C ILE F 3178 13.40 -131.28 -2.39
N ASN F 3179 14.64 -131.55 -2.01
CA ASN F 3179 15.80 -131.03 -2.73
C ASN F 3179 15.90 -131.60 -4.14
N ASN F 3180 15.46 -132.85 -4.33
CA ASN F 3180 15.50 -133.45 -5.66
C ASN F 3180 14.51 -132.78 -6.60
N ASN F 3181 13.29 -132.53 -6.14
CA ASN F 3181 12.24 -131.97 -6.98
C ASN F 3181 12.18 -130.45 -6.88
N LEU F 3182 13.31 -129.79 -7.07
CA LEU F 3182 13.37 -128.33 -7.04
C LEU F 3182 13.32 -127.78 -8.44
N GLY F 3183 12.43 -126.82 -8.66
CA GLY F 3183 12.33 -126.16 -9.96
C GLY F 3183 11.46 -126.86 -10.98
N ILE F 3184 10.76 -127.92 -10.60
CA ILE F 3184 9.87 -128.61 -11.55
C ILE F 3184 8.60 -127.78 -11.70
N ASP F 3185 7.79 -128.11 -12.71
CA ASP F 3185 6.66 -127.27 -13.08
C ASP F 3185 5.54 -127.38 -12.05
N GLU F 3186 4.99 -128.58 -11.86
CA GLU F 3186 3.83 -128.78 -11.00
C GLU F 3186 4.21 -129.73 -9.87
N ALA F 3187 4.07 -129.26 -8.62
CA ALA F 3187 4.24 -130.10 -7.45
C ALA F 3187 3.34 -129.54 -6.35
N SER F 3188 2.12 -130.08 -6.27
CA SER F 3188 1.16 -129.66 -5.26
C SER F 3188 1.24 -130.50 -4.01
N TRP F 3189 2.13 -131.49 -3.96
CA TRP F 3189 2.34 -132.31 -2.79
C TRP F 3189 3.27 -131.66 -1.76
N MET F 3190 3.93 -130.57 -2.13
CA MET F 3190 4.89 -129.94 -1.23
C MET F 3190 4.19 -129.26 -0.06
N LYS F 3191 3.04 -128.63 -0.31
CA LYS F 3191 2.30 -127.97 0.76
C LYS F 3191 1.69 -128.97 1.74
N ARG F 3192 1.57 -130.23 1.36
CA ARG F 3192 1.15 -131.27 2.29
C ARG F 3192 2.32 -131.86 3.06
N ILE F 3193 3.44 -132.11 2.39
CA ILE F 3193 4.60 -132.69 3.06
C ILE F 3193 5.27 -131.67 3.98
N ALA F 3194 5.01 -130.38 3.80
CA ALA F 3194 5.47 -129.40 4.77
C ALA F 3194 4.67 -129.44 6.06
N VAL F 3195 3.44 -129.95 6.02
CA VAL F 3195 2.57 -130.01 7.18
C VAL F 3195 2.67 -131.34 7.89
N TYR F 3196 2.77 -132.44 7.12
CA TYR F 3196 2.85 -133.77 7.73
C TYR F 3196 4.19 -134.02 8.40
N ALA F 3197 5.25 -133.34 7.97
CA ALA F 3197 6.58 -133.58 8.50
C ALA F 3197 6.87 -132.83 9.79
N GLN F 3198 5.93 -132.02 10.27
CA GLN F 3198 6.17 -131.21 11.47
C GLN F 3198 6.47 -131.99 12.76
N PRO F 3199 5.68 -133.00 13.18
CA PRO F 3199 5.89 -133.56 14.54
C PRO F 3199 7.20 -134.31 14.72
N ILE F 3200 7.94 -134.60 13.66
CA ILE F 3200 9.24 -135.26 13.79
C ILE F 3200 10.40 -134.27 13.78
N ILE F 3201 10.14 -132.97 13.62
CA ILE F 3201 11.24 -132.01 13.59
C ILE F 3201 11.83 -131.77 14.98
N SER F 3202 11.04 -131.99 16.03
CA SER F 3202 11.52 -131.74 17.39
C SER F 3202 12.61 -132.71 17.83
N LYS F 3203 12.75 -133.86 17.15
CA LYS F 3203 13.77 -134.83 17.47
C LYS F 3203 14.87 -134.89 16.41
N ALA F 3204 14.97 -133.86 15.58
CA ALA F 3204 16.02 -133.81 14.57
C ALA F 3204 17.37 -133.59 15.23
N ARG F 3205 18.36 -134.37 14.82
CA ARG F 3205 19.69 -134.30 15.38
C ARG F 3205 20.48 -133.17 14.72
N PRO F 3206 21.48 -132.59 15.42
CA PRO F 3206 22.18 -131.41 14.89
C PRO F 3206 23.07 -131.68 13.68
N ASP F 3207 23.19 -132.92 13.21
CA ASP F 3207 23.97 -133.18 12.02
C ASP F 3207 23.23 -132.84 10.72
N LEU F 3208 21.95 -132.51 10.81
CA LEU F 3208 21.16 -132.19 9.61
C LEU F 3208 21.48 -130.81 9.04
N LEU F 3209 22.15 -129.95 9.82
CA LEU F 3209 22.41 -128.59 9.35
C LEU F 3209 23.42 -128.56 8.22
N LYS F 3210 24.55 -129.26 8.40
CA LYS F 3210 25.61 -129.21 7.40
C LYS F 3210 25.35 -130.14 6.23
N SER F 3211 24.39 -131.06 6.33
CA SER F 3211 24.16 -132.05 5.29
C SER F 3211 22.88 -131.83 4.51
N HIS F 3212 21.83 -131.30 5.11
CA HIS F 3212 20.56 -131.18 4.42
C HIS F 3212 20.00 -129.76 4.33
N PHE F 3213 20.07 -128.99 5.41
CA PHE F 3213 19.42 -127.68 5.41
C PHE F 3213 20.23 -126.66 4.62
N ILE F 3214 21.53 -126.61 4.85
CA ILE F 3214 22.43 -125.66 4.17
C ILE F 3214 22.50 -125.91 2.65
N PRO F 3215 22.69 -127.13 2.14
CA PRO F 3215 22.67 -127.29 0.67
C PRO F 3215 21.33 -126.94 0.02
N THR F 3216 20.21 -127.29 0.67
CA THR F 3216 18.90 -126.94 0.11
C THR F 3216 18.69 -125.45 0.08
N LEU F 3217 19.05 -124.76 1.17
CA LEU F 3217 18.94 -123.30 1.20
C LEU F 3217 19.90 -122.64 0.21
N GLU F 3218 21.07 -123.24 -0.01
CA GLU F 3218 21.99 -122.72 -0.99
C GLU F 3218 21.44 -122.84 -2.41
N LYS F 3219 20.80 -123.97 -2.72
CA LYS F 3219 20.15 -124.12 -4.02
C LYS F 3219 19.02 -123.11 -4.20
N LEU F 3220 18.21 -122.92 -3.17
CA LEU F 3220 17.13 -121.94 -3.24
C LEU F 3220 17.68 -120.52 -3.39
N LYS F 3221 18.79 -120.22 -2.72
CA LYS F 3221 19.40 -118.89 -2.82
C LYS F 3221 19.99 -118.66 -4.21
N LYS F 3222 20.60 -119.69 -4.80
CA LYS F 3222 21.13 -119.55 -6.16
C LYS F 3222 20.00 -119.34 -7.17
N LYS F 3223 18.89 -120.07 -7.01
CA LYS F 3223 17.73 -119.84 -7.87
C LYS F 3223 17.18 -118.43 -7.71
N ALA F 3224 17.16 -117.94 -6.46
CA ALA F 3224 16.65 -116.60 -6.19
C ALA F 3224 17.55 -115.52 -6.80
N VAL F 3225 18.87 -115.66 -6.67
CA VAL F 3225 19.75 -114.64 -7.24
C VAL F 3225 19.71 -114.69 -8.77
N LYS F 3226 19.54 -115.88 -9.36
CA LYS F 3226 19.41 -115.96 -10.81
C LYS F 3226 18.13 -115.29 -11.29
N THR F 3227 17.02 -115.52 -10.58
CA THR F 3227 15.74 -114.90 -10.97
C THR F 3227 15.78 -113.39 -10.81
N VAL F 3228 16.39 -112.90 -9.72
CA VAL F 3228 16.49 -111.46 -9.50
C VAL F 3228 17.39 -110.80 -10.54
N GLN F 3229 18.50 -111.46 -10.89
CA GLN F 3229 19.39 -110.94 -11.93
C GLN F 3229 18.69 -110.90 -13.28
N GLU F 3230 17.91 -111.93 -13.61
CA GLU F 3230 17.15 -111.94 -14.86
C GLU F 3230 16.10 -110.82 -14.87
N GLU F 3231 15.42 -110.61 -13.74
CA GLU F 3231 14.44 -109.53 -13.66
C GLU F 3231 15.09 -108.16 -13.84
N GLU F 3232 16.27 -107.96 -13.24
CA GLU F 3232 16.96 -106.69 -13.37
C GLU F 3232 17.45 -106.45 -14.79
N GLN F 3233 18.00 -107.49 -15.44
CA GLN F 3233 18.46 -107.31 -16.81
C GLN F 3233 17.30 -107.20 -17.80
N LEU F 3234 16.12 -107.71 -17.44
CA LEU F 3234 14.93 -107.44 -18.25
C LEU F 3234 14.46 -106.00 -18.07
N LYS F 3235 14.41 -105.52 -16.83
CA LYS F 3235 13.97 -104.16 -16.56
C LYS F 3235 14.97 -103.10 -17.00
N ALA F 3236 16.22 -103.50 -17.29
CA ALA F 3236 17.19 -102.55 -17.81
C ALA F 3236 16.78 -102.03 -19.18
N ASP F 3237 16.27 -102.90 -20.04
CA ASP F 3237 15.85 -102.50 -21.38
C ASP F 3237 14.44 -101.92 -21.33
N THR F 3238 14.26 -100.74 -21.91
CA THR F 3238 12.97 -100.06 -21.93
C THR F 3238 12.22 -100.29 -23.24
N LYS F 3239 12.75 -101.10 -24.15
CA LYS F 3239 12.10 -101.38 -25.42
C LYS F 3239 12.16 -102.87 -25.71
N GLY F 3240 11.20 -103.32 -26.52
CA GLY F 3240 11.12 -104.71 -26.91
C GLY F 3240 9.87 -105.39 -26.38
N ASP F 3241 9.69 -106.63 -26.81
CA ASP F 3241 8.55 -107.45 -26.39
C ASP F 3241 8.86 -108.05 -25.04
N THR F 3242 8.47 -107.34 -23.98
CA THR F 3242 8.78 -107.73 -22.61
C THR F 3242 7.63 -108.45 -21.91
N GLN F 3243 6.51 -108.68 -22.60
CA GLN F 3243 5.37 -109.33 -21.95
C GLN F 3243 5.65 -110.80 -21.68
N GLU F 3244 6.19 -111.52 -22.68
CA GLU F 3244 6.49 -112.94 -22.51
C GLU F 3244 7.60 -113.14 -21.48
N ALA F 3245 8.62 -112.26 -21.51
CA ALA F 3245 9.69 -112.34 -20.51
C ALA F 3245 9.16 -112.06 -19.11
N GLU F 3246 8.22 -111.11 -18.99
CA GLU F 3246 7.60 -110.84 -17.69
C GLU F 3246 6.82 -112.03 -17.19
N LEU F 3247 6.08 -112.71 -18.08
CA LEU F 3247 5.35 -113.90 -17.68
C LEU F 3247 6.30 -115.03 -17.26
N LEU F 3248 7.41 -115.18 -17.97
CA LEU F 3248 8.40 -116.20 -17.61
C LEU F 3248 9.04 -115.90 -16.26
N ILE F 3249 9.36 -114.63 -15.99
CA ILE F 3249 9.92 -114.24 -14.71
C ILE F 3249 8.91 -114.47 -13.59
N LEU F 3250 7.64 -114.16 -13.84
CA LEU F 3250 6.59 -114.38 -12.85
C LEU F 3250 6.41 -115.87 -12.55
N ASP F 3251 6.48 -116.71 -13.58
CA ASP F 3251 6.39 -118.15 -13.36
C ASP F 3251 7.58 -118.68 -12.57
N GLU F 3252 8.79 -118.18 -12.87
CA GLU F 3252 9.96 -118.57 -12.11
C GLU F 3252 9.85 -118.15 -10.65
N PHE F 3253 9.32 -116.95 -10.40
CA PHE F 3253 9.11 -116.49 -9.03
C PHE F 3253 8.07 -117.33 -8.31
N ALA F 3254 7.01 -117.75 -9.02
CA ALA F 3254 6.00 -118.61 -8.41
C ALA F 3254 6.57 -119.98 -8.05
N VAL F 3255 7.39 -120.56 -8.92
CA VAL F 3255 8.05 -121.82 -8.62
C VAL F 3255 8.98 -121.68 -7.42
N LEU F 3256 9.74 -120.57 -7.39
CA LEU F 3256 10.64 -120.31 -6.28
C LEU F 3256 9.89 -120.14 -4.96
N CYS F 3257 8.74 -119.46 -4.98
CA CYS F 3257 7.96 -119.28 -3.76
C CYS F 3257 7.35 -120.59 -3.30
N ARG F 3258 6.93 -121.45 -4.25
CA ARG F 3258 6.42 -122.77 -3.88
C ARG F 3258 7.50 -123.61 -3.20
N ASP F 3259 8.71 -123.62 -3.77
CA ASP F 3259 9.81 -124.37 -3.16
C ASP F 3259 10.22 -123.79 -1.82
N LEU F 3260 10.22 -122.46 -1.70
CA LEU F 3260 10.56 -121.82 -0.43
C LEU F 3260 9.55 -122.13 0.65
N TYR F 3261 8.26 -122.13 0.33
CA TYR F 3261 7.26 -122.48 1.33
C TYR F 3261 7.16 -123.98 1.55
N ALA F 3262 7.75 -124.79 0.68
CA ALA F 3262 7.96 -126.20 1.02
C ALA F 3262 9.08 -126.36 2.04
N PHE F 3263 10.18 -125.62 1.87
CA PHE F 3263 11.38 -125.86 2.67
C PHE F 3263 11.36 -125.11 4.00
N TYR F 3264 10.77 -123.93 4.05
CA TYR F 3264 10.91 -123.00 5.17
C TYR F 3264 10.22 -123.34 6.49
N PRO F 3265 9.02 -123.97 6.54
CA PRO F 3265 8.49 -124.36 7.85
C PRO F 3265 9.39 -125.33 8.62
N MET F 3266 10.01 -126.28 7.92
CA MET F 3266 10.93 -127.20 8.57
C MET F 3266 12.15 -126.47 9.10
N LEU F 3267 12.69 -125.53 8.32
CA LEU F 3267 13.83 -124.74 8.75
C LEU F 3267 13.48 -123.87 9.96
N ILE F 3268 12.28 -123.29 9.96
CA ILE F 3268 11.85 -122.44 11.07
C ILE F 3268 11.71 -123.25 12.35
N ARG F 3269 11.11 -124.43 12.28
CA ARG F 3269 10.99 -125.29 13.46
C ARG F 3269 12.36 -125.76 13.94
N TYR F 3270 13.25 -126.11 13.00
CA TYR F 3270 14.60 -126.56 13.36
C TYR F 3270 15.39 -125.45 14.05
N VAL F 3271 15.28 -124.22 13.54
CA VAL F 3271 15.93 -123.07 14.15
C VAL F 3271 15.34 -122.79 15.53
N ASP F 3272 14.02 -122.86 15.66
CA ASP F 3272 13.37 -122.66 16.95
C ASP F 3272 13.80 -123.70 17.98
N ASN F 3273 14.12 -124.91 17.53
CA ASN F 3273 14.56 -125.94 18.46
C ASN F 3273 16.05 -125.86 18.78
N ASN F 3274 16.88 -125.40 17.85
CA ASN F 3274 18.33 -125.46 18.04
C ASN F 3274 18.98 -124.10 18.27
N ARG F 3275 18.20 -123.02 18.39
CA ARG F 3275 18.78 -121.68 18.48
C ARG F 3275 19.54 -121.48 19.78
N SER F 3276 19.02 -122.00 20.90
CA SER F 3276 19.71 -121.83 22.18
C SER F 3276 21.04 -122.57 22.20
N ASN F 3277 21.09 -123.77 21.63
CA ASN F 3277 22.34 -124.51 21.55
C ASN F 3277 23.31 -123.86 20.58
N TRP F 3278 22.81 -123.21 19.53
CA TRP F 3278 23.70 -122.47 18.64
C TRP F 3278 24.26 -121.22 19.32
N LEU F 3279 23.44 -120.55 20.14
CA LEU F 3279 23.90 -119.35 20.83
C LEU F 3279 24.90 -119.68 21.93
N LYS F 3280 24.70 -120.79 22.64
CA LYS F 3280 25.63 -121.15 23.70
C LYS F 3280 26.96 -121.66 23.17
N SER F 3281 27.02 -122.05 21.90
CA SER F 3281 28.26 -122.52 21.28
C SER F 3281 28.21 -122.20 19.80
N PRO F 3282 28.71 -121.03 19.40
CA PRO F 3282 28.70 -120.66 17.99
C PRO F 3282 29.61 -121.54 17.15
N SER F 3283 29.21 -121.73 15.90
CA SER F 3283 29.97 -122.54 14.95
C SER F 3283 29.93 -121.86 13.59
N ALA F 3284 30.59 -122.49 12.61
CA ALA F 3284 30.66 -121.96 11.26
C ALA F 3284 29.47 -122.33 10.40
N ASP F 3285 28.54 -123.13 10.93
CA ASP F 3285 27.38 -123.56 10.17
C ASP F 3285 26.16 -122.68 10.42
N SER F 3286 25.91 -122.32 11.68
CA SER F 3286 24.80 -121.41 11.98
C SER F 3286 25.05 -120.01 11.43
N ASP F 3287 26.31 -119.58 11.40
CA ASP F 3287 26.64 -118.31 10.77
C ASP F 3287 26.35 -118.32 9.28
N GLN F 3288 26.68 -119.42 8.60
CA GLN F 3288 26.37 -119.56 7.18
C GLN F 3288 24.86 -119.63 6.96
N LEU F 3289 24.14 -120.27 7.87
CA LEU F 3289 22.69 -120.31 7.79
C LEU F 3289 22.09 -118.91 7.90
N PHE F 3290 22.58 -118.12 8.86
CA PHE F 3290 22.13 -116.73 8.98
C PHE F 3290 22.48 -115.92 7.75
N ARG F 3291 23.67 -116.14 7.19
CA ARG F 3291 24.11 -115.42 6.00
C ARG F 3291 23.19 -115.69 4.82
N MET F 3292 22.86 -116.96 4.58
CA MET F 3292 21.98 -117.32 3.48
C MET F 3292 20.56 -116.81 3.70
N VAL F 3293 20.05 -116.92 4.93
CA VAL F 3293 18.69 -116.44 5.22
C VAL F 3293 18.61 -114.92 5.04
N ALA F 3294 19.65 -114.20 5.50
CA ALA F 3294 19.68 -112.75 5.33
C ALA F 3294 19.77 -112.35 3.86
N GLU F 3295 20.54 -113.09 3.06
CA GLU F 3295 20.63 -112.79 1.64
C GLU F 3295 19.29 -113.00 0.94
N VAL F 3296 18.60 -114.10 1.27
CA VAL F 3296 17.29 -114.35 0.67
C VAL F 3296 16.28 -113.29 1.10
N PHE F 3297 16.33 -112.87 2.36
CA PHE F 3297 15.43 -111.83 2.85
C PHE F 3297 15.71 -110.48 2.17
N ILE F 3298 16.98 -110.16 1.94
CA ILE F 3298 17.34 -108.93 1.25
C ILE F 3298 16.85 -108.95 -0.18
N LEU F 3299 16.98 -110.09 -0.86
CA LEU F 3299 16.43 -110.24 -2.21
C LEU F 3299 14.90 -110.08 -2.21
N TRP F 3300 14.24 -110.62 -1.19
CA TRP F 3300 12.80 -110.46 -1.08
C TRP F 3300 12.42 -109.00 -0.86
N CYS F 3301 13.22 -108.27 -0.08
CA CYS F 3301 12.97 -106.85 0.16
C CYS F 3301 13.16 -106.03 -1.11
N LYS F 3302 14.20 -106.32 -1.90
CA LYS F 3302 14.49 -105.50 -3.07
C LYS F 3302 13.50 -105.75 -4.19
N SER F 3303 13.14 -107.00 -4.44
CA SER F 3303 12.29 -107.34 -5.57
C SER F 3303 10.84 -107.03 -5.28
N HIS F 3304 10.15 -106.47 -6.28
CA HIS F 3304 8.73 -106.19 -6.19
C HIS F 3304 7.87 -107.38 -6.60
N ASN F 3305 8.36 -108.21 -7.53
CA ASN F 3305 7.64 -109.39 -7.94
C ASN F 3305 7.71 -110.51 -6.93
N PHE F 3306 8.79 -110.56 -6.13
CA PHE F 3306 8.96 -111.60 -5.12
C PHE F 3306 7.85 -111.54 -4.08
N LYS F 3307 7.59 -110.35 -3.55
CA LYS F 3307 6.54 -110.19 -2.54
C LYS F 3307 5.16 -110.49 -3.12
N ARG F 3308 4.91 -110.05 -4.35
CA ARG F 3308 3.61 -110.27 -4.99
C ARG F 3308 3.37 -111.75 -5.25
N GLU F 3309 4.39 -112.47 -5.72
CA GLU F 3309 4.22 -113.89 -5.99
C GLU F 3309 4.11 -114.70 -4.70
N GLU F 3310 4.84 -114.29 -3.65
CA GLU F 3310 4.70 -114.93 -2.35
C GLU F 3310 3.29 -114.74 -1.79
N GLN F 3311 2.77 -113.51 -1.87
CA GLN F 3311 1.41 -113.25 -1.39
C GLN F 3311 0.39 -114.02 -2.21
N ASN F 3312 0.57 -114.09 -3.53
CA ASN F 3312 -0.35 -114.85 -4.37
C ASN F 3312 -0.32 -116.33 -4.06
N PHE F 3313 0.88 -116.88 -3.79
CA PHE F 3313 0.97 -118.29 -3.41
C PHE F 3313 0.24 -118.56 -2.11
N VAL F 3314 0.46 -117.70 -1.10
CA VAL F 3314 -0.17 -117.91 0.20
C VAL F 3314 -1.69 -117.78 0.10
N ILE F 3315 -2.18 -116.80 -0.66
CA ILE F 3315 -3.62 -116.59 -0.77
C ILE F 3315 -4.28 -117.71 -1.57
N GLN F 3316 -3.68 -118.09 -2.72
CA GLN F 3316 -4.31 -119.08 -3.58
C GLN F 3316 -4.25 -120.48 -2.97
N ASN F 3317 -3.13 -120.85 -2.36
CA ASN F 3317 -3.01 -122.18 -1.77
C ASN F 3317 -3.55 -122.25 -0.35
N GLU F 3318 -3.97 -121.11 0.21
CA GLU F 3318 -4.51 -121.01 1.57
C GLU F 3318 -3.54 -121.57 2.61
N ILE F 3319 -2.30 -121.10 2.55
CA ILE F 3319 -1.27 -121.51 3.49
C ILE F 3319 -1.51 -120.80 4.82
N ASN F 3320 -1.56 -121.57 5.90
CA ASN F 3320 -1.79 -121.04 7.24
C ASN F 3320 -0.44 -120.81 7.90
N ASN F 3321 0.06 -119.57 7.82
CA ASN F 3321 1.38 -119.26 8.36
C ASN F 3321 1.39 -119.26 9.88
N LEU F 3322 0.27 -118.91 10.52
CA LEU F 3322 0.22 -118.87 11.97
C LEU F 3322 0.31 -120.27 12.58
N ALA F 3323 -0.09 -121.30 11.84
CA ALA F 3323 0.10 -122.66 12.31
C ALA F 3323 1.59 -123.00 12.39
N PHE F 3324 2.37 -122.55 11.41
CA PHE F 3324 3.81 -122.76 11.46
C PHE F 3324 4.47 -121.91 12.54
N LEU F 3325 4.02 -120.67 12.69
CA LEU F 3325 4.68 -119.76 13.63
C LEU F 3325 4.36 -120.10 15.08
N THR F 3326 3.10 -120.42 15.38
CA THR F 3326 2.69 -120.68 16.75
C THR F 3326 3.29 -121.99 17.28
N GLY F 3327 3.16 -123.06 16.50
CA GLY F 3327 3.66 -124.36 16.93
C GLY F 3327 2.56 -125.39 17.11
N GLY F 3338 -6.65 -118.88 24.78
CA GLY F 3338 -6.83 -120.25 25.25
C GLY F 3338 -8.21 -120.80 24.94
N GLN F 3339 -9.17 -120.52 25.83
CA GLN F 3339 -10.53 -120.96 25.64
C GLN F 3339 -11.21 -120.16 24.52
N ASP F 3340 -12.22 -120.77 23.91
CA ASP F 3340 -12.95 -120.13 22.81
C ASP F 3340 -13.98 -119.16 23.39
N GLN F 3341 -13.47 -118.03 23.87
CA GLN F 3341 -14.29 -116.97 24.44
C GLN F 3341 -14.70 -115.94 23.40
N GLU F 3342 -14.27 -116.10 22.15
CA GLU F 3342 -14.64 -115.21 21.06
C GLU F 3342 -15.24 -116.02 19.92
N ARG F 3343 -16.14 -115.38 19.17
CA ARG F 3343 -16.84 -116.03 18.07
C ARG F 3343 -16.56 -115.25 16.79
N LYS F 3344 -15.47 -115.61 16.12
CA LYS F 3344 -15.06 -114.95 14.87
C LYS F 3344 -15.56 -115.77 13.68
N LYS F 3345 -16.86 -115.62 13.41
CA LYS F 3345 -17.47 -116.35 12.30
C LYS F 3345 -17.01 -115.81 10.96
N THR F 3346 -16.93 -114.48 10.83
CA THR F 3346 -16.53 -113.87 9.57
C THR F 3346 -15.03 -114.04 9.35
N LYS F 3347 -14.66 -114.43 8.13
CA LYS F 3347 -13.26 -114.62 7.76
C LYS F 3347 -13.04 -114.09 6.35
N ARG F 3348 -11.81 -113.68 6.08
CA ARG F 3348 -11.43 -113.14 4.79
C ARG F 3348 -10.25 -113.93 4.23
N ARG F 3349 -10.34 -114.31 2.96
CA ARG F 3349 -9.23 -115.03 2.33
C ARG F 3349 -8.03 -114.12 2.13
N GLY F 3350 -8.28 -112.82 1.91
CA GLY F 3350 -7.17 -111.89 1.76
C GLY F 3350 -6.46 -111.60 3.07
N ASP F 3351 -7.13 -111.88 4.19
CA ASP F 3351 -6.55 -111.63 5.51
C ASP F 3351 -5.64 -112.79 5.92
N LEU F 3352 -5.58 -113.84 5.10
CA LEU F 3352 -4.70 -114.97 5.40
C LEU F 3352 -3.23 -114.59 5.30
N TYR F 3353 -2.89 -113.64 4.43
CA TYR F 3353 -1.52 -113.21 4.26
C TYR F 3353 -1.27 -111.90 4.99
N SER F 3354 -0.11 -111.81 5.63
CA SER F 3354 0.38 -110.56 6.19
C SER F 3354 1.89 -110.57 6.10
N ILE F 3355 2.48 -109.37 6.07
CA ILE F 3355 3.93 -109.26 5.99
C ILE F 3355 4.58 -109.77 7.28
N GLN F 3356 3.92 -109.55 8.42
CA GLN F 3356 4.48 -109.98 9.70
C GLN F 3356 4.50 -111.51 9.82
N THR F 3357 3.51 -112.18 9.23
CA THR F 3357 3.43 -113.63 9.31
C THR F 3357 4.14 -114.33 8.16
N SER F 3358 4.80 -113.59 7.28
CA SER F 3358 5.53 -114.19 6.17
C SER F 3358 6.73 -115.00 6.68
N LEU F 3359 6.93 -116.17 6.08
CA LEU F 3359 7.98 -117.07 6.55
C LEU F 3359 9.37 -116.55 6.18
N ILE F 3360 9.48 -115.79 5.09
CA ILE F 3360 10.75 -115.22 4.70
C ILE F 3360 11.20 -114.17 5.71
N VAL F 3361 10.26 -113.35 6.18
CA VAL F 3361 10.56 -112.38 7.24
C VAL F 3361 10.87 -113.10 8.54
N ALA F 3362 10.08 -114.14 8.86
CA ALA F 3362 10.20 -114.81 10.16
C ALA F 3362 11.49 -115.59 10.27
N ALA F 3363 12.00 -116.13 9.16
CA ALA F 3363 13.27 -116.85 9.21
C ALA F 3363 14.42 -115.93 9.60
N LEU F 3364 14.48 -114.72 9.02
CA LEU F 3364 15.49 -113.75 9.44
C LEU F 3364 15.22 -113.26 10.86
N LYS F 3365 13.95 -113.02 11.20
CA LYS F 3365 13.62 -112.53 12.53
C LYS F 3365 13.97 -113.53 13.63
N LYS F 3366 14.07 -114.82 13.28
CA LYS F 3366 14.52 -115.82 14.23
C LYS F 3366 16.02 -116.10 14.15
N MET F 3367 16.64 -115.95 12.98
CA MET F 3367 18.07 -116.20 12.85
C MET F 3367 18.93 -114.98 13.13
N LEU F 3368 18.33 -113.83 13.37
CA LEU F 3368 19.07 -112.61 13.66
C LEU F 3368 19.79 -112.61 15.02
N PRO F 3369 19.27 -113.26 16.08
CA PRO F 3369 20.13 -113.48 17.25
C PRO F 3369 21.40 -114.27 16.97
N ILE F 3370 21.41 -115.13 15.97
CA ILE F 3370 22.65 -115.82 15.61
C ILE F 3370 23.64 -114.86 14.99
N GLY F 3371 23.16 -113.92 14.17
CA GLY F 3371 24.04 -112.92 13.60
C GLY F 3371 24.51 -111.91 14.64
N LEU F 3372 23.59 -111.42 15.46
CA LEU F 3372 23.90 -110.49 16.54
C LEU F 3372 24.34 -111.23 17.80
N ASN F 3373 25.47 -111.94 17.67
CA ASN F 3373 25.97 -112.78 18.75
C ASN F 3373 27.40 -112.37 19.07
N MET F 3374 27.69 -112.19 20.35
CA MET F 3374 29.01 -111.80 20.87
C MET F 3374 29.48 -110.48 20.27
N CYS F 3375 28.55 -109.54 20.08
CA CYS F 3375 28.89 -108.23 19.54
C CYS F 3375 29.29 -107.31 20.70
N THR F 3376 30.52 -106.80 20.64
CA THR F 3376 31.01 -105.85 21.61
C THR F 3376 30.36 -104.49 21.37
N PRO F 3377 30.43 -103.57 22.35
CA PRO F 3377 29.91 -102.21 22.11
C PRO F 3377 30.55 -101.49 20.93
N GLY F 3378 31.83 -101.74 20.66
CA GLY F 3378 32.43 -101.19 19.45
C GLY F 3378 31.83 -101.75 18.18
N ASP F 3379 31.54 -103.06 18.18
CA ASP F 3379 30.84 -103.66 17.05
C ASP F 3379 29.44 -103.08 16.90
N GLN F 3380 28.76 -102.81 18.01
CA GLN F 3380 27.44 -102.20 17.96
C GLN F 3380 27.52 -100.78 17.40
N GLU F 3381 28.58 -100.04 17.74
CA GLU F 3381 28.79 -98.71 17.16
C GLU F 3381 29.03 -98.79 15.66
N LEU F 3382 29.83 -99.76 15.21
CA LEU F 3382 30.05 -99.95 13.78
C LEU F 3382 28.78 -100.34 13.06
N ILE F 3383 27.94 -101.18 13.69
CA ILE F 3383 26.67 -101.57 13.10
C ILE F 3383 25.73 -100.37 12.99
N SER F 3384 25.70 -99.52 14.02
CA SER F 3384 24.86 -98.33 13.96
C SER F 3384 25.32 -97.36 12.89
N LEU F 3385 26.65 -97.20 12.74
CA LEU F 3385 27.19 -96.35 11.68
C LEU F 3385 26.83 -96.90 10.30
N ALA F 3386 26.95 -98.21 10.11
CA ALA F 3386 26.63 -98.80 8.82
C ALA F 3386 25.14 -98.74 8.52
N LYS F 3387 24.30 -98.83 9.55
CA LYS F 3387 22.86 -98.64 9.36
C LYS F 3387 22.55 -97.20 8.97
N SER F 3388 23.25 -96.23 9.56
CA SER F 3388 23.09 -94.85 9.16
C SER F 3388 23.53 -94.63 7.72
N ARG F 3389 24.57 -95.33 7.29
CA ARG F 3389 24.99 -95.24 5.89
C ARG F 3389 23.98 -95.90 4.95
N TYR F 3390 23.38 -97.00 5.38
CA TYR F 3390 22.32 -97.64 4.58
C TYR F 3390 21.07 -96.77 4.51
N SER F 3391 20.87 -95.91 5.51
CA SER F 3391 19.74 -94.99 5.46
C SER F 3391 19.87 -93.93 4.37
N TYR F 3392 21.08 -93.71 3.86
CA TYR F 3392 21.32 -92.77 2.77
C TYR F 3392 21.34 -93.44 1.40
N ARG F 3393 20.85 -94.68 1.32
CA ARG F 3393 20.78 -95.47 0.08
C ARG F 3393 22.16 -95.66 -0.55
N ASP F 3394 23.04 -96.30 0.21
CA ASP F 3394 24.37 -96.66 -0.25
C ASP F 3394 24.43 -98.14 -0.61
N THR F 3395 25.42 -98.49 -1.43
CA THR F 3395 25.66 -99.87 -1.79
C THR F 3395 26.48 -100.56 -0.71
N ASP F 3396 26.83 -101.84 -0.95
CA ASP F 3396 27.61 -102.58 0.02
C ASP F 3396 29.05 -102.09 0.09
N GLU F 3397 29.63 -101.76 -1.07
CA GLU F 3397 31.03 -101.34 -1.10
C GLU F 3397 31.23 -99.98 -0.44
N GLU F 3398 30.27 -99.07 -0.61
CA GLU F 3398 30.35 -97.77 0.05
C GLU F 3398 30.27 -97.93 1.56
N VAL F 3399 29.39 -98.81 2.04
CA VAL F 3399 29.26 -99.08 3.47
C VAL F 3399 30.54 -99.70 4.01
N LYS F 3400 31.12 -100.64 3.27
CA LYS F 3400 32.37 -101.26 3.71
C LYS F 3400 33.52 -100.28 3.71
N GLU F 3401 33.55 -99.33 2.76
CA GLU F 3401 34.58 -98.30 2.76
C GLU F 3401 34.43 -97.35 3.93
N HIS F 3402 33.19 -96.97 4.25
CA HIS F 3402 32.95 -96.15 5.44
C HIS F 3402 33.35 -96.87 6.73
N LEU F 3403 33.07 -98.17 6.80
CA LEU F 3403 33.48 -98.97 7.96
C LEU F 3403 34.99 -99.09 8.04
N ARG F 3404 35.66 -99.19 6.89
CA ARG F 3404 37.12 -99.25 6.88
C ARG F 3404 37.74 -97.92 7.31
N ASN F 3405 37.10 -96.80 6.96
CA ASN F 3405 37.61 -95.49 7.33
C ASN F 3405 37.25 -95.07 8.75
N ASN F 3406 36.45 -95.87 9.47
CA ASN F 3406 36.01 -95.54 10.82
C ASN F 3406 36.21 -96.74 11.76
N LEU F 3407 37.41 -97.33 11.70
CA LEU F 3407 37.68 -98.51 12.51
C LEU F 3407 38.03 -98.18 13.95
N HIS F 3408 38.17 -96.90 14.29
CA HIS F 3408 38.50 -96.52 15.66
C HIS F 3408 37.32 -96.68 16.63
N LEU F 3409 36.11 -96.85 16.12
CA LEU F 3409 34.93 -97.01 16.97
C LEU F 3409 34.98 -98.28 17.80
N GLN F 3410 35.85 -99.23 17.43
CA GLN F 3410 36.06 -100.43 18.24
C GLN F 3410 36.66 -100.11 19.60
N GLU F 3411 37.21 -98.89 19.79
CA GLU F 3411 37.66 -98.50 21.12
C GLU F 3411 36.50 -98.21 22.07
N LYS F 3412 35.27 -98.16 21.57
CA LYS F 3412 34.11 -97.85 22.41
C LYS F 3412 33.86 -98.92 23.47
N SER F 3413 34.41 -100.12 23.28
CA SER F 3413 34.33 -101.15 24.31
C SER F 3413 35.11 -100.78 25.56
N ASP F 3414 36.05 -99.84 25.47
CA ASP F 3414 36.81 -99.39 26.63
C ASP F 3414 36.15 -98.22 27.36
N ASP F 3415 34.99 -97.76 26.89
CA ASP F 3415 34.29 -96.69 27.57
C ASP F 3415 33.73 -97.20 28.90
N PRO F 3416 33.82 -96.42 29.97
CA PRO F 3416 33.31 -96.88 31.28
C PRO F 3416 31.80 -97.07 31.31
N ALA F 3417 31.04 -96.27 30.54
CA ALA F 3417 29.58 -96.34 30.61
C ALA F 3417 29.02 -97.64 30.06
N VAL F 3418 29.80 -98.38 29.27
CA VAL F 3418 29.40 -99.69 28.77
C VAL F 3418 30.21 -100.79 29.45
N LYS F 3419 30.87 -100.47 30.58
CA LYS F 3419 31.70 -101.44 31.28
C LYS F 3419 30.90 -102.62 31.83
N TRP F 3420 29.58 -102.48 31.96
CA TRP F 3420 28.74 -103.59 32.38
C TRP F 3420 28.60 -104.67 31.31
N GLN F 3421 29.04 -104.42 30.07
CA GLN F 3421 28.95 -105.42 29.02
C GLN F 3421 30.20 -106.27 28.88
N LEU F 3422 31.20 -106.10 29.74
CA LEU F 3422 32.50 -106.72 29.53
C LEU F 3422 32.57 -108.15 30.05
N ASN F 3423 31.51 -108.68 30.65
CA ASN F 3423 31.53 -110.03 31.19
C ASN F 3423 30.31 -110.86 30.80
N LEU F 3424 29.51 -110.39 29.85
CA LEU F 3424 28.27 -111.08 29.51
C LEU F 3424 28.51 -112.34 28.70
N TYR F 3425 29.58 -112.39 27.91
CA TYR F 3425 29.89 -113.53 27.05
C TYR F 3425 31.12 -114.29 27.53
N LYS F 3426 31.29 -114.41 28.84
CA LYS F 3426 32.40 -115.21 29.36
C LYS F 3426 32.10 -116.70 29.32
N ASP F 3427 30.83 -117.10 29.21
CA ASP F 3427 30.49 -118.51 29.21
C ASP F 3427 30.80 -119.18 27.87
N VAL F 3428 30.65 -118.44 26.76
CA VAL F 3428 30.90 -119.02 25.46
C VAL F 3428 32.40 -119.19 25.25
N LEU F 3429 32.77 -120.23 24.50
CA LEU F 3429 34.17 -120.52 24.22
C LEU F 3429 34.59 -120.04 22.83
N LYS F 3430 33.73 -119.31 22.13
CA LYS F 3430 34.04 -118.84 20.79
C LYS F 3430 34.84 -117.54 20.78
N SER F 3431 35.20 -117.01 21.94
CA SER F 3431 35.99 -115.77 22.02
C SER F 3431 37.47 -116.08 22.02
N GLU F 3432 37.91 -116.79 20.98
CA GLU F 3432 39.32 -117.15 20.82
C GLU F 3432 39.61 -117.20 19.32
N GLU F 3433 40.09 -116.07 18.78
CA GLU F 3433 40.40 -115.94 17.36
C GLU F 3433 41.30 -114.72 17.18
N PRO F 3434 42.21 -114.75 16.22
CA PRO F 3434 43.00 -113.55 15.91
C PRO F 3434 42.13 -112.47 15.31
N PHE F 3435 42.55 -111.22 15.51
CA PHE F 3435 41.79 -110.06 15.05
C PHE F 3435 42.05 -109.82 13.57
N ASN F 3436 40.97 -109.79 12.78
CA ASN F 3436 41.03 -109.42 11.37
C ASN F 3436 40.10 -108.24 11.15
N ALA F 3437 40.61 -107.20 10.48
CA ALA F 3437 39.80 -106.01 10.24
C ALA F 3437 38.76 -106.26 9.15
N GLU F 3438 39.15 -106.92 8.07
CA GLU F 3438 38.24 -107.08 6.93
C GLU F 3438 37.10 -108.05 7.24
N LYS F 3439 37.38 -109.09 8.02
CA LYS F 3439 36.32 -110.00 8.45
C LYS F 3439 35.30 -109.29 9.32
N THR F 3440 35.77 -108.41 10.23
CA THR F 3440 34.87 -107.61 11.04
C THR F 3440 34.05 -106.65 10.17
N ILE F 3441 34.68 -106.08 9.15
CA ILE F 3441 33.98 -105.17 8.25
C ILE F 3441 32.85 -105.89 7.52
N GLU F 3442 33.14 -107.08 6.97
CA GLU F 3442 32.15 -107.85 6.25
C GLU F 3442 31.02 -108.31 7.17
N ARG F 3443 31.36 -108.79 8.37
CA ARG F 3443 30.36 -109.24 9.32
C ARG F 3443 29.44 -108.10 9.76
N VAL F 3444 30.02 -106.94 10.08
CA VAL F 3444 29.23 -105.79 10.49
C VAL F 3444 28.35 -105.29 9.35
N GLN F 3445 28.86 -105.33 8.12
CA GLN F 3445 28.07 -104.92 6.97
C GLN F 3445 26.87 -105.84 6.76
N ARG F 3446 27.08 -107.16 6.88
CA ARG F 3446 25.97 -108.10 6.70
C ARG F 3446 24.91 -107.94 7.79
N ILE F 3447 25.35 -107.83 9.04
CA ILE F 3447 24.42 -107.65 10.16
C ILE F 3447 23.63 -106.36 9.99
N SER F 3448 24.33 -105.27 9.62
CA SER F 3448 23.69 -103.97 9.47
C SER F 3448 22.69 -103.98 8.33
N ALA F 3449 23.01 -104.63 7.21
CA ALA F 3449 22.07 -104.72 6.09
C ALA F 3449 20.82 -105.48 6.48
N ALA F 3450 20.99 -106.61 7.17
CA ALA F 3450 19.83 -107.40 7.60
C ALA F 3450 18.95 -106.62 8.58
N VAL F 3451 19.56 -105.95 9.56
CA VAL F 3451 18.81 -105.23 10.57
C VAL F 3451 18.10 -104.02 9.95
N PHE F 3452 18.79 -103.30 9.06
CA PHE F 3452 18.20 -102.13 8.42
C PHE F 3452 17.00 -102.52 7.55
N HIS F 3453 17.15 -103.59 6.76
CA HIS F 3453 16.05 -104.00 5.90
C HIS F 3453 14.87 -104.54 6.71
N LEU F 3454 15.15 -105.27 7.80
CA LEU F 3454 14.08 -105.76 8.67
C LEU F 3454 13.32 -104.61 9.32
N GLU F 3455 14.05 -103.59 9.81
CA GLU F 3455 13.40 -102.44 10.42
C GLU F 3455 12.60 -101.65 9.40
N GLN F 3456 13.14 -101.51 8.18
CA GLN F 3456 12.43 -100.78 7.12
C GLN F 3456 11.15 -101.51 6.73
N VAL F 3457 11.17 -102.84 6.73
CA VAL F 3457 9.96 -103.61 6.44
C VAL F 3457 8.95 -103.47 7.57
N GLU F 3458 9.40 -103.57 8.82
CA GLU F 3458 8.48 -103.60 9.95
C GLU F 3458 7.96 -102.23 10.36
N GLN F 3459 8.59 -101.15 9.93
CA GLN F 3459 8.14 -99.81 10.32
C GLN F 3459 6.73 -99.46 9.83
N PRO F 3460 6.33 -99.70 8.56
CA PRO F 3460 4.93 -99.43 8.22
C PRO F 3460 3.93 -100.39 8.86
N LEU F 3461 4.40 -101.54 9.34
CA LEU F 3461 3.49 -102.54 9.89
C LEU F 3461 2.89 -102.09 11.21
N ARG F 3462 3.63 -101.29 11.98
CA ARG F 3462 3.13 -100.83 13.28
C ARG F 3462 1.98 -99.85 13.11
N SER F 3463 2.16 -98.87 12.22
CA SER F 3463 1.16 -97.84 11.89
C SER F 3463 0.64 -97.08 13.11
N ALA F 3487 -28.53 -96.87 -29.66
CA ALA F 3487 -27.25 -96.23 -30.03
C ALA F 3487 -26.75 -96.52 -31.47
N PRO F 3488 -26.92 -97.74 -32.03
CA PRO F 3488 -26.69 -97.90 -33.46
C PRO F 3488 -27.67 -97.09 -34.29
N LEU F 3489 -27.19 -96.57 -35.42
CA LEU F 3489 -28.02 -95.72 -36.27
C LEU F 3489 -29.10 -96.52 -36.99
N TYR F 3490 -28.83 -97.78 -37.31
CA TYR F 3490 -29.78 -98.58 -38.08
C TYR F 3490 -30.94 -99.08 -37.25
N ASN F 3491 -30.86 -99.02 -35.93
CA ASN F 3491 -31.93 -99.50 -35.05
C ASN F 3491 -32.90 -98.39 -34.65
N LEU F 3492 -32.68 -97.17 -35.11
CA LEU F 3492 -33.52 -96.03 -34.79
C LEU F 3492 -34.44 -95.70 -35.96
N PRO F 3493 -35.59 -95.06 -35.69
CA PRO F 3493 -36.46 -94.64 -36.79
C PRO F 3493 -35.79 -93.60 -37.67
N ARG F 3494 -36.16 -93.61 -38.96
CA ARG F 3494 -35.44 -92.84 -39.96
C ARG F 3494 -35.70 -91.34 -39.83
N HIS F 3495 -36.84 -90.95 -39.27
CA HIS F 3495 -37.17 -89.52 -39.19
C HIS F 3495 -36.33 -88.82 -38.13
N LYS F 3496 -36.02 -89.50 -37.02
CA LYS F 3496 -35.16 -88.90 -36.01
C LYS F 3496 -33.74 -88.72 -36.52
N ILE F 3497 -33.23 -89.72 -37.25
CA ILE F 3497 -31.92 -89.59 -37.88
C ILE F 3497 -31.93 -88.51 -38.94
N ASN F 3498 -33.06 -88.34 -39.64
CA ASN F 3498 -33.19 -87.26 -40.61
C ASN F 3498 -33.14 -85.90 -39.92
N ASN F 3499 -33.78 -85.76 -38.76
CA ASN F 3499 -33.70 -84.53 -37.99
C ASN F 3499 -32.27 -84.24 -37.53
N PHE F 3500 -31.56 -85.30 -37.09
CA PHE F 3500 -30.16 -85.12 -36.70
C PHE F 3500 -29.30 -84.71 -37.89
N PHE F 3501 -29.58 -85.29 -39.05
CA PHE F 3501 -28.88 -84.90 -40.28
C PHE F 3501 -29.15 -83.44 -40.62
N LEU F 3502 -30.40 -83.00 -40.47
CA LEU F 3502 -30.74 -81.62 -40.76
C LEU F 3502 -30.01 -80.66 -39.83
N SER F 3503 -29.95 -80.99 -38.53
CA SER F 3503 -29.24 -80.15 -37.57
C SER F 3503 -27.75 -80.08 -37.89
N THR F 3504 -27.13 -81.22 -38.22
CA THR F 3504 -25.71 -81.22 -38.56
C THR F 3504 -25.45 -80.51 -39.88
N PHE F 3505 -26.37 -80.63 -40.84
CA PHE F 3505 -26.24 -79.94 -42.11
C PHE F 3505 -26.35 -78.43 -41.94
N GLN F 3506 -27.20 -77.98 -41.02
CA GLN F 3506 -27.25 -76.55 -40.69
C GLN F 3506 -25.95 -76.10 -40.03
N ARG F 3507 -25.47 -76.85 -39.04
CA ARG F 3507 -24.33 -76.38 -38.25
C ARG F 3507 -23.03 -76.42 -39.03
N VAL F 3508 -22.83 -77.43 -39.87
CA VAL F 3508 -21.52 -77.68 -40.47
C VAL F 3508 -21.39 -77.00 -41.83
N TRP F 3509 -22.29 -77.32 -42.76
CA TRP F 3509 -22.12 -76.93 -44.15
C TRP F 3509 -22.58 -75.51 -44.45
N LEU F 3510 -23.82 -75.17 -44.11
CA LEU F 3510 -24.44 -73.96 -44.63
C LEU F 3510 -23.96 -72.68 -43.94
N GLU F 3511 -23.61 -72.76 -42.66
CA GLU F 3511 -23.28 -71.55 -41.91
C GLU F 3511 -21.98 -70.92 -42.38
N LYS F 3512 -21.01 -71.75 -42.78
CA LYS F 3512 -19.77 -71.23 -43.33
C LYS F 3512 -20.00 -70.47 -44.64
N VAL F 3513 -20.92 -70.95 -45.48
CA VAL F 3513 -21.25 -70.23 -46.70
C VAL F 3513 -22.01 -68.95 -46.38
N ASN F 3514 -22.92 -69.01 -45.40
CA ASN F 3514 -23.74 -67.86 -45.04
C ASN F 3514 -22.91 -66.73 -44.45
N GLU F 3515 -21.86 -67.07 -43.70
CA GLU F 3515 -20.98 -66.05 -43.13
C GLU F 3515 -20.04 -65.43 -44.17
N LYS F 3516 -20.16 -65.81 -45.45
CA LYS F 3516 -19.32 -65.25 -46.50
C LYS F 3516 -20.09 -64.67 -47.67
N THR F 3517 -21.25 -65.20 -48.03
CA THR F 3517 -21.96 -64.75 -49.22
C THR F 3517 -23.10 -63.77 -48.94
N GLN F 3518 -23.33 -63.41 -47.68
CA GLN F 3518 -24.47 -62.56 -47.35
C GLN F 3518 -24.22 -61.12 -47.76
N TYR F 3519 -25.18 -60.55 -48.51
CA TYR F 3519 -25.15 -59.16 -48.99
C TYR F 3519 -23.87 -58.88 -49.76
N ASP F 3520 -23.49 -59.81 -50.63
CA ASP F 3520 -22.14 -59.81 -51.21
C ASP F 3520 -21.96 -58.67 -52.20
N ARG F 3521 -22.98 -58.36 -53.00
CA ARG F 3521 -22.80 -57.40 -54.08
C ARG F 3521 -23.97 -56.43 -54.24
N LEU F 3522 -24.75 -56.21 -53.18
CA LEU F 3522 -25.93 -55.38 -53.31
C LEU F 3522 -25.59 -53.90 -53.35
N ILE F 3523 -24.58 -53.47 -52.58
CA ILE F 3523 -24.22 -52.04 -52.54
C ILE F 3523 -23.71 -51.50 -53.87
N PRO F 3524 -22.81 -52.19 -54.61
CA PRO F 3524 -22.47 -51.68 -55.96
C PRO F 3524 -23.64 -51.67 -56.92
N ILE F 3525 -24.58 -52.61 -56.81
CA ILE F 3525 -25.75 -52.63 -57.68
C ILE F 3525 -26.67 -51.46 -57.37
N LEU F 3526 -26.78 -51.09 -56.09
CA LEU F 3526 -27.65 -49.99 -55.69
C LEU F 3526 -27.17 -48.65 -56.24
N MET F 3527 -25.86 -48.45 -56.31
CA MET F 3527 -25.30 -47.19 -56.76
C MET F 3527 -24.89 -47.21 -58.23
N LYS F 3528 -25.17 -48.31 -58.93
CA LYS F 3528 -24.78 -48.46 -60.32
C LYS F 3528 -25.61 -47.54 -61.21
N SER F 3529 -24.94 -46.77 -62.05
CA SER F 3529 -25.63 -45.82 -62.91
C SER F 3529 -26.36 -46.55 -64.03
N PRO F 3530 -27.62 -46.19 -64.31
CA PRO F 3530 -28.39 -46.81 -65.40
C PRO F 3530 -27.89 -46.39 -66.78
N LYS F 3542 -35.00 -40.47 -61.64
CA LYS F 3542 -34.79 -40.10 -60.24
C LYS F 3542 -33.40 -39.53 -60.03
N GLN F 3543 -33.34 -38.30 -59.52
CA GLN F 3543 -32.05 -37.72 -59.15
C GLN F 3543 -31.35 -38.48 -58.02
N PRO F 3544 -32.00 -38.88 -56.92
CA PRO F 3544 -31.31 -39.79 -55.99
C PRO F 3544 -31.28 -41.22 -56.52
N ASP F 3545 -30.17 -41.89 -56.28
CA ASP F 3545 -30.01 -43.30 -56.59
C ASP F 3545 -30.76 -44.12 -55.54
N PRO F 3546 -31.00 -45.42 -55.78
CA PRO F 3546 -31.71 -46.24 -54.77
C PRO F 3546 -31.08 -46.26 -53.38
N LEU F 3547 -29.75 -46.24 -53.29
CA LEU F 3547 -29.09 -46.19 -51.99
C LEU F 3547 -29.39 -44.87 -51.27
N HIS F 3548 -29.39 -43.76 -52.02
CA HIS F 3548 -29.76 -42.47 -51.46
C HIS F 3548 -31.21 -42.48 -50.98
N GLN F 3549 -32.09 -43.12 -51.73
CA GLN F 3549 -33.50 -43.20 -51.36
C GLN F 3549 -33.71 -44.01 -50.07
N ILE F 3550 -33.01 -45.13 -49.92
CA ILE F 3550 -33.20 -45.91 -48.70
C ILE F 3550 -32.55 -45.21 -47.50
N ILE F 3551 -31.44 -44.49 -47.70
CA ILE F 3551 -30.86 -43.71 -46.61
C ILE F 3551 -31.79 -42.58 -46.19
N LEU F 3552 -32.42 -41.91 -47.17
CA LEU F 3552 -33.38 -40.86 -46.85
C LEU F 3552 -34.62 -41.41 -46.16
N HIS F 3553 -35.05 -42.61 -46.54
CA HIS F 3553 -36.18 -43.24 -45.85
C HIS F 3553 -35.85 -43.53 -44.39
N PHE F 3554 -34.64 -44.04 -44.13
CA PHE F 3554 -34.24 -44.29 -42.75
C PHE F 3554 -34.10 -43.00 -41.95
N SER F 3555 -33.58 -41.95 -42.59
CA SER F 3555 -33.50 -40.64 -41.94
C SER F 3555 -34.88 -40.08 -41.60
N ARG F 3556 -35.83 -40.23 -42.52
CA ARG F 3556 -37.19 -39.76 -42.28
C ARG F 3556 -37.86 -40.55 -41.17
N ASN F 3557 -37.61 -41.86 -41.10
CA ASN F 3557 -38.10 -42.64 -39.98
C ASN F 3557 -37.48 -42.22 -38.66
N ALA F 3558 -36.18 -41.89 -38.68
CA ALA F 3558 -35.50 -41.45 -37.46
C ALA F 3558 -36.00 -40.10 -36.98
N LEU F 3559 -36.35 -39.20 -37.90
CA LEU F 3559 -36.81 -37.88 -37.52
C LEU F 3559 -38.25 -37.84 -37.04
N THR F 3560 -39.02 -38.90 -37.24
CA THR F 3560 -40.41 -38.93 -36.81
C THR F 3560 -40.48 -39.02 -35.29
N GLU F 3561 -41.30 -38.16 -34.68
CA GLU F 3561 -41.39 -38.06 -33.23
C GLU F 3561 -42.12 -39.27 -32.68
N ARG F 3562 -41.39 -40.11 -31.94
CA ARG F 3562 -41.95 -41.29 -31.30
C ARG F 3562 -41.45 -41.37 -29.87
N SER F 3563 -42.20 -42.08 -29.03
CA SER F 3563 -41.80 -42.28 -27.64
C SER F 3563 -40.69 -43.31 -27.51
N LYS F 3564 -40.62 -44.28 -28.41
CA LYS F 3564 -39.65 -45.36 -28.34
C LYS F 3564 -39.25 -45.79 -29.74
N LEU F 3565 -37.96 -46.05 -29.93
CA LEU F 3565 -37.45 -46.53 -31.21
C LEU F 3565 -37.87 -47.99 -31.38
N GLU F 3566 -38.88 -48.21 -32.22
CA GLU F 3566 -39.38 -49.56 -32.45
C GLU F 3566 -38.39 -50.35 -33.30
N ASP F 3567 -38.50 -51.67 -33.22
CA ASP F 3567 -37.56 -52.56 -33.90
C ASP F 3567 -37.76 -52.48 -35.42
N ASP F 3568 -36.67 -52.26 -36.13
CA ASP F 3568 -36.67 -52.18 -37.59
C ASP F 3568 -35.61 -53.13 -38.13
N PRO F 3569 -35.99 -54.35 -38.50
CA PRO F 3569 -35.01 -55.29 -39.08
C PRO F 3569 -34.41 -54.81 -40.40
N LEU F 3570 -35.19 -54.06 -41.19
CA LEU F 3570 -34.68 -53.54 -42.46
C LEU F 3570 -33.53 -52.59 -42.24
N TYR F 3571 -33.64 -51.69 -41.25
CA TYR F 3571 -32.55 -50.79 -40.93
C TYR F 3571 -31.33 -51.55 -40.46
N THR F 3572 -31.54 -52.59 -39.63
CA THR F 3572 -30.42 -53.38 -39.12
C THR F 3572 -29.66 -54.05 -40.26
N SER F 3573 -30.39 -54.69 -41.18
CA SER F 3573 -29.75 -55.37 -42.31
C SER F 3573 -29.03 -54.37 -43.23
N TYR F 3574 -29.67 -53.24 -43.53
CA TYR F 3574 -29.06 -52.32 -44.48
C TYR F 3574 -27.88 -51.56 -43.88
N SER F 3575 -27.96 -51.19 -42.60
CA SER F 3575 -26.81 -50.56 -41.95
C SER F 3575 -25.66 -51.54 -41.79
N SER F 3576 -25.98 -52.82 -41.55
CA SER F 3576 -24.93 -53.84 -41.50
C SER F 3576 -24.25 -54.00 -42.85
N MET F 3577 -25.02 -54.01 -43.93
CA MET F 3577 -24.39 -54.17 -45.25
C MET F 3577 -23.64 -52.91 -45.67
N MET F 3578 -24.07 -51.73 -45.22
CA MET F 3578 -23.31 -50.51 -45.48
C MET F 3578 -21.97 -50.53 -44.75
N ALA F 3579 -21.99 -50.92 -43.46
CA ALA F 3579 -20.76 -51.02 -42.68
C ALA F 3579 -19.81 -52.06 -43.26
N LYS F 3580 -20.36 -53.17 -43.76
CA LYS F 3580 -19.51 -54.16 -44.45
C LYS F 3580 -18.98 -53.62 -45.77
N SER F 3581 -19.74 -52.78 -46.45
CA SER F 3581 -19.26 -52.19 -47.71
C SER F 3581 -18.10 -51.25 -47.47
N CYS F 3582 -18.12 -50.48 -46.38
CA CYS F 3582 -17.00 -49.59 -46.08
C CYS F 3582 -15.78 -50.37 -45.62
N GLN F 3583 -15.98 -51.50 -44.95
CA GLN F 3583 -14.87 -52.26 -44.34
C GLN F 3583 -14.43 -53.36 -45.30
N SER F 3584 -13.70 -52.96 -46.33
CA SER F 3584 -13.16 -53.91 -47.28
C SER F 3584 -11.79 -53.48 -47.78
N GLU F 3595 5.13 -56.58 -44.15
CA GLU F 3595 4.86 -55.16 -44.32
C GLU F 3595 4.28 -54.88 -45.71
N LYS F 3596 4.10 -53.59 -46.02
CA LYS F 3596 3.54 -53.17 -47.29
C LYS F 3596 4.35 -52.02 -47.85
N THR F 3597 4.25 -51.83 -49.16
CA THR F 3597 4.89 -50.71 -49.81
C THR F 3597 4.14 -49.41 -49.49
N PHE F 3598 4.79 -48.28 -49.80
CA PHE F 3598 4.12 -46.99 -49.68
C PHE F 3598 2.95 -46.89 -50.64
N GLU F 3599 3.13 -47.38 -51.87
CA GLU F 3599 2.07 -47.32 -52.87
C GLU F 3599 0.87 -48.16 -52.46
N GLU F 3600 1.12 -49.34 -51.89
CA GLU F 3600 0.02 -50.21 -51.46
C GLU F 3600 -0.78 -49.58 -50.32
N LYS F 3601 -0.09 -48.99 -49.34
CA LYS F 3601 -0.78 -48.33 -48.24
C LYS F 3601 -1.55 -47.10 -48.71
N GLU F 3602 -0.96 -46.34 -49.63
CA GLU F 3602 -1.66 -45.17 -50.15
C GLU F 3602 -2.89 -45.56 -50.96
N MET F 3603 -2.79 -46.62 -51.77
CA MET F 3603 -3.95 -47.11 -52.51
C MET F 3603 -5.02 -47.65 -51.59
N GLU F 3604 -4.62 -48.30 -50.50
CA GLU F 3604 -5.58 -48.77 -49.51
C GLU F 3604 -6.31 -47.60 -48.85
N LYS F 3605 -5.58 -46.53 -48.52
CA LYS F 3605 -6.19 -45.35 -47.94
C LYS F 3605 -7.15 -44.68 -48.91
N GLN F 3606 -6.78 -44.60 -50.19
CA GLN F 3606 -7.65 -43.99 -51.18
C GLN F 3606 -8.89 -44.84 -51.44
N LYS F 3607 -8.74 -46.18 -51.40
CA LYS F 3607 -9.88 -47.06 -51.54
C LYS F 3607 -10.85 -46.91 -50.38
N THR F 3608 -10.32 -46.80 -49.15
CA THR F 3608 -11.17 -46.57 -47.99
C THR F 3608 -11.87 -45.23 -48.07
N LEU F 3609 -11.16 -44.19 -48.54
CA LEU F 3609 -11.78 -42.87 -48.70
C LEU F 3609 -12.90 -42.90 -49.73
N TYR F 3610 -12.69 -43.61 -50.84
CA TYR F 3610 -13.72 -43.74 -51.86
C TYR F 3610 -14.95 -44.48 -51.34
N GLN F 3611 -14.73 -45.57 -50.61
CA GLN F 3611 -15.83 -46.35 -50.05
C GLN F 3611 -16.61 -45.57 -48.99
N GLN F 3612 -15.93 -44.73 -48.21
CA GLN F 3612 -16.63 -43.90 -47.24
C GLN F 3612 -17.34 -42.72 -47.90
N ALA F 3613 -16.78 -42.21 -49.00
CA ALA F 3613 -17.45 -41.14 -49.74
C ALA F 3613 -18.74 -41.63 -50.37
N ARG F 3614 -18.74 -42.89 -50.84
CA ARG F 3614 -19.94 -43.51 -51.40
C ARG F 3614 -21.12 -43.45 -50.45
N LEU F 3615 -20.87 -43.59 -49.15
CA LEU F 3615 -21.94 -43.53 -48.17
C LEU F 3615 -22.20 -42.13 -47.66
N HIS F 3616 -21.16 -41.34 -47.37
CA HIS F 3616 -21.44 -40.05 -46.73
C HIS F 3616 -21.82 -38.97 -47.72
N GLU F 3617 -21.71 -39.20 -49.03
CA GLU F 3617 -22.28 -38.26 -49.98
C GLU F 3617 -23.76 -38.50 -50.21
N ARG F 3618 -24.32 -39.52 -49.59
CA ARG F 3618 -25.75 -39.82 -49.67
C ARG F 3618 -26.47 -39.63 -48.35
N GLY F 3619 -25.81 -38.98 -47.38
CA GLY F 3619 -26.47 -38.62 -46.14
C GLY F 3619 -26.41 -39.65 -45.03
N ALA F 3620 -25.36 -40.49 -45.00
CA ALA F 3620 -25.30 -41.56 -44.01
C ALA F 3620 -24.89 -41.05 -42.62
N ALA F 3621 -24.04 -40.02 -42.56
CA ALA F 3621 -23.56 -39.52 -41.27
C ALA F 3621 -24.69 -38.86 -40.47
N GLU F 3622 -25.51 -38.05 -41.15
CA GLU F 3622 -26.68 -37.45 -40.50
C GLU F 3622 -27.65 -38.53 -40.05
N MET F 3623 -27.80 -39.59 -40.84
CA MET F 3623 -28.67 -40.71 -40.46
C MET F 3623 -28.15 -41.41 -39.21
N VAL F 3624 -26.82 -41.57 -39.10
CA VAL F 3624 -26.22 -42.18 -37.92
C VAL F 3624 -26.50 -41.33 -36.68
N LEU F 3625 -26.31 -40.02 -36.80
CA LEU F 3625 -26.60 -39.12 -35.67
C LEU F 3625 -28.07 -39.14 -35.30
N GLN F 3626 -28.96 -39.19 -36.30
CA GLN F 3626 -30.39 -39.22 -36.05
C GLN F 3626 -30.82 -40.51 -35.37
N MET F 3627 -30.25 -41.65 -35.77
CA MET F 3627 -30.60 -42.91 -35.14
C MET F 3627 -30.08 -42.98 -33.70
N ILE F 3628 -28.89 -42.43 -33.46
CA ILE F 3628 -28.38 -42.36 -32.09
C ILE F 3628 -29.28 -41.49 -31.23
N SER F 3629 -29.72 -40.34 -31.76
CA SER F 3629 -30.66 -39.49 -31.03
C SER F 3629 -31.99 -40.18 -30.78
N ALA F 3630 -32.49 -40.91 -31.78
CA ALA F 3630 -33.77 -41.61 -31.67
C ALA F 3630 -33.71 -42.83 -30.77
N SER F 3631 -32.51 -43.31 -30.42
CA SER F 3631 -32.41 -44.45 -29.51
C SER F 3631 -32.94 -44.14 -28.12
N LYS F 3632 -32.91 -42.86 -27.71
CA LYS F 3632 -33.32 -42.40 -26.38
C LYS F 3632 -32.54 -43.07 -25.27
N GLY F 3633 -31.28 -43.41 -25.54
CA GLY F 3633 -30.44 -44.03 -24.53
C GLY F 3633 -30.71 -45.49 -24.27
N GLU F 3634 -31.53 -46.14 -25.09
CA GLU F 3634 -31.88 -47.55 -24.90
C GLU F 3634 -31.11 -48.40 -25.90
N MET F 3635 -30.49 -49.46 -25.40
CA MET F 3635 -29.71 -50.33 -26.27
C MET F 3635 -30.61 -51.25 -27.07
N SER F 3636 -30.25 -51.44 -28.34
CA SER F 3636 -31.00 -52.28 -29.26
C SER F 3636 -30.05 -52.68 -30.39
N PRO F 3637 -30.42 -53.67 -31.21
CA PRO F 3637 -29.60 -53.98 -32.39
C PRO F 3637 -29.40 -52.82 -33.34
N MET F 3638 -30.39 -51.93 -33.44
CA MET F 3638 -30.26 -50.74 -34.29
C MET F 3638 -29.16 -49.82 -33.80
N VAL F 3639 -29.02 -49.67 -32.48
CA VAL F 3639 -27.93 -48.86 -31.93
C VAL F 3639 -26.58 -49.49 -32.24
N VAL F 3640 -26.49 -50.83 -32.16
CA VAL F 3640 -25.24 -51.53 -32.44
C VAL F 3640 -24.83 -51.32 -33.89
N GLU F 3641 -25.76 -51.51 -34.83
CA GLU F 3641 -25.42 -51.32 -36.24
C GLU F 3641 -25.18 -49.86 -36.57
N THR F 3642 -25.86 -48.93 -35.88
CA THR F 3642 -25.62 -47.51 -36.08
C THR F 3642 -24.22 -47.11 -35.66
N LEU F 3643 -23.76 -47.60 -34.51
CA LEU F 3643 -22.40 -47.29 -34.07
C LEU F 3643 -21.37 -47.94 -34.96
N LYS F 3644 -21.64 -49.16 -35.44
CA LYS F 3644 -20.71 -49.81 -36.37
C LYS F 3644 -20.61 -49.05 -37.69
N LEU F 3645 -21.74 -48.55 -38.20
CA LEU F 3645 -21.73 -47.78 -39.44
C LEU F 3645 -21.05 -46.43 -39.26
N GLY F 3646 -21.25 -45.79 -38.11
CA GLY F 3646 -20.56 -44.55 -37.83
C GLY F 3646 -19.06 -44.73 -37.71
N ILE F 3647 -18.63 -45.84 -37.11
CA ILE F 3647 -17.21 -46.18 -37.08
C ILE F 3647 -16.68 -46.42 -38.48
N ALA F 3648 -17.45 -47.14 -39.31
CA ALA F 3648 -17.01 -47.45 -40.67
C ALA F 3648 -16.85 -46.20 -41.52
N ILE F 3649 -17.77 -45.24 -41.41
CA ILE F 3649 -17.62 -44.02 -42.20
C ILE F 3649 -16.67 -43.03 -41.55
N LEU F 3650 -16.37 -43.17 -40.26
CA LEU F 3650 -15.44 -42.29 -39.57
C LEU F 3650 -14.04 -42.85 -39.46
N ASN F 3651 -13.79 -44.05 -39.98
CA ASN F 3651 -12.53 -44.73 -39.73
C ASN F 3651 -11.38 -44.05 -40.44
N GLY F 3652 -10.23 -43.98 -39.77
CA GLY F 3652 -9.10 -43.23 -40.26
C GLY F 3652 -9.15 -41.75 -39.96
N GLY F 3653 -10.14 -41.29 -39.20
CA GLY F 3653 -10.28 -39.89 -38.91
C GLY F 3653 -10.69 -39.10 -40.14
N ASN F 3654 -11.84 -39.45 -40.73
CA ASN F 3654 -12.31 -38.77 -41.93
C ASN F 3654 -12.77 -37.37 -41.57
N ALA F 3655 -12.03 -36.36 -42.04
CA ALA F 3655 -12.31 -34.98 -41.65
C ALA F 3655 -13.60 -34.46 -42.29
N GLY F 3656 -13.94 -34.94 -43.48
CA GLY F 3656 -15.20 -34.53 -44.10
C GLY F 3656 -16.41 -35.03 -43.34
N VAL F 3657 -16.37 -36.29 -42.89
CA VAL F 3657 -17.46 -36.84 -42.10
C VAL F 3657 -17.57 -36.12 -40.76
N GLN F 3658 -16.42 -35.80 -40.14
CA GLN F 3658 -16.42 -35.04 -38.89
C GLN F 3658 -17.04 -33.66 -39.09
N GLN F 3659 -16.68 -32.99 -40.17
CA GLN F 3659 -17.24 -31.66 -40.45
C GLN F 3659 -18.74 -31.74 -40.69
N LYS F 3660 -19.20 -32.75 -41.44
CA LYS F 3660 -20.63 -32.90 -41.68
C LYS F 3660 -21.39 -33.19 -40.39
N MET F 3661 -20.85 -34.06 -39.54
CA MET F 3661 -21.51 -34.39 -38.27
C MET F 3661 -21.56 -33.18 -37.36
N LEU F 3662 -20.46 -32.42 -37.27
CA LEU F 3662 -20.44 -31.24 -36.41
C LEU F 3662 -21.36 -30.15 -36.94
N ASP F 3663 -21.40 -29.97 -38.27
CA ASP F 3663 -22.31 -28.99 -38.86
C ASP F 3663 -23.77 -29.36 -38.62
N TYR F 3664 -24.11 -30.65 -38.73
CA TYR F 3664 -25.47 -31.08 -38.43
C TYR F 3664 -25.82 -30.85 -36.96
N LEU F 3665 -24.91 -31.20 -36.05
CA LEU F 3665 -25.20 -31.08 -34.63
C LEU F 3665 -25.31 -29.63 -34.20
N LYS F 3666 -24.51 -28.73 -34.78
CA LYS F 3666 -24.61 -27.32 -34.42
C LYS F 3666 -25.76 -26.62 -35.14
N GLU F 3667 -26.15 -27.08 -36.33
CA GLU F 3667 -27.27 -26.46 -37.02
C GLU F 3667 -28.60 -26.86 -36.38
N LYS F 3668 -28.77 -28.15 -36.08
CA LYS F 3668 -30.05 -28.62 -35.56
C LYS F 3668 -30.22 -28.39 -34.06
N LYS F 3669 -29.13 -28.09 -33.34
CA LYS F 3669 -29.13 -27.93 -31.89
C LYS F 3669 -29.72 -29.15 -31.20
N ASP F 3670 -29.24 -30.32 -31.60
CA ASP F 3670 -29.83 -31.61 -31.21
C ASP F 3670 -29.27 -32.03 -29.86
N ALA F 3671 -29.99 -31.68 -28.80
CA ALA F 3671 -29.61 -32.11 -27.45
C ALA F 3671 -29.99 -33.56 -27.19
N GLY F 3672 -30.91 -34.12 -27.97
CA GLY F 3672 -31.27 -35.51 -27.81
C GLY F 3672 -30.14 -36.46 -28.13
N PHE F 3673 -29.24 -36.06 -29.04
CA PHE F 3673 -28.06 -36.86 -29.35
C PHE F 3673 -27.18 -37.04 -28.11
N PHE F 3674 -26.94 -35.95 -27.38
CA PHE F 3674 -26.08 -36.03 -26.21
C PHE F 3674 -26.79 -36.65 -25.02
N GLN F 3675 -28.11 -36.45 -24.89
CA GLN F 3675 -28.85 -37.16 -23.86
C GLN F 3675 -28.82 -38.67 -24.10
N SER F 3676 -28.97 -39.09 -25.35
CA SER F 3676 -28.89 -40.50 -25.67
C SER F 3676 -27.49 -41.06 -25.51
N LEU F 3677 -26.46 -40.25 -25.81
CA LEU F 3677 -25.08 -40.68 -25.57
C LEU F 3677 -24.82 -40.90 -24.09
N SER F 3678 -25.30 -39.99 -23.24
CA SER F 3678 -25.16 -40.17 -21.79
C SER F 3678 -25.90 -41.40 -21.31
N GLY F 3679 -27.13 -41.62 -21.82
CA GLY F 3679 -27.88 -42.80 -21.42
C GLY F 3679 -27.25 -44.10 -21.88
N LEU F 3680 -26.63 -44.09 -23.06
CA LEU F 3680 -25.93 -45.28 -23.55
C LEU F 3680 -24.66 -45.54 -22.78
N MET F 3681 -23.97 -44.47 -22.36
CA MET F 3681 -22.75 -44.64 -21.58
C MET F 3681 -23.05 -45.12 -20.17
N GLN F 3682 -24.17 -44.70 -19.59
CA GLN F 3682 -24.50 -45.12 -18.23
C GLN F 3682 -25.00 -46.55 -18.16
N SER F 3683 -25.40 -47.15 -19.28
CA SER F 3683 -25.90 -48.52 -19.28
C SER F 3683 -24.84 -49.54 -19.67
N CYS F 3684 -23.60 -49.10 -19.90
CA CYS F 3684 -22.53 -50.03 -20.23
C CYS F 3684 -22.15 -50.85 -19.01
N SER F 3685 -21.79 -52.11 -19.25
CA SER F 3685 -21.57 -53.06 -18.17
C SER F 3685 -20.10 -53.13 -17.79
N VAL F 3686 -19.85 -53.60 -16.56
CA VAL F 3686 -18.51 -53.81 -16.02
C VAL F 3686 -18.40 -55.29 -15.67
N LEU F 3687 -17.27 -55.69 -15.09
CA LEU F 3687 -17.09 -57.07 -14.68
C LEU F 3687 -18.07 -57.44 -13.56
N ASP F 3688 -18.68 -58.61 -13.68
CA ASP F 3688 -19.70 -59.08 -12.74
C ASP F 3688 -19.13 -60.30 -12.02
N LEU F 3689 -18.70 -60.11 -10.77
CA LEU F 3689 -18.04 -61.19 -10.04
C LEU F 3689 -19.02 -62.23 -9.54
N ASN F 3690 -20.25 -61.83 -9.20
CA ASN F 3690 -21.26 -62.79 -8.77
C ASN F 3690 -21.63 -63.75 -9.89
N ALA F 3691 -21.81 -63.23 -11.11
CA ALA F 3691 -22.10 -64.09 -12.25
C ALA F 3691 -20.93 -65.01 -12.56
N PHE F 3692 -19.71 -64.51 -12.37
CA PHE F 3692 -18.52 -65.34 -12.56
C PHE F 3692 -18.46 -66.47 -11.55
N GLU F 3693 -18.81 -66.19 -10.29
CA GLU F 3693 -18.82 -67.23 -9.27
C GLU F 3693 -19.91 -68.26 -9.54
N ARG F 3694 -21.09 -67.83 -9.98
CA ARG F 3694 -22.15 -68.78 -10.33
C ARG F 3694 -21.75 -69.64 -11.52
N GLN F 3695 -21.09 -69.04 -12.51
CA GLN F 3695 -20.60 -69.80 -13.66
C GLN F 3695 -19.54 -70.82 -13.23
N ASN F 3696 -18.64 -70.43 -12.32
CA ASN F 3696 -17.63 -71.35 -11.82
C ASN F 3696 -18.26 -72.50 -11.04
N LYS F 3697 -19.30 -72.20 -10.25
CA LYS F 3697 -20.01 -73.25 -9.52
C LYS F 3697 -20.69 -74.22 -10.48
N ALA F 3698 -21.33 -73.69 -11.52
CA ALA F 3698 -22.00 -74.55 -12.51
C ALA F 3698 -21.00 -75.40 -13.27
N GLU F 3699 -19.83 -74.83 -13.61
CA GLU F 3699 -18.80 -75.61 -14.29
C GLU F 3699 -18.19 -76.65 -13.37
N GLY F 3700 -18.11 -76.37 -12.07
CA GLY F 3700 -17.68 -77.35 -11.10
C GLY F 3700 -18.67 -78.44 -10.81
N LEU F 3701 -19.96 -78.20 -11.08
CA LEU F 3701 -20.98 -79.23 -10.98
C LEU F 3701 -21.13 -80.03 -12.27
N GLY F 3702 -20.14 -80.00 -13.15
CA GLY F 3702 -20.16 -80.77 -14.38
C GLY F 3702 -21.19 -80.33 -15.40
N MET F 3703 -21.40 -79.04 -15.55
CA MET F 3703 -22.35 -78.49 -16.52
C MET F 3703 -21.60 -77.66 -17.55
N VAL F 3704 -21.91 -77.88 -18.82
CA VAL F 3704 -21.27 -77.16 -19.91
C VAL F 3704 -21.97 -75.81 -20.07
N THR F 3705 -21.21 -74.73 -19.97
CA THR F 3705 -21.77 -73.39 -20.02
C THR F 3705 -21.93 -72.93 -21.46
N GLU F 3706 -23.07 -72.31 -21.75
CA GLU F 3706 -23.33 -71.77 -23.08
C GLU F 3706 -22.58 -70.45 -23.27
N GLU F 3707 -22.58 -69.97 -24.51
CA GLU F 3707 -21.90 -68.71 -24.84
C GLU F 3707 -22.57 -67.53 -24.16
N GLY F 3708 -23.91 -67.53 -24.11
CA GLY F 3708 -24.62 -66.46 -23.43
C GLY F 3708 -24.37 -66.41 -21.94
N THR F 3709 -24.16 -67.58 -21.33
CA THR F 3709 -23.79 -67.61 -19.91
C THR F 3709 -22.38 -67.05 -19.69
N ARG F 3710 -21.44 -67.41 -20.56
CA ARG F 3710 -20.08 -66.91 -20.43
C ARG F 3710 -19.96 -65.44 -20.77
N GLU F 3711 -20.92 -64.89 -21.54
CA GLU F 3711 -20.93 -63.48 -21.88
C GLU F 3711 -21.71 -62.63 -20.88
N LYS F 3712 -21.87 -63.11 -19.65
CA LYS F 3712 -22.56 -62.35 -18.61
C LYS F 3712 -21.62 -61.68 -17.63
N VAL F 3713 -20.36 -62.12 -17.55
CA VAL F 3713 -19.41 -61.52 -16.63
C VAL F 3713 -19.06 -60.11 -17.06
N LEU F 3714 -18.74 -59.93 -18.35
CA LEU F 3714 -18.56 -58.61 -18.96
C LEU F 3714 -19.45 -58.60 -20.21
N GLN F 3715 -20.68 -58.13 -20.04
CA GLN F 3715 -21.68 -58.23 -21.08
C GLN F 3715 -21.64 -57.01 -22.00
N ASN F 3716 -21.80 -57.27 -23.30
CA ASN F 3716 -21.82 -56.26 -24.35
C ASN F 3716 -20.54 -55.41 -24.36
N ASP F 3717 -19.39 -56.09 -24.25
CA ASP F 3717 -18.11 -55.38 -24.27
C ASP F 3717 -17.77 -54.87 -25.65
N GLU F 3718 -18.24 -55.58 -26.70
CA GLU F 3718 -18.04 -55.11 -28.06
C GLU F 3718 -18.79 -53.81 -28.32
N PHE F 3719 -20.01 -53.69 -27.77
CA PHE F 3719 -20.75 -52.44 -27.87
C PHE F 3719 -20.06 -51.31 -27.13
N THR F 3720 -19.48 -51.60 -25.95
CA THR F 3720 -18.76 -50.58 -25.19
C THR F 3720 -17.54 -50.09 -25.96
N ARG F 3721 -16.78 -51.02 -26.53
CA ARG F 3721 -15.63 -50.65 -27.34
C ARG F 3721 -16.06 -49.87 -28.58
N ASP F 3722 -17.17 -50.24 -29.21
CA ASP F 3722 -17.66 -49.50 -30.37
C ASP F 3722 -18.11 -48.09 -30.00
N LEU F 3723 -18.78 -47.94 -28.87
CA LEU F 3723 -19.26 -46.63 -28.43
C LEU F 3723 -18.10 -45.69 -28.15
N PHE F 3724 -17.11 -46.17 -27.38
CA PHE F 3724 -15.98 -45.29 -27.10
C PHE F 3724 -15.04 -45.14 -28.28
N ARG F 3725 -15.03 -46.08 -29.22
CA ARG F 3725 -14.29 -45.89 -30.46
C ARG F 3725 -14.93 -44.83 -31.33
N PHE F 3726 -16.26 -44.79 -31.38
CA PHE F 3726 -16.96 -43.72 -32.11
C PHE F 3726 -16.69 -42.37 -31.48
N LEU F 3727 -16.73 -42.29 -30.14
CA LEU F 3727 -16.44 -41.04 -29.46
C LEU F 3727 -15.00 -40.61 -29.67
N GLN F 3728 -14.07 -41.57 -29.74
CA GLN F 3728 -12.68 -41.26 -30.06
C GLN F 3728 -12.54 -40.76 -31.50
N LEU F 3729 -13.21 -41.40 -32.45
CA LEU F 3729 -13.12 -41.02 -33.85
C LEU F 3729 -13.76 -39.68 -34.14
N LEU F 3730 -14.66 -39.20 -33.28
CA LEU F 3730 -15.15 -37.83 -33.44
C LEU F 3730 -14.04 -36.80 -33.25
N CYS F 3731 -13.09 -37.07 -32.37
CA CYS F 3731 -12.05 -36.13 -32.01
C CYS F 3731 -10.71 -36.44 -32.67
N GLU F 3732 -10.66 -37.40 -33.59
CA GLU F 3732 -9.41 -37.85 -34.16
C GLU F 3732 -8.79 -36.77 -35.04
N GLY F 3733 -7.46 -36.69 -35.02
CA GLY F 3733 -6.77 -35.65 -35.74
C GLY F 3733 -6.68 -34.33 -35.01
N HIS F 3734 -6.86 -34.35 -33.68
CA HIS F 3734 -6.89 -33.17 -32.82
C HIS F 3734 -7.93 -32.16 -33.30
N ASN F 3735 -9.12 -32.68 -33.63
CA ASN F 3735 -10.22 -31.83 -34.08
C ASN F 3735 -10.78 -31.05 -32.90
N SER F 3736 -10.27 -29.84 -32.69
CA SER F 3736 -10.52 -29.10 -31.46
C SER F 3736 -11.95 -28.60 -31.35
N ASP F 3737 -12.65 -28.44 -32.48
CA ASP F 3737 -14.04 -28.01 -32.44
C ASP F 3737 -14.93 -29.08 -31.81
N PHE F 3738 -14.78 -30.33 -32.26
CA PHE F 3738 -15.52 -31.43 -31.63
C PHE F 3738 -15.04 -31.72 -30.23
N GLN F 3739 -13.75 -31.50 -29.95
CA GLN F 3739 -13.23 -31.67 -28.60
C GLN F 3739 -13.87 -30.70 -27.62
N ASN F 3740 -14.04 -29.44 -28.03
CA ASN F 3740 -14.73 -28.48 -27.19
C ASN F 3740 -16.23 -28.70 -27.18
N PHE F 3741 -16.80 -29.23 -28.26
CA PHE F 3741 -18.24 -29.44 -28.32
C PHE F 3741 -18.70 -30.60 -27.46
N LEU F 3742 -17.87 -31.65 -27.34
CA LEU F 3742 -18.23 -32.77 -26.48
C LEU F 3742 -18.23 -32.41 -25.01
N ARG F 3743 -17.48 -31.36 -24.62
CA ARG F 3743 -17.48 -30.93 -23.23
C ARG F 3743 -18.69 -30.05 -22.91
N THR F 3744 -18.83 -28.93 -23.62
CA THR F 3744 -19.95 -28.03 -23.46
C THR F 3744 -20.59 -27.78 -24.81
N GLN F 3745 -21.90 -27.95 -24.90
CA GLN F 3745 -22.65 -27.74 -26.14
C GLN F 3745 -23.29 -26.35 -26.06
N MET F 3746 -22.57 -25.36 -26.58
CA MET F 3746 -23.07 -23.99 -26.57
C MET F 3746 -24.19 -23.83 -27.58
N GLY F 3747 -25.29 -23.19 -27.16
CA GLY F 3747 -26.42 -22.96 -28.00
C GLY F 3747 -27.56 -23.94 -27.80
N ASN F 3748 -27.31 -25.08 -27.17
CA ASN F 3748 -28.34 -26.05 -26.89
C ASN F 3748 -29.02 -25.74 -25.56
N THR F 3749 -30.23 -26.29 -25.39
CA THR F 3749 -30.97 -26.06 -24.15
C THR F 3749 -30.31 -26.77 -22.98
N THR F 3750 -29.87 -28.00 -23.18
CA THR F 3750 -29.21 -28.79 -22.14
C THR F 3750 -27.80 -29.14 -22.60
N THR F 3751 -26.93 -29.37 -21.61
CA THR F 3751 -25.53 -29.66 -21.87
C THR F 3751 -25.13 -30.94 -21.15
N ILE F 3752 -24.50 -31.86 -21.87
CA ILE F 3752 -24.01 -33.11 -21.32
C ILE F 3752 -22.50 -33.14 -21.51
N ASN F 3753 -21.77 -33.32 -20.42
CA ASN F 3753 -20.31 -33.41 -20.46
C ASN F 3753 -19.93 -34.87 -20.71
N VAL F 3754 -19.52 -35.16 -21.95
CA VAL F 3754 -19.19 -36.52 -22.35
C VAL F 3754 -17.89 -36.99 -21.69
N ILE F 3755 -16.97 -36.06 -21.43
CA ILE F 3755 -15.69 -36.40 -20.83
C ILE F 3755 -15.87 -36.94 -19.42
N ILE F 3756 -16.73 -36.30 -18.63
CA ILE F 3756 -16.98 -36.74 -17.26
C ILE F 3756 -17.72 -38.07 -17.26
N SER F 3757 -18.60 -38.30 -18.23
CA SER F 3757 -19.27 -39.60 -18.35
C SER F 3757 -18.28 -40.72 -18.67
N THR F 3758 -17.30 -40.43 -19.53
CA THR F 3758 -16.24 -41.40 -19.81
C THR F 3758 -15.43 -41.69 -18.55
N VAL F 3759 -15.14 -40.66 -17.76
CA VAL F 3759 -14.40 -40.86 -16.50
C VAL F 3759 -15.22 -41.69 -15.53
N ASP F 3760 -16.54 -41.48 -15.49
CA ASP F 3760 -17.40 -42.23 -14.58
C ASP F 3760 -17.43 -43.71 -14.95
N TYR F 3761 -17.56 -44.02 -16.23
CA TYR F 3761 -17.51 -45.43 -16.64
C TYR F 3761 -16.15 -46.03 -16.37
N LEU F 3762 -15.08 -45.24 -16.55
CA LEU F 3762 -13.74 -45.73 -16.24
C LEU F 3762 -13.59 -46.06 -14.77
N LEU F 3763 -14.18 -45.25 -13.90
CA LEU F 3763 -14.12 -45.51 -12.47
C LEU F 3763 -14.90 -46.76 -12.08
N ARG F 3764 -16.07 -46.96 -12.68
CA ARG F 3764 -16.84 -48.18 -12.42
C ARG F 3764 -16.07 -49.42 -12.89
N LEU F 3765 -15.47 -49.35 -14.07
CA LEU F 3765 -14.70 -50.47 -14.60
C LEU F 3765 -13.47 -50.75 -13.75
N GLN F 3766 -12.82 -49.70 -13.24
CA GLN F 3766 -11.66 -49.88 -12.37
C GLN F 3766 -12.05 -50.57 -11.07
N GLU F 3767 -13.19 -50.19 -10.50
CA GLU F 3767 -13.66 -50.86 -9.29
C GLU F 3767 -13.95 -52.34 -9.54
N SER F 3768 -14.54 -52.65 -10.69
CA SER F 3768 -14.80 -54.05 -11.04
C SER F 3768 -13.49 -54.84 -11.21
N ILE F 3769 -12.48 -54.23 -11.85
CA ILE F 3769 -11.21 -54.91 -12.05
C ILE F 3769 -10.49 -55.12 -10.72
N SER F 3770 -10.60 -54.16 -9.80
CA SER F 3770 -10.04 -54.33 -8.47
C SER F 3770 -10.73 -55.48 -7.73
N ASP F 3771 -12.05 -55.60 -7.87
CA ASP F 3771 -12.77 -56.73 -7.28
C ASP F 3771 -12.30 -58.06 -7.86
N PHE F 3772 -12.09 -58.11 -9.18
CA PHE F 3772 -11.60 -59.33 -9.81
C PHE F 3772 -10.20 -59.70 -9.34
N TYR F 3773 -9.32 -58.70 -9.20
CA TYR F 3773 -7.98 -58.96 -8.68
C TYR F 3773 -8.02 -59.48 -7.25
N TRP F 3774 -8.85 -58.87 -6.40
CA TRP F 3774 -8.95 -59.35 -5.03
C TRP F 3774 -9.56 -60.73 -4.94
N TYR F 3775 -10.40 -61.10 -5.91
CA TYR F 3775 -10.82 -62.49 -6.02
C TYR F 3775 -9.63 -63.39 -6.34
N TYR F 3776 -8.77 -62.97 -7.27
CA TYR F 3776 -7.67 -63.82 -7.71
C TYR F 3776 -6.37 -63.58 -6.97
N SER F 3777 -6.37 -62.73 -5.94
CA SER F 3777 -5.11 -62.37 -5.27
C SER F 3777 -4.52 -63.54 -4.50
N GLY F 3778 -5.37 -64.34 -3.86
CA GLY F 3778 -4.91 -65.43 -3.03
C GLY F 3778 -4.71 -66.76 -3.73
N LYS F 3779 -4.80 -66.80 -5.05
CA LYS F 3779 -4.68 -68.04 -5.80
C LYS F 3779 -3.35 -68.08 -6.55
N ASP F 3780 -2.81 -69.28 -6.69
CA ASP F 3780 -1.52 -69.45 -7.35
C ASP F 3780 -1.64 -69.24 -8.87
N ILE F 3781 -2.69 -69.79 -9.47
CA ILE F 3781 -2.86 -69.72 -10.92
C ILE F 3781 -4.20 -69.06 -11.23
N ILE F 3782 -4.34 -68.66 -12.49
CA ILE F 3782 -5.58 -68.11 -13.02
C ILE F 3782 -6.07 -69.04 -14.13
N ASP F 3783 -7.34 -69.42 -14.06
CA ASP F 3783 -7.90 -70.36 -15.02
C ASP F 3783 -8.23 -69.65 -16.33
N GLU F 3784 -8.87 -70.37 -17.26
CA GLU F 3784 -9.13 -69.81 -18.59
C GLU F 3784 -10.25 -68.78 -18.56
N SER F 3785 -11.28 -69.00 -17.72
CA SER F 3785 -12.38 -68.05 -17.64
C SER F 3785 -11.92 -66.72 -17.06
N GLY F 3786 -11.08 -66.78 -16.02
CA GLY F 3786 -10.53 -65.56 -15.45
C GLY F 3786 -9.65 -64.80 -16.43
N GLN F 3787 -8.83 -65.52 -17.19
CA GLN F 3787 -7.99 -64.89 -18.21
C GLN F 3787 -8.83 -64.28 -19.32
N HIS F 3788 -9.89 -64.96 -19.74
CA HIS F 3788 -10.78 -64.45 -20.78
C HIS F 3788 -11.46 -63.16 -20.35
N ASN F 3789 -12.01 -63.15 -19.13
CA ASN F 3789 -12.68 -61.95 -18.63
C ASN F 3789 -11.69 -60.82 -18.38
N PHE F 3790 -10.49 -61.16 -17.90
CA PHE F 3790 -9.44 -60.15 -17.71
C PHE F 3790 -9.03 -59.54 -19.04
N SER F 3791 -8.89 -60.34 -20.09
CA SER F 3791 -8.53 -59.82 -21.40
C SER F 3791 -9.61 -58.90 -21.96
N LYS F 3792 -10.88 -59.28 -21.78
CA LYS F 3792 -11.97 -58.41 -22.21
C LYS F 3792 -11.96 -57.07 -21.47
N ALA F 3793 -11.76 -57.12 -20.14
CA ALA F 3793 -11.73 -55.89 -19.35
C ALA F 3793 -10.56 -55.00 -19.73
N LEU F 3794 -9.39 -55.59 -19.99
CA LEU F 3794 -8.23 -54.81 -20.38
C LEU F 3794 -8.40 -54.19 -21.76
N ALA F 3795 -9.08 -54.90 -22.69
CA ALA F 3795 -9.37 -54.33 -23.99
C ALA F 3795 -10.30 -53.11 -23.88
N VAL F 3796 -11.34 -53.23 -23.05
CA VAL F 3796 -12.24 -52.10 -22.86
C VAL F 3796 -11.51 -50.92 -22.21
N THR F 3797 -10.65 -51.21 -21.23
CA THR F 3797 -9.90 -50.15 -20.56
C THR F 3797 -8.93 -49.45 -21.51
N LYS F 3798 -8.31 -50.23 -22.41
CA LYS F 3798 -7.44 -49.65 -23.42
C LYS F 3798 -8.20 -48.70 -24.34
N GLN F 3799 -9.41 -49.09 -24.74
CA GLN F 3799 -10.23 -48.21 -25.56
C GLN F 3799 -10.60 -46.92 -24.82
N ILE F 3800 -10.91 -47.03 -23.53
CA ILE F 3800 -11.29 -45.83 -22.77
C ILE F 3800 -10.10 -44.90 -22.58
N PHE F 3801 -8.91 -45.44 -22.32
CA PHE F 3801 -7.71 -44.61 -22.22
C PHE F 3801 -7.40 -43.92 -23.54
N ASN F 3802 -7.57 -44.63 -24.66
CA ASN F 3802 -7.37 -44.01 -25.97
C ASN F 3802 -8.38 -42.89 -26.21
N SER F 3803 -9.63 -43.09 -25.79
CA SER F 3803 -10.64 -42.04 -25.93
C SER F 3803 -10.30 -40.79 -25.12
N LEU F 3804 -9.87 -40.98 -23.87
CA LEU F 3804 -9.51 -39.83 -23.04
C LEU F 3804 -8.29 -39.09 -23.61
N THR F 3805 -7.32 -39.85 -24.11
CA THR F 3805 -6.14 -39.25 -24.75
C THR F 3805 -6.55 -38.44 -25.98
N GLU F 3806 -7.51 -38.94 -26.76
CA GLU F 3806 -7.99 -38.17 -27.90
C GLU F 3806 -8.78 -36.93 -27.46
N TYR F 3807 -9.47 -37.01 -26.32
CA TYR F 3807 -10.18 -35.84 -25.82
C TYR F 3807 -9.22 -34.72 -25.46
N ILE F 3808 -8.10 -35.04 -24.83
CA ILE F 3808 -7.24 -33.99 -24.28
C ILE F 3808 -6.08 -33.56 -25.19
N GLN F 3809 -5.73 -34.35 -26.19
CA GLN F 3809 -4.58 -34.00 -27.01
C GLN F 3809 -4.89 -32.83 -27.94
N GLY F 3810 -3.84 -32.15 -28.38
CA GLY F 3810 -3.96 -30.97 -29.19
C GLY F 3810 -3.14 -29.75 -28.79
N PRO F 3811 -3.07 -29.39 -27.49
CA PRO F 3811 -3.88 -29.76 -26.32
C PRO F 3811 -5.21 -29.01 -26.26
N CYS F 3812 -6.21 -29.57 -25.58
CA CYS F 3812 -7.45 -28.87 -25.31
C CYS F 3812 -7.44 -28.47 -23.84
N ILE F 3813 -7.35 -27.16 -23.60
CA ILE F 3813 -7.21 -26.65 -22.23
C ILE F 3813 -8.46 -26.93 -21.41
N GLY F 3814 -9.63 -26.76 -22.03
CA GLY F 3814 -10.87 -27.01 -21.31
C GLY F 3814 -11.04 -28.47 -20.91
N ASN F 3815 -10.69 -29.39 -21.81
CA ASN F 3815 -10.80 -30.81 -21.49
C ASN F 3815 -9.74 -31.24 -20.49
N GLN F 3816 -8.55 -30.64 -20.54
CA GLN F 3816 -7.53 -30.93 -19.53
C GLN F 3816 -7.98 -30.46 -18.15
N GLN F 3817 -8.56 -29.27 -18.07
CA GLN F 3817 -9.05 -28.77 -16.78
C GLN F 3817 -10.27 -29.55 -16.31
N SER F 3818 -11.09 -30.05 -17.23
CA SER F 3818 -12.20 -30.91 -16.84
C SER F 3818 -11.69 -32.24 -16.29
N LEU F 3819 -10.64 -32.80 -16.90
CA LEU F 3819 -10.07 -34.06 -16.42
C LEU F 3819 -9.38 -33.88 -15.08
N ALA F 3820 -8.72 -32.74 -14.87
CA ALA F 3820 -8.04 -32.50 -13.60
C ALA F 3820 -9.04 -32.39 -12.45
N HIS F 3821 -10.17 -31.73 -12.69
CA HIS F 3821 -11.22 -31.60 -11.67
C HIS F 3821 -12.29 -32.67 -11.90
N SER F 3822 -11.91 -33.91 -11.61
CA SER F 3822 -12.79 -35.05 -11.79
C SER F 3822 -12.31 -36.17 -10.89
N ARG F 3823 -12.85 -37.36 -11.09
CA ARG F 3823 -12.47 -38.55 -10.33
C ARG F 3823 -11.50 -39.44 -11.10
N LEU F 3824 -10.68 -38.85 -11.96
CA LEU F 3824 -9.74 -39.63 -12.75
C LEU F 3824 -8.57 -40.15 -11.89
N TRP F 3825 -8.14 -39.35 -10.91
CA TRP F 3825 -6.98 -39.71 -10.12
C TRP F 3825 -7.22 -40.92 -9.24
N ASP F 3826 -8.44 -41.10 -8.74
CA ASP F 3826 -8.76 -42.31 -7.98
C ASP F 3826 -8.67 -43.55 -8.85
N ALA F 3827 -9.14 -43.45 -10.09
CA ALA F 3827 -9.00 -44.55 -11.04
C ALA F 3827 -7.53 -44.81 -11.33
N VAL F 3828 -6.72 -43.75 -11.42
CA VAL F 3828 -5.28 -43.91 -11.65
C VAL F 3828 -4.62 -44.65 -10.49
N VAL F 3829 -5.00 -44.30 -9.25
CA VAL F 3829 -4.44 -44.96 -8.07
C VAL F 3829 -4.80 -46.44 -8.04
N GLY F 3830 -6.08 -46.74 -8.28
CA GLY F 3830 -6.50 -48.14 -8.31
C GLY F 3830 -5.86 -48.94 -9.42
N PHE F 3831 -5.70 -48.32 -10.60
CA PHE F 3831 -5.05 -48.99 -11.71
C PHE F 3831 -3.58 -49.21 -11.44
N LEU F 3832 -2.92 -48.27 -10.75
CA LEU F 3832 -1.52 -48.48 -10.39
C LEU F 3832 -1.35 -49.64 -9.42
N HIS F 3833 -2.26 -49.75 -8.45
CA HIS F 3833 -2.24 -50.89 -7.53
C HIS F 3833 -2.41 -52.21 -8.27
N VAL F 3834 -3.40 -52.28 -9.17
CA VAL F 3834 -3.63 -53.50 -9.93
C VAL F 3834 -2.47 -53.81 -10.86
N PHE F 3835 -1.89 -52.78 -11.49
CA PHE F 3835 -0.77 -52.97 -12.40
C PHE F 3835 0.44 -53.56 -11.68
N ALA F 3836 0.82 -52.97 -10.54
CA ALA F 3836 1.98 -53.45 -9.80
C ALA F 3836 1.77 -54.89 -9.31
N ASN F 3837 0.62 -55.15 -8.69
CA ASN F 3837 0.42 -56.47 -8.10
C ASN F 3837 0.24 -57.55 -9.15
N MET F 3838 -0.51 -57.26 -10.23
CA MET F 3838 -0.67 -58.24 -11.29
C MET F 3838 0.61 -58.44 -12.09
N GLN F 3839 1.44 -57.40 -12.22
CA GLN F 3839 2.74 -57.55 -12.87
C GLN F 3839 3.60 -58.55 -12.11
N MET F 3840 3.72 -58.36 -10.79
CA MET F 3840 4.50 -59.29 -9.98
C MET F 3840 3.88 -60.68 -9.94
N LYS F 3841 2.55 -60.78 -9.98
CA LYS F 3841 1.90 -62.08 -9.93
C LYS F 3841 2.06 -62.85 -11.23
N LEU F 3842 1.84 -62.19 -12.37
CA LEU F 3842 1.85 -62.85 -13.67
C LEU F 3842 3.24 -63.04 -14.24
N SER F 3843 4.27 -62.38 -13.71
CA SER F 3843 5.61 -62.61 -14.22
C SER F 3843 6.17 -63.98 -13.83
N GLN F 3844 5.58 -64.64 -12.84
CA GLN F 3844 6.16 -65.85 -12.27
C GLN F 3844 5.64 -67.13 -12.91
N ASP F 3845 4.75 -67.06 -13.89
CA ASP F 3845 4.20 -68.24 -14.53
C ASP F 3845 4.28 -68.10 -16.04
N SER F 3846 4.55 -69.22 -16.71
CA SER F 3846 4.72 -69.23 -18.16
C SER F 3846 3.41 -69.44 -18.92
N SER F 3847 2.31 -69.69 -18.23
CA SER F 3847 1.01 -69.81 -18.88
C SER F 3847 0.28 -68.49 -18.96
N GLN F 3848 0.89 -67.40 -18.50
CA GLN F 3848 0.28 -66.08 -18.45
C GLN F 3848 1.17 -65.05 -19.14
N ILE F 3849 1.63 -65.40 -20.34
CA ILE F 3849 2.50 -64.49 -21.09
C ILE F 3849 1.67 -63.46 -21.85
N GLU F 3850 0.61 -63.91 -22.51
CA GLU F 3850 -0.26 -62.99 -23.26
C GLU F 3850 -0.97 -62.02 -22.32
N LEU F 3851 -1.40 -62.49 -21.15
CA LEU F 3851 -2.06 -61.62 -20.19
C LEU F 3851 -1.10 -60.56 -19.67
N LEU F 3852 0.17 -60.93 -19.43
CA LEU F 3852 1.17 -59.97 -19.02
C LEU F 3852 1.44 -58.95 -20.11
N LYS F 3853 1.47 -59.39 -21.38
CA LYS F 3853 1.64 -58.46 -22.49
C LYS F 3853 0.48 -57.46 -22.58
N GLU F 3854 -0.75 -57.95 -22.39
CA GLU F 3854 -1.91 -57.05 -22.41
C GLU F 3854 -1.89 -56.07 -21.25
N LEU F 3855 -1.49 -56.54 -20.06
CA LEU F 3855 -1.38 -55.65 -18.91
C LEU F 3855 -0.33 -54.57 -19.13
N LEU F 3856 0.81 -54.95 -19.73
CA LEU F 3856 1.87 -53.97 -19.97
C LEU F 3856 1.46 -52.97 -21.05
N ASP F 3857 0.72 -53.42 -22.07
CA ASP F 3857 0.19 -52.50 -23.08
C ASP F 3857 -0.79 -51.51 -22.45
N LEU F 3858 -1.65 -52.00 -21.55
CA LEU F 3858 -2.57 -51.10 -20.86
C LEU F 3858 -1.84 -50.10 -19.98
N LEU F 3859 -0.75 -50.53 -19.33
CA LEU F 3859 0.06 -49.61 -18.55
C LEU F 3859 0.68 -48.53 -19.42
N GLN F 3860 1.17 -48.90 -20.60
CA GLN F 3860 1.74 -47.89 -21.50
C GLN F 3860 0.68 -46.91 -21.99
N ASP F 3861 -0.54 -47.41 -22.24
CA ASP F 3861 -1.64 -46.52 -22.62
C ASP F 3861 -1.98 -45.53 -21.51
N MET F 3862 -2.01 -46.00 -20.26
CA MET F 3862 -2.30 -45.10 -19.14
C MET F 3862 -1.20 -44.05 -18.97
N VAL F 3863 0.06 -44.44 -19.13
CA VAL F 3863 1.16 -43.49 -19.00
C VAL F 3863 1.13 -42.47 -20.15
N VAL F 3864 0.74 -42.92 -21.35
CA VAL F 3864 0.59 -41.99 -22.47
C VAL F 3864 -0.52 -40.98 -22.20
N MET F 3865 -1.63 -41.44 -21.61
CA MET F 3865 -2.70 -40.51 -21.23
C MET F 3865 -2.23 -39.51 -20.18
N LEU F 3866 -1.46 -39.98 -19.19
CA LEU F 3866 -0.95 -39.07 -18.16
C LEU F 3866 0.05 -38.07 -18.73
N LEU F 3867 0.80 -38.46 -19.76
CA LEU F 3867 1.68 -37.52 -20.45
C LEU F 3867 0.88 -36.51 -21.27
N SER F 3868 -0.23 -36.94 -21.85
CA SER F 3868 -1.07 -36.02 -22.60
C SER F 3868 -1.77 -35.04 -21.69
N LEU F 3869 -1.98 -35.41 -20.42
CA LEU F 3869 -2.52 -34.45 -19.44
C LEU F 3869 -1.52 -33.34 -19.14
N LEU F 3870 -0.22 -33.62 -19.16
CA LEU F 3870 0.82 -32.66 -18.87
C LEU F 3870 1.25 -31.85 -20.08
N GLU F 3871 0.42 -31.80 -21.12
CA GLU F 3871 0.78 -31.15 -22.37
C GLU F 3871 0.55 -29.65 -22.24
N GLY F 3872 1.60 -28.86 -22.44
CA GLY F 3872 1.51 -27.43 -22.24
C GLY F 3872 1.31 -27.01 -20.81
N ASN F 3873 1.93 -27.70 -19.87
CA ASN F 3873 1.82 -27.38 -18.45
C ASN F 3873 2.93 -26.41 -18.06
N VAL F 3874 2.56 -25.41 -17.27
CA VAL F 3874 3.49 -24.36 -16.84
C VAL F 3874 4.24 -24.83 -15.59
N VAL F 3875 5.29 -24.10 -15.23
CA VAL F 3875 6.01 -24.38 -14.00
C VAL F 3875 5.11 -24.06 -12.82
N ASN F 3876 5.02 -25.00 -11.87
CA ASN F 3876 4.12 -24.95 -10.72
C ASN F 3876 2.66 -24.81 -11.15
N GLY F 3877 2.26 -25.60 -12.14
CA GLY F 3877 0.88 -25.64 -12.56
C GLY F 3877 0.05 -26.59 -11.72
N THR F 3878 -1.27 -26.48 -11.89
CA THR F 3878 -2.18 -27.22 -11.02
C THR F 3878 -2.23 -28.70 -11.36
N ILE F 3879 -2.20 -29.03 -12.65
CA ILE F 3879 -2.28 -30.43 -13.08
C ILE F 3879 -1.02 -31.19 -12.66
N GLY F 3880 0.14 -30.52 -12.69
CA GLY F 3880 1.35 -31.14 -12.19
C GLY F 3880 1.29 -31.41 -10.70
N LYS F 3881 0.71 -30.47 -9.93
CA LYS F 3881 0.53 -30.69 -8.50
C LYS F 3881 -0.39 -31.87 -8.23
N GLN F 3882 -1.49 -31.97 -8.97
CA GLN F 3882 -2.42 -33.07 -8.75
C GLN F 3882 -1.82 -34.41 -9.16
N MET F 3883 -1.01 -34.42 -10.22
CA MET F 3883 -0.35 -35.66 -10.63
C MET F 3883 0.71 -36.08 -9.61
N VAL F 3884 1.44 -35.11 -9.04
CA VAL F 3884 2.40 -35.43 -7.99
C VAL F 3884 1.67 -35.97 -6.75
N ASP F 3885 0.53 -35.38 -6.41
CA ASP F 3885 -0.27 -35.89 -5.28
C ASP F 3885 -0.76 -37.32 -5.54
N THR F 3886 -1.19 -37.59 -6.77
CA THR F 3886 -1.64 -38.94 -7.13
C THR F 3886 -0.51 -39.95 -7.06
N LEU F 3887 0.68 -39.57 -7.55
CA LEU F 3887 1.80 -40.50 -7.53
C LEU F 3887 2.35 -40.70 -6.12
N VAL F 3888 2.27 -39.68 -5.27
CA VAL F 3888 2.69 -39.83 -3.88
C VAL F 3888 1.70 -40.71 -3.12
N GLU F 3889 0.40 -40.56 -3.41
CA GLU F 3889 -0.63 -41.34 -2.75
C GLU F 3889 -0.49 -42.83 -3.03
N SER F 3890 0.01 -43.20 -4.20
CA SER F 3890 0.21 -44.59 -4.59
C SER F 3890 1.69 -44.89 -4.78
N SER F 3891 2.52 -44.41 -3.86
CA SER F 3891 3.97 -44.48 -4.04
C SER F 3891 4.52 -45.89 -3.89
N THR F 3892 3.85 -46.74 -3.10
CA THR F 3892 4.31 -48.12 -2.93
C THR F 3892 4.21 -48.90 -4.23
N ASN F 3893 3.08 -48.77 -4.93
CA ASN F 3893 2.91 -49.45 -6.21
C ASN F 3893 3.81 -48.87 -7.28
N VAL F 3894 4.04 -47.56 -7.24
CA VAL F 3894 5.00 -46.93 -8.15
C VAL F 3894 6.40 -47.48 -7.92
N GLU F 3895 6.79 -47.64 -6.66
CA GLU F 3895 8.09 -48.22 -6.33
C GLU F 3895 8.19 -49.68 -6.79
N MET F 3896 7.08 -50.43 -6.66
CA MET F 3896 7.08 -51.82 -7.14
C MET F 3896 7.28 -51.89 -8.65
N ILE F 3897 6.57 -51.03 -9.39
CA ILE F 3897 6.70 -51.00 -10.86
C ILE F 3897 8.11 -50.59 -11.27
N LEU F 3898 8.66 -49.59 -10.57
CA LEU F 3898 10.02 -49.14 -10.86
C LEU F 3898 11.06 -50.20 -10.55
N LYS F 3899 10.86 -50.97 -9.47
CA LYS F 3899 11.78 -52.06 -9.15
C LYS F 3899 11.72 -53.17 -10.20
N PHE F 3900 10.50 -53.48 -10.67
CA PHE F 3900 10.33 -54.43 -11.77
C PHE F 3900 11.11 -53.99 -13.00
N PHE F 3901 10.91 -52.74 -13.42
CA PHE F 3901 11.61 -52.21 -14.59
C PHE F 3901 13.12 -52.17 -14.38
N ASP F 3902 13.56 -51.76 -13.19
CA ASP F 3902 15.00 -51.65 -12.91
C ASP F 3902 15.67 -53.01 -12.94
N MET F 3903 15.03 -54.03 -12.36
CA MET F 3903 15.59 -55.38 -12.37
C MET F 3903 15.69 -55.91 -13.80
N PHE F 3904 14.63 -55.75 -14.58
CA PHE F 3904 14.71 -56.31 -15.93
C PHE F 3904 15.44 -55.41 -16.92
N LEU F 3905 15.88 -54.22 -16.51
CA LEU F 3905 16.82 -53.44 -17.31
C LEU F 3905 18.27 -53.71 -16.91
N LYS F 3906 18.53 -54.03 -15.65
CA LYS F 3906 19.86 -54.49 -15.25
C LYS F 3906 20.16 -55.87 -15.82
N LEU F 3907 19.12 -56.68 -16.04
CA LEU F 3907 19.31 -58.05 -16.51
C LEU F 3907 19.98 -58.11 -17.87
N LYS F 3908 19.75 -57.12 -18.72
CA LYS F 3908 20.35 -57.12 -20.06
C LYS F 3908 21.85 -56.89 -19.99
N ASP F 3909 22.30 -55.92 -19.19
CA ASP F 3909 23.73 -55.65 -19.10
C ASP F 3909 24.46 -56.68 -18.26
N LEU F 3910 23.77 -57.32 -17.31
CA LEU F 3910 24.46 -58.33 -16.50
C LEU F 3910 24.55 -59.69 -17.19
N THR F 3911 23.82 -59.91 -18.29
CA THR F 3911 23.92 -61.13 -19.06
C THR F 3911 24.73 -60.96 -20.33
N SER F 3912 25.42 -59.82 -20.49
CA SER F 3912 26.32 -59.60 -21.62
C SER F 3912 27.73 -59.27 -21.17
N SER F 3913 28.01 -59.31 -19.87
CA SER F 3913 29.33 -59.01 -19.35
C SER F 3913 30.28 -60.18 -19.58
N ASP F 3914 31.56 -59.94 -19.30
CA ASP F 3914 32.57 -60.97 -19.52
C ASP F 3914 32.48 -62.09 -18.50
N THR F 3915 32.07 -61.78 -17.27
CA THR F 3915 31.93 -62.80 -16.25
C THR F 3915 30.83 -63.80 -16.59
N PHE F 3916 29.70 -63.31 -17.08
CA PHE F 3916 28.63 -64.22 -17.50
C PHE F 3916 29.02 -64.99 -18.76
N LYS F 3917 29.85 -64.39 -19.62
CA LYS F 3917 30.38 -65.12 -20.77
C LYS F 3917 31.33 -66.23 -20.31
N GLU F 3918 32.05 -66.01 -19.22
CA GLU F 3918 32.85 -67.09 -18.64
C GLU F 3918 31.97 -68.14 -17.99
N TYR F 3919 30.79 -67.75 -17.49
CA TYR F 3919 29.86 -68.73 -16.93
C TYR F 3919 29.26 -69.64 -17.99
N ASP F 3920 29.20 -69.19 -19.24
CA ASP F 3920 28.74 -70.01 -20.36
C ASP F 3920 29.78 -69.90 -21.47
N PRO F 3921 30.88 -70.67 -21.39
CA PRO F 3921 31.91 -70.57 -22.42
C PRO F 3921 31.50 -71.13 -23.77
N ASP F 3922 30.48 -71.99 -23.83
CA ASP F 3922 30.07 -72.59 -25.09
C ASP F 3922 29.42 -71.56 -26.02
N GLY F 3923 28.66 -70.63 -25.46
CA GLY F 3923 27.99 -69.63 -26.27
C GLY F 3923 26.73 -70.10 -26.95
N LYS F 3924 26.20 -71.26 -26.57
CA LYS F 3924 24.98 -71.75 -27.19
C LYS F 3924 23.75 -70.96 -26.73
N GLY F 3925 23.81 -70.36 -25.54
CA GLY F 3925 22.71 -69.59 -25.02
C GLY F 3925 21.79 -70.30 -24.07
N ILE F 3926 22.15 -71.50 -23.61
CA ILE F 3926 21.34 -72.27 -22.68
C ILE F 3926 22.17 -72.50 -21.42
N ILE F 3927 21.62 -72.12 -20.26
CA ILE F 3927 22.33 -72.18 -18.99
C ILE F 3927 21.41 -72.81 -17.96
N SER F 3928 22.03 -73.32 -16.90
CA SER F 3928 21.29 -73.91 -15.79
C SER F 3928 20.95 -72.86 -14.74
N LYS F 3929 20.07 -73.25 -13.80
CA LYS F 3929 19.64 -72.31 -12.77
C LYS F 3929 20.74 -72.06 -11.74
N LYS F 3930 21.55 -73.09 -11.43
CA LYS F 3930 22.63 -72.91 -10.46
C LYS F 3930 23.71 -71.98 -11.01
N GLU F 3931 24.05 -72.14 -12.29
CA GLU F 3931 25.04 -71.25 -12.90
C GLU F 3931 24.53 -69.82 -12.98
N PHE F 3932 23.24 -69.65 -13.30
CA PHE F 3932 22.67 -68.31 -13.34
C PHE F 3932 22.63 -67.68 -11.94
N GLN F 3933 22.30 -68.46 -10.92
CA GLN F 3933 22.32 -67.98 -9.56
C GLN F 3933 23.72 -67.55 -9.13
N LYS F 3934 24.73 -68.35 -9.45
CA LYS F 3934 26.11 -68.01 -9.10
C LYS F 3934 26.58 -66.79 -9.88
N ALA F 3935 26.18 -66.66 -11.14
CA ALA F 3935 26.58 -65.52 -11.97
C ALA F 3935 25.96 -64.23 -11.44
N MET F 3936 24.66 -64.24 -11.18
CA MET F 3936 24.00 -63.03 -10.67
C MET F 3936 24.41 -62.72 -9.23
N GLU F 3937 24.88 -63.71 -8.48
CA GLU F 3937 25.49 -63.41 -7.18
C GLU F 3937 26.88 -62.81 -7.35
N GLY F 3938 27.61 -63.23 -8.39
CA GLY F 3938 28.95 -62.72 -8.62
C GLY F 3938 29.00 -61.30 -9.13
N GLN F 3939 27.94 -60.82 -9.78
CA GLN F 3939 27.93 -59.45 -10.30
C GLN F 3939 27.74 -58.42 -9.20
N LYS F 3940 27.24 -58.85 -8.03
CA LYS F 3940 27.08 -57.99 -6.84
C LYS F 3940 26.19 -56.78 -7.11
N GLN F 3941 25.12 -56.99 -7.87
CA GLN F 3941 24.15 -55.94 -8.14
C GLN F 3941 22.73 -56.27 -7.66
N TYR F 3942 22.36 -57.53 -7.61
CA TYR F 3942 21.04 -57.95 -7.14
C TYR F 3942 21.10 -58.35 -5.67
N THR F 3943 19.98 -58.16 -4.98
CA THR F 3943 19.83 -58.69 -3.63
C THR F 3943 19.29 -60.11 -3.70
N GLN F 3944 19.05 -60.71 -2.53
CA GLN F 3944 18.60 -62.10 -2.50
C GLN F 3944 17.15 -62.23 -2.96
N SER F 3945 16.31 -61.26 -2.58
CA SER F 3945 14.91 -61.30 -3.00
C SER F 3945 14.77 -61.14 -4.51
N GLU F 3946 15.57 -60.24 -5.10
CA GLU F 3946 15.51 -60.01 -6.54
C GLU F 3946 16.00 -61.23 -7.32
N ILE F 3947 17.08 -61.87 -6.87
CA ILE F 3947 17.57 -63.05 -7.59
C ILE F 3947 16.63 -64.23 -7.40
N ASP F 3948 15.98 -64.34 -6.23
CA ASP F 3948 14.96 -65.38 -6.05
C ASP F 3948 13.76 -65.14 -6.96
N PHE F 3949 13.34 -63.89 -7.11
CA PHE F 3949 12.25 -63.56 -8.04
C PHE F 3949 12.64 -63.88 -9.47
N LEU F 3950 13.88 -63.56 -9.86
CA LEU F 3950 14.35 -63.85 -11.21
C LEU F 3950 14.40 -65.35 -11.47
N LEU F 3951 14.83 -66.14 -10.48
CA LEU F 3951 14.84 -67.59 -10.63
C LEU F 3951 13.43 -68.16 -10.67
N SER F 3952 12.49 -67.54 -9.97
CA SER F 3952 11.10 -67.99 -10.05
C SER F 3952 10.50 -67.68 -11.42
N CYS F 3953 10.85 -66.54 -12.01
CA CYS F 3953 10.31 -66.18 -13.32
C CYS F 3953 10.87 -67.00 -14.47
N ALA F 3954 11.95 -67.73 -14.26
CA ALA F 3954 12.57 -68.53 -15.31
C ALA F 3954 11.97 -69.94 -15.32
N GLU F 3955 11.56 -70.39 -16.51
CA GLU F 3955 10.96 -71.70 -16.67
C GLU F 3955 12.03 -72.72 -17.02
N ALA F 3956 12.23 -73.68 -16.14
CA ALA F 3956 13.21 -74.74 -16.33
C ALA F 3956 12.53 -75.99 -16.89
N ASP F 3957 13.28 -77.09 -16.93
CA ASP F 3957 12.75 -78.37 -17.38
C ASP F 3957 13.33 -79.45 -16.48
N GLU F 3958 13.23 -80.71 -16.92
CA GLU F 3958 13.82 -81.82 -16.16
C GLU F 3958 15.35 -81.76 -16.14
N ASN F 3959 15.96 -81.09 -17.12
CA ASN F 3959 17.40 -80.88 -17.13
C ASN F 3959 17.82 -79.65 -16.33
N ASP F 3960 16.84 -78.90 -15.80
CA ASP F 3960 17.07 -77.68 -15.01
C ASP F 3960 17.86 -76.64 -15.80
N MET F 3961 17.60 -76.56 -17.10
CA MET F 3961 18.29 -75.63 -17.97
C MET F 3961 17.27 -74.87 -18.82
N PHE F 3962 17.61 -73.64 -19.17
CA PHE F 3962 16.74 -72.80 -19.98
C PHE F 3962 17.59 -71.89 -20.85
N ASN F 3963 16.98 -71.43 -21.94
CA ASN F 3963 17.63 -70.48 -22.83
C ASN F 3963 17.45 -69.08 -22.23
N TYR F 3964 18.54 -68.53 -21.68
CA TYR F 3964 18.45 -67.22 -21.04
C TYR F 3964 18.26 -66.10 -22.05
N VAL F 3965 18.61 -66.31 -23.32
CA VAL F 3965 18.43 -65.29 -24.34
C VAL F 3965 16.94 -65.01 -24.55
N ASP F 3966 16.12 -66.06 -24.63
CA ASP F 3966 14.68 -65.88 -24.77
C ASP F 3966 14.07 -65.28 -23.52
N PHE F 3967 14.59 -65.64 -22.35
CA PHE F 3967 14.11 -65.09 -21.08
C PHE F 3967 14.36 -63.58 -21.01
N VAL F 3968 15.58 -63.15 -21.33
CA VAL F 3968 15.92 -61.74 -21.30
C VAL F 3968 15.18 -60.97 -22.39
N ASP F 3969 15.05 -61.56 -23.59
CA ASP F 3969 14.33 -60.88 -24.65
C ASP F 3969 12.83 -60.80 -24.37
N ARG F 3970 12.29 -61.73 -23.58
CA ARG F 3970 10.89 -61.66 -23.20
C ARG F 3970 10.66 -60.59 -22.14
N PHE F 3971 11.55 -60.49 -21.15
CA PHE F 3971 11.30 -59.62 -20.02
C PHE F 3971 11.99 -58.26 -20.11
N HIS F 3972 12.80 -58.00 -21.14
CA HIS F 3972 13.56 -56.76 -21.20
C HIS F 3972 12.99 -55.75 -22.19
N GLU F 3973 12.53 -56.20 -23.35
CA GLU F 3973 11.98 -55.26 -24.34
C GLU F 3973 10.72 -54.54 -23.88
N PRO F 3974 9.70 -55.17 -23.26
CA PRO F 3974 8.60 -54.37 -22.70
C PRO F 3974 9.06 -53.40 -21.62
N ALA F 3975 10.04 -53.80 -20.80
CA ALA F 3975 10.57 -52.90 -19.79
C ALA F 3975 11.22 -51.68 -20.43
N LYS F 3976 11.99 -51.90 -21.50
CA LYS F 3976 12.62 -50.79 -22.21
C LYS F 3976 11.60 -49.93 -22.93
N ASP F 3977 10.47 -50.50 -23.34
CA ASP F 3977 9.45 -49.71 -24.03
C ASP F 3977 8.63 -48.86 -23.07
N ILE F 3978 8.33 -49.36 -21.87
CA ILE F 3978 7.42 -48.68 -20.96
C ILE F 3978 8.15 -47.83 -19.94
N GLY F 3979 9.30 -48.29 -19.44
CA GLY F 3979 10.08 -47.50 -18.52
C GLY F 3979 10.58 -46.21 -19.09
N PHE F 3980 10.74 -46.12 -20.41
CA PHE F 3980 11.07 -44.84 -21.02
C PHE F 3980 9.95 -43.83 -20.85
N ASN F 3981 8.70 -44.25 -21.06
CA ASN F 3981 7.57 -43.35 -20.85
C ASN F 3981 7.44 -42.97 -19.39
N VAL F 3982 7.70 -43.91 -18.49
CA VAL F 3982 7.68 -43.60 -17.06
C VAL F 3982 8.76 -42.59 -16.71
N ALA F 3983 9.95 -42.74 -17.29
CA ALA F 3983 11.04 -41.81 -17.05
C ALA F 3983 10.75 -40.44 -17.64
N VAL F 3984 10.09 -40.38 -18.80
CA VAL F 3984 9.70 -39.11 -19.39
C VAL F 3984 8.68 -38.41 -18.51
N LEU F 3985 7.71 -39.17 -17.96
CA LEU F 3985 6.73 -38.60 -17.04
C LEU F 3985 7.39 -38.04 -15.78
N LEU F 3986 8.33 -38.79 -15.21
CA LEU F 3986 9.00 -38.34 -13.99
C LEU F 3986 9.90 -37.14 -14.27
N THR F 3987 10.59 -37.11 -15.40
CA THR F 3987 11.43 -35.97 -15.76
C THR F 3987 10.60 -34.73 -16.02
N ASN F 3988 9.45 -34.89 -16.69
CA ASN F 3988 8.54 -33.77 -16.92
C ASN F 3988 8.05 -33.18 -15.61
N LEU F 3989 7.60 -34.04 -14.69
CA LEU F 3989 7.12 -33.56 -13.39
C LEU F 3989 8.25 -32.94 -12.57
N SER F 3990 9.45 -33.51 -12.64
CA SER F 3990 10.59 -32.95 -11.91
C SER F 3990 10.99 -31.59 -12.43
N GLU F 3991 11.01 -31.41 -13.74
CA GLU F 3991 11.43 -30.14 -14.31
C GLU F 3991 10.34 -29.07 -14.22
N HIS F 3992 9.07 -29.45 -14.11
CA HIS F 3992 8.01 -28.47 -13.99
C HIS F 3992 7.50 -28.29 -12.57
N MET F 3993 7.99 -29.08 -11.63
CA MET F 3993 7.73 -28.87 -10.19
C MET F 3993 9.07 -28.88 -9.47
N PRO F 3994 9.88 -27.83 -9.66
CA PRO F 3994 11.24 -27.86 -9.10
C PRO F 3994 11.31 -27.60 -7.61
N ASN F 3995 10.25 -27.07 -7.00
CA ASN F 3995 10.24 -26.71 -5.59
C ASN F 3995 9.32 -27.64 -4.79
N ASP F 3996 9.32 -28.92 -5.13
CA ASP F 3996 8.48 -29.92 -4.47
C ASP F 3996 9.37 -30.97 -3.84
N SER F 3997 9.19 -31.19 -2.53
CA SER F 3997 10.00 -32.14 -1.79
C SER F 3997 9.47 -33.56 -1.84
N ARG F 3998 8.14 -33.72 -1.97
CA ARG F 3998 7.56 -35.05 -2.08
C ARG F 3998 8.00 -35.73 -3.38
N LEU F 3999 8.14 -34.95 -4.45
CA LEU F 3999 8.65 -35.50 -5.70
C LEU F 3999 10.10 -35.92 -5.57
N LYS F 4000 10.89 -35.17 -4.80
CA LYS F 4000 12.27 -35.56 -4.53
C LYS F 4000 12.34 -36.83 -3.70
N CYS F 4001 11.38 -37.02 -2.79
CA CYS F 4001 11.29 -38.29 -2.07
C CYS F 4001 10.71 -39.40 -2.94
N LEU F 4002 10.12 -39.05 -4.08
CA LEU F 4002 9.57 -40.03 -5.01
C LEU F 4002 10.56 -40.44 -6.09
N LEU F 4003 11.49 -39.55 -6.46
CA LEU F 4003 12.45 -39.84 -7.52
C LEU F 4003 13.65 -40.63 -7.04
N ASP F 4004 13.79 -40.85 -5.72
CA ASP F 4004 14.91 -41.64 -5.23
C ASP F 4004 14.85 -43.11 -5.65
N PRO F 4005 13.71 -43.83 -5.57
CA PRO F 4005 13.70 -45.19 -6.12
C PRO F 4005 13.82 -45.25 -7.64
N ALA F 4006 13.57 -44.14 -8.33
CA ALA F 4006 13.65 -44.09 -9.79
C ALA F 4006 15.02 -43.68 -10.29
N GLY F 4007 16.03 -43.63 -9.42
CA GLY F 4007 17.34 -43.14 -9.82
C GLY F 4007 18.01 -44.02 -10.84
N SER F 4008 17.92 -45.34 -10.66
CA SER F 4008 18.52 -46.25 -11.63
C SER F 4008 17.76 -46.25 -12.95
N VAL F 4009 16.43 -46.15 -12.90
CA VAL F 4009 15.61 -46.08 -14.10
C VAL F 4009 15.88 -44.79 -14.86
N LEU F 4010 15.97 -43.67 -14.15
CA LEU F 4010 16.27 -42.40 -14.81
C LEU F 4010 17.70 -42.35 -15.31
N ASN F 4011 18.61 -43.07 -14.65
CA ASN F 4011 19.99 -43.13 -15.13
C ASN F 4011 20.13 -44.02 -16.35
N TYR F 4012 19.24 -45.02 -16.49
CA TYR F 4012 19.31 -45.89 -17.66
C TYR F 4012 18.93 -45.14 -18.94
N PHE F 4013 17.87 -44.33 -18.87
CA PHE F 4013 17.31 -43.69 -20.06
C PHE F 4013 17.88 -42.31 -20.32
N GLU F 4014 18.90 -41.90 -19.56
CA GLU F 4014 19.52 -40.60 -19.79
C GLU F 4014 20.12 -40.43 -21.20
N PRO F 4015 20.82 -41.40 -21.81
CA PRO F 4015 21.20 -41.23 -23.21
C PRO F 4015 20.04 -41.14 -24.18
N TYR F 4016 18.93 -41.83 -23.91
CA TYR F 4016 17.84 -41.96 -24.87
C TYR F 4016 16.77 -40.90 -24.72
N LEU F 4017 16.87 -40.04 -23.71
CA LEU F 4017 15.83 -39.06 -23.43
C LEU F 4017 16.29 -37.71 -23.97
N GLY F 4018 15.63 -37.23 -25.03
CA GLY F 4018 15.98 -35.98 -25.65
C GLY F 4018 15.01 -34.88 -25.25
N ARG F 4019 15.56 -33.68 -25.06
CA ARG F 4019 14.79 -32.51 -24.68
C ARG F 4019 15.07 -31.40 -25.68
N ILE F 4020 14.02 -30.75 -26.17
CA ILE F 4020 14.16 -29.50 -26.90
C ILE F 4020 13.17 -28.49 -26.32
N GLU F 4021 13.33 -27.24 -26.73
CA GLU F 4021 12.41 -26.17 -26.36
C GLU F 4021 11.87 -25.53 -27.62
N ILE F 4022 10.55 -25.34 -27.67
CA ILE F 4022 9.90 -24.72 -28.81
C ILE F 4022 9.07 -23.53 -28.32
N MET F 4023 8.62 -22.72 -29.27
CA MET F 4023 7.60 -21.71 -29.03
C MET F 4023 6.26 -22.33 -29.42
N GLY F 4024 5.45 -22.67 -28.42
CA GLY F 4024 4.23 -23.41 -28.66
C GLY F 4024 3.12 -22.55 -29.22
N GLY F 4025 1.94 -23.17 -29.31
CA GLY F 4025 0.77 -22.49 -29.84
C GLY F 4025 0.10 -21.51 -28.88
N ALA F 4026 0.47 -21.55 -27.61
CA ALA F 4026 -0.06 -20.63 -26.62
C ALA F 4026 0.85 -19.44 -26.38
N LYS F 4027 1.74 -19.14 -27.33
CA LYS F 4027 2.71 -18.05 -27.25
C LYS F 4027 3.61 -18.18 -26.01
N LYS F 4028 3.98 -19.42 -25.69
CA LYS F 4028 4.85 -19.70 -24.55
C LYS F 4028 5.92 -20.70 -24.96
N ILE F 4029 7.05 -20.63 -24.28
CA ILE F 4029 8.11 -21.61 -24.47
C ILE F 4029 7.70 -22.92 -23.81
N GLU F 4030 7.71 -23.99 -24.58
CA GLU F 4030 7.37 -25.32 -24.10
C GLU F 4030 8.58 -26.23 -24.22
N ARG F 4031 8.62 -27.26 -23.38
CA ARG F 4031 9.67 -28.25 -23.39
C ARG F 4031 9.12 -29.56 -23.94
N VAL F 4032 9.81 -30.12 -24.93
CA VAL F 4032 9.38 -31.32 -25.63
C VAL F 4032 10.36 -32.44 -25.31
N TYR F 4033 9.83 -33.57 -24.84
CA TYR F 4033 10.60 -34.74 -24.48
C TYR F 4033 10.33 -35.83 -25.50
N PHE F 4034 11.39 -36.42 -26.04
CA PHE F 4034 11.26 -37.43 -27.08
C PHE F 4034 12.33 -38.49 -26.89
N GLU F 4035 12.36 -39.46 -27.78
CA GLU F 4035 13.27 -40.60 -27.70
C GLU F 4035 14.36 -40.52 -28.75
N ILE F 4036 15.60 -40.73 -28.32
CA ILE F 4036 16.75 -40.82 -29.21
C ILE F 4036 17.17 -42.28 -29.28
N SER F 4037 17.20 -42.83 -30.48
CA SER F 4037 17.64 -44.21 -30.65
C SER F 4037 19.16 -44.30 -30.49
N GLU F 4038 19.63 -45.51 -30.16
CA GLU F 4038 21.06 -45.71 -29.95
C GLU F 4038 21.84 -45.64 -31.26
N SER F 4039 21.25 -46.09 -32.36
CA SER F 4039 21.92 -46.02 -33.65
C SER F 4039 22.12 -44.58 -34.08
N SER F 4040 21.14 -43.70 -33.78
CA SER F 4040 21.30 -42.28 -34.06
C SER F 4040 22.45 -41.68 -33.26
N ARG F 4041 22.59 -42.08 -31.99
CA ARG F 4041 23.71 -41.63 -31.18
C ARG F 4041 25.04 -42.09 -31.74
N THR F 4042 25.12 -43.35 -32.19
CA THR F 4042 26.37 -43.86 -32.73
C THR F 4042 26.73 -43.20 -34.05
N GLN F 4043 25.73 -42.98 -34.92
CA GLN F 4043 26.01 -42.36 -36.20
C GLN F 4043 26.27 -40.86 -36.08
N TRP F 4044 25.77 -40.21 -35.03
CA TRP F 4044 26.02 -38.79 -34.85
C TRP F 4044 27.46 -38.52 -34.41
N GLU F 4045 28.07 -39.46 -33.69
CA GLU F 4045 29.40 -39.28 -33.14
C GLU F 4045 30.51 -39.74 -34.07
N LYS F 4046 30.19 -40.03 -35.33
CA LYS F 4046 31.22 -40.39 -36.29
C LYS F 4046 32.09 -39.17 -36.60
N PRO F 4047 33.39 -39.36 -36.86
CA PRO F 4047 34.27 -38.22 -37.14
C PRO F 4047 33.89 -37.42 -38.38
N GLN F 4048 33.36 -38.08 -39.41
CA GLN F 4048 32.95 -37.36 -40.61
C GLN F 4048 31.72 -36.50 -40.34
N VAL F 4049 30.82 -36.97 -39.48
CA VAL F 4049 29.65 -36.18 -39.12
C VAL F 4049 30.06 -34.97 -38.28
N LYS F 4050 31.05 -35.15 -37.41
CA LYS F 4050 31.58 -34.03 -36.63
C LYS F 4050 32.25 -33.00 -37.52
N GLU F 4051 33.00 -33.45 -38.54
CA GLU F 4051 33.62 -32.53 -39.48
C GLU F 4051 32.56 -31.78 -40.29
N SER F 4052 31.48 -32.48 -40.68
CA SER F 4052 30.37 -31.83 -41.37
C SER F 4052 29.71 -30.77 -40.50
N LYS F 4053 29.53 -31.07 -39.20
CA LYS F 4053 28.91 -30.13 -38.30
C LYS F 4053 29.79 -28.89 -38.10
N ARG F 4054 31.10 -29.08 -37.94
CA ARG F 4054 31.96 -27.92 -37.73
C ARG F 4054 32.10 -27.09 -39.00
N GLN F 4055 32.05 -27.75 -40.17
CA GLN F 4055 32.02 -27.00 -41.43
C GLN F 4055 30.73 -26.20 -41.57
N PHE F 4056 29.61 -26.78 -41.14
CA PHE F 4056 28.34 -26.06 -41.17
C PHE F 4056 28.36 -24.84 -40.26
N ILE F 4057 28.93 -25.00 -39.07
CA ILE F 4057 28.99 -23.87 -38.12
C ILE F 4057 29.91 -22.78 -38.66
N PHE F 4058 31.04 -23.17 -39.27
CA PHE F 4058 31.94 -22.22 -39.90
C PHE F 4058 31.24 -21.44 -41.01
N ASP F 4059 30.49 -22.16 -41.87
CA ASP F 4059 29.81 -21.53 -43.00
C ASP F 4059 28.71 -20.59 -42.52
N VAL F 4060 27.98 -20.99 -41.47
CA VAL F 4060 26.89 -20.16 -40.97
C VAL F 4060 27.44 -18.89 -40.32
N VAL F 4061 28.54 -19.01 -39.57
CA VAL F 4061 29.10 -17.83 -38.92
C VAL F 4061 29.72 -16.88 -39.93
N ASN F 4062 30.45 -17.41 -40.91
CA ASN F 4062 31.17 -16.52 -41.82
C ASN F 4062 30.35 -16.14 -43.05
N GLU F 4063 29.95 -17.12 -43.85
CA GLU F 4063 29.23 -16.87 -45.10
C GLU F 4063 27.74 -17.19 -44.98
N GLY F 4064 27.17 -17.00 -43.80
CA GLY F 4064 25.78 -17.29 -43.56
C GLY F 4064 24.82 -16.14 -43.76
N GLY F 4065 25.28 -15.02 -44.33
CA GLY F 4065 24.43 -13.88 -44.52
C GLY F 4065 23.44 -14.06 -45.66
N GLU F 4066 22.49 -13.12 -45.72
CA GLU F 4066 21.42 -13.02 -46.71
C GLU F 4066 20.48 -14.22 -46.72
N GLN F 4067 20.48 -15.03 -45.67
CA GLN F 4067 19.57 -16.16 -45.57
C GLN F 4067 19.28 -16.42 -44.10
N GLU F 4068 18.11 -16.99 -43.83
CA GLU F 4068 17.73 -17.30 -42.46
C GLU F 4068 18.60 -18.41 -41.90
N LYS F 4069 19.04 -18.24 -40.66
CA LYS F 4069 19.92 -19.22 -40.03
C LYS F 4069 19.19 -20.52 -39.75
N MET F 4070 17.89 -20.43 -39.44
CA MET F 4070 17.14 -21.64 -39.11
C MET F 4070 16.83 -22.46 -40.37
N GLU F 4071 16.67 -21.79 -41.51
CA GLU F 4071 16.51 -22.50 -42.78
C GLU F 4071 17.76 -23.31 -43.12
N LEU F 4072 18.94 -22.69 -42.95
CA LEU F 4072 20.20 -23.39 -43.18
C LEU F 4072 20.38 -24.53 -42.18
N PHE F 4073 19.98 -24.30 -40.93
CA PHE F 4073 20.09 -25.34 -39.91
C PHE F 4073 19.21 -26.53 -40.22
N VAL F 4074 17.97 -26.28 -40.69
CA VAL F 4074 17.07 -27.36 -41.04
C VAL F 4074 17.58 -28.13 -42.26
N ASN F 4075 18.15 -27.41 -43.24
CA ASN F 4075 18.76 -28.07 -44.40
C ASN F 4075 19.92 -28.96 -43.99
N PHE F 4076 20.78 -28.46 -43.09
CA PHE F 4076 21.88 -29.26 -42.56
C PHE F 4076 21.38 -30.49 -41.82
N CYS F 4077 20.31 -30.32 -41.03
CA CYS F 4077 19.74 -31.44 -40.29
C CYS F 4077 19.19 -32.50 -41.23
N GLU F 4078 18.51 -32.09 -42.31
CA GLU F 4078 17.96 -33.04 -43.26
C GLU F 4078 19.06 -33.81 -43.99
N ASP F 4079 20.11 -33.10 -44.41
CA ASP F 4079 21.23 -33.77 -45.08
C ASP F 4079 21.95 -34.73 -44.12
N THR F 4080 22.13 -34.32 -42.87
CA THR F 4080 22.79 -35.19 -41.90
C THR F 4080 21.94 -36.41 -41.56
N ILE F 4081 20.62 -36.24 -41.48
CA ILE F 4081 19.74 -37.37 -41.23
C ILE F 4081 19.80 -38.37 -42.37
N PHE F 4082 19.83 -37.88 -43.61
CA PHE F 4082 19.97 -38.77 -44.76
C PHE F 4082 21.30 -39.51 -44.75
N GLU F 4083 22.39 -38.80 -44.42
CA GLU F 4083 23.71 -39.43 -44.34
C GLU F 4083 23.74 -40.50 -43.26
N MET F 4084 23.18 -40.21 -42.09
CA MET F 4084 23.17 -41.17 -40.99
C MET F 4084 22.33 -42.40 -41.33
N GLN F 4085 21.17 -42.20 -41.97
CA GLN F 4085 20.36 -43.35 -42.39
C GLN F 4085 21.07 -44.19 -43.43
N LEU F 4086 21.76 -43.56 -44.38
CA LEU F 4086 22.52 -44.29 -45.38
C LEU F 4086 23.67 -45.06 -44.75
N ALA F 4087 24.33 -44.46 -43.76
CA ALA F 4087 25.41 -45.16 -43.06
C ALA F 4087 24.89 -46.32 -42.23
N SER F 4088 23.67 -46.21 -41.69
CA SER F 4088 23.07 -47.34 -40.99
C SER F 4088 22.64 -48.44 -41.95
N GLN F 4089 22.26 -48.09 -43.18
CA GLN F 4089 21.86 -49.10 -44.15
C GLN F 4089 23.03 -49.97 -44.58
N ILE F 4090 24.20 -49.37 -44.79
CA ILE F 4090 25.36 -50.12 -45.27
C ILE F 4090 26.18 -50.73 -44.14
N SER F 4091 25.77 -50.54 -42.89
CA SER F 4091 26.54 -51.03 -41.75
C SER F 4091 26.24 -52.51 -41.55
N GLU F 4092 27.18 -53.35 -41.98
CA GLU F 4092 27.13 -54.81 -41.82
C GLU F 4092 25.87 -55.46 -42.37
N LEU F 4384 22.79 -64.36 -55.57
CA LEU F 4384 23.58 -63.40 -56.33
C LEU F 4384 23.30 -61.97 -55.89
N GLU F 4385 22.03 -61.68 -55.63
CA GLU F 4385 21.65 -60.34 -55.19
C GLU F 4385 22.21 -60.03 -53.79
N ILE F 4386 22.23 -61.04 -52.91
CA ILE F 4386 22.79 -60.85 -51.57
C ILE F 4386 24.29 -60.57 -51.66
N TYR F 4387 25.00 -61.32 -52.50
CA TYR F 4387 26.44 -61.10 -52.67
C TYR F 4387 26.71 -59.75 -53.33
N GLN F 4388 25.87 -59.34 -54.28
CA GLN F 4388 26.02 -58.03 -54.91
C GLN F 4388 25.81 -56.90 -53.90
N THR F 4389 24.79 -57.04 -53.05
CA THR F 4389 24.53 -56.04 -52.01
C THR F 4389 25.68 -55.99 -51.00
N LYS F 4390 26.21 -57.15 -50.61
CA LYS F 4390 27.34 -57.18 -49.69
C LYS F 4390 28.59 -56.55 -50.30
N LEU F 4391 28.84 -56.82 -51.59
CA LEU F 4391 29.99 -56.23 -52.27
C LEU F 4391 29.85 -54.72 -52.38
N LEU F 4392 28.66 -54.23 -52.74
CA LEU F 4392 28.44 -52.80 -52.86
C LEU F 4392 28.54 -52.10 -51.51
N HIS F 4393 28.02 -52.71 -50.45
CA HIS F 4393 28.14 -52.12 -49.12
C HIS F 4393 29.58 -52.16 -48.62
N TYR F 4394 30.34 -53.20 -48.96
CA TYR F 4394 31.75 -53.24 -48.59
C TYR F 4394 32.55 -52.17 -49.31
N LEU F 4395 32.26 -51.95 -50.60
CA LEU F 4395 32.94 -50.89 -51.33
C LEU F 4395 32.53 -49.51 -50.82
N ALA F 4396 31.28 -49.36 -50.39
CA ALA F 4396 30.83 -48.07 -49.85
C ALA F 4396 31.45 -47.79 -48.48
N ARG F 4397 31.61 -48.82 -47.65
CA ARG F 4397 32.16 -48.62 -46.31
C ARG F 4397 33.64 -48.28 -46.33
N ASN F 4398 34.40 -48.84 -47.27
CA ASN F 4398 35.84 -48.71 -47.30
C ASN F 4398 36.31 -47.83 -48.46
N PHE F 4399 35.58 -46.75 -48.72
CA PHE F 4399 35.94 -45.87 -49.83
C PHE F 4399 37.23 -45.11 -49.55
N TYR F 4400 37.34 -44.52 -48.37
CA TYR F 4400 38.52 -43.72 -48.04
C TYR F 4400 39.77 -44.59 -47.87
N ASN F 4401 39.60 -45.80 -47.33
CA ASN F 4401 40.73 -46.73 -47.23
C ASN F 4401 41.25 -47.11 -48.60
N LEU F 4402 40.35 -47.32 -49.56
CA LEU F 4402 40.77 -47.62 -50.93
C LEU F 4402 41.43 -46.42 -51.59
N ARG F 4403 40.96 -45.20 -51.27
CA ARG F 4403 41.63 -44.00 -51.79
C ARG F 4403 43.06 -43.88 -51.25
N PHE F 4404 43.25 -44.13 -49.96
CA PHE F 4404 44.60 -44.10 -49.39
C PHE F 4404 45.47 -45.21 -49.97
N LEU F 4405 44.87 -46.38 -50.24
CA LEU F 4405 45.62 -47.47 -50.87
C LEU F 4405 46.04 -47.09 -52.29
N ALA F 4406 45.18 -46.39 -53.03
CA ALA F 4406 45.53 -45.91 -54.36
C ALA F 4406 46.68 -44.91 -54.29
N LEU F 4407 46.66 -44.02 -53.29
CA LEU F 4407 47.76 -43.06 -53.12
C LEU F 4407 49.08 -43.78 -52.81
N PHE F 4408 49.01 -44.80 -51.95
CA PHE F 4408 50.21 -45.59 -51.63
C PHE F 4408 50.77 -46.31 -52.86
N VAL F 4409 49.88 -46.89 -53.66
CA VAL F 4409 50.33 -47.59 -54.87
C VAL F 4409 50.93 -46.61 -55.88
N ALA F 4410 50.35 -45.41 -56.00
CA ALA F 4410 50.90 -44.39 -56.89
C ALA F 4410 52.29 -43.94 -56.43
N PHE F 4411 52.48 -43.79 -55.12
CA PHE F 4411 53.80 -43.44 -54.60
C PHE F 4411 54.82 -44.52 -54.89
N ALA F 4412 54.43 -45.79 -54.74
CA ALA F 4412 55.34 -46.90 -55.06
C ALA F 4412 55.68 -46.93 -56.55
N ILE F 4413 54.69 -46.67 -57.40
CA ILE F 4413 54.91 -46.67 -58.85
C ILE F 4413 55.89 -45.57 -59.24
N ASN F 4414 55.73 -44.38 -58.66
CA ASN F 4414 56.65 -43.29 -59.00
C ASN F 4414 58.04 -43.51 -58.41
N PHE F 4415 58.14 -44.16 -57.26
CA PHE F 4415 59.45 -44.55 -56.75
C PHE F 4415 60.14 -45.53 -57.68
N ILE F 4416 59.39 -46.45 -58.28
CA ILE F 4416 59.97 -47.35 -59.27
C ILE F 4416 60.34 -46.58 -60.54
N LEU F 4417 59.51 -45.61 -60.93
CA LEU F 4417 59.77 -44.79 -62.12
C LEU F 4417 61.01 -43.93 -61.98
N LEU F 4418 61.44 -43.66 -60.76
CA LEU F 4418 62.69 -42.93 -60.55
C LEU F 4418 63.92 -43.67 -61.05
N PHE F 4419 63.83 -44.97 -61.33
CA PHE F 4419 64.96 -45.77 -61.78
C PHE F 4419 64.99 -45.98 -63.28
N TYR F 4420 64.40 -45.07 -64.05
CA TYR F 4420 64.42 -45.17 -65.50
C TYR F 4420 65.63 -44.46 -66.08
N LYS F 4421 66.00 -44.87 -67.30
CA LYS F 4421 67.09 -44.23 -68.02
C LYS F 4421 66.84 -44.37 -69.51
N VAL F 4422 67.60 -43.62 -70.29
CA VAL F 4422 67.44 -43.57 -71.74
C VAL F 4422 68.63 -44.25 -72.38
N THR F 4423 68.36 -45.19 -73.27
CA THR F 4423 69.39 -45.90 -74.03
C THR F 4423 69.16 -45.66 -75.52
N GLU F 4424 70.26 -45.43 -76.24
CA GLU F 4424 70.18 -45.21 -77.68
C GLU F 4424 70.01 -46.49 -78.48
N GLU F 4425 70.20 -47.65 -77.86
CA GLU F 4425 70.04 -48.93 -78.54
C GLU F 4425 68.76 -49.63 -78.09
N ALA F 4449 68.28 -42.23 -84.51
CA ALA F 4449 68.20 -43.55 -83.90
C ALA F 4449 66.86 -43.76 -83.20
N MET F 4450 66.80 -44.74 -82.32
CA MET F 4450 65.60 -45.04 -81.55
C MET F 4450 65.91 -44.93 -80.06
N VAL F 4451 65.01 -44.28 -79.34
CA VAL F 4451 65.18 -44.00 -77.91
C VAL F 4451 64.41 -45.06 -77.14
N PHE F 4452 65.11 -45.78 -76.26
CA PHE F 4452 64.50 -46.82 -75.44
C PHE F 4452 64.57 -46.42 -73.97
N PHE F 4453 63.46 -46.60 -73.26
CA PHE F 4453 63.39 -46.29 -71.83
C PHE F 4453 63.57 -47.59 -71.06
N VAL F 4454 64.72 -47.74 -70.41
CA VAL F 4454 65.11 -48.97 -69.76
C VAL F 4454 65.20 -48.72 -68.25
N LEU F 4455 64.64 -49.64 -67.47
CA LEU F 4455 64.67 -49.54 -66.02
C LEU F 4455 65.98 -50.13 -65.52
N GLN F 4456 66.91 -49.28 -65.12
CA GLN F 4456 68.19 -49.76 -64.59
C GLN F 4456 67.99 -50.34 -63.20
N GLU F 4457 68.47 -51.57 -63.00
CA GLU F 4457 68.20 -52.30 -61.78
C GLU F 4457 69.20 -53.43 -61.65
N SER F 4458 69.66 -53.69 -60.42
CA SER F 4458 70.61 -54.75 -60.15
C SER F 4458 69.95 -56.03 -59.64
N THR F 4459 68.63 -56.07 -59.52
CA THR F 4459 67.93 -57.22 -58.99
C THR F 4459 67.03 -57.93 -60.00
N GLY F 4460 66.44 -57.19 -60.93
CA GLY F 4460 65.55 -57.78 -61.92
C GLY F 4460 64.12 -57.98 -61.47
N TYR F 4461 63.71 -57.38 -60.36
CA TYR F 4461 62.37 -57.56 -59.83
C TYR F 4461 61.44 -56.38 -60.04
N MET F 4462 61.97 -55.19 -60.34
CA MET F 4462 61.13 -53.99 -60.31
C MET F 4462 60.22 -53.83 -61.52
N ALA F 4463 60.51 -54.49 -62.64
CA ALA F 4463 59.61 -54.38 -63.79
C ALA F 4463 58.35 -55.25 -63.66
N PRO F 4464 58.42 -56.52 -63.24
CA PRO F 4464 57.16 -57.21 -62.91
C PRO F 4464 56.41 -56.56 -61.76
N ALA F 4465 57.13 -55.99 -60.79
CA ALA F 4465 56.48 -55.24 -59.73
C ALA F 4465 55.76 -54.01 -60.27
N LEU F 4466 56.37 -53.34 -61.25
CA LEU F 4466 55.75 -52.18 -61.87
C LEU F 4466 54.48 -52.56 -62.62
N ARG F 4467 54.52 -53.67 -63.37
CA ARG F 4467 53.33 -54.12 -64.09
C ARG F 4467 52.22 -54.52 -63.12
N ALA F 4468 52.57 -55.25 -62.06
CA ALA F 4468 51.58 -55.65 -61.06
C ALA F 4468 50.98 -54.45 -60.36
N LEU F 4469 51.80 -53.45 -60.02
CA LEU F 4469 51.30 -52.25 -59.36
C LEU F 4469 50.42 -51.43 -60.28
N ALA F 4470 50.73 -51.38 -61.58
CA ALA F 4470 49.86 -50.69 -62.53
C ALA F 4470 48.49 -51.33 -62.61
N ILE F 4471 48.45 -52.67 -62.69
CA ILE F 4471 47.17 -53.38 -62.72
C ILE F 4471 46.39 -53.17 -61.43
N ILE F 4472 47.09 -53.26 -60.28
CA ILE F 4472 46.47 -53.05 -58.97
C ILE F 4472 45.90 -51.65 -58.86
N HIS F 4473 46.64 -50.64 -59.34
CA HIS F 4473 46.19 -49.26 -59.25
C HIS F 4473 44.94 -49.02 -60.11
N THR F 4474 44.91 -49.62 -61.31
CA THR F 4474 43.72 -49.48 -62.15
C THR F 4474 42.50 -50.12 -61.51
N VAL F 4475 42.68 -51.31 -60.91
CA VAL F 4475 41.58 -51.99 -60.23
C VAL F 4475 41.07 -51.17 -59.04
N ILE F 4476 42.00 -50.60 -58.26
CA ILE F 4476 41.62 -49.80 -57.10
C ILE F 4476 40.89 -48.53 -57.54
N SER F 4477 41.31 -47.91 -58.65
CA SER F 4477 40.62 -46.74 -59.16
C SER F 4477 39.19 -47.06 -59.58
N LEU F 4478 39.01 -48.19 -60.27
CA LEU F 4478 37.66 -48.59 -60.68
C LEU F 4478 36.76 -48.87 -59.49
N VAL F 4479 37.27 -49.59 -58.48
CA VAL F 4479 36.43 -49.86 -57.33
C VAL F 4479 36.24 -48.63 -56.46
N CYS F 4480 37.14 -47.64 -56.54
CA CYS F 4480 36.92 -46.36 -55.88
C CYS F 4480 35.76 -45.61 -56.54
N VAL F 4481 35.69 -45.63 -57.87
CA VAL F 4481 34.56 -45.01 -58.55
C VAL F 4481 33.25 -45.70 -58.18
N VAL F 4482 33.26 -47.03 -58.14
CA VAL F 4482 32.06 -47.78 -57.77
C VAL F 4482 31.65 -47.49 -56.33
N GLY F 4483 32.63 -47.42 -55.42
CA GLY F 4483 32.33 -47.08 -54.03
C GLY F 4483 31.83 -45.66 -53.86
N TYR F 4484 32.31 -44.72 -54.68
CA TYR F 4484 31.77 -43.37 -54.66
C TYR F 4484 30.32 -43.36 -55.11
N TYR F 4485 29.98 -44.16 -56.12
CA TYR F 4485 28.61 -44.15 -56.64
C TYR F 4485 27.61 -44.67 -55.62
N CYS F 4486 28.04 -45.53 -54.70
CA CYS F 4486 27.16 -46.12 -53.71
C CYS F 4486 27.19 -45.41 -52.37
N LEU F 4487 28.02 -44.38 -52.21
CA LEU F 4487 28.16 -43.71 -50.92
C LEU F 4487 27.85 -42.22 -50.98
N LYS F 4488 28.29 -41.52 -52.03
CA LYS F 4488 28.14 -40.08 -52.12
C LYS F 4488 27.13 -39.63 -53.15
N VAL F 4489 26.91 -40.43 -54.19
CA VAL F 4489 25.86 -40.10 -55.17
C VAL F 4489 24.47 -40.00 -54.55
N PRO F 4490 24.02 -40.89 -53.64
CA PRO F 4490 22.68 -40.69 -53.03
C PRO F 4490 22.48 -39.36 -52.33
N LEU F 4491 23.51 -38.83 -51.66
CA LEU F 4491 23.35 -37.53 -51.00
C LEU F 4491 23.23 -36.39 -52.02
N VAL F 4492 23.99 -36.46 -53.11
CA VAL F 4492 23.91 -35.44 -54.16
C VAL F 4492 22.54 -35.46 -54.82
N VAL F 4493 22.03 -36.66 -55.13
CA VAL F 4493 20.71 -36.78 -55.73
C VAL F 4493 19.63 -36.35 -54.74
N PHE F 4494 19.82 -36.64 -53.45
CA PHE F 4494 18.89 -36.22 -52.41
C PHE F 4494 18.82 -34.70 -52.33
N LYS F 4495 19.97 -34.03 -52.35
CA LYS F 4495 19.99 -32.57 -52.29
C LYS F 4495 19.35 -31.96 -53.53
N ARG F 4496 19.64 -32.51 -54.71
CA ARG F 4496 19.05 -31.98 -55.94
C ARG F 4496 17.54 -32.18 -55.96
N GLU F 4497 17.05 -33.36 -55.59
CA GLU F 4497 15.62 -33.63 -55.57
C GLU F 4497 14.90 -32.78 -54.53
N LYS F 4498 15.52 -32.58 -53.37
CA LYS F 4498 14.94 -31.72 -52.34
C LYS F 4498 14.83 -30.29 -52.84
N GLU F 4499 15.87 -29.77 -53.49
CA GLU F 4499 15.83 -28.41 -54.02
C GLU F 4499 14.78 -28.27 -55.11
N ILE F 4500 14.64 -29.29 -55.97
CA ILE F 4500 13.62 -29.27 -57.02
C ILE F 4500 12.23 -29.23 -56.40
N ALA F 4501 12.00 -30.07 -55.37
CA ALA F 4501 10.69 -30.12 -54.74
C ALA F 4501 10.33 -28.80 -54.04
N ARG F 4502 11.30 -28.19 -53.35
CA ARG F 4502 11.03 -26.91 -52.69
C ARG F 4502 10.76 -25.80 -53.70
N LYS F 4503 11.53 -25.76 -54.80
CA LYS F 4503 11.27 -24.77 -55.84
C LYS F 4503 9.94 -25.01 -56.54
N LEU F 4504 9.55 -26.26 -56.70
CA LEU F 4504 8.30 -26.58 -57.38
C LEU F 4504 7.09 -26.22 -56.50
N GLU F 4505 7.19 -26.44 -55.19
CA GLU F 4505 6.03 -26.23 -54.33
C GLU F 4505 5.93 -24.80 -53.80
N PHE F 4506 7.04 -24.23 -53.32
CA PHE F 4506 7.00 -22.93 -52.67
C PHE F 4506 7.35 -21.77 -53.59
N ASP F 4507 7.64 -22.05 -54.86
CA ASP F 4507 7.90 -20.99 -55.84
C ASP F 4507 7.18 -21.16 -57.16
N GLY F 4508 6.69 -22.36 -57.50
CA GLY F 4508 6.08 -22.61 -58.78
C GLY F 4508 7.08 -22.48 -59.92
N LEU F 4509 8.11 -23.33 -59.89
CA LEU F 4509 9.21 -23.18 -60.84
C LEU F 4509 8.81 -23.55 -62.26
N TYR F 4510 7.89 -24.50 -62.42
CA TYR F 4510 7.43 -24.91 -63.74
C TYR F 4510 5.92 -24.76 -63.88
N ILE F 4511 5.30 -23.92 -63.05
CA ILE F 4511 3.87 -23.66 -63.14
C ILE F 4511 3.66 -22.16 -63.29
N THR F 4512 4.11 -21.38 -62.31
CA THR F 4512 3.95 -19.93 -62.32
C THR F 4512 5.07 -19.23 -63.08
N GLU F 4513 6.31 -19.51 -62.72
CA GLU F 4513 7.47 -18.92 -63.36
C GLU F 4513 8.13 -19.95 -64.27
N GLN F 4514 9.27 -19.57 -64.84
CA GLN F 4514 10.08 -20.43 -65.69
C GLN F 4514 11.55 -20.19 -65.37
N PRO F 4515 12.39 -21.20 -65.54
CA PRO F 4515 13.83 -20.98 -65.35
C PRO F 4515 14.41 -20.09 -66.44
N SER F 4516 15.44 -19.34 -66.05
CA SER F 4516 16.08 -18.43 -66.99
C SER F 4516 16.93 -19.21 -68.00
N GLU F 4517 17.32 -18.52 -69.07
CA GLU F 4517 18.18 -19.13 -70.08
C GLU F 4517 19.62 -19.31 -69.59
N ASP F 4518 20.00 -18.60 -68.52
CA ASP F 4518 21.32 -18.74 -67.93
C ASP F 4518 21.37 -19.78 -66.82
N ASP F 4519 20.26 -20.47 -66.56
CA ASP F 4519 20.17 -21.49 -65.52
C ASP F 4519 20.08 -22.85 -66.20
N ILE F 4520 21.23 -23.50 -66.35
CA ILE F 4520 21.25 -24.84 -66.96
C ILE F 4520 20.65 -25.87 -66.02
N LYS F 4521 20.77 -25.66 -64.71
CA LYS F 4521 20.24 -26.60 -63.73
C LYS F 4521 18.73 -26.72 -63.81
N GLY F 4522 18.03 -25.59 -63.95
CA GLY F 4522 16.58 -25.64 -64.06
C GLY F 4522 16.11 -26.31 -65.34
N GLN F 4523 16.79 -26.03 -66.46
CA GLN F 4523 16.45 -26.67 -67.72
C GLN F 4523 16.68 -28.17 -67.67
N TRP F 4524 17.76 -28.60 -67.02
CA TRP F 4524 18.00 -30.03 -66.89
C TRP F 4524 17.00 -30.68 -65.93
N ASP F 4525 16.66 -30.00 -64.83
CA ASP F 4525 15.72 -30.54 -63.85
C ASP F 4525 14.29 -30.53 -64.33
N ARG F 4526 13.99 -29.82 -65.43
CA ARG F 4526 12.67 -29.94 -66.05
C ARG F 4526 12.40 -31.35 -66.55
N LEU F 4527 13.43 -32.16 -66.78
CA LEU F 4527 13.27 -33.51 -67.29
C LEU F 4527 12.78 -34.51 -66.25
N VAL F 4528 12.82 -34.16 -64.97
CA VAL F 4528 12.58 -35.15 -63.92
C VAL F 4528 11.20 -35.05 -63.28
N ILE F 4529 10.48 -33.94 -63.46
CA ILE F 4529 9.26 -33.70 -62.69
C ILE F 4529 8.13 -34.64 -63.09
N ASN F 4530 8.08 -35.05 -64.36
CA ASN F 4530 7.02 -35.91 -64.84
C ASN F 4530 7.32 -37.39 -64.69
N THR F 4531 8.52 -37.75 -64.24
CA THR F 4531 8.86 -39.15 -64.09
C THR F 4531 8.17 -39.73 -62.86
N PRO F 4532 7.73 -40.99 -62.91
CA PRO F 4532 7.07 -41.59 -61.75
C PRO F 4532 7.99 -41.87 -60.59
N SER F 4533 9.30 -42.03 -60.84
CA SER F 4533 10.23 -42.33 -59.75
C SER F 4533 10.53 -41.10 -58.90
N PHE F 4534 10.34 -39.91 -59.43
CA PHE F 4534 10.62 -38.69 -58.68
C PHE F 4534 9.56 -38.47 -57.60
N PRO F 4535 9.96 -38.20 -56.35
CA PRO F 4535 11.33 -38.19 -55.83
C PRO F 4535 11.74 -39.56 -55.29
N ASN F 4536 12.98 -39.98 -55.54
CA ASN F 4536 13.42 -41.32 -55.17
C ASN F 4536 14.21 -41.34 -53.86
N ASN F 4537 15.08 -40.36 -53.64
CA ASN F 4537 15.85 -40.28 -52.40
C ASN F 4537 15.23 -39.33 -51.39
N TYR F 4538 14.58 -38.26 -51.84
CA TYR F 4538 13.86 -37.37 -50.95
C TYR F 4538 12.67 -38.10 -50.33
N TRP F 4539 12.52 -37.97 -49.00
CA TRP F 4539 11.54 -38.78 -48.28
C TRP F 4539 10.12 -38.23 -48.35
N ASP F 4540 9.93 -37.01 -48.84
CA ASP F 4540 8.58 -36.46 -49.00
C ASP F 4540 7.99 -37.00 -50.30
N LYS F 4541 7.04 -37.93 -50.18
CA LYS F 4541 6.46 -38.59 -51.34
C LYS F 4541 5.10 -38.03 -51.72
N PHE F 4542 4.72 -36.88 -51.16
CA PHE F 4542 3.46 -36.21 -51.48
C PHE F 4542 3.70 -34.87 -52.15
N VAL F 4543 4.83 -34.72 -52.85
CA VAL F 4543 5.18 -33.43 -53.46
C VAL F 4543 4.22 -33.10 -54.59
N LYS F 4544 3.94 -34.07 -55.46
CA LYS F 4544 3.05 -33.84 -56.59
C LYS F 4544 1.64 -33.53 -56.14
N ARG F 4545 1.15 -34.24 -55.12
CA ARG F 4545 -0.18 -33.97 -54.57
C ARG F 4545 -0.26 -32.57 -53.98
N LYS F 4546 0.79 -32.15 -53.26
CA LYS F 4546 0.81 -30.80 -52.69
C LYS F 4546 0.81 -29.72 -53.77
N VAL F 4547 1.60 -29.93 -54.83
CA VAL F 4547 1.66 -28.95 -55.92
C VAL F 4547 0.31 -28.88 -56.64
N ILE F 4548 -0.32 -30.04 -56.87
CA ILE F 4548 -1.63 -30.08 -57.51
C ILE F 4548 -2.66 -29.37 -56.66
N ASN F 4549 -2.70 -29.67 -55.36
CA ASN F 4549 -3.68 -29.04 -54.49
C ASN F 4549 -3.45 -27.54 -54.34
N LYS F 4550 -2.20 -27.10 -54.43
CA LYS F 4550 -1.92 -25.68 -54.31
C LYS F 4550 -2.27 -24.91 -55.59
N TYR F 4551 -2.01 -25.49 -56.77
CA TYR F 4551 -2.08 -24.72 -58.00
C TYR F 4551 -3.23 -25.10 -58.94
N GLY F 4552 -4.03 -26.12 -58.60
CA GLY F 4552 -5.10 -26.51 -59.50
C GLY F 4552 -6.30 -25.59 -59.51
N ASP F 4553 -6.44 -24.75 -58.47
CA ASP F 4553 -7.56 -23.82 -58.44
C ASP F 4553 -7.40 -22.71 -59.47
N LEU F 4554 -6.17 -22.33 -59.79
CA LEU F 4554 -5.90 -21.25 -60.72
C LEU F 4554 -5.19 -21.70 -61.99
N TYR F 4555 -4.79 -22.97 -62.09
CA TYR F 4555 -4.09 -23.43 -63.28
C TYR F 4555 -4.63 -24.74 -63.83
N GLY F 4556 -5.67 -25.32 -63.22
CA GLY F 4556 -6.26 -26.53 -63.75
C GLY F 4556 -5.59 -27.79 -63.23
N ALA F 4557 -6.38 -28.70 -62.69
CA ALA F 4557 -5.81 -29.92 -62.11
C ALA F 4557 -5.29 -30.86 -63.18
N GLU F 4558 -5.97 -30.93 -64.33
CA GLU F 4558 -5.57 -31.85 -65.39
C GLU F 4558 -4.24 -31.44 -66.02
N ARG F 4559 -4.04 -30.14 -66.22
CA ARG F 4559 -2.80 -29.66 -66.82
C ARG F 4559 -1.60 -29.94 -65.92
N ILE F 4560 -1.75 -29.71 -64.62
CA ILE F 4560 -0.66 -29.96 -63.69
C ILE F 4560 -0.44 -31.46 -63.50
N ALA F 4561 -1.51 -32.24 -63.55
CA ALA F 4561 -1.37 -33.70 -63.47
C ALA F 4561 -0.63 -34.24 -64.68
N GLU F 4562 -0.89 -33.68 -65.86
CA GLU F 4562 -0.11 -34.06 -67.04
C GLU F 4562 1.32 -33.57 -66.95
N LEU F 4563 1.52 -32.40 -66.33
CA LEU F 4563 2.87 -31.86 -66.14
C LEU F 4563 3.68 -32.72 -65.18
N LEU F 4564 3.06 -33.19 -64.11
CA LEU F 4564 3.74 -33.98 -63.09
C LEU F 4564 3.67 -35.49 -63.36
N GLY F 4565 3.26 -35.88 -64.55
CA GLY F 4565 3.20 -37.30 -64.92
C GLY F 4565 2.17 -38.10 -64.14
N LEU F 4566 1.03 -37.50 -63.84
CA LEU F 4566 -0.01 -38.16 -63.05
C LEU F 4566 -1.25 -38.33 -63.92
N ASP F 4567 -1.78 -39.55 -63.94
CA ASP F 4567 -3.00 -39.84 -64.69
C ASP F 4567 -4.20 -39.19 -64.01
N LYS F 4568 -5.21 -38.85 -64.81
CA LYS F 4568 -6.43 -38.27 -64.27
C LYS F 4568 -7.16 -39.26 -63.38
N ASN F 4569 -7.19 -40.54 -63.77
CA ASN F 4569 -7.80 -41.56 -62.94
C ASN F 4569 -6.92 -41.93 -61.74
N ALA F 4570 -5.63 -41.58 -61.78
CA ALA F 4570 -4.75 -41.86 -60.65
C ALA F 4570 -4.94 -40.88 -59.49
N LEU F 4571 -5.55 -39.71 -59.75
CA LEU F 4571 -5.81 -38.76 -58.68
C LEU F 4571 -6.87 -39.28 -57.73
N ASP F 4572 -7.93 -39.86 -58.27
CA ASP F 4572 -8.97 -40.49 -57.47
C ASP F 4572 -8.68 -41.99 -57.40
N PHE F 4573 -9.60 -42.75 -56.78
CA PHE F 4573 -9.44 -44.20 -56.74
C PHE F 4573 -9.70 -44.82 -58.11
N SER F 4574 -10.80 -44.39 -58.77
CA SER F 4574 -11.22 -44.81 -60.10
C SER F 4574 -11.32 -46.34 -60.24
N PRO F 4575 -12.34 -46.97 -59.64
CA PRO F 4575 -12.48 -48.44 -59.72
C PRO F 4575 -12.80 -48.93 -61.12
N ILE F 4593 11.56 -50.05 -65.93
CA ILE F 4593 12.77 -49.23 -65.85
C ILE F 4593 12.48 -47.83 -66.37
N ASP F 4594 12.65 -46.84 -65.50
CA ASP F 4594 12.41 -45.44 -65.83
C ASP F 4594 13.67 -44.88 -66.46
N MET F 4595 13.70 -44.85 -67.80
CA MET F 4595 14.91 -44.43 -68.51
C MET F 4595 15.16 -42.94 -68.37
N LYS F 4596 14.09 -42.13 -68.40
CA LYS F 4596 14.23 -40.68 -68.34
C LYS F 4596 14.81 -40.23 -67.01
N TYR F 4597 14.35 -40.84 -65.91
CA TYR F 4597 14.89 -40.52 -64.59
C TYR F 4597 16.36 -40.87 -64.49
N HIS F 4598 16.77 -42.01 -65.05
CA HIS F 4598 18.17 -42.41 -64.97
C HIS F 4598 19.04 -41.55 -65.89
N ILE F 4599 18.50 -41.07 -67.01
CA ILE F 4599 19.25 -40.12 -67.84
C ILE F 4599 19.46 -38.81 -67.08
N TRP F 4600 18.42 -38.33 -66.38
CA TRP F 4600 18.56 -37.14 -65.55
C TRP F 4600 19.56 -37.36 -64.42
N LYS F 4601 19.53 -38.54 -63.80
CA LYS F 4601 20.44 -38.84 -62.70
C LYS F 4601 21.88 -38.92 -63.19
N LEU F 4602 22.10 -39.49 -64.38
CA LEU F 4602 23.44 -39.50 -64.97
C LEU F 4602 23.92 -38.09 -65.29
N GLY F 4603 23.01 -37.23 -65.77
CA GLY F 4603 23.37 -35.83 -65.97
C GLY F 4603 23.71 -35.10 -64.69
N VAL F 4604 23.04 -35.44 -63.59
CA VAL F 4604 23.38 -34.85 -62.30
C VAL F 4604 24.73 -35.35 -61.82
N VAL F 4605 25.01 -36.65 -61.99
CA VAL F 4605 26.25 -37.25 -61.52
C VAL F 4605 27.44 -36.74 -62.31
N PHE F 4606 27.32 -36.66 -63.64
CA PHE F 4606 28.43 -36.25 -64.48
C PHE F 4606 28.80 -34.79 -64.34
N THR F 4607 27.99 -33.97 -63.66
CA THR F 4607 28.32 -32.59 -63.37
C THR F 4607 28.82 -32.40 -61.94
N ASP F 4608 29.06 -33.49 -61.21
CA ASP F 4608 29.58 -33.42 -59.85
C ASP F 4608 31.10 -33.41 -59.89
N ASN F 4609 31.69 -32.53 -59.09
CA ASN F 4609 33.13 -32.28 -59.17
C ASN F 4609 33.95 -33.48 -58.69
N SER F 4610 33.51 -34.12 -57.59
CA SER F 4610 34.26 -35.25 -57.06
C SER F 4610 34.20 -36.46 -57.99
N PHE F 4611 33.03 -36.69 -58.60
CA PHE F 4611 32.91 -37.77 -59.58
C PHE F 4611 33.78 -37.50 -60.80
N LEU F 4612 33.84 -36.24 -61.25
CA LEU F 4612 34.70 -35.90 -62.39
C LEU F 4612 36.17 -36.07 -62.05
N TYR F 4613 36.55 -35.72 -60.81
CA TYR F 4613 37.93 -35.94 -60.37
C TYR F 4613 38.26 -37.43 -60.35
N LEU F 4614 37.35 -38.26 -59.86
CA LEU F 4614 37.61 -39.70 -59.83
C LEU F 4614 37.62 -40.30 -61.23
N ALA F 4615 36.78 -39.79 -62.14
CA ALA F 4615 36.82 -40.24 -63.53
C ALA F 4615 38.13 -39.86 -64.21
N TRP F 4616 38.63 -38.64 -63.93
CA TRP F 4616 39.94 -38.25 -64.44
C TRP F 4616 41.04 -39.12 -63.87
N TYR F 4617 40.96 -39.44 -62.57
CA TYR F 4617 41.94 -40.31 -61.93
C TYR F 4617 41.96 -41.69 -62.58
N THR F 4618 40.78 -42.25 -62.87
CA THR F 4618 40.71 -43.56 -63.51
C THR F 4618 41.19 -43.50 -64.95
N THR F 4619 40.91 -42.38 -65.65
CA THR F 4619 41.41 -42.23 -67.02
C THR F 4619 42.92 -42.17 -67.06
N MET F 4620 43.54 -41.45 -66.12
CA MET F 4620 44.99 -41.42 -66.05
C MET F 4620 45.56 -42.78 -65.65
N SER F 4621 44.86 -43.52 -64.80
CA SER F 4621 45.30 -44.87 -64.45
C SER F 4621 45.27 -45.80 -65.66
N VAL F 4622 44.24 -45.67 -66.51
CA VAL F 4622 44.16 -46.47 -67.72
C VAL F 4622 45.26 -46.06 -68.70
N LEU F 4623 45.51 -44.76 -68.84
CA LEU F 4623 46.59 -44.28 -69.70
C LEU F 4623 47.97 -44.67 -69.19
N GLY F 4624 48.09 -44.97 -67.89
CA GLY F 4624 49.36 -45.42 -67.34
C GLY F 4624 49.85 -46.74 -67.89
N HIS F 4625 48.98 -47.54 -68.50
CA HIS F 4625 49.40 -48.74 -69.19
C HIS F 4625 49.94 -48.43 -70.58
N TYR F 4626 49.40 -47.41 -71.23
CA TYR F 4626 49.96 -46.94 -72.50
C TYR F 4626 51.36 -46.37 -72.31
N ASN F 4627 51.56 -45.61 -71.24
CA ASN F 4627 52.87 -45.05 -70.89
C ASN F 4627 52.90 -44.87 -69.38
N ASN F 4628 53.93 -45.39 -68.73
CA ASN F 4628 53.96 -45.46 -67.27
C ASN F 4628 54.04 -44.09 -66.61
N PHE F 4629 54.60 -43.10 -67.30
CA PHE F 4629 54.76 -41.78 -66.70
C PHE F 4629 53.43 -41.05 -66.53
N PHE F 4630 52.35 -41.55 -67.13
CA PHE F 4630 51.01 -41.07 -66.81
C PHE F 4630 50.58 -41.37 -65.39
N PHE F 4631 51.31 -42.24 -64.68
CA PHE F 4631 51.09 -42.41 -63.25
C PHE F 4631 51.69 -41.30 -62.42
N ALA F 4632 52.40 -40.35 -63.04
CA ALA F 4632 52.94 -39.22 -62.28
C ALA F 4632 51.88 -38.22 -61.88
N ALA F 4633 50.72 -38.21 -62.56
CA ALA F 4633 49.66 -37.27 -62.24
C ALA F 4633 49.02 -37.58 -60.90
N HIS F 4634 48.95 -38.86 -60.52
CA HIS F 4634 48.24 -39.28 -59.32
C HIS F 4634 48.89 -38.77 -58.04
N LEU F 4635 50.15 -38.34 -58.09
CA LEU F 4635 50.78 -37.72 -56.93
C LEU F 4635 50.09 -36.42 -56.55
N LEU F 4636 49.43 -35.77 -57.51
CA LEU F 4636 48.62 -34.58 -57.22
C LEU F 4636 47.47 -34.88 -56.28
N ASP F 4637 47.12 -36.16 -56.10
CA ASP F 4637 46.12 -36.55 -55.12
C ASP F 4637 46.53 -36.20 -53.69
N ILE F 4638 47.82 -35.95 -53.42
CA ILE F 4638 48.19 -35.50 -52.08
C ILE F 4638 47.59 -34.11 -51.79
N ALA F 4639 47.29 -33.34 -52.83
CA ALA F 4639 46.60 -32.07 -52.64
C ALA F 4639 45.14 -32.27 -52.27
N MET F 4640 44.58 -33.45 -52.48
CA MET F 4640 43.18 -33.73 -52.16
C MET F 4640 43.02 -34.69 -50.98
N GLY F 4641 44.08 -35.34 -50.55
CA GLY F 4641 43.97 -36.37 -49.55
C GLY F 4641 44.22 -35.91 -48.13
N PHE F 4642 45.11 -34.94 -47.96
CA PHE F 4642 45.51 -34.45 -46.65
C PHE F 4642 44.85 -33.10 -46.37
N LYS F 4643 44.26 -32.97 -45.18
CA LYS F 4643 43.57 -31.74 -44.81
C LYS F 4643 44.53 -30.57 -44.62
N THR F 4644 45.72 -30.85 -44.11
CA THR F 4644 46.72 -29.80 -43.90
C THR F 4644 47.16 -29.18 -45.23
N LEU F 4645 47.36 -30.02 -46.25
CA LEU F 4645 47.74 -29.51 -47.56
C LEU F 4645 46.60 -28.72 -48.20
N ARG F 4646 45.35 -29.13 -47.96
CA ARG F 4646 44.22 -28.35 -48.45
C ARG F 4646 44.15 -27.00 -47.75
N THR F 4647 44.44 -26.96 -46.45
CA THR F 4647 44.46 -25.69 -45.73
C THR F 4647 45.58 -24.80 -46.23
N ILE F 4648 46.75 -25.38 -46.56
CA ILE F 4648 47.86 -24.59 -47.10
C ILE F 4648 47.50 -24.04 -48.48
N LEU F 4649 46.92 -24.87 -49.35
CA LEU F 4649 46.56 -24.40 -50.69
C LEU F 4649 45.36 -23.47 -50.69
N SER F 4650 44.60 -23.44 -49.59
CA SER F 4650 43.56 -22.43 -49.44
C SER F 4650 44.13 -21.02 -49.34
N SER F 4651 45.39 -20.87 -48.94
CA SER F 4651 46.02 -19.56 -48.97
C SER F 4651 46.33 -19.10 -50.39
N VAL F 4652 46.39 -20.03 -51.34
CA VAL F 4652 46.57 -19.66 -52.74
C VAL F 4652 45.24 -19.49 -53.45
N THR F 4653 44.26 -20.34 -53.14
CA THR F 4653 42.96 -20.28 -53.80
C THR F 4653 42.01 -19.27 -53.17
N HIS F 4654 42.37 -18.64 -52.05
CA HIS F 4654 41.51 -17.62 -51.44
C HIS F 4654 41.44 -16.37 -52.30
N ASN F 4655 42.60 -15.89 -52.76
CA ASN F 4655 42.71 -14.70 -53.58
C ASN F 4655 43.23 -15.06 -54.97
N GLY F 4656 42.74 -16.18 -55.52
CA GLY F 4656 43.20 -16.63 -56.82
C GLY F 4656 42.79 -15.70 -57.95
N LYS F 4657 41.60 -15.11 -57.85
CA LYS F 4657 41.15 -14.13 -58.84
C LYS F 4657 42.06 -12.90 -58.83
N GLN F 4658 42.43 -12.42 -57.65
CA GLN F 4658 43.37 -11.32 -57.54
C GLN F 4658 44.75 -11.69 -58.06
N LEU F 4659 45.18 -12.94 -57.87
CA LEU F 4659 46.45 -13.40 -58.41
C LEU F 4659 46.45 -13.39 -59.94
N VAL F 4660 45.36 -13.87 -60.55
CA VAL F 4660 45.25 -13.87 -62.00
C VAL F 4660 45.21 -12.44 -62.54
N LEU F 4661 44.47 -11.56 -61.86
CA LEU F 4661 44.43 -10.16 -62.28
C LEU F 4661 45.79 -9.48 -62.12
N THR F 4662 46.55 -9.85 -61.09
CA THR F 4662 47.89 -9.29 -60.92
C THR F 4662 48.84 -9.75 -62.01
N VAL F 4663 48.73 -11.03 -62.42
CA VAL F 4663 49.54 -11.52 -63.53
C VAL F 4663 49.16 -10.82 -64.83
N GLY F 4664 47.87 -10.56 -65.04
CA GLY F 4664 47.45 -9.80 -66.21
C GLY F 4664 47.95 -8.36 -66.20
N LEU F 4665 47.92 -7.72 -65.03
CA LEU F 4665 48.46 -6.37 -64.90
C LEU F 4665 49.97 -6.35 -65.17
N LEU F 4666 50.68 -7.38 -64.71
CA LEU F 4666 52.11 -7.49 -65.01
C LEU F 4666 52.34 -7.64 -66.51
N ALA F 4667 51.50 -8.42 -67.19
CA ALA F 4667 51.62 -8.56 -68.64
C ALA F 4667 51.40 -7.24 -69.36
N VAL F 4668 50.41 -6.46 -68.91
CA VAL F 4668 50.14 -5.16 -69.53
C VAL F 4668 51.31 -4.20 -69.32
N VAL F 4669 51.87 -4.15 -68.11
CA VAL F 4669 52.98 -3.24 -67.82
C VAL F 4669 54.22 -3.64 -68.63
N VAL F 4670 54.51 -4.94 -68.72
CA VAL F 4670 55.63 -5.41 -69.52
C VAL F 4670 55.41 -5.11 -71.00
N TYR F 4671 54.15 -5.17 -71.47
CA TYR F 4671 53.86 -4.76 -72.84
C TYR F 4671 54.15 -3.29 -73.08
N LEU F 4672 53.84 -2.43 -72.10
CA LEU F 4672 54.15 -1.01 -72.23
C LEU F 4672 55.65 -0.76 -72.31
N TYR F 4673 56.42 -1.45 -71.45
CA TYR F 4673 57.87 -1.35 -71.52
C TYR F 4673 58.42 -1.90 -72.85
N THR F 4674 57.77 -2.93 -73.39
CA THR F 4674 58.15 -3.46 -74.70
C THR F 4674 57.92 -2.44 -75.81
N VAL F 4675 56.79 -1.73 -75.75
CA VAL F 4675 56.51 -0.68 -76.73
C VAL F 4675 57.57 0.41 -76.68
N VAL F 4676 57.93 0.85 -75.46
CA VAL F 4676 58.95 1.87 -75.30
C VAL F 4676 60.31 1.39 -75.84
N ALA F 4677 60.69 0.14 -75.52
CA ALA F 4677 61.97 -0.38 -75.96
C ALA F 4677 62.02 -0.57 -77.47
N PHE F 4678 60.92 -1.04 -78.07
CA PHE F 4678 60.86 -1.23 -79.51
C PHE F 4678 60.88 0.09 -80.26
N ASN F 4679 60.36 1.16 -79.65
CA ASN F 4679 60.43 2.45 -80.31
C ASN F 4679 61.78 3.14 -80.13
N PHE F 4680 62.44 2.98 -78.99
CA PHE F 4680 63.60 3.82 -78.69
C PHE F 4680 64.91 3.08 -78.41
N PHE F 4681 64.87 1.84 -77.97
CA PHE F 4681 66.07 1.17 -77.47
C PHE F 4681 66.39 -0.11 -78.22
N ARG F 4682 66.23 -0.10 -79.55
CA ARG F 4682 66.41 -1.33 -80.32
C ARG F 4682 67.87 -1.76 -80.40
N LYS F 4683 68.81 -0.82 -80.34
CA LYS F 4683 70.22 -1.12 -80.53
C LYS F 4683 70.84 -1.88 -79.36
N PHE F 4684 70.18 -1.91 -78.20
CA PHE F 4684 70.73 -2.56 -77.02
C PHE F 4684 70.31 -4.01 -76.87
N TYR F 4685 69.58 -4.57 -77.82
CA TYR F 4685 69.01 -5.90 -77.71
C TYR F 4685 69.71 -6.90 -78.62
N ASN F 4686 71.02 -6.75 -78.79
CA ASN F 4686 71.83 -7.70 -79.54
C ASN F 4686 72.38 -8.73 -78.57
N LYS F 4687 71.91 -9.97 -78.70
CA LYS F 4687 72.33 -11.06 -77.82
C LYS F 4687 73.30 -12.01 -78.52
N SER F 4688 74.05 -11.50 -79.49
CA SER F 4688 74.98 -12.31 -80.27
C SER F 4688 76.40 -12.03 -79.83
N GLU F 4689 77.16 -13.09 -79.59
CA GLU F 4689 78.55 -12.94 -79.16
C GLU F 4689 79.43 -12.47 -80.31
N ASP F 4690 79.25 -13.05 -81.49
CA ASP F 4690 80.06 -12.73 -82.66
C ASP F 4690 79.36 -11.70 -83.54
N ASP F 4691 80.17 -10.86 -84.18
CA ASP F 4691 79.64 -9.80 -85.04
C ASP F 4691 79.32 -10.28 -86.45
N ASP F 4692 79.59 -11.56 -86.76
CA ASP F 4692 79.25 -12.08 -88.08
C ASP F 4692 77.75 -12.19 -88.27
N GLU F 4693 77.03 -12.60 -87.22
CA GLU F 4693 75.58 -12.77 -87.31
C GLU F 4693 74.91 -12.22 -86.05
N PRO F 4694 74.15 -11.13 -86.15
CA PRO F 4694 73.48 -10.58 -84.97
C PRO F 4694 72.28 -11.42 -84.56
N ASP F 4695 71.83 -11.18 -83.33
CA ASP F 4695 70.71 -11.89 -82.71
C ASP F 4695 69.75 -10.89 -82.07
N MET F 4696 69.33 -9.90 -82.86
CA MET F 4696 68.50 -8.80 -82.36
C MET F 4696 67.16 -9.31 -81.85
N LYS F 4697 66.89 -9.05 -80.56
CA LYS F 4697 65.69 -9.52 -79.89
C LYS F 4697 64.54 -8.54 -79.98
N CYS F 4698 64.74 -7.34 -80.53
CA CYS F 4698 63.69 -6.32 -80.52
C CYS F 4698 63.50 -5.72 -81.91
N ASP F 4699 63.72 -6.51 -82.96
CA ASP F 4699 63.44 -6.04 -84.31
C ASP F 4699 61.99 -6.23 -84.71
N ASP F 4700 61.18 -6.89 -83.88
CA ASP F 4700 59.74 -6.94 -84.05
C ASP F 4700 59.10 -7.00 -82.67
N MET F 4701 57.82 -6.62 -82.63
CA MET F 4701 57.15 -6.46 -81.34
C MET F 4701 56.92 -7.79 -80.62
N MET F 4702 56.67 -8.86 -81.38
CA MET F 4702 56.36 -10.15 -80.77
C MET F 4702 57.59 -10.74 -80.09
N THR F 4703 58.74 -10.70 -80.77
CA THR F 4703 59.98 -11.19 -80.19
C THR F 4703 60.40 -10.37 -78.98
N CYS F 4704 60.27 -9.04 -79.07
CA CYS F 4704 60.64 -8.18 -77.95
C CYS F 4704 59.71 -8.38 -76.76
N TYR F 4705 58.42 -8.61 -77.01
CA TYR F 4705 57.49 -8.87 -75.92
C TYR F 4705 57.76 -10.21 -75.25
N LEU F 4706 58.06 -11.23 -76.05
CA LEU F 4706 58.43 -12.53 -75.48
C LEU F 4706 59.72 -12.43 -74.68
N PHE F 4707 60.70 -11.66 -75.19
CA PHE F 4707 61.96 -11.46 -74.48
C PHE F 4707 61.75 -10.74 -73.16
N HIS F 4708 60.90 -9.72 -73.14
CA HIS F 4708 60.64 -8.99 -71.90
C HIS F 4708 59.87 -9.84 -70.89
N MET F 4709 58.91 -10.64 -71.37
CA MET F 4709 58.12 -11.44 -70.45
C MET F 4709 58.86 -12.66 -69.94
N TYR F 4710 59.80 -13.18 -70.71
CA TYR F 4710 60.47 -14.43 -70.35
C TYR F 4710 61.83 -14.21 -69.71
N VAL F 4711 62.54 -13.18 -70.11
CA VAL F 4711 63.90 -12.92 -69.64
C VAL F 4711 63.93 -11.81 -68.61
N GLY F 4712 63.20 -10.72 -68.85
CA GLY F 4712 63.22 -9.59 -67.95
C GLY F 4712 62.57 -9.85 -66.61
N VAL F 4713 61.45 -10.58 -66.60
CA VAL F 4713 60.73 -10.82 -65.35
C VAL F 4713 61.51 -11.78 -64.46
N ARG F 4714 62.08 -12.84 -65.03
CA ARG F 4714 62.83 -13.81 -64.24
C ARG F 4714 64.18 -13.29 -63.78
N ALA F 4715 64.70 -12.23 -64.41
CA ALA F 4715 65.97 -11.68 -63.99
C ALA F 4715 65.86 -10.98 -62.65
N GLY F 4716 66.94 -11.03 -61.87
CA GLY F 4716 66.91 -10.49 -60.53
C GLY F 4716 66.79 -8.98 -60.49
N GLY F 4717 67.51 -8.29 -61.37
CA GLY F 4717 67.49 -6.85 -61.44
C GLY F 4717 66.68 -6.28 -62.58
N GLY F 4718 65.81 -7.06 -63.22
CA GLY F 4718 65.00 -6.56 -64.29
C GLY F 4718 65.63 -6.74 -65.66
N ILE F 4719 65.12 -5.95 -66.60
CA ILE F 4719 65.59 -6.00 -67.98
C ILE F 4719 67.02 -5.49 -68.12
N GLY F 4720 67.47 -4.66 -67.18
CA GLY F 4720 68.81 -4.10 -67.26
C GLY F 4720 69.92 -5.11 -67.07
N ASP F 4721 69.62 -6.26 -66.48
CA ASP F 4721 70.64 -7.30 -66.30
C ASP F 4721 71.02 -7.96 -67.62
N GLU F 4722 70.11 -7.97 -68.59
CA GLU F 4722 70.23 -8.86 -69.74
C GLU F 4722 70.34 -8.14 -71.08
N ILE F 4723 70.53 -6.82 -71.08
CA ILE F 4723 70.75 -6.11 -72.34
C ILE F 4723 72.06 -5.36 -72.28
N GLU F 4724 72.37 -4.63 -73.36
CA GLU F 4724 73.66 -3.96 -73.51
C GLU F 4724 73.82 -2.84 -72.50
N ASP F 4725 75.06 -2.66 -72.04
CA ASP F 4725 75.37 -1.60 -71.09
C ASP F 4725 75.17 -0.24 -71.76
N PRO F 4726 74.47 0.69 -71.13
CA PRO F 4726 74.13 1.97 -71.77
C PRO F 4726 75.16 3.09 -71.61
N ALA F 4727 76.32 2.82 -71.02
CA ALA F 4727 77.30 3.87 -70.79
C ALA F 4727 77.95 4.31 -72.09
N GLY F 4728 78.23 5.60 -72.20
CA GLY F 4728 78.75 6.17 -73.43
C GLY F 4728 77.76 6.19 -74.57
N ASP F 4729 76.51 6.52 -74.28
CA ASP F 4729 75.44 6.57 -75.27
C ASP F 4729 74.65 7.86 -75.10
N PRO F 4730 74.11 8.42 -76.18
CA PRO F 4730 73.20 9.57 -76.03
C PRO F 4730 71.96 9.27 -75.22
N TYR F 4731 71.47 8.04 -75.24
CA TYR F 4731 70.28 7.64 -74.50
C TYR F 4731 70.62 6.93 -73.20
N GLU F 4732 71.69 7.34 -72.52
CA GLU F 4732 72.13 6.63 -71.32
C GLU F 4732 71.18 6.89 -70.16
N MET F 4733 70.79 8.14 -69.94
CA MET F 4733 69.94 8.46 -68.80
C MET F 4733 68.53 7.92 -68.99
N TYR F 4734 68.03 7.94 -70.23
CA TYR F 4734 66.73 7.34 -70.51
C TYR F 4734 66.76 5.84 -70.28
N ARG F 4735 67.86 5.18 -70.65
CA ARG F 4735 68.01 3.75 -70.39
C ARG F 4735 68.10 3.45 -68.91
N ILE F 4736 68.77 4.32 -68.14
CA ILE F 4736 68.89 4.11 -66.71
C ILE F 4736 67.54 4.27 -66.03
N VAL F 4737 66.76 5.29 -66.42
CA VAL F 4737 65.41 5.46 -65.90
C VAL F 4737 64.52 4.29 -66.28
N PHE F 4738 64.67 3.80 -67.52
CA PHE F 4738 63.93 2.65 -68.02
C PHE F 4738 64.20 1.41 -67.17
N ASP F 4739 65.49 1.10 -66.95
CA ASP F 4739 65.86 -0.08 -66.16
C ASP F 4739 65.44 0.05 -64.70
N ILE F 4740 65.59 1.25 -64.13
CA ILE F 4740 65.25 1.44 -62.71
C ILE F 4740 63.76 1.33 -62.50
N THR F 4741 62.96 1.91 -63.39
CA THR F 4741 61.51 1.81 -63.22
C THR F 4741 60.99 0.41 -63.56
N PHE F 4742 61.65 -0.32 -64.47
CA PHE F 4742 61.33 -1.73 -64.66
C PHE F 4742 61.62 -2.54 -63.41
N PHE F 4743 62.75 -2.27 -62.75
CA PHE F 4743 63.08 -2.99 -61.52
C PHE F 4743 62.11 -2.66 -60.40
N PHE F 4744 61.74 -1.39 -60.27
CA PHE F 4744 60.88 -0.99 -59.14
C PHE F 4744 59.44 -1.43 -59.34
N PHE F 4745 58.88 -1.21 -60.54
CA PHE F 4745 57.46 -1.47 -60.74
C PHE F 4745 57.14 -2.95 -60.89
N VAL F 4746 58.02 -3.70 -61.54
CA VAL F 4746 57.73 -5.09 -61.87
C VAL F 4746 58.33 -6.02 -60.83
N ILE F 4747 59.64 -5.92 -60.64
CA ILE F 4747 60.35 -6.86 -59.77
C ILE F 4747 59.99 -6.63 -58.31
N VAL F 4748 59.94 -5.36 -57.89
CA VAL F 4748 59.76 -5.07 -56.48
C VAL F 4748 58.29 -5.02 -56.08
N ILE F 4749 57.45 -4.34 -56.85
CA ILE F 4749 56.10 -4.03 -56.39
C ILE F 4749 55.10 -5.15 -56.71
N LEU F 4750 55.10 -5.67 -57.93
CA LEU F 4750 54.07 -6.64 -58.33
C LEU F 4750 54.26 -7.99 -57.64
N LEU F 4751 55.51 -8.44 -57.50
CA LEU F 4751 55.77 -9.67 -56.76
C LEU F 4751 55.45 -9.48 -55.28
N ALA F 4752 55.66 -8.28 -54.75
CA ALA F 4752 55.22 -7.98 -53.39
C ALA F 4752 53.71 -8.02 -53.26
N ILE F 4753 52.98 -7.61 -54.31
CA ILE F 4753 51.52 -7.72 -54.31
C ILE F 4753 51.09 -9.17 -54.25
N ILE F 4754 51.76 -10.03 -55.02
CA ILE F 4754 51.45 -11.46 -55.00
C ILE F 4754 51.69 -12.07 -53.62
N GLN F 4755 52.87 -11.79 -53.04
CA GLN F 4755 53.21 -12.32 -51.72
C GLN F 4755 52.28 -11.77 -50.64
N GLY F 4756 51.92 -10.49 -50.73
CA GLY F 4756 51.00 -9.91 -49.78
C GLY F 4756 49.61 -10.49 -49.88
N LEU F 4757 49.16 -10.84 -51.09
CA LEU F 4757 47.88 -11.51 -51.25
C LEU F 4757 47.88 -12.88 -50.57
N ILE F 4758 48.98 -13.62 -50.70
CA ILE F 4758 49.07 -14.93 -50.04
C ILE F 4758 49.06 -14.78 -48.50
N ILE F 4759 49.84 -13.82 -48.00
CA ILE F 4759 49.92 -13.61 -46.54
C ILE F 4759 48.59 -13.11 -45.99
N ASP F 4760 47.91 -12.23 -46.74
CA ASP F 4760 46.60 -11.76 -46.33
C ASP F 4760 45.57 -12.87 -46.34
N ALA F 4761 45.70 -13.83 -47.26
CA ALA F 4761 44.83 -15.00 -47.24
C ALA F 4761 45.02 -15.82 -45.97
N PHE F 4762 46.28 -16.01 -45.57
CA PHE F 4762 46.57 -16.69 -44.28
C PHE F 4762 45.91 -15.98 -43.11
N GLY F 4763 46.11 -14.65 -43.04
CA GLY F 4763 45.54 -13.89 -41.93
C GLY F 4763 44.02 -13.87 -41.93
N GLU F 4764 43.41 -13.83 -43.11
CA GLU F 4764 41.95 -13.81 -43.20
C GLU F 4764 41.35 -15.13 -42.76
N LEU F 4765 41.96 -16.25 -43.15
CA LEU F 4765 41.47 -17.56 -42.70
C LEU F 4765 41.58 -17.70 -41.19
N ARG F 4766 42.70 -17.24 -40.61
CA ARG F 4766 42.86 -17.28 -39.15
C ARG F 4766 41.82 -16.41 -38.45
N ASP F 4767 41.55 -15.22 -39.00
CA ASP F 4767 40.55 -14.34 -38.39
C ASP F 4767 39.14 -14.92 -38.50
N GLN F 4768 38.84 -15.61 -39.59
CA GLN F 4768 37.53 -16.28 -39.71
C GLN F 4768 37.36 -17.37 -38.67
N GLN F 4769 38.41 -18.18 -38.44
CA GLN F 4769 38.33 -19.20 -37.40
C GLN F 4769 38.18 -18.59 -36.01
N GLU F 4770 38.89 -17.49 -35.73
CA GLU F 4770 38.72 -16.84 -34.43
C GLU F 4770 37.34 -16.23 -34.26
N GLN F 4771 36.75 -15.72 -35.35
CA GLN F 4771 35.39 -15.19 -35.29
C GLN F 4771 34.39 -16.30 -34.98
N VAL F 4772 34.58 -17.48 -35.59
CA VAL F 4772 33.73 -18.63 -35.27
C VAL F 4772 33.85 -19.00 -33.80
N ARG F 4773 35.08 -19.04 -33.29
CA ARG F 4773 35.30 -19.40 -31.88
C ARG F 4773 34.64 -18.41 -30.93
N GLU F 4774 34.78 -17.11 -31.20
CA GLU F 4774 34.19 -16.10 -30.33
C GLU F 4774 32.66 -16.14 -30.39
N ASP F 4775 32.09 -16.31 -31.59
CA ASP F 4775 30.63 -16.38 -31.71
C ASP F 4775 30.06 -17.61 -31.03
N MET F 4776 30.76 -18.74 -31.10
CA MET F 4776 30.26 -19.93 -30.42
C MET F 4776 30.44 -19.84 -28.91
N GLU F 4777 31.44 -19.09 -28.44
CA GLU F 4777 31.62 -18.97 -27.00
C GLU F 4777 30.75 -17.88 -26.36
N THR F 4778 30.27 -16.91 -27.13
CA THR F 4778 29.61 -15.77 -26.51
C THR F 4778 28.08 -15.79 -26.57
N LYS F 4779 27.46 -16.61 -27.42
CA LYS F 4779 26.01 -16.62 -27.50
C LYS F 4779 25.51 -17.96 -27.98
N CYS F 4780 24.24 -18.23 -27.70
CA CYS F 4780 23.61 -19.48 -28.11
C CYS F 4780 23.33 -19.48 -29.61
N PHE F 4781 23.46 -20.64 -30.23
CA PHE F 4781 23.19 -20.77 -31.65
C PHE F 4781 21.70 -20.73 -31.95
N ILE F 4782 20.86 -21.17 -31.02
CA ILE F 4782 19.43 -21.27 -31.27
C ILE F 4782 18.73 -19.94 -30.96
N CYS F 4783 18.83 -19.50 -29.71
CA CYS F 4783 18.09 -18.32 -29.28
C CYS F 4783 18.89 -17.02 -29.37
N GLY F 4784 20.22 -17.09 -29.40
CA GLY F 4784 21.03 -15.90 -29.55
C GLY F 4784 21.29 -15.12 -28.28
N ILE F 4785 20.81 -15.58 -27.13
CA ILE F 4785 21.06 -14.90 -25.87
C ILE F 4785 22.51 -15.09 -25.46
N GLY F 4786 23.14 -14.03 -24.95
CA GLY F 4786 24.53 -14.09 -24.58
C GLY F 4786 24.78 -14.91 -23.33
N ASN F 4787 26.05 -15.25 -23.11
CA ASN F 4787 26.43 -16.12 -22.01
C ASN F 4787 26.34 -15.43 -20.66
N ASP F 4788 26.33 -14.10 -20.63
CA ASP F 4788 26.30 -13.39 -19.36
C ASP F 4788 24.95 -13.52 -18.65
N TYR F 4789 23.88 -13.71 -19.42
CA TYR F 4789 22.58 -13.96 -18.80
C TYR F 4789 22.52 -15.35 -18.18
N PHE F 4790 23.04 -16.35 -18.88
CA PHE F 4790 22.97 -17.72 -18.38
C PHE F 4790 23.96 -17.99 -17.27
N ASP F 4791 25.07 -17.27 -17.25
CA ASP F 4791 26.16 -17.57 -16.32
C ASP F 4791 25.90 -17.05 -14.90
N THR F 4792 24.73 -16.48 -14.61
CA THR F 4792 24.39 -16.17 -13.23
C THR F 4792 24.28 -17.45 -12.40
N THR F 4793 23.64 -18.47 -12.95
CA THR F 4793 23.75 -19.81 -12.39
C THR F 4793 25.16 -20.34 -12.67
N PRO F 4794 25.78 -21.01 -11.70
CA PRO F 4794 27.12 -21.57 -11.93
C PRO F 4794 27.15 -22.59 -13.07
N HIS F 4795 28.00 -22.31 -14.06
CA HIS F 4795 28.10 -23.06 -15.31
C HIS F 4795 26.76 -23.12 -16.03
N GLY F 4796 26.05 -21.99 -16.05
CA GLY F 4796 24.72 -21.96 -16.64
C GLY F 4796 24.71 -21.96 -18.14
N PHE F 4797 25.71 -21.35 -18.78
CA PHE F 4797 25.75 -21.32 -20.24
C PHE F 4797 26.12 -22.69 -20.80
N GLU F 4798 27.02 -23.40 -20.13
CA GLU F 4798 27.34 -24.77 -20.52
C GLU F 4798 26.14 -25.68 -20.37
N THR F 4799 25.38 -25.51 -19.29
CA THR F 4799 24.14 -26.27 -19.09
C THR F 4799 23.12 -25.93 -20.18
N HIS F 4800 23.01 -24.66 -20.53
CA HIS F 4800 22.06 -24.25 -21.56
C HIS F 4800 22.42 -24.81 -22.93
N THR F 4801 23.70 -24.78 -23.30
CA THR F 4801 24.10 -25.26 -24.60
C THR F 4801 24.26 -26.77 -24.68
N LEU F 4802 24.32 -27.47 -23.55
CA LEU F 4802 24.42 -28.92 -23.57
C LEU F 4802 23.10 -29.63 -23.29
N GLN F 4803 22.17 -28.98 -22.61
CA GLN F 4803 20.90 -29.62 -22.26
C GLN F 4803 19.69 -28.89 -22.80
N GLU F 4804 19.65 -27.56 -22.68
CA GLU F 4804 18.42 -26.83 -23.00
C GLU F 4804 18.27 -26.60 -24.50
N HIS F 4805 19.31 -26.09 -25.15
CA HIS F 4805 19.24 -25.77 -26.57
C HIS F 4805 20.34 -26.48 -27.34
N ASN F 4806 20.48 -27.78 -27.10
CA ASN F 4806 21.49 -28.58 -27.80
C ASN F 4806 21.09 -28.79 -29.26
N LEU F 4807 22.03 -28.52 -30.17
CA LEU F 4807 21.76 -28.63 -31.61
C LEU F 4807 21.47 -30.07 -32.02
N ALA F 4808 22.22 -31.02 -31.45
CA ALA F 4808 22.02 -32.43 -31.75
C ALA F 4808 20.64 -32.89 -31.33
N ASN F 4809 20.09 -32.32 -30.26
CA ASN F 4809 18.74 -32.66 -29.84
C ASN F 4809 17.70 -32.19 -30.86
N TYR F 4810 17.91 -31.03 -31.48
CA TYR F 4810 17.00 -30.58 -32.53
C TYR F 4810 17.10 -31.46 -33.77
N LEU F 4811 18.33 -31.89 -34.11
CA LEU F 4811 18.49 -32.84 -35.21
C LEU F 4811 17.80 -34.17 -34.91
N PHE F 4812 17.95 -34.67 -33.68
CA PHE F 4812 17.31 -35.92 -33.28
C PHE F 4812 15.80 -35.78 -33.24
N PHE F 4813 15.28 -34.59 -32.89
CA PHE F 4813 13.84 -34.39 -32.88
C PHE F 4813 13.26 -34.37 -34.29
N LEU F 4814 13.97 -33.74 -35.23
CA LEU F 4814 13.52 -33.79 -36.62
C LEU F 4814 13.57 -35.22 -37.16
N MET F 4815 14.63 -35.96 -36.81
CA MET F 4815 14.73 -37.37 -37.20
C MET F 4815 13.62 -38.20 -36.57
N TYR F 4816 13.23 -37.88 -35.34
CA TYR F 4816 12.14 -38.58 -34.67
C TYR F 4816 10.79 -38.25 -35.29
N LEU F 4817 10.60 -37.00 -35.69
CA LEU F 4817 9.33 -36.59 -36.29
C LEU F 4817 9.15 -37.19 -37.68
N ILE F 4818 10.22 -37.24 -38.47
CA ILE F 4818 10.10 -37.77 -39.83
C ILE F 4818 9.82 -39.27 -39.81
N ASN F 4819 10.47 -40.00 -38.91
CA ASN F 4819 10.33 -41.44 -38.82
C ASN F 4819 9.14 -41.89 -37.98
N LYS F 4820 8.18 -41.01 -37.75
CA LYS F 4820 7.00 -41.34 -36.95
C LYS F 4820 5.74 -41.15 -37.79
N ASP F 4821 4.76 -42.00 -37.54
CA ASP F 4821 3.48 -41.91 -38.21
C ASP F 4821 2.74 -40.65 -37.80
N GLU F 4822 2.07 -40.02 -38.77
CA GLU F 4822 1.35 -38.78 -38.48
C GLU F 4822 0.15 -39.01 -37.58
N THR F 4823 -0.43 -40.21 -37.61
CA THR F 4823 -1.55 -40.52 -36.73
C THR F 4823 -1.12 -40.72 -35.29
N GLU F 4824 0.16 -40.97 -35.06
CA GLU F 4824 0.69 -41.14 -33.71
C GLU F 4824 1.28 -39.86 -33.13
N HIS F 4825 1.27 -38.77 -33.87
CA HIS F 4825 1.80 -37.50 -33.38
C HIS F 4825 0.96 -36.98 -32.21
N THR F 4826 1.64 -36.42 -31.22
CA THR F 4826 0.97 -35.74 -30.12
C THR F 4826 0.62 -34.32 -30.58
N GLY F 4827 0.09 -33.50 -29.66
CA GLY F 4827 -0.27 -32.14 -30.02
C GLY F 4827 0.92 -31.27 -30.37
N GLN F 4828 1.98 -31.35 -29.56
CA GLN F 4828 3.19 -30.58 -29.84
C GLN F 4828 3.89 -31.07 -31.10
N GLU F 4829 3.94 -32.40 -31.28
CA GLU F 4829 4.54 -32.97 -32.48
C GLU F 4829 3.76 -32.61 -33.73
N SER F 4830 2.42 -32.62 -33.64
CA SER F 4830 1.61 -32.19 -34.77
C SER F 4830 1.81 -30.70 -35.08
N TYR F 4831 1.92 -29.88 -34.04
CA TYR F 4831 2.17 -28.45 -34.23
C TYR F 4831 3.48 -28.20 -34.95
N VAL F 4832 4.56 -28.84 -34.47
CA VAL F 4832 5.87 -28.66 -35.09
C VAL F 4832 5.90 -29.27 -36.49
N TRP F 4833 5.21 -30.40 -36.69
CA TRP F 4833 5.16 -31.03 -38.01
C TRP F 4833 4.44 -30.16 -39.03
N LYS F 4834 3.32 -29.55 -38.64
CA LYS F 4834 2.61 -28.65 -39.54
C LYS F 4834 3.44 -27.41 -39.85
N MET F 4835 4.14 -26.86 -38.85
CA MET F 4835 4.99 -25.71 -39.14
C MET F 4835 6.22 -26.09 -39.96
N TYR F 4836 6.67 -27.34 -39.86
CA TYR F 4836 7.82 -27.81 -40.62
C TYR F 4836 7.47 -28.06 -42.08
N GLN F 4837 6.26 -28.54 -42.34
CA GLN F 4837 5.86 -28.77 -43.73
C GLN F 4837 5.60 -27.48 -44.49
N GLU F 4838 5.38 -26.37 -43.79
CA GLU F 4838 5.21 -25.06 -44.41
C GLU F 4838 6.49 -24.26 -44.45
N ARG F 4839 7.60 -24.84 -44.00
CA ARG F 4839 8.90 -24.15 -43.86
C ARG F 4839 8.80 -22.90 -43.00
N CYS F 4840 8.02 -22.98 -41.93
CA CYS F 4840 7.89 -21.87 -40.99
C CYS F 4840 8.67 -22.21 -39.72
N TRP F 4841 9.69 -21.42 -39.42
CA TRP F 4841 10.60 -21.69 -38.32
C TRP F 4841 10.34 -20.78 -37.13
N ASP F 4842 9.07 -20.46 -36.89
CA ASP F 4842 8.71 -19.68 -35.71
C ASP F 4842 8.67 -20.53 -34.44
N PHE F 4843 8.70 -21.87 -34.56
CA PHE F 4843 8.75 -22.70 -33.37
C PHE F 4843 10.14 -22.74 -32.75
N PHE F 4844 11.18 -22.41 -33.49
CA PHE F 4844 12.50 -22.24 -32.89
C PHE F 4844 12.48 -21.01 -31.99
N PRO F 4845 12.91 -21.12 -30.73
CA PRO F 4845 12.92 -19.95 -29.86
C PRO F 4845 13.98 -18.94 -30.29
N ALA F 4846 13.59 -17.67 -30.30
CA ALA F 4846 14.46 -16.58 -30.75
C ALA F 4846 14.41 -15.48 -29.69
N GLY F 4847 15.52 -15.32 -28.97
CA GLY F 4847 15.56 -14.34 -27.90
C GLY F 4847 14.81 -14.73 -26.65
N ASP F 4848 14.37 -15.99 -26.56
CA ASP F 4848 13.60 -16.46 -25.42
C ASP F 4848 14.01 -17.89 -25.11
N CYS F 4849 13.84 -18.27 -23.85
CA CYS F 4849 14.17 -19.62 -23.41
C CYS F 4849 13.26 -19.99 -22.25
N PHE F 4850 13.42 -21.21 -21.76
CA PHE F 4850 12.62 -21.69 -20.64
C PHE F 4850 12.96 -20.96 -19.35
N ARG F 4851 14.24 -20.64 -19.15
CA ARG F 4851 14.64 -19.89 -17.96
C ARG F 4851 14.15 -18.45 -18.01
N LYS F 4852 14.10 -17.86 -19.19
CA LYS F 4852 13.69 -16.47 -19.31
C LYS F 4852 12.21 -16.30 -19.09
N GLN F 4853 11.40 -17.27 -19.54
CA GLN F 4853 9.96 -17.15 -19.43
C GLN F 4853 9.49 -17.39 -18.00
N TYR F 4854 10.06 -18.38 -17.33
CA TYR F 4854 9.68 -18.73 -15.97
C TYR F 4854 10.70 -18.26 -14.95
N GLU F 4855 11.26 -17.07 -15.17
CA GLU F 4855 12.33 -16.56 -14.30
C GLU F 4855 11.82 -16.26 -12.90
N ASP F 4856 10.59 -15.78 -12.78
CA ASP F 4856 10.03 -15.52 -11.46
C ASP F 4856 9.68 -16.82 -10.74
N GLN F 4857 9.13 -17.79 -11.45
CA GLN F 4857 8.69 -19.03 -10.81
C GLN F 4857 9.87 -19.96 -10.50
N LEU F 4858 10.86 -20.04 -11.39
CA LEU F 4858 12.03 -20.87 -11.12
C LEU F 4858 12.92 -20.22 -10.08
N GLY F 4859 13.05 -18.90 -10.12
CA GLY F 4859 13.88 -18.18 -9.17
C GLY F 4859 13.13 -17.83 -7.90
N VAL G 5 8.90 -87.98 94.72
CA VAL G 5 9.58 -88.57 93.57
C VAL G 5 9.70 -90.08 93.74
N GLU G 6 8.79 -90.83 93.13
CA GLU G 6 8.83 -92.28 93.21
C GLU G 6 9.96 -92.84 92.36
N ILE G 7 10.56 -93.92 92.85
CA ILE G 7 11.70 -94.56 92.19
C ILE G 7 11.35 -96.01 91.91
N GLU G 8 11.54 -96.43 90.66
CA GLU G 8 11.33 -97.80 90.25
C GLU G 8 12.67 -98.47 89.98
N THR G 9 12.85 -99.68 90.50
CA THR G 9 14.13 -100.39 90.41
C THR G 9 14.16 -101.19 89.11
N ILE G 10 14.74 -100.59 88.07
CA ILE G 10 14.87 -101.29 86.79
C ILE G 10 15.92 -102.38 86.89
N SER G 11 17.07 -102.09 87.50
CA SER G 11 18.14 -103.07 87.67
C SER G 11 18.93 -102.74 88.93
N PRO G 12 18.83 -103.57 89.97
CA PRO G 12 19.55 -103.29 91.21
C PRO G 12 21.05 -103.48 91.06
N GLY G 13 21.80 -102.75 91.89
CA GLY G 13 23.24 -102.81 91.86
C GLY G 13 23.85 -103.48 93.08
N ASP G 14 24.92 -102.88 93.62
CA ASP G 14 25.58 -103.46 94.79
C ASP G 14 24.73 -103.31 96.04
N GLY G 15 24.07 -102.16 96.22
CA GLY G 15 23.25 -101.93 97.39
C GLY G 15 23.99 -101.47 98.62
N ARG G 16 25.31 -101.32 98.55
CA ARG G 16 26.12 -100.90 99.69
C ARG G 16 26.74 -99.53 99.48
N THR G 17 27.46 -99.33 98.37
CA THR G 17 28.11 -98.06 98.10
C THR G 17 27.07 -97.03 97.66
N PHE G 18 27.13 -95.85 98.25
CA PHE G 18 26.23 -94.76 97.92
C PHE G 18 27.02 -93.48 97.69
N PRO G 19 26.54 -92.60 96.80
CA PRO G 19 27.22 -91.31 96.60
C PRO G 19 27.12 -90.42 97.83
N LYS G 20 28.14 -89.60 98.02
CA LYS G 20 28.22 -88.68 99.14
C LYS G 20 28.35 -87.25 98.63
N LYS G 21 28.32 -86.30 99.56
CA LYS G 21 28.44 -84.90 99.21
C LYS G 21 29.88 -84.57 98.81
N GLY G 22 30.02 -83.81 97.73
CA GLY G 22 31.32 -83.43 97.23
C GLY G 22 32.00 -84.46 96.36
N GLN G 23 31.35 -85.57 96.05
CA GLN G 23 31.92 -86.62 95.22
C GLN G 23 31.25 -86.62 93.86
N THR G 24 32.06 -86.65 92.80
CA THR G 24 31.54 -86.64 91.45
C THR G 24 30.91 -87.99 91.12
N CYS G 25 29.72 -87.96 90.52
CA CYS G 25 28.98 -89.16 90.14
C CYS G 25 28.87 -89.21 88.63
N VAL G 26 29.48 -90.22 88.02
CA VAL G 26 29.41 -90.43 86.58
C VAL G 26 28.20 -91.31 86.30
N VAL G 27 27.17 -90.72 85.69
CA VAL G 27 25.90 -91.41 85.46
C VAL G 27 25.50 -91.27 83.99
N HIS G 28 24.67 -92.20 83.55
CA HIS G 28 24.06 -92.16 82.23
C HIS G 28 22.55 -92.07 82.40
N TYR G 29 21.94 -91.08 81.75
CA TYR G 29 20.53 -90.78 81.95
C TYR G 29 19.81 -90.69 80.62
N THR G 30 18.47 -90.73 80.70
CA THR G 30 17.60 -90.55 79.54
C THR G 30 16.34 -89.83 80.02
N GLY G 31 16.27 -88.54 79.75
CA GLY G 31 15.15 -87.72 80.19
C GLY G 31 14.09 -87.51 79.15
N MET G 32 12.85 -87.85 79.49
CA MET G 32 11.71 -87.76 78.59
C MET G 32 10.52 -87.15 79.32
N LEU G 33 9.53 -86.72 78.55
CA LEU G 33 8.31 -86.21 79.13
C LEU G 33 7.42 -87.36 79.60
N GLN G 34 6.35 -87.01 80.30
CA GLN G 34 5.42 -88.02 80.81
C GLN G 34 4.61 -88.65 79.68
N ASN G 35 4.48 -87.94 78.56
CA ASN G 35 3.72 -88.45 77.41
C ASN G 35 4.56 -89.34 76.51
N GLY G 36 5.83 -89.55 76.82
CA GLY G 36 6.71 -90.35 75.98
C GLY G 36 7.57 -89.58 75.01
N LYS G 37 7.71 -88.26 75.19
CA LYS G 37 8.48 -87.41 74.30
C LYS G 37 9.89 -87.24 74.87
N LYS G 38 10.87 -87.89 74.26
CA LYS G 38 12.25 -87.81 74.73
C LYS G 38 12.84 -86.44 74.39
N PHE G 39 13.54 -85.85 75.36
CA PHE G 39 14.23 -84.59 75.12
C PHE G 39 15.73 -84.65 75.38
N ASP G 40 16.21 -85.49 76.30
CA ASP G 40 17.63 -85.53 76.59
C ASP G 40 18.10 -86.97 76.72
N SER G 41 19.34 -87.21 76.31
CA SER G 41 19.97 -88.51 76.46
C SER G 41 21.48 -88.33 76.37
N SER G 42 22.19 -88.69 77.44
CA SER G 42 23.64 -88.61 77.43
C SER G 42 24.27 -89.74 76.61
N ARG G 43 23.53 -90.82 76.38
CA ARG G 43 24.06 -91.94 75.62
C ARG G 43 24.07 -91.67 74.11
N ASP G 44 23.25 -90.72 73.63
CA ASP G 44 23.26 -90.37 72.22
C ASP G 44 24.56 -89.67 71.83
N ARG G 45 25.07 -88.81 72.69
CA ARG G 45 26.33 -88.12 72.46
C ARG G 45 27.52 -88.89 73.01
N ASN G 46 27.30 -90.05 73.63
CA ASN G 46 28.33 -90.92 74.20
C ASN G 46 29.18 -90.20 75.25
N LYS G 47 28.59 -89.25 75.96
CA LYS G 47 29.28 -88.49 77.00
C LYS G 47 28.51 -88.63 78.30
N PRO G 48 28.99 -89.45 79.24
CA PRO G 48 28.29 -89.59 80.52
C PRO G 48 28.35 -88.30 81.34
N PHE G 49 27.30 -88.08 82.13
CA PHE G 49 27.14 -86.86 82.90
C PHE G 49 27.87 -86.97 84.23
N LYS G 50 28.64 -85.93 84.55
CA LYS G 50 29.39 -85.86 85.80
C LYS G 50 28.94 -84.64 86.59
N PHE G 51 28.57 -84.85 87.84
CA PHE G 51 28.14 -83.76 88.71
C PHE G 51 28.47 -84.11 90.15
N ARG G 52 28.61 -83.07 90.97
CA ARG G 52 28.97 -83.23 92.37
C ARG G 52 27.75 -83.03 93.25
N ILE G 53 27.52 -83.96 94.16
CA ILE G 53 26.38 -83.89 95.07
C ILE G 53 26.67 -82.85 96.14
N GLY G 54 25.64 -82.10 96.53
CA GLY G 54 25.74 -81.08 97.53
C GLY G 54 25.82 -79.67 96.98
N LYS G 55 26.13 -79.50 95.70
CA LYS G 55 26.16 -78.19 95.07
C LYS G 55 24.83 -77.77 94.49
N GLN G 56 23.84 -78.68 94.50
CA GLN G 56 22.48 -78.43 94.00
C GLN G 56 22.49 -78.01 92.53
N GLU G 57 23.42 -78.57 91.75
CA GLU G 57 23.47 -78.28 90.32
C GLU G 57 22.28 -78.89 89.60
N VAL G 58 22.01 -80.17 89.84
CA VAL G 58 20.89 -80.87 89.22
C VAL G 58 19.62 -80.53 89.99
N ILE G 59 18.47 -80.90 89.42
CA ILE G 59 17.18 -80.67 90.06
C ILE G 59 17.03 -81.57 91.28
N LYS G 60 16.01 -81.29 92.09
CA LYS G 60 15.83 -82.01 93.36
C LYS G 60 15.52 -83.48 93.14
N GLY G 61 14.72 -83.80 92.13
CA GLY G 61 14.41 -85.19 91.84
C GLY G 61 15.62 -85.99 91.38
N PHE G 62 16.43 -85.39 90.51
CA PHE G 62 17.64 -86.05 90.03
C PHE G 62 18.64 -86.26 91.16
N GLU G 63 18.79 -85.27 92.04
CA GLU G 63 19.70 -85.41 93.19
C GLU G 63 19.20 -86.48 94.16
N GLU G 64 17.88 -86.51 94.42
CA GLU G 64 17.31 -87.53 95.30
C GLU G 64 17.48 -88.93 94.71
N GLY G 65 17.27 -89.07 93.40
CA GLY G 65 17.48 -90.36 92.76
C GLY G 65 18.93 -90.80 92.77
N ALA G 66 19.85 -89.85 92.58
CA ALA G 66 21.27 -90.17 92.62
C ALA G 66 21.71 -90.55 94.03
N ALA G 67 21.14 -89.90 95.05
CA ALA G 67 21.47 -90.26 96.43
C ALA G 67 20.88 -91.61 96.81
N GLN G 68 19.69 -91.92 96.30
CA GLN G 68 19.04 -93.19 96.65
C GLN G 68 19.65 -94.37 95.92
N MET G 69 20.12 -94.18 94.68
CA MET G 69 20.69 -95.27 93.92
C MET G 69 22.06 -95.68 94.44
N SER G 70 22.38 -96.96 94.28
CA SER G 70 23.68 -97.50 94.65
C SER G 70 24.58 -97.56 93.42
N LEU G 71 25.74 -98.19 93.57
CA LEU G 71 26.66 -98.32 92.46
C LEU G 71 26.18 -99.37 91.47
N GLY G 72 26.19 -99.03 90.18
CA GLY G 72 25.76 -99.93 89.14
C GLY G 72 24.28 -100.24 89.17
N GLN G 73 23.45 -99.27 89.52
CA GLN G 73 22.00 -99.45 89.61
C GLN G 73 21.32 -98.57 88.58
N ARG G 74 20.42 -99.17 87.80
CA ARG G 74 19.62 -98.45 86.83
C ARG G 74 18.20 -98.30 87.36
N ALA G 75 17.68 -97.07 87.37
CA ALA G 75 16.40 -96.81 87.97
C ALA G 75 15.61 -95.79 87.16
N LYS G 76 14.30 -95.81 87.33
CA LYS G 76 13.40 -94.83 86.75
C LYS G 76 12.97 -93.83 87.81
N LEU G 77 13.17 -92.55 87.52
CA LEU G 77 12.86 -91.47 88.44
C LEU G 77 11.74 -90.62 87.85
N THR G 78 10.70 -90.39 88.65
CA THR G 78 9.56 -89.57 88.25
C THR G 78 9.65 -88.25 88.99
N CYS G 79 10.01 -87.18 88.27
CA CYS G 79 10.15 -85.86 88.85
C CYS G 79 8.85 -85.09 88.67
N THR G 80 8.27 -84.63 89.78
CA THR G 80 7.05 -83.85 89.77
C THR G 80 7.31 -82.48 89.15
N PRO G 81 6.27 -81.82 88.62
CA PRO G 81 6.46 -80.47 88.05
C PRO G 81 6.94 -79.43 89.06
N ASP G 82 6.74 -79.66 90.36
CA ASP G 82 7.29 -78.75 91.37
C ASP G 82 8.82 -78.75 91.34
N VAL G 83 9.43 -79.92 91.16
CA VAL G 83 10.89 -80.02 91.09
C VAL G 83 11.40 -80.11 89.65
N ALA G 84 10.51 -80.08 88.66
CA ALA G 84 10.92 -80.06 87.25
C ALA G 84 10.92 -78.63 86.75
N TYR G 85 11.86 -77.85 87.30
CA TYR G 85 12.08 -76.43 87.02
C TYR G 85 10.86 -75.58 87.35
N GLY G 86 9.94 -76.08 88.19
CA GLY G 86 8.76 -75.33 88.57
C GLY G 86 7.83 -75.07 87.40
N ALA G 87 7.18 -73.91 87.44
CA ALA G 87 6.36 -73.43 86.33
C ALA G 87 7.15 -72.58 85.35
N THR G 88 8.47 -72.49 85.54
CA THR G 88 9.34 -71.73 84.66
C THR G 88 10.31 -72.69 83.96
N GLY G 89 9.76 -73.77 83.40
CA GLY G 89 10.59 -74.78 82.78
C GLY G 89 11.30 -74.27 81.55
N HIS G 90 12.30 -75.04 81.13
CA HIS G 90 13.23 -74.74 80.03
C HIS G 90 12.46 -74.49 78.74
N PRO G 91 12.39 -73.25 78.27
CA PRO G 91 11.55 -72.95 77.10
C PRO G 91 12.15 -73.52 75.81
N GLY G 92 11.28 -73.91 74.90
CA GLY G 92 11.68 -74.54 73.66
C GLY G 92 11.78 -76.05 73.72
N VAL G 93 11.92 -76.62 74.92
CA VAL G 93 12.01 -78.07 75.08
C VAL G 93 10.95 -78.56 76.05
N ILE G 94 11.01 -78.07 77.29
CA ILE G 94 10.16 -78.55 78.37
C ILE G 94 9.03 -77.54 78.57
N PRO G 95 7.77 -77.90 78.34
CA PRO G 95 6.66 -76.99 78.64
C PRO G 95 6.51 -76.82 80.14
N PRO G 96 5.95 -75.69 80.59
CA PRO G 96 5.79 -75.47 82.03
C PRO G 96 4.80 -76.44 82.66
N ASN G 97 5.07 -76.76 83.93
CA ASN G 97 4.27 -77.69 84.74
C ASN G 97 4.17 -79.07 84.07
N ALA G 98 5.33 -79.70 83.90
CA ALA G 98 5.42 -80.98 83.22
C ALA G 98 6.15 -81.99 84.10
N THR G 99 5.63 -83.21 84.14
CA THR G 99 6.26 -84.29 84.87
C THR G 99 7.34 -84.93 84.02
N LEU G 100 8.54 -85.11 84.60
CA LEU G 100 9.66 -85.66 83.86
C LEU G 100 9.94 -87.09 84.28
N ILE G 101 10.44 -87.89 83.34
CA ILE G 101 10.81 -89.28 83.60
C ILE G 101 12.26 -89.47 83.17
N PHE G 102 13.08 -89.96 84.11
CA PHE G 102 14.50 -90.18 83.85
C PHE G 102 14.83 -91.66 84.02
N ASP G 103 15.73 -92.15 83.18
CA ASP G 103 16.22 -93.52 83.23
C ASP G 103 17.71 -93.44 83.51
N VAL G 104 18.09 -93.46 84.79
CA VAL G 104 19.43 -93.12 85.23
C VAL G 104 20.15 -94.39 85.66
N GLU G 105 21.33 -94.63 85.07
CA GLU G 105 22.21 -95.71 85.47
C GLU G 105 23.49 -95.11 86.03
N LEU G 106 23.86 -95.53 87.24
CA LEU G 106 25.01 -94.97 87.94
C LEU G 106 26.25 -95.77 87.55
N LEU G 107 27.04 -95.22 86.64
CA LEU G 107 28.25 -95.91 86.18
C LEU G 107 29.34 -95.88 87.25
N ASN G 108 29.49 -94.76 87.94
CA ASN G 108 30.52 -94.63 88.98
C ASN G 108 30.09 -93.65 90.07
N ILE H 12 -8.46 -30.86 5.12
CA ILE H 12 -9.24 -31.30 3.97
C ILE H 12 -10.69 -31.55 4.39
N GLN H 13 -11.55 -31.82 3.41
CA GLN H 13 -12.96 -32.08 3.64
C GLN H 13 -13.29 -33.57 3.61
N PHE H 14 -12.29 -34.44 3.57
CA PHE H 14 -12.49 -35.87 3.49
C PHE H 14 -11.88 -36.57 4.69
N LEU H 15 -12.51 -37.66 5.11
CA LEU H 15 -12.01 -38.45 6.22
C LEU H 15 -10.94 -39.43 5.74
N ARG H 16 -9.82 -39.45 6.45
CA ARG H 16 -8.72 -40.37 6.18
C ARG H 16 -8.50 -41.27 7.40
N THR H 17 -7.61 -42.23 7.26
CA THR H 17 -7.31 -43.11 8.37
C THR H 17 -6.41 -42.40 9.39
N GLU H 18 -6.31 -43.02 10.57
CA GLU H 18 -5.58 -42.48 11.73
C GLU H 18 -6.11 -41.10 12.12
N ASP H 19 -7.43 -40.92 12.01
CA ASP H 19 -8.10 -39.67 12.31
C ASP H 19 -8.97 -39.84 13.53
N GLU H 20 -8.91 -38.89 14.45
CA GLU H 20 -9.72 -38.93 15.67
C GLU H 20 -11.06 -38.24 15.41
N VAL H 21 -12.14 -39.02 15.48
CA VAL H 21 -13.49 -38.56 15.17
C VAL H 21 -14.41 -38.89 16.33
N VAL H 22 -15.63 -38.36 16.25
CA VAL H 22 -16.73 -38.75 17.13
C VAL H 22 -17.92 -39.11 16.25
N LEU H 23 -18.77 -39.99 16.77
CA LEU H 23 -19.97 -40.44 16.07
C LEU H 23 -21.19 -39.84 16.75
N GLN H 24 -21.91 -39.00 16.02
CA GLN H 24 -23.00 -38.20 16.58
C GLN H 24 -24.32 -38.57 15.90
N CYS H 25 -25.38 -38.57 16.71
CA CYS H 25 -26.72 -38.92 16.25
C CYS H 25 -27.72 -37.95 16.84
N ILE H 26 -28.89 -37.87 16.22
CA ILE H 26 -29.95 -36.94 16.62
C ILE H 26 -31.21 -37.73 16.93
N ALA H 27 -31.78 -37.50 18.11
CA ALA H 27 -33.02 -38.14 18.53
C ALA H 27 -34.06 -37.07 18.82
N ASN H 28 -35.27 -37.25 18.29
CA ASN H 28 -36.36 -36.31 18.52
C ASN H 28 -37.12 -36.76 19.76
N ILE H 29 -36.85 -36.11 20.89
CA ILE H 29 -37.48 -36.43 22.17
C ILE H 29 -38.27 -35.21 22.60
N HIS H 30 -39.56 -35.42 22.91
CA HIS H 30 -40.47 -34.39 23.42
C HIS H 30 -40.53 -33.18 22.49
N LYS H 31 -40.56 -33.46 21.18
CA LYS H 31 -40.57 -32.45 20.11
C LYS H 31 -39.37 -31.52 20.20
N GLU H 32 -38.22 -32.08 20.58
CA GLU H 32 -36.96 -31.34 20.55
C GLU H 32 -35.86 -32.29 20.12
N GLN H 33 -34.98 -31.84 19.24
CA GLN H 33 -33.88 -32.67 18.78
C GLN H 33 -32.72 -32.60 19.77
N ARG H 34 -32.25 -33.76 20.19
CA ARG H 34 -31.13 -33.87 21.11
C ARG H 34 -30.01 -34.65 20.42
N LYS H 35 -28.80 -34.12 20.51
CA LYS H 35 -27.63 -34.75 19.89
C LYS H 35 -26.87 -35.57 20.92
N PHE H 36 -26.49 -36.77 20.52
CA PHE H 36 -25.75 -37.70 21.37
C PHE H 36 -24.51 -38.17 20.62
N CYS H 37 -23.49 -38.56 21.38
CA CYS H 37 -22.27 -39.12 20.82
C CYS H 37 -22.05 -40.52 21.38
N LEU H 38 -21.49 -41.39 20.55
CA LEU H 38 -21.22 -42.76 20.97
C LEU H 38 -20.01 -42.78 21.91
N ALA H 39 -20.19 -43.30 23.12
CA ALA H 39 -19.15 -43.30 24.13
C ALA H 39 -19.09 -44.67 24.80
N ALA H 40 -17.93 -44.97 25.40
CA ALA H 40 -17.75 -46.18 26.18
C ALA H 40 -16.57 -45.98 27.12
N GLU H 41 -16.58 -46.71 28.22
CA GLU H 41 -15.46 -46.76 29.15
C GLU H 41 -14.65 -48.03 28.92
N GLY H 42 -13.39 -47.99 29.35
CA GLY H 42 -12.55 -49.15 29.17
C GLY H 42 -12.65 -50.17 30.29
N LEU H 43 -12.35 -49.75 31.51
CA LEU H 43 -12.36 -50.65 32.65
C LEU H 43 -13.71 -50.60 33.34
N GLY H 44 -14.16 -51.76 33.82
CA GLY H 44 -15.39 -51.88 34.59
C GLY H 44 -16.66 -52.06 33.78
N ASN H 45 -16.78 -51.35 32.67
CA ASN H 45 -17.99 -51.40 31.85
C ASN H 45 -17.58 -51.27 30.38
N ARG H 46 -17.69 -52.36 29.63
CA ARG H 46 -17.33 -52.37 28.22
C ARG H 46 -18.48 -52.03 27.30
N LEU H 47 -19.70 -51.90 27.83
CA LEU H 47 -20.85 -51.59 26.98
C LEU H 47 -20.84 -50.12 26.59
N CYS H 48 -21.45 -49.82 25.45
CA CYS H 48 -21.52 -48.47 24.93
C CYS H 48 -22.76 -47.75 25.43
N PHE H 49 -22.65 -46.43 25.54
CA PHE H 49 -23.75 -45.56 25.89
C PHE H 49 -23.69 -44.33 25.01
N LEU H 50 -24.67 -43.45 25.17
CA LEU H 50 -24.74 -42.21 24.39
C LEU H 50 -24.59 -41.02 25.33
N GLU H 51 -23.58 -40.21 25.07
CA GLU H 51 -23.29 -39.01 25.85
C GLU H 51 -24.02 -37.82 25.23
N PRO H 52 -24.93 -37.17 25.94
CA PRO H 52 -25.61 -36.01 25.36
C PRO H 52 -24.68 -34.82 25.21
N THR H 53 -24.81 -34.12 24.09
CA THR H 53 -23.96 -32.97 23.79
C THR H 53 -24.76 -31.73 23.39
N SER H 54 -26.08 -31.77 23.48
CA SER H 54 -26.88 -30.61 23.08
C SER H 54 -26.77 -29.49 24.10
N GLU H 55 -26.86 -29.81 25.39
CA GLU H 55 -26.79 -28.80 26.45
C GLU H 55 -25.37 -28.64 26.97
N ALA H 56 -24.43 -28.37 26.06
CA ALA H 56 -23.04 -28.20 26.47
C ALA H 56 -22.78 -26.87 27.15
N LYS H 57 -23.69 -25.90 27.01
CA LYS H 57 -23.49 -24.61 27.64
C LYS H 57 -23.74 -24.66 29.14
N TYR H 58 -24.64 -25.54 29.58
CA TYR H 58 -24.99 -25.66 30.98
C TYR H 58 -24.28 -26.81 31.69
N VAL H 59 -24.13 -27.95 31.03
CA VAL H 59 -23.46 -29.13 31.59
C VAL H 59 -22.36 -29.54 30.62
N PRO H 60 -21.11 -29.68 31.08
CA PRO H 60 -20.02 -30.01 30.16
C PRO H 60 -20.11 -31.45 29.69
N PRO H 61 -19.98 -31.68 28.39
CA PRO H 61 -19.92 -33.06 27.90
C PRO H 61 -18.58 -33.71 28.20
N ASP H 62 -18.60 -35.03 28.28
CA ASP H 62 -17.39 -35.82 28.54
C ASP H 62 -16.96 -36.46 27.23
N LEU H 63 -16.18 -35.72 26.44
CA LEU H 63 -15.75 -36.16 25.13
C LEU H 63 -14.45 -36.94 25.15
N CYS H 64 -13.90 -37.21 26.34
CA CYS H 64 -12.73 -38.06 26.44
C CYS H 64 -13.03 -39.48 25.97
N VAL H 65 -14.21 -39.98 26.32
CA VAL H 65 -14.60 -41.36 25.99
C VAL H 65 -15.34 -41.46 24.67
N CYS H 66 -15.58 -40.36 23.98
CA CYS H 66 -16.29 -40.37 22.71
C CYS H 66 -15.35 -40.46 21.51
N ASN H 67 -14.04 -40.39 21.71
CA ASN H 67 -13.11 -40.34 20.59
C ASN H 67 -12.78 -41.73 20.09
N PHE H 68 -12.83 -41.91 18.78
CA PHE H 68 -12.43 -43.14 18.12
C PHE H 68 -11.43 -42.80 17.02
N VAL H 69 -10.56 -43.76 16.71
CA VAL H 69 -9.52 -43.59 15.70
C VAL H 69 -9.82 -44.54 14.54
N LEU H 70 -9.85 -43.98 13.33
CA LEU H 70 -10.06 -44.78 12.12
C LEU H 70 -8.75 -45.48 11.77
N GLU H 71 -8.66 -46.77 12.13
CA GLU H 71 -7.42 -47.50 11.89
C GLU H 71 -7.29 -47.92 10.43
N GLN H 72 -8.23 -48.72 9.93
CA GLN H 72 -8.17 -49.25 8.58
C GLN H 72 -9.51 -49.03 7.88
N SER H 73 -9.44 -48.89 6.56
CA SER H 73 -10.59 -48.58 5.72
C SER H 73 -10.60 -49.47 4.48
N LEU H 74 -10.51 -50.78 4.70
CA LEU H 74 -10.30 -51.71 3.59
C LEU H 74 -11.58 -51.88 2.77
N SER H 75 -11.43 -52.49 1.61
CA SER H 75 -12.58 -52.87 0.80
C SER H 75 -13.13 -54.20 1.29
N VAL H 76 -14.33 -54.54 0.81
CA VAL H 76 -15.01 -55.76 1.28
C VAL H 76 -14.27 -57.00 0.79
N ARG H 77 -13.90 -57.04 -0.49
CA ARG H 77 -13.12 -58.16 -1.02
C ARG H 77 -11.74 -58.22 -0.38
N ALA H 78 -11.12 -57.06 -0.16
CA ALA H 78 -9.83 -57.03 0.54
C ALA H 78 -9.97 -57.51 1.98
N LEU H 79 -11.07 -57.15 2.64
CA LEU H 79 -11.32 -57.64 3.99
C LEU H 79 -11.50 -59.15 4.02
N GLN H 80 -12.24 -59.69 3.04
CA GLN H 80 -12.42 -61.15 2.96
C GLN H 80 -11.09 -61.85 2.72
N GLU H 81 -10.25 -61.31 1.83
CA GLU H 81 -8.95 -61.91 1.58
C GLU H 81 -8.05 -61.84 2.81
N MET H 82 -8.08 -60.72 3.53
CA MET H 82 -7.26 -60.58 4.73
C MET H 82 -7.73 -61.53 5.83
N LEU H 83 -9.04 -61.69 5.99
CA LEU H 83 -9.54 -62.59 7.02
C LEU H 83 -9.31 -64.05 6.64
N ALA H 84 -9.32 -64.38 5.35
CA ALA H 84 -9.02 -65.75 4.93
C ALA H 84 -7.55 -66.07 5.09
N ASN H 85 -6.67 -65.12 4.76
CA ASN H 85 -5.23 -65.36 4.88
C ASN H 85 -4.78 -65.24 6.33
N THR H 86 -4.98 -64.07 6.93
CA THR H 86 -4.63 -63.77 8.33
C THR H 86 -3.16 -64.04 8.66
N GLY H 99 -0.76 -45.98 4.71
CA GLY H 99 -0.70 -44.92 5.69
C GLY H 99 -2.03 -44.20 5.87
N HIS H 100 -2.26 -43.19 5.04
CA HIS H 100 -3.50 -42.41 5.06
C HIS H 100 -4.23 -42.63 3.74
N ARG H 101 -5.45 -43.15 3.83
CA ARG H 101 -6.28 -43.34 2.65
C ARG H 101 -7.69 -42.87 2.94
N THR H 102 -8.32 -42.27 1.93
CA THR H 102 -9.64 -41.68 2.10
C THR H 102 -10.71 -42.77 2.25
N LEU H 103 -11.63 -42.56 3.18
CA LEU H 103 -12.73 -43.48 3.38
C LEU H 103 -13.70 -43.38 2.21
N LEU H 104 -14.11 -44.52 1.68
CA LEU H 104 -15.05 -44.58 0.57
C LEU H 104 -16.33 -45.28 1.03
N TYR H 105 -17.44 -44.92 0.41
CA TYR H 105 -18.71 -45.57 0.70
C TYR H 105 -18.66 -47.01 0.22
N GLY H 106 -19.17 -47.92 1.05
CA GLY H 106 -19.07 -49.33 0.78
C GLY H 106 -17.85 -50.01 1.34
N HIS H 107 -16.94 -49.26 1.97
CA HIS H 107 -15.74 -49.83 2.57
C HIS H 107 -16.01 -50.25 4.01
N ALA H 108 -15.18 -51.16 4.50
CA ALA H 108 -15.23 -51.65 5.87
C ALA H 108 -14.12 -50.99 6.67
N ILE H 109 -14.49 -50.33 7.76
CA ILE H 109 -13.55 -49.60 8.60
C ILE H 109 -13.43 -50.29 9.94
N LEU H 110 -12.33 -50.01 10.61
CA LEU H 110 -12.03 -50.51 11.96
C LEU H 110 -11.90 -49.32 12.90
N LEU H 111 -12.67 -49.33 13.98
CA LEU H 111 -12.72 -48.24 14.93
C LEU H 111 -12.04 -48.64 16.23
N ARG H 112 -11.06 -47.86 16.67
CA ARG H 112 -10.34 -48.12 17.90
C ARG H 112 -10.65 -47.02 18.90
N HIS H 113 -11.03 -47.42 20.11
CA HIS H 113 -11.31 -46.45 21.16
C HIS H 113 -10.03 -45.72 21.56
N SER H 114 -10.10 -44.39 21.57
CA SER H 114 -8.87 -43.60 21.72
C SER H 114 -8.34 -43.68 23.15
N PHE H 115 -9.23 -43.72 24.14
CA PHE H 115 -8.78 -43.76 25.53
C PHE H 115 -8.32 -45.16 25.92
N SER H 116 -9.19 -46.15 25.81
CA SER H 116 -8.88 -47.49 26.30
C SER H 116 -8.00 -48.29 25.37
N GLY H 117 -7.97 -47.96 24.08
CA GLY H 117 -7.24 -48.76 23.12
C GLY H 117 -8.00 -49.96 22.61
N MET H 118 -9.24 -50.16 23.05
CA MET H 118 -10.05 -51.27 22.59
C MET H 118 -10.73 -50.93 21.27
N TYR H 119 -11.44 -51.88 20.71
CA TYR H 119 -12.08 -51.75 19.41
C TYR H 119 -13.59 -51.90 19.56
N LEU H 120 -14.32 -51.13 18.76
CA LEU H 120 -15.77 -51.20 18.75
C LEU H 120 -16.24 -52.51 18.12
N THR H 121 -16.97 -53.30 18.89
CA THR H 121 -17.33 -54.66 18.51
C THR H 121 -18.83 -54.86 18.68
N CYS H 122 -19.46 -55.45 17.67
CA CYS H 122 -20.85 -55.90 17.80
C CYS H 122 -20.87 -57.19 18.61
N LEU H 123 -21.43 -57.13 19.81
CA LEU H 123 -21.39 -58.25 20.73
C LEU H 123 -22.55 -59.19 20.49
N THR H 124 -22.31 -60.49 20.71
CA THR H 124 -23.36 -61.48 20.51
C THR H 124 -24.40 -61.47 21.62
N THR H 125 -24.07 -60.92 22.79
CA THR H 125 -25.01 -60.82 23.88
C THR H 125 -26.04 -59.73 23.60
N SER H 126 -27.18 -59.84 24.26
CA SER H 126 -28.26 -58.87 24.10
C SER H 126 -28.90 -58.57 25.45
N ARG H 127 -29.42 -57.35 25.57
CA ARG H 127 -30.12 -56.95 26.78
C ARG H 127 -31.35 -56.10 26.50
N SER H 128 -31.72 -55.89 25.24
CA SER H 128 -32.86 -55.05 24.90
C SER H 128 -34.16 -55.81 25.11
N GLN H 129 -35.00 -55.30 26.02
CA GLN H 129 -36.30 -55.90 26.23
C GLN H 129 -37.28 -55.58 25.11
N THR H 130 -37.14 -54.41 24.48
CA THR H 130 -38.06 -54.02 23.42
C THR H 130 -37.80 -54.81 22.14
N ASP H 131 -36.54 -54.97 21.75
CA ASP H 131 -36.17 -55.63 20.51
C ASP H 131 -35.47 -56.94 20.82
N LYS H 132 -36.08 -58.06 20.45
CA LYS H 132 -35.49 -59.37 20.68
C LYS H 132 -34.38 -59.69 19.68
N LEU H 133 -34.37 -59.03 18.53
CA LEU H 133 -33.39 -59.32 17.48
C LEU H 133 -32.18 -58.40 17.53
N ALA H 134 -32.12 -57.48 18.49
CA ALA H 134 -31.02 -56.53 18.59
C ALA H 134 -29.88 -57.13 19.40
N PHE H 135 -28.67 -56.65 19.12
CA PHE H 135 -27.46 -57.09 19.80
C PHE H 135 -26.78 -55.92 20.48
N ASP H 136 -26.01 -56.22 21.52
CA ASP H 136 -25.25 -55.20 22.22
C ASP H 136 -24.01 -54.80 21.44
N VAL H 137 -23.60 -53.54 21.62
CA VAL H 137 -22.41 -52.99 20.99
C VAL H 137 -21.48 -52.52 22.12
N GLY H 138 -20.22 -52.94 22.06
CA GLY H 138 -19.29 -52.59 23.12
C GLY H 138 -17.85 -52.50 22.69
N LEU H 139 -16.93 -52.68 23.65
CA LEU H 139 -15.50 -52.63 23.38
C LEU H 139 -14.88 -54.00 23.62
N ARG H 140 -13.94 -54.38 22.75
CA ARG H 140 -13.20 -55.62 22.90
C ARG H 140 -11.71 -55.35 22.75
N GLU H 141 -10.91 -56.16 23.45
CA GLU H 141 -9.48 -55.89 23.55
C GLU H 141 -8.76 -56.09 22.23
N ASN H 142 -9.14 -57.11 21.46
CA ASN H 142 -8.46 -57.45 20.23
C ASN H 142 -9.39 -57.31 19.04
N ALA H 143 -8.80 -57.00 17.87
CA ALA H 143 -9.55 -56.86 16.63
C ALA H 143 -9.39 -58.14 15.82
N THR H 144 -10.24 -59.12 16.14
CA THR H 144 -10.20 -60.43 15.50
C THR H 144 -11.56 -60.73 14.88
N GLY H 145 -11.55 -61.20 13.64
CA GLY H 145 -12.76 -61.62 12.97
C GLY H 145 -13.55 -60.46 12.39
N GLU H 146 -14.79 -60.76 12.02
CA GLU H 146 -15.68 -59.79 11.41
C GLU H 146 -16.43 -58.95 12.42
N ALA H 147 -16.30 -59.24 13.72
CA ALA H 147 -17.13 -58.60 14.72
C ALA H 147 -16.74 -57.15 15.00
N CYS H 148 -15.60 -56.69 14.51
CA CYS H 148 -15.13 -55.35 14.79
C CYS H 148 -15.11 -54.45 13.57
N TRP H 149 -15.45 -54.96 12.39
CA TRP H 149 -15.43 -54.18 11.16
C TRP H 149 -16.83 -53.70 10.82
N TRP H 150 -16.93 -52.45 10.36
CA TRP H 150 -18.22 -51.85 10.05
C TRP H 150 -18.20 -51.27 8.65
N THR H 151 -19.20 -51.58 7.84
CA THR H 151 -19.31 -51.05 6.50
C THR H 151 -20.07 -49.74 6.51
N ILE H 152 -19.58 -48.78 5.73
CA ILE H 152 -20.16 -47.44 5.61
C ILE H 152 -21.04 -47.39 4.39
N HIS H 153 -22.26 -46.89 4.55
CA HIS H 153 -23.20 -46.80 3.44
C HIS H 153 -23.84 -45.42 3.41
N PRO H 154 -24.19 -44.92 2.23
CA PRO H 154 -24.81 -43.59 2.14
C PRO H 154 -26.22 -43.58 2.70
N ALA H 155 -26.63 -42.41 3.17
CA ALA H 155 -27.95 -42.23 3.75
C ALA H 155 -29.03 -41.91 2.73
N SER H 156 -28.66 -41.48 1.54
CA SER H 156 -29.63 -41.04 0.55
C SER H 156 -29.04 -41.26 -0.84
N LYS H 157 -29.74 -40.78 -1.87
CA LYS H 157 -29.31 -40.92 -3.25
C LYS H 157 -28.26 -39.89 -3.65
N GLN H 158 -27.99 -38.90 -2.80
CA GLN H 158 -27.01 -37.87 -3.12
C GLN H 158 -25.59 -38.44 -3.19
N ARG H 159 -25.31 -39.52 -2.48
CA ARG H 159 -24.01 -40.18 -2.52
C ARG H 159 -24.15 -41.54 -3.18
N SER H 160 -23.00 -42.18 -3.41
CA SER H 160 -22.97 -43.49 -4.02
C SER H 160 -21.72 -44.22 -3.56
N GLU H 161 -21.72 -45.53 -3.75
CA GLU H 161 -20.58 -46.35 -3.35
C GLU H 161 -19.37 -46.05 -4.23
N GLY H 162 -18.19 -46.05 -3.60
CA GLY H 162 -16.97 -45.66 -4.27
C GLY H 162 -16.64 -44.18 -4.21
N GLU H 163 -17.56 -43.36 -3.69
CA GLU H 163 -17.30 -41.94 -3.52
C GLU H 163 -16.62 -41.69 -2.19
N LYS H 164 -15.83 -40.62 -2.13
CA LYS H 164 -15.13 -40.26 -0.90
C LYS H 164 -16.11 -39.76 0.15
N VAL H 165 -15.91 -40.18 1.39
CA VAL H 165 -16.76 -39.75 2.50
C VAL H 165 -16.36 -38.34 2.90
N ARG H 166 -17.31 -37.43 2.89
CA ARG H 166 -17.07 -36.02 3.20
C ARG H 166 -17.39 -35.73 4.65
N ILE H 167 -16.74 -34.71 5.19
CA ILE H 167 -16.97 -34.29 6.57
C ILE H 167 -18.35 -33.65 6.68
N GLY H 168 -19.18 -34.18 7.58
CA GLY H 168 -20.54 -33.69 7.74
C GLY H 168 -21.60 -34.54 7.08
N ASP H 169 -21.23 -35.65 6.45
CA ASP H 169 -22.20 -36.52 5.82
C ASP H 169 -22.92 -37.39 6.85
N ASP H 170 -24.10 -37.86 6.48
CA ASP H 170 -24.84 -38.82 7.28
C ASP H 170 -24.51 -40.21 6.78
N LEU H 171 -23.96 -41.05 7.65
CA LEU H 171 -23.50 -42.37 7.28
C LEU H 171 -24.39 -43.44 7.93
N ILE H 172 -24.33 -44.64 7.37
CA ILE H 172 -25.01 -45.80 7.93
C ILE H 172 -23.96 -46.87 8.16
N LEU H 173 -23.83 -47.33 9.40
CA LEU H 173 -22.83 -48.31 9.78
C LEU H 173 -23.49 -49.68 9.93
N VAL H 174 -22.99 -50.66 9.19
CA VAL H 174 -23.54 -52.01 9.21
C VAL H 174 -22.46 -52.96 9.68
N SER H 175 -22.80 -53.80 10.66
CA SER H 175 -21.85 -54.79 11.15
C SER H 175 -21.58 -55.84 10.07
N VAL H 176 -20.29 -56.18 9.90
CA VAL H 176 -19.93 -57.21 8.93
C VAL H 176 -20.37 -58.58 9.43
N SER H 177 -20.22 -58.83 10.73
CA SER H 177 -20.48 -60.17 11.25
C SER H 177 -21.97 -60.48 11.33
N SER H 178 -22.79 -59.52 11.76
CA SER H 178 -24.20 -59.79 12.02
C SER H 178 -25.15 -59.12 11.04
N GLU H 179 -24.65 -58.29 10.13
CA GLU H 179 -25.45 -57.57 9.13
C GLU H 179 -26.55 -56.73 9.79
N ARG H 180 -26.16 -55.98 10.81
CA ARG H 180 -27.08 -55.16 11.59
C ARG H 180 -26.60 -53.72 11.61
N TYR H 181 -27.55 -52.79 11.50
CA TYR H 181 -27.24 -51.38 11.61
C TYR H 181 -26.93 -50.98 13.04
N LEU H 182 -26.00 -50.05 13.20
CA LEU H 182 -25.83 -49.35 14.47
C LEU H 182 -26.99 -48.39 14.65
N HIS H 183 -27.78 -48.58 15.70
CA HIS H 183 -29.12 -48.03 15.77
C HIS H 183 -29.38 -47.41 17.14
N LEU H 184 -30.09 -46.28 17.12
CA LEU H 184 -30.51 -45.58 18.32
C LEU H 184 -31.91 -46.05 18.70
N SER H 185 -32.06 -46.48 19.95
CA SER H 185 -33.34 -46.92 20.48
C SER H 185 -33.83 -45.93 21.52
N VAL H 186 -35.08 -45.48 21.36
CA VAL H 186 -35.73 -44.57 22.30
C VAL H 186 -36.89 -45.31 22.95
N SER H 187 -36.92 -45.29 24.28
CA SER H 187 -37.96 -46.01 25.03
C SER H 187 -38.30 -45.21 26.28
N ASN H 188 -39.45 -44.54 26.27
CA ASN H 188 -39.97 -43.77 27.40
C ASN H 188 -38.98 -42.69 27.85
N GLY H 189 -38.31 -42.07 26.89
CA GLY H 189 -37.31 -41.07 27.18
C GLY H 189 -35.91 -41.61 27.35
N ASN H 190 -35.76 -42.92 27.57
CA ASN H 190 -34.45 -43.54 27.67
C ASN H 190 -33.86 -43.70 26.28
N VAL H 191 -32.55 -43.48 26.17
CA VAL H 191 -31.83 -43.46 24.91
C VAL H 191 -30.69 -44.47 25.00
N GLN H 192 -30.66 -45.42 24.07
CA GLN H 192 -29.64 -46.47 24.07
C GLN H 192 -29.18 -46.72 22.64
N VAL H 193 -28.10 -47.48 22.50
CA VAL H 193 -27.51 -47.81 21.22
C VAL H 193 -27.33 -49.32 21.12
N ASP H 194 -27.73 -49.90 19.99
CA ASP H 194 -27.62 -51.34 19.81
C ASP H 194 -27.50 -51.65 18.32
N ALA H 195 -27.09 -52.89 18.02
CA ALA H 195 -27.05 -53.37 16.64
C ALA H 195 -28.40 -53.99 16.33
N SER H 196 -29.21 -53.27 15.56
CA SER H 196 -30.58 -53.66 15.26
C SER H 196 -30.77 -53.84 13.76
N PHE H 197 -31.97 -54.21 13.34
CA PHE H 197 -32.30 -54.30 11.93
C PHE H 197 -32.94 -53.03 11.39
N MET H 198 -33.09 -52.01 12.23
CA MET H 198 -33.53 -50.69 11.80
C MET H 198 -32.33 -49.76 11.71
N GLN H 199 -32.36 -48.86 10.73
CA GLN H 199 -31.20 -48.01 10.49
C GLN H 199 -31.31 -46.70 11.27
N THR H 200 -30.15 -46.07 11.46
CA THR H 200 -30.04 -44.79 12.13
C THR H 200 -28.86 -44.05 11.52
N LEU H 201 -29.06 -42.78 11.18
CA LEU H 201 -28.01 -41.97 10.57
C LEU H 201 -27.05 -41.46 11.63
N TRP H 202 -25.75 -41.46 11.29
CA TRP H 202 -24.71 -40.99 12.18
C TRP H 202 -23.89 -39.91 11.48
N ASN H 203 -23.55 -38.86 12.24
CA ASN H 203 -22.63 -37.83 11.77
C ASN H 203 -21.25 -38.11 12.35
N VAL H 204 -20.23 -37.97 11.52
CA VAL H 204 -18.86 -38.24 11.91
C VAL H 204 -18.12 -36.91 11.91
N HIS H 205 -18.02 -36.29 13.07
CA HIS H 205 -17.30 -35.03 13.22
C HIS H 205 -15.85 -35.31 13.58
N PRO H 206 -14.88 -34.89 12.78
CA PRO H 206 -13.48 -35.10 13.15
C PRO H 206 -13.07 -34.17 14.28
N THR H 207 -12.39 -34.73 15.27
CA THR H 207 -11.83 -33.92 16.35
C THR H 207 -10.36 -33.63 16.15
N CYS H 208 -9.62 -34.51 15.51
CA CYS H 208 -8.20 -34.27 15.26
C CYS H 208 -7.79 -34.98 13.99
N SER H 209 -7.33 -34.21 13.00
CA SER H 209 -6.83 -34.79 11.76
C SER H 209 -5.47 -35.44 12.00
N GLY H 210 -5.28 -36.62 11.44
CA GLY H 210 -4.05 -37.36 11.60
C GLY H 210 -2.90 -36.91 10.74
N SER H 211 -3.13 -35.97 9.82
CA SER H 211 -2.05 -35.46 8.99
C SER H 211 -1.06 -34.64 9.82
N SER H 212 -1.57 -33.83 10.75
CA SER H 212 -0.70 -33.02 11.60
C SER H 212 -0.14 -33.89 12.72
N ILE H 213 1.18 -33.99 12.79
CA ILE H 213 1.83 -34.81 13.80
C ILE H 213 2.82 -33.95 14.58
N GLU H 214 2.57 -32.65 14.62
CA GLU H 214 3.43 -31.74 15.38
C GLU H 214 3.24 -31.96 16.88
N GLU H 215 4.34 -31.85 17.61
CA GLU H 215 4.33 -32.04 19.05
C GLU H 215 4.87 -30.79 19.74
N GLY H 216 4.67 -30.73 21.05
CA GLY H 216 5.15 -29.63 21.85
C GLY H 216 4.19 -28.46 21.98
N TYR H 217 3.04 -28.51 21.32
CA TYR H 217 2.09 -27.42 21.35
C TYR H 217 0.76 -27.91 21.94
N LEU H 218 0.07 -26.98 22.61
CA LEU H 218 -1.13 -27.33 23.36
C LEU H 218 -2.29 -27.63 22.41
N LEU H 219 -2.76 -28.87 22.43
CA LEU H 219 -3.96 -29.27 21.72
C LEU H 219 -5.11 -29.41 22.70
N GLY H 220 -6.33 -29.35 22.18
CA GLY H 220 -7.49 -29.53 23.02
C GLY H 220 -7.64 -30.97 23.48
N GLY H 221 -8.19 -31.13 24.67
CA GLY H 221 -8.30 -32.45 25.27
C GLY H 221 -7.03 -33.01 25.84
N HIS H 222 -5.98 -32.20 25.95
CA HIS H 222 -4.73 -32.62 26.55
C HIS H 222 -4.81 -32.52 28.07
N VAL H 223 -4.09 -33.43 28.73
CA VAL H 223 -4.00 -33.43 30.19
C VAL H 223 -2.66 -32.83 30.57
N VAL H 224 -2.68 -31.74 31.34
CA VAL H 224 -1.50 -30.92 31.58
C VAL H 224 -1.35 -30.64 33.06
N ARG H 225 -0.14 -30.25 33.44
CA ARG H 225 0.19 -29.66 34.73
C ARG H 225 0.56 -28.21 34.53
N LEU H 226 0.05 -27.35 35.41
CA LEU H 226 0.24 -25.90 35.32
C LEU H 226 1.24 -25.49 36.40
N PHE H 227 2.52 -25.51 36.05
CA PHE H 227 3.57 -25.17 37.01
C PHE H 227 3.67 -23.66 37.20
N HIS H 228 3.79 -23.25 38.45
CA HIS H 228 4.00 -21.85 38.82
C HIS H 228 5.49 -21.68 39.08
N GLY H 229 6.19 -21.13 38.11
CA GLY H 229 7.65 -21.03 38.19
C GLY H 229 8.33 -22.32 37.70
N HIS H 230 8.97 -23.03 38.61
CA HIS H 230 9.66 -24.27 38.27
C HIS H 230 9.38 -25.43 39.20
N ASP H 231 8.89 -25.19 40.41
CA ASP H 231 8.62 -26.24 41.37
C ASP H 231 7.16 -26.32 41.80
N GLU H 232 6.51 -25.18 42.00
CA GLU H 232 5.12 -25.18 42.42
C GLU H 232 4.22 -25.64 41.28
N CYS H 233 3.04 -26.15 41.66
CA CYS H 233 2.04 -26.56 40.68
C CYS H 233 0.66 -26.44 41.30
N LEU H 234 -0.35 -26.45 40.43
CA LEU H 234 -1.74 -26.28 40.83
C LEU H 234 -2.28 -27.63 41.31
N THR H 235 -2.78 -27.68 42.54
CA THR H 235 -3.20 -28.93 43.15
C THR H 235 -4.40 -28.69 44.05
N ILE H 236 -4.95 -29.79 44.57
CA ILE H 236 -5.98 -29.77 45.60
C ILE H 236 -5.50 -30.65 46.74
N PRO H 237 -6.02 -30.43 47.97
CA PRO H 237 -5.54 -31.23 49.11
C PRO H 237 -5.79 -32.72 49.01
N SER H 238 -6.95 -33.16 48.51
CA SER H 238 -7.26 -34.58 48.58
C SER H 238 -8.23 -34.97 47.47
N THR H 239 -8.08 -36.20 46.99
CA THR H 239 -9.00 -36.77 46.01
C THR H 239 -10.32 -37.19 46.66
N ASP H 240 -10.26 -37.67 47.90
CA ASP H 240 -11.44 -38.19 48.59
C ASP H 240 -12.45 -37.07 48.83
N GLN H 241 -13.65 -37.25 48.29
CA GLN H 241 -14.67 -36.21 48.30
C GLN H 241 -15.47 -36.18 49.60
N ASN H 242 -15.20 -37.08 50.53
CA ASN H 242 -15.77 -36.95 51.87
C ASN H 242 -15.12 -35.81 52.64
N ASP H 243 -13.88 -35.48 52.31
CA ASP H 243 -13.23 -34.31 52.88
C ASP H 243 -13.91 -33.04 52.37
N ALA H 244 -14.16 -32.10 53.28
CA ALA H 244 -14.87 -30.88 52.93
C ALA H 244 -13.98 -29.84 52.28
N GLN H 245 -12.65 -29.98 52.38
CA GLN H 245 -11.71 -29.01 51.84
C GLN H 245 -11.00 -29.53 50.59
N HIS H 246 -11.60 -30.49 49.89
CA HIS H 246 -11.00 -31.02 48.67
C HIS H 246 -11.29 -30.18 47.44
N ARG H 247 -12.08 -29.12 47.58
CA ARG H 247 -12.44 -28.26 46.46
C ARG H 247 -11.60 -26.99 46.39
N ARG H 248 -10.67 -26.81 47.32
CA ARG H 248 -9.82 -25.63 47.31
C ARG H 248 -8.56 -25.88 46.49
N ILE H 249 -8.03 -24.82 45.90
CA ILE H 249 -6.98 -24.88 44.91
C ILE H 249 -5.75 -24.19 45.45
N PHE H 250 -4.59 -24.86 45.38
CA PHE H 250 -3.37 -24.34 45.96
C PHE H 250 -2.21 -24.46 44.97
N TYR H 251 -1.24 -23.58 45.15
CA TYR H 251 0.10 -23.74 44.58
C TYR H 251 0.94 -24.49 45.61
N GLU H 252 1.28 -25.73 45.30
CA GLU H 252 2.05 -26.57 46.20
C GLU H 252 3.35 -27.01 45.52
N ALA H 253 4.41 -27.13 46.30
CA ALA H 253 5.71 -27.52 45.80
C ALA H 253 6.25 -28.69 46.61
N GLY H 254 6.84 -29.66 45.91
CA GLY H 254 7.44 -30.79 46.55
C GLY H 254 6.57 -32.02 46.51
N GLY H 255 6.83 -32.92 45.56
CA GLY H 255 6.05 -34.12 45.39
C GLY H 255 4.72 -33.95 44.68
N ALA H 256 4.17 -32.74 44.65
CA ALA H 256 2.87 -32.51 44.03
C ALA H 256 2.94 -32.54 42.51
N GLY H 257 4.12 -32.33 41.93
CA GLY H 257 4.28 -32.37 40.50
C GLY H 257 4.34 -33.73 39.88
N THR H 258 4.31 -34.79 40.70
CA THR H 258 4.33 -36.16 40.21
C THR H 258 3.06 -36.93 40.59
N ARG H 259 2.12 -36.30 41.29
CA ARG H 259 0.89 -36.96 41.69
C ARG H 259 -0.18 -36.80 40.61
N ALA H 260 -1.33 -37.41 40.84
CA ALA H 260 -2.46 -37.34 39.93
C ALA H 260 -3.45 -36.25 40.31
N ARG H 261 -3.24 -35.55 41.42
CA ARG H 261 -4.07 -34.42 41.78
C ARG H 261 -3.67 -33.13 41.07
N SER H 262 -2.53 -33.13 40.40
CA SER H 262 -2.05 -31.96 39.67
C SER H 262 -2.41 -32.03 38.18
N LEU H 263 -3.29 -32.94 37.80
CA LEU H 263 -3.61 -33.17 36.41
C LEU H 263 -4.93 -32.51 36.04
N TRP H 264 -4.91 -31.69 34.99
CA TRP H 264 -6.08 -30.99 34.51
C TRP H 264 -6.23 -31.22 33.01
N ARG H 265 -7.46 -31.41 32.57
CA ARG H 265 -7.74 -31.53 31.14
C ARG H 265 -8.28 -30.20 30.62
N VAL H 266 -7.73 -29.77 29.49
CA VAL H 266 -8.14 -28.55 28.80
C VAL H 266 -9.22 -28.93 27.79
N GLU H 267 -10.44 -28.48 28.03
CA GLU H 267 -11.57 -28.87 27.21
C GLU H 267 -12.13 -27.67 26.47
N PRO H 268 -11.93 -27.55 25.16
CA PRO H 268 -12.50 -26.43 24.42
C PRO H 268 -14.01 -26.50 24.35
N LEU H 269 -14.63 -25.34 24.14
CA LEU H 269 -16.09 -25.24 24.05
C LEU H 269 -16.60 -25.53 22.64
N ARG H 270 -16.21 -26.68 22.11
CA ARG H 270 -16.61 -27.11 20.78
C ARG H 270 -16.59 -28.62 20.72
N ILE H 271 -17.35 -29.18 19.78
CA ILE H 271 -17.43 -30.62 19.60
C ILE H 271 -16.61 -31.06 18.39
N SER H 272 -16.76 -30.37 17.27
CA SER H 272 -15.93 -30.63 16.10
C SER H 272 -14.61 -29.90 16.24
N TRP H 273 -13.53 -30.60 15.88
CA TRP H 273 -12.15 -30.09 15.95
C TRP H 273 -11.79 -29.64 17.37
N SER H 274 -12.26 -30.40 18.36
CA SER H 274 -11.93 -30.12 19.75
C SER H 274 -10.57 -30.66 20.15
N GLY H 275 -9.89 -31.39 19.28
CA GLY H 275 -8.55 -31.86 19.55
C GLY H 275 -7.51 -31.05 18.80
N SER H 276 -7.90 -29.87 18.34
CA SER H 276 -7.03 -29.03 17.52
C SER H 276 -6.23 -28.09 18.41
N ASN H 277 -5.48 -27.18 17.80
CA ASN H 277 -4.60 -26.28 18.54
C ASN H 277 -5.39 -25.25 19.32
N ILE H 278 -4.93 -24.98 20.53
CA ILE H 278 -5.52 -23.94 21.39
C ILE H 278 -4.79 -22.63 21.13
N ARG H 279 -5.53 -21.58 20.85
CA ARG H 279 -4.98 -20.27 20.58
C ARG H 279 -4.99 -19.41 21.85
N TRP H 280 -4.34 -18.25 21.76
CA TRP H 280 -4.42 -17.27 22.83
C TRP H 280 -5.80 -16.65 22.86
N GLY H 281 -6.40 -16.56 24.04
CA GLY H 281 -7.71 -15.98 24.19
C GLY H 281 -8.87 -16.90 23.89
N GLN H 282 -8.61 -18.18 23.61
CA GLN H 282 -9.68 -19.13 23.35
C GLN H 282 -10.24 -19.68 24.66
N ALA H 283 -11.57 -19.76 24.73
CA ALA H 283 -12.23 -20.24 25.93
C ALA H 283 -12.09 -21.74 26.08
N PHE H 284 -11.97 -22.20 27.32
CA PHE H 284 -11.95 -23.63 27.62
C PHE H 284 -12.42 -23.83 29.05
N ARG H 285 -12.57 -25.10 29.43
CA ARG H 285 -12.78 -25.51 30.81
C ARG H 285 -11.59 -26.33 31.27
N LEU H 286 -11.26 -26.22 32.55
CA LEU H 286 -10.23 -27.03 33.17
C LEU H 286 -10.90 -28.05 34.07
N ARG H 287 -10.78 -29.33 33.72
CA ARG H 287 -11.38 -30.40 34.50
C ARG H 287 -10.31 -31.12 35.32
N HIS H 288 -10.58 -31.30 36.61
CA HIS H 288 -9.68 -32.05 37.46
C HIS H 288 -9.96 -33.55 37.28
N ILE H 289 -8.90 -34.32 37.01
CA ILE H 289 -9.10 -35.69 36.54
C ILE H 289 -9.54 -36.61 37.68
N THR H 290 -8.90 -36.50 38.85
CA THR H 290 -9.20 -37.45 39.91
C THR H 290 -10.50 -37.15 40.65
N THR H 291 -11.06 -35.96 40.51
CA THR H 291 -12.33 -35.63 41.12
C THR H 291 -13.47 -35.48 40.13
N GLY H 292 -13.18 -35.05 38.91
CA GLY H 292 -14.23 -34.77 37.94
C GLY H 292 -14.87 -33.42 38.07
N HIS H 293 -14.29 -32.52 38.87
CA HIS H 293 -14.83 -31.19 39.09
C HIS H 293 -14.16 -30.19 38.18
N TYR H 294 -14.81 -29.05 38.00
CA TYR H 294 -14.34 -28.01 37.08
C TYR H 294 -13.95 -26.77 37.87
N LEU H 295 -12.86 -26.15 37.45
CA LEU H 295 -12.45 -24.87 38.01
C LEU H 295 -13.50 -23.81 37.68
N ALA H 296 -13.92 -23.05 38.69
CA ALA H 296 -15.06 -22.17 38.51
C ALA H 296 -14.98 -20.99 39.46
N LEU H 297 -15.71 -19.94 39.10
CA LEU H 297 -15.98 -18.79 39.97
C LEU H 297 -17.36 -19.04 40.57
N THR H 298 -17.40 -19.53 41.79
CA THR H 298 -18.66 -19.83 42.45
C THR H 298 -19.34 -18.55 42.92
N GLU H 299 -20.63 -18.66 43.22
CA GLU H 299 -21.40 -17.49 43.64
C GLU H 299 -20.99 -17.03 45.04
N ASP H 300 -20.89 -17.96 45.98
CA ASP H 300 -20.55 -17.60 47.35
C ASP H 300 -19.05 -17.42 47.53
N GLN H 301 -18.28 -18.47 47.28
CA GLN H 301 -16.83 -18.42 47.42
C GLN H 301 -16.22 -17.85 46.15
N GLY H 302 -14.90 -17.86 46.06
CA GLY H 302 -14.22 -17.37 44.88
C GLY H 302 -13.87 -18.46 43.90
N LEU H 303 -12.58 -18.67 43.66
CA LEU H 303 -12.15 -19.76 42.78
C LEU H 303 -12.28 -21.09 43.52
N LEU H 304 -12.99 -22.04 42.90
CA LEU H 304 -13.32 -23.27 43.59
C LEU H 304 -13.58 -24.36 42.56
N LEU H 305 -13.46 -25.61 42.99
CA LEU H 305 -13.92 -26.73 42.18
C LEU H 305 -15.42 -26.87 42.31
N GLN H 306 -16.09 -27.10 41.19
CA GLN H 306 -17.54 -27.17 41.15
C GLN H 306 -17.96 -28.47 40.46
N ASP H 307 -19.13 -28.97 40.85
CA ASP H 307 -19.67 -30.19 40.27
C ASP H 307 -19.98 -30.01 38.79
N ARG H 308 -19.98 -31.13 38.07
CA ARG H 308 -20.27 -31.10 36.65
C ARG H 308 -21.71 -30.68 36.37
N ALA H 309 -22.63 -30.99 37.28
CA ALA H 309 -24.04 -30.66 37.08
C ALA H 309 -24.31 -29.17 37.19
N LYS H 310 -23.37 -28.39 37.75
CA LYS H 310 -23.54 -26.95 37.91
C LYS H 310 -22.53 -26.14 37.11
N SER H 311 -21.69 -26.80 36.30
CA SER H 311 -20.61 -26.13 35.60
C SER H 311 -21.12 -25.57 34.28
N ASP H 312 -21.78 -24.42 34.36
CA ASP H 312 -22.21 -23.71 33.16
C ASP H 312 -21.02 -22.98 32.56
N THR H 313 -21.25 -22.37 31.40
CA THR H 313 -20.17 -21.71 30.68
C THR H 313 -19.71 -20.44 31.39
N LYS H 314 -20.66 -19.69 31.98
CA LYS H 314 -20.32 -18.44 32.65
C LYS H 314 -19.43 -18.68 33.87
N SER H 315 -19.70 -19.75 34.62
CA SER H 315 -18.86 -20.07 35.78
C SER H 315 -17.50 -20.62 35.33
N THR H 316 -17.50 -21.53 34.36
CA THR H 316 -16.30 -22.25 33.95
C THR H 316 -15.90 -21.77 32.55
N ALA H 317 -15.07 -20.74 32.49
CA ALA H 317 -14.53 -20.24 31.23
C ALA H 317 -13.23 -19.53 31.52
N PHE H 318 -12.12 -20.11 31.06
CA PHE H 318 -10.81 -19.54 31.29
C PHE H 318 -10.05 -19.51 29.97
N SER H 319 -9.16 -18.54 29.85
CA SER H 319 -8.36 -18.39 28.63
C SER H 319 -6.90 -18.15 29.00
N PHE H 320 -6.02 -18.51 28.09
CA PHE H 320 -4.59 -18.28 28.23
C PHE H 320 -4.23 -17.01 27.48
N ARG H 321 -3.61 -16.06 28.19
CA ARG H 321 -3.19 -14.79 27.62
C ARG H 321 -1.68 -14.70 27.62
N ALA H 322 -1.13 -14.09 26.58
CA ALA H 322 0.33 -13.93 26.51
C ALA H 322 0.82 -12.90 27.51
N SER H 323 0.00 -11.88 27.81
CA SER H 323 0.38 -10.85 28.75
C SER H 323 -0.88 -10.21 29.30
N LYS H 324 -0.73 -9.43 30.37
CA LYS H 324 -1.82 -8.68 30.96
C LYS H 324 -1.97 -7.30 30.33
N GLU H 325 -2.07 -7.27 29.00
CA GLU H 325 -2.14 -6.02 28.24
C GLU H 325 -3.37 -6.08 27.35
N ILE H 326 -4.50 -5.57 27.85
CA ILE H 326 -5.74 -5.54 27.09
C ILE H 326 -5.74 -4.36 26.12
N ARG H 336 -11.14 -16.87 15.44
CA ARG H 336 -12.48 -17.45 15.43
C ARG H 336 -12.41 -18.98 15.46
N ASP H 337 -13.58 -19.62 15.53
CA ASP H 337 -13.68 -21.07 15.57
C ASP H 337 -13.59 -21.61 14.15
N ILE H 338 -12.36 -21.75 13.66
CA ILE H 338 -12.16 -22.22 12.30
C ILE H 338 -12.32 -23.74 12.25
N GLU H 339 -12.59 -24.24 11.04
CA GLU H 339 -12.86 -25.66 10.82
C GLU H 339 -11.57 -26.34 10.36
N GLY H 340 -10.69 -26.58 11.33
CA GLY H 340 -9.44 -27.25 11.01
C GLY H 340 -8.55 -27.35 12.23
N MET H 341 -7.33 -27.84 12.01
CA MET H 341 -6.37 -27.98 13.10
C MET H 341 -5.83 -26.65 13.59
N GLY H 342 -5.99 -25.58 12.82
CA GLY H 342 -5.53 -24.29 13.28
C GLY H 342 -4.02 -24.16 13.21
N VAL H 343 -3.52 -23.16 13.92
CA VAL H 343 -2.08 -22.88 13.94
C VAL H 343 -1.57 -23.03 15.38
N PRO H 344 -0.39 -23.63 15.57
CA PRO H 344 0.14 -23.80 16.93
C PRO H 344 0.61 -22.47 17.51
N GLU H 345 0.05 -22.11 18.67
CA GLU H 345 0.41 -20.86 19.33
C GLU H 345 1.01 -21.09 20.71
N ILE H 346 0.36 -21.85 21.57
CA ILE H 346 0.83 -22.08 22.93
C ILE H 346 1.74 -23.30 22.93
N LYS H 347 2.91 -23.17 23.55
CA LYS H 347 3.92 -24.21 23.52
C LYS H 347 4.15 -24.77 24.92
N TYR H 348 4.45 -26.05 24.99
CA TYR H 348 4.74 -26.71 26.27
C TYR H 348 6.14 -26.36 26.73
N GLY H 349 6.26 -25.88 27.96
CA GLY H 349 7.54 -25.65 28.59
C GLY H 349 8.21 -24.34 28.25
N ASP H 350 7.71 -23.61 27.25
CA ASP H 350 8.31 -22.35 26.82
C ASP H 350 7.39 -21.17 27.00
N SER H 351 6.14 -21.28 26.55
CA SER H 351 5.20 -20.17 26.64
C SER H 351 4.78 -19.95 28.09
N VAL H 352 4.69 -18.68 28.47
CA VAL H 352 4.21 -18.28 29.79
C VAL H 352 2.77 -17.82 29.63
N CYS H 353 1.84 -18.53 30.26
CA CYS H 353 0.41 -18.33 30.06
C CYS H 353 -0.20 -17.68 31.30
N PHE H 354 -0.99 -16.64 31.08
CA PHE H 354 -1.75 -16.00 32.14
C PHE H 354 -3.19 -16.46 32.05
N VAL H 355 -3.68 -17.10 33.11
CA VAL H 355 -5.03 -17.63 33.10
C VAL H 355 -5.99 -16.50 33.48
N GLN H 356 -6.98 -16.27 32.63
CA GLN H 356 -7.95 -15.21 32.84
C GLN H 356 -9.36 -15.77 32.76
N HIS H 357 -10.16 -15.48 33.78
CA HIS H 357 -11.58 -15.78 33.72
C HIS H 357 -12.25 -14.85 32.72
N ILE H 358 -13.19 -15.38 31.96
CA ILE H 358 -13.75 -14.64 30.82
C ILE H 358 -14.99 -13.85 31.21
N ALA H 359 -15.92 -14.46 31.96
CA ALA H 359 -17.14 -13.77 32.34
C ALA H 359 -16.91 -12.67 33.37
N SER H 360 -15.74 -12.59 33.98
CA SER H 360 -15.43 -11.55 34.95
C SER H 360 -14.18 -10.74 34.63
N GLY H 361 -13.24 -11.26 33.86
CA GLY H 361 -12.01 -10.56 33.57
C GLY H 361 -10.94 -10.69 34.62
N LEU H 362 -11.16 -11.50 35.66
CA LEU H 362 -10.21 -11.65 36.75
C LEU H 362 -9.02 -12.51 36.31
N TRP H 363 -7.97 -12.47 37.12
CA TRP H 363 -6.75 -13.21 36.87
C TRP H 363 -6.52 -14.22 37.98
N VAL H 364 -6.00 -15.38 37.63
CA VAL H 364 -5.72 -16.45 38.59
C VAL H 364 -4.39 -16.12 39.27
N THR H 365 -4.46 -15.68 40.52
CA THR H 365 -3.29 -15.26 41.29
C THR H 365 -3.17 -16.11 42.54
N TYR H 366 -2.10 -15.88 43.29
CA TYR H 366 -1.89 -16.52 44.58
C TYR H 366 -2.12 -15.50 45.70
N LYS H 367 -2.80 -15.93 46.74
CA LYS H 367 -3.00 -15.07 47.90
C LYS H 367 -1.69 -14.89 48.65
N ALA H 368 -1.35 -13.64 48.96
CA ALA H 368 -0.07 -13.35 49.59
C ALA H 368 -0.07 -13.81 51.04
N GLN H 369 0.98 -14.54 51.41
CA GLN H 369 1.11 -15.08 52.76
C GLN H 369 1.73 -14.06 53.71
N PRO H 378 3.64 -26.08 54.78
CA PRO H 378 4.82 -25.86 53.93
C PRO H 378 4.59 -24.73 52.94
N LEU H 379 5.27 -24.79 51.80
CA LEU H 379 5.06 -23.84 50.71
C LEU H 379 3.76 -24.23 50.02
N LYS H 380 2.66 -23.59 50.45
CA LYS H 380 1.32 -23.93 49.98
C LYS H 380 0.52 -22.63 49.94
N ARG H 381 0.42 -22.05 48.76
CA ARG H 381 -0.24 -20.76 48.58
C ARG H 381 -1.68 -20.95 48.12
N LYS H 382 -2.60 -20.21 48.72
CA LYS H 382 -3.98 -20.25 48.29
C LYS H 382 -4.13 -19.51 46.96
N VAL H 383 -4.95 -20.07 46.07
CA VAL H 383 -5.14 -19.56 44.72
C VAL H 383 -6.50 -18.87 44.64
N ILE H 384 -6.50 -17.62 44.18
CA ILE H 384 -7.68 -16.77 44.15
C ILE H 384 -7.80 -16.15 42.76
N LEU H 385 -8.89 -15.41 42.56
CA LEU H 385 -9.11 -14.60 41.37
C LEU H 385 -9.07 -13.13 41.77
N HIS H 386 -8.15 -12.37 41.20
CA HIS H 386 -7.92 -10.99 41.57
C HIS H 386 -7.97 -10.10 40.34
N GLN H 387 -8.37 -8.85 40.54
CA GLN H 387 -8.53 -7.92 39.43
C GLN H 387 -7.17 -7.54 38.82
N GLU H 388 -6.21 -7.19 39.66
CA GLU H 388 -4.91 -6.71 39.20
C GLU H 388 -3.87 -7.82 39.21
N GLY H 389 -3.67 -8.47 40.35
CA GLY H 389 -2.75 -9.58 40.44
C GLY H 389 -1.31 -9.18 40.63
N HIS H 390 -0.44 -10.17 40.56
CA HIS H 390 0.99 -10.00 40.74
C HIS H 390 1.70 -10.05 39.40
N MET H 391 3.00 -9.80 39.43
CA MET H 391 3.82 -9.80 38.22
C MET H 391 4.41 -11.16 37.89
N ASP H 392 4.13 -12.18 38.72
CA ASP H 392 4.60 -13.54 38.47
C ASP H 392 3.43 -14.52 38.46
N ASP H 393 2.30 -14.10 37.89
CA ASP H 393 1.13 -14.95 37.81
C ASP H 393 1.18 -15.94 36.66
N GLY H 394 2.19 -15.85 35.80
CA GLY H 394 2.23 -16.69 34.62
C GLY H 394 2.52 -18.15 34.96
N LEU H 395 1.91 -19.04 34.18
CA LEU H 395 2.01 -20.48 34.39
C LEU H 395 2.64 -21.13 33.17
N THR H 396 3.34 -22.23 33.42
CA THR H 396 4.00 -23.00 32.37
C THR H 396 3.31 -24.36 32.27
N LEU H 397 2.93 -24.75 31.06
CA LEU H 397 2.23 -26.00 30.84
C LEU H 397 3.24 -27.12 30.62
N GLN H 398 2.94 -28.29 31.20
CA GLN H 398 3.72 -29.49 30.94
C GLN H 398 2.76 -30.64 30.68
N ARG H 399 2.94 -31.33 29.56
CA ARG H 399 2.07 -32.44 29.22
C ARG H 399 2.49 -33.69 29.97
N CYS H 400 1.51 -34.42 30.49
CA CYS H 400 1.77 -35.66 31.22
C CYS H 400 1.78 -36.84 30.25
N GLN H 401 2.15 -38.00 30.78
CA GLN H 401 2.15 -39.22 29.98
C GLN H 401 0.75 -39.81 29.92
N ARG H 402 0.57 -40.74 28.98
CA ARG H 402 -0.74 -41.38 28.80
C ARG H 402 -1.09 -42.28 29.98
N GLU H 403 -0.08 -42.95 30.55
CA GLU H 403 -0.31 -43.85 31.68
C GLU H 403 -0.81 -43.08 32.90
N GLU H 404 -0.27 -41.89 33.15
CA GLU H 404 -0.70 -41.11 34.30
C GLU H 404 -2.14 -40.64 34.18
N SER H 405 -2.54 -40.15 33.01
CA SER H 405 -3.91 -39.67 32.84
C SER H 405 -4.91 -40.82 32.82
N GLN H 406 -4.53 -41.95 32.20
CA GLN H 406 -5.38 -43.14 32.23
C GLN H 406 -5.55 -43.65 33.66
N ALA H 407 -4.46 -43.67 34.43
CA ALA H 407 -4.52 -44.09 35.83
C ALA H 407 -5.37 -43.14 36.65
N ALA H 408 -5.30 -41.84 36.36
CA ALA H 408 -6.09 -40.87 37.12
C ALA H 408 -7.58 -41.02 36.84
N ARG H 409 -7.96 -41.27 35.59
CA ARG H 409 -9.37 -41.50 35.30
C ARG H 409 -9.86 -42.81 35.91
N ILE H 410 -9.02 -43.85 35.87
CA ILE H 410 -9.37 -45.12 36.52
C ILE H 410 -9.51 -44.92 38.03
N ILE H 411 -8.66 -44.07 38.61
CA ILE H 411 -8.73 -43.75 40.03
C ILE H 411 -10.06 -43.07 40.36
N ARG H 412 -10.48 -42.12 39.52
CA ARG H 412 -11.75 -41.44 39.78
C ARG H 412 -12.93 -42.39 39.70
N ASN H 413 -12.97 -43.23 38.66
CA ASN H 413 -14.08 -44.16 38.49
C ASN H 413 -14.11 -45.19 39.62
N THR H 414 -12.95 -45.74 39.99
CA THR H 414 -12.88 -46.73 41.06
C THR H 414 -13.23 -46.12 42.40
N THR H 415 -12.80 -44.87 42.64
CA THR H 415 -13.15 -44.19 43.88
C THR H 415 -14.66 -43.96 43.98
N ALA H 416 -15.29 -43.56 42.88
CA ALA H 416 -16.75 -43.38 42.88
C ALA H 416 -17.47 -44.69 43.15
N LEU H 417 -17.04 -45.77 42.48
CA LEU H 417 -17.70 -47.06 42.64
C LEU H 417 -17.52 -47.60 44.06
N PHE H 418 -16.31 -47.54 44.61
CA PHE H 418 -16.07 -48.08 45.94
C PHE H 418 -16.67 -47.20 47.02
N SER H 419 -16.77 -45.89 46.79
CA SER H 419 -17.42 -45.01 47.76
C SER H 419 -18.93 -45.25 47.78
N GLN H 420 -19.53 -45.52 46.62
CA GLN H 420 -20.94 -45.88 46.64
C GLN H 420 -21.16 -47.29 47.14
N PHE H 421 -20.13 -48.15 47.09
CA PHE H 421 -20.25 -49.48 47.66
C PHE H 421 -20.14 -49.47 49.17
N VAL H 422 -19.28 -48.61 49.73
CA VAL H 422 -19.16 -48.49 51.17
C VAL H 422 -20.42 -47.87 51.76
N SER H 423 -20.91 -46.80 51.15
CA SER H 423 -22.09 -46.04 51.58
C SER H 423 -21.99 -45.56 53.01
N THR H 433 -29.87 -52.11 43.47
CA THR H 433 -29.33 -51.46 44.66
C THR H 433 -27.84 -51.23 44.53
N LEU H 434 -27.07 -52.32 44.49
CA LEU H 434 -25.63 -52.26 44.34
C LEU H 434 -25.22 -53.00 43.07
N PRO H 435 -24.46 -52.38 42.18
CA PRO H 435 -24.10 -53.04 40.92
C PRO H 435 -23.04 -54.11 41.10
N ILE H 436 -23.48 -55.33 41.43
CA ILE H 436 -22.57 -56.43 41.75
C ILE H 436 -21.71 -56.80 40.55
N GLN H 437 -22.32 -56.87 39.37
CA GLN H 437 -21.58 -57.26 38.17
C GLN H 437 -20.55 -56.20 37.79
N GLU H 438 -20.89 -54.92 37.96
CA GLU H 438 -19.94 -53.85 37.71
C GLU H 438 -18.77 -53.91 38.68
N VAL H 439 -19.04 -54.24 39.95
CA VAL H 439 -17.98 -54.39 40.94
C VAL H 439 -17.07 -55.56 40.58
N LEU H 440 -17.65 -56.68 40.16
CA LEU H 440 -16.87 -57.85 39.78
C LEU H 440 -15.99 -57.56 38.57
N GLN H 441 -16.56 -56.92 37.54
CA GLN H 441 -15.80 -56.59 36.34
C GLN H 441 -14.69 -55.58 36.66
N THR H 442 -14.97 -54.58 37.50
CA THR H 442 -13.97 -53.61 37.89
C THR H 442 -12.84 -54.26 38.68
N LEU H 443 -13.16 -55.17 39.60
CA LEU H 443 -12.13 -55.85 40.38
C LEU H 443 -11.26 -56.74 39.51
N GLN H 444 -11.86 -57.47 38.57
CA GLN H 444 -11.07 -58.30 37.66
C GLN H 444 -10.19 -57.46 36.75
N ASP H 445 -10.72 -56.33 36.26
CA ASP H 445 -9.93 -55.44 35.41
C ASP H 445 -8.79 -54.80 36.18
N LEU H 446 -9.00 -54.46 37.46
CA LEU H 446 -7.93 -53.89 38.26
C LEU H 446 -6.88 -54.93 38.62
N ILE H 447 -7.27 -56.18 38.85
CA ILE H 447 -6.30 -57.23 39.10
C ILE H 447 -5.47 -57.50 37.84
N ALA H 448 -6.10 -57.47 36.67
CA ALA H 448 -5.34 -57.56 35.43
C ALA H 448 -4.51 -56.30 35.16
N TYR H 449 -4.88 -55.17 35.76
CA TYR H 449 -4.17 -53.92 35.56
C TYR H 449 -2.84 -53.90 36.30
N PHE H 450 -2.81 -54.43 37.52
CA PHE H 450 -1.60 -54.50 38.33
C PHE H 450 -0.88 -55.83 38.20
N GLN H 451 -1.00 -56.47 37.05
CA GLN H 451 -0.41 -57.78 36.84
C GLN H 451 1.10 -57.65 36.60
N PRO H 452 1.93 -58.39 37.33
CA PRO H 452 3.38 -58.34 37.10
C PRO H 452 3.73 -58.97 35.77
N PRO H 453 4.86 -58.57 35.17
CA PRO H 453 5.29 -59.22 33.92
C PRO H 453 5.72 -60.66 34.15
N GLU H 454 5.57 -61.46 33.10
CA GLU H 454 5.92 -62.88 33.18
C GLU H 454 7.43 -63.05 33.30
N GLU H 455 7.82 -64.17 33.93
CA GLU H 455 9.24 -64.41 34.21
C GLU H 455 10.05 -64.73 32.96
N GLU H 456 9.40 -65.20 31.90
CA GLU H 456 10.09 -65.55 30.66
C GLU H 456 10.28 -64.37 29.73
N MET H 457 9.86 -63.18 30.13
CA MET H 457 10.01 -61.99 29.31
C MET H 457 11.48 -61.57 29.25
N GLN H 458 11.81 -60.82 28.19
CA GLN H 458 13.16 -60.29 28.05
C GLN H 458 13.44 -59.28 29.16
N HIS H 459 14.72 -59.16 29.52
CA HIS H 459 15.11 -58.44 30.73
C HIS H 459 14.75 -56.96 30.67
N GLU H 460 15.01 -56.31 29.54
CA GLU H 460 14.74 -54.88 29.44
C GLU H 460 13.25 -54.59 29.41
N ASP H 461 12.48 -55.41 28.68
CA ASP H 461 11.03 -55.27 28.67
C ASP H 461 10.45 -55.56 30.05
N LYS H 462 10.99 -56.56 30.75
CA LYS H 462 10.54 -56.86 32.10
C LYS H 462 10.81 -55.70 33.05
N GLN H 463 11.98 -55.06 32.92
CA GLN H 463 12.30 -53.93 33.79
C GLN H 463 11.43 -52.72 33.47
N ASN H 464 11.13 -52.49 32.19
CA ASN H 464 10.22 -51.41 31.81
C ASN H 464 8.82 -51.63 32.37
N LYS H 465 8.32 -52.87 32.29
CA LYS H 465 6.99 -53.16 32.82
C LYS H 465 6.97 -53.09 34.34
N LEU H 466 8.05 -53.50 35.01
CA LEU H 466 8.14 -53.34 36.46
C LEU H 466 8.15 -51.87 36.86
N ARG H 467 8.84 -51.03 36.08
CA ARG H 467 8.87 -49.59 36.35
C ARG H 467 7.48 -48.98 36.20
N SER H 468 6.76 -49.35 35.13
CA SER H 468 5.41 -48.84 34.93
C SER H 468 4.46 -49.33 36.02
N LEU H 469 4.60 -50.60 36.44
CA LEU H 469 3.76 -51.14 37.50
C LEU H 469 4.01 -50.44 38.82
N LYS H 470 5.28 -50.15 39.13
CA LYS H 470 5.60 -49.42 40.36
C LYS H 470 5.05 -48.01 40.33
N ASN H 471 5.14 -47.34 39.16
CA ASN H 471 4.57 -46.00 39.03
C ASN H 471 3.06 -46.00 39.23
N ARG H 472 2.37 -46.99 38.66
CA ARG H 472 0.92 -47.06 38.83
C ARG H 472 0.52 -47.40 40.26
N GLN H 473 1.29 -48.28 40.92
CA GLN H 473 1.03 -48.58 42.32
C GLN H 473 1.22 -47.34 43.20
N ASN H 474 2.26 -46.56 42.93
CA ASN H 474 2.47 -45.32 43.68
C ASN H 474 1.36 -44.31 43.43
N LEU H 475 0.91 -44.21 42.18
CA LEU H 475 -0.20 -43.29 41.86
C LEU H 475 -1.47 -43.69 42.58
N PHE H 476 -1.78 -44.99 42.62
CA PHE H 476 -2.98 -45.43 43.31
C PHE H 476 -2.85 -45.29 44.83
N LYS H 477 -1.66 -45.49 45.38
CA LYS H 477 -1.48 -45.32 46.81
C LYS H 477 -1.59 -43.87 47.22
N GLU H 478 -1.10 -42.95 46.39
CA GLU H 478 -1.12 -41.53 46.74
C GLU H 478 -2.52 -40.94 46.75
N GLU H 479 -3.49 -41.61 46.14
CA GLU H 479 -4.87 -41.13 46.13
C GLU H 479 -5.74 -41.86 47.15
N GLY H 480 -5.12 -42.59 48.07
CA GLY H 480 -5.86 -43.29 49.12
C GLY H 480 -6.74 -44.42 48.64
N MET H 481 -6.23 -45.26 47.75
CA MET H 481 -6.99 -46.43 47.31
C MET H 481 -6.80 -47.63 48.23
N LEU H 482 -5.67 -47.72 48.93
CA LEU H 482 -5.48 -48.78 49.92
C LEU H 482 -6.48 -48.66 51.05
N ALA H 483 -6.67 -47.45 51.57
CA ALA H 483 -7.65 -47.22 52.62
C ALA H 483 -9.07 -47.47 52.12
N LEU H 484 -9.34 -47.14 50.86
CA LEU H 484 -10.65 -47.41 50.28
C LEU H 484 -10.92 -48.91 50.19
N VAL H 485 -9.91 -49.68 49.78
CA VAL H 485 -10.05 -51.14 49.73
C VAL H 485 -10.24 -51.71 51.14
N LEU H 486 -9.55 -51.13 52.13
CA LEU H 486 -9.73 -51.59 53.51
C LEU H 486 -11.14 -51.30 54.03
N ASN H 487 -11.68 -50.12 53.72
CA ASN H 487 -13.05 -49.82 54.12
C ASN H 487 -14.04 -50.70 53.39
N CYS H 488 -13.77 -51.04 52.13
CA CYS H 488 -14.63 -51.97 51.41
C CYS H 488 -14.60 -53.36 52.04
N ILE H 489 -13.42 -53.82 52.46
CA ILE H 489 -13.30 -55.11 53.11
C ILE H 489 -14.04 -55.13 54.45
N ASP H 490 -13.91 -54.05 55.23
CA ASP H 490 -14.62 -53.96 56.50
C ASP H 490 -16.13 -53.94 56.29
N ARG H 491 -16.60 -53.18 55.30
CA ARG H 491 -18.03 -53.12 55.00
C ARG H 491 -18.55 -54.47 54.53
N LEU H 492 -17.76 -55.18 53.71
CA LEU H 492 -18.16 -56.51 53.25
C LEU H 492 -18.22 -57.50 54.41
N ASN H 493 -17.30 -57.42 55.36
CA ASN H 493 -17.35 -58.31 56.50
C ASN H 493 -18.54 -58.01 57.40
N ILE H 494 -18.88 -56.73 57.55
CA ILE H 494 -20.07 -56.36 58.31
C ILE H 494 -21.34 -56.87 57.61
N TYR H 495 -21.40 -56.73 56.28
CA TYR H 495 -22.55 -57.23 55.53
C TYR H 495 -22.65 -58.75 55.59
N ASN H 496 -21.52 -59.45 55.47
CA ASN H 496 -21.53 -60.90 55.42
C ASN H 496 -21.79 -61.52 56.79
N SER H 497 -21.38 -60.83 57.87
CA SER H 497 -21.70 -61.32 59.20
C SER H 497 -23.20 -61.25 59.47
N VAL H 498 -23.85 -60.19 59.00
CA VAL H 498 -25.30 -60.04 59.18
C VAL H 498 -26.03 -60.84 58.11
N GLU H 508 -25.88 -67.72 44.54
CA GLU H 508 -26.54 -66.97 45.61
C GLU H 508 -25.84 -65.65 45.88
N SER H 509 -26.44 -64.83 46.74
CA SER H 509 -25.85 -63.54 47.09
C SER H 509 -24.60 -63.71 47.94
N GLY H 510 -24.58 -64.72 48.81
CA GLY H 510 -23.40 -64.96 49.64
C GLY H 510 -22.19 -65.40 48.82
N MET H 511 -22.43 -66.18 47.77
CA MET H 511 -21.35 -66.57 46.87
C MET H 511 -20.75 -65.37 46.16
N ALA H 512 -21.60 -64.46 45.70
CA ALA H 512 -21.11 -63.22 45.09
C ALA H 512 -20.36 -62.36 46.09
N TRP H 513 -20.86 -62.29 47.33
CA TRP H 513 -20.20 -61.50 48.37
C TRP H 513 -18.81 -62.05 48.70
N LYS H 514 -18.69 -63.38 48.83
CA LYS H 514 -17.38 -63.94 49.15
C LYS H 514 -16.44 -63.89 47.94
N GLU H 515 -16.99 -63.94 46.72
CA GLU H 515 -16.16 -63.75 45.53
C GLU H 515 -15.62 -62.32 45.46
N ILE H 516 -16.46 -61.33 45.79
CA ILE H 516 -16.01 -59.94 45.80
C ILE H 516 -14.97 -59.73 46.90
N LEU H 517 -15.16 -60.37 48.06
CA LEU H 517 -14.16 -60.27 49.13
C LEU H 517 -12.82 -60.89 48.73
N ASN H 518 -12.88 -62.05 48.06
CA ASN H 518 -11.64 -62.69 47.59
C ASN H 518 -10.94 -61.83 46.55
N LEU H 519 -11.71 -61.23 45.63
CA LEU H 519 -11.12 -60.32 44.65
C LEU H 519 -10.55 -59.08 45.31
N LEU H 520 -11.17 -58.61 46.39
CA LEU H 520 -10.63 -57.46 47.11
C LEU H 520 -9.29 -57.79 47.77
N TYR H 521 -9.18 -58.98 48.36
CA TYR H 521 -7.89 -59.39 48.93
C TYR H 521 -6.83 -59.55 47.84
N LYS H 522 -7.22 -60.10 46.69
CA LYS H 522 -6.28 -60.21 45.57
C LYS H 522 -5.85 -58.83 45.07
N LEU H 523 -6.79 -57.88 45.02
CA LEU H 523 -6.46 -56.52 44.61
C LEU H 523 -5.52 -55.84 45.59
N LEU H 524 -5.73 -56.04 46.89
CA LEU H 524 -4.82 -55.49 47.89
C LEU H 524 -3.42 -56.07 47.76
N ALA H 525 -3.34 -57.39 47.58
CA ALA H 525 -2.04 -58.03 47.40
C ALA H 525 -1.35 -57.55 46.13
N ALA H 526 -2.09 -57.38 45.04
CA ALA H 526 -1.51 -56.86 43.81
C ALA H 526 -1.10 -55.40 43.94
N LEU H 527 -1.80 -54.64 44.78
CA LEU H 527 -1.46 -53.23 44.97
C LEU H 527 -0.17 -53.07 45.77
N ILE H 528 0.09 -53.96 46.73
CA ILE H 528 1.27 -53.76 47.58
C ILE H 528 2.43 -54.69 47.23
N ARG H 529 2.27 -55.60 46.27
CA ARG H 529 3.33 -56.56 45.97
C ARG H 529 4.52 -55.89 45.30
N GLY H 530 5.71 -56.09 45.87
CA GLY H 530 6.94 -55.60 45.30
C GLY H 530 7.22 -54.14 45.52
N ASN H 531 6.35 -53.41 46.20
CA ASN H 531 6.48 -51.98 46.42
C ASN H 531 6.76 -51.76 47.89
N ARG H 532 7.95 -51.23 48.20
CA ARG H 532 8.34 -51.05 49.60
C ARG H 532 7.54 -49.94 50.26
N ASN H 533 7.23 -48.87 49.53
CA ASN H 533 6.51 -47.73 50.12
C ASN H 533 5.09 -48.11 50.50
N ASN H 534 4.40 -48.88 49.64
CA ASN H 534 3.04 -49.31 49.95
C ASN H 534 3.02 -50.26 51.14
N CYS H 535 3.99 -51.17 51.24
CA CYS H 535 4.05 -52.08 52.38
C CYS H 535 4.40 -51.34 53.66
N ALA H 536 5.29 -50.35 53.59
CA ALA H 536 5.63 -49.56 54.77
C ALA H 536 4.45 -48.71 55.22
N GLN H 537 3.64 -48.23 54.27
CA GLN H 537 2.41 -47.54 54.62
C GLN H 537 1.40 -48.50 55.25
N PHE H 538 1.34 -49.74 54.73
CA PHE H 538 0.36 -50.71 55.18
C PHE H 538 0.76 -51.42 56.46
N SER H 539 2.00 -51.25 56.92
CA SER H 539 2.43 -51.86 58.18
C SER H 539 1.68 -51.32 59.39
N ASN H 540 1.01 -50.17 59.28
CA ASN H 540 0.22 -49.64 60.37
C ASN H 540 -1.04 -50.46 60.64
N ASN H 541 -1.51 -51.24 59.66
CA ASN H 541 -2.71 -52.05 59.78
C ASN H 541 -2.38 -53.51 60.11
N LEU H 542 -1.28 -53.74 60.82
CA LEU H 542 -0.83 -55.10 61.11
C LEU H 542 -1.77 -55.80 62.07
N ASP H 543 -2.29 -55.08 63.07
CA ASP H 543 -3.25 -55.67 64.00
C ASP H 543 -4.54 -56.06 63.29
N TRP H 544 -5.00 -55.20 62.38
CA TRP H 544 -6.18 -55.48 61.57
C TRP H 544 -5.98 -56.72 60.70
N LEU H 545 -4.82 -56.80 60.03
CA LEU H 545 -4.52 -57.92 59.15
C LEU H 545 -4.40 -59.22 59.91
N ILE H 546 -3.74 -59.20 61.07
CA ILE H 546 -3.60 -60.41 61.88
C ILE H 546 -4.95 -60.82 62.47
N SER H 547 -5.76 -59.83 62.90
CA SER H 547 -7.06 -60.12 63.47
C SER H 547 -8.03 -60.70 62.46
N LYS H 548 -7.83 -60.46 61.18
CA LYS H 548 -8.69 -61.07 60.16
C LYS H 548 -8.18 -62.42 59.67
N LEU H 549 -7.45 -63.18 60.50
CA LEU H 549 -6.93 -64.48 60.13
C LEU H 549 -7.82 -65.64 60.57
N ASP H 550 -8.89 -65.38 61.31
CA ASP H 550 -9.69 -66.46 61.87
C ASP H 550 -10.56 -67.14 60.82
N ARG H 551 -11.05 -66.38 59.85
CA ARG H 551 -12.02 -66.89 58.88
C ARG H 551 -11.35 -67.84 57.89
N LEU H 552 -12.12 -68.83 57.45
CA LEU H 552 -11.59 -69.83 56.51
C LEU H 552 -11.40 -69.26 55.12
N GLU H 553 -12.39 -68.53 54.61
CA GLU H 553 -12.34 -68.07 53.23
C GLU H 553 -11.34 -66.94 53.05
N SER H 554 -11.11 -66.15 54.09
CA SER H 554 -10.21 -65.01 54.01
C SER H 554 -8.78 -65.33 54.42
N SER H 555 -8.48 -66.58 54.76
CA SER H 555 -7.19 -66.89 55.36
C SER H 555 -6.05 -66.81 54.34
N SER H 556 -6.25 -67.35 53.14
CA SER H 556 -5.16 -67.44 52.16
C SER H 556 -4.79 -66.05 51.63
N GLY H 557 -5.78 -65.20 51.37
CA GLY H 557 -5.48 -63.85 50.91
C GLY H 557 -4.79 -63.01 51.95
N ILE H 558 -5.24 -63.11 53.21
CA ILE H 558 -4.58 -62.41 54.32
C ILE H 558 -3.15 -62.90 54.48
N LEU H 559 -2.94 -64.21 54.34
CA LEU H 559 -1.59 -64.76 54.46
C LEU H 559 -0.68 -64.27 53.34
N GLU H 560 -1.21 -64.18 52.11
CA GLU H 560 -0.42 -63.66 50.99
C GLU H 560 -0.08 -62.20 51.18
N VAL H 561 -1.03 -61.39 51.63
CA VAL H 561 -0.78 -59.97 51.90
C VAL H 561 0.26 -59.81 53.00
N LEU H 562 0.13 -60.61 54.07
CA LEU H 562 1.07 -60.55 55.19
C LEU H 562 2.47 -60.95 54.74
N HIS H 563 2.59 -61.97 53.90
CA HIS H 563 3.90 -62.37 53.42
C HIS H 563 4.52 -61.30 52.53
N CYS H 564 3.71 -60.63 51.69
CA CYS H 564 4.22 -59.53 50.89
C CYS H 564 4.75 -58.39 51.77
N ILE H 565 4.00 -58.04 52.82
CA ILE H 565 4.43 -56.99 53.73
C ILE H 565 5.72 -57.37 54.46
N LEU H 566 5.81 -58.62 54.93
CA LEU H 566 6.99 -59.04 55.67
C LEU H 566 8.22 -59.15 54.78
N ILE H 567 8.04 -59.51 53.51
CA ILE H 567 9.16 -59.55 52.58
C ILE H 567 9.63 -58.13 52.28
N GLU H 568 8.70 -57.22 51.97
CA GLU H 568 9.12 -55.88 51.53
C GLU H 568 9.44 -54.97 52.71
N SER H 569 8.47 -54.71 53.57
CA SER H 569 8.65 -53.75 54.65
C SER H 569 9.49 -54.36 55.77
N PRO H 570 10.57 -53.71 56.20
CA PRO H 570 11.37 -54.24 57.32
C PRO H 570 10.82 -53.85 58.68
N GLU H 571 10.10 -52.73 58.76
CA GLU H 571 9.58 -52.27 60.04
C GLU H 571 8.37 -53.08 60.52
N ALA H 572 7.73 -53.82 59.61
CA ALA H 572 6.64 -54.70 60.02
C ALA H 572 7.11 -55.80 60.94
N LEU H 573 8.36 -56.27 60.76
CA LEU H 573 8.93 -57.22 61.69
C LEU H 573 9.15 -56.60 63.07
N ASN H 574 9.47 -55.30 63.12
CA ASN H 574 9.57 -54.61 64.40
C ASN H 574 8.20 -54.45 65.04
N LEU H 575 7.16 -54.28 64.22
CA LEU H 575 5.81 -54.09 64.76
C LEU H 575 5.13 -55.38 65.17
N ILE H 576 5.73 -56.54 64.91
CA ILE H 576 5.12 -57.83 65.23
C ILE H 576 5.22 -58.06 66.74
N ALA H 577 4.10 -58.40 67.36
CA ALA H 577 4.01 -58.67 68.79
C ALA H 577 3.86 -60.17 69.04
N GLU H 578 3.66 -60.53 70.31
CA GLU H 578 3.52 -61.93 70.68
C GLU H 578 2.17 -62.49 70.27
N GLY H 579 1.11 -61.68 70.38
CA GLY H 579 -0.22 -62.13 70.00
C GLY H 579 -0.35 -62.43 68.52
N HIS H 580 0.37 -61.67 67.68
CA HIS H 580 0.37 -61.93 66.25
C HIS H 580 1.01 -63.29 65.94
N ILE H 581 2.14 -63.58 66.59
CA ILE H 581 2.82 -64.86 66.39
C ILE H 581 1.96 -66.01 66.89
N LYS H 582 1.29 -65.83 68.03
CA LYS H 582 0.38 -66.85 68.53
C LYS H 582 -0.82 -67.05 67.59
N SER H 583 -1.30 -65.97 66.97
CA SER H 583 -2.39 -66.10 66.01
C SER H 583 -1.95 -66.88 64.76
N ILE H 584 -0.73 -66.63 64.27
CA ILE H 584 -0.23 -67.36 63.12
C ILE H 584 -0.02 -68.84 63.46
N ILE H 585 0.50 -69.12 64.65
CA ILE H 585 0.68 -70.50 65.09
C ILE H 585 -0.66 -71.20 65.29
N SER H 586 -1.66 -70.49 65.80
CA SER H 586 -2.99 -71.07 65.93
C SER H 586 -3.65 -71.30 64.59
N LEU H 587 -3.34 -70.46 63.60
CA LEU H 587 -3.78 -70.71 62.23
C LEU H 587 -3.18 -72.00 61.70
N LEU H 588 -1.89 -72.22 61.97
CA LEU H 588 -1.25 -73.48 61.60
C LEU H 588 -1.89 -74.67 62.33
N ASP H 589 -2.31 -74.45 63.57
CA ASP H 589 -2.91 -75.54 64.36
C ASP H 589 -4.32 -75.87 63.88
N LYS H 590 -5.09 -74.86 63.47
CA LYS H 590 -6.49 -75.08 63.13
C LYS H 590 -6.74 -75.35 61.65
N HIS H 591 -5.81 -75.00 60.76
CA HIS H 591 -6.05 -75.18 59.34
C HIS H 591 -5.31 -76.36 58.72
N GLY H 592 -4.38 -76.96 59.43
CA GLY H 592 -3.62 -78.09 58.92
C GLY H 592 -2.17 -77.74 58.68
N ARG H 593 -1.46 -78.69 58.08
CA ARG H 593 -0.03 -78.54 57.84
C ARG H 593 0.18 -77.85 56.50
N ASN H 594 0.25 -76.53 56.55
CA ASN H 594 0.52 -75.69 55.39
C ASN H 594 1.90 -75.07 55.55
N HIS H 595 2.77 -75.28 54.58
CA HIS H 595 4.14 -74.81 54.68
C HIS H 595 4.28 -73.31 54.38
N LYS H 596 3.24 -72.66 53.89
CA LYS H 596 3.27 -71.21 53.72
C LYS H 596 3.28 -70.50 55.07
N VAL H 597 2.63 -71.08 56.09
CA VAL H 597 2.71 -70.56 57.44
C VAL H 597 4.15 -70.65 57.96
N LEU H 598 4.83 -71.76 57.66
CA LEU H 598 6.22 -71.89 58.03
C LEU H 598 7.10 -70.89 57.28
N ASP H 599 6.76 -70.59 56.03
CA ASP H 599 7.49 -69.56 55.29
C ASP H 599 7.29 -68.18 55.92
N VAL H 600 6.07 -67.89 56.38
CA VAL H 600 5.80 -66.64 57.07
C VAL H 600 6.62 -66.54 58.36
N LEU H 601 6.70 -67.64 59.12
CA LEU H 601 7.49 -67.63 60.35
C LEU H 601 8.99 -67.47 60.05
N CYS H 602 9.47 -68.11 58.98
CA CYS H 602 10.87 -67.93 58.56
C CYS H 602 11.15 -66.49 58.18
N SER H 603 10.20 -65.84 57.48
CA SER H 603 10.36 -64.43 57.17
C SER H 603 10.30 -63.57 58.42
N LEU H 604 9.55 -64.00 59.44
CA LEU H 604 9.53 -63.29 60.71
C LEU H 604 10.86 -63.40 61.45
N CYS H 605 11.59 -64.50 61.26
CA CYS H 605 12.83 -64.68 62.01
C CYS H 605 13.96 -63.80 61.47
N LEU H 606 14.06 -63.64 60.16
CA LEU H 606 15.14 -62.88 59.56
C LEU H 606 14.62 -61.93 58.48
N CYS H 607 15.23 -60.75 58.40
CA CYS H 607 14.92 -59.78 57.35
C CYS H 607 16.23 -59.21 56.82
N ASN H 608 16.57 -59.58 55.58
CA ASN H 608 17.75 -59.07 54.87
C ASN H 608 19.04 -59.32 55.65
N GLY H 609 19.16 -60.50 56.24
CA GLY H 609 20.36 -60.84 56.98
C GLY H 609 20.43 -60.30 58.39
N VAL H 610 19.32 -59.80 58.93
CA VAL H 610 19.28 -59.28 60.30
C VAL H 610 18.29 -60.15 61.08
N ALA H 611 18.76 -60.70 62.19
CA ALA H 611 17.97 -61.63 63.00
C ALA H 611 17.26 -60.90 64.12
N VAL H 612 15.94 -61.03 64.17
CA VAL H 612 15.13 -60.43 65.22
C VAL H 612 15.02 -61.45 66.34
N ARG H 613 15.66 -61.16 67.48
CA ARG H 613 15.72 -62.12 68.58
C ARG H 613 14.37 -62.35 69.23
N ALA H 614 13.53 -61.31 69.31
CA ALA H 614 12.23 -61.45 69.95
C ALA H 614 11.34 -62.43 69.18
N ASN H 615 11.30 -62.31 67.86
CA ASN H 615 10.50 -63.20 67.04
C ASN H 615 11.03 -64.64 67.10
N GLN H 616 12.35 -64.80 67.09
CA GLN H 616 12.95 -66.14 67.20
C GLN H 616 12.58 -66.79 68.53
N ASN H 617 12.72 -66.05 69.62
CA ASN H 617 12.41 -66.58 70.95
C ASN H 617 10.93 -66.91 71.08
N LEU H 618 10.05 -66.04 70.56
CA LEU H 618 8.62 -66.30 70.65
C LEU H 618 8.21 -67.52 69.83
N ILE H 619 8.77 -67.68 68.62
CA ILE H 619 8.46 -68.83 67.80
C ILE H 619 8.97 -70.11 68.47
N CYS H 620 10.18 -70.06 69.03
CA CYS H 620 10.74 -71.23 69.71
C CYS H 620 9.93 -71.60 70.95
N ASP H 621 9.45 -70.61 71.70
CA ASP H 621 8.70 -70.89 72.91
C ASP H 621 7.25 -71.25 72.67
N ASN H 622 6.67 -70.86 71.53
CA ASN H 622 5.26 -71.11 71.28
C ASN H 622 5.00 -72.14 70.20
N LEU H 623 6.04 -72.70 69.58
CA LEU H 623 5.81 -73.70 68.53
C LEU H 623 6.46 -75.03 68.85
N LEU H 624 7.64 -74.99 69.45
CA LEU H 624 8.42 -76.20 69.69
C LEU H 624 7.94 -77.10 70.84
N PRO H 625 7.77 -76.61 72.08
CA PRO H 625 7.59 -77.56 73.20
C PRO H 625 6.28 -78.33 73.20
N ARG H 626 5.28 -77.91 72.41
CA ARG H 626 4.02 -78.64 72.38
C ARG H 626 4.19 -80.01 71.73
N ARG H 627 5.03 -80.09 70.69
CA ARG H 627 5.36 -81.33 69.98
C ARG H 627 4.12 -82.02 69.42
N ASN H 628 3.19 -81.23 68.88
CA ASN H 628 2.01 -81.78 68.25
C ASN H 628 1.63 -81.11 66.94
N LEU H 629 2.37 -80.11 66.48
CA LEU H 629 2.14 -79.49 65.18
C LEU H 629 3.17 -79.93 64.14
N LEU H 630 4.44 -79.87 64.49
CA LEU H 630 5.49 -80.30 63.60
C LEU H 630 5.67 -81.81 63.70
N LEU H 631 6.04 -82.43 62.58
CA LEU H 631 6.33 -83.85 62.57
C LEU H 631 7.61 -84.12 63.36
N GLN H 632 7.61 -85.20 64.13
CA GLN H 632 8.74 -85.50 64.98
C GLN H 632 9.66 -86.51 64.29
N THR H 633 10.93 -86.53 64.72
CA THR H 633 11.90 -87.47 64.20
C THR H 633 12.69 -88.07 65.35
N ARG H 634 13.09 -89.33 65.18
CA ARG H 634 13.95 -89.97 66.16
C ARG H 634 14.71 -91.10 65.50
N LEU H 635 15.70 -91.63 66.21
CA LEU H 635 16.40 -92.85 65.82
C LEU H 635 15.92 -93.99 66.70
N ILE H 636 15.36 -95.02 66.08
CA ILE H 636 14.79 -96.14 66.81
C ILE H 636 15.48 -97.43 66.38
N ASN H 637 15.44 -98.42 67.28
CA ASN H 637 15.98 -99.73 67.03
C ASN H 637 14.96 -100.62 66.34
N ASP H 638 15.44 -101.48 65.46
CA ASP H 638 14.57 -102.43 64.77
C ASP H 638 14.32 -103.65 65.64
N VAL H 639 13.07 -104.10 65.68
CA VAL H 639 12.62 -105.18 66.54
C VAL H 639 12.03 -106.27 65.67
N THR H 640 12.41 -107.52 65.94
CA THR H 640 11.91 -108.67 65.20
C THR H 640 11.35 -109.69 66.19
N SER H 641 10.33 -110.44 65.74
CA SER H 641 9.70 -111.48 66.52
C SER H 641 9.98 -112.84 65.90
N ILE H 642 10.25 -113.82 66.77
CA ILE H 642 10.56 -115.19 66.38
C ILE H 642 9.62 -116.12 67.15
N ARG H 643 9.04 -117.09 66.44
CA ARG H 643 8.12 -118.04 67.03
C ARG H 643 8.50 -119.47 66.64
N PRO H 644 8.17 -120.45 67.48
CA PRO H 644 8.14 -121.84 67.03
C PRO H 644 6.80 -122.19 66.41
N ASN H 645 6.80 -123.24 65.60
CA ASN H 645 5.60 -123.66 64.88
C ASN H 645 4.72 -124.52 65.80
N ILE H 646 4.19 -123.88 66.83
CA ILE H 646 3.32 -124.50 67.82
C ILE H 646 2.08 -123.63 67.94
N PHE H 647 0.95 -124.11 67.43
CA PHE H 647 -0.27 -123.32 67.36
C PHE H 647 -1.36 -123.99 68.18
N LEU H 648 -2.02 -123.20 69.02
CA LEU H 648 -3.03 -123.69 69.96
C LEU H 648 -4.34 -122.97 69.70
N GLY H 649 -5.44 -123.73 69.66
CA GLY H 649 -6.74 -123.19 69.33
C GLY H 649 -7.80 -123.60 70.33
N VAL H 650 -8.94 -122.93 70.24
CA VAL H 650 -10.13 -123.24 71.03
C VAL H 650 -11.31 -123.32 70.09
N ALA H 651 -11.99 -124.47 70.08
CA ALA H 651 -13.17 -124.64 69.25
C ALA H 651 -14.11 -125.64 69.91
N GLU H 652 -15.38 -125.56 69.54
CA GLU H 652 -16.37 -126.48 70.08
C GLU H 652 -16.20 -127.86 69.46
N GLY H 653 -16.16 -128.88 70.31
CA GLY H 653 -15.93 -130.24 69.84
C GLY H 653 -14.56 -130.46 69.25
N SER H 654 -13.52 -129.93 69.88
CA SER H 654 -12.15 -130.03 69.39
C SER H 654 -11.31 -130.85 70.34
N ALA H 655 -10.40 -131.65 69.77
CA ALA H 655 -9.48 -132.47 70.56
C ALA H 655 -8.17 -131.72 70.79
N GLN H 656 -8.29 -130.55 71.42
CA GLN H 656 -7.15 -129.69 71.69
C GLN H 656 -7.09 -129.42 73.19
N TYR H 657 -5.94 -129.73 73.79
CA TYR H 657 -5.73 -129.44 75.19
C TYR H 657 -5.56 -127.93 75.38
N LYS H 658 -5.91 -127.45 76.59
CA LYS H 658 -6.06 -126.03 76.81
C LYS H 658 -5.00 -125.40 77.71
N LYS H 659 -4.28 -126.19 78.50
CA LYS H 659 -3.22 -125.66 79.37
C LYS H 659 -1.87 -125.97 78.76
N TRP H 660 -1.07 -124.94 78.53
CA TRP H 660 0.22 -125.09 77.86
C TRP H 660 1.27 -124.26 78.58
N TYR H 661 2.53 -124.63 78.38
CA TYR H 661 3.64 -124.09 79.14
C TYR H 661 4.90 -124.16 78.31
N PHE H 662 5.74 -123.11 78.39
CA PHE H 662 7.06 -123.18 77.79
C PHE H 662 8.01 -122.28 78.57
N GLU H 663 9.31 -122.37 78.25
CA GLU H 663 10.33 -121.59 78.93
C GLU H 663 11.30 -120.96 77.95
N LEU H 664 11.90 -119.87 78.39
CA LEU H 664 12.90 -119.14 77.61
C LEU H 664 14.09 -118.84 78.51
N ILE H 665 15.29 -119.20 78.07
CA ILE H 665 16.52 -118.91 78.79
C ILE H 665 17.23 -117.76 78.08
N ILE H 666 17.62 -116.75 78.84
CA ILE H 666 18.36 -115.61 78.29
C ILE H 666 19.84 -115.86 78.55
N ASP H 667 20.59 -116.23 77.51
CA ASP H 667 22.02 -116.48 77.68
C ASP H 667 22.79 -115.17 77.81
N GLN H 668 22.47 -114.17 77.00
CA GLN H 668 23.23 -112.94 76.96
C GLN H 668 22.35 -111.80 76.47
N VAL H 669 22.34 -110.70 77.21
CA VAL H 669 21.69 -109.45 76.79
C VAL H 669 22.68 -108.32 77.00
N ASP H 670 22.88 -107.52 75.96
CA ASP H 670 23.72 -106.31 76.01
C ASP H 670 22.81 -105.10 75.99
N PRO H 671 22.42 -104.57 77.14
CA PRO H 671 21.61 -103.34 77.15
C PRO H 671 22.44 -102.15 76.70
N PHE H 672 21.75 -101.18 76.10
CA PHE H 672 22.35 -99.95 75.58
C PHE H 672 23.46 -100.23 74.58
N LEU H 673 23.23 -101.21 73.70
CA LEU H 673 24.14 -101.44 72.59
C LEU H 673 24.15 -100.28 71.61
N THR H 674 22.97 -99.73 71.32
CA THR H 674 22.80 -98.68 70.31
C THR H 674 22.23 -97.41 70.92
N ALA H 675 22.66 -97.09 72.14
CA ALA H 675 22.26 -95.92 72.93
C ALA H 675 20.76 -95.87 73.23
N GLU H 676 20.05 -96.97 73.00
CA GLU H 676 18.65 -97.16 73.30
C GLU H 676 18.52 -98.47 74.05
N PRO H 677 17.62 -98.58 75.03
CA PRO H 677 17.48 -99.84 75.77
C PRO H 677 17.09 -101.00 74.86
N THR H 678 17.69 -102.15 75.14
CA THR H 678 17.49 -103.32 74.30
C THR H 678 16.09 -103.89 74.51
N HIS H 679 15.35 -104.01 73.42
CA HIS H 679 14.04 -104.64 73.48
C HIS H 679 14.21 -106.14 73.70
N LEU H 680 13.47 -106.68 74.68
CA LEU H 680 13.42 -108.13 74.86
C LEU H 680 12.13 -108.44 75.62
N ARG H 681 11.14 -109.00 74.92
CA ARG H 681 9.89 -109.40 75.53
C ARG H 681 9.55 -110.82 75.09
N VAL H 682 8.88 -111.55 75.96
CA VAL H 682 8.52 -112.94 75.69
C VAL H 682 7.06 -113.14 76.08
N GLY H 683 6.32 -113.90 75.29
CA GLY H 683 4.95 -114.19 75.68
C GLY H 683 4.19 -114.96 74.62
N TRP H 684 2.89 -114.69 74.55
CA TRP H 684 1.97 -115.42 73.69
C TRP H 684 1.32 -114.46 72.71
N ALA H 685 1.25 -114.85 71.45
CA ALA H 685 0.58 -114.03 70.46
C ALA H 685 -0.47 -114.84 69.73
N SER H 686 -1.59 -114.19 69.42
CA SER H 686 -2.68 -114.82 68.69
C SER H 686 -2.52 -114.55 67.20
N SER H 687 -2.86 -115.55 66.40
CA SER H 687 -2.74 -115.45 64.95
C SER H 687 -3.89 -114.66 64.31
N SER H 688 -4.79 -114.11 65.11
CA SER H 688 -5.89 -113.32 64.57
C SER H 688 -5.39 -112.02 63.95
N GLY H 689 -4.53 -111.29 64.66
CA GLY H 689 -4.07 -110.01 64.15
C GLY H 689 -2.63 -109.63 64.41
N TYR H 690 -1.86 -110.50 65.05
CA TYR H 690 -0.47 -110.17 65.37
C TYR H 690 0.36 -110.28 64.10
N ALA H 691 0.54 -109.15 63.42
CA ALA H 691 1.30 -109.07 62.18
C ALA H 691 2.30 -107.92 62.27
N PRO H 692 3.40 -108.10 63.00
CA PRO H 692 4.39 -107.02 63.11
C PRO H 692 5.27 -106.94 61.87
N TYR H 693 5.49 -105.72 61.39
CA TYR H 693 6.37 -105.47 60.27
C TYR H 693 7.57 -104.66 60.73
N PRO H 694 8.75 -104.90 60.15
CA PRO H 694 9.92 -104.10 60.52
C PRO H 694 9.81 -102.68 59.99
N GLY H 695 10.17 -101.72 60.84
CA GLY H 695 10.12 -100.32 60.45
C GLY H 695 9.10 -99.52 61.24
N GLY H 696 8.19 -98.85 60.54
CA GLY H 696 7.19 -98.03 61.18
C GLY H 696 6.09 -98.84 61.83
N GLY H 697 5.18 -98.12 62.46
CA GLY H 697 4.08 -98.76 63.15
C GLY H 697 3.44 -97.80 64.13
N GLU H 698 2.63 -98.37 65.02
CA GLU H 698 1.97 -97.58 66.04
C GLU H 698 2.96 -97.05 67.06
N GLY H 699 2.71 -95.85 67.55
CA GLY H 699 3.61 -95.25 68.52
C GLY H 699 4.89 -94.78 67.84
N TRP H 700 6.02 -95.21 68.38
CA TRP H 700 7.33 -94.87 67.84
C TRP H 700 8.02 -96.06 67.18
N GLY H 701 7.23 -97.02 66.71
CA GLY H 701 7.81 -98.18 66.08
C GLY H 701 8.43 -99.13 67.09
N GLY H 702 9.20 -100.07 66.55
CA GLY H 702 9.79 -101.11 67.38
C GLY H 702 8.76 -102.01 68.01
N ASN H 703 7.80 -102.44 67.22
CA ASN H 703 6.65 -103.16 67.74
C ASN H 703 7.00 -104.60 68.05
N GLY H 704 6.68 -105.03 69.27
CA GLY H 704 6.97 -106.37 69.74
C GLY H 704 5.75 -107.00 70.38
N VAL H 705 6.01 -107.88 71.34
CA VAL H 705 4.94 -108.59 72.03
C VAL H 705 4.30 -107.61 73.01
N GLY H 706 2.99 -107.43 72.89
CA GLY H 706 2.28 -106.51 73.75
C GLY H 706 2.08 -105.13 73.18
N ASP H 707 2.45 -104.90 71.93
CA ASP H 707 2.24 -103.60 71.30
C ASP H 707 0.95 -103.56 70.48
N ASP H 708 0.16 -104.62 70.52
CA ASP H 708 -1.21 -104.63 70.04
C ASP H 708 -2.03 -105.51 70.96
N LEU H 709 -3.33 -105.60 70.70
CA LEU H 709 -4.22 -106.37 71.54
C LEU H 709 -4.27 -107.85 71.16
N TYR H 710 -3.36 -108.30 70.30
CA TYR H 710 -3.25 -109.71 69.94
C TYR H 710 -2.01 -110.36 70.51
N SER H 711 -1.19 -109.64 71.26
CA SER H 711 0.02 -110.18 71.85
C SER H 711 0.08 -109.80 73.31
N TYR H 712 0.62 -110.70 74.13
CA TYR H 712 0.64 -110.54 75.58
C TYR H 712 2.05 -110.93 76.03
N GLY H 713 2.80 -109.95 76.53
CA GLY H 713 4.23 -110.12 76.72
C GLY H 713 4.70 -109.67 78.08
N PHE H 714 5.92 -110.11 78.41
CA PHE H 714 6.58 -109.83 79.67
C PHE H 714 8.01 -109.45 79.36
N ASP H 715 8.52 -108.41 80.03
CA ASP H 715 9.86 -107.91 79.79
C ASP H 715 10.73 -107.90 81.04
N GLY H 716 10.25 -108.47 82.15
CA GLY H 716 10.96 -108.51 83.39
C GLY H 716 10.45 -107.53 84.43
N LEU H 717 9.83 -106.44 84.01
CA LEU H 717 9.29 -105.44 84.91
C LEU H 717 7.81 -105.19 84.70
N HIS H 718 7.34 -105.16 83.46
CA HIS H 718 5.97 -104.77 83.15
C HIS H 718 5.25 -105.89 82.41
N LEU H 719 3.93 -105.77 82.40
CA LEU H 719 3.07 -106.56 81.53
C LEU H 719 2.60 -105.66 80.40
N TRP H 720 2.78 -106.13 79.16
CA TRP H 720 2.51 -105.35 77.97
C TRP H 720 1.33 -105.95 77.21
N SER H 721 0.34 -105.11 76.91
CA SER H 721 -0.74 -105.47 75.99
C SER H 721 -1.36 -104.17 75.49
N GLY H 722 -1.51 -104.05 74.18
CA GLY H 722 -2.02 -102.82 73.61
C GLY H 722 -1.07 -101.66 73.68
N ARG H 723 0.24 -101.95 73.72
CA ARG H 723 1.32 -100.95 73.80
C ARG H 723 1.19 -100.08 75.05
N ILE H 724 0.69 -100.64 76.14
CA ILE H 724 0.58 -99.93 77.41
C ILE H 724 1.17 -100.81 78.50
N PRO H 725 2.26 -100.40 79.15
CA PRO H 725 2.85 -101.23 80.20
C PRO H 725 2.16 -101.04 81.54
N ARG H 726 2.13 -102.13 82.30
CA ARG H 726 1.66 -102.10 83.68
C ARG H 726 2.76 -102.68 84.55
N ALA H 727 3.27 -101.89 85.49
CA ALA H 727 4.32 -102.36 86.38
C ALA H 727 3.76 -103.37 87.36
N VAL H 728 4.44 -104.51 87.48
CA VAL H 728 3.97 -105.63 88.29
C VAL H 728 5.08 -106.04 89.25
N ALA H 729 4.76 -106.14 90.53
CA ALA H 729 5.74 -106.51 91.55
C ALA H 729 6.13 -107.98 91.43
N SER H 730 7.38 -108.25 91.78
CA SER H 730 7.91 -109.61 91.81
C SER H 730 9.08 -109.64 92.76
N ILE H 731 9.51 -110.86 93.11
CA ILE H 731 10.64 -111.03 94.02
C ILE H 731 11.93 -110.69 93.28
N ASN H 732 12.62 -109.64 93.75
CA ASN H 732 13.85 -109.12 93.14
C ASN H 732 13.62 -108.74 91.68
N LEU H 733 12.74 -107.76 91.48
CA LEU H 733 12.33 -107.38 90.14
C LEU H 733 13.46 -106.68 89.39
N HIS H 734 13.69 -107.10 88.15
CA HIS H 734 14.69 -106.49 87.28
C HIS H 734 14.33 -106.83 85.84
N LEU H 735 14.96 -106.11 84.91
CA LEU H 735 14.81 -106.43 83.50
C LEU H 735 15.46 -107.77 83.20
N LEU H 736 15.06 -108.36 82.07
CA LEU H 736 15.55 -109.68 81.66
C LEU H 736 17.04 -109.58 81.36
N ARG H 737 17.86 -110.08 82.27
CA ARG H 737 19.31 -110.11 82.12
C ARG H 737 19.75 -111.53 81.80
N SER H 738 21.06 -111.73 81.75
CA SER H 738 21.61 -113.03 81.40
C SER H 738 21.33 -114.05 82.50
N ASP H 739 21.26 -115.33 82.07
CA ASP H 739 20.97 -116.47 82.95
C ASP H 739 19.64 -116.32 83.67
N ASP H 740 18.64 -115.79 82.97
CA ASP H 740 17.28 -115.68 83.49
C ASP H 740 16.38 -116.65 82.73
N VAL H 741 15.54 -117.36 83.47
CA VAL H 741 14.61 -118.32 82.90
C VAL H 741 13.20 -117.78 83.10
N VAL H 742 12.48 -117.58 82.00
CA VAL H 742 11.12 -117.06 82.03
C VAL H 742 10.18 -118.18 81.62
N SER H 743 9.22 -118.49 82.48
CA SER H 743 8.25 -119.54 82.23
C SER H 743 6.91 -118.90 81.92
N CYS H 744 6.33 -119.27 80.78
CA CYS H 744 5.05 -118.71 80.35
C CYS H 744 4.01 -119.82 80.32
N CYS H 745 2.86 -119.54 80.93
CA CYS H 745 1.76 -120.48 81.05
C CYS H 745 0.50 -119.88 80.44
N LEU H 746 -0.15 -120.63 79.57
CA LEU H 746 -1.38 -120.20 78.90
C LEU H 746 -2.48 -121.20 79.20
N ASP H 747 -3.56 -120.73 79.80
CA ASP H 747 -4.73 -121.54 80.12
C ASP H 747 -5.87 -121.05 79.25
N LEU H 748 -6.05 -121.70 78.09
CA LEU H 748 -7.04 -121.27 77.11
C LEU H 748 -8.48 -121.45 77.57
N GLY H 749 -8.71 -122.20 78.65
CA GLY H 749 -10.07 -122.42 79.11
C GLY H 749 -10.70 -121.18 79.72
N VAL H 750 -9.97 -120.48 80.58
CA VAL H 750 -10.51 -119.36 81.35
C VAL H 750 -10.90 -118.17 80.46
N PRO H 751 -10.04 -117.63 79.55
CA PRO H 751 -8.61 -117.82 79.27
C PRO H 751 -7.73 -116.98 80.19
N SER H 752 -6.47 -117.35 80.37
CA SER H 752 -5.57 -116.60 81.23
C SER H 752 -4.14 -116.84 80.80
N ILE H 753 -3.29 -115.87 81.08
CA ILE H 753 -1.86 -115.94 80.78
C ILE H 753 -1.09 -115.50 82.01
N SER H 754 -0.14 -116.33 82.45
CA SER H 754 0.65 -116.05 83.63
C SER H 754 2.12 -116.30 83.34
N PHE H 755 2.98 -115.65 84.14
CA PHE H 755 4.41 -115.70 83.95
C PHE H 755 5.10 -115.99 85.28
N ARG H 756 6.27 -116.62 85.17
CA ARG H 756 7.15 -116.88 86.31
C ARG H 756 8.57 -116.53 85.89
N ILE H 757 9.35 -116.00 86.83
CA ILE H 757 10.74 -115.64 86.55
C ILE H 757 11.63 -116.35 87.58
N ASN H 758 12.53 -117.20 87.08
CA ASN H 758 13.43 -118.02 87.90
C ASN H 758 12.68 -118.87 88.92
N GLY H 759 11.49 -119.35 88.55
CA GLY H 759 10.64 -120.10 89.44
C GLY H 759 9.74 -119.26 90.33
N GLN H 760 10.07 -117.98 90.51
CA GLN H 760 9.25 -117.09 91.31
C GLN H 760 8.06 -116.59 90.50
N PRO H 761 6.84 -116.74 91.01
CA PRO H 761 5.67 -116.30 90.23
C PRO H 761 5.58 -114.79 90.14
N VAL H 762 5.22 -114.31 88.96
CA VAL H 762 4.99 -112.89 88.74
C VAL H 762 3.57 -112.56 89.15
N GLN H 763 3.42 -111.51 89.96
CA GLN H 763 2.14 -111.19 90.59
C GLN H 763 1.23 -110.39 89.66
N GLY H 764 0.94 -110.97 88.52
CA GLY H 764 0.08 -110.33 87.54
C GLY H 764 -0.22 -111.30 86.41
N MET H 765 -1.35 -111.05 85.75
CA MET H 765 -1.80 -111.98 84.72
C MET H 765 -2.67 -111.24 83.70
N PHE H 766 -2.85 -111.89 82.56
CA PHE H 766 -3.78 -111.45 81.52
C PHE H 766 -5.00 -112.36 81.53
N GLU H 767 -6.17 -111.79 81.25
CA GLU H 767 -7.40 -112.57 81.23
C GLU H 767 -8.42 -111.89 80.34
N ASN H 768 -9.50 -112.64 80.06
CA ASN H 768 -10.69 -112.16 79.34
C ASN H 768 -10.35 -111.62 77.96
N PHE H 769 -9.52 -112.34 77.23
CA PHE H 769 -9.17 -111.96 75.86
C PHE H 769 -9.81 -112.90 74.86
N ASN H 770 -9.75 -112.51 73.59
CA ASN H 770 -10.36 -113.29 72.53
C ASN H 770 -9.60 -114.59 72.29
N THR H 771 -10.32 -115.70 72.28
CA THR H 771 -9.73 -117.01 72.05
C THR H 771 -9.81 -117.44 70.58
N ASP H 772 -10.34 -116.59 69.71
CA ASP H 772 -10.34 -116.88 68.28
C ASP H 772 -8.93 -116.79 67.73
N GLY H 773 -8.65 -117.60 66.72
CA GLY H 773 -7.32 -117.67 66.16
C GLY H 773 -6.42 -118.61 66.94
N LEU H 774 -5.22 -118.81 66.41
CA LEU H 774 -4.26 -119.74 66.97
C LEU H 774 -3.25 -119.00 67.82
N PHE H 775 -2.94 -119.54 69.00
CA PHE H 775 -1.99 -118.95 69.91
C PHE H 775 -0.63 -119.63 69.78
N PHE H 776 0.42 -118.83 69.78
CA PHE H 776 1.76 -119.37 69.64
C PHE H 776 2.72 -118.64 70.58
N PRO H 777 3.75 -119.33 71.07
CA PRO H 777 4.83 -118.64 71.78
C PRO H 777 5.58 -117.70 70.85
N VAL H 778 6.08 -116.60 71.41
CA VAL H 778 6.77 -115.61 70.61
C VAL H 778 7.76 -114.86 71.50
N VAL H 779 8.90 -114.50 70.91
CA VAL H 779 9.85 -113.60 71.56
C VAL H 779 10.16 -112.47 70.60
N SER H 780 10.13 -111.24 71.09
CA SER H 780 10.48 -110.07 70.30
C SER H 780 11.71 -109.42 70.89
N PHE H 781 12.59 -108.94 70.02
CA PHE H 781 13.89 -108.48 70.48
C PHE H 781 14.45 -107.44 69.50
N SER H 782 15.41 -106.68 69.99
CA SER H 782 16.30 -105.88 69.17
C SER H 782 17.66 -106.57 69.15
N ALA H 783 18.63 -105.93 68.52
CA ALA H 783 19.95 -106.52 68.37
C ALA H 783 20.69 -106.57 69.71
N GLY H 784 21.49 -107.61 69.87
CA GLY H 784 22.28 -107.80 71.06
C GLY H 784 21.74 -108.79 72.06
N VAL H 785 21.06 -109.84 71.60
CA VAL H 785 20.46 -110.83 72.50
C VAL H 785 20.83 -112.24 72.04
N LYS H 786 20.82 -113.16 73.00
CA LYS H 786 20.89 -114.60 72.75
C LYS H 786 19.90 -115.27 73.67
N VAL H 787 18.93 -115.99 73.11
CA VAL H 787 17.90 -116.66 73.89
C VAL H 787 17.75 -118.09 73.40
N ARG H 788 17.13 -118.91 74.23
CA ARG H 788 16.87 -120.31 73.91
C ARG H 788 15.45 -120.69 74.31
N PHE H 789 14.71 -121.24 73.36
CA PHE H 789 13.39 -121.82 73.61
C PHE H 789 13.54 -123.23 74.18
N LEU H 790 12.76 -123.51 75.23
CA LEU H 790 12.59 -124.84 75.78
C LEU H 790 11.11 -125.17 75.77
N THR H 791 10.75 -126.25 75.06
CA THR H 791 9.37 -126.69 74.96
C THR H 791 9.17 -128.10 75.53
N GLY H 792 10.17 -128.66 76.19
CA GLY H 792 10.05 -129.96 76.81
C GLY H 792 10.38 -131.10 75.88
N GLY H 793 10.62 -132.27 76.48
CA GLY H 793 10.89 -133.46 75.69
C GLY H 793 12.28 -133.40 75.07
N ARG H 794 12.35 -133.73 73.79
CA ARG H 794 13.59 -133.69 73.03
C ARG H 794 13.89 -132.31 72.45
N HIS H 795 13.16 -131.28 72.89
CA HIS H 795 13.30 -129.92 72.38
C HIS H 795 13.56 -128.95 73.53
N GLY H 796 14.46 -129.31 74.43
CA GLY H 796 14.81 -128.44 75.52
C GLY H 796 14.29 -128.90 76.86
N GLU H 797 15.17 -129.36 77.73
CA GLU H 797 14.77 -129.80 79.06
C GLU H 797 14.45 -128.59 79.94
N PHE H 798 13.32 -128.65 80.62
CA PHE H 798 12.90 -127.54 81.48
C PHE H 798 13.80 -127.42 82.69
N LYS H 799 14.17 -126.18 83.02
CA LYS H 799 14.95 -125.93 84.23
C LYS H 799 14.08 -125.88 85.48
N PHE H 800 12.75 -125.78 85.32
CA PHE H 800 11.83 -125.74 86.44
C PHE H 800 10.65 -126.63 86.14
N LEU H 801 9.99 -127.07 87.21
CA LEU H 801 8.84 -127.95 87.07
C LEU H 801 7.63 -127.16 86.60
N PRO H 802 6.95 -127.61 85.54
CA PRO H 802 5.71 -126.93 85.11
C PRO H 802 4.62 -127.07 86.16
N PRO H 803 3.66 -126.14 86.19
CA PRO H 803 2.56 -126.25 87.15
C PRO H 803 1.66 -127.44 86.82
N SER H 804 0.82 -127.78 87.81
CA SER H 804 -0.04 -128.95 87.69
C SER H 804 -1.11 -128.74 86.63
N GLY H 805 -1.20 -129.68 85.69
CA GLY H 805 -2.16 -129.61 84.61
C GLY H 805 -1.64 -128.96 83.34
N TYR H 806 -0.49 -128.30 83.39
CA TYR H 806 0.04 -127.59 82.23
C TYR H 806 0.96 -128.51 81.43
N ALA H 807 0.64 -128.69 80.17
CA ALA H 807 1.39 -129.56 79.28
C ALA H 807 2.50 -128.78 78.56
N PRO H 808 3.64 -129.41 78.30
CA PRO H 808 4.67 -128.75 77.48
C PRO H 808 4.20 -128.55 76.05
N CYS H 809 4.76 -127.52 75.41
CA CYS H 809 4.29 -127.12 74.10
C CYS H 809 4.67 -128.09 73.00
N TYR H 810 5.73 -128.89 73.19
CA TYR H 810 6.16 -129.84 72.16
C TYR H 810 5.15 -130.94 71.93
N GLU H 811 4.25 -131.19 72.89
CA GLU H 811 3.16 -132.14 72.68
C GLU H 811 2.10 -131.63 71.72
N ALA H 812 2.12 -130.33 71.39
CA ALA H 812 1.15 -129.79 70.44
C ALA H 812 1.57 -130.01 68.99
N LEU H 813 2.76 -130.53 68.74
CA LEU H 813 3.20 -130.78 67.38
C LEU H 813 2.48 -131.97 66.77
N LEU H 814 2.24 -131.89 65.47
CA LEU H 814 1.71 -133.02 64.74
C LEU H 814 2.76 -134.13 64.66
N PRO H 815 2.34 -135.39 64.61
CA PRO H 815 3.32 -136.47 64.44
C PRO H 815 4.12 -136.39 63.14
N LYS H 816 3.51 -135.91 62.06
CA LYS H 816 4.21 -135.71 60.80
C LYS H 816 4.66 -134.25 60.67
N GLU H 817 5.45 -133.80 61.63
CA GLU H 817 5.95 -132.44 61.64
C GLU H 817 7.24 -132.37 62.45
N LYS H 818 8.06 -131.36 62.15
CA LYS H 818 9.30 -131.11 62.86
C LYS H 818 9.32 -129.67 63.34
N MET H 819 9.86 -129.46 64.53
CA MET H 819 9.89 -128.13 65.11
C MET H 819 10.92 -127.26 64.39
N ARG H 820 10.60 -125.98 64.25
CA ARG H 820 11.51 -125.00 63.67
C ARG H 820 11.19 -123.64 64.25
N LEU H 821 12.15 -122.73 64.13
CA LEU H 821 11.98 -121.34 64.53
C LEU H 821 11.83 -120.48 63.28
N GLU H 822 10.83 -119.61 63.27
CA GLU H 822 10.49 -118.86 62.08
C GLU H 822 10.08 -117.44 62.45
N PRO H 823 10.23 -116.49 61.52
CA PRO H 823 9.61 -115.18 61.71
C PRO H 823 8.09 -115.29 61.70
N VAL H 824 7.46 -114.40 62.46
CA VAL H 824 6.00 -114.39 62.52
C VAL H 824 5.41 -113.94 61.19
N LYS H 825 5.94 -112.87 60.63
CA LYS H 825 5.47 -112.33 59.37
C LYS H 825 6.67 -112.09 58.46
N GLU H 826 6.58 -112.53 57.22
CA GLU H 826 7.64 -112.28 56.25
C GLU H 826 7.05 -112.16 54.86
N TYR H 827 7.49 -111.14 54.12
CA TYR H 827 7.15 -110.96 52.72
C TYR H 827 8.34 -111.18 51.80
N LYS H 828 9.49 -111.54 52.36
CA LYS H 828 10.68 -111.83 51.58
C LYS H 828 11.54 -112.81 52.35
N ARG H 829 12.41 -113.50 51.63
CA ARG H 829 13.28 -114.51 52.21
C ARG H 829 14.63 -114.44 51.53
N ASP H 830 15.68 -114.18 52.30
CA ASP H 830 17.02 -114.05 51.76
C ASP H 830 17.83 -115.31 52.05
N ALA H 831 18.38 -115.92 51.01
CA ALA H 831 19.20 -117.11 51.14
C ALA H 831 20.36 -117.00 50.16
N GLU H 832 21.58 -117.03 50.71
CA GLU H 832 22.84 -116.99 49.93
C GLU H 832 22.91 -115.76 49.04
N GLY H 833 22.38 -114.64 49.54
CA GLY H 833 22.38 -113.41 48.76
C GLY H 833 21.28 -113.30 47.72
N ILE H 834 20.36 -114.27 47.68
CA ILE H 834 19.27 -114.28 46.71
C ILE H 834 17.96 -114.04 47.47
N ARG H 835 17.17 -113.09 47.01
CA ARG H 835 15.93 -112.72 47.68
C ARG H 835 14.73 -113.26 46.93
N ASP H 836 13.87 -113.97 47.65
CA ASP H 836 12.60 -114.46 47.13
C ASP H 836 11.48 -113.59 47.69
N LEU H 837 10.58 -113.14 46.82
CA LEU H 837 9.39 -112.42 47.25
C LEU H 837 8.27 -113.41 47.50
N LEU H 838 7.52 -113.18 48.57
CA LEU H 838 6.55 -114.15 49.07
C LEU H 838 5.16 -113.57 49.07
N GLY H 839 4.19 -114.35 48.59
CA GLY H 839 2.79 -114.00 48.73
C GLY H 839 2.26 -114.38 50.10
N THR H 840 1.00 -114.00 50.34
CA THR H 840 0.39 -114.24 51.63
C THR H 840 0.05 -115.72 51.79
N THR H 841 0.51 -116.32 52.89
CA THR H 841 0.21 -117.70 53.20
C THR H 841 -0.93 -117.79 54.21
N GLN H 842 -1.72 -118.85 54.08
CA GLN H 842 -2.85 -119.07 54.98
C GLN H 842 -2.36 -119.68 56.29
N SER H 843 -3.30 -119.94 57.20
CA SER H 843 -2.94 -120.50 58.50
C SER H 843 -2.55 -121.97 58.35
N LEU H 844 -1.43 -122.33 58.96
CA LEU H 844 -0.87 -123.68 58.86
C LEU H 844 -0.80 -124.32 60.24
N SER H 845 -0.93 -125.66 60.25
CA SER H 845 -0.87 -126.48 61.47
C SER H 845 -1.91 -126.04 62.49
N GLN H 846 -3.18 -125.98 62.05
CA GLN H 846 -4.26 -125.59 62.93
C GLN H 846 -4.49 -126.64 64.02
N ALA H 847 -4.37 -127.92 63.67
CA ALA H 847 -4.56 -129.05 64.59
C ALA H 847 -5.95 -129.03 65.24
N SER H 848 -6.94 -128.61 64.47
CA SER H 848 -8.33 -128.58 64.91
C SER H 848 -9.05 -129.71 64.18
N PHE H 849 -9.29 -130.82 64.88
CA PHE H 849 -9.90 -131.98 64.26
C PHE H 849 -11.37 -131.72 63.96
N ILE H 850 -12.16 -131.47 65.00
CA ILE H 850 -13.60 -131.16 64.94
C ILE H 850 -14.35 -132.24 64.15
N PRO H 851 -14.57 -133.42 64.72
CA PRO H 851 -15.22 -134.50 63.97
C PRO H 851 -16.66 -134.16 63.61
N CYS H 852 -17.02 -134.43 62.36
CA CYS H 852 -18.35 -134.14 61.83
C CYS H 852 -18.89 -135.40 61.17
N PRO H 853 -19.46 -136.31 61.96
CA PRO H 853 -20.05 -137.52 61.37
C PRO H 853 -21.29 -137.21 60.57
N ILE H 854 -21.58 -138.10 59.61
CA ILE H 854 -22.74 -137.93 58.75
C ILE H 854 -24.01 -138.17 59.57
N ASP H 855 -24.97 -137.26 59.44
CA ASP H 855 -26.19 -137.31 60.26
C ASP H 855 -27.08 -138.46 59.79
N THR H 856 -27.23 -139.47 60.65
CA THR H 856 -28.07 -140.62 60.37
C THR H 856 -29.27 -140.70 61.31
N SER H 857 -29.65 -139.58 61.93
CA SER H 857 -30.80 -139.58 62.84
C SER H 857 -32.10 -139.71 62.07
N GLN H 858 -32.24 -138.99 60.96
CA GLN H 858 -33.46 -139.02 60.16
C GLN H 858 -33.46 -140.11 59.10
N VAL H 859 -32.38 -140.86 58.96
CA VAL H 859 -32.32 -141.94 57.98
C VAL H 859 -33.15 -143.11 58.50
N VAL H 860 -34.16 -143.50 57.74
CA VAL H 860 -35.11 -144.53 58.14
C VAL H 860 -34.86 -145.77 57.31
N LEU H 861 -34.60 -146.88 57.98
CA LEU H 861 -34.37 -148.14 57.27
C LEU H 861 -35.71 -148.70 56.78
N PRO H 862 -35.81 -149.13 55.53
CA PRO H 862 -37.04 -149.77 55.06
C PRO H 862 -37.26 -151.10 55.76
N PRO H 863 -38.51 -151.53 55.93
CA PRO H 863 -38.77 -152.83 56.58
C PRO H 863 -38.21 -154.03 55.82
N HIS H 864 -38.19 -153.97 54.49
CA HIS H 864 -37.69 -155.11 53.71
C HIS H 864 -36.18 -155.25 53.82
N LEU H 865 -35.48 -154.21 54.26
CA LEU H 865 -34.07 -154.28 54.59
C LEU H 865 -33.83 -154.64 56.05
N GLU H 866 -34.90 -154.94 56.80
CA GLU H 866 -34.72 -155.31 58.20
C GLU H 866 -34.18 -156.72 58.35
N LYS H 867 -34.45 -157.60 57.38
CA LYS H 867 -34.05 -159.00 57.49
C LYS H 867 -32.53 -159.15 57.51
N ILE H 868 -31.83 -158.42 56.63
CA ILE H 868 -30.37 -158.42 56.66
C ILE H 868 -29.88 -157.78 57.95
N ARG H 869 -30.67 -156.86 58.53
CA ARG H 869 -30.36 -156.31 59.84
C ARG H 869 -30.43 -157.40 60.92
N ASP H 870 -31.27 -158.41 60.70
CA ASP H 870 -31.31 -159.58 61.57
C ASP H 870 -30.26 -160.61 61.20
N ARG H 871 -29.49 -160.40 60.14
CA ARG H 871 -28.45 -161.34 59.72
C ARG H 871 -27.06 -160.90 60.15
N LEU H 872 -26.66 -159.68 59.79
CA LEU H 872 -25.32 -159.18 60.11
C LEU H 872 -25.10 -159.09 61.61
N ALA H 873 -26.14 -158.69 62.35
CA ALA H 873 -26.07 -158.66 63.81
C ALA H 873 -25.81 -160.06 64.38
N GLU H 874 -26.29 -161.10 63.70
CA GLU H 874 -25.88 -162.45 64.06
C GLU H 874 -24.43 -162.69 63.67
N ASN H 875 -24.07 -162.32 62.43
CA ASN H 875 -22.77 -162.68 61.87
C ASN H 875 -21.62 -162.02 62.62
N ILE H 876 -21.79 -160.75 63.00
CA ILE H 876 -20.81 -160.07 63.85
C ILE H 876 -20.66 -160.81 65.17
N HIS H 877 -21.78 -161.27 65.75
CA HIS H 877 -21.73 -162.12 66.93
C HIS H 877 -20.98 -163.41 66.64
N GLU H 878 -21.17 -163.96 65.43
CA GLU H 878 -20.36 -165.10 64.99
C GLU H 878 -18.88 -164.71 64.96
N LEU H 879 -18.58 -163.51 64.43
CA LEU H 879 -17.22 -162.98 64.50
C LEU H 879 -16.79 -162.72 65.93
N TRP H 880 -17.74 -162.48 66.83
CA TRP H 880 -17.41 -162.38 68.24
C TRP H 880 -17.13 -163.75 68.86
N GLY H 881 -17.68 -164.82 68.29
CA GLY H 881 -17.55 -166.12 68.93
C GLY H 881 -16.21 -166.78 68.76
N MET H 882 -15.87 -167.15 67.52
CA MET H 882 -14.67 -167.93 67.25
C MET H 882 -13.40 -167.14 67.58
N ASN H 883 -13.45 -165.81 67.47
CA ASN H 883 -12.32 -164.98 67.88
C ASN H 883 -12.04 -165.14 69.37
N LYS H 884 -13.09 -165.21 70.20
CA LYS H 884 -12.89 -165.51 71.61
C LYS H 884 -12.36 -166.92 71.82
N ILE H 885 -12.63 -167.83 70.89
CA ILE H 885 -12.00 -169.14 70.92
C ILE H 885 -10.52 -169.01 70.59
N GLU H 886 -10.17 -168.10 69.67
CA GLU H 886 -8.76 -167.91 69.32
C GLU H 886 -7.99 -167.21 70.43
N LEU H 887 -8.69 -166.41 71.25
CA LEU H 887 -8.04 -165.72 72.36
C LEU H 887 -7.84 -166.61 73.58
N GLY H 888 -8.42 -167.80 73.60
CA GLY H 888 -8.31 -168.69 74.73
C GLY H 888 -9.45 -168.64 75.73
N TRP H 889 -10.52 -167.91 75.42
CA TRP H 889 -11.65 -167.83 76.34
C TRP H 889 -12.46 -169.11 76.31
N THR H 890 -12.93 -169.52 77.48
CA THR H 890 -13.78 -170.70 77.64
C THR H 890 -15.21 -170.24 77.94
N PHE H 891 -16.10 -171.22 78.10
CA PHE H 891 -17.51 -170.96 78.36
C PHE H 891 -17.86 -171.36 79.79
N GLY H 892 -18.60 -170.49 80.47
CA GLY H 892 -19.05 -170.78 81.82
C GLY H 892 -20.27 -169.93 82.15
N LYS H 893 -21.00 -170.37 83.18
CA LYS H 893 -22.18 -169.64 83.61
C LYS H 893 -21.84 -168.37 84.37
N ILE H 894 -20.61 -168.24 84.88
CA ILE H 894 -20.18 -167.10 85.66
C ILE H 894 -19.02 -166.43 84.93
N ARG H 895 -19.11 -165.11 84.77
CA ARG H 895 -18.02 -164.35 84.17
C ARG H 895 -16.82 -164.35 85.09
N ASP H 896 -15.66 -164.70 84.56
CA ASP H 896 -14.44 -164.78 85.35
C ASP H 896 -13.24 -164.67 84.41
N ASP H 897 -12.42 -163.64 84.60
CA ASP H 897 -11.28 -163.42 83.73
C ASP H 897 -10.07 -164.30 84.07
N ASN H 898 -10.05 -164.93 85.24
CA ASN H 898 -8.93 -165.78 85.60
C ASN H 898 -8.93 -167.06 84.78
N LYS H 899 -10.08 -167.71 84.66
CA LYS H 899 -10.22 -168.89 83.83
C LYS H 899 -10.76 -168.56 82.44
N ARG H 900 -10.98 -167.28 82.16
CA ARG H 900 -11.46 -166.77 80.87
C ARG H 900 -12.80 -167.41 80.48
N GLN H 901 -13.79 -167.23 81.35
CA GLN H 901 -15.14 -167.73 81.12
C GLN H 901 -16.07 -166.56 80.87
N HIS H 902 -16.79 -166.61 79.75
CA HIS H 902 -17.72 -165.56 79.39
C HIS H 902 -19.11 -166.16 79.22
N PRO H 903 -20.13 -165.62 79.92
CA PRO H 903 -21.48 -166.21 79.84
C PRO H 903 -22.21 -165.90 78.55
N CYS H 904 -21.69 -165.02 77.70
CA CYS H 904 -22.36 -164.63 76.47
C CYS H 904 -21.97 -165.49 75.27
N LEU H 905 -21.15 -166.51 75.47
CA LEU H 905 -20.71 -167.40 74.38
C LEU H 905 -21.79 -168.45 74.11
N VAL H 906 -22.92 -167.98 73.60
CA VAL H 906 -24.06 -168.83 73.28
C VAL H 906 -24.56 -168.44 71.89
N GLU H 907 -25.61 -169.13 71.44
CA GLU H 907 -26.22 -168.83 70.16
C GLU H 907 -27.00 -167.52 70.24
N PHE H 908 -27.34 -166.99 69.06
CA PHE H 908 -28.02 -165.70 68.99
C PHE H 908 -29.43 -165.77 69.55
N SER H 909 -30.08 -166.93 69.46
CA SER H 909 -31.41 -167.09 70.05
C SER H 909 -31.35 -167.06 71.58
N LYS H 910 -30.27 -167.60 72.15
CA LYS H 910 -30.10 -167.64 73.60
C LYS H 910 -29.31 -166.46 74.13
N LEU H 911 -28.96 -165.49 73.30
CA LEU H 911 -28.28 -164.29 73.76
C LEU H 911 -29.22 -163.45 74.62
N PRO H 912 -28.69 -162.71 75.59
CA PRO H 912 -29.53 -161.81 76.39
C PRO H 912 -30.00 -160.63 75.57
N GLU H 913 -30.95 -159.89 76.14
CA GLU H 913 -31.56 -158.77 75.43
C GLU H 913 -30.58 -157.64 75.21
N THR H 914 -29.64 -157.42 76.13
CA THR H 914 -28.68 -156.33 75.99
C THR H 914 -27.72 -156.57 74.82
N GLU H 915 -27.16 -157.79 74.73
CA GLU H 915 -26.26 -158.11 73.64
C GLU H 915 -26.98 -158.12 72.29
N LYS H 916 -28.21 -158.66 72.27
CA LYS H 916 -28.99 -158.67 71.04
C LYS H 916 -29.33 -157.26 70.58
N ASN H 917 -29.71 -156.38 71.51
CA ASN H 917 -30.01 -155.00 71.15
C ASN H 917 -28.75 -154.26 70.72
N TYR H 918 -27.61 -154.55 71.34
CA TYR H 918 -26.35 -153.93 70.92
C TYR H 918 -25.96 -154.34 69.51
N ASN H 919 -26.10 -155.63 69.19
CA ASN H 919 -25.81 -156.08 67.83
C ASN H 919 -26.78 -155.49 66.82
N LEU H 920 -28.06 -155.42 67.17
CA LEU H 920 -29.06 -154.84 66.27
C LEU H 920 -28.79 -153.35 66.04
N GLN H 921 -28.40 -152.63 67.09
CA GLN H 921 -28.12 -151.21 66.95
C GLN H 921 -26.83 -150.98 66.17
N MET H 922 -25.84 -151.85 66.32
CA MET H 922 -24.62 -151.76 65.51
C MET H 922 -24.92 -151.97 64.03
N SER H 923 -25.72 -153.00 63.72
CA SER H 923 -26.11 -153.24 62.33
C SER H 923 -26.97 -152.10 61.79
N THR H 924 -27.85 -151.54 62.63
CA THR H 924 -28.68 -150.42 62.22
C THR H 924 -27.84 -149.18 61.92
N GLU H 925 -26.84 -148.91 62.75
CA GLU H 925 -25.96 -147.77 62.50
C GLU H 925 -25.12 -147.98 61.25
N THR H 926 -24.67 -149.21 61.01
CA THR H 926 -23.93 -149.49 59.77
C THR H 926 -24.82 -149.30 58.54
N LEU H 927 -26.06 -149.77 58.61
CA LEU H 927 -26.99 -149.62 57.49
C LEU H 927 -27.35 -148.15 57.27
N LYS H 928 -27.55 -147.39 58.35
CA LYS H 928 -27.84 -145.97 58.21
C LYS H 928 -26.65 -145.19 57.66
N THR H 929 -25.42 -145.58 58.05
CA THR H 929 -24.23 -144.95 57.48
C THR H 929 -24.10 -145.25 55.99
N LEU H 930 -24.43 -146.49 55.58
CA LEU H 930 -24.41 -146.82 54.16
C LEU H 930 -25.49 -146.08 53.40
N LEU H 931 -26.68 -145.93 53.99
CA LEU H 931 -27.78 -145.25 53.31
C LEU H 931 -27.60 -143.74 53.26
N ALA H 932 -26.86 -143.15 54.20
CA ALA H 932 -26.64 -141.71 54.20
C ALA H 932 -25.73 -141.26 53.06
N LEU H 933 -24.98 -142.19 52.47
CA LEU H 933 -24.16 -141.90 51.29
C LEU H 933 -24.96 -141.97 50.00
N GLY H 934 -26.25 -142.29 50.07
CA GLY H 934 -27.07 -142.45 48.89
C GLY H 934 -27.01 -143.81 48.24
N CYS H 935 -26.39 -144.80 48.89
CA CYS H 935 -26.29 -146.13 48.33
C CYS H 935 -27.66 -146.80 48.26
N HIS H 936 -27.92 -147.49 47.15
CA HIS H 936 -29.19 -148.16 46.92
C HIS H 936 -29.03 -149.64 47.27
N ILE H 937 -29.72 -150.08 48.32
CA ILE H 937 -29.64 -151.45 48.80
C ILE H 937 -30.90 -152.17 48.37
N ALA H 938 -30.74 -153.20 47.55
CA ALA H 938 -31.87 -153.99 47.06
C ALA H 938 -31.49 -155.45 47.00
N HIS H 939 -32.49 -156.31 47.13
CA HIS H 939 -32.30 -157.76 47.06
C HIS H 939 -32.63 -158.25 45.65
N VAL H 940 -31.76 -157.86 44.72
CA VAL H 940 -32.01 -158.14 43.31
C VAL H 940 -31.83 -159.63 43.00
N ASN H 941 -30.79 -160.25 43.55
CA ASN H 941 -30.46 -161.64 43.26
C ASN H 941 -30.44 -162.45 44.56
N PRO H 942 -31.58 -162.98 44.99
CA PRO H 942 -31.59 -163.82 46.20
C PRO H 942 -30.98 -165.19 46.02
N ALA H 943 -30.70 -165.60 44.77
CA ALA H 943 -30.19 -166.95 44.51
C ALA H 943 -28.80 -167.16 45.10
N ALA H 944 -28.02 -166.09 45.26
CA ALA H 944 -26.73 -166.19 45.93
C ALA H 944 -26.91 -166.60 47.40
N GLU H 945 -28.02 -166.18 48.02
CA GLU H 945 -28.34 -166.66 49.37
C GLU H 945 -28.58 -168.17 49.37
N GLU H 946 -29.10 -168.71 48.25
CA GLU H 946 -29.19 -170.16 48.11
C GLU H 946 -27.80 -170.78 48.00
N ASP H 947 -26.86 -170.06 47.39
CA ASP H 947 -25.48 -170.56 47.26
C ASP H 947 -24.61 -170.21 48.45
N LEU H 948 -25.12 -169.43 49.40
CA LEU H 948 -24.35 -169.05 50.58
C LEU H 948 -24.32 -170.19 51.59
N LYS H 949 -23.12 -170.50 52.10
CA LYS H 949 -22.96 -171.53 53.10
C LYS H 949 -22.18 -171.00 54.30
N LYS H 950 -21.82 -171.87 55.23
CA LYS H 950 -21.11 -171.49 56.44
C LYS H 950 -19.86 -172.32 56.60
N VAL H 951 -18.87 -171.75 57.29
CA VAL H 951 -17.61 -172.43 57.53
C VAL H 951 -17.79 -173.45 58.64
N LYS H 952 -17.41 -174.70 58.37
CA LYS H 952 -17.50 -175.78 59.34
C LYS H 952 -16.23 -175.79 60.17
N LEU H 953 -16.30 -175.21 61.38
CA LEU H 953 -15.13 -175.13 62.23
C LEU H 953 -14.80 -176.50 62.82
N PRO H 954 -13.51 -176.79 63.04
CA PRO H 954 -13.13 -178.09 63.62
C PRO H 954 -13.49 -178.24 65.09
N LYS H 955 -13.08 -179.36 65.69
CA LYS H 955 -13.54 -179.74 67.02
C LYS H 955 -13.00 -178.84 68.12
N ASN H 956 -11.87 -178.16 67.90
CA ASN H 956 -11.32 -177.29 68.94
C ASN H 956 -12.12 -176.00 69.12
N TYR H 957 -13.06 -175.70 68.23
CA TYR H 957 -13.96 -174.56 68.39
C TYR H 957 -15.24 -174.93 69.13
N MET H 958 -15.35 -176.15 69.63
CA MET H 958 -16.51 -176.56 70.41
C MET H 958 -16.34 -176.18 71.87
N MET H 959 -17.42 -175.69 72.47
CA MET H 959 -17.42 -175.26 73.86
C MET H 959 -17.99 -176.37 74.74
N SER H 960 -18.17 -176.07 76.04
CA SER H 960 -18.71 -177.06 76.96
C SER H 960 -20.19 -177.31 76.73
N ASN H 961 -20.93 -176.30 76.27
CA ASN H 961 -22.35 -176.42 76.00
C ASN H 961 -22.66 -176.88 74.58
N GLY H 962 -21.64 -177.16 73.78
CA GLY H 962 -21.84 -177.56 72.40
C GLY H 962 -22.05 -176.42 71.43
N TYR H 963 -21.83 -175.18 71.86
CA TYR H 963 -22.03 -174.02 70.99
C TYR H 963 -20.84 -173.88 70.06
N LYS H 964 -21.06 -174.15 68.78
CA LYS H 964 -20.03 -173.96 67.75
C LYS H 964 -20.42 -172.78 66.89
N PRO H 965 -19.62 -171.72 66.85
CA PRO H 965 -19.95 -170.58 65.98
C PRO H 965 -19.86 -170.96 64.51
N ALA H 966 -20.70 -170.31 63.71
CA ALA H 966 -20.86 -170.64 62.28
C ALA H 966 -20.69 -169.38 61.45
N PRO H 967 -19.46 -168.98 61.17
CA PRO H 967 -19.24 -167.85 60.25
C PRO H 967 -19.55 -168.23 58.82
N LEU H 968 -19.90 -167.22 58.02
CA LEU H 968 -20.23 -167.45 56.63
C LEU H 968 -18.98 -167.75 55.81
N ASP H 969 -19.17 -168.53 54.74
CA ASP H 969 -18.09 -168.88 53.83
C ASP H 969 -17.96 -167.78 52.79
N LEU H 970 -17.27 -166.71 53.18
CA LEU H 970 -17.10 -165.53 52.34
C LEU H 970 -15.72 -165.44 51.70
N SER H 971 -14.98 -166.55 51.67
CA SER H 971 -13.66 -166.55 51.05
C SER H 971 -13.74 -166.39 49.54
N ASP H 972 -14.86 -166.79 48.93
CA ASP H 972 -15.07 -166.63 47.51
C ASP H 972 -15.82 -165.35 47.15
N VAL H 973 -16.13 -164.51 48.13
CA VAL H 973 -16.82 -163.25 47.90
C VAL H 973 -15.77 -162.16 47.70
N LYS H 974 -15.84 -161.48 46.56
CA LYS H 974 -14.91 -160.42 46.21
C LYS H 974 -15.63 -159.08 46.18
N LEU H 975 -14.92 -158.02 46.58
CA LEU H 975 -15.49 -156.68 46.64
C LEU H 975 -14.84 -155.79 45.59
N LEU H 976 -15.65 -154.91 44.99
CA LEU H 976 -15.16 -153.99 43.99
C LEU H 976 -14.29 -152.92 44.62
N PRO H 977 -13.38 -152.32 43.85
CA PRO H 977 -12.60 -151.17 44.35
C PRO H 977 -13.48 -149.98 44.73
N PRO H 978 -14.60 -149.70 44.05
CA PRO H 978 -15.57 -148.76 44.66
C PRO H 978 -16.12 -149.25 45.99
N GLN H 979 -16.34 -150.56 46.15
CA GLN H 979 -16.77 -151.06 47.46
C GLN H 979 -15.64 -150.97 48.48
N GLU H 980 -14.39 -151.06 48.05
CA GLU H 980 -13.27 -150.80 48.95
C GLU H 980 -13.23 -149.33 49.38
N VAL H 981 -13.55 -148.43 48.46
CA VAL H 981 -13.69 -147.00 48.81
C VAL H 981 -14.82 -146.82 49.81
N LEU H 982 -15.92 -147.55 49.62
CA LEU H 982 -17.03 -147.52 50.58
C LEU H 982 -16.59 -148.04 51.96
N VAL H 983 -15.77 -149.09 51.97
CA VAL H 983 -15.24 -149.61 53.23
C VAL H 983 -14.36 -148.58 53.92
N ASP H 984 -13.52 -147.88 53.14
CA ASP H 984 -12.68 -146.83 53.71
C ASP H 984 -13.51 -145.68 54.26
N LYS H 985 -14.59 -145.32 53.55
CA LYS H 985 -15.48 -144.26 54.05
C LYS H 985 -16.22 -144.70 55.32
N LEU H 986 -16.61 -145.97 55.39
CA LEU H 986 -17.23 -146.49 56.60
C LEU H 986 -16.26 -146.46 57.78
N ALA H 987 -14.99 -146.80 57.53
CA ALA H 987 -13.98 -146.74 58.58
C ALA H 987 -13.74 -145.31 59.03
N GLU H 988 -13.71 -144.36 58.08
CA GLU H 988 -13.56 -142.95 58.42
C GLU H 988 -14.75 -142.45 59.25
N ASN H 989 -15.96 -142.84 58.87
CA ASN H 989 -17.15 -142.42 59.62
C ASN H 989 -17.16 -143.03 61.02
N ALA H 990 -16.75 -144.29 61.15
CA ALA H 990 -16.66 -144.91 62.48
C ALA H 990 -15.61 -144.22 63.34
N HIS H 991 -14.47 -143.86 62.74
CA HIS H 991 -13.44 -143.12 63.47
C HIS H 991 -13.95 -141.76 63.91
N ASN H 992 -14.70 -141.06 63.05
CA ASN H 992 -15.27 -139.77 63.42
C ASN H 992 -16.28 -139.90 64.55
N VAL H 993 -17.12 -140.94 64.49
CA VAL H 993 -18.12 -141.17 65.54
C VAL H 993 -17.43 -141.47 66.87
N TRP H 994 -16.41 -142.34 66.85
CA TRP H 994 -15.69 -142.67 68.07
C TRP H 994 -14.95 -141.46 68.63
N ALA H 995 -14.35 -140.65 67.77
CA ALA H 995 -13.65 -139.45 68.22
C ALA H 995 -14.61 -138.43 68.81
N LYS H 996 -15.78 -138.25 68.19
CA LYS H 996 -16.76 -137.31 68.74
C LYS H 996 -17.32 -137.81 70.07
N ASP H 997 -17.51 -139.13 70.21
CA ASP H 997 -17.95 -139.69 71.47
C ASP H 997 -16.90 -139.49 72.56
N ARG H 998 -15.61 -139.65 72.22
CA ARG H 998 -14.56 -139.43 73.20
C ARG H 998 -14.44 -137.96 73.59
N ILE H 999 -14.57 -137.05 72.61
CA ILE H 999 -14.50 -135.63 72.89
C ILE H 999 -15.67 -135.19 73.74
N LYS H 1000 -16.86 -135.74 73.50
CA LYS H 1000 -18.02 -135.45 74.33
C LYS H 1000 -17.87 -135.97 75.75
N GLN H 1001 -16.97 -136.93 75.98
CA GLN H 1001 -16.66 -137.43 77.31
C GLN H 1001 -15.54 -136.65 77.98
N GLY H 1002 -15.02 -135.61 77.34
CA GLY H 1002 -13.97 -134.81 77.92
C GLY H 1002 -12.55 -135.24 77.59
N TRP H 1003 -12.37 -136.10 76.59
CA TRP H 1003 -11.04 -136.55 76.22
C TRP H 1003 -10.38 -135.57 75.26
N THR H 1004 -9.07 -135.40 75.40
CA THR H 1004 -8.28 -134.55 74.55
C THR H 1004 -7.12 -135.35 73.96
N TYR H 1005 -6.39 -134.73 73.05
CA TYR H 1005 -5.22 -135.37 72.45
C TYR H 1005 -4.07 -135.42 73.45
N GLY H 1006 -3.38 -136.55 73.48
CA GLY H 1006 -2.23 -136.72 74.35
C GLY H 1006 -1.44 -137.97 74.02
N ILE H 1007 -0.10 -137.87 74.03
CA ILE H 1007 0.73 -139.01 73.66
C ILE H 1007 0.65 -140.10 74.72
N GLN H 1008 0.75 -139.72 75.99
CA GLN H 1008 0.62 -140.67 77.09
C GLN H 1008 -0.82 -140.72 77.56
N GLN H 1009 -1.37 -141.92 77.65
CA GLN H 1009 -2.78 -142.11 78.00
C GLN H 1009 -2.90 -142.34 79.51
N ASP H 1010 -3.66 -141.46 80.17
CA ASP H 1010 -3.97 -141.61 81.58
C ASP H 1010 -5.45 -141.37 81.80
N LEU H 1011 -6.01 -142.04 82.80
CA LEU H 1011 -7.45 -141.99 83.02
C LEU H 1011 -7.88 -140.66 83.63
N LYS H 1012 -7.03 -140.04 84.45
CA LYS H 1012 -7.40 -138.79 85.09
C LYS H 1012 -7.46 -137.64 84.09
N ASN H 1013 -6.43 -137.52 83.24
CA ASN H 1013 -6.35 -136.39 82.32
C ASN H 1013 -7.16 -136.59 81.05
N LYS H 1014 -7.62 -137.82 80.79
CA LYS H 1014 -8.40 -138.17 79.59
C LYS H 1014 -7.66 -137.79 78.31
N ARG H 1015 -6.52 -138.46 78.11
CA ARG H 1015 -5.67 -138.22 76.94
C ARG H 1015 -5.69 -139.45 76.05
N ASN H 1016 -6.00 -139.25 74.77
CA ASN H 1016 -6.13 -140.33 73.81
C ASN H 1016 -5.16 -140.10 72.65
N PRO H 1017 -4.18 -140.98 72.43
CA PRO H 1017 -3.25 -140.77 71.32
C PRO H 1017 -3.87 -140.95 69.94
N ARG H 1018 -5.02 -141.61 69.85
CA ARG H 1018 -5.66 -141.87 68.56
C ARG H 1018 -6.55 -140.73 68.10
N LEU H 1019 -6.70 -139.68 68.90
CA LEU H 1019 -7.51 -138.52 68.53
C LEU H 1019 -6.72 -137.69 67.49
N VAL H 1020 -6.79 -138.15 66.25
CA VAL H 1020 -6.03 -137.58 65.15
C VAL H 1020 -6.86 -137.64 63.89
N PRO H 1021 -6.50 -136.85 62.87
CA PRO H 1021 -7.08 -137.06 61.54
C PRO H 1021 -6.78 -138.46 61.02
N TYR H 1022 -7.73 -139.00 60.25
CA TYR H 1022 -7.65 -140.40 59.82
C TYR H 1022 -6.48 -140.68 58.89
N ALA H 1023 -5.94 -139.64 58.23
CA ALA H 1023 -4.80 -139.84 57.34
C ALA H 1023 -3.48 -140.07 58.07
N LEU H 1024 -3.44 -139.87 59.39
CA LEU H 1024 -2.21 -140.00 60.16
C LEU H 1024 -2.33 -141.02 61.29
N LEU H 1025 -3.31 -141.92 61.22
CA LEU H 1025 -3.51 -142.89 62.29
C LEU H 1025 -2.54 -144.05 62.16
N ASP H 1026 -2.61 -144.98 63.11
CA ASP H 1026 -1.80 -146.17 63.09
C ASP H 1026 -2.28 -147.13 62.00
N GLU H 1027 -1.36 -147.94 61.49
CA GLU H 1027 -1.70 -148.87 60.40
C GLU H 1027 -2.60 -149.99 60.90
N ARG H 1028 -2.27 -150.59 62.04
CA ARG H 1028 -3.06 -151.73 62.54
C ARG H 1028 -4.41 -151.27 63.07
N THR H 1029 -4.47 -150.09 63.70
CA THR H 1029 -5.73 -149.58 64.23
C THR H 1029 -6.74 -149.32 63.13
N LYS H 1030 -6.29 -148.72 62.01
CA LYS H 1030 -7.17 -148.57 60.85
C LYS H 1030 -7.44 -149.91 60.19
N LYS H 1031 -6.44 -150.81 60.17
CA LYS H 1031 -6.53 -152.06 59.43
C LYS H 1031 -7.56 -153.00 60.04
N SER H 1032 -7.63 -153.06 61.37
CA SER H 1032 -8.58 -153.96 62.03
C SER H 1032 -10.03 -153.55 61.74
N ASN H 1033 -10.32 -152.25 61.86
CA ASN H 1033 -11.66 -151.76 61.57
C ASN H 1033 -11.97 -151.87 60.08
N ARG H 1034 -10.96 -151.65 59.22
CA ARG H 1034 -11.17 -151.80 57.78
C ARG H 1034 -11.49 -153.24 57.41
N ASP H 1035 -10.80 -154.21 58.02
CA ASP H 1035 -11.07 -155.61 57.75
C ASP H 1035 -12.44 -156.02 58.30
N SER H 1036 -12.82 -155.49 59.47
CA SER H 1036 -14.14 -155.80 60.02
C SER H 1036 -15.26 -155.26 59.14
N LEU H 1037 -15.11 -154.03 58.66
CA LEU H 1037 -16.15 -153.47 57.78
C LEU H 1037 -16.12 -154.10 56.40
N ARG H 1038 -14.95 -154.55 55.93
CA ARG H 1038 -14.88 -155.31 54.69
C ARG H 1038 -15.60 -156.64 54.81
N GLU H 1039 -15.45 -157.31 55.97
CA GLU H 1039 -16.20 -158.53 56.21
C GLU H 1039 -17.70 -158.26 56.30
N ALA H 1040 -18.08 -157.11 56.87
CA ALA H 1040 -19.49 -156.73 56.91
C ALA H 1040 -20.05 -156.50 55.51
N VAL H 1041 -19.27 -155.84 54.65
CA VAL H 1041 -19.71 -155.61 53.27
C VAL H 1041 -19.79 -156.93 52.50
N ARG H 1042 -18.85 -157.85 52.77
CA ARG H 1042 -18.92 -159.18 52.15
C ARG H 1042 -20.15 -159.95 52.62
N THR H 1043 -20.52 -159.80 53.90
CA THR H 1043 -21.75 -160.40 54.41
C THR H 1043 -22.98 -159.80 53.74
N PHE H 1044 -22.96 -158.48 53.50
CA PHE H 1044 -24.06 -157.84 52.80
C PHE H 1044 -24.17 -158.33 51.36
N VAL H 1045 -23.03 -158.49 50.68
CA VAL H 1045 -23.05 -158.93 49.29
C VAL H 1045 -23.48 -160.39 49.18
N GLY H 1046 -23.03 -161.24 50.11
CA GLY H 1046 -23.29 -162.66 50.04
C GLY H 1046 -24.75 -163.05 50.21
N TYR H 1047 -25.56 -162.16 50.79
CA TYR H 1047 -26.99 -162.40 50.92
C TYR H 1047 -27.79 -161.86 49.75
N GLY H 1048 -27.13 -161.35 48.72
CA GLY H 1048 -27.81 -160.90 47.52
C GLY H 1048 -28.24 -159.45 47.53
N TYR H 1049 -27.63 -158.61 48.34
CA TYR H 1049 -27.95 -157.19 48.40
C TYR H 1049 -26.94 -156.40 47.59
N ASN H 1050 -27.41 -155.51 46.73
CA ASN H 1050 -26.54 -154.67 45.93
C ASN H 1050 -26.14 -153.43 46.71
N ILE H 1051 -24.86 -153.08 46.66
CA ILE H 1051 -24.31 -152.01 47.47
C ILE H 1051 -23.80 -150.90 46.56
N GLU H 1052 -24.50 -150.69 45.44
CA GLU H 1052 -24.12 -149.61 44.53
C GLU H 1052 -24.36 -148.25 45.19
N PRO H 1053 -23.45 -147.30 45.00
CA PRO H 1053 -23.60 -145.99 45.63
C PRO H 1053 -24.52 -145.08 44.82
N SER H 1054 -24.63 -143.83 45.29
CA SER H 1054 -25.47 -142.86 44.62
C SER H 1054 -24.83 -142.38 43.32
N ASP H 1055 -25.66 -142.18 42.30
CA ASP H 1055 -25.16 -141.68 41.02
C ASP H 1055 -24.86 -140.19 41.06
N GLN H 1056 -25.55 -139.44 41.93
CA GLN H 1056 -25.36 -137.99 42.03
C GLN H 1056 -24.15 -137.71 42.91
N GLU H 1057 -23.00 -137.52 42.28
CA GLU H 1057 -21.77 -137.18 43.00
C GLU H 1057 -20.97 -136.10 42.27
N LEU H 1058 -21.66 -135.21 41.57
CA LEU H 1058 -21.00 -134.17 40.79
C LEU H 1058 -21.47 -132.79 41.23
N ALA H 1059 -21.54 -132.56 42.55
CA ALA H 1059 -21.96 -131.26 43.06
C ALA H 1059 -20.93 -130.18 42.74
N ASP H 1060 -19.63 -130.53 42.81
CA ASP H 1060 -18.48 -129.68 42.52
C ASP H 1060 -18.50 -128.42 43.38
N PRO H 1061 -18.28 -128.54 44.69
CA PRO H 1061 -18.26 -127.34 45.55
C PRO H 1061 -16.98 -126.56 45.33
N ALA H 1062 -17.12 -125.34 44.83
CA ALA H 1062 -15.98 -124.47 44.51
C ALA H 1062 -15.91 -123.33 45.51
N VAL H 1063 -14.71 -123.09 46.05
CA VAL H 1063 -14.52 -122.00 46.98
C VAL H 1063 -14.53 -120.66 46.24
N GLU H 1064 -14.73 -119.59 47.00
CA GLU H 1064 -14.77 -118.26 46.42
C GLU H 1064 -13.37 -117.80 46.01
N LYS H 1065 -13.34 -116.74 45.20
CA LYS H 1065 -12.07 -116.18 44.76
C LYS H 1065 -11.37 -115.46 45.92
N VAL H 1066 -10.05 -115.34 45.79
CA VAL H 1066 -9.26 -114.68 46.81
C VAL H 1066 -9.50 -113.18 46.77
N SER H 1067 -9.58 -112.57 47.95
CA SER H 1067 -9.75 -111.12 48.04
C SER H 1067 -8.49 -110.40 47.57
N ILE H 1068 -8.68 -109.14 47.15
CA ILE H 1068 -7.56 -108.33 46.69
C ILE H 1068 -6.66 -107.94 47.85
N ASP H 1069 -7.17 -107.97 49.09
CA ASP H 1069 -6.36 -107.65 50.26
C ASP H 1069 -5.30 -108.71 50.54
N LYS H 1070 -5.49 -109.94 50.07
CA LYS H 1070 -4.55 -111.02 50.32
C LYS H 1070 -3.56 -111.22 49.18
N ILE H 1071 -3.66 -110.43 48.11
CA ILE H 1071 -2.68 -110.44 47.03
C ILE H 1071 -1.62 -109.41 47.35
N ARG H 1072 -0.35 -109.81 47.29
CA ARG H 1072 0.73 -108.91 47.70
C ARG H 1072 1.42 -108.32 46.48
N PHE H 1073 1.49 -106.99 46.44
CA PHE H 1073 2.09 -106.26 45.33
C PHE H 1073 3.51 -105.87 45.71
N PHE H 1074 4.45 -106.07 44.81
CA PHE H 1074 5.81 -105.57 44.94
C PHE H 1074 6.10 -104.64 43.78
N ARG H 1075 6.89 -103.61 44.04
CA ARG H 1075 6.93 -102.47 43.13
C ARG H 1075 8.24 -101.75 43.29
N VAL H 1076 8.72 -101.15 42.20
CA VAL H 1076 9.85 -100.24 42.26
C VAL H 1076 9.35 -98.85 42.65
N GLU H 1077 10.13 -98.14 43.48
CA GLU H 1077 9.78 -96.79 43.90
C GLU H 1077 9.60 -95.85 42.71
N TRP H 1078 8.65 -94.93 42.83
CA TRP H 1078 8.26 -94.05 41.72
C TRP H 1078 9.37 -93.13 41.26
N SER H 1079 10.37 -92.86 42.09
CA SER H 1079 11.45 -91.96 41.69
C SER H 1079 12.39 -92.58 40.67
N TYR H 1080 12.26 -93.88 40.41
CA TYR H 1080 13.03 -94.57 39.39
C TYR H 1080 12.27 -94.73 38.08
N ALA H 1081 11.13 -94.05 37.93
CA ALA H 1081 10.30 -94.21 36.74
C ALA H 1081 11.00 -93.66 35.51
N VAL H 1082 10.89 -94.40 34.41
CA VAL H 1082 11.60 -94.11 33.17
C VAL H 1082 10.63 -93.52 32.16
N ARG H 1083 11.03 -92.45 31.50
CA ARG H 1083 10.21 -91.82 30.47
C ARG H 1083 10.72 -92.02 29.06
N SER H 1084 11.94 -92.53 28.89
CA SER H 1084 12.49 -92.79 27.57
C SER H 1084 13.57 -93.84 27.68
N GLY H 1085 13.84 -94.51 26.57
CA GLY H 1085 14.87 -95.52 26.51
C GLY H 1085 14.28 -96.91 26.31
N LYS H 1086 15.19 -97.89 26.31
CA LYS H 1086 14.85 -99.31 26.20
C LYS H 1086 15.32 -100.00 27.47
N TRP H 1087 14.40 -100.65 28.17
CA TRP H 1087 14.69 -101.20 29.50
C TRP H 1087 14.24 -102.65 29.60
N TYR H 1088 14.99 -103.41 30.39
CA TYR H 1088 14.82 -104.86 30.50
C TYR H 1088 14.91 -105.25 31.97
N PHE H 1089 14.03 -106.17 32.39
CA PHE H 1089 14.23 -106.84 33.67
C PHE H 1089 13.66 -108.25 33.57
N GLU H 1090 13.91 -109.05 34.61
CA GLU H 1090 13.51 -110.45 34.60
C GLU H 1090 12.72 -110.79 35.85
N PHE H 1091 11.87 -111.80 35.74
CA PHE H 1091 11.03 -112.27 36.84
C PHE H 1091 11.03 -113.79 36.80
N GLU H 1092 11.75 -114.41 37.72
CA GLU H 1092 11.74 -115.86 37.83
C GLU H 1092 10.57 -116.31 38.68
N VAL H 1093 9.81 -117.28 38.19
CA VAL H 1093 8.65 -117.81 38.89
C VAL H 1093 9.10 -119.10 39.58
N VAL H 1094 9.37 -118.98 40.89
CA VAL H 1094 9.82 -120.15 41.66
C VAL H 1094 8.67 -121.14 41.84
N THR H 1095 7.49 -120.64 42.18
CA THR H 1095 6.29 -121.44 42.32
C THR H 1095 5.33 -121.03 41.22
N GLY H 1096 5.11 -121.92 40.25
CA GLY H 1096 4.19 -121.62 39.17
C GLY H 1096 2.77 -121.51 39.68
N GLY H 1097 2.10 -120.41 39.33
CA GLY H 1097 0.76 -120.17 39.85
C GLY H 1097 0.28 -118.77 39.50
N ASP H 1098 -0.61 -118.25 40.33
CA ASP H 1098 -1.27 -116.97 40.10
C ASP H 1098 -0.31 -115.84 40.44
N MET H 1099 0.38 -115.31 39.42
CA MET H 1099 1.24 -114.16 39.56
C MET H 1099 1.10 -113.28 38.33
N ARG H 1100 1.34 -111.98 38.51
CA ARG H 1100 1.34 -111.03 37.40
C ARG H 1100 2.63 -110.22 37.45
N VAL H 1101 3.13 -109.85 36.28
CA VAL H 1101 4.37 -109.07 36.22
C VAL H 1101 4.30 -108.10 35.05
N GLY H 1102 4.79 -106.88 35.26
CA GLY H 1102 4.76 -105.91 34.17
C GLY H 1102 5.19 -104.53 34.61
N TRP H 1103 4.63 -103.53 33.94
CA TRP H 1103 5.03 -102.14 34.11
C TRP H 1103 3.87 -101.32 34.65
N ALA H 1104 4.14 -100.48 35.65
CA ALA H 1104 3.11 -99.70 36.32
C ALA H 1104 3.40 -98.21 36.21
N ARG H 1105 2.34 -97.42 36.08
CA ARG H 1105 2.40 -95.97 36.13
C ARG H 1105 2.39 -95.48 37.58
N PRO H 1106 2.96 -94.32 37.86
CA PRO H 1106 2.77 -93.70 39.18
C PRO H 1106 1.33 -93.28 39.39
N GLY H 1107 0.63 -93.99 40.28
CA GLY H 1107 -0.79 -93.80 40.44
C GLY H 1107 -1.50 -95.13 40.53
N CYS H 1108 -0.74 -96.21 40.37
CA CYS H 1108 -1.27 -97.55 40.56
C CYS H 1108 -1.63 -97.76 42.03
N ARG H 1109 -2.76 -98.41 42.28
CA ARG H 1109 -3.27 -98.58 43.62
C ARG H 1109 -3.13 -100.04 44.07
N PRO H 1110 -2.88 -100.27 45.36
CA PRO H 1110 -2.69 -101.65 45.83
C PRO H 1110 -3.98 -102.43 46.06
N ASP H 1111 -5.15 -101.80 45.99
CA ASP H 1111 -6.42 -102.47 46.23
C ASP H 1111 -7.16 -102.81 44.95
N ILE H 1112 -6.54 -102.62 43.79
CA ILE H 1112 -7.11 -102.97 42.50
C ILE H 1112 -6.20 -104.01 41.86
N GLU H 1113 -6.79 -105.01 41.22
CA GLU H 1113 -6.02 -106.05 40.55
C GLU H 1113 -5.17 -105.45 39.45
N LEU H 1114 -3.97 -106.02 39.26
CA LEU H 1114 -2.98 -105.45 38.37
C LEU H 1114 -3.44 -105.57 36.92
N GLY H 1115 -3.47 -104.44 36.22
CA GLY H 1115 -3.91 -104.39 34.85
C GLY H 1115 -5.40 -104.29 34.65
N ALA H 1116 -6.19 -104.25 35.72
CA ALA H 1116 -7.64 -104.10 35.59
C ALA H 1116 -8.06 -102.69 35.21
N ASP H 1117 -7.17 -101.72 35.36
CA ASP H 1117 -7.44 -100.34 34.96
C ASP H 1117 -6.31 -99.82 34.09
N ASP H 1118 -6.29 -98.51 33.84
CA ASP H 1118 -5.33 -97.89 32.94
C ASP H 1118 -4.03 -97.51 33.62
N GLN H 1119 -3.69 -98.15 34.74
CA GLN H 1119 -2.48 -97.80 35.48
C GLN H 1119 -1.38 -98.85 35.40
N ALA H 1120 -1.66 -100.06 34.92
CA ALA H 1120 -0.66 -101.11 34.83
C ALA H 1120 -0.84 -101.89 33.54
N PHE H 1121 0.28 -102.41 33.04
CA PHE H 1121 0.34 -103.24 31.83
C PHE H 1121 1.06 -104.50 32.27
N VAL H 1122 0.32 -105.59 32.50
CA VAL H 1122 0.94 -106.77 33.09
C VAL H 1122 0.61 -108.01 32.28
N PHE H 1123 1.40 -109.05 32.53
CA PHE H 1123 1.23 -110.38 31.96
C PHE H 1123 1.01 -111.36 33.10
N GLU H 1124 -0.02 -112.19 32.96
CA GLU H 1124 -0.34 -113.25 33.92
C GLU H 1124 -0.16 -114.58 33.21
N GLY H 1125 0.85 -115.33 33.63
CA GLY H 1125 1.16 -116.59 33.00
C GLY H 1125 0.50 -117.81 33.57
N SER H 1126 -0.37 -117.66 34.57
CA SER H 1126 -1.13 -118.81 35.03
C SER H 1126 -2.21 -119.19 34.03
N ARG H 1127 -2.80 -118.20 33.37
CA ARG H 1127 -3.81 -118.42 32.35
C ARG H 1127 -3.37 -117.98 30.96
N GLY H 1128 -2.18 -117.39 30.84
CA GLY H 1128 -1.70 -116.90 29.57
C GLY H 1128 -2.48 -115.70 29.09
N GLN H 1129 -2.51 -114.63 29.89
CA GLN H 1129 -3.31 -113.46 29.59
C GLN H 1129 -2.47 -112.20 29.74
N ARG H 1130 -2.88 -111.16 29.02
CA ARG H 1130 -2.34 -109.82 29.19
C ARG H 1130 -3.43 -108.91 29.75
N TRP H 1131 -3.05 -107.99 30.63
CA TRP H 1131 -3.99 -107.15 31.34
C TRP H 1131 -3.60 -105.69 31.18
N HIS H 1132 -4.50 -104.91 30.58
CA HIS H 1132 -4.50 -103.46 30.61
C HIS H 1132 -5.89 -103.00 30.23
N GLN H 1133 -6.58 -102.33 31.16
CA GLN H 1133 -7.98 -101.92 31.01
C GLN H 1133 -8.88 -103.10 30.66
N GLY H 1134 -8.66 -104.22 31.34
CA GLY H 1134 -9.34 -105.46 31.07
C GLY H 1134 -8.34 -106.57 30.88
N SER H 1135 -8.75 -107.63 30.18
CA SER H 1135 -7.89 -108.77 29.93
C SER H 1135 -8.06 -109.26 28.51
N GLY H 1136 -7.01 -109.90 27.99
CA GLY H 1136 -7.05 -110.57 26.72
C GLY H 1136 -6.10 -111.74 26.78
N TYR H 1137 -6.15 -112.59 25.75
CA TYR H 1137 -5.31 -113.78 25.72
C TYR H 1137 -4.03 -113.50 24.96
N PHE H 1138 -2.90 -113.96 25.51
CA PHE H 1138 -1.60 -113.63 24.97
C PHE H 1138 -0.59 -114.66 25.47
N GLY H 1139 0.27 -115.12 24.56
CA GLY H 1139 1.38 -115.98 24.95
C GLY H 1139 0.93 -117.37 25.38
N ARG H 1140 1.71 -117.96 26.26
CA ARG H 1140 1.46 -119.30 26.75
C ARG H 1140 1.71 -119.35 28.25
N THR H 1141 1.14 -120.36 28.90
CA THR H 1141 1.27 -120.50 30.34
C THR H 1141 2.70 -120.93 30.72
N TRP H 1142 3.08 -120.60 31.94
CA TRP H 1142 4.44 -120.87 32.42
C TRP H 1142 4.46 -122.08 33.35
N GLN H 1143 5.67 -122.47 33.71
CA GLN H 1143 5.95 -123.57 34.62
C GLN H 1143 6.81 -123.06 35.77
N PRO H 1144 6.87 -123.80 36.89
CA PRO H 1144 7.83 -123.45 37.94
C PRO H 1144 9.26 -123.49 37.42
N GLY H 1145 10.05 -122.51 37.84
CA GLY H 1145 11.41 -122.35 37.37
C GLY H 1145 11.57 -121.54 36.11
N ASP H 1146 10.49 -121.05 35.52
CA ASP H 1146 10.59 -120.24 34.33
C ASP H 1146 11.05 -118.83 34.65
N VAL H 1147 11.48 -118.11 33.61
CA VAL H 1147 11.91 -116.73 33.72
C VAL H 1147 11.18 -115.93 32.67
N VAL H 1148 10.50 -114.86 33.09
CA VAL H 1148 9.80 -113.96 32.19
C VAL H 1148 10.66 -112.71 32.04
N GLY H 1149 11.07 -112.43 30.81
CA GLY H 1149 11.82 -111.23 30.52
C GLY H 1149 10.93 -110.12 30.00
N CYS H 1150 10.87 -109.01 30.73
CA CYS H 1150 10.01 -107.89 30.37
C CYS H 1150 10.86 -106.77 29.79
N MET H 1151 10.50 -106.30 28.61
CA MET H 1151 11.18 -105.23 27.90
C MET H 1151 10.19 -104.12 27.59
N ILE H 1152 10.61 -102.88 27.81
CA ILE H 1152 9.81 -101.72 27.45
C ILE H 1152 10.64 -100.85 26.52
N ASN H 1153 9.99 -100.31 25.49
CA ASN H 1153 10.62 -99.45 24.49
C ASN H 1153 9.76 -98.20 24.40
N LEU H 1154 10.14 -97.17 25.18
CA LEU H 1154 9.37 -95.95 25.22
C LEU H 1154 9.66 -95.04 24.03
N ASP H 1155 10.72 -95.34 23.27
CA ASP H 1155 10.95 -94.63 22.02
C ASP H 1155 9.89 -94.98 20.97
N ASP H 1156 9.56 -96.26 20.84
CA ASP H 1156 8.51 -96.72 19.94
C ASP H 1156 7.18 -96.94 20.66
N ALA H 1157 7.15 -96.79 21.98
CA ALA H 1157 5.98 -97.04 22.82
C ALA H 1157 5.43 -98.45 22.64
N SER H 1158 6.24 -99.44 23.01
CA SER H 1158 5.85 -100.84 22.91
C SER H 1158 6.39 -101.61 24.11
N MET H 1159 5.76 -102.77 24.37
CA MET H 1159 6.16 -103.65 25.46
C MET H 1159 6.25 -105.08 24.94
N ILE H 1160 7.30 -105.78 25.32
CA ILE H 1160 7.57 -107.13 24.84
C ILE H 1160 7.81 -108.04 26.04
N PHE H 1161 7.20 -109.22 26.00
CA PHE H 1161 7.41 -110.24 27.01
C PHE H 1161 8.04 -111.48 26.39
N THR H 1162 8.96 -112.08 27.13
CA THR H 1162 9.59 -113.35 26.73
C THR H 1162 9.43 -114.35 27.86
N LEU H 1163 9.34 -115.63 27.47
CA LEU H 1163 9.28 -116.72 28.44
C LEU H 1163 10.41 -117.68 28.12
N ASN H 1164 11.37 -117.80 29.05
CA ASN H 1164 12.57 -118.63 28.91
C ASN H 1164 13.36 -118.29 27.66
N GLY H 1165 13.45 -117.01 27.36
CA GLY H 1165 14.24 -116.53 26.24
C GLY H 1165 13.54 -116.56 24.90
N GLU H 1166 12.33 -117.12 24.83
CA GLU H 1166 11.58 -117.18 23.59
C GLU H 1166 10.51 -116.08 23.58
N LEU H 1167 10.37 -115.43 22.44
CA LEU H 1167 9.44 -114.32 22.30
C LEU H 1167 8.00 -114.80 22.39
N LEU H 1168 7.20 -114.16 23.24
CA LEU H 1168 5.77 -114.42 23.30
C LEU H 1168 5.05 -113.58 22.26
N ILE H 1169 4.08 -114.19 21.59
CA ILE H 1169 3.39 -113.54 20.49
C ILE H 1169 1.89 -113.53 20.75
N THR H 1170 1.19 -112.65 20.05
CA THR H 1170 -0.25 -112.52 20.18
C THR H 1170 -0.94 -113.54 19.28
N ASN H 1171 -2.27 -113.43 19.17
CA ASN H 1171 -3.00 -114.32 18.27
C ASN H 1171 -2.79 -113.94 16.80
N LYS H 1172 -2.34 -112.72 16.52
CA LYS H 1172 -2.07 -112.27 15.17
C LYS H 1172 -0.60 -112.41 14.78
N GLY H 1173 0.23 -112.99 15.66
CA GLY H 1173 1.63 -113.20 15.37
C GLY H 1173 2.56 -112.05 15.75
N SER H 1174 2.02 -110.95 16.27
CA SER H 1174 2.83 -109.82 16.67
C SER H 1174 3.50 -110.08 18.01
N GLU H 1175 4.75 -109.64 18.14
CA GLU H 1175 5.49 -109.80 19.38
C GLU H 1175 5.19 -108.69 20.40
N LEU H 1176 4.39 -107.70 20.01
CA LEU H 1176 4.09 -106.55 20.87
C LEU H 1176 2.87 -106.88 21.73
N ALA H 1177 3.08 -107.03 23.04
CA ALA H 1177 1.96 -107.28 23.93
C ALA H 1177 1.10 -106.03 24.11
N PHE H 1178 1.74 -104.88 24.32
CA PHE H 1178 1.06 -103.61 24.41
C PHE H 1178 1.79 -102.61 23.52
N ALA H 1179 1.01 -101.72 22.89
CA ALA H 1179 1.59 -100.73 21.99
C ALA H 1179 0.71 -99.50 21.98
N ASP H 1180 1.33 -98.38 21.57
CA ASP H 1180 0.65 -97.08 21.38
C ASP H 1180 -0.01 -96.60 22.67
N TYR H 1181 0.80 -96.46 23.71
CA TYR H 1181 0.37 -95.89 24.98
C TYR H 1181 1.01 -94.51 25.17
N GLU H 1182 0.49 -93.78 26.15
CA GLU H 1182 1.05 -92.49 26.51
C GLU H 1182 2.10 -92.67 27.60
N ILE H 1183 3.17 -91.88 27.51
CA ILE H 1183 4.27 -92.01 28.47
C ILE H 1183 3.86 -91.45 29.82
N GLU H 1184 3.43 -90.18 29.83
CA GLU H 1184 2.96 -89.45 31.02
C GLU H 1184 4.08 -89.41 32.05
N ASN H 1185 3.89 -89.93 33.27
CA ASN H 1185 4.91 -89.85 34.31
C ASN H 1185 6.04 -90.86 34.10
N GLY H 1186 5.73 -92.04 33.58
CA GLY H 1186 6.72 -93.08 33.37
C GLY H 1186 6.22 -94.41 33.86
N PHE H 1187 7.14 -95.37 33.96
CA PHE H 1187 6.81 -96.74 34.35
C PHE H 1187 7.88 -97.30 35.26
N VAL H 1188 7.46 -98.13 36.21
CA VAL H 1188 8.37 -98.90 37.05
C VAL H 1188 8.01 -100.37 36.95
N PRO H 1189 8.95 -101.27 37.23
CA PRO H 1189 8.60 -102.68 37.37
C PRO H 1189 7.65 -102.92 38.54
N ILE H 1190 6.68 -103.82 38.30
CA ILE H 1190 5.71 -104.21 39.31
C ILE H 1190 5.40 -105.69 39.13
N CYS H 1191 5.04 -106.35 40.23
CA CYS H 1191 4.55 -107.71 40.21
C CYS H 1191 3.54 -107.88 41.32
N SER H 1192 2.66 -108.86 41.14
CA SER H 1192 1.68 -109.24 42.15
C SER H 1192 1.74 -110.74 42.35
N LEU H 1193 1.79 -111.17 43.61
CA LEU H 1193 1.86 -112.57 43.96
C LEU H 1193 0.62 -112.96 44.74
N GLY H 1194 0.06 -114.11 44.39
CA GLY H 1194 -1.11 -114.65 45.06
C GLY H 1194 -0.74 -115.47 46.28
N LEU H 1195 -1.65 -116.36 46.65
CA LEU H 1195 -1.46 -117.16 47.86
C LEU H 1195 -0.39 -118.21 47.66
N SER H 1196 0.59 -118.23 48.57
CA SER H 1196 1.69 -119.21 48.59
C SER H 1196 2.50 -119.20 47.29
N GLN H 1197 2.69 -118.01 46.72
CA GLN H 1197 3.46 -117.85 45.49
C GLN H 1197 4.80 -117.21 45.80
N ILE H 1198 5.83 -117.66 45.10
CA ILE H 1198 7.19 -117.19 45.27
C ILE H 1198 7.72 -116.72 43.93
N GLY H 1199 8.30 -115.51 43.90
CA GLY H 1199 8.89 -114.98 42.70
C GLY H 1199 10.14 -114.17 43.02
N ARG H 1200 11.00 -114.05 42.02
CA ARG H 1200 12.25 -113.31 42.16
C ARG H 1200 12.33 -112.27 41.05
N MET H 1201 12.41 -110.99 41.43
CA MET H 1201 12.55 -109.90 40.48
C MET H 1201 14.02 -109.52 40.38
N ASN H 1202 14.56 -109.58 39.17
CA ASN H 1202 15.95 -109.23 38.90
C ASN H 1202 15.94 -107.97 38.03
N LEU H 1203 16.44 -106.88 38.57
CA LEU H 1203 16.46 -105.60 37.88
C LEU H 1203 17.75 -105.34 37.13
N GLY H 1204 18.78 -106.14 37.34
CA GLY H 1204 19.99 -106.02 36.56
C GLY H 1204 21.04 -105.11 37.14
N MET H 1205 21.21 -105.14 38.46
CA MET H 1205 22.38 -104.51 39.07
C MET H 1205 23.66 -105.18 38.60
N ASP H 1206 23.64 -106.50 38.50
CA ASP H 1206 24.68 -107.27 37.83
C ASP H 1206 24.00 -107.95 36.63
N ALA H 1207 24.39 -107.54 35.42
CA ALA H 1207 23.75 -108.07 34.23
C ALA H 1207 24.19 -109.50 33.92
N SER H 1208 25.27 -109.97 34.54
CA SER H 1208 25.69 -111.36 34.37
C SER H 1208 24.83 -112.33 35.15
N THR H 1209 24.02 -111.85 36.09
CA THR H 1209 23.08 -112.71 36.81
C THR H 1209 21.79 -112.96 36.04
N PHE H 1210 21.60 -112.28 34.91
CA PHE H 1210 20.48 -112.57 34.04
C PHE H 1210 20.62 -113.94 33.40
N LYS H 1211 19.49 -114.53 33.04
CA LYS H 1211 19.48 -115.87 32.45
C LYS H 1211 19.32 -115.86 30.94
N PHE H 1212 18.51 -114.94 30.40
CA PHE H 1212 18.21 -114.94 28.97
C PHE H 1212 18.37 -113.54 28.38
N TYR H 1213 19.23 -112.72 28.97
CA TYR H 1213 19.46 -111.38 28.45
C TYR H 1213 20.23 -111.42 27.14
N THR H 1214 21.22 -112.31 27.04
CA THR H 1214 22.00 -112.40 25.82
C THR H 1214 21.23 -113.07 24.69
N MET H 1215 20.30 -113.97 25.02
CA MET H 1215 19.49 -114.61 23.98
C MET H 1215 18.51 -113.63 23.35
N CYS H 1216 17.84 -112.82 24.17
CA CYS H 1216 16.90 -111.84 23.66
C CYS H 1216 16.95 -110.62 24.56
N GLY H 1217 17.34 -109.47 24.00
CA GLY H 1217 17.29 -108.22 24.73
C GLY H 1217 18.57 -107.41 24.70
N LEU H 1218 19.73 -108.07 24.79
CA LEU H 1218 20.99 -107.34 24.81
C LEU H 1218 21.31 -106.74 23.46
N GLN H 1219 21.19 -107.53 22.39
CA GLN H 1219 21.53 -107.05 21.06
C GLN H 1219 20.37 -106.32 20.39
N GLU H 1220 19.20 -106.33 20.99
CA GLU H 1220 18.05 -105.57 20.50
C GLU H 1220 18.04 -104.14 21.03
N GLY H 1221 19.00 -103.77 21.87
CA GLY H 1221 19.11 -102.44 22.37
C GLY H 1221 18.53 -102.19 23.75
N PHE H 1222 18.09 -103.23 24.45
CA PHE H 1222 17.48 -103.07 25.77
C PHE H 1222 18.55 -103.17 26.84
N GLU H 1223 18.55 -102.21 27.75
CA GLU H 1223 19.47 -102.16 28.86
C GLU H 1223 18.82 -102.68 30.13
N PRO H 1224 19.61 -103.13 31.11
CA PRO H 1224 19.05 -103.47 32.42
C PRO H 1224 18.43 -102.23 33.07
N PHE H 1225 17.38 -102.46 33.86
CA PHE H 1225 16.68 -101.34 34.49
C PHE H 1225 17.58 -100.63 35.49
N ALA H 1226 18.37 -101.39 36.27
CA ALA H 1226 19.26 -100.82 37.26
C ALA H 1226 20.71 -100.76 36.77
N VAL H 1227 20.91 -100.51 35.47
CA VAL H 1227 22.26 -100.39 34.95
C VAL H 1227 22.86 -99.06 35.36
N ASN H 1228 24.18 -99.07 35.60
CA ASN H 1228 24.96 -97.89 36.01
C ASN H 1228 24.41 -97.26 37.29
N MET H 1229 24.06 -98.11 38.26
CA MET H 1229 23.59 -97.67 39.57
C MET H 1229 24.47 -98.24 40.65
N ASN H 1230 24.80 -97.42 41.65
CA ASN H 1230 25.74 -97.80 42.68
C ASN H 1230 25.08 -98.52 43.86
N ARG H 1231 23.88 -98.12 44.23
CA ARG H 1231 23.16 -98.74 45.33
C ARG H 1231 21.90 -99.44 44.82
N ASP H 1232 21.36 -100.31 45.64
CA ASP H 1232 20.21 -101.11 45.25
C ASP H 1232 18.96 -100.25 45.09
N VAL H 1233 18.11 -100.65 44.15
CA VAL H 1233 16.88 -99.92 43.87
C VAL H 1233 15.91 -100.13 45.03
N ALA H 1234 15.32 -99.04 45.51
CA ALA H 1234 14.37 -99.11 46.61
C ALA H 1234 13.05 -99.72 46.16
N MET H 1235 12.48 -100.57 47.00
CA MET H 1235 11.28 -101.33 46.68
C MET H 1235 10.18 -101.01 47.67
N TRP H 1236 8.94 -101.09 47.19
CA TRP H 1236 7.76 -100.93 48.03
C TRP H 1236 6.87 -102.15 47.86
N PHE H 1237 6.06 -102.41 48.89
CA PHE H 1237 5.13 -103.53 48.88
C PHE H 1237 3.78 -103.06 49.37
N SER H 1238 2.77 -103.88 49.13
CA SER H 1238 1.40 -103.57 49.53
C SER H 1238 1.12 -104.24 50.87
N LYS H 1239 0.74 -103.45 51.86
CA LYS H 1239 0.48 -103.92 53.21
C LYS H 1239 -1.00 -103.79 53.52
N ARG H 1240 -1.57 -104.84 54.11
CA ARG H 1240 -2.98 -104.83 54.51
C ARG H 1240 -3.05 -104.36 55.94
N LEU H 1241 -3.19 -103.05 56.11
CA LEU H 1241 -3.35 -102.44 57.42
C LEU H 1241 -4.37 -101.31 57.28
N PRO H 1242 -5.60 -101.52 57.73
CA PRO H 1242 -6.65 -100.51 57.51
C PRO H 1242 -6.40 -99.23 58.32
N THR H 1243 -6.40 -98.11 57.62
CA THR H 1243 -6.11 -96.81 58.21
C THR H 1243 -7.18 -95.81 57.77
N PHE H 1244 -7.51 -94.86 58.65
CA PHE H 1244 -8.49 -93.85 58.32
C PHE H 1244 -7.86 -92.77 57.46
N VAL H 1245 -8.43 -92.56 56.28
CA VAL H 1245 -7.96 -91.55 55.34
C VAL H 1245 -9.10 -90.58 55.08
N ASN H 1246 -8.77 -89.31 54.88
CA ASN H 1246 -9.78 -88.28 54.63
C ASN H 1246 -10.55 -88.58 53.35
N VAL H 1247 -11.86 -88.32 53.39
CA VAL H 1247 -12.74 -88.59 52.27
C VAL H 1247 -12.48 -87.58 51.16
N PRO H 1248 -12.10 -88.01 49.96
CA PRO H 1248 -11.84 -87.08 48.86
C PRO H 1248 -13.14 -86.57 48.27
N LYS H 1249 -13.00 -85.56 47.40
CA LYS H 1249 -14.17 -85.04 46.68
C LYS H 1249 -14.70 -86.04 45.68
N ASP H 1250 -13.84 -86.90 45.15
CA ASP H 1250 -14.25 -87.92 44.18
C ASP H 1250 -14.40 -89.29 44.82
N HIS H 1251 -14.86 -89.35 46.06
CA HIS H 1251 -15.14 -90.62 46.71
C HIS H 1251 -16.35 -91.28 46.04
N PRO H 1252 -16.29 -92.59 45.77
CA PRO H 1252 -17.37 -93.23 45.01
C PRO H 1252 -18.66 -93.44 45.81
N HIS H 1253 -18.64 -93.34 47.13
CA HIS H 1253 -19.80 -93.70 47.93
C HIS H 1253 -20.19 -92.71 49.01
N ILE H 1254 -19.29 -91.85 49.47
CA ILE H 1254 -19.55 -91.00 50.63
C ILE H 1254 -19.38 -89.54 50.23
N GLU H 1255 -20.37 -88.72 50.59
CA GLU H 1255 -20.29 -87.28 50.40
C GLU H 1255 -20.42 -86.59 51.75
N VAL H 1256 -19.55 -85.64 52.02
CA VAL H 1256 -19.51 -84.91 53.29
C VAL H 1256 -19.82 -83.45 53.01
N VAL H 1257 -20.78 -82.89 53.75
CA VAL H 1257 -21.19 -81.50 53.61
C VAL H 1257 -20.94 -80.80 54.94
N ARG H 1258 -20.26 -79.66 54.88
CA ARG H 1258 -20.00 -78.87 56.08
C ARG H 1258 -21.09 -77.82 56.24
N ILE H 1259 -21.68 -77.77 57.44
CA ILE H 1259 -22.77 -76.84 57.75
C ILE H 1259 -22.28 -75.91 58.85
N ASP H 1260 -22.25 -74.62 58.56
CA ASP H 1260 -21.79 -73.64 59.53
C ASP H 1260 -22.80 -73.48 60.65
N GLY H 1261 -22.29 -73.26 61.86
CA GLY H 1261 -23.15 -73.12 63.02
C GLY H 1261 -23.84 -71.77 63.11
N THR H 1262 -25.17 -71.78 63.09
CA THR H 1262 -25.95 -70.56 63.21
C THR H 1262 -26.15 -70.22 64.68
N MET H 1263 -27.02 -69.26 64.97
CA MET H 1263 -27.28 -68.87 66.35
C MET H 1263 -28.08 -69.92 67.10
N ASP H 1264 -28.88 -70.72 66.38
CA ASP H 1264 -29.72 -71.73 67.01
C ASP H 1264 -29.30 -73.15 66.72
N SER H 1265 -28.41 -73.38 65.76
CA SER H 1265 -27.99 -74.71 65.39
C SER H 1265 -26.48 -74.87 65.51
N PRO H 1266 -25.99 -76.02 65.95
CA PRO H 1266 -24.55 -76.24 66.03
C PRO H 1266 -23.95 -76.46 64.65
N PRO H 1267 -22.63 -76.28 64.49
CA PRO H 1267 -21.99 -76.69 63.24
C PRO H 1267 -22.08 -78.19 63.05
N CYS H 1268 -22.22 -78.62 61.80
CA CYS H 1268 -22.49 -80.02 61.51
C CYS H 1268 -21.63 -80.51 60.36
N LEU H 1269 -21.37 -81.81 60.39
CA LEU H 1269 -20.71 -82.52 59.29
C LEU H 1269 -21.67 -83.61 58.82
N LYS H 1270 -22.31 -83.40 57.69
CA LYS H 1270 -23.37 -84.28 57.20
C LYS H 1270 -22.78 -85.30 56.24
N VAL H 1271 -22.90 -86.58 56.60
CA VAL H 1271 -22.42 -87.68 55.78
C VAL H 1271 -23.62 -88.32 55.09
N THR H 1272 -23.56 -88.38 53.76
CA THR H 1272 -24.61 -88.96 52.92
C THR H 1272 -23.99 -89.96 51.97
N HIS H 1273 -24.83 -90.90 51.51
CA HIS H 1273 -24.40 -91.91 50.55
C HIS H 1273 -24.72 -91.43 49.13
N LYS H 1274 -23.82 -91.74 48.20
CA LYS H 1274 -23.97 -91.29 46.82
C LYS H 1274 -24.76 -92.27 45.97
N THR H 1275 -24.38 -93.55 45.99
CA THR H 1275 -24.88 -94.51 45.02
C THR H 1275 -25.99 -95.41 45.58
N PHE H 1276 -26.51 -95.13 46.77
CA PHE H 1276 -27.55 -95.97 47.32
C PHE H 1276 -28.87 -95.75 46.58
N GLY H 1277 -29.64 -96.83 46.47
CA GLY H 1277 -30.92 -96.80 45.77
C GLY H 1277 -30.83 -96.95 44.27
N THR H 1278 -29.64 -97.14 43.73
CA THR H 1278 -29.42 -97.29 42.30
C THR H 1278 -28.84 -98.67 42.00
N GLN H 1279 -28.53 -98.90 40.74
CA GLN H 1279 -27.92 -100.17 40.32
C GLN H 1279 -26.43 -100.23 40.64
N ASN H 1280 -25.80 -99.10 40.95
CA ASN H 1280 -24.40 -99.05 41.35
C ASN H 1280 -24.23 -99.01 42.86
N SER H 1281 -25.22 -99.50 43.60
CA SER H 1281 -25.18 -99.46 45.05
C SER H 1281 -24.21 -100.50 45.60
N ASN H 1282 -23.49 -100.12 46.65
CA ASN H 1282 -22.59 -101.02 47.37
C ASN H 1282 -22.98 -100.94 48.85
N ALA H 1283 -23.79 -101.89 49.31
CA ALA H 1283 -24.30 -101.88 50.68
C ALA H 1283 -23.35 -102.62 51.61
N SER H 1284 -22.12 -102.10 51.67
CA SER H 1284 -21.09 -102.62 52.57
C SER H 1284 -20.93 -101.70 53.78
N MET H 1285 -20.25 -102.21 54.79
CA MET H 1285 -20.04 -101.47 56.03
C MET H 1285 -19.13 -100.26 55.77
N ILE H 1286 -19.45 -99.15 56.43
CA ILE H 1286 -18.70 -97.91 56.30
C ILE H 1286 -18.22 -97.52 57.68
N TYR H 1287 -16.91 -97.33 57.81
CA TYR H 1287 -16.26 -97.02 59.08
C TYR H 1287 -15.73 -95.59 58.98
N CYS H 1288 -16.43 -94.65 59.64
CA CYS H 1288 -16.12 -93.24 59.60
C CYS H 1288 -15.60 -92.77 60.95
N ARG H 1289 -14.67 -91.81 60.89
CA ARG H 1289 -14.00 -91.28 62.06
C ARG H 1289 -13.83 -89.77 61.87
N LEU H 1290 -13.63 -89.07 62.98
CA LEU H 1290 -13.25 -87.67 62.87
C LEU H 1290 -11.73 -87.54 62.87
N SER H 1291 -11.26 -86.48 62.23
CA SER H 1291 -9.84 -86.36 61.92
C SER H 1291 -8.98 -86.13 63.15
N MET H 1292 -9.50 -85.43 64.16
CA MET H 1292 -8.68 -85.09 65.31
C MET H 1292 -9.18 -85.80 66.57
N PRO H 1293 -8.29 -86.17 67.47
CA PRO H 1293 -8.69 -86.87 68.69
C PRO H 1293 -8.95 -85.94 69.87
N VAL H 1294 -9.47 -86.53 70.94
CA VAL H 1294 -9.62 -85.88 72.24
C VAL H 1294 -8.78 -86.65 73.24
N GLU H 1295 -7.90 -85.96 73.94
CA GLU H 1295 -6.92 -86.60 74.80
C GLU H 1295 -7.28 -86.39 76.27
N CYS H 1296 -7.21 -87.47 77.05
CA CYS H 1296 -7.46 -87.39 78.47
C CYS H 1296 -6.22 -86.88 79.21
N HIS H 1297 -6.43 -86.51 80.48
CA HIS H 1297 -5.36 -85.90 81.27
C HIS H 1297 -4.33 -86.95 81.67
N SER H 1298 -3.12 -86.46 81.97
CA SER H 1298 -2.01 -87.35 82.31
C SER H 1298 -2.16 -87.97 83.70
N SER H 1299 -2.91 -87.34 84.58
CA SER H 1299 -3.16 -87.87 85.92
C SER H 1299 -4.64 -87.72 86.23
N PHE H 1300 -5.24 -88.78 86.77
CA PHE H 1300 -6.68 -88.81 87.06
C PHE H 1300 -6.87 -88.60 88.55
N SER H 1301 -7.16 -87.36 88.94
CA SER H 1301 -7.41 -87.02 90.34
C SER H 1301 -8.27 -85.77 90.44
N HIS H 1323 -11.81 -72.96 83.05
CA HIS H 1323 -11.07 -74.19 83.33
C HIS H 1323 -11.85 -75.10 84.29
N THR H 1324 -13.04 -74.65 84.67
CA THR H 1324 -13.88 -75.40 85.58
C THR H 1324 -14.59 -76.57 84.92
N THR H 1325 -14.56 -76.66 83.59
CA THR H 1325 -15.19 -77.74 82.86
C THR H 1325 -14.11 -78.69 82.36
N THR H 1326 -14.21 -79.95 82.75
CA THR H 1326 -13.30 -81.00 82.30
C THR H 1326 -14.04 -82.05 81.47
N GLN H 1327 -15.13 -81.65 80.82
CA GLN H 1327 -15.97 -82.57 80.07
C GLN H 1327 -16.10 -82.09 78.63
N CYS H 1328 -16.07 -83.04 77.71
CA CYS H 1328 -16.26 -82.78 76.29
C CYS H 1328 -17.50 -83.53 75.82
N TYR H 1329 -18.15 -83.00 74.78
CA TYR H 1329 -19.40 -83.55 74.30
C TYR H 1329 -19.44 -83.49 72.78
N TYR H 1330 -20.04 -84.51 72.17
CA TYR H 1330 -20.40 -84.42 70.76
C TYR H 1330 -21.67 -85.24 70.55
N ALA H 1331 -22.32 -85.05 69.40
CA ALA H 1331 -23.56 -85.75 69.16
C ALA H 1331 -23.60 -86.26 67.73
N ILE H 1332 -24.40 -87.30 67.52
CA ILE H 1332 -24.71 -87.80 66.20
C ILE H 1332 -26.22 -87.68 66.01
N ARG H 1333 -26.61 -87.39 64.78
CA ARG H 1333 -28.01 -87.35 64.38
C ARG H 1333 -28.19 -88.31 63.22
N ILE H 1334 -28.95 -89.38 63.45
CA ILE H 1334 -29.26 -90.35 62.42
C ILE H 1334 -30.58 -89.93 61.77
N PHE H 1335 -30.53 -89.70 60.47
CA PHE H 1335 -31.69 -89.19 59.74
C PHE H 1335 -32.74 -90.29 59.55
N ALA H 1336 -33.95 -89.86 59.23
CA ALA H 1336 -35.03 -90.79 58.97
C ALA H 1336 -34.77 -91.56 57.69
N GLY H 1337 -35.14 -92.84 57.69
CA GLY H 1337 -34.85 -93.74 56.61
C GLY H 1337 -33.62 -94.59 56.83
N GLN H 1338 -32.75 -94.19 57.76
CA GLN H 1338 -31.59 -94.99 58.14
C GLN H 1338 -31.95 -95.83 59.35
N ASP H 1339 -31.72 -97.13 59.26
CA ASP H 1339 -32.09 -98.05 60.33
C ASP H 1339 -31.17 -97.84 61.53
N PRO H 1340 -31.71 -97.51 62.71
CA PRO H 1340 -30.83 -97.34 63.88
C PRO H 1340 -30.18 -98.64 64.35
N SER H 1341 -30.72 -99.80 63.99
CA SER H 1341 -30.12 -101.07 64.40
C SER H 1341 -28.86 -101.40 63.63
N CYS H 1342 -28.54 -100.65 62.57
CA CYS H 1342 -27.33 -100.87 61.78
C CYS H 1342 -26.28 -99.79 62.00
N VAL H 1343 -26.33 -99.09 63.14
CA VAL H 1343 -25.45 -97.97 63.43
C VAL H 1343 -24.82 -98.17 64.80
N TRP H 1344 -23.50 -98.07 64.87
CA TRP H 1344 -22.75 -98.06 66.12
C TRP H 1344 -22.05 -96.71 66.24
N VAL H 1345 -22.15 -96.09 67.42
CA VAL H 1345 -21.64 -94.74 67.64
C VAL H 1345 -20.72 -94.76 68.86
N GLY H 1346 -19.55 -94.14 68.75
CA GLY H 1346 -18.70 -94.05 69.91
C GLY H 1346 -17.31 -93.49 69.68
N TRP H 1347 -16.30 -94.09 70.30
CA TRP H 1347 -14.93 -93.61 70.23
C TRP H 1347 -14.00 -94.75 69.84
N VAL H 1348 -12.92 -94.41 69.15
CA VAL H 1348 -11.88 -95.37 68.79
C VAL H 1348 -10.52 -94.79 69.16
N THR H 1349 -9.66 -95.64 69.68
CA THR H 1349 -8.27 -95.29 69.94
C THR H 1349 -7.48 -95.29 68.63
N PRO H 1350 -6.29 -94.68 68.61
CA PRO H 1350 -5.50 -94.66 67.35
C PRO H 1350 -5.08 -96.04 66.85
N ASP H 1351 -5.08 -97.07 67.69
CA ASP H 1351 -4.65 -98.40 67.28
C ASP H 1351 -5.78 -99.27 66.77
N TYR H 1352 -6.83 -98.67 66.21
CA TYR H 1352 -7.94 -99.43 65.64
C TYR H 1352 -7.67 -99.65 64.16
N HIS H 1353 -7.44 -100.90 63.77
CA HIS H 1353 -7.10 -101.27 62.40
C HIS H 1353 -7.92 -102.46 61.95
N LEU H 1354 -9.23 -102.41 62.18
CA LEU H 1354 -10.12 -103.51 61.88
C LEU H 1354 -11.05 -103.15 60.74
N TYR H 1355 -11.10 -103.99 59.72
CA TYR H 1355 -12.00 -103.82 58.59
C TYR H 1355 -12.72 -105.15 58.34
N SER H 1356 -14.04 -105.09 58.22
CA SER H 1356 -14.85 -106.29 58.03
C SER H 1356 -16.07 -105.94 57.21
N GLU H 1357 -16.68 -106.97 56.62
CA GLU H 1357 -17.95 -106.80 55.93
C GLU H 1357 -19.14 -106.86 56.89
N LYS H 1358 -18.98 -107.56 58.02
CA LYS H 1358 -20.00 -107.63 59.05
C LYS H 1358 -19.38 -107.19 60.37
N PHE H 1359 -19.99 -106.21 61.02
CA PHE H 1359 -19.47 -105.68 62.28
C PHE H 1359 -20.32 -106.16 63.44
N ASP H 1360 -19.67 -106.67 64.47
CA ASP H 1360 -20.34 -107.08 65.70
C ASP H 1360 -19.59 -106.47 66.89
N LEU H 1361 -20.35 -105.97 67.85
CA LEU H 1361 -19.76 -105.30 69.01
C LEU H 1361 -19.16 -106.28 70.02
N ASN H 1362 -19.45 -107.58 69.89
CA ASN H 1362 -18.88 -108.59 70.78
C ASN H 1362 -17.56 -109.14 70.26
N LYS H 1363 -17.15 -108.78 69.05
CA LYS H 1363 -15.89 -109.23 68.47
C LYS H 1363 -14.76 -108.22 68.70
N ASN H 1364 -14.98 -107.22 69.55
CA ASN H 1364 -13.96 -106.23 69.82
C ASN H 1364 -12.79 -106.84 70.58
N CYS H 1365 -11.59 -106.36 70.29
CA CYS H 1365 -10.39 -106.83 70.96
C CYS H 1365 -10.34 -106.23 72.37
N THR H 1366 -10.35 -107.10 73.38
CA THR H 1366 -10.36 -106.67 74.76
C THR H 1366 -9.43 -107.55 75.57
N VAL H 1367 -8.71 -106.95 76.52
CA VAL H 1367 -7.86 -107.67 77.44
C VAL H 1367 -8.10 -107.11 78.84
N THR H 1368 -7.76 -107.89 79.85
CA THR H 1368 -7.86 -107.45 81.25
C THR H 1368 -6.58 -107.83 81.95
N VAL H 1369 -5.83 -106.83 82.39
CA VAL H 1369 -4.60 -107.04 83.14
C VAL H 1369 -4.93 -106.97 84.62
N THR H 1370 -4.67 -108.07 85.33
CA THR H 1370 -4.97 -108.18 86.75
C THR H 1370 -3.66 -108.17 87.52
N LEU H 1371 -3.50 -107.20 88.41
CA LEU H 1371 -2.33 -107.07 89.27
C LEU H 1371 -2.74 -107.34 90.70
N GLY H 1372 -2.03 -108.26 91.36
CA GLY H 1372 -2.39 -108.65 92.71
C GLY H 1372 -1.25 -108.51 93.70
N ASP H 1373 -1.14 -109.50 94.60
CA ASP H 1373 -0.10 -109.48 95.63
C ASP H 1373 0.57 -110.84 95.72
N GLU H 1374 1.43 -111.02 96.74
CA GLU H 1374 2.11 -112.30 96.93
C GLU H 1374 1.19 -113.38 97.49
N ARG H 1375 0.03 -113.00 98.01
CA ARG H 1375 -0.93 -113.95 98.56
C ARG H 1375 -1.98 -114.37 97.53
N GLY H 1376 -1.85 -113.92 96.29
CA GLY H 1376 -2.84 -114.24 95.26
C GLY H 1376 -4.18 -113.57 95.47
N ARG H 1377 -4.18 -112.32 95.91
CA ARG H 1377 -5.40 -111.54 96.11
C ARG H 1377 -5.42 -110.40 95.11
N VAL H 1378 -6.51 -110.30 94.36
CA VAL H 1378 -6.61 -109.31 93.28
C VAL H 1378 -6.73 -107.91 93.89
N HIS H 1379 -5.83 -107.01 93.47
CA HIS H 1379 -5.84 -105.63 93.93
C HIS H 1379 -6.32 -104.66 92.86
N GLU H 1380 -5.85 -104.80 91.63
CA GLU H 1380 -6.23 -103.90 90.56
C GLU H 1380 -6.55 -104.70 89.30
N SER H 1381 -7.55 -104.24 88.54
CA SER H 1381 -7.96 -104.90 87.31
C SER H 1381 -8.20 -103.84 86.25
N VAL H 1382 -7.32 -103.76 85.27
CA VAL H 1382 -7.39 -102.75 84.22
C VAL H 1382 -7.93 -103.41 82.95
N LYS H 1383 -9.01 -102.87 82.41
CA LYS H 1383 -9.62 -103.40 81.19
C LYS H 1383 -9.24 -102.50 80.02
N ARG H 1384 -8.69 -103.11 78.97
CA ARG H 1384 -8.20 -102.38 77.81
C ARG H 1384 -8.91 -102.85 76.55
N SER H 1385 -9.27 -101.89 75.71
CA SER H 1385 -9.88 -102.16 74.41
C SER H 1385 -9.40 -101.10 73.44
N ASN H 1386 -9.96 -101.11 72.23
CA ASN H 1386 -9.65 -100.10 71.23
C ASN H 1386 -10.89 -99.54 70.56
N CYS H 1387 -12.07 -99.81 71.12
CA CYS H 1387 -13.33 -99.36 70.52
C CYS H 1387 -14.36 -99.31 71.63
N TYR H 1388 -14.80 -98.11 71.99
CA TYR H 1388 -15.78 -97.90 73.05
C TYR H 1388 -17.02 -97.31 72.40
N MET H 1389 -17.98 -98.17 72.06
CA MET H 1389 -19.13 -97.76 71.27
C MET H 1389 -20.42 -98.25 71.92
N VAL H 1390 -21.54 -97.76 71.38
CA VAL H 1390 -22.87 -98.27 71.69
C VAL H 1390 -23.56 -98.61 70.38
N TRP H 1391 -24.47 -99.58 70.46
CA TRP H 1391 -25.23 -100.05 69.32
C TRP H 1391 -26.61 -99.42 69.36
N GLY H 1392 -27.07 -98.93 68.22
CA GLY H 1392 -28.39 -98.33 68.15
C GLY H 1392 -29.53 -99.31 68.29
N GLY H 1393 -29.28 -100.59 67.99
CA GLY H 1393 -30.31 -101.59 68.21
C GLY H 1393 -30.66 -101.76 69.68
N ASP H 1394 -29.65 -101.71 70.55
CA ASP H 1394 -29.90 -101.73 71.98
C ASP H 1394 -30.62 -100.48 72.45
N ILE H 1395 -30.36 -99.34 71.80
CA ILE H 1395 -31.08 -98.12 72.10
C ILE H 1395 -32.54 -98.23 71.72
N VAL H 1396 -32.82 -98.82 70.55
CA VAL H 1396 -34.20 -99.03 70.11
C VAL H 1396 -34.92 -100.00 71.04
N ALA H 1397 -34.24 -101.08 71.43
CA ALA H 1397 -34.84 -102.06 72.32
C ALA H 1397 -35.10 -101.48 73.71
N THR H 1398 -34.20 -100.63 74.19
CA THR H 1398 -34.38 -100.00 75.50
C THR H 1398 -35.50 -98.97 75.47
N SER H 1399 -35.71 -98.31 74.33
CA SER H 1399 -36.76 -97.32 74.20
C SER H 1399 -38.05 -97.94 73.68
N SER H 1405 -39.18 -92.12 57.63
CA SER H 1405 -39.39 -93.32 58.43
C SER H 1405 -39.00 -93.07 59.89
N ASN H 1406 -39.99 -93.21 60.77
CA ASN H 1406 -39.87 -93.04 62.23
C ASN H 1406 -39.38 -91.62 62.49
N VAL H 1407 -38.37 -91.42 63.34
CA VAL H 1407 -37.86 -90.09 63.66
C VAL H 1407 -36.34 -90.13 63.67
N ASP H 1408 -35.73 -88.96 63.55
CA ASP H 1408 -34.28 -88.85 63.65
C ASP H 1408 -33.83 -89.17 65.06
N LEU H 1409 -32.72 -89.91 65.16
CA LEU H 1409 -32.23 -90.37 66.46
C LEU H 1409 -31.01 -89.55 66.86
N GLU H 1410 -31.05 -89.00 68.08
CA GLU H 1410 -29.99 -88.16 68.61
C GLU H 1410 -29.22 -88.94 69.66
N ILE H 1411 -27.93 -89.19 69.40
CA ILE H 1411 -27.09 -89.96 70.31
C ILE H 1411 -25.92 -89.08 70.73
N GLY H 1412 -25.82 -88.79 72.02
CA GLY H 1412 -24.80 -87.91 72.56
C GLY H 1412 -23.74 -88.70 73.31
N CYS H 1413 -22.49 -88.34 73.08
CA CYS H 1413 -21.35 -88.96 73.74
C CYS H 1413 -20.61 -87.91 74.56
N LEU H 1414 -20.32 -88.24 75.82
CA LEU H 1414 -19.73 -87.32 76.78
C LEU H 1414 -18.49 -87.97 77.38
N VAL H 1415 -17.43 -87.16 77.54
CA VAL H 1415 -16.17 -87.62 78.11
C VAL H 1415 -15.83 -86.74 79.30
N ASP H 1416 -15.54 -87.37 80.43
CA ASP H 1416 -14.90 -86.70 81.55
C ASP H 1416 -13.40 -86.91 81.41
N LEU H 1417 -12.68 -85.85 81.03
CA LEU H 1417 -11.25 -85.92 80.80
C LEU H 1417 -10.45 -86.00 82.09
N ALA H 1418 -10.94 -85.40 83.17
CA ALA H 1418 -10.22 -85.45 84.43
C ALA H 1418 -10.32 -86.83 85.07
N MET H 1419 -11.41 -87.56 84.80
CA MET H 1419 -11.56 -88.92 85.29
C MET H 1419 -11.48 -89.97 84.19
N GLY H 1420 -11.51 -89.55 82.92
CA GLY H 1420 -11.47 -90.49 81.82
C GLY H 1420 -12.68 -91.40 81.75
N MET H 1421 -13.87 -90.82 81.90
CA MET H 1421 -15.11 -91.59 81.93
C MET H 1421 -15.94 -91.29 80.69
N LEU H 1422 -16.27 -92.32 79.94
CA LEU H 1422 -17.06 -92.18 78.72
C LEU H 1422 -18.50 -92.61 79.01
N SER H 1423 -19.44 -91.71 78.73
CA SER H 1423 -20.86 -91.96 78.98
C SER H 1423 -21.66 -91.57 77.75
N PHE H 1424 -22.89 -92.08 77.67
CA PHE H 1424 -23.73 -91.93 76.50
C PHE H 1424 -25.13 -91.52 76.89
N SER H 1425 -25.84 -90.91 75.95
CA SER H 1425 -27.22 -90.51 76.12
C SER H 1425 -27.95 -90.68 74.80
N ALA H 1426 -29.26 -90.94 74.88
CA ALA H 1426 -30.11 -91.12 73.71
C ALA H 1426 -31.35 -90.26 73.87
N ASN H 1427 -31.45 -89.20 73.06
CA ASN H 1427 -32.56 -88.23 73.08
C ASN H 1427 -32.76 -87.64 74.47
N GLY H 1428 -31.66 -87.32 75.15
CA GLY H 1428 -31.69 -86.81 76.50
C GLY H 1428 -31.67 -87.87 77.57
N ARG H 1429 -32.24 -89.04 77.30
CA ARG H 1429 -32.24 -90.13 78.26
C ARG H 1429 -30.85 -90.73 78.38
N GLU H 1430 -30.36 -90.85 79.62
CA GLU H 1430 -29.02 -91.36 79.85
C GLU H 1430 -29.01 -92.88 79.78
N LEU H 1431 -28.08 -93.43 79.02
CA LEU H 1431 -27.95 -94.88 78.86
C LEU H 1431 -27.08 -95.47 79.96
N GLY H 1432 -27.20 -96.78 80.13
CA GLY H 1432 -26.45 -97.48 81.15
C GLY H 1432 -25.04 -97.88 80.77
N THR H 1433 -24.64 -97.64 79.52
CA THR H 1433 -23.31 -98.01 79.07
C THR H 1433 -22.30 -96.94 79.47
N CYS H 1434 -21.21 -97.38 80.13
CA CYS H 1434 -20.15 -96.47 80.54
C CYS H 1434 -18.82 -97.18 80.41
N TYR H 1435 -17.78 -96.40 80.16
CA TYR H 1435 -16.43 -96.95 79.97
C TYR H 1435 -15.43 -96.14 80.78
N GLN H 1436 -14.38 -96.82 81.23
CA GLN H 1436 -13.28 -96.19 81.94
C GLN H 1436 -11.99 -96.40 81.15
N VAL H 1437 -11.29 -95.31 80.87
CA VAL H 1437 -10.05 -95.36 80.11
C VAL H 1437 -8.90 -94.91 81.00
N GLU H 1438 -7.70 -95.24 80.57
CA GLU H 1438 -6.48 -94.91 81.29
C GLU H 1438 -6.06 -93.47 80.99
N PRO H 1439 -5.20 -92.88 81.83
CA PRO H 1439 -4.65 -91.55 81.52
C PRO H 1439 -3.86 -91.54 80.23
N ASN H 1440 -3.85 -90.37 79.58
CA ASN H 1440 -3.18 -90.13 78.29
C ASN H 1440 -3.72 -91.05 77.20
N THR H 1441 -5.05 -91.09 77.09
CA THR H 1441 -5.72 -91.90 76.08
C THR H 1441 -6.37 -90.99 75.05
N LYS H 1442 -5.95 -91.11 73.80
CA LYS H 1442 -6.58 -90.38 72.70
C LYS H 1442 -7.78 -91.17 72.21
N VAL H 1443 -8.92 -90.50 72.09
CA VAL H 1443 -10.13 -91.11 71.55
C VAL H 1443 -10.64 -90.22 70.42
N PHE H 1444 -10.99 -90.85 69.30
CA PHE H 1444 -11.57 -90.21 68.14
C PHE H 1444 -13.06 -90.50 68.13
N PRO H 1445 -13.89 -89.52 67.78
CA PRO H 1445 -15.30 -89.83 67.50
C PRO H 1445 -15.42 -90.69 66.26
N ALA H 1446 -16.32 -91.67 66.30
CA ALA H 1446 -16.44 -92.64 65.21
C ALA H 1446 -17.87 -93.15 65.09
N VAL H 1447 -18.26 -93.44 63.85
CA VAL H 1447 -19.55 -94.02 63.52
C VAL H 1447 -19.31 -95.16 62.54
N PHE H 1448 -19.80 -96.35 62.87
CA PHE H 1448 -19.74 -97.50 61.97
C PHE H 1448 -21.17 -97.82 61.55
N LEU H 1449 -21.44 -97.82 60.25
CA LEU H 1449 -22.83 -98.04 59.85
C LEU H 1449 -22.91 -98.77 58.52
N GLN H 1450 -24.03 -99.45 58.32
CA GLN H 1450 -24.38 -100.03 57.04
C GLN H 1450 -25.49 -99.19 56.42
N PRO H 1451 -25.29 -98.61 55.24
CA PRO H 1451 -26.25 -97.63 54.71
C PRO H 1451 -27.55 -98.29 54.27
N THR H 1452 -28.67 -97.80 54.80
CA THR H 1452 -30.00 -98.21 54.39
C THR H 1452 -30.80 -97.07 53.79
N SER H 1453 -30.18 -95.92 53.55
CA SER H 1453 -30.84 -94.77 52.96
C SER H 1453 -29.81 -93.97 52.16
N THR H 1454 -30.18 -92.76 51.76
CA THR H 1454 -29.29 -91.88 51.01
C THR H 1454 -28.69 -90.77 51.85
N ALA H 1455 -29.37 -90.36 52.92
CA ALA H 1455 -28.84 -89.38 53.87
C ALA H 1455 -28.52 -90.14 55.16
N LEU H 1456 -27.23 -90.37 55.39
CA LEU H 1456 -26.85 -91.33 56.43
C LEU H 1456 -26.95 -90.73 57.82
N PHE H 1457 -26.14 -89.71 58.12
CA PHE H 1457 -26.12 -89.16 59.47
C PHE H 1457 -25.43 -87.80 59.44
N GLN H 1458 -25.29 -87.19 60.62
CA GLN H 1458 -24.47 -85.99 60.73
C GLN H 1458 -23.85 -85.89 62.12
N PHE H 1459 -22.60 -85.42 62.14
CA PHE H 1459 -21.94 -85.03 63.38
C PHE H 1459 -22.42 -83.65 63.79
N GLU H 1460 -22.92 -83.54 65.03
CA GLU H 1460 -23.33 -82.28 65.63
C GLU H 1460 -22.31 -81.91 66.69
N LEU H 1461 -21.52 -80.87 66.40
CA LEU H 1461 -20.43 -80.44 67.27
C LEU H 1461 -20.88 -79.28 68.15
N GLY H 1462 -21.92 -79.53 68.94
CA GLY H 1462 -22.49 -78.54 69.83
C GLY H 1462 -21.87 -78.60 71.22
N LYS H 1463 -22.64 -78.11 72.19
CA LYS H 1463 -22.20 -78.09 73.58
C LYS H 1463 -23.40 -78.19 74.49
N LEU H 1464 -23.13 -78.55 75.74
CA LEU H 1464 -24.13 -78.61 76.80
C LEU H 1464 -23.69 -77.72 77.96
N LYS H 1465 -24.50 -77.73 79.02
CA LYS H 1465 -24.09 -77.07 80.25
C LYS H 1465 -23.00 -77.90 80.92
N ASN H 1466 -21.93 -77.23 81.35
CA ASN H 1466 -20.74 -77.85 81.96
C ASN H 1466 -20.14 -78.91 81.03
N ALA H 1467 -20.10 -78.61 79.74
CA ALA H 1467 -19.55 -79.53 78.75
C ALA H 1467 -18.99 -78.73 77.59
N MET H 1468 -17.69 -78.85 77.35
CA MET H 1468 -17.06 -78.13 76.26
C MET H 1468 -17.51 -78.70 74.91
N PRO H 1469 -17.50 -77.89 73.86
CA PRO H 1469 -17.65 -78.44 72.51
C PRO H 1469 -16.39 -79.20 72.11
N LEU H 1470 -16.49 -79.89 70.97
CA LEU H 1470 -15.39 -80.72 70.50
C LEU H 1470 -14.17 -79.88 70.13
N SER H 1471 -14.38 -78.75 69.47
CA SER H 1471 -13.28 -77.88 69.08
C SER H 1471 -12.59 -77.22 70.26
N ALA H 1472 -13.29 -77.08 71.40
CA ALA H 1472 -12.65 -76.53 72.59
C ALA H 1472 -11.69 -77.54 73.21
N ALA H 1473 -12.06 -78.82 73.20
CA ALA H 1473 -11.19 -79.85 73.75
C ALA H 1473 -10.04 -80.18 72.81
N ILE H 1474 -10.30 -80.21 71.50
CA ILE H 1474 -9.27 -80.57 70.54
C ILE H 1474 -8.19 -79.50 70.46
N PHE H 1475 -8.61 -78.23 70.33
CA PHE H 1475 -7.68 -77.13 70.10
C PHE H 1475 -7.50 -76.33 71.37
N LYS H 1476 -6.23 -76.12 71.76
CA LYS H 1476 -5.93 -75.37 72.96
C LYS H 1476 -6.17 -73.88 72.79
N SER H 1477 -6.14 -73.38 71.55
CA SER H 1477 -6.46 -71.98 71.31
C SER H 1477 -7.94 -71.69 71.57
N GLU H 1478 -8.81 -72.66 71.31
CA GLU H 1478 -10.24 -72.53 71.56
C GLU H 1478 -10.66 -73.10 72.91
N GLU H 1479 -9.70 -73.34 73.81
CA GLU H 1479 -10.00 -73.96 75.09
C GLU H 1479 -10.89 -73.07 75.95
N LYS H 1480 -10.62 -71.76 75.96
CA LYS H 1480 -11.41 -70.82 76.73
C LYS H 1480 -12.59 -70.25 75.94
N ASN H 1481 -12.75 -70.63 74.68
CA ASN H 1481 -13.80 -70.09 73.84
C ASN H 1481 -15.05 -70.95 73.96
N PRO H 1482 -16.17 -70.42 74.46
CA PRO H 1482 -17.39 -71.23 74.58
C PRO H 1482 -18.12 -71.45 73.27
N VAL H 1483 -17.80 -70.69 72.21
CA VAL H 1483 -18.51 -70.81 70.94
C VAL H 1483 -18.06 -72.07 70.22
N PRO H 1484 -18.98 -72.96 69.85
CA PRO H 1484 -18.58 -74.14 69.07
C PRO H 1484 -18.13 -73.78 67.68
N GLN H 1485 -17.10 -74.47 67.20
CA GLN H 1485 -16.52 -74.21 65.89
C GLN H 1485 -16.27 -75.55 65.19
N CYS H 1486 -16.16 -75.48 63.87
CA CYS H 1486 -15.74 -76.61 63.05
C CYS H 1486 -14.62 -76.14 62.13
N PRO H 1487 -13.38 -76.18 62.61
CA PRO H 1487 -12.25 -75.73 61.80
C PRO H 1487 -12.01 -76.67 60.63
N PRO H 1488 -11.36 -76.20 59.56
CA PRO H 1488 -11.13 -77.06 58.39
C PRO H 1488 -10.21 -78.26 58.64
N ARG H 1489 -9.46 -78.27 59.74
CA ARG H 1489 -8.68 -79.47 60.06
C ARG H 1489 -9.57 -80.62 60.50
N LEU H 1490 -10.74 -80.32 61.06
CA LEU H 1490 -11.71 -81.35 61.38
C LEU H 1490 -12.37 -81.85 60.10
N ASP H 1491 -12.29 -83.15 59.87
CA ASP H 1491 -12.81 -83.74 58.64
C ASP H 1491 -13.24 -85.17 58.95
N VAL H 1492 -13.98 -85.75 58.03
CA VAL H 1492 -14.47 -87.12 58.14
C VAL H 1492 -13.52 -88.03 57.37
N GLN H 1493 -13.09 -89.11 58.02
CA GLN H 1493 -12.19 -90.10 57.43
C GLN H 1493 -12.89 -91.45 57.37
N THR H 1494 -12.51 -92.26 56.40
CA THR H 1494 -13.04 -93.60 56.24
C THR H 1494 -11.90 -94.61 56.25
N ILE H 1495 -12.24 -95.84 56.63
CA ILE H 1495 -11.25 -96.92 56.64
C ILE H 1495 -10.83 -97.25 55.20
N GLN H 1496 -9.51 -97.33 54.98
CA GLN H 1496 -8.92 -97.82 53.74
C GLN H 1496 -8.07 -99.04 54.07
N PRO H 1497 -8.34 -100.21 53.48
CA PRO H 1497 -7.69 -101.44 53.96
C PRO H 1497 -6.23 -101.63 53.58
N VAL H 1498 -5.85 -101.32 52.34
CA VAL H 1498 -4.52 -101.63 51.82
C VAL H 1498 -3.78 -100.33 51.55
N LEU H 1499 -2.48 -100.31 51.86
CA LEU H 1499 -1.64 -99.15 51.61
C LEU H 1499 -0.30 -99.60 51.05
N TRP H 1500 0.49 -98.63 50.59
CA TRP H 1500 1.86 -98.88 50.17
C TRP H 1500 2.81 -98.63 51.33
N SER H 1501 3.79 -99.52 51.49
CA SER H 1501 4.80 -99.37 52.52
C SER H 1501 6.16 -99.67 51.92
N ARG H 1502 7.16 -98.87 52.31
CA ARG H 1502 8.50 -99.02 51.76
C ARG H 1502 9.22 -100.19 52.40
N MET H 1503 9.85 -101.01 51.57
CA MET H 1503 10.64 -102.11 52.09
C MET H 1503 11.95 -101.56 52.67
N PRO H 1504 12.35 -102.00 53.85
CA PRO H 1504 13.60 -101.48 54.45
C PRO H 1504 14.83 -101.88 53.65
N SER H 1505 15.85 -101.03 53.72
CA SER H 1505 17.08 -101.29 52.99
C SER H 1505 17.91 -102.39 53.64
N SER H 1506 17.77 -102.57 54.95
CA SER H 1506 18.48 -103.62 55.65
C SER H 1506 17.54 -104.26 56.66
N PHE H 1507 17.81 -105.53 56.96
CA PHE H 1507 17.02 -106.30 57.92
C PHE H 1507 17.95 -106.85 58.99
N LEU H 1508 17.36 -107.15 60.15
CA LEU H 1508 18.12 -107.76 61.23
C LEU H 1508 18.55 -109.17 60.85
N LYS H 1509 19.82 -109.49 61.10
CA LYS H 1509 20.37 -110.80 60.76
C LYS H 1509 20.14 -111.73 61.95
N VAL H 1510 19.06 -112.50 61.89
CA VAL H 1510 18.67 -113.41 62.96
C VAL H 1510 19.10 -114.82 62.58
N GLU H 1511 19.86 -115.46 63.46
CA GLU H 1511 20.37 -116.81 63.24
C GLU H 1511 19.68 -117.76 64.20
N THR H 1512 19.02 -118.78 63.65
CA THR H 1512 18.31 -119.77 64.43
C THR H 1512 18.93 -121.14 64.22
N GLU H 1513 19.08 -121.90 65.30
CA GLU H 1513 19.66 -123.23 65.22
C GLU H 1513 19.17 -124.06 66.38
N ARG H 1514 19.37 -125.37 66.28
CA ARG H 1514 19.06 -126.32 67.35
C ARG H 1514 20.38 -126.74 67.99
N VAL H 1515 20.56 -126.38 69.26
CA VAL H 1515 21.81 -126.68 69.94
C VAL H 1515 21.89 -128.16 70.31
N SER H 1516 20.97 -128.61 71.14
CA SER H 1516 20.92 -130.00 71.57
C SER H 1516 19.49 -130.33 71.99
N GLU H 1517 19.23 -131.62 72.16
CA GLU H 1517 17.93 -132.07 72.68
C GLU H 1517 17.70 -131.62 74.12
N ARG H 1518 18.77 -131.32 74.86
CA ARG H 1518 18.64 -130.77 76.20
C ARG H 1518 18.70 -129.26 76.22
N HIS H 1519 19.56 -128.67 75.38
CA HIS H 1519 19.73 -127.22 75.39
C HIS H 1519 18.58 -126.48 74.71
N GLY H 1520 17.90 -127.11 73.77
CA GLY H 1520 16.75 -126.47 73.15
C GLY H 1520 17.08 -125.76 71.86
N TRP H 1521 16.31 -124.73 71.52
CA TRP H 1521 16.50 -124.01 70.27
C TRP H 1521 17.08 -122.63 70.54
N ALA H 1522 17.96 -122.15 69.66
CA ALA H 1522 18.71 -120.93 69.89
C ALA H 1522 18.30 -119.84 68.91
N VAL H 1523 18.13 -118.62 69.43
CA VAL H 1523 17.98 -117.41 68.64
C VAL H 1523 19.07 -116.44 69.08
N GLN H 1524 19.66 -115.73 68.12
CA GLN H 1524 20.61 -114.69 68.49
C GLN H 1524 20.55 -113.56 67.46
N CYS H 1525 20.84 -112.35 67.93
CA CYS H 1525 20.89 -111.18 67.07
C CYS H 1525 21.88 -110.20 67.67
N LEU H 1526 22.96 -109.92 66.94
CA LEU H 1526 24.09 -109.17 67.50
C LEU H 1526 24.37 -107.87 66.78
N GLU H 1527 24.22 -107.82 65.46
CA GLU H 1527 24.58 -106.63 64.71
C GLU H 1527 23.50 -105.56 64.85
N PRO H 1528 23.83 -104.36 65.34
CA PRO H 1528 22.82 -103.33 65.54
C PRO H 1528 22.27 -102.78 64.23
N LEU H 1529 21.01 -102.35 64.27
CA LEU H 1529 20.35 -101.76 63.13
C LEU H 1529 19.30 -100.77 63.60
N GLN H 1530 19.35 -99.56 63.06
CA GLN H 1530 18.44 -98.49 63.46
C GLN H 1530 17.79 -97.87 62.22
N MET H 1531 16.73 -97.13 62.46
CA MET H 1531 16.10 -96.34 61.41
C MET H 1531 15.65 -95.00 61.98
N MET H 1532 15.47 -94.03 61.10
CA MET H 1532 14.95 -92.73 61.48
C MET H 1532 13.43 -92.75 61.32
N ALA H 1533 12.73 -92.70 62.44
CA ALA H 1533 11.28 -92.71 62.47
C ALA H 1533 10.76 -91.29 62.38
N LEU H 1534 9.78 -91.07 61.51
CA LEU H 1534 9.05 -89.82 61.38
C LEU H 1534 7.66 -90.04 61.96
N HIS H 1535 7.32 -89.26 62.97
CA HIS H 1535 6.16 -89.49 63.81
C HIS H 1535 5.12 -88.40 63.59
N ILE H 1536 3.90 -88.82 63.26
CA ILE H 1536 2.76 -87.91 63.15
C ILE H 1536 2.06 -87.87 64.51
N PRO H 1537 2.00 -86.72 65.17
CA PRO H 1537 1.61 -86.72 66.59
C PRO H 1537 0.14 -87.02 66.84
N GLU H 1538 -0.77 -86.46 66.03
CA GLU H 1538 -2.19 -86.66 66.31
C GLU H 1538 -2.68 -88.05 65.95
N GLU H 1539 -1.96 -88.77 65.10
CA GLU H 1539 -2.30 -90.14 64.75
C GLU H 1539 -1.58 -91.16 65.62
N ASN H 1540 -0.58 -90.73 66.38
CA ASN H 1540 0.22 -91.58 67.26
C ASN H 1540 0.85 -92.75 66.51
N ARG H 1541 1.36 -92.47 65.31
CA ARG H 1541 2.03 -93.49 64.52
C ARG H 1541 3.26 -92.87 63.88
N CYS H 1542 4.15 -93.74 63.41
CA CYS H 1542 5.38 -93.32 62.74
C CYS H 1542 5.57 -94.14 61.48
N VAL H 1543 6.26 -93.53 60.52
CA VAL H 1543 6.72 -94.23 59.32
C VAL H 1543 8.23 -94.06 59.25
N ASP H 1544 8.84 -94.64 58.23
CA ASP H 1544 10.23 -94.36 57.93
C ASP H 1544 10.34 -92.97 57.32
N ILE H 1545 11.49 -92.33 57.54
CA ILE H 1545 11.74 -91.03 56.91
C ILE H 1545 11.89 -91.21 55.40
N LEU H 1546 12.35 -92.38 54.95
CA LEU H 1546 12.52 -92.66 53.53
C LEU H 1546 11.19 -92.81 52.81
N GLU H 1547 10.10 -93.03 53.55
CA GLU H 1547 8.77 -92.99 52.95
C GLU H 1547 8.36 -91.59 52.55
N LEU H 1548 9.12 -90.56 52.94
CA LEU H 1548 8.94 -89.22 52.38
C LEU H 1548 9.50 -89.10 50.97
N CYS H 1549 10.13 -90.16 50.43
CA CYS H 1549 10.55 -90.15 49.05
C CYS H 1549 9.38 -90.15 48.08
N GLU H 1550 8.17 -90.46 48.54
CA GLU H 1550 6.99 -90.45 47.70
C GLU H 1550 5.84 -89.58 48.21
N GLN H 1551 5.81 -89.27 49.50
CA GLN H 1551 4.77 -88.40 50.06
C GLN H 1551 5.26 -86.96 49.95
N GLU H 1552 4.79 -86.26 48.92
CA GLU H 1552 5.35 -84.96 48.58
C GLU H 1552 4.92 -83.87 49.54
N ASP H 1553 3.68 -83.93 50.02
CA ASP H 1553 3.16 -82.88 50.89
C ASP H 1553 3.85 -82.88 52.24
N LEU H 1554 3.96 -84.06 52.86
CA LEU H 1554 4.68 -84.17 54.14
C LEU H 1554 6.16 -83.87 53.97
N MET H 1555 6.74 -84.22 52.82
CA MET H 1555 8.14 -83.90 52.58
C MET H 1555 8.37 -82.40 52.49
N GLN H 1556 7.47 -81.69 51.80
CA GLN H 1556 7.58 -80.24 51.72
C GLN H 1556 7.39 -79.60 53.08
N PHE H 1557 6.42 -80.09 53.86
CA PHE H 1557 6.20 -79.55 55.20
C PHE H 1557 7.39 -79.78 56.11
N HIS H 1558 8.01 -80.97 56.02
CA HIS H 1558 9.16 -81.24 56.88
C HIS H 1558 10.41 -80.50 56.42
N TYR H 1559 10.55 -80.29 55.11
CA TYR H 1559 11.65 -79.48 54.61
C TYR H 1559 11.53 -78.03 55.09
N HIS H 1560 10.32 -77.47 55.07
CA HIS H 1560 10.15 -76.12 55.58
C HIS H 1560 10.24 -76.09 57.11
N THR H 1561 9.94 -77.20 57.78
CA THR H 1561 10.19 -77.30 59.21
C THR H 1561 11.68 -77.25 59.52
N LEU H 1562 12.49 -77.93 58.71
CA LEU H 1562 13.94 -77.87 58.88
C LEU H 1562 14.46 -76.46 58.58
N ARG H 1563 13.88 -75.79 57.58
CA ARG H 1563 14.23 -74.40 57.31
C ARG H 1563 13.89 -73.49 58.47
N LEU H 1564 12.73 -73.71 59.10
CA LEU H 1564 12.36 -72.92 60.28
C LEU H 1564 13.27 -73.22 61.47
N TYR H 1565 13.70 -74.47 61.61
CA TYR H 1565 14.68 -74.81 62.63
C TYR H 1565 15.99 -74.07 62.41
N SER H 1566 16.44 -73.96 61.16
CA SER H 1566 17.63 -73.17 60.88
C SER H 1566 17.40 -71.69 61.10
N ALA H 1567 16.16 -71.22 60.88
CA ALA H 1567 15.88 -69.79 60.98
C ALA H 1567 15.82 -69.33 62.43
N VAL H 1568 15.27 -70.16 63.33
CA VAL H 1568 15.07 -69.70 64.70
C VAL H 1568 16.36 -69.63 65.49
N CYS H 1569 17.43 -70.28 65.02
CA CYS H 1569 18.72 -70.22 65.68
C CYS H 1569 19.77 -69.50 64.84
N ALA H 1570 19.34 -68.70 63.88
CA ALA H 1570 20.26 -68.04 62.98
C ALA H 1570 20.98 -66.90 63.67
N LEU H 1571 22.23 -66.69 63.27
CA LEU H 1571 23.10 -65.61 63.76
C LEU H 1571 23.29 -65.67 65.27
N GLY H 1572 23.74 -66.83 65.74
CA GLY H 1572 24.19 -67.00 67.12
C GLY H 1572 23.14 -66.91 68.20
N ASN H 1573 21.96 -67.50 67.98
CA ASN H 1573 20.96 -67.60 69.04
C ASN H 1573 21.21 -68.91 69.77
N SER H 1574 22.02 -68.83 70.83
CA SER H 1574 22.54 -70.03 71.48
C SER H 1574 21.47 -70.75 72.29
N ARG H 1575 20.59 -70.00 72.96
CA ARG H 1575 19.54 -70.63 73.76
C ARG H 1575 18.58 -71.44 72.90
N VAL H 1576 18.20 -70.90 71.74
CA VAL H 1576 17.33 -71.62 70.83
C VAL H 1576 18.04 -72.83 70.24
N ALA H 1577 19.35 -72.73 70.00
CA ALA H 1577 20.10 -73.89 69.50
C ALA H 1577 20.17 -75.00 70.54
N TYR H 1578 20.35 -74.64 71.82
CA TYR H 1578 20.30 -75.64 72.87
C TYR H 1578 18.92 -76.26 73.00
N ALA H 1579 17.87 -75.46 72.80
CA ALA H 1579 16.51 -76.00 72.77
C ALA H 1579 16.31 -76.93 71.59
N LEU H 1580 16.90 -76.61 70.45
CA LEU H 1580 16.79 -77.45 69.25
C LEU H 1580 17.56 -78.75 69.37
N CYS H 1581 18.60 -78.78 70.21
CA CYS H 1581 19.30 -80.04 70.44
C CYS H 1581 18.43 -81.09 71.13
N GLY H 1582 17.34 -80.69 71.77
CA GLY H 1582 16.37 -81.59 72.32
C GLY H 1582 15.31 -82.05 71.36
N HIS H 1583 15.39 -81.63 70.09
CA HIS H 1583 14.48 -82.07 69.05
C HIS H 1583 15.19 -82.89 67.98
N VAL H 1584 16.29 -82.37 67.44
CA VAL H 1584 17.16 -83.12 66.54
C VAL H 1584 18.54 -83.16 67.18
N ASP H 1585 18.98 -84.34 67.59
CA ASP H 1585 20.25 -84.50 68.27
C ASP H 1585 21.33 -84.93 67.28
N LEU H 1586 22.54 -85.17 67.81
CA LEU H 1586 23.69 -85.43 66.97
C LEU H 1586 23.62 -86.78 66.29
N SER H 1587 23.02 -87.78 66.93
CA SER H 1587 22.87 -89.09 66.30
C SER H 1587 21.96 -89.02 65.09
N GLN H 1588 20.86 -88.27 65.19
CA GLN H 1588 19.97 -88.06 64.05
C GLN H 1588 20.69 -87.32 62.93
N LEU H 1589 21.47 -86.29 63.27
CA LEU H 1589 22.18 -85.52 62.25
C LEU H 1589 23.24 -86.36 61.55
N PHE H 1590 23.97 -87.19 62.31
CA PHE H 1590 24.95 -88.08 61.69
C PHE H 1590 24.29 -89.11 60.78
N TYR H 1591 23.18 -89.69 61.23
CA TYR H 1591 22.43 -90.62 60.40
C TYR H 1591 21.93 -89.96 59.13
N ALA H 1592 21.42 -88.73 59.25
CA ALA H 1592 20.84 -88.04 58.10
C ALA H 1592 21.90 -87.60 57.11
N ILE H 1593 23.07 -87.18 57.59
CA ILE H 1593 24.12 -86.79 56.64
C ILE H 1593 24.80 -87.99 56.02
N ASP H 1594 24.79 -89.15 56.69
CA ASP H 1594 25.37 -90.35 56.10
C ASP H 1594 24.42 -91.06 55.14
N ASN H 1595 23.12 -90.88 55.30
CA ASN H 1595 22.14 -91.67 54.55
C ASN H 1595 22.12 -91.27 53.07
N LYS H 1596 21.98 -92.27 52.20
CA LYS H 1596 22.03 -92.07 50.76
C LYS H 1596 20.68 -92.19 50.08
N TYR H 1597 19.67 -92.74 50.74
CA TYR H 1597 18.34 -92.85 50.16
C TYR H 1597 17.45 -91.67 50.52
N LEU H 1598 17.97 -90.71 51.27
CA LEU H 1598 17.19 -89.55 51.68
C LEU H 1598 16.92 -88.66 50.47
N PRO H 1599 15.76 -87.98 50.44
CA PRO H 1599 15.50 -87.01 49.38
C PRO H 1599 16.45 -85.83 49.46
N GLY H 1600 16.64 -85.19 48.31
CA GLY H 1600 17.65 -84.14 48.20
C GLY H 1600 17.34 -82.91 49.05
N LEU H 1601 16.07 -82.50 49.08
CA LEU H 1601 15.69 -81.36 49.91
C LEU H 1601 15.87 -81.67 51.39
N LEU H 1602 15.49 -82.88 51.82
CA LEU H 1602 15.68 -83.27 53.21
C LEU H 1602 17.16 -83.38 53.57
N ARG H 1603 17.97 -83.93 52.66
CA ARG H 1603 19.40 -84.04 52.89
C ARG H 1603 20.04 -82.66 53.03
N SER H 1604 19.68 -81.73 52.14
CA SER H 1604 20.18 -80.36 52.24
C SER H 1604 19.73 -79.69 53.53
N GLY H 1605 18.47 -79.90 53.92
CA GLY H 1605 17.97 -79.30 55.14
C GLY H 1605 18.64 -79.85 56.39
N PHE H 1606 18.95 -81.15 56.40
CA PHE H 1606 19.62 -81.72 57.55
C PHE H 1606 21.07 -81.26 57.65
N TYR H 1607 21.76 -81.14 56.51
CA TYR H 1607 23.11 -80.56 56.53
C TYR H 1607 23.09 -79.10 57.00
N ASP H 1608 22.11 -78.33 56.53
CA ASP H 1608 21.97 -76.94 56.95
C ASP H 1608 21.66 -76.83 58.43
N LEU H 1609 20.83 -77.75 58.94
CA LEU H 1609 20.50 -77.74 60.36
C LEU H 1609 21.71 -78.09 61.22
N LEU H 1610 22.53 -79.05 60.76
CA LEU H 1610 23.76 -79.38 61.49
C LEU H 1610 24.70 -78.18 61.55
N ILE H 1611 24.88 -77.50 60.41
CA ILE H 1611 25.74 -76.33 60.37
C ILE H 1611 25.18 -75.20 61.24
N SER H 1612 23.85 -75.00 61.19
CA SER H 1612 23.24 -73.92 61.94
C SER H 1612 23.33 -74.14 63.45
N ILE H 1613 23.05 -75.35 63.91
CA ILE H 1613 23.08 -75.62 65.35
C ILE H 1613 24.52 -75.61 65.87
N HIS H 1614 25.44 -76.28 65.15
CA HIS H 1614 26.73 -76.58 65.77
C HIS H 1614 27.91 -75.80 65.21
N LEU H 1615 27.85 -75.29 63.98
CA LEU H 1615 29.05 -74.79 63.32
C LEU H 1615 28.97 -73.35 62.82
N ALA H 1616 27.79 -72.74 62.78
CA ALA H 1616 27.65 -71.45 62.11
C ALA H 1616 28.29 -70.32 62.90
N ASN H 1617 28.18 -70.35 64.23
CA ASN H 1617 28.66 -69.25 65.05
C ASN H 1617 30.19 -69.16 65.04
N ALA H 1618 30.87 -70.30 65.10
CA ALA H 1618 32.33 -70.31 65.04
C ALA H 1618 32.83 -69.82 63.69
N LYS H 1619 32.16 -70.23 62.60
CA LYS H 1619 32.54 -69.77 61.27
C LYS H 1619 32.32 -68.27 61.13
N GLU H 1620 31.22 -67.75 61.67
CA GLU H 1620 30.96 -66.32 61.62
C GLU H 1620 32.01 -65.53 62.41
N ARG H 1621 32.41 -66.04 63.58
CA ARG H 1621 33.43 -65.36 64.37
C ARG H 1621 34.79 -65.42 63.70
N LYS H 1622 35.09 -66.51 63.00
CA LYS H 1622 36.33 -66.58 62.23
C LYS H 1622 36.30 -65.62 61.05
N LEU H 1623 35.15 -65.47 60.40
CA LEU H 1623 35.05 -64.60 59.23
C LEU H 1623 35.05 -63.12 59.62
N MET H 1624 34.55 -62.78 60.80
CA MET H 1624 34.59 -61.39 61.24
C MET H 1624 36.03 -60.93 61.49
N MET H 1625 36.79 -61.72 62.24
CA MET H 1625 38.15 -61.36 62.60
C MET H 1625 39.15 -62.05 61.66
N LYS H 1626 39.08 -61.65 60.39
CA LYS H 1626 39.94 -62.25 59.38
C LYS H 1626 40.68 -61.24 58.51
N ASN H 1627 40.31 -59.97 58.54
CA ASN H 1627 40.98 -58.94 57.74
C ASN H 1627 42.11 -58.26 58.50
N GLU H 1628 42.33 -58.60 59.76
CA GLU H 1628 43.40 -58.05 60.57
C GLU H 1628 44.41 -59.14 60.88
N TYR H 1629 45.70 -58.76 60.89
CA TYR H 1629 46.79 -59.69 61.13
C TYR H 1629 47.62 -59.15 62.30
N ILE H 1630 47.35 -59.66 63.50
CA ILE H 1630 48.05 -59.22 64.70
C ILE H 1630 49.05 -60.31 65.07
N ILE H 1631 50.33 -59.99 64.96
CA ILE H 1631 51.41 -60.95 65.08
C ILE H 1631 52.30 -60.56 66.26
N PRO H 1632 52.53 -61.45 67.21
CA PRO H 1632 53.50 -61.16 68.27
C PRO H 1632 54.91 -61.62 67.91
N ILE H 1633 55.90 -60.92 68.44
CA ILE H 1633 57.30 -61.25 68.22
C ILE H 1633 57.70 -62.31 69.23
N THR H 1634 57.85 -63.55 68.78
CA THR H 1634 58.37 -64.63 69.60
C THR H 1634 59.55 -65.28 68.89
N SER H 1635 60.06 -66.38 69.43
CA SER H 1635 61.07 -67.14 68.69
C SER H 1635 60.45 -67.92 67.54
N ALA H 1636 59.17 -68.29 67.65
CA ALA H 1636 58.48 -68.97 66.57
C ALA H 1636 58.06 -68.02 65.45
N THR H 1637 58.05 -66.71 65.71
CA THR H 1637 57.70 -65.75 64.67
C THR H 1637 58.75 -65.71 63.58
N ARG H 1638 60.03 -65.81 63.95
CA ARG H 1638 61.12 -65.79 62.98
C ARG H 1638 61.14 -67.00 62.06
N LYS H 1639 60.46 -68.08 62.45
CA LYS H 1639 60.59 -69.35 61.73
C LYS H 1639 59.73 -69.42 60.47
N ILE H 1640 58.91 -68.41 60.19
CA ILE H 1640 58.08 -68.43 59.00
C ILE H 1640 58.95 -68.14 57.78
N ARG H 1641 58.92 -69.04 56.81
CA ARG H 1641 59.67 -68.91 55.57
C ARG H 1641 58.71 -68.68 54.41
N LEU H 1642 59.18 -67.92 53.41
CA LEU H 1642 58.36 -67.66 52.24
C LEU H 1642 58.18 -68.92 51.41
N TYR H 1643 59.26 -69.67 51.21
CA TYR H 1643 59.23 -70.95 50.52
C TYR H 1643 59.57 -72.07 51.50
N PRO H 1644 58.95 -73.25 51.36
CA PRO H 1644 59.21 -74.32 52.33
C PRO H 1644 60.59 -74.93 52.22
N ASP H 1645 61.30 -74.72 51.12
CA ASP H 1645 62.64 -75.25 50.94
C ASP H 1645 63.42 -74.27 50.07
N GLU H 1646 64.57 -74.73 49.57
CA GLU H 1646 65.41 -73.94 48.69
C GLU H 1646 65.14 -74.20 47.21
N SER H 1647 64.16 -75.05 46.90
CA SER H 1647 63.84 -75.40 45.52
C SER H 1647 62.98 -74.35 44.82
N LYS H 1648 62.52 -73.33 45.55
CA LYS H 1648 61.64 -72.27 45.04
C LYS H 1648 60.36 -72.84 44.43
N ARG H 1649 59.82 -73.86 45.08
CA ARG H 1649 58.53 -74.43 44.73
C ARG H 1649 57.52 -74.07 45.82
N HIS H 1650 56.31 -73.73 45.41
CA HIS H 1650 55.28 -73.28 46.34
C HIS H 1650 54.85 -74.40 47.26
N GLY H 1651 54.65 -74.06 48.54
CA GLY H 1651 54.04 -74.98 49.47
C GLY H 1651 52.54 -75.04 49.27
N LEU H 1652 51.93 -76.03 49.92
CA LEU H 1652 50.49 -76.18 49.81
C LEU H 1652 49.78 -75.07 50.57
N PRO H 1653 48.72 -74.48 50.00
CA PRO H 1653 48.00 -73.43 50.72
C PRO H 1653 47.21 -73.99 51.90
N GLY H 1654 47.31 -73.32 53.04
CA GLY H 1654 46.67 -73.75 54.25
C GLY H 1654 47.49 -74.69 55.10
N VAL H 1655 48.64 -75.14 54.62
CA VAL H 1655 49.48 -76.11 55.32
C VAL H 1655 50.71 -75.37 55.84
N GLY H 1656 50.94 -75.47 57.14
CA GLY H 1656 52.11 -74.85 57.74
C GLY H 1656 51.82 -74.15 59.05
N LEU H 1657 52.88 -73.65 59.70
CA LEU H 1657 52.71 -72.91 60.94
C LEU H 1657 52.14 -71.52 60.66
N ARG H 1658 51.21 -71.09 61.52
CA ARG H 1658 50.58 -69.79 61.39
C ARG H 1658 50.90 -68.97 62.64
N THR H 1659 51.50 -67.80 62.44
CA THR H 1659 51.82 -66.89 63.53
C THR H 1659 50.88 -65.69 63.42
N CYS H 1660 49.69 -65.85 63.96
CA CYS H 1660 48.68 -64.80 64.01
C CYS H 1660 47.80 -65.05 65.23
N LEU H 1661 47.13 -64.00 65.68
CA LEU H 1661 46.33 -64.05 66.89
C LEU H 1661 44.87 -64.20 66.51
N LYS H 1662 44.46 -65.46 66.30
CA LYS H 1662 43.09 -65.79 66.00
C LYS H 1662 42.44 -66.42 67.22
N PRO H 1663 41.54 -65.73 67.92
CA PRO H 1663 40.90 -66.32 69.09
C PRO H 1663 40.00 -67.49 68.73
N GLY H 1664 39.90 -68.44 69.66
CA GLY H 1664 39.13 -69.65 69.46
C GLY H 1664 37.66 -69.48 69.83
N PHE H 1665 36.97 -70.61 69.87
CA PHE H 1665 35.55 -70.64 70.18
C PHE H 1665 35.29 -71.62 71.31
N ARG H 1666 34.23 -71.35 72.08
CA ARG H 1666 33.89 -72.13 73.25
C ARG H 1666 32.63 -72.96 72.99
N PHE H 1667 32.66 -74.22 73.39
CA PHE H 1667 31.54 -75.13 73.26
C PHE H 1667 31.24 -75.76 74.62
N SER H 1668 29.98 -76.14 74.82
CA SER H 1668 29.58 -76.83 76.04
C SER H 1668 28.54 -77.90 75.71
N THR H 1669 28.47 -78.90 76.57
CA THR H 1669 27.61 -80.06 76.35
C THR H 1669 26.14 -79.67 76.43
N PRO H 1670 25.31 -80.07 75.46
CA PRO H 1670 23.87 -79.75 75.54
C PRO H 1670 23.14 -80.56 76.59
N CYS H 1671 23.33 -80.22 77.86
CA CYS H 1671 22.68 -80.92 78.96
C CYS H 1671 21.53 -80.04 79.48
N PHE H 1672 20.32 -80.60 79.46
CA PHE H 1672 19.17 -79.86 79.96
C PHE H 1672 19.07 -79.88 81.48
N VAL H 1673 19.80 -80.77 82.13
CA VAL H 1673 19.99 -80.66 83.57
C VAL H 1673 21.03 -79.58 83.85
N VAL H 1674 21.02 -79.06 85.08
CA VAL H 1674 21.88 -77.97 85.54
C VAL H 1674 21.72 -76.72 84.67
N GLN H 1680 25.52 -72.98 79.73
CA GLN H 1680 25.55 -72.81 78.29
C GLN H 1680 26.69 -71.89 77.87
N LYS H 1681 27.55 -72.39 76.97
CA LYS H 1681 28.72 -71.65 76.48
C LYS H 1681 28.69 -71.67 74.96
N GLN H 1682 28.01 -70.68 74.37
CA GLN H 1682 27.98 -70.41 72.92
C GLN H 1682 27.38 -71.62 72.21
N SER H 1683 28.05 -72.20 71.20
CA SER H 1683 27.46 -73.27 70.42
C SER H 1683 27.44 -74.58 71.21
N PRO H 1684 26.47 -75.45 70.94
CA PRO H 1684 26.45 -76.76 71.59
C PRO H 1684 27.62 -77.63 71.16
N GLU H 1685 28.00 -78.55 72.04
CA GLU H 1685 29.17 -79.39 71.83
C GLU H 1685 28.93 -80.38 70.70
N ILE H 1686 30.03 -80.75 70.04
CA ILE H 1686 30.04 -81.68 68.91
C ILE H 1686 31.44 -82.27 68.90
N PRO H 1687 31.61 -83.57 68.58
CA PRO H 1687 32.95 -84.18 68.67
C PRO H 1687 34.03 -83.53 67.82
N LEU H 1688 33.69 -83.08 66.61
CA LEU H 1688 34.57 -82.36 65.69
C LEU H 1688 35.79 -83.16 65.22
N GLU H 1689 35.89 -84.42 65.63
CA GLU H 1689 36.90 -85.35 65.13
C GLU H 1689 36.28 -86.52 64.41
N ILE H 1690 35.13 -87.01 64.88
CA ILE H 1690 34.30 -87.91 64.09
C ILE H 1690 33.72 -87.16 62.90
N LEU H 1691 33.36 -85.89 63.10
CA LEU H 1691 32.68 -85.13 62.05
C LEU H 1691 33.61 -84.83 60.88
N LYS H 1692 34.85 -84.43 61.15
CA LYS H 1692 35.75 -84.09 60.05
C LYS H 1692 36.20 -85.32 59.29
N THR H 1693 36.41 -86.44 59.99
CA THR H 1693 36.71 -87.70 59.33
C THR H 1693 35.54 -88.17 58.47
N LYS H 1694 34.32 -88.01 58.99
CA LYS H 1694 33.13 -88.38 58.24
C LYS H 1694 32.96 -87.51 57.00
N ALA H 1695 33.23 -86.21 57.13
CA ALA H 1695 33.14 -85.29 56.00
C ALA H 1695 34.18 -85.61 54.94
N LEU H 1696 35.40 -85.94 55.35
CA LEU H 1696 36.44 -86.32 54.39
C LEU H 1696 36.09 -87.62 53.67
N SER H 1697 35.57 -88.60 54.41
CA SER H 1697 35.18 -89.86 53.78
C SER H 1697 34.01 -89.67 52.83
N MET H 1698 33.04 -88.83 53.20
CA MET H 1698 31.90 -88.54 52.32
C MET H 1698 32.35 -87.80 51.06
N LEU H 1699 33.30 -86.87 51.19
CA LEU H 1699 33.80 -86.17 50.00
C LEU H 1699 34.57 -87.11 49.09
N THR H 1700 35.39 -88.00 49.67
CA THR H 1700 36.12 -88.97 48.86
C THR H 1700 35.18 -89.92 48.14
N GLU H 1701 34.14 -90.39 48.84
CA GLU H 1701 33.18 -91.31 48.22
C GLU H 1701 32.34 -90.61 47.16
N ALA H 1702 32.02 -89.33 47.36
CA ALA H 1702 31.28 -88.58 46.35
C ALA H 1702 32.13 -88.35 45.11
N VAL H 1703 33.43 -88.09 45.29
CA VAL H 1703 34.30 -87.87 44.14
C VAL H 1703 34.52 -89.18 43.38
N GLN H 1704 34.64 -90.31 44.09
CA GLN H 1704 34.86 -91.59 43.42
C GLN H 1704 33.65 -92.00 42.59
N HIS H 1705 32.45 -91.83 43.11
CA HIS H 1705 31.22 -92.18 42.38
C HIS H 1705 30.63 -90.94 41.70
N SER H 1706 31.44 -90.30 40.85
CA SER H 1706 31.02 -89.04 40.22
C SER H 1706 31.15 -89.11 38.71
N GLY H 1707 30.92 -90.28 38.12
CA GLY H 1707 30.92 -90.37 36.67
C GLY H 1707 29.69 -89.73 36.06
N ALA H 1708 29.80 -89.39 34.78
CA ALA H 1708 28.67 -88.82 34.06
C ALA H 1708 27.62 -89.86 33.70
N HIS H 1709 27.96 -91.14 33.77
CA HIS H 1709 27.06 -92.23 33.42
C HIS H 1709 26.27 -92.76 34.61
N ILE H 1710 26.55 -92.29 35.83
CA ILE H 1710 25.88 -92.80 37.01
C ILE H 1710 24.45 -92.29 37.05
N ARG H 1711 23.50 -93.21 37.26
CA ARG H 1711 22.08 -92.90 37.15
C ARG H 1711 21.37 -92.86 38.50
N ASP H 1712 22.08 -92.97 39.61
CA ASP H 1712 21.51 -92.75 40.94
C ASP H 1712 22.42 -91.87 41.80
N PRO H 1713 22.51 -90.58 41.49
CA PRO H 1713 23.25 -89.68 42.39
C PRO H 1713 22.50 -89.49 43.70
N VAL H 1714 23.25 -89.21 44.76
CA VAL H 1714 22.65 -89.10 46.09
C VAL H 1714 21.83 -87.83 46.16
N GLY H 1715 20.57 -87.97 46.59
CA GLY H 1715 19.65 -86.87 46.63
C GLY H 1715 18.82 -86.68 45.39
N GLY H 1716 19.12 -87.40 44.31
CA GLY H 1716 18.41 -87.27 43.07
C GLY H 1716 19.13 -86.48 41.99
N SER H 1717 20.20 -85.79 42.34
CA SER H 1717 20.97 -85.02 41.36
C SER H 1717 22.41 -84.89 41.86
N VAL H 1718 23.27 -84.41 40.97
CA VAL H 1718 24.67 -84.16 41.32
C VAL H 1718 24.77 -83.00 42.29
N GLU H 1719 23.91 -82.00 42.13
CA GLU H 1719 23.90 -80.85 43.04
C GLU H 1719 23.57 -81.28 44.47
N PHE H 1720 22.54 -82.11 44.63
CA PHE H 1720 22.18 -82.59 45.96
C PHE H 1720 23.24 -83.50 46.55
N GLN H 1721 24.02 -84.18 45.70
CA GLN H 1721 25.09 -85.02 46.21
C GLN H 1721 26.28 -84.19 46.69
N PHE H 1722 26.64 -83.14 45.96
CA PHE H 1722 27.89 -82.44 46.20
C PHE H 1722 27.77 -81.18 47.04
N VAL H 1723 26.72 -80.38 46.84
CA VAL H 1723 26.63 -79.07 47.49
C VAL H 1723 26.60 -79.14 49.02
N PRO H 1724 25.79 -80.00 49.67
CA PRO H 1724 25.86 -80.06 51.15
C PRO H 1724 27.20 -80.50 51.70
N VAL H 1725 27.85 -81.46 51.04
CA VAL H 1725 29.17 -81.93 51.48
C VAL H 1725 30.19 -80.82 51.36
N LEU H 1726 30.16 -80.08 50.25
CA LEU H 1726 31.10 -78.98 50.06
C LEU H 1726 30.83 -77.82 51.02
N LYS H 1727 29.57 -77.56 51.35
CA LYS H 1727 29.26 -76.56 52.37
C LYS H 1727 29.83 -76.96 53.73
N LEU H 1728 29.68 -78.24 54.09
CA LEU H 1728 30.23 -78.72 55.35
C LEU H 1728 31.76 -78.66 55.36
N ILE H 1729 32.39 -79.02 54.24
CA ILE H 1729 33.85 -78.96 54.13
C ILE H 1729 34.35 -77.53 54.25
N GLY H 1730 33.69 -76.59 53.57
CA GLY H 1730 34.08 -75.19 53.67
C GLY H 1730 33.87 -74.61 55.05
N THR H 1731 32.77 -74.98 55.71
CA THR H 1731 32.52 -74.53 57.06
C THR H 1731 33.58 -75.04 58.03
N LEU H 1732 33.98 -76.30 57.89
CA LEU H 1732 35.03 -76.83 58.75
C LEU H 1732 36.40 -76.27 58.39
N LEU H 1733 36.59 -75.85 57.12
CA LEU H 1733 37.86 -75.24 56.73
C LEU H 1733 38.03 -73.85 57.33
N VAL H 1734 36.97 -73.04 57.29
CA VAL H 1734 37.06 -71.68 57.84
C VAL H 1734 37.26 -71.72 59.35
N MET H 1735 36.64 -72.70 60.02
CA MET H 1735 36.79 -72.84 61.47
C MET H 1735 38.17 -73.31 61.90
N GLY H 1736 39.01 -73.76 60.96
CA GLY H 1736 40.32 -74.27 61.32
C GLY H 1736 40.33 -75.64 61.95
N VAL H 1737 39.30 -76.45 61.67
CA VAL H 1737 39.21 -77.77 62.28
C VAL H 1737 40.25 -78.72 61.70
N PHE H 1738 40.43 -78.70 60.37
CA PHE H 1738 41.30 -79.65 59.72
C PHE H 1738 42.77 -79.38 60.02
N ASP H 1739 43.55 -80.45 60.08
CA ASP H 1739 45.00 -80.37 60.19
C ASP H 1739 45.62 -80.49 58.80
N ASP H 1740 46.95 -80.64 58.76
CA ASP H 1740 47.68 -80.55 57.49
C ASP H 1740 47.40 -81.73 56.58
N ASP H 1741 47.28 -82.94 57.14
CA ASP H 1741 47.01 -84.12 56.32
C ASP H 1741 45.61 -84.05 55.71
N ASP H 1742 44.63 -83.56 56.47
CA ASP H 1742 43.28 -83.40 55.95
C ASP H 1742 43.22 -82.37 54.83
N ILE H 1743 43.94 -81.26 54.99
CA ILE H 1743 44.01 -80.25 53.94
C ILE H 1743 44.71 -80.82 52.71
N ARG H 1744 45.72 -81.67 52.92
CA ARG H 1744 46.39 -82.34 51.80
C ARG H 1744 45.43 -83.26 51.06
N GLN H 1745 44.59 -83.99 51.79
CA GLN H 1745 43.57 -84.83 51.15
C GLN H 1745 42.57 -84.00 50.34
N ILE H 1746 42.14 -82.87 50.90
CA ILE H 1746 41.21 -81.98 50.20
C ILE H 1746 41.85 -81.43 48.92
N LEU H 1747 43.12 -81.02 49.01
CA LEU H 1747 43.81 -80.47 47.85
C LEU H 1747 44.03 -81.54 46.78
N LEU H 1748 44.31 -82.78 47.19
CA LEU H 1748 44.42 -83.86 46.22
C LEU H 1748 43.07 -84.17 45.57
N LEU H 1749 41.98 -84.04 46.31
CA LEU H 1749 40.66 -84.22 45.71
C LEU H 1749 40.30 -83.10 44.75
N ILE H 1750 40.80 -81.88 45.00
CA ILE H 1750 40.50 -80.76 44.13
C ILE H 1750 41.29 -80.84 42.82
N ASP H 1751 42.61 -80.98 42.93
CA ASP H 1751 43.48 -81.09 41.75
C ASP H 1751 44.74 -81.85 42.14
N PRO H 1752 44.81 -83.15 41.82
CA PRO H 1752 45.98 -83.94 42.24
C PRO H 1752 47.26 -83.64 41.49
N SER H 1753 47.21 -82.87 40.40
CA SER H 1753 48.42 -82.55 39.66
C SER H 1753 49.10 -81.30 40.18
N VAL H 1754 48.34 -80.24 40.45
CA VAL H 1754 48.92 -79.01 40.98
C VAL H 1754 49.41 -79.22 42.40
N PHE H 1755 48.60 -79.91 43.22
CA PHE H 1755 48.94 -80.17 44.61
C PHE H 1755 49.51 -81.57 44.82
N GLY H 1756 50.24 -82.09 43.85
CA GLY H 1756 50.82 -83.40 43.94
C GLY H 1756 52.04 -83.45 44.84
N GLU H 1757 52.54 -84.66 45.05
CA GLU H 1757 53.66 -84.89 45.94
C GLU H 1757 54.99 -84.41 45.38
N HIS H 1758 55.09 -84.18 44.07
CA HIS H 1758 56.34 -83.74 43.46
C HIS H 1758 56.63 -82.28 43.81
N LYS H 1792 39.30 -87.10 37.09
CA LYS H 1792 40.44 -86.65 37.87
C LYS H 1792 39.97 -85.89 39.10
N GLY H 1793 40.32 -84.61 39.18
CA GLY H 1793 39.91 -83.78 40.30
C GLY H 1793 38.51 -83.23 40.13
N LEU H 1794 38.10 -82.41 41.10
CA LEU H 1794 36.78 -81.80 41.06
C LEU H 1794 36.71 -80.70 40.01
N LEU H 1795 37.80 -79.95 39.83
CA LEU H 1795 37.78 -78.80 38.95
C LEU H 1795 37.78 -79.17 37.47
N GLN H 1796 38.15 -80.41 37.14
CA GLN H 1796 38.23 -80.86 35.75
C GLN H 1796 37.10 -81.81 35.40
N THR H 1797 35.92 -81.57 35.96
CA THR H 1797 34.74 -82.38 35.67
C THR H 1797 33.58 -81.46 35.30
N ARG H 1798 32.62 -82.02 34.57
CA ARG H 1798 31.42 -81.28 34.19
C ARG H 1798 30.52 -81.16 35.40
N LEU H 1799 30.38 -79.94 35.92
CA LEU H 1799 29.69 -79.71 37.17
C LEU H 1799 28.49 -78.78 36.97
N PRO H 1800 27.48 -78.87 37.83
CA PRO H 1800 26.45 -77.83 37.87
C PRO H 1800 27.01 -76.54 38.45
N GLU H 1801 26.20 -75.48 38.34
CA GLU H 1801 26.67 -74.15 38.74
C GLU H 1801 26.71 -73.98 40.25
N SER H 1802 25.90 -74.73 41.00
CA SER H 1802 25.97 -74.66 42.46
C SER H 1802 27.26 -75.26 42.99
N VAL H 1803 27.69 -76.37 42.41
CA VAL H 1803 28.97 -76.97 42.76
C VAL H 1803 30.10 -76.03 42.39
N LYS H 1804 29.96 -75.30 41.29
CA LYS H 1804 30.93 -74.28 40.91
C LYS H 1804 30.99 -73.15 41.92
N LEU H 1805 29.82 -72.76 42.47
CA LEU H 1805 29.80 -71.75 43.53
C LEU H 1805 30.57 -72.22 44.77
N GLN H 1806 30.34 -73.47 45.17
CA GLN H 1806 31.04 -74.00 46.33
C GLN H 1806 32.55 -74.13 46.08
N MET H 1807 32.94 -74.53 44.87
CA MET H 1807 34.35 -74.60 44.53
C MET H 1807 34.99 -73.22 44.50
N CYS H 1808 34.25 -72.20 44.05
CA CYS H 1808 34.74 -70.82 44.09
C CYS H 1808 34.98 -70.36 45.51
N GLU H 1809 34.08 -70.71 46.44
CA GLU H 1809 34.27 -70.36 47.84
C GLU H 1809 35.51 -71.04 48.43
N LEU H 1810 35.71 -72.32 48.09
CA LEU H 1810 36.89 -73.04 48.57
C LEU H 1810 38.18 -72.43 48.04
N LEU H 1811 38.21 -72.09 46.76
CA LEU H 1811 39.40 -71.48 46.18
C LEU H 1811 39.66 -70.08 46.74
N SER H 1812 38.61 -69.34 47.06
CA SER H 1812 38.78 -68.05 47.72
C SER H 1812 39.40 -68.21 49.11
N TYR H 1813 38.99 -69.26 49.83
CA TYR H 1813 39.61 -69.54 51.13
C TYR H 1813 41.09 -69.89 50.97
N LEU H 1814 41.44 -70.64 49.94
CA LEU H 1814 42.84 -70.96 49.69
C LEU H 1814 43.65 -69.71 49.36
N CYS H 1815 43.06 -68.78 48.60
CA CYS H 1815 43.71 -67.50 48.33
C CYS H 1815 43.95 -66.71 49.62
N ASP H 1816 42.97 -66.71 50.52
CA ASP H 1816 43.14 -66.02 51.80
C ASP H 1816 44.26 -66.65 52.62
N CYS H 1817 44.37 -67.98 52.59
CA CYS H 1817 45.45 -68.65 53.30
C CYS H 1817 46.82 -68.26 52.74
N GLU H 1818 46.94 -68.20 51.40
CA GLU H 1818 48.20 -67.79 50.79
C GLU H 1818 48.56 -66.35 51.14
N LEU H 1819 47.57 -65.46 51.16
CA LEU H 1819 47.82 -64.07 51.53
C LEU H 1819 48.30 -63.95 52.97
N GLN H 1820 47.68 -64.69 53.88
CA GLN H 1820 48.12 -64.67 55.27
C GLN H 1820 49.53 -65.21 55.43
N HIS H 1821 49.87 -66.26 54.67
CA HIS H 1821 51.23 -66.79 54.70
C HIS H 1821 52.26 -65.76 54.21
N ARG H 1822 51.92 -65.03 53.15
CA ARG H 1822 52.81 -63.97 52.65
C ARG H 1822 53.02 -62.88 53.69
N VAL H 1823 51.94 -62.48 54.37
CA VAL H 1823 52.04 -61.44 55.40
C VAL H 1823 52.93 -61.89 56.55
N GLU H 1824 52.75 -63.14 56.99
CA GLU H 1824 53.57 -63.65 58.09
C GLU H 1824 55.04 -63.77 57.71
N ALA H 1825 55.32 -64.18 56.47
CA ALA H 1825 56.70 -64.25 56.01
C ALA H 1825 57.35 -62.87 55.95
N ILE H 1826 56.59 -61.87 55.49
CA ILE H 1826 57.09 -60.49 55.45
C ILE H 1826 57.41 -60.00 56.86
N VAL H 1827 56.54 -60.31 57.83
CA VAL H 1827 56.77 -59.87 59.20
C VAL H 1827 58.00 -60.55 59.81
N ALA H 1828 58.20 -61.85 59.51
CA ALA H 1828 59.37 -62.55 60.01
C ALA H 1828 60.67 -61.97 59.46
N PHE H 1829 60.71 -61.75 58.14
CA PHE H 1829 61.88 -61.12 57.55
C PHE H 1829 62.10 -59.72 58.08
N GLY H 1830 61.01 -58.99 58.34
CA GLY H 1830 61.15 -57.66 58.93
C GLY H 1830 61.76 -57.69 60.31
N ASP H 1831 61.40 -58.69 61.12
CA ASP H 1831 61.99 -58.83 62.44
C ASP H 1831 63.49 -59.10 62.35
N ILE H 1832 63.90 -60.02 61.46
CA ILE H 1832 65.31 -60.33 61.31
C ILE H 1832 66.09 -59.12 60.78
N TYR H 1833 65.52 -58.44 59.78
CA TYR H 1833 66.15 -57.25 59.20
C TYR H 1833 66.26 -56.12 60.21
N VAL H 1834 65.25 -55.96 61.07
CA VAL H 1834 65.28 -54.91 62.08
C VAL H 1834 66.37 -55.20 63.11
N SER H 1835 66.53 -56.47 63.50
CA SER H 1835 67.62 -56.82 64.42
C SER H 1835 68.99 -56.54 63.79
N LYS H 1836 69.16 -56.89 62.51
CA LYS H 1836 70.42 -56.62 61.83
C LYS H 1836 70.69 -55.13 61.70
N LEU H 1837 69.65 -54.34 61.39
CA LEU H 1837 69.82 -52.90 61.27
C LEU H 1837 70.14 -52.26 62.61
N GLN H 1838 69.54 -52.76 63.70
CA GLN H 1838 69.87 -52.25 65.03
C GLN H 1838 71.32 -52.52 65.38
N ALA H 1839 71.80 -53.74 65.10
CA ALA H 1839 73.21 -54.07 65.36
C ALA H 1839 74.15 -53.21 64.52
N ASN H 1840 73.83 -53.02 63.24
CA ASN H 1840 74.68 -52.23 62.36
C ASN H 1840 74.72 -50.76 62.78
N GLN H 1841 73.57 -50.20 63.16
CA GLN H 1841 73.54 -48.81 63.60
C GLN H 1841 74.25 -48.63 64.94
N LYS H 1842 74.16 -49.63 65.83
CA LYS H 1842 74.91 -49.58 67.08
C LYS H 1842 76.41 -49.58 66.82
N SER H 1843 76.87 -50.43 65.90
CA SER H 1843 78.28 -50.46 65.55
C SER H 1843 78.74 -49.16 64.91
N ARG H 1844 77.92 -48.60 64.02
CA ARG H 1844 78.28 -47.34 63.37
C ARG H 1844 78.31 -46.18 64.36
N TYR H 1845 77.38 -46.15 65.31
CA TYR H 1845 77.38 -45.10 66.33
C TYR H 1845 78.59 -45.23 67.26
N ASN H 1846 78.95 -46.47 67.62
CA ASN H 1846 80.14 -46.70 68.43
C ASN H 1846 81.40 -46.26 67.69
N GLU H 1847 81.47 -46.53 66.38
CA GLU H 1847 82.60 -46.09 65.59
C GLU H 1847 82.64 -44.57 65.47
N LEU H 1848 81.48 -43.93 65.34
CA LEU H 1848 81.42 -42.48 65.23
C LEU H 1848 81.86 -41.80 66.52
N MET H 1849 81.39 -42.29 67.66
CA MET H 1849 81.77 -41.68 68.94
C MET H 1849 83.21 -41.99 69.32
N GLN H 1850 83.83 -42.99 68.70
CA GLN H 1850 85.23 -43.32 68.96
C GLN H 1850 86.20 -42.57 68.05
N ALA H 1851 85.69 -41.73 67.15
CA ALA H 1851 86.54 -40.98 66.23
C ALA H 1851 87.22 -39.84 66.98
N LEU H 1852 88.56 -39.87 67.02
CA LEU H 1852 89.31 -38.88 67.78
C LEU H 1852 89.32 -37.53 67.08
N ASN H 1853 89.51 -37.52 65.76
CA ASN H 1853 89.69 -36.28 65.00
C ASN H 1853 88.71 -36.23 63.84
N MET H 1854 87.44 -36.50 64.11
CA MET H 1854 86.41 -36.44 63.09
C MET H 1854 86.15 -34.99 62.69
N SER H 1855 85.80 -34.80 61.42
CA SER H 1855 85.48 -33.47 60.91
C SER H 1855 84.18 -32.97 61.49
N ALA H 1856 84.05 -31.64 61.56
CA ALA H 1856 82.86 -31.03 62.15
C ALA H 1856 81.62 -31.24 61.28
N ALA H 1857 81.78 -31.13 59.95
CA ALA H 1857 80.63 -31.27 59.06
C ALA H 1857 80.10 -32.69 59.05
N LEU H 1858 80.99 -33.69 58.99
CA LEU H 1858 80.57 -35.08 58.99
C LEU H 1858 79.92 -35.47 60.32
N THR H 1859 80.50 -35.00 61.44
CA THR H 1859 79.91 -35.28 62.74
C THR H 1859 78.55 -34.59 62.89
N ALA H 1860 78.41 -33.37 62.38
CA ALA H 1860 77.13 -32.69 62.43
C ALA H 1860 76.07 -33.40 61.59
N ARG H 1861 76.45 -33.86 60.40
CA ARG H 1861 75.52 -34.60 59.55
C ARG H 1861 75.12 -35.93 60.21
N LYS H 1862 76.08 -36.63 60.81
CA LYS H 1862 75.78 -37.89 61.48
C LYS H 1862 74.88 -37.68 62.70
N THR H 1863 75.12 -36.60 63.46
CA THR H 1863 74.28 -36.30 64.61
C THR H 1863 72.87 -35.91 64.18
N ARG H 1864 72.75 -35.19 63.06
CA ARG H 1864 71.43 -34.84 62.54
C ARG H 1864 70.70 -36.08 62.03
N GLU H 1865 71.44 -37.03 61.46
CA GLU H 1865 70.84 -38.30 61.05
C GLU H 1865 70.38 -39.12 62.24
N PHE H 1866 71.17 -39.13 63.32
CA PHE H 1866 70.82 -39.91 64.51
C PHE H 1866 69.85 -39.20 65.43
N ARG H 1867 69.54 -37.92 65.18
CA ARG H 1867 68.54 -37.20 65.96
C ARG H 1867 67.16 -37.27 65.32
N SER H 1868 67.03 -38.00 64.21
CA SER H 1868 65.75 -38.13 63.52
C SER H 1868 64.80 -39.00 64.35
N PRO H 1869 63.49 -38.89 64.09
CA PRO H 1869 62.56 -39.86 64.66
C PRO H 1869 62.83 -41.25 64.13
N PRO H 1870 62.45 -42.29 64.88
CA PRO H 1870 62.75 -43.67 64.44
C PRO H 1870 62.14 -44.04 63.10
N GLN H 1871 60.96 -43.51 62.78
CA GLN H 1871 60.39 -43.73 61.45
C GLN H 1871 61.24 -43.07 60.37
N GLU H 1872 61.78 -41.88 60.66
CA GLU H 1872 62.68 -41.22 59.72
C GLU H 1872 63.98 -42.00 59.58
N GLN H 1873 64.46 -42.61 60.67
CA GLN H 1873 65.65 -43.45 60.59
C GLN H 1873 65.41 -44.69 59.71
N ILE H 1874 64.24 -45.32 59.85
CA ILE H 1874 63.89 -46.47 59.02
C ILE H 1874 63.76 -46.05 57.56
N ASN H 1875 63.14 -44.89 57.31
CA ASN H 1875 63.00 -44.39 55.94
C ASN H 1875 64.36 -44.11 55.32
N MET H 1876 65.29 -43.53 56.10
CA MET H 1876 66.63 -43.26 55.58
C MET H 1876 67.40 -44.54 55.33
N LEU H 1877 67.23 -45.54 56.20
CA LEU H 1877 67.94 -46.80 56.04
C LEU H 1877 67.40 -47.62 54.86
N LEU H 1878 66.11 -47.52 54.58
CA LEU H 1878 65.51 -48.38 53.55
C LEU H 1878 65.54 -47.75 52.17
N ASN H 1879 65.60 -46.43 52.06
CA ASN H 1879 65.63 -45.78 50.75
C ASN H 1879 66.99 -45.99 50.10
N PHE H 1880 67.09 -46.99 49.22
CA PHE H 1880 68.36 -47.28 48.56
C PHE H 1880 68.63 -46.35 47.39
N GLN H 1881 67.65 -45.53 47.00
CA GLN H 1881 67.85 -44.55 45.94
C GLN H 1881 68.68 -43.36 46.38
N LEU H 1882 68.95 -43.23 47.69
CA LEU H 1882 69.74 -42.11 48.17
C LEU H 1882 71.23 -42.25 47.86
N GLY H 1883 71.67 -43.47 47.53
CA GLY H 1883 73.07 -43.69 47.18
C GLY H 1883 74.01 -43.58 48.36
N GLU H 1884 74.87 -42.55 48.33
CA GLU H 1884 75.79 -42.33 49.44
C GLU H 1884 75.07 -41.78 50.67
N ASN H 1885 73.93 -41.11 50.48
CA ASN H 1885 73.18 -40.57 51.60
C ASN H 1885 72.55 -41.66 52.45
N CYS H 1886 72.30 -42.83 51.89
CA CYS H 1886 71.77 -43.95 52.67
C CYS H 1886 72.92 -44.63 53.41
N PRO H 1887 72.83 -44.77 54.73
CA PRO H 1887 73.96 -45.35 55.48
C PRO H 1887 73.95 -46.87 55.54
N CYS H 1888 73.17 -47.50 54.67
CA CYS H 1888 73.05 -48.96 54.69
C CYS H 1888 74.27 -49.60 54.00
N PRO H 1889 74.92 -50.56 54.65
CA PRO H 1889 75.99 -51.30 53.98
C PRO H 1889 75.47 -52.20 52.87
N GLU H 1890 76.40 -52.69 52.05
CA GLU H 1890 76.05 -53.40 50.82
C GLU H 1890 75.41 -54.76 51.10
N GLU H 1891 75.84 -55.47 52.14
CA GLU H 1891 75.33 -56.80 52.43
C GLU H 1891 73.84 -56.76 52.80
N ILE H 1892 73.45 -55.79 53.61
CA ILE H 1892 72.05 -55.66 54.01
C ILE H 1892 71.19 -55.27 52.80
N ARG H 1893 71.74 -54.44 51.91
CA ARG H 1893 71.04 -54.09 50.67
C ARG H 1893 70.86 -55.32 49.78
N GLU H 1894 71.88 -56.18 49.71
CA GLU H 1894 71.76 -57.41 48.93
C GLU H 1894 70.70 -58.34 49.52
N GLU H 1895 70.66 -58.45 50.85
CA GLU H 1895 69.65 -59.29 51.50
C GLU H 1895 68.24 -58.76 51.23
N LEU H 1896 68.05 -57.44 51.32
CA LEU H 1896 66.72 -56.89 51.06
C LEU H 1896 66.33 -57.02 49.59
N TYR H 1897 67.29 -56.88 48.68
CA TYR H 1897 67.03 -57.12 47.26
C TYR H 1897 66.61 -58.56 47.00
N ASP H 1898 67.30 -59.51 47.64
CA ASP H 1898 66.95 -60.92 47.46
C ASP H 1898 65.56 -61.21 48.01
N PHE H 1899 65.21 -60.65 49.17
CA PHE H 1899 63.88 -60.89 49.70
C PHE H 1899 62.80 -60.25 48.85
N HIS H 1900 63.07 -59.05 48.31
CA HIS H 1900 62.09 -58.41 47.43
C HIS H 1900 61.88 -59.21 46.16
N GLU H 1901 62.97 -59.75 45.60
CA GLU H 1901 62.84 -60.59 44.41
C GLU H 1901 62.06 -61.86 44.72
N ASP H 1902 62.31 -62.48 45.87
CA ASP H 1902 61.57 -63.68 46.25
C ASP H 1902 60.09 -63.39 46.47
N LEU H 1903 59.78 -62.25 47.11
CA LEU H 1903 58.39 -61.88 47.33
C LEU H 1903 57.67 -61.59 46.02
N LEU H 1904 58.36 -60.95 45.07
CA LEU H 1904 57.72 -60.65 43.80
C LEU H 1904 57.55 -61.90 42.94
N ILE H 1905 58.46 -62.87 43.06
CA ILE H 1905 58.28 -64.14 42.36
C ILE H 1905 57.15 -64.93 42.98
N HIS H 1906 57.06 -64.93 44.31
CA HIS H 1906 56.02 -65.69 45.01
C HIS H 1906 54.63 -65.13 44.75
N CYS H 1907 54.52 -63.84 44.44
CA CYS H 1907 53.24 -63.21 44.15
C CYS H 1907 52.83 -63.33 42.69
N GLY H 1908 53.59 -64.06 41.89
CA GLY H 1908 53.24 -64.25 40.50
C GLY H 1908 53.55 -63.10 39.58
N VAL H 1909 54.37 -62.15 40.01
CA VAL H 1909 54.74 -60.99 39.21
C VAL H 1909 56.09 -61.28 38.57
N PRO H 1910 56.19 -61.41 37.23
CA PRO H 1910 57.45 -61.70 36.56
C PRO H 1910 58.41 -60.52 36.55
N GLU H 1950 49.15 -73.67 26.52
CA GLU H 1950 50.34 -73.36 27.30
C GLU H 1950 50.74 -74.54 28.18
N ARG H 1951 51.38 -74.23 29.31
CA ARG H 1951 51.84 -75.27 30.22
C ARG H 1951 50.77 -75.57 31.27
N CYS H 1952 50.86 -76.77 31.84
CA CYS H 1952 49.98 -77.14 32.94
C CYS H 1952 50.27 -76.27 34.17
N PRO H 1953 49.25 -76.02 35.00
CA PRO H 1953 49.47 -75.16 36.17
C PRO H 1953 50.40 -75.78 37.19
N THR H 1954 51.11 -74.91 37.91
CA THR H 1954 52.01 -75.30 38.98
C THR H 1954 51.67 -74.63 40.30
N THR H 1955 51.22 -73.38 40.28
CA THR H 1955 50.82 -72.65 41.47
C THR H 1955 49.30 -72.56 41.53
N LEU H 1956 48.80 -71.99 42.62
CA LEU H 1956 47.36 -71.85 42.79
C LEU H 1956 46.79 -70.79 41.85
N LYS H 1957 47.56 -69.72 41.60
CA LYS H 1957 47.09 -68.63 40.74
C LYS H 1957 46.83 -69.10 39.32
N GLU H 1958 47.75 -69.89 38.76
CA GLU H 1958 47.59 -70.40 37.41
C GLU H 1958 46.40 -71.33 37.32
N LEU H 1959 46.24 -72.20 38.32
CA LEU H 1959 45.11 -73.14 38.35
C LEU H 1959 43.78 -72.39 38.40
N ILE H 1960 43.69 -71.37 39.25
CA ILE H 1960 42.43 -70.63 39.39
C ILE H 1960 42.13 -69.85 38.12
N SER H 1961 43.14 -69.22 37.52
CA SER H 1961 42.94 -68.46 36.29
C SER H 1961 42.49 -69.36 35.15
N GLN H 1962 43.16 -70.50 34.98
CA GLN H 1962 42.79 -71.42 33.90
C GLN H 1962 41.41 -72.03 34.14
N THR H 1963 41.07 -72.32 35.40
CA THR H 1963 39.76 -72.88 35.72
C THR H 1963 38.65 -71.89 35.43
N MET H 1964 38.81 -70.63 35.83
CA MET H 1964 37.79 -69.62 35.58
C MET H 1964 37.62 -69.35 34.08
N ILE H 1965 38.73 -69.25 33.36
CA ILE H 1965 38.66 -69.01 31.91
C ILE H 1965 38.00 -70.20 31.21
N ARG H 1966 38.34 -71.43 31.61
CA ARG H 1966 37.74 -72.61 30.99
C ARG H 1966 36.26 -72.72 31.30
N TRP H 1967 35.86 -72.40 32.53
CA TRP H 1967 34.44 -72.41 32.88
C TRP H 1967 33.65 -71.40 32.08
N ALA H 1968 34.20 -70.19 31.91
CA ALA H 1968 33.48 -69.17 31.17
C ALA H 1968 33.49 -69.44 29.66
N GLN H 1969 34.51 -70.14 29.15
CA GLN H 1969 34.55 -70.48 27.73
C GLN H 1969 33.63 -71.64 27.40
N GLU H 1970 33.55 -72.66 28.28
CA GLU H 1970 32.82 -73.87 27.93
C GLU H 1970 31.32 -73.67 27.96
N ASP H 1971 30.82 -72.80 28.85
CA ASP H 1971 29.39 -72.57 28.97
C ASP H 1971 29.13 -71.09 29.17
N GLN H 1972 27.90 -70.68 28.89
CA GLN H 1972 27.44 -69.35 29.24
C GLN H 1972 26.74 -69.44 30.60
N ILE H 1973 27.30 -68.75 31.59
CA ILE H 1973 26.85 -68.91 32.96
C ILE H 1973 25.51 -68.19 33.14
N GLN H 1974 24.53 -68.93 33.66
CA GLN H 1974 23.17 -68.42 33.80
C GLN H 1974 22.88 -67.83 35.17
N ASP H 1975 23.77 -67.98 36.15
CA ASP H 1975 23.59 -67.44 37.48
C ASP H 1975 24.46 -66.21 37.64
N ALA H 1976 23.84 -65.11 38.10
CA ALA H 1976 24.58 -63.85 38.26
C ALA H 1976 25.60 -63.95 39.39
N GLU H 1977 25.25 -64.68 40.46
CA GLU H 1977 26.17 -64.82 41.58
C GLU H 1977 27.41 -65.62 41.18
N LEU H 1978 27.24 -66.62 40.31
CA LEU H 1978 28.40 -67.38 39.84
C LEU H 1978 29.29 -66.54 38.94
N VAL H 1979 28.70 -65.69 38.09
CA VAL H 1979 29.48 -64.77 37.27
C VAL H 1979 30.29 -63.82 38.15
N ARG H 1980 29.62 -63.27 39.17
CA ARG H 1980 30.28 -62.35 40.08
C ARG H 1980 31.43 -63.02 40.84
N MET H 1981 31.19 -64.23 41.35
CA MET H 1981 32.22 -64.93 42.10
C MET H 1981 33.39 -65.34 41.21
N MET H 1982 33.10 -65.85 40.01
CA MET H 1982 34.14 -66.27 39.09
C MET H 1982 35.01 -65.11 38.67
N PHE H 1983 34.40 -63.97 38.33
CA PHE H 1983 35.22 -62.86 37.87
C PHE H 1983 35.89 -62.11 39.00
N SER H 1984 35.33 -62.11 40.21
CA SER H 1984 36.06 -61.59 41.36
C SER H 1984 37.28 -62.44 41.67
N LEU H 1985 37.12 -63.76 41.65
CA LEU H 1985 38.24 -64.66 41.91
C LEU H 1985 39.28 -64.59 40.81
N LEU H 1986 38.86 -64.36 39.57
CA LEU H 1986 39.82 -64.19 38.49
C LEU H 1986 40.57 -62.87 38.60
N GLN H 1987 39.88 -61.79 38.99
CA GLN H 1987 40.51 -60.49 39.10
C GLN H 1987 41.49 -60.45 40.26
N ARG H 1988 41.18 -61.11 41.38
CA ARG H 1988 42.08 -61.02 42.51
C ARG H 1988 43.33 -61.88 42.35
N GLN H 1989 43.41 -62.73 41.32
CA GLN H 1989 44.65 -63.44 41.03
C GLN H 1989 45.68 -62.53 40.39
N TYR H 1990 45.23 -61.47 39.71
CA TYR H 1990 46.10 -60.52 39.05
C TYR H 1990 46.21 -59.22 39.83
N ASP H 1991 45.90 -59.25 41.11
CA ASP H 1991 46.00 -58.12 42.03
C ASP H 1991 46.66 -58.57 43.31
N SER H 1992 47.75 -59.32 43.19
CA SER H 1992 48.39 -59.90 44.37
C SER H 1992 49.14 -58.85 45.17
N ILE H 1993 49.81 -57.91 44.50
CA ILE H 1993 50.54 -56.87 45.20
C ILE H 1993 49.58 -55.89 45.87
N GLY H 1994 48.47 -55.56 45.19
CA GLY H 1994 47.49 -54.68 45.79
C GLY H 1994 46.81 -55.28 47.00
N GLU H 1995 46.48 -56.57 46.93
CA GLU H 1995 45.91 -57.27 48.08
C GLU H 1995 46.92 -57.39 49.20
N LEU H 1996 48.19 -57.61 48.87
CA LEU H 1996 49.23 -57.67 49.89
C LEU H 1996 49.40 -56.33 50.59
N LEU H 1997 49.33 -55.23 49.83
CA LEU H 1997 49.37 -53.90 50.42
C LEU H 1997 48.17 -53.65 51.32
N GLN H 1998 46.98 -54.04 50.88
CA GLN H 1998 45.78 -53.86 51.69
C GLN H 1998 45.86 -54.68 52.97
N ALA H 1999 46.44 -55.88 52.89
CA ALA H 1999 46.62 -56.71 54.08
C ALA H 1999 47.65 -56.10 55.03
N LEU H 2000 48.75 -55.58 54.47
CA LEU H 2000 49.80 -54.98 55.30
C LEU H 2000 49.36 -53.67 55.95
N ARG H 2001 48.40 -52.96 55.36
CA ARG H 2001 47.85 -51.78 56.03
C ARG H 2001 47.12 -52.15 57.32
N LYS H 2002 46.55 -53.35 57.39
CA LYS H 2002 45.85 -53.82 58.58
C LYS H 2002 46.66 -54.84 59.37
N THR H 2003 47.98 -54.87 59.16
CA THR H 2003 48.88 -55.76 59.90
C THR H 2003 49.51 -54.99 61.05
N TYR H 2004 49.46 -55.56 62.24
CA TYR H 2004 50.08 -54.96 63.41
C TYR H 2004 50.92 -56.00 64.14
N THR H 2005 51.98 -55.51 64.79
CA THR H 2005 52.96 -56.35 65.47
C THR H 2005 53.00 -55.95 66.94
N ILE H 2006 52.85 -56.95 67.83
CA ILE H 2006 52.83 -56.71 69.26
C ILE H 2006 53.93 -57.51 69.93
N SER H 2007 54.00 -57.44 71.27
CA SER H 2007 54.99 -58.14 72.05
C SER H 2007 54.35 -59.31 72.79
N GLN H 2008 55.19 -60.11 73.45
CA GLN H 2008 54.71 -61.30 74.15
C GLN H 2008 53.85 -60.93 75.36
N ALA H 2009 54.34 -60.00 76.19
CA ALA H 2009 53.63 -59.60 77.40
C ALA H 2009 52.30 -58.90 77.09
N SER H 2010 52.10 -58.45 75.86
CA SER H 2010 50.85 -57.85 75.43
C SER H 2010 49.98 -58.82 74.65
N VAL H 2011 50.28 -60.12 74.67
CA VAL H 2011 49.48 -61.07 73.90
C VAL H 2011 48.12 -61.28 74.55
N SER H 2012 48.10 -61.72 75.83
CA SER H 2012 46.90 -62.27 76.43
C SER H 2012 45.78 -61.24 76.52
N ASP H 2013 46.10 -60.04 77.00
CA ASP H 2013 45.12 -58.95 77.03
C ASP H 2013 44.57 -58.66 75.64
N THR H 2014 45.45 -58.63 74.64
CA THR H 2014 45.03 -58.45 73.25
C THR H 2014 44.01 -59.49 72.85
N ILE H 2015 44.26 -60.76 73.23
CA ILE H 2015 43.33 -61.84 72.93
C ILE H 2015 41.97 -61.53 73.53
N ASN H 2016 41.95 -61.13 74.81
CA ASN H 2016 40.68 -60.77 75.45
C ASN H 2016 40.03 -59.63 74.71
N LEU H 2017 40.82 -58.61 74.35
CA LEU H 2017 40.31 -57.47 73.62
C LEU H 2017 39.72 -57.91 72.30
N LEU H 2018 40.44 -58.79 71.58
CA LEU H 2018 39.96 -59.27 70.29
C LEU H 2018 38.66 -60.02 70.46
N ALA H 2019 38.56 -60.84 71.51
CA ALA H 2019 37.33 -61.59 71.76
C ALA H 2019 36.17 -60.64 71.95
N ALA H 2020 36.39 -59.58 72.75
CA ALA H 2020 35.33 -58.61 72.99
C ALA H 2020 34.92 -57.94 71.71
N LEU H 2021 35.91 -57.57 70.88
CA LEU H 2021 35.61 -56.90 69.62
C LEU H 2021 34.82 -57.83 68.72
N GLY H 2022 35.18 -59.12 68.72
CA GLY H 2022 34.46 -60.08 67.90
C GLY H 2022 33.00 -60.16 68.29
N GLN H 2023 32.74 -60.12 69.59
CA GLN H 2023 31.36 -60.20 70.07
C GLN H 2023 30.56 -59.01 69.56
N ILE H 2024 31.17 -57.83 69.57
CA ILE H 2024 30.47 -56.63 69.13
C ILE H 2024 30.15 -56.73 67.64
N ARG H 2025 31.08 -57.32 66.87
CA ARG H 2025 30.82 -57.47 65.45
C ARG H 2025 29.70 -58.48 65.21
N CYS H 2026 29.61 -59.50 66.08
CA CYS H 2026 28.53 -60.46 65.95
C CYS H 2026 27.19 -59.88 66.33
N LEU H 2027 27.16 -58.68 66.91
CA LEU H 2027 25.90 -58.01 67.16
C LEU H 2027 25.57 -56.96 66.11
N LEU H 2028 26.35 -56.88 65.03
CA LEU H 2028 26.02 -55.94 63.96
C LEU H 2028 24.88 -56.44 63.08
N SER H 2029 24.58 -57.73 63.11
CA SER H 2029 23.51 -58.31 62.30
C SER H 2029 22.33 -58.78 63.14
N VAL H 2030 22.19 -58.28 64.35
CA VAL H 2030 21.13 -58.68 65.27
C VAL H 2030 20.31 -57.45 65.63
N ARG H 2031 18.99 -57.57 65.53
CA ARG H 2031 18.08 -56.46 65.82
C ARG H 2031 17.83 -56.38 67.33
N MET H 2032 18.86 -55.92 68.03
CA MET H 2032 18.79 -55.37 69.38
C MET H 2032 18.15 -56.32 70.40
N GLY H 2033 18.81 -57.46 70.60
CA GLY H 2033 18.42 -58.33 71.69
C GLY H 2033 18.78 -57.72 73.03
N LYS H 2034 17.90 -57.86 74.02
CA LYS H 2034 18.12 -57.23 75.32
C LYS H 2034 19.29 -57.88 76.05
N GLU H 2035 19.35 -59.22 76.03
CA GLU H 2035 20.53 -59.93 76.50
C GLU H 2035 21.75 -59.56 75.67
N GLU H 2036 21.57 -59.44 74.36
CA GLU H 2036 22.64 -58.96 73.49
C GLU H 2036 23.00 -57.51 73.79
N GLU H 2037 22.02 -56.70 74.21
CA GLU H 2037 22.29 -55.31 74.57
C GLU H 2037 23.16 -55.23 75.82
N LEU H 2038 22.82 -56.02 76.85
CA LEU H 2038 23.66 -56.07 78.04
C LEU H 2038 25.05 -56.62 77.73
N LEU H 2039 25.11 -57.62 76.84
CA LEU H 2039 26.39 -58.18 76.42
C LEU H 2039 27.24 -57.13 75.69
N MET H 2040 26.62 -56.29 74.88
CA MET H 2040 27.36 -55.26 74.15
C MET H 2040 27.84 -54.16 75.10
N ILE H 2041 27.01 -53.80 76.08
CA ILE H 2041 27.42 -52.81 77.09
C ILE H 2041 28.60 -53.33 77.90
N ASN H 2042 28.55 -54.60 78.31
CA ASN H 2042 29.65 -55.19 79.05
C ASN H 2042 30.89 -55.35 78.18
N GLY H 2043 30.71 -55.61 76.88
CA GLY H 2043 31.84 -55.69 75.98
C GLY H 2043 32.54 -54.36 75.78
N LEU H 2044 31.76 -53.28 75.65
CA LEU H 2044 32.35 -51.94 75.58
C LEU H 2044 33.07 -51.59 76.87
N GLY H 2045 32.48 -51.95 78.01
CA GLY H 2045 33.15 -51.72 79.28
C GLY H 2045 34.45 -52.49 79.42
N ASP H 2046 34.47 -53.74 78.94
CA ASP H 2046 35.70 -54.53 79.00
C ASP H 2046 36.74 -54.02 78.02
N ILE H 2047 36.33 -53.47 76.89
CA ILE H 2047 37.29 -52.88 75.96
C ILE H 2047 37.90 -51.61 76.56
N MET H 2048 37.07 -50.76 77.18
CA MET H 2048 37.57 -49.50 77.73
C MET H 2048 38.53 -49.71 78.90
N ASN H 2049 38.41 -50.83 79.61
CA ASN H 2049 39.29 -51.11 80.74
C ASN H 2049 40.55 -51.86 80.35
N ASN H 2050 40.67 -52.29 79.10
CA ASN H 2050 41.84 -53.04 78.67
C ASN H 2050 43.04 -52.10 78.51
N LYS H 2051 44.22 -52.60 78.89
CA LYS H 2051 45.43 -51.77 78.86
C LYS H 2051 45.83 -51.44 77.42
N VAL H 2052 45.65 -52.38 76.50
CA VAL H 2052 46.01 -52.15 75.10
C VAL H 2052 45.13 -51.09 74.46
N PHE H 2053 43.94 -50.84 75.01
CA PHE H 2053 43.04 -49.84 74.44
C PHE H 2053 43.59 -48.42 74.59
N TYR H 2054 44.10 -48.08 75.77
CA TYR H 2054 44.69 -46.77 75.98
C TYR H 2054 46.21 -46.78 75.95
N GLN H 2055 46.82 -47.91 75.59
CA GLN H 2055 48.26 -47.95 75.38
C GLN H 2055 48.66 -48.20 73.93
N HIS H 2056 47.76 -48.72 73.10
CA HIS H 2056 48.01 -48.94 71.68
C HIS H 2056 46.85 -48.37 70.87
N PRO H 2057 46.78 -47.05 70.73
CA PRO H 2057 45.67 -46.46 69.94
C PRO H 2057 45.77 -46.76 68.45
N ASN H 2058 46.98 -46.96 67.93
CA ASN H 2058 47.14 -47.32 66.52
C ASN H 2058 46.53 -48.69 66.23
N LEU H 2059 46.67 -49.63 67.16
CA LEU H 2059 46.05 -50.94 67.01
C LEU H 2059 44.53 -50.82 67.01
N MET H 2060 43.99 -49.95 67.86
CA MET H 2060 42.54 -49.75 67.90
C MET H 2060 42.03 -49.06 66.64
N ARG H 2061 42.84 -48.22 66.02
CA ARG H 2061 42.43 -47.62 64.75
C ARG H 2061 42.56 -48.60 63.59
N VAL H 2062 43.54 -49.50 63.64
CA VAL H 2062 43.64 -50.56 62.64
C VAL H 2062 42.46 -51.52 62.73
N LEU H 2063 42.08 -51.89 63.97
CA LEU H 2063 40.94 -52.78 64.17
C LEU H 2063 39.61 -52.11 63.84
N GLY H 2064 39.57 -50.79 63.77
CA GLY H 2064 38.33 -50.08 63.45
C GLY H 2064 37.25 -50.18 64.49
N MET H 2065 37.60 -50.00 65.77
CA MET H 2065 36.61 -50.07 66.84
C MET H 2065 35.61 -48.93 66.75
N HIS H 2066 36.08 -47.72 66.44
CA HIS H 2066 35.20 -46.56 66.40
C HIS H 2066 34.17 -46.68 65.29
N GLU H 2067 34.55 -47.25 64.14
CA GLU H 2067 33.61 -47.46 63.05
C GLU H 2067 32.55 -48.48 63.43
N THR H 2068 32.94 -49.55 64.13
CA THR H 2068 31.98 -50.55 64.59
C THR H 2068 31.00 -49.97 65.60
N VAL H 2069 31.49 -49.17 66.55
CA VAL H 2069 30.62 -48.56 67.54
C VAL H 2069 29.70 -47.52 66.89
N MET H 2070 30.21 -46.79 65.89
CA MET H 2070 29.36 -45.89 65.12
C MET H 2070 28.28 -46.63 64.36
N GLU H 2071 28.61 -47.81 63.80
CA GLU H 2071 27.61 -48.63 63.13
C GLU H 2071 26.54 -49.10 64.10
N VAL H 2072 26.95 -49.49 65.31
CA VAL H 2072 25.99 -49.92 66.34
C VAL H 2072 25.06 -48.77 66.71
N MET H 2073 25.64 -47.58 66.92
CA MET H 2073 24.84 -46.43 67.32
C MET H 2073 23.88 -45.98 66.21
N VAL H 2074 24.32 -46.06 64.95
CA VAL H 2074 23.45 -45.75 63.83
C VAL H 2074 22.31 -46.77 63.74
N ASP H 2075 22.62 -48.06 63.95
CA ASP H 2075 21.61 -49.10 63.89
C ASP H 2075 20.57 -48.95 64.99
N VAL H 2076 20.98 -48.51 66.18
CA VAL H 2076 20.02 -48.27 67.24
C VAL H 2076 19.12 -47.08 66.90
N LEU H 2077 19.74 -45.98 66.45
CA LEU H 2077 18.98 -44.78 66.08
C LEU H 2077 18.23 -45.00 64.76
N ILE H 2084 16.70 -42.94 70.29
CA ILE H 2084 15.64 -43.86 69.91
C ILE H 2084 15.04 -44.50 71.16
N ALA H 2085 14.74 -45.79 71.07
CA ALA H 2085 14.09 -46.52 72.15
C ALA H 2085 15.08 -47.18 73.11
N PHE H 2086 16.39 -47.03 72.87
CA PHE H 2086 17.42 -47.65 73.70
C PHE H 2086 18.43 -46.58 74.10
N PRO H 2087 18.13 -45.81 75.15
CA PRO H 2087 19.05 -44.74 75.55
C PRO H 2087 20.34 -45.24 76.17
N LYS H 2088 20.33 -46.40 76.84
CA LYS H 2088 21.52 -46.88 77.52
C LYS H 2088 22.59 -47.34 76.55
N MET H 2089 22.20 -48.00 75.46
CA MET H 2089 23.15 -48.44 74.45
C MET H 2089 23.81 -47.24 73.76
N VAL H 2090 23.01 -46.23 73.42
CA VAL H 2090 23.54 -45.02 72.80
C VAL H 2090 24.45 -44.28 73.76
N ALA H 2091 24.08 -44.26 75.05
CA ALA H 2091 24.93 -43.60 76.04
C ALA H 2091 26.27 -44.30 76.20
N SER H 2092 26.26 -45.64 76.23
CA SER H 2092 27.52 -46.39 76.33
C SER H 2092 28.39 -46.21 75.09
N CYS H 2093 27.76 -46.21 73.90
CA CYS H 2093 28.50 -45.96 72.67
C CYS H 2093 29.11 -44.57 72.65
N CYS H 2094 28.36 -43.57 73.12
CA CYS H 2094 28.86 -42.20 73.12
C CYS H 2094 29.99 -42.01 74.13
N ARG H 2095 29.89 -42.65 75.30
CA ARG H 2095 30.99 -42.59 76.26
C ARG H 2095 32.24 -43.25 75.71
N PHE H 2096 32.08 -44.39 75.02
CA PHE H 2096 33.21 -45.06 74.38
C PHE H 2096 33.86 -44.16 73.34
N LEU H 2097 33.05 -43.50 72.51
CA LEU H 2097 33.60 -42.68 71.44
C LEU H 2097 34.26 -41.42 71.99
N CYS H 2098 33.70 -40.83 73.05
CA CYS H 2098 34.32 -39.67 73.67
C CYS H 2098 35.67 -40.02 74.30
N TYR H 2099 35.75 -41.16 74.99
CA TYR H 2099 37.03 -41.58 75.55
C TYR H 2099 38.03 -41.92 74.46
N PHE H 2100 37.55 -42.52 73.36
CA PHE H 2100 38.40 -42.80 72.21
C PHE H 2100 38.98 -41.54 71.61
N CYS H 2101 38.16 -40.48 71.50
CA CYS H 2101 38.66 -39.19 71.04
C CYS H 2101 39.67 -38.61 72.02
N ARG H 2102 39.42 -38.76 73.32
CA ARG H 2102 40.32 -38.18 74.32
C ARG H 2102 41.65 -38.92 74.42
N ILE H 2103 41.75 -40.14 73.88
CA ILE H 2103 43.00 -40.88 74.00
C ILE H 2103 44.13 -40.21 73.21
N SER H 2104 43.86 -39.85 71.95
CA SER H 2104 44.94 -39.37 71.10
C SER H 2104 44.39 -38.43 70.04
N ARG H 2105 45.31 -37.71 69.38
CA ARG H 2105 44.93 -36.76 68.34
C ARG H 2105 44.54 -37.46 67.05
N GLN H 2106 45.20 -38.58 66.74
CA GLN H 2106 44.86 -39.32 65.53
C GLN H 2106 43.49 -39.97 65.65
N ASN H 2107 43.15 -40.47 66.83
CA ASN H 2107 41.80 -40.96 67.08
C ASN H 2107 40.78 -39.83 66.97
N GLN H 2108 41.15 -38.64 67.42
CA GLN H 2108 40.29 -37.48 67.30
C GLN H 2108 40.04 -37.13 65.85
N LYS H 2109 41.06 -37.19 65.00
CA LYS H 2109 40.88 -36.96 63.57
C LYS H 2109 40.03 -38.04 62.91
N ALA H 2110 40.23 -39.30 63.32
CA ALA H 2110 39.46 -40.41 62.78
C ALA H 2110 37.98 -40.27 63.10
N MET H 2111 37.65 -39.84 64.32
CA MET H 2111 36.26 -39.57 64.64
C MET H 2111 35.75 -38.27 64.07
N PHE H 2112 36.64 -37.30 63.80
CA PHE H 2112 36.26 -36.07 63.13
C PHE H 2112 35.85 -36.32 61.69
N GLU H 2113 36.33 -37.41 61.09
CA GLU H 2113 35.89 -37.77 59.74
C GLU H 2113 34.40 -38.09 59.66
N HIS H 2114 33.75 -38.40 60.79
CA HIS H 2114 32.32 -38.74 60.81
C HIS H 2114 31.47 -37.65 61.43
N LEU H 2115 31.94 -36.40 61.38
CA LEU H 2115 31.27 -35.29 62.05
C LEU H 2115 29.93 -34.96 61.42
N SER H 2116 29.81 -35.13 60.10
CA SER H 2116 28.54 -34.83 59.42
C SER H 2116 27.43 -35.76 59.88
N TYR H 2117 27.73 -37.06 60.01
CA TYR H 2117 26.72 -37.98 60.50
C TYR H 2117 26.52 -37.85 62.01
N LEU H 2118 27.55 -37.44 62.75
CA LEU H 2118 27.35 -37.15 64.17
C LEU H 2118 26.41 -35.97 64.37
N LEU H 2119 26.54 -34.93 63.54
CA LEU H 2119 25.68 -33.76 63.64
C LEU H 2119 24.31 -33.98 63.00
N GLU H 2120 24.17 -34.98 62.13
CA GLU H 2120 22.85 -35.28 61.58
C GLU H 2120 21.90 -35.79 62.66
N ASN H 2121 22.33 -36.77 63.43
CA ASN H 2121 21.55 -37.27 64.57
C ASN H 2121 22.08 -36.67 65.88
N SER H 2122 21.96 -35.35 65.99
CA SER H 2122 22.50 -34.63 67.15
C SER H 2122 21.41 -34.00 68.01
N SER H 2123 20.14 -34.27 67.72
CA SER H 2123 19.04 -33.80 68.55
C SER H 2123 18.47 -34.92 69.41
N VAL H 2124 19.31 -35.85 69.85
CA VAL H 2124 18.89 -37.05 70.54
C VAL H 2124 19.42 -37.01 71.97
N GLY H 2125 18.51 -37.08 72.94
CA GLY H 2125 18.90 -37.15 74.33
C GLY H 2125 19.33 -35.84 74.96
N LEU H 2126 19.16 -34.72 74.27
CA LEU H 2126 19.59 -33.44 74.82
C LEU H 2126 18.67 -32.92 75.92
N ALA H 2127 17.44 -33.41 75.98
CA ALA H 2127 16.52 -32.95 77.02
C ALA H 2127 16.81 -33.59 78.37
N SER H 2128 17.30 -34.82 78.37
CA SER H 2128 17.60 -35.51 79.63
C SER H 2128 18.90 -34.99 80.21
N PRO H 2129 18.91 -34.48 81.45
CA PRO H 2129 20.16 -33.96 82.03
C PRO H 2129 21.13 -35.05 82.45
N SER H 2130 20.68 -36.30 82.55
CA SER H 2130 21.57 -37.38 82.96
C SER H 2130 22.40 -37.93 81.81
N MET H 2131 22.16 -37.48 80.58
CA MET H 2131 22.89 -37.97 79.41
C MET H 2131 23.90 -36.95 78.89
N ARG H 2132 24.33 -36.01 79.72
CA ARG H 2132 25.38 -35.09 79.31
C ARG H 2132 26.71 -35.83 79.23
N GLY H 2133 27.40 -35.69 78.11
CA GLY H 2133 28.55 -36.52 77.82
C GLY H 2133 28.21 -37.87 77.24
N SER H 2134 26.93 -38.15 76.99
CA SER H 2134 26.48 -39.44 76.49
C SER H 2134 25.51 -39.27 75.32
N THR H 2135 25.70 -38.21 74.55
CA THR H 2135 24.88 -37.89 73.39
C THR H 2135 25.79 -37.74 72.18
N PRO H 2136 25.26 -37.96 70.96
CA PRO H 2136 26.09 -37.76 69.76
C PRO H 2136 26.59 -36.33 69.58
N LEU H 2137 25.90 -35.34 70.15
CA LEU H 2137 26.42 -33.98 70.13
C LEU H 2137 27.71 -33.87 70.93
N ASP H 2138 27.80 -34.60 72.05
CA ASP H 2138 29.03 -34.60 72.84
C ASP H 2138 30.17 -35.29 72.11
N VAL H 2139 29.86 -36.35 71.35
CA VAL H 2139 30.87 -37.00 70.53
C VAL H 2139 31.34 -36.08 69.42
N ALA H 2140 30.40 -35.33 68.82
CA ALA H 2140 30.76 -34.36 67.80
C ALA H 2140 31.61 -33.23 68.38
N ALA H 2141 31.35 -32.83 69.62
CA ALA H 2141 32.17 -31.81 70.26
C ALA H 2141 33.56 -32.34 70.60
N SER H 2142 33.65 -33.58 71.07
CA SER H 2142 34.92 -34.14 71.52
C SER H 2142 35.90 -34.37 70.37
N SER H 2143 35.41 -34.47 69.14
CA SER H 2143 36.27 -34.66 67.99
C SER H 2143 36.85 -33.36 67.46
N VAL H 2144 36.54 -32.22 68.07
CA VAL H 2144 37.02 -30.93 67.60
C VAL H 2144 37.57 -30.13 68.77
N MET H 2145 37.47 -30.69 69.98
CA MET H 2145 37.85 -29.98 71.19
C MET H 2145 39.35 -29.74 71.24
N ASP H 2146 39.75 -28.46 71.26
CA ASP H 2146 41.12 -28.02 71.45
C ASP H 2146 42.08 -28.61 70.41
N ASN H 2147 41.60 -28.73 69.18
CA ASN H 2147 42.42 -29.17 68.06
C ASN H 2147 42.34 -28.07 67.00
N ASN H 2148 43.42 -27.30 66.87
CA ASN H 2148 43.40 -26.14 65.99
C ASN H 2148 43.44 -26.55 64.52
N GLU H 2149 44.06 -27.70 64.23
CA GLU H 2149 44.05 -28.20 62.86
C GLU H 2149 42.65 -28.63 62.44
N LEU H 2150 41.94 -29.34 63.33
CA LEU H 2150 40.61 -29.84 63.01
C LEU H 2150 39.55 -28.75 63.07
N ALA H 2151 39.74 -27.73 63.91
CA ALA H 2151 38.80 -26.62 63.97
C ALA H 2151 38.84 -25.76 62.72
N LEU H 2152 40.01 -25.69 62.07
CA LEU H 2152 40.11 -25.04 60.78
C LEU H 2152 39.55 -25.89 59.65
N GLY H 2153 39.26 -27.16 59.90
CA GLY H 2153 38.66 -28.04 58.93
C GLY H 2153 37.16 -28.09 58.94
N LEU H 2154 36.50 -27.24 59.73
CA LEU H 2154 35.05 -27.23 59.80
C LEU H 2154 34.46 -26.66 58.51
N GLU H 2155 33.21 -27.05 58.25
CA GLU H 2155 32.49 -26.59 57.07
C GLU H 2155 31.30 -25.74 57.49
N GLU H 2156 30.98 -24.76 56.66
CA GLU H 2156 29.80 -23.93 56.90
C GLU H 2156 28.47 -24.70 56.95
N PRO H 2157 28.20 -25.73 56.12
CA PRO H 2157 26.94 -26.48 56.31
C PRO H 2157 26.79 -27.16 57.66
N ASP H 2158 27.88 -27.63 58.29
CA ASP H 2158 27.77 -28.25 59.60
C ASP H 2158 27.36 -27.23 60.66
N LEU H 2159 28.04 -26.08 60.69
CA LEU H 2159 27.69 -25.03 61.63
C LEU H 2159 26.30 -24.48 61.35
N GLU H 2160 25.91 -24.43 60.07
CA GLU H 2160 24.57 -24.00 59.71
C GLU H 2160 23.51 -25.00 60.18
N LYS H 2161 23.84 -26.29 60.15
CA LYS H 2161 22.94 -27.31 60.70
C LYS H 2161 22.76 -27.13 62.20
N VAL H 2162 23.85 -26.87 62.92
CA VAL H 2162 23.76 -26.64 64.36
C VAL H 2162 22.97 -25.37 64.66
N VAL H 2163 23.18 -24.31 63.87
CA VAL H 2163 22.43 -23.07 64.05
C VAL H 2163 20.95 -23.28 63.70
N THR H 2164 20.63 -24.12 62.73
CA THR H 2164 19.25 -24.44 62.42
C THR H 2164 18.58 -25.18 63.58
N TYR H 2165 19.30 -26.13 64.19
CA TYR H 2165 18.79 -26.80 65.40
C TYR H 2165 18.56 -25.80 66.53
N LEU H 2166 19.51 -24.86 66.71
CA LEU H 2166 19.39 -23.87 67.77
C LEU H 2166 18.21 -22.93 67.52
N ALA H 2167 17.98 -22.55 66.25
CA ALA H 2167 16.83 -21.72 65.90
C ALA H 2167 15.53 -22.45 66.14
N GLY H 2168 15.50 -23.76 65.84
CA GLY H 2168 14.35 -24.57 66.19
C GLY H 2168 14.11 -24.65 67.68
N CYS H 2169 15.19 -24.64 68.47
CA CYS H 2169 15.04 -24.65 69.92
C CYS H 2169 14.53 -23.31 70.46
N GLY H 2170 14.79 -22.22 69.76
CA GLY H 2170 14.35 -20.92 70.22
C GLY H 2170 12.94 -20.52 69.85
N LEU H 2171 12.19 -21.42 69.21
CA LEU H 2171 10.85 -21.12 68.73
C LEU H 2171 9.76 -21.86 69.48
N GLN H 2172 9.94 -23.14 69.79
CA GLN H 2172 8.89 -23.95 70.37
C GLN H 2172 9.41 -24.70 71.59
N SER H 2173 8.49 -25.04 72.49
CA SER H 2173 8.84 -25.71 73.73
C SER H 2173 9.23 -27.15 73.47
N CYS H 2174 9.90 -27.75 74.45
CA CYS H 2174 10.32 -29.14 74.35
C CYS H 2174 9.15 -30.06 74.63
N PRO H 2175 8.77 -30.96 73.71
CA PRO H 2175 7.67 -31.88 73.98
C PRO H 2175 7.92 -32.82 75.15
N MET H 2176 9.17 -33.22 75.39
CA MET H 2176 9.48 -34.08 76.53
C MET H 2176 9.24 -33.37 77.85
N LEU H 2177 9.63 -32.09 77.94
CA LEU H 2177 9.36 -31.32 79.15
C LEU H 2177 7.90 -30.89 79.22
N LEU H 2178 7.24 -30.70 78.09
CA LEU H 2178 5.83 -30.31 78.09
C LEU H 2178 4.94 -31.48 78.48
N ALA H 2179 5.37 -32.71 78.23
CA ALA H 2179 4.61 -33.87 78.65
C ALA H 2179 4.64 -34.06 80.16
N LYS H 2180 5.73 -33.65 80.81
CA LYS H 2180 5.90 -33.85 82.24
C LYS H 2180 5.20 -32.78 83.08
N GLY H 2181 4.56 -31.80 82.46
CA GLY H 2181 3.80 -30.82 83.18
C GLY H 2181 4.49 -29.49 83.43
N TYR H 2182 5.65 -29.26 82.83
CA TYR H 2182 6.31 -27.98 82.97
C TYR H 2182 5.53 -26.89 82.24
N PRO H 2183 5.54 -25.66 82.75
CA PRO H 2183 4.80 -24.58 82.09
C PRO H 2183 5.37 -24.25 80.72
N ASP H 2184 4.48 -23.83 79.83
CA ASP H 2184 4.84 -23.51 78.44
C ASP H 2184 5.46 -22.12 78.42
N VAL H 2185 6.79 -22.05 78.52
CA VAL H 2185 7.47 -20.77 78.45
C VAL H 2185 7.53 -20.25 77.02
N GLY H 2186 7.28 -21.11 76.03
CA GLY H 2186 7.25 -20.69 74.65
C GLY H 2186 8.50 -21.01 73.85
N TRP H 2187 9.53 -21.55 74.47
CA TRP H 2187 10.78 -21.88 73.79
C TRP H 2187 11.48 -22.98 74.57
N ASN H 2188 12.60 -23.45 74.04
CA ASN H 2188 13.33 -24.58 74.61
C ASN H 2188 14.72 -24.12 75.03
N PRO H 2189 14.91 -23.72 76.28
CA PRO H 2189 16.22 -23.29 76.76
C PRO H 2189 17.14 -24.40 77.24
N ILE H 2190 16.73 -25.66 77.17
CA ILE H 2190 17.53 -26.76 77.70
C ILE H 2190 18.46 -27.32 76.65
N GLU H 2191 17.95 -27.60 75.45
CA GLU H 2191 18.80 -28.08 74.37
C GLU H 2191 19.55 -26.96 73.67
N GLY H 2192 19.02 -25.74 73.73
CA GLY H 2192 19.73 -24.59 73.19
C GLY H 2192 21.07 -24.38 73.84
N GLU H 2193 21.15 -24.62 75.15
CA GLU H 2193 22.43 -24.57 75.85
C GLU H 2193 23.42 -25.60 75.32
N ARG H 2194 22.93 -26.78 74.95
CA ARG H 2194 23.79 -27.81 74.39
C ARG H 2194 24.35 -27.39 73.03
N TYR H 2195 23.49 -26.82 72.17
CA TYR H 2195 23.97 -26.35 70.87
C TYR H 2195 24.93 -25.17 71.03
N LEU H 2196 24.68 -24.30 72.00
CA LEU H 2196 25.60 -23.20 72.28
C LEU H 2196 26.94 -23.72 72.79
N SER H 2197 26.93 -24.79 73.57
CA SER H 2197 28.17 -25.39 74.05
C SER H 2197 28.98 -25.98 72.90
N PHE H 2198 28.32 -26.65 71.96
CA PHE H 2198 29.04 -27.15 70.79
C PHE H 2198 29.62 -26.01 69.96
N LEU H 2199 28.85 -24.94 69.76
CA LEU H 2199 29.37 -23.80 69.01
C LEU H 2199 30.53 -23.12 69.73
N ARG H 2200 30.48 -23.10 71.07
CA ARG H 2200 31.59 -22.58 71.86
C ARG H 2200 32.85 -23.41 71.66
N PHE H 2201 32.70 -24.74 71.62
CA PHE H 2201 33.85 -25.59 71.32
C PHE H 2201 34.35 -25.40 69.90
N ALA H 2202 33.46 -25.01 68.99
CA ALA H 2202 33.87 -24.81 67.60
C ALA H 2202 34.66 -23.52 67.42
N VAL H 2203 34.26 -22.43 68.09
CA VAL H 2203 34.84 -21.12 67.81
C VAL H 2203 36.02 -20.75 68.68
N PHE H 2204 36.42 -21.60 69.63
CA PHE H 2204 37.44 -21.23 70.60
C PHE H 2204 38.33 -22.43 70.88
N VAL H 2205 39.62 -22.33 70.54
CA VAL H 2205 40.56 -23.42 70.69
C VAL H 2205 41.82 -22.89 71.35
N ASN H 2206 42.17 -23.44 72.52
CA ASN H 2206 43.43 -23.19 73.22
C ASN H 2206 43.63 -21.71 73.53
N SER H 2207 42.66 -21.15 74.26
CA SER H 2207 42.68 -19.78 74.79
C SER H 2207 42.74 -18.72 73.69
N GLU H 2208 42.40 -19.06 72.46
CA GLU H 2208 42.32 -18.09 71.38
C GLU H 2208 41.17 -18.46 70.45
N SER H 2209 40.45 -17.45 69.96
CA SER H 2209 39.32 -17.68 69.08
C SER H 2209 39.79 -17.94 67.66
N VAL H 2210 39.09 -18.84 66.98
CA VAL H 2210 39.30 -19.07 65.55
C VAL H 2210 38.48 -18.05 64.79
N GLU H 2211 39.16 -17.15 64.06
CA GLU H 2211 38.50 -15.98 63.48
C GLU H 2211 37.48 -16.36 62.42
N GLU H 2212 37.80 -17.35 61.58
CA GLU H 2212 36.90 -17.74 60.50
C GLU H 2212 35.64 -18.41 61.04
N ASN H 2213 35.81 -19.33 61.99
CA ASN H 2213 34.68 -19.99 62.62
C ASN H 2213 33.82 -19.00 63.39
N ALA H 2214 34.46 -18.07 64.10
CA ALA H 2214 33.71 -17.07 64.87
C ALA H 2214 32.91 -16.16 63.95
N SER H 2215 33.51 -15.72 62.83
CA SER H 2215 32.78 -14.88 61.88
C SER H 2215 31.61 -15.61 61.25
N VAL H 2216 31.82 -16.88 60.88
CA VAL H 2216 30.75 -17.69 60.28
C VAL H 2216 29.61 -17.88 61.28
N VAL H 2217 29.94 -18.20 62.53
CA VAL H 2217 28.92 -18.43 63.54
C VAL H 2217 28.16 -17.15 63.85
N VAL H 2218 28.85 -16.01 63.94
CA VAL H 2218 28.17 -14.74 64.20
C VAL H 2218 27.24 -14.36 63.05
N LYS H 2219 27.69 -14.56 61.81
CA LYS H 2219 26.84 -14.29 60.66
C LYS H 2219 25.60 -15.18 60.65
N LEU H 2220 25.77 -16.47 60.93
CA LEU H 2220 24.63 -17.38 60.97
C LEU H 2220 23.68 -17.06 62.11
N LEU H 2221 24.20 -16.61 63.25
CA LEU H 2221 23.35 -16.27 64.38
C LEU H 2221 22.56 -15.00 64.13
N ILE H 2222 23.17 -14.00 63.49
CA ILE H 2222 22.43 -12.76 63.23
C ILE H 2222 21.49 -12.90 62.04
N ARG H 2223 21.72 -13.86 61.14
CA ARG H 2223 20.75 -14.10 60.09
C ARG H 2223 19.49 -14.80 60.59
N ARG H 2224 19.56 -15.47 61.75
CA ARG H 2224 18.41 -16.09 62.39
C ARG H 2224 18.40 -15.66 63.85
N PRO H 2225 17.82 -14.49 64.16
CA PRO H 2225 17.91 -13.95 65.51
C PRO H 2225 17.10 -14.70 66.55
N GLU H 2226 16.25 -15.65 66.15
CA GLU H 2226 15.51 -16.45 67.13
C GLU H 2226 16.43 -17.38 67.92
N CYS H 2227 17.66 -17.59 67.47
CA CYS H 2227 18.66 -18.28 68.28
C CYS H 2227 19.01 -17.50 69.53
N PHE H 2228 18.86 -16.17 69.50
CA PHE H 2228 19.24 -15.35 70.64
C PHE H 2228 18.24 -15.44 71.79
N GLY H 2229 17.08 -16.05 71.58
CA GLY H 2229 16.09 -16.18 72.61
C GLY H 2229 15.09 -15.04 72.60
N PRO H 2230 14.06 -15.15 73.44
CA PRO H 2230 13.01 -14.10 73.47
C PRO H 2230 13.50 -12.75 73.94
N ALA H 2231 14.62 -12.69 74.67
CA ALA H 2231 15.10 -11.43 75.21
C ALA H 2231 15.73 -10.56 74.14
N LEU H 2232 16.51 -11.16 73.23
CA LEU H 2232 17.28 -10.42 72.25
C LEU H 2232 16.68 -10.52 70.85
N ARG H 2233 15.37 -10.74 70.76
CA ARG H 2233 14.74 -10.90 69.45
C ARG H 2233 14.57 -9.55 68.75
N GLY H 2234 14.47 -8.47 69.52
CA GLY H 2234 14.19 -7.17 68.95
C GLY H 2234 12.72 -6.98 68.63
N GLU H 2235 12.26 -5.74 68.81
CA GLU H 2235 10.86 -5.33 68.66
C GLU H 2235 9.95 -6.18 69.54
N GLY H 2236 10.18 -6.06 70.85
CA GLY H 2236 9.40 -6.82 71.82
C GLY H 2236 10.27 -7.46 72.88
N GLY H 2237 11.54 -7.66 72.58
CA GLY H 2237 12.46 -8.23 73.55
C GLY H 2237 12.76 -7.23 74.65
N ASN H 2238 12.65 -7.68 75.91
CA ASN H 2238 12.89 -6.79 77.03
C ASN H 2238 14.37 -6.48 77.21
N GLY H 2239 15.23 -7.49 77.10
CA GLY H 2239 16.65 -7.29 77.28
C GLY H 2239 17.31 -8.40 78.07
N LEU H 2240 18.64 -8.39 78.12
CA LEU H 2240 19.38 -9.46 78.78
C LEU H 2240 19.21 -9.42 80.30
N LEU H 2241 19.37 -8.23 80.89
CA LEU H 2241 19.25 -8.09 82.34
C LEU H 2241 17.81 -8.33 82.79
N ALA H 2242 16.84 -7.84 82.01
CA ALA H 2242 15.44 -8.10 82.31
C ALA H 2242 15.11 -9.58 82.22
N ALA H 2243 15.73 -10.28 81.26
CA ALA H 2243 15.54 -11.73 81.15
C ALA H 2243 16.12 -12.45 82.36
N MET H 2244 17.30 -12.04 82.82
CA MET H 2244 17.90 -12.69 83.98
C MET H 2244 17.09 -12.44 85.24
N GLN H 2245 16.59 -11.22 85.41
CA GLN H 2245 15.73 -10.91 86.56
C GLN H 2245 14.41 -11.68 86.49
N GLY H 2246 13.84 -11.82 85.29
CA GLY H 2246 12.64 -12.62 85.14
C GLY H 2246 12.88 -14.09 85.42
N ALA H 2247 14.05 -14.60 85.05
CA ALA H 2247 14.39 -15.98 85.37
C ALA H 2247 14.57 -16.17 86.88
N ILE H 2248 15.11 -15.16 87.56
CA ILE H 2248 15.20 -15.24 89.02
C ILE H 2248 13.80 -15.24 89.65
N LYS H 2249 12.89 -14.42 89.12
CA LYS H 2249 11.51 -14.44 89.60
C LYS H 2249 10.83 -15.77 89.33
N ILE H 2250 11.12 -16.38 88.17
CA ILE H 2250 10.59 -17.71 87.85
C ILE H 2250 11.11 -18.74 88.85
N SER H 2251 12.41 -18.67 89.17
CA SER H 2251 13.00 -19.59 90.14
C SER H 2251 12.43 -19.37 91.55
N GLU H 2252 11.98 -18.16 91.86
CA GLU H 2252 11.37 -17.92 93.16
C GLU H 2252 9.95 -18.49 93.26
N ASN H 2253 9.24 -18.61 92.14
CA ASN H 2253 7.87 -19.11 92.16
C ASN H 2253 7.85 -20.59 91.85
N PRO H 2254 7.43 -21.45 92.78
CA PRO H 2254 7.39 -22.89 92.51
C PRO H 2254 6.37 -23.30 91.47
N ALA H 2255 5.34 -22.48 91.21
CA ALA H 2255 4.35 -22.82 90.19
C ALA H 2255 4.96 -22.75 88.79
N LEU H 2256 5.87 -21.81 88.57
CA LEU H 2256 6.53 -21.64 87.28
C LEU H 2256 7.80 -22.45 87.15
N ASP H 2257 8.55 -22.60 88.26
CA ASP H 2257 9.81 -23.30 88.22
C ASP H 2257 9.63 -24.80 88.04
N LEU H 2258 8.58 -25.36 88.60
CA LEU H 2258 8.35 -26.80 88.68
C LEU H 2258 6.95 -27.13 88.20
N PRO H 2259 6.70 -28.35 87.75
CA PRO H 2259 5.33 -28.75 87.40
C PRO H 2259 4.45 -28.83 88.64
N SER H 2260 3.14 -28.83 88.38
CA SER H 2260 2.16 -28.90 89.46
C SER H 2260 2.25 -30.24 90.17
N GLN H 2261 2.02 -30.22 91.49
CA GLN H 2261 2.15 -31.43 92.30
C GLN H 2261 1.03 -32.40 91.96
N GLY H 2262 1.41 -33.67 91.77
CA GLY H 2262 0.50 -34.70 91.32
C GLY H 2262 0.61 -35.03 89.84
N TYR H 2263 1.28 -34.19 89.06
CA TYR H 2263 1.51 -34.46 87.64
C TYR H 2263 2.70 -35.42 87.53
N LYS H 2264 2.43 -36.67 87.21
CA LYS H 2264 3.48 -37.68 87.06
C LYS H 2264 3.06 -38.78 86.10
N GLU H 2274 14.85 -38.58 87.52
CA GLU H 2274 15.70 -38.67 88.69
C GLU H 2274 16.33 -37.32 89.02
N GLU H 2275 16.24 -36.39 88.07
CA GLU H 2275 16.77 -35.04 88.25
C GLU H 2275 15.80 -34.06 87.57
N ILE H 2276 15.22 -33.17 88.37
CA ILE H 2276 14.27 -32.20 87.83
C ILE H 2276 15.02 -31.06 87.16
N VAL H 2277 14.43 -30.52 86.10
CA VAL H 2277 15.02 -29.41 85.35
C VAL H 2277 14.26 -28.16 85.74
N HIS H 2278 14.84 -27.37 86.65
CA HIS H 2278 14.23 -26.10 87.02
C HIS H 2278 14.28 -25.12 85.86
N MET H 2279 13.18 -24.42 85.62
CA MET H 2279 13.07 -23.60 84.42
C MET H 2279 13.86 -22.30 84.54
N GLY H 2280 13.88 -21.69 85.73
CA GLY H 2280 14.64 -20.46 85.91
C GLY H 2280 16.13 -20.67 85.73
N ASN H 2281 16.66 -21.73 86.32
CA ASN H 2281 18.07 -22.06 86.14
C ASN H 2281 18.37 -22.45 84.70
N ALA H 2282 17.41 -23.07 84.00
CA ALA H 2282 17.60 -23.41 82.59
C ALA H 2282 17.70 -22.16 81.73
N ILE H 2283 16.84 -21.17 81.99
CA ILE H 2283 16.88 -19.91 81.27
C ILE H 2283 18.20 -19.17 81.55
N MET H 2284 18.61 -19.14 82.81
CA MET H 2284 19.88 -18.53 83.18
C MET H 2284 21.06 -19.19 82.50
N SER H 2285 21.06 -20.53 82.45
CA SER H 2285 22.13 -21.27 81.82
C SER H 2285 22.16 -21.03 80.31
N PHE H 2286 20.99 -20.91 79.69
CA PHE H 2286 20.95 -20.58 78.26
C PHE H 2286 21.59 -19.24 77.99
N TYR H 2287 21.19 -18.21 78.77
CA TYR H 2287 21.71 -16.88 78.50
C TYR H 2287 23.18 -16.76 78.85
N SER H 2288 23.63 -17.46 79.89
CA SER H 2288 25.05 -17.50 80.21
C SER H 2288 25.86 -18.17 79.10
N ALA H 2289 25.35 -19.28 78.55
CA ALA H 2289 26.06 -19.96 77.48
C ALA H 2289 26.06 -19.13 76.20
N LEU H 2290 24.98 -18.40 75.94
CA LEU H 2290 24.94 -17.52 74.77
C LEU H 2290 25.94 -16.37 74.90
N ILE H 2291 26.01 -15.75 76.08
CA ILE H 2291 26.97 -14.67 76.29
C ILE H 2291 28.40 -15.20 76.25
N ASP H 2292 28.61 -16.42 76.76
CA ASP H 2292 29.94 -17.04 76.68
C ASP H 2292 30.35 -17.28 75.23
N LEU H 2293 29.43 -17.81 74.41
CA LEU H 2293 29.73 -18.02 72.99
C LEU H 2293 30.01 -16.71 72.27
N LEU H 2294 29.21 -15.68 72.55
CA LEU H 2294 29.42 -14.39 71.87
C LEU H 2294 30.70 -13.71 72.33
N GLY H 2295 31.08 -13.89 73.60
CA GLY H 2295 32.34 -13.32 74.07
C GLY H 2295 33.55 -14.06 73.59
N ARG H 2296 33.41 -15.36 73.30
CA ARG H 2296 34.49 -16.10 72.68
C ARG H 2296 34.50 -15.97 71.16
N CYS H 2297 33.50 -15.30 70.59
CA CYS H 2297 33.49 -14.96 69.17
C CYS H 2297 34.14 -13.60 68.89
N ALA H 2298 34.57 -12.89 69.92
CA ALA H 2298 35.18 -11.59 69.73
C ALA H 2298 36.58 -11.75 69.12
N PRO H 2299 36.99 -10.84 68.25
CA PRO H 2299 38.34 -10.94 67.66
C PRO H 2299 39.41 -10.66 68.69
N GLU H 2300 40.59 -11.23 68.44
CA GLU H 2300 41.75 -10.96 69.28
C GLU H 2300 42.24 -9.53 69.06
N MET H 2301 43.04 -9.05 70.00
CA MET H 2301 43.50 -7.66 69.94
C MET H 2301 44.50 -7.44 68.82
N HIS H 2302 45.26 -8.48 68.43
CA HIS H 2302 46.20 -8.33 67.33
C HIS H 2302 45.51 -8.22 65.98
N LEU H 2303 44.26 -8.69 65.87
CA LEU H 2303 43.49 -8.44 64.66
C LEU H 2303 42.97 -7.02 64.62
N ILE H 2304 42.59 -6.47 65.78
CA ILE H 2304 42.09 -5.09 65.84
C ILE H 2304 43.22 -4.11 65.58
N GLN H 2305 44.41 -4.38 66.14
CA GLN H 2305 45.54 -3.45 66.01
C GLN H 2305 46.08 -3.40 64.59
N THR H 2306 45.82 -4.41 63.77
CA THR H 2306 46.18 -4.36 62.36
C THR H 2306 45.12 -3.68 61.50
N GLY H 2307 44.01 -3.27 62.11
CA GLY H 2307 42.95 -2.57 61.39
C GLY H 2307 42.23 -3.41 60.36
N LYS H 2308 41.97 -4.68 60.67
CA LYS H 2308 41.22 -5.55 59.78
C LYS H 2308 39.75 -5.18 59.83
N GLY H 2309 39.14 -5.01 58.66
CA GLY H 2309 37.76 -4.55 58.60
C GLY H 2309 36.76 -5.56 59.14
N GLU H 2310 37.01 -6.85 58.88
CA GLU H 2310 36.09 -7.89 59.33
C GLU H 2310 36.06 -8.00 60.85
N ALA H 2311 37.21 -7.86 61.50
CA ALA H 2311 37.27 -7.91 62.95
C ALA H 2311 36.53 -6.74 63.58
N ILE H 2312 36.69 -5.55 63.02
CA ILE H 2312 35.96 -4.37 63.49
C ILE H 2312 34.46 -4.55 63.29
N ARG H 2313 34.07 -5.13 62.16
CA ARG H 2313 32.65 -5.37 61.89
C ARG H 2313 32.04 -6.35 62.88
N ILE H 2314 32.76 -7.45 63.15
CA ILE H 2314 32.26 -8.46 64.09
C ILE H 2314 32.17 -7.88 65.50
N ARG H 2315 33.19 -7.12 65.92
CA ARG H 2315 33.16 -6.53 67.25
C ARG H 2315 32.05 -5.48 67.37
N SER H 2316 31.78 -4.74 66.30
CA SER H 2316 30.69 -3.77 66.31
C SER H 2316 29.34 -4.46 66.41
N ILE H 2317 29.17 -5.59 65.71
CA ILE H 2317 27.92 -6.35 65.82
C ILE H 2317 27.74 -6.88 67.25
N LEU H 2318 28.81 -7.41 67.84
CA LEU H 2318 28.73 -7.92 69.21
C LEU H 2318 28.48 -6.81 70.22
N ARG H 2319 29.02 -5.60 69.99
CA ARG H 2319 28.72 -4.48 70.86
C ARG H 2319 27.28 -4.03 70.72
N SER H 2320 26.74 -4.06 69.50
CA SER H 2320 25.35 -3.68 69.30
C SER H 2320 24.39 -4.70 69.88
N LEU H 2321 24.81 -5.97 70.00
CA LEU H 2321 23.93 -6.98 70.55
C LEU H 2321 23.72 -6.80 72.06
N VAL H 2322 24.80 -6.60 72.81
CA VAL H 2322 24.75 -6.57 74.26
C VAL H 2322 25.33 -5.25 74.75
N PRO H 2323 24.54 -4.39 75.39
CA PRO H 2323 25.10 -3.17 75.99
C PRO H 2323 25.84 -3.46 77.28
N THR H 2324 26.66 -2.47 77.69
CA THR H 2324 27.43 -2.62 78.91
C THR H 2324 26.56 -2.59 80.16
N GLU H 2325 25.41 -1.89 80.09
CA GLU H 2325 24.54 -1.79 81.25
C GLU H 2325 23.95 -3.13 81.64
N ASP H 2326 23.62 -3.97 80.64
CA ASP H 2326 23.11 -5.30 80.92
C ASP H 2326 24.16 -6.16 81.60
N LEU H 2327 25.41 -6.11 81.12
CA LEU H 2327 26.48 -6.90 81.72
C LEU H 2327 26.76 -6.47 83.14
N VAL H 2328 26.84 -5.16 83.38
CA VAL H 2328 27.11 -4.65 84.72
C VAL H 2328 25.94 -4.96 85.65
N GLY H 2329 24.71 -4.92 85.12
CA GLY H 2329 23.56 -5.27 85.93
C GLY H 2329 23.52 -6.73 86.32
N ILE H 2330 23.92 -7.62 85.41
CA ILE H 2330 23.95 -9.04 85.72
C ILE H 2330 25.05 -9.36 86.71
N ILE H 2331 26.22 -8.72 86.54
CA ILE H 2331 27.32 -8.88 87.49
C ILE H 2331 26.92 -8.35 88.87
N SER H 2332 26.08 -7.33 88.92
CA SER H 2332 25.67 -6.73 90.18
C SER H 2332 24.52 -7.48 90.86
N ILE H 2333 24.02 -8.55 90.27
CA ILE H 2333 22.90 -9.29 90.88
C ILE H 2333 23.40 -10.02 92.12
N PRO H 2334 22.79 -9.82 93.28
CA PRO H 2334 23.24 -10.51 94.49
C PRO H 2334 22.94 -12.01 94.43
N LEU H 2335 23.81 -12.77 95.09
CA LEU H 2335 23.70 -14.23 95.14
C LEU H 2335 23.10 -14.67 96.47
N LYS H 2336 22.52 -15.87 96.46
CA LYS H 2336 22.05 -16.53 97.67
C LYS H 2336 23.08 -17.57 98.08
N LEU H 2337 23.57 -17.45 99.30
CA LEU H 2337 24.70 -18.23 99.77
C LEU H 2337 24.38 -18.91 101.08
N PRO H 2338 25.02 -20.04 101.39
CA PRO H 2338 24.72 -20.76 102.63
C PRO H 2338 25.07 -19.95 103.87
N SER H 2339 24.29 -20.16 104.93
CA SER H 2339 24.45 -19.44 106.17
C SER H 2339 24.46 -20.43 107.33
N LEU H 2340 24.79 -19.93 108.51
CA LEU H 2340 24.82 -20.74 109.73
C LEU H 2340 23.60 -20.38 110.57
N ASN H 2341 22.81 -21.39 110.92
CA ASN H 2341 21.59 -21.17 111.67
C ASN H 2341 21.92 -20.92 113.15
N LYS H 2342 20.91 -20.43 113.88
CA LYS H 2342 21.08 -20.21 115.32
C LYS H 2342 21.17 -21.51 116.10
N ASP H 2343 20.67 -22.61 115.55
CA ASP H 2343 20.77 -23.92 116.17
C ASP H 2343 22.06 -24.64 115.82
N GLY H 2344 22.93 -24.03 115.01
CA GLY H 2344 24.19 -24.63 114.64
C GLY H 2344 24.18 -25.44 113.36
N SER H 2345 23.16 -25.32 112.54
CA SER H 2345 23.06 -26.08 111.30
C SER H 2345 23.48 -25.21 110.11
N ILE H 2346 23.78 -25.88 109.00
CA ILE H 2346 24.20 -25.25 107.76
C ILE H 2346 23.02 -25.30 106.78
N SER H 2347 22.63 -24.14 106.27
CA SER H 2347 21.49 -24.01 105.38
C SER H 2347 22.01 -23.69 103.97
N GLU H 2348 22.30 -24.73 103.20
CA GLU H 2348 22.80 -24.56 101.84
C GLU H 2348 21.61 -24.46 100.89
N PRO H 2349 21.47 -23.37 100.13
CA PRO H 2349 20.43 -23.30 99.11
C PRO H 2349 20.73 -24.23 97.94
N ASP H 2350 19.68 -24.54 97.18
CA ASP H 2350 19.81 -25.45 96.06
C ASP H 2350 20.53 -24.75 94.91
N MET H 2351 21.69 -25.29 94.51
CA MET H 2351 22.47 -24.69 93.45
C MET H 2351 21.97 -25.03 92.06
N ALA H 2352 21.11 -26.05 91.94
CA ALA H 2352 20.54 -26.41 90.65
C ALA H 2352 19.26 -25.66 90.35
N ALA H 2353 18.83 -24.76 91.24
CA ALA H 2353 17.61 -24.01 91.07
C ALA H 2353 17.79 -22.52 91.33
N ASN H 2354 19.03 -22.04 91.49
CA ASN H 2354 19.29 -20.67 91.87
C ASN H 2354 20.30 -20.03 90.92
N PHE H 2355 20.38 -18.71 91.00
CA PHE H 2355 21.39 -17.96 90.27
C PHE H 2355 22.76 -18.24 90.87
N CYS H 2356 23.70 -18.62 90.02
CA CYS H 2356 24.99 -19.14 90.44
C CYS H 2356 26.13 -18.22 90.06
N PRO H 2357 27.28 -18.30 90.76
CA PRO H 2357 28.45 -17.53 90.33
C PRO H 2357 28.97 -17.92 88.96
N ASP H 2358 28.69 -19.14 88.49
CA ASP H 2358 29.09 -19.55 87.15
C ASP H 2358 28.25 -18.89 86.05
N HIS H 2359 27.16 -18.22 86.41
CA HIS H 2359 26.39 -17.43 85.47
C HIS H 2359 26.96 -16.03 85.27
N LYS H 2360 27.92 -15.61 86.11
CA LYS H 2360 28.53 -14.30 85.99
C LYS H 2360 29.86 -14.32 85.25
N ALA H 2361 30.53 -15.47 85.19
CA ALA H 2361 31.79 -15.55 84.46
C ALA H 2361 31.68 -15.26 82.96
N PRO H 2362 30.65 -15.73 82.22
CA PRO H 2362 30.50 -15.25 80.83
C PRO H 2362 30.31 -13.75 80.70
N MET H 2363 29.65 -13.11 81.67
CA MET H 2363 29.49 -11.66 81.62
C MET H 2363 30.82 -10.94 81.75
N VAL H 2364 31.67 -11.41 82.65
CA VAL H 2364 33.01 -10.83 82.81
C VAL H 2364 33.85 -11.08 81.58
N LEU H 2365 33.75 -12.26 80.99
CA LEU H 2365 34.51 -12.56 79.76
C LEU H 2365 34.05 -11.69 78.59
N PHE H 2366 32.73 -11.49 78.45
CA PHE H 2366 32.21 -10.64 77.40
C PHE H 2366 32.60 -9.18 77.62
N LEU H 2367 32.58 -8.72 78.86
CA LEU H 2367 32.96 -7.33 79.14
C LEU H 2367 34.45 -7.11 78.91
N ASP H 2368 35.28 -8.11 79.20
CA ASP H 2368 36.71 -7.97 78.98
C ASP H 2368 37.09 -8.07 77.52
N ARG H 2369 36.51 -9.03 76.79
CA ARG H 2369 36.95 -9.30 75.43
C ARG H 2369 36.29 -8.40 74.39
N VAL H 2370 34.99 -8.09 74.55
CA VAL H 2370 34.30 -7.30 73.54
C VAL H 2370 34.50 -5.81 73.78
N TYR H 2371 34.20 -5.34 74.98
CA TYR H 2371 34.37 -3.93 75.30
C TYR H 2371 35.77 -3.64 75.81
N GLY H 2372 36.20 -4.32 76.85
CA GLY H 2372 37.48 -4.02 77.44
C GLY H 2372 37.39 -2.91 78.47
N ILE H 2373 38.29 -2.96 79.45
CA ILE H 2373 38.34 -1.96 80.50
C ILE H 2373 39.57 -1.09 80.22
N LYS H 2374 39.32 0.14 79.77
CA LYS H 2374 40.38 1.08 79.45
C LYS H 2374 40.23 2.42 80.14
N ASP H 2375 39.13 2.64 80.87
CA ASP H 2375 38.89 3.88 81.59
C ASP H 2375 38.85 3.58 83.08
N GLN H 2376 39.44 4.48 83.87
CA GLN H 2376 39.51 4.29 85.31
C GLN H 2376 38.13 4.36 85.96
N THR H 2377 37.29 5.29 85.49
CA THR H 2377 35.98 5.50 86.11
C THR H 2377 35.08 4.29 85.92
N PHE H 2378 35.11 3.67 84.73
CA PHE H 2378 34.31 2.46 84.50
C PHE H 2378 34.80 1.30 85.36
N LEU H 2379 36.12 1.17 85.51
CA LEU H 2379 36.67 0.12 86.36
C LEU H 2379 36.25 0.30 87.81
N LEU H 2380 36.29 1.54 88.31
CA LEU H 2380 35.92 1.79 89.70
C LEU H 2380 34.42 1.61 89.91
N HIS H 2381 33.60 1.97 88.92
CA HIS H 2381 32.16 1.74 89.01
C HIS H 2381 31.85 0.25 89.04
N LEU H 2382 32.49 -0.52 88.16
CA LEU H 2382 32.30 -1.96 88.11
C LEU H 2382 32.77 -2.63 89.39
N LEU H 2383 33.89 -2.15 89.94
CA LEU H 2383 34.40 -2.67 91.21
C LEU H 2383 33.45 -2.36 92.35
N GLU H 2384 32.85 -1.17 92.35
CA GLU H 2384 31.98 -0.77 93.46
C GLU H 2384 30.66 -1.54 93.42
N VAL H 2385 30.03 -1.64 92.25
CA VAL H 2385 28.69 -2.23 92.23
C VAL H 2385 28.71 -3.74 92.00
N GLY H 2386 29.69 -4.27 91.29
CA GLY H 2386 29.65 -5.67 90.94
C GLY H 2386 30.59 -6.60 91.68
N PHE H 2387 31.86 -6.22 91.81
CA PHE H 2387 32.90 -7.14 92.26
C PHE H 2387 33.07 -7.15 93.77
N LEU H 2388 33.06 -5.98 94.40
CA LEU H 2388 33.27 -5.90 95.84
C LEU H 2388 32.20 -6.61 96.67
N PRO H 2389 30.89 -6.57 96.35
CA PRO H 2389 29.96 -7.46 97.08
C PRO H 2389 30.27 -8.94 96.95
N ASP H 2390 30.75 -9.39 95.78
CA ASP H 2390 31.12 -10.79 95.63
C ASP H 2390 32.35 -11.13 96.46
N LEU H 2391 33.33 -10.22 96.49
CA LEU H 2391 34.52 -10.44 97.31
C LEU H 2391 34.16 -10.50 98.80
N ARG H 2392 33.30 -9.59 99.25
CA ARG H 2392 32.86 -9.62 100.64
C ARG H 2392 32.03 -10.85 100.96
N ALA H 2393 31.23 -11.31 99.99
CA ALA H 2393 30.43 -12.50 100.20
C ALA H 2393 31.28 -13.75 100.29
N SER H 2394 32.39 -13.80 99.54
CA SER H 2394 33.31 -14.92 99.66
C SER H 2394 34.13 -14.83 100.93
N ALA H 2395 34.43 -13.62 101.40
CA ALA H 2395 35.13 -13.48 102.67
C ALA H 2395 34.23 -13.87 103.84
N SER H 2396 32.92 -13.63 103.73
CA SER H 2396 31.99 -14.00 104.78
C SER H 2396 31.71 -15.50 104.84
N LEU H 2397 32.04 -16.24 103.77
CA LEU H 2397 31.91 -17.70 103.76
C LEU H 2397 33.20 -18.39 104.19
N ASP H 2398 34.05 -17.71 104.95
CA ASP H 2398 35.33 -18.26 105.37
C ASP H 2398 35.28 -18.75 106.82
N THR H 2399 34.09 -19.10 107.30
CA THR H 2399 33.97 -19.76 108.59
C THR H 2399 34.39 -21.22 108.45
N VAL H 2400 34.50 -21.90 109.60
CA VAL H 2400 34.92 -23.29 109.59
C VAL H 2400 33.85 -24.18 108.96
N SER H 2401 32.58 -23.87 109.22
CA SER H 2401 31.49 -24.70 108.70
C SER H 2401 31.22 -24.44 107.22
N LEU H 2402 31.31 -23.19 106.77
CA LEU H 2402 30.85 -22.81 105.45
C LEU H 2402 31.95 -22.81 104.39
N SER H 2403 33.19 -23.12 104.75
CA SER H 2403 34.28 -22.96 103.79
C SER H 2403 34.30 -24.06 102.74
N THR H 2404 33.85 -25.26 103.09
CA THR H 2404 33.94 -26.42 102.21
C THR H 2404 32.64 -26.72 101.48
N THR H 2405 31.64 -25.84 101.56
CA THR H 2405 30.43 -26.03 100.79
C THR H 2405 30.70 -25.81 99.31
N GLU H 2406 29.83 -26.39 98.49
CA GLU H 2406 30.01 -26.28 97.03
C GLU H 2406 29.80 -24.87 96.54
N ALA H 2407 28.92 -24.10 97.19
CA ALA H 2407 28.71 -22.72 96.79
C ALA H 2407 29.93 -21.85 97.08
N ALA H 2408 30.59 -22.09 98.21
CA ALA H 2408 31.81 -21.35 98.54
C ALA H 2408 32.93 -21.67 97.56
N LEU H 2409 33.10 -22.94 97.20
CA LEU H 2409 34.12 -23.30 96.22
C LEU H 2409 33.79 -22.76 94.84
N ALA H 2410 32.51 -22.72 94.48
CA ALA H 2410 32.10 -22.13 93.20
C ALA H 2410 32.39 -20.64 93.17
N LEU H 2411 32.13 -19.94 94.28
CA LEU H 2411 32.44 -18.52 94.35
C LEU H 2411 33.93 -18.27 94.31
N ASN H 2412 34.73 -19.15 94.93
CA ASN H 2412 36.17 -19.03 94.84
C ASN H 2412 36.67 -19.25 93.42
N ARG H 2413 36.10 -20.21 92.70
CA ARG H 2413 36.45 -20.40 91.29
C ARG H 2413 36.07 -19.19 90.45
N TYR H 2414 34.90 -18.60 90.69
CA TYR H 2414 34.49 -17.41 89.98
C TYR H 2414 35.43 -16.23 90.24
N LEU H 2415 35.84 -16.06 91.49
CA LEU H 2415 36.71 -14.94 91.83
C LEU H 2415 38.12 -15.13 91.29
N CYS H 2416 38.67 -16.34 91.39
CA CYS H 2416 40.04 -16.59 91.01
C CYS H 2416 40.21 -16.92 89.53
N SER H 2417 39.11 -17.08 88.79
CA SER H 2417 39.21 -17.30 87.35
C SER H 2417 38.73 -16.12 86.52
N ALA H 2418 37.84 -15.29 87.04
CA ALA H 2418 37.28 -14.18 86.27
C ALA H 2418 37.60 -12.81 86.88
N VAL H 2419 37.32 -12.62 88.16
CA VAL H 2419 37.36 -11.28 88.75
C VAL H 2419 38.79 -10.83 89.01
N LEU H 2420 39.56 -11.64 89.72
CA LEU H 2420 40.88 -11.22 90.20
C LEU H 2420 41.96 -11.18 89.12
N PRO H 2421 42.00 -12.09 88.12
CA PRO H 2421 42.88 -11.82 86.97
C PRO H 2421 42.54 -10.54 86.22
N LEU H 2422 41.26 -10.19 86.12
CA LEU H 2422 40.87 -8.94 85.49
C LEU H 2422 41.35 -7.74 86.31
N LEU H 2423 41.24 -7.83 87.65
CA LEU H 2423 41.76 -6.76 88.50
C LEU H 2423 43.27 -6.68 88.46
N THR H 2424 43.95 -7.81 88.22
CA THR H 2424 45.40 -7.79 88.06
C THR H 2424 45.80 -7.12 86.75
N ARG H 2425 45.06 -7.40 85.66
CA ARG H 2425 45.38 -6.77 84.38
C ARG H 2425 45.08 -5.28 84.39
N CYS H 2426 44.03 -4.85 85.10
CA CYS H 2426 43.65 -3.46 85.19
C CYS H 2426 44.31 -2.74 86.35
N ALA H 2427 45.46 -3.23 86.81
CA ALA H 2427 46.18 -2.58 87.91
C ALA H 2427 46.66 -1.16 87.63
N PRO H 2428 47.24 -0.81 86.47
CA PRO H 2428 47.68 0.58 86.28
C PRO H 2428 46.56 1.61 86.30
N LEU H 2429 45.30 1.20 86.11
CA LEU H 2429 44.19 2.12 86.25
C LEU H 2429 43.90 2.50 87.69
N PHE H 2430 44.49 1.80 88.66
CA PHE H 2430 44.33 2.16 90.06
C PHE H 2430 45.20 3.34 90.48
N ALA H 2431 46.15 3.73 89.65
CA ALA H 2431 46.97 4.90 89.94
C ALA H 2431 46.16 6.17 89.77
N GLY H 2432 46.29 7.08 90.73
CA GLY H 2432 45.57 8.34 90.69
C GLY H 2432 44.17 8.31 91.22
N THR H 2433 43.79 7.30 91.99
CA THR H 2433 42.44 7.20 92.54
C THR H 2433 42.39 7.92 93.90
N GLU H 2434 42.56 9.23 93.84
CA GLU H 2434 42.65 10.03 95.06
C GLU H 2434 41.28 10.22 95.71
N HIS H 2435 40.22 10.22 94.91
CA HIS H 2435 38.88 10.50 95.41
C HIS H 2435 38.13 9.23 95.82
N TYR H 2436 38.78 8.07 95.80
CA TYR H 2436 38.13 6.80 96.04
C TYR H 2436 38.83 6.04 97.17
N THR H 2437 39.19 6.75 98.24
CA THR H 2437 39.98 6.14 99.31
C THR H 2437 39.22 5.04 100.04
N SER H 2438 37.92 5.26 100.27
CA SER H 2438 37.12 4.25 100.98
C SER H 2438 36.96 2.98 100.15
N LEU H 2439 36.69 3.11 98.85
CA LEU H 2439 36.52 1.95 97.98
C LEU H 2439 37.81 1.16 97.84
N ILE H 2440 38.93 1.85 97.63
CA ILE H 2440 40.21 1.17 97.48
C ILE H 2440 40.62 0.52 98.80
N ASP H 2441 40.36 1.19 99.92
CA ASP H 2441 40.67 0.61 101.23
C ASP H 2441 39.86 -0.65 101.51
N SER H 2442 38.56 -0.62 101.19
CA SER H 2442 37.73 -1.80 101.38
C SER H 2442 38.14 -2.93 100.45
N THR H 2443 38.52 -2.61 99.22
CA THR H 2443 39.02 -3.61 98.29
C THR H 2443 40.29 -4.26 98.80
N LEU H 2444 41.23 -3.46 99.31
CA LEU H 2444 42.48 -4.00 99.83
C LEU H 2444 42.24 -4.88 101.05
N GLN H 2445 41.36 -4.45 101.96
CA GLN H 2445 41.04 -5.25 103.14
C GLN H 2445 40.39 -6.57 102.75
N THR H 2446 39.46 -6.55 101.78
CA THR H 2446 38.77 -7.77 101.40
C THR H 2446 39.67 -8.75 100.66
N ILE H 2447 40.54 -8.24 99.79
CA ILE H 2447 41.45 -9.12 99.07
C ILE H 2447 42.50 -9.70 100.02
N TYR H 2448 42.98 -8.89 100.98
CA TYR H 2448 43.92 -9.42 101.96
C TYR H 2448 43.26 -10.45 102.86
N ARG H 2449 41.97 -10.26 103.19
CA ARG H 2449 41.24 -11.28 103.93
C ARG H 2449 41.09 -12.56 103.12
N LEU H 2450 40.84 -12.43 101.81
CA LEU H 2450 40.73 -13.60 100.95
C LEU H 2450 42.05 -14.34 100.80
N SER H 2451 43.17 -13.62 100.91
CA SER H 2451 44.48 -14.27 100.80
C SER H 2451 44.74 -15.21 101.97
N LYS H 2452 44.11 -14.97 103.12
CA LYS H 2452 44.18 -15.88 104.25
C LYS H 2452 43.01 -16.86 104.21
N GLY H 2453 42.89 -17.57 103.11
CA GLY H 2453 41.76 -18.45 102.89
C GLY H 2453 41.92 -19.77 103.61
N ARG H 2454 40.83 -20.23 104.20
CA ARG H 2454 40.86 -21.49 104.95
C ARG H 2454 40.95 -22.69 104.00
N SER H 2455 40.16 -22.69 102.94
CA SER H 2455 40.12 -23.79 101.97
C SER H 2455 40.28 -23.21 100.57
N LEU H 2456 41.54 -23.02 100.16
CA LEU H 2456 41.88 -22.56 98.83
C LEU H 2456 42.94 -23.48 98.25
N THR H 2457 42.95 -23.61 96.93
CA THR H 2457 44.03 -24.32 96.28
C THR H 2457 45.26 -23.41 96.22
N LYS H 2458 46.39 -23.99 95.83
CA LYS H 2458 47.62 -23.22 95.73
C LYS H 2458 47.54 -22.19 94.62
N ALA H 2459 46.95 -22.56 93.47
CA ALA H 2459 46.84 -21.64 92.35
C ALA H 2459 45.92 -20.48 92.66
N GLN H 2460 44.81 -20.74 93.37
CA GLN H 2460 43.89 -19.68 93.75
C GLN H 2460 44.54 -18.69 94.72
N ARG H 2461 45.29 -19.21 95.69
CA ARG H 2461 45.99 -18.34 96.64
C ARG H 2461 47.07 -17.53 95.93
N ASP H 2462 47.77 -18.14 94.98
CA ASP H 2462 48.77 -17.41 94.19
C ASP H 2462 48.12 -16.30 93.37
N THR H 2463 46.93 -16.57 92.81
CA THR H 2463 46.20 -15.55 92.06
C THR H 2463 45.81 -14.37 92.96
N ILE H 2464 45.30 -14.66 94.16
CA ILE H 2464 44.93 -13.60 95.09
C ILE H 2464 46.13 -12.77 95.50
N GLU H 2465 47.25 -13.44 95.81
CA GLU H 2465 48.46 -12.73 96.22
C GLU H 2465 49.03 -11.88 95.10
N GLU H 2466 49.03 -12.41 93.87
CA GLU H 2466 49.50 -11.64 92.73
C GLU H 2466 48.62 -10.42 92.46
N CYS H 2467 47.30 -10.59 92.60
CA CYS H 2467 46.39 -9.45 92.43
C CYS H 2467 46.64 -8.37 93.47
N LEU H 2468 46.81 -8.76 94.73
CA LEU H 2468 47.03 -7.77 95.79
C LEU H 2468 48.36 -7.06 95.60
N LEU H 2469 49.41 -7.80 95.22
CA LEU H 2469 50.71 -7.17 94.96
C LEU H 2469 50.64 -6.19 93.79
N ALA H 2470 49.97 -6.58 92.70
CA ALA H 2470 49.89 -5.73 91.53
C ALA H 2470 49.05 -4.48 91.78
N ILE H 2471 47.98 -4.60 92.58
CA ILE H 2471 47.17 -3.44 92.90
C ILE H 2471 47.93 -2.50 93.83
N CYS H 2472 48.61 -3.05 94.84
CA CYS H 2472 49.34 -2.20 95.78
C CYS H 2472 50.58 -1.58 95.17
N ASN H 2473 51.09 -2.14 94.07
CA ASN H 2473 52.26 -1.55 93.41
C ASN H 2473 51.96 -0.22 92.73
N HIS H 2474 50.69 0.13 92.55
CA HIS H 2474 50.31 1.33 91.83
C HIS H 2474 49.58 2.35 92.70
N LEU H 2475 49.62 2.16 94.02
CA LEU H 2475 48.95 3.07 94.95
C LEU H 2475 49.97 3.92 95.68
N ARG H 2476 49.63 5.18 95.89
CA ARG H 2476 50.49 6.07 96.66
C ARG H 2476 50.44 5.69 98.14
N PRO H 2477 51.52 5.96 98.90
CA PRO H 2477 51.59 5.46 100.28
C PRO H 2477 50.54 5.99 101.23
N SER H 2478 49.87 7.10 100.92
CA SER H 2478 48.81 7.58 101.79
C SER H 2478 47.56 6.74 101.71
N MET H 2479 47.42 5.93 100.64
CA MET H 2479 46.25 5.07 100.46
C MET H 2479 46.45 3.66 101.01
N LEU H 2480 47.67 3.29 101.36
CA LEU H 2480 47.98 1.94 101.83
C LEU H 2480 47.96 1.81 103.34
N GLN H 2481 47.67 2.89 104.07
CA GLN H 2481 47.91 2.91 105.52
C GLN H 2481 46.95 2.00 106.28
N GLN H 2482 45.71 1.89 105.83
CA GLN H 2482 44.75 1.02 106.53
C GLN H 2482 45.12 -0.45 106.36
N LEU H 2483 45.77 -0.81 105.24
CA LEU H 2483 46.26 -2.16 105.08
C LEU H 2483 47.53 -2.40 105.90
N LEU H 2484 48.38 -1.38 106.01
CA LEU H 2484 49.58 -1.51 106.83
C LEU H 2484 49.25 -1.60 108.31
N ARG H 2485 48.12 -1.03 108.73
CA ARG H 2485 47.68 -1.21 110.12
C ARG H 2485 47.31 -2.67 110.40
N ARG H 2486 46.81 -3.39 109.40
CA ARG H 2486 46.56 -4.82 109.55
C ARG H 2486 47.86 -5.61 109.48
N LEU H 2487 48.78 -5.17 108.62
CA LEU H 2487 50.06 -5.87 108.49
C LEU H 2487 50.91 -5.74 109.74
N VAL H 2488 50.84 -4.60 110.44
CA VAL H 2488 51.63 -4.42 111.66
C VAL H 2488 51.16 -5.34 112.77
N PHE H 2489 49.97 -5.91 112.66
CA PHE H 2489 49.49 -6.93 113.58
C PHE H 2489 49.70 -8.35 113.08
N ASP H 2490 49.62 -8.56 111.77
CA ASP H 2490 49.70 -9.93 111.24
C ASP H 2490 51.11 -10.40 110.93
N VAL H 2491 51.96 -9.53 110.39
CA VAL H 2491 53.32 -9.95 110.01
C VAL H 2491 54.19 -10.38 111.18
N PRO H 2492 54.24 -9.68 112.33
CA PRO H 2492 55.10 -10.16 113.43
C PRO H 2492 54.71 -11.50 114.02
N GLN H 2493 53.58 -12.09 113.63
CA GLN H 2493 53.34 -13.48 113.99
C GLN H 2493 54.24 -14.42 113.21
N LEU H 2494 54.60 -14.05 111.98
CA LEU H 2494 55.52 -14.79 111.11
C LEU H 2494 55.04 -16.23 110.89
N ASN H 2495 53.74 -16.40 110.73
CA ASN H 2495 53.15 -17.72 110.50
C ASN H 2495 53.29 -18.09 109.03
N GLU H 2496 52.56 -19.12 108.61
CA GLU H 2496 52.46 -19.42 107.19
C GLU H 2496 51.68 -18.32 106.46
N TYR H 2497 51.83 -18.32 105.14
CA TYR H 2497 51.26 -17.29 104.26
C TYR H 2497 51.74 -15.89 104.65
N CYS H 2498 53.02 -15.78 105.00
CA CYS H 2498 53.63 -14.50 105.32
C CYS H 2498 54.56 -14.01 104.22
N LYS H 2499 54.72 -14.78 103.14
CA LYS H 2499 55.58 -14.35 102.05
C LYS H 2499 54.99 -13.15 101.31
N MET H 2500 53.68 -13.17 101.06
CA MET H 2500 53.04 -12.05 100.37
C MET H 2500 53.09 -10.74 101.14
N PRO H 2501 52.76 -10.66 102.45
CA PRO H 2501 52.90 -9.35 103.13
C PRO H 2501 54.34 -8.86 103.21
N LEU H 2502 55.30 -9.78 103.38
CA LEU H 2502 56.71 -9.38 103.40
C LEU H 2502 57.15 -8.83 102.05
N LYS H 2503 56.71 -9.47 100.96
CA LYS H 2503 57.06 -8.97 99.63
C LYS H 2503 56.36 -7.65 99.33
N LEU H 2504 55.12 -7.48 99.81
CA LEU H 2504 54.40 -6.23 99.65
C LEU H 2504 55.11 -5.09 100.37
N LEU H 2505 55.52 -5.33 101.62
CA LEU H 2505 56.25 -4.32 102.38
C LEU H 2505 57.60 -4.01 101.74
N THR H 2506 58.30 -5.04 101.24
CA THR H 2506 59.58 -4.85 100.58
C THR H 2506 59.44 -3.96 99.35
N ASN H 2507 58.48 -4.29 98.47
CA ASN H 2507 58.26 -3.50 97.26
C ASN H 2507 57.82 -2.08 97.59
N HIS H 2508 56.95 -1.93 98.59
CA HIS H 2508 56.42 -0.61 98.94
C HIS H 2508 57.51 0.30 99.50
N TYR H 2509 58.30 -0.21 100.45
CA TYR H 2509 59.32 0.62 101.05
C TYR H 2509 60.59 0.73 100.22
N GLU H 2510 60.76 -0.12 99.21
CA GLU H 2510 61.87 0.07 98.29
C GLU H 2510 61.51 1.02 97.16
N GLN H 2511 60.25 1.03 96.73
CA GLN H 2511 59.82 1.95 95.67
C GLN H 2511 59.64 3.36 96.20
N CYS H 2512 59.16 3.51 97.42
CA CYS H 2512 58.73 4.80 97.97
C CYS H 2512 59.60 5.23 99.14
N TRP H 2513 60.92 5.07 99.03
CA TRP H 2513 61.78 5.42 100.14
C TRP H 2513 61.97 6.93 100.28
N LYS H 2514 61.91 7.68 99.18
CA LYS H 2514 62.06 9.12 99.27
C LYS H 2514 60.87 9.78 99.96
N TYR H 2515 59.70 9.12 99.92
CA TYR H 2515 58.52 9.65 100.57
C TYR H 2515 58.70 9.69 102.09
N TYR H 2516 59.36 8.68 102.65
CA TYR H 2516 59.53 8.59 104.10
C TYR H 2516 60.83 9.18 104.59
N CYS H 2517 61.91 9.09 103.80
CA CYS H 2517 63.24 9.44 104.28
C CYS H 2517 63.60 10.90 104.00
N LEU H 2518 63.49 11.33 102.74
CA LEU H 2518 63.95 12.66 102.37
C LEU H 2518 63.02 13.72 102.93
N PRO H 2519 63.57 14.82 103.48
CA PRO H 2519 62.72 15.88 104.03
C PRO H 2519 62.07 16.75 102.97
N SER H 2520 62.46 16.63 101.70
CA SER H 2520 61.82 17.34 100.62
C SER H 2520 60.73 16.53 99.94
N GLY H 2521 60.45 15.32 100.43
CA GLY H 2521 59.42 14.50 99.84
C GLY H 2521 59.88 13.79 98.57
N TRP H 2522 58.90 13.21 97.88
CA TRP H 2522 59.14 12.44 96.66
C TRP H 2522 58.29 13.07 95.55
N GLY H 2523 58.85 14.08 94.90
CA GLY H 2523 58.14 14.73 93.80
C GLY H 2523 56.87 15.40 94.25
N SER H 2524 55.78 15.06 93.57
CA SER H 2524 54.45 15.58 93.91
C SER H 2524 53.67 14.64 94.82
N TYR H 2525 54.26 13.50 95.22
CA TYR H 2525 53.55 12.58 96.10
C TYR H 2525 53.38 13.16 97.50
N GLY H 2526 54.37 13.91 97.98
CA GLY H 2526 54.27 14.56 99.26
C GLY H 2526 55.25 14.06 100.29
N LEU H 2527 54.92 14.24 101.57
CA LEU H 2527 55.76 13.82 102.68
C LEU H 2527 54.97 12.91 103.61
N ALA H 2528 55.69 12.09 104.35
CA ALA H 2528 55.07 11.19 105.31
C ALA H 2528 54.76 11.94 106.61
N VAL H 2529 53.56 11.70 107.13
CA VAL H 2529 53.13 12.29 108.40
C VAL H 2529 53.71 11.47 109.54
N GLU H 2530 53.58 11.98 110.77
CA GLU H 2530 54.13 11.31 111.94
C GLU H 2530 53.51 9.93 112.14
N GLU H 2531 52.22 9.78 111.83
CA GLU H 2531 51.55 8.49 112.02
C GLU H 2531 52.11 7.43 111.09
N GLU H 2532 52.40 7.79 109.84
CA GLU H 2532 52.95 6.83 108.89
C GLU H 2532 54.36 6.39 109.30
N LEU H 2533 55.19 7.33 109.77
CA LEU H 2533 56.52 6.98 110.24
C LEU H 2533 56.46 6.13 111.50
N HIS H 2534 55.51 6.42 112.39
CA HIS H 2534 55.32 5.59 113.58
C HIS H 2534 54.92 4.18 113.22
N LEU H 2535 54.03 4.03 112.24
CA LEU H 2535 53.62 2.71 111.77
C LEU H 2535 54.79 1.97 111.13
N THR H 2536 55.62 2.69 110.37
CA THR H 2536 56.81 2.09 109.75
C THR H 2536 57.79 1.59 110.81
N GLU H 2537 58.05 2.40 111.84
CA GLU H 2537 58.96 1.99 112.90
C GLU H 2537 58.39 0.82 113.70
N LYS H 2538 57.08 0.84 113.95
CA LYS H 2538 56.43 -0.25 114.67
C LYS H 2538 56.51 -1.56 113.87
N LEU H 2539 56.33 -1.46 112.55
CA LEU H 2539 56.51 -2.62 111.67
C LEU H 2539 57.93 -3.16 111.77
N PHE H 2540 58.93 -2.27 111.73
CA PHE H 2540 60.32 -2.70 111.80
C PHE H 2540 60.60 -3.42 113.10
N TRP H 2541 60.18 -2.84 114.23
CA TRP H 2541 60.50 -3.45 115.51
C TRP H 2541 59.72 -4.74 115.73
N GLY H 2542 58.48 -4.82 115.22
CA GLY H 2542 57.73 -6.06 115.33
C GLY H 2542 58.36 -7.20 114.55
N ILE H 2543 58.75 -6.93 113.29
CA ILE H 2543 59.36 -7.98 112.48
C ILE H 2543 60.73 -8.36 113.02
N PHE H 2544 61.51 -7.37 113.49
CA PHE H 2544 62.84 -7.66 114.02
C PHE H 2544 62.77 -8.47 115.31
N ASP H 2545 61.88 -8.08 116.24
CA ASP H 2545 61.75 -8.81 117.49
C ASP H 2545 61.15 -10.19 117.29
N SER H 2546 60.31 -10.35 116.27
CA SER H 2546 59.81 -11.69 115.96
C SER H 2546 60.89 -12.56 115.34
N LEU H 2547 61.70 -12.00 114.44
CA LEU H 2547 62.70 -12.79 113.74
C LEU H 2547 63.90 -13.10 114.63
N SER H 2548 64.11 -12.32 115.68
CA SER H 2548 65.21 -12.61 116.60
C SER H 2548 64.97 -13.89 117.39
N HIS H 2549 63.74 -14.12 117.82
CA HIS H 2549 63.39 -15.28 118.62
C HIS H 2549 62.95 -16.49 117.79
N LYS H 2550 62.85 -16.33 116.48
CA LYS H 2550 62.39 -17.41 115.61
C LYS H 2550 63.51 -18.42 115.38
N LYS H 2551 63.12 -19.68 115.21
CA LYS H 2551 64.07 -20.71 114.85
C LYS H 2551 64.56 -20.50 113.42
N TYR H 2552 65.69 -21.12 113.10
CA TYR H 2552 66.34 -20.86 111.82
C TYR H 2552 65.57 -21.54 110.69
N ASP H 2553 65.11 -20.75 109.72
CA ASP H 2553 64.45 -21.25 108.53
C ASP H 2553 65.12 -20.56 107.35
N PRO H 2554 65.77 -21.29 106.44
CA PRO H 2554 66.44 -20.64 105.30
C PRO H 2554 65.50 -19.94 104.34
N ASP H 2555 64.22 -20.29 104.33
CA ASP H 2555 63.25 -19.64 103.45
C ASP H 2555 62.62 -18.41 104.08
N LEU H 2556 62.36 -18.45 105.38
CA LEU H 2556 61.76 -17.30 106.06
C LEU H 2556 62.75 -16.15 106.19
N PHE H 2557 64.01 -16.46 106.51
CA PHE H 2557 65.03 -15.43 106.67
C PHE H 2557 65.32 -14.75 105.33
N ARG H 2558 65.34 -15.53 104.25
CA ARG H 2558 65.66 -15.03 102.93
C ARG H 2558 64.66 -13.99 102.44
N MET H 2559 63.40 -14.07 102.90
CA MET H 2559 62.39 -13.11 102.52
C MET H 2559 62.09 -12.09 103.61
N ALA H 2560 62.55 -12.31 104.84
CA ALA H 2560 62.36 -11.33 105.90
C ALA H 2560 63.50 -10.32 105.99
N LEU H 2561 64.70 -10.69 105.55
CA LEU H 2561 65.80 -9.74 105.52
C LEU H 2561 65.58 -8.56 104.56
N PRO H 2562 65.15 -8.75 103.30
CA PRO H 2562 64.89 -7.58 102.45
C PRO H 2562 63.79 -6.68 102.96
N CYS H 2563 62.78 -7.23 103.66
CA CYS H 2563 61.75 -6.41 104.26
C CYS H 2563 62.33 -5.49 105.33
N LEU H 2564 63.19 -6.04 106.18
CA LEU H 2564 63.85 -5.22 107.21
C LEU H 2564 64.76 -4.17 106.60
N SER H 2565 65.48 -4.55 105.53
CA SER H 2565 66.37 -3.59 104.88
C SER H 2565 65.58 -2.48 104.19
N ALA H 2566 64.41 -2.81 103.64
CA ALA H 2566 63.58 -1.79 102.99
C ALA H 2566 62.93 -0.86 104.00
N ILE H 2567 62.47 -1.40 105.13
CA ILE H 2567 61.83 -0.56 106.14
C ILE H 2567 62.86 0.33 106.82
N ALA H 2568 64.03 -0.23 107.14
CA ALA H 2568 65.08 0.56 107.79
C ALA H 2568 65.63 1.65 106.86
N GLY H 2569 65.74 1.34 105.57
CA GLY H 2569 66.22 2.32 104.62
C GLY H 2569 65.23 3.39 104.25
N ALA H 2570 63.98 3.27 104.68
CA ALA H 2570 62.97 4.29 104.46
C ALA H 2570 62.80 5.23 105.65
N LEU H 2571 62.99 4.75 106.86
CA LEU H 2571 62.92 5.61 108.03
C LEU H 2571 64.08 6.59 108.05
N PRO H 2572 63.83 7.85 108.37
CA PRO H 2572 64.94 8.76 108.69
C PRO H 2572 65.68 8.26 109.92
N PRO H 2573 67.00 8.37 109.94
CA PRO H 2573 67.76 7.88 111.11
C PRO H 2573 67.54 8.71 112.36
N ASP H 2574 67.07 9.95 112.23
CA ASP H 2574 66.82 10.82 113.36
C ASP H 2574 65.33 10.98 113.65
N TYR H 2575 64.55 9.91 113.44
CA TYR H 2575 63.12 9.95 113.70
C TYR H 2575 62.86 9.72 115.18
N LEU H 2576 62.23 10.70 115.83
CA LEU H 2576 61.90 10.61 117.24
C LEU H 2576 60.43 10.23 117.40
N ASP H 2577 60.17 9.16 118.13
CA ASP H 2577 58.81 8.67 118.38
C ASP H 2577 58.44 9.08 119.79
N THR H 2578 57.70 10.18 119.92
CA THR H 2578 57.32 10.72 121.22
C THR H 2578 55.97 10.17 121.68
N ARG H 2579 55.89 8.84 121.74
CA ARG H 2579 54.71 8.13 122.20
C ARG H 2579 55.15 7.08 123.22
N ILE H 2580 54.80 7.28 124.47
CA ILE H 2580 55.24 6.40 125.55
C ILE H 2580 54.37 5.14 125.54
N SER H 2581 55.02 3.98 125.45
CA SER H 2581 54.38 2.66 125.45
C SER H 2581 53.29 2.51 124.39
N SER H 2808 62.38 15.93 121.75
CA SER H 2808 62.76 15.20 122.95
C SER H 2808 64.26 14.93 122.96
N SER H 2809 64.68 14.02 123.83
CA SER H 2809 66.09 13.67 123.93
C SER H 2809 66.54 12.88 122.70
N MET H 2810 67.85 12.95 122.43
CA MET H 2810 68.42 12.29 121.26
C MET H 2810 68.50 10.77 121.43
N GLU H 2811 68.23 10.24 122.62
CA GLU H 2811 68.18 8.80 122.82
C GLU H 2811 66.93 8.17 122.22
N LYS H 2812 65.96 8.98 121.80
CA LYS H 2812 64.72 8.50 121.21
C LYS H 2812 64.80 8.32 119.70
N ARG H 2813 65.95 8.59 119.09
CA ARG H 2813 66.10 8.42 117.66
C ARG H 2813 66.16 6.94 117.29
N PHE H 2814 65.77 6.66 116.05
CA PHE H 2814 65.74 5.27 115.57
C PHE H 2814 67.14 4.68 115.46
N ALA H 2815 68.10 5.47 114.99
CA ALA H 2815 69.47 4.98 114.83
C ALA H 2815 70.11 4.65 116.16
N TYR H 2816 69.75 5.39 117.22
CA TYR H 2816 70.29 5.11 118.55
C TYR H 2816 69.83 3.75 119.06
N LYS H 2817 68.53 3.47 118.98
CA LYS H 2817 68.02 2.18 119.42
C LYS H 2817 68.53 1.04 118.55
N PHE H 2818 68.63 1.28 117.25
CA PHE H 2818 69.13 0.26 116.33
C PHE H 2818 70.58 -0.08 116.65
N LEU H 2819 71.42 0.94 116.87
CA LEU H 2819 72.82 0.70 117.19
C LEU H 2819 72.98 0.05 118.56
N LYS H 2820 72.12 0.40 119.53
CA LYS H 2820 72.19 -0.24 120.83
C LYS H 2820 71.84 -1.73 120.74
N LYS H 2821 70.80 -2.07 119.97
CA LYS H 2821 70.45 -3.47 119.78
C LYS H 2821 71.56 -4.24 119.06
N ILE H 2822 72.17 -3.60 118.05
CA ILE H 2822 73.26 -4.25 117.31
C ILE H 2822 74.46 -4.48 118.23
N LEU H 2823 74.79 -3.50 119.08
CA LEU H 2823 75.91 -3.66 119.98
C LEU H 2823 75.67 -4.75 121.02
N LYS H 2824 74.44 -4.84 121.53
CA LYS H 2824 74.11 -5.92 122.46
C LYS H 2824 74.23 -7.29 121.80
N TYR H 2825 73.70 -7.41 120.57
CA TYR H 2825 73.82 -8.67 119.84
C TYR H 2825 75.27 -8.98 119.49
N VAL H 2826 76.10 -7.96 119.27
CA VAL H 2826 77.51 -8.18 118.94
C VAL H 2826 78.26 -8.70 120.16
N ASP H 2827 77.98 -8.16 121.35
CA ASP H 2827 78.61 -8.67 122.57
C ASP H 2827 78.16 -10.11 122.85
N SER H 2828 76.87 -10.39 122.69
CA SER H 2828 76.38 -11.75 122.89
C SER H 2828 76.99 -12.72 121.87
N ALA H 2829 77.13 -12.29 120.63
CA ALA H 2829 77.78 -13.10 119.61
C ALA H 2829 79.26 -13.30 119.89
N GLN H 2830 79.91 -12.31 120.51
CA GLN H 2830 81.31 -12.47 120.92
C GLN H 2830 81.44 -13.59 121.96
N GLU H 2831 80.54 -13.59 122.95
CA GLU H 2831 80.57 -14.66 123.95
C GLU H 2831 80.26 -16.02 123.33
N PHE H 2832 79.28 -16.07 122.42
CA PHE H 2832 78.90 -17.34 121.79
C PHE H 2832 80.01 -17.87 120.89
N ILE H 2833 80.70 -16.98 120.17
CA ILE H 2833 81.80 -17.38 119.31
C ILE H 2833 82.98 -17.84 120.15
N ALA H 2834 83.20 -17.21 121.31
CA ALA H 2834 84.24 -17.69 122.22
C ALA H 2834 83.94 -19.10 122.72
N HIS H 2835 82.68 -19.36 123.08
CA HIS H 2835 82.30 -20.71 123.51
C HIS H 2835 82.44 -21.72 122.38
N LEU H 2836 82.04 -21.34 121.16
CA LEU H 2836 82.17 -22.23 120.02
C LEU H 2836 83.62 -22.50 119.68
N GLU H 2837 84.49 -21.50 119.83
CA GLU H 2837 85.92 -21.69 119.62
C GLU H 2837 86.51 -22.62 120.65
N ALA H 2838 86.06 -22.51 121.91
CA ALA H 2838 86.48 -23.46 122.94
C ALA H 2838 86.02 -24.87 122.61
N ILE H 2839 84.80 -25.01 122.08
CA ILE H 2839 84.29 -26.33 121.68
C ILE H 2839 85.11 -26.91 120.55
N VAL H 2840 85.45 -26.08 119.55
CA VAL H 2840 86.26 -26.54 118.42
C VAL H 2840 87.66 -26.94 118.87
N SER H 2841 88.27 -26.14 119.75
CA SER H 2841 89.59 -26.47 120.28
C SER H 2841 89.55 -27.69 121.19
N SER H 2842 88.39 -28.02 121.78
CA SER H 2842 88.28 -29.24 122.56
C SER H 2842 88.31 -30.48 121.66
N GLY H 2843 87.86 -30.35 120.42
CA GLY H 2843 87.89 -31.43 119.46
C GLY H 2843 86.55 -32.11 119.23
N LYS H 2844 85.54 -31.81 120.04
CA LYS H 2844 84.23 -32.42 119.87
C LYS H 2844 83.52 -31.86 118.63
N THR H 2845 82.58 -32.65 118.11
CA THR H 2845 81.82 -32.27 116.93
C THR H 2845 80.33 -32.13 117.23
N GLU H 2846 79.97 -31.90 118.49
CA GLU H 2846 78.58 -31.73 118.86
C GLU H 2846 78.05 -30.38 118.39
N LYS H 2847 76.73 -30.30 118.22
CA LYS H 2847 76.09 -29.06 117.81
C LYS H 2847 76.18 -28.02 118.91
N SER H 2848 76.37 -26.77 118.53
CA SER H 2848 76.49 -25.69 119.50
C SER H 2848 75.14 -25.40 120.14
N PRO H 2849 75.11 -25.08 121.44
CA PRO H 2849 73.84 -24.73 122.08
C PRO H 2849 73.26 -23.41 121.59
N HIS H 2850 74.06 -22.53 121.02
CA HIS H 2850 73.62 -21.23 120.56
C HIS H 2850 73.63 -21.12 119.04
N ASP H 2851 73.20 -22.19 118.37
CA ASP H 2851 73.20 -22.20 116.91
C ASP H 2851 72.21 -21.21 116.32
N GLN H 2852 71.05 -21.05 116.98
CA GLN H 2852 70.05 -20.09 116.50
C GLN H 2852 70.56 -18.67 116.56
N GLU H 2853 71.25 -18.31 117.64
CA GLU H 2853 71.79 -16.95 117.77
C GLU H 2853 72.89 -16.70 116.74
N ILE H 2854 73.74 -17.69 116.49
CA ILE H 2854 74.79 -17.54 115.48
C ILE H 2854 74.19 -17.40 114.09
N LYS H 2855 73.15 -18.19 113.79
CA LYS H 2855 72.48 -18.09 112.49
C LYS H 2855 71.81 -16.73 112.32
N PHE H 2856 71.17 -16.21 113.37
CA PHE H 2856 70.55 -14.89 113.28
C PHE H 2856 71.60 -13.79 113.17
N PHE H 2857 72.75 -13.95 113.83
CA PHE H 2857 73.80 -12.96 113.76
C PHE H 2857 74.43 -12.91 112.37
N ALA H 2858 74.68 -14.07 111.77
CA ALA H 2858 75.42 -14.12 110.53
C ALA H 2858 74.53 -14.00 109.29
N LYS H 2859 73.30 -14.51 109.33
CA LYS H 2859 72.46 -14.55 108.15
C LYS H 2859 71.50 -13.37 108.04
N VAL H 2860 71.27 -12.64 109.12
CA VAL H 2860 70.33 -11.54 109.14
C VAL H 2860 70.99 -10.24 109.59
N LEU H 2861 71.68 -10.27 110.74
CA LEU H 2861 72.13 -9.04 111.38
C LEU H 2861 73.25 -8.35 110.60
N LEU H 2862 74.25 -9.12 110.17
CA LEU H 2862 75.37 -8.52 109.41
C LEU H 2862 74.95 -7.94 108.06
N PRO H 2863 74.16 -8.61 107.19
CA PRO H 2863 73.69 -7.92 105.98
C PRO H 2863 72.81 -6.72 106.26
N LEU H 2864 72.02 -6.76 107.34
CA LEU H 2864 71.19 -5.61 107.70
C LEU H 2864 72.04 -4.41 108.08
N VAL H 2865 73.10 -4.64 108.88
CA VAL H 2865 74.01 -3.57 109.24
C VAL H 2865 74.73 -3.03 108.02
N ASP H 2866 75.19 -3.92 107.14
CA ASP H 2866 75.91 -3.52 105.93
C ASP H 2866 75.03 -2.66 105.02
N GLN H 2867 73.79 -3.08 104.81
CA GLN H 2867 72.90 -2.31 103.94
C GLN H 2867 72.46 -1.01 104.59
N TYR H 2868 72.25 -1.02 105.92
CA TYR H 2868 71.85 0.19 106.62
C TYR H 2868 72.92 1.26 106.58
N PHE H 2869 74.18 0.87 106.76
CA PHE H 2869 75.25 1.86 106.67
C PHE H 2869 75.67 2.13 105.23
N THR H 2870 75.27 1.29 104.27
CA THR H 2870 75.37 1.69 102.87
C THR H 2870 74.38 2.81 102.56
N ASN H 2871 73.17 2.71 103.10
CA ASN H 2871 72.15 3.70 102.80
C ASN H 2871 72.39 5.02 103.51
N HIS H 2872 72.84 4.97 104.77
CA HIS H 2872 72.90 6.16 105.62
C HIS H 2872 74.32 6.45 106.11
N HIS H 2873 75.32 6.38 105.23
CA HIS H 2873 76.68 6.67 105.67
C HIS H 2873 76.92 8.16 105.83
N LEU H 2874 76.33 8.98 104.96
CA LEU H 2874 76.52 10.42 105.05
C LEU H 2874 75.82 11.03 106.25
N TYR H 2875 74.83 10.36 106.82
CA TYR H 2875 74.23 10.82 108.07
C TYR H 2875 75.22 10.72 109.22
N PHE H 2876 75.97 9.62 109.30
CA PHE H 2876 76.92 9.44 110.37
C PHE H 2876 78.26 10.11 110.09
N LEU H 2877 78.53 10.48 108.83
CA LEU H 2877 79.75 11.19 108.50
C LEU H 2877 79.62 12.70 108.57
N SER H 2878 78.41 13.23 108.75
CA SER H 2878 78.19 14.66 108.68
C SER H 2878 78.44 15.32 110.04
N SER H 2879 78.69 16.62 109.99
CA SER H 2879 78.96 17.46 111.14
C SER H 2879 78.26 18.79 110.91
N PRO H 2880 78.05 19.59 111.96
CA PRO H 2880 77.52 20.94 111.75
C PRO H 2880 78.37 21.82 110.85
N LEU H 2881 79.69 21.59 110.81
CA LEU H 2881 80.55 22.37 109.94
C LEU H 2881 80.31 22.03 108.47
N LYS H 2882 80.29 20.75 108.14
CA LYS H 2882 80.08 20.32 106.76
C LYS H 2882 78.80 19.51 106.63
N PRO H 2883 77.73 20.06 106.06
CA PRO H 2883 76.48 19.30 105.85
C PRO H 2883 76.56 18.35 104.65
N LEU H 2884 77.11 17.16 104.91
CA LEU H 2884 77.28 16.19 103.84
C LEU H 2884 75.96 15.53 103.46
N SER H 2885 75.01 15.46 104.39
CA SER H 2885 73.74 14.78 104.15
C SER H 2885 72.58 15.74 104.34
N SER H 2886 71.53 15.54 103.54
CA SER H 2886 70.31 16.33 103.65
C SER H 2886 69.45 15.91 104.83
N SER H 2887 69.62 14.69 105.34
CA SER H 2887 68.82 14.22 106.46
C SER H 2887 69.25 14.85 107.78
N GLY H 2888 70.47 15.37 107.85
CA GLY H 2888 70.98 15.94 109.09
C GLY H 2888 72.36 15.42 109.41
N TYR H 2889 72.67 15.26 110.70
CA TYR H 2889 73.94 14.68 111.11
C TYR H 2889 73.71 13.90 112.40
N ALA H 2890 74.54 12.87 112.59
CA ALA H 2890 74.43 12.05 113.78
C ALA H 2890 74.96 12.80 114.99
N SER H 2891 74.49 12.40 116.17
CA SER H 2891 74.98 12.96 117.41
C SER H 2891 76.32 12.34 117.77
N HIS H 2892 76.90 12.79 118.89
CA HIS H 2892 78.19 12.28 119.31
C HIS H 2892 78.10 10.83 119.78
N LYS H 2893 77.00 10.48 120.47
CA LYS H 2893 76.85 9.12 120.97
C LYS H 2893 76.62 8.13 119.84
N GLU H 2894 75.93 8.55 118.77
CA GLU H 2894 75.73 7.66 117.62
C GLU H 2894 77.05 7.37 116.90
N LYS H 2895 77.89 8.40 116.73
CA LYS H 2895 79.20 8.18 116.11
C LYS H 2895 80.10 7.34 117.01
N GLU H 2896 80.00 7.54 118.33
CA GLU H 2896 80.71 6.69 119.27
C GLU H 2896 80.26 5.24 119.17
N MET H 2897 78.95 5.02 119.01
CA MET H 2897 78.43 3.68 118.82
C MET H 2897 78.91 3.06 117.51
N VAL H 2898 78.99 3.86 116.45
CA VAL H 2898 79.48 3.36 115.17
C VAL H 2898 80.94 2.93 115.27
N ALA H 2899 81.77 3.76 115.93
CA ALA H 2899 83.17 3.41 116.11
C ALA H 2899 83.34 2.17 116.99
N SER H 2900 82.53 2.08 118.05
CA SER H 2900 82.57 0.90 118.91
C SER H 2900 82.15 -0.36 118.17
N LEU H 2901 81.12 -0.25 117.32
CA LEU H 2901 80.66 -1.39 116.54
C LEU H 2901 81.73 -1.84 115.55
N PHE H 2902 82.41 -0.89 114.90
CA PHE H 2902 83.49 -1.25 113.99
C PHE H 2902 84.63 -1.94 114.73
N CYS H 2903 85.01 -1.41 115.90
CA CYS H 2903 86.10 -2.00 116.67
C CYS H 2903 85.74 -3.41 117.15
N LYS H 2904 84.51 -3.60 117.61
CA LYS H 2904 84.10 -4.91 118.11
C LYS H 2904 83.99 -5.94 116.99
N LEU H 2905 83.46 -5.53 115.83
CA LEU H 2905 83.41 -6.45 114.70
C LEU H 2905 84.79 -6.78 114.16
N ALA H 2906 85.71 -5.82 114.18
CA ALA H 2906 87.08 -6.09 113.75
C ALA H 2906 87.80 -7.01 114.72
N ALA H 2907 87.54 -6.84 116.02
CA ALA H 2907 88.14 -7.73 117.01
C ALA H 2907 87.47 -9.10 117.05
N LEU H 2908 86.26 -9.23 116.49
CA LEU H 2908 85.57 -10.51 116.50
C LEU H 2908 86.17 -11.50 115.51
N VAL H 2909 86.79 -11.01 114.43
CA VAL H 2909 87.34 -11.88 113.40
C VAL H 2909 88.84 -11.67 113.27
N ARG H 2910 89.51 -11.37 114.39
CA ARG H 2910 90.94 -11.09 114.36
C ARG H 2910 91.75 -12.29 113.90
N HIS H 2911 91.32 -13.50 114.24
CA HIS H 2911 91.92 -14.70 113.68
C HIS H 2911 90.90 -15.78 113.35
N ARG H 2912 89.61 -15.50 113.50
CA ARG H 2912 88.57 -16.51 113.33
C ARG H 2912 87.93 -16.39 111.95
N ILE H 2913 88.71 -16.74 110.94
CA ILE H 2913 88.22 -16.75 109.56
C ILE H 2913 87.64 -18.12 109.20
N SER H 2914 88.37 -19.19 109.51
CA SER H 2914 87.87 -20.54 109.28
C SER H 2914 86.69 -20.89 110.17
N LEU H 2915 86.58 -20.24 111.34
CA LEU H 2915 85.39 -20.42 112.17
C LEU H 2915 84.15 -19.86 111.47
N PHE H 2916 84.28 -18.69 110.85
CA PHE H 2916 83.14 -18.09 110.17
C PHE H 2916 82.83 -18.82 108.87
N GLY H 2917 83.86 -19.26 108.15
CA GLY H 2917 83.66 -20.00 106.92
C GLY H 2917 83.11 -19.15 105.78
N SER H 2918 81.85 -19.37 105.42
CA SER H 2918 81.23 -18.61 104.34
C SER H 2918 80.71 -17.25 104.79
N ASP H 2919 80.59 -17.01 106.10
CA ASP H 2919 80.15 -15.73 106.63
C ASP H 2919 81.29 -14.73 106.75
N SER H 2920 82.52 -15.16 106.49
CA SER H 2920 83.65 -14.23 106.53
C SER H 2920 83.55 -13.16 105.44
N THR H 2921 82.97 -13.51 104.30
CA THR H 2921 82.76 -12.52 103.24
C THR H 2921 81.79 -11.43 103.69
N THR H 2922 80.69 -11.84 104.34
CA THR H 2922 79.73 -10.87 104.86
C THR H 2922 80.35 -10.02 105.96
N MET H 2923 81.17 -10.64 106.82
CA MET H 2923 81.84 -9.89 107.88
C MET H 2923 82.81 -8.86 107.32
N VAL H 2924 83.58 -9.25 106.30
CA VAL H 2924 84.55 -8.34 105.70
C VAL H 2924 83.84 -7.22 104.94
N SER H 2925 82.71 -7.52 104.29
CA SER H 2925 81.93 -6.48 103.63
C SER H 2925 81.35 -5.49 104.63
N CYS H 2926 80.85 -6.00 105.76
CA CYS H 2926 80.32 -5.12 106.81
C CYS H 2926 81.42 -4.25 107.41
N LEU H 2927 82.62 -4.81 107.59
CA LEU H 2927 83.73 -4.01 108.08
C LEU H 2927 84.20 -3.00 107.04
N HIS H 2928 84.09 -3.32 105.76
CA HIS H 2928 84.39 -2.35 104.70
C HIS H 2928 83.42 -1.18 104.75
N ILE H 2929 82.14 -1.45 104.95
CA ILE H 2929 81.17 -0.36 104.98
C ILE H 2929 81.22 0.40 106.30
N LEU H 2930 81.72 -0.22 107.38
CA LEU H 2930 81.87 0.50 108.62
C LEU H 2930 83.16 1.31 108.68
N ALA H 2931 84.17 0.90 107.92
CA ALA H 2931 85.41 1.67 107.85
C ALA H 2931 85.23 2.99 107.13
N GLN H 2932 84.19 3.13 106.33
CA GLN H 2932 83.92 4.35 105.57
C GLN H 2932 82.88 5.25 106.23
N THR H 2933 82.39 4.90 107.42
CA THR H 2933 81.50 5.76 108.18
C THR H 2933 82.16 6.35 109.41
N LEU H 2934 83.45 6.12 109.62
CA LEU H 2934 84.12 6.54 110.85
C LEU H 2934 84.38 8.04 110.80
N ASP H 2935 83.73 8.77 111.70
CA ASP H 2935 84.05 10.17 111.96
C ASP H 2935 84.94 10.20 113.18
N THR H 2936 86.22 9.85 112.97
CA THR H 2936 87.16 9.69 114.07
C THR H 2936 87.54 11.00 114.72
N ARG H 2937 87.33 12.13 114.03
CA ARG H 2937 87.62 13.44 114.62
C ARG H 2937 86.73 13.71 115.82
N THR H 2938 85.42 13.50 115.65
CA THR H 2938 84.48 13.72 116.75
C THR H 2938 84.66 12.69 117.85
N VAL H 2939 84.95 11.44 117.47
CA VAL H 2939 85.09 10.36 118.46
C VAL H 2939 86.34 10.60 119.32
N MET H 2940 87.45 10.96 118.69
CA MET H 2940 88.66 11.23 119.45
C MET H 2940 88.58 12.55 120.21
N LYS H 2941 87.82 13.52 119.69
CA LYS H 2941 87.68 14.80 120.36
C LYS H 2941 86.67 14.73 121.51
N SER H 2942 85.48 14.19 121.24
CA SER H 2942 84.41 14.07 122.23
C SER H 2942 83.91 12.64 122.20
N GLY H 2943 84.53 11.77 122.99
CA GLY H 2943 84.10 10.38 123.07
C GLY H 2943 84.56 9.77 124.38
N SER H 2944 84.06 8.56 124.63
CA SER H 2944 84.48 7.84 125.82
C SER H 2944 85.89 7.30 125.65
N GLU H 2945 86.54 7.03 126.79
CA GLU H 2945 87.91 6.54 126.76
C GLU H 2945 87.98 5.11 126.23
N LEU H 2946 86.91 4.32 126.45
CA LEU H 2946 86.91 2.93 126.00
C LEU H 2946 86.92 2.84 124.48
N VAL H 2947 86.18 3.72 123.79
CA VAL H 2947 86.13 3.67 122.33
C VAL H 2947 87.45 4.14 121.72
N LYS H 2948 88.05 5.18 122.29
CA LYS H 2948 89.37 5.63 121.82
C LYS H 2948 90.42 4.55 122.05
N ALA H 2949 90.37 3.89 123.21
CA ALA H 2949 91.26 2.78 123.48
C ALA H 2949 91.01 1.64 122.51
N GLY H 2950 89.77 1.41 122.12
CA GLY H 2950 89.47 0.37 121.15
C GLY H 2950 90.02 0.67 119.77
N LEU H 2951 89.95 1.93 119.33
CA LEU H 2951 90.52 2.32 118.04
C LEU H 2951 92.05 2.17 118.05
N ARG H 2952 92.70 2.67 119.11
CA ARG H 2952 94.14 2.53 119.22
C ARG H 2952 94.56 1.07 119.33
N ALA H 2953 93.74 0.26 120.01
CA ALA H 2953 93.99 -1.17 120.10
C ALA H 2953 93.83 -1.85 118.75
N PHE H 2954 92.88 -1.39 117.93
CA PHE H 2954 92.74 -1.94 116.58
C PHE H 2954 93.99 -1.68 115.75
N PHE H 2955 94.51 -0.45 115.81
CA PHE H 2955 95.73 -0.14 115.06
C PHE H 2955 96.92 -0.95 115.57
N GLU H 2956 97.04 -1.08 116.90
CA GLU H 2956 98.14 -1.85 117.48
C GLU H 2956 98.03 -3.34 117.12
N ASN H 2957 96.80 -3.88 117.10
CA ASN H 2957 96.60 -5.26 116.73
C ASN H 2957 96.94 -5.50 115.27
N ALA H 2958 96.60 -4.56 114.39
CA ALA H 2958 96.99 -4.68 112.99
C ALA H 2958 98.51 -4.67 112.84
N ALA H 2959 99.19 -3.81 113.60
CA ALA H 2959 100.66 -3.79 113.57
C ALA H 2959 101.24 -5.11 114.06
N GLU H 2960 100.68 -5.66 115.14
CA GLU H 2960 101.18 -6.93 115.69
C GLU H 2960 100.97 -8.08 114.71
N ASP H 2961 99.81 -8.13 114.06
CA ASP H 2961 99.54 -9.20 113.11
C ASP H 2961 100.44 -9.10 111.88
N LEU H 2962 100.70 -7.88 111.40
CA LEU H 2962 101.62 -7.71 110.29
C LEU H 2962 103.04 -8.11 110.67
N GLU H 2963 103.47 -7.79 111.90
CA GLU H 2963 104.80 -8.19 112.36
C GLU H 2963 104.91 -9.70 112.46
N LYS H 2964 103.85 -10.37 112.96
CA LYS H 2964 103.86 -11.83 113.05
C LYS H 2964 103.90 -12.46 111.67
N THR H 2965 103.16 -11.91 110.71
CA THR H 2965 103.20 -12.42 109.34
C THR H 2965 104.58 -12.25 108.72
N SER H 2966 105.21 -11.09 108.95
CA SER H 2966 106.56 -10.86 108.44
C SER H 2966 107.57 -11.82 109.06
N GLU H 2967 107.47 -12.06 110.36
CA GLU H 2967 108.38 -12.98 111.03
C GLU H 2967 108.18 -14.41 110.56
N ASN H 2968 106.93 -14.81 110.32
CA ASN H 2968 106.67 -16.15 109.80
C ASN H 2968 107.18 -16.32 108.37
N LEU H 2969 107.09 -15.27 107.56
CA LEU H 2969 107.59 -15.36 106.19
C LEU H 2969 109.12 -15.31 106.13
N LYS H 2970 109.76 -14.60 107.06
CA LYS H 2970 111.22 -14.59 107.09
C LYS H 2970 111.79 -15.93 107.54
N LEU H 2971 111.10 -16.64 108.42
CA LEU H 2971 111.56 -17.91 108.94
C LEU H 2971 111.04 -19.10 108.16
N GLY H 2972 110.32 -18.87 107.06
CA GLY H 2972 109.81 -19.95 106.24
C GLY H 2972 108.65 -20.70 106.88
N VAL H 2984 100.59 -20.27 110.98
CA VAL H 2984 101.26 -19.84 109.76
C VAL H 2984 100.24 -19.58 108.66
N SER H 2985 99.49 -20.63 108.30
CA SER H 2985 98.48 -20.49 107.25
C SER H 2985 97.30 -19.63 107.72
N GLN H 2986 96.97 -19.70 109.01
CA GLN H 2986 95.87 -18.89 109.53
C GLN H 2986 96.21 -17.40 109.50
N ASN H 2987 97.43 -17.05 109.92
CA ASN H 2987 97.87 -15.66 109.88
C ASN H 2987 97.95 -15.15 108.44
N ILE H 2988 98.45 -15.97 107.53
CA ILE H 2988 98.55 -15.60 106.12
C ILE H 2988 97.16 -15.36 105.53
N ASN H 2989 96.22 -16.26 105.83
CA ASN H 2989 94.86 -16.13 105.29
C ASN H 2989 94.15 -14.92 105.87
N TYR H 2990 94.31 -14.67 107.19
CA TYR H 2990 93.71 -13.49 107.80
C TYR H 2990 94.30 -12.21 107.24
N THR H 2991 95.62 -12.17 107.02
CA THR H 2991 96.25 -10.99 106.44
C THR H 2991 95.77 -10.77 105.01
N THR H 2992 95.56 -11.84 104.25
CA THR H 2992 95.11 -11.69 102.88
C THR H 2992 93.66 -11.21 102.80
N VAL H 2993 92.76 -11.82 103.58
CA VAL H 2993 91.34 -11.60 103.35
C VAL H 2993 90.67 -10.65 104.33
N ALA H 2994 91.30 -10.33 105.46
CA ALA H 2994 90.61 -9.50 106.45
C ALA H 2994 91.51 -8.48 107.14
N LEU H 2995 92.75 -8.29 106.71
CA LEU H 2995 93.60 -7.27 107.30
C LEU H 2995 94.03 -6.22 106.30
N LEU H 2996 94.62 -6.63 105.17
CA LEU H 2996 95.03 -5.67 104.15
C LEU H 2996 93.87 -4.89 103.52
N PRO H 2997 92.73 -5.52 103.12
CA PRO H 2997 91.63 -4.69 102.59
C PRO H 2997 91.04 -3.73 103.60
N ILE H 2998 90.92 -4.13 104.87
CA ILE H 2998 90.32 -3.27 105.88
C ILE H 2998 91.26 -2.13 106.25
N LEU H 2999 92.56 -2.41 106.33
CA LEU H 2999 93.55 -1.35 106.53
C LEU H 2999 93.56 -0.39 105.35
N THR H 3000 93.44 -0.91 104.13
CA THR H 3000 93.36 -0.06 102.95
C THR H 3000 92.14 0.85 102.99
N SER H 3001 90.99 0.29 103.41
CA SER H 3001 89.78 1.10 103.52
C SER H 3001 89.92 2.17 104.59
N ILE H 3002 90.54 1.83 105.72
CA ILE H 3002 90.72 2.80 106.82
C ILE H 3002 91.64 3.93 106.38
N PHE H 3003 92.75 3.59 105.72
CA PHE H 3003 93.69 4.62 105.29
C PHE H 3003 93.12 5.48 104.18
N GLU H 3004 92.36 4.89 103.25
CA GLU H 3004 91.69 5.68 102.22
C GLU H 3004 90.63 6.59 102.81
N HIS H 3005 89.92 6.11 103.84
CA HIS H 3005 88.90 6.94 104.48
C HIS H 3005 89.52 8.12 105.23
N VAL H 3006 90.61 7.89 105.95
CA VAL H 3006 91.23 9.00 106.66
C VAL H 3006 92.00 9.93 105.73
N ALA H 3007 92.43 9.44 104.55
CA ALA H 3007 93.05 10.32 103.58
C ALA H 3007 92.03 11.16 102.84
N GLN H 3008 90.86 10.59 102.54
CA GLN H 3008 89.85 11.31 101.77
C GLN H 3008 89.22 12.45 102.58
N HIS H 3009 88.91 12.19 103.84
CA HIS H 3009 88.26 13.18 104.69
C HIS H 3009 89.25 13.98 105.53
N GLN H 3010 90.55 13.77 105.31
CA GLN H 3010 91.63 14.49 105.99
C GLN H 3010 91.56 14.31 107.51
N PHE H 3011 91.21 13.12 107.95
CA PHE H 3011 91.21 12.79 109.37
C PHE H 3011 92.59 12.40 109.88
N GLY H 3012 93.52 12.08 108.98
CA GLY H 3012 94.79 11.52 109.38
C GLY H 3012 95.72 12.49 110.08
N VAL H 3013 95.51 13.80 109.90
CA VAL H 3013 96.33 14.79 110.59
C VAL H 3013 96.02 14.80 112.08
N ASP H 3014 94.74 14.67 112.45
CA ASP H 3014 94.32 14.69 113.84
C ASP H 3014 94.20 13.31 114.47
N LEU H 3015 94.43 12.25 113.71
CA LEU H 3015 94.26 10.89 114.22
C LEU H 3015 95.58 10.16 114.44
N LEU H 3016 96.47 10.18 113.46
CA LEU H 3016 97.71 9.40 113.51
C LEU H 3016 98.80 10.16 114.26
N LEU H 3017 98.53 10.41 115.54
CA LEU H 3017 99.41 11.16 116.41
C LEU H 3017 99.69 10.36 117.67
N GLY H 3018 100.94 10.25 118.04
CA GLY H 3018 101.33 9.62 119.30
C GLY H 3018 101.50 8.12 119.14
N ASP H 3019 100.75 7.35 119.93
CA ASP H 3019 100.85 5.89 119.89
C ASP H 3019 100.35 5.34 118.57
N VAL H 3020 99.32 5.97 118.01
CA VAL H 3020 98.82 5.58 116.69
C VAL H 3020 99.87 5.80 115.62
N GLN H 3021 100.68 6.85 115.76
CA GLN H 3021 101.75 7.10 114.81
C GLN H 3021 102.85 6.04 114.91
N ILE H 3022 103.14 5.57 116.12
CA ILE H 3022 104.12 4.49 116.28
C ILE H 3022 103.59 3.20 115.68
N SER H 3023 102.29 2.92 115.87
CA SER H 3023 101.67 1.76 115.26
C SER H 3023 101.71 1.86 113.74
N CYS H 3024 101.49 3.06 113.20
CA CYS H 3024 101.58 3.27 111.76
C CYS H 3024 103.01 3.12 111.25
N TYR H 3025 104.00 3.50 112.08
CA TYR H 3025 105.40 3.23 111.72
C TYR H 3025 105.67 1.73 111.62
N HIS H 3026 105.17 0.96 112.59
CA HIS H 3026 105.34 -0.49 112.54
C HIS H 3026 104.63 -1.10 111.33
N ILE H 3027 103.42 -0.62 111.05
CA ILE H 3027 102.67 -1.09 109.88
C ILE H 3027 103.42 -0.77 108.59
N LEU H 3028 103.98 0.44 108.50
CA LEU H 3028 104.72 0.86 107.31
C LEU H 3028 105.96 0.00 107.11
N CYS H 3029 106.72 -0.26 108.18
CA CYS H 3029 107.91 -1.09 108.06
C CYS H 3029 107.55 -2.52 107.67
N SER H 3030 106.48 -3.08 108.28
CA SER H 3030 106.07 -4.43 107.93
C SER H 3030 105.60 -4.53 106.48
N LEU H 3031 104.82 -3.56 106.03
CA LEU H 3031 104.32 -3.57 104.66
C LEU H 3031 105.44 -3.42 103.64
N TYR H 3032 106.41 -2.54 103.93
CA TYR H 3032 107.54 -2.38 103.00
C TYR H 3032 108.39 -3.64 102.96
N SER H 3033 108.66 -4.26 104.12
CA SER H 3033 109.47 -5.46 104.16
C SER H 3033 108.76 -6.64 103.48
N LEU H 3034 107.43 -6.71 103.60
CA LEU H 3034 106.70 -7.77 102.92
C LEU H 3034 106.66 -7.54 101.42
N GLY H 3035 106.41 -6.30 100.98
CA GLY H 3035 106.29 -6.03 99.56
C GLY H 3035 107.61 -6.17 98.81
N THR H 3036 108.70 -5.69 99.40
CA THR H 3036 109.98 -5.68 98.71
C THR H 3036 110.74 -7.01 98.84
N GLY H 3037 110.23 -7.95 99.62
CA GLY H 3037 110.89 -9.23 99.77
C GLY H 3037 110.64 -10.16 98.60
N LYS H 3038 111.29 -11.33 98.66
CA LYS H 3038 111.20 -12.36 97.61
C LYS H 3038 110.81 -13.67 98.28
N ASN H 3039 109.50 -13.95 98.32
CA ASN H 3039 108.97 -15.18 98.88
C ASN H 3039 107.92 -15.76 97.94
N ILE H 3040 107.36 -16.90 98.34
CA ILE H 3040 106.27 -17.50 97.59
C ILE H 3040 105.00 -16.67 97.75
N TYR H 3041 104.74 -16.19 98.97
CA TYR H 3041 103.54 -15.42 99.24
C TYR H 3041 103.58 -14.03 98.61
N VAL H 3042 104.78 -13.45 98.50
CA VAL H 3042 104.92 -12.07 98.05
C VAL H 3042 104.51 -11.94 96.58
N GLU H 3043 104.87 -12.92 95.76
CA GLU H 3043 104.59 -12.86 94.32
C GLU H 3043 103.10 -12.97 94.00
N ARG H 3044 102.27 -13.38 94.96
CA ARG H 3044 100.83 -13.46 94.74
C ARG H 3044 100.06 -12.29 95.34
N GLN H 3045 100.61 -11.66 96.39
CA GLN H 3045 99.91 -10.58 97.10
C GLN H 3045 100.68 -9.27 97.03
N ARG H 3046 101.61 -9.13 96.09
CA ARG H 3046 102.30 -7.85 95.90
C ARG H 3046 101.39 -6.68 95.54
N PRO H 3047 100.39 -6.80 94.64
CA PRO H 3047 99.50 -5.64 94.42
C PRO H 3047 98.73 -5.20 95.66
N ALA H 3048 98.29 -6.13 96.51
CA ALA H 3048 97.54 -5.74 97.71
C ALA H 3048 98.45 -5.07 98.73
N LEU H 3049 99.68 -5.57 98.88
CA LEU H 3049 100.64 -4.92 99.77
C LEU H 3049 101.01 -3.53 99.26
N GLY H 3050 101.18 -3.39 97.95
CA GLY H 3050 101.46 -2.08 97.38
C GLY H 3050 100.30 -1.12 97.54
N GLU H 3051 99.07 -1.62 97.40
CA GLU H 3051 97.89 -0.79 97.59
C GLU H 3051 97.76 -0.32 99.04
N CYS H 3052 98.00 -1.20 100.00
CA CYS H 3052 97.92 -0.82 101.40
C CYS H 3052 99.03 0.15 101.77
N LEU H 3053 100.25 -0.07 101.25
CA LEU H 3053 101.35 0.84 101.52
C LEU H 3053 101.13 2.21 100.91
N ALA H 3054 100.56 2.26 99.70
CA ALA H 3054 100.25 3.54 99.07
C ALA H 3054 99.10 4.26 99.76
N SER H 3055 98.14 3.50 100.32
CA SER H 3055 97.09 4.12 101.10
C SER H 3055 97.64 4.72 102.40
N LEU H 3056 98.57 4.01 103.04
CA LEU H 3056 99.18 4.54 104.26
C LEU H 3056 100.07 5.74 103.98
N ALA H 3057 100.76 5.74 102.83
CA ALA H 3057 101.69 6.82 102.51
C ALA H 3057 100.99 8.16 102.27
N ALA H 3058 99.71 8.16 101.96
CA ALA H 3058 98.95 9.37 101.70
C ALA H 3058 98.17 9.85 102.92
N ALA H 3059 98.38 9.23 104.09
CA ALA H 3059 97.60 9.57 105.26
C ALA H 3059 98.47 9.90 106.46
N ILE H 3060 99.64 9.28 106.56
CA ILE H 3060 100.49 9.47 107.74
C ILE H 3060 101.14 10.86 107.68
N PRO H 3061 101.08 11.64 108.76
CA PRO H 3061 101.51 13.05 108.67
C PRO H 3061 102.99 13.29 108.89
N VAL H 3062 103.82 12.25 108.80
CA VAL H 3062 105.26 12.42 108.92
C VAL H 3062 105.94 12.02 107.61
N ALA H 3063 107.04 12.69 107.30
CA ALA H 3063 107.81 12.43 106.09
C ALA H 3063 108.81 11.33 106.41
N PHE H 3064 108.40 10.08 106.23
CA PHE H 3064 109.25 8.94 106.57
C PHE H 3064 110.35 8.71 105.54
N LEU H 3065 110.20 9.22 104.33
CA LEU H 3065 111.28 9.14 103.35
C LEU H 3065 112.30 10.25 103.50
N GLU H 3066 112.01 11.26 104.33
CA GLU H 3066 112.93 12.38 104.57
C GLU H 3066 113.06 12.59 106.07
N PRO H 3067 113.83 11.73 106.76
CA PRO H 3067 113.96 11.88 108.21
C PRO H 3067 114.89 13.00 108.63
N THR H 3068 115.63 13.60 107.70
CA THR H 3068 116.57 14.65 108.05
C THR H 3068 115.86 15.92 108.51
N LEU H 3069 114.77 16.28 107.85
CA LEU H 3069 114.05 17.51 108.15
C LEU H 3069 112.93 17.29 109.15
N ASN H 3070 112.94 16.16 109.87
CA ASN H 3070 111.86 15.82 110.78
C ASN H 3070 111.75 16.79 111.97
N ARG H 3071 112.81 17.55 112.25
CA ARG H 3071 112.75 18.57 113.28
C ARG H 3071 111.79 19.71 112.92
N TYR H 3072 111.46 19.88 111.64
CA TYR H 3072 110.55 20.93 111.21
C TYR H 3072 109.11 20.45 111.10
N ASN H 3073 108.84 19.20 111.48
CA ASN H 3073 107.48 18.66 111.43
C ASN H 3073 106.90 18.68 112.82
N PRO H 3074 105.92 19.53 113.13
CA PRO H 3074 105.37 19.58 114.48
C PRO H 3074 104.48 18.41 114.83
N LEU H 3075 103.97 17.68 113.84
CA LEU H 3075 103.06 16.57 114.08
C LEU H 3075 103.76 15.26 114.36
N SER H 3076 105.09 15.24 114.34
CA SER H 3076 105.84 14.03 114.63
C SER H 3076 105.83 13.75 116.12
N VAL H 3077 105.95 12.46 116.46
CA VAL H 3077 105.99 12.07 117.87
C VAL H 3077 107.32 12.45 118.51
N PHE H 3078 108.37 12.67 117.71
CA PHE H 3078 109.65 13.11 118.25
C PHE H 3078 109.63 14.58 118.64
N ASN H 3079 108.91 15.39 117.87
CA ASN H 3079 108.82 16.82 118.15
C ASN H 3079 107.75 17.15 119.20
N THR H 3080 106.96 16.17 119.60
CA THR H 3080 105.91 16.37 120.60
C THR H 3080 106.26 15.74 121.94
N LYS H 3081 106.57 14.46 121.97
CA LYS H 3081 106.83 13.77 123.23
C LYS H 3081 108.27 13.96 123.67
N THR H 3082 108.46 14.01 124.99
CA THR H 3082 109.78 14.15 125.58
C THR H 3082 110.59 12.88 125.36
N PRO H 3083 111.92 12.98 125.38
CA PRO H 3083 112.75 11.76 125.28
C PRO H 3083 112.52 10.75 126.39
N ARG H 3084 112.14 11.21 127.59
CA ARG H 3084 111.78 10.29 128.66
C ARG H 3084 110.53 9.49 128.31
N GLU H 3085 109.52 10.14 127.73
CA GLU H 3085 108.30 9.45 127.32
C GLU H 3085 108.58 8.45 126.21
N ARG H 3086 109.40 8.82 125.23
CA ARG H 3086 109.72 7.91 124.15
C ARG H 3086 110.65 6.79 124.59
N SER H 3087 111.41 6.99 125.67
CA SER H 3087 112.16 5.89 126.27
C SER H 3087 111.25 4.95 127.06
N ILE H 3088 110.22 5.50 127.71
CA ILE H 3088 109.22 4.68 128.39
C ILE H 3088 108.46 3.82 127.38
N LEU H 3089 108.08 4.42 126.25
CA LEU H 3089 107.35 3.68 125.21
C LEU H 3089 108.22 2.63 124.52
N GLY H 3090 109.55 2.74 124.63
CA GLY H 3090 110.45 1.77 124.04
C GLY H 3090 110.91 2.09 122.63
N MET H 3091 110.36 3.13 122.01
CA MET H 3091 110.80 3.51 120.68
C MET H 3091 112.18 4.17 120.76
N PRO H 3092 112.99 4.06 119.71
CA PRO H 3092 114.32 4.68 119.73
C PRO H 3092 114.24 6.20 119.74
N ASP H 3093 115.31 6.81 120.26
CA ASP H 3093 115.38 8.24 120.44
C ASP H 3093 115.80 8.99 119.18
N THR H 3094 116.09 8.28 118.09
CA THR H 3094 116.51 8.89 116.84
C THR H 3094 115.47 8.58 115.77
N VAL H 3095 115.16 9.59 114.95
CA VAL H 3095 114.14 9.40 113.92
C VAL H 3095 114.69 8.64 112.71
N GLU H 3096 116.02 8.54 112.57
CA GLU H 3096 116.61 7.77 111.48
C GLU H 3096 116.57 6.27 111.74
N GLU H 3097 116.20 5.85 112.95
CA GLU H 3097 116.16 4.45 113.32
C GLU H 3097 114.76 3.85 113.25
N MET H 3098 113.75 4.65 112.89
CA MET H 3098 112.38 4.14 112.82
C MET H 3098 112.17 3.27 111.59
N CYS H 3099 112.75 3.66 110.46
CA CYS H 3099 112.62 2.92 109.20
C CYS H 3099 114.00 2.65 108.65
N PRO H 3100 114.70 1.64 109.18
CA PRO H 3100 116.07 1.38 108.72
C PRO H 3100 116.14 0.68 107.37
N ASP H 3101 115.11 -0.09 107.03
CA ASP H 3101 115.09 -0.84 105.78
C ASP H 3101 114.43 -0.09 104.64
N ILE H 3102 113.88 1.09 104.89
CA ILE H 3102 113.23 1.90 103.87
C ILE H 3102 114.23 2.93 103.36
N PRO H 3103 114.55 2.93 102.06
CA PRO H 3103 115.48 3.93 101.54
C PRO H 3103 114.89 5.33 101.59
N GLN H 3104 115.78 6.32 101.56
CA GLN H 3104 115.35 7.71 101.57
C GLN H 3104 114.86 8.13 100.19
N LEU H 3105 114.39 9.37 100.10
CA LEU H 3105 113.74 9.85 98.88
C LEU H 3105 114.72 9.94 97.72
N GLU H 3106 115.94 10.42 97.97
CA GLU H 3106 116.93 10.55 96.90
C GLU H 3106 117.35 9.19 96.36
N GLY H 3107 117.54 8.21 97.24
CA GLY H 3107 117.91 6.88 96.79
C GLY H 3107 116.83 6.21 95.99
N LEU H 3108 115.57 6.33 96.42
CA LEU H 3108 114.44 5.77 95.68
C LEU H 3108 114.30 6.41 94.32
N MET H 3109 114.41 7.74 94.25
CA MET H 3109 114.27 8.43 92.96
C MET H 3109 115.43 8.10 92.03
N LYS H 3110 116.65 7.98 92.56
CA LYS H 3110 117.78 7.58 91.74
C LYS H 3110 117.62 6.15 91.23
N GLU H 3111 117.10 5.25 92.07
CA GLU H 3111 116.86 3.87 91.66
C GLU H 3111 115.83 3.80 90.54
N ILE H 3112 114.73 4.55 90.67
CA ILE H 3112 113.69 4.54 89.66
C ILE H 3112 114.18 5.16 88.36
N SER H 3113 114.97 6.23 88.45
CA SER H 3113 115.54 6.85 87.26
C SER H 3113 116.50 5.91 86.55
N ASP H 3114 117.36 5.21 87.31
CA ASP H 3114 118.29 4.28 86.70
C ASP H 3114 117.58 3.07 86.10
N LEU H 3115 116.47 2.64 86.69
CA LEU H 3115 115.72 1.53 86.12
C LEU H 3115 114.94 1.95 84.88
N ALA H 3116 114.46 3.19 84.84
CA ALA H 3116 113.73 3.66 83.66
C ALA H 3116 114.68 3.93 82.50
N GLU H 3117 115.85 4.51 82.77
CA GLU H 3117 116.80 4.83 81.72
C GLU H 3117 117.54 3.61 81.18
N SER H 3118 117.46 2.46 81.86
CA SER H 3118 118.15 1.26 81.41
C SER H 3118 117.32 0.38 80.49
N GLY H 3119 116.05 0.73 80.27
CA GLY H 3119 115.18 -0.11 79.45
C GLY H 3119 114.86 -1.45 80.07
N ALA H 3120 114.67 -1.49 81.39
CA ALA H 3120 114.42 -2.75 82.07
C ALA H 3120 113.00 -3.22 81.81
N ARG H 3121 112.81 -4.54 81.93
CA ARG H 3121 111.50 -5.15 81.83
C ARG H 3121 110.86 -5.26 83.21
N TYR H 3122 109.59 -5.67 83.23
CA TYR H 3122 108.88 -5.83 84.50
C TYR H 3122 109.43 -6.99 85.32
N THR H 3123 110.00 -8.00 84.65
CA THR H 3123 110.56 -9.15 85.37
C THR H 3123 111.78 -8.76 86.18
N GLU H 3124 112.51 -7.73 85.76
CA GLU H 3124 113.64 -7.24 86.54
C GLU H 3124 113.20 -6.43 87.75
N MET H 3125 112.10 -5.67 87.63
CA MET H 3125 111.64 -4.76 88.69
C MET H 3125 110.15 -4.96 88.98
N PRO H 3126 109.77 -6.07 89.62
CA PRO H 3126 108.36 -6.23 89.99
C PRO H 3126 107.96 -5.38 91.19
N HIS H 3127 108.80 -5.36 92.23
CA HIS H 3127 108.49 -4.62 93.45
C HIS H 3127 108.70 -3.13 93.30
N VAL H 3128 109.53 -2.70 92.35
CA VAL H 3128 109.68 -1.27 92.09
C VAL H 3128 108.42 -0.72 91.45
N ILE H 3129 107.84 -1.47 90.51
CA ILE H 3129 106.62 -1.02 89.85
C ILE H 3129 105.42 -1.16 90.77
N GLU H 3130 105.30 -2.28 91.47
CA GLU H 3130 104.06 -2.60 92.17
C GLU H 3130 104.03 -2.21 93.65
N VAL H 3131 105.16 -1.81 94.23
CA VAL H 3131 105.17 -1.42 95.64
C VAL H 3131 105.76 -0.03 95.82
N ILE H 3132 106.96 0.18 95.29
CA ILE H 3132 107.69 1.43 95.54
C ILE H 3132 107.03 2.59 94.80
N LEU H 3133 106.68 2.38 93.52
CA LEU H 3133 106.14 3.46 92.70
C LEU H 3133 104.79 4.01 93.18
N PRO H 3134 103.78 3.19 93.53
CA PRO H 3134 102.54 3.81 94.05
C PRO H 3134 102.73 4.54 95.36
N MET H 3135 103.54 3.98 96.26
CA MET H 3135 103.85 4.65 97.52
C MET H 3135 104.54 5.98 97.27
N LEU H 3136 105.47 6.02 96.32
CA LEU H 3136 106.17 7.26 96.01
C LEU H 3136 105.23 8.28 95.38
N CYS H 3137 104.32 7.85 94.51
CA CYS H 3137 103.37 8.77 93.91
C CYS H 3137 102.46 9.40 94.96
N ASN H 3138 101.93 8.57 95.88
CA ASN H 3138 101.06 9.09 96.93
C ASN H 3138 101.83 9.97 97.91
N TYR H 3139 103.08 9.61 98.21
CA TYR H 3139 103.92 10.42 99.10
C TYR H 3139 104.22 11.78 98.50
N LEU H 3140 104.58 11.82 97.22
CA LEU H 3140 104.89 13.10 96.58
C LEU H 3140 103.63 13.96 96.44
N SER H 3141 102.49 13.33 96.13
CA SER H 3141 101.24 14.08 96.06
C SER H 3141 100.85 14.65 97.41
N TYR H 3142 101.08 13.90 98.49
CA TYR H 3142 100.77 14.40 99.82
C TYR H 3142 101.70 15.55 100.22
N TRP H 3143 103.01 15.36 100.03
CA TRP H 3143 103.98 16.30 100.58
C TRP H 3143 104.37 17.40 99.62
N TRP H 3144 103.79 17.46 98.42
CA TRP H 3144 103.95 18.66 97.61
C TRP H 3144 103.27 19.85 98.24
N GLU H 3145 102.11 19.63 98.87
CA GLU H 3145 101.32 20.71 99.44
C GLU H 3145 101.94 21.29 100.70
N ARG H 3146 102.83 20.55 101.36
CA ARG H 3146 103.48 21.00 102.59
C ARG H 3146 104.96 21.30 102.37
N GLY H 3147 105.31 21.78 101.18
CA GLY H 3147 106.69 22.01 100.84
C GLY H 3147 106.95 23.42 100.36
N PRO H 3148 108.06 23.61 99.64
CA PRO H 3148 108.47 24.97 99.26
C PRO H 3148 107.60 25.61 98.21
N GLU H 3149 107.23 24.88 97.15
CA GLU H 3149 106.52 25.50 96.04
C GLU H 3149 105.06 25.79 96.34
N HIS H 3150 104.44 25.04 97.25
CA HIS H 3150 103.04 25.32 97.58
C HIS H 3150 102.88 26.56 98.45
N LEU H 3151 103.93 26.92 99.21
CA LEU H 3151 103.86 28.06 100.10
C LEU H 3151 104.81 29.14 99.62
N PRO H 3152 104.32 30.19 98.94
CA PRO H 3152 105.20 31.30 98.53
C PRO H 3152 105.79 32.05 99.72
N PRO H 3153 105.10 32.21 100.86
CA PRO H 3153 105.83 32.60 102.06
C PRO H 3153 106.69 31.46 102.58
N SER H 3154 107.81 31.83 103.20
CA SER H 3154 108.71 30.83 103.78
C SER H 3154 108.06 30.12 104.96
N THR H 3155 107.51 30.90 105.91
CA THR H 3155 106.91 30.39 107.16
C THR H 3155 107.87 29.48 107.92
N GLY H 3156 109.14 29.88 107.98
CA GLY H 3156 110.16 29.06 108.57
C GLY H 3156 110.62 27.97 107.63
N PRO H 3157 111.46 27.07 108.11
CA PRO H 3157 111.86 25.92 107.29
C PRO H 3157 110.70 24.96 107.09
N TRP H 3158 110.77 24.21 106.00
CA TRP H 3158 109.76 23.20 105.72
C TRP H 3158 110.27 21.83 106.16
N CYS H 3159 109.33 20.92 106.40
CA CYS H 3159 109.64 19.56 106.80
C CYS H 3159 109.89 18.64 105.63
N THR H 3160 109.87 19.16 104.40
CA THR H 3160 110.11 18.35 103.22
C THR H 3160 110.73 19.24 102.14
N LYS H 3161 111.30 18.58 101.13
CA LYS H 3161 111.90 19.26 99.98
C LYS H 3161 111.21 18.87 98.68
N VAL H 3162 109.95 18.46 98.74
CA VAL H 3162 109.23 18.01 97.56
C VAL H 3162 108.70 19.22 96.80
N THR H 3163 109.11 19.36 95.55
CA THR H 3163 108.62 20.38 94.63
C THR H 3163 107.99 19.71 93.43
N SER H 3164 107.55 20.52 92.47
CA SER H 3164 106.96 19.97 91.25
C SER H 3164 108.00 19.34 90.34
N GLU H 3165 109.28 19.62 90.55
CA GLU H 3165 110.33 19.00 89.76
C GLU H 3165 110.40 17.49 90.02
N HIS H 3166 110.26 17.09 91.29
CA HIS H 3166 110.26 15.67 91.62
C HIS H 3166 109.08 14.94 90.99
N LEU H 3167 107.90 15.57 91.03
CA LEU H 3167 106.71 14.96 90.44
C LEU H 3167 106.83 14.85 88.93
N SER H 3168 107.39 15.89 88.28
CA SER H 3168 107.60 15.84 86.84
C SER H 3168 108.61 14.77 86.44
N VAL H 3169 109.70 14.64 87.20
CA VAL H 3169 110.71 13.63 86.93
C VAL H 3169 110.14 12.22 87.12
N ILE H 3170 109.35 12.02 88.17
CA ILE H 3170 108.75 10.71 88.42
C ILE H 3170 107.72 10.36 87.35
N LEU H 3171 106.94 11.34 86.89
CA LEU H 3171 106.01 11.08 85.79
C LEU H 3171 106.74 10.76 84.50
N GLY H 3172 107.85 11.44 84.23
CA GLY H 3172 108.66 11.10 83.06
C GLY H 3172 109.25 9.71 83.14
N ASN H 3173 109.66 9.30 84.35
CA ASN H 3173 110.15 7.95 84.54
C ASN H 3173 109.05 6.91 84.32
N ILE H 3174 107.83 7.20 84.80
CA ILE H 3174 106.70 6.30 84.58
C ILE H 3174 106.40 6.16 83.09
N LEU H 3175 106.42 7.28 82.37
CA LEU H 3175 106.19 7.25 80.92
C LEU H 3175 107.28 6.47 80.20
N LYS H 3176 108.54 6.63 80.64
CA LYS H 3176 109.63 5.87 80.04
C LYS H 3176 109.49 4.38 80.33
N ILE H 3177 109.06 4.02 81.53
CA ILE H 3177 108.86 2.61 81.89
C ILE H 3177 107.75 2.00 81.05
N ILE H 3178 106.65 2.73 80.86
CA ILE H 3178 105.58 2.25 80.00
C ILE H 3178 106.05 2.14 78.54
N ASN H 3179 106.84 3.11 78.09
CA ASN H 3179 107.37 3.10 76.73
C ASN H 3179 108.33 1.94 76.49
N ASN H 3180 109.06 1.52 77.53
CA ASN H 3180 109.98 0.39 77.37
C ASN H 3180 109.22 -0.92 77.17
N ASN H 3181 108.17 -1.14 77.95
CA ASN H 3181 107.43 -2.39 77.90
C ASN H 3181 106.23 -2.31 76.96
N LEU H 3182 106.46 -1.87 75.73
CA LEU H 3182 105.41 -1.78 74.73
C LEU H 3182 105.43 -2.99 73.82
N GLY H 3183 104.28 -3.63 73.65
CA GLY H 3183 104.16 -4.77 72.76
C GLY H 3183 104.52 -6.10 73.37
N ILE H 3184 104.77 -6.18 74.67
CA ILE H 3184 105.09 -7.45 75.31
C ILE H 3184 103.79 -8.23 75.49
N ASP H 3185 103.91 -9.52 75.82
CA ASP H 3185 102.75 -10.40 75.82
C ASP H 3185 101.83 -10.11 77.00
N GLU H 3186 102.34 -10.27 78.22
CA GLU H 3186 101.53 -10.13 79.43
C GLU H 3186 102.07 -8.99 80.28
N ALA H 3187 101.22 -8.00 80.54
CA ALA H 3187 101.55 -6.91 81.46
C ALA H 3187 100.25 -6.44 82.10
N SER H 3188 99.91 -7.03 83.25
CA SER H 3188 98.71 -6.66 83.98
C SER H 3188 98.96 -5.55 84.99
N TRP H 3189 100.19 -5.07 85.12
CA TRP H 3189 100.53 -3.98 86.00
C TRP H 3189 100.25 -2.61 85.39
N MET H 3190 99.94 -2.55 84.10
CA MET H 3190 99.73 -1.28 83.44
C MET H 3190 98.43 -0.62 83.89
N LYS H 3191 97.38 -1.42 84.09
CA LYS H 3191 96.10 -0.87 84.54
C LYS H 3191 96.16 -0.38 85.98
N ARG H 3192 97.16 -0.79 86.74
CA ARG H 3192 97.37 -0.24 88.08
C ARG H 3192 98.23 1.01 88.04
N ILE H 3193 99.29 1.02 87.24
CA ILE H 3193 100.17 2.18 87.17
C ILE H 3193 99.49 3.34 86.44
N ALA H 3194 98.44 3.08 85.67
CA ALA H 3194 97.65 4.17 85.10
C ALA H 3194 96.78 4.84 86.15
N VAL H 3195 96.47 4.17 87.24
CA VAL H 3195 95.62 4.71 88.29
C VAL H 3195 96.43 5.33 89.41
N TYR H 3196 97.55 4.70 89.77
CA TYR H 3196 98.38 5.23 90.85
C TYR H 3196 99.13 6.50 90.44
N ALA H 3197 99.38 6.70 89.15
CA ALA H 3197 100.15 7.85 88.69
C ALA H 3197 99.33 9.10 88.52
N GLN H 3198 98.03 9.05 88.76
CA GLN H 3198 97.16 10.22 88.54
C GLN H 3198 97.49 11.45 89.39
N PRO H 3199 97.64 11.38 90.73
CA PRO H 3199 97.71 12.63 91.51
C PRO H 3199 98.97 13.46 91.27
N ILE H 3200 99.97 12.93 90.58
CA ILE H 3200 101.17 13.70 90.26
C ILE H 3200 101.12 14.32 88.87
N ILE H 3201 100.05 14.07 88.10
CA ILE H 3201 99.99 14.64 86.75
C ILE H 3201 99.68 16.13 86.78
N SER H 3202 99.04 16.63 87.84
CA SER H 3202 98.68 18.04 87.92
C SER H 3202 99.88 18.95 88.05
N LYS H 3203 101.04 18.42 88.46
CA LYS H 3203 102.25 19.21 88.61
C LYS H 3203 103.29 18.88 87.53
N ALA H 3204 102.86 18.25 86.45
CA ALA H 3204 103.77 17.93 85.35
C ALA H 3204 104.16 19.21 84.61
N ARG H 3205 105.46 19.35 84.36
CA ARG H 3205 105.99 20.52 83.70
C ARG H 3205 105.82 20.40 82.18
N PRO H 3206 105.74 21.52 81.46
CA PRO H 3206 105.45 21.46 80.02
C PRO H 3206 106.57 20.88 79.15
N ASP H 3207 107.72 20.52 79.72
CA ASP H 3207 108.77 19.89 78.93
C ASP H 3207 108.52 18.42 78.65
N LEU H 3208 107.49 17.82 79.26
CA LEU H 3208 107.21 16.41 79.07
C LEU H 3208 106.56 16.11 77.72
N LEU H 3209 106.05 17.14 77.03
CA LEU H 3209 105.35 16.91 75.78
C LEU H 3209 106.29 16.47 74.67
N LYS H 3210 107.40 17.20 74.50
CA LYS H 3210 108.32 16.90 73.41
C LYS H 3210 109.24 15.73 73.72
N SER H 3211 109.34 15.31 74.97
CA SER H 3211 110.29 14.28 75.37
C SER H 3211 109.65 12.94 75.72
N HIS H 3212 108.44 12.93 76.26
CA HIS H 3212 107.84 11.68 76.70
C HIS H 3212 106.50 11.35 76.06
N PHE H 3213 105.60 12.31 75.94
CA PHE H 3213 104.25 12.00 75.46
C PHE H 3213 104.23 11.77 73.96
N ILE H 3214 104.88 12.65 73.20
CA ILE H 3214 104.92 12.56 71.73
C ILE H 3214 105.65 11.30 71.25
N PRO H 3215 106.85 10.93 71.74
CA PRO H 3215 107.44 9.66 71.28
C PRO H 3215 106.62 8.41 71.63
N THR H 3216 106.01 8.38 72.82
CA THR H 3216 105.18 7.23 73.19
C THR H 3216 103.96 7.13 72.30
N LEU H 3217 103.29 8.26 72.05
CA LEU H 3217 102.14 8.26 71.16
C LEU H 3217 102.53 7.93 69.72
N GLU H 3218 103.73 8.33 69.30
CA GLU H 3218 104.21 7.98 67.97
C GLU H 3218 104.46 6.49 67.85
N LYS H 3219 105.03 5.86 68.87
CA LYS H 3219 105.20 4.41 68.87
C LYS H 3219 103.86 3.69 68.83
N LEU H 3220 102.89 4.16 69.62
CA LEU H 3220 101.56 3.56 69.60
C LEU H 3220 100.88 3.74 68.25
N LYS H 3221 101.07 4.90 67.63
CA LYS H 3221 100.48 5.16 66.31
C LYS H 3221 101.11 4.28 65.24
N LYS H 3222 102.43 4.07 65.31
CA LYS H 3222 103.08 3.18 64.34
C LYS H 3222 102.62 1.75 64.50
N LYS H 3223 102.46 1.30 65.75
CA LYS H 3223 101.91 -0.04 65.98
C LYS H 3223 100.49 -0.15 65.45
N ALA H 3224 99.69 0.91 65.63
CA ALA H 3224 98.31 0.90 65.16
C ALA H 3224 98.23 0.87 63.63
N VAL H 3225 99.06 1.67 62.94
CA VAL H 3225 99.01 1.66 61.48
C VAL H 3225 99.53 0.33 60.93
N LYS H 3226 100.51 -0.28 61.60
CA LYS H 3226 100.98 -1.59 61.17
C LYS H 3226 99.90 -2.65 61.32
N THR H 3227 99.18 -2.64 62.45
CA THR H 3227 98.13 -3.62 62.68
C THR H 3227 96.96 -3.43 61.71
N VAL H 3228 96.59 -2.17 61.44
CA VAL H 3228 95.51 -1.90 60.50
C VAL H 3228 95.90 -2.31 59.08
N GLN H 3229 97.14 -2.04 58.68
CA GLN H 3229 97.61 -2.45 57.36
C GLN H 3229 97.63 -3.97 57.24
N GLU H 3230 98.06 -4.68 58.29
CA GLU H 3230 98.04 -6.14 58.27
C GLU H 3230 96.61 -6.68 58.18
N GLU H 3231 95.68 -6.06 58.91
CA GLU H 3231 94.28 -6.48 58.83
C GLU H 3231 93.70 -6.27 57.44
N GLU H 3232 94.04 -5.13 56.81
CA GLU H 3232 93.53 -4.86 55.47
C GLU H 3232 94.12 -5.81 54.43
N GLN H 3233 95.42 -6.10 54.52
CA GLN H 3233 96.02 -7.03 53.57
C GLN H 3233 95.59 -8.47 53.83
N LEU H 3234 95.17 -8.79 55.06
CA LEU H 3234 94.55 -10.10 55.30
C LEU H 3234 93.15 -10.16 54.70
N LYS H 3235 92.35 -9.11 54.90
CA LYS H 3235 90.98 -9.10 54.37
C LYS H 3235 90.94 -8.91 52.86
N ALA H 3236 92.05 -8.53 52.23
CA ALA H 3236 92.08 -8.44 50.78
C ALA H 3236 91.92 -9.81 50.14
N ASP H 3237 92.56 -10.83 50.70
CA ASP H 3237 92.46 -12.18 50.17
C ASP H 3237 91.20 -12.86 50.68
N THR H 3238 90.41 -13.43 49.77
CA THR H 3238 89.17 -14.11 50.11
C THR H 3238 89.34 -15.61 50.22
N LYS H 3239 90.56 -16.14 50.07
CA LYS H 3239 90.81 -17.56 50.15
C LYS H 3239 92.05 -17.81 51.00
N GLY H 3240 92.10 -19.00 51.58
CA GLY H 3240 93.22 -19.41 52.40
C GLY H 3240 92.81 -19.64 53.85
N ASP H 3241 93.78 -20.11 54.63
CA ASP H 3241 93.58 -20.38 56.06
C ASP H 3241 93.76 -19.07 56.81
N THR H 3242 92.65 -18.35 57.00
CA THR H 3242 92.66 -17.03 57.61
C THR H 3242 92.29 -17.05 59.08
N GLN H 3243 92.04 -18.21 59.67
CA GLN H 3243 91.64 -18.28 61.07
C GLN H 3243 92.81 -17.92 61.99
N GLU H 3244 93.99 -18.51 61.74
CA GLU H 3244 95.16 -18.24 62.57
C GLU H 3244 95.61 -16.79 62.42
N ALA H 3245 95.56 -16.26 61.18
CA ALA H 3245 95.91 -14.86 60.96
C ALA H 3245 94.91 -13.93 61.65
N GLU H 3246 93.63 -14.30 61.66
CA GLU H 3246 92.63 -13.51 62.38
C GLU H 3246 92.90 -13.51 63.88
N LEU H 3247 93.27 -14.67 64.44
CA LEU H 3247 93.61 -14.73 65.85
C LEU H 3247 94.85 -13.90 66.18
N LEU H 3248 95.85 -13.94 65.30
CA LEU H 3248 97.05 -13.14 65.50
C LEU H 3248 96.75 -11.64 65.45
N ILE H 3249 95.90 -11.22 64.50
CA ILE H 3249 95.51 -9.83 64.40
C ILE H 3249 94.72 -9.40 65.63
N LEU H 3250 93.83 -10.28 66.12
CA LEU H 3250 93.06 -9.97 67.32
C LEU H 3250 93.96 -9.85 68.55
N ASP H 3251 94.97 -10.71 68.66
CA ASP H 3251 95.91 -10.60 69.77
C ASP H 3251 96.74 -9.31 69.69
N GLU H 3252 97.16 -8.93 68.48
CA GLU H 3252 97.88 -7.67 68.31
C GLU H 3252 97.01 -6.48 68.68
N PHE H 3253 95.73 -6.51 68.30
CA PHE H 3253 94.81 -5.45 68.67
C PHE H 3253 94.58 -5.39 70.18
N ALA H 3254 94.52 -6.56 70.84
CA ALA H 3254 94.37 -6.59 72.29
C ALA H 3254 95.59 -6.00 72.99
N VAL H 3255 96.79 -6.34 72.52
CA VAL H 3255 98.02 -5.76 73.07
C VAL H 3255 98.04 -4.25 72.87
N LEU H 3256 97.65 -3.81 71.67
CA LEU H 3256 97.60 -2.38 71.36
C LEU H 3256 96.61 -1.64 72.26
N CYS H 3257 95.44 -2.24 72.51
CA CYS H 3257 94.45 -1.60 73.37
C CYS H 3257 94.91 -1.56 74.82
N ARG H 3258 95.63 -2.60 75.27
CA ARG H 3258 96.18 -2.58 76.62
C ARG H 3258 97.21 -1.47 76.78
N ASP H 3259 98.10 -1.32 75.80
CA ASP H 3259 99.10 -0.24 75.86
C ASP H 3259 98.45 1.13 75.75
N LEU H 3260 97.42 1.26 74.90
CA LEU H 3260 96.72 2.54 74.76
C LEU H 3260 96.01 2.93 76.04
N TYR H 3261 95.37 1.98 76.72
CA TYR H 3261 94.71 2.29 77.98
C TYR H 3261 95.69 2.41 79.14
N ALA H 3262 96.93 1.96 78.96
CA ALA H 3262 97.98 2.32 79.90
C ALA H 3262 98.41 3.77 79.73
N PHE H 3263 98.56 4.22 78.47
CA PHE H 3263 99.16 5.52 78.20
C PHE H 3263 98.15 6.66 78.23
N TYR H 3264 96.91 6.43 77.84
CA TYR H 3264 95.92 7.47 77.57
C TYR H 3264 95.34 8.23 78.76
N PRO H 3265 95.09 7.64 79.94
CA PRO H 3265 94.64 8.48 81.07
C PRO H 3265 95.62 9.58 81.46
N MET H 3266 96.92 9.28 81.43
CA MET H 3266 97.92 10.30 81.72
C MET H 3266 97.91 11.41 80.68
N LEU H 3267 97.78 11.04 79.41
CA LEU H 3267 97.71 12.02 78.33
C LEU H 3267 96.46 12.88 78.45
N ILE H 3268 95.33 12.27 78.81
CA ILE H 3268 94.08 13.01 78.96
C ILE H 3268 94.17 14.01 80.10
N ARG H 3269 94.72 13.61 81.24
CA ARG H 3269 94.89 14.55 82.35
C ARG H 3269 95.88 15.66 82.00
N TYR H 3270 96.97 15.31 81.30
CA TYR H 3270 97.96 16.31 80.91
C TYR H 3270 97.36 17.33 79.94
N VAL H 3271 96.56 16.86 78.99
CA VAL H 3271 95.88 17.75 78.05
C VAL H 3271 94.87 18.63 78.79
N ASP H 3272 94.11 18.04 79.71
CA ASP H 3272 93.15 18.82 80.50
C ASP H 3272 93.82 19.89 81.33
N ASN H 3273 95.06 19.65 81.76
CA ASN H 3273 95.77 20.65 82.55
C ASN H 3273 96.46 21.70 81.69
N ASN H 3274 96.92 21.35 80.49
CA ASN H 3274 97.74 22.27 79.70
C ASN H 3274 97.03 22.83 78.47
N ARG H 3275 95.74 22.54 78.28
CA ARG H 3275 95.05 22.96 77.06
C ARG H 3275 94.90 24.47 76.97
N SER H 3276 94.62 25.15 78.08
CA SER H 3276 94.47 26.60 78.05
C SER H 3276 95.78 27.29 77.72
N ASN H 3277 96.89 26.80 78.27
CA ASN H 3277 98.19 27.37 77.95
C ASN H 3277 98.60 27.07 76.52
N TRP H 3278 98.17 25.92 75.98
CA TRP H 3278 98.43 25.63 74.57
C TRP H 3278 97.60 26.54 73.65
N LEU H 3279 96.36 26.83 74.05
CA LEU H 3279 95.50 27.67 73.23
C LEU H 3279 95.96 29.12 73.25
N LYS H 3280 96.43 29.61 74.41
CA LYS H 3280 96.88 31.00 74.49
C LYS H 3280 98.21 31.22 73.79
N SER H 3281 98.96 30.16 73.50
CA SER H 3281 100.24 30.27 72.80
C SER H 3281 100.47 28.99 72.03
N PRO H 3282 100.02 28.93 70.77
CA PRO H 3282 100.21 27.71 69.97
C PRO H 3282 101.67 27.46 69.64
N SER H 3283 102.00 26.18 69.52
CA SER H 3283 103.36 25.75 69.22
C SER H 3283 103.29 24.58 68.24
N ALA H 3284 104.47 24.08 67.86
CA ALA H 3284 104.56 22.97 66.92
C ALA H 3284 104.44 21.61 67.58
N ASP H 3285 104.32 21.56 68.91
CA ASP H 3285 104.22 20.30 69.62
C ASP H 3285 102.78 19.90 69.89
N SER H 3286 101.94 20.85 70.31
CA SER H 3286 100.52 20.55 70.52
C SER H 3286 99.81 20.24 69.20
N ASP H 3287 100.24 20.87 68.11
CA ASP H 3287 99.69 20.54 66.80
C ASP H 3287 100.03 19.11 66.40
N GLN H 3288 101.27 18.69 66.66
CA GLN H 3288 101.66 17.31 66.38
C GLN H 3288 100.91 16.33 67.28
N LEU H 3289 100.67 16.72 68.53
CA LEU H 3289 99.88 15.90 69.43
C LEU H 3289 98.46 15.71 68.92
N PHE H 3290 97.84 16.80 68.45
CA PHE H 3290 96.50 16.70 67.86
C PHE H 3290 96.52 15.84 66.61
N ARG H 3291 97.56 15.98 65.79
CA ARG H 3291 97.67 15.22 64.55
C ARG H 3291 97.74 13.72 64.84
N MET H 3292 98.57 13.32 65.80
CA MET H 3292 98.70 11.91 66.15
C MET H 3292 97.42 11.38 66.79
N VAL H 3293 96.79 12.16 67.68
CA VAL H 3293 95.55 11.71 68.32
C VAL H 3293 94.44 11.55 67.28
N ALA H 3294 94.34 12.48 66.33
CA ALA H 3294 93.34 12.39 65.27
C ALA H 3294 93.60 11.20 64.36
N GLU H 3295 94.86 10.90 64.05
CA GLU H 3295 95.16 9.74 63.23
C GLU H 3295 94.78 8.44 63.94
N VAL H 3296 95.08 8.33 65.23
CA VAL H 3296 94.71 7.12 65.99
C VAL H 3296 93.19 7.00 66.08
N PHE H 3297 92.49 8.12 66.27
CA PHE H 3297 91.03 8.07 66.33
C PHE H 3297 90.42 7.68 64.99
N ILE H 3298 91.00 8.15 63.88
CA ILE H 3298 90.53 7.78 62.56
C ILE H 3298 90.73 6.29 62.31
N LEU H 3299 91.89 5.76 62.72
CA LEU H 3299 92.12 4.32 62.63
C LEU H 3299 91.13 3.52 63.47
N TRP H 3300 90.80 4.04 64.65
CA TRP H 3300 89.80 3.39 65.50
C TRP H 3300 88.42 3.41 64.85
N CYS H 3301 88.09 4.51 64.16
CA CYS H 3301 86.81 4.61 63.46
C CYS H 3301 86.73 3.64 62.29
N LYS H 3302 87.81 3.50 61.53
CA LYS H 3302 87.76 2.68 60.33
C LYS H 3302 87.75 1.19 60.66
N SER H 3303 88.56 0.78 61.63
CA SER H 3303 88.70 -0.64 61.94
C SER H 3303 87.52 -1.15 62.76
N HIS H 3304 87.05 -2.34 62.42
CA HIS H 3304 85.99 -3.01 63.16
C HIS H 3304 86.51 -3.82 64.33
N ASN H 3305 87.72 -4.38 64.20
CA ASN H 3305 88.31 -5.14 65.28
C ASN H 3305 88.85 -4.25 66.39
N PHE H 3306 89.25 -3.01 66.06
CA PHE H 3306 89.78 -2.09 67.06
C PHE H 3306 88.74 -1.78 68.13
N LYS H 3307 87.52 -1.43 67.70
CA LYS H 3307 86.46 -1.11 68.66
C LYS H 3307 86.08 -2.33 69.50
N ARG H 3308 86.02 -3.50 68.86
CA ARG H 3308 85.65 -4.72 69.57
C ARG H 3308 86.69 -5.10 70.61
N GLU H 3309 87.97 -5.00 70.26
CA GLU H 3309 89.02 -5.34 71.22
C GLU H 3309 89.12 -4.31 72.34
N GLU H 3310 88.90 -3.03 72.02
CA GLU H 3310 88.85 -2.01 73.07
C GLU H 3310 87.71 -2.26 74.04
N GLN H 3311 86.52 -2.57 73.52
CA GLN H 3311 85.37 -2.87 74.37
C GLN H 3311 85.62 -4.12 75.21
N ASN H 3312 86.23 -5.14 74.62
CA ASN H 3312 86.54 -6.36 75.36
C ASN H 3312 87.55 -6.10 76.46
N PHE H 3313 88.56 -5.27 76.19
CA PHE H 3313 89.54 -4.92 77.22
C PHE H 3313 88.88 -4.19 78.38
N VAL H 3314 88.03 -3.21 78.06
CA VAL H 3314 87.39 -2.43 79.12
C VAL H 3314 86.44 -3.30 79.95
N ILE H 3315 85.68 -4.18 79.29
CA ILE H 3315 84.73 -5.02 80.01
C ILE H 3315 85.45 -6.07 80.86
N GLN H 3316 86.46 -6.75 80.28
CA GLN H 3316 87.12 -7.83 81.00
C GLN H 3316 87.98 -7.31 82.14
N ASN H 3317 88.71 -6.22 81.93
CA ASN H 3317 89.57 -5.68 82.98
C ASN H 3317 88.83 -4.75 83.93
N GLU H 3318 87.55 -4.46 83.66
CA GLU H 3318 86.71 -3.58 84.47
C GLU H 3318 87.34 -2.20 84.65
N ILE H 3319 87.73 -1.60 83.53
CA ILE H 3319 88.32 -0.26 83.54
C ILE H 3319 87.20 0.75 83.74
N ASN H 3320 87.39 1.64 84.72
CA ASN H 3320 86.40 2.68 85.04
C ASN H 3320 86.80 3.95 84.31
N ASN H 3321 86.20 4.17 83.13
CA ASN H 3321 86.55 5.32 82.31
C ASN H 3321 86.05 6.63 82.91
N LEU H 3322 84.93 6.59 83.64
CA LEU H 3322 84.38 7.81 84.22
C LEU H 3322 85.27 8.34 85.34
N ALA H 3323 86.05 7.48 85.99
CA ALA H 3323 87.01 7.95 86.96
C ALA H 3323 88.10 8.78 86.29
N PHE H 3324 88.55 8.36 85.11
CA PHE H 3324 89.53 9.15 84.36
C PHE H 3324 88.91 10.44 83.82
N LEU H 3325 87.68 10.36 83.33
CA LEU H 3325 87.07 11.52 82.68
C LEU H 3325 86.65 12.59 83.68
N THR H 3326 86.06 12.18 84.81
CA THR H 3326 85.56 13.14 85.79
C THR H 3326 86.70 13.87 86.50
N GLY H 3327 87.68 13.12 86.98
CA GLY H 3327 88.79 13.71 87.71
C GLY H 3327 88.86 13.28 89.16
N GLY H 3338 76.11 15.17 93.64
CA GLY H 3338 76.87 15.44 94.85
C GLY H 3338 76.58 14.45 95.96
N GLN H 3339 75.52 14.72 96.73
CA GLN H 3339 75.12 13.83 97.80
C GLN H 3339 74.51 12.55 97.25
N ASP H 3340 74.57 11.48 98.05
CA ASP H 3340 74.05 10.18 97.65
C ASP H 3340 72.53 10.15 97.86
N GLN H 3341 71.83 10.86 96.98
CA GLN H 3341 70.38 10.94 97.01
C GLN H 3341 69.72 9.85 96.17
N GLU H 3342 70.51 9.01 95.51
CA GLU H 3342 70.00 7.91 94.70
C GLU H 3342 70.64 6.61 95.17
N ARG H 3343 69.89 5.51 95.00
CA ARG H 3343 70.33 4.19 95.44
C ARG H 3343 70.34 3.26 94.23
N LYS H 3344 71.47 3.24 93.52
CA LYS H 3344 71.63 2.41 92.32
C LYS H 3344 72.35 1.12 92.72
N LYS H 3345 71.58 0.22 93.32
CA LYS H 3345 72.14 -1.07 93.75
C LYS H 3345 72.45 -1.96 92.56
N THR H 3346 71.55 -2.00 91.57
CA THR H 3346 71.76 -2.85 90.41
C THR H 3346 72.83 -2.27 89.49
N LYS H 3347 73.74 -3.12 89.04
CA LYS H 3347 74.82 -2.71 88.15
C LYS H 3347 75.02 -3.79 87.09
N ARG H 3348 75.52 -3.38 85.93
CA ARG H 3348 75.77 -4.28 84.81
C ARG H 3348 77.23 -4.14 84.39
N ARG H 3349 77.89 -5.28 84.19
CA ARG H 3349 79.28 -5.26 83.73
C ARG H 3349 79.37 -4.79 82.28
N GLY H 3350 78.33 -5.08 81.48
CA GLY H 3350 78.33 -4.61 80.10
C GLY H 3350 78.09 -3.12 79.99
N ASP H 3351 77.54 -2.51 81.04
CA ASP H 3351 77.24 -1.08 81.04
C ASP H 3351 78.49 -0.27 81.40
N LEU H 3352 79.59 -0.97 81.74
CA LEU H 3352 80.83 -0.28 82.07
C LEU H 3352 81.43 0.41 80.85
N TYR H 3353 81.22 -0.14 79.66
CA TYR H 3353 81.75 0.44 78.44
C TYR H 3353 80.68 1.21 77.70
N SER H 3354 81.07 2.37 77.17
CA SER H 3354 80.24 3.13 76.25
C SER H 3354 81.15 3.84 75.27
N ILE H 3355 80.62 4.14 74.09
CA ILE H 3355 81.40 4.84 73.07
C ILE H 3355 81.72 6.26 73.52
N GLN H 3356 80.80 6.90 74.24
CA GLN H 3356 81.01 8.27 74.70
C GLN H 3356 82.12 8.34 75.75
N THR H 3357 82.24 7.32 76.59
CA THR H 3357 83.24 7.31 77.64
C THR H 3357 84.56 6.69 77.20
N SER H 3358 84.69 6.30 75.94
CA SER H 3358 85.93 5.72 75.45
C SER H 3358 87.05 6.76 75.44
N LEU H 3359 88.24 6.33 75.85
CA LEU H 3359 89.36 7.25 75.98
C LEU H 3359 89.91 7.67 74.62
N ILE H 3360 89.77 6.81 73.61
CA ILE H 3360 90.21 7.15 72.27
C ILE H 3360 89.35 8.27 71.69
N VAL H 3361 88.04 8.20 71.91
CA VAL H 3361 87.15 9.29 71.50
C VAL H 3361 87.42 10.54 72.32
N ALA H 3362 87.62 10.39 73.63
CA ALA H 3362 87.76 11.54 74.52
C ALA H 3362 89.06 12.29 74.28
N ALA H 3363 90.12 11.60 73.88
CA ALA H 3363 91.38 12.28 73.58
C ALA H 3363 91.22 13.24 72.40
N LEU H 3364 90.56 12.79 71.32
CA LEU H 3364 90.28 13.70 70.21
C LEU H 3364 89.29 14.79 70.62
N LYS H 3365 88.26 14.42 71.39
CA LYS H 3365 87.26 15.39 71.80
C LYS H 3365 87.84 16.48 72.68
N LYS H 3366 88.97 16.22 73.34
CA LYS H 3366 89.65 17.25 74.11
C LYS H 3366 90.75 17.95 73.33
N MET H 3367 91.40 17.28 72.38
CA MET H 3367 92.46 17.90 71.59
C MET H 3367 91.96 18.62 70.35
N LEU H 3368 90.67 18.52 70.04
CA LEU H 3368 90.10 19.19 68.88
C LEU H 3368 90.06 20.71 68.97
N PRO H 3369 89.89 21.33 70.16
CA PRO H 3369 90.15 22.79 70.24
C PRO H 3369 91.57 23.19 69.86
N ILE H 3370 92.55 22.32 70.02
CA ILE H 3370 93.91 22.64 69.57
C ILE H 3370 93.98 22.65 68.05
N GLY H 3371 93.27 21.72 67.40
CA GLY H 3371 93.23 21.72 65.95
C GLY H 3371 92.41 22.86 65.40
N LEU H 3372 91.24 23.11 65.98
CA LEU H 3372 90.36 24.21 65.58
C LEU H 3372 90.75 25.50 66.31
N ASN H 3373 91.97 25.95 66.02
CA ASN H 3373 92.51 27.12 66.70
C ASN H 3373 92.94 28.14 65.66
N MET H 3374 92.54 29.40 65.87
CA MET H 3374 92.84 30.53 64.99
C MET H 3374 92.34 30.29 63.57
N CYS H 3375 91.18 29.66 63.45
CA CYS H 3375 90.57 29.41 62.15
C CYS H 3375 89.73 30.63 61.74
N THR H 3376 90.09 31.23 60.61
CA THR H 3376 89.34 32.33 60.05
C THR H 3376 88.03 31.82 59.45
N PRO H 3377 87.06 32.71 59.18
CA PRO H 3377 85.83 32.26 58.50
C PRO H 3377 86.07 31.61 57.14
N GLY H 3378 87.08 32.04 56.40
CA GLY H 3378 87.43 31.33 55.17
C GLY H 3378 87.92 29.92 55.42
N ASP H 3379 88.73 29.74 56.47
CA ASP H 3379 89.14 28.40 56.87
C ASP H 3379 87.95 27.56 57.29
N GLN H 3380 86.99 28.16 57.99
CA GLN H 3380 85.78 27.43 58.38
C GLN H 3380 84.96 27.03 57.16
N GLU H 3381 84.91 27.89 56.13
CA GLU H 3381 84.24 27.53 54.88
C GLU H 3381 84.94 26.36 54.19
N LEU H 3382 86.28 26.39 54.15
CA LEU H 3382 87.03 25.28 53.57
C LEU H 3382 86.82 23.98 54.34
N ILE H 3383 86.75 24.07 55.68
CA ILE H 3383 86.50 22.90 56.51
C ILE H 3383 85.10 22.34 56.25
N SER H 3384 84.11 23.22 56.11
CA SER H 3384 82.75 22.76 55.82
C SER H 3384 82.66 22.11 54.45
N LEU H 3385 83.36 22.67 53.45
CA LEU H 3385 83.40 22.06 52.12
C LEU H 3385 84.06 20.69 52.16
N ALA H 3386 85.17 20.57 52.89
CA ALA H 3386 85.85 19.28 52.97
C ALA H 3386 85.04 18.26 53.75
N LYS H 3387 84.27 18.69 54.75
CA LYS H 3387 83.36 17.78 55.44
C LYS H 3387 82.25 17.32 54.52
N SER H 3388 81.74 18.22 53.67
CA SER H 3388 80.75 17.82 52.68
C SER H 3388 81.32 16.81 51.68
N ARG H 3389 82.60 16.98 51.33
CA ARG H 3389 83.24 16.01 50.45
C ARG H 3389 83.46 14.66 51.14
N TYR H 3390 83.78 14.69 52.44
CA TYR H 3390 83.91 13.45 53.20
C TYR H 3390 82.56 12.76 53.37
N SER H 3391 81.47 13.52 53.32
CA SER H 3391 80.14 12.92 53.39
C SER H 3391 79.81 12.07 52.17
N TYR H 3392 80.51 12.26 51.06
CA TYR H 3392 80.32 11.48 49.85
C TYR H 3392 81.29 10.32 49.74
N ARG H 3393 81.95 9.96 50.84
CA ARG H 3393 82.91 8.85 50.93
C ARG H 3393 84.07 9.03 49.94
N ASP H 3394 84.80 10.12 50.12
CA ASP H 3394 85.99 10.41 49.34
C ASP H 3394 87.25 10.11 50.15
N THR H 3395 88.35 9.91 49.44
CA THR H 3395 89.64 9.70 50.07
C THR H 3395 90.27 11.04 50.44
N ASP H 3396 91.49 10.98 50.98
CA ASP H 3396 92.18 12.20 51.38
C ASP H 3396 92.62 13.02 50.18
N GLU H 3397 93.10 12.34 49.13
CA GLU H 3397 93.62 13.05 47.97
C GLU H 3397 92.50 13.75 47.19
N GLU H 3398 91.32 13.12 47.11
CA GLU H 3398 90.18 13.76 46.45
C GLU H 3398 89.75 15.00 47.22
N VAL H 3399 89.73 14.93 48.55
CA VAL H 3399 89.37 16.07 49.37
C VAL H 3399 90.40 17.19 49.21
N LYS H 3400 91.68 16.85 49.17
CA LYS H 3400 92.72 17.86 48.99
C LYS H 3400 92.66 18.48 47.60
N GLU H 3401 92.29 17.70 46.57
CA GLU H 3401 92.12 18.25 45.23
C GLU H 3401 90.94 19.20 45.17
N HIS H 3402 89.83 18.84 45.82
CA HIS H 3402 88.68 19.75 45.88
C HIS H 3402 89.01 21.03 46.64
N LEU H 3403 89.79 20.92 47.71
CA LEU H 3403 90.24 22.11 48.45
C LEU H 3403 91.18 22.96 47.61
N ARG H 3404 92.03 22.33 46.81
CA ARG H 3404 92.92 23.08 45.93
C ARG H 3404 92.15 23.80 44.82
N ASN H 3405 91.06 23.19 44.33
CA ASN H 3405 90.27 23.80 43.28
C ASN H 3405 89.27 24.83 43.80
N ASN H 3406 89.15 25.01 45.11
CA ASN H 3406 88.20 25.95 45.71
C ASN H 3406 88.88 26.82 46.74
N LEU H 3407 90.04 27.37 46.38
CA LEU H 3407 90.81 28.19 47.32
C LEU H 3407 90.28 29.61 47.45
N HIS H 3408 89.30 30.00 46.65
CA HIS H 3408 88.75 31.35 46.73
C HIS H 3408 87.86 31.56 47.96
N LEU H 3409 87.45 30.48 48.63
CA LEU H 3409 86.60 30.60 49.82
C LEU H 3409 87.30 31.31 50.97
N GLN H 3410 88.63 31.42 50.92
CA GLN H 3410 89.38 32.20 51.90
C GLN H 3410 89.03 33.68 51.86
N GLU H 3411 88.38 34.16 50.78
CA GLU H 3411 87.91 35.53 50.76
C GLU H 3411 86.70 35.75 51.67
N LYS H 3412 86.11 34.67 52.21
CA LYS H 3412 84.93 34.80 53.07
C LYS H 3412 85.22 35.55 54.36
N SER H 3413 86.50 35.65 54.75
CA SER H 3413 86.87 36.47 55.89
C SER H 3413 86.63 37.95 55.66
N ASP H 3414 86.51 38.38 54.40
CA ASP H 3414 86.23 39.78 54.08
C ASP H 3414 84.73 40.08 54.00
N ASP H 3415 83.88 39.08 54.25
CA ASP H 3415 82.45 39.32 54.24
C ASP H 3415 82.05 40.16 55.46
N PRO H 3416 81.17 41.14 55.30
CA PRO H 3416 80.78 41.97 56.46
C PRO H 3416 80.03 41.21 57.54
N ALA H 3417 79.26 40.18 57.18
CA ALA H 3417 78.44 39.47 58.16
C ALA H 3417 79.26 38.68 59.16
N VAL H 3418 80.53 38.40 58.85
CA VAL H 3418 81.44 37.74 59.79
C VAL H 3418 82.50 38.72 60.28
N LYS H 3419 82.26 40.03 60.11
CA LYS H 3419 83.23 41.05 60.52
C LYS H 3419 83.46 41.06 62.02
N TRP H 3420 82.54 40.50 62.81
CA TRP H 3420 82.74 40.38 64.24
C TRP H 3420 83.82 39.39 64.63
N GLN H 3421 84.30 38.57 63.70
CA GLN H 3421 85.34 37.59 64.01
C GLN H 3421 86.75 38.10 63.73
N LEU H 3422 86.91 39.36 63.33
CA LEU H 3422 88.20 39.85 62.86
C LEU H 3422 89.13 40.31 63.97
N ASN H 3423 88.70 40.25 65.23
CA ASN H 3423 89.54 40.69 66.34
C ASN H 3423 89.58 39.71 67.50
N LEU H 3424 89.08 38.49 67.31
CA LEU H 3424 88.99 37.54 68.41
C LEU H 3424 90.34 36.95 68.79
N TYR H 3425 91.26 36.83 67.84
CA TYR H 3425 92.57 36.23 68.06
C TYR H 3425 93.69 37.26 67.99
N LYS H 3426 93.44 38.47 68.49
CA LYS H 3426 94.50 39.47 68.53
C LYS H 3426 95.45 39.26 69.70
N ASP H 3427 95.04 38.48 70.72
CA ASP H 3427 95.88 38.27 71.88
C ASP H 3427 97.02 37.28 71.60
N VAL H 3428 96.76 36.28 70.76
CA VAL H 3428 97.77 35.28 70.47
C VAL H 3428 98.84 35.87 69.56
N LEU H 3429 100.07 35.41 69.72
CA LEU H 3429 101.19 35.89 68.93
C LEU H 3429 101.55 34.94 67.79
N LYS H 3430 100.74 33.91 67.56
CA LYS H 3430 101.02 32.94 66.52
C LYS H 3430 100.52 33.36 65.14
N SER H 3431 99.94 34.56 65.02
CA SER H 3431 99.45 35.05 63.73
C SER H 3431 100.55 35.83 63.01
N GLU H 3432 101.68 35.15 62.80
CA GLU H 3432 102.81 35.74 62.08
C GLU H 3432 103.53 34.60 61.34
N GLU H 3433 103.15 34.43 60.07
CA GLU H 3433 103.71 33.38 59.22
C GLU H 3433 103.38 33.71 57.77
N PRO H 3434 104.26 33.37 56.84
CA PRO H 3434 103.92 33.54 55.41
C PRO H 3434 102.82 32.60 54.99
N PHE H 3435 102.06 33.02 53.97
CA PHE H 3435 100.92 32.25 53.49
C PHE H 3435 101.39 31.13 52.58
N ASN H 3436 101.00 29.90 52.92
CA ASN H 3436 101.24 28.73 52.08
C ASN H 3436 99.89 28.08 51.78
N ALA H 3437 99.64 27.80 50.50
CA ALA H 3437 98.38 27.19 50.12
C ALA H 3437 98.31 25.71 50.50
N GLU H 3438 99.40 24.98 50.27
CA GLU H 3438 99.37 23.53 50.48
C GLU H 3438 99.32 23.19 51.97
N LYS H 3439 99.99 23.98 52.80
CA LYS H 3439 99.91 23.78 54.25
C LYS H 3439 98.50 24.00 54.76
N THR H 3440 97.82 25.04 54.24
CA THR H 3440 96.42 25.27 54.59
C THR H 3440 95.54 24.14 54.12
N ILE H 3441 95.81 23.60 52.93
CA ILE H 3441 95.03 22.48 52.40
C ILE H 3441 95.16 21.26 53.30
N GLU H 3442 96.40 20.93 53.70
CA GLU H 3442 96.63 19.77 54.55
C GLU H 3442 96.01 19.96 55.93
N ARG H 3443 96.16 21.15 56.51
CA ARG H 3443 95.59 21.42 57.82
C ARG H 3443 94.07 21.34 57.81
N VAL H 3444 93.44 21.95 56.80
CA VAL H 3444 91.99 21.92 56.69
C VAL H 3444 91.49 20.50 56.45
N GLN H 3445 92.23 19.71 55.67
CA GLN H 3445 91.85 18.32 55.43
C GLN H 3445 91.91 17.50 56.71
N ARG H 3446 92.97 17.68 57.52
CA ARG H 3446 93.08 16.93 58.76
C ARG H 3446 91.99 17.31 59.76
N ILE H 3447 91.74 18.62 59.91
CA ILE H 3447 90.69 19.08 60.81
C ILE H 3447 89.33 18.56 60.37
N SER H 3448 89.06 18.63 59.07
CA SER H 3448 87.77 18.19 58.54
C SER H 3448 87.58 16.70 58.71
N ALA H 3449 88.63 15.90 58.50
CA ALA H 3449 88.51 14.46 58.70
C ALA H 3449 88.22 14.13 60.15
N ALA H 3450 88.93 14.78 61.08
CA ALA H 3450 88.70 14.53 62.50
C ALA H 3450 87.28 14.91 62.92
N VAL H 3451 86.82 16.09 62.49
CA VAL H 3451 85.50 16.57 62.87
C VAL H 3451 84.41 15.70 62.26
N PHE H 3452 84.57 15.32 60.99
CA PHE H 3452 83.56 14.48 60.33
C PHE H 3452 83.46 13.11 60.99
N HIS H 3453 84.60 12.49 61.30
CA HIS H 3453 84.56 11.18 61.92
C HIS H 3453 84.00 11.24 63.34
N LEU H 3454 84.34 12.30 64.09
CA LEU H 3454 83.79 12.47 65.43
C LEU H 3454 82.27 12.66 65.40
N GLU H 3455 81.78 13.47 64.46
CA GLU H 3455 80.35 13.69 64.34
C GLU H 3455 79.62 12.41 63.89
N GLN H 3456 80.25 11.66 62.98
CA GLN H 3456 79.65 10.40 62.52
C GLN H 3456 79.58 9.39 63.65
N VAL H 3457 80.59 9.36 64.54
CA VAL H 3457 80.55 8.47 65.69
C VAL H 3457 79.48 8.91 66.68
N GLU H 3458 79.40 10.22 66.97
CA GLU H 3458 78.51 10.70 68.02
C GLU H 3458 77.05 10.81 67.59
N GLN H 3459 76.76 10.79 66.29
CA GLN H 3459 75.37 10.92 65.84
C GLN H 3459 74.46 9.78 66.29
N PRO H 3460 74.83 8.49 66.19
CA PRO H 3460 73.93 7.47 66.75
C PRO H 3460 73.86 7.47 68.28
N LEU H 3461 74.82 8.11 68.95
CA LEU H 3461 74.85 8.07 70.41
C LEU H 3461 73.73 8.90 71.01
N ARG H 3462 73.30 9.96 70.31
CA ARG H 3462 72.24 10.81 70.84
C ARG H 3462 70.89 10.10 70.83
N SER H 3463 70.57 9.46 69.71
CA SER H 3463 69.34 8.67 69.52
C SER H 3463 68.06 9.46 69.82
N ALA H 3487 65.32 -42.24 70.90
CA ALA H 3487 65.71 -41.87 69.53
C ALA H 3487 66.69 -42.85 68.84
N PRO H 3488 67.69 -43.43 69.54
CA PRO H 3488 68.43 -44.54 68.93
C PRO H 3488 67.53 -45.74 68.67
N LEU H 3489 67.80 -46.44 67.57
CA LEU H 3489 66.98 -47.57 67.18
C LEU H 3489 67.19 -48.77 68.11
N TYR H 3490 68.38 -48.93 68.65
CA TYR H 3490 68.69 -50.10 69.48
C TYR H 3490 68.10 -50.01 70.87
N ASN H 3491 67.67 -48.83 71.31
CA ASN H 3491 67.10 -48.66 72.65
C ASN H 3491 65.59 -48.80 72.68
N LEU H 3492 64.96 -49.04 71.53
CA LEU H 3492 63.52 -49.19 71.43
C LEU H 3492 63.14 -50.66 71.32
N PRO H 3493 61.90 -51.01 71.72
CA PRO H 3493 61.45 -52.39 71.54
C PRO H 3493 61.37 -52.77 70.07
N ARG H 3494 61.59 -54.07 69.80
CA ARG H 3494 61.77 -54.54 68.43
C ARG H 3494 60.46 -54.52 67.64
N HIS H 3495 59.32 -54.63 68.32
CA HIS H 3495 58.04 -54.70 67.60
C HIS H 3495 57.65 -53.34 67.03
N LYS H 3496 57.96 -52.25 67.73
CA LYS H 3496 57.68 -50.92 67.20
C LYS H 3496 58.55 -50.62 65.98
N ILE H 3497 59.82 -51.00 66.04
CA ILE H 3497 60.70 -50.85 64.88
C ILE H 3497 60.24 -51.74 63.74
N ASN H 3498 59.70 -52.93 64.06
CA ASN H 3498 59.15 -53.79 63.02
C ASN H 3498 57.93 -53.16 62.36
N ASN H 3499 57.08 -52.49 63.14
CA ASN H 3499 55.95 -51.76 62.56
C ASN H 3499 56.41 -50.62 61.66
N PHE H 3500 57.46 -49.90 62.10
CA PHE H 3500 58.01 -48.84 61.26
C PHE H 3500 58.60 -49.39 59.97
N PHE H 3501 59.26 -50.54 60.07
CA PHE H 3501 59.79 -51.22 58.88
C PHE H 3501 58.66 -51.62 57.94
N LEU H 3502 57.55 -52.13 58.48
CA LEU H 3502 56.43 -52.53 57.64
C LEU H 3502 55.83 -51.33 56.93
N SER H 3503 55.68 -50.20 57.63
CA SER H 3503 55.14 -49.00 57.00
C SER H 3503 56.07 -48.49 55.90
N THR H 3504 57.37 -48.48 56.14
CA THR H 3504 58.32 -48.03 55.12
C THR H 3504 58.38 -49.00 53.95
N PHE H 3505 58.26 -50.30 54.22
CA PHE H 3505 58.24 -51.31 53.17
C PHE H 3505 57.01 -51.18 52.30
N GLN H 3506 55.87 -50.83 52.90
CA GLN H 3506 54.67 -50.54 52.11
C GLN H 3506 54.87 -49.30 51.25
N ARG H 3507 55.37 -48.22 51.84
CA ARG H 3507 55.42 -46.94 51.13
C ARG H 3507 56.47 -46.93 50.03
N VAL H 3508 57.61 -47.56 50.25
CA VAL H 3508 58.75 -47.40 49.35
C VAL H 3508 58.78 -48.48 48.27
N TRP H 3509 58.80 -49.74 48.69
CA TRP H 3509 59.09 -50.84 47.76
C TRP H 3509 57.86 -51.31 46.98
N LEU H 3510 56.78 -51.66 47.67
CA LEU H 3510 55.69 -52.40 47.03
C LEU H 3510 54.79 -51.52 46.16
N GLU H 3511 54.62 -50.25 46.50
CA GLU H 3511 53.66 -49.41 45.79
C GLU H 3511 54.11 -49.13 44.36
N LYS H 3512 55.42 -48.98 44.14
CA LYS H 3512 55.94 -48.79 42.80
C LYS H 3512 55.68 -50.01 41.91
N VAL H 3513 55.79 -51.22 42.47
CA VAL H 3513 55.47 -52.42 41.72
C VAL H 3513 53.97 -52.51 41.47
N ASN H 3514 53.16 -52.15 42.47
CA ASN H 3514 51.71 -52.25 42.35
C ASN H 3514 51.16 -51.29 41.31
N GLU H 3515 51.76 -50.11 41.18
CA GLU H 3515 51.33 -49.15 40.17
C GLU H 3515 51.76 -49.53 38.75
N LYS H 3516 52.40 -50.68 38.57
CA LYS H 3516 52.83 -51.13 37.25
C LYS H 3516 52.34 -52.53 36.87
N THR H 3517 52.18 -53.44 37.81
CA THR H 3517 51.83 -54.82 37.49
C THR H 3517 50.36 -55.16 37.66
N GLN H 3518 49.52 -54.20 38.06
CA GLN H 3518 48.12 -54.50 38.34
C GLN H 3518 47.34 -54.68 37.06
N TYR H 3519 46.61 -55.81 36.98
CA TYR H 3519 45.75 -56.17 35.84
C TYR H 3519 46.55 -56.15 34.53
N ASP H 3520 47.75 -56.72 34.58
CA ASP H 3520 48.73 -56.51 33.51
C ASP H 3520 48.32 -57.24 32.23
N ARG H 3521 47.76 -58.44 32.34
CA ARG H 3521 47.52 -59.25 31.16
C ARG H 3521 46.17 -59.97 31.18
N LEU H 3522 45.20 -59.47 31.94
CA LEU H 3522 43.94 -60.18 32.07
C LEU H 3522 43.05 -60.01 30.85
N ILE H 3523 43.07 -58.82 30.23
CA ILE H 3523 42.19 -58.56 29.08
C ILE H 3523 42.54 -59.42 27.86
N PRO H 3524 43.82 -59.60 27.46
CA PRO H 3524 44.09 -60.56 26.37
C PRO H 3524 43.72 -62.00 26.71
N ILE H 3525 43.84 -62.40 27.98
CA ILE H 3525 43.47 -63.76 28.38
C ILE H 3525 41.96 -63.95 28.29
N LEU H 3526 41.20 -62.91 28.62
CA LEU H 3526 39.74 -62.99 28.59
C LEU H 3526 39.21 -63.19 27.18
N MET H 3527 39.84 -62.56 26.20
CA MET H 3527 39.38 -62.62 24.82
C MET H 3527 40.13 -63.67 23.99
N LYS H 3528 41.01 -64.43 24.62
CA LYS H 3528 41.82 -65.42 23.92
C LYS H 3528 40.95 -66.59 23.47
N SER H 3529 41.06 -66.94 22.20
CA SER H 3529 40.23 -68.02 21.66
C SER H 3529 40.73 -69.37 22.15
N PRO H 3530 39.83 -70.26 22.59
CA PRO H 3530 40.21 -71.60 23.05
C PRO H 3530 40.64 -72.51 21.91
N LYS H 3542 30.40 -71.69 24.46
CA LYS H 3542 29.78 -70.39 24.63
C LYS H 3542 30.09 -69.47 23.46
N GLN H 3543 29.04 -68.97 22.81
CA GLN H 3543 29.24 -67.98 21.76
C GLN H 3543 29.83 -66.66 22.28
N PRO H 3544 29.38 -66.07 23.39
CA PRO H 3544 30.15 -64.94 23.94
C PRO H 3544 31.40 -65.40 24.67
N ASP H 3545 32.47 -64.64 24.51
CA ASP H 3545 33.70 -64.85 25.23
C ASP H 3545 33.52 -64.36 26.67
N PRO H 3546 34.43 -64.71 27.60
CA PRO H 3546 34.30 -64.24 28.99
C PRO H 3546 34.20 -62.73 29.16
N LEU H 3547 34.93 -61.95 28.36
CA LEU H 3547 34.84 -60.50 28.43
C LEU H 3547 33.44 -60.02 28.01
N HIS H 3548 32.87 -60.64 26.98
CA HIS H 3548 31.52 -60.32 26.57
C HIS H 3548 30.52 -60.66 27.67
N GLN H 3549 30.75 -61.79 28.37
CA GLN H 3549 29.85 -62.19 29.44
C GLN H 3549 29.90 -61.23 30.62
N ILE H 3550 31.09 -60.76 31.00
CA ILE H 3550 31.15 -59.83 32.12
C ILE H 3550 30.60 -58.46 31.73
N ILE H 3551 30.78 -58.03 30.47
CA ILE H 3551 30.17 -56.78 30.02
C ILE H 3551 28.65 -56.89 30.01
N LEU H 3552 28.12 -58.03 29.57
CA LEU H 3552 26.67 -58.23 29.60
C LEU H 3552 26.12 -58.31 31.02
N HIS H 3553 26.90 -58.88 31.94
CA HIS H 3553 26.49 -58.89 33.35
C HIS H 3553 26.40 -57.48 33.91
N PHE H 3554 27.39 -56.64 33.60
CA PHE H 3554 27.35 -55.25 34.07
C PHE H 3554 26.21 -54.47 33.43
N SER H 3555 25.94 -54.74 32.15
CA SER H 3555 24.80 -54.09 31.48
C SER H 3555 23.47 -54.52 32.10
N ARG H 3556 23.33 -55.80 32.44
CA ARG H 3556 22.12 -56.29 33.07
C ARG H 3556 21.94 -55.72 34.46
N ASN H 3557 23.04 -55.54 35.21
CA ASN H 3557 22.96 -54.86 36.49
C ASN H 3557 22.56 -53.40 36.33
N ALA H 3558 23.08 -52.73 35.30
CA ALA H 3558 22.74 -51.34 35.07
C ALA H 3558 21.29 -51.16 34.66
N LEU H 3559 20.72 -52.10 33.92
CA LEU H 3559 19.35 -51.99 33.47
C LEU H 3559 18.32 -52.33 34.54
N THR H 3560 18.73 -52.93 35.65
CA THR H 3560 17.80 -53.28 36.71
C THR H 3560 17.32 -52.02 37.43
N GLU H 3561 16.00 -51.92 37.60
CA GLU H 3561 15.39 -50.72 38.17
C GLU H 3561 15.68 -50.65 39.66
N ARG H 3562 16.48 -49.66 40.06
CA ARG H 3562 16.81 -49.42 41.46
C ARG H 3562 16.68 -47.94 41.77
N SER H 3563 16.49 -47.65 43.05
CA SER H 3563 16.41 -46.25 43.48
C SER H 3563 17.78 -45.58 43.52
N LYS H 3564 18.84 -46.33 43.77
CA LYS H 3564 20.18 -45.78 43.92
C LYS H 3564 21.20 -46.78 43.39
N LEU H 3565 22.20 -46.28 42.69
CA LEU H 3565 23.29 -47.12 42.18
C LEU H 3565 24.18 -47.52 43.35
N GLU H 3566 24.04 -48.76 43.80
CA GLU H 3566 24.83 -49.25 44.92
C GLU H 3566 26.28 -49.48 44.49
N ASP H 3567 27.17 -49.49 45.47
CA ASP H 3567 28.59 -49.60 45.20
C ASP H 3567 28.94 -51.00 44.68
N ASP H 3568 29.65 -51.04 43.56
CA ASP H 3568 30.07 -52.29 42.92
C ASP H 3568 31.57 -52.21 42.69
N PRO H 3569 32.38 -52.75 43.60
CA PRO H 3569 33.84 -52.75 43.37
C PRO H 3569 34.28 -53.56 42.16
N LEU H 3570 33.53 -54.62 41.82
CA LEU H 3570 33.87 -55.43 40.65
C LEU H 3570 33.75 -54.62 39.38
N TYR H 3571 32.69 -53.82 39.24
CA TYR H 3571 32.55 -52.96 38.08
C TYR H 3571 33.66 -51.93 38.02
N THR H 3572 34.03 -51.37 39.17
CA THR H 3572 35.09 -50.37 39.21
C THR H 3572 36.42 -50.95 38.72
N SER H 3573 36.78 -52.13 39.24
CA SER H 3573 38.03 -52.78 38.84
C SER H 3573 38.02 -53.17 37.36
N TYR H 3574 36.90 -53.73 36.88
CA TYR H 3574 36.90 -54.21 35.51
C TYR H 3574 36.82 -53.07 34.50
N SER H 3575 36.07 -52.01 34.80
CA SER H 3575 36.04 -50.85 33.93
C SER H 3575 37.39 -50.13 33.92
N SER H 3576 38.08 -50.11 35.08
CA SER H 3576 39.42 -49.54 35.13
C SER H 3576 40.39 -50.34 34.26
N MET H 3577 40.31 -51.68 34.32
CA MET H 3577 41.23 -52.47 33.51
C MET H 3577 40.88 -52.42 32.02
N MET H 3578 39.60 -52.22 31.69
CA MET H 3578 39.23 -52.02 30.29
C MET H 3578 39.77 -50.70 29.75
N ALA H 3579 39.62 -49.63 30.54
CA ALA H 3579 40.14 -48.32 30.14
C ALA H 3579 41.66 -48.34 30.01
N LYS H 3580 42.33 -49.08 30.90
CA LYS H 3580 43.78 -49.25 30.76
C LYS H 3580 44.14 -50.09 29.55
N SER H 3581 43.30 -51.06 29.18
CA SER H 3581 43.56 -51.86 27.99
C SER H 3581 43.46 -51.03 26.73
N CYS H 3582 42.51 -50.10 26.66
CA CYS H 3582 42.40 -49.24 25.48
C CYS H 3582 43.53 -48.22 25.42
N GLN H 3583 44.03 -47.78 26.57
CA GLN H 3583 45.03 -46.71 26.63
C GLN H 3583 46.43 -47.31 26.71
N SER H 3584 46.90 -47.80 25.57
CA SER H 3584 48.23 -48.37 25.49
C SER H 3584 48.88 -48.07 24.14
N GLU H 3595 59.78 -36.22 17.06
CA GLU H 3595 58.63 -36.48 16.21
C GLU H 3595 58.54 -37.96 15.83
N LYS H 3596 57.60 -38.29 14.97
CA LYS H 3596 57.38 -39.66 14.53
C LYS H 3596 57.18 -39.69 13.02
N THR H 3597 57.42 -40.86 12.44
CA THR H 3597 57.18 -41.06 11.02
C THR H 3597 55.68 -41.15 10.75
N PHE H 3598 55.32 -41.05 9.47
CA PHE H 3598 53.93 -41.26 9.07
C PHE H 3598 53.49 -42.69 9.35
N GLU H 3599 54.37 -43.66 9.08
CA GLU H 3599 54.05 -45.06 9.30
C GLU H 3599 53.84 -45.36 10.78
N GLU H 3600 54.67 -44.76 11.64
CA GLU H 3600 54.54 -44.99 13.09
C GLU H 3600 53.23 -44.42 13.62
N LYS H 3601 52.85 -43.22 13.18
CA LYS H 3601 51.60 -42.61 13.61
C LYS H 3601 50.40 -43.39 13.09
N GLU H 3602 50.48 -43.85 11.83
CA GLU H 3602 49.38 -44.65 11.28
C GLU H 3602 49.23 -45.98 11.99
N MET H 3603 50.34 -46.63 12.32
CA MET H 3603 50.28 -47.88 13.07
C MET H 3603 49.76 -47.66 14.48
N GLU H 3604 50.10 -46.54 15.09
CA GLU H 3604 49.56 -46.21 16.41
C GLU H 3604 48.05 -45.99 16.34
N LYS H 3605 47.58 -45.31 15.31
CA LYS H 3605 46.14 -45.11 15.13
C LYS H 3605 45.41 -46.43 14.89
N GLN H 3606 46.00 -47.32 14.10
CA GLN H 3606 45.37 -48.62 13.84
C GLN H 3606 45.37 -49.49 15.09
N LYS H 3607 46.44 -49.41 15.89
CA LYS H 3607 46.48 -50.14 17.15
C LYS H 3607 45.42 -49.65 18.12
N THR H 3608 45.24 -48.32 18.20
CA THR H 3608 44.18 -47.77 19.05
C THR H 3608 42.80 -48.18 18.56
N LEU H 3609 42.60 -48.19 17.23
CA LEU H 3609 41.32 -48.61 16.67
C LEU H 3609 41.03 -50.08 16.98
N TYR H 3610 42.06 -50.94 16.89
CA TYR H 3610 41.89 -52.35 17.20
C TYR H 3610 41.56 -52.55 18.68
N GLN H 3611 42.26 -51.84 19.57
CA GLN H 3611 42.00 -51.95 20.99
C GLN H 3611 40.62 -51.43 21.38
N GLN H 3612 40.13 -50.40 20.71
CA GLN H 3612 38.78 -49.91 20.98
C GLN H 3612 37.72 -50.82 20.37
N ALA H 3613 38.02 -51.47 19.24
CA ALA H 3613 37.09 -52.42 18.65
C ALA H 3613 36.92 -53.64 19.54
N ARG H 3614 38.01 -54.07 20.19
CA ARG H 3614 37.96 -55.17 21.13
C ARG H 3614 36.91 -54.98 22.21
N LEU H 3615 36.73 -53.74 22.67
CA LEU H 3615 35.74 -53.46 23.69
C LEU H 3615 34.37 -53.14 23.11
N HIS H 3616 34.29 -52.33 22.05
CA HIS H 3616 32.96 -51.90 21.62
C HIS H 3616 32.26 -52.93 20.74
N GLU H 3617 32.94 -53.99 20.30
CA GLU H 3617 32.24 -55.07 19.65
C GLU H 3617 31.63 -56.05 20.64
N ARG H 3618 31.85 -55.84 21.93
CA ARG H 3618 31.27 -56.66 22.99
C ARG H 3618 30.27 -55.89 23.84
N GLY H 3619 29.85 -54.71 23.39
CA GLY H 3619 28.79 -53.98 24.06
C GLY H 3619 29.21 -53.02 25.14
N ALA H 3620 30.43 -52.49 25.06
CA ALA H 3620 30.93 -51.61 26.13
C ALA H 3620 30.32 -50.21 26.08
N ALA H 3621 30.03 -49.69 24.89
CA ALA H 3621 29.50 -48.33 24.77
C ALA H 3621 28.09 -48.23 25.36
N GLU H 3622 27.24 -49.21 25.05
CA GLU H 3622 25.90 -49.25 25.64
C GLU H 3622 25.98 -49.41 27.16
N MET H 3623 26.96 -50.17 27.64
CA MET H 3623 27.15 -50.32 29.08
C MET H 3623 27.56 -49.00 29.73
N VAL H 3624 28.41 -48.22 29.05
CA VAL H 3624 28.82 -46.91 29.56
C VAL H 3624 27.61 -45.98 29.65
N LEU H 3625 26.78 -45.96 28.61
CA LEU H 3625 25.57 -45.12 28.64
C LEU H 3625 24.60 -45.57 29.72
N GLN H 3626 24.47 -46.89 29.91
CA GLN H 3626 23.57 -47.42 30.93
C GLN H 3626 24.05 -47.09 32.34
N MET H 3627 25.37 -47.16 32.58
CA MET H 3627 25.89 -46.83 33.90
C MET H 3627 25.76 -45.35 34.19
N ILE H 3628 25.95 -44.50 33.16
CA ILE H 3628 25.74 -43.06 33.35
C ILE H 3628 24.29 -42.78 33.67
N SER H 3629 23.36 -43.44 32.97
CA SER H 3629 21.94 -43.28 33.28
C SER H 3629 21.60 -43.77 34.68
N ALA H 3630 22.18 -44.90 35.09
CA ALA H 3630 21.91 -45.49 36.39
C ALA H 3630 22.56 -44.72 37.53
N SER H 3631 23.49 -43.81 37.24
CA SER H 3631 24.09 -43.01 38.30
C SER H 3631 23.09 -42.09 38.98
N LYS H 3632 22.02 -41.70 38.27
CA LYS H 3632 20.99 -40.77 38.75
C LYS H 3632 21.57 -39.42 39.15
N GLY H 3633 22.65 -39.00 38.48
CA GLY H 3633 23.26 -37.72 38.77
C GLY H 3633 24.10 -37.67 40.03
N GLU H 3634 24.38 -38.81 40.65
CA GLU H 3634 25.15 -38.86 41.89
C GLU H 3634 26.57 -39.34 41.58
N MET H 3635 27.55 -38.60 42.09
CA MET H 3635 28.94 -38.95 41.84
C MET H 3635 29.37 -40.13 42.70
N SER H 3636 30.15 -41.03 42.10
CA SER H 3636 30.65 -42.22 42.77
C SER H 3636 31.87 -42.70 41.98
N PRO H 3637 32.66 -43.61 42.56
CA PRO H 3637 33.77 -44.20 41.78
C PRO H 3637 33.33 -44.89 40.49
N MET H 3638 32.13 -45.47 40.48
CA MET H 3638 31.61 -46.10 39.27
C MET H 3638 31.41 -45.09 38.15
N VAL H 3639 30.93 -43.89 38.49
CA VAL H 3639 30.78 -42.83 37.49
C VAL H 3639 32.13 -42.41 36.94
N VAL H 3640 33.15 -42.32 37.81
CA VAL H 3640 34.49 -41.94 37.38
C VAL H 3640 35.06 -42.94 36.40
N GLU H 3641 34.98 -44.23 36.75
CA GLU H 3641 35.50 -45.26 35.84
C GLU H 3641 34.67 -45.38 34.58
N THR H 3642 33.35 -45.13 34.66
CA THR H 3642 32.50 -45.15 33.47
C THR H 3642 32.88 -44.04 32.50
N LEU H 3643 33.12 -42.84 33.00
CA LEU H 3643 33.53 -41.75 32.12
C LEU H 3643 34.92 -41.98 31.55
N LYS H 3644 35.82 -42.55 32.34
CA LYS H 3644 37.16 -42.88 31.83
C LYS H 3644 37.10 -43.94 30.73
N LEU H 3645 36.24 -44.96 30.90
CA LEU H 3645 36.09 -45.99 29.88
C LEU H 3645 35.42 -45.45 28.63
N GLY H 3646 34.44 -44.56 28.78
CA GLY H 3646 33.83 -43.94 27.63
C GLY H 3646 34.80 -43.06 26.85
N ILE H 3647 35.67 -42.35 27.57
CA ILE H 3647 36.74 -41.59 26.92
C ILE H 3647 37.69 -42.51 26.19
N ALA H 3648 38.05 -43.65 26.82
CA ALA H 3648 38.99 -44.58 26.22
C ALA H 3648 38.44 -45.20 24.93
N ILE H 3649 37.16 -45.56 24.91
CA ILE H 3649 36.61 -46.13 23.69
C ILE H 3649 36.20 -45.05 22.69
N LEU H 3650 36.05 -43.80 23.11
CA LEU H 3650 35.70 -42.72 22.21
C LEU H 3650 36.90 -41.90 21.76
N ASN H 3651 38.10 -42.25 22.19
CA ASN H 3651 39.25 -41.39 21.96
C ASN H 3651 39.66 -41.38 20.50
N GLY H 3652 40.05 -40.21 20.00
CA GLY H 3652 40.32 -40.02 18.60
C GLY H 3652 39.09 -39.76 17.75
N GLY H 3653 37.92 -39.62 18.37
CA GLY H 3653 36.69 -39.42 17.64
C GLY H 3653 36.28 -40.66 16.87
N ASN H 3654 36.07 -41.76 17.59
CA ASN H 3654 35.70 -43.03 16.95
C ASN H 3654 34.27 -42.93 16.44
N ALA H 3655 34.11 -42.92 15.12
CA ALA H 3655 32.79 -42.71 14.53
C ALA H 3655 31.87 -43.91 14.73
N GLY H 3656 32.43 -45.12 14.79
CA GLY H 3656 31.60 -46.29 15.07
C GLY H 3656 31.01 -46.28 16.46
N VAL H 3657 31.82 -45.91 17.46
CA VAL H 3657 31.33 -45.81 18.82
C VAL H 3657 30.29 -44.70 18.94
N GLN H 3658 30.51 -43.57 18.25
CA GLN H 3658 29.53 -42.50 18.24
C GLN H 3658 28.21 -42.95 17.63
N GLN H 3659 28.28 -43.69 16.52
CA GLN H 3659 27.06 -44.17 15.88
C GLN H 3659 26.33 -45.17 16.77
N LYS H 3660 27.06 -46.06 17.44
CA LYS H 3660 26.43 -47.01 18.34
C LYS H 3660 25.77 -46.32 19.52
N MET H 3661 26.45 -45.33 20.11
CA MET H 3661 25.88 -44.60 21.24
C MET H 3661 24.64 -43.82 20.83
N LEU H 3662 24.69 -43.15 19.67
CA LEU H 3662 23.54 -42.38 19.21
C LEU H 3662 22.37 -43.29 18.84
N ASP H 3663 22.66 -44.44 18.22
CA ASP H 3663 21.61 -45.40 17.90
C ASP H 3663 20.95 -45.96 19.16
N TYR H 3664 21.75 -46.26 20.19
CA TYR H 3664 21.19 -46.72 21.45
C TYR H 3664 20.32 -45.65 22.10
N LEU H 3665 20.80 -44.40 22.13
CA LEU H 3665 20.06 -43.33 22.80
C LEU H 3665 18.77 -42.99 22.07
N LYS H 3666 18.77 -43.06 20.73
CA LYS H 3666 17.54 -42.78 19.99
C LYS H 3666 16.60 -43.97 19.95
N GLU H 3667 17.12 -45.19 20.03
CA GLU H 3667 16.24 -46.35 20.05
C GLU H 3667 15.55 -46.52 21.40
N LYS H 3668 16.30 -46.37 22.49
CA LYS H 3668 15.74 -46.60 23.82
C LYS H 3668 14.97 -45.41 24.37
N LYS H 3669 15.13 -44.22 23.77
CA LYS H 3669 14.53 -42.97 24.24
C LYS H 3669 14.86 -42.73 25.71
N ASP H 3670 16.15 -42.84 26.03
CA ASP H 3670 16.63 -42.84 27.41
C ASP H 3670 16.81 -41.41 27.88
N ALA H 3671 15.78 -40.86 28.52
CA ALA H 3671 15.86 -39.53 29.11
C ALA H 3671 16.64 -39.53 30.42
N GLY H 3672 16.77 -40.69 31.06
CA GLY H 3672 17.55 -40.77 32.29
C GLY H 3672 19.02 -40.47 32.09
N PHE H 3673 19.55 -40.77 30.90
CA PHE H 3673 20.93 -40.44 30.56
C PHE H 3673 21.15 -38.93 30.61
N PHE H 3674 20.24 -38.16 30.03
CA PHE H 3674 20.41 -36.71 30.01
C PHE H 3674 20.06 -36.08 31.35
N GLN H 3675 19.10 -36.65 32.09
CA GLN H 3675 18.85 -36.17 33.45
C GLN H 3675 20.07 -36.39 34.34
N SER H 3676 20.71 -37.55 34.22
CA SER H 3676 21.92 -37.81 34.99
C SER H 3676 23.09 -36.95 34.54
N LEU H 3677 23.19 -36.65 33.24
CA LEU H 3677 24.22 -35.75 32.75
C LEU H 3677 24.05 -34.35 33.33
N SER H 3678 22.80 -33.85 33.37
CA SER H 3678 22.53 -32.55 33.98
C SER H 3678 22.86 -32.56 35.46
N GLY H 3679 22.48 -33.63 36.17
CA GLY H 3679 22.79 -33.71 37.59
C GLY H 3679 24.27 -33.79 37.88
N LEU H 3680 25.02 -34.48 37.01
CA LEU H 3680 26.47 -34.56 37.18
C LEU H 3680 27.14 -33.24 36.86
N MET H 3681 26.61 -32.51 35.88
CA MET H 3681 27.18 -31.21 35.53
C MET H 3681 26.89 -30.17 36.61
N GLN H 3682 25.74 -30.25 37.26
CA GLN H 3682 25.40 -29.28 38.29
C GLN H 3682 26.15 -29.50 39.60
N SER H 3683 26.74 -30.68 39.80
CA SER H 3683 27.47 -30.97 41.03
C SER H 3683 28.96 -30.78 40.89
N CYS H 3684 29.44 -30.31 39.73
CA CYS H 3684 30.86 -30.07 39.55
C CYS H 3684 31.29 -28.84 40.35
N SER H 3685 32.50 -28.88 40.87
CA SER H 3685 32.98 -27.86 41.80
C SER H 3685 33.75 -26.77 41.07
N VAL H 3686 33.83 -25.61 41.72
CA VAL H 3686 34.59 -24.47 41.25
C VAL H 3686 35.63 -24.13 42.30
N LEU H 3687 36.39 -23.05 42.09
CA LEU H 3687 37.38 -22.63 43.07
C LEU H 3687 36.71 -22.20 44.37
N ASP H 3688 37.26 -22.64 45.49
CA ASP H 3688 36.71 -22.38 46.82
C ASP H 3688 37.71 -21.50 47.57
N LEU H 3689 37.39 -20.21 47.67
CA LEU H 3689 38.33 -19.26 48.27
C LEU H 3689 38.38 -19.36 49.78
N ASN H 3690 37.25 -19.71 50.42
CA ASN H 3690 37.23 -19.88 51.87
C ASN H 3690 38.11 -21.05 52.29
N ALA H 3691 38.02 -22.18 51.57
CA ALA H 3691 38.87 -23.33 51.87
C ALA H 3691 40.34 -23.00 51.63
N PHE H 3692 40.62 -22.19 50.61
CA PHE H 3692 41.98 -21.75 50.34
C PHE H 3692 42.51 -20.88 51.47
N GLU H 3693 41.68 -19.98 52.00
CA GLU H 3693 42.11 -19.14 53.11
C GLU H 3693 42.33 -19.95 54.37
N ARG H 3694 41.48 -20.94 54.65
CA ARG H 3694 41.69 -21.80 55.81
C ARG H 3694 42.95 -22.64 55.66
N GLN H 3695 43.22 -23.12 54.45
CA GLN H 3695 44.46 -23.86 54.20
C GLN H 3695 45.69 -22.97 54.38
N ASN H 3696 45.61 -21.72 53.92
CA ASN H 3696 46.71 -20.79 54.10
C ASN H 3696 46.94 -20.47 55.58
N LYS H 3697 45.85 -20.32 56.35
CA LYS H 3697 45.97 -20.10 57.79
C LYS H 3697 46.62 -21.30 58.48
N ALA H 3698 46.20 -22.51 58.11
CA ALA H 3698 46.78 -23.71 58.71
C ALA H 3698 48.25 -23.86 58.35
N GLU H 3699 48.62 -23.54 57.10
CA GLU H 3699 50.03 -23.59 56.70
C GLU H 3699 50.84 -22.51 57.39
N GLY H 3700 50.24 -21.35 57.67
CA GLY H 3700 50.90 -20.32 58.44
C GLY H 3700 51.04 -20.61 59.91
N LEU H 3701 50.21 -21.51 60.44
CA LEU H 3701 50.34 -21.98 61.81
C LEU H 3701 51.28 -23.18 61.93
N GLY H 3702 52.12 -23.41 60.93
CA GLY H 3702 53.09 -24.49 60.97
C GLY H 3702 52.52 -25.89 60.92
N MET H 3703 51.48 -26.10 60.13
CA MET H 3703 50.85 -27.40 59.97
C MET H 3703 51.02 -27.87 58.54
N VAL H 3704 51.43 -29.13 58.37
CA VAL H 3704 51.62 -29.71 57.04
C VAL H 3704 50.27 -30.18 56.52
N THR H 3705 49.88 -29.67 55.36
CA THR H 3705 48.58 -29.98 54.80
C THR H 3705 48.62 -31.28 54.01
N GLU H 3706 47.60 -32.11 54.20
CA GLU H 3706 47.49 -33.37 53.46
C GLU H 3706 47.01 -33.11 52.04
N GLU H 3707 47.07 -34.17 51.22
CA GLU H 3707 46.64 -34.06 49.83
C GLU H 3707 45.15 -33.81 49.72
N GLY H 3708 44.35 -34.46 50.58
CA GLY H 3708 42.92 -34.23 50.58
C GLY H 3708 42.53 -32.82 50.98
N THR H 3709 43.31 -32.21 51.88
CA THR H 3709 43.08 -30.81 52.24
C THR H 3709 43.40 -29.89 51.07
N ARG H 3710 44.51 -30.14 50.37
CA ARG H 3710 44.88 -29.31 49.24
C ARG H 3710 43.97 -29.52 48.04
N GLU H 3711 43.27 -30.65 47.97
CA GLU H 3711 42.33 -30.91 46.89
C GLU H 3711 40.91 -30.45 47.21
N LYS H 3712 40.76 -29.49 48.13
CA LYS H 3712 39.44 -28.96 48.46
C LYS H 3712 39.16 -27.61 47.80
N VAL H 3713 40.20 -26.90 47.35
CA VAL H 3713 39.99 -25.60 46.72
C VAL H 3713 39.29 -25.76 45.38
N LEU H 3714 39.78 -26.70 44.55
CA LEU H 3714 39.11 -27.09 43.31
C LEU H 3714 39.00 -28.61 43.36
N GLN H 3715 37.88 -29.11 43.88
CA GLN H 3715 37.72 -30.52 44.17
C GLN H 3715 37.15 -31.25 42.96
N ASN H 3716 37.69 -32.45 42.71
CA ASN H 3716 37.28 -33.34 41.63
C ASN H 3716 37.40 -32.66 40.25
N ASP H 3717 38.53 -31.98 40.04
CA ASP H 3717 38.75 -31.32 38.75
C ASP H 3717 39.03 -32.33 37.65
N GLU H 3718 39.63 -33.46 37.99
CA GLU H 3718 39.86 -34.51 37.01
C GLU H 3718 38.55 -35.10 36.52
N PHE H 3719 37.57 -35.26 37.42
CA PHE H 3719 36.24 -35.71 37.00
C PHE H 3719 35.55 -34.69 36.11
N THR H 3720 35.71 -33.40 36.41
CA THR H 3720 35.11 -32.36 35.58
C THR H 3720 35.71 -32.35 34.18
N ARG H 3721 37.04 -32.48 34.10
CA ARG H 3721 37.70 -32.56 32.81
C ARG H 3721 37.29 -33.82 32.05
N ASP H 3722 37.13 -34.94 32.74
CA ASP H 3722 36.68 -36.17 32.10
C ASP H 3722 35.25 -36.06 31.58
N LEU H 3723 34.37 -35.44 32.36
CA LEU H 3723 32.98 -35.28 31.95
C LEU H 3723 32.86 -34.42 30.71
N PHE H 3724 33.53 -33.27 30.71
CA PHE H 3724 33.44 -32.41 29.53
C PHE H 3724 34.26 -32.92 28.36
N ARG H 3725 35.29 -33.75 28.62
CA ARG H 3725 35.99 -34.42 27.53
C ARG H 3725 35.12 -35.48 26.87
N PHE H 3726 34.34 -36.21 27.67
CA PHE H 3726 33.39 -37.17 27.11
C PHE H 3726 32.32 -36.46 26.27
N LEU H 3727 31.80 -35.34 26.78
CA LEU H 3727 30.81 -34.58 26.03
C LEU H 3727 31.39 -34.00 24.76
N GLN H 3728 32.66 -33.60 24.79
CA GLN H 3728 33.34 -33.15 23.57
C GLN H 3728 33.54 -34.28 22.58
N LEU H 3729 33.95 -35.46 23.06
CA LEU H 3729 34.19 -36.60 22.19
C LEU H 3729 32.92 -37.16 21.57
N LEU H 3730 31.75 -36.88 22.17
CA LEU H 3730 30.50 -37.25 21.49
C LEU H 3730 30.32 -36.47 20.18
N CYS H 3731 30.78 -35.23 20.12
CA CYS H 3731 30.56 -34.36 18.98
C CYS H 3731 31.79 -34.23 18.08
N GLU H 3732 32.84 -35.02 18.33
CA GLU H 3732 34.09 -34.86 17.61
C GLU H 3732 33.94 -35.27 16.15
N GLY H 3733 34.65 -34.56 15.28
CA GLY H 3733 34.52 -34.79 13.85
C GLY H 3733 33.35 -34.09 13.21
N HIS H 3734 32.81 -33.05 13.87
CA HIS H 3734 31.63 -32.31 13.44
C HIS H 3734 30.44 -33.24 13.23
N ASN H 3735 30.24 -34.15 14.18
CA ASN H 3735 29.12 -35.09 14.13
C ASN H 3735 27.83 -34.36 14.43
N SER H 3736 27.15 -33.89 13.38
CA SER H 3736 26.05 -32.95 13.54
C SER H 3736 24.81 -33.59 14.14
N ASP H 3737 24.66 -34.92 14.01
CA ASP H 3737 23.53 -35.59 14.62
C ASP H 3737 23.59 -35.55 16.14
N PHE H 3738 24.75 -35.88 16.71
CA PHE H 3738 24.93 -35.76 18.15
C PHE H 3738 24.95 -34.31 18.61
N GLN H 3739 25.45 -33.39 17.77
CA GLN H 3739 25.43 -31.97 18.09
C GLN H 3739 24.00 -31.46 18.23
N ASN H 3740 23.11 -31.87 17.33
CA ASN H 3740 21.71 -31.48 17.46
C ASN H 3740 21.00 -32.26 18.55
N PHE H 3741 21.43 -33.49 18.83
CA PHE H 3741 20.77 -34.30 19.85
C PHE H 3741 21.08 -33.82 21.26
N LEU H 3742 22.29 -33.31 21.49
CA LEU H 3742 22.63 -32.80 22.81
C LEU H 3742 21.87 -31.52 23.15
N ARG H 3743 21.40 -30.78 22.14
CA ARG H 3743 20.61 -29.58 22.40
C ARG H 3743 19.14 -29.93 22.69
N THR H 3744 18.47 -30.58 21.75
CA THR H 3744 17.10 -31.01 21.92
C THR H 3744 16.99 -32.49 21.61
N GLN H 3745 16.39 -33.24 22.51
CA GLN H 3745 16.22 -34.69 22.34
C GLN H 3745 14.79 -34.93 21.85
N MET H 3746 14.64 -34.98 20.52
CA MET H 3746 13.33 -35.20 19.93
C MET H 3746 12.90 -36.64 20.12
N GLY H 3747 11.65 -36.84 20.54
CA GLY H 3747 11.10 -38.15 20.77
C GLY H 3747 11.11 -38.59 22.22
N ASN H 3748 11.89 -37.93 23.07
CA ASN H 3748 11.92 -38.25 24.48
C ASN H 3748 10.85 -37.47 25.23
N THR H 3749 10.49 -37.96 26.42
CA THR H 3749 9.48 -37.29 27.23
C THR H 3749 9.99 -35.96 27.76
N THR H 3750 11.24 -35.93 28.23
CA THR H 3750 11.85 -34.72 28.75
C THR H 3750 13.08 -34.37 27.92
N THR H 3751 13.43 -33.09 27.92
CA THR H 3751 14.55 -32.58 27.14
C THR H 3751 15.48 -31.79 28.04
N ILE H 3752 16.77 -32.11 27.96
CA ILE H 3752 17.80 -31.39 28.72
C ILE H 3752 18.76 -30.77 27.70
N ASN H 3753 18.96 -29.46 27.81
CA ASN H 3753 19.89 -28.74 26.94
C ASN H 3753 21.27 -28.79 27.58
N VAL H 3754 22.14 -29.65 27.02
CA VAL H 3754 23.48 -29.84 27.57
C VAL H 3754 24.36 -28.62 27.33
N ILE H 3755 24.11 -27.89 26.23
CA ILE H 3755 24.91 -26.72 25.89
C ILE H 3755 24.73 -25.63 26.93
N ILE H 3756 23.48 -25.38 27.35
CA ILE H 3756 23.21 -24.37 28.35
C ILE H 3756 23.77 -24.77 29.71
N SER H 3757 23.77 -26.06 30.04
CA SER H 3757 24.37 -26.54 31.27
C SER H 3757 25.89 -26.31 31.27
N THR H 3758 26.53 -26.54 30.13
CA THR H 3758 27.95 -26.24 30.00
C THR H 3758 28.23 -24.75 30.19
N VAL H 3759 27.36 -23.90 29.63
CA VAL H 3759 27.51 -22.46 29.80
C VAL H 3759 27.33 -22.06 31.26
N ASP H 3760 26.40 -22.71 31.96
CA ASP H 3760 26.15 -22.40 33.36
C ASP H 3760 27.35 -22.76 34.23
N TYR H 3761 27.94 -23.93 34.01
CA TYR H 3761 29.15 -24.29 34.75
C TYR H 3761 30.30 -23.36 34.41
N LEU H 3762 30.40 -22.94 33.15
CA LEU H 3762 31.43 -21.99 32.75
C LEU H 3762 31.27 -20.66 33.47
N LEU H 3763 30.03 -20.20 33.64
CA LEU H 3763 29.78 -18.96 34.35
C LEU H 3763 30.13 -19.06 35.82
N ARG H 3764 29.79 -20.19 36.45
CA ARG H 3764 30.17 -20.38 37.86
C ARG H 3764 31.69 -20.42 38.02
N LEU H 3765 32.38 -21.12 37.12
CA LEU H 3765 33.84 -21.19 37.18
C LEU H 3765 34.48 -19.83 36.94
N GLN H 3766 33.90 -19.03 36.03
CA GLN H 3766 34.42 -17.69 35.77
C GLN H 3766 34.27 -16.80 36.99
N GLU H 3767 33.14 -16.90 37.68
CA GLU H 3767 32.95 -16.12 38.91
C GLU H 3767 33.97 -16.51 39.98
N SER H 3768 34.24 -17.82 40.10
CA SER H 3768 35.25 -18.27 41.06
C SER H 3768 36.65 -17.77 40.70
N ILE H 3769 36.99 -17.77 39.40
CA ILE H 3769 38.31 -17.29 38.98
C ILE H 3769 38.44 -15.78 39.20
N SER H 3770 37.35 -15.04 38.99
CA SER H 3770 37.36 -13.61 39.29
C SER H 3770 37.57 -13.36 40.78
N ASP H 3771 36.93 -14.17 41.63
CA ASP H 3771 37.16 -14.06 43.08
C ASP H 3771 38.61 -14.35 43.45
N PHE H 3772 39.21 -15.36 42.82
CA PHE H 3772 40.62 -15.68 43.08
C PHE H 3772 41.54 -14.55 42.64
N TYR H 3773 41.26 -13.95 41.47
CA TYR H 3773 42.06 -12.82 41.01
C TYR H 3773 41.94 -11.63 41.96
N TRP H 3774 40.72 -11.32 42.41
CA TRP H 3774 40.56 -10.21 43.34
C TRP H 3774 41.20 -10.49 44.68
N TYR H 3775 41.31 -11.76 45.06
CA TYR H 3775 42.14 -12.10 46.21
C TYR H 3775 43.61 -11.77 45.95
N TYR H 3776 44.11 -12.11 44.76
CA TYR H 3776 45.52 -11.93 44.46
C TYR H 3776 45.85 -10.62 43.78
N SER H 3777 44.87 -9.72 43.62
CA SER H 3777 45.11 -8.50 42.85
C SER H 3777 46.06 -7.54 43.58
N GLY H 3778 45.95 -7.47 44.90
CA GLY H 3778 46.75 -6.54 45.68
C GLY H 3778 48.09 -7.06 46.16
N LYS H 3779 48.51 -8.23 45.72
CA LYS H 3779 49.75 -8.83 46.17
C LYS H 3779 50.80 -8.79 45.06
N ASP H 3780 52.06 -8.65 45.47
CA ASP H 3780 53.14 -8.55 44.51
C ASP H 3780 53.43 -9.90 43.85
N ILE H 3781 53.43 -10.98 44.63
CA ILE H 3781 53.77 -12.30 44.12
C ILE H 3781 52.61 -13.24 44.39
N ILE H 3782 52.65 -14.38 43.71
CA ILE H 3782 51.70 -15.47 43.90
C ILE H 3782 52.47 -16.69 44.39
N ASP H 3783 52.00 -17.30 45.47
CA ASP H 3783 52.69 -18.43 46.07
C ASP H 3783 52.41 -19.71 45.27
N GLU H 3784 52.88 -20.85 45.79
CA GLU H 3784 52.77 -22.10 45.05
C GLU H 3784 51.34 -22.64 45.07
N SER H 3785 50.63 -22.46 46.19
CA SER H 3785 49.26 -22.95 46.28
C SER H 3785 48.34 -22.18 45.33
N GLY H 3786 48.52 -20.86 45.26
CA GLY H 3786 47.74 -20.06 44.33
C GLY H 3786 48.02 -20.43 42.88
N GLN H 3787 49.28 -20.67 42.54
CA GLN H 3787 49.65 -21.08 41.19
C GLN H 3787 49.08 -22.45 40.86
N HIS H 3788 49.11 -23.38 41.82
CA HIS H 3788 48.57 -24.72 41.62
C HIS H 3788 47.07 -24.67 41.35
N ASN H 3789 46.33 -23.93 42.18
CA ASN H 3789 44.89 -23.82 42.00
C ASN H 3789 44.54 -23.06 40.72
N PHE H 3790 45.33 -22.03 40.38
CA PHE H 3790 45.13 -21.32 39.13
C PHE H 3790 45.34 -22.23 37.93
N SER H 3791 46.38 -23.06 37.96
CA SER H 3791 46.65 -23.98 36.86
C SER H 3791 45.52 -25.00 36.70
N LYS H 3792 45.00 -25.51 37.82
CA LYS H 3792 43.87 -26.43 37.75
C LYS H 3792 42.63 -25.76 37.14
N ALA H 3793 42.34 -24.53 37.58
CA ALA H 3793 41.18 -23.82 37.05
C ALA H 3793 41.32 -23.50 35.58
N LEU H 3794 42.53 -23.13 35.14
CA LEU H 3794 42.75 -22.84 33.72
C LEU H 3794 42.66 -24.10 32.87
N ALA H 3795 43.10 -25.26 33.40
CA ALA H 3795 42.94 -26.51 32.68
C ALA H 3795 41.47 -26.87 32.49
N VAL H 3796 40.67 -26.71 33.55
CA VAL H 3796 39.24 -26.99 33.44
C VAL H 3796 38.57 -26.03 32.45
N THR H 3797 38.96 -24.75 32.49
CA THR H 3797 38.38 -23.77 31.58
C THR H 3797 38.75 -24.06 30.13
N LYS H 3798 39.98 -24.53 29.90
CA LYS H 3798 40.40 -24.92 28.56
C LYS H 3798 39.56 -26.08 28.04
N GLN H 3799 39.29 -27.06 28.90
CA GLN H 3799 38.43 -28.17 28.49
C GLN H 3799 37.01 -27.71 28.16
N ILE H 3800 36.47 -26.76 28.94
CA ILE H 3800 35.11 -26.29 28.68
C ILE H 3800 35.04 -25.49 27.38
N PHE H 3801 36.05 -24.66 27.11
CA PHE H 3801 36.10 -23.93 25.84
C PHE H 3801 36.21 -24.88 24.66
N ASN H 3802 37.01 -25.94 24.79
CA ASN H 3802 37.11 -26.94 23.73
C ASN H 3802 35.77 -27.65 23.52
N SER H 3803 35.05 -27.94 24.60
CA SER H 3803 33.73 -28.58 24.47
C SER H 3803 32.73 -27.67 23.75
N LEU H 3804 32.70 -26.38 24.10
CA LEU H 3804 31.78 -25.46 23.44
C LEU H 3804 32.13 -25.30 21.95
N THR H 3805 33.43 -25.24 21.65
CA THR H 3805 33.87 -25.16 20.26
C THR H 3805 33.45 -26.41 19.48
N GLU H 3806 33.52 -27.58 20.11
CA GLU H 3806 33.05 -28.79 19.44
C GLU H 3806 31.54 -28.80 19.28
N TYR H 3807 30.80 -28.19 20.21
CA TYR H 3807 29.36 -28.10 20.08
C TYR H 3807 28.96 -27.27 18.87
N ILE H 3808 29.65 -26.16 18.64
CA ILE H 3808 29.18 -25.22 17.62
C ILE H 3808 29.83 -25.38 16.24
N GLN H 3809 30.96 -26.08 16.15
CA GLN H 3809 31.64 -26.17 14.86
C GLN H 3809 30.90 -27.10 13.90
N GLY H 3810 31.16 -26.91 12.62
CA GLY H 3810 30.48 -27.65 11.57
C GLY H 3810 29.91 -26.84 10.41
N PRO H 3811 29.25 -25.70 10.64
CA PRO H 3811 28.66 -25.12 11.86
C PRO H 3811 27.32 -25.74 12.22
N CYS H 3812 26.92 -25.70 13.49
CA CYS H 3812 25.60 -26.10 13.91
C CYS H 3812 24.82 -24.83 14.21
N ILE H 3813 23.81 -24.55 13.38
CA ILE H 3813 23.06 -23.29 13.49
C ILE H 3813 22.27 -23.26 14.80
N GLY H 3814 21.66 -24.38 15.17
CA GLY H 3814 20.89 -24.42 16.40
C GLY H 3814 21.74 -24.21 17.64
N ASN H 3815 22.93 -24.81 17.68
CA ASN H 3815 23.81 -24.62 18.83
C ASN H 3815 24.41 -23.22 18.85
N GLN H 3816 24.68 -22.63 17.69
CA GLN H 3816 25.14 -21.26 17.64
C GLN H 3816 24.07 -20.29 18.15
N GLN H 3817 22.82 -20.50 17.76
CA GLN H 3817 21.74 -19.65 18.24
C GLN H 3817 21.45 -19.89 19.72
N SER H 3818 21.65 -21.11 20.19
CA SER H 3818 21.52 -21.38 21.62
C SER H 3818 22.62 -20.68 22.42
N LEU H 3819 23.85 -20.66 21.89
CA LEU H 3819 24.95 -19.98 22.57
C LEU H 3819 24.77 -18.47 22.55
N ALA H 3820 24.24 -17.93 21.46
CA ALA H 3820 24.03 -16.49 21.37
C ALA H 3820 22.98 -16.02 22.38
N HIS H 3821 21.92 -16.80 22.56
CA HIS H 3821 20.87 -16.47 23.53
C HIS H 3821 21.11 -17.24 24.82
N SER H 3822 22.16 -16.84 25.53
CA SER H 3822 22.55 -17.47 26.78
C SER H 3822 23.37 -16.48 27.59
N ARG H 3823 24.01 -16.96 28.66
CA ARG H 3823 24.85 -16.13 29.50
C ARG H 3823 26.34 -16.30 29.18
N LEU H 3824 26.66 -16.59 27.94
CA LEU H 3824 28.05 -16.79 27.55
C LEU H 3824 28.82 -15.48 27.51
N TRP H 3825 28.15 -14.39 27.10
CA TRP H 3825 28.83 -13.11 26.92
C TRP H 3825 29.29 -12.51 28.23
N ASP H 3826 28.55 -12.73 29.32
CA ASP H 3826 29.00 -12.27 30.63
C ASP H 3826 30.27 -12.99 31.06
N ALA H 3827 30.34 -14.30 30.80
CA ALA H 3827 31.56 -15.05 31.06
C ALA H 3827 32.70 -14.54 30.20
N VAL H 3828 32.42 -14.18 28.95
CA VAL H 3828 33.44 -13.63 28.06
C VAL H 3828 33.99 -12.31 28.61
N VAL H 3829 33.10 -11.44 29.10
CA VAL H 3829 33.51 -10.15 29.66
C VAL H 3829 34.39 -10.35 30.89
N GLY H 3830 33.96 -11.23 31.80
CA GLY H 3830 34.76 -11.50 32.99
C GLY H 3830 36.10 -12.13 32.68
N PHE H 3831 36.12 -13.04 31.70
CA PHE H 3831 37.37 -13.67 31.30
C PHE H 3831 38.30 -12.67 30.63
N LEU H 3832 37.75 -11.72 29.86
CA LEU H 3832 38.60 -10.69 29.26
C LEU H 3832 39.23 -9.81 30.33
N HIS H 3833 38.46 -9.44 31.36
CA HIS H 3833 39.01 -8.68 32.48
C HIS H 3833 40.14 -9.43 33.17
N VAL H 3834 39.92 -10.71 33.47
CA VAL H 3834 40.94 -11.51 34.14
C VAL H 3834 42.16 -11.69 33.24
N PHE H 3835 41.95 -11.91 31.94
CA PHE H 3835 43.04 -12.11 31.00
C PHE H 3835 43.94 -10.88 30.92
N ALA H 3836 43.34 -9.70 30.75
CA ALA H 3836 44.12 -8.47 30.63
C ALA H 3836 44.90 -8.20 31.92
N ASN H 3837 44.23 -8.27 33.07
CA ASN H 3837 44.88 -7.90 34.31
C ASN H 3837 45.94 -8.91 34.73
N MET H 3838 45.65 -10.21 34.57
CA MET H 3838 46.65 -11.23 34.91
C MET H 3838 47.80 -11.25 33.92
N GLN H 3839 47.55 -10.90 32.65
CA GLN H 3839 48.63 -10.78 31.68
C GLN H 3839 49.62 -9.71 32.11
N MET H 3840 49.10 -8.52 32.44
CA MET H 3840 49.98 -7.43 32.89
C MET H 3840 50.64 -7.77 34.23
N LYS H 3841 49.95 -8.49 35.12
CA LYS H 3841 50.52 -8.81 36.42
C LYS H 3841 51.62 -9.85 36.31
N LEU H 3842 51.39 -10.92 35.55
CA LEU H 3842 52.32 -12.04 35.47
C LEU H 3842 53.46 -11.81 34.49
N SER H 3843 53.39 -10.80 33.62
CA SER H 3843 54.51 -10.56 32.73
C SER H 3843 55.72 -9.97 33.45
N GLN H 3844 55.54 -9.43 34.66
CA GLN H 3844 56.58 -8.67 35.33
C GLN H 3844 57.44 -9.51 36.26
N ASP H 3845 57.20 -10.81 36.38
CA ASP H 3845 57.97 -11.67 37.26
C ASP H 3845 58.42 -12.91 36.52
N SER H 3846 59.64 -13.37 36.82
CA SER H 3846 60.22 -14.52 36.15
C SER H 3846 59.88 -15.85 36.80
N SER H 3847 59.19 -15.84 37.94
CA SER H 3847 58.75 -17.08 38.58
C SER H 3847 57.37 -17.50 38.12
N GLN H 3848 56.76 -16.77 37.19
CA GLN H 3848 55.40 -17.01 36.71
C GLN H 3848 55.39 -17.11 35.19
N ILE H 3849 56.32 -17.90 34.65
CA ILE H 3849 56.40 -18.08 33.20
C ILE H 3849 55.41 -19.13 32.72
N GLU H 3850 55.34 -20.26 33.43
CA GLU H 3850 54.41 -21.33 33.06
C GLU H 3850 52.97 -20.88 33.22
N LEU H 3851 52.68 -20.12 34.28
CA LEU H 3851 51.32 -19.62 34.49
C LEU H 3851 50.92 -18.65 33.39
N LEU H 3852 51.85 -17.81 32.94
CA LEU H 3852 51.58 -16.90 31.83
C LEU H 3852 51.35 -17.67 30.54
N LYS H 3853 52.11 -18.75 30.32
CA LYS H 3853 51.89 -19.59 29.14
C LYS H 3853 50.51 -20.24 29.16
N GLU H 3854 50.09 -20.74 30.34
CA GLU H 3854 48.76 -21.34 30.46
C GLU H 3854 47.65 -20.31 30.25
N LEU H 3855 47.83 -19.11 30.79
CA LEU H 3855 46.86 -18.04 30.59
C LEU H 3855 46.74 -17.66 29.11
N LEU H 3856 47.88 -17.59 28.42
CA LEU H 3856 47.85 -17.24 27.00
C LEU H 3856 47.24 -18.34 26.15
N ASP H 3857 47.48 -19.60 26.51
CA ASP H 3857 46.83 -20.71 25.83
C ASP H 3857 45.31 -20.68 26.03
N LEU H 3858 44.87 -20.36 27.25
CA LEU H 3858 43.44 -20.23 27.51
C LEU H 3858 42.83 -19.08 26.72
N LEU H 3859 43.56 -17.97 26.59
CA LEU H 3859 43.09 -16.85 25.78
C LEU H 3859 42.93 -17.25 24.32
N GLN H 3860 43.89 -18.01 23.79
CA GLN H 3860 43.77 -18.46 22.40
C GLN H 3860 42.60 -19.42 22.21
N ASP H 3861 42.34 -20.28 23.21
CA ASP H 3861 41.18 -21.15 23.15
C ASP H 3861 39.86 -20.36 23.15
N MET H 3862 39.78 -19.33 23.98
CA MET H 3862 38.57 -18.49 24.00
C MET H 3862 38.37 -17.75 22.69
N VAL H 3863 39.44 -17.24 22.09
CA VAL H 3863 39.33 -16.55 20.81
C VAL H 3863 38.94 -17.51 19.69
N VAL H 3864 39.45 -18.75 19.75
CA VAL H 3864 39.05 -19.78 18.78
C VAL H 3864 37.56 -20.09 18.91
N MET H 3865 37.06 -20.17 20.15
CA MET H 3865 35.63 -20.39 20.35
C MET H 3865 34.80 -19.22 19.80
N LEU H 3866 35.26 -18.00 20.03
CA LEU H 3866 34.54 -16.83 19.51
C LEU H 3866 34.57 -16.78 17.99
N LEU H 3867 35.64 -17.28 17.37
CA LEU H 3867 35.69 -17.38 15.91
C LEU H 3867 34.75 -18.47 15.41
N SER H 3868 34.62 -19.57 16.16
CA SER H 3868 33.70 -20.63 15.77
C SER H 3868 32.25 -20.18 15.92
N LEU H 3869 31.98 -19.21 16.81
CA LEU H 3869 30.63 -18.64 16.89
C LEU H 3869 30.28 -17.85 15.64
N LEU H 3870 31.26 -17.20 15.01
CA LEU H 3870 31.05 -16.37 13.82
C LEU H 3870 31.10 -17.17 12.54
N GLU H 3871 30.93 -18.49 12.60
CA GLU H 3871 31.08 -19.36 11.44
C GLU H 3871 29.79 -19.33 10.64
N GLY H 3872 29.87 -18.94 9.37
CA GLY H 3872 28.69 -18.79 8.54
C GLY H 3872 27.78 -17.66 8.96
N ASN H 3873 28.34 -16.54 9.41
CA ASN H 3873 27.57 -15.39 9.83
C ASN H 3873 27.36 -14.46 8.64
N VAL H 3874 26.13 -13.95 8.52
CA VAL H 3874 25.76 -13.08 7.41
C VAL H 3874 26.12 -11.63 7.75
N VAL H 3875 26.07 -10.76 6.74
CA VAL H 3875 26.28 -9.34 6.97
C VAL H 3875 25.12 -8.80 7.80
N ASN H 3876 25.45 -8.05 8.86
CA ASN H 3876 24.50 -7.54 9.84
C ASN H 3876 23.70 -8.66 10.49
N GLY H 3877 24.39 -9.73 10.88
CA GLY H 3877 23.76 -10.81 11.60
C GLY H 3877 23.70 -10.54 13.09
N THR H 3878 22.91 -11.37 13.78
CA THR H 3878 22.64 -11.12 15.20
C THR H 3878 23.83 -11.47 16.08
N ILE H 3879 24.52 -12.56 15.77
CA ILE H 3879 25.66 -13.00 16.59
C ILE H 3879 26.81 -12.00 16.47
N GLY H 3880 26.99 -11.42 15.29
CA GLY H 3880 27.99 -10.36 15.14
C GLY H 3880 27.65 -9.13 15.95
N LYS H 3881 26.36 -8.75 15.99
CA LYS H 3881 25.94 -7.63 16.82
C LYS H 3881 26.19 -7.90 18.30
N GLN H 3882 25.88 -9.12 18.76
CA GLN H 3882 26.09 -9.44 20.17
C GLN H 3882 27.56 -9.50 20.53
N MET H 3883 28.40 -9.98 19.60
CA MET H 3883 29.83 -10.01 19.85
C MET H 3883 30.42 -8.61 19.87
N VAL H 3884 29.93 -7.71 19.00
CA VAL H 3884 30.37 -6.32 19.03
C VAL H 3884 29.94 -5.66 20.34
N ASP H 3885 28.73 -5.95 20.81
CA ASP H 3885 28.27 -5.41 22.09
C ASP H 3885 29.13 -5.91 23.25
N THR H 3886 29.48 -7.20 23.21
CA THR H 3886 30.34 -7.78 24.25
C THR H 3886 31.73 -7.14 24.25
N LEU H 3887 32.30 -6.93 23.05
CA LEU H 3887 33.64 -6.35 22.98
C LEU H 3887 33.64 -4.87 23.33
N VAL H 3888 32.55 -4.16 23.04
CA VAL H 3888 32.44 -2.76 23.44
C VAL H 3888 32.26 -2.65 24.94
N GLU H 3889 31.49 -3.57 25.54
CA GLU H 3889 31.25 -3.55 26.98
C GLU H 3889 32.54 -3.75 27.78
N SER H 3890 33.49 -4.50 27.23
CA SER H 3890 34.77 -4.76 27.89
C SER H 3890 35.91 -4.16 27.08
N SER H 3891 35.73 -2.92 26.61
CA SER H 3891 36.69 -2.33 25.68
C SER H 3891 38.00 -1.94 26.34
N THR H 3892 37.98 -1.63 27.65
CA THR H 3892 39.21 -1.28 28.35
C THR H 3892 40.17 -2.46 28.42
N ASN H 3893 39.65 -3.64 28.75
CA ASN H 3893 40.49 -4.84 28.81
C ASN H 3893 40.93 -5.27 27.42
N VAL H 3894 40.08 -5.08 26.42
CA VAL H 3894 40.47 -5.36 25.04
C VAL H 3894 41.63 -4.44 24.62
N GLU H 3895 41.55 -3.16 24.99
CA GLU H 3895 42.62 -2.22 24.69
C GLU H 3895 43.91 -2.59 25.42
N MET H 3896 43.79 -3.08 26.67
CA MET H 3896 44.97 -3.52 27.41
C MET H 3896 45.65 -4.71 26.73
N ILE H 3897 44.85 -5.69 26.30
CA ILE H 3897 45.39 -6.87 25.62
C ILE H 3897 46.03 -6.47 24.29
N LEU H 3898 45.39 -5.57 23.55
CA LEU H 3898 45.93 -5.10 22.28
C LEU H 3898 47.22 -4.32 22.47
N LYS H 3899 47.32 -3.52 23.54
CA LYS H 3899 48.56 -2.79 23.82
C LYS H 3899 49.69 -3.74 24.19
N PHE H 3900 49.37 -4.79 24.97
CA PHE H 3900 50.35 -5.83 25.27
C PHE H 3900 50.89 -6.47 24.00
N PHE H 3901 49.98 -6.90 23.12
CA PHE H 3901 50.38 -7.53 21.86
C PHE H 3901 51.17 -6.57 20.97
N ASP H 3902 50.72 -5.30 20.90
CA ASP H 3902 51.37 -4.32 20.03
C ASP H 3902 52.79 -4.01 20.51
N MET H 3903 52.98 -3.88 21.82
CA MET H 3903 54.31 -3.64 22.37
C MET H 3903 55.24 -4.80 22.10
N PHE H 3904 54.77 -6.02 22.34
CA PHE H 3904 55.68 -7.14 22.12
C PHE H 3904 55.77 -7.59 20.67
N LEU H 3905 55.00 -6.99 19.76
CA LEU H 3905 55.24 -7.15 18.33
C LEU H 3905 56.14 -6.08 17.77
N LYS H 3906 56.11 -4.87 18.32
CA LYS H 3906 57.09 -3.85 17.95
C LYS H 3906 58.48 -4.20 18.46
N LEU H 3907 58.55 -4.96 19.57
CA LEU H 3907 59.83 -5.28 20.18
C LEU H 3907 60.73 -6.09 19.26
N LYS H 3908 60.13 -6.91 18.39
CA LYS H 3908 60.94 -7.74 17.49
C LYS H 3908 61.61 -6.91 16.42
N ASP H 3909 60.89 -5.97 15.81
CA ASP H 3909 61.48 -5.15 14.77
C ASP H 3909 62.39 -4.07 15.34
N LEU H 3910 62.15 -3.63 16.57
CA LEU H 3910 63.02 -2.61 17.14
C LEU H 3910 64.32 -3.18 17.72
N THR H 3911 64.42 -4.50 17.89
CA THR H 3911 65.65 -5.13 18.34
C THR H 3911 66.42 -5.78 17.20
N SER H 3912 66.03 -5.54 15.95
CA SER H 3912 66.76 -6.02 14.79
C SER H 3912 67.19 -4.90 13.86
N SER H 3913 66.94 -3.65 14.24
CA SER H 3913 67.31 -2.51 13.41
C SER H 3913 68.81 -2.25 13.50
N ASP H 3914 69.28 -1.33 12.65
CA ASP H 3914 70.70 -1.01 12.61
C ASP H 3914 71.14 -0.21 13.83
N THR H 3915 70.26 0.62 14.38
CA THR H 3915 70.59 1.41 15.55
C THR H 3915 70.82 0.52 16.77
N PHE H 3916 69.96 -0.47 16.97
CA PHE H 3916 70.15 -1.42 18.07
C PHE H 3916 71.37 -2.29 17.84
N LYS H 3917 71.70 -2.59 16.58
CA LYS H 3917 72.93 -3.30 16.28
C LYS H 3917 74.15 -2.46 16.60
N GLU H 3918 74.05 -1.13 16.44
CA GLU H 3918 75.11 -0.24 16.89
C GLU H 3918 75.17 -0.17 18.41
N TYR H 3919 74.02 -0.36 19.08
CA TYR H 3919 74.02 -0.37 20.54
C TYR H 3919 74.70 -1.61 21.11
N ASP H 3920 74.75 -2.71 20.35
CA ASP H 3920 75.47 -3.92 20.74
C ASP H 3920 76.37 -4.32 19.57
N PRO H 3921 77.55 -3.69 19.43
CA PRO H 3921 78.43 -4.03 18.31
C PRO H 3921 79.05 -5.42 18.40
N ASP H 3922 79.11 -6.01 19.60
CA ASP H 3922 79.75 -7.32 19.74
C ASP H 3922 78.92 -8.42 19.10
N GLY H 3923 77.60 -8.33 19.17
CA GLY H 3923 76.73 -9.34 18.60
C GLY H 3923 76.58 -10.59 19.42
N LYS H 3924 77.01 -10.57 20.69
CA LYS H 3924 76.87 -11.75 21.54
C LYS H 3924 75.42 -11.97 21.96
N GLY H 3925 74.62 -10.91 22.00
CA GLY H 3925 73.23 -11.02 22.38
C GLY H 3925 72.90 -10.70 23.82
N ILE H 3926 73.85 -10.16 24.58
CA ILE H 3926 73.64 -9.79 25.97
C ILE H 3926 73.87 -8.29 26.10
N ILE H 3927 72.87 -7.59 26.65
CA ILE H 3927 72.91 -6.13 26.76
C ILE H 3927 72.50 -5.74 28.17
N SER H 3928 72.87 -4.52 28.54
CA SER H 3928 72.52 -3.98 29.84
C SER H 3928 71.19 -3.23 29.78
N LYS H 3929 70.66 -2.89 30.96
CA LYS H 3929 69.37 -2.22 31.02
C LYS H 3929 69.47 -0.76 30.56
N LYS H 3930 70.59 -0.10 30.87
CA LYS H 3930 70.77 1.28 30.46
C LYS H 3930 70.89 1.41 28.94
N GLU H 3931 71.63 0.49 28.33
CA GLU H 3931 71.75 0.50 26.87
C GLU H 3931 70.42 0.20 26.19
N PHE H 3932 69.65 -0.73 26.76
CA PHE H 3932 68.33 -1.04 26.21
C PHE H 3932 67.37 0.13 26.36
N GLN H 3933 67.43 0.82 27.50
CA GLN H 3933 66.62 2.01 27.71
C GLN H 3933 66.97 3.10 26.71
N LYS H 3934 68.26 3.35 26.50
CA LYS H 3934 68.68 4.36 25.54
C LYS H 3934 68.32 3.97 24.11
N ALA H 3935 68.41 2.68 23.78
CA ALA H 3935 68.08 2.22 22.43
C ALA H 3935 66.58 2.38 22.17
N MET H 3936 65.74 1.92 23.09
CA MET H 3936 64.29 2.04 22.90
C MET H 3936 63.82 3.49 23.01
N GLU H 3937 64.58 4.36 23.68
CA GLU H 3937 64.27 5.78 23.61
C GLU H 3937 64.69 6.38 22.27
N GLY H 3938 65.77 5.86 21.68
CA GLY H 3938 66.25 6.38 20.41
C GLY H 3938 65.40 5.99 19.22
N GLN H 3939 64.64 4.89 19.31
CA GLN H 3939 63.80 4.47 18.20
C GLN H 3939 62.55 5.34 18.06
N LYS H 3940 62.18 6.07 19.12
CA LYS H 3940 61.06 7.02 19.12
C LYS H 3940 59.73 6.35 18.77
N GLN H 3941 59.52 5.13 19.27
CA GLN H 3941 58.26 4.42 19.07
C GLN H 3941 57.53 4.10 20.37
N TYR H 3942 58.24 3.91 21.47
CA TYR H 3942 57.62 3.62 22.76
C TYR H 3942 57.47 4.90 23.57
N THR H 3943 56.45 4.91 24.44
CA THR H 3943 56.30 5.97 25.41
C THR H 3943 57.06 5.60 26.68
N GLN H 3944 56.98 6.45 27.69
CA GLN H 3944 57.73 6.22 28.92
C GLN H 3944 57.14 5.07 29.73
N SER H 3945 55.81 4.97 29.76
CA SER H 3945 55.16 3.89 30.50
C SER H 3945 55.48 2.54 29.87
N GLU H 3946 55.47 2.47 28.54
CA GLU H 3946 55.75 1.21 27.85
C GLU H 3946 57.19 0.77 28.04
N ILE H 3947 58.15 1.71 27.98
CA ILE H 3947 59.55 1.32 28.17
C ILE H 3947 59.82 0.98 29.63
N ASP H 3948 59.13 1.63 30.58
CA ASP H 3948 59.25 1.23 31.98
C ASP H 3948 58.68 -0.17 32.21
N PHE H 3949 57.56 -0.49 31.58
CA PHE H 3949 56.99 -1.84 31.67
C PHE H 3949 57.94 -2.87 31.06
N LEU H 3950 58.55 -2.54 29.92
CA LEU H 3950 59.50 -3.46 29.28
C LEU H 3950 60.72 -3.69 30.15
N LEU H 3951 61.22 -2.64 30.81
CA LEU H 3951 62.35 -2.80 31.71
C LEU H 3951 61.98 -3.57 32.96
N SER H 3952 60.73 -3.45 33.41
CA SER H 3952 60.29 -4.25 34.55
C SER H 3952 60.17 -5.72 34.18
N CYS H 3953 59.73 -6.02 32.95
CA CYS H 3953 59.58 -7.41 32.53
C CYS H 3953 60.90 -8.12 32.28
N ALA H 3954 62.00 -7.39 32.17
CA ALA H 3954 63.31 -7.99 31.90
C ALA H 3954 64.01 -8.35 33.21
N GLU H 3955 64.50 -9.57 33.30
CA GLU H 3955 65.17 -10.06 34.49
C GLU H 3955 66.67 -9.83 34.36
N ALA H 3956 67.22 -8.98 35.23
CA ALA H 3956 68.63 -8.66 35.24
C ALA H 3956 69.35 -9.51 36.28
N ASP H 3957 70.61 -9.19 36.54
CA ASP H 3957 71.41 -9.88 37.55
C ASP H 3957 72.25 -8.82 38.27
N GLU H 3958 73.27 -9.27 39.00
CA GLU H 3958 74.18 -8.34 39.67
C GLU H 3958 75.02 -7.53 38.68
N ASN H 3959 75.21 -8.03 37.46
CA ASN H 3959 75.88 -7.30 36.41
C ASN H 3959 74.95 -6.36 35.65
N ASP H 3960 73.65 -6.40 35.97
CA ASP H 3960 72.61 -5.58 35.32
C ASP H 3960 72.56 -5.82 33.82
N MET H 3961 72.79 -7.07 33.41
CA MET H 3961 72.78 -7.44 32.00
C MET H 3961 71.92 -8.68 31.80
N PHE H 3962 71.31 -8.77 30.62
CA PHE H 3962 70.46 -9.89 30.28
C PHE H 3962 70.57 -10.18 28.79
N ASN H 3963 70.24 -11.41 28.43
CA ASN H 3963 70.20 -11.82 27.03
C ASN H 3963 68.86 -11.36 26.44
N TYR H 3964 68.90 -10.32 25.61
CA TYR H 3964 67.67 -9.79 25.05
C TYR H 3964 67.06 -10.73 24.02
N VAL H 3965 67.84 -11.63 23.44
CA VAL H 3965 67.32 -12.58 22.46
C VAL H 3965 66.32 -13.53 23.11
N ASP H 3966 66.66 -14.04 24.30
CA ASP H 3966 65.73 -14.91 25.02
C ASP H 3966 64.51 -14.14 25.51
N PHE H 3967 64.69 -12.88 25.89
CA PHE H 3967 63.58 -12.04 26.32
C PHE H 3967 62.58 -11.82 25.19
N VAL H 3968 63.07 -11.45 24.01
CA VAL H 3968 62.21 -11.21 22.86
C VAL H 3968 61.58 -12.51 22.38
N ASP H 3969 62.34 -13.61 22.38
CA ASP H 3969 61.77 -14.88 21.95
C ASP H 3969 60.75 -15.42 22.95
N ARG H 3970 60.87 -15.05 24.22
CA ARG H 3970 59.87 -15.45 25.20
C ARG H 3970 58.59 -14.64 25.06
N PHE H 3971 58.70 -13.33 24.82
CA PHE H 3971 57.53 -12.49 24.84
C PHE H 3971 56.95 -12.17 23.47
N HIS H 3972 57.57 -12.62 22.38
CA HIS H 3972 57.12 -12.26 21.05
C HIS H 3972 56.36 -13.37 20.33
N GLU H 3973 56.82 -14.62 20.46
CA GLU H 3973 56.14 -15.72 19.78
C GLU H 3973 54.71 -15.98 20.27
N PRO H 3974 54.39 -15.98 21.58
CA PRO H 3974 52.97 -16.06 21.96
C PRO H 3974 52.15 -14.88 21.46
N ALA H 3975 52.74 -13.68 21.43
CA ALA H 3975 52.04 -12.52 20.90
C ALA H 3975 51.73 -12.70 19.42
N LYS H 3976 52.69 -13.21 18.66
CA LYS H 3976 52.47 -13.47 17.23
C LYS H 3976 51.48 -14.60 17.01
N ASP H 3977 51.39 -15.55 17.94
CA ASP H 3977 50.45 -16.65 17.78
C ASP H 3977 49.00 -16.24 18.09
N ILE H 3978 48.81 -15.39 19.10
CA ILE H 3978 47.47 -15.08 19.58
C ILE H 3978 46.92 -13.80 18.96
N GLY H 3979 47.77 -12.79 18.75
CA GLY H 3979 47.32 -11.57 18.10
C GLY H 3979 46.85 -11.77 16.69
N PHE H 3980 47.31 -12.83 16.01
CA PHE H 3980 46.76 -13.14 14.70
C PHE H 3980 45.30 -13.55 14.79
N ASN H 3981 44.96 -14.39 15.77
CA ASN H 3981 43.56 -14.78 15.96
C ASN H 3981 42.72 -13.60 16.38
N VAL H 3982 43.27 -12.71 17.20
CA VAL H 3982 42.53 -11.50 17.57
C VAL H 3982 42.29 -10.62 16.35
N ALA H 3983 43.30 -10.49 15.48
CA ALA H 3983 43.16 -9.70 14.27
C ALA H 3983 42.17 -10.33 13.30
N VAL H 3984 42.14 -11.66 13.22
CA VAL H 3984 41.16 -12.34 12.38
C VAL H 3984 39.75 -12.10 12.90
N LEU H 3985 39.57 -12.16 14.23
CA LEU H 3985 38.27 -11.86 14.83
C LEU H 3985 37.82 -10.44 14.54
N LEU H 3986 38.73 -9.48 14.69
CA LEU H 3986 38.38 -8.08 14.45
C LEU H 3986 38.10 -7.82 12.97
N THR H 3987 38.87 -8.43 12.08
CA THR H 3987 38.62 -8.27 10.63
C THR H 3987 37.30 -8.90 10.22
N ASN H 3988 36.98 -10.06 10.77
CA ASN H 3988 35.70 -10.72 10.51
C ASN H 3988 34.54 -9.84 10.94
N LEU H 3989 34.61 -9.31 12.17
CA LEU H 3989 33.54 -8.44 12.67
C LEU H 3989 33.46 -7.14 11.87
N SER H 3990 34.59 -6.59 11.47
CA SER H 3990 34.60 -5.36 10.68
C SER H 3990 33.99 -5.56 9.30
N GLU H 3991 34.32 -6.67 8.65
CA GLU H 3991 33.80 -6.91 7.31
C GLU H 3991 32.35 -7.37 7.31
N HIS H 3992 31.85 -7.96 8.40
CA HIS H 3992 30.47 -8.39 8.46
C HIS H 3992 29.57 -7.43 9.23
N MET H 3993 30.12 -6.39 9.83
CA MET H 3993 29.34 -5.29 10.42
C MET H 3993 29.87 -3.97 9.87
N PRO H 3994 29.64 -3.69 8.59
CA PRO H 3994 30.26 -2.51 7.98
C PRO H 3994 29.60 -1.19 8.35
N ASN H 3995 28.39 -1.22 8.91
CA ASN H 3995 27.65 -0.02 9.24
C ASN H 3995 27.54 0.17 10.75
N ASP H 3996 28.60 -0.15 11.48
CA ASP H 3996 28.63 -0.04 12.93
C ASP H 3996 29.72 0.94 13.33
N SER H 3997 29.34 1.96 14.11
CA SER H 3997 30.27 3.00 14.53
C SER H 3997 31.02 2.65 15.80
N ARG H 3998 30.42 1.84 16.68
CA ARG H 3998 31.11 1.41 17.90
C ARG H 3998 32.30 0.52 17.56
N LEU H 3999 32.16 -0.31 16.53
CA LEU H 3999 33.29 -1.12 16.07
C LEU H 3999 34.40 -0.26 15.50
N LYS H 4000 34.04 0.82 14.80
CA LYS H 4000 35.04 1.75 14.31
C LYS H 4000 35.74 2.48 15.45
N CYS H 4001 35.02 2.76 16.54
CA CYS H 4001 35.67 3.30 17.74
C CYS H 4001 36.45 2.22 18.49
N LEU H 4002 36.23 0.95 18.18
CA LEU H 4002 36.95 -0.15 18.80
C LEU H 4002 38.19 -0.56 18.03
N LEU H 4003 38.19 -0.38 16.70
CA LEU H 4003 39.32 -0.79 15.87
C LEU H 4003 40.45 0.22 15.85
N ASP H 4004 40.25 1.42 16.42
CA ASP H 4004 41.32 2.41 16.45
C ASP H 4004 42.52 1.99 17.30
N PRO H 4005 42.37 1.45 18.53
CA PRO H 4005 43.55 0.93 19.23
C PRO H 4005 44.17 -0.30 18.59
N ALA H 4006 43.44 -0.99 17.72
CA ALA H 4006 43.94 -2.19 17.06
C ALA H 4006 44.59 -1.90 15.73
N GLY H 4007 44.85 -0.62 15.41
CA GLY H 4007 45.37 -0.28 14.10
C GLY H 4007 46.77 -0.82 13.86
N SER H 4008 47.63 -0.75 14.87
CA SER H 4008 48.98 -1.28 14.72
C SER H 4008 48.98 -2.80 14.67
N VAL H 4009 48.12 -3.44 15.46
CA VAL H 4009 48.00 -4.89 15.44
C VAL H 4009 47.45 -5.37 14.11
N LEU H 4010 46.43 -4.70 13.58
CA LEU H 4010 45.88 -5.08 12.28
C LEU H 4010 46.84 -4.76 11.16
N ASN H 4011 47.68 -3.74 11.32
CA ASN H 4011 48.69 -3.43 10.32
C ASN H 4011 49.84 -4.42 10.34
N TYR H 4012 50.12 -5.02 11.51
CA TYR H 4012 51.19 -6.00 11.58
C TYR H 4012 50.84 -7.27 10.81
N PHE H 4013 49.60 -7.76 10.95
CA PHE H 4013 49.21 -9.05 10.40
C PHE H 4013 48.59 -8.94 9.02
N GLU H 4014 48.63 -7.76 8.41
CA GLU H 4014 48.10 -7.60 7.06
C GLU H 4014 48.79 -8.49 6.01
N PRO H 4015 50.13 -8.66 5.97
CA PRO H 4015 50.68 -9.66 5.06
C PRO H 4015 50.27 -11.10 5.35
N TYR H 4016 50.05 -11.44 6.61
CA TYR H 4016 49.84 -12.84 6.99
C TYR H 4016 48.38 -13.24 7.02
N LEU H 4017 47.45 -12.32 6.78
CA LEU H 4017 46.03 -12.60 6.88
C LEU H 4017 45.48 -12.80 5.48
N GLY H 4018 45.09 -14.02 5.15
CA GLY H 4018 44.58 -14.35 3.84
C GLY H 4018 43.07 -14.48 3.87
N ARG H 4019 42.43 -14.01 2.81
CA ARG H 4019 40.98 -14.06 2.65
C ARG H 4019 40.67 -14.75 1.34
N ILE H 4020 39.73 -15.70 1.37
CA ILE H 4020 39.13 -16.23 0.15
C ILE H 4020 37.61 -16.22 0.32
N GLU H 4021 36.92 -16.46 -0.78
CA GLU H 4021 35.47 -16.60 -0.77
C GLU H 4021 35.09 -17.95 -1.36
N ILE H 4022 34.21 -18.68 -0.68
CA ILE H 4022 33.75 -19.97 -1.14
C ILE H 4022 32.22 -19.96 -1.23
N MET H 4023 31.68 -20.98 -1.86
CA MET H 4023 30.25 -21.29 -1.80
C MET H 4023 30.07 -22.33 -0.70
N GLY H 4024 29.51 -21.92 0.43
CA GLY H 4024 29.44 -22.76 1.60
C GLY H 4024 28.34 -23.81 1.49
N GLY H 4025 28.15 -24.51 2.61
CA GLY H 4025 27.14 -25.55 2.68
C GLY H 4025 25.71 -25.06 2.82
N ALA H 4026 25.52 -23.78 3.12
CA ALA H 4026 24.19 -23.20 3.24
C ALA H 4026 23.76 -22.49 1.96
N LYS H 4027 24.38 -22.84 0.82
CA LYS H 4027 24.11 -22.23 -0.48
C LYS H 4027 24.31 -20.72 -0.46
N LYS H 4028 25.33 -20.27 0.26
CA LYS H 4028 25.66 -18.86 0.36
C LYS H 4028 27.16 -18.67 0.20
N ILE H 4029 27.55 -17.51 -0.29
CA ILE H 4029 28.95 -17.14 -0.38
C ILE H 4029 29.46 -16.81 1.02
N GLU H 4030 30.52 -17.48 1.43
CA GLU H 4030 31.15 -17.28 2.72
C GLU H 4030 32.57 -16.76 2.52
N ARG H 4031 33.08 -16.07 3.53
CA ARG H 4031 34.43 -15.54 3.53
C ARG H 4031 35.26 -16.32 4.53
N VAL H 4032 36.41 -16.82 4.08
CA VAL H 4032 37.29 -17.66 4.87
C VAL H 4032 38.58 -16.90 5.13
N TYR H 4033 38.95 -16.80 6.41
CA TYR H 4033 40.15 -16.12 6.86
C TYR H 4033 41.14 -17.16 7.35
N PHE H 4034 42.37 -17.09 6.86
CA PHE H 4034 43.39 -18.07 7.20
C PHE H 4034 44.74 -17.36 7.32
N GLU H 4035 45.78 -18.13 7.59
CA GLU H 4035 47.12 -17.60 7.82
C GLU H 4035 48.04 -17.94 6.66
N ILE H 4036 48.78 -16.94 6.20
CA ILE H 4036 49.81 -17.09 5.18
C ILE H 4036 51.16 -16.96 5.86
N SER H 4037 52.00 -17.98 5.74
CA SER H 4037 53.33 -17.92 6.32
C SER H 4037 54.22 -17.01 5.49
N GLU H 4038 55.28 -16.50 6.13
CA GLU H 4038 56.19 -15.58 5.46
C GLU H 4038 57.03 -16.29 4.40
N SER H 4039 57.39 -17.54 4.64
CA SER H 4039 58.16 -18.30 3.65
C SER H 4039 57.35 -18.53 2.39
N SER H 4040 56.03 -18.76 2.54
CA SER H 4040 55.16 -18.89 1.38
C SER H 4040 55.11 -17.60 0.58
N ARG H 4041 55.07 -16.45 1.26
CA ARG H 4041 55.11 -15.16 0.58
C ARG H 4041 56.41 -14.96 -0.17
N THR H 4042 57.54 -15.33 0.45
CA THR H 4042 58.83 -15.15 -0.21
C THR H 4042 58.98 -16.08 -1.41
N GLN H 4043 58.54 -17.33 -1.28
CA GLN H 4043 58.67 -18.27 -2.38
C GLN H 4043 57.66 -18.00 -3.50
N TRP H 4044 56.54 -17.35 -3.19
CA TRP H 4044 55.57 -17.04 -4.23
C TRP H 4044 56.05 -15.91 -5.14
N GLU H 4045 56.87 -15.00 -4.61
CA GLU H 4045 57.32 -13.83 -5.35
C GLU H 4045 58.62 -14.06 -6.10
N LYS H 4046 59.08 -15.30 -6.21
CA LYS H 4046 60.26 -15.60 -7.00
C LYS H 4046 59.96 -15.38 -8.48
N PRO H 4047 60.95 -14.93 -9.26
CA PRO H 4047 60.70 -14.68 -10.70
C PRO H 4047 60.30 -15.92 -11.49
N GLN H 4048 60.83 -17.09 -11.13
CA GLN H 4048 60.46 -18.31 -11.83
C GLN H 4048 59.01 -18.70 -11.54
N VAL H 4049 58.55 -18.45 -10.31
CA VAL H 4049 57.16 -18.74 -9.96
C VAL H 4049 56.23 -17.79 -10.69
N LYS H 4050 56.64 -16.52 -10.84
CA LYS H 4050 55.86 -15.57 -11.62
C LYS H 4050 55.77 -15.96 -13.08
N GLU H 4051 56.89 -16.44 -13.65
CA GLU H 4051 56.88 -16.91 -15.03
C GLU H 4051 55.99 -18.13 -15.19
N SER H 4052 56.00 -19.03 -14.21
CA SER H 4052 55.11 -20.20 -14.21
C SER H 4052 53.65 -19.77 -14.16
N LYS H 4053 53.33 -18.77 -13.34
CA LYS H 4053 51.97 -18.28 -13.23
C LYS H 4053 51.49 -17.64 -14.52
N ARG H 4054 52.34 -16.82 -15.16
CA ARG H 4054 51.91 -16.17 -16.38
C ARG H 4054 51.80 -17.17 -17.53
N GLN H 4055 52.65 -18.20 -17.53
CA GLN H 4055 52.50 -19.28 -18.51
C GLN H 4055 51.21 -20.05 -18.29
N PHE H 4056 50.84 -20.29 -17.04
CA PHE H 4056 49.58 -20.95 -16.73
C PHE H 4056 48.39 -20.14 -17.20
N ILE H 4057 48.43 -18.83 -16.97
CA ILE H 4057 47.32 -17.96 -17.39
C ILE H 4057 47.21 -17.93 -18.91
N PHE H 4058 48.37 -17.87 -19.60
CA PHE H 4058 48.39 -17.92 -21.06
C PHE H 4058 47.79 -19.22 -21.57
N ASP H 4059 48.17 -20.35 -20.97
CA ASP H 4059 47.68 -21.65 -21.42
C ASP H 4059 46.18 -21.79 -21.16
N VAL H 4060 45.71 -21.29 -20.02
CA VAL H 4060 44.29 -21.41 -19.69
C VAL H 4060 43.45 -20.54 -20.63
N VAL H 4061 43.93 -19.34 -20.94
CA VAL H 4061 43.16 -18.46 -21.82
C VAL H 4061 43.14 -18.98 -23.25
N ASN H 4062 44.30 -19.45 -23.74
CA ASN H 4062 44.36 -19.83 -25.15
C ASN H 4062 44.01 -21.30 -25.38
N GLU H 4063 44.77 -22.22 -24.79
CA GLU H 4063 44.59 -23.65 -25.01
C GLU H 4063 43.92 -24.33 -23.81
N GLY H 4064 43.05 -23.61 -23.11
CA GLY H 4064 42.38 -24.14 -21.95
C GLY H 4064 41.04 -24.79 -22.19
N GLY H 4065 40.67 -25.01 -23.46
CA GLY H 4065 39.39 -25.59 -23.78
C GLY H 4065 39.33 -27.08 -23.49
N GLU H 4066 38.10 -27.60 -23.54
CA GLU H 4066 37.74 -29.00 -23.34
C GLU H 4066 38.09 -29.53 -21.94
N GLN H 4067 38.34 -28.65 -20.98
CA GLN H 4067 38.61 -29.06 -19.62
C GLN H 4067 38.15 -27.96 -18.67
N GLU H 4068 37.80 -28.35 -17.45
CA GLU H 4068 37.35 -27.39 -16.46
C GLU H 4068 38.49 -26.48 -16.04
N LYS H 4069 38.21 -25.19 -15.94
CA LYS H 4069 39.24 -24.22 -15.58
C LYS H 4069 39.69 -24.39 -14.13
N MET H 4070 38.76 -24.79 -13.26
CA MET H 4070 39.11 -24.93 -11.85
C MET H 4070 39.97 -26.18 -11.61
N GLU H 4071 39.76 -27.22 -12.41
CA GLU H 4071 40.62 -28.41 -12.34
C GLU H 4071 42.06 -28.06 -12.72
N LEU H 4072 42.22 -27.30 -13.80
CA LEU H 4072 43.55 -26.85 -14.21
C LEU H 4072 44.17 -25.92 -13.17
N PHE H 4073 43.35 -25.05 -12.57
CA PHE H 4073 43.84 -24.15 -11.54
C PHE H 4073 44.32 -24.91 -10.31
N VAL H 4074 43.57 -25.94 -9.89
CA VAL H 4074 43.97 -26.74 -8.74
C VAL H 4074 45.24 -27.52 -9.04
N ASN H 4075 45.37 -28.05 -10.27
CA ASN H 4075 46.60 -28.73 -10.67
C ASN H 4075 47.80 -27.80 -10.64
N PHE H 4076 47.62 -26.58 -11.15
CA PHE H 4076 48.68 -25.57 -11.10
C PHE H 4076 49.05 -25.24 -9.66
N CYS H 4077 48.04 -25.11 -8.79
CA CYS H 4077 48.29 -24.79 -7.39
C CYS H 4077 49.08 -25.90 -6.71
N GLU H 4078 48.74 -27.16 -6.99
CA GLU H 4078 49.45 -28.29 -6.39
C GLU H 4078 50.90 -28.35 -6.85
N ASP H 4079 51.12 -28.16 -8.15
CA ASP H 4079 52.49 -28.15 -8.67
C ASP H 4079 53.30 -26.99 -8.10
N THR H 4080 52.69 -25.81 -7.98
CA THR H 4080 53.38 -24.65 -7.43
C THR H 4080 53.69 -24.83 -5.95
N ILE H 4081 52.77 -25.45 -5.20
CA ILE H 4081 53.02 -25.72 -3.78
C ILE H 4081 54.17 -26.68 -3.62
N PHE H 4082 54.24 -27.72 -4.46
CA PHE H 4082 55.37 -28.65 -4.41
C PHE H 4082 56.68 -27.96 -4.74
N GLU H 4083 56.67 -27.09 -5.77
CA GLU H 4083 57.89 -26.36 -6.14
C GLU H 4083 58.34 -25.44 -5.02
N MET H 4084 57.40 -24.73 -4.39
CA MET H 4084 57.74 -23.81 -3.30
C MET H 4084 58.28 -24.57 -2.08
N GLN H 4085 57.68 -25.71 -1.75
CA GLN H 4085 58.20 -26.51 -0.64
C GLN H 4085 59.59 -27.05 -0.94
N LEU H 4086 59.83 -27.50 -2.17
CA LEU H 4086 61.15 -27.97 -2.56
C LEU H 4086 62.18 -26.84 -2.51
N ALA H 4087 61.79 -25.64 -2.93
CA ALA H 4087 62.70 -24.49 -2.86
C ALA H 4087 62.98 -24.08 -1.42
N SER H 4088 62.01 -24.26 -0.52
CA SER H 4088 62.27 -23.99 0.90
C SER H 4088 63.16 -25.06 1.52
N GLN H 4089 63.08 -26.30 1.03
CA GLN H 4089 63.92 -27.37 1.57
C GLN H 4089 65.40 -27.14 1.25
N ILE H 4090 65.70 -26.69 0.02
CA ILE H 4090 67.09 -26.51 -0.39
C ILE H 4090 67.64 -25.13 -0.05
N SER H 4091 66.84 -24.28 0.59
CA SER H 4091 67.27 -22.91 0.88
C SER H 4091 68.13 -22.93 2.14
N GLU H 4092 69.44 -22.83 1.95
CA GLU H 4092 70.45 -22.74 3.01
C GLU H 4092 70.38 -23.90 4.02
N LEU H 4384 79.63 -36.95 6.64
CA LEU H 4384 79.63 -37.17 5.20
C LEU H 4384 78.25 -36.90 4.60
N GLU H 4385 77.20 -37.33 5.30
CA GLU H 4385 75.85 -37.13 4.82
C GLU H 4385 75.48 -35.64 4.83
N ILE H 4386 75.93 -34.91 5.84
CA ILE H 4386 75.68 -33.46 5.89
C ILE H 4386 76.37 -32.75 4.73
N TYR H 4387 77.62 -33.12 4.45
CA TYR H 4387 78.34 -32.51 3.32
C TYR H 4387 77.73 -32.90 1.99
N GLN H 4388 77.25 -34.15 1.86
CA GLN H 4388 76.58 -34.56 0.64
C GLN H 4388 75.28 -33.79 0.43
N THR H 4389 74.51 -33.60 1.50
CA THR H 4389 73.26 -32.82 1.41
C THR H 4389 73.55 -31.37 1.05
N LYS H 4390 74.59 -30.78 1.65
CA LYS H 4390 74.96 -29.41 1.33
C LYS H 4390 75.42 -29.28 -0.12
N LEU H 4391 76.20 -30.24 -0.60
CA LEU H 4391 76.66 -30.21 -1.99
C LEU H 4391 75.49 -30.35 -2.96
N LEU H 4392 74.56 -31.27 -2.67
CA LEU H 4392 73.41 -31.45 -3.55
C LEU H 4392 72.50 -30.23 -3.55
N HIS H 4393 72.30 -29.61 -2.39
CA HIS H 4393 71.49 -28.40 -2.33
C HIS H 4393 72.18 -27.22 -3.01
N TYR H 4394 73.51 -27.14 -2.92
CA TYR H 4394 74.23 -26.09 -3.62
C TYR H 4394 74.14 -26.26 -5.13
N LEU H 4395 74.24 -27.51 -5.61
CA LEU H 4395 74.09 -27.76 -7.04
C LEU H 4395 72.66 -27.51 -7.51
N ALA H 4396 71.67 -27.79 -6.66
CA ALA H 4396 70.28 -27.53 -7.02
C ALA H 4396 69.97 -26.04 -7.05
N ARG H 4397 70.55 -25.27 -6.13
CA ARG H 4397 70.27 -23.84 -6.07
C ARG H 4397 70.88 -23.08 -7.23
N ASN H 4398 72.05 -23.50 -7.71
CA ASN H 4398 72.80 -22.76 -8.71
C ASN H 4398 72.81 -23.49 -10.05
N PHE H 4399 71.68 -24.07 -10.43
CA PHE H 4399 71.60 -24.82 -11.68
C PHE H 4399 71.69 -23.89 -12.90
N TYR H 4400 70.92 -22.80 -12.88
CA TYR H 4400 70.90 -21.89 -14.02
C TYR H 4400 72.21 -21.12 -14.16
N ASN H 4401 72.84 -20.78 -13.03
CA ASN H 4401 74.14 -20.12 -13.08
C ASN H 4401 75.19 -21.03 -13.70
N LEU H 4402 75.14 -22.32 -13.37
CA LEU H 4402 76.07 -23.27 -13.98
C LEU H 4402 75.78 -23.48 -15.46
N ARG H 4403 74.50 -23.41 -15.86
CA ARG H 4403 74.17 -23.48 -17.28
C ARG H 4403 74.73 -22.28 -18.05
N PHE H 4404 74.59 -21.08 -17.49
CA PHE H 4404 75.16 -19.89 -18.12
C PHE H 4404 76.68 -19.96 -18.16
N LEU H 4405 77.30 -20.53 -17.11
CA LEU H 4405 78.74 -20.71 -17.10
C LEU H 4405 79.18 -21.68 -18.18
N ALA H 4406 78.41 -22.75 -18.40
CA ALA H 4406 78.71 -23.69 -19.48
C ALA H 4406 78.61 -23.01 -20.84
N LEU H 4407 77.60 -22.15 -21.02
CA LEU H 4407 77.47 -21.41 -22.28
C LEU H 4407 78.66 -20.47 -22.51
N PHE H 4408 79.10 -19.80 -21.44
CA PHE H 4408 80.27 -18.92 -21.53
C PHE H 4408 81.54 -19.69 -21.89
N VAL H 4409 81.73 -20.85 -21.27
CA VAL H 4409 82.91 -21.67 -21.56
C VAL H 4409 82.87 -22.19 -23.00
N ALA H 4410 81.68 -22.57 -23.48
CA ALA H 4410 81.55 -23.03 -24.86
C ALA H 4410 81.86 -21.90 -25.86
N PHE H 4411 81.42 -20.68 -25.55
CA PHE H 4411 81.75 -19.54 -26.41
C PHE H 4411 83.25 -19.28 -26.44
N ALA H 4412 83.91 -19.38 -25.28
CA ALA H 4412 85.37 -19.21 -25.24
C ALA H 4412 86.09 -20.30 -26.02
N ILE H 4413 85.61 -21.54 -25.92
CA ILE H 4413 86.22 -22.66 -26.64
C ILE H 4413 86.09 -22.47 -28.14
N ASN H 4414 84.93 -22.02 -28.61
CA ASN H 4414 84.76 -21.81 -30.05
C ASN H 4414 85.54 -20.60 -30.54
N PHE H 4415 85.70 -19.56 -29.71
CA PHE H 4415 86.57 -18.45 -30.06
C PHE H 4415 88.01 -18.92 -30.21
N ILE H 4416 88.46 -19.84 -29.36
CA ILE H 4416 89.80 -20.40 -29.52
C ILE H 4416 89.87 -21.28 -30.77
N LEU H 4417 88.80 -22.02 -31.05
CA LEU H 4417 88.74 -22.88 -32.24
C LEU H 4417 88.77 -22.10 -33.54
N LEU H 4418 88.41 -20.82 -33.51
CA LEU H 4418 88.52 -19.98 -34.69
C LEU H 4418 89.96 -19.78 -35.17
N PHE H 4419 90.96 -20.10 -34.35
CA PHE H 4419 92.36 -19.91 -34.70
C PHE H 4419 93.03 -21.19 -35.18
N TYR H 4420 92.28 -22.12 -35.73
CA TYR H 4420 92.85 -23.35 -36.25
C TYR H 4420 93.22 -23.21 -37.72
N LYS H 4421 94.15 -24.06 -38.16
CA LYS H 4421 94.54 -24.09 -39.56
C LYS H 4421 95.00 -25.50 -39.90
N VAL H 4422 95.14 -25.77 -41.19
CA VAL H 4422 95.50 -27.08 -41.70
C VAL H 4422 96.91 -27.01 -42.25
N THR H 4423 97.76 -27.94 -41.81
CA THR H 4423 99.13 -28.07 -42.28
C THR H 4423 99.32 -29.45 -42.89
N GLU H 4424 100.03 -29.49 -44.02
CA GLU H 4424 100.30 -30.75 -44.69
C GLU H 4424 101.42 -31.56 -44.05
N GLU H 4425 102.19 -30.95 -43.14
CA GLU H 4425 103.27 -31.64 -42.46
C GLU H 4425 102.90 -31.94 -41.01
N ALA H 4449 99.27 -37.52 -48.22
CA ALA H 4449 100.00 -37.06 -47.03
C ALA H 4449 99.14 -37.17 -45.78
N MET H 4450 99.54 -36.46 -44.73
CA MET H 4450 98.82 -36.44 -43.47
C MET H 4450 98.41 -35.00 -43.16
N VAL H 4451 97.16 -34.84 -42.74
CA VAL H 4451 96.58 -33.53 -42.46
C VAL H 4451 96.66 -33.29 -40.96
N PHE H 4452 97.31 -32.19 -40.56
CA PHE H 4452 97.44 -31.84 -39.16
C PHE H 4452 96.70 -30.53 -38.89
N PHE H 4453 95.95 -30.50 -37.79
CA PHE H 4453 95.20 -29.33 -37.38
C PHE H 4453 96.01 -28.60 -36.32
N VAL H 4454 96.57 -27.45 -36.68
CA VAL H 4454 97.50 -26.71 -35.83
C VAL H 4454 96.86 -25.37 -35.46
N LEU H 4455 96.96 -25.02 -34.18
CA LEU H 4455 96.42 -23.76 -33.68
C LEU H 4455 97.45 -22.67 -33.91
N GLN H 4456 97.22 -21.82 -34.91
CA GLN H 4456 98.14 -20.71 -35.17
C GLN H 4456 97.98 -19.64 -34.11
N GLU H 4457 99.11 -19.24 -33.51
CA GLU H 4457 99.09 -18.36 -32.36
C GLU H 4457 100.47 -17.76 -32.18
N SER H 4458 100.52 -16.48 -31.80
CA SER H 4458 101.77 -15.77 -31.58
C SER H 4458 102.16 -15.70 -30.11
N THR H 4459 101.38 -16.29 -29.21
CA THR H 4459 101.65 -16.22 -27.78
C THR H 4459 101.99 -17.57 -27.16
N GLY H 4460 101.41 -18.66 -27.65
CA GLY H 4460 101.66 -19.97 -27.10
C GLY H 4460 100.84 -20.34 -25.88
N TYR H 4461 99.78 -19.59 -25.59
CA TYR H 4461 98.96 -19.84 -24.41
C TYR H 4461 97.61 -20.49 -24.70
N MET H 4462 97.14 -20.45 -25.95
CA MET H 4462 95.75 -20.82 -26.22
C MET H 4462 95.52 -22.33 -26.24
N ALA H 4463 96.55 -23.15 -26.42
CA ALA H 4463 96.33 -24.59 -26.39
C ALA H 4463 96.20 -25.16 -24.97
N PRO H 4464 97.04 -24.79 -23.99
CA PRO H 4464 96.71 -25.18 -22.60
C PRO H 4464 95.40 -24.57 -22.11
N ALA H 4465 95.07 -23.36 -22.56
CA ALA H 4465 93.79 -22.78 -22.23
C ALA H 4465 92.64 -23.59 -22.82
N LEU H 4466 92.82 -24.09 -24.04
CA LEU H 4466 91.81 -24.91 -24.68
C LEU H 4466 91.60 -26.23 -23.93
N ARG H 4467 92.71 -26.87 -23.51
CA ARG H 4467 92.59 -28.11 -22.75
C ARG H 4467 91.91 -27.87 -21.40
N ALA H 4468 92.30 -26.80 -20.70
CA ALA H 4468 91.70 -26.46 -19.41
C ALA H 4468 90.21 -26.16 -19.57
N LEU H 4469 89.84 -25.42 -20.61
CA LEU H 4469 88.44 -25.09 -20.84
C LEU H 4469 87.63 -26.32 -21.21
N ALA H 4470 88.21 -27.27 -21.95
CA ALA H 4470 87.50 -28.51 -22.25
C ALA H 4470 87.22 -29.30 -20.98
N ILE H 4471 88.22 -29.42 -20.10
CA ILE H 4471 88.01 -30.14 -18.84
C ILE H 4471 86.97 -29.42 -17.97
N ILE H 4472 87.05 -28.09 -17.90
CA ILE H 4472 86.10 -27.30 -17.12
C ILE H 4472 84.69 -27.47 -17.66
N HIS H 4473 84.54 -27.46 -18.99
CA HIS H 4473 83.22 -27.60 -19.59
C HIS H 4473 82.61 -28.97 -19.32
N THR H 4474 83.43 -30.03 -19.38
CA THR H 4474 82.92 -31.37 -19.06
C THR H 4474 82.48 -31.46 -17.60
N VAL H 4475 83.26 -30.88 -16.68
CA VAL H 4475 82.90 -30.88 -15.26
C VAL H 4475 81.60 -30.12 -15.03
N ILE H 4476 81.45 -28.97 -15.68
CA ILE H 4476 80.24 -28.16 -15.51
C ILE H 4476 79.03 -28.88 -16.08
N SER H 4477 79.19 -29.59 -17.20
CA SER H 4477 78.08 -30.36 -17.75
C SER H 4477 77.64 -31.48 -16.81
N LEU H 4478 78.60 -32.18 -16.22
CA LEU H 4478 78.26 -33.24 -15.27
C LEU H 4478 77.54 -32.69 -14.04
N VAL H 4479 78.04 -31.58 -13.47
CA VAL H 4479 77.36 -31.04 -12.31
C VAL H 4479 76.04 -30.37 -12.67
N CYS H 4480 75.86 -29.96 -13.92
CA CYS H 4480 74.56 -29.49 -14.39
C CYS H 4480 73.55 -30.62 -14.42
N VAL H 4481 73.97 -31.80 -14.89
CA VAL H 4481 73.08 -32.96 -14.87
C VAL H 4481 72.71 -33.34 -13.44
N VAL H 4482 73.70 -33.32 -12.54
CA VAL H 4482 73.43 -33.65 -11.14
C VAL H 4482 72.49 -32.62 -10.50
N GLY H 4483 72.70 -31.34 -10.79
CA GLY H 4483 71.81 -30.32 -10.29
C GLY H 4483 70.40 -30.39 -10.86
N TYR H 4484 70.26 -30.82 -12.11
CA TYR H 4484 68.94 -31.05 -12.67
C TYR H 4484 68.24 -32.20 -11.95
N TYR H 4485 68.99 -33.25 -11.60
CA TYR H 4485 68.36 -34.40 -10.96
C TYR H 4485 67.82 -34.06 -9.58
N CYS H 4486 68.40 -33.07 -8.90
CA CYS H 4486 67.99 -32.70 -7.56
C CYS H 4486 67.03 -31.52 -7.52
N LEU H 4487 66.70 -30.93 -8.66
CA LEU H 4487 65.85 -29.75 -8.69
C LEU H 4487 64.58 -29.93 -9.51
N LYS H 4488 64.67 -30.58 -10.68
CA LYS H 4488 63.54 -30.70 -11.59
C LYS H 4488 62.97 -32.10 -11.67
N VAL H 4489 63.78 -33.13 -11.41
CA VAL H 4489 63.26 -34.49 -11.36
C VAL H 4489 62.17 -34.69 -10.31
N PRO H 4490 62.26 -34.16 -9.07
CA PRO H 4490 61.13 -34.34 -8.12
C PRO H 4490 59.80 -33.81 -8.61
N LEU H 4491 59.77 -32.70 -9.34
CA LEU H 4491 58.50 -32.19 -9.85
C LEU H 4491 57.92 -33.09 -10.94
N VAL H 4492 58.78 -33.63 -11.80
CA VAL H 4492 58.33 -34.55 -12.85
C VAL H 4492 57.77 -35.83 -12.25
N VAL H 4493 58.46 -36.38 -11.25
CA VAL H 4493 57.99 -37.58 -10.58
C VAL H 4493 56.72 -37.30 -9.79
N PHE H 4494 56.62 -36.09 -9.20
CA PHE H 4494 55.41 -35.69 -8.49
C PHE H 4494 54.21 -35.62 -9.43
N LYS H 4495 54.39 -35.02 -10.60
CA LYS H 4495 53.30 -34.93 -11.58
C LYS H 4495 52.89 -36.30 -12.07
N ARG H 4496 53.86 -37.17 -12.36
CA ARG H 4496 53.54 -38.52 -12.84
C ARG H 4496 52.81 -39.33 -11.76
N GLU H 4497 53.29 -39.29 -10.52
CA GLU H 4497 52.64 -40.02 -9.43
C GLU H 4497 51.25 -39.50 -9.14
N LYS H 4498 51.08 -38.18 -9.20
CA LYS H 4498 49.75 -37.59 -9.00
C LYS H 4498 48.79 -38.04 -10.09
N GLU H 4499 49.23 -38.04 -11.34
CA GLU H 4499 48.37 -38.48 -12.44
C GLU H 4499 48.02 -39.97 -12.31
N ILE H 4500 48.99 -40.78 -11.89
CA ILE H 4500 48.74 -42.21 -11.68
C ILE H 4500 47.70 -42.41 -10.58
N ALA H 4501 47.83 -41.67 -9.47
CA ALA H 4501 46.90 -41.82 -8.36
C ALA H 4501 45.48 -41.37 -8.75
N ARG H 4502 45.36 -40.26 -9.48
CA ARG H 4502 44.03 -39.82 -9.90
C ARG H 4502 43.39 -40.79 -10.88
N LYS H 4503 44.18 -41.33 -11.83
CA LYS H 4503 43.63 -42.33 -12.75
C LYS H 4503 43.28 -43.64 -12.04
N LEU H 4504 44.03 -44.00 -11.01
CA LEU H 4504 43.77 -45.23 -10.28
C LEU H 4504 42.51 -45.10 -9.42
N GLU H 4505 42.29 -43.94 -8.82
CA GLU H 4505 41.18 -43.80 -7.88
C GLU H 4505 39.88 -43.37 -8.57
N PHE H 4506 39.94 -42.37 -9.45
CA PHE H 4506 38.74 -41.81 -10.04
C PHE H 4506 38.39 -42.38 -11.40
N ASP H 4507 39.18 -43.34 -11.90
CA ASP H 4507 38.87 -44.01 -13.16
C ASP H 4507 39.03 -45.52 -13.12
N GLY H 4508 39.75 -46.07 -12.15
CA GLY H 4508 40.00 -47.50 -12.12
C GLY H 4508 40.87 -47.94 -13.28
N LEU H 4509 42.09 -47.41 -13.34
CA LEU H 4509 42.94 -47.64 -14.52
C LEU H 4509 43.46 -49.07 -14.58
N TYR H 4510 43.68 -49.70 -13.43
CA TYR H 4510 44.16 -51.08 -13.39
C TYR H 4510 43.22 -51.99 -12.60
N ILE H 4511 41.96 -51.58 -12.44
CA ILE H 4511 40.96 -52.39 -11.76
C ILE H 4511 39.78 -52.61 -12.70
N THR H 4512 39.14 -51.51 -13.11
CA THR H 4512 37.97 -51.57 -13.98
C THR H 4512 38.35 -51.62 -15.45
N GLU H 4513 39.16 -50.67 -15.90
CA GLU H 4513 39.61 -50.60 -17.28
C GLU H 4513 41.07 -51.06 -17.36
N GLN H 4514 41.63 -50.95 -18.56
CA GLN H 4514 43.03 -51.27 -18.83
C GLN H 4514 43.58 -50.23 -19.79
N PRO H 4515 44.89 -49.95 -19.71
CA PRO H 4515 45.49 -49.03 -20.68
C PRO H 4515 45.53 -49.64 -22.07
N SER H 4516 45.44 -48.77 -23.07
CA SER H 4516 45.46 -49.21 -24.45
C SER H 4516 46.87 -49.64 -24.86
N GLU H 4517 46.94 -50.35 -26.00
CA GLU H 4517 48.23 -50.77 -26.53
C GLU H 4517 49.03 -49.61 -27.12
N ASP H 4518 48.37 -48.49 -27.41
CA ASP H 4518 49.04 -47.30 -27.90
C ASP H 4518 49.47 -46.35 -26.79
N ASP H 4519 49.25 -46.71 -25.53
CA ASP H 4519 49.60 -45.89 -24.38
C ASP H 4519 50.79 -46.55 -23.68
N ILE H 4520 52.00 -46.09 -24.03
CA ILE H 4520 53.20 -46.63 -23.39
C ILE H 4520 53.30 -46.17 -21.94
N LYS H 4521 52.77 -44.98 -21.64
CA LYS H 4521 52.84 -44.44 -20.29
C LYS H 4521 52.08 -45.31 -19.30
N GLY H 4522 50.88 -45.76 -19.67
CA GLY H 4522 50.11 -46.61 -18.77
C GLY H 4522 50.77 -47.96 -18.54
N GLN H 4523 51.33 -48.55 -19.59
CA GLN H 4523 52.02 -49.83 -19.46
C GLN H 4523 53.26 -49.69 -18.58
N TRP H 4524 53.99 -48.58 -18.70
CA TRP H 4524 55.15 -48.37 -17.84
C TRP H 4524 54.73 -48.09 -16.40
N ASP H 4525 53.66 -47.31 -16.21
CA ASP H 4525 53.19 -46.97 -14.87
C ASP H 4525 52.51 -48.14 -14.17
N ARG H 4526 52.17 -49.21 -14.89
CA ARG H 4526 51.71 -50.43 -14.24
C ARG H 4526 52.77 -51.04 -13.31
N LEU H 4527 54.04 -50.70 -13.51
CA LEU H 4527 55.13 -51.25 -12.71
C LEU H 4527 55.23 -50.65 -11.32
N VAL H 4528 54.56 -49.53 -11.07
CA VAL H 4528 54.81 -48.77 -9.84
C VAL H 4528 53.72 -48.93 -8.78
N ILE H 4529 52.55 -49.45 -9.15
CA ILE H 4529 51.40 -49.41 -8.24
C ILE H 4529 51.57 -50.37 -7.06
N ASN H 4530 52.27 -51.48 -7.26
CA ASN H 4530 52.45 -52.48 -6.21
C ASN H 4530 53.68 -52.21 -5.35
N THR H 4531 54.49 -51.21 -5.68
CA THR H 4531 55.68 -50.93 -4.90
C THR H 4531 55.30 -50.25 -3.58
N PRO H 4532 56.00 -50.56 -2.49
CA PRO H 4532 55.66 -49.93 -1.21
C PRO H 4532 56.03 -48.45 -1.14
N SER H 4533 56.99 -47.99 -1.94
CA SER H 4533 57.38 -46.59 -1.90
C SER H 4533 56.36 -45.68 -2.56
N PHE H 4534 55.54 -46.21 -3.46
CA PHE H 4534 54.55 -45.40 -4.16
C PHE H 4534 53.41 -45.02 -3.21
N PRO H 4535 53.01 -43.74 -3.14
CA PRO H 4535 53.64 -42.58 -3.79
C PRO H 4535 54.71 -41.93 -2.92
N ASN H 4536 55.82 -41.52 -3.51
CA ASN H 4536 56.95 -40.99 -2.75
C ASN H 4536 56.99 -39.48 -2.71
N ASN H 4537 56.69 -38.80 -3.82
CA ASN H 4537 56.66 -37.35 -3.86
C ASN H 4537 55.26 -36.78 -3.71
N TYR H 4538 54.23 -37.48 -4.19
CA TYR H 4538 52.86 -37.08 -3.98
C TYR H 4538 52.50 -37.18 -2.50
N TRP H 4539 51.87 -36.13 -1.96
CA TRP H 4539 51.67 -36.04 -0.52
C TRP H 4539 50.46 -36.82 -0.03
N ASP H 4540 49.60 -37.32 -0.91
CA ASP H 4540 48.47 -38.15 -0.51
C ASP H 4540 48.96 -39.57 -0.29
N LYS H 4541 49.06 -39.98 0.97
CA LYS H 4541 49.60 -41.29 1.32
C LYS H 4541 48.52 -42.31 1.64
N PHE H 4542 47.26 -42.00 1.34
CA PHE H 4542 46.14 -42.92 1.54
C PHE H 4542 45.51 -43.34 0.23
N VAL H 4543 46.29 -43.34 -0.86
CA VAL H 4543 45.74 -43.65 -2.18
C VAL H 4543 45.32 -45.11 -2.25
N LYS H 4544 46.17 -46.02 -1.77
CA LYS H 4544 45.86 -47.44 -1.82
C LYS H 4544 44.66 -47.78 -0.96
N ARG H 4545 44.56 -47.18 0.23
CA ARG H 4545 43.40 -47.40 1.10
C ARG H 4545 42.12 -46.91 0.45
N LYS H 4546 42.16 -45.75 -0.21
CA LYS H 4546 40.99 -45.22 -0.90
C LYS H 4546 40.55 -46.12 -2.05
N VAL H 4547 41.52 -46.61 -2.83
CA VAL H 4547 41.19 -47.49 -3.95
C VAL H 4547 40.61 -48.81 -3.44
N ILE H 4548 41.17 -49.35 -2.36
CA ILE H 4548 40.66 -50.58 -1.78
C ILE H 4548 39.25 -50.39 -1.26
N ASN H 4549 39.01 -49.30 -0.52
CA ASN H 4549 37.68 -49.05 0.03
C ASN H 4549 36.66 -48.77 -1.06
N LYS H 4550 37.08 -48.19 -2.18
CA LYS H 4550 36.15 -47.91 -3.26
C LYS H 4550 35.81 -49.17 -4.06
N TYR H 4551 36.78 -50.05 -4.31
CA TYR H 4551 36.58 -51.12 -5.27
C TYR H 4551 36.51 -52.52 -4.67
N GLY H 4552 36.69 -52.69 -3.36
CA GLY H 4552 36.66 -54.01 -2.78
C GLY H 4552 35.29 -54.62 -2.65
N ASP H 4553 34.23 -53.80 -2.71
CA ASP H 4553 32.88 -54.33 -2.61
C ASP H 4553 32.49 -55.11 -3.87
N LEU H 4554 33.04 -54.72 -5.02
CA LEU H 4554 32.70 -55.36 -6.29
C LEU H 4554 33.87 -56.08 -6.94
N TYR H 4555 35.08 -55.98 -6.38
CA TYR H 4555 36.22 -56.65 -6.98
C TYR H 4555 37.07 -57.42 -5.99
N GLY H 4556 36.69 -57.46 -4.70
CA GLY H 4556 37.43 -58.24 -3.73
C GLY H 4556 38.58 -57.48 -3.11
N ALA H 4557 38.62 -57.44 -1.78
CA ALA H 4557 39.66 -56.68 -1.09
C ALA H 4557 41.01 -57.34 -1.22
N GLU H 4558 41.06 -58.68 -1.20
CA GLU H 4558 42.33 -59.39 -1.26
C GLU H 4558 43.01 -59.23 -2.62
N ARG H 4559 42.22 -59.27 -3.70
CA ARG H 4559 42.79 -59.13 -5.03
C ARG H 4559 43.39 -57.75 -5.24
N ILE H 4560 42.70 -56.71 -4.78
CA ILE H 4560 43.20 -55.35 -4.93
C ILE H 4560 44.38 -55.11 -3.99
N ALA H 4561 44.36 -55.72 -2.80
CA ALA H 4561 45.49 -55.62 -1.89
C ALA H 4561 46.73 -56.27 -2.47
N GLU H 4562 46.56 -57.40 -3.16
CA GLU H 4562 47.69 -58.02 -3.86
C GLU H 4562 48.12 -57.18 -5.05
N LEU H 4563 47.16 -56.52 -5.71
CA LEU H 4563 47.48 -55.65 -6.84
C LEU H 4563 48.27 -54.43 -6.39
N LEU H 4564 47.90 -53.85 -5.26
CA LEU H 4564 48.54 -52.64 -4.75
C LEU H 4564 49.70 -52.93 -3.80
N GLY H 4565 50.17 -54.18 -3.75
CA GLY H 4565 51.29 -54.54 -2.93
C GLY H 4565 51.04 -54.44 -1.43
N LEU H 4566 49.83 -54.76 -1.00
CA LEU H 4566 49.44 -54.65 0.41
C LEU H 4566 49.15 -56.03 0.97
N ASP H 4567 49.76 -56.35 2.10
CA ASP H 4567 49.52 -57.63 2.76
C ASP H 4567 48.11 -57.66 3.35
N LYS H 4568 47.54 -58.86 3.43
CA LYS H 4568 46.22 -59.03 4.03
C LYS H 4568 46.24 -58.67 5.51
N ASN H 4569 47.30 -59.05 6.22
CA ASN H 4569 47.43 -58.67 7.62
C ASN H 4569 47.81 -57.21 7.79
N ALA H 4570 48.31 -56.56 6.73
CA ALA H 4570 48.64 -55.14 6.81
C ALA H 4570 47.42 -54.24 6.74
N LEU H 4571 46.29 -54.74 6.24
CA LEU H 4571 45.07 -53.94 6.19
C LEU H 4571 44.52 -53.69 7.59
N ASP H 4572 44.52 -54.72 8.43
CA ASP H 4572 44.12 -54.59 9.81
C ASP H 4572 45.37 -54.41 10.67
N PHE H 4573 45.20 -54.37 12.00
CA PHE H 4573 46.35 -54.29 12.88
C PHE H 4573 47.12 -55.61 12.91
N SER H 4574 46.39 -56.73 13.05
CA SER H 4574 46.90 -58.11 13.07
C SER H 4574 48.02 -58.30 14.10
N PRO H 4575 47.70 -58.34 15.40
CA PRO H 4575 48.73 -58.50 16.44
C PRO H 4575 49.39 -59.88 16.41
N ILE H 4593 65.95 -51.34 -0.03
CA ILE H 4593 66.03 -50.62 -1.30
C ILE H 4593 64.99 -51.18 -2.27
N ASP H 4594 64.06 -50.33 -2.69
CA ASP H 4594 63.00 -50.71 -3.60
C ASP H 4594 63.52 -50.58 -5.02
N MET H 4595 63.96 -51.71 -5.59
CA MET H 4595 64.60 -51.67 -6.91
C MET H 4595 63.58 -51.39 -8.01
N LYS H 4596 62.37 -51.96 -7.90
CA LYS H 4596 61.35 -51.80 -8.94
C LYS H 4596 60.91 -50.35 -9.07
N TYR H 4597 60.73 -49.67 -7.93
CA TYR H 4597 60.36 -48.25 -7.96
C TYR H 4597 61.44 -47.41 -8.61
N HIS H 4598 62.72 -47.70 -8.32
CA HIS H 4598 63.79 -46.92 -8.90
C HIS H 4598 63.97 -47.22 -10.39
N ILE H 4599 63.68 -48.45 -10.82
CA ILE H 4599 63.68 -48.74 -12.26
C ILE H 4599 62.58 -47.96 -12.96
N TRP H 4600 61.39 -47.90 -12.34
CA TRP H 4600 60.31 -47.09 -12.91
C TRP H 4600 60.67 -45.61 -12.94
N LYS H 4601 61.32 -45.12 -11.88
CA LYS H 4601 61.70 -43.72 -11.81
C LYS H 4601 62.76 -43.39 -12.86
N LEU H 4602 63.71 -44.30 -13.08
CA LEU H 4602 64.69 -44.10 -14.15
C LEU H 4602 64.03 -44.11 -15.52
N GLY H 4603 63.03 -44.96 -15.72
CA GLY H 4603 62.27 -44.92 -16.96
C GLY H 4603 61.49 -43.63 -17.16
N VAL H 4604 60.98 -43.05 -16.07
CA VAL H 4604 60.31 -41.77 -16.16
C VAL H 4604 61.31 -40.65 -16.48
N VAL H 4605 62.49 -40.69 -15.85
CA VAL H 4605 63.49 -39.65 -16.04
C VAL H 4605 64.08 -39.69 -17.45
N PHE H 4606 64.39 -40.89 -17.95
CA PHE H 4606 65.01 -41.03 -19.26
C PHE H 4606 64.09 -40.67 -20.42
N THR H 4607 62.79 -40.50 -20.18
CA THR H 4607 61.86 -40.05 -21.20
C THR H 4607 61.53 -38.57 -21.06
N ASP H 4608 62.23 -37.85 -20.20
CA ASP H 4608 62.03 -36.41 -20.03
C ASP H 4608 62.91 -35.65 -21.01
N ASN H 4609 62.33 -34.64 -21.66
CA ASN H 4609 63.01 -33.96 -22.75
C ASN H 4609 64.21 -33.15 -22.27
N SER H 4610 64.07 -32.46 -21.12
CA SER H 4610 65.16 -31.63 -20.63
C SER H 4610 66.33 -32.49 -20.15
N PHE H 4611 66.04 -33.62 -19.51
CA PHE H 4611 67.09 -34.54 -19.10
C PHE H 4611 67.80 -35.14 -20.31
N LEU H 4612 67.06 -35.45 -21.37
CA LEU H 4612 67.68 -35.97 -22.59
C LEU H 4612 68.55 -34.91 -23.26
N TYR H 4613 68.10 -33.65 -23.24
CA TYR H 4613 68.91 -32.56 -23.78
C TYR H 4613 70.21 -32.40 -22.98
N LEU H 4614 70.13 -32.47 -21.66
CA LEU H 4614 71.34 -32.35 -20.85
C LEU H 4614 72.26 -33.55 -21.02
N ALA H 4615 71.70 -34.76 -21.19
CA ALA H 4615 72.52 -35.94 -21.47
C ALA H 4615 73.22 -35.82 -22.81
N TRP H 4616 72.52 -35.29 -23.83
CA TRP H 4616 73.15 -35.05 -25.12
C TRP H 4616 74.25 -34.00 -25.00
N TYR H 4617 74.01 -32.94 -24.21
CA TYR H 4617 75.01 -31.90 -23.99
C TYR H 4617 76.27 -32.48 -23.34
N THR H 4618 76.09 -33.35 -22.34
CA THR H 4618 77.23 -33.96 -21.67
C THR H 4618 77.94 -34.95 -22.59
N THR H 4619 77.20 -35.65 -23.44
CA THR H 4619 77.83 -36.56 -24.40
C THR H 4619 78.68 -35.81 -25.41
N MET H 4620 78.18 -34.67 -25.90
CA MET H 4620 78.98 -33.85 -26.81
C MET H 4620 80.19 -33.25 -26.09
N SER H 4621 80.04 -32.90 -24.81
CA SER H 4621 81.19 -32.40 -24.05
C SER H 4621 82.26 -33.48 -23.89
N VAL H 4622 81.85 -34.73 -23.67
CA VAL H 4622 82.81 -35.83 -23.57
C VAL H 4622 83.47 -36.08 -24.92
N LEU H 4623 82.69 -36.04 -26.01
CA LEU H 4623 83.26 -36.20 -27.35
C LEU H 4623 84.17 -35.05 -27.75
N GLY H 4624 84.03 -33.89 -27.11
CA GLY H 4624 84.91 -32.77 -27.38
C GLY H 4624 86.37 -33.01 -27.02
N HIS H 4625 86.65 -34.01 -26.18
CA HIS H 4625 88.03 -34.40 -25.92
C HIS H 4625 88.57 -35.29 -27.02
N TYR H 4626 87.72 -36.12 -27.63
CA TYR H 4626 88.12 -36.90 -28.80
C TYR H 4626 88.44 -35.99 -29.98
N ASN H 4627 87.64 -34.95 -30.19
CA ASN H 4627 87.87 -33.96 -31.24
C ASN H 4627 87.24 -32.66 -30.78
N ASN H 4628 88.02 -31.57 -30.82
CA ASN H 4628 87.59 -30.32 -30.21
C ASN H 4628 86.40 -29.68 -30.91
N PHE H 4629 86.22 -29.95 -32.20
CA PHE H 4629 85.13 -29.34 -32.94
C PHE H 4629 83.76 -29.86 -32.53
N PHE H 4630 83.71 -30.95 -31.76
CA PHE H 4630 82.46 -31.37 -31.12
C PHE H 4630 81.96 -30.38 -30.08
N PHE H 4631 82.79 -29.42 -29.67
CA PHE H 4631 82.32 -28.31 -28.84
C PHE H 4631 81.56 -27.27 -29.64
N ALA H 4632 81.47 -27.40 -30.97
CA ALA H 4632 80.69 -26.46 -31.76
C ALA H 4632 79.19 -26.65 -31.60
N ALA H 4633 78.75 -27.82 -31.15
CA ALA H 4633 77.33 -28.08 -30.99
C ALA H 4633 76.74 -27.28 -29.85
N HIS H 4634 77.53 -27.02 -28.79
CA HIS H 4634 77.02 -26.37 -27.59
C HIS H 4634 76.59 -24.93 -27.82
N LEU H 4635 77.02 -24.31 -28.92
CA LEU H 4635 76.53 -22.98 -29.28
C LEU H 4635 75.04 -22.99 -29.56
N LEU H 4636 74.49 -24.15 -29.97
CA LEU H 4636 73.05 -24.28 -30.14
C LEU H 4636 72.29 -24.09 -28.84
N ASP H 4637 72.97 -24.15 -27.70
CA ASP H 4637 72.36 -23.83 -26.41
C ASP H 4637 71.86 -22.39 -26.33
N ILE H 4638 72.33 -21.49 -27.20
CA ILE H 4638 71.75 -20.15 -27.21
C ILE H 4638 70.29 -20.18 -27.64
N ALA H 4639 69.89 -21.21 -28.38
CA ALA H 4639 68.48 -21.37 -28.72
C ALA H 4639 67.65 -21.82 -27.53
N MET H 4640 68.28 -22.31 -26.47
CA MET H 4640 67.57 -22.78 -25.28
C MET H 4640 67.79 -21.87 -24.07
N GLY H 4641 68.75 -20.96 -24.12
CA GLY H 4641 69.11 -20.19 -22.96
C GLY H 4641 68.44 -18.83 -22.86
N PHE H 4642 68.17 -18.21 -24.01
CA PHE H 4642 67.60 -16.87 -24.06
C PHE H 4642 66.13 -16.95 -24.44
N LYS H 4643 65.29 -16.24 -23.68
CA LYS H 4643 63.86 -16.26 -23.91
C LYS H 4643 63.48 -15.57 -25.22
N THR H 4644 64.21 -14.52 -25.59
CA THR H 4644 63.93 -13.81 -26.84
C THR H 4644 64.18 -14.69 -28.06
N LEU H 4645 65.25 -15.47 -28.03
CA LEU H 4645 65.54 -16.39 -29.13
C LEU H 4645 64.50 -17.51 -29.20
N ARG H 4646 64.00 -17.97 -28.05
CA ARG H 4646 62.93 -18.95 -28.06
C ARG H 4646 61.65 -18.38 -28.64
N THR H 4647 61.35 -17.11 -28.33
CA THR H 4647 60.19 -16.45 -28.90
C THR H 4647 60.34 -16.28 -30.40
N ILE H 4648 61.56 -15.96 -30.88
CA ILE H 4648 61.80 -15.84 -32.31
C ILE H 4648 61.64 -17.18 -33.01
N LEU H 4649 62.21 -18.24 -32.44
CA LEU H 4649 62.11 -19.56 -33.06
C LEU H 4649 60.72 -20.16 -32.93
N SER H 4650 59.89 -19.62 -32.03
CA SER H 4650 58.49 -20.01 -32.00
C SER H 4650 57.73 -19.60 -33.25
N SER H 4651 58.22 -18.60 -33.99
CA SER H 4651 57.62 -18.27 -35.28
C SER H 4651 57.94 -19.31 -36.34
N VAL H 4652 58.98 -20.12 -36.13
CA VAL H 4652 59.28 -21.20 -37.05
C VAL H 4652 58.62 -22.50 -36.62
N THR H 4653 58.57 -22.76 -35.31
CA THR H 4653 58.00 -24.00 -34.80
C THR H 4653 56.48 -23.95 -34.63
N HIS H 4654 55.86 -22.79 -34.83
CA HIS H 4654 54.40 -22.69 -34.73
C HIS H 4654 53.71 -23.44 -35.87
N ASN H 4655 54.19 -23.21 -37.10
CA ASN H 4655 53.64 -23.84 -38.28
C ASN H 4655 54.67 -24.75 -38.93
N GLY H 4656 55.41 -25.50 -38.09
CA GLY H 4656 56.44 -26.38 -38.60
C GLY H 4656 55.89 -27.54 -39.42
N LYS H 4657 54.73 -28.06 -39.02
CA LYS H 4657 54.07 -29.11 -39.79
C LYS H 4657 53.68 -28.62 -41.19
N GLN H 4658 53.15 -27.39 -41.26
CA GLN H 4658 52.84 -26.80 -42.55
C GLN H 4658 54.09 -26.53 -43.37
N LEU H 4659 55.20 -26.17 -42.72
CA LEU H 4659 56.46 -25.98 -43.43
C LEU H 4659 56.97 -27.28 -44.05
N VAL H 4660 56.90 -28.38 -43.29
CA VAL H 4660 57.32 -29.68 -43.79
C VAL H 4660 56.41 -30.13 -44.94
N LEU H 4661 55.10 -29.91 -44.80
CA LEU H 4661 54.18 -30.26 -45.88
C LEU H 4661 54.41 -29.40 -47.12
N THR H 4662 54.78 -28.14 -46.94
CA THR H 4662 55.08 -27.28 -48.09
C THR H 4662 56.35 -27.73 -48.81
N VAL H 4663 57.37 -28.16 -48.05
CA VAL H 4663 58.57 -28.70 -48.67
C VAL H 4663 58.27 -29.99 -49.42
N GLY H 4664 57.40 -30.84 -48.86
CA GLY H 4664 56.98 -32.04 -49.58
C GLY H 4664 56.20 -31.74 -50.85
N LEU H 4665 55.32 -30.74 -50.79
CA LEU H 4665 54.58 -30.32 -51.99
C LEU H 4665 55.54 -29.77 -53.05
N LEU H 4666 56.56 -29.02 -52.63
CA LEU H 4666 57.57 -28.54 -53.56
C LEU H 4666 58.32 -29.70 -54.21
N ALA H 4667 58.63 -30.74 -53.43
CA ALA H 4667 59.30 -31.92 -53.99
C ALA H 4667 58.43 -32.62 -55.02
N VAL H 4668 57.12 -32.73 -54.75
CA VAL H 4668 56.21 -33.38 -55.70
C VAL H 4668 56.10 -32.58 -56.99
N VAL H 4669 55.98 -31.24 -56.89
CA VAL H 4669 55.86 -30.40 -58.07
C VAL H 4669 57.14 -30.45 -58.91
N VAL H 4670 58.31 -30.41 -58.26
CA VAL H 4670 59.57 -30.52 -58.97
C VAL H 4670 59.72 -31.89 -59.61
N TYR H 4671 59.19 -32.94 -58.98
CA TYR H 4671 59.18 -34.26 -59.61
C TYR H 4671 58.34 -34.28 -60.87
N LEU H 4672 57.19 -33.58 -60.86
CA LEU H 4672 56.35 -33.51 -62.06
C LEU H 4672 57.07 -32.78 -63.20
N TYR H 4673 57.74 -31.67 -62.88
CA TYR H 4673 58.54 -30.97 -63.88
C TYR H 4673 59.70 -31.83 -64.39
N THR H 4674 60.27 -32.65 -63.50
CA THR H 4674 61.32 -33.58 -63.91
C THR H 4674 60.81 -34.63 -64.89
N VAL H 4675 59.60 -35.15 -64.64
CA VAL H 4675 58.99 -36.11 -65.56
C VAL H 4675 58.78 -35.49 -66.94
N VAL H 4676 58.26 -34.26 -66.96
CA VAL H 4676 58.04 -33.57 -68.22
C VAL H 4676 59.36 -33.33 -68.97
N ALA H 4677 60.40 -32.89 -68.24
CA ALA H 4677 61.68 -32.60 -68.87
C ALA H 4677 62.36 -33.88 -69.37
N PHE H 4678 62.26 -34.97 -68.62
CA PHE H 4678 62.85 -36.23 -69.03
C PHE H 4678 62.14 -36.83 -70.22
N ASN H 4679 60.84 -36.56 -70.36
CA ASN H 4679 60.13 -37.07 -71.54
C ASN H 4679 60.34 -36.20 -72.77
N PHE H 4680 60.47 -34.87 -72.62
CA PHE H 4680 60.41 -34.01 -73.79
C PHE H 4680 61.63 -33.11 -74.01
N PHE H 4681 62.38 -32.76 -72.97
CA PHE H 4681 63.41 -31.72 -73.08
C PHE H 4681 64.79 -32.23 -72.72
N ARG H 4682 65.14 -33.44 -73.16
CA ARG H 4682 66.41 -34.04 -72.76
C ARG H 4682 67.61 -33.36 -73.42
N LYS H 4683 67.44 -32.79 -74.61
CA LYS H 4683 68.55 -32.23 -75.37
C LYS H 4683 69.07 -30.92 -74.78
N PHE H 4684 68.33 -30.28 -73.88
CA PHE H 4684 68.73 -29.00 -73.33
C PHE H 4684 69.51 -29.12 -72.03
N TYR H 4685 69.82 -30.33 -71.57
CA TYR H 4685 70.45 -30.55 -70.28
C TYR H 4685 71.90 -30.99 -70.42
N ASN H 4686 72.60 -30.45 -71.41
CA ASN H 4686 74.03 -30.69 -71.58
C ASN H 4686 74.79 -29.59 -70.84
N LYS H 4687 75.48 -29.97 -69.78
CA LYS H 4687 76.24 -29.04 -68.95
C LYS H 4687 77.74 -29.15 -69.21
N SER H 4688 78.12 -29.58 -70.41
CA SER H 4688 79.52 -29.78 -70.76
C SER H 4688 79.99 -28.65 -71.66
N GLU H 4689 81.14 -28.07 -71.33
CA GLU H 4689 81.69 -26.98 -72.13
C GLU H 4689 82.24 -27.49 -73.45
N ASP H 4690 82.96 -28.61 -73.43
CA ASP H 4690 83.59 -29.17 -74.61
C ASP H 4690 82.71 -30.27 -75.22
N ASP H 4691 82.77 -30.38 -76.54
CA ASP H 4691 81.97 -31.36 -77.26
C ASP H 4691 82.61 -32.74 -77.30
N ASP H 4692 83.81 -32.89 -76.74
CA ASP H 4692 84.45 -34.21 -76.70
C ASP H 4692 83.72 -35.15 -75.76
N GLU H 4693 83.25 -34.65 -74.62
CA GLU H 4693 82.57 -35.48 -73.64
C GLU H 4693 81.35 -34.74 -73.08
N PRO H 4694 80.14 -35.20 -73.37
CA PRO H 4694 78.94 -34.52 -72.85
C PRO H 4694 78.73 -34.81 -71.37
N ASP H 4695 77.88 -34.01 -70.76
CA ASP H 4695 77.55 -34.07 -69.34
C ASP H 4695 76.04 -34.00 -69.15
N MET H 4696 75.32 -34.87 -69.86
CA MET H 4696 73.86 -34.85 -69.88
C MET H 4696 73.28 -35.12 -68.50
N LYS H 4697 72.51 -34.16 -67.99
CA LYS H 4697 71.93 -34.23 -66.66
C LYS H 4697 70.57 -34.87 -66.62
N CYS H 4698 69.98 -35.21 -67.77
CA CYS H 4698 68.61 -35.73 -67.80
C CYS H 4698 68.52 -37.00 -68.63
N ASP H 4699 69.59 -37.80 -68.66
CA ASP H 4699 69.53 -39.09 -69.34
C ASP H 4699 68.96 -40.20 -68.46
N ASP H 4700 68.71 -39.92 -67.18
CA ASP H 4700 67.96 -40.82 -66.31
C ASP H 4700 67.17 -39.98 -65.32
N MET H 4701 66.14 -40.59 -64.75
CA MET H 4701 65.20 -39.84 -63.92
C MET H 4701 65.81 -39.37 -62.61
N MET H 4702 66.71 -40.17 -62.03
CA MET H 4702 67.29 -39.83 -60.74
C MET H 4702 68.21 -38.63 -60.84
N THR H 4703 69.07 -38.61 -61.86
CA THR H 4703 69.97 -37.48 -62.07
C THR H 4703 69.19 -36.21 -62.41
N CYS H 4704 68.16 -36.33 -63.24
CA CYS H 4704 67.36 -35.16 -63.61
C CYS H 4704 66.58 -34.63 -62.42
N TYR H 4705 66.08 -35.52 -61.56
CA TYR H 4705 65.36 -35.08 -60.37
C TYR H 4705 66.29 -34.40 -59.37
N LEU H 4706 67.50 -34.95 -59.19
CA LEU H 4706 68.48 -34.30 -58.33
C LEU H 4706 68.89 -32.94 -58.89
N PHE H 4707 69.05 -32.86 -60.22
CA PHE H 4707 69.40 -31.58 -60.86
C PHE H 4707 68.30 -30.55 -60.68
N HIS H 4708 67.04 -30.95 -60.82
CA HIS H 4708 65.94 -30.01 -60.65
C HIS H 4708 65.78 -29.57 -59.20
N MET H 4709 65.98 -30.50 -58.26
CA MET H 4709 65.80 -30.15 -56.86
C MET H 4709 66.97 -29.34 -56.30
N TYR H 4710 68.17 -29.53 -56.85
CA TYR H 4710 69.36 -28.90 -56.28
C TYR H 4710 69.77 -27.64 -57.03
N VAL H 4711 69.55 -27.59 -58.33
CA VAL H 4711 69.99 -26.48 -59.17
C VAL H 4711 68.84 -25.55 -59.52
N GLY H 4712 67.69 -26.12 -59.89
CA GLY H 4712 66.56 -25.31 -60.30
C GLY H 4712 65.92 -24.51 -59.18
N VAL H 4713 65.81 -25.10 -57.98
CA VAL H 4713 65.16 -24.42 -56.87
C VAL H 4713 66.02 -23.27 -56.37
N ARG H 4714 67.33 -23.48 -56.24
CA ARG H 4714 68.22 -22.44 -55.75
C ARG H 4714 68.47 -21.33 -56.76
N ALA H 4715 68.19 -21.57 -58.04
CA ALA H 4715 68.38 -20.55 -59.04
C ALA H 4715 67.34 -19.45 -58.90
N GLY H 4716 67.74 -18.22 -59.24
CA GLY H 4716 66.88 -17.07 -59.04
C GLY H 4716 65.67 -17.07 -59.96
N GLY H 4717 65.88 -17.43 -61.23
CA GLY H 4717 64.81 -17.49 -62.21
C GLY H 4717 64.30 -18.86 -62.54
N GLY H 4718 64.59 -19.87 -61.72
CA GLY H 4718 64.11 -21.20 -61.98
C GLY H 4718 65.07 -22.04 -62.80
N ILE H 4719 64.50 -23.10 -63.38
CA ILE H 4719 65.28 -24.03 -64.19
C ILE H 4719 65.77 -23.41 -65.49
N GLY H 4720 65.10 -22.34 -65.95
CA GLY H 4720 65.49 -21.71 -67.20
C GLY H 4720 66.82 -20.97 -67.15
N ASP H 4721 67.31 -20.66 -65.95
CA ASP H 4721 68.60 -20.01 -65.82
C ASP H 4721 69.76 -20.94 -66.14
N GLU H 4722 69.56 -22.24 -65.95
CA GLU H 4722 70.68 -23.18 -65.89
C GLU H 4722 70.66 -24.25 -66.98
N ILE H 4723 69.79 -24.12 -67.98
CA ILE H 4723 69.80 -25.07 -69.09
C ILE H 4723 69.99 -24.33 -70.40
N GLU H 4724 69.99 -25.06 -71.51
CA GLU H 4724 70.30 -24.51 -72.83
C GLU H 4724 69.22 -23.54 -73.27
N ASP H 4725 69.64 -22.49 -73.98
CA ASP H 4725 68.72 -21.51 -74.52
C ASP H 4725 67.82 -22.15 -75.57
N PRO H 4726 66.51 -21.95 -75.50
CA PRO H 4726 65.58 -22.65 -76.39
C PRO H 4726 65.29 -21.96 -77.72
N ALA H 4727 65.97 -20.85 -78.03
CA ALA H 4727 65.68 -20.13 -79.27
C ALA H 4727 66.16 -20.89 -80.48
N GLY H 4728 65.41 -20.81 -81.57
CA GLY H 4728 65.70 -21.58 -82.77
C GLY H 4728 65.49 -23.06 -82.61
N ASP H 4729 64.42 -23.47 -81.94
CA ASP H 4729 64.09 -24.86 -81.70
C ASP H 4729 62.62 -25.09 -81.99
N PRO H 4730 62.25 -26.28 -82.46
CA PRO H 4730 60.83 -26.61 -82.61
C PRO H 4730 60.05 -26.58 -81.30
N TYR H 4731 60.69 -26.87 -80.17
CA TYR H 4731 60.04 -26.86 -78.87
C TYR H 4731 60.34 -25.60 -78.08
N GLU H 4732 60.43 -24.45 -78.76
CA GLU H 4732 60.81 -23.21 -78.09
C GLU H 4732 59.68 -22.70 -77.19
N MET H 4733 58.44 -22.70 -77.70
CA MET H 4733 57.34 -22.15 -76.93
C MET H 4733 56.98 -23.07 -75.76
N TYR H 4734 57.09 -24.38 -75.96
CA TYR H 4734 56.88 -25.31 -74.85
C TYR H 4734 57.93 -25.13 -73.77
N ARG H 4735 59.18 -24.89 -74.17
CA ARG H 4735 60.24 -24.63 -73.20
C ARG H 4735 60.03 -23.31 -72.47
N ILE H 4736 59.51 -22.29 -73.17
CA ILE H 4736 59.25 -21.01 -72.53
C ILE H 4736 58.12 -21.13 -71.52
N VAL H 4737 57.05 -21.85 -71.87
CA VAL H 4737 55.96 -22.10 -70.93
C VAL H 4737 56.45 -22.92 -69.74
N PHE H 4738 57.31 -23.92 -70.00
CA PHE H 4738 57.91 -24.74 -68.96
C PHE H 4738 58.70 -23.91 -67.96
N ASP H 4739 59.60 -23.05 -68.47
CA ASP H 4739 60.42 -22.21 -67.61
C ASP H 4739 59.59 -21.18 -66.85
N ILE H 4740 58.61 -20.58 -67.51
CA ILE H 4740 57.79 -19.55 -66.87
C ILE H 4740 56.93 -20.15 -65.77
N THR H 4741 56.34 -21.31 -66.01
CA THR H 4741 55.52 -21.92 -64.97
C THR H 4741 56.37 -22.51 -63.84
N PHE H 4742 57.59 -22.96 -64.13
CA PHE H 4742 58.52 -23.32 -63.06
C PHE H 4742 58.87 -22.12 -62.20
N PHE H 4743 59.11 -20.97 -62.83
CA PHE H 4743 59.42 -19.76 -62.07
C PHE H 4743 58.23 -19.31 -61.23
N PHE H 4744 57.03 -19.35 -61.79
CA PHE H 4744 55.87 -18.82 -61.07
C PHE H 4744 55.42 -19.76 -59.96
N PHE H 4745 55.33 -21.07 -60.23
CA PHE H 4745 54.76 -21.99 -59.25
C PHE H 4745 55.73 -22.32 -58.12
N VAL H 4746 57.02 -22.43 -58.42
CA VAL H 4746 57.99 -22.89 -57.44
C VAL H 4746 58.69 -21.71 -56.78
N ILE H 4747 59.31 -20.86 -57.59
CA ILE H 4747 60.13 -19.77 -57.06
C ILE H 4747 59.25 -18.70 -56.41
N VAL H 4748 58.15 -18.35 -57.05
CA VAL H 4748 57.35 -17.22 -56.58
C VAL H 4748 56.32 -17.64 -55.53
N ILE H 4749 55.59 -18.72 -55.77
CA ILE H 4749 54.42 -19.03 -54.94
C ILE H 4749 54.79 -19.84 -53.70
N LEU H 4750 55.58 -20.90 -53.84
CA LEU H 4750 55.83 -21.80 -52.70
C LEU H 4750 56.72 -21.14 -51.64
N LEU H 4751 57.72 -20.39 -52.07
CA LEU H 4751 58.54 -19.64 -51.11
C LEU H 4751 57.72 -18.54 -50.45
N ALA H 4752 56.77 -17.95 -51.17
CA ALA H 4752 55.84 -17.01 -50.55
C ALA H 4752 54.95 -17.70 -49.53
N ILE H 4753 54.58 -18.96 -49.77
CA ILE H 4753 53.81 -19.71 -48.78
C ILE H 4753 54.62 -19.92 -47.52
N ILE H 4754 55.90 -20.25 -47.66
CA ILE H 4754 56.78 -20.43 -46.50
C ILE H 4754 56.91 -19.13 -45.70
N GLN H 4755 57.19 -18.02 -46.39
CA GLN H 4755 57.33 -16.73 -45.72
C GLN H 4755 56.03 -16.27 -45.07
N GLY H 4756 54.90 -16.51 -45.75
CA GLY H 4756 53.61 -16.16 -45.18
C GLY H 4756 53.27 -17.00 -43.96
N LEU H 4757 53.68 -18.26 -43.93
CA LEU H 4757 53.49 -19.08 -42.74
C LEU H 4757 54.27 -18.53 -41.55
N ILE H 4758 55.51 -18.09 -41.80
CA ILE H 4758 56.31 -17.50 -40.71
C ILE H 4758 55.67 -16.20 -40.20
N ILE H 4759 55.26 -15.33 -41.12
CA ILE H 4759 54.65 -14.04 -40.74
C ILE H 4759 53.32 -14.26 -40.01
N ASP H 4760 52.53 -15.22 -40.48
CA ASP H 4760 51.28 -15.55 -39.80
C ASP H 4760 51.52 -16.12 -38.42
N ALA H 4761 52.61 -16.86 -38.23
CA ALA H 4761 52.96 -17.33 -36.89
C ALA H 4761 53.25 -16.15 -35.95
N PHE H 4762 54.00 -15.15 -36.46
CA PHE H 4762 54.24 -13.93 -35.68
C PHE H 4762 52.94 -13.26 -35.26
N GLY H 4763 52.04 -13.07 -36.24
CA GLY H 4763 50.78 -12.39 -35.96
C GLY H 4763 49.88 -13.18 -35.03
N GLU H 4764 49.89 -14.51 -35.14
CA GLU H 4764 49.06 -15.34 -34.27
C GLU H 4764 49.54 -15.32 -32.83
N LEU H 4765 50.86 -15.35 -32.62
CA LEU H 4765 51.39 -15.25 -31.26
C LEU H 4765 51.06 -13.90 -30.63
N ARG H 4766 51.17 -12.81 -31.41
CA ARG H 4766 50.81 -11.49 -30.91
C ARG H 4766 49.32 -11.41 -30.56
N ASP H 4767 48.46 -12.00 -31.40
CA ASP H 4767 47.03 -11.98 -31.12
C ASP H 4767 46.68 -12.81 -29.90
N GLN H 4768 47.38 -13.93 -29.68
CA GLN H 4768 47.16 -14.72 -28.46
C GLN H 4768 47.52 -13.94 -27.21
N GLN H 4769 48.65 -13.22 -27.23
CA GLN H 4769 49.01 -12.39 -26.08
C GLN H 4769 48.01 -11.27 -25.84
N GLU H 4770 47.51 -10.63 -26.91
CA GLU H 4770 46.50 -9.60 -26.72
C GLU H 4770 45.18 -10.16 -26.20
N GLN H 4771 44.84 -11.38 -26.60
CA GLN H 4771 43.63 -12.03 -26.08
C GLN H 4771 43.77 -12.32 -24.59
N VAL H 4772 44.96 -12.76 -24.16
CA VAL H 4772 45.21 -12.96 -22.73
C VAL H 4772 45.07 -11.64 -21.97
N ARG H 4773 45.64 -10.57 -22.52
CA ARG H 4773 45.56 -9.27 -21.85
C ARG H 4773 44.12 -8.78 -21.72
N GLU H 4774 43.33 -8.89 -22.78
CA GLU H 4774 41.95 -8.44 -22.74
C GLU H 4774 41.11 -9.29 -21.78
N ASP H 4775 41.31 -10.62 -21.79
CA ASP H 4775 40.55 -11.48 -20.89
C ASP H 4775 40.90 -11.22 -19.43
N MET H 4776 42.17 -10.95 -19.13
CA MET H 4776 42.55 -10.65 -17.75
C MET H 4776 42.08 -9.26 -17.33
N GLU H 4777 41.94 -8.33 -18.26
CA GLU H 4777 41.47 -7.00 -17.88
C GLU H 4777 39.95 -6.88 -17.81
N THR H 4778 39.20 -7.78 -18.46
CA THR H 4778 37.76 -7.56 -18.57
C THR H 4778 36.92 -8.40 -17.62
N LYS H 4779 37.45 -9.47 -17.03
CA LYS H 4779 36.64 -10.29 -16.14
C LYS H 4779 37.51 -11.00 -15.12
N CYS H 4780 36.87 -11.42 -14.03
CA CYS H 4780 37.58 -12.13 -12.96
C CYS H 4780 37.92 -13.55 -13.39
N PHE H 4781 39.07 -14.04 -12.93
CA PHE H 4781 39.48 -15.39 -13.24
C PHE H 4781 38.68 -16.42 -12.47
N ILE H 4782 38.21 -16.09 -11.27
CA ILE H 4782 37.53 -17.05 -10.41
C ILE H 4782 36.05 -17.10 -10.73
N CYS H 4783 35.35 -15.97 -10.60
CA CYS H 4783 33.90 -15.98 -10.75
C CYS H 4783 33.44 -15.60 -12.16
N GLY H 4784 34.27 -14.93 -12.95
CA GLY H 4784 33.91 -14.61 -14.32
C GLY H 4784 33.05 -13.39 -14.49
N ILE H 4785 32.73 -12.66 -13.43
CA ILE H 4785 31.94 -11.44 -13.54
C ILE H 4785 32.80 -10.34 -14.16
N GLY H 4786 32.20 -9.56 -15.06
CA GLY H 4786 32.93 -8.52 -15.74
C GLY H 4786 33.26 -7.34 -14.85
N ASN H 4787 34.18 -6.50 -15.33
CA ASN H 4787 34.67 -5.38 -14.55
C ASN H 4787 33.66 -4.26 -14.41
N ASP H 4788 32.66 -4.20 -15.29
CA ASP H 4788 31.68 -3.13 -15.24
C ASP H 4788 30.76 -3.23 -14.03
N TYR H 4789 30.54 -4.44 -13.53
CA TYR H 4789 29.76 -4.60 -12.30
C TYR H 4789 30.55 -4.12 -11.09
N PHE H 4790 31.83 -4.48 -11.02
CA PHE H 4790 32.64 -4.12 -9.86
C PHE H 4790 33.04 -2.66 -9.86
N ASP H 4791 33.15 -2.04 -11.03
CA ASP H 4791 33.68 -0.69 -11.14
C ASP H 4791 32.68 0.40 -10.76
N THR H 4792 31.48 0.04 -10.29
CA THR H 4792 30.58 1.05 -9.73
C THR H 4792 31.19 1.68 -8.48
N THR H 4793 31.76 0.85 -7.62
CA THR H 4793 32.63 1.35 -6.57
C THR H 4793 33.94 1.84 -7.20
N PRO H 4794 34.47 2.98 -6.75
CA PRO H 4794 35.74 3.47 -7.32
C PRO H 4794 36.90 2.49 -7.11
N HIS H 4795 37.51 2.09 -8.22
CA HIS H 4795 38.56 1.06 -8.28
C HIS H 4795 38.06 -0.25 -7.69
N GLY H 4796 36.81 -0.61 -8.00
CA GLY H 4796 36.22 -1.80 -7.43
C GLY H 4796 36.71 -3.10 -8.02
N PHE H 4797 37.06 -3.10 -9.31
CA PHE H 4797 37.54 -4.33 -9.93
C PHE H 4797 38.96 -4.65 -9.48
N GLU H 4798 39.79 -3.62 -9.30
CA GLU H 4798 41.13 -3.81 -8.74
C GLU H 4798 41.05 -4.35 -7.31
N THR H 4799 40.13 -3.80 -6.51
CA THR H 4799 39.90 -4.30 -5.16
C THR H 4799 39.43 -5.75 -5.18
N HIS H 4800 38.53 -6.09 -6.10
CA HIS H 4800 38.02 -7.45 -6.19
C HIS H 4800 39.11 -8.44 -6.58
N THR H 4801 39.95 -8.08 -7.55
CA THR H 4801 40.98 -9.00 -8.01
C THR H 4801 42.22 -9.02 -7.12
N LEU H 4802 42.39 -8.03 -6.24
CA LEU H 4802 43.53 -8.03 -5.34
C LEU H 4802 43.21 -8.49 -3.93
N GLN H 4803 41.95 -8.38 -3.50
CA GLN H 4803 41.57 -8.76 -2.15
C GLN H 4803 40.51 -9.84 -2.09
N GLU H 4804 39.46 -9.73 -2.90
CA GLU H 4804 38.31 -10.62 -2.76
C GLU H 4804 38.56 -11.97 -3.41
N HIS H 4805 39.00 -11.98 -4.67
CA HIS H 4805 39.20 -13.22 -5.40
C HIS H 4805 40.62 -13.32 -5.92
N ASN H 4806 41.59 -13.07 -5.04
CA ASN H 4806 43.00 -13.15 -5.42
C ASN H 4806 43.41 -14.62 -5.61
N LEU H 4807 44.06 -14.91 -6.74
CA LEU H 4807 44.47 -16.27 -7.07
C LEU H 4807 45.51 -16.80 -6.09
N ALA H 4808 46.45 -15.95 -5.70
CA ALA H 4808 47.48 -16.35 -4.75
C ALA H 4808 46.88 -16.71 -3.41
N ASN H 4809 45.78 -16.06 -3.02
CA ASN H 4809 45.12 -16.42 -1.77
C ASN H 4809 44.50 -17.82 -1.84
N TYR H 4810 43.98 -18.21 -3.01
CA TYR H 4810 43.47 -19.58 -3.15
C TYR H 4810 44.59 -20.60 -3.12
N LEU H 4811 45.73 -20.27 -3.74
CA LEU H 4811 46.90 -21.13 -3.65
C LEU H 4811 47.39 -21.27 -2.20
N PHE H 4812 47.44 -20.16 -1.47
CA PHE H 4812 47.86 -20.17 -0.07
C PHE H 4812 46.86 -20.92 0.80
N PHE H 4813 45.57 -20.86 0.46
CA PHE H 4813 44.58 -21.60 1.24
C PHE H 4813 44.70 -23.10 1.03
N LEU H 4814 44.96 -23.52 -0.21
CA LEU H 4814 45.20 -24.95 -0.45
C LEU H 4814 46.47 -25.41 0.26
N MET H 4815 47.52 -24.58 0.23
CA MET H 4815 48.75 -24.88 0.95
C MET H 4815 48.52 -24.96 2.46
N TYR H 4816 47.64 -24.10 2.98
CA TYR H 4816 47.30 -24.10 4.39
C TYR H 4816 46.48 -25.32 4.78
N LEU H 4817 45.58 -25.74 3.89
CA LEU H 4817 44.73 -26.91 4.17
C LEU H 4817 45.55 -28.20 4.14
N ILE H 4818 46.47 -28.32 3.19
CA ILE H 4818 47.25 -29.55 3.07
C ILE H 4818 48.20 -29.71 4.26
N ASN H 4819 48.81 -28.62 4.71
CA ASN H 4819 49.77 -28.64 5.79
C ASN H 4819 49.13 -28.56 7.17
N LYS H 4820 47.84 -28.85 7.28
CA LYS H 4820 47.13 -28.78 8.55
C LYS H 4820 46.54 -30.14 8.88
N ASP H 4821 46.53 -30.46 10.17
CA ASP H 4821 45.95 -31.70 10.64
C ASP H 4821 44.44 -31.70 10.42
N GLU H 4822 43.91 -32.86 10.03
CA GLU H 4822 42.47 -32.97 9.77
C GLU H 4822 41.65 -32.83 11.04
N THR H 4823 42.21 -33.19 12.20
CA THR H 4823 41.49 -33.04 13.45
C THR H 4823 41.42 -31.58 13.89
N GLU H 4824 42.26 -30.71 13.35
CA GLU H 4824 42.24 -29.29 13.67
C GLU H 4824 41.44 -28.46 12.68
N HIS H 4825 40.87 -29.09 11.66
CA HIS H 4825 40.07 -28.36 10.67
C HIS H 4825 38.80 -27.79 11.31
N THR H 4826 38.46 -26.57 10.91
CA THR H 4826 37.20 -25.97 11.31
C THR H 4826 36.09 -26.51 10.39
N GLY H 4827 34.87 -25.98 10.54
CA GLY H 4827 33.77 -26.45 9.72
C GLY H 4827 33.93 -26.11 8.25
N GLN H 4828 34.33 -24.87 7.96
CA GLN H 4828 34.55 -24.46 6.57
C GLN H 4828 35.75 -25.20 5.96
N GLU H 4829 36.82 -25.34 6.75
CA GLU H 4829 38.00 -26.06 6.27
C GLU H 4829 37.70 -27.53 6.03
N SER H 4830 36.90 -28.15 6.91
CA SER H 4830 36.48 -29.53 6.68
C SER H 4830 35.60 -29.66 5.44
N TYR H 4831 34.70 -28.69 5.22
CA TYR H 4831 33.85 -28.70 4.04
C TYR H 4831 34.67 -28.62 2.76
N VAL H 4832 35.60 -27.68 2.70
CA VAL H 4832 36.44 -27.51 1.52
C VAL H 4832 37.38 -28.71 1.35
N TRP H 4833 37.89 -29.27 2.45
CA TRP H 4833 38.77 -30.42 2.38
C TRP H 4833 38.05 -31.65 1.85
N LYS H 4834 36.82 -31.89 2.30
CA LYS H 4834 36.04 -33.00 1.78
C LYS H 4834 35.70 -32.81 0.31
N MET H 4835 35.37 -31.58 -0.10
CA MET H 4835 35.10 -31.36 -1.52
C MET H 4835 36.37 -31.44 -2.37
N TYR H 4836 37.52 -31.15 -1.77
CA TYR H 4836 38.80 -31.20 -2.48
C TYR H 4836 39.27 -32.63 -2.68
N GLN H 4837 39.01 -33.51 -1.70
CA GLN H 4837 39.42 -34.90 -1.85
C GLN H 4837 38.56 -35.65 -2.85
N GLU H 4838 37.37 -35.15 -3.18
CA GLU H 4838 36.51 -35.74 -4.19
C GLU H 4838 36.66 -35.09 -5.55
N ARG H 4839 37.59 -34.13 -5.68
CA ARG H 4839 37.79 -33.33 -6.90
C ARG H 4839 36.52 -32.62 -7.33
N CYS H 4840 35.76 -32.11 -6.36
CA CYS H 4840 34.55 -31.35 -6.64
C CYS H 4840 34.83 -29.87 -6.40
N TRP H 4841 34.73 -29.07 -7.45
CA TRP H 4841 35.10 -27.66 -7.40
C TRP H 4841 33.87 -26.76 -7.38
N ASP H 4842 32.81 -27.21 -6.70
CA ASP H 4842 31.63 -26.37 -6.52
C ASP H 4842 31.81 -25.33 -5.42
N PHE H 4843 32.86 -25.45 -4.59
CA PHE H 4843 33.11 -24.42 -3.59
C PHE H 4843 33.74 -23.16 -4.19
N PHE H 4844 34.35 -23.25 -5.36
CA PHE H 4844 34.77 -22.05 -6.06
C PHE H 4844 33.56 -21.26 -6.51
N PRO H 4845 33.47 -19.97 -6.20
CA PRO H 4845 32.31 -19.19 -6.65
C PRO H 4845 32.32 -18.98 -8.16
N ALA H 4846 31.16 -19.17 -8.77
CA ALA H 4846 31.00 -19.08 -10.22
C ALA H 4846 29.81 -18.18 -10.51
N GLY H 4847 30.08 -16.98 -11.02
CA GLY H 4847 29.02 -16.02 -11.27
C GLY H 4847 28.46 -15.36 -10.04
N ASP H 4848 29.10 -15.54 -8.89
CA ASP H 4848 28.62 -14.97 -7.64
C ASP H 4848 29.82 -14.52 -6.82
N CYS H 4849 29.59 -13.54 -5.95
CA CYS H 4849 30.63 -13.04 -5.08
C CYS H 4849 29.99 -12.52 -3.80
N PHE H 4850 30.83 -12.04 -2.89
CA PHE H 4850 30.34 -11.52 -1.61
C PHE H 4850 29.56 -10.23 -1.81
N ARG H 4851 30.00 -9.37 -2.74
CA ARG H 4851 29.28 -8.14 -3.02
C ARG H 4851 27.94 -8.40 -3.69
N LYS H 4852 27.87 -9.42 -4.54
CA LYS H 4852 26.64 -9.72 -5.26
C LYS H 4852 25.58 -10.29 -4.35
N GLN H 4853 25.99 -11.12 -3.38
CA GLN H 4853 25.02 -11.77 -2.51
C GLN H 4853 24.44 -10.80 -1.48
N TYR H 4854 25.29 -9.94 -0.91
CA TYR H 4854 24.87 -8.99 0.11
C TYR H 4854 24.78 -7.58 -0.44
N GLU H 4855 24.29 -7.45 -1.68
CA GLU H 4855 24.24 -6.14 -2.34
C GLU H 4855 23.25 -5.21 -1.66
N ASP H 4856 22.14 -5.74 -1.17
CA ASP H 4856 21.18 -4.90 -0.46
C ASP H 4856 21.70 -4.49 0.91
N GLN H 4857 22.34 -5.40 1.63
CA GLN H 4857 22.80 -5.11 2.98
C GLN H 4857 24.06 -4.25 3.00
N LEU H 4858 24.99 -4.51 2.07
CA LEU H 4858 26.20 -3.68 2.00
C LEU H 4858 25.88 -2.31 1.42
N GLY H 4859 24.99 -2.25 0.44
CA GLY H 4859 24.63 -0.99 -0.18
C GLY H 4859 23.50 -0.29 0.56
#